data_6PNJ
#
_entry.id   6PNJ
#
_cell.length_a   1.00
_cell.length_b   1.00
_cell.length_c   1.00
_cell.angle_alpha   90.00
_cell.angle_beta   90.00
_cell.angle_gamma   90.00
#
_symmetry.space_group_name_H-M   'P 1'
#
loop_
_entity.id
_entity.type
_entity.pdbx_description
1 polymer 'Photosystem I P700 chlorophyll a apoprotein A1'
2 polymer 'Photosystem I P700 chlorophyll a apoprotein A2'
3 polymer 'Photosystem I iron-sulfur center'
4 polymer 'Photosystem I protein PsaD'
5 polymer 'Photosystem I reaction center subunit IV'
6 polymer 'Photosystem I reaction center protein PsaF subunit III'
7 polymer 'photosystem I subunit VIII'
8 polymer 'Photosystem I reaction centre subunit IX / PsaJ'
9 polymer 'photosystem I reaction center subunit PsaK'
10 polymer 'Photosystem I reaction center protein subunit XI'
11 polymer 'Photosystem I reaction center subunit XII'
12 polymer 'Photosystem one PsaX'
13 non-polymer 'CHLOROPHYLL A ISOMER'
14 non-polymer 'CHLOROPHYLL A'
15 non-polymer 'Chlorophyll F'
16 non-polymer PHYLLOQUINONE
17 non-polymer 'IRON/SULFUR CLUSTER'
18 non-polymer BETA-CAROTENE
19 non-polymer 1,2-DIPALMITOYL-PHOSPHATIDYL-GLYCEROLE
20 non-polymer 1,2-DISTEAROYL-MONOGALACTOSYL-DIGLYCERIDE
21 non-polymer DODECYL-BETA-D-MALTOSIDE
22 non-polymer 'CALCIUM ION'
#
loop_
_entity_poly.entity_id
_entity_poly.type
_entity_poly.pdbx_seq_one_letter_code
_entity_poly.pdbx_strand_id
1 'polypeptide(L)'
;MTLTPEREQEVRVVVDNDPVPTSFQKWSQPGHFDRTLAKGAKTTTWIWNLHANAHDFDTHTSDLEDISRKIFAAHFGHLA
VVFIWLSGMYFHGARFSNFEAWMANPTGIKPSAQVVWPIFGQEILNGDMGGGFHGIQITSGLFQMWRAAGFTNTFQLYCT
AIGGLVMAALMLFAGWFHYHKRAPKLEWFQNTQSMLNHHLAGLLGLGSLGWTGHLIHVSLPTNKLLDTGVALKDIPLPHE
FILNPSLMNKLYPHADWGFVKGVVPFFTLQWGHFTDFLTFKGGLNPVTGGLWLTDVAHHHLAIAVMFIIAGHMYRTNWGI
GHSIKEMLDDARTPNMLPFLSFIGPVGHKGLFEVLTTSWHAQLSINLAMLGSLSIIIAHHMYAMPPYPYLATDYGTVVSL
FTHHVWIGGFLIVGGAAHAAIYMVRDYDPEQNFNNVLDRVLRHRDAIISHLAWVCQFLGFHSFAMYCHNDTMRAFGRPQD
MFSDTGIQLQPVFAQWLQHIHTMTIGNPSLQVAAPLGHAFGGLRNLELTGLGTAAPNLHDPVSYAFGGGVVAVGGKVAMM
PITLGTADFLIHHIHAFTIHVTVLVLLKGVLFARSSRLIPDKANLGFRFPCDGPGRGGTCQVSAWDHVFLGLFWMYNSLS
MVIFHFFWKMQSDVWGTVGADGVVTHITGGNFATSSITNNGWLRDFLWAQSTQVITSYNTSLSAYGLMFLGGHFIFGFSL
MFLFSGRGYWQELIESIVWAHNKLKVAPAIQPRALSIIHGRAVGVAHYLLGGIVTTWAFFLARMTAFG
;
A,G,a
2 'polypeptide(L)'
;MATKFPKFSQDLANDPTTRRIFYAIATAHDFESHDGMTEENLYQRIFASHFGHLAIIFLWASGILFHVAWQGNFEVWIKD
PVHVRPIAHAIWDAQFGPGAIKAFTQAGARNPVDICYSGVYHWWYTIGLRTNTELYVGALFLILLAAVFLFAGWLHLQPR
YRPNLGWFKNSEARLNHHLAGLFGVSSLAWAGHLVHVAIPESRGQHVGWDNFLSTPPHPAGLWAFFTGNWGAYAQNPDTA
EHVFSTSQGAGTAILTFLGGFHPQTQSLWLTDMAHHHLAIAVVLIIAGHMYRTNWRIGHSIKEMMDSKTFFGRKVEGPFN
LPHQGLYETVNNSLHFQLSLALACLGVASSLTAQHMYSMPPYAFIAKDFTTMAALYTHHQYIAGFLMVGAFSHAAIFWIK
DYDPEQNKGNVLERVLKHKEAIIAHLSWVSLFLGFHTLGLYVHNDVEVAFGAADKQILIEPVFAQFIQSANGKILYGFHT
LLSNPDSIAFTAWPNHANVWLPGWLDAINNGTNSLFLTIGPGDFYVHHAIALGLHVTTLILVKGALDARGSKLMPDKKDF
GYAFPCDGPGRGGTCDISAWDASYLAVFWMLNTLGWVTFYWHWKHLSIWQGNVAQFNESSTYLMGWFRDYLWANSAQLIN
GYNPYGTNNLAVWAWMFLFGHLAWAVSFMFLITWRGYWQELIETLAWAHEQTPLSFGYWRDKPVALSIVQARLVGLTHFT
VGYIATYGAFLIASTASKFGQ
;
B,H,b
3 'polypeptide(L)'
;MSHTVKIYDTCIGCTQCVRACPTDVLEMVPWDGCRAGQIASSPRTEDCVGCKRCETACPTDFLSIRVYLGAETTRSMGLA
Y
;
C,N,c
4 'polypeptide(L)'
;MSPSAVLGCRKNVERRFMAETLSGQTPIFGGSTGGLLKKAEVEEKYAITWTSPKEQVFEMPTGGAAIMRQGQNLLYLARK
EQCIALGGQLRKFKITDYKIYRIYPNGETVYIHPADGVFPEKVNQGREKVRYNDRRIGQNPSPSKVKFSGIATYDAPNS
;
D,O,d
5 'polypeptide(L)' MVQRGSKVRILRPESYWFQDVGTVASIEQGGTSRYPVIVRFDKVNYAGVNTNNFAQDELVEVEAPKAKAKKA E,P,e
6 'polypeptide(L)'
;MKRIFALILAIFIWFSAVSTALAENTTLVPCYKSPAFVERMKNAPDSYYTTKPLKAYSQLLCGEDGLPRIALDRLSLAVD
VAIPIAIFLYTAGFIGWSGRSYLQAIKKQDKAEEKEVFIDVPLFISCMVMALFWPMAVIKELLAGELVAKDEEIPISVR
;
F,Q,f
7 'polypeptide(L)' MMVDMTQLTGDYAASWLPWIMIPLVFYILPFPVFAILFLWIQKEASEEIKETDNNLAEIGELEVPNS I,R,i
8 'polypeptide(L)' MEARYLFRYLSSAPVVATLALIIISVILIVLNYLFPGLQYGTFFHSLP J,S,j
9 'polypeptide(L)'
;(UNK)(UNK)(UNK)(UNK)(UNK)(UNK)(UNK)(UNK)(UNK)(UNK)(UNK)(UNK)(UNK)(UNK)(UNK)(UNK)
VAAMAFGHVIGVAIVLGLTNIGK
;
K,T,k
10 'polypeptide(L)'
;MSNTVDTVDNDIIKPFKGDPCLGNLSTPINDSPLAKAFINNLPAYRKGLTPFMRGLEIGMAHGYFLVGPEVVIGPLRESA
HGANLSGLITAIYIAVSACLGISIFAITTFQGNPKGSYSSYSKDSLRPLRTREEWSQLNGGIFLGAMGGAIFAYLLLENF
DALDAILRGAVNAS
;
L,U,l
11 'polypeptide(L)' MSISDTQVYIALVVALVPGFLAWRLATELYK M,V,m
12 'polypeptide(L)'
;MPGKESTALPRLHTLPTSLPLATQNHENIFNESGELGHLFGISEEVLKLGVHFMAKADTTADLPVAKSTTAKPPYTFRTA
WALLLLAINFIVAAYYFHIIE
;
W,X,x
#
loop_
_chem_comp.id
_chem_comp.type
_chem_comp.name
_chem_comp.formula
BCR non-polymer BETA-CAROTENE 'C40 H56'
CA non-polymer 'CALCIUM ION' 'Ca 2'
CL0 non-polymer 'CHLOROPHYLL A ISOMER' 'C55 H72 Mg N4 O5 2'
CLA non-polymer 'CHLOROPHYLL A' 'C55 H72 Mg N4 O5'
F6C non-polymer 'Chlorophyll F' 'C55 H68 Mg N4 O6'
LHG non-polymer 1,2-DIPALMITOYL-PHOSPHATIDYL-GLYCEROLE 'C38 H75 O10 P'
LMG non-polymer 1,2-DISTEAROYL-MONOGALACTOSYL-DIGLYCERIDE 'C45 H86 O10'
LMT D-saccharide DODECYL-BETA-D-MALTOSIDE 'C24 H46 O11'
PQN non-polymer PHYLLOQUINONE 'C31 H46 O2'
SF4 non-polymer 'IRON/SULFUR CLUSTER' 'Fe4 S4'
#
# COMPACT_ATOMS: atom_id res chain seq x y z
N GLU A 10 -54.83 60.92 6.14
CA GLU A 10 -54.79 62.28 5.62
C GLU A 10 -53.38 62.84 5.72
N VAL A 11 -53.01 63.67 4.74
CA VAL A 11 -51.64 64.07 4.50
C VAL A 11 -51.60 65.57 4.75
N ARG A 12 -52.37 66.02 5.73
CA ARG A 12 -52.49 67.45 6.00
C ARG A 12 -51.25 67.96 6.73
N VAL A 13 -51.17 69.29 6.81
CA VAL A 13 -50.06 69.99 7.47
C VAL A 13 -50.49 70.34 8.89
N VAL A 14 -49.63 70.04 9.85
CA VAL A 14 -49.81 70.49 11.23
C VAL A 14 -48.51 71.11 11.72
N VAL A 15 -48.63 72.26 12.38
CA VAL A 15 -47.49 72.95 12.97
C VAL A 15 -47.80 73.21 14.44
N ASP A 16 -46.85 73.84 15.11
CA ASP A 16 -47.01 74.28 16.49
C ASP A 16 -46.64 75.75 16.56
N ASN A 17 -47.52 76.56 17.13
CA ASN A 17 -47.33 78.01 17.18
C ASN A 17 -46.47 78.36 18.37
N ASP A 18 -45.25 78.83 18.10
CA ASP A 18 -44.23 79.30 19.04
C ASP A 18 -43.92 78.29 20.15
N PRO A 19 -43.23 77.19 19.86
CA PRO A 19 -42.95 76.21 20.92
C PRO A 19 -41.73 76.56 21.77
N VAL A 20 -40.76 77.25 21.19
CA VAL A 20 -39.47 77.50 21.83
C VAL A 20 -39.25 79.01 21.87
N PRO A 21 -38.91 79.59 23.03
CA PRO A 21 -38.57 81.01 23.06
C PRO A 21 -37.21 81.28 22.44
N THR A 22 -36.99 82.55 22.12
CA THR A 22 -35.76 83.00 21.48
C THR A 22 -35.05 83.95 22.43
N SER A 23 -34.04 83.45 23.13
CA SER A 23 -33.29 84.29 24.07
C SER A 23 -31.87 83.78 24.17
N PHE A 24 -30.97 84.65 24.61
CA PHE A 24 -29.59 84.29 24.84
C PHE A 24 -29.33 83.76 26.23
N GLN A 25 -30.38 83.29 26.92
CA GLN A 25 -30.23 82.83 28.29
C GLN A 25 -29.56 81.47 28.35
N LYS A 26 -29.75 80.62 27.34
CA LYS A 26 -29.14 79.31 27.33
C LYS A 26 -27.78 79.31 26.65
N TRP A 27 -27.41 80.38 25.95
CA TRP A 27 -26.05 80.51 25.45
C TRP A 27 -25.07 80.76 26.57
N SER A 28 -25.52 81.33 27.68
CA SER A 28 -24.68 81.56 28.84
C SER A 28 -24.50 80.31 29.69
N GLN A 29 -25.22 79.24 29.39
CA GLN A 29 -25.15 77.98 30.14
C GLN A 29 -24.82 76.85 29.17
N PRO A 30 -23.56 76.63 28.86
CA PRO A 30 -23.20 75.49 28.00
C PRO A 30 -23.38 74.18 28.73
N GLY A 31 -23.78 73.17 27.97
CA GLY A 31 -24.10 71.89 28.56
C GLY A 31 -25.51 71.77 29.06
N HIS A 32 -26.41 72.66 28.62
CA HIS A 32 -27.79 72.64 29.07
C HIS A 32 -28.56 71.43 28.58
N PHE A 33 -28.08 70.76 27.53
CA PHE A 33 -28.86 69.69 26.92
C PHE A 33 -28.81 68.41 27.74
N ASP A 34 -27.66 68.08 28.31
CA ASP A 34 -27.55 66.95 29.21
C ASP A 34 -27.66 67.43 30.64
N ARG A 35 -28.29 66.62 31.49
CA ARG A 35 -28.54 67.03 32.87
C ARG A 35 -27.27 66.98 33.71
N THR A 36 -26.35 66.08 33.40
CA THR A 36 -25.09 65.99 34.13
C THR A 36 -24.06 67.02 33.66
N LEU A 37 -24.28 67.65 32.52
CA LEU A 37 -23.39 68.70 32.05
C LEU A 37 -23.81 70.08 32.53
N ALA A 38 -25.09 70.24 32.87
CA ALA A 38 -25.59 71.55 33.28
C ALA A 38 -25.29 71.87 34.73
N LYS A 39 -24.89 70.89 35.52
CA LYS A 39 -24.69 71.09 36.95
C LYS A 39 -23.31 71.62 37.29
N GLY A 40 -22.46 71.88 36.30
CA GLY A 40 -21.18 72.50 36.54
C GLY A 40 -20.04 71.73 35.90
N ALA A 41 -18.90 72.41 35.82
CA ALA A 41 -17.68 71.88 35.21
C ALA A 41 -16.73 71.46 36.33
N LYS A 42 -16.84 70.20 36.75
CA LYS A 42 -15.97 69.71 37.80
C LYS A 42 -14.55 69.48 37.27
N THR A 43 -14.41 68.61 36.29
CA THR A 43 -13.15 68.27 35.68
C THR A 43 -13.12 68.73 34.22
N THR A 44 -12.00 68.49 33.55
CA THR A 44 -11.89 68.84 32.14
C THR A 44 -12.53 67.82 31.23
N THR A 45 -13.10 66.74 31.75
CA THR A 45 -13.90 65.86 30.92
C THR A 45 -15.22 66.50 30.55
N TRP A 46 -15.67 67.48 31.34
CA TRP A 46 -16.84 68.27 30.99
C TRP A 46 -16.61 69.09 29.75
N ILE A 47 -15.37 69.51 29.50
CA ILE A 47 -15.04 70.27 28.28
C ILE A 47 -15.27 69.42 27.05
N TRP A 48 -14.81 68.17 27.09
CA TRP A 48 -14.90 67.31 25.92
C TRP A 48 -16.29 66.69 25.76
N ASN A 49 -17.00 66.47 26.87
CA ASN A 49 -18.34 65.90 26.79
C ASN A 49 -19.37 66.90 26.30
N LEU A 50 -19.03 68.18 26.32
CA LEU A 50 -19.92 69.20 25.81
C LEU A 50 -19.97 69.19 24.29
N HIS A 51 -18.90 68.73 23.63
CA HIS A 51 -18.86 68.70 22.18
C HIS A 51 -19.17 67.32 21.60
N ALA A 52 -19.00 66.27 22.38
CA ALA A 52 -19.35 64.92 21.94
C ALA A 52 -20.84 64.62 22.09
N ASN A 53 -21.61 65.53 22.65
CA ASN A 53 -23.02 65.30 22.91
C ASN A 53 -23.89 66.45 22.42
N ALA A 54 -23.31 67.41 21.70
CA ALA A 54 -24.06 68.59 21.30
C ALA A 54 -25.05 68.27 20.20
N HIS A 55 -24.74 67.29 19.35
CA HIS A 55 -25.64 66.89 18.28
C HIS A 55 -26.27 65.55 18.51
N ASP A 56 -26.08 64.94 19.67
CA ASP A 56 -26.79 63.71 19.99
C ASP A 56 -28.18 64.13 20.45
N PHE A 57 -29.04 64.45 19.48
CA PHE A 57 -30.36 64.98 19.79
C PHE A 57 -31.27 63.93 20.38
N ASP A 58 -30.96 62.65 20.18
CA ASP A 58 -31.75 61.56 20.73
C ASP A 58 -31.50 61.33 22.21
N THR A 59 -30.49 61.99 22.79
CA THR A 59 -30.24 61.90 24.22
C THR A 59 -30.53 63.19 24.97
N HIS A 60 -30.82 64.27 24.26
CA HIS A 60 -31.25 65.50 24.94
C HIS A 60 -32.67 65.34 25.46
N THR A 61 -33.56 64.90 24.59
CA THR A 61 -34.95 64.61 24.92
C THR A 61 -35.22 63.13 24.71
N SER A 62 -36.49 62.75 24.78
CA SER A 62 -36.87 61.35 24.62
C SER A 62 -37.95 61.20 23.56
N ASP A 63 -38.74 62.25 23.35
CA ASP A 63 -39.85 62.18 22.43
C ASP A 63 -39.41 62.48 21.01
N LEU A 64 -39.96 61.74 20.05
CA LEU A 64 -39.58 61.88 18.66
C LEU A 64 -40.19 63.11 18.01
N GLU A 65 -41.21 63.72 18.63
CA GLU A 65 -41.75 64.96 18.10
C GLU A 65 -40.79 66.12 18.33
N ASP A 66 -40.14 66.16 19.49
CA ASP A 66 -39.20 67.22 19.81
C ASP A 66 -37.81 66.94 19.29
N ILE A 67 -37.48 65.67 19.03
CA ILE A 67 -36.21 65.37 18.36
C ILE A 67 -36.28 65.81 16.91
N SER A 68 -37.34 65.45 16.20
CA SER A 68 -37.44 65.69 14.76
C SER A 68 -37.57 67.16 14.41
N ARG A 69 -37.97 68.02 15.35
CA ARG A 69 -37.89 69.45 15.09
C ARG A 69 -36.45 69.95 15.20
N LYS A 70 -35.64 69.31 16.04
CA LYS A 70 -34.23 69.66 16.10
C LYS A 70 -33.49 69.16 14.87
N ILE A 71 -33.94 68.05 14.28
CA ILE A 71 -33.29 67.54 13.08
C ILE A 71 -33.59 68.47 11.91
N PHE A 72 -34.87 68.85 11.78
CA PHE A 72 -35.33 69.65 10.66
C PHE A 72 -34.75 71.07 10.69
N ALA A 73 -34.60 71.64 11.88
CA ALA A 73 -34.04 72.97 11.99
C ALA A 73 -32.53 72.98 11.91
N ALA A 74 -31.87 71.86 12.12
CA ALA A 74 -30.43 71.81 11.96
C ALA A 74 -30.00 71.52 10.54
N HIS A 75 -30.89 70.98 9.72
CA HIS A 75 -30.58 70.87 8.29
C HIS A 75 -30.60 72.23 7.63
N PHE A 76 -31.44 73.14 8.11
CA PHE A 76 -31.49 74.48 7.54
C PHE A 76 -30.24 75.27 7.87
N GLY A 77 -29.74 75.13 9.10
CA GLY A 77 -28.49 75.74 9.43
C GLY A 77 -27.30 75.07 8.80
N HIS A 78 -27.47 73.84 8.33
CA HIS A 78 -26.41 73.24 7.54
C HIS A 78 -26.45 73.71 6.10
N LEU A 79 -27.65 73.80 5.52
CA LEU A 79 -27.79 74.29 4.15
C LEU A 79 -27.33 75.74 4.05
N ALA A 80 -27.46 76.50 5.12
CA ALA A 80 -26.91 77.85 5.20
C ALA A 80 -25.41 77.86 5.44
N VAL A 81 -24.75 76.71 5.54
CA VAL A 81 -23.30 76.64 5.63
C VAL A 81 -22.69 76.24 4.29
N VAL A 82 -23.38 75.36 3.56
CA VAL A 82 -23.00 75.06 2.17
C VAL A 82 -23.13 76.30 1.30
N PHE A 83 -24.17 77.11 1.51
CA PHE A 83 -24.36 78.29 0.70
C PHE A 83 -23.33 79.38 1.02
N ILE A 84 -22.76 79.39 2.22
CA ILE A 84 -21.63 80.26 2.49
C ILE A 84 -20.41 79.79 1.72
N TRP A 85 -20.18 78.48 1.69
CA TRP A 85 -19.03 77.95 0.98
C TRP A 85 -19.23 78.01 -0.52
N LEU A 86 -20.46 77.82 -0.99
CA LEU A 86 -20.73 77.94 -2.41
C LEU A 86 -20.70 79.38 -2.89
N SER A 87 -20.93 80.35 -2.00
CA SER A 87 -20.70 81.73 -2.36
C SER A 87 -19.26 82.16 -2.15
N GLY A 88 -18.39 81.25 -1.75
CA GLY A 88 -17.00 81.58 -1.60
C GLY A 88 -16.21 81.02 -2.75
N MET A 89 -16.80 80.04 -3.45
CA MET A 89 -16.20 79.53 -4.66
C MET A 89 -16.53 80.41 -5.85
N TYR A 90 -17.73 80.98 -5.88
CA TYR A 90 -18.09 81.89 -6.95
C TYR A 90 -17.54 83.28 -6.74
N PHE A 91 -17.33 83.69 -5.49
CA PHE A 91 -16.70 84.98 -5.25
C PHE A 91 -15.21 84.94 -5.53
N HIS A 92 -14.57 83.81 -5.29
CA HIS A 92 -13.15 83.72 -5.57
C HIS A 92 -12.88 83.54 -7.05
N GLY A 93 -13.81 82.95 -7.78
CA GLY A 93 -13.75 83.01 -9.22
C GLY A 93 -14.09 84.37 -9.78
N ALA A 94 -14.80 85.19 -9.02
CA ALA A 94 -15.13 86.54 -9.49
C ALA A 94 -13.96 87.49 -9.33
N ARG A 95 -13.42 87.60 -8.12
CA ARG A 95 -12.46 88.66 -7.82
C ARG A 95 -11.01 88.22 -7.83
N PHE A 96 -10.71 86.98 -7.47
CA PHE A 96 -9.33 86.56 -7.28
C PHE A 96 -8.93 85.44 -8.22
N SER A 97 -9.34 85.49 -9.48
CA SER A 97 -9.06 84.39 -10.38
C SER A 97 -8.59 84.91 -11.73
N ASN A 98 -8.19 83.96 -12.58
CA ASN A 98 -7.89 84.23 -13.98
C ASN A 98 -8.90 83.56 -14.89
N PHE A 99 -10.18 83.64 -14.51
CA PHE A 99 -11.24 83.02 -15.31
C PHE A 99 -11.42 83.73 -16.64
N GLU A 100 -11.05 85.01 -16.72
CA GLU A 100 -11.05 85.70 -18.00
C GLU A 100 -9.93 85.17 -18.91
N ALA A 101 -8.74 85.01 -18.36
CA ALA A 101 -7.62 84.55 -19.17
C ALA A 101 -7.71 83.05 -19.44
N TRP A 102 -8.39 82.31 -18.58
CA TRP A 102 -8.53 80.88 -18.83
C TRP A 102 -9.61 80.60 -19.87
N MET A 103 -10.67 81.40 -19.90
CA MET A 103 -11.73 81.14 -20.87
C MET A 103 -11.30 81.48 -22.29
N ALA A 104 -10.38 82.43 -22.44
CA ALA A 104 -9.85 82.74 -23.76
C ALA A 104 -8.96 81.62 -24.29
N ASN A 105 -8.09 81.08 -23.42
CA ASN A 105 -7.17 80.01 -23.80
C ASN A 105 -7.17 78.94 -22.73
N PRO A 106 -8.03 77.92 -22.83
CA PRO A 106 -8.12 76.90 -21.79
C PRO A 106 -7.06 75.80 -21.89
N THR A 107 -6.01 76.03 -22.67
CA THR A 107 -4.91 75.07 -22.81
C THR A 107 -3.63 75.60 -22.19
N GLY A 108 -3.23 76.83 -22.54
CA GLY A 108 -1.99 77.37 -22.01
C GLY A 108 -2.12 77.98 -20.63
N ILE A 109 -3.27 78.57 -20.32
CA ILE A 109 -3.47 79.24 -19.04
C ILE A 109 -3.95 78.21 -18.03
N LYS A 110 -3.34 78.22 -16.85
CA LYS A 110 -3.69 77.28 -15.80
C LYS A 110 -4.82 77.83 -14.94
N PRO A 111 -5.73 76.98 -14.48
CA PRO A 111 -6.84 77.44 -13.64
C PRO A 111 -6.32 77.85 -12.28
N SER A 112 -6.65 79.06 -11.86
CA SER A 112 -6.19 79.52 -10.56
C SER A 112 -7.19 80.47 -9.94
N ALA A 113 -7.43 80.27 -8.65
CA ALA A 113 -8.04 81.26 -7.78
C ALA A 113 -7.12 81.38 -6.58
N GLN A 114 -7.58 82.09 -5.54
CA GLN A 114 -7.00 82.06 -4.20
C GLN A 114 -5.54 82.54 -4.22
N VAL A 115 -5.39 83.84 -4.50
CA VAL A 115 -4.07 84.46 -4.40
C VAL A 115 -3.67 84.58 -2.95
N VAL A 116 -2.38 84.78 -2.72
CA VAL A 116 -1.78 84.75 -1.39
C VAL A 116 -1.26 86.13 -1.04
N TRP A 117 -1.40 86.51 0.22
CA TRP A 117 -1.03 87.85 0.66
C TRP A 117 0.49 88.01 0.72
N PRO A 118 1.00 89.23 0.49
CA PRO A 118 2.45 89.48 0.64
C PRO A 118 2.87 89.73 2.08
N ILE A 119 3.05 88.63 2.81
CA ILE A 119 3.54 88.67 4.18
C ILE A 119 4.24 87.34 4.42
N PHE A 120 5.24 87.35 5.32
CA PHE A 120 5.99 86.17 5.76
C PHE A 120 6.75 85.46 4.64
N GLY A 121 6.92 86.11 3.49
CA GLY A 121 7.61 85.47 2.39
C GLY A 121 6.84 84.37 1.71
N GLN A 122 5.54 84.29 1.92
CA GLN A 122 4.72 83.23 1.35
C GLN A 122 4.18 83.59 -0.03
N GLU A 123 4.60 84.71 -0.60
CA GLU A 123 4.26 85.02 -1.98
C GLU A 123 5.09 84.23 -2.99
N ILE A 124 5.96 83.33 -2.54
CA ILE A 124 6.58 82.37 -3.43
C ILE A 124 5.57 81.33 -3.90
N LEU A 125 4.44 81.19 -3.19
CA LEU A 125 3.39 80.30 -3.64
C LEU A 125 2.62 80.86 -4.82
N ASN A 126 2.72 82.17 -5.05
CA ASN A 126 2.14 82.79 -6.24
C ASN A 126 3.04 82.50 -7.42
N GLY A 127 2.88 81.31 -7.98
CA GLY A 127 3.61 80.95 -9.16
C GLY A 127 2.97 81.50 -10.41
N ASP A 128 3.66 81.32 -11.53
CA ASP A 128 3.20 81.89 -12.78
C ASP A 128 2.14 80.96 -13.38
N MET A 129 0.95 81.49 -13.61
CA MET A 129 -0.17 80.72 -14.13
C MET A 129 -0.41 80.97 -15.61
N GLY A 130 0.48 81.70 -16.28
CA GLY A 130 0.28 82.03 -17.67
C GLY A 130 -0.54 83.29 -17.83
N GLY A 131 -0.01 84.27 -18.54
CA GLY A 131 -0.72 85.51 -18.72
C GLY A 131 -0.53 86.52 -17.62
N GLY A 132 0.57 86.44 -16.89
CA GLY A 132 0.88 87.43 -15.88
C GLY A 132 0.06 87.36 -14.61
N PHE A 133 -0.67 86.26 -14.40
CA PHE A 133 -1.41 86.05 -13.17
C PHE A 133 -0.59 85.20 -12.21
N HIS A 134 -0.49 85.65 -10.97
CA HIS A 134 0.30 84.96 -9.96
C HIS A 134 -0.64 84.48 -8.86
N GLY A 135 -0.81 83.16 -8.79
CA GLY A 135 -1.68 82.58 -7.80
C GLY A 135 -1.40 81.11 -7.63
N ILE A 136 -2.34 80.41 -7.01
CA ILE A 136 -2.23 78.99 -6.74
C ILE A 136 -3.11 78.24 -7.73
N GLN A 137 -2.52 77.26 -8.42
CA GLN A 137 -3.25 76.45 -9.38
C GLN A 137 -4.29 75.61 -8.67
N ILE A 138 -5.56 75.94 -8.84
CA ILE A 138 -6.63 75.20 -8.20
C ILE A 138 -6.89 73.92 -8.99
N THR A 139 -7.20 72.85 -8.28
CA THR A 139 -7.48 71.56 -8.90
C THR A 139 -8.90 71.10 -8.59
N SER A 140 -9.81 72.03 -8.30
CA SER A 140 -11.16 71.66 -7.91
C SER A 140 -12.11 71.54 -9.07
N GLY A 141 -11.70 71.91 -10.29
CA GLY A 141 -12.59 71.81 -11.42
C GLY A 141 -13.67 72.84 -11.48
N LEU A 142 -13.51 73.95 -10.76
CA LEU A 142 -14.53 74.99 -10.79
C LEU A 142 -14.54 75.71 -12.12
N PHE A 143 -13.39 75.85 -12.76
CA PHE A 143 -13.31 76.60 -14.00
C PHE A 143 -13.90 75.81 -15.15
N GLN A 144 -13.66 74.50 -15.16
CA GLN A 144 -14.24 73.62 -16.17
C GLN A 144 -15.72 73.43 -15.97
N MET A 145 -16.24 73.71 -14.78
CA MET A 145 -17.66 73.59 -14.49
C MET A 145 -18.43 74.85 -14.80
N TRP A 146 -17.81 76.02 -14.64
CA TRP A 146 -18.48 77.26 -14.98
C TRP A 146 -18.52 77.50 -16.48
N ARG A 147 -17.56 76.94 -17.22
CA ARG A 147 -17.61 77.02 -18.67
C ARG A 147 -18.75 76.17 -19.22
N ALA A 148 -19.02 75.03 -18.59
CA ALA A 148 -20.14 74.18 -18.98
C ALA A 148 -21.48 74.75 -18.55
N ALA A 149 -21.50 75.67 -17.61
CA ALA A 149 -22.72 76.37 -17.24
C ALA A 149 -22.96 77.60 -18.08
N GLY A 150 -21.98 77.99 -18.90
CA GLY A 150 -22.14 79.14 -19.75
C GLY A 150 -21.68 80.46 -19.18
N PHE A 151 -20.81 80.44 -18.17
CA PHE A 151 -20.26 81.67 -17.63
C PHE A 151 -19.23 82.22 -18.59
N THR A 152 -19.27 83.53 -18.83
CA THR A 152 -18.34 84.17 -19.75
C THR A 152 -17.58 85.32 -19.12
N ASN A 153 -18.21 86.10 -18.25
CA ASN A 153 -17.52 87.18 -17.58
C ASN A 153 -17.64 87.03 -16.07
N THR A 154 -16.76 87.73 -15.35
CA THR A 154 -16.72 87.61 -13.90
C THR A 154 -17.80 88.42 -13.20
N PHE A 155 -18.65 89.13 -13.93
CA PHE A 155 -19.81 89.72 -13.28
C PHE A 155 -20.86 88.66 -13.00
N GLN A 156 -21.03 87.70 -13.90
CA GLN A 156 -22.00 86.64 -13.69
C GLN A 156 -21.58 85.69 -12.57
N LEU A 157 -20.29 85.57 -12.32
CA LEU A 157 -19.84 84.82 -11.16
C LEU A 157 -20.07 85.59 -9.87
N TYR A 158 -19.99 86.92 -9.92
CA TYR A 158 -20.11 87.72 -8.72
C TYR A 158 -21.55 87.75 -8.21
N CYS A 159 -22.51 87.89 -9.10
CA CYS A 159 -23.90 87.90 -8.69
C CYS A 159 -24.51 86.51 -8.58
N THR A 160 -23.69 85.46 -8.68
CA THR A 160 -24.05 84.15 -8.17
C THR A 160 -23.60 84.03 -6.71
N ALA A 161 -22.44 84.61 -6.39
CA ALA A 161 -21.97 84.63 -5.01
C ALA A 161 -22.78 85.57 -4.14
N ILE A 162 -23.35 86.63 -4.73
CA ILE A 162 -24.28 87.46 -3.97
C ILE A 162 -25.60 86.73 -3.78
N GLY A 163 -26.06 86.05 -4.82
CA GLY A 163 -27.31 85.31 -4.76
C GLY A 163 -27.29 84.09 -3.88
N GLY A 164 -26.11 83.62 -3.47
CA GLY A 164 -26.03 82.52 -2.54
C GLY A 164 -25.93 83.00 -1.11
N LEU A 165 -25.40 84.21 -0.90
CA LEU A 165 -25.38 84.79 0.43
C LEU A 165 -26.78 85.20 0.88
N VAL A 166 -27.64 85.62 -0.05
CA VAL A 166 -29.03 85.86 0.28
C VAL A 166 -29.85 84.57 0.26
N MET A 167 -29.27 83.48 -0.21
CA MET A 167 -29.84 82.15 -0.08
C MET A 167 -29.34 81.45 1.18
N ALA A 168 -28.22 81.90 1.73
CA ALA A 168 -27.79 81.43 3.04
C ALA A 168 -28.59 82.08 4.15
N ALA A 169 -28.86 83.38 4.04
CA ALA A 169 -29.71 84.06 5.01
C ALA A 169 -31.17 83.65 4.87
N LEU A 170 -31.56 83.11 3.72
CA LEU A 170 -32.89 82.55 3.57
C LEU A 170 -33.00 81.20 4.26
N MET A 171 -32.00 80.34 4.07
CA MET A 171 -32.00 79.03 4.72
C MET A 171 -31.69 79.12 6.20
N LEU A 172 -31.02 80.18 6.65
CA LEU A 172 -30.78 80.34 8.08
C LEU A 172 -31.99 80.94 8.77
N PHE A 173 -32.81 81.71 8.05
CA PHE A 173 -34.05 82.21 8.64
C PHE A 173 -35.07 81.11 8.77
N ALA A 174 -35.03 80.12 7.88
CA ALA A 174 -35.99 79.02 7.90
C ALA A 174 -35.65 77.95 8.94
N GLY A 175 -34.53 78.08 9.63
CA GLY A 175 -34.25 77.14 10.70
C GLY A 175 -34.66 77.75 12.01
N TRP A 176 -34.58 79.08 12.09
CA TRP A 176 -35.16 79.79 13.22
C TRP A 176 -36.67 79.74 13.15
N PHE A 177 -37.23 79.78 11.94
CA PHE A 177 -38.67 79.82 11.79
C PHE A 177 -39.31 78.46 12.09
N HIS A 178 -38.61 77.37 11.81
CA HIS A 178 -39.17 76.05 12.00
C HIS A 178 -38.65 75.38 13.26
N TYR A 179 -38.15 76.16 14.19
CA TYR A 179 -37.94 75.70 15.55
C TYR A 179 -38.49 76.65 16.58
N HIS A 180 -38.65 77.93 16.27
CA HIS A 180 -39.10 78.90 17.25
C HIS A 180 -40.45 79.52 16.96
N LYS A 181 -40.92 79.47 15.72
CA LYS A 181 -42.23 80.01 15.38
C LYS A 181 -43.21 78.94 14.95
N ARG A 182 -42.90 78.19 13.90
CA ARG A 182 -43.82 77.20 13.34
C ARG A 182 -43.07 75.87 13.26
N ALA A 183 -43.06 75.17 14.34
CA ALA A 183 -42.42 73.87 14.30
C ALA A 183 -43.45 72.79 13.97
N PRO A 184 -43.16 71.89 13.05
CA PRO A 184 -44.14 70.86 12.70
C PRO A 184 -44.32 69.84 13.81
N LYS A 185 -45.34 69.01 13.65
CA LYS A 185 -45.66 67.97 14.61
C LYS A 185 -45.16 66.64 14.08
N LEU A 186 -45.31 65.60 14.91
CA LEU A 186 -44.71 64.30 14.60
C LEU A 186 -45.42 63.63 13.43
N GLU A 187 -46.72 63.84 13.29
CA GLU A 187 -47.44 63.26 12.16
C GLU A 187 -47.22 64.02 10.86
N TRP A 188 -46.48 65.13 10.88
CA TRP A 188 -46.02 65.74 9.64
C TRP A 188 -44.71 65.13 9.18
N PHE A 189 -43.90 64.61 10.08
CA PHE A 189 -42.65 63.98 9.66
C PHE A 189 -42.85 62.55 9.22
N GLN A 190 -43.95 61.91 9.62
CA GLN A 190 -44.11 60.48 9.49
C GLN A 190 -44.88 60.06 8.25
N ASN A 191 -45.19 60.99 7.34
CA ASN A 191 -45.77 60.61 6.05
C ASN A 191 -44.65 60.62 5.02
N THR A 192 -43.83 59.58 5.07
CA THR A 192 -42.69 59.45 4.17
C THR A 192 -43.08 59.00 2.77
N GLN A 193 -44.34 58.64 2.54
CA GLN A 193 -44.77 58.40 1.16
C GLN A 193 -44.96 59.71 0.43
N SER A 194 -45.51 60.72 1.11
CA SER A 194 -45.64 62.04 0.51
C SER A 194 -44.30 62.73 0.35
N MET A 195 -43.34 62.41 1.20
CA MET A 195 -42.02 63.00 1.09
C MET A 195 -41.29 62.48 -0.12
N LEU A 196 -41.45 61.20 -0.43
CA LEU A 196 -40.82 60.61 -1.60
C LEU A 196 -41.47 61.08 -2.89
N ASN A 197 -42.71 61.55 -2.84
CA ASN A 197 -43.33 62.11 -4.04
C ASN A 197 -42.71 63.45 -4.41
N HIS A 198 -42.42 64.28 -3.42
CA HIS A 198 -41.88 65.60 -3.68
C HIS A 198 -40.39 65.63 -3.80
N HIS A 199 -39.69 64.57 -3.40
CA HIS A 199 -38.26 64.53 -3.58
C HIS A 199 -37.88 63.87 -4.89
N LEU A 200 -38.64 62.87 -5.32
CA LEU A 200 -38.43 62.28 -6.63
C LEU A 200 -38.86 63.24 -7.73
N ALA A 201 -40.10 63.72 -7.65
CA ALA A 201 -40.63 64.54 -8.71
C ALA A 201 -40.31 66.02 -8.53
N GLY A 202 -40.46 66.54 -7.32
CA GLY A 202 -40.32 67.97 -7.14
C GLY A 202 -38.89 68.45 -7.00
N LEU A 203 -37.99 67.58 -6.56
CA LEU A 203 -36.60 67.97 -6.34
C LEU A 203 -35.65 67.38 -7.37
N LEU A 204 -35.71 66.08 -7.60
CA LEU A 204 -34.88 65.45 -8.61
C LEU A 204 -35.52 65.47 -10.00
N GLY A 205 -36.80 65.78 -10.10
CA GLY A 205 -37.43 65.85 -11.39
C GLY A 205 -37.50 67.26 -11.92
N LEU A 206 -37.91 68.19 -11.07
CA LEU A 206 -37.91 69.59 -11.44
C LEU A 206 -36.53 70.22 -11.39
N GLY A 207 -35.54 69.51 -10.84
CA GLY A 207 -34.20 70.05 -10.83
C GLY A 207 -33.48 69.73 -12.12
N SER A 208 -33.71 68.53 -12.64
CA SER A 208 -33.17 68.15 -13.93
C SER A 208 -34.10 68.52 -15.08
N LEU A 209 -35.26 69.08 -14.79
CA LEU A 209 -36.04 69.77 -15.81
C LEU A 209 -35.71 71.25 -15.86
N GLY A 210 -35.38 71.84 -14.71
CA GLY A 210 -34.87 73.19 -14.71
C GLY A 210 -33.50 73.27 -15.35
N TRP A 211 -32.65 72.27 -15.10
CA TRP A 211 -31.30 72.34 -15.63
C TRP A 211 -31.24 72.06 -17.12
N THR A 212 -32.11 71.20 -17.64
CA THR A 212 -32.13 71.04 -19.09
C THR A 212 -32.76 72.22 -19.81
N GLY A 213 -33.44 73.11 -19.09
CA GLY A 213 -33.81 74.38 -19.66
C GLY A 213 -32.71 75.41 -19.60
N HIS A 214 -31.77 75.26 -18.68
CA HIS A 214 -30.60 76.13 -18.68
C HIS A 214 -29.62 75.71 -19.75
N LEU A 215 -29.46 74.40 -19.95
CA LEU A 215 -28.46 73.88 -20.85
C LEU A 215 -28.73 74.30 -22.29
N ILE A 216 -29.96 74.12 -22.74
CA ILE A 216 -30.31 74.45 -24.13
C ILE A 216 -30.52 75.91 -24.39
N HIS A 217 -30.52 76.76 -23.35
CA HIS A 217 -30.72 78.18 -23.52
C HIS A 217 -29.53 79.02 -23.12
N VAL A 218 -28.66 78.52 -22.24
CA VAL A 218 -27.45 79.22 -21.85
C VAL A 218 -26.21 78.42 -22.23
N SER A 219 -26.17 77.15 -21.87
CA SER A 219 -24.94 76.37 -22.07
C SER A 219 -24.77 75.94 -23.52
N LEU A 220 -25.84 75.48 -24.17
CA LEU A 220 -25.72 75.05 -25.56
C LEU A 220 -25.49 76.19 -26.56
N PRO A 221 -26.04 77.39 -26.40
CA PRO A 221 -25.55 78.48 -27.27
C PRO A 221 -24.15 78.94 -26.96
N THR A 222 -23.76 79.05 -25.69
CA THR A 222 -22.45 79.59 -25.34
C THR A 222 -21.34 78.62 -25.71
N ASN A 223 -21.50 77.34 -25.42
CA ASN A 223 -20.46 76.38 -25.75
C ASN A 223 -20.42 76.02 -27.23
N LYS A 224 -21.40 76.46 -28.02
CA LYS A 224 -21.28 76.32 -29.46
C LYS A 224 -20.39 77.41 -30.05
N LEU A 225 -20.57 78.64 -29.59
CA LEU A 225 -19.77 79.76 -30.08
C LEU A 225 -18.36 79.75 -29.50
N LEU A 226 -18.15 79.14 -28.34
CA LEU A 226 -16.80 79.05 -27.79
C LEU A 226 -15.93 78.03 -28.49
N ASP A 227 -16.53 77.12 -29.26
CA ASP A 227 -15.73 76.18 -30.05
C ASP A 227 -15.30 76.77 -31.39
N THR A 228 -15.97 77.82 -31.85
CA THR A 228 -15.51 78.57 -33.00
C THR A 228 -14.52 79.67 -32.64
N GLY A 229 -14.27 79.87 -31.35
CA GLY A 229 -13.27 80.81 -30.89
C GLY A 229 -13.66 82.26 -31.06
N VAL A 230 -14.79 82.66 -30.46
CA VAL A 230 -15.26 84.04 -30.60
C VAL A 230 -14.57 84.99 -29.64
N ALA A 231 -13.73 84.48 -28.74
CA ALA A 231 -12.71 85.23 -28.00
C ALA A 231 -13.29 86.27 -27.04
N LEU A 232 -14.51 86.00 -26.54
CA LEU A 232 -15.16 86.67 -25.41
C LEU A 232 -15.48 88.14 -25.62
N LYS A 233 -15.29 88.72 -26.82
CA LYS A 233 -15.96 89.96 -27.16
C LYS A 233 -17.24 89.68 -27.94
N ASP A 234 -17.18 88.75 -28.88
CA ASP A 234 -18.23 88.50 -29.85
C ASP A 234 -19.36 87.66 -29.28
N ILE A 235 -19.13 87.01 -28.14
CA ILE A 235 -20.12 86.11 -27.57
C ILE A 235 -21.21 86.96 -26.91
N PRO A 236 -22.47 86.58 -27.03
CA PRO A 236 -23.53 87.33 -26.37
C PRO A 236 -23.79 86.83 -24.95
N LEU A 237 -24.30 87.74 -24.14
CA LEU A 237 -24.77 87.39 -22.81
C LEU A 237 -25.99 86.49 -22.94
N PRO A 238 -26.22 85.59 -21.96
CA PRO A 238 -27.21 84.52 -22.17
C PRO A 238 -28.65 84.97 -22.27
N HIS A 239 -28.98 86.20 -21.88
CA HIS A 239 -30.32 86.70 -22.11
C HIS A 239 -30.55 87.12 -23.56
N GLU A 240 -29.49 87.27 -24.34
CA GLU A 240 -29.61 87.65 -25.74
C GLU A 240 -29.82 86.45 -26.65
N PHE A 241 -29.90 85.24 -26.10
CA PHE A 241 -30.35 84.09 -26.84
C PHE A 241 -31.83 83.82 -26.64
N ILE A 242 -32.48 84.53 -25.73
CA ILE A 242 -33.92 84.45 -25.52
C ILE A 242 -34.63 85.73 -25.95
N LEU A 243 -34.03 86.88 -25.66
CA LEU A 243 -34.58 88.15 -26.15
C LEU A 243 -34.43 88.29 -27.65
N ASN A 244 -33.33 87.78 -28.22
CA ASN A 244 -33.10 87.77 -29.66
C ASN A 244 -33.15 86.34 -30.16
N PRO A 245 -34.33 85.82 -30.52
CA PRO A 245 -34.42 84.41 -30.91
C PRO A 245 -33.94 84.13 -32.33
N SER A 246 -33.66 85.17 -33.12
CA SER A 246 -33.01 84.97 -34.41
C SER A 246 -31.53 84.66 -34.28
N LEU A 247 -30.94 84.94 -33.11
CA LEU A 247 -29.54 84.65 -32.86
C LEU A 247 -29.28 83.17 -32.66
N MET A 248 -30.26 82.42 -32.17
CA MET A 248 -30.17 80.97 -32.04
C MET A 248 -30.87 80.27 -33.20
N ASN A 249 -30.79 80.83 -34.40
CA ASN A 249 -31.31 80.19 -35.60
C ASN A 249 -30.24 79.83 -36.60
N LYS A 250 -29.12 80.57 -36.64
CA LYS A 250 -27.95 80.09 -37.37
C LYS A 250 -27.33 78.90 -36.67
N LEU A 251 -27.43 78.85 -35.35
CA LEU A 251 -27.20 77.63 -34.60
C LEU A 251 -28.53 76.91 -34.47
N TYR A 252 -28.50 75.59 -34.67
CA TYR A 252 -29.66 74.70 -34.62
C TYR A 252 -30.78 75.14 -35.55
N PRO A 253 -30.62 75.03 -36.87
CA PRO A 253 -31.63 75.57 -37.78
C PRO A 253 -32.84 74.68 -38.00
N HIS A 254 -32.81 73.43 -37.53
CA HIS A 254 -33.94 72.54 -37.77
C HIS A 254 -35.15 72.89 -36.93
N ALA A 255 -35.00 73.70 -35.89
CA ALA A 255 -36.14 74.16 -35.11
C ALA A 255 -36.56 75.55 -35.58
N ASP A 256 -37.53 76.14 -34.87
CA ASP A 256 -38.07 77.43 -35.24
C ASP A 256 -37.57 78.56 -34.37
N TRP A 257 -37.49 78.32 -33.05
CA TRP A 257 -36.98 79.27 -32.04
C TRP A 257 -37.77 80.57 -32.03
N GLY A 258 -39.05 80.43 -31.64
CA GLY A 258 -39.88 81.56 -31.34
C GLY A 258 -40.60 81.34 -30.02
N PHE A 259 -41.19 82.43 -29.49
CA PHE A 259 -41.74 82.41 -28.14
C PHE A 259 -42.91 81.43 -28.01
N VAL A 260 -43.83 81.45 -28.96
CA VAL A 260 -44.89 80.46 -29.03
C VAL A 260 -44.72 79.53 -30.22
N LYS A 261 -44.03 79.97 -31.27
CA LYS A 261 -43.99 79.21 -32.52
C LYS A 261 -42.98 78.07 -32.48
N GLY A 262 -42.02 78.13 -31.56
CA GLY A 262 -40.99 77.11 -31.50
C GLY A 262 -41.24 76.01 -30.49
N VAL A 263 -42.19 76.19 -29.58
CA VAL A 263 -42.48 75.19 -28.58
C VAL A 263 -43.42 74.11 -29.11
N VAL A 264 -44.35 74.49 -29.99
CA VAL A 264 -45.39 73.60 -30.53
C VAL A 264 -44.90 72.34 -31.26
N PRO A 265 -43.65 72.18 -31.73
CA PRO A 265 -43.21 70.81 -32.05
C PRO A 265 -43.16 69.86 -30.87
N PHE A 266 -43.07 70.35 -29.63
CA PHE A 266 -43.06 69.45 -28.49
C PHE A 266 -44.45 68.91 -28.18
N PHE A 267 -45.47 69.74 -28.34
CA PHE A 267 -46.82 69.31 -27.99
C PHE A 267 -47.50 68.52 -29.09
N THR A 268 -47.20 68.82 -30.35
CA THR A 268 -47.71 68.05 -31.47
C THR A 268 -46.86 66.81 -31.76
N LEU A 269 -45.90 66.51 -30.88
CA LEU A 269 -45.10 65.27 -30.91
C LEU A 269 -44.29 65.10 -32.18
N GLN A 270 -43.97 66.20 -32.85
CA GLN A 270 -43.02 66.17 -33.95
C GLN A 270 -41.64 66.55 -33.40
N TRP A 271 -41.05 65.59 -32.69
CA TRP A 271 -39.82 65.81 -31.97
C TRP A 271 -38.58 65.66 -32.83
N GLY A 272 -38.74 65.55 -34.15
CA GLY A 272 -37.60 65.64 -35.04
C GLY A 272 -37.06 67.02 -35.22
N HIS A 273 -37.77 68.05 -34.76
CA HIS A 273 -37.27 69.41 -34.78
C HIS A 273 -36.21 69.67 -33.72
N PHE A 274 -36.10 68.78 -32.73
CA PHE A 274 -35.13 68.93 -31.66
C PHE A 274 -33.92 68.02 -31.83
N THR A 275 -33.84 67.27 -32.93
CA THR A 275 -32.82 66.23 -33.04
C THR A 275 -31.42 66.76 -33.31
N ASP A 276 -31.24 68.07 -33.47
CA ASP A 276 -29.89 68.58 -33.67
C ASP A 276 -29.26 69.06 -32.37
N PHE A 277 -30.05 69.45 -31.38
CA PHE A 277 -29.51 69.83 -30.09
C PHE A 277 -29.96 68.90 -28.97
N LEU A 278 -30.61 67.79 -29.30
CA LEU A 278 -30.86 66.67 -28.37
C LEU A 278 -30.39 65.41 -29.08
N THR A 279 -29.11 65.11 -28.97
CA THR A 279 -28.55 64.00 -29.72
C THR A 279 -28.35 62.80 -28.80
N PHE A 280 -28.03 61.68 -29.44
CA PHE A 280 -27.62 60.46 -28.76
C PHE A 280 -26.30 60.01 -29.36
N LYS A 281 -25.37 60.97 -29.45
CA LYS A 281 -24.06 60.72 -30.04
C LYS A 281 -23.27 59.72 -29.22
N GLY A 282 -23.12 59.98 -27.93
CA GLY A 282 -22.47 59.02 -27.08
C GLY A 282 -20.97 58.99 -27.29
N GLY A 283 -20.31 60.10 -26.99
CA GLY A 283 -18.87 60.14 -27.09
C GLY A 283 -18.34 61.42 -26.50
N LEU A 284 -17.04 61.63 -26.66
CA LEU A 284 -16.39 62.84 -26.19
C LEU A 284 -16.26 63.84 -27.33
N ASN A 285 -16.50 65.10 -27.00
CA ASN A 285 -16.30 66.21 -27.93
C ASN A 285 -14.81 66.33 -28.24
N PRO A 286 -14.39 66.09 -29.49
CA PRO A 286 -12.95 66.03 -29.77
C PRO A 286 -12.25 67.37 -29.82
N VAL A 287 -12.93 68.48 -29.52
CA VAL A 287 -12.29 69.79 -29.49
C VAL A 287 -12.06 70.19 -28.03
N THR A 288 -12.97 69.80 -27.14
CA THR A 288 -12.88 70.13 -25.72
C THR A 288 -12.47 68.97 -24.84
N GLY A 289 -12.96 67.77 -25.11
CA GLY A 289 -12.66 66.60 -24.32
C GLY A 289 -13.83 66.11 -23.51
N GLY A 290 -14.76 66.99 -23.18
CA GLY A 290 -15.93 66.60 -22.42
C GLY A 290 -16.98 65.92 -23.27
N LEU A 291 -18.08 65.58 -22.64
CA LEU A 291 -19.21 65.08 -23.38
C LEU A 291 -19.86 66.20 -24.18
N TRP A 292 -20.63 65.81 -25.20
CA TRP A 292 -21.39 66.79 -25.96
C TRP A 292 -22.46 67.39 -25.09
N LEU A 293 -22.58 68.71 -25.09
CA LEU A 293 -23.64 69.31 -24.29
C LEU A 293 -25.01 69.19 -24.94
N THR A 294 -25.09 68.79 -26.20
CA THR A 294 -26.36 68.32 -26.73
C THR A 294 -26.70 66.97 -26.14
N ASP A 295 -25.70 66.15 -25.88
CA ASP A 295 -25.89 64.83 -25.31
C ASP A 295 -26.23 64.91 -23.83
N VAL A 296 -25.73 65.93 -23.14
CA VAL A 296 -26.05 66.14 -21.73
C VAL A 296 -27.42 66.76 -21.55
N ALA A 297 -27.79 67.68 -22.44
CA ALA A 297 -29.09 68.34 -22.34
C ALA A 297 -30.22 67.40 -22.68
N HIS A 298 -29.97 66.43 -23.56
CA HIS A 298 -30.94 65.38 -23.80
C HIS A 298 -31.03 64.43 -22.62
N HIS A 299 -29.92 64.25 -21.91
CA HIS A 299 -29.85 63.30 -20.82
C HIS A 299 -30.68 63.77 -19.63
N HIS A 300 -30.63 65.06 -19.31
CA HIS A 300 -31.42 65.59 -18.21
C HIS A 300 -32.89 65.63 -18.53
N LEU A 301 -33.24 65.66 -19.80
CA LEU A 301 -34.65 65.62 -20.17
C LEU A 301 -35.22 64.22 -20.02
N ALA A 302 -34.42 63.19 -20.25
CA ALA A 302 -34.86 61.83 -20.00
C ALA A 302 -34.76 61.45 -18.53
N ILE A 303 -34.03 62.23 -17.74
CA ILE A 303 -33.97 62.04 -16.30
C ILE A 303 -35.14 62.74 -15.62
N ALA A 304 -35.48 63.94 -16.11
CA ALA A 304 -36.61 64.68 -15.56
C ALA A 304 -37.94 64.02 -15.89
N VAL A 305 -38.04 63.35 -17.04
CA VAL A 305 -39.25 62.60 -17.34
C VAL A 305 -39.35 61.39 -16.41
N MET A 306 -38.25 60.68 -16.22
CA MET A 306 -38.26 59.45 -15.43
C MET A 306 -38.44 59.73 -13.93
N PHE A 307 -38.06 60.92 -13.46
CA PHE A 307 -38.23 61.23 -12.05
C PHE A 307 -39.59 61.83 -11.73
N ILE A 308 -40.13 62.68 -12.61
CA ILE A 308 -41.46 63.24 -12.39
C ILE A 308 -42.50 62.14 -12.53
N ILE A 309 -42.25 61.16 -13.40
CA ILE A 309 -43.10 59.98 -13.48
C ILE A 309 -43.03 59.18 -12.19
N ALA A 310 -41.81 58.90 -11.71
CA ALA A 310 -41.64 58.07 -10.52
C ALA A 310 -41.96 58.77 -9.22
N GLY A 311 -42.23 60.06 -9.25
CA GLY A 311 -42.73 60.74 -8.08
C GLY A 311 -44.22 60.66 -7.92
N HIS A 312 -44.91 60.01 -8.84
CA HIS A 312 -46.33 59.74 -8.72
C HIS A 312 -46.57 58.26 -8.44
N MET A 313 -45.65 57.64 -7.72
CA MET A 313 -45.80 56.23 -7.41
C MET A 313 -46.51 56.03 -6.08
N TYR A 314 -46.17 56.83 -5.08
CA TYR A 314 -46.64 56.60 -3.73
C TYR A 314 -47.93 57.37 -3.46
N ARG A 315 -48.73 56.83 -2.55
CA ARG A 315 -50.11 57.27 -2.34
C ARG A 315 -50.15 58.38 -1.29
N THR A 316 -50.50 59.58 -1.72
CA THR A 316 -50.93 60.64 -0.82
C THR A 316 -52.45 60.61 -0.73
N ASN A 317 -53.06 61.67 -0.23
CA ASN A 317 -54.47 61.70 0.13
C ASN A 317 -55.45 61.65 -1.05
N TRP A 318 -55.09 61.38 -2.32
CA TRP A 318 -56.06 61.21 -3.38
C TRP A 318 -56.29 59.75 -3.74
N GLY A 319 -56.04 58.83 -2.81
CA GLY A 319 -56.42 57.45 -2.99
C GLY A 319 -55.50 56.63 -3.88
N ILE A 320 -55.19 57.13 -5.04
CA ILE A 320 -54.42 56.39 -6.03
C ILE A 320 -52.94 56.47 -5.64
N GLY A 321 -52.21 55.42 -5.95
CA GLY A 321 -50.80 55.33 -5.62
C GLY A 321 -50.47 54.06 -4.84
N HIS A 322 -49.17 53.86 -4.68
CA HIS A 322 -48.64 52.76 -3.90
C HIS A 322 -48.50 53.16 -2.44
N SER A 323 -48.51 52.17 -1.56
CA SER A 323 -48.22 52.41 -0.17
C SER A 323 -47.10 51.47 0.26
N ILE A 324 -46.03 52.05 0.82
CA ILE A 324 -44.89 51.27 1.26
C ILE A 324 -45.24 50.40 2.46
N LYS A 325 -46.27 50.77 3.22
CA LYS A 325 -46.72 49.97 4.35
C LYS A 325 -47.27 48.62 3.88
N GLU A 326 -47.92 48.61 2.72
CA GLU A 326 -48.49 47.37 2.19
C GLU A 326 -47.48 46.59 1.34
N MET A 327 -46.56 47.29 0.67
CA MET A 327 -45.53 46.59 -0.11
C MET A 327 -44.51 45.91 0.79
N LEU A 328 -44.19 46.51 1.93
CA LEU A 328 -43.25 45.87 2.85
C LEU A 328 -43.89 44.69 3.55
N ASP A 329 -45.16 44.84 3.94
CA ASP A 329 -45.82 43.79 4.71
C ASP A 329 -46.34 42.65 3.87
N ASP A 330 -46.18 42.70 2.55
CA ASP A 330 -46.61 41.61 1.69
C ASP A 330 -45.47 40.71 1.25
N ALA A 331 -44.24 41.01 1.65
CA ALA A 331 -43.10 40.16 1.31
C ALA A 331 -42.83 39.11 2.39
N ARG A 332 -43.87 38.37 2.74
CA ARG A 332 -43.77 37.22 3.62
C ARG A 332 -43.49 35.99 2.76
N THR A 333 -43.65 34.78 3.29
CA THR A 333 -43.38 33.66 2.40
C THR A 333 -44.54 32.70 2.07
N PRO A 334 -45.78 33.17 1.89
CA PRO A 334 -46.61 32.53 0.86
C PRO A 334 -46.32 33.06 -0.52
N ASN A 335 -45.78 34.27 -0.64
CA ASN A 335 -45.57 34.92 -1.93
C ASN A 335 -44.14 35.43 -2.04
N MET A 336 -43.23 34.55 -2.43
CA MET A 336 -41.89 34.92 -2.86
C MET A 336 -41.53 34.04 -4.05
N LEU A 337 -40.38 34.29 -4.63
CA LEU A 337 -39.79 33.29 -5.50
C LEU A 337 -39.36 32.11 -4.64
N PRO A 338 -39.50 30.88 -5.13
CA PRO A 338 -39.28 29.71 -4.26
C PRO A 338 -37.82 29.45 -3.90
N PHE A 339 -36.87 30.15 -4.52
CA PHE A 339 -35.48 30.00 -4.11
C PHE A 339 -35.04 31.05 -3.10
N LEU A 340 -35.84 32.09 -2.88
CA LEU A 340 -35.58 33.03 -1.81
C LEU A 340 -36.79 33.14 -0.88
N SER A 341 -37.47 32.02 -0.68
CA SER A 341 -38.59 31.91 0.24
C SER A 341 -38.15 31.58 1.65
N PHE A 342 -36.87 31.77 1.97
CA PHE A 342 -36.37 31.44 3.29
C PHE A 342 -36.61 32.54 4.31
N ILE A 343 -37.08 33.72 3.90
CA ILE A 343 -37.14 34.82 4.86
C ILE A 343 -38.47 34.93 5.58
N GLY A 344 -38.77 33.95 6.43
CA GLY A 344 -39.81 34.10 7.44
C GLY A 344 -41.24 34.11 6.97
N PRO A 345 -42.13 33.49 7.74
CA PRO A 345 -43.56 33.73 7.53
C PRO A 345 -43.98 35.13 7.90
N VAL A 346 -43.23 35.81 8.77
CA VAL A 346 -43.47 37.22 9.03
C VAL A 346 -42.94 38.06 7.88
N GLY A 347 -41.82 37.66 7.29
CA GLY A 347 -41.28 38.38 6.16
C GLY A 347 -40.53 39.59 6.63
N HIS A 348 -40.96 40.78 6.21
CA HIS A 348 -40.56 41.99 6.90
C HIS A 348 -41.75 42.90 7.15
N LYS A 349 -42.81 42.34 7.73
CA LYS A 349 -43.72 43.14 8.53
C LYS A 349 -42.98 43.75 9.71
N GLY A 350 -43.45 44.91 10.14
CA GLY A 350 -42.77 45.59 11.23
C GLY A 350 -41.46 46.23 10.84
N LEU A 351 -41.29 46.56 9.57
CA LEU A 351 -40.11 47.24 9.10
C LEU A 351 -40.38 48.64 8.58
N PHE A 352 -41.63 48.94 8.23
CA PHE A 352 -42.01 50.32 7.99
C PHE A 352 -42.07 51.10 9.30
N GLU A 353 -42.28 50.42 10.42
CA GLU A 353 -42.19 51.04 11.73
C GLU A 353 -40.76 51.26 12.17
N VAL A 354 -39.79 50.65 11.50
CA VAL A 354 -38.39 50.86 11.83
C VAL A 354 -37.89 52.15 11.19
N LEU A 355 -38.19 52.35 9.92
CA LEU A 355 -37.68 53.49 9.16
C LEU A 355 -38.62 54.69 9.23
N THR A 356 -39.48 54.77 10.23
CA THR A 356 -40.36 55.92 10.39
C THR A 356 -40.29 56.43 11.82
N THR A 357 -40.05 55.52 12.78
CA THR A 357 -40.02 55.89 14.18
C THR A 357 -38.60 56.02 14.73
N SER A 358 -37.60 56.12 13.85
CA SER A 358 -36.22 56.29 14.30
C SER A 358 -35.39 56.88 13.17
N TRP A 359 -34.66 57.96 13.47
CA TRP A 359 -33.86 58.65 12.48
C TRP A 359 -32.50 58.01 12.26
N HIS A 360 -32.04 57.15 13.16
CA HIS A 360 -30.78 56.47 12.94
C HIS A 360 -30.92 55.35 11.93
N ALA A 361 -32.09 54.75 11.84
CA ALA A 361 -32.34 53.75 10.82
C ALA A 361 -32.38 54.37 9.45
N GLN A 362 -32.86 55.61 9.35
CA GLN A 362 -32.90 56.29 8.08
C GLN A 362 -31.54 56.85 7.71
N LEU A 363 -30.74 57.25 8.70
CA LEU A 363 -29.43 57.82 8.42
C LEU A 363 -28.44 56.76 7.97
N SER A 364 -28.61 55.51 8.40
CA SER A 364 -27.67 54.48 7.99
C SER A 364 -27.88 54.07 6.54
N ILE A 365 -29.09 54.22 6.01
CA ILE A 365 -29.30 53.94 4.59
C ILE A 365 -28.92 55.14 3.75
N ASN A 366 -29.24 56.35 4.22
CA ASN A 366 -28.93 57.54 3.46
C ASN A 366 -27.45 57.89 3.45
N LEU A 367 -26.64 57.27 4.32
CA LEU A 367 -25.21 57.50 4.28
C LEU A 367 -24.50 56.45 3.44
N ALA A 368 -24.93 55.20 3.52
CA ALA A 368 -24.34 54.16 2.70
C ALA A 368 -24.76 54.30 1.24
N MET A 369 -25.90 54.93 0.97
CA MET A 369 -26.30 55.19 -0.41
C MET A 369 -25.63 56.43 -0.95
N LEU A 370 -25.49 57.47 -0.14
CA LEU A 370 -24.75 58.66 -0.57
C LEU A 370 -23.25 58.42 -0.58
N GLY A 371 -22.77 57.44 0.16
CA GLY A 371 -21.37 57.08 0.10
C GLY A 371 -21.07 56.28 -1.14
N SER A 372 -21.92 55.29 -1.45
CA SER A 372 -21.72 54.49 -2.65
C SER A 372 -22.05 55.27 -3.91
N LEU A 373 -22.85 56.33 -3.81
CA LEU A 373 -23.10 57.18 -4.97
C LEU A 373 -21.87 58.01 -5.30
N SER A 374 -21.16 58.47 -4.28
CA SER A 374 -20.02 59.35 -4.50
C SER A 374 -18.81 58.60 -5.00
N ILE A 375 -18.79 57.27 -4.93
CA ILE A 375 -17.73 56.52 -5.59
C ILE A 375 -18.13 56.15 -7.02
N ILE A 376 -19.42 55.97 -7.26
CA ILE A 376 -19.91 55.78 -8.62
C ILE A 376 -19.73 57.07 -9.43
N ILE A 377 -19.91 58.21 -8.77
CA ILE A 377 -19.69 59.50 -9.40
C ILE A 377 -18.21 59.67 -9.75
N ALA A 378 -17.31 59.24 -8.88
CA ALA A 378 -15.89 59.37 -9.13
C ALA A 378 -15.42 58.48 -10.27
N HIS A 379 -16.03 57.30 -10.41
CA HIS A 379 -15.69 56.37 -11.48
C HIS A 379 -16.26 56.77 -12.82
N HIS A 380 -17.20 57.70 -12.86
CA HIS A 380 -17.83 58.12 -14.10
C HIS A 380 -17.27 59.42 -14.61
N MET A 381 -16.77 60.27 -13.74
CA MET A 381 -16.21 61.54 -14.18
C MET A 381 -14.78 61.43 -14.67
N TYR A 382 -14.14 60.26 -14.56
CA TYR A 382 -12.89 60.06 -15.26
C TYR A 382 -13.08 59.32 -16.57
N ALA A 383 -14.03 58.40 -16.64
CA ALA A 383 -14.21 57.58 -17.82
C ALA A 383 -15.11 58.25 -18.84
N MET A 384 -16.11 59.00 -18.39
CA MET A 384 -16.95 59.82 -19.23
C MET A 384 -16.82 61.25 -18.72
N PRO A 385 -15.77 61.97 -19.10
CA PRO A 385 -15.54 63.30 -18.55
C PRO A 385 -16.61 64.27 -19.02
N PRO A 386 -17.30 64.92 -18.09
CA PRO A 386 -18.48 65.70 -18.45
C PRO A 386 -18.24 67.17 -18.75
N TYR A 387 -17.05 67.68 -18.48
CA TYR A 387 -16.83 69.12 -18.57
C TYR A 387 -15.83 69.43 -19.66
N PRO A 388 -15.93 70.61 -20.30
CA PRO A 388 -14.95 70.98 -21.32
C PRO A 388 -13.60 71.24 -20.68
N TYR A 389 -12.56 70.63 -21.27
CA TYR A 389 -11.16 70.72 -20.83
C TYR A 389 -10.96 70.20 -19.42
N LEU A 390 -11.80 69.26 -18.99
CA LEU A 390 -11.60 68.62 -17.70
C LEU A 390 -10.60 67.48 -17.81
N ALA A 391 -10.74 66.66 -18.86
CA ALA A 391 -10.00 65.41 -18.95
C ALA A 391 -8.51 65.62 -19.21
N THR A 392 -8.15 66.75 -19.79
CA THR A 392 -6.75 67.04 -20.04
C THR A 392 -6.10 67.82 -18.90
N ASP A 393 -6.88 68.47 -18.05
CA ASP A 393 -6.33 68.98 -16.81
C ASP A 393 -6.09 67.79 -15.91
N TYR A 394 -4.88 67.25 -15.95
CA TYR A 394 -4.58 66.01 -15.24
C TYR A 394 -4.53 66.19 -13.73
N GLY A 395 -4.34 67.42 -13.26
CA GLY A 395 -4.42 67.68 -11.84
C GLY A 395 -5.84 67.73 -11.32
N THR A 396 -6.80 67.93 -12.21
CA THR A 396 -8.22 67.99 -11.87
C THR A 396 -8.88 66.62 -11.94
N VAL A 397 -8.46 65.78 -12.90
CA VAL A 397 -9.00 64.43 -13.02
C VAL A 397 -8.67 63.61 -11.78
N VAL A 398 -7.44 63.72 -11.29
CA VAL A 398 -7.08 62.91 -10.14
C VAL A 398 -7.62 63.50 -8.85
N SER A 399 -7.72 64.82 -8.74
CA SER A 399 -8.18 65.42 -7.50
C SER A 399 -9.70 65.43 -7.40
N LEU A 400 -10.42 65.03 -8.44
CA LEU A 400 -11.85 64.81 -8.33
C LEU A 400 -12.22 63.35 -8.14
N PHE A 401 -11.40 62.44 -8.67
CA PHE A 401 -11.56 61.04 -8.32
C PHE A 401 -11.21 60.81 -6.86
N THR A 402 -10.08 61.36 -6.43
CA THR A 402 -9.58 61.13 -5.08
C THR A 402 -10.46 61.80 -4.04
N HIS A 403 -11.07 62.93 -4.39
CA HIS A 403 -11.94 63.62 -3.46
C HIS A 403 -13.19 62.82 -3.16
N HIS A 404 -13.94 62.46 -4.20
CA HIS A 404 -15.21 61.80 -4.02
C HIS A 404 -15.07 60.33 -3.66
N VAL A 405 -13.90 59.75 -3.81
CA VAL A 405 -13.68 58.42 -3.23
C VAL A 405 -13.53 58.52 -1.72
N TRP A 406 -12.79 59.51 -1.23
CA TRP A 406 -12.63 59.67 0.21
C TRP A 406 -13.90 60.15 0.87
N ILE A 407 -14.59 61.11 0.25
CA ILE A 407 -15.89 61.56 0.75
C ILE A 407 -16.88 60.40 0.75
N GLY A 408 -16.93 59.68 -0.35
CA GLY A 408 -17.83 58.56 -0.43
C GLY A 408 -17.38 57.32 0.28
N GLY A 409 -16.33 57.38 1.08
CA GLY A 409 -15.95 56.22 1.87
C GLY A 409 -16.05 56.52 3.34
N PHE A 410 -15.98 57.80 3.69
CA PHE A 410 -16.34 58.20 5.05
C PHE A 410 -17.81 57.97 5.30
N LEU A 411 -18.66 58.27 4.32
CA LEU A 411 -20.09 58.10 4.48
C LEU A 411 -20.51 56.64 4.55
N ILE A 412 -19.72 55.72 4.02
CA ILE A 412 -20.02 54.30 4.19
C ILE A 412 -19.82 53.89 5.64
N VAL A 413 -18.73 54.35 6.25
CA VAL A 413 -18.46 54.05 7.65
C VAL A 413 -19.48 54.75 8.56
N GLY A 414 -20.03 55.87 8.11
CA GLY A 414 -21.14 56.45 8.83
C GLY A 414 -22.43 55.71 8.63
N GLY A 415 -22.59 55.04 7.50
CA GLY A 415 -23.74 54.19 7.31
C GLY A 415 -23.70 52.93 8.13
N ALA A 416 -22.53 52.57 8.63
CA ALA A 416 -22.38 51.44 9.53
C ALA A 416 -22.19 51.86 10.96
N ALA A 417 -22.05 53.16 11.23
CA ALA A 417 -22.09 53.63 12.60
C ALA A 417 -23.51 53.77 13.10
N HIS A 418 -24.39 54.32 12.27
CA HIS A 418 -25.78 54.53 12.64
C HIS A 418 -26.63 53.29 12.43
N ALA A 419 -26.14 52.31 11.72
CA ALA A 419 -26.75 50.99 11.76
C ALA A 419 -26.37 50.24 13.02
N ALA A 420 -25.46 50.79 13.84
CA ALA A 420 -25.13 50.26 15.15
C ALA A 420 -25.67 51.11 16.28
N ILE A 421 -25.93 52.40 16.04
CA ILE A 421 -26.64 53.20 17.02
C ILE A 421 -28.12 52.86 16.99
N TYR A 422 -28.62 52.38 15.85
CA TYR A 422 -30.00 51.91 15.80
C TYR A 422 -30.20 50.66 16.65
N MET A 423 -29.24 49.73 16.63
CA MET A 423 -29.41 48.50 17.39
C MET A 423 -29.31 48.74 18.88
N VAL A 424 -28.37 49.58 19.31
CA VAL A 424 -28.19 49.81 20.74
C VAL A 424 -29.35 50.62 21.31
N ARG A 425 -29.82 51.61 20.56
CA ARG A 425 -30.82 52.54 21.09
C ARG A 425 -32.24 52.26 20.57
N ASP A 426 -32.42 52.25 19.26
CA ASP A 426 -33.75 52.31 18.69
C ASP A 426 -34.31 50.94 18.30
N TYR A 427 -33.62 49.85 18.65
CA TYR A 427 -34.07 48.52 18.28
C TYR A 427 -35.08 48.00 19.27
N ASP A 428 -36.17 47.42 18.74
CA ASP A 428 -37.28 46.97 19.55
C ASP A 428 -37.56 45.52 19.21
N PRO A 429 -37.36 44.57 20.14
CA PRO A 429 -37.69 43.17 19.85
C PRO A 429 -39.18 42.90 19.80
N GLU A 430 -40.02 43.83 20.24
CA GLU A 430 -41.47 43.69 20.13
C GLU A 430 -41.90 43.72 18.67
N GLN A 431 -41.61 44.82 17.97
CA GLN A 431 -42.04 44.99 16.59
C GLN A 431 -41.19 44.22 15.60
N ASN A 432 -40.10 43.61 16.04
CA ASN A 432 -39.20 42.88 15.15
C ASN A 432 -39.13 41.41 15.54
N PHE A 433 -40.25 40.75 15.76
CA PHE A 433 -40.23 39.33 16.04
C PHE A 433 -40.30 38.56 14.74
N ASN A 434 -39.25 37.77 14.47
CA ASN A 434 -39.15 36.83 13.35
C ASN A 434 -39.29 37.49 11.98
N ASN A 435 -39.07 38.79 11.90
CA ASN A 435 -39.07 39.46 10.61
C ASN A 435 -37.68 39.36 10.01
N VAL A 436 -37.41 40.14 8.96
CA VAL A 436 -36.20 39.96 8.19
C VAL A 436 -34.97 40.48 8.93
N LEU A 437 -35.17 41.28 9.98
CA LEU A 437 -34.09 41.80 10.82
C LEU A 437 -33.85 40.95 12.06
N ASP A 438 -34.89 40.29 12.58
CA ASP A 438 -34.70 39.34 13.66
C ASP A 438 -33.90 38.14 13.17
N ARG A 439 -34.22 37.64 11.98
CA ARG A 439 -33.60 36.44 11.45
C ARG A 439 -32.14 36.65 11.07
N VAL A 440 -31.68 37.88 10.97
CA VAL A 440 -30.26 38.15 10.73
C VAL A 440 -29.48 38.06 12.03
N LEU A 441 -30.03 38.59 13.13
CA LEU A 441 -29.37 38.45 14.42
C LEU A 441 -29.45 37.03 14.95
N ARG A 442 -30.36 36.22 14.44
CA ARG A 442 -30.48 34.85 14.91
C ARG A 442 -29.49 33.91 14.22
N HIS A 443 -28.68 34.40 13.29
CA HIS A 443 -27.66 33.54 12.71
C HIS A 443 -26.37 34.30 12.47
N ARG A 444 -26.13 35.37 13.23
CA ARG A 444 -25.02 36.29 12.98
C ARG A 444 -23.64 35.69 13.16
N ASP A 445 -23.52 34.48 13.71
CA ASP A 445 -22.24 33.78 13.68
C ASP A 445 -22.07 32.97 12.40
N ALA A 446 -23.05 32.96 11.52
CA ALA A 446 -22.88 32.40 10.19
C ALA A 446 -22.65 33.46 9.13
N ILE A 447 -23.09 34.69 9.36
CA ILE A 447 -22.68 35.79 8.51
C ILE A 447 -21.20 36.09 8.71
N ILE A 448 -20.78 36.18 9.97
CA ILE A 448 -19.43 36.62 10.28
C ILE A 448 -18.41 35.51 10.07
N SER A 449 -18.81 34.24 10.19
CA SER A 449 -17.89 33.13 9.91
C SER A 449 -17.51 33.07 8.44
N HIS A 450 -18.47 33.28 7.55
CA HIS A 450 -18.22 33.20 6.13
C HIS A 450 -17.74 34.51 5.58
N LEU A 451 -17.95 35.60 6.30
CA LEU A 451 -17.28 36.84 5.92
C LEU A 451 -15.83 36.81 6.34
N ALA A 452 -15.53 36.32 7.54
CA ALA A 452 -14.14 36.21 7.97
C ALA A 452 -13.38 35.08 7.31
N TRP A 453 -14.02 34.27 6.48
CA TRP A 453 -13.31 33.35 5.63
C TRP A 453 -12.99 33.97 4.28
N VAL A 454 -13.93 34.71 3.69
CA VAL A 454 -13.67 35.33 2.40
C VAL A 454 -12.76 36.54 2.53
N CYS A 455 -12.65 37.15 3.71
CA CYS A 455 -11.56 38.09 3.94
C CYS A 455 -10.24 37.36 4.03
N GLN A 456 -10.26 36.12 4.50
CA GLN A 456 -9.05 35.33 4.62
C GLN A 456 -8.68 34.66 3.33
N PHE A 457 -9.67 34.24 2.53
CA PHE A 457 -9.39 33.67 1.23
C PHE A 457 -8.79 34.70 0.29
N LEU A 458 -9.25 35.94 0.40
CA LEU A 458 -8.78 36.98 -0.50
C LEU A 458 -7.48 37.59 -0.06
N GLY A 459 -7.17 37.54 1.23
CA GLY A 459 -5.90 38.06 1.69
C GLY A 459 -4.74 37.22 1.26
N PHE A 460 -4.96 35.91 1.14
CA PHE A 460 -3.92 35.04 0.60
C PHE A 460 -3.87 35.11 -0.91
N HIS A 461 -4.99 35.32 -1.58
CA HIS A 461 -5.01 35.28 -3.03
C HIS A 461 -4.98 36.65 -3.66
N SER A 462 -4.74 37.65 -2.91
CA SER A 462 -4.40 38.90 -3.53
C SER A 462 -3.11 39.47 -3.00
N PHE A 463 -2.88 39.39 -1.69
CA PHE A 463 -1.64 39.95 -1.16
C PHE A 463 -0.50 38.95 -1.19
N ALA A 464 -0.74 37.69 -0.88
CA ALA A 464 0.37 36.75 -0.92
C ALA A 464 0.74 36.35 -2.34
N MET A 465 -0.04 36.73 -3.35
CA MET A 465 0.45 36.68 -4.72
C MET A 465 1.31 37.89 -5.08
N TYR A 466 1.28 38.93 -4.27
CA TYR A 466 2.26 40.01 -4.39
C TYR A 466 3.54 39.69 -3.65
N CYS A 467 3.49 38.77 -2.68
CA CYS A 467 4.68 38.27 -2.02
C CYS A 467 5.28 37.07 -2.73
N HIS A 468 4.53 36.39 -3.57
CA HIS A 468 5.12 35.40 -4.46
C HIS A 468 5.89 36.07 -5.57
N ASN A 469 5.32 37.12 -6.17
CA ASN A 469 6.02 37.86 -7.22
C ASN A 469 7.22 38.59 -6.68
N ASP A 470 7.17 39.02 -5.42
CA ASP A 470 8.28 39.74 -4.83
C ASP A 470 9.46 38.84 -4.53
N THR A 471 9.21 37.57 -4.31
CA THR A 471 10.25 36.60 -4.05
C THR A 471 10.81 36.01 -5.32
N MET A 472 9.98 35.83 -6.36
CA MET A 472 10.50 35.34 -7.64
C MET A 472 11.31 36.41 -8.35
N ARG A 473 10.95 37.68 -8.18
CA ARG A 473 11.71 38.73 -8.83
C ARG A 473 13.06 38.93 -8.15
N ALA A 474 13.13 38.66 -6.86
CA ALA A 474 14.40 38.78 -6.13
C ALA A 474 15.28 37.57 -6.34
N PHE A 475 14.68 36.39 -6.48
CA PHE A 475 15.40 35.16 -6.80
C PHE A 475 16.00 35.15 -8.18
N GLY A 476 15.60 36.05 -9.06
CA GLY A 476 16.01 35.95 -10.43
C GLY A 476 15.22 34.94 -11.20
N ARG A 477 13.96 34.72 -10.84
CA ARG A 477 13.07 33.82 -11.55
C ARG A 477 11.87 34.61 -12.05
N PRO A 478 12.01 35.38 -13.13
CA PRO A 478 10.89 36.17 -13.62
C PRO A 478 9.90 35.38 -14.46
N GLN A 479 10.13 34.10 -14.67
CA GLN A 479 9.19 33.24 -15.38
C GLN A 479 8.28 32.47 -14.43
N ASP A 480 8.53 32.56 -13.13
CA ASP A 480 7.77 31.83 -12.13
C ASP A 480 6.73 32.69 -11.43
N MET A 481 6.69 33.99 -11.72
CA MET A 481 5.81 34.89 -11.01
C MET A 481 4.60 35.25 -11.86
N PHE A 482 3.59 35.82 -11.20
CA PHE A 482 2.30 36.11 -11.83
C PHE A 482 2.39 37.40 -12.64
N SER A 483 3.02 37.27 -13.80
CA SER A 483 3.23 38.38 -14.72
C SER A 483 2.35 38.20 -15.95
N ASP A 484 2.45 39.15 -16.87
CA ASP A 484 2.01 38.89 -18.24
C ASP A 484 3.02 38.06 -19.01
N THR A 485 4.24 37.91 -18.50
CA THR A 485 5.26 37.08 -19.11
C THR A 485 5.42 35.73 -18.41
N GLY A 486 5.05 35.62 -17.14
CA GLY A 486 5.17 34.37 -16.42
C GLY A 486 3.88 33.59 -16.38
N ILE A 487 3.30 33.45 -15.20
CA ILE A 487 2.05 32.73 -15.00
C ILE A 487 0.91 33.74 -15.13
N GLN A 488 0.27 33.76 -16.28
CA GLN A 488 -0.70 34.80 -16.57
C GLN A 488 -2.01 34.56 -15.86
N LEU A 489 -2.53 35.61 -15.23
CA LEU A 489 -3.85 35.59 -14.59
C LEU A 489 -4.67 36.66 -15.29
N GLN A 490 -5.34 36.29 -16.29
CA GLN A 490 -6.02 37.32 -17.04
C GLN A 490 -7.43 37.55 -16.48
N PRO A 491 -7.89 38.80 -16.48
CA PRO A 491 -9.27 39.08 -16.10
C PRO A 491 -10.22 38.64 -17.19
N VAL A 492 -10.61 37.36 -17.20
CA VAL A 492 -11.34 36.80 -18.31
C VAL A 492 -12.74 37.40 -18.41
N PHE A 493 -13.39 37.63 -17.27
CA PHE A 493 -14.74 38.18 -17.26
C PHE A 493 -14.78 39.69 -17.31
N ALA A 494 -13.64 40.37 -17.15
CA ALA A 494 -13.61 41.82 -17.28
C ALA A 494 -12.99 42.28 -18.58
N GLN A 495 -12.20 41.43 -19.24
CA GLN A 495 -11.82 41.67 -20.62
C GLN A 495 -12.96 41.37 -21.57
N TRP A 496 -13.95 40.61 -21.12
CA TRP A 496 -15.10 40.31 -21.96
C TRP A 496 -16.13 41.42 -21.93
N LEU A 497 -16.30 42.08 -20.79
CA LEU A 497 -17.20 43.22 -20.75
C LEU A 497 -16.62 44.43 -21.45
N GLN A 498 -15.30 44.51 -21.60
CA GLN A 498 -14.74 45.53 -22.46
C GLN A 498 -14.98 45.21 -23.91
N HIS A 499 -15.19 43.95 -24.24
CA HIS A 499 -15.53 43.56 -25.60
C HIS A 499 -16.99 43.79 -25.89
N ILE A 500 -17.87 43.65 -24.89
CA ILE A 500 -19.30 43.86 -25.11
C ILE A 500 -19.60 45.34 -25.32
N HIS A 501 -19.03 46.20 -24.49
CA HIS A 501 -19.37 47.61 -24.53
C HIS A 501 -18.75 48.37 -25.70
N THR A 502 -17.97 47.70 -26.56
CA THR A 502 -17.56 48.27 -27.82
C THR A 502 -18.16 47.58 -29.03
N MET A 503 -18.82 46.44 -28.85
CA MET A 503 -19.53 45.79 -29.95
C MET A 503 -21.02 46.11 -29.93
N THR A 504 -21.46 46.97 -29.02
CA THR A 504 -22.84 47.43 -28.96
C THR A 504 -22.93 48.93 -29.21
N ILE A 505 -22.16 49.42 -30.19
CA ILE A 505 -22.26 50.80 -30.60
C ILE A 505 -22.78 50.86 -32.04
N LEU A 538 -25.10 55.70 -29.81
CA LEU A 538 -25.25 54.95 -31.05
C LEU A 538 -23.91 54.77 -31.75
N HIS A 539 -23.67 55.53 -32.83
CA HIS A 539 -22.55 55.28 -33.71
C HIS A 539 -21.20 55.68 -33.13
N ASP A 540 -21.18 56.45 -32.03
CA ASP A 540 -19.88 56.77 -31.47
C ASP A 540 -19.60 55.88 -30.26
N PRO A 541 -18.36 55.45 -30.07
CA PRO A 541 -18.02 54.60 -28.92
C PRO A 541 -18.05 55.34 -27.59
N VAL A 542 -19.22 55.33 -26.93
CA VAL A 542 -19.40 55.75 -25.54
C VAL A 542 -18.31 55.20 -24.63
N SER A 543 -17.68 56.10 -23.87
CA SER A 543 -16.63 55.75 -22.91
C SER A 543 -15.44 55.05 -23.52
N TYR A 544 -14.55 55.82 -24.15
CA TYR A 544 -13.30 55.35 -24.74
C TYR A 544 -12.41 54.52 -23.82
N ALA A 545 -12.67 54.51 -22.50
CA ALA A 545 -12.05 53.58 -21.56
C ALA A 545 -12.29 52.12 -21.95
N PHE A 546 -13.41 51.81 -22.58
CA PHE A 546 -13.70 50.42 -22.94
C PHE A 546 -12.86 50.00 -24.15
N GLY A 547 -12.85 50.82 -25.19
CA GLY A 547 -12.06 50.51 -26.35
C GLY A 547 -12.45 51.35 -27.54
N GLY A 548 -11.53 51.40 -28.49
CA GLY A 548 -11.78 52.11 -29.73
C GLY A 548 -11.47 53.58 -29.59
N GLY A 549 -10.60 54.11 -30.44
CA GLY A 549 -10.35 55.53 -30.46
C GLY A 549 -9.47 56.06 -29.35
N VAL A 550 -8.72 57.12 -29.64
CA VAL A 550 -7.90 57.83 -28.66
C VAL A 550 -8.27 59.30 -28.77
N VAL A 551 -8.90 59.84 -27.74
CA VAL A 551 -9.31 61.24 -27.73
C VAL A 551 -8.13 62.06 -27.22
N ALA A 552 -7.57 62.88 -28.09
CA ALA A 552 -6.28 63.52 -27.88
C ALA A 552 -6.39 65.00 -28.27
N VAL A 553 -7.34 65.69 -27.63
CA VAL A 553 -7.97 66.92 -28.14
C VAL A 553 -6.97 68.03 -28.48
N GLY A 554 -5.85 68.12 -27.77
CA GLY A 554 -4.79 69.02 -28.14
C GLY A 554 -3.70 68.96 -27.09
N GLY A 555 -2.46 68.81 -27.53
CA GLY A 555 -1.40 68.53 -26.58
C GLY A 555 -1.60 67.16 -25.96
N LYS A 556 -2.06 67.15 -24.72
CA LYS A 556 -2.20 65.93 -23.94
C LYS A 556 -3.41 65.12 -24.43
N VAL A 557 -3.49 63.88 -23.94
CA VAL A 557 -4.52 62.93 -24.33
C VAL A 557 -5.61 62.87 -23.26
N ALA A 558 -6.87 62.93 -23.70
CA ALA A 558 -7.99 62.96 -22.78
C ALA A 558 -8.35 61.57 -22.29
N MET A 559 -8.75 60.68 -23.19
CA MET A 559 -9.14 59.34 -22.81
C MET A 559 -8.56 58.33 -23.79
N MET A 560 -8.23 57.16 -23.26
CA MET A 560 -7.65 56.06 -24.02
C MET A 560 -8.26 54.78 -23.46
N PRO A 561 -8.25 53.69 -24.22
CA PRO A 561 -8.63 52.39 -23.65
C PRO A 561 -7.74 51.99 -22.49
N ILE A 562 -8.39 51.52 -21.43
CA ILE A 562 -7.70 51.04 -20.23
C ILE A 562 -7.75 49.52 -20.32
N THR A 563 -6.71 48.93 -20.86
CA THR A 563 -6.68 47.48 -21.00
C THR A 563 -6.36 46.82 -19.67
N LEU A 564 -6.72 45.55 -19.56
CA LEU A 564 -6.66 44.82 -18.30
C LEU A 564 -5.81 43.59 -18.48
N GLY A 565 -4.75 43.46 -17.67
CA GLY A 565 -3.88 42.32 -17.70
C GLY A 565 -3.81 41.68 -16.33
N THR A 566 -2.68 41.02 -16.06
CA THR A 566 -2.50 40.34 -14.79
C THR A 566 -2.34 41.34 -13.66
N ALA A 567 -1.73 42.49 -13.93
CA ALA A 567 -1.59 43.53 -12.92
C ALA A 567 -2.92 44.17 -12.56
N ASP A 568 -3.93 44.05 -13.42
CA ASP A 568 -5.27 44.53 -13.13
C ASP A 568 -6.15 43.46 -12.53
N PHE A 569 -5.84 42.19 -12.76
CA PHE A 569 -6.48 41.11 -12.02
C PHE A 569 -6.07 41.15 -10.57
N LEU A 570 -4.77 41.31 -10.31
CA LEU A 570 -4.26 41.25 -8.95
C LEU A 570 -4.67 42.44 -8.12
N ILE A 571 -4.88 43.59 -8.75
CA ILE A 571 -5.21 44.80 -8.00
C ILE A 571 -6.72 44.97 -7.82
N HIS A 572 -7.55 44.27 -8.58
CA HIS A 572 -8.97 44.29 -8.30
C HIS A 572 -9.34 43.33 -7.20
N HIS A 573 -8.44 42.42 -6.85
CA HIS A 573 -8.64 41.54 -5.72
C HIS A 573 -8.00 42.10 -4.46
N ILE A 574 -7.10 43.07 -4.58
CA ILE A 574 -6.73 43.87 -3.44
C ILE A 574 -7.91 44.72 -3.02
N HIS A 575 -8.66 45.23 -4.00
CA HIS A 575 -9.84 46.02 -3.69
C HIS A 575 -10.96 45.15 -3.16
N ALA A 576 -11.12 43.95 -3.70
CA ALA A 576 -12.11 43.04 -3.17
C ALA A 576 -11.75 42.56 -1.79
N PHE A 577 -10.46 42.44 -1.49
CA PHE A 577 -10.05 42.02 -0.15
C PHE A 577 -10.25 43.13 0.86
N THR A 578 -9.86 44.34 0.53
CA THR A 578 -9.93 45.43 1.51
C THR A 578 -11.33 45.94 1.71
N ILE A 579 -12.24 45.72 0.76
CA ILE A 579 -13.63 46.11 0.96
C ILE A 579 -14.31 45.12 1.88
N HIS A 580 -13.95 43.84 1.79
CA HIS A 580 -14.58 42.83 2.62
C HIS A 580 -14.12 42.90 4.06
N VAL A 581 -12.87 43.26 4.31
CA VAL A 581 -12.46 43.41 5.71
C VAL A 581 -13.02 44.70 6.26
N THR A 582 -13.21 45.72 5.42
CA THR A 582 -13.90 46.91 5.88
C THR A 582 -15.35 46.60 6.19
N VAL A 583 -15.96 45.69 5.42
CA VAL A 583 -17.30 45.23 5.74
C VAL A 583 -17.28 44.38 7.00
N LEU A 584 -16.30 43.49 7.13
CA LEU A 584 -16.26 42.55 8.26
C LEU A 584 -16.08 43.26 9.59
N VAL A 585 -15.29 44.33 9.61
CA VAL A 585 -15.15 45.12 10.82
C VAL A 585 -16.44 45.86 11.13
N LEU A 586 -17.07 46.42 10.11
CA LEU A 586 -18.27 47.21 10.32
C LEU A 586 -19.51 46.36 10.53
N LEU A 587 -19.60 45.20 9.87
CA LEU A 587 -20.75 44.34 10.08
C LEU A 587 -20.68 43.62 11.42
N LYS A 588 -19.48 43.37 11.93
CA LYS A 588 -19.33 42.80 13.25
C LYS A 588 -19.77 43.78 14.35
N GLY A 589 -19.71 45.07 14.08
CA GLY A 589 -20.19 46.03 15.04
C GLY A 589 -21.66 46.29 14.98
N VAL A 590 -22.32 45.88 13.91
CA VAL A 590 -23.77 46.04 13.78
C VAL A 590 -24.51 44.84 14.33
N LEU A 591 -24.02 43.64 14.01
CA LEU A 591 -24.68 42.43 14.49
C LEU A 591 -24.42 42.19 15.97
N PHE A 592 -23.18 42.42 16.41
CA PHE A 592 -22.80 42.24 17.81
C PHE A 592 -22.86 43.55 18.58
N ALA A 593 -23.80 44.43 18.25
CA ALA A 593 -24.04 45.62 19.04
C ALA A 593 -25.01 45.35 20.17
N ARG A 594 -25.91 44.39 19.99
CA ARG A 594 -26.83 44.01 21.06
C ARG A 594 -26.11 43.22 22.13
N SER A 595 -25.54 42.08 21.75
CA SER A 595 -24.96 41.15 22.70
C SER A 595 -23.96 40.28 21.96
N SER A 596 -23.30 39.39 22.70
CA SER A 596 -22.33 38.48 22.15
C SER A 596 -22.39 37.20 22.97
N ARG A 597 -21.36 36.37 22.84
CA ARG A 597 -21.14 35.33 23.84
C ARG A 597 -20.25 35.81 24.97
N LEU A 598 -19.47 36.87 24.74
CA LEU A 598 -18.67 37.48 25.80
C LEU A 598 -19.51 38.28 26.76
N ILE A 599 -20.11 39.35 26.26
CA ILE A 599 -20.93 40.25 27.07
C ILE A 599 -22.36 40.13 26.57
N PRO A 600 -23.22 39.35 27.22
CA PRO A 600 -24.59 39.20 26.73
C PRO A 600 -25.52 40.34 27.10
N ASP A 601 -25.05 41.32 27.85
CA ASP A 601 -25.83 42.50 28.19
C ASP A 601 -25.17 43.76 27.66
N LYS A 602 -24.66 43.70 26.43
CA LYS A 602 -23.86 44.77 25.88
C LYS A 602 -24.69 46.00 25.52
N ALA A 603 -25.98 45.81 25.21
CA ALA A 603 -26.83 46.95 24.88
C ALA A 603 -27.19 47.79 26.09
N ASN A 604 -26.97 47.29 27.30
CA ASN A 604 -27.15 48.09 28.51
C ASN A 604 -25.92 48.90 28.87
N LEU A 605 -24.73 48.47 28.43
CA LEU A 605 -23.53 49.27 28.65
C LEU A 605 -23.47 50.48 27.74
N GLY A 606 -24.13 50.43 26.59
CA GLY A 606 -24.25 51.55 25.69
C GLY A 606 -23.70 51.24 24.32
N PHE A 607 -23.72 52.27 23.48
CA PHE A 607 -23.08 52.21 22.18
C PHE A 607 -21.61 52.58 22.28
N ARG A 608 -21.31 53.63 23.01
CA ARG A 608 -19.97 54.21 23.10
C ARG A 608 -19.46 53.99 24.51
N PHE A 609 -18.91 52.80 24.75
CA PHE A 609 -18.28 52.47 26.01
C PHE A 609 -16.94 51.83 25.71
N PRO A 610 -15.94 52.01 26.58
CA PRO A 610 -14.61 51.47 26.27
C PRO A 610 -14.52 49.96 26.30
N CYS A 611 -15.04 49.34 27.34
CA CYS A 611 -14.76 47.94 27.62
C CYS A 611 -15.76 47.44 28.65
N ASP A 612 -15.58 46.20 29.05
CA ASP A 612 -16.21 45.63 30.23
C ASP A 612 -15.15 45.04 31.14
N GLY A 613 -14.10 45.82 31.39
CA GLY A 613 -13.10 45.45 32.36
C GLY A 613 -12.10 44.45 31.83
N PRO A 614 -11.15 44.07 32.67
CA PRO A 614 -10.13 43.11 32.23
C PRO A 614 -10.53 41.67 32.42
N GLY A 615 -11.81 41.42 32.63
CA GLY A 615 -12.26 40.06 32.78
C GLY A 615 -12.46 39.39 31.46
N ARG A 616 -12.73 38.09 31.55
CA ARG A 616 -12.85 37.19 30.39
C ARG A 616 -11.59 37.20 29.54
N GLY A 617 -10.43 37.37 30.16
CA GLY A 617 -9.19 37.58 29.47
C GLY A 617 -8.90 39.03 29.14
N GLY A 618 -9.94 39.84 28.95
CA GLY A 618 -9.83 41.22 28.55
C GLY A 618 -10.89 41.51 27.51
N THR A 619 -11.69 42.55 27.71
CA THR A 619 -12.78 42.87 26.80
C THR A 619 -12.71 44.32 26.36
N CYS A 620 -11.53 44.77 25.97
CA CYS A 620 -11.38 46.10 25.40
C CYS A 620 -11.80 46.15 23.95
N GLN A 621 -12.42 47.27 23.55
CA GLN A 621 -12.95 47.49 22.21
C GLN A 621 -14.00 46.45 21.84
N VAL A 622 -14.89 46.13 22.78
CA VAL A 622 -16.02 45.25 22.47
C VAL A 622 -17.23 46.02 21.98
N SER A 623 -17.20 47.35 22.04
CA SER A 623 -18.38 48.14 21.74
C SER A 623 -18.66 48.17 20.25
N ALA A 624 -19.78 48.77 19.90
CA ALA A 624 -20.08 49.04 18.51
C ALA A 624 -19.40 50.30 18.01
N TRP A 625 -18.90 51.14 18.92
CA TRP A 625 -18.14 52.31 18.52
C TRP A 625 -16.76 51.93 18.04
N ASP A 626 -16.14 50.96 18.69
CA ASP A 626 -14.79 50.56 18.37
C ASP A 626 -14.71 49.59 17.21
N HIS A 627 -15.82 49.37 16.50
CA HIS A 627 -15.79 48.78 15.18
C HIS A 627 -15.98 49.83 14.10
N VAL A 628 -16.55 50.98 14.44
CA VAL A 628 -16.46 52.14 13.58
C VAL A 628 -15.06 52.71 13.63
N PHE A 629 -14.41 52.66 14.78
CA PHE A 629 -13.05 53.17 14.92
C PHE A 629 -12.05 52.29 14.19
N LEU A 630 -12.26 50.98 14.20
CA LEU A 630 -11.38 50.07 13.47
C LEU A 630 -11.73 49.95 12.01
N GLY A 631 -12.94 50.31 11.63
CA GLY A 631 -13.32 50.36 10.24
C GLY A 631 -12.99 51.65 9.56
N LEU A 632 -12.46 52.62 10.30
CA LEU A 632 -11.94 53.84 9.70
C LEU A 632 -10.50 53.69 9.25
N PHE A 633 -9.72 52.86 9.93
CA PHE A 633 -8.41 52.49 9.40
C PHE A 633 -8.53 51.62 8.19
N TRP A 634 -9.54 50.77 8.17
CA TRP A 634 -9.73 49.85 7.08
C TRP A 634 -10.43 50.48 5.89
N MET A 635 -11.24 51.51 6.13
CA MET A 635 -11.66 52.37 5.04
C MET A 635 -10.46 53.09 4.46
N TYR A 636 -9.53 53.52 5.30
CA TYR A 636 -8.36 54.24 4.85
C TYR A 636 -7.47 53.36 3.97
N ASN A 637 -7.20 52.15 4.42
CA ASN A 637 -6.36 51.24 3.67
C ASN A 637 -7.03 50.77 2.39
N SER A 638 -8.36 50.72 2.38
CA SER A 638 -9.08 50.32 1.18
C SER A 638 -9.08 51.43 0.14
N LEU A 639 -9.43 52.63 0.55
CA LEU A 639 -9.53 53.73 -0.40
C LEU A 639 -8.20 54.33 -0.78
N SER A 640 -7.15 54.15 0.02
CA SER A 640 -5.86 54.65 -0.41
C SER A 640 -5.22 53.75 -1.45
N MET A 641 -5.70 52.52 -1.61
CA MET A 641 -5.25 51.68 -2.70
C MET A 641 -6.14 51.82 -3.93
N VAL A 642 -7.35 52.33 -3.78
CA VAL A 642 -8.16 52.66 -4.94
C VAL A 642 -7.59 53.89 -5.64
N ILE A 643 -7.19 54.90 -4.86
CA ILE A 643 -6.60 56.10 -5.44
C ILE A 643 -5.14 55.91 -5.83
N PHE A 644 -4.51 54.83 -5.44
CA PHE A 644 -3.17 54.51 -5.92
C PHE A 644 -3.20 53.64 -7.15
N HIS A 645 -4.21 52.78 -7.26
CA HIS A 645 -4.46 52.07 -8.51
C HIS A 645 -4.86 53.04 -9.60
N PHE A 646 -5.62 54.07 -9.26
CA PHE A 646 -6.04 55.05 -10.25
C PHE A 646 -4.88 55.90 -10.70
N PHE A 647 -4.12 56.43 -9.75
CA PHE A 647 -3.05 57.39 -10.04
C PHE A 647 -1.91 56.79 -10.83
N TRP A 648 -1.73 55.48 -10.79
CA TRP A 648 -0.66 54.85 -11.55
C TRP A 648 -1.13 54.25 -12.85
N LYS A 649 -2.35 53.72 -12.91
CA LYS A 649 -2.87 53.21 -14.18
C LYS A 649 -3.16 54.33 -15.15
N MET A 650 -3.57 55.49 -14.67
CA MET A 650 -3.81 56.62 -15.55
C MET A 650 -2.51 57.16 -16.11
N GLN A 651 -1.47 57.24 -15.28
CA GLN A 651 -0.20 57.80 -15.73
C GLN A 651 0.51 56.87 -16.70
N SER A 652 0.41 55.57 -16.48
CA SER A 652 1.15 54.64 -17.32
C SER A 652 0.35 54.17 -18.52
N ASP A 653 -0.97 54.08 -18.42
CA ASP A 653 -1.75 53.51 -19.51
C ASP A 653 -2.79 54.44 -20.12
N VAL A 654 -3.01 55.64 -19.57
CA VAL A 654 -4.00 56.54 -20.16
C VAL A 654 -3.40 57.89 -20.50
N TRP A 655 -2.89 58.60 -19.51
CA TRP A 655 -2.45 59.97 -19.72
C TRP A 655 -1.12 60.01 -20.45
N GLY A 656 -0.77 61.20 -20.94
CA GLY A 656 0.44 61.37 -21.70
C GLY A 656 0.24 62.49 -22.71
N THR A 657 1.15 62.52 -23.69
CA THR A 657 1.11 63.49 -24.76
C THR A 657 1.22 62.79 -26.10
N VAL A 658 0.58 63.34 -27.12
CA VAL A 658 0.61 62.77 -28.47
C VAL A 658 1.44 63.67 -29.37
N GLY A 659 2.26 63.05 -30.19
CA GLY A 659 3.11 63.80 -31.10
C GLY A 659 2.46 64.05 -32.45
N ALA A 660 3.27 64.02 -33.51
CA ALA A 660 2.78 64.22 -34.87
C ALA A 660 2.77 62.94 -35.68
N ASP A 661 2.79 61.79 -35.04
CA ASP A 661 2.63 60.53 -35.74
C ASP A 661 1.44 59.71 -35.26
N GLY A 662 1.21 59.67 -33.94
CA GLY A 662 0.08 58.93 -33.42
C GLY A 662 0.40 58.11 -32.19
N VAL A 663 1.68 57.87 -31.94
CA VAL A 663 2.10 57.14 -30.75
C VAL A 663 1.97 58.05 -29.54
N VAL A 664 1.72 57.47 -28.37
CA VAL A 664 1.53 58.21 -27.13
C VAL A 664 2.67 57.84 -26.18
N THR A 665 3.30 58.85 -25.61
CA THR A 665 4.32 58.66 -24.59
C THR A 665 3.69 59.00 -23.24
N HIS A 666 3.42 57.97 -22.44
CA HIS A 666 2.69 58.15 -21.21
C HIS A 666 3.59 58.78 -20.14
N ILE A 667 2.97 59.13 -19.01
CA ILE A 667 3.66 59.91 -17.99
C ILE A 667 4.75 59.08 -17.32
N THR A 668 4.45 57.82 -17.00
CA THR A 668 5.48 56.90 -16.53
C THR A 668 5.82 55.81 -17.53
N GLY A 669 4.98 55.58 -18.54
CA GLY A 669 5.38 54.79 -19.68
C GLY A 669 5.19 53.29 -19.59
N GLY A 670 3.95 52.84 -19.41
CA GLY A 670 3.69 51.42 -19.35
C GLY A 670 4.23 50.76 -18.11
N ASN A 671 4.37 51.52 -17.04
CA ASN A 671 5.04 51.08 -15.83
C ASN A 671 4.16 50.16 -14.99
N PHE A 672 2.84 50.29 -15.10
CA PHE A 672 1.94 49.50 -14.27
C PHE A 672 1.91 48.04 -14.68
N ALA A 673 2.20 47.74 -15.94
CA ALA A 673 2.03 46.37 -16.40
C ALA A 673 3.12 45.46 -15.88
N THR A 674 4.34 45.97 -15.76
CA THR A 674 5.49 45.13 -15.42
C THR A 674 5.90 45.23 -13.97
N SER A 675 5.68 46.37 -13.32
CA SER A 675 6.26 46.61 -12.01
C SER A 675 5.23 46.82 -10.91
N SER A 676 3.94 46.82 -11.21
CA SER A 676 2.92 46.93 -10.17
C SER A 676 2.46 45.58 -9.69
N ILE A 677 3.26 44.53 -9.90
CA ILE A 677 2.91 43.20 -9.44
C ILE A 677 3.75 42.77 -8.25
N THR A 678 4.81 43.50 -7.94
CA THR A 678 5.56 43.33 -6.72
C THR A 678 5.38 44.59 -5.90
N ASN A 679 5.27 44.46 -4.59
CA ASN A 679 5.17 45.66 -3.77
C ASN A 679 6.53 46.20 -3.34
N ASN A 680 7.61 45.71 -3.95
CA ASN A 680 8.81 46.52 -4.10
C ASN A 680 8.71 47.42 -5.30
N GLY A 681 7.89 47.06 -6.28
CA GLY A 681 7.64 47.94 -7.40
C GLY A 681 6.71 49.07 -7.07
N TRP A 682 5.80 48.87 -6.13
CA TRP A 682 5.00 49.97 -5.62
C TRP A 682 5.84 50.90 -4.77
N LEU A 683 6.87 50.37 -4.12
CA LEU A 683 7.73 51.19 -3.29
C LEU A 683 8.73 51.96 -4.13
N ARG A 684 9.30 51.33 -5.15
CA ARG A 684 10.33 51.94 -5.97
C ARG A 684 9.74 52.75 -7.12
N ASP A 685 8.84 52.16 -7.89
CA ASP A 685 8.38 52.79 -9.11
C ASP A 685 7.20 53.72 -8.90
N PHE A 686 6.53 53.65 -7.74
CA PHE A 686 5.40 54.54 -7.47
C PHE A 686 5.67 55.49 -6.33
N LEU A 687 6.01 55.01 -5.14
CA LEU A 687 6.12 55.93 -4.03
C LEU A 687 7.45 56.67 -4.04
N TRP A 688 8.54 55.99 -4.41
CA TRP A 688 9.82 56.66 -4.45
C TRP A 688 9.99 57.49 -5.71
N ALA A 689 9.60 56.95 -6.87
CA ALA A 689 9.90 57.60 -8.13
C ALA A 689 8.93 58.70 -8.50
N GLN A 690 7.72 58.69 -7.96
CA GLN A 690 6.77 59.75 -8.27
C GLN A 690 6.70 60.81 -7.19
N SER A 691 7.43 60.65 -6.10
CA SER A 691 7.56 61.70 -5.12
C SER A 691 8.81 62.53 -5.33
N THR A 692 9.40 62.49 -6.52
CA THR A 692 10.50 63.40 -6.81
C THR A 692 10.03 64.81 -7.10
N GLN A 693 8.72 65.03 -7.21
CA GLN A 693 8.17 66.35 -7.43
C GLN A 693 7.75 67.02 -6.14
N VAL A 694 7.51 66.27 -5.08
CA VAL A 694 7.17 66.84 -3.78
C VAL A 694 8.38 66.89 -2.85
N ILE A 695 9.40 66.06 -3.10
CA ILE A 695 10.65 66.14 -2.36
C ILE A 695 11.47 67.34 -2.80
N THR A 696 11.62 67.52 -4.11
CA THR A 696 12.42 68.61 -4.67
C THR A 696 11.59 69.85 -4.93
N SER A 697 10.57 70.08 -4.10
CA SER A 697 9.66 71.19 -4.25
C SER A 697 9.93 72.29 -3.24
N TYR A 698 11.18 72.52 -2.90
CA TYR A 698 11.55 73.66 -2.08
C TYR A 698 12.12 74.74 -2.98
N ASN A 699 12.02 75.99 -2.52
CA ASN A 699 12.39 77.23 -3.20
C ASN A 699 11.55 77.53 -4.42
N THR A 700 10.48 76.76 -4.69
CA THR A 700 9.66 76.92 -5.89
C THR A 700 8.23 77.28 -5.49
N SER A 701 7.34 77.25 -6.48
CA SER A 701 5.94 77.59 -6.27
C SER A 701 5.11 76.42 -5.75
N LEU A 702 5.64 75.20 -5.80
CA LEU A 702 5.03 74.05 -5.15
C LEU A 702 5.55 73.86 -3.74
N SER A 703 5.91 74.95 -3.07
CA SER A 703 6.61 74.85 -1.80
C SER A 703 5.69 74.42 -0.68
N ALA A 704 4.42 74.78 -0.75
CA ALA A 704 3.48 74.41 0.30
C ALA A 704 3.12 72.94 0.23
N TYR A 705 3.23 72.33 -0.95
CA TYR A 705 2.99 70.90 -1.04
C TYR A 705 4.14 70.10 -0.43
N GLY A 706 5.35 70.64 -0.45
CA GLY A 706 6.45 70.00 0.23
C GLY A 706 6.39 70.11 1.73
N LEU A 707 5.70 71.12 2.24
CA LEU A 707 5.49 71.31 3.67
C LEU A 707 4.30 70.51 4.17
N MET A 708 3.23 70.43 3.38
CA MET A 708 2.09 69.60 3.75
C MET A 708 2.40 68.12 3.64
N PHE A 709 3.37 67.75 2.80
CA PHE A 709 3.86 66.38 2.75
C PHE A 709 4.56 66.01 4.05
N LEU A 710 5.36 66.91 4.58
CA LEU A 710 6.12 66.63 5.79
C LEU A 710 5.33 66.95 7.05
N GLY A 711 4.43 67.92 6.97
CA GLY A 711 3.47 68.10 8.03
C GLY A 711 2.46 66.98 8.13
N GLY A 712 2.25 66.24 7.04
CA GLY A 712 1.37 65.09 7.10
C GLY A 712 2.00 63.92 7.82
N HIS A 713 3.29 63.68 7.60
CA HIS A 713 3.99 62.60 8.28
C HIS A 713 4.10 62.82 9.77
N PHE A 714 4.06 64.07 10.21
CA PHE A 714 4.02 64.37 11.64
C PHE A 714 2.76 63.84 12.27
N ILE A 715 1.59 64.22 11.74
CA ILE A 715 0.30 63.91 12.34
C ILE A 715 0.00 62.42 12.32
N PHE A 716 0.60 61.68 11.39
CA PHE A 716 0.46 60.23 11.43
C PHE A 716 1.24 59.64 12.58
N GLY A 717 2.50 60.03 12.72
CA GLY A 717 3.30 59.55 13.83
C GLY A 717 2.82 60.09 15.15
N PHE A 718 2.24 61.29 15.13
CA PHE A 718 1.63 61.86 16.33
C PHE A 718 0.40 61.09 16.75
N SER A 719 -0.34 60.55 15.78
CA SER A 719 -1.53 59.75 16.05
C SER A 719 -1.20 58.50 16.84
N LEU A 720 0.01 57.98 16.68
CA LEU A 720 0.37 56.74 17.32
C LEU A 720 0.69 56.91 18.80
N MET A 721 0.77 58.15 19.28
CA MET A 721 0.84 58.36 20.72
C MET A 721 -0.48 58.01 21.39
N PHE A 722 -1.58 58.39 20.75
CA PHE A 722 -2.90 58.16 21.32
C PHE A 722 -3.40 56.76 21.04
N LEU A 723 -2.96 56.15 19.95
CA LEU A 723 -3.43 54.82 19.60
C LEU A 723 -2.73 53.75 20.41
N PHE A 724 -1.43 53.91 20.63
CA PHE A 724 -0.66 52.82 21.22
C PHE A 724 -0.71 52.85 22.74
N SER A 725 -0.74 54.03 23.33
CA SER A 725 -0.68 54.15 24.77
C SER A 725 -2.08 54.25 25.37
N GLY A 726 -2.16 54.10 26.69
CA GLY A 726 -3.40 54.13 27.41
C GLY A 726 -3.42 55.25 28.43
N ARG A 727 -4.61 55.58 28.91
CA ARG A 727 -4.79 56.77 29.72
C ARG A 727 -4.35 56.61 31.16
N GLY A 728 -4.03 55.40 31.62
CA GLY A 728 -3.56 55.25 32.98
C GLY A 728 -2.12 55.68 33.14
N TYR A 729 -1.32 55.62 32.08
CA TYR A 729 -0.02 56.29 32.11
C TYR A 729 -0.22 57.80 32.19
N TRP A 730 -1.18 58.30 31.44
CA TRP A 730 -1.28 59.73 31.26
C TRP A 730 -1.99 60.40 32.41
N GLN A 731 -2.97 59.74 33.01
CA GLN A 731 -3.57 60.28 34.23
C GLN A 731 -2.58 60.27 35.38
N GLU A 732 -1.72 59.27 35.45
CA GLU A 732 -0.68 59.20 36.46
C GLU A 732 0.50 60.11 36.15
N LEU A 733 0.51 60.77 35.00
CA LEU A 733 1.51 61.77 34.66
C LEU A 733 0.99 63.19 34.89
N ILE A 734 -0.32 63.41 34.79
CA ILE A 734 -0.88 64.69 35.19
C ILE A 734 -0.72 64.91 36.68
N GLU A 735 -0.80 63.84 37.47
CA GLU A 735 -0.72 63.94 38.93
C GLU A 735 0.64 64.42 39.40
N SER A 736 1.71 64.13 38.65
CA SER A 736 3.01 64.66 38.97
C SER A 736 3.21 66.07 38.43
N ILE A 737 2.30 66.54 37.59
CA ILE A 737 2.38 67.86 36.97
C ILE A 737 1.42 68.79 37.70
N VAL A 738 0.28 68.24 38.15
CA VAL A 738 -0.61 68.94 39.07
C VAL A 738 0.11 69.28 40.37
N TRP A 739 1.01 68.40 40.82
CA TRP A 739 1.80 68.66 42.02
C TRP A 739 2.69 69.89 41.87
N ALA A 740 3.30 70.06 40.69
CA ALA A 740 4.16 71.21 40.47
C ALA A 740 3.40 72.51 40.32
N HIS A 741 2.08 72.44 40.18
CA HIS A 741 1.21 73.61 40.21
C HIS A 741 0.63 73.85 41.58
N ASN A 742 0.29 72.78 42.30
CA ASN A 742 -0.14 72.92 43.67
C ASN A 742 0.99 73.41 44.57
N LYS A 743 2.24 73.12 44.20
CA LYS A 743 3.38 73.63 44.95
C LYS A 743 3.50 75.13 44.76
N LEU A 744 3.44 75.62 43.53
CA LEU A 744 3.53 77.04 43.25
C LEU A 744 2.18 77.74 43.31
N LYS A 745 1.14 77.07 43.81
CA LYS A 745 -0.18 77.63 44.08
C LYS A 745 -0.85 78.19 42.82
N VAL A 746 -0.76 77.42 41.74
CA VAL A 746 -1.33 77.84 40.47
C VAL A 746 -2.19 76.68 39.94
N ALA A 747 -2.67 75.85 40.86
CA ALA A 747 -3.52 74.73 40.48
C ALA A 747 -4.88 75.23 40.01
N PRO A 748 -5.48 74.59 39.01
CA PRO A 748 -6.82 74.96 38.57
C PRO A 748 -7.90 74.23 39.37
N ALA A 749 -9.12 74.77 39.28
CA ALA A 749 -10.26 74.09 39.88
C ALA A 749 -11.03 73.25 38.86
N ILE A 750 -10.96 73.58 37.58
CA ILE A 750 -11.31 72.61 36.56
C ILE A 750 -10.18 71.60 36.58
N GLN A 751 -10.44 70.45 37.21
CA GLN A 751 -9.36 69.53 37.56
C GLN A 751 -8.86 68.82 36.32
N PRO A 752 -7.55 68.87 36.04
CA PRO A 752 -7.02 68.29 34.80
C PRO A 752 -7.08 66.78 34.81
N ARG A 753 -7.84 66.22 33.89
CA ARG A 753 -7.92 64.78 33.72
C ARG A 753 -7.38 64.41 32.36
N ALA A 754 -6.77 63.22 32.28
CA ALA A 754 -6.44 62.66 30.99
C ALA A 754 -7.72 62.34 30.23
N LEU A 755 -7.59 62.26 28.91
CA LEU A 755 -8.74 62.00 28.04
C LEU A 755 -9.29 60.61 28.30
N SER A 756 -10.52 60.39 27.86
CA SER A 756 -11.18 59.12 28.07
C SER A 756 -10.52 58.01 27.26
N ILE A 757 -10.98 56.79 27.47
CA ILE A 757 -10.50 55.70 26.65
C ILE A 757 -11.06 55.82 25.25
N ILE A 758 -12.34 56.17 25.14
CA ILE A 758 -12.94 56.39 23.84
C ILE A 758 -12.41 57.68 23.21
N HIS A 759 -12.24 58.72 24.03
CA HIS A 759 -11.74 59.98 23.51
C HIS A 759 -10.27 59.89 23.13
N GLY A 760 -9.51 59.01 23.76
CA GLY A 760 -8.13 58.84 23.35
C GLY A 760 -7.98 58.00 22.10
N ARG A 761 -8.97 57.17 21.81
CA ARG A 761 -8.98 56.42 20.55
C ARG A 761 -9.56 57.25 19.42
N ALA A 762 -10.42 58.22 19.73
CA ALA A 762 -11.01 59.03 18.68
C ALA A 762 -10.05 60.07 18.16
N VAL A 763 -9.12 60.54 18.99
CA VAL A 763 -8.10 61.48 18.54
C VAL A 763 -6.88 60.77 17.99
N GLY A 764 -6.83 59.46 18.05
CA GLY A 764 -5.73 58.73 17.46
C GLY A 764 -6.10 58.30 16.06
N VAL A 765 -7.40 58.27 15.78
CA VAL A 765 -7.87 57.98 14.43
C VAL A 765 -8.23 59.27 13.69
N ALA A 766 -8.48 60.37 14.39
CA ALA A 766 -8.69 61.64 13.72
C ALA A 766 -7.39 62.25 13.24
N HIS A 767 -6.25 61.77 13.73
CA HIS A 767 -4.94 62.25 13.30
C HIS A 767 -4.31 61.32 12.27
N TYR A 768 -4.54 60.02 12.42
CA TYR A 768 -4.11 59.05 11.42
C TYR A 768 -4.81 59.31 10.08
N LEU A 769 -6.11 59.57 10.12
CA LEU A 769 -6.90 59.89 8.94
C LEU A 769 -6.86 61.36 8.60
N LEU A 770 -5.95 62.12 9.17
CA LEU A 770 -5.71 63.49 8.73
C LEU A 770 -4.32 63.64 8.17
N GLY A 771 -3.32 63.22 8.93
CA GLY A 771 -1.96 63.19 8.43
C GLY A 771 -1.67 62.08 7.47
N GLY A 772 -2.61 61.18 7.23
CA GLY A 772 -2.39 60.19 6.19
C GLY A 772 -3.07 60.60 4.90
N ILE A 773 -4.03 61.52 4.99
CA ILE A 773 -4.70 62.07 3.83
C ILE A 773 -3.96 63.28 3.29
N VAL A 774 -3.49 64.16 4.18
CA VAL A 774 -2.82 65.37 3.71
C VAL A 774 -1.42 65.06 3.20
N THR A 775 -0.87 63.89 3.51
CA THR A 775 0.37 63.50 2.86
C THR A 775 0.16 62.88 1.50
N THR A 776 -1.08 62.47 1.19
CA THR A 776 -1.44 61.96 -0.12
C THR A 776 -2.02 63.07 -0.98
N TRP A 777 -2.71 64.00 -0.35
CA TRP A 777 -3.16 65.21 -1.03
C TRP A 777 -1.97 66.03 -1.51
N ALA A 778 -0.93 66.13 -0.68
CA ALA A 778 0.24 66.91 -1.06
C ALA A 778 1.14 66.20 -2.06
N PHE A 779 0.95 64.90 -2.25
CA PHE A 779 1.72 64.15 -3.23
C PHE A 779 0.98 63.99 -4.55
N PHE A 780 -0.35 63.88 -4.51
CA PHE A 780 -1.12 63.83 -5.74
C PHE A 780 -1.11 65.16 -6.45
N LEU A 781 -0.99 66.26 -5.71
CA LEU A 781 -1.07 67.58 -6.30
C LEU A 781 0.28 68.18 -6.60
N ALA A 782 1.33 67.82 -5.89
CA ALA A 782 2.64 68.28 -6.30
C ALA A 782 3.14 67.53 -7.52
N ARG A 783 2.65 66.31 -7.74
CA ARG A 783 3.06 65.55 -8.91
C ARG A 783 2.34 66.04 -10.16
N MET A 784 1.07 66.39 -10.03
CA MET A 784 0.28 66.75 -11.22
C MET A 784 0.25 68.23 -11.53
N THR A 785 0.48 69.10 -10.55
CA THR A 785 0.66 70.51 -10.86
C THR A 785 2.11 70.88 -11.11
N ALA A 786 3.00 69.89 -11.16
CA ALA A 786 4.30 70.06 -11.78
C ALA A 786 4.30 69.66 -13.24
N PHE A 787 3.23 69.00 -13.69
CA PHE A 787 3.01 68.69 -15.09
C PHE A 787 1.88 69.53 -15.69
N GLY A 788 0.74 69.59 -15.01
CA GLY A 788 -0.40 70.35 -15.48
C GLY A 788 -1.73 69.71 -15.10
N ALA B 2 -5.34 20.19 33.17
CA ALA B 2 -4.59 19.42 34.16
C ALA B 2 -3.34 18.83 33.52
N THR B 3 -2.70 19.61 32.66
CA THR B 3 -1.56 19.13 31.91
C THR B 3 -0.28 19.21 32.75
N LYS B 4 0.79 18.66 32.22
CA LYS B 4 2.08 18.68 32.90
C LYS B 4 2.87 19.94 32.60
N PHE B 5 2.69 20.51 31.42
CA PHE B 5 3.40 21.72 31.02
C PHE B 5 2.48 22.91 31.21
N PRO B 6 2.89 23.94 31.96
CA PRO B 6 4.17 24.13 32.63
C PRO B 6 4.30 23.43 33.97
N LYS B 7 5.46 22.83 34.23
CA LYS B 7 5.65 22.14 35.49
C LYS B 7 6.07 23.07 36.61
N PHE B 8 6.41 24.32 36.31
CA PHE B 8 6.91 25.22 37.34
C PHE B 8 5.80 25.96 38.05
N SER B 9 4.62 26.09 37.45
CA SER B 9 3.51 26.80 38.07
C SER B 9 2.24 26.02 37.86
N GLN B 10 1.61 25.60 38.96
CA GLN B 10 0.42 24.77 38.91
C GLN B 10 -0.86 25.56 38.73
N ASP B 11 -0.80 26.89 38.82
CA ASP B 11 -1.97 27.72 38.51
C ASP B 11 -2.13 27.95 37.03
N LEU B 12 -1.13 27.59 36.22
CA LEU B 12 -1.16 27.70 34.79
C LEU B 12 -1.30 26.36 34.08
N ALA B 13 -0.98 25.26 34.77
CA ALA B 13 -1.13 23.95 34.18
C ALA B 13 -2.58 23.51 34.09
N ASN B 14 -3.46 24.08 34.91
CA ASN B 14 -4.89 23.84 34.81
C ASN B 14 -5.61 24.93 34.03
N ASP B 15 -4.91 25.61 33.14
CA ASP B 15 -5.54 26.54 32.22
C ASP B 15 -6.27 25.74 31.15
N PRO B 16 -7.54 26.03 30.86
CA PRO B 16 -8.23 25.32 29.77
C PRO B 16 -8.12 25.97 28.40
N THR B 17 -7.34 27.03 28.25
CA THR B 17 -7.26 27.79 27.01
C THR B 17 -5.85 27.73 26.44
N THR B 18 -5.64 28.48 25.35
CA THR B 18 -4.34 28.57 24.70
C THR B 18 -3.45 29.62 25.32
N ARG B 19 -3.89 30.24 26.42
CA ARG B 19 -3.05 31.12 27.21
C ARG B 19 -1.98 30.34 27.97
N ARG B 20 -2.18 29.03 28.14
CA ARG B 20 -1.25 28.20 28.88
C ARG B 20 0.09 28.06 28.17
N ILE B 21 0.07 27.98 26.84
CA ILE B 21 1.31 27.80 26.09
C ILE B 21 2.15 29.07 26.13
N PHE B 22 1.52 30.22 25.89
CA PHE B 22 2.27 31.46 25.77
C PHE B 22 2.72 31.99 27.12
N TYR B 23 1.88 31.89 28.14
CA TYR B 23 2.27 32.34 29.46
C TYR B 23 3.24 31.40 30.15
N ALA B 24 3.46 30.21 29.63
CA ALA B 24 4.53 29.35 30.11
C ALA B 24 5.85 29.63 29.42
N ILE B 25 5.85 30.40 28.33
CA ILE B 25 7.09 30.82 27.72
C ILE B 25 7.66 32.02 28.45
N ALA B 26 6.85 33.05 28.67
CA ALA B 26 7.30 34.29 29.27
C ALA B 26 7.21 34.29 30.78
N THR B 27 7.13 33.12 31.41
CA THR B 27 7.26 33.01 32.85
C THR B 27 8.33 31.99 33.22
N ALA B 28 8.85 31.26 32.24
CA ALA B 28 9.72 30.12 32.50
C ALA B 28 11.07 30.51 33.07
N HIS B 29 11.50 31.75 32.86
CA HIS B 29 12.76 32.20 33.43
C HIS B 29 12.58 33.06 34.66
N ASP B 30 11.37 33.50 34.96
CA ASP B 30 11.12 34.21 36.21
C ASP B 30 11.07 33.17 37.31
N PHE B 31 12.24 32.88 37.89
CA PHE B 31 12.31 31.81 38.88
C PHE B 31 11.71 32.21 40.22
N GLU B 32 11.55 33.51 40.48
CA GLU B 32 11.07 33.93 41.79
C GLU B 32 9.58 33.72 41.96
N SER B 33 8.83 33.48 40.89
CA SER B 33 7.39 33.30 40.99
C SER B 33 6.96 31.86 40.75
N HIS B 34 7.90 30.93 40.66
CA HIS B 34 7.56 29.55 40.42
C HIS B 34 7.05 28.90 41.70
N ASP B 35 6.15 27.94 41.54
CA ASP B 35 5.53 27.29 42.68
C ASP B 35 6.53 26.36 43.37
N GLY B 36 6.66 26.52 44.68
CA GLY B 36 7.55 25.69 45.46
C GLY B 36 9.01 26.01 45.23
N MET B 37 9.42 27.26 45.49
CA MET B 37 10.81 27.65 45.38
C MET B 37 11.22 28.44 46.61
N THR B 38 12.31 28.00 47.24
CA THR B 38 12.92 28.73 48.35
C THR B 38 14.01 29.62 47.81
N GLU B 39 14.65 30.38 48.71
CA GLU B 39 15.70 31.29 48.28
C GLU B 39 17.00 30.57 47.98
N GLU B 40 17.27 29.45 48.64
CA GLU B 40 18.51 28.72 48.36
C GLU B 40 18.40 27.98 47.03
N ASN B 41 17.23 27.44 46.72
CA ASN B 41 17.00 26.80 45.43
C ASN B 41 16.84 27.82 44.32
N LEU B 42 16.52 29.06 44.68
CA LEU B 42 16.48 30.13 43.68
C LEU B 42 17.84 30.36 43.07
N TYR B 43 18.83 30.64 43.92
CA TYR B 43 20.15 31.04 43.47
C TYR B 43 20.89 29.92 42.76
N GLN B 44 20.60 28.67 43.10
CA GLN B 44 21.30 27.55 42.49
C GLN B 44 20.79 27.25 41.08
N ARG B 45 19.69 27.86 40.66
CA ARG B 45 19.25 27.79 39.28
C ARG B 45 19.60 29.04 38.49
N ILE B 46 19.82 30.18 39.16
CA ILE B 46 20.48 31.29 38.51
C ILE B 46 21.89 30.89 38.13
N PHE B 47 22.57 30.22 39.05
CA PHE B 47 24.00 29.92 38.89
C PHE B 47 24.23 28.90 37.80
N ALA B 48 23.35 27.92 37.68
CA ALA B 48 23.54 26.84 36.72
C ALA B 48 22.92 27.14 35.37
N SER B 49 22.23 28.27 35.23
CA SER B 49 21.79 28.72 33.92
C SER B 49 22.66 29.84 33.37
N HIS B 50 23.53 30.42 34.20
CA HIS B 50 24.62 31.20 33.65
C HIS B 50 25.65 30.32 32.98
N PHE B 51 25.79 29.09 33.45
CA PHE B 51 26.70 28.14 32.82
C PHE B 51 26.18 27.71 31.46
N GLY B 52 24.89 27.47 31.36
CA GLY B 52 24.28 27.17 30.08
C GLY B 52 24.10 28.36 29.19
N HIS B 53 24.35 29.56 29.70
CA HIS B 53 24.37 30.74 28.85
C HIS B 53 25.76 31.07 28.35
N LEU B 54 26.78 30.86 29.18
CA LEU B 54 28.16 31.02 28.72
C LEU B 54 28.50 30.04 27.62
N ALA B 55 27.91 28.85 27.67
CA ALA B 55 28.15 27.87 26.62
C ALA B 55 27.49 28.26 25.32
N ILE B 56 26.42 29.06 25.37
CA ILE B 56 25.83 29.58 24.13
C ILE B 56 26.73 30.62 23.51
N ILE B 57 27.34 31.48 24.34
CA ILE B 57 28.29 32.46 23.84
C ILE B 57 29.52 31.78 23.25
N PHE B 58 30.01 30.72 23.89
CA PHE B 58 31.18 30.05 23.38
C PHE B 58 30.88 29.13 22.21
N LEU B 59 29.64 28.69 22.05
CA LEU B 59 29.25 27.99 20.84
C LEU B 59 28.88 28.94 19.71
N TRP B 60 28.48 30.17 20.04
CA TRP B 60 28.22 31.15 19.00
C TRP B 60 29.53 31.69 18.43
N ALA B 61 30.49 31.98 19.29
CA ALA B 61 31.80 32.43 18.85
C ALA B 61 32.57 31.33 18.14
N SER B 62 32.24 30.08 18.39
CA SER B 62 32.80 28.97 17.64
C SER B 62 32.05 28.68 16.35
N GLY B 63 31.03 29.45 16.03
CA GLY B 63 30.35 29.32 14.77
C GLY B 63 30.76 30.46 13.87
N ILE B 64 31.30 31.53 14.47
CA ILE B 64 31.96 32.56 13.69
C ILE B 64 33.28 32.03 13.15
N LEU B 65 34.05 31.36 14.01
CA LEU B 65 35.38 30.90 13.64
C LEU B 65 35.32 29.72 12.70
N PHE B 66 34.36 28.82 12.92
CA PHE B 66 34.28 27.65 12.07
C PHE B 66 33.79 28.00 10.67
N HIS B 67 33.01 29.05 10.53
CA HIS B 67 32.42 29.34 9.25
C HIS B 67 33.25 30.27 8.39
N VAL B 68 34.28 30.89 8.94
CA VAL B 68 35.26 31.59 8.14
C VAL B 68 36.54 30.78 7.97
N ALA B 69 36.72 29.72 8.75
CA ALA B 69 37.78 28.78 8.45
C ALA B 69 37.39 27.86 7.32
N TRP B 70 36.13 27.45 7.30
CA TRP B 70 35.60 26.52 6.32
C TRP B 70 35.13 27.24 5.06
N GLN B 71 34.28 28.25 5.20
CA GLN B 71 33.62 28.88 4.07
C GLN B 71 34.11 30.30 3.79
N GLY B 72 34.98 30.86 4.62
CA GLY B 72 35.44 32.22 4.43
C GLY B 72 36.74 32.29 3.67
N ASN B 73 37.19 33.52 3.44
CA ASN B 73 38.40 33.75 2.66
C ASN B 73 39.46 34.46 3.50
N PHE B 74 39.68 33.98 4.73
CA PHE B 74 40.64 34.64 5.61
C PHE B 74 42.07 34.47 5.13
N GLU B 75 42.36 33.44 4.33
CA GLU B 75 43.67 33.36 3.72
C GLU B 75 43.81 34.33 2.55
N VAL B 76 42.73 34.56 1.81
CA VAL B 76 42.77 35.47 0.67
C VAL B 76 42.69 36.92 1.11
N TRP B 77 41.85 37.21 2.11
CA TRP B 77 41.62 38.57 2.57
C TRP B 77 42.85 39.16 3.25
N ILE B 78 43.71 38.31 3.81
CA ILE B 78 44.80 38.79 4.65
C ILE B 78 45.97 39.34 3.84
N LYS B 79 45.93 39.19 2.52
CA LYS B 79 46.96 39.70 1.64
C LYS B 79 46.61 41.02 0.98
N ASP B 80 45.32 41.38 0.92
CA ASP B 80 44.89 42.69 0.43
C ASP B 80 43.65 43.12 1.20
N PRO B 81 43.81 43.51 2.47
CA PRO B 81 42.66 43.70 3.34
C PRO B 81 41.84 44.96 3.09
N VAL B 82 42.13 45.73 2.06
CA VAL B 82 41.36 46.92 1.72
C VAL B 82 40.57 46.73 0.44
N HIS B 83 41.11 45.97 -0.52
CA HIS B 83 40.48 45.82 -1.82
C HIS B 83 39.87 44.44 -2.03
N VAL B 84 39.51 43.74 -0.95
CA VAL B 84 38.69 42.55 -1.05
C VAL B 84 37.78 42.50 0.16
N ARG B 85 36.61 41.90 -0.02
CA ARG B 85 35.59 41.86 1.01
C ARG B 85 35.65 40.54 1.77
N PRO B 86 35.37 40.54 3.07
CA PRO B 86 35.36 39.29 3.83
C PRO B 86 34.16 38.43 3.45
N ILE B 87 34.21 37.17 3.86
CA ILE B 87 33.13 36.23 3.61
C ILE B 87 32.61 35.74 4.94
N ALA B 88 31.31 35.93 5.18
CA ALA B 88 30.69 35.44 6.40
C ALA B 88 30.56 33.92 6.38
N HIS B 89 29.77 33.40 5.44
CA HIS B 89 29.59 31.98 5.22
C HIS B 89 29.09 31.82 3.80
N ALA B 90 28.59 30.64 3.48
CA ALA B 90 28.10 30.38 2.13
C ALA B 90 26.58 30.28 2.13
N ILE B 91 26.01 30.38 0.94
CA ILE B 91 24.57 30.33 0.75
C ILE B 91 24.22 28.93 0.27
N TRP B 92 23.25 28.32 0.93
CA TRP B 92 22.58 27.17 0.34
C TRP B 92 21.08 27.41 0.49
N ASP B 93 20.54 28.15 -0.46
CA ASP B 93 19.12 28.34 -0.59
C ASP B 93 18.72 27.65 -1.89
N ALA B 94 18.09 26.50 -1.78
CA ALA B 94 17.83 25.66 -2.94
C ALA B 94 16.76 26.16 -3.84
N GLN B 95 16.26 27.38 -3.68
CA GLN B 95 15.25 27.93 -4.56
C GLN B 95 15.73 29.20 -5.26
N PHE B 96 17.04 29.41 -5.31
CA PHE B 96 17.60 30.49 -6.10
C PHE B 96 17.38 30.24 -7.59
N GLY B 97 17.33 31.33 -8.34
CA GLY B 97 17.35 31.26 -9.77
C GLY B 97 18.77 31.49 -10.24
N PRO B 98 18.98 31.48 -11.56
CA PRO B 98 20.34 31.74 -12.07
C PRO B 98 20.77 33.18 -11.90
N GLY B 99 19.83 34.11 -11.71
CA GLY B 99 20.18 35.49 -11.46
C GLY B 99 20.56 35.79 -10.03
N ALA B 100 20.35 34.87 -9.10
CA ALA B 100 20.79 35.03 -7.73
C ALA B 100 21.97 34.16 -7.37
N ILE B 101 22.26 33.11 -8.15
CA ILE B 101 23.54 32.44 -8.01
C ILE B 101 24.66 33.35 -8.49
N LYS B 102 24.44 34.04 -9.60
CA LYS B 102 25.43 34.92 -10.17
C LYS B 102 25.62 36.19 -9.36
N ALA B 103 24.53 36.74 -8.83
CA ALA B 103 24.61 38.00 -8.10
C ALA B 103 25.27 37.85 -6.75
N PHE B 104 25.15 36.67 -6.14
CA PHE B 104 25.72 36.42 -4.82
C PHE B 104 27.05 35.70 -4.88
N THR B 105 27.56 35.40 -6.06
CA THR B 105 28.91 34.83 -6.19
C THR B 105 29.88 36.01 -6.27
N GLN B 106 30.19 36.55 -5.10
CA GLN B 106 30.94 37.78 -4.97
C GLN B 106 32.24 37.52 -4.22
N ALA B 107 33.10 38.54 -4.23
CA ALA B 107 34.37 38.58 -3.50
C ALA B 107 35.31 37.44 -3.88
N GLY B 108 35.31 37.08 -5.16
CA GLY B 108 36.23 36.07 -5.63
C GLY B 108 35.92 34.66 -5.18
N ALA B 109 34.67 34.37 -4.88
CA ALA B 109 34.27 33.03 -4.49
C ALA B 109 33.88 32.21 -5.73
N ARG B 110 33.82 30.90 -5.55
CA ARG B 110 33.33 29.99 -6.58
C ARG B 110 31.96 29.44 -6.21
N ASN B 111 31.28 30.09 -5.28
CA ASN B 111 29.96 29.71 -4.80
C ASN B 111 29.28 30.96 -4.29
N PRO B 112 27.96 30.95 -4.12
CA PRO B 112 27.30 32.09 -3.48
C PRO B 112 27.74 32.23 -2.03
N VAL B 113 27.95 33.47 -1.58
CA VAL B 113 28.52 33.76 -0.28
C VAL B 113 27.85 34.97 0.32
N ASP B 114 28.21 35.29 1.57
CA ASP B 114 27.78 36.47 2.29
C ASP B 114 28.97 37.31 2.68
N ILE B 115 28.94 38.60 2.36
CA ILE B 115 30.01 39.51 2.74
C ILE B 115 29.87 39.84 4.21
N CYS B 116 30.89 39.54 5.01
CA CYS B 116 30.85 39.70 6.46
C CYS B 116 30.91 41.17 6.83
N TYR B 117 29.83 41.68 7.43
CA TYR B 117 29.76 43.05 7.93
C TYR B 117 29.90 43.11 9.44
N SER B 118 30.47 42.08 10.04
CA SER B 118 30.67 42.04 11.48
C SER B 118 32.01 42.59 11.92
N GLY B 119 33.01 42.56 11.05
CA GLY B 119 34.32 43.07 11.40
C GLY B 119 35.20 42.12 12.17
N VAL B 120 34.84 40.83 12.22
CA VAL B 120 35.69 39.87 12.92
C VAL B 120 36.93 39.51 12.12
N TYR B 121 36.95 39.82 10.83
CA TYR B 121 38.18 39.62 10.06
C TYR B 121 39.24 40.63 10.49
N HIS B 122 38.81 41.86 10.75
CA HIS B 122 39.73 42.90 11.20
C HIS B 122 40.16 42.68 12.63
N TRP B 123 39.36 41.99 13.43
CA TRP B 123 39.75 41.69 14.80
C TRP B 123 40.80 40.59 14.84
N TRP B 124 40.67 39.56 14.02
CA TRP B 124 41.63 38.47 14.05
C TRP B 124 42.89 38.78 13.28
N TYR B 125 42.86 39.76 12.37
CA TYR B 125 44.09 40.21 11.77
C TYR B 125 44.92 41.03 12.75
N THR B 126 44.26 41.70 13.69
CA THR B 126 45.00 42.55 14.62
C THR B 126 45.61 41.74 15.75
N ILE B 127 44.88 40.75 16.27
CA ILE B 127 45.36 39.99 17.42
C ILE B 127 46.27 38.84 17.03
N GLY B 128 46.59 38.68 15.76
CA GLY B 128 47.60 37.73 15.37
C GLY B 128 47.08 36.37 14.99
N LEU B 129 46.13 36.32 14.07
CA LEU B 129 45.69 35.08 13.45
C LEU B 129 45.93 35.22 11.96
N ARG B 130 46.71 34.30 11.38
CA ARG B 130 47.17 34.47 10.02
C ARG B 130 46.75 33.37 9.05
N THR B 131 46.31 32.22 9.53
CA THR B 131 45.95 31.11 8.68
C THR B 131 44.57 30.59 9.04
N ASN B 132 44.00 29.77 8.15
CA ASN B 132 42.72 29.14 8.39
C ASN B 132 42.81 27.96 9.35
N THR B 133 44.00 27.59 9.82
CA THR B 133 44.14 26.52 10.79
C THR B 133 44.11 27.04 12.21
N GLU B 134 44.65 28.24 12.44
CA GLU B 134 44.55 28.86 13.76
C GLU B 134 43.13 29.28 14.05
N LEU B 135 42.33 29.53 13.01
CA LEU B 135 40.90 29.75 13.18
C LEU B 135 40.18 28.45 13.48
N TYR B 136 40.64 27.34 12.89
CA TYR B 136 39.97 26.07 13.08
C TYR B 136 40.26 25.48 14.45
N VAL B 137 41.51 25.53 14.91
CA VAL B 137 41.83 25.02 16.23
C VAL B 137 41.44 25.97 17.34
N GLY B 138 41.01 27.18 16.99
CA GLY B 138 40.40 28.07 17.95
C GLY B 138 38.91 27.83 18.02
N ALA B 139 38.35 27.30 16.94
CA ALA B 139 36.94 26.92 16.93
C ALA B 139 36.72 25.60 17.63
N LEU B 140 37.67 24.68 17.51
CA LEU B 140 37.56 23.40 18.21
C LEU B 140 37.84 23.56 19.69
N PHE B 141 38.58 24.59 20.07
CA PHE B 141 38.84 24.83 21.48
C PHE B 141 37.63 25.45 22.16
N LEU B 142 36.95 26.37 21.46
CA LEU B 142 35.76 26.99 22.02
C LEU B 142 34.57 26.03 22.08
N ILE B 143 34.57 24.99 21.25
CA ILE B 143 33.60 23.92 21.40
C ILE B 143 33.86 23.17 22.70
N LEU B 144 35.13 22.84 22.97
CA LEU B 144 35.48 22.14 24.19
C LEU B 144 35.40 23.06 25.41
N LEU B 145 35.63 24.36 25.22
CA LEU B 145 35.44 25.30 26.31
C LEU B 145 33.96 25.48 26.62
N ALA B 146 33.09 25.40 25.61
CA ALA B 146 31.66 25.38 25.88
C ALA B 146 31.20 24.06 26.46
N ALA B 147 32.01 23.01 26.40
CA ALA B 147 31.65 21.74 27.02
C ALA B 147 32.02 21.69 28.49
N VAL B 148 33.08 22.40 28.91
CA VAL B 148 33.39 22.45 30.33
C VAL B 148 32.49 23.40 31.10
N PHE B 149 31.70 24.21 30.40
CA PHE B 149 30.71 25.05 31.05
C PHE B 149 29.33 24.42 31.06
N LEU B 150 29.03 23.53 30.12
CA LEU B 150 27.84 22.70 30.26
C LEU B 150 28.05 21.61 31.29
N PHE B 151 29.29 21.16 31.47
CA PHE B 151 29.57 20.16 32.48
C PHE B 151 29.61 20.78 33.87
N ALA B 152 30.11 22.02 33.98
CA ALA B 152 30.12 22.69 35.26
C ALA B 152 28.73 23.05 35.72
N GLY B 153 27.84 23.37 34.79
CA GLY B 153 26.46 23.63 35.16
C GLY B 153 25.73 22.38 35.59
N TRP B 154 26.04 21.25 34.96
CA TRP B 154 25.50 19.98 35.44
C TRP B 154 26.11 19.60 36.78
N LEU B 155 27.36 19.99 37.02
CA LEU B 155 28.03 19.66 38.26
C LEU B 155 27.39 20.38 39.45
N HIS B 156 27.09 21.66 39.30
CA HIS B 156 26.59 22.46 40.40
C HIS B 156 25.09 22.40 40.57
N LEU B 157 24.46 21.34 40.07
CA LEU B 157 23.13 20.97 40.49
C LEU B 157 23.12 19.63 41.20
N GLN B 158 24.24 18.91 41.22
CA GLN B 158 24.35 17.71 42.02
C GLN B 158 24.43 18.09 43.49
N PRO B 159 23.80 17.32 44.39
CA PRO B 159 23.61 17.79 45.77
C PRO B 159 24.89 17.85 46.60
N ARG B 160 25.97 17.25 46.14
CA ARG B 160 27.26 17.39 46.81
C ARG B 160 28.03 18.61 46.35
N TYR B 161 27.56 19.28 45.29
CA TYR B 161 28.28 20.39 44.69
C TYR B 161 27.46 21.66 44.60
N ARG B 162 26.18 21.63 44.95
CA ARG B 162 25.37 22.84 44.99
C ARG B 162 25.87 23.75 46.10
N PRO B 163 26.19 25.00 45.81
CA PRO B 163 26.57 25.92 46.87
C PRO B 163 25.37 26.32 47.70
N ASN B 164 25.64 26.76 48.92
CA ASN B 164 24.58 27.18 49.82
C ASN B 164 24.33 28.68 49.66
N LEU B 165 23.32 29.19 50.37
CA LEU B 165 22.96 30.60 50.28
C LEU B 165 24.01 31.51 50.89
N GLY B 166 24.84 31.00 51.81
CA GLY B 166 25.92 31.81 52.35
C GLY B 166 27.04 32.06 51.36
N TRP B 167 27.18 31.20 50.35
CA TRP B 167 28.20 31.39 49.35
C TRP B 167 27.75 32.35 48.26
N PHE B 168 26.46 32.37 47.94
CA PHE B 168 25.96 33.29 46.92
C PHE B 168 25.88 34.71 47.46
N LYS B 169 25.61 34.87 48.75
CA LYS B 169 25.54 36.17 49.39
C LYS B 169 26.87 36.61 49.96
N ASN B 170 27.98 36.11 49.41
CA ASN B 170 29.31 36.55 49.80
C ASN B 170 29.72 37.64 48.83
N SER B 171 29.21 38.84 49.08
CA SER B 171 29.40 39.93 48.14
C SER B 171 30.82 40.49 48.18
N GLU B 172 31.48 40.46 49.35
CA GLU B 172 32.83 41.03 49.41
C GLU B 172 33.87 40.10 48.83
N ALA B 173 33.65 38.79 48.91
CA ALA B 173 34.59 37.84 48.32
C ALA B 173 34.38 37.70 46.82
N ARG B 174 33.19 38.03 46.32
CA ARG B 174 33.00 38.02 44.87
C ARG B 174 33.57 39.26 44.21
N LEU B 175 33.53 40.40 44.91
CA LEU B 175 34.13 41.62 44.37
C LEU B 175 35.65 41.56 44.39
N ASN B 176 36.22 40.76 45.27
CA ASN B 176 37.68 40.64 45.29
C ASN B 176 38.17 39.85 44.11
N HIS B 177 37.48 38.78 43.76
CA HIS B 177 37.94 37.91 42.69
C HIS B 177 37.46 38.36 41.32
N HIS B 178 36.40 39.15 41.25
CA HIS B 178 35.97 39.65 39.94
C HIS B 178 36.77 40.85 39.50
N LEU B 179 37.35 41.59 40.43
CA LEU B 179 38.25 42.67 40.06
C LEU B 179 39.67 42.19 39.85
N ALA B 180 40.19 41.38 40.77
CA ALA B 180 41.55 40.92 40.63
C ALA B 180 41.67 39.79 39.63
N GLY B 181 40.74 38.85 39.63
CA GLY B 181 40.87 37.68 38.80
C GLY B 181 40.11 37.73 37.49
N LEU B 182 38.85 38.15 37.52
CA LEU B 182 38.08 38.15 36.29
C LEU B 182 38.41 39.36 35.43
N PHE B 183 38.67 40.51 36.04
CA PHE B 183 38.97 41.71 35.27
C PHE B 183 40.45 42.06 35.29
N GLY B 184 41.17 41.67 36.33
CA GLY B 184 42.57 42.03 36.42
C GLY B 184 43.49 41.03 35.78
N VAL B 185 43.34 39.75 36.12
CA VAL B 185 44.19 38.71 35.55
C VAL B 185 43.90 38.52 34.07
N SER B 186 42.63 38.55 33.68
CA SER B 186 42.29 38.35 32.28
C SER B 186 42.56 39.58 31.43
N SER B 187 42.83 40.73 32.03
CA SER B 187 43.42 41.84 31.30
C SER B 187 44.94 41.83 31.37
N LEU B 188 45.49 41.23 32.42
CA LEU B 188 46.91 40.95 32.45
C LEU B 188 47.27 39.87 31.44
N ALA B 189 46.37 38.90 31.26
CA ALA B 189 46.62 37.83 30.31
C ALA B 189 46.48 38.32 28.88
N TRP B 190 45.60 39.29 28.63
CA TRP B 190 45.49 39.79 27.27
C TRP B 190 46.69 40.65 26.89
N ALA B 191 47.26 41.38 27.84
CA ALA B 191 48.54 42.02 27.59
C ALA B 191 49.65 40.99 27.43
N GLY B 192 49.45 39.77 27.94
CA GLY B 192 50.38 38.70 27.65
C GLY B 192 50.26 38.18 26.23
N HIS B 193 49.04 38.16 25.68
CA HIS B 193 48.89 37.73 24.29
C HIS B 193 49.40 38.79 23.33
N LEU B 194 49.13 40.06 23.64
CA LEU B 194 49.54 41.14 22.76
C LEU B 194 51.06 41.26 22.70
N VAL B 195 51.73 41.13 23.85
CA VAL B 195 53.19 41.24 23.89
C VAL B 195 53.84 40.03 23.22
N HIS B 196 53.31 38.84 23.49
CA HIS B 196 53.98 37.63 23.02
C HIS B 196 53.63 37.28 21.58
N VAL B 197 52.37 37.45 21.19
CA VAL B 197 51.87 36.95 19.91
C VAL B 197 51.52 38.07 18.95
N ALA B 198 50.68 39.01 19.39
CA ALA B 198 50.06 39.92 18.44
C ALA B 198 51.01 41.02 17.98
N ILE B 199 51.86 41.52 18.85
CA ILE B 199 52.89 42.49 18.45
C ILE B 199 53.98 41.83 17.59
N PRO B 200 54.56 40.67 17.93
CA PRO B 200 55.53 40.08 16.99
C PRO B 200 54.95 39.61 15.68
N GLU B 201 53.68 39.20 15.64
CA GLU B 201 53.08 38.80 14.37
C GLU B 201 52.65 40.00 13.55
N SER B 202 52.55 41.18 14.16
CA SER B 202 52.38 42.41 13.40
C SER B 202 53.71 42.95 12.89
N ARG B 203 54.82 42.35 13.29
CA ARG B 203 56.15 42.73 12.83
C ARG B 203 56.79 41.64 11.99
N GLY B 204 56.04 40.64 11.58
CA GLY B 204 56.54 39.69 10.61
C GLY B 204 56.83 38.31 11.14
N GLN B 205 57.40 38.20 12.33
CA GLN B 205 57.80 36.89 12.83
C GLN B 205 56.58 36.13 13.34
N HIS B 206 56.59 34.82 13.13
CA HIS B 206 55.46 33.96 13.43
C HIS B 206 55.67 33.33 14.79
N VAL B 207 54.85 33.70 15.76
CA VAL B 207 54.91 33.16 17.11
C VAL B 207 53.71 32.25 17.30
N GLY B 208 53.96 30.98 17.55
CA GLY B 208 52.90 30.02 17.75
C GLY B 208 53.09 29.28 19.05
N TRP B 209 52.36 28.17 19.23
CA TRP B 209 52.43 27.44 20.49
C TRP B 209 53.76 26.71 20.66
N ASP B 210 54.38 26.32 19.56
CA ASP B 210 55.67 25.64 19.57
C ASP B 210 56.84 26.62 19.50
N ASN B 211 56.59 27.91 19.67
CA ASN B 211 57.58 28.91 19.32
C ASN B 211 57.67 29.94 20.44
N PHE B 212 56.61 30.09 21.23
CA PHE B 212 56.55 31.21 22.17
C PHE B 212 57.37 30.99 23.42
N LEU B 213 57.72 29.75 23.73
CA LEU B 213 58.51 29.48 24.93
C LEU B 213 60.00 29.67 24.71
N SER B 214 60.45 29.75 23.46
CA SER B 214 61.86 29.91 23.16
C SER B 214 62.23 31.35 22.84
N THR B 215 61.58 31.95 21.85
CA THR B 215 61.89 33.33 21.48
C THR B 215 61.25 34.30 22.47
N PRO B 216 62.03 35.10 23.19
CA PRO B 216 61.43 36.08 24.09
C PRO B 216 60.88 37.25 23.30
N PRO B 217 59.87 37.93 23.82
CA PRO B 217 59.29 39.07 23.08
C PRO B 217 60.13 40.34 23.13
N HIS B 218 61.30 40.32 23.78
CA HIS B 218 62.12 41.49 23.87
C HIS B 218 63.57 41.07 24.00
N PRO B 219 64.51 41.80 23.38
CA PRO B 219 65.93 41.45 23.55
C PRO B 219 66.45 41.67 24.96
N ALA B 220 65.82 42.56 25.73
CA ALA B 220 66.13 42.75 27.15
C ALA B 220 65.15 41.98 28.01
N GLY B 221 64.77 40.78 27.55
CA GLY B 221 63.61 40.12 28.09
C GLY B 221 63.81 39.55 29.48
N LEU B 222 62.70 39.44 30.22
CA LEU B 222 62.52 38.74 31.49
C LEU B 222 63.39 39.24 32.64
N TRP B 223 64.16 40.28 32.42
CA TRP B 223 65.10 40.76 33.42
C TRP B 223 64.94 42.24 33.70
N ALA B 224 64.64 43.04 32.68
CA ALA B 224 64.44 44.47 32.87
C ALA B 224 63.17 44.80 33.64
N PHE B 225 62.29 43.82 33.87
CA PHE B 225 61.12 44.05 34.72
C PHE B 225 61.51 44.00 36.19
N PHE B 226 62.29 43.00 36.60
CA PHE B 226 62.55 42.78 38.01
C PHE B 226 63.63 43.71 38.56
N THR B 227 64.54 44.19 37.73
CA THR B 227 65.54 45.13 38.22
C THR B 227 64.95 46.52 38.41
N GLY B 228 64.34 47.06 37.35
CA GLY B 228 63.79 48.40 37.43
C GLY B 228 64.11 49.20 36.19
N ASN B 229 64.67 48.53 35.18
CA ASN B 229 65.02 49.17 33.92
C ASN B 229 63.80 49.06 32.99
N TRP B 230 62.72 49.74 33.42
CA TRP B 230 61.46 49.59 32.72
C TRP B 230 61.42 50.36 31.41
N GLY B 231 62.30 51.33 31.24
CA GLY B 231 62.40 52.05 29.99
C GLY B 231 63.00 51.28 28.84
N ALA B 232 63.48 50.05 29.08
CA ALA B 232 64.01 49.24 28.00
C ALA B 232 62.92 48.79 27.04
N TYR B 233 61.69 48.64 27.55
CA TYR B 233 60.59 48.10 26.77
C TYR B 233 60.01 49.10 25.79
N ALA B 234 60.43 50.37 25.82
CA ALA B 234 59.90 51.41 24.96
C ALA B 234 61.00 52.14 24.23
N GLN B 235 62.07 51.45 23.84
CA GLN B 235 63.23 52.18 23.35
C GLN B 235 63.09 52.57 21.89
N ASN B 236 63.01 51.59 20.98
CA ASN B 236 62.76 51.93 19.58
C ASN B 236 61.40 51.40 19.16
N PRO B 237 60.41 52.26 18.97
CA PRO B 237 59.08 51.80 18.59
C PRO B 237 58.94 51.61 17.09
N ASP B 238 57.74 51.26 16.64
CA ASP B 238 57.49 51.16 15.20
C ASP B 238 57.47 52.56 14.61
N THR B 239 58.30 52.80 13.59
CA THR B 239 58.39 54.12 13.00
C THR B 239 57.20 54.36 12.06
N ALA B 240 57.14 55.57 11.50
CA ALA B 240 55.99 56.02 10.74
C ALA B 240 56.03 55.59 9.27
N GLU B 241 56.87 54.63 8.91
CA GLU B 241 56.82 54.00 7.60
C GLU B 241 56.71 52.49 7.73
N HIS B 242 56.35 52.01 8.91
CA HIS B 242 56.12 50.59 9.12
C HIS B 242 54.79 50.19 8.50
N VAL B 243 54.81 49.12 7.72
CA VAL B 243 53.58 48.57 7.15
C VAL B 243 53.26 47.29 7.90
N PHE B 244 51.96 47.01 8.04
CA PHE B 244 51.48 46.03 9.00
C PHE B 244 51.80 44.61 8.55
N SER B 245 52.10 43.75 9.53
CA SER B 245 52.41 42.33 9.38
C SER B 245 53.64 42.05 8.52
N THR B 246 54.54 43.03 8.39
CA THR B 246 55.83 42.81 7.75
C THR B 246 56.93 43.23 8.72
N SER B 247 58.17 42.93 8.36
CA SER B 247 59.32 43.34 9.14
C SER B 247 59.90 44.68 8.71
N GLN B 248 59.38 45.28 7.64
CA GLN B 248 60.01 46.44 7.02
C GLN B 248 59.53 47.70 7.72
N GLY B 249 60.37 48.23 8.59
CA GLY B 249 60.03 49.40 9.38
C GLY B 249 59.66 49.11 10.82
N ALA B 250 59.76 47.85 11.25
CA ALA B 250 59.37 47.47 12.58
C ALA B 250 60.39 47.95 13.62
N GLY B 251 59.99 47.87 14.88
CA GLY B 251 60.87 48.20 15.98
C GLY B 251 61.05 47.01 16.90
N THR B 252 61.47 47.26 18.14
CA THR B 252 61.53 46.20 19.13
C THR B 252 60.86 46.59 20.44
N ALA B 253 60.25 47.77 20.52
CA ALA B 253 59.51 48.15 21.71
C ALA B 253 58.22 47.36 21.81
N ILE B 254 57.87 46.96 23.03
CA ILE B 254 56.63 46.25 23.27
C ILE B 254 55.64 47.05 24.07
N LEU B 255 56.09 48.01 24.88
CA LEU B 255 55.23 48.80 25.75
C LEU B 255 55.57 50.27 25.56
N THR B 256 55.05 50.88 24.51
CA THR B 256 55.33 52.28 24.26
C THR B 256 54.02 53.01 24.06
N PHE B 257 54.08 54.33 24.21
CA PHE B 257 52.91 55.17 24.42
C PHE B 257 52.97 56.42 23.55
N LEU B 258 53.15 56.17 22.25
CA LEU B 258 53.15 57.27 21.28
C LEU B 258 51.80 57.95 21.19
N GLY B 259 50.72 57.19 21.31
CA GLY B 259 49.39 57.72 21.11
C GLY B 259 49.07 57.93 19.65
N GLY B 260 47.80 58.27 19.39
CA GLY B 260 47.42 58.47 18.02
C GLY B 260 47.27 57.16 17.27
N PHE B 261 47.43 57.23 15.95
CA PHE B 261 47.11 56.12 15.08
C PHE B 261 48.34 55.62 14.34
N HIS B 262 48.32 54.33 14.03
CA HIS B 262 49.28 53.78 13.09
C HIS B 262 49.07 54.42 11.72
N PRO B 263 50.13 54.87 11.05
CA PRO B 263 49.94 55.64 9.81
C PRO B 263 49.48 54.82 8.62
N GLN B 264 49.50 53.49 8.71
CA GLN B 264 49.14 52.62 7.61
C GLN B 264 47.78 51.96 7.77
N THR B 265 47.42 51.57 8.99
CA THR B 265 46.15 50.93 9.26
C THR B 265 45.09 51.89 9.79
N GLN B 266 45.49 53.13 10.12
CA GLN B 266 44.66 54.13 10.81
C GLN B 266 44.04 53.57 12.09
N SER B 267 44.81 52.75 12.80
CA SER B 267 44.36 52.11 14.02
C SER B 267 45.32 52.42 15.15
N LEU B 268 44.90 52.10 16.37
CA LEU B 268 45.77 52.26 17.51
C LEU B 268 46.93 51.28 17.42
N TRP B 269 48.07 51.68 17.99
CA TRP B 269 49.26 50.83 17.97
C TRP B 269 49.04 49.61 18.85
N LEU B 270 49.54 48.46 18.39
CA LEU B 270 49.42 47.25 19.20
C LEU B 270 50.31 47.31 20.43
N THR B 271 51.39 48.09 20.37
CA THR B 271 52.19 48.35 21.55
C THR B 271 51.49 49.30 22.51
N ASP B 272 50.60 50.14 22.00
CA ASP B 272 49.85 51.05 22.84
C ASP B 272 48.74 50.34 23.60
N MET B 273 48.24 49.23 23.05
CA MET B 273 47.20 48.46 23.70
C MET B 273 47.76 47.38 24.61
N ALA B 274 48.97 46.90 24.35
CA ALA B 274 49.61 45.98 25.29
C ALA B 274 50.04 46.72 26.54
N HIS B 275 50.46 47.97 26.39
CA HIS B 275 50.74 48.82 27.54
C HIS B 275 49.45 49.18 28.26
N HIS B 276 48.34 49.24 27.54
CA HIS B 276 47.09 49.69 28.11
C HIS B 276 46.49 48.65 29.04
N HIS B 277 46.37 47.41 28.58
CA HIS B 277 45.83 46.35 29.41
C HIS B 277 46.78 45.91 30.51
N LEU B 278 48.03 46.33 30.45
CA LEU B 278 48.93 46.12 31.57
C LEU B 278 48.68 47.15 32.66
N ALA B 279 48.37 48.39 32.27
CA ALA B 279 48.05 49.40 33.26
C ALA B 279 46.66 49.23 33.84
N ILE B 280 45.73 48.67 33.06
CA ILE B 280 44.42 48.32 33.59
C ILE B 280 44.55 47.20 34.61
N ALA B 281 45.42 46.23 34.34
CA ALA B 281 45.53 45.05 35.20
C ALA B 281 46.18 45.38 36.53
N VAL B 282 47.18 46.27 36.53
CA VAL B 282 47.81 46.66 37.79
C VAL B 282 46.84 47.47 38.64
N VAL B 283 46.03 48.31 37.99
CA VAL B 283 45.08 49.14 38.72
C VAL B 283 43.89 48.30 39.22
N LEU B 284 43.51 47.27 38.47
CA LEU B 284 42.36 46.46 38.87
C LEU B 284 42.71 45.38 39.90
N ILE B 285 43.93 44.81 39.83
CA ILE B 285 44.34 43.84 40.84
C ILE B 285 44.57 44.53 42.18
N ILE B 286 45.00 45.80 42.15
CA ILE B 286 45.07 46.60 43.36
C ILE B 286 43.68 46.85 43.92
N ALA B 287 42.72 47.17 43.06
CA ALA B 287 41.36 47.45 43.50
C ALA B 287 40.62 46.21 43.99
N GLY B 288 41.11 45.01 43.67
CA GLY B 288 40.53 43.80 44.18
C GLY B 288 40.95 43.42 45.58
N HIS B 289 41.82 44.21 46.20
CA HIS B 289 42.29 43.98 47.55
C HIS B 289 41.74 45.03 48.50
N MET B 290 40.48 45.40 48.30
CA MET B 290 39.83 46.42 49.10
C MET B 290 38.89 45.85 50.13
N TYR B 291 38.12 44.83 49.77
CA TYR B 291 37.11 44.28 50.65
C TYR B 291 37.67 43.07 51.39
N ARG B 292 37.11 42.76 52.54
CA ARG B 292 37.67 41.74 53.41
C ARG B 292 37.03 40.39 53.13
N THR B 293 37.87 39.42 52.85
CA THR B 293 37.56 38.01 53.04
C THR B 293 38.06 37.62 54.43
N ASN B 294 38.25 36.34 54.66
CA ASN B 294 38.62 35.81 55.98
C ASN B 294 40.06 36.17 56.44
N TRP B 295 40.83 37.07 55.81
CA TRP B 295 42.18 37.39 56.26
C TRP B 295 42.24 38.68 57.07
N ARG B 296 41.10 39.13 57.60
CA ARG B 296 40.94 40.17 58.63
C ARG B 296 41.29 41.58 58.19
N ILE B 297 41.77 41.80 56.98
CA ILE B 297 42.08 43.15 56.51
C ILE B 297 41.16 43.48 55.34
N GLY B 298 40.84 44.75 55.20
CA GLY B 298 40.03 45.18 54.08
C GLY B 298 38.86 45.99 54.54
N HIS B 299 37.86 46.10 53.66
CA HIS B 299 36.66 46.87 53.93
C HIS B 299 35.46 45.94 54.07
N SER B 300 34.58 46.26 55.00
CA SER B 300 33.30 45.60 55.12
C SER B 300 32.24 46.55 54.59
N ILE B 301 31.56 46.15 53.53
CA ILE B 301 30.55 47.00 52.89
C ILE B 301 29.38 47.26 53.82
N LYS B 302 29.10 46.32 54.74
CA LYS B 302 28.08 46.53 55.75
C LYS B 302 28.47 47.64 56.72
N GLU B 303 29.76 47.83 56.96
CA GLU B 303 30.20 48.93 57.82
C GLU B 303 30.25 50.26 57.09
N MET B 304 30.49 50.24 55.77
CA MET B 304 30.55 51.48 55.02
C MET B 304 29.19 52.11 54.82
N MET B 305 28.13 51.31 54.88
CA MET B 305 26.78 51.85 54.81
C MET B 305 26.41 52.57 56.09
N ASP B 306 26.68 51.94 57.23
CA ASP B 306 26.18 52.40 58.52
C ASP B 306 27.17 53.28 59.26
N SER B 307 28.28 53.68 58.64
CA SER B 307 29.28 54.48 59.33
C SER B 307 28.77 55.91 59.44
N LYS B 308 28.69 56.40 60.69
CA LYS B 308 28.17 57.73 60.97
C LYS B 308 29.19 58.60 61.70
N THR B 309 30.47 58.36 61.46
CA THR B 309 31.53 59.10 62.14
C THR B 309 32.60 59.46 61.10
N PHE B 310 32.86 60.77 60.98
CA PHE B 310 33.79 61.30 59.98
C PHE B 310 34.80 62.17 60.71
N PHE B 311 35.85 61.53 61.25
CA PHE B 311 36.94 62.18 61.99
C PHE B 311 36.40 63.02 63.15
N GLY B 312 35.54 62.41 63.97
CA GLY B 312 34.94 63.07 65.09
C GLY B 312 33.60 63.72 64.81
N ARG B 313 33.30 64.03 63.55
CA ARG B 313 32.01 64.62 63.22
C ARG B 313 30.91 63.57 63.27
N LYS B 314 29.67 64.01 63.08
CA LYS B 314 28.52 63.14 63.21
C LYS B 314 27.67 63.21 61.95
N VAL B 315 28.31 62.95 60.80
CA VAL B 315 27.59 62.89 59.54
C VAL B 315 26.61 61.71 59.53
N GLU B 316 25.61 61.81 58.65
CA GLU B 316 24.57 60.79 58.55
C GLU B 316 25.00 59.56 57.77
N GLY B 317 26.18 59.58 57.16
CA GLY B 317 26.65 58.47 56.39
C GLY B 317 27.68 58.89 55.36
N PRO B 318 27.78 58.16 54.26
CA PRO B 318 28.60 58.62 53.14
C PRO B 318 27.98 59.85 52.49
N PHE B 319 28.80 60.91 52.37
CA PHE B 319 28.41 62.21 51.81
C PHE B 319 27.25 62.81 52.60
N ASN B 320 27.27 62.62 53.92
CA ASN B 320 26.28 63.17 54.86
C ASN B 320 24.85 62.72 54.54
N LEU B 321 24.73 61.56 53.91
CA LEU B 321 23.48 61.02 53.42
C LEU B 321 23.24 59.66 54.04
N PRO B 322 22.03 59.37 54.48
CA PRO B 322 21.78 58.12 55.19
C PRO B 322 21.78 56.93 54.23
N HIS B 323 22.83 56.13 54.31
CA HIS B 323 22.92 54.92 53.51
C HIS B 323 22.75 53.66 54.34
N GLN B 324 22.17 53.77 55.54
CA GLN B 324 22.03 52.59 56.39
C GLN B 324 20.97 51.66 55.82
N GLY B 325 21.18 50.36 56.03
CA GLY B 325 20.25 49.39 55.52
C GLY B 325 20.29 49.15 54.03
N LEU B 326 21.25 49.73 53.32
CA LEU B 326 21.37 49.48 51.90
C LEU B 326 22.21 48.26 51.57
N TYR B 327 22.97 47.73 52.54
CA TYR B 327 23.68 46.49 52.26
C TYR B 327 22.72 45.33 52.12
N GLU B 328 21.80 45.19 53.07
CA GLU B 328 20.82 44.13 52.98
C GLU B 328 19.67 44.44 52.03
N THR B 329 19.65 45.63 51.44
CA THR B 329 18.71 45.91 50.36
C THR B 329 19.28 45.48 49.01
N VAL B 330 20.56 45.77 48.76
CA VAL B 330 21.18 45.32 47.52
C VAL B 330 21.42 43.82 47.54
N ASN B 331 21.89 43.28 48.68
CA ASN B 331 22.33 41.89 48.72
C ASN B 331 21.18 40.90 48.63
N ASN B 332 20.01 41.24 49.17
CA ASN B 332 18.90 40.32 49.08
C ASN B 332 18.13 40.46 47.77
N SER B 333 18.07 41.67 47.22
CA SER B 333 17.38 41.90 45.96
C SER B 333 18.25 41.43 44.80
N LEU B 334 17.75 40.48 44.03
CA LEU B 334 18.41 40.08 42.79
C LEU B 334 18.04 40.98 41.63
N HIS B 335 17.08 41.89 41.80
CA HIS B 335 16.72 42.86 40.79
C HIS B 335 17.42 44.20 40.97
N PHE B 336 17.81 44.55 42.20
CA PHE B 336 18.71 45.67 42.40
C PHE B 336 20.08 45.36 41.81
N GLN B 337 20.55 44.13 41.96
CA GLN B 337 21.84 43.77 41.41
C GLN B 337 21.78 43.59 39.91
N LEU B 338 20.61 43.28 39.36
CA LEU B 338 20.48 43.11 37.92
C LEU B 338 20.32 44.45 37.23
N SER B 339 19.63 45.40 37.85
CA SER B 339 19.46 46.71 37.25
C SER B 339 20.74 47.52 37.27
N LEU B 340 21.56 47.35 38.31
CA LEU B 340 22.85 48.01 38.35
C LEU B 340 23.84 47.38 37.39
N ALA B 341 23.63 46.14 37.01
CA ALA B 341 24.51 45.45 36.09
C ALA B 341 24.12 45.64 34.64
N LEU B 342 22.89 46.05 34.37
CA LEU B 342 22.49 46.42 33.02
C LEU B 342 22.70 47.90 32.74
N ALA B 343 22.62 48.74 33.77
CA ALA B 343 22.98 50.14 33.61
C ALA B 343 24.47 50.30 33.38
N CYS B 344 25.28 49.44 33.99
CA CYS B 344 26.71 49.50 33.82
C CYS B 344 27.19 48.71 32.61
N LEU B 345 26.30 48.02 31.92
CA LEU B 345 26.61 47.34 30.69
C LEU B 345 25.99 48.01 29.48
N GLY B 346 25.07 48.94 29.69
CA GLY B 346 24.54 49.73 28.61
C GLY B 346 25.25 51.05 28.52
N VAL B 347 26.12 51.31 29.50
CA VAL B 347 27.07 52.41 29.36
C VAL B 347 28.34 51.93 28.69
N ALA B 348 28.81 50.74 29.04
CA ALA B 348 29.97 50.16 28.37
C ALA B 348 29.67 49.72 26.95
N SER B 349 28.40 49.59 26.58
CA SER B 349 28.06 49.29 25.19
C SER B 349 27.85 50.54 24.37
N SER B 350 27.48 51.66 24.98
CA SER B 350 27.55 52.93 24.27
C SER B 350 28.98 53.38 24.12
N LEU B 351 29.78 53.18 25.17
CA LEU B 351 31.17 53.60 25.16
C LEU B 351 31.99 52.76 24.19
N THR B 352 31.57 51.53 23.93
CA THR B 352 32.13 50.78 22.83
C THR B 352 31.85 51.47 21.51
N ALA B 353 30.61 51.89 21.31
CA ALA B 353 30.22 52.47 20.03
C ALA B 353 30.82 53.85 19.83
N GLN B 354 30.86 54.68 20.89
CA GLN B 354 31.38 56.03 20.76
C GLN B 354 32.88 56.08 20.59
N HIS B 355 33.59 55.00 20.90
CA HIS B 355 35.04 55.02 20.82
C HIS B 355 35.57 54.23 19.64
N MET B 356 34.92 53.15 19.27
CA MET B 356 35.43 52.30 18.20
C MET B 356 35.28 52.91 16.82
N TYR B 357 34.47 53.96 16.66
CA TYR B 357 34.45 54.65 15.39
C TYR B 357 35.48 55.78 15.35
N SER B 358 35.73 56.41 16.49
CA SER B 358 36.65 57.54 16.55
C SER B 358 38.09 57.10 16.72
N MET B 359 38.33 56.15 17.62
CA MET B 359 39.64 55.55 17.83
C MET B 359 39.54 54.08 17.43
N PRO B 360 39.67 53.75 16.15
CA PRO B 360 39.52 52.36 15.73
C PRO B 360 40.68 51.51 16.21
N PRO B 361 40.42 50.37 16.79
CA PRO B 361 41.50 49.56 17.33
C PRO B 361 42.01 48.49 16.38
N TYR B 362 41.34 48.31 15.25
CA TYR B 362 41.57 47.15 14.40
C TYR B 362 42.14 47.58 13.07
N ALA B 363 42.90 46.67 12.46
CA ALA B 363 43.64 46.97 11.24
C ALA B 363 42.69 47.11 10.07
N PHE B 364 42.74 48.28 9.43
CA PHE B 364 41.97 48.62 8.22
C PHE B 364 40.47 48.53 8.44
N ILE B 365 39.98 48.77 9.65
CA ILE B 365 38.55 48.82 9.87
C ILE B 365 38.01 50.23 9.64
N ALA B 366 38.88 51.24 9.61
CA ALA B 366 38.43 52.57 9.21
C ALA B 366 38.11 52.62 7.73
N LYS B 367 38.82 51.82 6.92
CA LYS B 367 38.62 51.79 5.48
C LYS B 367 37.66 50.69 5.05
N ASP B 368 36.89 50.13 5.98
CA ASP B 368 35.77 49.26 5.67
C ASP B 368 34.55 49.97 6.22
N PHE B 369 33.85 50.68 5.35
CA PHE B 369 32.84 51.63 5.77
C PHE B 369 31.57 50.99 6.28
N THR B 370 31.30 49.73 5.92
CA THR B 370 30.06 49.10 6.34
C THR B 370 30.18 48.36 7.66
N THR B 371 31.30 47.66 7.90
CA THR B 371 31.50 47.04 9.20
C THR B 371 31.76 48.07 10.28
N MET B 372 32.29 49.23 9.91
CA MET B 372 32.40 50.33 10.84
C MET B 372 31.04 50.93 11.16
N ALA B 373 30.13 50.90 10.19
CA ALA B 373 28.80 51.47 10.38
C ALA B 373 27.86 50.50 11.07
N ALA B 374 27.98 49.22 10.75
CA ALA B 374 27.11 48.23 11.36
C ALA B 374 27.51 47.90 12.78
N LEU B 375 28.71 48.25 13.21
CA LEU B 375 29.13 48.02 14.59
C LEU B 375 28.85 49.20 15.49
N TYR B 376 28.66 50.40 14.95
CA TYR B 376 28.17 51.48 15.77
C TYR B 376 26.70 51.28 16.09
N THR B 377 25.91 50.99 15.05
CA THR B 377 24.47 50.86 15.21
C THR B 377 24.11 49.62 16.01
N HIS B 378 24.96 48.59 15.96
CA HIS B 378 24.77 47.42 16.79
C HIS B 378 24.88 47.77 18.26
N HIS B 379 25.98 48.39 18.65
CA HIS B 379 26.23 48.61 20.06
C HIS B 379 25.46 49.77 20.64
N GLN B 380 24.81 50.59 19.82
CA GLN B 380 23.93 51.60 20.39
C GLN B 380 22.52 51.08 20.59
N TYR B 381 22.08 50.11 19.79
CA TYR B 381 20.79 49.49 20.04
C TYR B 381 20.87 48.46 21.15
N ILE B 382 22.01 47.81 21.31
CA ILE B 382 22.25 46.98 22.48
C ILE B 382 22.25 47.84 23.74
N ALA B 383 22.88 49.01 23.67
CA ALA B 383 22.97 49.89 24.83
C ALA B 383 21.68 50.61 25.12
N GLY B 384 20.77 50.70 24.15
CA GLY B 384 19.45 51.23 24.46
C GLY B 384 18.56 50.18 25.06
N PHE B 385 18.75 48.91 24.67
CA PHE B 385 17.97 47.84 25.27
C PHE B 385 18.44 47.56 26.68
N LEU B 386 19.75 47.56 26.90
CA LEU B 386 20.31 47.32 28.23
C LEU B 386 20.02 48.45 29.20
N MET B 387 19.65 49.62 28.72
CA MET B 387 19.26 50.70 29.60
C MET B 387 17.78 50.79 29.82
N VAL B 388 16.96 50.24 28.92
CA VAL B 388 15.55 50.08 29.22
C VAL B 388 15.35 48.96 30.23
N GLY B 389 16.19 47.93 30.16
CA GLY B 389 16.14 46.87 31.15
C GLY B 389 16.78 47.20 32.47
N ALA B 390 17.62 48.24 32.50
CA ALA B 390 18.12 48.71 33.79
C ALA B 390 17.06 49.43 34.57
N PHE B 391 16.06 49.99 33.89
CA PHE B 391 14.93 50.62 34.53
C PHE B 391 13.72 49.72 34.58
N SER B 392 13.73 48.60 33.87
CA SER B 392 12.65 47.64 34.00
C SER B 392 12.79 46.87 35.29
N HIS B 393 14.02 46.58 35.71
CA HIS B 393 14.28 45.88 36.97
C HIS B 393 14.38 46.81 38.15
N ALA B 394 14.51 48.11 37.92
CA ALA B 394 14.26 49.05 38.98
C ALA B 394 12.81 48.97 39.42
N ALA B 395 11.89 48.86 38.45
CA ALA B 395 10.48 48.77 38.78
C ALA B 395 10.11 47.44 39.42
N ILE B 396 10.79 46.36 39.05
CA ILE B 396 10.53 45.09 39.70
C ILE B 396 11.15 45.07 41.09
N PHE B 397 12.19 45.87 41.31
CA PHE B 397 12.77 45.96 42.65
C PHE B 397 11.83 46.67 43.61
N TRP B 398 11.19 47.75 43.17
CA TRP B 398 10.29 48.50 44.05
C TRP B 398 9.08 47.67 44.42
N ILE B 399 8.55 46.91 43.47
CA ILE B 399 7.35 46.13 43.71
C ILE B 399 7.66 44.92 44.58
N LYS B 400 8.60 44.10 44.15
CA LYS B 400 8.78 42.77 44.73
C LYS B 400 9.83 42.69 45.82
N ASP B 401 10.80 43.61 45.84
CA ASP B 401 11.99 43.39 46.64
C ASP B 401 12.29 44.55 47.59
N TYR B 402 11.35 45.45 47.80
CA TYR B 402 11.56 46.61 48.65
C TYR B 402 10.53 46.62 49.75
N ASP B 403 10.97 46.98 50.97
CA ASP B 403 10.08 47.17 52.10
C ASP B 403 10.45 48.48 52.79
N PRO B 404 9.47 49.33 53.10
CA PRO B 404 9.79 50.64 53.68
C PRO B 404 10.22 50.60 55.13
N GLU B 405 10.05 49.46 55.82
CA GLU B 405 10.41 49.39 57.22
C GLU B 405 11.90 49.19 57.41
N GLN B 406 12.52 48.34 56.60
CA GLN B 406 13.96 48.13 56.71
C GLN B 406 14.74 49.31 56.10
N ASN B 407 14.23 49.88 55.00
CA ASN B 407 14.82 51.05 54.39
C ASN B 407 14.17 52.32 54.96
N LYS B 408 14.24 52.45 56.28
CA LYS B 408 13.58 53.56 56.97
C LYS B 408 14.55 54.72 57.10
N GLY B 409 14.19 55.85 56.51
CA GLY B 409 14.96 57.06 56.66
C GLY B 409 16.24 57.14 55.86
N ASN B 410 16.54 56.13 55.05
CA ASN B 410 17.79 56.12 54.31
C ASN B 410 17.61 56.81 52.96
N VAL B 411 18.59 56.64 52.08
CA VAL B 411 18.62 57.34 50.80
C VAL B 411 17.60 56.80 49.81
N LEU B 412 17.01 55.65 50.08
CA LEU B 412 16.03 55.03 49.21
C LEU B 412 14.62 55.44 49.56
N GLU B 413 14.37 55.86 50.79
CA GLU B 413 13.08 56.43 51.13
C GLU B 413 13.01 57.89 50.70
N ARG B 414 14.14 58.58 50.69
CA ARG B 414 14.16 60.00 50.36
C ARG B 414 13.83 60.26 48.90
N VAL B 415 14.04 59.28 48.02
CA VAL B 415 13.67 59.44 46.62
C VAL B 415 12.16 59.32 46.45
N LEU B 416 11.55 58.33 47.10
CA LEU B 416 10.11 58.21 47.08
C LEU B 416 9.42 59.36 47.82
N LYS B 417 10.11 60.01 48.75
CA LYS B 417 9.52 61.12 49.48
C LYS B 417 9.30 62.35 48.60
N HIS B 418 10.00 62.45 47.47
CA HIS B 418 9.83 63.61 46.59
C HIS B 418 9.69 63.19 45.13
N LYS B 419 9.21 61.97 44.86
CA LYS B 419 9.19 61.40 43.51
C LYS B 419 8.29 62.16 42.55
N GLU B 420 7.41 63.03 43.02
CA GLU B 420 6.65 63.88 42.13
C GLU B 420 7.37 65.17 41.81
N ALA B 421 8.60 65.35 42.28
CA ALA B 421 9.43 66.46 41.87
C ALA B 421 10.51 66.06 40.89
N ILE B 422 10.82 64.77 40.79
CA ILE B 422 11.69 64.28 39.73
C ILE B 422 10.91 64.12 38.44
N ILE B 423 9.68 63.60 38.52
CA ILE B 423 8.85 63.43 37.34
C ILE B 423 8.34 64.78 36.84
N ALA B 424 8.18 65.75 37.73
CA ALA B 424 7.78 67.08 37.30
C ALA B 424 8.93 67.85 36.67
N HIS B 425 10.17 67.44 36.88
CA HIS B 425 11.31 68.12 36.28
C HIS B 425 11.88 67.39 35.09
N LEU B 426 11.71 66.08 35.02
CA LEU B 426 12.00 65.38 33.77
C LEU B 426 11.00 65.75 32.69
N SER B 427 9.80 66.15 33.09
CA SER B 427 8.78 66.60 32.17
C SER B 427 8.87 68.09 31.85
N TRP B 428 9.81 68.81 32.45
CA TRP B 428 10.05 70.16 31.99
C TRP B 428 11.16 70.20 30.96
N VAL B 429 12.25 69.45 31.20
CA VAL B 429 13.33 69.32 30.23
C VAL B 429 12.84 68.67 28.95
N SER B 430 11.91 67.71 29.08
CA SER B 430 11.29 67.12 27.91
C SER B 430 10.43 68.14 27.17
N LEU B 431 9.71 68.97 27.90
CA LEU B 431 8.84 69.96 27.28
C LEU B 431 9.64 71.15 26.78
N PHE B 432 10.80 71.43 27.37
CA PHE B 432 11.66 72.49 26.86
C PHE B 432 12.31 72.08 25.55
N LEU B 433 12.90 70.89 25.51
CA LEU B 433 13.70 70.44 24.39
C LEU B 433 12.89 69.95 23.22
N GLY B 434 11.58 70.10 23.24
CA GLY B 434 10.82 69.67 22.10
C GLY B 434 10.03 70.82 21.53
N PHE B 435 9.79 71.82 22.36
CA PHE B 435 9.20 73.05 21.87
C PHE B 435 10.22 73.90 21.14
N HIS B 436 11.50 73.72 21.43
CA HIS B 436 12.56 74.50 20.79
C HIS B 436 13.49 73.67 19.95
N THR B 437 13.26 72.38 19.80
CA THR B 437 13.99 71.61 18.81
C THR B 437 13.12 71.28 17.61
N LEU B 438 11.86 70.91 17.85
CA LEU B 438 10.94 70.79 16.73
C LEU B 438 10.58 72.16 16.19
N GLY B 439 10.36 73.13 17.08
CA GLY B 439 10.00 74.46 16.65
C GLY B 439 11.12 75.18 15.91
N LEU B 440 12.36 74.82 16.19
CA LEU B 440 13.49 75.42 15.48
C LEU B 440 13.84 74.69 14.20
N TYR B 441 13.29 73.51 13.97
CA TYR B 441 13.40 72.84 12.68
C TYR B 441 12.34 73.34 11.72
N VAL B 442 11.09 73.37 12.19
CA VAL B 442 10.00 73.79 11.32
C VAL B 442 9.87 75.30 11.26
N HIS B 443 10.79 76.03 11.89
CA HIS B 443 11.10 77.39 11.47
C HIS B 443 12.09 77.36 10.32
N ASN B 444 13.15 76.56 10.46
CA ASN B 444 14.13 76.39 9.39
C ASN B 444 13.53 75.65 8.20
N ASP B 445 12.51 74.84 8.42
CA ASP B 445 11.84 74.20 7.28
C ASP B 445 11.09 75.22 6.46
N VAL B 446 10.35 76.11 7.11
CA VAL B 446 9.53 77.09 6.42
C VAL B 446 10.40 78.15 5.77
N GLU B 447 11.55 78.48 6.36
CA GLU B 447 12.42 79.49 5.77
C GLU B 447 13.09 79.00 4.49
N VAL B 448 13.58 77.76 4.50
CA VAL B 448 14.13 77.19 3.27
C VAL B 448 13.02 76.94 2.25
N ALA B 449 11.82 76.61 2.71
CA ALA B 449 10.72 76.37 1.78
C ALA B 449 10.25 77.66 1.14
N PHE B 450 10.28 78.78 1.87
CA PHE B 450 9.80 80.05 1.34
C PHE B 450 10.89 80.86 0.70
N GLY B 451 12.00 80.24 0.32
CA GLY B 451 13.05 80.90 -0.41
C GLY B 451 14.22 81.37 0.41
N ALA B 452 13.96 81.84 1.63
CA ALA B 452 14.98 82.53 2.41
C ALA B 452 15.69 81.55 3.33
N ALA B 453 16.70 80.86 2.77
CA ALA B 453 17.50 79.96 3.58
C ALA B 453 18.43 80.70 4.52
N ASP B 454 18.69 81.98 4.25
CA ASP B 454 19.53 82.81 5.11
C ASP B 454 18.82 83.28 6.37
N LYS B 455 17.51 83.09 6.47
CA LYS B 455 16.76 83.46 7.66
C LYS B 455 16.64 82.31 8.65
N GLN B 456 17.37 81.22 8.45
CA GLN B 456 17.38 80.14 9.41
C GLN B 456 18.04 80.58 10.70
N ILE B 457 17.54 80.07 11.82
CA ILE B 457 18.21 80.24 13.10
C ILE B 457 19.24 79.12 13.21
N LEU B 458 20.51 79.49 13.15
CA LEU B 458 21.60 78.52 13.19
C LEU B 458 22.43 78.81 14.44
N ILE B 459 22.22 78.04 15.49
CA ILE B 459 23.04 78.18 16.68
C ILE B 459 24.31 77.36 16.47
N GLU B 460 25.45 78.02 16.49
CA GLU B 460 26.71 77.32 16.45
C GLU B 460 26.96 76.68 17.81
N PRO B 461 27.18 75.38 17.87
CA PRO B 461 27.39 74.73 19.17
C PRO B 461 28.74 75.03 19.75
N VAL B 462 28.88 76.21 20.36
CA VAL B 462 30.19 76.70 20.78
C VAL B 462 30.65 76.14 22.11
N PHE B 463 29.89 75.24 22.73
CA PHE B 463 30.37 74.60 23.94
C PHE B 463 31.03 73.27 23.65
N ALA B 464 30.59 72.56 22.62
CA ALA B 464 31.25 71.34 22.19
C ALA B 464 32.24 71.58 21.06
N GLN B 465 32.28 72.78 20.51
CA GLN B 465 33.43 73.22 19.73
C GLN B 465 34.57 73.64 20.64
N PHE B 466 34.26 73.96 21.89
CA PHE B 466 35.29 74.25 22.87
C PHE B 466 35.94 72.98 23.41
N ILE B 467 35.21 71.86 23.44
CA ILE B 467 35.77 70.60 23.90
C ILE B 467 36.84 70.11 22.95
N GLN B 468 36.57 70.17 21.65
CA GLN B 468 37.56 69.79 20.66
C GLN B 468 38.75 70.75 20.67
N SER B 469 38.50 72.03 20.89
CA SER B 469 39.59 72.97 21.02
C SER B 469 40.28 72.88 22.36
N ALA B 470 39.71 72.18 23.34
CA ALA B 470 40.42 71.90 24.58
C ALA B 470 41.10 70.54 24.56
N ASN B 471 41.06 69.85 23.42
CA ASN B 471 41.76 68.58 23.27
C ASN B 471 42.79 68.59 22.16
N GLY B 472 42.74 69.54 21.25
CA GLY B 472 43.78 69.65 20.26
C GLY B 472 43.32 70.06 18.87
N LYS B 473 42.01 70.16 18.67
CA LYS B 473 41.48 70.56 17.37
C LYS B 473 41.71 72.05 17.19
N ILE B 474 42.58 72.41 16.25
CA ILE B 474 43.01 73.79 16.05
C ILE B 474 42.20 74.43 14.92
N LEU B 475 41.11 73.78 14.52
CA LEU B 475 40.34 74.27 13.39
C LEU B 475 39.55 75.52 13.74
N TYR B 476 38.93 75.53 14.92
CA TYR B 476 38.07 76.65 15.29
C TYR B 476 38.87 77.88 15.68
N GLY B 477 39.76 77.73 16.65
CA GLY B 477 40.60 78.84 17.04
C GLY B 477 40.22 79.44 18.37
N PHE B 478 39.78 78.59 19.30
CA PHE B 478 39.62 79.04 20.68
C PHE B 478 40.98 79.31 21.32
N HIS B 479 42.00 78.56 20.90
CA HIS B 479 43.41 78.76 21.26
C HIS B 479 43.63 78.70 22.77
N THR B 480 43.12 77.65 23.39
CA THR B 480 43.26 77.43 24.82
C THR B 480 43.44 75.94 25.07
N LEU B 481 44.38 75.61 25.96
CA LEU B 481 44.37 74.36 26.74
C LEU B 481 44.43 73.11 25.85
N LEU B 482 45.62 72.91 25.26
CA LEU B 482 46.07 71.94 24.24
C LEU B 482 45.76 72.39 22.83
N SER B 483 45.12 73.55 22.64
CA SER B 483 45.24 74.26 21.38
C SER B 483 46.24 75.39 21.48
N ASN B 484 46.57 75.81 22.71
CA ASN B 484 47.59 76.80 22.97
C ASN B 484 48.84 76.07 23.42
N PRO B 485 49.89 75.98 22.59
CA PRO B 485 51.10 75.27 23.01
C PRO B 485 51.94 76.01 24.05
N ASP B 486 51.56 77.21 24.46
CA ASP B 486 52.23 77.94 25.53
C ASP B 486 51.50 77.81 26.86
N SER B 487 50.70 76.76 27.03
CA SER B 487 49.85 76.61 28.20
C SER B 487 50.46 75.65 29.20
N ILE B 488 49.85 75.59 30.38
CA ILE B 488 50.30 74.67 31.42
C ILE B 488 49.88 73.24 31.10
N ALA B 489 48.75 73.05 30.42
CA ALA B 489 48.28 71.71 30.13
C ALA B 489 48.98 71.10 28.93
N PHE B 490 49.43 71.93 27.99
CA PHE B 490 50.15 71.42 26.82
C PHE B 490 51.54 70.94 27.22
N THR B 491 52.31 71.79 27.91
CA THR B 491 53.69 71.47 28.19
C THR B 491 53.83 70.55 29.39
N ALA B 492 52.91 70.64 30.34
CA ALA B 492 53.02 70.05 31.68
C ALA B 492 54.35 70.41 32.33
N TRP B 493 54.50 71.70 32.56
CA TRP B 493 55.70 72.42 33.00
C TRP B 493 56.57 71.77 34.08
N PRO B 494 56.05 71.15 35.16
CA PRO B 494 56.99 70.55 36.12
C PRO B 494 57.61 69.24 35.68
N ASN B 495 57.05 68.51 34.73
CA ASN B 495 57.63 67.22 34.37
C ASN B 495 57.91 67.06 32.89
N HIS B 496 57.01 67.60 32.04
CA HIS B 496 57.03 67.46 30.58
C HIS B 496 57.06 65.99 30.14
N ALA B 497 56.09 65.22 30.63
CA ALA B 497 56.00 63.80 30.32
C ALA B 497 54.73 63.47 29.54
N ASN B 498 54.35 64.34 28.60
CA ASN B 498 53.25 64.04 27.68
C ASN B 498 53.84 63.38 26.43
N VAL B 499 54.29 62.15 26.59
CA VAL B 499 54.82 61.43 25.44
C VAL B 499 53.68 60.96 24.53
N TRP B 500 52.45 60.94 25.04
CA TRP B 500 51.29 60.62 24.23
C TRP B 500 50.86 61.79 23.36
N LEU B 501 51.23 63.00 23.73
CA LEU B 501 50.64 64.19 23.15
C LEU B 501 51.04 64.49 21.69
N PRO B 502 52.31 64.41 21.25
CA PRO B 502 52.56 64.71 19.83
C PRO B 502 51.98 63.69 18.87
N GLY B 503 51.77 62.44 19.30
CA GLY B 503 51.07 61.49 18.46
C GLY B 503 49.58 61.68 18.46
N TRP B 504 49.03 62.22 19.55
CA TRP B 504 47.59 62.46 19.63
C TRP B 504 47.18 63.63 18.76
N LEU B 505 47.97 64.71 18.76
CA LEU B 505 47.62 65.90 18.00
C LEU B 505 47.79 65.71 16.51
N ASP B 506 48.57 64.70 16.09
CA ASP B 506 48.61 64.33 14.68
C ASP B 506 47.35 63.60 14.29
N ALA B 507 46.68 62.96 15.25
CA ALA B 507 45.45 62.23 14.97
C ALA B 507 44.22 63.12 15.00
N ILE B 508 44.14 64.06 15.95
CA ILE B 508 42.95 64.88 16.07
C ILE B 508 42.93 65.97 15.00
N ASN B 509 44.10 66.36 14.48
CA ASN B 509 44.18 67.43 13.49
C ASN B 509 44.32 66.92 12.07
N ASN B 510 44.36 65.61 11.87
CA ASN B 510 44.23 65.05 10.54
C ASN B 510 42.75 64.96 10.20
N GLY B 511 42.38 65.41 9.00
CA GLY B 511 40.97 65.47 8.66
C GLY B 511 40.44 64.23 7.96
N THR B 512 41.14 63.11 8.10
CA THR B 512 40.76 61.87 7.43
C THR B 512 40.23 60.81 8.39
N ASN B 513 40.20 61.07 9.68
CA ASN B 513 39.70 60.13 10.66
C ASN B 513 38.41 60.64 11.29
N SER B 514 37.78 59.79 12.08
CA SER B 514 36.56 60.16 12.78
C SER B 514 36.82 60.69 14.18
N LEU B 515 38.08 60.94 14.53
CA LEU B 515 38.42 61.40 15.87
C LEU B 515 38.09 62.87 15.97
N PHE B 516 37.01 63.18 16.73
CA PHE B 516 36.55 64.54 17.01
C PHE B 516 36.24 65.29 15.72
N LEU B 517 35.19 64.81 15.05
CA LEU B 517 34.73 65.35 13.78
C LEU B 517 34.36 66.83 13.88
N THR B 518 34.31 67.48 12.71
CA THR B 518 34.00 68.90 12.67
C THR B 518 32.53 69.11 13.00
N ILE B 519 32.27 70.00 13.95
CA ILE B 519 30.97 70.19 14.56
C ILE B 519 30.43 71.54 14.11
N GLY B 520 29.25 71.52 13.49
CA GLY B 520 28.61 72.71 13.00
C GLY B 520 27.19 72.84 13.52
N PRO B 521 26.40 73.76 12.95
CA PRO B 521 25.03 73.97 13.44
C PRO B 521 24.08 72.84 13.15
N GLY B 522 24.40 71.95 12.22
CA GLY B 522 23.60 70.76 12.05
C GLY B 522 23.79 69.74 13.14
N ASP B 523 24.87 69.89 13.93
CA ASP B 523 25.16 69.02 15.05
C ASP B 523 24.70 69.57 16.38
N PHE B 524 24.50 70.89 16.48
CA PHE B 524 23.82 71.46 17.63
C PHE B 524 22.42 70.90 17.75
N TYR B 525 21.72 70.81 16.63
CA TYR B 525 20.31 70.52 16.61
C TYR B 525 20.00 69.06 16.89
N VAL B 526 20.86 68.15 16.46
CA VAL B 526 20.57 66.74 16.67
C VAL B 526 20.92 66.35 18.10
N HIS B 527 21.85 67.05 18.73
CA HIS B 527 22.15 66.76 20.12
C HIS B 527 21.07 67.23 21.06
N HIS B 528 20.15 68.06 20.60
CA HIS B 528 18.98 68.40 21.39
C HIS B 528 17.80 67.52 21.05
N ALA B 529 17.86 66.82 19.93
CA ALA B 529 16.95 65.70 19.71
C ALA B 529 17.38 64.49 20.50
N ILE B 530 18.69 64.28 20.59
CA ILE B 530 19.23 63.20 21.41
C ILE B 530 18.97 63.47 22.87
N ALA B 531 19.07 64.73 23.29
CA ALA B 531 18.76 65.08 24.67
C ALA B 531 17.27 65.02 24.94
N LEU B 532 16.44 65.39 23.96
CA LEU B 532 15.01 65.17 24.08
C LEU B 532 14.69 63.70 24.13
N GLY B 533 15.45 62.89 23.39
CA GLY B 533 15.21 61.47 23.39
C GLY B 533 15.59 60.82 24.70
N LEU B 534 16.75 61.18 25.26
CA LEU B 534 17.20 60.58 26.51
C LEU B 534 16.41 61.07 27.72
N HIS B 535 15.67 62.16 27.59
CA HIS B 535 14.92 62.69 28.72
C HIS B 535 13.50 62.17 28.78
N VAL B 536 12.86 62.00 27.62
CA VAL B 536 11.53 61.43 27.64
C VAL B 536 11.60 59.94 27.97
N THR B 537 12.53 59.21 27.37
CA THR B 537 12.62 57.79 27.70
C THR B 537 13.20 57.56 29.08
N THR B 538 13.77 58.57 29.73
CA THR B 538 14.02 58.47 31.16
C THR B 538 12.76 58.78 31.94
N LEU B 539 11.97 59.74 31.44
CA LEU B 539 10.72 60.13 32.09
C LEU B 539 9.71 59.00 32.14
N ILE B 540 9.62 58.21 31.08
CA ILE B 540 8.69 57.08 31.08
C ILE B 540 9.19 55.98 31.98
N LEU B 541 10.51 55.82 32.07
CA LEU B 541 11.09 54.76 32.87
C LEU B 541 11.22 55.12 34.34
N VAL B 542 11.44 56.40 34.65
CA VAL B 542 11.48 56.83 36.04
C VAL B 542 10.08 56.87 36.63
N LYS B 543 9.10 57.37 35.86
CA LYS B 543 7.72 57.29 36.27
C LYS B 543 7.24 55.85 36.37
N GLY B 544 7.78 54.96 35.55
CA GLY B 544 7.44 53.55 35.73
C GLY B 544 8.06 52.95 36.96
N ALA B 545 9.26 53.39 37.32
CA ALA B 545 9.93 52.84 38.49
C ALA B 545 9.41 53.46 39.78
N LEU B 546 9.22 54.79 39.79
CA LEU B 546 8.84 55.44 41.03
C LEU B 546 7.34 55.30 41.32
N ASP B 547 6.49 55.28 40.30
CA ASP B 547 5.08 54.97 40.51
C ASP B 547 4.77 53.50 40.39
N ALA B 548 5.75 52.63 40.65
CA ALA B 548 5.50 51.21 40.66
C ALA B 548 4.84 50.75 41.95
N ARG B 549 4.94 51.53 43.02
CA ARG B 549 4.21 51.23 44.24
C ARG B 549 2.76 51.65 44.12
N GLY B 550 2.51 52.78 43.48
CA GLY B 550 1.16 53.26 43.27
C GLY B 550 1.13 54.78 43.29
N SER B 551 0.06 55.32 42.71
CA SER B 551 -0.20 56.75 42.74
C SER B 551 -1.69 56.91 43.01
N LYS B 552 -2.21 58.13 42.78
CA LYS B 552 -3.59 58.42 43.15
C LYS B 552 -4.62 57.71 42.28
N LEU B 553 -4.22 57.22 41.11
CA LEU B 553 -5.18 56.50 40.29
C LEU B 553 -5.39 55.08 40.81
N MET B 554 -4.34 54.45 41.33
CA MET B 554 -4.48 53.17 42.01
C MET B 554 -3.38 53.02 43.05
N PRO B 555 -3.70 53.18 44.33
CA PRO B 555 -2.69 53.07 45.38
C PRO B 555 -2.33 51.65 45.82
N ASP B 556 -2.64 50.58 45.08
CA ASP B 556 -2.13 49.26 45.44
C ASP B 556 -1.49 48.55 44.25
N LYS B 557 -0.62 49.24 43.52
CA LYS B 557 0.05 48.61 42.38
C LYS B 557 0.97 47.47 42.78
N LYS B 558 1.44 47.45 44.03
CA LYS B 558 2.28 46.35 44.48
C LYS B 558 1.50 45.07 44.66
N ASP B 559 0.22 45.16 45.04
CA ASP B 559 -0.58 43.96 45.24
C ASP B 559 -0.95 43.27 43.93
N PHE B 560 -0.82 43.96 42.79
CA PHE B 560 -1.23 43.41 41.51
C PHE B 560 -0.07 42.86 40.69
N GLY B 561 1.16 43.09 41.11
CA GLY B 561 2.31 42.56 40.43
C GLY B 561 2.95 43.59 39.51
N TYR B 562 3.84 43.09 38.67
CA TYR B 562 4.53 43.93 37.71
C TYR B 562 3.71 44.13 36.44
N ALA B 563 3.32 43.03 35.80
CA ALA B 563 2.63 43.08 34.52
C ALA B 563 1.19 42.64 34.71
N PHE B 564 0.31 43.60 34.85
CA PHE B 564 -1.13 43.41 34.81
C PHE B 564 -1.67 44.37 33.77
N PRO B 565 -2.84 44.09 33.18
CA PRO B 565 -3.37 44.98 32.14
C PRO B 565 -3.76 46.35 32.65
N CYS B 566 -4.59 46.37 33.68
CA CYS B 566 -5.32 47.57 34.04
C CYS B 566 -5.95 47.36 35.42
N ASP B 567 -6.84 48.26 35.79
CA ASP B 567 -7.76 48.08 36.90
C ASP B 567 -9.18 48.44 36.49
N GLY B 568 -9.57 48.05 35.28
CA GLY B 568 -10.93 48.21 34.85
C GLY B 568 -11.16 49.56 34.22
N PRO B 569 -12.40 49.82 33.78
CA PRO B 569 -12.75 51.15 33.28
C PRO B 569 -13.21 52.13 34.35
N GLY B 570 -13.16 51.75 35.62
CA GLY B 570 -13.50 52.67 36.67
C GLY B 570 -12.42 53.70 36.88
N ARG B 571 -12.80 54.77 37.57
CA ARG B 571 -11.94 55.93 37.85
C ARG B 571 -11.42 56.56 36.57
N GLY B 572 -12.29 56.64 35.56
CA GLY B 572 -11.94 57.17 34.27
C GLY B 572 -11.50 56.12 33.27
N GLY B 573 -10.83 55.08 33.72
CA GLY B 573 -10.24 54.08 32.84
C GLY B 573 -8.76 54.07 33.16
N THR B 574 -8.19 52.88 33.24
CA THR B 574 -6.81 52.72 33.67
C THR B 574 -6.04 51.83 32.71
N CYS B 575 -6.13 52.09 31.41
CA CYS B 575 -5.33 51.34 30.44
C CYS B 575 -3.86 51.69 30.65
N ASP B 576 -2.97 50.71 30.47
CA ASP B 576 -1.50 50.91 30.54
C ASP B 576 -1.04 51.49 31.88
N ILE B 577 -1.70 51.14 32.98
CA ILE B 577 -1.38 51.81 34.25
C ILE B 577 -0.18 51.17 34.93
N SER B 578 0.16 49.93 34.60
CA SER B 578 1.14 49.17 35.34
C SER B 578 2.56 49.70 35.10
N ALA B 579 3.48 49.24 35.93
CA ALA B 579 4.88 49.56 35.73
C ALA B 579 5.51 48.74 34.61
N TRP B 580 4.84 47.68 34.15
CA TRP B 580 5.28 47.00 32.95
C TRP B 580 4.98 47.82 31.73
N ASP B 581 3.85 48.52 31.74
CA ASP B 581 3.39 49.30 30.60
C ASP B 581 3.98 50.70 30.57
N ALA B 582 4.94 50.99 31.44
CA ALA B 582 5.78 52.15 31.30
C ALA B 582 7.23 51.79 31.03
N SER B 583 7.60 50.52 31.22
CA SER B 583 8.80 49.93 30.66
C SER B 583 8.59 49.43 29.25
N TYR B 584 7.48 49.82 28.65
CA TYR B 584 6.95 49.38 27.39
C TYR B 584 6.74 50.51 26.40
N LEU B 585 6.19 51.64 26.87
CA LEU B 585 6.13 52.86 26.06
C LEU B 585 7.50 53.47 25.87
N ALA B 586 8.49 53.08 26.67
CA ALA B 586 9.85 53.55 26.55
C ALA B 586 10.71 52.60 25.74
N VAL B 587 10.12 51.61 25.09
CA VAL B 587 10.81 50.91 24.03
C VAL B 587 10.51 51.58 22.69
N PHE B 588 9.34 52.19 22.55
CA PHE B 588 9.08 53.04 21.41
C PHE B 588 9.93 54.30 21.42
N TRP B 589 10.33 54.76 22.59
CA TRP B 589 11.23 55.90 22.70
C TRP B 589 12.68 55.51 22.73
N MET B 590 13.00 54.28 23.07
CA MET B 590 14.37 53.86 22.92
C MET B 590 14.69 53.66 21.45
N LEU B 591 13.79 53.00 20.72
CA LEU B 591 14.00 52.76 19.30
C LEU B 591 13.96 54.05 18.50
N ASN B 592 13.15 55.01 18.92
CA ASN B 592 13.10 56.29 18.25
C ASN B 592 14.39 57.08 18.44
N THR B 593 14.89 57.14 19.68
CA THR B 593 16.08 57.92 19.97
C THR B 593 17.30 57.34 19.28
N LEU B 594 17.41 56.03 19.23
CA LEU B 594 18.46 55.38 18.45
C LEU B 594 18.13 55.30 16.97
N GLY B 595 16.98 55.80 16.56
CA GLY B 595 16.74 56.16 15.18
C GLY B 595 16.99 57.62 14.92
N TRP B 596 17.49 58.34 15.91
CA TRP B 596 18.00 59.69 15.75
C TRP B 596 19.49 59.75 15.95
N VAL B 597 20.02 58.90 16.84
CA VAL B 597 21.46 58.76 17.00
C VAL B 597 22.06 58.13 15.75
N THR B 598 21.55 56.98 15.35
CA THR B 598 22.15 56.24 14.25
C THR B 598 21.69 56.74 12.88
N PHE B 599 20.72 57.65 12.82
CA PHE B 599 20.44 58.37 11.58
C PHE B 599 21.39 59.52 11.39
N TYR B 600 21.96 60.02 12.47
CA TYR B 600 22.87 61.15 12.45
C TYR B 600 24.32 60.69 12.42
N TRP B 601 24.61 59.53 13.00
CA TRP B 601 25.90 58.90 12.77
C TRP B 601 26.06 58.54 11.30
N HIS B 602 25.01 58.00 10.71
CA HIS B 602 25.12 57.51 9.34
C HIS B 602 25.23 58.66 8.36
N TRP B 603 24.40 59.69 8.50
CA TRP B 603 24.43 60.77 7.54
C TRP B 603 25.64 61.68 7.71
N LYS B 604 26.17 61.83 8.92
CA LYS B 604 27.41 62.57 9.05
C LYS B 604 28.57 61.82 8.43
N HIS B 605 28.55 60.50 8.51
CA HIS B 605 29.63 59.71 7.95
C HIS B 605 29.42 59.37 6.49
N LEU B 606 28.19 59.30 6.01
CA LEU B 606 27.96 59.11 4.58
C LEU B 606 28.26 60.37 3.78
N SER B 607 28.39 61.52 4.43
CA SER B 607 28.83 62.74 3.79
C SER B 607 30.33 62.89 3.81
N ILE B 608 31.01 62.24 4.75
CA ILE B 608 32.46 62.29 4.80
C ILE B 608 33.06 61.24 3.87
N TRP B 609 32.47 60.05 3.84
CA TRP B 609 32.99 58.99 2.99
C TRP B 609 32.74 59.26 1.51
N GLN B 610 31.67 59.99 1.19
CA GLN B 610 31.41 60.38 -0.19
C GLN B 610 32.03 61.72 -0.53
N GLY B 611 32.77 62.33 0.39
CA GLY B 611 33.41 63.60 0.16
C GLY B 611 32.51 64.82 0.28
N ASN B 612 31.19 64.65 0.16
CA ASN B 612 30.25 65.77 0.14
C ASN B 612 29.93 66.21 1.56
N VAL B 613 30.95 66.79 2.21
CA VAL B 613 30.80 67.25 3.59
C VAL B 613 29.91 68.49 3.64
N ALA B 614 29.85 69.26 2.57
CA ALA B 614 28.95 70.41 2.49
C ALA B 614 27.52 70.02 2.13
N GLN B 615 27.18 68.74 2.12
CA GLN B 615 25.80 68.29 2.00
C GLN B 615 25.13 68.18 3.35
N PHE B 616 25.80 67.55 4.31
CA PHE B 616 25.29 67.49 5.68
C PHE B 616 25.33 68.85 6.32
N ASN B 617 26.34 69.66 6.02
CA ASN B 617 26.54 70.88 6.77
C ASN B 617 25.60 72.01 6.36
N GLU B 618 24.85 71.84 5.27
CA GLU B 618 23.91 72.86 4.84
C GLU B 618 22.47 72.41 4.84
N SER B 619 22.19 71.10 4.94
CA SER B 619 20.83 70.61 4.81
C SER B 619 20.45 69.67 5.95
N SER B 620 21.18 69.70 7.06
CA SER B 620 20.75 69.01 8.26
C SER B 620 20.14 69.96 9.27
N THR B 621 20.03 71.23 8.93
CA THR B 621 19.47 72.22 9.83
C THR B 621 17.96 72.36 9.68
N TYR B 622 17.37 71.64 8.74
CA TYR B 622 15.93 71.61 8.55
C TYR B 622 15.52 70.19 8.20
N LEU B 623 14.25 69.88 8.41
CA LEU B 623 13.80 68.49 8.36
C LEU B 623 13.48 68.01 6.95
N MET B 624 13.57 68.86 5.95
CA MET B 624 13.41 68.37 4.59
C MET B 624 14.69 67.71 4.10
N GLY B 625 15.84 68.29 4.42
CA GLY B 625 17.10 67.70 4.00
C GLY B 625 17.39 66.39 4.69
N TRP B 626 16.86 66.19 5.90
CA TRP B 626 16.93 64.90 6.55
C TRP B 626 16.09 63.86 5.81
N PHE B 627 15.04 64.31 5.15
CA PHE B 627 14.11 63.46 4.42
C PHE B 627 14.44 63.36 2.94
N ARG B 628 14.90 64.45 2.34
CA ARG B 628 15.28 64.43 0.93
C ARG B 628 16.67 63.84 0.75
N ASP B 629 17.66 64.38 1.46
CA ASP B 629 19.04 64.04 1.17
C ASP B 629 19.53 62.80 1.89
N TYR B 630 18.84 62.34 2.92
CA TYR B 630 19.25 61.12 3.60
C TYR B 630 18.34 59.94 3.28
N LEU B 631 17.04 60.05 3.53
CA LEU B 631 16.16 58.91 3.38
C LEU B 631 15.82 58.65 1.92
N TRP B 632 15.38 59.70 1.22
CA TRP B 632 14.94 59.51 -0.16
C TRP B 632 16.12 59.31 -1.10
N ALA B 633 17.25 59.97 -0.84
CA ALA B 633 18.37 59.91 -1.75
C ALA B 633 19.15 58.60 -1.63
N ASN B 634 19.43 58.16 -0.41
CA ASN B 634 20.27 56.99 -0.22
C ASN B 634 19.52 55.67 -0.36
N SER B 635 18.20 55.70 -0.46
CA SER B 635 17.45 54.49 -0.72
C SER B 635 17.26 54.22 -2.20
N ALA B 636 17.97 54.96 -3.06
CA ALA B 636 17.88 54.75 -4.50
C ALA B 636 18.52 53.42 -4.89
N GLN B 637 19.73 53.19 -4.40
CA GLN B 637 20.49 51.98 -4.72
C GLN B 637 20.01 50.76 -3.93
N LEU B 638 19.15 50.96 -2.93
CA LEU B 638 18.66 49.87 -2.10
C LEU B 638 17.43 49.21 -2.71
N ILE B 639 16.39 50.00 -3.03
CA ILE B 639 15.17 49.44 -3.59
C ILE B 639 15.34 48.94 -5.02
N ASN B 640 16.44 49.30 -5.68
CA ASN B 640 16.82 48.71 -6.95
C ASN B 640 17.66 47.46 -6.77
N GLY B 641 17.49 46.76 -5.65
CA GLY B 641 18.12 45.47 -5.48
C GLY B 641 17.55 44.43 -6.41
N TYR B 642 16.31 44.60 -6.84
CA TYR B 642 15.77 43.81 -7.93
C TYR B 642 14.76 44.67 -8.67
N ASN B 643 15.13 45.12 -9.85
CA ASN B 643 14.23 45.77 -10.78
C ASN B 643 13.62 44.72 -11.70
N PRO B 644 12.68 45.07 -12.58
CA PRO B 644 12.22 44.08 -13.58
C PRO B 644 13.29 43.62 -14.55
N TYR B 645 14.42 44.31 -14.66
CA TYR B 645 15.44 44.00 -15.63
C TYR B 645 16.61 43.21 -15.06
N GLY B 646 16.64 42.97 -13.75
CA GLY B 646 17.76 42.23 -13.19
C GLY B 646 17.67 42.07 -11.68
N THR B 647 18.82 41.75 -11.10
CA THR B 647 18.98 41.40 -9.69
C THR B 647 20.46 41.46 -9.34
N ASN B 648 20.83 42.21 -8.30
CA ASN B 648 22.23 42.31 -7.90
C ASN B 648 22.41 41.76 -6.48
N ASN B 649 23.58 42.02 -5.90
CA ASN B 649 23.94 41.47 -4.59
C ASN B 649 23.16 42.10 -3.44
N LEU B 650 22.46 43.21 -3.68
CA LEU B 650 21.59 43.79 -2.67
C LEU B 650 20.16 43.30 -2.77
N ALA B 651 19.94 42.16 -3.40
CA ALA B 651 18.58 41.65 -3.55
C ALA B 651 18.05 41.05 -2.27
N VAL B 652 18.92 40.74 -1.31
CA VAL B 652 18.45 40.29 -0.01
C VAL B 652 18.28 41.46 0.95
N TRP B 653 19.04 42.53 0.77
CA TRP B 653 18.81 43.72 1.57
C TRP B 653 17.65 44.54 1.04
N ALA B 654 17.30 44.40 -0.24
CA ALA B 654 16.08 45.00 -0.75
C ALA B 654 14.85 44.24 -0.32
N TRP B 655 15.01 42.99 0.07
CA TRP B 655 13.93 42.14 0.53
C TRP B 655 13.74 42.24 2.03
N MET B 656 14.83 42.33 2.78
CA MET B 656 14.76 42.52 4.23
C MET B 656 14.26 43.90 4.58
N PHE B 657 14.58 44.89 3.76
CA PHE B 657 14.05 46.24 3.91
C PHE B 657 12.53 46.27 3.78
N LEU B 658 11.98 45.36 3.00
CA LEU B 658 10.55 45.30 2.77
C LEU B 658 9.88 44.25 3.64
N PHE B 659 10.64 43.27 4.09
CA PHE B 659 10.22 42.39 5.18
C PHE B 659 10.10 43.15 6.48
N GLY B 660 10.88 44.21 6.67
CA GLY B 660 10.82 44.99 7.88
C GLY B 660 9.74 46.05 7.88
N HIS B 661 9.25 46.44 6.72
CA HIS B 661 8.05 47.27 6.70
C HIS B 661 6.82 46.44 7.01
N LEU B 662 6.83 45.18 6.60
CA LEU B 662 5.71 44.29 6.89
C LEU B 662 5.66 43.93 8.36
N ALA B 663 6.82 43.70 8.97
CA ALA B 663 6.85 43.39 10.40
C ALA B 663 6.55 44.61 11.24
N TRP B 664 6.84 45.80 10.76
CA TRP B 664 6.47 47.01 11.49
C TRP B 664 4.97 47.25 11.41
N ALA B 665 4.40 47.08 10.23
CA ALA B 665 2.98 47.34 10.04
C ALA B 665 2.10 46.30 10.69
N VAL B 666 2.59 45.07 10.82
CA VAL B 666 1.82 44.04 11.46
C VAL B 666 1.83 44.23 12.96
N SER B 667 2.80 45.00 13.48
CA SER B 667 2.83 45.32 14.90
C SER B 667 1.67 46.20 15.27
N PHE B 668 1.25 47.07 14.36
CA PHE B 668 0.16 48.01 14.62
C PHE B 668 -1.18 47.31 14.80
N MET B 669 -1.32 46.10 14.25
CA MET B 669 -2.56 45.34 14.48
C MET B 669 -2.68 44.96 15.94
N PHE B 670 -1.57 44.61 16.57
CA PHE B 670 -1.56 44.27 17.97
C PHE B 670 -1.55 45.48 18.88
N LEU B 671 -1.35 46.67 18.33
CA LEU B 671 -1.28 47.88 19.13
C LEU B 671 -2.48 48.78 18.97
N ILE B 672 -3.13 48.78 17.81
CA ILE B 672 -4.32 49.59 17.59
C ILE B 672 -5.54 48.78 17.96
N THR B 673 -5.71 47.61 17.35
CA THR B 673 -6.80 46.73 17.72
C THR B 673 -6.49 46.09 19.06
N TRP B 674 -7.50 45.99 19.90
CA TRP B 674 -7.34 45.47 21.24
C TRP B 674 -8.19 44.21 21.37
N ARG B 675 -8.23 43.64 22.59
CA ARG B 675 -8.49 42.21 22.73
C ARG B 675 -9.94 41.82 22.45
N GLY B 676 -10.89 42.66 22.80
CA GLY B 676 -12.25 42.22 22.62
C GLY B 676 -12.81 42.44 21.25
N TYR B 677 -12.04 42.99 20.31
CA TYR B 677 -12.45 42.84 18.92
C TYR B 677 -12.27 41.40 18.49
N TRP B 678 -11.19 40.77 18.94
CA TRP B 678 -10.77 39.46 18.47
C TRP B 678 -11.39 38.32 19.23
N GLN B 679 -11.90 38.57 20.43
CA GLN B 679 -12.54 37.50 21.17
C GLN B 679 -13.93 37.24 20.65
N GLU B 680 -14.58 38.25 20.07
CA GLU B 680 -15.88 38.03 19.45
C GLU B 680 -15.75 37.45 18.06
N LEU B 681 -14.55 37.45 17.48
CA LEU B 681 -14.27 36.91 16.15
C LEU B 681 -13.77 35.48 16.23
N ILE B 682 -13.00 35.15 17.26
CA ILE B 682 -12.61 33.77 17.51
C ILE B 682 -13.78 32.97 18.04
N GLU B 683 -14.71 33.64 18.76
CA GLU B 683 -15.98 33.02 19.15
C GLU B 683 -16.85 32.67 17.96
N THR B 684 -16.64 33.30 16.81
CA THR B 684 -17.38 33.06 15.59
C THR B 684 -16.72 32.00 14.74
N LEU B 685 -15.38 32.01 14.64
CA LEU B 685 -14.68 30.96 13.93
C LEU B 685 -14.66 29.65 14.69
N ALA B 686 -14.88 29.69 16.01
CA ALA B 686 -15.06 28.45 16.76
C ALA B 686 -16.48 27.92 16.67
N TRP B 687 -17.44 28.77 16.31
CA TRP B 687 -18.76 28.25 15.96
C TRP B 687 -18.70 27.49 14.66
N ALA B 688 -18.08 28.07 13.63
CA ALA B 688 -18.04 27.47 12.31
C ALA B 688 -17.17 26.24 12.23
N HIS B 689 -16.36 25.97 13.25
CA HIS B 689 -15.61 24.73 13.28
C HIS B 689 -16.41 23.61 13.90
N GLU B 690 -17.25 23.91 14.88
CA GLU B 690 -18.01 22.86 15.52
C GLU B 690 -19.21 22.43 14.68
N GLN B 691 -19.73 23.31 13.83
CA GLN B 691 -20.94 23.03 13.07
C GLN B 691 -20.65 22.68 11.62
N THR B 692 -19.44 22.25 11.30
CA THR B 692 -19.16 21.89 9.93
C THR B 692 -18.83 20.40 9.83
N PRO B 693 -19.16 19.76 8.73
CA PRO B 693 -18.77 18.37 8.55
C PRO B 693 -17.34 18.25 8.04
N LEU B 694 -16.82 17.02 8.16
CA LEU B 694 -15.50 16.59 7.67
C LEU B 694 -14.35 17.36 8.29
N SER B 695 -14.56 18.01 9.44
CA SER B 695 -13.49 18.68 10.16
C SER B 695 -13.35 17.92 11.48
N PHE B 696 -12.48 16.92 11.49
CA PHE B 696 -12.41 16.00 12.61
C PHE B 696 -11.50 16.46 13.72
N GLY B 697 -10.74 17.52 13.52
CA GLY B 697 -9.99 18.09 14.62
C GLY B 697 -10.89 18.74 15.64
N TYR B 698 -10.34 18.96 16.83
CA TYR B 698 -11.03 19.69 17.87
C TYR B 698 -9.97 20.20 18.83
N TRP B 699 -10.15 21.42 19.32
CA TRP B 699 -9.12 22.05 20.12
C TRP B 699 -9.00 21.38 21.48
N ARG B 700 -7.78 21.02 21.83
CA ARG B 700 -7.53 20.47 23.16
C ARG B 700 -7.75 21.53 24.22
N ASP B 701 -7.33 22.75 23.93
CA ASP B 701 -7.51 23.90 24.80
C ASP B 701 -8.12 25.03 24.00
N LYS B 702 -9.12 25.69 24.57
CA LYS B 702 -10.05 26.50 23.81
C LYS B 702 -9.38 27.75 23.26
N PRO B 703 -9.59 28.07 21.99
CA PRO B 703 -8.95 29.26 21.41
C PRO B 703 -9.52 30.54 22.00
N VAL B 704 -8.66 31.29 22.66
CA VAL B 704 -9.02 32.63 23.10
C VAL B 704 -8.14 33.60 22.34
N ALA B 705 -8.62 34.83 22.18
CA ALA B 705 -7.77 35.92 21.78
C ALA B 705 -6.71 36.12 22.85
N LEU B 706 -5.47 36.26 22.44
CA LEU B 706 -4.36 36.35 23.38
C LEU B 706 -4.45 37.64 24.18
N SER B 707 -3.89 37.62 25.39
CA SER B 707 -4.32 38.52 26.45
C SER B 707 -3.84 39.94 26.22
N ILE B 708 -4.15 40.81 27.18
CA ILE B 708 -3.90 42.24 27.01
C ILE B 708 -2.42 42.54 27.08
N VAL B 709 -1.76 42.13 28.16
CA VAL B 709 -0.32 42.37 28.31
C VAL B 709 0.54 41.45 27.48
N GLN B 710 -0.06 40.52 26.74
CA GLN B 710 0.70 39.69 25.82
C GLN B 710 0.81 40.34 24.45
N ALA B 711 -0.29 40.88 23.93
CA ALA B 711 -0.24 41.54 22.63
C ALA B 711 0.45 42.87 22.66
N ARG B 712 0.62 43.47 23.83
CA ARG B 712 1.54 44.58 23.92
C ARG B 712 2.96 44.10 23.71
N LEU B 713 3.28 42.90 24.16
CA LEU B 713 4.61 42.34 23.95
C LEU B 713 4.73 41.73 22.56
N VAL B 714 3.66 41.10 22.06
CA VAL B 714 3.68 40.55 20.70
C VAL B 714 3.70 41.68 19.68
N GLY B 715 3.09 42.81 19.99
CA GLY B 715 3.15 43.96 19.11
C GLY B 715 4.31 44.88 19.33
N LEU B 716 5.11 44.64 20.35
CA LEU B 716 6.38 45.34 20.50
C LEU B 716 7.54 44.55 19.93
N THR B 717 7.39 43.23 19.87
CA THR B 717 8.39 42.40 19.23
C THR B 717 8.43 42.66 17.73
N HIS B 718 7.27 42.84 17.10
CA HIS B 718 7.25 43.09 15.66
C HIS B 718 7.66 44.51 15.34
N PHE B 719 7.31 45.46 16.20
CA PHE B 719 7.76 46.84 16.04
C PHE B 719 9.27 46.91 16.10
N THR B 720 9.88 46.16 17.01
CA THR B 720 11.33 46.18 17.17
C THR B 720 12.03 45.47 16.03
N VAL B 721 11.54 44.29 15.66
CA VAL B 721 12.14 43.52 14.56
C VAL B 721 11.96 44.25 13.24
N GLY B 722 10.81 44.88 13.02
CA GLY B 722 10.64 45.68 11.84
C GLY B 722 11.38 47.00 11.86
N TYR B 723 11.83 47.44 13.03
CA TYR B 723 12.69 48.60 13.14
C TYR B 723 14.13 48.26 12.80
N ILE B 724 14.52 47.02 13.03
CA ILE B 724 15.89 46.57 12.91
C ILE B 724 16.14 45.89 11.57
N ALA B 725 15.15 45.17 11.06
CA ALA B 725 15.27 44.62 9.72
C ALA B 725 15.19 45.69 8.65
N THR B 726 14.60 46.84 8.95
CA THR B 726 14.54 47.91 7.97
C THR B 726 15.76 48.81 8.01
N TYR B 727 16.23 49.14 9.20
CA TYR B 727 17.42 49.99 9.28
C TYR B 727 18.69 49.18 9.17
N GLY B 728 18.68 47.94 9.58
CA GLY B 728 19.83 47.12 9.33
C GLY B 728 19.91 46.56 7.93
N ALA B 729 19.00 46.95 7.04
CA ALA B 729 19.11 46.68 5.62
C ALA B 729 19.24 47.94 4.80
N PHE B 730 18.94 49.10 5.36
CA PHE B 730 19.25 50.37 4.74
C PHE B 730 20.67 50.79 5.03
N LEU B 731 21.13 50.60 6.26
CA LEU B 731 22.50 50.96 6.60
C LEU B 731 23.50 50.03 5.94
N ILE B 732 23.12 48.78 5.69
CA ILE B 732 24.03 47.86 5.03
C ILE B 732 24.07 48.10 3.53
N ALA B 733 22.91 48.36 2.91
CA ALA B 733 22.86 48.46 1.47
C ALA B 733 23.08 49.87 0.93
N SER B 734 22.97 50.90 1.75
CA SER B 734 23.33 52.23 1.27
C SER B 734 24.76 52.60 1.56
N THR B 735 25.53 51.68 2.14
CA THR B 735 26.95 51.85 2.35
C THR B 735 27.78 50.90 1.52
N ALA B 736 27.31 49.67 1.32
CA ALA B 736 27.99 48.68 0.51
C ALA B 736 27.69 48.82 -0.98
N SER B 737 26.99 49.87 -1.39
CA SER B 737 26.78 50.16 -2.80
C SER B 737 27.38 51.49 -3.20
N LYS B 738 27.01 52.57 -2.53
CA LYS B 738 27.59 53.88 -2.75
C LYS B 738 28.51 54.16 -1.57
N PHE B 739 29.77 53.74 -1.71
CA PHE B 739 30.74 53.74 -0.62
C PHE B 739 31.08 55.14 -0.14
N SER C 2 -11.85 31.48 39.08
CA SER C 2 -11.16 31.43 40.34
C SER C 2 -10.30 32.66 40.56
N HIS C 3 -10.96 33.81 40.66
CA HIS C 3 -10.31 35.05 41.01
C HIS C 3 -10.36 35.20 42.54
N THR C 4 -10.11 36.39 43.06
CA THR C 4 -10.11 36.60 44.50
C THR C 4 -10.76 37.95 44.78
N VAL C 5 -11.98 37.93 45.28
CA VAL C 5 -12.72 39.16 45.59
C VAL C 5 -12.68 39.34 47.09
N LYS C 6 -11.73 40.14 47.57
CA LYS C 6 -11.68 40.50 48.98
C LYS C 6 -12.51 41.75 49.23
N ILE C 7 -12.96 41.88 50.47
CA ILE C 7 -13.83 42.99 50.87
C ILE C 7 -13.31 43.54 52.19
N TYR C 8 -13.08 44.84 52.24
CA TYR C 8 -12.42 45.50 53.34
C TYR C 8 -13.43 46.27 54.18
N ASP C 9 -13.01 46.72 55.36
CA ASP C 9 -13.98 47.27 56.30
C ASP C 9 -14.29 48.73 56.07
N THR C 10 -13.97 49.29 54.90
CA THR C 10 -14.38 50.65 54.58
C THR C 10 -15.76 50.66 53.95
N CYS C 11 -16.45 49.52 53.96
CA CYS C 11 -17.77 49.36 53.36
C CYS C 11 -18.79 50.24 54.06
N ILE C 12 -19.83 50.62 53.32
CA ILE C 12 -20.93 51.39 53.87
C ILE C 12 -22.28 50.73 53.66
N GLY C 13 -22.31 49.56 53.03
CA GLY C 13 -23.55 48.82 52.86
C GLY C 13 -24.54 49.45 51.91
N CYS C 14 -24.07 50.05 50.82
CA CYS C 14 -24.99 50.66 49.87
C CYS C 14 -25.46 49.69 48.79
N THR C 15 -25.03 48.43 48.87
CA THR C 15 -25.43 47.30 48.01
C THR C 15 -25.15 47.52 46.53
N GLN C 16 -24.33 48.51 46.17
CA GLN C 16 -24.16 48.84 44.76
C GLN C 16 -23.26 47.86 44.02
N CYS C 17 -22.36 47.18 44.72
CA CYS C 17 -21.54 46.19 44.04
C CYS C 17 -22.32 44.93 43.74
N VAL C 18 -23.34 44.64 44.54
CA VAL C 18 -24.12 43.43 44.34
C VAL C 18 -25.08 43.58 43.18
N ARG C 19 -25.61 44.79 43.00
CA ARG C 19 -26.50 45.04 41.87
C ARG C 19 -25.73 45.13 40.55
N ALA C 20 -24.43 45.41 40.60
CA ALA C 20 -23.63 45.56 39.40
C ALA C 20 -22.95 44.28 38.95
N CYS C 21 -22.85 43.29 39.81
CA CYS C 21 -22.26 42.00 39.46
C CYS C 21 -23.13 41.26 38.45
N PRO C 22 -22.60 40.89 37.29
CA PRO C 22 -23.38 40.16 36.30
C PRO C 22 -23.45 38.66 36.50
N THR C 23 -22.82 38.12 37.54
CA THR C 23 -22.66 36.68 37.64
C THR C 23 -23.07 36.19 39.03
N ASP C 24 -23.53 37.07 39.91
CA ASP C 24 -23.91 36.77 41.30
C ASP C 24 -22.75 36.12 42.05
N VAL C 25 -21.72 36.93 42.25
CA VAL C 25 -20.61 36.57 43.10
C VAL C 25 -20.76 37.18 44.49
N LEU C 26 -21.25 38.40 44.55
CA LEU C 26 -21.36 39.12 45.81
C LEU C 26 -22.77 39.03 46.37
N GLU C 27 -22.87 39.18 47.68
CA GLU C 27 -24.17 39.17 48.35
C GLU C 27 -24.00 39.89 49.67
N MET C 28 -25.11 40.39 50.21
CA MET C 28 -25.07 41.20 51.42
C MET C 28 -25.32 40.34 52.64
N VAL C 29 -24.40 40.43 53.61
CA VAL C 29 -24.51 39.71 54.87
C VAL C 29 -24.66 40.77 55.97
N PRO C 30 -25.20 40.45 57.14
CA PRO C 30 -25.33 41.49 58.18
C PRO C 30 -24.02 41.77 58.88
N TRP C 31 -23.90 43.01 59.35
CA TRP C 31 -22.69 43.51 59.98
C TRP C 31 -23.10 44.54 61.03
N ASP C 32 -22.10 45.07 61.72
CA ASP C 32 -22.32 46.04 62.78
C ASP C 32 -21.67 47.39 62.53
N GLY C 33 -20.80 47.49 61.53
CA GLY C 33 -20.04 48.71 61.35
C GLY C 33 -20.57 49.66 60.31
N CYS C 34 -21.86 49.61 60.01
CA CYS C 34 -22.47 50.55 59.07
C CYS C 34 -23.87 50.92 59.54
N ARG C 35 -24.43 51.95 58.92
CA ARG C 35 -25.81 52.31 59.20
C ARG C 35 -26.79 51.36 58.53
N ALA C 36 -26.42 50.80 57.39
CA ALA C 36 -27.25 49.76 56.79
C ALA C 36 -27.10 48.44 57.54
N GLY C 37 -26.06 48.30 58.35
CA GLY C 37 -25.82 47.05 59.04
C GLY C 37 -25.38 45.92 58.15
N GLN C 38 -24.95 46.23 56.93
CA GLN C 38 -24.59 45.21 55.95
C GLN C 38 -23.13 45.36 55.56
N ILE C 39 -22.60 44.29 54.99
CA ILE C 39 -21.32 44.30 54.31
C ILE C 39 -21.41 43.25 53.21
N ALA C 40 -20.72 43.48 52.11
CA ALA C 40 -20.72 42.50 51.05
C ALA C 40 -19.84 41.31 51.40
N SER C 41 -20.18 40.15 50.87
CA SER C 41 -19.33 38.99 50.93
C SER C 41 -19.39 38.30 49.59
N SER C 42 -18.35 37.53 49.27
CA SER C 42 -18.22 36.87 47.98
C SER C 42 -18.12 35.37 48.16
N PRO C 43 -19.24 34.65 48.23
CA PRO C 43 -19.18 33.19 48.39
C PRO C 43 -19.04 32.44 47.08
N ARG C 44 -19.35 33.11 45.98
CA ARG C 44 -19.37 32.45 44.69
C ARG C 44 -18.25 33.01 43.83
N THR C 45 -17.07 33.13 44.44
CA THR C 45 -15.88 33.66 43.78
C THR C 45 -15.38 32.73 42.69
N GLU C 46 -15.81 31.46 42.67
CA GLU C 46 -15.55 30.61 41.52
C GLU C 46 -16.31 31.06 40.28
N ASP C 47 -17.38 31.86 40.44
CA ASP C 47 -18.09 32.46 39.32
C ASP C 47 -17.60 33.86 38.99
N CYS C 48 -16.47 34.28 39.55
CA CYS C 48 -15.97 35.62 39.26
C CYS C 48 -15.45 35.67 37.84
N VAL C 49 -16.10 36.49 37.01
CA VAL C 49 -15.71 36.60 35.62
C VAL C 49 -14.58 37.61 35.45
N GLY C 50 -14.25 38.37 36.49
CA GLY C 50 -13.10 39.24 36.51
C GLY C 50 -13.35 40.64 36.00
N CYS C 51 -14.58 41.00 35.67
CA CYS C 51 -14.83 42.18 34.85
C CYS C 51 -14.75 43.49 35.62
N LYS C 52 -14.58 43.45 36.94
CA LYS C 52 -14.38 44.63 37.81
C LYS C 52 -15.48 45.66 37.68
N ARG C 53 -16.71 45.20 37.47
CA ARG C 53 -17.86 46.09 37.44
C ARG C 53 -18.38 46.40 38.82
N CYS C 54 -18.04 45.57 39.80
CA CYS C 54 -18.30 45.90 41.20
C CYS C 54 -17.36 46.97 41.69
N GLU C 55 -16.22 47.14 41.04
CA GLU C 55 -15.24 48.11 41.44
C GLU C 55 -15.56 49.51 40.94
N THR C 56 -16.29 49.62 39.83
CA THR C 56 -16.70 50.92 39.34
C THR C 56 -17.91 51.45 40.10
N ALA C 57 -18.60 50.62 40.86
CA ALA C 57 -19.82 51.00 41.55
C ALA C 57 -19.59 51.36 43.01
N CYS C 58 -18.45 51.01 43.58
CA CYS C 58 -18.14 51.30 44.98
C CYS C 58 -17.91 52.79 45.17
N PRO C 59 -18.69 53.47 46.02
CA PRO C 59 -18.50 54.91 46.21
C PRO C 59 -17.53 55.32 47.30
N THR C 60 -16.95 54.38 48.04
CA THR C 60 -15.96 54.76 49.04
C THR C 60 -14.65 55.09 48.35
N ASP C 61 -13.95 56.10 48.86
CA ASP C 61 -12.72 56.54 48.21
C ASP C 61 -11.60 55.56 48.50
N PHE C 62 -10.90 55.21 47.43
CA PHE C 62 -10.06 54.01 47.34
C PHE C 62 -10.82 52.80 47.87
N LEU C 63 -11.74 52.38 47.02
CA LEU C 63 -12.83 51.43 47.18
C LEU C 63 -12.60 50.22 48.06
N SER C 64 -13.67 49.77 48.69
CA SER C 64 -13.67 48.75 49.73
C SER C 64 -13.76 47.34 49.19
N ILE C 65 -13.71 47.14 47.88
CA ILE C 65 -13.78 45.82 47.28
C ILE C 65 -12.72 45.75 46.18
N ARG C 66 -12.02 44.64 46.10
CA ARG C 66 -11.04 44.44 45.04
C ARG C 66 -11.32 43.14 44.35
N VAL C 67 -10.94 43.07 43.08
CA VAL C 67 -10.86 41.83 42.34
C VAL C 67 -9.40 41.64 41.97
N TYR C 68 -8.79 40.58 42.48
CA TYR C 68 -7.40 40.27 42.18
C TYR C 68 -7.41 39.16 41.14
N LEU C 69 -7.07 39.52 39.90
CA LEU C 69 -7.18 38.62 38.76
C LEU C 69 -6.12 37.53 38.90
N GLY C 70 -6.58 36.29 39.11
CA GLY C 70 -5.67 35.20 39.38
C GLY C 70 -5.71 34.09 38.35
N ALA C 71 -5.66 32.84 38.81
CA ALA C 71 -5.65 31.69 37.92
C ALA C 71 -7.00 31.56 37.22
N GLU C 72 -7.03 31.89 35.94
CA GLU C 72 -8.27 31.93 35.19
C GLU C 72 -8.66 30.54 34.73
N THR C 73 -9.96 30.25 34.80
CA THR C 73 -10.47 28.95 34.40
C THR C 73 -11.57 29.09 33.35
N THR C 74 -12.30 28.02 33.08
CA THR C 74 -13.23 28.01 31.96
C THR C 74 -14.48 28.82 32.27
N ARG C 75 -14.84 28.98 33.54
CA ARG C 75 -15.96 29.84 33.89
C ARG C 75 -15.53 31.20 34.39
N SER C 76 -14.23 31.42 34.57
CA SER C 76 -13.68 32.72 34.88
C SER C 76 -13.14 33.42 33.65
N MET C 77 -13.44 32.91 32.47
CA MET C 77 -13.04 33.55 31.23
C MET C 77 -14.21 33.69 30.27
N GLY C 78 -15.39 33.18 30.63
CA GLY C 78 -16.58 33.38 29.83
C GLY C 78 -16.54 32.71 28.48
N LEU C 79 -16.30 31.41 28.47
CA LEU C 79 -16.23 30.65 27.22
C LEU C 79 -17.48 29.78 27.12
N ALA C 80 -18.32 30.08 26.15
CA ALA C 80 -19.50 29.27 25.86
C ALA C 80 -19.20 28.13 24.90
N TYR C 81 -17.94 27.94 24.52
CA TYR C 81 -17.54 26.87 23.62
C TYR C 81 -16.48 26.00 24.25
N THR D 21 -36.25 18.75 40.63
CA THR D 21 -35.48 19.04 39.42
C THR D 21 -36.03 20.29 38.71
N LEU D 22 -36.14 20.20 37.39
CA LEU D 22 -36.58 21.31 36.56
C LEU D 22 -37.60 20.83 35.54
N SER D 23 -38.51 21.73 35.17
CA SER D 23 -39.55 21.45 34.18
C SER D 23 -40.08 22.79 33.68
N GLY D 24 -40.81 22.72 32.58
CA GLY D 24 -41.44 23.90 32.00
C GLY D 24 -41.39 23.82 30.49
N GLN D 25 -42.25 24.62 29.86
CA GLN D 25 -42.30 24.69 28.41
C GLN D 25 -41.33 25.73 27.89
N THR D 26 -40.66 25.41 26.80
CA THR D 26 -39.72 26.34 26.19
C THR D 26 -40.48 27.49 25.52
N PRO D 27 -39.90 28.68 25.47
CA PRO D 27 -40.54 29.80 24.77
C PRO D 27 -40.55 29.58 23.26
N ILE D 28 -41.41 30.33 22.58
CA ILE D 28 -41.49 30.22 21.13
C ILE D 28 -40.26 30.91 20.57
N PHE D 29 -39.27 30.11 20.20
CA PHE D 29 -38.02 30.61 19.64
C PHE D 29 -37.74 29.83 18.38
N GLY D 30 -37.46 30.53 17.29
CA GLY D 30 -37.32 29.87 16.01
C GLY D 30 -35.95 29.33 15.72
N GLY D 31 -35.17 29.04 16.76
CA GLY D 31 -33.82 28.57 16.59
C GLY D 31 -32.85 29.72 16.45
N SER D 32 -31.63 29.55 16.93
CA SER D 32 -30.62 30.59 16.85
C SER D 32 -29.29 29.97 16.50
N THR D 33 -28.24 30.72 16.72
CA THR D 33 -26.90 30.28 16.38
C THR D 33 -25.98 30.56 17.57
N GLY D 34 -26.33 31.55 18.35
CA GLY D 34 -25.60 31.84 19.57
C GLY D 34 -25.97 30.99 20.76
N GLY D 35 -26.63 29.86 20.54
CA GLY D 35 -27.07 29.00 21.61
C GLY D 35 -25.99 28.09 22.18
N LEU D 36 -26.35 26.86 22.49
CA LEU D 36 -25.42 25.92 23.10
C LEU D 36 -24.43 25.38 22.09
N LEU D 37 -23.27 24.96 22.59
CA LEU D 37 -22.22 24.39 21.77
C LEU D 37 -21.83 23.06 22.41
N LYS D 38 -20.68 22.50 21.99
CA LYS D 38 -20.21 21.24 22.56
C LYS D 38 -19.78 21.36 24.02
N LYS D 39 -19.60 22.57 24.54
CA LYS D 39 -19.32 22.74 25.97
C LYS D 39 -20.54 22.40 26.81
N ALA D 40 -21.73 22.71 26.31
CA ALA D 40 -22.96 22.47 27.07
C ALA D 40 -23.30 21.00 27.19
N GLU D 41 -22.81 20.17 26.29
CA GLU D 41 -23.05 18.74 26.35
C GLU D 41 -22.00 18.02 27.19
N VAL D 42 -20.82 18.62 27.35
CA VAL D 42 -19.65 17.93 27.88
C VAL D 42 -19.23 18.48 29.24
N GLU D 43 -19.33 19.79 29.46
CA GLU D 43 -18.86 20.33 30.73
C GLU D 43 -19.97 20.76 31.68
N GLU D 44 -20.82 21.70 31.28
CA GLU D 44 -21.88 22.23 32.13
C GLU D 44 -22.83 23.04 31.27
N LYS D 45 -24.02 23.27 31.80
CA LYS D 45 -25.09 23.93 31.06
C LYS D 45 -26.05 24.50 32.09
N TYR D 46 -26.53 25.71 31.86
CA TYR D 46 -27.37 26.39 32.82
C TYR D 46 -28.80 26.45 32.32
N ALA D 47 -29.73 26.63 33.25
CA ALA D 47 -31.15 26.65 32.91
C ALA D 47 -31.86 27.64 33.82
N ILE D 48 -32.48 28.64 33.22
CA ILE D 48 -33.29 29.60 33.96
C ILE D 48 -34.75 29.16 33.86
N THR D 49 -35.51 29.39 34.92
CA THR D 49 -36.88 28.92 35.00
C THR D 49 -37.72 30.01 35.65
N TRP D 50 -38.62 30.61 34.88
CA TRP D 50 -39.52 31.62 35.40
C TRP D 50 -40.94 31.29 34.96
N THR D 51 -41.88 32.04 35.50
CA THR D 51 -43.28 31.92 35.10
C THR D 51 -43.83 33.29 34.75
N SER D 52 -44.71 33.34 33.77
CA SER D 52 -45.16 34.60 33.22
C SER D 52 -46.69 34.68 33.24
N PRO D 53 -47.26 35.80 33.64
CA PRO D 53 -48.70 35.97 33.52
C PRO D 53 -49.14 36.53 32.18
N LYS D 54 -48.27 36.46 31.16
CA LYS D 54 -48.56 37.10 29.90
C LYS D 54 -47.84 36.39 28.76
N GLU D 55 -48.36 36.57 27.56
CA GLU D 55 -47.75 36.10 26.32
C GLU D 55 -46.96 37.25 25.69
N GLN D 56 -45.84 37.59 26.33
CA GLN D 56 -45.02 38.71 25.90
C GLN D 56 -43.75 38.22 25.23
N VAL D 57 -43.06 39.14 24.57
CA VAL D 57 -41.87 38.85 23.78
C VAL D 57 -40.67 39.53 24.45
N PHE D 58 -39.58 38.79 24.59
CA PHE D 58 -38.39 39.28 25.25
C PHE D 58 -37.20 39.06 24.34
N GLU D 59 -36.08 39.71 24.68
CA GLU D 59 -34.86 39.61 23.89
C GLU D 59 -33.99 38.49 24.45
N MET D 60 -33.53 37.63 23.57
CA MET D 60 -32.71 36.52 23.98
C MET D 60 -31.28 36.97 24.26
N PRO D 61 -30.61 36.38 25.24
CA PRO D 61 -29.18 36.66 25.43
C PRO D 61 -28.31 36.04 24.35
N THR D 62 -28.85 35.08 23.59
CA THR D 62 -28.16 34.47 22.47
C THR D 62 -28.51 35.14 21.13
N GLY D 63 -29.01 36.37 21.17
CA GLY D 63 -29.31 37.08 19.94
C GLY D 63 -30.68 36.74 19.41
N GLY D 64 -31.51 37.76 19.18
CA GLY D 64 -32.83 37.56 18.62
C GLY D 64 -33.92 38.01 19.56
N ALA D 65 -35.08 37.36 19.44
CA ALA D 65 -36.24 37.66 20.27
C ALA D 65 -37.12 36.42 20.33
N ALA D 66 -37.67 36.14 21.52
CA ALA D 66 -38.50 34.97 21.73
C ALA D 66 -39.75 35.37 22.51
N ILE D 67 -40.81 34.57 22.34
CA ILE D 67 -42.07 34.80 23.04
C ILE D 67 -42.17 33.82 24.20
N MET D 68 -42.16 34.33 25.42
CA MET D 68 -42.32 33.48 26.59
C MET D 68 -43.79 33.09 26.74
N ARG D 69 -44.01 31.92 27.34
CA ARG D 69 -45.34 31.33 27.45
C ARG D 69 -46.08 31.91 28.66
N GLN D 70 -47.18 31.27 29.05
CA GLN D 70 -47.98 31.70 30.18
C GLN D 70 -47.85 30.77 31.38
N GLY D 71 -47.18 29.65 31.25
CA GLY D 71 -46.98 28.73 32.36
C GLY D 71 -45.60 28.86 32.95
N GLN D 72 -45.01 27.71 33.27
CA GLN D 72 -43.61 27.67 33.68
C GLN D 72 -42.75 27.68 32.44
N ASN D 73 -41.81 28.62 32.36
CA ASN D 73 -40.90 28.71 31.24
C ASN D 73 -39.57 28.04 31.60
N LEU D 74 -38.86 27.61 30.57
CA LEU D 74 -37.60 26.92 30.76
C LEU D 74 -36.71 27.20 29.58
N LEU D 75 -35.50 27.70 29.84
CA LEU D 75 -34.59 28.11 28.78
C LEU D 75 -33.20 27.66 29.15
N TYR D 76 -32.55 26.94 28.24
CA TYR D 76 -31.21 26.42 28.48
C TYR D 76 -30.18 27.40 27.92
N LEU D 77 -29.31 27.90 28.79
CA LEU D 77 -28.28 28.84 28.39
C LEU D 77 -26.91 28.19 28.63
N ALA D 78 -25.87 28.83 28.10
CA ALA D 78 -24.56 28.22 28.07
C ALA D 78 -23.66 28.64 29.23
N ARG D 79 -23.83 29.84 29.75
CA ARG D 79 -23.02 30.30 30.86
C ARG D 79 -23.85 31.19 31.77
N LYS D 80 -23.35 31.40 32.99
CA LYS D 80 -24.15 32.04 34.03
C LYS D 80 -24.37 33.52 33.78
N GLU D 81 -23.50 34.17 33.01
CA GLU D 81 -23.71 35.57 32.71
C GLU D 81 -24.87 35.76 31.73
N GLN D 82 -25.21 34.73 30.95
CA GLN D 82 -26.36 34.83 30.06
C GLN D 82 -27.67 34.72 30.81
N CYS D 83 -27.69 34.00 31.93
CA CYS D 83 -28.91 33.83 32.69
C CYS D 83 -29.26 35.09 33.48
N ILE D 84 -28.26 35.72 34.09
CA ILE D 84 -28.51 36.90 34.91
C ILE D 84 -28.60 38.16 34.06
N ALA D 85 -28.08 38.13 32.82
CA ALA D 85 -28.45 39.18 31.88
C ALA D 85 -29.88 38.99 31.41
N LEU D 86 -30.36 37.75 31.38
CA LEU D 86 -31.77 37.49 31.14
C LEU D 86 -32.58 37.71 32.42
N GLY D 87 -32.02 37.36 33.57
CA GLY D 87 -32.71 37.62 34.83
C GLY D 87 -32.86 39.09 35.13
N GLY D 88 -31.92 39.92 34.68
CA GLY D 88 -32.08 41.35 34.78
C GLY D 88 -33.03 41.95 33.78
N GLN D 89 -33.42 41.18 32.78
CA GLN D 89 -34.41 41.58 31.80
C GLN D 89 -35.84 41.24 32.26
N LEU D 90 -36.01 40.07 32.87
CA LEU D 90 -37.31 39.69 33.42
C LEU D 90 -37.71 40.57 34.59
N ARG D 91 -36.75 41.12 35.32
CA ARG D 91 -37.07 42.03 36.40
C ARG D 91 -37.59 43.37 35.90
N LYS D 92 -37.42 43.66 34.61
CA LYS D 92 -38.06 44.81 33.98
C LYS D 92 -39.40 44.44 33.33
N PHE D 93 -39.72 43.15 33.24
CA PHE D 93 -41.05 42.69 32.90
C PHE D 93 -41.87 42.38 34.15
N LYS D 94 -41.37 42.80 35.31
CA LYS D 94 -41.98 42.61 36.63
C LYS D 94 -42.17 41.12 36.93
N ILE D 95 -41.16 40.33 36.57
CA ILE D 95 -41.10 38.90 36.82
C ILE D 95 -39.86 38.68 37.67
N THR D 96 -40.04 38.45 38.97
CA THR D 96 -38.93 38.37 39.91
C THR D 96 -39.00 37.07 40.68
N ASP D 97 -39.20 35.97 39.96
CA ASP D 97 -39.34 34.65 40.57
C ASP D 97 -38.48 33.59 39.89
N TYR D 98 -37.44 34.01 39.18
CA TYR D 98 -36.71 33.09 38.34
C TYR D 98 -35.72 32.27 39.15
N LYS D 99 -35.55 31.02 38.77
CA LYS D 99 -34.61 30.10 39.38
C LYS D 99 -33.60 29.67 38.32
N ILE D 100 -32.32 29.74 38.67
CA ILE D 100 -31.24 29.40 37.76
C ILE D 100 -30.59 28.12 38.28
N TYR D 101 -30.48 27.13 37.41
CA TYR D 101 -29.88 25.85 37.75
C TYR D 101 -28.56 25.69 37.01
N ARG D 102 -27.82 24.66 37.35
CA ARG D 102 -26.56 24.35 36.69
C ARG D 102 -26.49 22.85 36.49
N ILE D 103 -26.50 22.42 35.23
CA ILE D 103 -26.78 21.04 34.87
C ILE D 103 -25.49 20.40 34.39
N TYR D 104 -24.89 19.59 35.24
CA TYR D 104 -23.76 18.77 34.84
C TYR D 104 -24.23 17.68 33.89
N PRO D 105 -23.35 17.15 33.02
CA PRO D 105 -23.83 16.24 31.97
C PRO D 105 -24.26 14.87 32.46
N ASN D 106 -23.90 14.49 33.67
CA ASN D 106 -24.43 13.27 34.27
C ASN D 106 -25.87 13.43 34.76
N GLY D 107 -26.42 14.64 34.71
CA GLY D 107 -27.79 14.90 35.10
C GLY D 107 -27.96 15.62 36.41
N GLU D 108 -26.88 15.95 37.11
CA GLU D 108 -26.97 16.52 38.44
C GLU D 108 -27.35 17.99 38.34
N THR D 109 -28.58 18.31 38.67
CA THR D 109 -29.09 19.67 38.66
C THR D 109 -28.90 20.26 40.05
N VAL D 110 -27.94 21.17 40.18
CA VAL D 110 -27.84 21.96 41.41
C VAL D 110 -28.62 23.23 41.18
N TYR D 111 -28.93 23.94 42.26
CA TYR D 111 -29.75 25.15 42.21
C TYR D 111 -28.94 26.27 42.82
N ILE D 112 -28.61 27.28 42.02
CA ILE D 112 -27.57 28.23 42.37
C ILE D 112 -28.07 29.67 42.48
N HIS D 113 -29.19 30.03 41.86
CA HIS D 113 -29.60 31.43 41.95
C HIS D 113 -31.12 31.56 41.98
N PRO D 114 -31.69 32.23 43.00
CA PRO D 114 -31.00 32.71 44.20
C PRO D 114 -30.82 31.58 45.19
N ALA D 115 -29.66 31.53 45.86
CA ALA D 115 -29.27 30.33 46.61
C ALA D 115 -30.19 30.11 47.81
N ASP D 116 -30.41 31.13 48.62
CA ASP D 116 -31.23 30.98 49.81
C ASP D 116 -32.70 31.27 49.55
N GLY D 117 -33.11 31.44 48.29
CA GLY D 117 -34.44 31.92 47.96
C GLY D 117 -34.57 33.43 47.95
N VAL D 118 -33.68 34.14 48.61
CA VAL D 118 -33.71 35.58 48.72
C VAL D 118 -32.67 36.15 47.77
N PHE D 119 -32.97 37.29 47.19
CA PHE D 119 -32.06 37.91 46.24
C PHE D 119 -30.85 38.48 46.96
N PRO D 120 -29.67 38.41 46.35
CA PRO D 120 -28.44 38.80 47.06
C PRO D 120 -28.30 40.29 47.34
N GLU D 121 -29.17 41.13 46.80
CA GLU D 121 -29.13 42.55 47.11
C GLU D 121 -29.61 42.82 48.52
N LYS D 122 -30.72 42.23 48.92
CA LYS D 122 -31.26 42.44 50.26
C LYS D 122 -30.69 41.41 51.22
N VAL D 123 -30.50 41.83 52.46
CA VAL D 123 -29.72 41.06 53.43
C VAL D 123 -30.60 39.99 54.08
N ASN D 124 -30.03 38.80 54.26
CA ASN D 124 -30.60 37.77 55.11
C ASN D 124 -29.59 37.34 56.14
N GLN D 125 -30.08 36.62 57.15
CA GLN D 125 -29.29 36.19 58.28
C GLN D 125 -28.85 34.75 58.07
N GLY D 126 -27.85 34.33 58.85
CA GLY D 126 -27.21 33.06 58.66
C GLY D 126 -26.11 33.06 57.62
N ARG D 127 -26.02 34.10 56.80
CA ARG D 127 -24.96 34.23 55.81
C ARG D 127 -23.70 34.73 56.47
N GLU D 128 -22.57 34.42 55.84
CA GLU D 128 -21.26 34.51 56.45
C GLU D 128 -20.43 35.61 55.81
N LYS D 129 -19.55 36.21 56.61
CA LYS D 129 -18.55 37.14 56.08
C LYS D 129 -17.43 36.31 55.48
N VAL D 130 -17.59 35.96 54.21
CA VAL D 130 -16.63 35.13 53.49
C VAL D 130 -15.81 36.04 52.59
N ARG D 131 -14.49 35.79 52.55
CA ARG D 131 -13.49 36.62 51.85
C ARG D 131 -13.58 38.07 52.30
N TYR D 132 -13.29 38.28 53.58
CA TYR D 132 -13.37 39.58 54.21
C TYR D 132 -12.07 39.84 54.95
N ASN D 133 -11.46 40.99 54.68
CA ASN D 133 -10.27 41.43 55.39
C ASN D 133 -10.66 42.49 56.40
N ASP D 134 -10.09 42.40 57.61
CA ASP D 134 -10.45 43.28 58.71
C ASP D 134 -9.49 44.44 58.84
N ARG D 135 -9.01 44.95 57.72
CA ARG D 135 -8.12 46.11 57.66
C ARG D 135 -8.66 47.06 56.60
N ARG D 136 -8.07 48.24 56.54
CA ARG D 136 -8.26 49.06 55.36
C ARG D 136 -7.54 48.42 54.19
N ILE D 137 -7.96 48.81 52.99
CA ILE D 137 -7.31 48.30 51.79
C ILE D 137 -5.89 48.82 51.65
N GLY D 138 -5.63 50.05 52.09
CA GLY D 138 -4.32 50.65 51.96
C GLY D 138 -3.26 50.10 52.87
N GLN D 139 -3.64 49.36 53.92
CA GLN D 139 -2.66 48.75 54.82
C GLN D 139 -2.50 47.26 54.58
N ASN D 140 -2.55 46.83 53.33
CA ASN D 140 -2.09 45.51 52.97
C ASN D 140 -0.56 45.47 53.05
N PRO D 141 0.02 44.31 53.39
CA PRO D 141 1.47 44.23 53.49
C PRO D 141 2.15 44.30 52.14
N SER D 142 3.44 44.62 52.18
CA SER D 142 4.25 44.71 50.99
C SER D 142 4.51 43.32 50.41
N PRO D 143 4.77 43.22 49.11
CA PRO D 143 5.09 41.90 48.53
C PRO D 143 6.46 41.35 48.94
N SER D 144 7.28 42.12 49.64
CA SER D 144 8.50 41.60 50.22
C SER D 144 8.28 41.01 51.61
N LYS D 145 7.10 41.22 52.20
CA LYS D 145 6.73 40.48 53.40
C LYS D 145 6.43 39.03 53.10
N VAL D 146 5.88 38.75 51.92
CA VAL D 146 5.41 37.42 51.57
C VAL D 146 6.34 36.73 50.57
N LYS D 147 7.63 37.13 50.56
CA LYS D 147 8.58 36.58 49.60
C LYS D 147 8.90 35.12 49.92
N PHE D 148 8.80 34.28 48.88
CA PHE D 148 9.02 32.83 48.95
C PHE D 148 8.10 32.17 49.97
N SER D 149 6.86 32.67 50.05
CA SER D 149 5.81 32.10 50.87
C SER D 149 4.63 31.73 49.99
N GLY D 150 3.76 30.87 50.51
CA GLY D 150 2.64 30.42 49.73
C GLY D 150 1.55 31.46 49.57
N ILE D 151 1.39 32.33 50.55
CA ILE D 151 0.28 33.28 50.54
C ILE D 151 0.60 34.46 49.62
N ALA D 152 -0.45 35.14 49.18
CA ALA D 152 -0.32 36.41 48.50
C ALA D 152 -0.41 37.55 49.50
N THR D 153 -0.19 38.77 49.02
CA THR D 153 -0.16 39.91 49.91
C THR D 153 -1.56 40.36 50.33
N TYR D 154 -2.61 39.89 49.67
CA TYR D 154 -3.98 40.22 50.05
C TYR D 154 -4.63 39.13 50.89
N ASP D 155 -3.93 38.04 51.18
CA ASP D 155 -4.41 37.03 52.11
C ASP D 155 -4.05 37.41 53.55
N ALA D 156 -2.74 37.50 53.85
CA ALA D 156 -2.09 38.32 54.88
C ALA D 156 -2.76 38.27 56.25
N PRO D 157 -2.54 37.21 57.03
CA PRO D 157 -3.37 36.99 58.24
C PRO D 157 -3.20 38.02 59.34
N ASN D 158 -2.18 38.88 59.28
CA ASN D 158 -2.03 39.95 60.25
C ASN D 158 -2.95 41.11 59.86
N SER D 159 -3.89 41.44 60.75
CA SER D 159 -4.97 42.42 60.55
C SER D 159 -5.74 42.21 59.24
N VAL E 2 -14.06 67.22 66.52
CA VAL E 2 -14.44 67.24 65.11
C VAL E 2 -15.96 67.39 65.00
N GLN E 3 -16.43 68.63 64.89
CA GLN E 3 -17.85 68.92 64.82
C GLN E 3 -18.26 69.20 63.38
N ARG E 4 -19.57 69.33 63.19
CA ARG E 4 -20.14 69.51 61.85
C ARG E 4 -19.90 70.94 61.38
N GLY E 5 -19.40 71.07 60.15
CA GLY E 5 -19.08 72.35 59.56
C GLY E 5 -17.62 72.76 59.69
N SER E 6 -16.81 72.00 60.42
CA SER E 6 -15.42 72.34 60.61
C SER E 6 -14.58 71.89 59.42
N LYS E 7 -13.48 72.60 59.20
CA LYS E 7 -12.53 72.24 58.15
C LYS E 7 -11.44 71.36 58.74
N VAL E 8 -11.10 70.29 58.02
CA VAL E 8 -10.23 69.24 58.54
C VAL E 8 -9.32 68.74 57.43
N ARG E 9 -8.13 68.30 57.80
CA ARG E 9 -7.16 67.75 56.87
C ARG E 9 -7.06 66.25 57.06
N ILE E 10 -6.64 65.56 55.99
CA ILE E 10 -6.73 64.11 55.89
C ILE E 10 -5.35 63.51 56.07
N LEU E 11 -5.26 62.46 56.91
CA LEU E 11 -4.02 61.70 57.09
C LEU E 11 -4.18 60.25 56.64
N ARG E 12 -5.03 60.01 55.64
CA ARG E 12 -5.18 58.66 55.09
C ARG E 12 -4.34 58.56 53.83
N PRO E 13 -3.26 57.78 53.81
CA PRO E 13 -2.34 57.82 52.67
C PRO E 13 -2.88 57.14 51.43
N GLU E 14 -3.84 56.24 51.58
CA GLU E 14 -4.42 55.52 50.46
C GLU E 14 -5.49 56.31 49.72
N SER E 15 -5.88 57.46 50.24
CA SER E 15 -7.02 58.18 49.70
C SER E 15 -6.60 59.16 48.62
N TYR E 16 -7.59 59.70 47.91
CA TYR E 16 -7.31 60.72 46.91
C TYR E 16 -6.99 62.05 47.56
N TRP E 17 -7.73 62.39 48.62
CA TRP E 17 -7.65 63.70 49.25
C TRP E 17 -6.66 63.73 50.40
N PHE E 18 -5.59 62.96 50.30
CA PHE E 18 -4.51 62.98 51.29
C PHE E 18 -3.92 64.39 51.37
N GLN E 19 -3.96 64.95 52.58
CA GLN E 19 -3.60 66.34 52.88
C GLN E 19 -4.42 67.33 52.05
N ASP E 20 -5.74 67.14 52.07
CA ASP E 20 -6.67 68.10 51.47
C ASP E 20 -7.68 68.55 52.51
N VAL E 21 -8.01 69.83 52.48
CA VAL E 21 -8.94 70.42 53.43
C VAL E 21 -10.37 70.06 53.02
N GLY E 22 -11.15 69.56 53.96
CA GLY E 22 -12.52 69.20 53.68
C GLY E 22 -13.43 69.65 54.81
N THR E 23 -14.70 69.86 54.45
CA THR E 23 -15.72 70.28 55.41
C THR E 23 -16.44 69.05 55.95
N VAL E 24 -16.52 68.96 57.28
CA VAL E 24 -17.25 67.87 57.91
C VAL E 24 -18.73 68.02 57.67
N ALA E 25 -19.38 66.94 57.22
CA ALA E 25 -20.81 66.95 56.94
C ALA E 25 -21.65 66.35 58.06
N SER E 26 -21.20 65.25 58.66
CA SER E 26 -21.95 64.59 59.71
C SER E 26 -21.03 63.70 60.51
N ILE E 27 -21.33 63.55 61.80
CA ILE E 27 -20.62 62.63 62.69
C ILE E 27 -21.66 61.70 63.29
N GLU E 28 -21.37 60.40 63.26
CA GLU E 28 -22.31 59.41 63.78
C GLU E 28 -22.14 59.26 65.30
N GLN E 29 -23.26 59.22 66.00
CA GLN E 29 -23.28 59.14 67.45
C GLN E 29 -23.50 57.72 67.96
N GLY E 30 -23.50 56.73 67.08
CA GLY E 30 -23.74 55.36 67.52
C GLY E 30 -22.55 54.76 68.26
N GLY E 31 -21.34 55.00 67.77
CA GLY E 31 -20.15 54.53 68.44
C GLY E 31 -19.72 53.13 68.12
N THR E 32 -20.32 52.49 67.11
CA THR E 32 -19.94 51.14 66.71
C THR E 32 -19.73 51.00 65.21
N SER E 33 -19.62 52.11 64.48
CA SER E 33 -19.54 52.08 63.03
C SER E 33 -18.12 52.17 62.49
N ARG E 34 -17.16 52.58 63.32
CA ARG E 34 -15.70 52.59 63.11
C ARG E 34 -15.22 53.55 62.02
N TYR E 35 -16.13 54.19 61.30
CA TYR E 35 -15.81 55.32 60.43
C TYR E 35 -16.95 56.32 60.53
N PRO E 36 -17.01 57.08 61.62
CA PRO E 36 -18.19 57.91 61.86
C PRO E 36 -18.25 59.18 61.03
N VAL E 37 -17.14 59.90 60.93
CA VAL E 37 -17.17 61.25 60.40
C VAL E 37 -17.19 61.22 58.88
N ILE E 38 -18.17 61.92 58.30
CA ILE E 38 -18.32 62.07 56.86
C ILE E 38 -17.88 63.47 56.49
N VAL E 39 -16.80 63.57 55.73
CA VAL E 39 -16.24 64.87 55.35
C VAL E 39 -16.42 65.05 53.85
N ARG E 40 -16.84 66.25 53.45
CA ARG E 40 -17.13 66.58 52.07
C ARG E 40 -16.04 67.49 51.52
N PHE E 41 -15.51 67.14 50.36
CA PHE E 41 -14.43 67.87 49.73
C PHE E 41 -14.93 68.63 48.53
N ASP E 42 -14.14 69.60 48.08
CA ASP E 42 -14.51 70.48 47.00
C ASP E 42 -13.99 70.02 45.64
N LYS E 43 -13.26 68.92 45.59
CA LYS E 43 -12.81 68.35 44.32
C LYS E 43 -13.14 66.87 44.28
N VAL E 44 -13.73 66.42 43.17
CA VAL E 44 -14.06 65.01 43.02
C VAL E 44 -12.78 64.20 42.86
N ASN E 45 -12.88 62.91 43.17
CA ASN E 45 -11.66 62.10 43.14
C ASN E 45 -11.33 61.64 41.72
N TYR E 46 -12.13 60.76 41.15
CA TYR E 46 -11.87 60.25 39.80
C TYR E 46 -13.21 59.78 39.25
N ALA E 47 -13.85 60.64 38.47
CA ALA E 47 -15.19 60.45 37.90
C ALA E 47 -16.19 60.03 38.98
N GLY E 48 -16.38 60.91 39.96
CA GLY E 48 -17.28 60.54 41.02
C GLY E 48 -17.35 61.40 42.26
N VAL E 49 -17.23 60.73 43.40
CA VAL E 49 -17.70 61.26 44.66
C VAL E 49 -16.76 62.34 45.18
N ASN E 50 -17.27 63.16 46.08
CA ASN E 50 -16.48 64.08 46.86
C ASN E 50 -16.69 63.91 48.36
N THR E 51 -17.54 62.98 48.77
CA THR E 51 -17.75 62.65 50.17
C THR E 51 -17.16 61.27 50.46
N ASN E 52 -16.63 61.11 51.67
CA ASN E 52 -16.05 59.84 52.05
C ASN E 52 -16.08 59.71 53.57
N ASN E 53 -16.38 58.51 54.05
CA ASN E 53 -16.38 58.23 55.47
C ASN E 53 -14.97 58.04 55.98
N PHE E 54 -14.67 58.63 57.13
CA PHE E 54 -13.33 58.60 57.69
C PHE E 54 -13.40 58.25 59.17
N ALA E 55 -12.24 57.92 59.73
CA ALA E 55 -12.12 57.74 61.16
C ALA E 55 -11.76 59.07 61.81
N GLN E 56 -11.59 59.07 63.12
CA GLN E 56 -11.22 60.28 63.84
C GLN E 56 -9.74 60.35 64.16
N ASP E 57 -9.02 59.24 64.05
CA ASP E 57 -7.58 59.22 64.31
C ASP E 57 -6.75 59.62 63.10
N GLU E 58 -7.37 59.72 61.93
CA GLU E 58 -6.66 60.10 60.70
C GLU E 58 -7.08 61.49 60.22
N LEU E 59 -7.67 62.30 61.09
CA LEU E 59 -8.17 63.62 60.74
C LEU E 59 -7.55 64.67 61.66
N VAL E 60 -6.94 65.70 61.07
CA VAL E 60 -6.36 66.81 61.82
C VAL E 60 -7.04 68.08 61.36
N GLU E 61 -7.73 68.75 62.28
CA GLU E 61 -8.46 69.96 61.94
C GLU E 61 -7.51 71.12 61.70
N VAL E 62 -7.95 72.05 60.85
CA VAL E 62 -7.17 73.24 60.54
C VAL E 62 -7.78 74.51 61.12
N GLU E 63 -9.08 74.51 61.45
CA GLU E 63 -9.73 75.63 62.13
C GLU E 63 -11.04 75.18 62.77
N ASN F 25 36.78 84.95 17.58
CA ASN F 25 37.91 84.01 17.71
C ASN F 25 37.78 82.86 16.72
N THR F 26 36.55 82.39 16.56
CA THR F 26 36.23 81.23 15.74
C THR F 26 36.30 81.63 14.25
N THR F 27 36.03 80.68 13.36
CA THR F 27 36.01 80.95 11.93
C THR F 27 34.75 81.67 11.47
N LEU F 28 33.86 82.07 12.38
CA LEU F 28 32.65 82.79 12.06
C LEU F 28 33.03 84.24 11.75
N VAL F 29 33.39 84.46 10.49
CA VAL F 29 33.69 85.78 9.94
C VAL F 29 32.38 86.57 9.91
N PRO F 30 32.39 87.90 10.12
CA PRO F 30 31.19 88.70 9.87
C PRO F 30 30.75 88.64 8.42
N CYS F 31 29.47 88.90 8.16
CA CYS F 31 28.89 88.77 6.83
C CYS F 31 29.25 89.93 5.91
N TYR F 32 29.99 90.92 6.41
CA TYR F 32 30.55 91.97 5.57
C TYR F 32 31.64 91.47 4.64
N LYS F 33 32.62 90.74 5.17
CA LYS F 33 33.74 90.24 4.38
C LYS F 33 33.69 88.72 4.21
N SER F 34 32.53 88.12 4.39
CA SER F 34 32.39 86.70 4.09
C SER F 34 32.20 86.51 2.59
N PRO F 35 33.06 85.73 1.93
CA PRO F 35 32.99 85.61 0.46
C PRO F 35 31.85 84.75 -0.06
N ALA F 36 31.03 84.16 0.80
CA ALA F 36 29.88 83.37 0.36
C ALA F 36 28.55 84.03 0.66
N PHE F 37 28.55 85.10 1.44
CA PHE F 37 27.32 85.83 1.75
C PHE F 37 27.04 86.93 0.74
N VAL F 38 28.07 87.45 0.07
CA VAL F 38 27.87 88.54 -0.87
C VAL F 38 27.21 88.05 -2.15
N GLU F 39 27.27 86.74 -2.42
CA GLU F 39 26.51 86.19 -3.53
C GLU F 39 25.03 86.10 -3.20
N ARG F 40 24.68 85.93 -1.92
CA ARG F 40 23.27 85.99 -1.54
C ARG F 40 22.72 87.40 -1.67
N MET F 41 23.60 88.39 -1.63
CA MET F 41 23.17 89.76 -1.90
C MET F 41 23.40 90.16 -3.35
N LYS F 42 24.17 89.37 -4.10
CA LYS F 42 24.40 89.67 -5.52
C LYS F 42 23.19 89.35 -6.38
N ASN F 43 22.83 88.07 -6.50
CA ASN F 43 21.63 87.71 -7.27
C ASN F 43 20.50 87.38 -6.31
N ALA F 44 19.53 88.29 -6.23
CA ALA F 44 18.45 88.19 -5.26
C ALA F 44 17.26 88.96 -5.80
N PRO F 45 16.04 88.61 -5.35
CA PRO F 45 14.89 89.47 -5.64
C PRO F 45 14.87 90.71 -4.75
N ASP F 46 13.80 91.50 -4.83
CA ASP F 46 13.82 92.78 -4.15
C ASP F 46 12.86 92.88 -2.96
N SER F 47 11.63 92.37 -3.14
CA SER F 47 10.39 93.00 -2.67
C SER F 47 10.38 93.61 -1.27
N TYR F 48 10.44 92.78 -0.23
CA TYR F 48 10.57 93.31 1.13
C TYR F 48 11.35 92.34 2.00
N TYR F 49 11.77 91.22 1.44
CA TYR F 49 12.21 90.07 2.19
C TYR F 49 13.67 89.74 1.96
N THR F 50 14.28 90.29 0.91
CA THR F 50 15.66 89.99 0.54
C THR F 50 16.42 91.26 0.19
N THR F 51 15.94 92.43 0.62
CA THR F 51 16.79 93.61 0.48
C THR F 51 17.14 94.28 1.81
N LYS F 52 16.13 94.74 2.53
CA LYS F 52 16.40 95.43 3.80
C LYS F 52 16.67 94.44 4.94
N PRO F 53 15.97 93.31 5.08
CA PRO F 53 16.47 92.30 6.03
C PRO F 53 17.74 91.59 5.61
N LEU F 54 18.25 91.74 4.38
CA LEU F 54 19.52 91.12 4.05
C LEU F 54 20.72 92.01 4.32
N LYS F 55 20.57 93.33 4.21
CA LYS F 55 21.65 94.23 4.60
C LYS F 55 21.68 94.48 6.11
N ALA F 56 20.64 94.07 6.83
CA ALA F 56 20.67 94.09 8.28
C ALA F 56 21.28 92.83 8.85
N TYR F 57 21.45 91.78 8.02
CA TYR F 57 22.15 90.58 8.47
C TYR F 57 23.65 90.68 8.25
N SER F 58 24.13 91.83 7.78
CA SER F 58 25.53 91.98 7.40
C SER F 58 26.44 92.06 8.63
N GLN F 59 25.90 92.48 9.77
CA GLN F 59 26.71 92.60 10.97
C GLN F 59 26.65 91.32 11.80
N LEU F 60 26.23 90.21 11.19
CA LEU F 60 26.06 88.94 11.88
C LEU F 60 27.18 88.00 11.49
N LEU F 61 27.58 87.14 12.42
CA LEU F 61 28.65 86.19 12.16
C LEU F 61 28.12 85.06 11.28
N CYS F 62 28.86 84.72 10.23
CA CYS F 62 28.44 83.67 9.31
C CYS F 62 29.63 82.82 8.89
N GLY F 63 29.38 81.53 8.72
CA GLY F 63 30.44 80.57 8.47
C GLY F 63 30.94 80.57 7.03
N GLU F 64 31.35 79.41 6.56
CA GLU F 64 31.94 79.26 5.23
C GLU F 64 30.88 79.05 4.15
N ASP F 65 29.60 79.12 4.49
CA ASP F 65 28.54 78.97 3.51
C ASP F 65 27.59 80.17 3.47
N GLY F 66 27.92 81.25 4.16
CA GLY F 66 27.15 82.47 4.08
C GLY F 66 25.80 82.42 4.75
N LEU F 67 25.72 81.82 5.93
CA LEU F 67 24.48 81.75 6.68
C LEU F 67 24.73 82.30 8.09
N PRO F 68 23.97 83.32 8.53
CA PRO F 68 24.32 84.02 9.77
C PRO F 68 24.13 83.20 11.03
N ARG F 69 25.25 82.79 11.64
CA ARG F 69 25.24 81.95 12.82
C ARG F 69 25.01 82.79 14.07
N ILE F 70 24.77 82.09 15.18
CA ILE F 70 24.54 82.71 16.48
C ILE F 70 25.59 82.14 17.42
N ALA F 71 26.69 82.86 17.62
CA ALA F 71 27.73 82.45 18.53
C ALA F 71 27.61 83.19 19.85
N LEU F 72 28.33 82.72 20.85
CA LEU F 72 28.33 83.30 22.18
C LEU F 72 29.76 83.72 22.53
N ASP F 73 30.03 85.01 22.40
CA ASP F 73 31.31 85.61 22.74
C ASP F 73 31.19 86.31 24.10
N ARG F 74 32.26 86.98 24.53
CA ARG F 74 32.25 87.57 25.86
C ARG F 74 31.51 88.90 25.89
N LEU F 75 31.98 89.88 25.13
CA LEU F 75 31.49 91.24 25.22
C LEU F 75 30.92 91.77 23.91
N SER F 76 31.39 91.26 22.76
CA SER F 76 30.88 91.78 21.49
C SER F 76 29.45 91.34 21.24
N LEU F 77 29.03 90.22 21.81
CA LEU F 77 27.64 89.78 21.80
C LEU F 77 27.17 89.50 23.22
N ALA F 78 27.51 90.38 24.16
CA ALA F 78 27.01 90.25 25.52
C ALA F 78 25.55 90.67 25.60
N VAL F 79 25.25 91.92 25.25
CA VAL F 79 23.87 92.38 25.21
C VAL F 79 23.19 92.01 23.90
N ASP F 80 23.94 91.60 22.88
CA ASP F 80 23.33 91.14 21.64
C ASP F 80 22.65 89.79 21.80
N VAL F 81 23.04 89.01 22.82
CA VAL F 81 22.34 87.79 23.15
C VAL F 81 21.37 87.98 24.30
N ALA F 82 21.52 89.05 25.09
CA ALA F 82 20.73 89.26 26.29
C ALA F 82 19.45 90.04 26.05
N ILE F 83 19.27 90.62 24.86
CA ILE F 83 17.97 91.19 24.50
C ILE F 83 16.95 90.09 24.24
N PRO F 84 17.22 88.99 23.50
CA PRO F 84 16.20 87.92 23.44
C PRO F 84 15.93 87.20 24.75
N ILE F 85 16.85 87.24 25.72
CA ILE F 85 16.54 86.69 27.03
C ILE F 85 15.58 87.61 27.77
N ALA F 86 15.99 88.87 27.97
CA ALA F 86 15.28 89.78 28.85
C ALA F 86 13.96 90.27 28.26
N ILE F 87 13.85 90.32 26.93
CA ILE F 87 12.57 90.68 26.34
C ILE F 87 11.58 89.53 26.43
N PHE F 88 12.04 88.29 26.19
CA PHE F 88 11.12 87.16 26.26
C PHE F 88 10.74 86.85 27.70
N LEU F 89 11.74 86.69 28.58
CA LEU F 89 11.50 86.18 29.93
C LEU F 89 10.71 87.15 30.78
N TYR F 90 10.64 88.43 30.40
CA TYR F 90 9.69 89.34 31.02
C TYR F 90 8.26 88.97 30.64
N THR F 91 7.95 88.91 29.34
CA THR F 91 6.62 88.50 28.89
C THR F 91 6.48 86.98 28.74
N ALA F 92 7.37 86.22 29.36
CA ALA F 92 7.04 84.84 29.72
C ALA F 92 6.45 84.79 31.12
N GLY F 93 7.03 85.52 32.05
CA GLY F 93 6.52 85.70 33.39
C GLY F 93 5.51 86.83 33.52
N PHE F 94 5.07 87.40 32.41
CA PHE F 94 3.92 88.29 32.40
C PHE F 94 2.63 87.55 32.07
N ILE F 95 2.71 86.54 31.19
CA ILE F 95 1.59 85.64 30.99
C ILE F 95 1.40 84.75 32.21
N GLY F 96 2.50 84.30 32.80
CA GLY F 96 2.41 83.37 33.92
C GLY F 96 1.97 84.03 35.21
N TRP F 97 2.38 85.29 35.43
CA TRP F 97 2.00 85.94 36.67
C TRP F 97 0.59 86.50 36.61
N SER F 98 0.10 86.89 35.44
CA SER F 98 -1.29 87.30 35.36
C SER F 98 -2.23 86.11 35.36
N GLY F 99 -1.73 84.92 35.02
CA GLY F 99 -2.53 83.71 35.10
C GLY F 99 -2.51 83.13 36.49
N ARG F 100 -1.42 83.38 37.23
CA ARG F 100 -1.35 82.93 38.61
C ARG F 100 -2.16 83.84 39.53
N SER F 101 -2.04 85.16 39.34
CA SER F 101 -2.79 86.09 40.17
C SER F 101 -4.26 86.17 39.80
N TYR F 102 -4.67 85.59 38.67
CA TYR F 102 -6.10 85.47 38.39
C TYR F 102 -6.68 84.24 39.06
N LEU F 103 -5.95 83.13 39.08
CA LEU F 103 -6.45 81.93 39.73
C LEU F 103 -6.48 82.08 41.24
N GLN F 104 -5.60 82.91 41.79
CA GLN F 104 -5.65 83.22 43.22
C GLN F 104 -6.71 84.25 43.55
N ALA F 105 -7.09 85.09 42.60
CA ALA F 105 -8.15 86.06 42.85
C ALA F 105 -9.51 85.38 42.92
N ILE F 106 -9.76 84.43 42.01
CA ILE F 106 -11.07 83.77 41.95
C ILE F 106 -11.23 82.65 42.95
N LYS F 107 -10.18 82.30 43.70
CA LYS F 107 -10.33 81.32 44.76
C LYS F 107 -10.59 81.95 46.12
N LYS F 108 -10.27 83.23 46.28
CA LYS F 108 -10.70 83.95 47.47
C LYS F 108 -12.12 84.46 47.34
N GLN F 109 -12.68 84.46 46.13
CA GLN F 109 -14.09 84.78 45.94
C GLN F 109 -15.00 83.57 46.07
N ASP F 110 -14.41 82.37 46.26
CA ASP F 110 -15.12 81.10 46.47
C ASP F 110 -16.05 80.77 45.32
N LYS F 111 -15.63 81.08 44.09
CA LYS F 111 -16.43 80.78 42.90
C LYS F 111 -15.57 80.32 41.74
N ALA F 112 -14.43 79.68 42.05
CA ALA F 112 -13.42 79.31 41.07
C ALA F 112 -13.85 78.22 40.10
N GLU F 113 -14.90 77.46 40.41
CA GLU F 113 -15.36 76.43 39.50
C GLU F 113 -15.98 77.04 38.26
N GLU F 114 -16.66 78.18 38.42
CA GLU F 114 -17.40 78.81 37.34
C GLU F 114 -16.72 80.03 36.76
N LYS F 115 -15.71 80.58 37.43
CA LYS F 115 -14.98 81.73 36.90
C LYS F 115 -13.84 81.32 35.98
N GLU F 116 -13.52 80.03 35.87
CA GLU F 116 -12.47 79.58 34.98
C GLU F 116 -12.98 79.30 33.58
N VAL F 117 -14.27 78.99 33.43
CA VAL F 117 -14.90 78.87 32.13
C VAL F 117 -15.35 80.23 31.62
N PHE F 118 -16.04 80.99 32.45
CA PHE F 118 -16.48 82.33 32.07
C PHE F 118 -15.49 83.31 32.67
N ILE F 119 -14.54 83.76 31.83
CA ILE F 119 -13.41 84.57 32.30
C ILE F 119 -13.91 85.96 32.66
N ASP F 120 -13.69 86.35 33.92
CA ASP F 120 -14.14 87.66 34.40
C ASP F 120 -13.09 88.68 33.98
N VAL F 121 -13.24 89.19 32.76
CA VAL F 121 -12.31 90.12 32.14
C VAL F 121 -12.11 91.48 32.83
N PRO F 122 -13.02 92.03 33.67
CA PRO F 122 -12.59 93.17 34.50
C PRO F 122 -11.56 92.81 35.56
N LEU F 123 -11.47 91.55 35.98
CA LEU F 123 -10.49 91.15 36.97
C LEU F 123 -9.21 90.64 36.32
N PHE F 124 -9.33 89.97 35.17
CA PHE F 124 -8.16 89.45 34.47
C PHE F 124 -7.29 90.56 33.91
N ILE F 125 -7.89 91.68 33.54
CA ILE F 125 -7.13 92.85 33.15
C ILE F 125 -6.56 93.54 34.39
N SER F 126 -7.29 93.52 35.50
CA SER F 126 -6.77 94.07 36.76
C SER F 126 -5.61 93.24 37.30
N CYS F 127 -5.62 91.93 37.04
CA CYS F 127 -4.51 91.07 37.41
C CYS F 127 -3.43 91.00 36.33
N MET F 128 -3.65 91.64 35.19
CA MET F 128 -2.63 91.81 34.16
C MET F 128 -1.76 93.02 34.42
N VAL F 129 -2.37 94.15 34.81
CA VAL F 129 -1.59 95.34 35.12
C VAL F 129 -0.95 95.28 36.50
N MET F 130 -1.28 94.27 37.31
CA MET F 130 -0.50 94.00 38.50
C MET F 130 0.70 93.12 38.20
N ALA F 131 0.72 92.46 37.04
CA ALA F 131 1.83 91.62 36.61
C ALA F 131 2.79 92.35 35.69
N LEU F 132 2.56 93.64 35.42
CA LEU F 132 3.49 94.41 34.60
C LEU F 132 4.79 94.69 35.33
N PHE F 133 4.78 94.67 36.66
CA PHE F 133 5.97 94.83 37.47
C PHE F 133 6.21 93.57 38.31
N TRP F 134 6.04 92.42 37.67
CA TRP F 134 6.21 91.13 38.36
C TRP F 134 7.62 90.76 38.86
N PRO F 135 8.76 91.22 38.31
CA PRO F 135 10.03 90.85 38.96
C PRO F 135 10.21 91.50 40.32
N MET F 136 9.65 92.69 40.54
CA MET F 136 9.62 93.29 41.87
C MET F 136 8.34 92.96 42.62
N ALA F 137 7.70 91.84 42.28
CA ALA F 137 6.50 91.39 42.97
C ALA F 137 6.63 89.92 43.32
N VAL F 138 7.45 89.19 42.57
CA VAL F 138 7.76 87.80 42.93
C VAL F 138 8.65 87.76 44.15
N ILE F 139 9.70 88.59 44.16
CA ILE F 139 10.63 88.62 45.29
C ILE F 139 10.03 89.27 46.54
N LYS F 140 8.89 89.94 46.41
CA LYS F 140 8.15 90.35 47.60
C LYS F 140 7.36 89.19 48.19
N GLU F 141 7.20 88.09 47.45
CA GLU F 141 6.57 86.88 47.96
C GLU F 141 7.55 85.76 48.22
N LEU F 142 8.78 85.85 47.70
CA LEU F 142 9.81 84.88 48.05
C LEU F 142 10.32 85.12 49.46
N LEU F 143 10.66 86.38 49.79
CA LEU F 143 11.12 86.70 51.14
C LEU F 143 9.99 86.66 52.16
N ALA F 144 8.75 86.80 51.72
CA ALA F 144 7.60 86.62 52.60
C ALA F 144 7.12 85.17 52.65
N GLY F 145 7.72 84.30 51.84
CA GLY F 145 7.39 82.88 51.89
C GLY F 145 6.03 82.50 51.37
N GLU F 146 5.47 83.31 50.47
CA GLU F 146 4.12 83.07 49.97
C GLU F 146 4.10 82.64 48.51
N LEU F 147 5.26 82.44 47.87
CA LEU F 147 5.24 81.96 46.50
C LEU F 147 4.97 80.48 46.43
N VAL F 148 5.59 79.70 47.31
CA VAL F 148 5.43 78.26 47.31
C VAL F 148 4.44 77.85 48.38
N ALA F 149 3.80 76.72 48.16
CA ALA F 149 2.96 76.09 49.17
C ALA F 149 3.79 75.07 49.94
N LYS F 150 3.53 74.95 51.23
CA LYS F 150 4.36 74.08 52.06
C LYS F 150 3.93 72.63 51.88
N ASP F 151 4.90 71.73 52.06
CA ASP F 151 4.78 70.34 51.60
C ASP F 151 3.69 69.56 52.31
N GLU F 152 3.25 69.98 53.49
CA GLU F 152 2.19 69.30 54.21
C GLU F 152 0.80 69.85 53.90
N GLU F 153 0.68 70.70 52.87
CA GLU F 153 -0.61 71.18 52.41
C GLU F 153 -0.87 70.86 50.95
N ILE F 154 -0.02 70.04 50.34
CA ILE F 154 -0.12 69.68 48.92
C ILE F 154 -0.52 68.22 48.83
N PRO F 155 -1.51 67.86 48.01
CA PRO F 155 -1.90 66.46 47.89
C PRO F 155 -0.82 65.63 47.20
N ILE F 156 -0.54 64.46 47.76
CA ILE F 156 0.46 63.55 47.23
C ILE F 156 -0.14 62.15 47.20
N SER F 157 0.68 61.16 46.86
CA SER F 157 0.26 59.78 46.79
C SER F 157 0.85 58.99 47.95
N VAL F 158 0.64 57.69 47.95
CA VAL F 158 1.22 56.82 48.97
C VAL F 158 2.70 56.61 48.63
N ARG F 159 3.57 57.24 49.42
CA ARG F 159 4.99 57.30 49.09
C ARG F 159 5.85 56.85 50.26
N GLU G 10 55.49 -2.18 60.62
CA GLU G 10 56.93 -2.37 60.57
C GLU G 10 57.29 -3.38 59.49
N VAL G 11 58.43 -3.16 58.85
CA VAL G 11 58.81 -3.84 57.62
C VAL G 11 60.05 -4.68 57.97
N ARG G 12 60.06 -5.22 59.19
CA ARG G 12 61.22 -5.95 59.65
C ARG G 12 61.28 -7.35 59.02
N VAL G 13 62.43 -7.99 59.22
CA VAL G 13 62.69 -9.34 58.71
C VAL G 13 62.41 -10.34 59.80
N VAL G 14 61.65 -11.38 59.48
CA VAL G 14 61.45 -12.52 60.37
C VAL G 14 61.70 -13.81 59.59
N VAL G 15 62.46 -14.72 60.19
CA VAL G 15 62.73 -16.03 59.62
C VAL G 15 62.35 -17.09 60.63
N ASP G 16 62.54 -18.35 60.25
CA ASP G 16 62.33 -19.49 61.13
C ASP G 16 63.60 -20.34 61.10
N ASN G 17 64.12 -20.66 62.27
CA ASN G 17 65.38 -21.38 62.37
C ASN G 17 65.11 -22.88 62.26
N ASP G 18 65.58 -23.48 61.16
CA ASP G 18 65.51 -24.90 60.82
C ASP G 18 64.10 -25.48 60.90
N PRO G 19 63.19 -25.15 59.98
CA PRO G 19 61.83 -25.70 60.09
C PRO G 19 61.69 -27.10 59.50
N VAL G 20 62.49 -27.43 58.49
CA VAL G 20 62.35 -28.67 57.73
C VAL G 20 63.66 -29.43 57.83
N PRO G 21 63.64 -30.72 58.19
CA PRO G 21 64.88 -31.51 58.16
C PRO G 21 65.31 -31.83 56.73
N THR G 22 66.56 -32.23 56.60
CA THR G 22 67.16 -32.55 55.31
C THR G 22 67.56 -34.02 55.31
N SER G 23 66.73 -34.86 54.70
CA SER G 23 67.02 -36.28 54.65
C SER G 23 66.41 -36.87 53.40
N PHE G 24 66.94 -38.01 52.97
CA PHE G 24 66.43 -38.73 51.82
C PHE G 24 65.32 -39.70 52.19
N GLN G 25 64.67 -39.50 53.34
CA GLN G 25 63.63 -40.43 53.78
C GLN G 25 62.34 -40.25 52.99
N LYS G 26 62.05 -39.04 52.54
CA LYS G 26 60.85 -38.79 51.77
C LYS G 26 61.04 -38.96 50.29
N TRP G 27 62.29 -39.07 49.82
CA TRP G 27 62.54 -39.42 48.43
C TRP G 27 62.20 -40.87 48.16
N SER G 28 62.25 -41.72 49.18
CA SER G 28 61.88 -43.12 49.05
C SER G 28 60.39 -43.33 49.08
N GLN G 29 59.60 -42.30 49.37
CA GLN G 29 58.14 -42.39 49.46
C GLN G 29 57.53 -41.35 48.53
N PRO G 30 57.39 -41.66 47.24
CA PRO G 30 56.73 -40.72 46.33
C PRO G 30 55.25 -40.64 46.61
N GLY G 31 54.71 -39.45 46.42
CA GLY G 31 53.32 -39.20 46.75
C GLY G 31 53.09 -38.83 48.19
N HIS G 32 54.13 -38.40 48.90
CA HIS G 32 54.02 -38.04 50.31
C HIS G 32 53.20 -36.77 50.53
N PHE G 33 53.03 -35.95 49.49
CA PHE G 33 52.40 -34.66 49.69
C PHE G 33 50.89 -34.77 49.82
N ASP G 34 50.27 -35.65 49.05
CA ASP G 34 48.84 -35.92 49.18
C ASP G 34 48.65 -37.16 50.05
N ARG G 35 47.60 -37.14 50.86
CA ARG G 35 47.37 -38.23 51.80
C ARG G 35 46.87 -39.49 51.11
N THR G 36 46.13 -39.34 50.02
CA THR G 36 45.65 -40.50 49.26
C THR G 36 46.70 -41.08 48.33
N LEU G 37 47.79 -40.37 48.08
CA LEU G 37 48.87 -40.89 47.27
C LEU G 37 49.93 -41.61 48.10
N ALA G 38 50.02 -41.30 49.39
CA ALA G 38 51.03 -41.89 50.24
C ALA G 38 50.67 -43.28 50.73
N LYS G 39 49.40 -43.67 50.59
CA LYS G 39 48.93 -44.94 51.14
C LYS G 39 49.16 -46.12 50.20
N GLY G 40 49.78 -45.90 49.04
CA GLY G 40 50.15 -46.98 48.16
C GLY G 40 49.66 -46.76 46.74
N ALA G 41 50.23 -47.55 45.84
CA ALA G 41 49.95 -47.48 44.41
C ALA G 41 49.00 -48.63 44.06
N LYS G 42 47.70 -48.37 44.12
CA LYS G 42 46.74 -49.41 43.79
C LYS G 42 46.67 -49.63 42.29
N THR G 43 46.32 -48.58 41.55
CA THR G 43 46.20 -48.63 40.10
C THR G 43 47.25 -47.73 39.47
N THR G 44 47.26 -47.69 38.14
CA THR G 44 48.19 -46.81 37.43
C THR G 44 47.72 -45.37 37.36
N THR G 45 46.56 -45.04 37.93
CA THR G 45 46.20 -43.64 38.05
C THR G 45 47.03 -42.97 39.14
N TRP G 46 47.58 -43.74 40.07
CA TRP G 46 48.52 -43.22 41.05
C TRP G 46 49.80 -42.72 40.39
N ILE G 47 50.19 -43.33 39.28
CA ILE G 47 51.38 -42.89 38.54
C ILE G 47 51.18 -41.49 38.00
N TRP G 48 50.01 -41.22 37.42
CA TRP G 48 49.77 -39.94 36.79
C TRP G 48 49.38 -38.87 37.80
N ASN G 49 48.74 -39.25 38.90
CA ASN G 49 48.35 -38.28 39.92
C ASN G 49 49.54 -37.81 40.74
N LEU G 50 50.66 -38.53 40.68
CA LEU G 50 51.85 -38.11 41.38
C LEU G 50 52.52 -36.93 40.69
N HIS G 51 52.32 -36.77 39.38
CA HIS G 51 52.93 -35.68 38.64
C HIS G 51 51.99 -34.52 38.39
N ALA G 52 50.68 -34.75 38.44
CA ALA G 52 49.69 -33.70 38.31
C ALA G 52 49.46 -32.94 39.60
N ASN G 53 50.08 -33.35 40.70
CA ASN G 53 49.86 -32.74 41.99
C ASN G 53 51.16 -32.40 42.69
N ALA G 54 52.29 -32.55 42.03
CA ALA G 54 53.57 -32.35 42.68
C ALA G 54 53.84 -30.88 42.95
N HIS G 55 53.33 -30.00 42.11
CA HIS G 55 53.50 -28.56 42.31
C HIS G 55 52.23 -27.87 42.73
N ASP G 56 51.16 -28.59 43.01
CA ASP G 56 49.97 -27.97 43.57
C ASP G 56 50.23 -27.79 45.06
N PHE G 57 51.02 -26.75 45.38
CA PHE G 57 51.44 -26.55 46.77
C PHE G 57 50.29 -26.09 47.65
N ASP G 58 49.22 -25.58 47.06
CA ASP G 58 48.06 -25.14 47.81
C ASP G 58 47.18 -26.29 48.28
N THR G 59 47.44 -27.51 47.80
CA THR G 59 46.71 -28.70 48.25
C THR G 59 47.55 -29.65 49.08
N HIS G 60 48.86 -29.42 49.18
CA HIS G 60 49.68 -30.22 50.08
C HIS G 60 49.41 -29.83 51.53
N THR G 61 49.45 -28.53 51.80
CA THR G 61 49.15 -27.97 53.11
C THR G 61 47.93 -27.06 52.98
N SER G 62 47.64 -26.32 54.05
CA SER G 62 46.49 -25.44 54.06
C SER G 62 46.90 -24.02 54.46
N ASP G 63 47.98 -23.90 55.21
CA ASP G 63 48.40 -22.60 55.72
C ASP G 63 49.27 -21.88 54.71
N LEU G 64 49.06 -20.57 54.60
CA LEU G 64 49.78 -19.76 53.63
C LEU G 64 51.22 -19.47 54.07
N GLU G 65 51.55 -19.68 55.34
CA GLU G 65 52.94 -19.51 55.77
C GLU G 65 53.81 -20.65 55.25
N ASP G 66 53.28 -21.87 55.25
CA ASP G 66 54.03 -23.03 54.77
C ASP G 66 53.92 -23.22 53.27
N ILE G 67 52.87 -22.67 52.65
CA ILE G 67 52.82 -22.67 51.18
C ILE G 67 53.86 -21.73 50.62
N SER G 68 53.91 -20.49 51.14
CA SER G 68 54.78 -19.45 50.58
C SER G 68 56.26 -19.73 50.78
N ARG G 69 56.64 -20.59 51.71
CA ARG G 69 58.03 -21.03 51.76
C ARG G 69 58.32 -22.04 50.67
N LYS G 70 57.32 -22.82 50.26
CA LYS G 70 57.52 -23.72 49.13
C LYS G 70 57.57 -22.95 47.82
N ILE G 71 56.85 -21.83 47.73
CA ILE G 71 56.89 -21.02 46.52
C ILE G 71 58.26 -20.38 46.38
N PHE G 72 58.75 -19.80 47.47
CA PHE G 72 59.99 -19.04 47.48
C PHE G 72 61.19 -19.94 47.24
N ALA G 73 61.18 -21.15 47.78
CA ALA G 73 62.29 -22.07 47.57
C ALA G 73 62.23 -22.78 46.24
N ALA G 74 61.07 -22.80 45.57
CA ALA G 74 61.00 -23.39 44.25
C ALA G 74 61.35 -22.42 43.16
N HIS G 75 61.29 -21.11 43.43
CA HIS G 75 61.80 -20.14 42.47
C HIS G 75 63.31 -20.19 42.40
N PHE G 76 63.97 -20.51 43.51
CA PHE G 76 65.42 -20.60 43.52
C PHE G 76 65.90 -21.80 42.73
N GLY G 77 65.20 -22.93 42.87
CA GLY G 77 65.51 -24.07 42.04
C GLY G 77 65.11 -23.90 40.61
N HIS G 78 64.23 -22.95 40.31
CA HIS G 78 63.97 -22.65 38.92
C HIS G 78 65.03 -21.73 38.35
N LEU G 79 65.45 -20.72 39.12
CA LEU G 79 66.51 -19.82 38.67
C LEU G 79 67.82 -20.56 38.48
N ALA G 80 68.04 -21.63 39.24
CA ALA G 80 69.16 -22.52 39.03
C ALA G 80 68.98 -23.46 37.84
N VAL G 81 67.86 -23.39 37.13
CA VAL G 81 67.65 -24.16 35.91
C VAL G 81 67.84 -23.29 34.67
N VAL G 82 67.43 -22.02 34.77
CA VAL G 82 67.74 -21.05 33.73
C VAL G 82 69.25 -20.82 33.64
N PHE G 83 69.94 -20.80 34.78
CA PHE G 83 71.38 -20.58 34.75
C PHE G 83 72.15 -21.78 34.20
N ILE G 84 71.58 -22.99 34.29
CA ILE G 84 72.17 -24.12 33.59
C ILE G 84 72.00 -23.96 32.09
N TRP G 85 70.83 -23.50 31.66
CA TRP G 85 70.60 -23.33 30.23
C TRP G 85 71.33 -22.11 29.70
N LEU G 86 71.45 -21.07 30.50
CA LEU G 86 72.19 -19.90 30.08
C LEU G 86 73.70 -20.14 30.07
N SER G 87 74.18 -21.10 30.86
CA SER G 87 75.56 -21.53 30.73
C SER G 87 75.75 -22.58 29.66
N GLY G 88 74.71 -22.94 28.95
CA GLY G 88 74.84 -23.89 27.87
C GLY G 88 74.80 -23.18 26.55
N MET G 89 74.27 -21.97 26.55
CA MET G 89 74.31 -21.14 25.36
C MET G 89 75.64 -20.43 25.24
N TYR G 90 76.24 -20.04 26.36
CA TYR G 90 77.55 -19.41 26.32
C TYR G 90 78.67 -20.43 26.17
N PHE G 91 78.47 -21.65 26.66
CA PHE G 91 79.48 -22.68 26.46
C PHE G 91 79.47 -23.21 25.04
N HIS G 92 78.30 -23.24 24.40
CA HIS G 92 78.25 -23.71 23.03
C HIS G 92 78.73 -22.65 22.06
N GLY G 93 78.58 -21.37 22.41
CA GLY G 93 79.27 -20.33 21.68
C GLY G 93 80.77 -20.30 21.94
N ALA G 94 81.21 -20.87 23.05
CA ALA G 94 82.63 -20.89 23.35
C ALA G 94 83.34 -22.00 22.58
N ARG G 95 82.87 -23.24 22.71
CA ARG G 95 83.62 -24.37 22.21
C ARG G 95 83.14 -24.92 20.88
N PHE G 96 81.85 -24.85 20.57
CA PHE G 96 81.29 -25.51 19.41
C PHE G 96 80.67 -24.53 18.41
N SER G 97 81.31 -23.39 18.18
CA SER G 97 80.71 -22.39 17.32
C SER G 97 81.73 -21.83 16.36
N ASN G 98 81.24 -20.98 15.46
CA ASN G 98 82.08 -20.19 14.56
C ASN G 98 81.94 -18.71 14.89
N PHE G 99 81.93 -18.38 16.18
CA PHE G 99 81.80 -16.99 16.61
C PHE G 99 83.04 -16.18 16.24
N GLU G 100 84.20 -16.83 16.11
CA GLU G 100 85.38 -16.15 15.60
C GLU G 100 85.23 -15.81 14.13
N ALA G 101 84.76 -16.76 13.33
CA ALA G 101 84.63 -16.51 11.90
C ALA G 101 83.42 -15.64 11.59
N TRP G 102 82.42 -15.64 12.47
CA TRP G 102 81.26 -14.80 12.23
C TRP G 102 81.54 -13.35 12.60
N MET G 103 82.35 -13.11 13.64
CA MET G 103 82.61 -11.74 14.06
C MET G 103 83.52 -11.03 13.07
N ALA G 104 84.37 -11.76 12.35
CA ALA G 104 85.19 -11.15 11.32
C ALA G 104 84.36 -10.76 10.11
N ASN G 105 83.44 -11.61 9.68
CA ASN G 105 82.60 -11.35 8.52
C ASN G 105 81.16 -11.73 8.85
N PRO G 106 80.36 -10.79 9.36
CA PRO G 106 78.98 -11.11 9.76
C PRO G 106 77.98 -11.12 8.62
N THR G 107 78.45 -11.14 7.38
CA THR G 107 77.59 -11.21 6.21
C THR G 107 77.70 -12.54 5.48
N GLY G 108 78.93 -12.98 5.19
CA GLY G 108 79.09 -14.23 4.46
C GLY G 108 79.04 -15.46 5.34
N ILE G 109 79.50 -15.37 6.58
CA ILE G 109 79.54 -16.50 7.48
C ILE G 109 78.21 -16.61 8.19
N LYS G 110 77.66 -17.82 8.25
CA LYS G 110 76.37 -18.05 8.88
C LYS G 110 76.56 -18.36 10.36
N PRO G 111 75.66 -17.89 11.21
CA PRO G 111 75.78 -18.16 12.65
C PRO G 111 75.51 -19.63 12.93
N SER G 112 76.43 -20.29 13.63
CA SER G 112 76.23 -21.69 13.94
C SER G 112 76.88 -22.06 15.25
N ALA G 113 76.14 -22.82 16.05
CA ALA G 113 76.69 -23.59 17.15
C ALA G 113 76.20 -25.01 16.95
N GLN G 114 76.41 -25.85 17.97
CA GLN G 114 75.75 -27.16 18.10
C GLN G 114 76.09 -28.08 16.92
N VAL G 115 77.37 -28.47 16.88
CA VAL G 115 77.79 -29.46 15.89
C VAL G 115 77.22 -30.83 16.26
N VAL G 116 77.22 -31.72 15.30
CA VAL G 116 76.56 -33.02 15.41
C VAL G 116 77.62 -34.12 15.37
N TRP G 117 77.40 -35.17 16.15
CA TRP G 117 78.38 -36.24 16.28
C TRP G 117 78.40 -37.12 15.03
N PRO G 118 79.56 -37.70 14.70
CA PRO G 118 79.62 -38.64 13.56
C PRO G 118 79.17 -40.06 13.92
N ILE G 119 77.85 -40.25 13.94
CA ILE G 119 77.25 -41.55 14.16
C ILE G 119 75.90 -41.54 13.46
N PHE G 120 75.45 -42.72 13.02
CA PHE G 120 74.15 -42.96 12.39
C PHE G 120 73.96 -42.19 11.08
N GLY G 121 75.03 -41.68 10.48
CA GLY G 121 74.92 -40.92 9.26
C GLY G 121 74.27 -39.57 9.41
N GLN G 122 74.19 -39.03 10.62
CA GLN G 122 73.55 -37.75 10.86
C GLN G 122 74.53 -36.58 10.74
N GLU G 123 75.75 -36.83 10.29
CA GLU G 123 76.67 -35.74 9.97
C GLU G 123 76.35 -35.06 8.64
N ILE G 124 75.28 -35.47 7.96
CA ILE G 124 74.77 -34.71 6.83
C ILE G 124 74.12 -33.41 7.31
N LEU G 125 73.75 -33.33 8.58
CA LEU G 125 73.23 -32.08 9.13
C LEU G 125 74.31 -31.04 9.31
N ASN G 126 75.57 -31.45 9.34
CA ASN G 126 76.69 -30.52 9.39
C ASN G 126 76.90 -29.95 7.99
N GLY G 127 76.08 -28.96 7.66
CA GLY G 127 76.23 -28.28 6.40
C GLY G 127 77.32 -27.24 6.45
N ASP G 128 77.61 -26.66 5.29
CA ASP G 128 78.70 -25.71 5.18
C ASP G 128 78.21 -24.35 5.65
N MET G 129 78.87 -23.79 6.67
CA MET G 129 78.49 -22.51 7.24
C MET G 129 79.37 -21.36 6.78
N GLY G 130 80.26 -21.61 5.82
CA GLY G 130 81.19 -20.59 5.39
C GLY G 130 82.43 -20.58 6.24
N GLY G 131 83.60 -20.70 5.60
CA GLY G 131 84.83 -20.72 6.34
C GLY G 131 85.24 -22.07 6.88
N GLY G 132 84.77 -23.15 6.26
CA GLY G 132 85.19 -24.48 6.65
C GLY G 132 84.61 -25.00 7.94
N PHE G 133 83.59 -24.35 8.49
CA PHE G 133 82.91 -24.81 9.69
C PHE G 133 81.67 -25.60 9.29
N HIS G 134 81.52 -26.78 9.87
CA HIS G 134 80.40 -27.66 9.57
C HIS G 134 79.55 -27.81 10.81
N GLY G 135 78.35 -27.25 10.77
CA GLY G 135 77.45 -27.32 11.89
C GLY G 135 76.04 -26.99 11.48
N ILE G 136 75.21 -26.69 12.46
CA ILE G 136 73.81 -26.37 12.26
C ILE G 136 73.63 -24.86 12.40
N GLN G 137 73.02 -24.22 11.41
CA GLN G 137 72.77 -22.79 11.44
C GLN G 137 71.77 -22.46 12.53
N ILE G 138 72.23 -21.84 13.59
CA ILE G 138 71.35 -21.47 14.69
C ILE G 138 70.58 -20.22 14.32
N THR G 139 69.33 -20.16 14.74
CA THR G 139 68.47 -19.01 14.48
C THR G 139 68.01 -18.34 15.76
N SER G 140 68.77 -18.49 16.84
CA SER G 140 68.36 -17.96 18.13
C SER G 140 68.84 -16.53 18.37
N GLY G 141 69.67 -15.99 17.50
CA GLY G 141 70.14 -14.62 17.70
C GLY G 141 71.17 -14.46 18.79
N LEU G 142 71.84 -15.55 19.18
CA LEU G 142 72.85 -15.44 20.22
C LEU G 142 74.07 -14.73 19.71
N PHE G 143 74.40 -14.89 18.44
CA PHE G 143 75.62 -14.28 17.92
C PHE G 143 75.46 -12.80 17.74
N GLN G 144 74.29 -12.36 17.30
CA GLN G 144 73.99 -10.94 17.17
C GLN G 144 73.82 -10.26 18.51
N MET G 145 73.58 -11.03 19.56
CA MET G 145 73.44 -10.49 20.91
C MET G 145 74.75 -10.38 21.64
N TRP G 146 75.69 -11.29 21.38
CA TRP G 146 77.00 -11.21 22.01
C TRP G 146 77.87 -10.16 21.37
N ARG G 147 77.64 -9.84 20.09
CA ARG G 147 78.34 -8.75 19.46
C ARG G 147 77.90 -7.41 20.02
N ALA G 148 76.63 -7.28 20.38
CA ALA G 148 76.12 -6.07 21.00
C ALA G 148 76.53 -5.95 22.45
N ALA G 149 76.93 -7.04 23.09
CA ALA G 149 77.48 -6.99 24.43
C ALA G 149 78.97 -6.74 24.44
N GLY G 150 79.62 -6.78 23.28
CA GLY G 150 81.04 -6.52 23.20
C GLY G 150 81.92 -7.74 23.30
N PHE G 151 81.40 -8.93 23.04
CA PHE G 151 82.23 -10.12 23.04
C PHE G 151 83.08 -10.14 21.78
N THR G 152 84.35 -10.48 21.93
CA THR G 152 85.27 -10.52 20.79
C THR G 152 85.97 -11.85 20.64
N ASN G 153 86.33 -12.51 21.72
CA ASN G 153 86.96 -13.82 21.63
C ASN G 153 86.16 -14.84 22.43
N THR G 154 86.40 -16.12 22.15
CA THR G 154 85.66 -17.19 22.78
C THR G 154 86.14 -17.51 24.19
N PHE G 155 87.16 -16.83 24.70
CA PHE G 155 87.48 -16.98 26.11
C PHE G 155 86.48 -16.22 26.97
N GLN G 156 86.02 -15.06 26.51
CA GLN G 156 85.04 -14.28 27.27
C GLN G 156 83.68 -14.96 27.28
N LEU G 157 83.37 -15.76 26.27
CA LEU G 157 82.15 -16.55 26.31
C LEU G 157 82.29 -17.73 27.26
N TYR G 158 83.49 -18.27 27.39
CA TYR G 158 83.69 -19.46 28.20
C TYR G 158 83.58 -19.14 29.69
N CYS G 159 84.17 -18.03 30.12
CA CYS G 159 84.10 -17.64 31.52
C CYS G 159 82.84 -16.85 31.85
N THR G 160 81.89 -16.74 30.92
CA THR G 160 80.51 -16.42 31.25
C THR G 160 79.74 -17.70 31.54
N ALA G 161 80.03 -18.77 30.79
CA ALA G 161 79.41 -20.06 31.03
C ALA G 161 79.93 -20.70 32.32
N ILE G 162 81.17 -20.40 32.72
CA ILE G 162 81.64 -20.86 34.02
C ILE G 162 81.00 -20.03 35.12
N GLY G 163 80.87 -18.72 34.91
CA GLY G 163 80.27 -17.84 35.88
C GLY G 163 78.78 -18.02 36.08
N GLY G 164 78.11 -18.73 35.19
CA GLY G 164 76.70 -19.03 35.36
C GLY G 164 76.49 -20.36 36.05
N LEU G 165 77.45 -21.27 35.89
CA LEU G 165 77.38 -22.54 36.62
C LEU G 165 77.64 -22.36 38.11
N VAL G 166 78.48 -21.38 38.47
CA VAL G 166 78.64 -21.02 39.87
C VAL G 166 77.56 -20.07 40.35
N MET G 167 76.75 -19.55 39.43
CA MET G 167 75.54 -18.82 39.76
C MET G 167 74.33 -19.74 39.81
N ALA G 168 74.42 -20.90 39.18
CA ALA G 168 73.38 -21.91 39.37
C ALA G 168 73.52 -22.62 40.70
N ALA G 169 74.76 -22.95 41.10
CA ALA G 169 74.98 -23.53 42.41
C ALA G 169 74.78 -22.52 43.53
N LEU G 170 74.84 -21.23 43.23
CA LEU G 170 74.49 -20.21 44.21
C LEU G 170 72.99 -20.12 44.39
N MET G 171 72.23 -20.13 43.29
CA MET G 171 70.78 -20.08 43.38
C MET G 171 70.18 -21.40 43.84
N LEU G 172 70.88 -22.52 43.65
CA LEU G 172 70.38 -23.79 44.16
C LEU G 172 70.69 -23.95 45.64
N PHE G 173 71.76 -23.31 46.14
CA PHE G 173 72.02 -23.35 47.56
C PHE G 173 71.05 -22.46 48.32
N ALA G 174 70.56 -21.40 47.70
CA ALA G 174 69.63 -20.49 48.34
C ALA G 174 68.20 -21.00 48.35
N GLY G 175 67.92 -22.14 47.74
CA GLY G 175 66.60 -22.71 47.85
C GLY G 175 66.59 -23.75 48.94
N TRP G 176 67.74 -24.39 49.13
CA TRP G 176 67.90 -25.25 50.29
C TRP G 176 68.00 -24.42 51.57
N PHE G 177 68.60 -23.23 51.46
CA PHE G 177 68.80 -22.41 52.64
C PHE G 177 67.50 -21.76 53.11
N HIS G 178 66.61 -21.44 52.18
CA HIS G 178 65.37 -20.77 52.53
C HIS G 178 64.18 -21.70 52.57
N TYR G 179 64.44 -22.99 52.72
CA TYR G 179 63.41 -23.94 53.10
C TYR G 179 63.84 -24.83 54.24
N HIS G 180 65.14 -25.04 54.45
CA HIS G 180 65.60 -25.97 55.46
C HIS G 180 66.37 -25.31 56.60
N LYS G 181 66.90 -24.11 56.40
CA LYS G 181 67.63 -23.42 57.46
C LYS G 181 66.92 -22.16 57.91
N ARG G 182 66.70 -21.21 57.02
CA ARG G 182 66.12 -19.91 57.37
C ARG G 182 64.92 -19.69 56.46
N ALA G 183 63.82 -20.21 56.84
CA ALA G 183 62.63 -19.97 56.05
C ALA G 183 61.88 -18.77 56.60
N PRO G 184 61.46 -17.83 55.75
CA PRO G 184 60.76 -16.64 56.26
C PRO G 184 59.36 -16.97 56.77
N LYS G 185 58.76 -16.00 57.42
CA LYS G 185 57.43 -16.14 57.98
C LYS G 185 56.43 -15.45 57.07
N LEU G 186 55.15 -15.57 57.41
CA LEU G 186 54.09 -15.10 56.53
C LEU G 186 54.05 -13.57 56.47
N GLU G 187 54.40 -12.89 57.56
CA GLU G 187 54.41 -11.44 57.52
C GLU G 187 55.65 -10.88 56.84
N TRP G 188 56.59 -11.72 56.42
CA TRP G 188 57.65 -11.27 55.53
C TRP G 188 57.24 -11.32 54.08
N PHE G 189 56.31 -12.21 53.71
CA PHE G 189 55.86 -12.25 52.34
C PHE G 189 54.77 -11.23 52.06
N GLN G 190 54.11 -10.71 53.08
CA GLN G 190 52.89 -9.94 52.91
C GLN G 190 53.12 -8.44 52.91
N ASN G 191 54.37 -7.98 52.90
CA ASN G 191 54.64 -6.55 52.71
C ASN G 191 55.03 -6.34 51.25
N THR G 192 54.02 -6.35 50.39
CA THR G 192 54.22 -6.19 48.96
C THR G 192 54.47 -4.75 48.56
N GLN G 193 54.34 -3.79 49.47
CA GLN G 193 54.75 -2.43 49.14
C GLN G 193 56.27 -2.32 49.18
N SER G 194 56.90 -2.98 50.14
CA SER G 194 58.36 -3.00 50.20
C SER G 194 58.95 -3.83 49.08
N MET G 195 58.22 -4.84 48.62
CA MET G 195 58.70 -5.66 47.53
C MET G 195 58.74 -4.90 46.22
N LEU G 196 57.74 -4.05 45.99
CA LEU G 196 57.69 -3.24 44.79
C LEU G 196 58.72 -2.13 44.81
N ASN G 197 59.20 -1.72 45.99
CA ASN G 197 60.27 -0.74 46.04
C ASN G 197 61.59 -1.33 45.56
N HIS G 198 61.88 -2.57 45.94
CA HIS G 198 63.14 -3.18 45.57
C HIS G 198 63.12 -3.85 44.22
N HIS G 199 61.95 -4.08 43.65
CA HIS G 199 61.89 -4.64 42.31
C HIS G 199 61.85 -3.56 41.25
N LEU G 200 61.21 -2.45 41.53
CA LEU G 200 61.25 -1.32 40.62
C LEU G 200 62.62 -0.66 40.63
N ALA G 201 63.09 -0.30 41.80
CA ALA G 201 64.34 0.44 41.90
C ALA G 201 65.55 -0.46 41.95
N GLY G 202 65.50 -1.52 42.77
CA GLY G 202 66.69 -2.33 42.97
C GLY G 202 66.96 -3.35 41.89
N LEU G 203 65.92 -3.78 41.18
CA LEU G 203 66.07 -4.82 40.15
C LEU G 203 65.94 -4.26 38.74
N LEU G 204 64.89 -3.52 38.45
CA LEU G 204 64.71 -2.91 37.16
C LEU G 204 65.39 -1.55 37.04
N GLY G 205 65.80 -0.95 38.16
CA GLY G 205 66.47 0.33 38.09
C GLY G 205 67.96 0.17 38.14
N LEU G 206 68.46 -0.65 39.07
CA LEU G 206 69.88 -0.95 39.12
C LEU G 206 70.31 -1.95 38.07
N GLY G 207 69.38 -2.56 37.35
CA GLY G 207 69.76 -3.47 36.30
C GLY G 207 69.99 -2.73 35.01
N SER G 208 69.18 -1.72 34.75
CA SER G 208 69.38 -0.84 33.60
C SER G 208 70.27 0.34 33.91
N LEU G 209 70.72 0.48 35.15
CA LEU G 209 71.85 1.35 35.46
C LEU G 209 73.16 0.61 35.39
N GLY G 210 73.16 -0.66 35.77
CA GLY G 210 74.33 -1.48 35.56
C GLY G 210 74.59 -1.71 34.08
N TRP G 211 73.54 -1.92 33.30
CA TRP G 211 73.74 -2.23 31.89
C TRP G 211 74.15 -1.02 31.08
N THR G 212 73.67 0.18 31.43
CA THR G 212 74.16 1.35 30.73
C THR G 212 75.58 1.72 31.13
N GLY G 213 76.10 1.15 32.22
CA GLY G 213 77.52 1.24 32.49
C GLY G 213 78.34 0.23 31.74
N HIS G 214 77.74 -0.89 31.34
CA HIS G 214 78.43 -1.83 30.48
C HIS G 214 78.47 -1.34 29.05
N LEU G 215 77.37 -0.73 28.60
CA LEU G 215 77.24 -0.33 27.21
C LEU G 215 78.27 0.71 26.84
N ILE G 216 78.39 1.76 27.65
CA ILE G 216 79.31 2.85 27.33
C ILE G 216 80.76 2.54 27.65
N HIS G 217 81.05 1.41 28.29
CA HIS G 217 82.41 1.05 28.62
C HIS G 217 82.91 -0.19 27.94
N VAL G 218 82.03 -1.09 27.52
CA VAL G 218 82.38 -2.29 26.79
C VAL G 218 81.76 -2.30 25.40
N SER G 219 80.45 -2.06 25.31
CA SER G 219 79.77 -2.20 24.03
C SER G 219 80.01 -1.02 23.12
N LEU G 220 79.95 0.21 23.65
CA LEU G 220 80.18 1.38 22.81
C LEU G 220 81.62 1.54 22.32
N PRO G 221 82.68 1.20 23.08
CA PRO G 221 83.99 1.17 22.44
C PRO G 221 84.17 0.04 21.44
N THR G 222 83.68 -1.16 21.75
CA THR G 222 83.92 -2.31 20.88
C THR G 222 83.14 -2.19 19.57
N ASN G 223 81.89 -1.80 19.64
CA ASN G 223 81.10 -1.68 18.41
C ASN G 223 81.43 -0.43 17.62
N LYS G 224 82.24 0.48 18.15
CA LYS G 224 82.75 1.58 17.32
C LYS G 224 83.91 1.12 16.48
N LEU G 225 84.84 0.35 17.06
CA LEU G 225 85.99 -0.14 16.33
C LEU G 225 85.64 -1.28 15.38
N LEU G 226 84.55 -2.01 15.65
CA LEU G 226 84.14 -3.08 14.75
C LEU G 226 83.49 -2.55 13.48
N ASP G 227 83.05 -1.30 13.47
CA ASP G 227 82.50 -0.71 12.25
C ASP G 227 83.59 -0.16 11.35
N THR G 228 84.78 0.10 11.87
CA THR G 228 85.94 0.44 11.06
C THR G 228 86.68 -0.80 10.56
N GLY G 229 86.28 -1.99 11.00
CA GLY G 229 86.85 -3.22 10.52
C GLY G 229 88.25 -3.50 11.03
N VAL G 230 88.42 -3.55 12.35
CA VAL G 230 89.75 -3.78 12.93
C VAL G 230 90.13 -5.25 12.96
N ALA G 231 89.21 -6.15 12.57
CA ALA G 231 89.50 -7.54 12.19
C ALA G 231 90.03 -8.38 13.33
N LEU G 232 89.66 -8.05 14.56
CA LEU G 232 89.79 -8.86 15.77
C LEU G 232 91.23 -9.14 16.21
N LYS G 233 92.26 -8.56 15.57
CA LYS G 233 93.56 -8.48 16.19
C LYS G 233 93.75 -7.13 16.88
N ASP G 234 93.32 -6.07 16.21
CA ASP G 234 93.60 -4.69 16.61
C ASP G 234 92.67 -4.22 17.71
N ILE G 235 91.57 -4.92 17.94
CA ILE G 235 90.58 -4.49 18.92
C ILE G 235 91.13 -4.79 20.32
N PRO G 236 90.93 -3.91 21.28
CA PRO G 236 91.37 -4.18 22.64
C PRO G 236 90.31 -4.93 23.45
N LEU G 237 90.81 -5.65 24.44
CA LEU G 237 89.94 -6.29 25.42
C LEU G 237 89.27 -5.20 26.25
N PRO G 238 88.05 -5.45 26.77
CA PRO G 238 87.25 -4.36 27.34
C PRO G 238 87.80 -3.74 28.61
N HIS G 239 88.75 -4.37 29.28
CA HIS G 239 89.39 -3.74 30.42
C HIS G 239 90.41 -2.70 30.00
N GLU G 240 90.83 -2.70 28.73
CA GLU G 240 91.79 -1.74 28.23
C GLU G 240 91.13 -0.45 27.77
N PHE G 241 89.82 -0.32 27.90
CA PHE G 241 89.14 0.96 27.73
C PHE G 241 88.91 1.65 29.06
N ILE G 242 89.19 0.99 30.18
CA ILE G 242 89.12 1.60 31.50
C ILE G 242 90.50 1.75 32.11
N LEU G 243 91.37 0.75 31.95
CA LEU G 243 92.75 0.89 32.40
C LEU G 243 93.53 1.89 31.57
N ASN G 244 93.25 1.98 30.27
CA ASN G 244 93.88 2.95 29.39
C ASN G 244 92.81 3.94 28.95
N PRO G 245 92.59 5.02 29.69
CA PRO G 245 91.51 5.96 29.35
C PRO G 245 91.85 6.90 28.21
N SER G 246 93.10 6.94 27.76
CA SER G 246 93.46 7.67 26.56
C SER G 246 93.01 6.95 25.29
N LEU G 247 92.71 5.65 25.39
CA LEU G 247 92.25 4.88 24.25
C LEU G 247 90.82 5.21 23.87
N MET G 248 89.99 5.63 24.82
CA MET G 248 88.64 6.09 24.55
C MET G 248 88.57 7.61 24.48
N ASN G 249 89.60 8.25 23.93
CA ASN G 249 89.58 9.69 23.70
C ASN G 249 89.64 10.06 22.24
N LYS G 250 90.24 9.22 21.38
CA LYS G 250 90.06 9.38 19.95
C LYS G 250 88.63 9.03 19.54
N LEU G 251 88.02 8.09 20.25
CA LEU G 251 86.58 7.91 20.20
C LEU G 251 85.97 8.79 21.29
N TYR G 252 84.88 9.47 20.94
CA TYR G 252 84.13 10.39 21.79
C TYR G 252 85.02 11.47 22.40
N PRO G 253 85.49 12.44 21.61
CA PRO G 253 86.44 13.42 22.15
C PRO G 253 85.82 14.55 22.93
N HIS G 254 84.50 14.70 22.91
CA HIS G 254 83.88 15.82 23.61
C HIS G 254 83.90 15.65 25.12
N ALA G 255 84.16 14.45 25.63
CA ALA G 255 84.31 14.22 27.06
C ALA G 255 85.78 14.22 27.43
N ASP G 256 86.06 13.95 28.71
CA ASP G 256 87.41 13.96 29.22
C ASP G 256 88.01 12.57 29.40
N TRP G 257 87.21 11.63 29.92
CA TRP G 257 87.57 10.23 30.12
C TRP G 257 88.78 10.08 31.04
N GLY G 258 88.57 10.48 32.30
CA GLY G 258 89.51 10.21 33.36
C GLY G 258 88.78 9.66 34.57
N PHE G 259 89.55 9.11 35.51
CA PHE G 259 88.98 8.37 36.64
C PHE G 259 88.13 9.26 37.53
N VAL G 260 88.63 10.43 37.88
CA VAL G 260 87.83 11.42 38.59
C VAL G 260 87.53 12.63 37.71
N LYS G 261 88.33 12.90 36.69
CA LYS G 261 88.20 14.14 35.93
C LYS G 261 87.09 14.07 34.88
N GLY G 262 86.68 12.87 34.50
CA GLY G 262 85.67 12.73 33.47
C GLY G 262 84.26 12.53 33.97
N VAL G 263 84.09 12.25 35.26
CA VAL G 263 82.76 12.05 35.81
C VAL G 263 82.10 13.37 36.19
N VAL G 264 82.89 14.35 36.64
CA VAL G 264 82.40 15.65 37.11
C VAL G 264 81.56 16.48 36.13
N PRO G 265 81.53 16.28 34.80
CA PRO G 265 80.43 16.86 34.03
C PRO G 265 79.06 16.33 34.40
N PHE G 266 78.94 15.14 34.99
CA PHE G 266 77.62 14.64 35.38
C PHE G 266 77.11 15.33 36.63
N PHE G 267 77.99 15.63 37.57
CA PHE G 267 77.53 16.21 38.83
C PHE G 267 77.37 17.72 38.75
N THR G 268 78.17 18.40 37.94
CA THR G 268 78.00 19.83 37.71
C THR G 268 76.97 20.13 36.64
N LEU G 269 76.24 19.11 36.17
CA LEU G 269 75.09 19.22 35.25
C LEU G 269 75.45 19.86 33.93
N GLN G 270 76.71 19.75 33.52
CA GLN G 270 77.09 20.12 32.16
C GLN G 270 77.11 18.86 31.31
N TRP G 271 75.90 18.42 30.98
CA TRP G 271 75.69 17.15 30.29
C TRP G 271 75.86 17.25 28.78
N GLY G 272 76.36 18.38 28.28
CA GLY G 272 76.74 18.43 26.89
C GLY G 272 78.04 17.73 26.57
N HIS G 273 78.79 17.32 27.59
CA HIS G 273 79.99 16.52 27.36
C HIS G 273 79.67 15.08 27.02
N PHE G 274 78.44 14.63 27.24
CA PHE G 274 78.04 13.27 26.94
C PHE G 274 77.22 13.17 25.66
N THR G 275 77.02 14.27 24.94
CA THR G 275 76.08 14.27 23.83
C THR G 275 76.58 13.55 22.58
N ASP G 276 77.80 13.04 22.57
CA ASP G 276 78.25 12.30 21.41
C ASP G 276 78.07 10.80 21.56
N PHE G 277 78.04 10.29 22.79
CA PHE G 277 77.77 8.88 23.01
C PHE G 277 76.47 8.64 23.76
N LEU G 278 75.66 9.68 23.98
CA LEU G 278 74.28 9.55 24.45
C LEU G 278 73.43 10.38 23.49
N THR G 279 73.02 9.78 22.39
CA THR G 279 72.32 10.52 21.35
C THR G 279 70.83 10.22 21.41
N PHE G 280 70.09 11.00 20.65
CA PHE G 280 68.67 10.78 20.40
C PHE G 280 68.44 10.75 18.91
N LYS G 281 69.28 9.97 18.22
CA LYS G 281 69.23 9.86 16.77
C LYS G 281 67.93 9.25 16.30
N GLY G 282 67.57 8.09 16.85
CA GLY G 282 66.29 7.50 16.52
C GLY G 282 66.25 6.92 15.13
N GLY G 283 67.08 5.91 14.89
CA GLY G 283 67.06 5.24 13.61
C GLY G 283 67.91 4.00 13.66
N LEU G 284 68.07 3.38 12.50
CA LEU G 284 68.90 2.19 12.37
C LEU G 284 70.30 2.58 11.90
N ASN G 285 71.29 1.92 12.46
CA ASN G 285 72.68 2.07 12.04
C ASN G 285 72.83 1.52 10.64
N PRO G 286 73.13 2.35 9.62
CA PRO G 286 73.11 1.86 8.24
C PRO G 286 74.29 0.99 7.85
N VAL G 287 75.19 0.65 8.77
CA VAL G 287 76.30 -0.25 8.46
C VAL G 287 75.99 -1.62 9.03
N THR G 288 75.32 -1.68 10.17
CA THR G 288 75.00 -2.94 10.83
C THR G 288 73.53 -3.33 10.69
N GLY G 289 72.61 -2.38 10.78
CA GLY G 289 71.19 -2.65 10.70
C GLY G 289 70.47 -2.48 12.01
N GLY G 290 71.18 -2.63 13.13
CA GLY G 290 70.58 -2.45 14.42
C GLY G 290 70.42 -1.00 14.80
N LEU G 291 69.90 -0.78 15.99
CA LEU G 291 69.85 0.57 16.53
C LEU G 291 71.25 1.03 16.89
N TRP G 292 71.42 2.34 17.01
CA TRP G 292 72.68 2.91 17.47
C TRP G 292 72.90 2.54 18.91
N LEU G 293 74.10 2.05 19.24
CA LEU G 293 74.35 1.73 20.64
C LEU G 293 74.62 2.96 21.48
N THR G 294 74.82 4.13 20.88
CA THR G 294 74.72 5.37 21.64
C THR G 294 73.28 5.65 21.99
N ASP G 295 72.36 5.28 21.11
CA ASP G 295 70.94 5.50 21.32
C ASP G 295 70.37 4.51 22.33
N VAL G 296 70.95 3.31 22.40
CA VAL G 296 70.54 2.30 23.39
C VAL G 296 71.10 2.62 24.76
N ALA G 297 72.36 3.09 24.82
CA ALA G 297 72.98 3.40 26.09
C ALA G 297 72.36 4.62 26.75
N HIS G 298 71.87 5.56 25.94
CA HIS G 298 71.10 6.66 26.48
C HIS G 298 69.75 6.20 26.96
N HIS G 299 69.19 5.19 26.31
CA HIS G 299 67.86 4.70 26.62
C HIS G 299 67.80 4.03 27.98
N HIS G 300 68.81 3.23 28.31
CA HIS G 300 68.85 2.57 29.60
C HIS G 300 69.12 3.54 30.73
N LEU G 301 69.73 4.67 30.43
CA LEU G 301 69.96 5.67 31.45
C LEU G 301 68.68 6.43 31.78
N ALA G 302 67.81 6.63 30.80
CA ALA G 302 66.51 7.22 31.07
C ALA G 302 65.51 6.21 31.61
N ILE G 303 65.81 4.92 31.50
CA ILE G 303 64.99 3.88 32.10
C ILE G 303 65.41 3.67 33.56
N ALA G 304 66.71 3.71 33.82
CA ALA G 304 67.21 3.56 35.18
C ALA G 304 66.86 4.74 36.05
N VAL G 305 66.77 5.95 35.48
CA VAL G 305 66.31 7.09 36.25
C VAL G 305 64.84 6.94 36.58
N MET G 306 64.04 6.54 35.59
CA MET G 306 62.59 6.44 35.77
C MET G 306 62.19 5.29 36.69
N PHE G 307 63.02 4.25 36.80
CA PHE G 307 62.68 3.13 37.67
C PHE G 307 63.18 3.32 39.10
N ILE G 308 64.36 3.91 39.28
CA ILE G 308 64.85 4.20 40.63
C ILE G 308 63.99 5.28 41.28
N ILE G 309 63.48 6.21 40.48
CA ILE G 309 62.52 7.19 40.96
C ILE G 309 61.23 6.50 41.38
N ALA G 310 60.69 5.64 40.52
CA ALA G 310 59.40 5.00 40.79
C ALA G 310 59.48 3.88 41.81
N GLY G 311 60.67 3.50 42.25
CA GLY G 311 60.80 2.58 43.36
C GLY G 311 60.75 3.24 44.70
N HIS G 312 60.63 4.57 44.74
CA HIS G 312 60.42 5.30 45.98
C HIS G 312 58.99 5.82 46.06
N MET G 313 58.06 5.07 45.52
CA MET G 313 56.67 5.48 45.54
C MET G 313 55.95 4.91 46.75
N TYR G 314 56.20 3.65 47.08
CA TYR G 314 55.42 2.97 48.10
C TYR G 314 56.08 3.09 49.47
N ARG G 315 55.25 3.02 50.51
CA ARG G 315 55.66 3.38 51.86
C ARG G 315 56.18 2.15 52.59
N THR G 316 57.47 2.15 52.89
CA THR G 316 58.05 1.25 53.88
C THR G 316 58.08 1.97 55.23
N ASN G 317 58.85 1.45 56.17
CA ASN G 317 58.82 1.87 57.56
C ASN G 317 59.36 3.30 57.83
N TRP G 318 59.65 4.17 56.87
CA TRP G 318 60.03 5.54 57.18
C TRP G 318 58.90 6.53 56.94
N GLY G 319 57.65 6.08 57.02
CA GLY G 319 56.52 6.99 57.01
C GLY G 319 56.11 7.53 55.67
N ILE G 320 57.06 8.05 54.93
CA ILE G 320 56.78 8.71 53.65
C ILE G 320 56.58 7.64 52.58
N GLY G 321 55.74 7.94 51.63
CA GLY G 321 55.41 7.02 50.55
C GLY G 321 53.92 6.79 50.43
N HIS G 322 53.57 6.10 49.35
CA HIS G 322 52.20 5.69 49.08
C HIS G 322 51.91 4.34 49.72
N SER G 323 50.64 4.09 49.99
CA SER G 323 50.22 2.78 50.44
C SER G 323 49.11 2.28 49.52
N ILE G 324 49.30 1.09 48.97
CA ILE G 324 48.34 0.50 48.06
C ILE G 324 47.05 0.13 48.79
N LYS G 325 47.12 -0.09 50.10
CA LYS G 325 45.93 -0.39 50.89
C LYS G 325 44.98 0.80 50.92
N GLU G 326 45.51 2.02 50.91
CA GLU G 326 44.68 3.21 50.94
C GLU G 326 44.29 3.67 49.52
N MET G 327 45.16 3.43 48.53
CA MET G 327 44.82 3.79 47.15
C MET G 327 43.73 2.88 46.58
N LEU G 328 43.74 1.59 46.96
CA LEU G 328 42.70 0.69 46.48
C LEU G 328 41.38 0.97 47.18
N ASP G 329 41.42 1.26 48.48
CA ASP G 329 40.19 1.43 49.23
C ASP G 329 39.57 2.81 49.07
N ASP G 330 40.19 3.71 48.33
CA ASP G 330 39.62 5.03 48.09
C ASP G 330 38.94 5.16 46.74
N ALA G 331 38.94 4.11 45.93
CA ALA G 331 38.26 4.15 44.63
C ALA G 331 36.83 3.63 44.74
N ARG G 332 36.07 4.18 45.67
CA ARG G 332 34.65 3.94 45.81
C ARG G 332 33.92 4.97 44.95
N THR G 333 32.60 5.13 45.14
CA THR G 333 31.98 6.14 44.29
C THR G 333 31.35 7.37 44.96
N PRO G 334 31.92 7.94 46.02
CA PRO G 334 31.87 9.40 46.13
C PRO G 334 32.94 10.09 45.31
N ASN G 335 34.03 9.40 45.00
CA ASN G 335 35.17 10.01 44.31
C ASN G 335 35.58 9.15 43.11
N MET G 336 34.90 9.36 41.99
CA MET G 336 35.33 8.86 40.70
C MET G 336 35.06 9.95 39.67
N LEU G 337 35.46 9.70 38.43
CA LEU G 337 34.91 10.49 37.35
C LEU G 337 33.44 10.11 37.17
N PRO G 338 32.56 11.05 36.86
CA PRO G 338 31.12 10.76 36.89
C PRO G 338 30.63 9.85 35.76
N PHE G 339 31.46 9.56 34.76
CA PHE G 339 31.06 8.62 33.73
C PHE G 339 31.52 7.20 34.02
N LEU G 340 32.40 7.00 35.00
CA LEU G 340 32.76 5.67 35.45
C LEU G 340 32.52 5.53 36.95
N SER G 341 31.48 6.18 37.44
CA SER G 341 31.06 6.08 38.83
C SER G 341 30.10 4.93 39.06
N PHE G 342 30.05 3.97 38.14
CA PHE G 342 29.13 2.85 38.29
C PHE G 342 29.69 1.74 39.17
N ILE G 343 30.95 1.80 39.59
CA ILE G 343 31.52 0.66 40.28
C ILE G 343 31.39 0.74 41.80
N GLY G 344 30.15 0.64 42.30
CA GLY G 344 29.91 0.33 43.69
C GLY G 344 30.23 1.42 44.70
N PRO G 345 29.39 1.54 45.73
CA PRO G 345 29.79 2.31 46.91
C PRO G 345 30.90 1.66 47.68
N VAL G 346 31.08 0.35 47.57
CA VAL G 346 32.24 -0.31 48.14
C VAL G 346 33.47 -0.06 47.28
N GLY G 347 33.29 0.00 45.96
CA GLY G 347 34.40 0.28 45.08
C GLY G 347 35.23 -0.95 44.87
N HIS G 348 36.50 -0.91 45.25
CA HIS G 348 37.25 -2.14 45.45
C HIS G 348 38.05 -2.10 46.74
N LYS G 349 37.36 -1.78 47.82
CA LYS G 349 37.78 -2.25 49.13
C LYS G 349 37.76 -3.77 49.16
N GLY G 350 38.63 -4.34 49.97
CA GLY G 350 38.71 -5.79 50.03
C GLY G 350 39.36 -6.41 48.84
N LEU G 351 40.21 -5.68 48.14
CA LEU G 351 40.95 -6.20 47.00
C LEU G 351 42.45 -6.23 47.22
N PHE G 352 42.95 -5.47 48.19
CA PHE G 352 44.32 -5.66 48.64
C PHE G 352 44.45 -6.95 49.44
N GLU G 353 43.36 -7.42 50.05
CA GLU G 353 43.33 -8.71 50.71
C GLU G 353 43.22 -9.87 49.72
N VAL G 354 42.91 -9.58 48.46
CA VAL G 354 42.88 -10.62 47.44
C VAL G 354 44.27 -10.93 46.94
N LEU G 355 45.04 -9.90 46.61
CA LEU G 355 46.35 -10.04 46.02
C LEU G 355 47.46 -10.12 47.05
N THR G 356 47.14 -10.48 48.29
CA THR G 356 48.16 -10.63 49.32
C THR G 356 47.97 -11.96 50.04
N THR G 357 46.73 -12.43 50.12
CA THR G 357 46.44 -13.66 50.83
C THR G 357 46.21 -14.86 49.90
N SER G 358 46.62 -14.73 48.64
CA SER G 358 46.49 -15.84 47.70
C SER G 358 47.46 -15.64 46.55
N TRP G 359 48.24 -16.68 46.25
CA TRP G 359 49.24 -16.61 45.20
C TRP G 359 48.68 -16.87 43.81
N HIS G 360 47.47 -17.43 43.69
CA HIS G 360 46.89 -17.62 42.38
C HIS G 360 46.33 -16.33 41.83
N ALA G 361 45.91 -15.42 42.70
CA ALA G 361 45.49 -14.10 42.25
C ALA G 361 46.66 -13.30 41.73
N GLN G 362 47.83 -13.50 42.31
CA GLN G 362 49.02 -12.79 41.86
C GLN G 362 49.58 -13.42 40.60
N LEU G 363 49.46 -14.74 40.46
CA LEU G 363 49.99 -15.43 39.29
C LEU G 363 49.18 -15.14 38.05
N SER G 364 47.89 -14.88 38.18
CA SER G 364 47.08 -14.62 37.00
C SER G 364 47.37 -13.22 36.42
N ILE G 365 47.82 -12.28 37.24
CA ILE G 365 48.21 -10.99 36.68
C ILE G 365 49.64 -11.03 36.17
N ASN G 366 50.52 -11.73 36.87
CA ASN G 366 51.90 -11.80 36.45
C ASN G 366 52.12 -12.69 35.23
N LEU G 367 51.14 -13.50 34.84
CA LEU G 367 51.25 -14.28 33.62
C LEU G 367 50.65 -13.57 32.43
N ALA G 368 49.51 -12.90 32.63
CA ALA G 368 48.91 -12.13 31.55
C ALA G 368 49.71 -10.88 31.23
N MET G 369 50.47 -10.36 32.20
CA MET G 369 51.33 -9.22 31.93
C MET G 369 52.65 -9.65 31.30
N LEU G 370 53.20 -10.78 31.73
CA LEU G 370 54.40 -11.31 31.11
C LEU G 370 54.10 -11.96 29.77
N GLY G 371 52.86 -12.37 29.54
CA GLY G 371 52.47 -12.87 28.24
C GLY G 371 52.29 -11.74 27.27
N SER G 372 51.59 -10.68 27.67
CA SER G 372 51.40 -9.54 26.79
C SER G 372 52.67 -8.73 26.60
N LEU G 373 53.63 -8.85 27.52
CA LEU G 373 54.92 -8.19 27.33
C LEU G 373 55.72 -8.91 26.26
N SER G 374 55.63 -10.22 26.21
CA SER G 374 56.43 -11.00 25.28
C SER G 374 55.91 -10.91 23.86
N ILE G 375 54.69 -10.43 23.65
CA ILE G 375 54.24 -10.16 22.29
C ILE G 375 54.56 -8.73 21.89
N ILE G 376 54.61 -7.81 22.86
CA ILE G 376 55.08 -6.45 22.60
C ILE G 376 56.56 -6.46 22.28
N ILE G 377 57.30 -7.34 22.94
CA ILE G 377 58.72 -7.51 22.66
C ILE G 377 58.94 -8.04 21.26
N ALA G 378 58.09 -8.99 20.83
CA ALA G 378 58.23 -9.58 19.50
C ALA G 378 57.89 -8.58 18.41
N HIS G 379 56.95 -7.68 18.66
CA HIS G 379 56.57 -6.65 17.70
C HIS G 379 57.57 -5.51 17.61
N HIS G 380 58.47 -5.39 18.57
CA HIS G 380 59.43 -4.30 18.58
C HIS G 380 60.79 -4.73 18.07
N MET G 381 61.14 -6.00 18.21
CA MET G 381 62.42 -6.48 17.74
C MET G 381 62.45 -6.77 16.25
N TYR G 382 61.31 -6.69 15.55
CA TYR G 382 61.36 -6.71 14.11
C TYR G 382 61.29 -5.31 13.51
N ALA G 383 60.55 -4.41 14.15
CA ALA G 383 60.36 -3.08 13.59
C ALA G 383 61.46 -2.12 13.99
N MET G 384 62.00 -2.28 15.20
CA MET G 384 63.18 -1.55 15.66
C MET G 384 64.21 -2.60 16.05
N PRO G 385 64.95 -3.14 15.08
CA PRO G 385 65.89 -4.22 15.36
C PRO G 385 67.03 -3.73 16.24
N PRO G 386 67.25 -4.35 17.39
CA PRO G 386 68.18 -3.80 18.37
C PRO G 386 69.62 -4.30 18.27
N TYR G 387 69.88 -5.32 17.46
CA TYR G 387 71.18 -5.96 17.47
C TYR G 387 71.88 -5.76 16.14
N PRO G 388 73.22 -5.71 16.13
CA PRO G 388 73.94 -5.59 14.86
C PRO G 388 73.80 -6.86 14.05
N TYR G 389 73.43 -6.68 12.76
CA TYR G 389 73.24 -7.75 11.79
C TYR G 389 72.13 -8.72 12.20
N LEU G 390 71.16 -8.23 12.96
CA LEU G 390 69.99 -9.05 13.29
C LEU G 390 68.96 -8.99 12.19
N ALA G 391 68.70 -7.79 11.67
CA ALA G 391 67.57 -7.57 10.77
C ALA G 391 67.78 -8.22 9.41
N THR G 392 69.03 -8.43 9.00
CA THR G 392 69.30 -9.06 7.73
C THR G 392 69.46 -10.57 7.85
N ASP G 393 69.72 -11.09 9.04
CA ASP G 393 69.57 -12.52 9.25
C ASP G 393 68.10 -12.85 9.27
N TYR G 394 67.54 -13.20 8.11
CA TYR G 394 66.10 -13.38 7.98
C TYR G 394 65.60 -14.62 8.70
N GLY G 395 66.48 -15.59 8.97
CA GLY G 395 66.08 -16.73 9.76
C GLY G 395 66.01 -16.43 11.24
N THR G 396 66.63 -15.35 11.68
CA THR G 396 66.64 -14.92 13.06
C THR G 396 65.49 -13.96 13.36
N VAL G 397 65.13 -13.10 12.41
CA VAL G 397 64.01 -12.18 12.58
C VAL G 397 62.71 -12.94 12.74
N VAL G 398 62.51 -13.99 11.95
CA VAL G 398 61.24 -14.70 12.04
C VAL G 398 61.25 -15.66 13.23
N SER G 399 62.39 -16.23 13.58
CA SER G 399 62.40 -17.18 14.69
C SER G 399 62.48 -16.50 16.05
N LEU G 400 62.62 -15.19 16.09
CA LEU G 400 62.48 -14.45 17.34
C LEU G 400 61.11 -13.81 17.49
N PHE G 401 60.47 -13.45 16.38
CA PHE G 401 59.07 -13.05 16.45
C PHE G 401 58.20 -14.25 16.80
N THR G 402 58.42 -15.37 16.13
CA THR G 402 57.58 -16.55 16.32
C THR G 402 57.79 -17.17 17.68
N HIS G 403 58.99 -17.07 18.24
CA HIS G 403 59.26 -17.63 19.55
C HIS G 403 58.49 -16.89 20.63
N HIS G 404 58.69 -15.57 20.71
CA HIS G 404 58.10 -14.79 21.78
C HIS G 404 56.62 -14.54 21.59
N VAL G 405 56.08 -14.77 20.41
CA VAL G 405 54.62 -14.77 20.26
C VAL G 405 54.04 -16.02 20.88
N TRP G 406 54.66 -17.18 20.64
CA TRP G 406 54.15 -18.43 21.21
C TRP G 406 54.37 -18.48 22.71
N ILE G 407 55.55 -18.06 23.17
CA ILE G 407 55.81 -17.97 24.61
C ILE G 407 54.86 -16.99 25.26
N GLY G 408 54.70 -15.84 24.66
CA GLY G 408 53.79 -14.87 25.19
C GLY G 408 52.33 -15.11 24.93
N GLY G 409 51.96 -16.27 24.42
CA GLY G 409 50.56 -16.58 24.28
C GLY G 409 50.18 -17.77 25.12
N PHE G 410 51.16 -18.61 25.46
CA PHE G 410 50.95 -19.61 26.47
C PHE G 410 50.73 -18.98 27.83
N LEU G 411 51.48 -17.92 28.14
CA LEU G 411 51.36 -17.26 29.42
C LEU G 411 50.05 -16.49 29.56
N ILE G 412 49.41 -16.12 28.47
CA ILE G 412 48.09 -15.50 28.57
C ILE G 412 47.06 -16.53 29.01
N VAL G 413 47.13 -17.74 28.45
CA VAL G 413 46.23 -18.81 28.84
C VAL G 413 46.51 -19.27 30.26
N GLY G 414 47.75 -19.12 30.72
CA GLY G 414 48.03 -19.35 32.12
C GLY G 414 47.54 -18.23 33.01
N GLY G 415 47.46 -17.03 32.48
CA GLY G 415 46.86 -15.95 33.25
C GLY G 415 45.37 -16.08 33.38
N ALA G 416 44.74 -16.90 32.56
CA ALA G 416 43.33 -17.18 32.66
C ALA G 416 43.05 -18.55 33.26
N ALA G 417 44.08 -19.36 33.48
CA ALA G 417 43.91 -20.58 34.25
C ALA G 417 43.90 -20.28 35.73
N HIS G 418 44.83 -19.44 36.20
CA HIS G 418 44.94 -19.11 37.61
C HIS G 418 43.98 -18.01 38.03
N ALA G 419 43.39 -17.31 37.09
CA ALA G 419 42.23 -16.50 37.40
C ALA G 419 40.97 -17.33 37.56
N ALA G 420 41.04 -18.63 37.26
CA ALA G 420 39.97 -19.57 37.52
C ALA G 420 40.27 -20.52 38.67
N ILE G 421 41.54 -20.74 38.99
CA ILE G 421 41.88 -21.45 40.22
C ILE G 421 41.68 -20.55 41.42
N TYR G 422 41.78 -19.23 41.22
CA TYR G 422 41.49 -18.30 42.30
C TYR G 422 40.01 -18.33 42.67
N MET G 423 39.12 -18.42 41.68
CA MET G 423 37.68 -18.39 41.97
C MET G 423 37.24 -19.68 42.64
N VAL G 424 37.74 -20.82 42.18
CA VAL G 424 37.30 -22.09 42.75
C VAL G 424 37.86 -22.28 44.15
N ARG G 425 39.10 -21.88 44.38
CA ARG G 425 39.77 -22.16 45.64
C ARG G 425 39.84 -20.94 46.56
N ASP G 426 40.43 -19.85 46.10
CA ASP G 426 40.82 -18.76 46.99
C ASP G 426 39.80 -17.63 47.04
N TYR G 427 38.62 -17.79 46.44
CA TYR G 427 37.64 -16.73 46.41
C TYR G 427 36.80 -16.76 47.67
N ASP G 428 36.59 -15.57 48.25
CA ASP G 428 35.90 -15.44 49.53
C ASP G 428 34.77 -14.44 49.34
N PRO G 429 33.50 -14.86 49.46
CA PRO G 429 32.40 -13.89 49.36
C PRO G 429 32.26 -12.99 50.58
N GLU G 430 32.97 -13.29 51.68
CA GLU G 430 32.99 -12.41 52.83
C GLU G 430 33.69 -11.10 52.52
N GLN G 431 34.96 -11.17 52.13
CA GLN G 431 35.75 -9.98 51.87
C GLN G 431 35.45 -9.33 50.52
N ASN G 432 34.63 -9.96 49.69
CA ASN G 432 34.31 -9.44 48.37
C ASN G 432 32.83 -9.17 48.24
N PHE G 433 32.21 -8.50 49.20
CA PHE G 433 30.81 -8.15 49.06
C PHE G 433 30.70 -6.79 48.37
N ASN G 434 30.05 -6.80 47.20
CA ASN G 434 29.70 -5.61 46.42
C ASN G 434 30.89 -4.78 45.99
N ASN G 435 32.09 -5.36 46.00
CA ASN G 435 33.26 -4.65 45.50
C ASN G 435 33.34 -4.86 43.99
N VAL G 436 34.48 -4.51 43.39
CA VAL G 436 34.57 -4.47 41.95
C VAL G 436 34.63 -5.86 41.33
N LEU G 437 34.89 -6.89 42.14
CA LEU G 437 34.92 -8.29 41.71
C LEU G 437 33.60 -9.00 41.95
N ASP G 438 32.85 -8.60 42.98
CA ASP G 438 31.50 -9.12 43.16
C ASP G 438 30.59 -8.65 42.04
N ARG G 439 30.70 -7.38 41.67
CA ARG G 439 29.81 -6.80 40.67
C ARG G 439 30.06 -7.33 39.26
N VAL G 440 31.19 -8.00 39.03
CA VAL G 440 31.44 -8.64 37.75
C VAL G 440 30.73 -9.99 37.68
N LEU G 441 30.76 -10.76 38.76
CA LEU G 441 30.02 -12.01 38.79
C LEU G 441 28.52 -11.78 38.86
N ARG G 442 28.07 -10.61 39.27
CA ARG G 442 26.65 -10.34 39.35
C ARG G 442 26.06 -9.93 38.02
N HIS G 443 26.84 -9.83 36.96
CA HIS G 443 26.26 -9.56 35.66
C HIS G 443 26.96 -10.34 34.55
N ARG G 444 27.57 -11.47 34.90
CA ARG G 444 28.43 -12.22 33.99
C ARG G 444 27.71 -12.80 32.77
N ASP G 445 26.39 -12.78 32.72
CA ASP G 445 25.69 -13.11 31.49
C ASP G 445 25.51 -11.90 30.60
N ALA G 446 25.96 -10.73 31.01
CA ALA G 446 26.04 -9.57 30.14
C ALA G 446 27.43 -9.33 29.61
N ILE G 447 28.45 -9.79 30.31
CA ILE G 447 29.79 -9.80 29.74
C ILE G 447 29.87 -10.82 28.62
N ILE G 448 29.37 -12.02 28.87
CA ILE G 448 29.54 -13.12 27.93
C ILE G 448 28.56 -13.02 26.76
N SER G 449 27.40 -12.39 26.94
CA SER G 449 26.47 -12.18 25.83
C SER G 449 27.05 -11.23 24.79
N HIS G 450 27.68 -10.16 25.24
CA HIS G 450 28.24 -9.17 24.32
C HIS G 450 29.63 -9.54 23.87
N LEU G 451 30.29 -10.43 24.57
CA LEU G 451 31.51 -10.99 24.03
C LEU G 451 31.21 -12.03 22.97
N ALA G 452 30.22 -12.88 23.21
CA ALA G 452 29.84 -13.87 22.20
C ALA G 452 29.07 -13.28 21.04
N TRP G 453 28.75 -12.00 21.06
CA TRP G 453 28.26 -11.33 19.87
C TRP G 453 29.39 -10.72 19.06
N VAL G 454 30.37 -10.11 19.71
CA VAL G 454 31.48 -9.52 18.98
C VAL G 454 32.45 -10.57 18.47
N CYS G 455 32.46 -11.77 19.05
CA CYS G 455 33.12 -12.88 18.38
C CYS G 455 32.34 -13.32 17.16
N GLN G 456 31.03 -13.15 17.19
CA GLN G 456 30.18 -13.53 16.07
C GLN G 456 30.13 -12.45 15.01
N PHE G 457 30.18 -11.19 15.41
CA PHE G 457 30.22 -10.09 14.46
C PHE G 457 31.52 -10.12 13.66
N LEU G 458 32.61 -10.47 14.32
CA LEU G 458 33.91 -10.45 13.67
C LEU G 458 34.17 -11.71 12.86
N GLY G 459 33.54 -12.82 13.21
CA GLY G 459 33.72 -14.02 12.42
C GLY G 459 33.07 -13.93 11.08
N PHE G 460 31.97 -13.20 10.97
CA PHE G 460 31.37 -12.95 9.68
C PHE G 460 32.09 -11.85 8.92
N HIS G 461 32.65 -10.86 9.60
CA HIS G 461 33.26 -9.74 8.92
C HIS G 461 34.76 -9.84 8.83
N SER G 462 35.29 -10.95 9.15
CA SER G 462 36.68 -11.16 8.77
C SER G 462 36.86 -12.45 8.01
N PHE G 463 36.20 -13.53 8.43
CA PHE G 463 36.38 -14.78 7.71
C PHE G 463 35.43 -14.92 6.54
N ALA G 464 34.18 -14.51 6.68
CA ALA G 464 33.28 -14.64 5.55
C ALA G 464 33.52 -13.60 4.48
N MET G 465 34.37 -12.60 4.74
CA MET G 465 34.89 -11.79 3.64
C MET G 465 36.06 -12.44 2.94
N TYR G 466 36.65 -13.47 3.53
CA TYR G 466 37.59 -14.32 2.82
C TYR G 466 36.90 -15.39 2.02
N CYS G 467 35.65 -15.72 2.36
CA CYS G 467 34.82 -16.62 1.57
C CYS G 467 34.04 -15.89 0.50
N HIS G 468 33.85 -14.58 0.64
CA HIS G 468 33.31 -13.81 -0.46
C HIS G 468 34.35 -13.62 -1.55
N ASN G 469 35.59 -13.31 -1.16
CA ASN G 469 36.67 -13.18 -2.14
C ASN G 469 37.01 -14.50 -2.79
N ASP G 470 36.84 -15.60 -2.07
CA ASP G 470 37.15 -16.91 -2.62
C ASP G 470 36.14 -17.35 -3.66
N THR G 471 34.92 -16.87 -3.55
CA THR G 471 33.87 -17.20 -4.49
C THR G 471 33.86 -16.26 -5.69
N MET G 472 34.21 -14.99 -5.50
CA MET G 472 34.30 -14.08 -6.63
C MET G 472 35.51 -14.38 -7.49
N ARG G 473 36.61 -14.85 -6.89
CA ARG G 473 37.79 -15.18 -7.66
C ARG G 473 37.58 -16.45 -8.47
N ALA G 474 36.75 -17.36 -7.96
CA ALA G 474 36.45 -18.60 -8.68
C ALA G 474 35.40 -18.39 -9.76
N PHE G 475 34.45 -17.49 -9.50
CA PHE G 475 33.44 -17.11 -10.48
C PHE G 475 34.00 -16.35 -11.66
N GLY G 476 35.23 -15.85 -11.58
CA GLY G 476 35.72 -14.98 -12.62
C GLY G 476 35.21 -13.58 -12.48
N ARG G 477 34.94 -13.14 -11.25
CA ARG G 477 34.50 -11.77 -10.98
C ARG G 477 35.51 -11.12 -10.05
N PRO G 478 36.67 -10.69 -10.56
CA PRO G 478 37.67 -10.08 -9.69
C PRO G 478 37.40 -8.61 -9.37
N GLN G 479 36.33 -8.03 -9.90
CA GLN G 479 35.93 -6.68 -9.57
C GLN G 479 34.89 -6.62 -8.47
N ASP G 480 34.37 -7.76 -8.04
CA ASP G 480 33.34 -7.84 -7.04
C ASP G 480 33.88 -8.20 -5.66
N MET G 481 35.15 -8.51 -5.53
CA MET G 481 35.71 -8.97 -4.29
C MET G 481 36.48 -7.87 -3.59
N PHE G 482 36.77 -8.09 -2.30
CA PHE G 482 37.39 -7.09 -1.44
C PHE G 482 38.90 -7.04 -1.69
N SER G 483 39.26 -6.43 -2.81
CA SER G 483 40.64 -6.29 -3.23
C SER G 483 41.08 -4.85 -3.09
N ASP G 484 42.33 -4.59 -3.46
CA ASP G 484 42.73 -3.23 -3.78
C ASP G 484 42.27 -2.80 -5.17
N THR G 485 41.82 -3.75 -5.99
CA THR G 485 41.28 -3.45 -7.31
C THR G 485 39.76 -3.50 -7.34
N GLY G 486 39.12 -4.24 -6.44
CA GLY G 486 37.68 -4.33 -6.42
C GLY G 486 37.05 -3.38 -5.41
N ILE G 487 36.44 -3.94 -4.37
CA ILE G 487 35.79 -3.15 -3.33
C ILE G 487 36.82 -2.91 -2.24
N GLN G 488 37.40 -1.72 -2.22
CA GLN G 488 38.53 -1.43 -1.35
C GLN G 488 38.08 -1.21 0.07
N LEU G 489 38.77 -1.86 1.01
CA LEU G 489 38.56 -1.68 2.45
C LEU G 489 39.89 -1.16 3.00
N GLN G 490 40.04 0.08 3.03
CA GLN G 490 41.35 0.56 3.45
C GLN G 490 41.40 0.75 4.95
N PRO G 491 42.54 0.48 5.57
CA PRO G 491 42.70 0.77 6.99
C PRO G 491 42.88 2.25 7.21
N VAL G 492 41.76 2.97 7.32
CA VAL G 492 41.79 4.43 7.33
C VAL G 492 42.46 4.95 8.59
N PHE G 493 42.21 4.32 9.73
CA PHE G 493 42.79 4.77 10.98
C PHE G 493 44.17 4.20 11.26
N ALA G 494 44.63 3.22 10.48
CA ALA G 494 45.98 2.71 10.63
C ALA G 494 46.92 3.19 9.55
N GLN G 495 46.40 3.64 8.41
CA GLN G 495 47.20 4.40 7.46
C GLN G 495 47.42 5.83 7.94
N TRP G 496 46.61 6.29 8.88
CA TRP G 496 46.80 7.64 9.41
C TRP G 496 47.85 7.68 10.51
N LEU G 497 47.95 6.62 11.32
CA LEU G 497 49.01 6.57 12.30
C LEU G 497 50.37 6.31 11.68
N GLN G 498 50.41 5.73 10.48
CA GLN G 498 51.66 5.67 9.76
C GLN G 498 52.05 7.03 9.23
N HIS G 499 51.07 7.91 9.02
CA HIS G 499 51.35 9.27 8.61
C HIS G 499 51.78 10.14 9.77
N ILE G 500 51.27 9.88 10.97
CA ILE G 500 51.65 10.68 12.14
C ILE G 500 53.08 10.38 12.55
N HIS G 501 53.45 9.10 12.60
CA HIS G 501 54.76 8.73 13.12
C HIS G 501 55.90 8.99 12.15
N THR G 502 55.63 9.52 10.96
CA THR G 502 56.68 10.04 10.10
C THR G 502 56.62 11.54 9.92
N MET G 503 55.58 12.22 10.38
CA MET G 503 55.54 13.67 10.36
C MET G 503 55.91 14.27 11.70
N THR G 504 56.31 13.46 12.66
CA THR G 504 56.78 13.91 13.96
C THR G 504 58.24 13.53 14.17
N ILE G 505 59.05 13.68 13.13
CA ILE G 505 60.49 13.47 13.25
C ILE G 505 61.20 14.79 13.03
N LEU G 538 64.71 12.28 16.92
CA LEU G 538 64.60 13.60 16.31
C LEU G 538 64.65 13.52 14.79
N HIS G 539 65.79 13.92 14.22
CA HIS G 539 65.89 14.13 12.78
C HIS G 539 65.90 12.83 11.97
N ASP G 540 66.11 11.68 12.60
CA ASP G 540 66.04 10.46 11.81
C ASP G 540 64.69 9.77 12.00
N PRO G 541 64.14 9.18 10.95
CA PRO G 541 62.85 8.49 11.07
C PRO G 541 62.92 7.19 11.85
N VAL G 542 62.71 7.28 13.16
CA VAL G 542 62.48 6.15 14.07
C VAL G 542 61.52 5.14 13.46
N SER G 543 61.93 3.86 13.44
CA SER G 543 61.14 2.75 12.94
C SER G 543 60.70 2.90 11.49
N TYR G 544 61.60 2.62 10.56
CA TYR G 544 61.37 2.63 9.11
C TYR G 544 60.15 1.82 8.65
N ALA G 545 59.59 0.96 9.51
CA ALA G 545 58.29 0.33 9.26
C ALA G 545 57.17 1.33 9.03
N PHE G 546 57.25 2.51 9.64
CA PHE G 546 56.19 3.49 9.47
C PHE G 546 56.29 4.18 8.11
N GLY G 547 57.47 4.61 7.74
CA GLY G 547 57.65 5.22 6.44
C GLY G 547 58.96 5.98 6.36
N GLY G 548 59.37 6.22 5.12
CA GLY G 548 60.56 6.99 4.86
C GLY G 548 61.80 6.12 4.92
N GLY G 549 62.59 6.10 3.85
CA GLY G 549 63.86 5.41 3.87
C GLY G 549 63.77 3.91 3.73
N VAL G 550 64.81 3.31 3.14
CA VAL G 550 64.95 1.87 3.02
C VAL G 550 66.34 1.52 3.54
N VAL G 551 66.40 0.84 4.67
CA VAL G 551 67.68 0.46 5.26
C VAL G 551 68.10 -0.87 4.64
N ALA G 552 69.19 -0.83 3.87
CA ALA G 552 69.59 -1.90 2.98
C ALA G 552 71.09 -2.17 3.14
N VAL G 553 71.49 -2.45 4.38
CA VAL G 553 72.85 -2.26 4.89
C VAL G 553 73.93 -2.96 4.06
N GLY G 554 73.61 -4.10 3.45
CA GLY G 554 74.52 -4.73 2.51
C GLY G 554 73.93 -6.04 2.06
N GLY G 555 73.91 -6.28 0.76
CA GLY G 555 73.16 -7.40 0.26
C GLY G 555 71.67 -7.21 0.48
N LYS G 556 71.15 -7.92 1.48
CA LYS G 556 69.73 -7.93 1.77
C LYS G 556 69.29 -6.62 2.43
N VAL G 557 67.98 -6.45 2.52
CA VAL G 557 67.36 -5.23 3.05
C VAL G 557 66.92 -5.47 4.49
N ALA G 558 67.25 -4.52 5.37
CA ALA G 558 66.95 -4.67 6.79
C ALA G 558 65.50 -4.29 7.10
N MET G 559 65.14 -3.04 6.85
CA MET G 559 63.80 -2.57 7.14
C MET G 559 63.29 -1.70 6.00
N MET G 560 61.99 -1.80 5.76
CA MET G 560 61.30 -1.05 4.72
C MET G 560 59.94 -0.65 5.29
N PRO G 561 59.31 0.38 4.73
CA PRO G 561 57.91 0.68 5.11
C PRO G 561 56.98 -0.49 4.83
N ILE G 562 56.13 -0.78 5.81
CA ILE G 562 55.14 -1.84 5.71
C ILE G 562 53.82 -1.12 5.46
N THR G 563 53.46 -0.99 4.19
CA THR G 563 52.23 -0.29 3.86
C THR G 563 51.02 -1.20 4.10
N LEU G 564 49.86 -0.58 4.25
CA LEU G 564 48.65 -1.26 4.68
C LEU G 564 47.56 -1.04 3.64
N GLY G 565 47.03 -2.12 3.10
CA GLY G 565 45.96 -2.08 2.13
C GLY G 565 44.78 -2.89 2.62
N THR G 566 43.99 -3.38 1.66
CA THR G 566 42.82 -4.16 2.01
C THR G 566 43.19 -5.52 2.57
N ALA G 567 44.31 -6.09 2.11
CA ALA G 567 44.78 -7.36 2.65
C ALA G 567 45.28 -7.23 4.09
N ASP G 568 45.63 -6.02 4.52
CA ASP G 568 46.01 -5.77 5.90
C ASP G 568 44.84 -5.33 6.77
N PHE G 569 43.80 -4.78 6.16
CA PHE G 569 42.54 -4.57 6.88
C PHE G 569 41.91 -5.90 7.24
N LEU G 570 41.86 -6.82 6.28
CA LEU G 570 41.16 -8.08 6.46
C LEU G 570 41.88 -9.00 7.42
N ILE G 571 43.21 -8.89 7.51
CA ILE G 571 43.98 -9.78 8.36
C ILE G 571 44.16 -9.25 9.76
N HIS G 572 43.92 -7.95 9.99
CA HIS G 572 43.90 -7.46 11.36
C HIS G 572 42.58 -7.71 12.03
N HIS G 573 41.56 -8.06 11.27
CA HIS G 573 40.29 -8.46 11.84
C HIS G 573 40.18 -9.96 11.98
N ILE G 574 41.05 -10.71 11.30
CA ILE G 574 41.24 -12.10 11.67
C ILE G 574 41.89 -12.17 13.05
N HIS G 575 42.83 -11.28 13.31
CA HIS G 575 43.48 -11.24 14.61
C HIS G 575 42.55 -10.71 15.67
N ALA G 576 41.72 -9.73 15.34
CA ALA G 576 40.73 -9.25 16.30
C ALA G 576 39.67 -10.29 16.57
N PHE G 577 39.34 -11.12 15.58
CA PHE G 577 38.35 -12.17 15.80
C PHE G 577 38.91 -13.28 16.65
N THR G 578 40.12 -13.74 16.35
CA THR G 578 40.65 -14.89 17.07
C THR G 578 41.11 -14.55 18.47
N ILE G 579 41.40 -13.28 18.74
CA ILE G 579 41.75 -12.89 20.11
C ILE G 579 40.51 -12.84 20.97
N HIS G 580 39.39 -12.42 20.39
CA HIS G 580 38.15 -12.31 21.15
C HIS G 580 37.55 -13.67 21.47
N VAL G 581 37.68 -14.64 20.56
CA VAL G 581 37.17 -15.96 20.90
C VAL G 581 38.11 -16.64 21.87
N THR G 582 39.40 -16.33 21.81
CA THR G 582 40.32 -16.81 22.83
C THR G 582 40.00 -16.18 24.18
N VAL G 583 39.57 -14.93 24.17
CA VAL G 583 39.11 -14.30 25.40
C VAL G 583 37.79 -14.92 25.85
N LEU G 584 36.86 -15.15 24.91
CA LEU G 584 35.52 -15.63 25.25
C LEU G 584 35.56 -17.02 25.85
N VAL G 585 36.45 -17.89 25.37
CA VAL G 585 36.61 -19.20 25.96
C VAL G 585 37.22 -19.09 27.34
N LEU G 586 38.23 -18.23 27.50
CA LEU G 586 38.92 -18.12 28.77
C LEU G 586 38.15 -17.29 29.80
N LEU G 587 37.41 -16.28 29.36
CA LEU G 587 36.62 -15.49 30.30
C LEU G 587 35.38 -16.25 30.75
N LYS G 588 34.84 -17.14 29.92
CA LYS G 588 33.75 -17.99 30.34
C LYS G 588 34.16 -19.00 31.39
N GLY G 589 35.43 -19.36 31.44
CA GLY G 589 35.90 -20.24 32.48
C GLY G 589 36.27 -19.56 33.77
N VAL G 590 36.41 -18.25 33.75
CA VAL G 590 36.71 -17.48 34.96
C VAL G 590 35.44 -17.03 35.65
N LEU G 591 34.47 -16.54 34.88
CA LEU G 591 33.22 -16.07 35.47
C LEU G 591 32.34 -17.22 35.90
N PHE G 592 32.27 -18.28 35.10
CA PHE G 592 31.47 -19.45 35.40
C PHE G 592 32.29 -20.56 36.05
N ALA G 593 33.30 -20.19 36.84
CA ALA G 593 34.02 -21.17 37.64
C ALA G 593 33.35 -21.43 38.97
N ARG G 594 32.63 -20.44 39.49
CA ARG G 594 31.88 -20.62 40.72
C ARG G 594 30.65 -21.48 40.49
N SER G 595 29.76 -21.01 39.62
CA SER G 595 28.47 -21.64 39.41
C SER G 595 27.95 -21.21 38.04
N SER G 596 26.79 -21.74 37.68
CA SER G 596 26.15 -21.43 36.42
C SER G 596 24.65 -21.51 36.65
N ARG G 597 23.89 -21.58 35.56
CA ARG G 597 22.51 -22.02 35.67
C ARG G 597 22.38 -23.52 35.52
N LEU G 598 23.37 -24.19 34.93
CA LEU G 598 23.40 -25.64 34.84
C LEU G 598 23.75 -26.27 36.18
N ILE G 599 24.97 -26.04 36.63
CA ILE G 599 25.46 -26.61 37.88
C ILE G 599 25.68 -25.45 38.85
N PRO G 600 24.74 -25.20 39.78
CA PRO G 600 24.91 -24.08 40.69
C PRO G 600 25.85 -24.35 41.85
N ASP G 601 26.36 -25.56 41.98
CA ASP G 601 27.31 -25.92 43.02
C ASP G 601 28.63 -26.37 42.42
N LYS G 602 29.08 -25.66 41.38
CA LYS G 602 30.24 -26.10 40.61
C LYS G 602 31.54 -25.91 41.36
N ALA G 603 31.59 -24.95 42.29
CA ALA G 603 32.82 -24.74 43.06
C ALA G 603 33.07 -25.82 44.10
N ASN G 604 32.07 -26.65 44.40
CA ASN G 604 32.26 -27.80 45.27
C ASN G 604 32.75 -29.02 44.52
N LEU G 605 32.48 -29.12 43.21
CA LEU G 605 33.00 -30.22 42.43
C LEU G 605 34.48 -30.05 42.15
N GLY G 606 34.99 -28.83 42.15
CA GLY G 606 36.40 -28.56 42.02
C GLY G 606 36.69 -27.67 40.83
N PHE G 607 37.99 -27.44 40.62
CA PHE G 607 38.46 -26.75 39.44
C PHE G 607 38.66 -27.72 38.28
N ARG G 608 39.26 -28.87 38.56
CA ARG G 608 39.64 -29.84 37.55
C ARG G 608 38.78 -31.09 37.75
N PHE G 609 37.57 -31.05 37.20
CA PHE G 609 36.68 -32.18 37.19
C PHE G 609 36.16 -32.37 35.78
N PRO G 610 35.87 -33.60 35.37
CA PRO G 610 35.43 -33.82 33.99
C PRO G 610 34.06 -33.26 33.65
N CYS G 611 33.08 -33.53 34.50
CA CYS G 611 31.69 -33.31 34.15
C CYS G 611 30.86 -33.39 35.42
N ASP G 612 29.55 -33.26 35.24
CA ASP G 612 28.56 -33.60 36.26
C ASP G 612 27.56 -34.58 35.67
N GLY G 613 28.07 -35.62 35.03
CA GLY G 613 27.25 -36.71 34.56
C GLY G 613 26.52 -36.40 33.28
N PRO G 614 25.75 -37.36 32.79
CA PRO G 614 25.01 -37.15 31.54
C PRO G 614 23.67 -36.50 31.73
N GLY G 615 23.44 -35.90 32.88
CA GLY G 615 22.19 -35.23 33.11
C GLY G 615 22.18 -33.87 32.54
N ARG G 616 21.00 -33.24 32.59
CA ARG G 616 20.71 -31.94 31.99
C ARG G 616 21.02 -31.92 30.49
N GLY G 617 20.82 -33.05 29.82
CA GLY G 617 21.23 -33.25 28.45
C GLY G 617 22.66 -33.74 28.30
N GLY G 618 23.52 -33.40 29.24
CA GLY G 618 24.93 -33.72 29.19
C GLY G 618 25.72 -32.52 29.66
N THR G 619 26.62 -32.70 30.63
CA THR G 619 27.38 -31.58 31.18
C THR G 619 28.86 -31.89 31.16
N CYS G 620 29.36 -32.37 30.04
CA CYS G 620 30.79 -32.57 29.86
C CYS G 620 31.51 -31.28 29.53
N GLN G 621 32.73 -31.13 30.06
CA GLN G 621 33.55 -29.93 29.93
C GLN G 621 32.86 -28.69 30.48
N VAL G 622 32.21 -28.82 31.64
CA VAL G 622 31.64 -27.65 32.30
C VAL G 622 32.63 -26.99 33.25
N SER G 623 33.78 -27.60 33.48
CA SER G 623 34.70 -27.11 34.49
C SER G 623 35.40 -25.85 34.02
N ALA G 624 36.19 -25.27 34.93
CA ALA G 624 37.05 -24.17 34.55
C ALA G 624 38.36 -24.65 33.96
N TRP G 625 38.67 -25.94 34.10
CA TRP G 625 39.85 -26.50 33.46
C TRP G 625 39.63 -26.67 31.98
N ASP G 626 38.42 -27.08 31.58
CA ASP G 626 38.12 -27.36 30.20
C ASP G 626 37.75 -26.11 29.41
N HIS G 627 37.95 -24.93 29.98
CA HIS G 627 38.01 -23.70 29.23
C HIS G 627 39.43 -23.21 29.06
N VAL G 628 40.35 -23.66 29.91
CA VAL G 628 41.77 -23.53 29.63
C VAL G 628 42.16 -24.51 28.53
N PHE G 629 41.56 -25.69 28.52
CA PHE G 629 41.86 -26.69 27.50
C PHE G 629 41.34 -26.28 26.14
N LEU G 630 40.17 -25.64 26.10
CA LEU G 630 39.62 -25.16 24.84
C LEU G 630 40.18 -23.82 24.41
N GLY G 631 40.76 -23.07 25.34
CA GLY G 631 41.43 -21.84 25.01
C GLY G 631 42.86 -22.03 24.62
N LEU G 632 43.38 -23.26 24.68
CA LEU G 632 44.70 -23.57 24.17
C LEU G 632 44.66 -23.88 22.68
N PHE G 633 43.56 -24.45 22.19
CA PHE G 633 43.38 -24.57 20.75
C PHE G 633 43.14 -23.22 20.12
N TRP G 634 42.47 -22.35 20.83
CA TRP G 634 42.14 -21.04 20.31
C TRP G 634 43.27 -20.05 20.47
N MET G 635 44.14 -20.25 21.44
CA MET G 635 45.43 -19.57 21.44
C MET G 635 46.25 -20.02 20.25
N TYR G 636 46.19 -21.31 19.92
CA TYR G 636 46.96 -21.85 18.82
C TYR G 636 46.50 -21.28 17.50
N ASN G 637 45.19 -21.26 17.26
CA ASN G 637 44.66 -20.72 16.01
C ASN G 637 44.85 -19.23 15.91
N SER G 638 44.89 -18.53 17.04
CA SER G 638 45.11 -17.08 17.01
C SER G 638 46.57 -16.76 16.71
N LEU G 639 47.50 -17.39 17.42
CA LEU G 639 48.91 -17.07 17.24
C LEU G 639 49.52 -17.70 16.01
N SER G 640 48.93 -18.76 15.46
CA SER G 640 49.48 -19.29 14.23
C SER G 640 49.10 -18.45 13.03
N MET G 641 48.10 -17.59 13.15
CA MET G 641 47.80 -16.64 12.10
C MET G 641 48.52 -15.32 12.29
N VAL G 642 48.99 -15.03 13.50
CA VAL G 642 49.86 -13.87 13.71
C VAL G 642 51.23 -14.13 13.09
N ILE G 643 51.76 -15.34 13.29
CA ILE G 643 53.05 -15.70 12.70
C ILE G 643 52.96 -16.05 11.24
N PHE G 644 51.76 -16.24 10.68
CA PHE G 644 51.61 -16.41 9.26
C PHE G 644 51.38 -15.10 8.54
N HIS G 645 50.72 -14.15 9.21
CA HIS G 645 50.66 -12.79 8.71
C HIS G 645 52.03 -12.15 8.69
N PHE G 646 52.86 -12.45 9.69
CA PHE G 646 54.20 -11.89 9.75
C PHE G 646 55.08 -12.50 8.68
N PHE G 647 55.09 -13.82 8.57
CA PHE G 647 56.00 -14.53 7.68
C PHE G 647 55.74 -14.25 6.21
N TRP G 648 54.54 -13.84 5.85
CA TRP G 648 54.23 -13.55 4.46
C TRP G 648 54.31 -12.06 4.13
N LYS G 649 53.94 -11.19 5.07
CA LYS G 649 54.07 -9.76 4.81
C LYS G 649 55.53 -9.33 4.80
N MET G 650 56.38 -9.98 5.58
CA MET G 650 57.80 -9.66 5.56
C MET G 650 58.44 -10.11 4.27
N GLN G 651 58.08 -11.29 3.78
CA GLN G 651 58.69 -11.81 2.57
C GLN G 651 58.23 -11.05 1.33
N SER G 652 56.98 -10.63 1.30
CA SER G 652 56.47 -9.98 0.11
C SER G 652 56.64 -8.48 0.14
N ASP G 653 56.61 -7.85 1.31
CA ASP G 653 56.63 -6.40 1.36
C ASP G 653 57.80 -5.80 2.12
N VAL G 654 58.65 -6.59 2.78
CA VAL G 654 59.77 -6.02 3.51
C VAL G 654 61.09 -6.63 3.06
N TRP G 655 61.26 -7.93 3.21
CA TRP G 655 62.55 -8.56 2.98
C TRP G 655 62.82 -8.68 1.49
N GLY G 656 64.06 -8.97 1.15
CA GLY G 656 64.48 -9.09 -0.23
C GLY G 656 65.93 -8.68 -0.35
N THR G 657 66.33 -8.41 -1.59
CA THR G 657 67.69 -7.98 -1.91
C THR G 657 67.63 -6.73 -2.77
N VAL G 658 68.63 -5.86 -2.60
CA VAL G 658 68.71 -4.61 -3.36
C VAL G 658 69.86 -4.71 -4.36
N GLY G 659 69.61 -4.25 -5.58
CA GLY G 659 70.62 -4.31 -6.61
C GLY G 659 71.49 -3.06 -6.66
N ALA G 660 71.87 -2.64 -7.86
CA ALA G 660 72.69 -1.45 -8.05
C ALA G 660 71.91 -0.29 -8.65
N ASP G 661 70.59 -0.33 -8.55
CA ASP G 661 69.79 0.81 -8.98
C ASP G 661 68.91 1.38 -7.86
N GLY G 662 68.32 0.52 -7.04
CA GLY G 662 67.49 1.00 -5.94
C GLY G 662 66.19 0.24 -5.77
N VAL G 663 65.79 -0.50 -6.80
CA VAL G 663 64.58 -1.30 -6.71
C VAL G 663 64.88 -2.54 -5.86
N VAL G 664 63.85 -3.05 -5.19
CA VAL G 664 63.98 -4.21 -4.31
C VAL G 664 63.15 -5.35 -4.89
N THR G 665 63.76 -6.52 -4.99
CA THR G 665 63.06 -7.73 -5.42
C THR G 665 62.82 -8.58 -4.18
N HIS G 666 61.56 -8.61 -3.73
CA HIS G 666 61.23 -9.26 -2.48
C HIS G 666 61.25 -10.78 -2.64
N ILE G 667 61.11 -11.48 -1.50
CA ILE G 667 61.31 -12.92 -1.48
C ILE G 667 60.20 -13.64 -2.24
N THR G 668 58.95 -13.21 -2.04
CA THR G 668 57.86 -13.70 -2.86
C THR G 668 57.30 -12.66 -3.82
N GLY G 669 57.60 -11.38 -3.61
CA GLY G 669 57.37 -10.39 -4.64
C GLY G 669 56.00 -9.75 -4.70
N GLY G 670 55.61 -9.07 -3.62
CA GLY G 670 54.32 -8.40 -3.61
C GLY G 670 53.14 -9.34 -3.60
N ASN G 671 53.34 -10.53 -3.06
CA ASN G 671 52.37 -11.61 -3.14
C ASN G 671 51.24 -11.43 -2.15
N PHE G 672 51.48 -10.72 -1.04
CA PHE G 672 50.48 -10.58 0.01
C PHE G 672 49.35 -9.65 -0.42
N ALA G 673 49.62 -8.72 -1.32
CA ALA G 673 48.61 -7.70 -1.64
C ALA G 673 47.48 -8.28 -2.48
N THR G 674 47.81 -9.20 -3.39
CA THR G 674 46.85 -9.68 -4.36
C THR G 674 46.26 -11.04 -4.01
N SER G 675 47.01 -11.90 -3.31
CA SER G 675 46.61 -13.28 -3.13
C SER G 675 46.37 -13.68 -1.69
N SER G 676 46.59 -12.80 -0.72
CA SER G 676 46.29 -13.11 0.67
C SER G 676 44.90 -12.70 1.07
N ILE G 677 44.01 -12.51 0.11
CA ILE G 677 42.64 -12.13 0.39
C ILE G 677 41.68 -13.27 0.16
N THR G 678 42.11 -14.35 -0.48
CA THR G 678 41.38 -15.59 -0.57
C THR G 678 42.15 -16.63 0.20
N ASN G 679 41.46 -17.52 0.90
CA ASN G 679 42.17 -18.59 1.58
C ASN G 679 42.39 -19.81 0.70
N ASN G 680 42.14 -19.70 -0.61
CA ASN G 680 42.85 -20.53 -1.57
C ASN G 680 44.20 -19.93 -1.89
N GLY G 681 44.36 -18.63 -1.73
CA GLY G 681 45.66 -18.01 -1.90
C GLY G 681 46.59 -18.27 -0.74
N TRP G 682 46.05 -18.44 0.47
CA TRP G 682 46.87 -18.88 1.57
C TRP G 682 47.27 -20.32 1.42
N LEU G 683 46.44 -21.12 0.76
CA LEU G 683 46.75 -22.52 0.55
C LEU G 683 47.74 -22.71 -0.58
N ARG G 684 47.58 -21.96 -1.66
CA ARG G 684 48.43 -22.10 -2.84
C ARG G 684 49.70 -21.28 -2.75
N ASP G 685 49.57 -19.99 -2.45
CA ASP G 685 50.71 -19.10 -2.52
C ASP G 685 51.52 -19.05 -1.24
N PHE G 686 51.00 -19.55 -0.13
CA PHE G 686 51.75 -19.55 1.13
C PHE G 686 52.08 -20.95 1.61
N LEU G 687 51.10 -21.82 1.80
CA LEU G 687 51.42 -23.11 2.40
C LEU G 687 51.99 -24.08 1.38
N TRP G 688 51.48 -24.07 0.15
CA TRP G 688 52.02 -24.96 -0.87
C TRP G 688 53.30 -24.42 -1.48
N ALA G 689 53.35 -23.13 -1.78
CA ALA G 689 54.47 -22.59 -2.53
C ALA G 689 55.68 -22.27 -1.69
N GLN G 690 55.52 -22.06 -0.38
CA GLN G 690 56.66 -21.79 0.47
C GLN G 690 57.14 -23.01 1.22
N SER G 691 56.46 -24.15 1.09
CA SER G 691 56.97 -25.38 1.64
C SER G 691 57.72 -26.20 0.60
N THR G 692 58.17 -25.59 -0.49
CA THR G 692 59.03 -26.29 -1.42
C THR G 692 60.45 -26.42 -0.91
N GLN G 693 60.79 -25.76 0.20
CA GLN G 693 62.10 -25.86 0.80
C GLN G 693 62.17 -26.91 1.89
N VAL G 694 61.04 -27.28 2.49
CA VAL G 694 60.99 -28.33 3.49
C VAL G 694 60.55 -29.67 2.89
N ILE G 695 59.86 -29.65 1.76
CA ILE G 695 59.51 -30.87 1.05
C ILE G 695 60.72 -31.44 0.34
N THR G 696 61.45 -30.60 -0.39
CA THR G 696 62.62 -31.03 -1.15
C THR G 696 63.90 -30.92 -0.35
N SER G 697 63.81 -31.14 0.96
CA SER G 697 64.94 -31.02 1.87
C SER G 697 65.44 -32.38 2.30
N TYR G 698 65.42 -33.36 1.42
CA TYR G 698 66.05 -34.64 1.71
C TYR G 698 67.38 -34.69 0.97
N ASN G 699 68.29 -35.51 1.49
CA ASN G 699 69.69 -35.70 1.05
C ASN G 699 70.55 -34.45 1.25
N THR G 700 70.05 -33.41 1.90
CA THR G 700 70.77 -32.14 2.07
C THR G 700 71.02 -31.87 3.55
N SER G 701 71.49 -30.66 3.84
CA SER G 701 71.80 -30.26 5.21
C SER G 701 70.57 -29.76 5.97
N LEU G 702 69.47 -29.49 5.28
CA LEU G 702 68.20 -29.19 5.91
C LEU G 702 67.36 -30.43 6.11
N SER G 703 68.01 -31.58 6.31
CA SER G 703 67.32 -32.85 6.30
C SER G 703 66.50 -33.07 7.55
N ALA G 704 66.95 -32.52 8.67
CA ALA G 704 66.22 -32.69 9.92
C ALA G 704 64.95 -31.86 9.93
N TYR G 705 64.92 -30.75 9.18
CA TYR G 705 63.70 -29.98 9.09
C TYR G 705 62.64 -30.69 8.26
N GLY G 706 63.06 -31.51 7.30
CA GLY G 706 62.10 -32.31 6.56
C GLY G 706 61.55 -33.47 7.36
N LEU G 707 62.27 -33.92 8.37
CA LEU G 707 61.80 -34.98 9.26
C LEU G 707 60.96 -34.43 10.39
N MET G 708 61.30 -33.26 10.92
CA MET G 708 60.48 -32.62 11.94
C MET G 708 59.18 -32.09 11.36
N PHE G 709 59.16 -31.78 10.07
CA PHE G 709 57.93 -31.43 9.39
C PHE G 709 56.98 -32.61 9.34
N LEU G 710 57.49 -33.80 9.05
CA LEU G 710 56.65 -34.98 8.93
C LEU G 710 56.44 -35.67 10.27
N GLY G 711 57.40 -35.55 11.18
CA GLY G 711 57.15 -35.95 12.55
C GLY G 711 56.18 -35.05 13.26
N GLY G 712 56.01 -33.82 12.79
CA GLY G 712 55.01 -32.95 13.38
C GLY G 712 53.60 -33.32 12.98
N HIS G 713 53.40 -33.71 11.73
CA HIS G 713 52.09 -34.13 11.26
C HIS G 713 51.61 -35.41 11.92
N PHE G 714 52.54 -36.24 12.39
CA PHE G 714 52.18 -37.42 13.15
C PHE G 714 51.50 -37.04 14.46
N ILE G 715 52.17 -36.21 15.26
CA ILE G 715 51.72 -35.89 16.62
C ILE G 715 50.41 -35.11 16.60
N PHE G 716 50.11 -34.40 15.53
CA PHE G 716 48.81 -33.75 15.40
C PHE G 716 47.72 -34.78 15.19
N GLY G 717 47.93 -35.69 14.23
CA GLY G 717 46.95 -36.73 14.00
C GLY G 717 46.89 -37.72 15.13
N PHE G 718 48.01 -37.91 15.84
CA PHE G 718 48.02 -38.75 17.02
C PHE G 718 47.23 -38.12 18.15
N SER G 719 47.22 -36.79 18.24
CA SER G 719 46.47 -36.07 19.25
C SER G 719 44.99 -36.32 19.13
N LEU G 720 44.51 -36.58 17.93
CA LEU G 720 43.09 -36.75 17.69
C LEU G 720 42.58 -38.10 18.16
N MET G 721 43.46 -39.03 18.54
CA MET G 721 43.01 -40.24 19.20
C MET G 721 42.49 -39.93 20.60
N PHE G 722 43.19 -39.05 21.31
CA PHE G 722 42.82 -38.72 22.68
C PHE G 722 41.72 -37.68 22.74
N LEU G 723 41.63 -36.82 21.74
CA LEU G 723 40.62 -35.77 21.74
C LEU G 723 39.27 -36.30 21.34
N PHE G 724 39.21 -37.18 20.35
CA PHE G 724 37.93 -37.57 19.78
C PHE G 724 37.29 -38.70 20.55
N SER G 725 38.09 -39.63 21.06
CA SER G 725 37.55 -40.80 21.73
C SER G 725 37.47 -40.58 23.24
N GLY G 726 36.76 -41.50 23.90
CA GLY G 726 36.56 -41.42 25.34
C GLY G 726 37.11 -42.65 26.03
N ARG G 727 37.26 -42.55 27.34
CA ARG G 727 37.99 -43.56 28.09
C ARG G 727 37.18 -44.82 28.36
N GLY G 728 35.88 -44.82 28.11
CA GLY G 728 35.11 -46.04 28.32
C GLY G 728 35.31 -47.06 27.23
N TYR G 729 35.69 -46.63 26.02
CA TYR G 729 36.18 -47.59 25.04
C TYR G 729 37.51 -48.17 25.51
N TRP G 730 38.36 -47.32 26.06
CA TRP G 730 39.73 -47.72 26.30
C TRP G 730 39.86 -48.52 27.58
N GLN G 731 39.07 -48.21 28.60
CA GLN G 731 39.05 -49.05 29.80
C GLN G 731 38.47 -50.43 29.49
N GLU G 732 37.48 -50.49 28.61
CA GLU G 732 36.91 -51.76 28.19
C GLU G 732 37.76 -52.50 27.17
N LEU G 733 38.86 -51.89 26.73
CA LEU G 733 39.86 -52.56 25.89
C LEU G 733 41.05 -53.05 26.68
N ILE G 734 41.38 -52.41 27.80
CA ILE G 734 42.40 -52.95 28.70
C ILE G 734 41.92 -54.26 29.30
N GLU G 735 40.61 -54.38 29.57
CA GLU G 735 40.06 -55.57 30.22
C GLU G 735 40.19 -56.81 29.35
N SER G 736 40.19 -56.65 28.02
CA SER G 736 40.43 -57.78 27.14
C SER G 736 41.91 -58.05 26.96
N ILE G 737 42.78 -57.15 27.42
CA ILE G 737 44.22 -57.27 27.28
C ILE G 737 44.79 -57.72 28.61
N VAL G 738 44.17 -57.25 29.71
CA VAL G 738 44.46 -57.79 31.05
C VAL G 738 44.14 -59.28 31.10
N TRP G 739 43.09 -59.72 30.39
CA TRP G 739 42.74 -61.13 30.33
C TRP G 739 43.84 -61.97 29.70
N ALA G 740 44.48 -61.45 28.65
CA ALA G 740 45.55 -62.20 27.99
C ALA G 740 46.83 -62.23 28.80
N HIS G 741 46.92 -61.44 29.85
CA HIS G 741 48.01 -61.49 30.82
C HIS G 741 47.66 -62.35 32.03
N ASN G 742 46.41 -62.29 32.46
CA ASN G 742 45.96 -63.18 33.53
C ASN G 742 45.92 -64.62 33.06
N LYS G 743 45.74 -64.85 31.76
CA LYS G 743 45.79 -66.20 31.23
C LYS G 743 47.21 -66.75 31.29
N LEU G 744 48.19 -65.97 30.85
CA LEU G 744 49.57 -66.40 30.87
C LEU G 744 50.28 -66.05 32.18
N LYS G 745 49.51 -65.63 33.19
CA LYS G 745 49.99 -65.41 34.57
C LYS G 745 51.08 -64.34 34.64
N VAL G 746 50.88 -63.25 33.91
CA VAL G 746 51.85 -62.16 33.85
C VAL G 746 51.10 -60.86 34.16
N ALA G 747 49.99 -60.97 34.87
CA ALA G 747 49.20 -59.79 35.22
C ALA G 747 49.95 -58.95 36.26
N PRO G 748 49.86 -57.62 36.18
CA PRO G 748 50.48 -56.78 37.20
C PRO G 748 49.54 -56.54 38.38
N ALA G 749 50.14 -56.08 39.47
CA ALA G 749 49.35 -55.67 40.63
C ALA G 749 49.10 -54.17 40.66
N ILE G 750 49.97 -53.36 40.03
CA ILE G 750 49.56 -52.01 39.69
C ILE G 750 48.57 -52.17 38.56
N GLN G 751 47.30 -52.06 38.87
CA GLN G 751 46.25 -52.48 37.96
C GLN G 751 46.12 -51.50 36.81
N PRO G 752 46.20 -51.97 35.56
CA PRO G 752 46.20 -51.06 34.41
C PRO G 752 44.84 -50.42 34.21
N ARG G 753 44.80 -49.10 34.32
CA ARG G 753 43.59 -48.33 34.07
C ARG G 753 43.82 -47.41 32.89
N ALA G 754 42.76 -47.18 32.12
CA ALA G 754 42.79 -46.14 31.13
C ALA G 754 42.94 -44.78 31.80
N LEU G 755 43.45 -43.81 31.05
CA LEU G 755 43.67 -42.47 31.57
C LEU G 755 42.35 -41.81 31.94
N SER G 756 42.44 -40.76 32.75
CA SER G 756 41.25 -40.07 33.21
C SER G 756 40.58 -39.33 32.06
N ILE G 757 39.41 -38.76 32.34
CA ILE G 757 38.76 -37.93 31.35
C ILE G 757 39.53 -36.63 31.18
N ILE G 758 39.99 -36.04 32.29
CA ILE G 758 40.80 -34.84 32.23
C ILE G 758 42.19 -35.17 31.69
N HIS G 759 42.75 -36.30 32.12
CA HIS G 759 44.08 -36.68 31.65
C HIS G 759 44.06 -37.11 30.19
N GLY G 760 42.94 -37.59 29.68
CA GLY G 760 42.87 -37.91 28.26
C GLY G 760 42.68 -36.69 27.40
N ARG G 761 42.12 -35.63 27.97
CA ARG G 761 42.02 -34.36 27.25
C ARG G 761 43.29 -33.55 27.35
N ALA G 762 44.08 -33.75 28.39
CA ALA G 762 45.30 -32.99 28.55
C ALA G 762 46.40 -33.51 27.65
N VAL G 763 46.39 -34.80 27.33
CA VAL G 763 47.36 -35.35 26.40
C VAL G 763 46.90 -35.27 24.96
N GLY G 764 45.68 -34.81 24.72
CA GLY G 764 45.23 -34.60 23.37
C GLY G 764 45.48 -33.18 22.94
N VAL G 765 45.66 -32.29 23.92
CA VAL G 765 46.04 -30.92 23.63
C VAL G 765 47.54 -30.71 23.80
N ALA G 766 48.23 -31.56 24.55
CA ALA G 766 49.67 -31.47 24.62
C ALA G 766 50.35 -32.02 23.39
N HIS G 767 49.63 -32.76 22.56
CA HIS G 767 50.15 -33.29 21.31
C HIS G 767 49.74 -32.45 20.11
N TYR G 768 48.53 -31.91 20.15
CA TYR G 768 48.08 -30.96 19.14
C TYR G 768 48.95 -29.71 19.14
N LEU G 769 49.24 -29.18 20.33
CA LEU G 769 50.11 -28.03 20.49
C LEU G 769 51.57 -28.40 20.55
N LEU G 770 51.93 -29.61 20.17
CA LEU G 770 53.33 -29.95 20.00
C LEU G 770 53.62 -30.29 18.55
N GLY G 771 52.85 -31.19 17.98
CA GLY G 771 52.95 -31.49 16.58
C GLY G 771 52.35 -30.46 15.66
N GLY G 772 51.72 -29.42 16.20
CA GLY G 772 51.29 -28.33 15.34
C GLY G 772 52.27 -27.18 15.39
N ILE G 773 53.11 -27.14 16.42
CA ILE G 773 54.16 -26.15 16.52
C ILE G 773 55.44 -26.63 15.84
N VAL G 774 55.80 -27.89 16.01
CA VAL G 774 57.05 -28.38 15.42
C VAL G 774 56.89 -28.56 13.91
N THR G 775 55.68 -28.60 13.39
CA THR G 775 55.54 -28.57 11.95
C THR G 775 55.59 -27.16 11.38
N THR G 776 55.44 -26.14 12.22
CA THR G 776 55.59 -24.75 11.82
C THR G 776 57.00 -24.26 12.09
N TRP G 777 57.60 -24.77 13.16
CA TRP G 777 59.01 -24.53 13.42
C TRP G 777 59.88 -25.12 12.32
N ALA G 778 59.54 -26.30 11.82
CA ALA G 778 60.33 -26.93 10.77
C ALA G 778 60.07 -26.33 9.40
N PHE G 779 59.01 -25.55 9.25
CA PHE G 779 58.71 -24.89 7.98
C PHE G 779 59.20 -23.46 7.96
N PHE G 780 59.18 -22.77 9.10
CA PHE G 780 59.72 -21.42 9.17
C PHE G 780 61.23 -21.44 9.05
N LEU G 781 61.88 -22.51 9.50
CA LEU G 781 63.32 -22.57 9.51
C LEU G 781 63.91 -23.27 8.31
N ALA G 782 63.19 -24.20 7.68
CA ALA G 782 63.71 -24.74 6.42
C ALA G 782 63.54 -23.75 5.28
N ARG G 783 62.58 -22.83 5.39
CA ARG G 783 62.38 -21.83 4.36
C ARG G 783 63.42 -20.73 4.46
N MET G 784 63.77 -20.32 5.68
CA MET G 784 64.66 -19.18 5.84
C MET G 784 66.13 -19.54 5.99
N THR G 785 66.46 -20.77 6.40
CA THR G 785 67.85 -21.20 6.34
C THR G 785 68.18 -21.89 5.03
N ALA G 786 67.27 -21.89 4.07
CA ALA G 786 67.61 -22.15 2.68
C ALA G 786 67.89 -20.86 1.93
N PHE G 787 67.58 -19.72 2.52
CA PHE G 787 67.93 -18.41 1.98
C PHE G 787 69.01 -17.74 2.81
N GLY G 788 68.85 -17.70 4.12
CA GLY G 788 69.82 -17.08 5.01
C GLY G 788 69.16 -16.44 6.23
N ALA H 2 3.78 -30.81 23.93
CA ALA H 2 2.61 -31.61 23.63
C ALA H 2 2.27 -31.53 22.15
N THR H 3 3.31 -31.51 21.32
CA THR H 3 3.14 -31.32 19.89
C THR H 3 2.76 -32.64 19.21
N LYS H 4 2.41 -32.55 17.93
CA LYS H 4 2.04 -33.72 17.15
C LYS H 4 3.26 -34.41 16.55
N PHE H 5 4.29 -33.67 16.23
CA PHE H 5 5.51 -34.21 15.64
C PHE H 5 6.55 -34.39 16.73
N PRO H 6 7.13 -35.59 16.91
CA PRO H 6 6.90 -36.82 16.15
C PRO H 6 5.67 -37.61 16.58
N LYS H 7 4.95 -38.14 15.60
CA LYS H 7 3.76 -38.91 15.91
C LYS H 7 4.07 -40.36 16.25
N PHE H 8 5.29 -40.81 16.02
CA PHE H 8 5.61 -42.22 16.24
C PHE H 8 6.03 -42.51 17.67
N SER H 9 6.49 -41.51 18.41
CA SER H 9 6.94 -41.73 19.78
C SER H 9 6.41 -40.59 20.65
N GLN H 10 5.60 -40.93 21.64
CA GLN H 10 4.95 -39.95 22.50
C GLN H 10 5.83 -39.50 23.65
N ASP H 11 6.97 -40.14 23.87
CA ASP H 11 7.93 -39.66 24.87
C ASP H 11 8.81 -38.55 24.34
N LEU H 12 8.76 -38.30 23.04
CA LEU H 12 9.50 -37.23 22.40
C LEU H 12 8.62 -36.09 21.95
N ALA H 13 7.32 -36.31 21.81
CA ALA H 13 6.41 -35.25 21.42
C ALA H 13 6.15 -34.27 22.56
N ASN H 14 6.36 -34.68 23.81
CA ASN H 14 6.29 -33.79 24.96
C ASN H 14 7.66 -33.28 25.39
N ASP H 15 8.61 -33.24 24.48
CA ASP H 15 9.90 -32.60 24.74
C ASP H 15 9.70 -31.09 24.71
N PRO H 16 10.17 -30.36 25.72
CA PRO H 16 10.07 -28.89 25.68
C PRO H 16 11.24 -28.17 25.04
N THR H 17 12.21 -28.88 24.47
CA THR H 17 13.43 -28.30 23.94
C THR H 17 13.54 -28.56 22.44
N THR H 18 14.68 -28.14 21.87
CA THR H 18 14.96 -28.34 20.46
C THR H 18 15.55 -29.70 20.17
N ARG H 19 15.65 -30.57 21.17
CA ARG H 19 16.03 -31.96 20.98
C ARG H 19 14.94 -32.74 20.28
N ARG H 20 13.71 -32.23 20.31
CA ARG H 20 12.56 -32.93 19.72
C ARG H 20 12.67 -32.99 18.21
N ILE H 21 13.18 -31.94 17.57
CA ILE H 21 13.27 -31.92 16.12
C ILE H 21 14.33 -32.90 15.64
N PHE H 22 15.51 -32.88 16.25
CA PHE H 22 16.62 -33.68 15.77
C PHE H 22 16.46 -35.15 16.12
N TYR H 23 15.98 -35.46 17.32
CA TYR H 23 15.78 -36.85 17.69
C TYR H 23 14.56 -37.48 17.02
N ALA H 24 13.72 -36.69 16.37
CA ALA H 24 12.67 -37.24 15.54
C ALA H 24 13.13 -37.50 14.12
N ILE H 25 14.29 -36.99 13.74
CA ILE H 25 14.86 -37.32 12.43
C ILE H 25 15.58 -38.66 12.50
N ALA H 26 16.44 -38.84 13.49
CA ALA H 26 17.27 -40.03 13.59
C ALA H 26 16.60 -41.15 14.40
N THR H 27 15.29 -41.10 14.57
CA THR H 27 14.54 -42.21 15.13
C THR H 27 13.40 -42.60 14.21
N ALA H 28 13.13 -41.82 13.17
CA ALA H 28 11.95 -41.99 12.35
C ALA H 28 11.96 -43.26 11.52
N HIS H 29 13.12 -43.83 11.26
CA HIS H 29 13.19 -45.07 10.52
C HIS H 29 13.44 -46.28 11.41
N ASP H 30 13.77 -46.08 12.68
CA ASP H 30 13.88 -47.19 13.61
C ASP H 30 12.45 -47.58 14.00
N PHE H 31 11.86 -48.49 13.23
CA PHE H 31 10.46 -48.83 13.45
C PHE H 31 10.27 -49.71 14.68
N GLU H 32 11.32 -50.37 15.17
CA GLU H 32 11.15 -51.29 16.28
C GLU H 32 10.99 -50.58 17.62
N SER H 33 11.30 -49.29 17.70
CA SER H 33 11.19 -48.57 18.96
C SER H 33 10.04 -47.58 18.96
N HIS H 34 9.19 -47.60 17.95
CA HIS H 34 8.07 -46.67 17.89
C HIS H 34 6.97 -47.12 18.84
N ASP H 35 6.24 -46.14 19.37
CA ASP H 35 5.19 -46.44 20.34
C ASP H 35 4.00 -47.08 19.64
N GLY H 36 3.54 -48.19 20.19
CA GLY H 36 2.41 -48.91 19.65
C GLY H 36 2.70 -49.60 18.34
N MET H 37 3.67 -50.51 18.34
CA MET H 37 3.97 -51.29 17.14
C MET H 37 4.11 -52.75 17.51
N THR H 38 3.37 -53.60 16.82
CA THR H 38 3.48 -55.04 16.94
C THR H 38 4.45 -55.56 15.88
N GLU H 39 4.69 -56.87 15.90
CA GLU H 39 5.62 -57.45 14.95
C GLU H 39 5.02 -57.58 13.55
N GLU H 40 3.70 -57.76 13.45
CA GLU H 40 3.09 -57.87 12.13
C GLU H 40 3.03 -56.52 11.45
N ASN H 41 2.76 -55.46 12.23
CA ASN H 41 2.77 -54.10 11.69
C ASN H 41 4.18 -53.60 11.48
N LEU H 42 5.16 -54.21 12.13
CA LEU H 42 6.56 -53.88 11.89
C LEU H 42 6.95 -54.20 10.45
N TYR H 43 6.75 -55.46 10.05
CA TYR H 43 7.22 -55.95 8.76
C TYR H 43 6.49 -55.32 7.59
N GLN H 44 5.23 -54.92 7.80
CA GLN H 44 4.45 -54.34 6.71
C GLN H 44 4.83 -52.89 6.42
N ARG H 45 5.65 -52.27 7.27
CA ARG H 45 6.23 -50.98 6.98
C ARG H 45 7.67 -51.06 6.51
N ILE H 46 8.37 -52.15 6.84
CA ILE H 46 9.62 -52.46 6.15
C ILE H 46 9.33 -52.71 4.69
N PHE H 47 8.28 -53.48 4.42
CA PHE H 47 7.98 -53.95 3.07
C PHE H 47 7.53 -52.81 2.17
N ALA H 48 6.76 -51.88 2.70
CA ALA H 48 6.22 -50.80 1.90
C ALA H 48 7.12 -49.58 1.84
N SER H 49 8.24 -49.59 2.56
CA SER H 49 9.26 -48.57 2.40
C SER H 49 10.44 -49.05 1.58
N HIS H 50 10.54 -50.35 1.32
CA HIS H 50 11.41 -50.81 0.25
C HIS H 50 10.84 -50.45 -1.11
N PHE H 51 9.51 -50.37 -1.21
CA PHE H 51 8.89 -49.96 -2.47
C PHE H 51 9.14 -48.50 -2.75
N GLY H 52 9.05 -47.67 -1.71
CA GLY H 52 9.40 -46.27 -1.86
C GLY H 52 10.87 -46.00 -1.93
N HIS H 53 11.70 -47.00 -1.70
CA HIS H 53 13.12 -46.85 -1.90
C HIS H 53 13.55 -47.31 -3.30
N LEU H 54 12.92 -48.36 -3.82
CA LEU H 54 13.19 -48.78 -5.18
C LEU H 54 12.76 -47.71 -6.18
N ALA H 55 11.72 -46.96 -5.85
CA ALA H 55 11.29 -45.88 -6.73
C ALA H 55 12.27 -44.72 -6.71
N ILE H 56 13.02 -44.54 -5.63
CA ILE H 56 14.07 -43.53 -5.62
C ILE H 56 15.22 -43.94 -6.52
N ILE H 57 15.58 -45.22 -6.50
CA ILE H 57 16.62 -45.74 -7.39
C ILE H 57 16.19 -45.63 -8.84
N PHE H 58 14.93 -45.93 -9.14
CA PHE H 58 14.47 -45.85 -10.51
C PHE H 58 14.18 -44.42 -10.97
N LEU H 59 13.95 -43.50 -10.05
CA LEU H 59 13.88 -42.10 -10.42
C LEU H 59 15.24 -41.45 -10.47
N TRP H 60 16.24 -42.00 -9.77
CA TRP H 60 17.59 -41.48 -9.87
C TRP H 60 18.24 -41.93 -11.17
N ALA H 61 18.05 -43.20 -11.55
CA ALA H 61 18.56 -43.71 -12.81
C ALA H 61 17.84 -43.11 -13.99
N SER H 62 16.62 -42.60 -13.81
CA SER H 62 15.92 -41.86 -14.83
C SER H 62 16.29 -40.39 -14.86
N GLY H 63 17.18 -39.95 -13.99
CA GLY H 63 17.68 -38.59 -14.05
C GLY H 63 19.08 -38.59 -14.63
N ILE H 64 19.72 -39.76 -14.63
CA ILE H 64 20.95 -39.93 -15.40
C ILE H 64 20.62 -39.96 -16.87
N LEU H 65 19.58 -40.72 -17.23
CA LEU H 65 19.25 -40.93 -18.64
C LEU H 65 18.61 -39.69 -19.24
N PHE H 66 17.77 -39.01 -18.47
CA PHE H 66 17.11 -37.84 -19.00
C PHE H 66 18.07 -36.68 -19.19
N HIS H 67 19.13 -36.61 -18.40
CA HIS H 67 20.00 -35.46 -18.46
C HIS H 67 21.15 -35.61 -19.43
N VAL H 68 21.39 -36.80 -19.94
CA VAL H 68 22.31 -36.97 -21.06
C VAL H 68 21.58 -37.15 -22.37
N ALA H 69 20.26 -37.39 -22.34
CA ALA H 69 19.48 -37.33 -23.56
C ALA H 69 19.18 -35.88 -23.92
N TRP H 70 18.92 -35.07 -22.91
CA TRP H 70 18.56 -33.67 -23.08
C TRP H 70 19.78 -32.78 -23.16
N GLN H 71 20.69 -32.87 -22.19
CA GLN H 71 21.79 -31.95 -22.06
C GLN H 71 23.15 -32.56 -22.35
N GLY H 72 23.23 -33.86 -22.62
CA GLY H 72 24.50 -34.51 -22.87
C GLY H 72 24.80 -34.63 -24.35
N ASN H 73 25.98 -35.19 -24.64
CA ASN H 73 26.44 -35.29 -26.01
C ASN H 73 26.64 -36.75 -26.40
N PHE H 74 25.65 -37.60 -26.09
CA PHE H 74 25.79 -39.02 -26.37
C PHE H 74 25.76 -39.31 -27.87
N GLU H 75 25.17 -38.43 -28.67
CA GLU H 75 25.27 -38.59 -30.11
C GLU H 75 26.65 -38.18 -30.62
N VAL H 76 27.26 -37.16 -30.01
CA VAL H 76 28.57 -36.69 -30.43
C VAL H 76 29.68 -37.60 -29.90
N TRP H 77 29.55 -38.04 -28.65
CA TRP H 77 30.59 -38.83 -28.00
C TRP H 77 30.72 -40.21 -28.62
N ILE H 78 29.67 -40.72 -29.24
CA ILE H 78 29.64 -42.11 -29.71
C ILE H 78 30.41 -42.30 -31.00
N LYS H 79 30.87 -41.22 -31.63
CA LYS H 79 31.64 -41.28 -32.85
C LYS H 79 33.15 -41.15 -32.63
N ASP H 80 33.57 -40.60 -31.50
CA ASP H 80 34.99 -40.56 -31.14
C ASP H 80 35.12 -40.70 -29.62
N PRO H 81 34.90 -41.91 -29.09
CA PRO H 81 34.76 -42.06 -27.63
C PRO H 81 36.06 -41.97 -26.84
N VAL H 82 37.18 -41.66 -27.46
CA VAL H 82 38.44 -41.51 -26.75
C VAL H 82 38.89 -40.05 -26.71
N HIS H 83 38.61 -39.29 -27.77
CA HIS H 83 39.09 -37.92 -27.88
C HIS H 83 37.99 -36.88 -27.68
N VAL H 84 36.91 -37.24 -26.97
CA VAL H 84 35.93 -36.25 -26.53
C VAL H 84 35.43 -36.70 -25.17
N ARG H 85 35.05 -35.72 -24.35
CA ARG H 85 34.62 -35.97 -22.99
C ARG H 85 33.10 -36.02 -22.90
N PRO H 86 32.54 -36.88 -22.04
CA PRO H 86 31.09 -36.92 -21.88
C PRO H 86 30.57 -35.68 -21.19
N ILE H 87 29.26 -35.50 -21.24
CA ILE H 87 28.60 -34.38 -20.58
C ILE H 87 27.61 -34.93 -19.59
N ALA H 88 27.76 -34.53 -18.33
CA ALA H 88 26.83 -34.94 -17.29
C ALA H 88 25.49 -34.23 -17.45
N HIS H 89 25.49 -32.92 -17.30
CA HIS H 89 24.32 -32.08 -17.50
C HIS H 89 24.85 -30.67 -17.77
N ALA H 90 23.97 -29.68 -17.70
CA ALA H 90 24.37 -28.31 -17.97
C ALA H 90 24.37 -27.50 -16.68
N ILE H 91 25.03 -26.35 -16.74
CA ILE H 91 25.17 -25.46 -15.60
C ILE H 91 24.15 -24.34 -15.77
N TRP H 92 23.38 -24.10 -14.72
CA TRP H 92 22.65 -22.84 -14.62
C TRP H 92 22.90 -22.31 -13.23
N ASP H 93 24.01 -21.62 -13.09
CA ASP H 93 24.35 -20.87 -11.88
C ASP H 93 24.33 -19.41 -12.29
N ALA H 94 23.30 -18.70 -11.88
CA ALA H 94 23.07 -17.34 -12.36
C ALA H 94 23.98 -16.33 -11.78
N GLN H 95 25.04 -16.70 -11.07
CA GLN H 95 26.00 -15.74 -10.52
C GLN H 95 27.40 -15.99 -11.06
N PHE H 96 27.52 -16.70 -12.17
CA PHE H 96 28.80 -16.81 -12.86
C PHE H 96 29.25 -15.47 -13.42
N GLY H 97 30.55 -15.33 -13.54
CA GLY H 97 31.12 -14.23 -14.26
C GLY H 97 31.44 -14.67 -15.65
N PRO H 98 32.00 -13.78 -16.48
CA PRO H 98 32.37 -14.19 -17.84
C PRO H 98 33.57 -15.12 -17.89
N GLY H 99 34.37 -15.18 -16.84
CA GLY H 99 35.46 -16.12 -16.77
C GLY H 99 35.09 -17.52 -16.37
N ALA H 100 33.86 -17.73 -15.89
CA ALA H 100 33.38 -19.06 -15.60
C ALA H 100 32.35 -19.57 -16.59
N ILE H 101 31.75 -18.70 -17.39
CA ILE H 101 30.99 -19.16 -18.54
C ILE H 101 31.94 -19.74 -19.58
N LYS H 102 33.06 -19.07 -19.80
CA LYS H 102 34.04 -19.50 -20.79
C LYS H 102 34.81 -20.73 -20.34
N ALA H 103 35.14 -20.82 -19.04
CA ALA H 103 35.94 -21.92 -18.56
C ALA H 103 35.15 -23.22 -18.50
N PHE H 104 33.84 -23.14 -18.31
CA PHE H 104 33.00 -24.32 -18.21
C PHE H 104 32.29 -24.66 -19.50
N THR H 105 32.51 -23.90 -20.57
CA THR H 105 31.96 -24.24 -21.89
C THR H 105 32.98 -25.16 -22.56
N GLN H 106 32.93 -26.43 -22.16
CA GLN H 106 33.93 -27.41 -22.55
C GLN H 106 33.27 -28.52 -23.36
N ALA H 107 34.14 -29.37 -23.91
CA ALA H 107 33.76 -30.59 -24.66
C ALA H 107 32.85 -30.29 -25.84
N GLY H 108 33.09 -29.17 -26.52
CA GLY H 108 32.34 -28.86 -27.71
C GLY H 108 30.90 -28.47 -27.47
N ALA H 109 30.58 -27.94 -26.30
CA ALA H 109 29.24 -27.48 -26.00
C ALA H 109 29.09 -26.01 -26.39
N ARG H 110 27.84 -25.57 -26.49
CA ARG H 110 27.51 -24.18 -26.71
C ARG H 110 26.94 -23.53 -25.45
N ASN H 111 27.16 -24.17 -24.31
CA ASN H 111 26.70 -23.71 -23.01
C ASN H 111 27.64 -24.28 -21.96
N PRO H 112 27.65 -23.73 -20.75
CA PRO H 112 28.43 -24.36 -19.67
C PRO H 112 27.87 -25.73 -19.33
N VAL H 113 28.77 -26.69 -19.09
CA VAL H 113 28.41 -28.09 -18.91
C VAL H 113 29.29 -28.71 -17.82
N ASP H 114 28.99 -29.96 -17.49
CA ASP H 114 29.76 -30.79 -16.57
C ASP H 114 30.26 -32.03 -17.28
N ILE H 115 31.56 -32.30 -17.18
CA ILE H 115 32.14 -33.50 -17.75
C ILE H 115 31.78 -34.68 -16.86
N CYS H 116 31.10 -35.68 -17.43
CA CYS H 116 30.60 -36.82 -16.67
C CYS H 116 31.75 -37.75 -16.28
N TYR H 117 32.01 -37.86 -14.98
CA TYR H 117 33.02 -38.77 -14.46
C TYR H 117 32.40 -40.02 -13.84
N SER H 118 31.16 -40.33 -14.22
CA SER H 118 30.48 -41.51 -13.72
C SER H 118 30.70 -42.75 -14.57
N GLY H 119 30.99 -42.58 -15.85
CA GLY H 119 31.20 -43.72 -16.71
C GLY H 119 29.94 -44.35 -17.26
N VAL H 120 28.80 -43.68 -17.17
CA VAL H 120 27.57 -44.23 -17.71
C VAL H 120 27.51 -44.10 -19.22
N TYR H 121 28.37 -43.27 -19.82
CA TYR H 121 28.45 -43.23 -21.27
C TYR H 121 29.09 -44.48 -21.81
N HIS H 122 30.11 -44.98 -21.11
CA HIS H 122 30.77 -46.22 -21.50
C HIS H 122 29.91 -47.44 -21.23
N TRP H 123 28.99 -47.34 -20.28
CA TRP H 123 28.09 -48.45 -20.00
C TRP H 123 27.02 -48.58 -21.08
N TRP H 124 26.48 -47.45 -21.54
CA TRP H 124 25.43 -47.51 -22.52
C TRP H 124 25.95 -47.68 -23.93
N TYR H 125 27.22 -47.40 -24.17
CA TYR H 125 27.82 -47.74 -25.44
C TYR H 125 28.07 -49.23 -25.54
N THR H 126 28.29 -49.90 -24.42
CA THR H 126 28.60 -51.33 -24.46
C THR H 126 27.33 -52.15 -24.58
N ILE H 127 26.26 -51.78 -23.88
CA ILE H 127 25.04 -52.57 -23.87
C ILE H 127 24.12 -52.26 -25.03
N GLY H 128 24.52 -51.40 -25.95
CA GLY H 128 23.77 -51.21 -27.17
C GLY H 128 22.75 -50.10 -27.14
N LEU H 129 23.18 -48.90 -26.76
CA LEU H 129 22.38 -47.70 -26.90
C LEU H 129 23.14 -46.74 -27.80
N ARG H 130 22.53 -46.32 -28.90
CA ARG H 130 23.25 -45.60 -29.92
C ARG H 130 22.73 -44.20 -30.21
N THR H 131 21.50 -43.87 -29.80
CA THR H 131 20.92 -42.57 -30.09
C THR H 131 20.39 -41.94 -28.81
N ASN H 132 20.09 -40.64 -28.89
CA ASN H 132 19.49 -39.91 -27.78
C ASN H 132 18.01 -40.19 -27.60
N THR H 133 17.40 -41.00 -28.46
CA THR H 133 16.01 -41.36 -28.29
C THR H 133 15.84 -42.65 -27.50
N GLU H 134 16.78 -43.59 -27.66
CA GLU H 134 16.76 -44.79 -26.83
C GLU H 134 17.10 -44.47 -25.39
N LEU H 135 17.84 -43.39 -25.16
CA LEU H 135 18.05 -42.88 -23.82
C LEU H 135 16.80 -42.21 -23.28
N TYR H 136 16.05 -41.54 -24.15
CA TYR H 136 14.87 -40.81 -23.69
C TYR H 136 13.72 -41.76 -23.39
N VAL H 137 13.48 -42.75 -24.24
CA VAL H 137 12.41 -43.71 -23.98
C VAL H 137 12.80 -44.75 -22.94
N GLY H 138 14.06 -44.77 -22.53
CA GLY H 138 14.47 -45.56 -21.39
C GLY H 138 14.33 -44.76 -20.12
N ALA H 139 14.37 -43.44 -20.24
CA ALA H 139 14.13 -42.56 -19.10
C ALA H 139 12.65 -42.44 -18.79
N LEU H 140 11.81 -42.44 -19.83
CA LEU H 140 10.38 -42.39 -19.62
C LEU H 140 9.85 -43.73 -19.13
N PHE H 141 10.55 -44.81 -19.42
CA PHE H 141 10.12 -46.11 -18.92
C PHE H 141 10.47 -46.27 -17.45
N LEU H 142 11.64 -45.78 -17.03
CA LEU H 142 12.03 -45.86 -15.63
C LEU H 142 11.23 -44.91 -14.75
N ILE H 143 10.66 -43.86 -15.32
CA ILE H 143 9.69 -43.04 -14.59
C ILE H 143 8.43 -43.84 -14.32
N LEU H 144 7.94 -44.55 -15.35
CA LEU H 144 6.75 -45.37 -15.18
C LEU H 144 7.03 -46.63 -14.38
N LEU H 145 8.27 -47.14 -14.44
CA LEU H 145 8.64 -48.25 -13.59
C LEU H 145 8.76 -47.83 -12.14
N ALA H 146 9.19 -46.59 -11.89
CA ALA H 146 9.15 -46.06 -10.54
C ALA H 146 7.75 -45.73 -10.08
N ALA H 147 6.78 -45.65 -10.99
CA ALA H 147 5.40 -45.42 -10.60
C ALA H 147 4.67 -46.70 -10.23
N VAL H 148 5.05 -47.84 -10.81
CA VAL H 148 4.44 -49.11 -10.40
C VAL H 148 5.02 -49.62 -9.09
N PHE H 149 6.11 -49.03 -8.61
CA PHE H 149 6.64 -49.37 -7.29
C PHE H 149 6.16 -48.42 -6.21
N LEU H 150 5.80 -47.19 -6.56
CA LEU H 150 5.08 -46.36 -5.61
C LEU H 150 3.63 -46.79 -5.49
N PHE H 151 3.07 -47.36 -6.55
CA PHE H 151 1.71 -47.87 -6.47
C PHE H 151 1.66 -49.20 -5.74
N ALA H 152 2.67 -50.03 -5.90
CA ALA H 152 2.70 -51.30 -5.18
C ALA H 152 2.92 -51.09 -3.70
N GLY H 153 3.68 -50.06 -3.32
CA GLY H 153 3.83 -49.77 -1.91
C GLY H 153 2.58 -49.21 -1.29
N TRP H 154 1.81 -48.42 -2.06
CA TRP H 154 0.51 -47.98 -1.58
C TRP H 154 -0.46 -49.15 -1.53
N LEU H 155 -0.29 -50.13 -2.43
CA LEU H 155 -1.19 -51.28 -2.46
C LEU H 155 -1.03 -52.13 -1.22
N HIS H 156 0.20 -52.40 -0.81
CA HIS H 156 0.47 -53.33 0.28
C HIS H 156 0.44 -52.66 1.65
N LEU H 157 -0.24 -51.54 1.77
CA LEU H 157 -0.67 -51.03 3.04
C LEU H 157 -2.18 -51.01 3.17
N GLN H 158 -2.91 -51.29 2.09
CA GLN H 158 -4.35 -51.45 2.17
C GLN H 158 -4.67 -52.77 2.87
N PRO H 159 -5.71 -52.81 3.72
CA PRO H 159 -5.89 -53.96 4.61
C PRO H 159 -6.28 -55.26 3.92
N ARG H 160 -6.69 -55.22 2.66
CA ARG H 160 -6.95 -56.43 1.91
C ARG H 160 -5.70 -56.96 1.23
N TYR H 161 -4.60 -56.21 1.24
CA TYR H 161 -3.39 -56.57 0.53
C TYR H 161 -2.16 -56.62 1.41
N ARG H 162 -2.26 -56.22 2.67
CA ARG H 162 -1.13 -56.34 3.58
C ARG H 162 -0.85 -57.81 3.85
N PRO H 163 0.38 -58.27 3.65
CA PRO H 163 0.71 -59.65 3.99
C PRO H 163 0.77 -59.84 5.50
N ASN H 164 0.61 -61.08 5.92
CA ASN H 164 0.67 -61.41 7.33
C ASN H 164 2.09 -61.77 7.73
N LEU H 165 2.30 -62.02 9.03
CA LEU H 165 3.62 -62.34 9.52
C LEU H 165 4.10 -63.72 9.07
N GLY H 166 3.19 -64.62 8.71
CA GLY H 166 3.59 -65.90 8.18
C GLY H 166 4.18 -65.82 6.78
N TRP H 167 3.85 -64.77 6.04
CA TRP H 167 4.39 -64.60 4.71
C TRP H 167 5.76 -63.95 4.73
N PHE H 168 6.01 -63.06 5.70
CA PHE H 168 7.32 -62.42 5.81
C PHE H 168 8.36 -63.37 6.37
N LYS H 169 7.94 -64.29 7.26
CA LYS H 169 8.83 -65.26 7.84
C LYS H 169 8.89 -66.56 7.04
N ASN H 170 8.61 -66.49 5.74
CA ASN H 170 8.73 -67.64 4.84
C ASN H 170 10.12 -67.56 4.22
N SER H 171 11.11 -67.99 4.99
CA SER H 171 12.49 -67.83 4.55
C SER H 171 12.87 -68.80 3.45
N GLU H 172 12.28 -69.99 3.43
CA GLU H 172 12.68 -70.96 2.42
C GLU H 172 12.03 -70.66 1.07
N ALA H 173 10.83 -70.08 1.08
CA ALA H 173 10.19 -69.71 -0.18
C ALA H 173 10.74 -68.41 -0.74
N ARG H 174 11.34 -67.57 0.09
CA ARG H 174 11.98 -66.37 -0.43
C ARG H 174 13.34 -66.67 -1.03
N LEU H 175 14.06 -67.64 -0.46
CA LEU H 175 15.34 -68.04 -1.02
C LEU H 175 15.18 -68.79 -2.32
N ASN H 176 14.03 -69.42 -2.55
CA ASN H 176 13.83 -70.12 -3.81
C ASN H 176 13.60 -69.15 -4.94
N HIS H 177 12.84 -68.09 -4.70
CA HIS H 177 12.52 -67.15 -5.74
C HIS H 177 13.56 -66.06 -5.91
N HIS H 178 14.37 -65.80 -4.90
CA HIS H 178 15.41 -64.80 -5.07
C HIS H 178 16.62 -65.35 -5.77
N LEU H 179 16.85 -66.66 -5.69
CA LEU H 179 17.92 -67.28 -6.45
C LEU H 179 17.48 -67.63 -7.86
N ALA H 180 16.31 -68.25 -8.01
CA ALA H 180 15.87 -68.66 -9.33
C ALA H 180 15.29 -67.49 -10.11
N GLY H 181 14.52 -66.63 -9.46
CA GLY H 181 13.83 -65.58 -10.17
C GLY H 181 14.49 -64.22 -10.14
N LEU H 182 14.95 -63.79 -8.96
CA LEU H 182 15.55 -62.47 -8.89
C LEU H 182 16.99 -62.48 -9.37
N PHE H 183 17.73 -63.55 -9.11
CA PHE H 183 19.12 -63.61 -9.54
C PHE H 183 19.32 -64.52 -10.74
N GLY H 184 18.47 -65.51 -10.93
CA GLY H 184 18.65 -66.43 -12.03
C GLY H 184 17.97 -65.99 -13.31
N VAL H 185 16.70 -65.64 -13.22
CA VAL H 185 15.96 -65.22 -14.41
C VAL H 185 16.47 -63.87 -14.90
N SER H 186 16.74 -62.94 -13.99
CA SER H 186 17.21 -61.63 -14.40
C SER H 186 18.67 -61.62 -14.83
N SER H 187 19.42 -62.70 -14.58
CA SER H 187 20.69 -62.89 -15.25
C SER H 187 20.55 -63.70 -16.51
N LEU H 188 19.51 -64.53 -16.59
CA LEU H 188 19.15 -65.16 -17.86
C LEU H 188 18.61 -64.12 -18.82
N ALA H 189 17.88 -63.13 -18.31
CA ALA H 189 17.33 -62.10 -19.16
C ALA H 189 18.40 -61.14 -19.64
N TRP H 190 19.44 -60.92 -18.84
CA TRP H 190 20.50 -60.03 -19.31
C TRP H 190 21.36 -60.70 -20.36
N ALA H 191 21.56 -62.01 -20.28
CA ALA H 191 22.14 -62.73 -21.39
C ALA H 191 21.22 -62.74 -22.60
N GLY H 192 19.92 -62.52 -22.40
CA GLY H 192 19.02 -62.33 -23.52
C GLY H 192 19.20 -60.98 -24.18
N HIS H 193 19.50 -59.94 -23.41
CA HIS H 193 19.75 -58.64 -24.01
C HIS H 193 21.08 -58.60 -24.72
N LEU H 194 22.10 -59.22 -24.13
CA LEU H 194 23.43 -59.21 -24.73
C LEU H 194 23.46 -59.98 -26.04
N VAL H 195 22.79 -61.13 -26.09
CA VAL H 195 22.77 -61.94 -27.31
C VAL H 195 21.94 -61.26 -28.39
N HIS H 196 20.78 -60.72 -28.01
CA HIS H 196 19.87 -60.18 -29.02
C HIS H 196 20.23 -58.78 -29.46
N VAL H 197 20.63 -57.92 -28.54
CA VAL H 197 20.78 -56.49 -28.81
C VAL H 197 22.23 -56.05 -28.77
N ALA H 198 22.93 -56.35 -27.68
CA ALA H 198 24.22 -55.69 -27.44
C ALA H 198 25.34 -56.26 -28.29
N ILE H 199 25.34 -57.57 -28.52
CA ILE H 199 26.31 -58.18 -29.43
C ILE H 199 26.03 -57.80 -30.89
N PRO H 200 24.80 -57.87 -31.43
CA PRO H 200 24.63 -57.41 -32.82
C PRO H 200 24.83 -55.93 -33.02
N GLU H 201 24.56 -55.09 -32.02
CA GLU H 201 24.81 -53.66 -32.18
C GLU H 201 26.27 -53.31 -32.00
N SER H 202 27.06 -54.21 -31.42
CA SER H 202 28.50 -54.06 -31.43
C SER H 202 29.13 -54.56 -32.72
N ARG H 203 28.33 -55.18 -33.59
CA ARG H 203 28.79 -55.65 -34.89
C ARG H 203 28.14 -54.90 -36.03
N GLY H 204 27.48 -53.78 -35.75
CA GLY H 204 27.02 -52.92 -36.81
C GLY H 204 25.53 -52.89 -37.04
N GLN H 205 24.87 -54.04 -36.99
CA GLN H 205 23.46 -54.08 -37.31
C GLN H 205 22.63 -53.54 -36.15
N HIS H 206 21.55 -52.84 -36.48
CA HIS H 206 20.74 -52.15 -35.50
C HIS H 206 19.54 -53.03 -35.15
N VAL H 207 19.50 -53.50 -33.92
CA VAL H 207 18.42 -54.33 -33.42
C VAL H 207 17.61 -53.50 -32.44
N GLY H 208 16.34 -53.28 -32.76
CA GLY H 208 15.47 -52.51 -31.91
C GLY H 208 14.22 -53.28 -31.58
N TRP H 209 13.19 -52.60 -31.06
CA TRP H 209 11.98 -53.29 -30.64
C TRP H 209 11.17 -53.78 -31.82
N ASP H 210 11.26 -53.10 -32.96
CA ASP H 210 10.57 -53.48 -34.17
C ASP H 210 11.38 -54.42 -35.05
N ASN H 211 12.49 -54.95 -34.54
CA ASN H 211 13.47 -55.60 -35.38
C ASN H 211 13.89 -56.92 -34.76
N PHE H 212 13.74 -57.05 -33.43
CA PHE H 212 14.33 -58.19 -32.74
C PHE H 212 13.53 -59.46 -32.89
N LEU H 213 12.25 -59.36 -33.25
CA LEU H 213 11.43 -60.56 -33.41
C LEU H 213 11.60 -61.22 -34.76
N SER H 214 12.20 -60.53 -35.72
CA SER H 214 12.38 -61.07 -37.07
C SER H 214 13.78 -61.62 -37.28
N THR H 215 14.80 -60.79 -37.09
CA THR H 215 16.18 -61.23 -37.30
C THR H 215 16.64 -62.05 -36.11
N PRO H 216 16.99 -63.34 -36.30
CA PRO H 216 17.50 -64.11 -35.19
C PRO H 216 18.95 -63.73 -34.89
N PRO H 217 19.40 -63.89 -33.65
CA PRO H 217 20.78 -63.52 -33.31
C PRO H 217 21.84 -64.48 -33.80
N HIS H 218 21.45 -65.56 -34.50
CA HIS H 218 22.41 -66.54 -34.97
C HIS H 218 21.88 -67.18 -36.22
N PRO H 219 22.73 -67.49 -37.21
CA PRO H 219 22.25 -68.19 -38.40
C PRO H 219 21.79 -69.61 -38.13
N ALA H 220 22.29 -70.25 -37.08
CA ALA H 220 21.80 -71.55 -36.63
C ALA H 220 20.80 -71.40 -35.50
N GLY H 221 19.97 -70.38 -35.60
CA GLY H 221 19.21 -69.92 -34.46
C GLY H 221 18.07 -70.84 -34.08
N LEU H 222 17.73 -70.80 -32.79
CA LEU H 222 16.54 -71.38 -32.14
C LEU H 222 16.44 -72.90 -32.25
N TRP H 223 17.40 -73.55 -32.84
CA TRP H 223 17.33 -74.98 -33.09
C TRP H 223 18.54 -75.71 -32.56
N ALA H 224 19.73 -75.13 -32.64
CA ALA H 224 20.94 -75.75 -32.14
C ALA H 224 20.97 -75.84 -30.62
N PHE H 225 20.06 -75.17 -29.92
CA PHE H 225 19.96 -75.32 -28.48
C PHE H 225 19.24 -76.61 -28.10
N PHE H 226 18.12 -76.90 -28.76
CA PHE H 226 17.28 -78.01 -28.35
C PHE H 226 17.79 -79.36 -28.85
N THR H 227 18.52 -79.38 -29.96
CA THR H 227 19.09 -80.64 -30.42
C THR H 227 20.29 -81.06 -29.58
N GLY H 228 21.28 -80.18 -29.46
CA GLY H 228 22.48 -80.51 -28.73
C GLY H 228 23.72 -80.07 -29.46
N ASN H 229 23.53 -79.31 -30.54
CA ASN H 229 24.64 -78.78 -31.33
C ASN H 229 25.03 -77.43 -30.73
N TRP H 230 25.52 -77.48 -29.50
CA TRP H 230 25.78 -76.25 -28.77
C TRP H 230 27.05 -75.56 -29.23
N GLY H 231 27.94 -76.28 -29.91
CA GLY H 231 29.14 -75.68 -30.46
C GLY H 231 28.90 -74.78 -31.66
N ALA H 232 27.67 -74.71 -32.17
CA ALA H 232 27.38 -73.80 -33.28
C ALA H 232 27.48 -72.35 -32.87
N TYR H 233 27.19 -72.05 -31.61
CA TYR H 233 27.14 -70.69 -31.13
C TYR H 233 28.51 -70.07 -30.92
N ALA H 234 29.60 -70.83 -31.05
CA ALA H 234 30.94 -70.33 -30.82
C ALA H 234 31.85 -70.63 -31.99
N GLN H 235 31.33 -70.59 -33.22
CA GLN H 235 32.12 -71.11 -34.34
C GLN H 235 33.13 -70.08 -34.84
N ASN H 236 32.66 -68.96 -35.38
CA ASN H 236 33.59 -67.91 -35.77
C ASN H 236 33.39 -66.69 -34.89
N PRO H 237 34.32 -66.40 -33.99
CA PRO H 237 34.16 -65.25 -33.10
C PRO H 237 34.67 -63.97 -33.73
N ASP H 238 34.64 -62.87 -32.98
CA ASP H 238 35.20 -61.62 -33.47
C ASP H 238 36.72 -61.73 -33.49
N THR H 239 37.32 -61.48 -34.64
CA THR H 239 38.75 -61.61 -34.78
C THR H 239 39.48 -60.40 -34.17
N ALA H 240 40.79 -60.45 -34.17
CA ALA H 240 41.62 -59.47 -33.48
C ALA H 240 41.87 -58.20 -34.28
N GLU H 241 41.12 -57.96 -35.35
CA GLU H 241 41.14 -56.68 -36.04
C GLU H 241 39.74 -56.10 -36.14
N HIS H 242 38.81 -56.62 -35.34
CA HIS H 242 37.47 -56.07 -35.29
C HIS H 242 37.47 -54.77 -34.52
N VAL H 243 36.86 -53.73 -35.08
CA VAL H 243 36.70 -52.47 -34.39
C VAL H 243 35.24 -52.34 -33.97
N PHE H 244 35.03 -51.68 -32.84
CA PHE H 244 33.75 -51.76 -32.14
C PHE H 244 32.66 -50.99 -32.87
N SER H 245 31.44 -51.54 -32.81
CA SER H 245 30.21 -51.00 -33.39
C SER H 245 30.27 -50.85 -34.90
N THR H 246 31.12 -51.59 -35.57
CA THR H 246 31.13 -51.67 -37.03
C THR H 246 31.00 -53.14 -37.44
N SER H 247 30.82 -53.36 -38.73
CA SER H 247 30.75 -54.71 -39.28
C SER H 247 32.11 -55.22 -39.74
N GLN H 248 33.15 -54.40 -39.71
CA GLN H 248 34.42 -54.72 -40.36
C GLN H 248 35.27 -55.54 -39.39
N GLY H 249 35.31 -56.84 -39.61
CA GLY H 249 36.02 -57.75 -38.73
C GLY H 249 35.15 -58.54 -37.79
N ALA H 250 33.83 -58.39 -37.88
CA ALA H 250 32.92 -59.06 -36.96
C ALA H 250 32.83 -60.54 -37.27
N GLY H 251 32.23 -61.27 -36.34
CA GLY H 251 31.98 -62.69 -36.51
C GLY H 251 30.50 -62.98 -36.43
N THR H 252 30.14 -64.24 -36.16
CA THR H 252 28.75 -64.59 -35.91
C THR H 252 28.57 -65.39 -34.64
N ALA H 253 29.62 -65.64 -33.87
CA ALA H 253 29.49 -66.33 -32.61
C ALA H 253 28.83 -65.43 -31.58
N ILE H 254 27.95 -66.01 -30.76
CA ILE H 254 27.29 -65.26 -29.70
C ILE H 254 27.72 -65.72 -28.32
N LEU H 255 28.20 -66.95 -28.16
CA LEU H 255 28.57 -67.51 -26.86
C LEU H 255 29.94 -68.13 -27.02
N THR H 256 30.99 -67.32 -26.96
CA THR H 256 32.34 -67.86 -27.07
C THR H 256 33.17 -67.35 -25.92
N PHE H 257 34.28 -68.03 -25.68
CA PHE H 257 35.01 -67.95 -24.41
C PHE H 257 36.50 -67.84 -24.67
N LEU H 258 36.86 -66.84 -25.50
CA LEU H 258 38.27 -66.55 -25.77
C LEU H 258 39.00 -66.09 -24.53
N GLY H 259 38.34 -65.33 -23.67
CA GLY H 259 39.00 -64.73 -22.52
C GLY H 259 39.85 -63.55 -22.92
N GLY H 260 40.35 -62.85 -21.89
CA GLY H 260 41.17 -61.69 -22.19
C GLY H 260 40.34 -60.51 -22.65
N PHE H 261 40.97 -59.62 -23.40
CA PHE H 261 40.39 -58.34 -23.73
C PHE H 261 40.18 -58.20 -25.23
N HIS H 262 39.18 -57.41 -25.58
CA HIS H 262 39.03 -56.95 -26.95
C HIS H 262 40.21 -56.07 -27.32
N PRO H 263 40.84 -56.28 -28.47
CA PRO H 263 42.09 -55.57 -28.77
C PRO H 263 41.91 -54.09 -29.09
N GLN H 264 40.69 -53.62 -29.29
CA GLN H 264 40.42 -52.24 -29.66
C GLN H 264 39.84 -51.42 -28.52
N THR H 265 38.98 -51.99 -27.69
CA THR H 265 38.38 -51.29 -26.58
C THR H 265 39.08 -51.56 -25.25
N GLN H 266 40.01 -52.53 -25.21
CA GLN H 266 40.65 -53.04 -24.01
C GLN H 266 39.63 -53.47 -22.96
N SER H 267 38.54 -54.06 -23.42
CA SER H 267 37.45 -54.49 -22.55
C SER H 267 37.17 -55.96 -22.79
N LEU H 268 36.37 -56.55 -21.90
CA LEU H 268 35.94 -57.91 -22.07
C LEU H 268 35.03 -58.03 -23.28
N TRP H 269 35.07 -59.19 -23.93
CA TRP H 269 34.23 -59.42 -25.10
C TRP H 269 32.76 -59.49 -24.70
N LEU H 270 31.91 -58.92 -25.55
CA LEU H 270 30.48 -58.96 -25.27
C LEU H 270 29.93 -60.37 -25.43
N THR H 271 30.58 -61.19 -26.25
CA THR H 271 30.24 -62.60 -26.34
C THR H 271 30.70 -63.36 -25.12
N ASP H 272 31.74 -62.88 -24.45
CA ASP H 272 32.24 -63.52 -23.25
C ASP H 272 31.34 -63.24 -22.06
N MET H 273 30.63 -62.12 -22.07
CA MET H 273 29.71 -61.77 -20.99
C MET H 273 28.31 -62.29 -21.23
N ALA H 274 27.90 -62.50 -22.48
CA ALA H 274 26.64 -63.16 -22.74
C ALA H 274 26.71 -64.63 -22.39
N HIS H 275 27.87 -65.25 -22.59
CA HIS H 275 28.10 -66.60 -22.14
C HIS H 275 28.20 -66.66 -20.63
N HIS H 276 28.63 -65.57 -20.02
CA HIS H 276 28.87 -65.56 -18.58
C HIS H 276 27.58 -65.53 -17.80
N HIS H 277 26.68 -64.61 -18.13
CA HIS H 277 25.39 -64.53 -17.45
C HIS H 277 24.45 -65.67 -17.82
N LEU H 278 24.77 -66.42 -18.86
CA LEU H 278 24.03 -67.65 -19.13
C LEU H 278 24.49 -68.77 -18.21
N ALA H 279 25.78 -68.83 -17.91
CA ALA H 279 26.28 -69.84 -16.99
C ALA H 279 25.96 -69.50 -15.54
N ILE H 280 25.87 -68.21 -15.22
CA ILE H 280 25.40 -67.81 -13.90
C ILE H 280 23.94 -68.18 -13.71
N ALA H 281 23.13 -68.01 -14.76
CA ALA H 281 21.70 -68.23 -14.65
C ALA H 281 21.36 -69.71 -14.51
N VAL H 282 22.08 -70.58 -15.21
CA VAL H 282 21.84 -72.01 -15.09
C VAL H 282 22.26 -72.50 -13.71
N VAL H 283 23.34 -71.96 -13.17
CA VAL H 283 23.82 -72.38 -11.86
C VAL H 283 22.95 -71.80 -10.75
N LEU H 284 22.37 -70.62 -10.95
CA LEU H 284 21.54 -70.01 -9.91
C LEU H 284 20.11 -70.52 -9.92
N ILE H 285 19.55 -70.85 -11.08
CA ILE H 285 18.20 -71.42 -11.12
C ILE H 285 18.22 -72.84 -10.56
N ILE H 286 19.33 -73.56 -10.74
CA ILE H 286 19.51 -74.84 -10.08
C ILE H 286 19.58 -74.67 -8.57
N ALA H 287 20.31 -73.66 -8.10
CA ALA H 287 20.45 -73.43 -6.66
C ALA H 287 19.18 -72.92 -6.01
N GLY H 288 18.22 -72.43 -6.79
CA GLY H 288 16.94 -72.02 -6.24
C GLY H 288 15.96 -73.14 -6.02
N HIS H 289 16.35 -74.37 -6.33
CA HIS H 289 15.50 -75.54 -6.13
C HIS H 289 16.06 -76.42 -5.02
N MET H 290 16.56 -75.78 -3.96
CA MET H 290 17.17 -76.49 -2.85
C MET H 290 16.26 -76.55 -1.63
N TYR H 291 15.56 -75.47 -1.32
CA TYR H 291 14.75 -75.40 -0.13
C TYR H 291 13.30 -75.75 -0.47
N ARG H 292 12.55 -76.20 0.52
CA ARG H 292 11.22 -76.73 0.27
C ARG H 292 10.17 -75.64 0.46
N THR H 293 9.37 -75.45 -0.57
CA THR H 293 8.05 -74.85 -0.45
C THR H 293 7.06 -76.00 -0.29
N ASN H 294 5.79 -75.76 -0.54
CA ASN H 294 4.72 -76.71 -0.33
C ASN H 294 4.74 -77.94 -1.29
N TRP H 295 5.76 -78.21 -2.11
CA TRP H 295 5.76 -79.37 -3.00
C TRP H 295 6.56 -80.55 -2.44
N ARG H 296 6.81 -80.56 -1.13
CA ARG H 296 7.28 -81.68 -0.32
C ARG H 296 8.73 -82.12 -0.58
N ILE H 297 9.43 -81.54 -1.54
CA ILE H 297 10.81 -81.88 -1.80
C ILE H 297 11.69 -80.67 -1.51
N GLY H 298 12.91 -80.93 -1.09
CA GLY H 298 13.83 -79.85 -0.85
C GLY H 298 14.44 -79.94 0.53
N HIS H 299 15.00 -78.82 0.98
CA HIS H 299 15.64 -78.73 2.28
C HIS H 299 14.83 -77.85 3.21
N SER H 300 14.76 -78.25 4.47
CA SER H 300 14.20 -77.41 5.51
C SER H 300 15.37 -76.88 6.33
N ILE H 301 15.53 -75.55 6.35
CA ILE H 301 16.63 -74.92 7.05
C ILE H 301 16.53 -75.15 8.56
N LYS H 302 15.30 -75.31 9.07
CA LYS H 302 15.12 -75.66 10.47
C LYS H 302 15.65 -77.04 10.80
N GLU H 303 15.64 -77.96 9.82
CA GLU H 303 16.20 -79.28 10.04
C GLU H 303 17.71 -79.30 9.88
N MET H 304 18.26 -78.42 9.04
CA MET H 304 19.71 -78.39 8.84
C MET H 304 20.45 -77.81 10.03
N MET H 305 19.78 -76.98 10.83
CA MET H 305 20.38 -76.48 12.06
C MET H 305 20.48 -77.57 13.11
N ASP H 306 19.40 -78.30 13.31
CA ASP H 306 19.27 -79.22 14.44
C ASP H 306 19.67 -80.65 14.10
N SER H 307 20.22 -80.90 12.92
CA SER H 307 20.56 -82.25 12.52
C SER H 307 21.83 -82.68 13.25
N LYS H 308 21.72 -83.78 14.01
CA LYS H 308 22.82 -84.28 14.82
C LYS H 308 23.20 -85.70 14.44
N THR H 309 23.01 -86.07 13.18
CA THR H 309 23.30 -87.42 12.70
C THR H 309 24.02 -87.32 11.36
N PHE H 310 25.22 -87.90 11.30
CA PHE H 310 26.07 -87.84 10.11
C PHE H 310 26.46 -89.26 9.73
N PHE H 311 25.57 -89.93 8.99
CA PHE H 311 25.76 -91.31 8.52
C PHE H 311 26.03 -92.27 9.67
N GLY H 312 25.18 -92.20 10.70
CA GLY H 312 25.33 -93.02 11.87
C GLY H 312 26.12 -92.40 13.00
N ARG H 313 26.98 -91.42 12.71
CA ARG H 313 27.73 -90.77 13.76
C ARG H 313 26.84 -89.82 14.56
N LYS H 314 27.41 -89.24 15.61
CA LYS H 314 26.65 -88.39 16.52
C LYS H 314 27.32 -87.03 16.65
N VAL H 315 27.56 -86.38 15.51
CA VAL H 315 28.11 -85.03 15.51
C VAL H 315 27.12 -84.06 16.15
N GLU H 316 27.67 -82.92 16.61
CA GLU H 316 26.88 -81.90 17.28
C GLU H 316 26.09 -81.01 16.33
N GLY H 317 26.30 -81.15 15.03
CA GLY H 317 25.60 -80.34 14.05
C GLY H 317 26.38 -80.26 12.76
N PRO H 318 26.20 -79.16 12.02
CA PRO H 318 27.05 -78.93 10.85
C PRO H 318 28.48 -78.63 11.28
N PHE H 319 29.43 -79.39 10.71
CA PHE H 319 30.86 -79.30 10.99
C PHE H 319 31.13 -79.56 12.48
N ASN H 320 30.37 -80.51 13.05
CA ASN H 320 30.51 -80.94 14.45
C ASN H 320 30.35 -79.79 15.45
N LEU H 321 29.60 -78.77 15.05
CA LEU H 321 29.42 -77.55 15.80
C LEU H 321 27.93 -77.34 16.07
N PRO H 322 27.57 -76.93 17.27
CA PRO H 322 26.15 -76.84 17.62
C PRO H 322 25.52 -75.62 16.96
N HIS H 323 24.69 -75.87 15.95
CA HIS H 323 23.95 -74.81 15.28
C HIS H 323 22.47 -74.84 15.61
N GLN H 324 22.08 -75.51 16.70
CA GLN H 324 20.67 -75.59 17.03
C GLN H 324 20.14 -74.24 17.51
N GLY H 325 18.89 -73.97 17.20
CA GLY H 325 18.30 -72.71 17.60
C GLY H 325 18.74 -71.51 16.81
N LEU H 326 19.52 -71.69 15.75
CA LEU H 326 19.90 -70.56 14.90
C LEU H 326 18.90 -70.24 13.83
N TYR H 327 17.96 -71.13 13.55
CA TYR H 327 16.92 -70.78 12.57
C TYR H 327 16.01 -69.71 13.14
N GLU H 328 15.53 -69.90 14.37
CA GLU H 328 14.67 -68.90 14.99
C GLU H 328 15.46 -67.73 15.57
N THR H 329 16.79 -67.76 15.52
CA THR H 329 17.58 -66.59 15.85
C THR H 329 17.74 -65.68 14.65
N VAL H 330 18.04 -66.24 13.47
CA VAL H 330 18.14 -65.43 12.26
C VAL H 330 16.76 -64.95 11.81
N ASN H 331 15.76 -65.83 11.86
CA ASN H 331 14.47 -65.50 11.26
C ASN H 331 13.69 -64.45 12.04
N ASN H 332 13.83 -64.41 13.36
CA ASN H 332 13.12 -63.40 14.13
C ASN H 332 13.89 -62.08 14.18
N SER H 333 15.21 -62.12 14.18
CA SER H 333 16.02 -60.92 14.20
C SER H 333 16.07 -60.28 12.82
N LEU H 334 15.58 -59.05 12.72
CA LEU H 334 15.72 -58.29 11.50
C LEU H 334 17.07 -57.58 11.42
N HIS H 335 17.87 -57.62 12.48
CA HIS H 335 19.21 -57.07 12.47
C HIS H 335 20.27 -58.11 12.18
N PHE H 336 20.02 -59.38 12.49
CA PHE H 336 20.87 -60.45 12.00
C PHE H 336 20.76 -60.56 10.49
N GLN H 337 19.56 -60.41 9.95
CA GLN H 337 19.39 -60.49 8.51
C GLN H 337 19.91 -59.25 7.81
N LEU H 338 19.96 -58.12 8.51
CA LEU H 338 20.45 -56.89 7.90
C LEU H 338 21.97 -56.83 7.93
N SER H 339 22.59 -57.35 8.99
CA SER H 339 24.03 -57.34 9.08
C SER H 339 24.66 -58.35 8.13
N LEU H 340 24.00 -59.48 7.89
CA LEU H 340 24.48 -60.43 6.90
C LEU H 340 24.28 -59.93 5.48
N ALA H 341 23.34 -59.03 5.28
CA ALA H 341 23.08 -58.49 3.95
C ALA H 341 23.91 -57.28 3.63
N LEU H 342 24.48 -56.61 4.63
CA LEU H 342 25.44 -55.54 4.39
C LEU H 342 26.87 -56.06 4.33
N ALA H 343 27.17 -57.14 5.03
CA ALA H 343 28.47 -57.77 4.89
C ALA H 343 28.62 -58.42 3.53
N CYS H 344 27.52 -58.93 2.97
CA CYS H 344 27.55 -59.55 1.66
C CYS H 344 27.35 -58.55 0.54
N LEU H 345 27.09 -57.29 0.86
CA LEU H 345 27.02 -56.23 -0.12
C LEU H 345 28.19 -55.28 -0.05
N GLY H 346 28.99 -55.35 1.01
CA GLY H 346 30.20 -54.59 1.08
C GLY H 346 31.38 -55.44 0.66
N VAL H 347 31.14 -56.72 0.42
CA VAL H 347 32.10 -57.55 -0.27
C VAL H 347 31.89 -57.47 -1.78
N ALA H 348 30.63 -57.48 -2.21
CA ALA H 348 30.33 -57.33 -3.63
C ALA H 348 30.59 -55.92 -4.13
N SER H 349 30.72 -54.94 -3.24
CA SER H 349 31.09 -53.60 -3.65
C SER H 349 32.59 -53.38 -3.66
N SER H 350 33.34 -54.11 -2.85
CA SER H 350 34.79 -54.14 -3.03
C SER H 350 35.16 -54.94 -4.26
N LEU H 351 34.46 -56.04 -4.48
CA LEU H 351 34.74 -56.91 -5.61
C LEU H 351 34.38 -56.25 -6.92
N THR H 352 33.42 -55.34 -6.89
CA THR H 352 33.19 -54.47 -8.04
C THR H 352 34.41 -53.61 -8.31
N ALA H 353 34.97 -53.00 -7.27
CA ALA H 353 36.08 -52.07 -7.44
C ALA H 353 37.36 -52.80 -7.81
N GLN H 354 37.61 -53.96 -7.21
CA GLN H 354 38.85 -54.69 -7.48
C GLN H 354 38.87 -55.33 -8.85
N HIS H 355 37.72 -55.47 -9.50
CA HIS H 355 37.67 -56.17 -10.77
C HIS H 355 37.46 -55.21 -11.94
N MET H 356 36.70 -54.15 -11.74
CA MET H 356 36.39 -53.25 -12.84
C MET H 356 37.55 -52.37 -13.25
N TYR H 357 38.60 -52.28 -12.46
CA TYR H 357 39.79 -51.59 -12.94
C TYR H 357 40.74 -52.54 -13.64
N SER H 358 40.79 -53.80 -13.21
CA SER H 358 41.72 -54.77 -13.77
C SER H 358 41.14 -55.44 -15.01
N MET H 359 39.88 -55.85 -14.94
CA MET H 359 39.17 -56.42 -16.08
C MET H 359 38.03 -55.47 -16.43
N PRO H 360 38.29 -54.43 -17.22
CA PRO H 360 37.24 -53.45 -17.53
C PRO H 360 36.20 -54.05 -18.45
N PRO H 361 34.94 -53.89 -18.14
CA PRO H 361 33.90 -54.51 -18.95
C PRO H 361 33.33 -53.61 -20.03
N TYR H 362 33.71 -52.34 -20.02
CA TYR H 362 33.04 -51.33 -20.82
C TYR H 362 33.97 -50.78 -21.88
N ALA H 363 33.37 -50.34 -22.98
CA ALA H 363 34.12 -49.90 -24.15
C ALA H 363 34.84 -48.59 -23.87
N PHE H 364 36.17 -48.61 -24.02
CA PHE H 364 37.05 -47.45 -23.87
C PHE H 364 36.98 -46.81 -22.49
N ILE H 365 36.69 -47.60 -21.46
CA ILE H 365 36.74 -47.06 -20.10
C ILE H 365 38.13 -47.19 -19.50
N ALA H 366 38.99 -48.02 -20.10
CA ALA H 366 40.38 -48.05 -19.67
C ALA H 366 41.11 -46.78 -20.10
N LYS H 367 40.71 -46.19 -21.23
CA LYS H 367 41.32 -44.98 -21.75
C LYS H 367 40.59 -43.72 -21.32
N ASP H 368 39.73 -43.82 -20.31
CA ASP H 368 39.16 -42.65 -19.64
C ASP H 368 39.64 -42.75 -18.21
N PHE H 369 40.71 -42.03 -17.90
CA PHE H 369 41.44 -42.23 -16.66
C PHE H 369 40.73 -41.71 -15.44
N THR H 370 39.78 -40.79 -15.59
CA THR H 370 39.11 -40.22 -14.43
C THR H 370 37.87 -40.98 -14.04
N THR H 371 37.06 -41.44 -15.00
CA THR H 371 35.91 -42.26 -14.66
C THR H 371 36.34 -43.63 -14.19
N MET H 372 37.51 -44.10 -14.63
CA MET H 372 38.07 -45.33 -14.09
C MET H 372 38.55 -45.12 -12.66
N ALA H 373 39.02 -43.92 -12.34
CA ALA H 373 39.53 -43.63 -11.00
C ALA H 373 38.42 -43.28 -10.04
N ALA H 374 37.41 -42.58 -10.51
CA ALA H 374 36.32 -42.18 -9.65
C ALA H 374 35.36 -43.32 -9.36
N LEU H 375 35.41 -44.41 -10.13
CA LEU H 375 34.57 -45.56 -9.88
C LEU H 375 35.24 -46.59 -8.99
N TYR H 376 36.56 -46.58 -8.89
CA TYR H 376 37.21 -47.41 -7.87
C TYR H 376 36.97 -46.81 -6.50
N THR H 377 37.23 -45.52 -6.36
CA THR H 377 37.14 -44.85 -5.07
C THR H 377 35.70 -44.77 -4.59
N HIS H 378 34.75 -44.73 -5.53
CA HIS H 378 33.34 -44.79 -5.17
C HIS H 378 33.00 -46.10 -4.50
N HIS H 379 33.31 -47.21 -5.15
CA HIS H 379 32.87 -48.50 -4.66
C HIS H 379 33.71 -49.03 -3.51
N GLN H 380 34.84 -48.42 -3.20
CA GLN H 380 35.56 -48.82 -1.99
C GLN H 380 35.11 -48.04 -0.77
N TYR H 381 34.61 -46.83 -0.95
CA TYR H 381 34.04 -46.11 0.17
C TYR H 381 32.62 -46.56 0.46
N ILE H 382 31.89 -46.99 -0.57
CA ILE H 382 30.61 -47.66 -0.34
C ILE H 382 30.83 -48.97 0.40
N ALA H 383 31.86 -49.71 0.02
CA ALA H 383 32.14 -51.00 0.65
C ALA H 383 32.73 -50.87 2.03
N GLY H 384 33.30 -49.72 2.37
CA GLY H 384 33.73 -49.50 3.73
C GLY H 384 32.58 -49.07 4.62
N PHE H 385 31.61 -48.35 4.05
CA PHE H 385 30.44 -47.97 4.82
C PHE H 385 29.54 -49.17 5.04
N LEU H 386 29.35 -50.00 4.02
CA LEU H 386 28.51 -51.18 4.14
C LEU H 386 29.11 -52.23 5.04
N MET H 387 30.39 -52.16 5.33
CA MET H 387 31.01 -53.09 6.26
C MET H 387 31.08 -52.54 7.68
N VAL H 388 31.04 -51.23 7.85
CA VAL H 388 30.87 -50.66 9.18
C VAL H 388 29.43 -50.88 9.64
N GLY H 389 28.48 -50.83 8.70
CA GLY H 389 27.09 -51.11 9.04
C GLY H 389 26.77 -52.57 9.18
N ALA H 390 27.61 -53.45 8.65
CA ALA H 390 27.44 -54.87 8.90
C ALA H 390 27.82 -55.23 10.33
N PHE H 391 28.67 -54.44 10.95
CA PHE H 391 29.03 -54.62 12.34
C PHE H 391 28.30 -53.66 13.26
N SER H 392 27.61 -52.67 12.71
CA SER H 392 26.76 -51.83 13.53
C SER H 392 25.49 -52.57 13.90
N HIS H 393 24.96 -53.38 13.00
CA HIS H 393 23.77 -54.18 13.26
C HIS H 393 24.08 -55.51 13.89
N ALA H 394 25.33 -55.94 13.89
CA ALA H 394 25.71 -57.01 14.79
C ALA H 394 25.54 -56.57 16.23
N ALA H 395 25.93 -55.33 16.54
CA ALA H 395 25.80 -54.83 17.90
C ALA H 395 24.35 -54.59 18.29
N ILE H 396 23.50 -54.20 17.34
CA ILE H 396 22.09 -54.03 17.65
C ILE H 396 21.43 -55.40 17.78
N PHE H 397 21.97 -56.42 17.13
CA PHE H 397 21.43 -57.77 17.28
C PHE H 397 21.69 -58.32 18.68
N TRP H 398 22.90 -58.10 19.21
CA TRP H 398 23.24 -58.63 20.53
C TRP H 398 22.42 -57.95 21.61
N ILE H 399 22.20 -56.65 21.48
CA ILE H 399 21.47 -55.91 22.50
C ILE H 399 19.98 -56.23 22.44
N LYS H 400 19.38 -56.03 21.28
CA LYS H 400 17.93 -56.00 21.18
C LYS H 400 17.30 -57.34 20.77
N ASP H 401 18.04 -58.22 20.11
CA ASP H 401 17.41 -59.34 19.43
C ASP H 401 18.02 -60.69 19.83
N TYR H 402 18.79 -60.74 20.90
CA TYR H 402 19.44 -61.97 21.31
C TYR H 402 19.03 -62.30 22.73
N ASP H 403 18.78 -63.59 22.99
CA ASP H 403 18.51 -64.09 24.33
C ASP H 403 19.36 -65.33 24.57
N PRO H 404 20.05 -65.42 25.71
CA PRO H 404 20.94 -66.57 25.94
C PRO H 404 20.23 -67.87 26.25
N GLU H 405 18.93 -67.82 26.53
CA GLU H 405 18.21 -69.05 26.88
C GLU H 405 17.85 -69.87 25.66
N GLN H 406 17.41 -69.21 24.59
CA GLN H 406 17.08 -69.93 23.37
C GLN H 406 18.34 -70.35 22.61
N ASN H 407 19.37 -69.49 22.62
CA ASN H 407 20.66 -69.81 22.02
C ASN H 407 21.58 -70.43 23.06
N LYS H 408 21.11 -71.53 23.66
CA LYS H 408 21.84 -72.18 24.74
C LYS H 408 22.76 -73.24 24.18
N GLY H 409 24.05 -73.08 24.40
CA GLY H 409 25.02 -74.08 24.01
C GLY H 409 25.35 -74.15 22.54
N ASN H 410 24.79 -73.27 21.72
CA ASN H 410 25.02 -73.33 20.29
C ASN H 410 26.25 -72.50 19.92
N VAL H 411 26.42 -72.25 18.62
CA VAL H 411 27.61 -71.59 18.10
C VAL H 411 27.64 -70.11 18.42
N LEU H 412 26.51 -69.54 18.85
CA LEU H 412 26.42 -68.13 19.17
C LEU H 412 26.73 -67.85 20.63
N GLU H 413 26.57 -68.84 21.50
CA GLU H 413 27.03 -68.68 22.88
C GLU H 413 28.52 -68.92 22.99
N ARG H 414 29.08 -69.77 22.12
CA ARG H 414 30.49 -70.10 22.19
C ARG H 414 31.39 -68.94 21.83
N VAL H 415 30.88 -67.97 21.05
CA VAL H 415 31.67 -66.79 20.73
C VAL H 415 31.74 -65.85 21.92
N LEU H 416 30.60 -65.63 22.60
CA LEU H 416 30.61 -64.84 23.80
C LEU H 416 31.35 -65.53 24.95
N LYS H 417 31.48 -66.85 24.91
CA LYS H 417 32.20 -67.57 25.96
C LYS H 417 33.69 -67.30 25.93
N HIS H 418 34.24 -66.83 24.81
CA HIS H 418 35.66 -66.55 24.74
C HIS H 418 35.95 -65.21 24.09
N LYS H 419 35.01 -64.26 24.15
CA LYS H 419 35.09 -62.99 23.44
C LYS H 419 36.26 -62.11 23.88
N GLU H 420 36.89 -62.39 25.01
CA GLU H 420 38.10 -61.68 25.40
C GLU H 420 39.36 -62.33 24.84
N ALA H 421 39.21 -63.38 24.03
CA ALA H 421 40.33 -63.96 23.30
C ALA H 421 40.33 -63.59 21.84
N ILE H 422 39.20 -63.13 21.31
CA ILE H 422 39.18 -62.56 19.97
C ILE H 422 39.65 -61.12 19.99
N ILE H 423 39.23 -60.35 21.01
CA ILE H 423 39.67 -58.97 21.12
C ILE H 423 41.12 -58.89 21.56
N ALA H 424 41.60 -59.89 22.29
CA ALA H 424 43.02 -59.91 22.65
C ALA H 424 43.91 -60.31 21.49
N HIS H 425 43.37 -60.93 20.45
CA HIS H 425 44.17 -61.33 19.30
C HIS H 425 44.01 -60.43 18.12
N LEU H 426 42.86 -59.74 18.00
CA LEU H 426 42.77 -58.66 17.03
C LEU H 426 43.65 -57.49 17.44
N SER H 427 43.91 -57.34 18.73
CA SER H 427 44.79 -56.32 19.25
C SER H 427 46.25 -56.74 19.28
N TRP H 428 46.57 -57.96 18.89
CA TRP H 428 47.97 -58.29 18.68
C TRP H 428 48.38 -58.08 17.24
N VAL H 429 47.54 -58.51 16.30
CA VAL H 429 47.77 -58.27 14.87
C VAL H 429 47.78 -56.79 14.58
N SER H 430 46.94 -56.02 15.27
CA SER H 430 46.97 -54.56 15.14
C SER H 430 48.27 -54.00 15.70
N LEU H 431 48.73 -54.53 16.83
CA LEU H 431 49.95 -54.03 17.44
C LEU H 431 51.18 -54.54 16.71
N PHE H 432 51.09 -55.68 16.04
CA PHE H 432 52.20 -56.18 15.25
C PHE H 432 52.37 -55.33 13.99
N LEU H 433 51.29 -55.12 13.26
CA LEU H 433 51.33 -54.49 11.96
C LEU H 433 51.45 -52.99 12.01
N GLY H 434 51.68 -52.40 13.16
CA GLY H 434 51.85 -50.97 13.20
C GLY H 434 53.18 -50.63 13.81
N PHE H 435 53.72 -51.55 14.59
CA PHE H 435 55.08 -51.38 15.06
C PHE H 435 56.10 -51.69 13.99
N HIS H 436 55.72 -52.48 12.98
CA HIS H 436 56.63 -52.85 11.92
C HIS H 436 56.20 -52.33 10.56
N THR H 437 55.12 -51.58 10.48
CA THR H 437 54.83 -50.88 9.23
C THR H 437 55.12 -49.40 9.36
N LEU H 438 54.76 -48.79 10.48
CA LEU H 438 55.21 -47.42 10.73
C LEU H 438 56.70 -47.40 11.02
N GLY H 439 57.19 -48.36 11.80
CA GLY H 439 58.60 -48.40 12.12
C GLY H 439 59.49 -48.70 10.94
N LEU H 440 58.97 -49.39 9.93
CA LEU H 440 59.73 -49.66 8.72
C LEU H 440 59.63 -48.57 7.68
N TYR H 441 58.69 -47.63 7.85
CA TYR H 441 58.68 -46.44 7.02
C TYR H 441 59.61 -45.38 7.56
N VAL H 442 59.52 -45.11 8.87
CA VAL H 442 60.36 -44.09 9.47
C VAL H 442 61.74 -44.60 9.79
N HIS H 443 62.05 -45.85 9.44
CA HIS H 443 63.43 -46.24 9.20
C HIS H 443 63.84 -45.85 7.80
N ASN H 444 63.00 -46.17 6.82
CA ASN H 444 63.26 -45.77 5.43
C ASN H 444 63.16 -44.27 5.24
N ASP H 445 62.41 -43.57 6.09
CA ASP H 445 62.37 -42.12 6.02
C ASP H 445 63.70 -41.53 6.44
N VAL H 446 64.26 -42.02 7.55
CA VAL H 446 65.50 -41.49 8.09
C VAL H 446 66.69 -41.86 7.21
N GLU H 447 66.64 -43.03 6.56
CA GLU H 447 67.74 -43.44 5.70
C GLU H 447 67.82 -42.61 4.43
N VAL H 448 66.67 -42.35 3.78
CA VAL H 448 66.67 -41.46 2.63
C VAL H 448 66.98 -40.03 3.06
N ALA H 449 66.55 -39.63 4.26
CA ALA H 449 66.83 -38.28 4.72
C ALA H 449 68.30 -38.08 5.04
N PHE H 450 68.97 -39.10 5.56
CA PHE H 450 70.37 -38.99 5.94
C PHE H 450 71.31 -39.39 4.82
N GLY H 451 70.85 -39.40 3.58
CA GLY H 451 71.69 -39.66 2.44
C GLY H 451 71.66 -41.06 1.90
N ALA H 452 71.57 -42.05 2.78
CA ALA H 452 71.77 -43.43 2.40
C ALA H 452 70.43 -44.08 2.06
N ALA H 453 70.00 -43.89 0.82
CA ALA H 453 68.78 -44.53 0.35
C ALA H 453 68.98 -46.03 0.14
N ASP H 454 70.21 -46.48 0.00
CA ASP H 454 70.52 -47.89 -0.18
C ASP H 454 70.43 -48.69 1.13
N LYS H 455 70.31 -48.03 2.27
CA LYS H 455 70.16 -48.70 3.54
C LYS H 455 68.70 -48.91 3.93
N GLN H 456 67.77 -48.68 3.02
CA GLN H 456 66.38 -48.97 3.28
C GLN H 456 66.15 -50.47 3.40
N ILE H 457 65.25 -50.85 4.28
CA ILE H 457 64.78 -52.23 4.35
C ILE H 457 63.67 -52.38 3.33
N LEU H 458 63.93 -53.11 2.25
CA LEU H 458 62.97 -53.30 1.18
C LEU H 458 62.63 -54.78 1.10
N ILE H 459 61.49 -55.16 1.66
CA ILE H 459 61.02 -56.54 1.55
C ILE H 459 60.31 -56.67 0.22
N GLU H 460 60.81 -57.54 -0.64
CA GLU H 460 60.11 -57.85 -1.88
C GLU H 460 58.92 -58.74 -1.55
N PRO H 461 57.72 -58.37 -1.93
CA PRO H 461 56.55 -59.19 -1.59
C PRO H 461 56.48 -60.43 -2.43
N VAL H 462 57.25 -61.45 -2.06
CA VAL H 462 57.41 -62.63 -2.90
C VAL H 462 56.29 -63.63 -2.75
N PHE H 463 55.27 -63.36 -1.96
CA PHE H 463 54.12 -64.26 -1.90
C PHE H 463 53.02 -63.82 -2.85
N ALA H 464 52.87 -62.52 -3.08
CA ALA H 464 51.93 -62.02 -4.06
C ALA H 464 52.56 -61.77 -5.41
N GLN H 465 53.89 -61.86 -5.51
CA GLN H 465 54.54 -62.04 -6.80
C GLN H 465 54.44 -63.47 -7.27
N PHE H 466 54.20 -64.40 -6.35
CA PHE H 466 53.95 -65.79 -6.71
C PHE H 466 52.54 -65.98 -7.24
N ILE H 467 51.58 -65.18 -6.78
CA ILE H 467 50.20 -65.29 -7.26
C ILE H 467 50.12 -64.91 -8.72
N GLN H 468 50.77 -63.81 -9.10
CA GLN H 468 50.78 -63.40 -10.50
C GLN H 468 51.56 -64.40 -11.35
N SER H 469 52.62 -64.97 -10.80
CA SER H 469 53.34 -66.01 -11.52
C SER H 469 52.62 -67.35 -11.49
N ALA H 470 51.60 -67.51 -10.66
CA ALA H 470 50.75 -68.69 -10.72
C ALA H 470 49.50 -68.46 -11.54
N ASN H 471 49.39 -67.29 -12.18
CA ASN H 471 48.27 -67.00 -13.07
C ASN H 471 48.70 -66.69 -14.48
N GLY H 472 49.96 -66.36 -14.71
CA GLY H 472 50.43 -66.17 -16.06
C GLY H 472 51.44 -65.06 -16.26
N LYS H 473 51.70 -64.28 -15.21
CA LYS H 473 52.67 -63.21 -15.32
C LYS H 473 54.07 -63.78 -15.34
N ILE H 474 54.74 -63.67 -16.48
CA ILE H 474 56.04 -64.30 -16.71
C ILE H 474 57.16 -63.31 -16.43
N LEU H 475 56.83 -62.18 -15.79
CA LEU H 475 57.83 -61.13 -15.60
C LEU H 475 58.83 -61.51 -14.52
N TYR H 476 58.38 -62.11 -13.43
CA TYR H 476 59.27 -62.42 -12.32
C TYR H 476 60.13 -63.63 -12.62
N GLY H 477 59.51 -64.75 -12.93
CA GLY H 477 60.28 -65.92 -13.29
C GLY H 477 60.25 -66.98 -12.22
N PHE H 478 59.11 -67.12 -11.55
CA PHE H 478 58.92 -68.27 -10.67
C PHE H 478 58.79 -69.55 -11.49
N HIS H 479 58.23 -69.44 -12.70
CA HIS H 479 58.16 -70.51 -13.71
C HIS H 479 57.43 -71.75 -13.18
N THR H 480 56.24 -71.52 -12.62
CA THR H 480 55.40 -72.58 -12.10
C THR H 480 53.94 -72.25 -12.39
N LEU H 481 53.19 -73.25 -12.83
CA LEU H 481 51.73 -73.33 -12.66
C LEU H 481 51.01 -72.18 -13.36
N LEU H 482 51.00 -72.24 -14.69
CA LEU H 482 50.56 -71.29 -15.74
C LEU H 482 51.61 -70.25 -16.07
N SER H 483 52.77 -70.26 -15.41
CA SER H 483 53.96 -69.66 -15.99
C SER H 483 54.85 -70.71 -16.61
N ASN H 484 54.66 -71.98 -16.24
CA ASN H 484 55.37 -73.10 -16.82
C ASN H 484 54.43 -73.77 -17.81
N PRO H 485 54.64 -73.64 -19.13
CA PRO H 485 53.74 -74.28 -20.09
C PRO H 485 53.89 -75.79 -20.19
N ASP H 486 54.82 -76.40 -19.46
CA ASP H 486 54.94 -77.85 -19.40
C ASP H 486 54.29 -78.43 -18.15
N SER H 487 53.33 -77.73 -17.56
CA SER H 487 52.74 -78.13 -16.29
C SER H 487 51.39 -78.80 -16.52
N ILE H 488 50.86 -79.37 -15.42
CA ILE H 488 49.55 -80.00 -15.47
C ILE H 488 48.44 -78.95 -15.51
N ALA H 489 48.65 -77.79 -14.90
CA ALA H 489 47.60 -76.77 -14.86
C ALA H 489 47.54 -75.97 -16.14
N PHE H 490 48.67 -75.83 -16.84
CA PHE H 490 48.68 -75.10 -18.11
C PHE H 490 47.98 -75.90 -19.20
N THR H 491 48.39 -77.15 -19.38
CA THR H 491 47.88 -77.94 -20.50
C THR H 491 46.52 -78.54 -20.21
N ALA H 492 46.24 -78.83 -18.93
CA ALA H 492 45.10 -79.66 -18.49
C ALA H 492 45.06 -80.96 -19.27
N TRP H 493 46.10 -81.77 -19.06
CA TRP H 493 46.47 -83.00 -19.75
C TRP H 493 45.35 -83.99 -20.10
N PRO H 494 44.35 -84.28 -19.25
CA PRO H 494 43.33 -85.24 -19.70
C PRO H 494 42.30 -84.68 -20.67
N ASN H 495 42.11 -83.36 -20.76
CA ASN H 495 41.08 -82.87 -21.67
C ASN H 495 41.57 -81.80 -22.63
N HIS H 496 42.48 -80.93 -22.17
CA HIS H 496 43.01 -79.78 -22.92
C HIS H 496 41.88 -78.86 -23.40
N ALA H 497 41.05 -78.42 -22.47
CA ALA H 497 39.92 -77.55 -22.78
C ALA H 497 40.06 -76.19 -22.11
N ASN H 498 41.27 -75.64 -22.08
CA ASN H 498 41.48 -74.27 -21.63
C ASN H 498 41.42 -73.34 -22.84
N VAL H 499 40.20 -73.18 -23.38
CA VAL H 499 40.03 -72.27 -24.50
C VAL H 499 40.10 -70.82 -24.03
N TRP H 500 39.94 -70.57 -22.73
CA TRP H 500 40.09 -69.24 -22.18
C TRP H 500 41.54 -68.84 -22.02
N LEU H 501 42.44 -69.81 -21.96
CA LEU H 501 43.81 -69.56 -21.53
C LEU H 501 44.69 -68.78 -22.51
N PRO H 502 44.72 -69.06 -23.83
CA PRO H 502 45.60 -68.24 -24.68
C PRO H 502 45.16 -66.79 -24.82
N GLY H 503 43.87 -66.50 -24.64
CA GLY H 503 43.43 -65.13 -24.61
C GLY H 503 43.70 -64.44 -23.29
N TRP H 504 43.74 -65.22 -22.20
CA TRP H 504 44.02 -64.65 -20.88
C TRP H 504 45.47 -64.26 -20.74
N LEU H 505 46.38 -65.11 -21.23
CA LEU H 505 47.81 -64.85 -21.10
C LEU H 505 48.28 -63.72 -21.99
N ASP H 506 47.52 -63.39 -23.04
CA ASP H 506 47.81 -62.19 -23.80
C ASP H 506 47.41 -60.94 -23.03
N ALA H 507 46.46 -61.07 -22.10
CA ALA H 507 46.01 -59.94 -21.31
C ALA H 507 46.88 -59.71 -20.07
N ILE H 508 47.30 -60.78 -19.40
CA ILE H 508 48.07 -60.61 -18.18
C ILE H 508 49.52 -60.23 -18.49
N ASN H 509 50.01 -60.60 -19.67
CA ASN H 509 51.40 -60.33 -20.02
C ASN H 509 51.56 -59.10 -20.91
N ASN H 510 50.48 -58.45 -21.27
CA ASN H 510 50.58 -57.13 -21.89
C ASN H 510 50.74 -56.08 -20.79
N GLY H 511 51.69 -55.17 -20.97
CA GLY H 511 52.00 -54.23 -19.92
C GLY H 511 51.24 -52.92 -20.01
N THR H 512 50.13 -52.92 -20.73
CA THR H 512 49.33 -51.72 -20.93
C THR H 512 48.00 -51.72 -20.20
N ASN H 513 47.66 -52.80 -19.51
CA ASN H 513 46.42 -52.90 -18.78
C ASN H 513 46.69 -52.95 -17.28
N SER H 514 45.62 -52.88 -16.50
CA SER H 514 45.73 -52.95 -15.05
C SER H 514 45.56 -54.36 -14.52
N LEU H 515 45.54 -55.36 -15.39
CA LEU H 515 45.34 -56.74 -14.96
C LEU H 515 46.64 -57.26 -14.37
N PHE H 516 46.66 -57.42 -13.05
CA PHE H 516 47.77 -57.95 -12.27
C PHE H 516 49.04 -57.12 -12.49
N LEU H 517 48.98 -55.89 -11.99
CA LEU H 517 50.05 -54.91 -12.11
C LEU H 517 51.35 -55.43 -11.49
N THR H 518 52.45 -54.78 -11.90
CA THR H 518 53.77 -55.18 -11.40
C THR H 518 53.91 -54.77 -9.94
N ILE H 519 54.30 -55.73 -9.12
CA ILE H 519 54.29 -55.63 -7.67
C ILE H 519 55.72 -55.56 -7.18
N GLY H 520 56.06 -54.49 -6.46
CA GLY H 520 57.39 -54.29 -5.94
C GLY H 520 57.37 -54.02 -4.45
N PRO H 521 58.50 -53.56 -3.89
CA PRO H 521 58.57 -53.34 -2.44
C PRO H 521 57.75 -52.17 -1.94
N GLY H 522 57.34 -51.25 -2.83
CA GLY H 522 56.40 -50.23 -2.42
C GLY H 522 54.99 -50.74 -2.25
N ASP H 523 54.71 -51.94 -2.75
CA ASP H 523 53.42 -52.58 -2.63
C ASP H 523 53.35 -53.58 -1.50
N PHE H 524 54.50 -54.09 -1.05
CA PHE H 524 54.55 -54.87 0.18
C PHE H 524 54.09 -54.02 1.34
N TYR H 525 54.55 -52.78 1.39
CA TYR H 525 54.39 -51.93 2.56
C TYR H 525 52.99 -51.39 2.70
N VAL H 526 52.30 -51.12 1.60
CA VAL H 526 50.97 -50.56 1.72
C VAL H 526 49.96 -51.64 2.02
N HIS H 527 50.25 -52.89 1.64
CA HIS H 527 49.36 -53.97 2.00
C HIS H 527 49.43 -54.34 3.47
N HIS H 528 50.44 -53.87 4.18
CA HIS H 528 50.48 -54.01 5.62
C HIS H 528 49.92 -52.80 6.33
N ALA H 529 49.77 -51.69 5.62
CA ALA H 529 48.94 -50.61 6.10
C ALA H 529 47.48 -50.93 5.90
N ILE H 530 47.16 -51.56 4.78
CA ILE H 530 45.80 -52.01 4.52
C ILE H 530 45.41 -53.11 5.49
N ALA H 531 46.35 -54.00 5.82
CA ALA H 531 46.08 -55.04 6.82
C ALA H 531 46.00 -54.46 8.21
N LEU H 532 46.83 -53.45 8.52
CA LEU H 532 46.67 -52.73 9.77
C LEU H 532 45.34 -52.00 9.82
N GLY H 533 44.90 -51.48 8.68
CA GLY H 533 43.65 -50.78 8.64
C GLY H 533 42.46 -51.70 8.83
N LEU H 534 42.46 -52.85 8.16
CA LEU H 534 41.34 -53.78 8.26
C LEU H 534 41.29 -54.50 9.60
N HIS H 535 42.38 -54.48 10.36
CA HIS H 535 42.40 -55.18 11.64
C HIS H 535 42.02 -54.30 12.80
N VAL H 536 42.41 -53.03 12.76
CA VAL H 536 41.98 -52.13 13.82
C VAL H 536 40.51 -51.81 13.67
N THR H 537 40.05 -51.51 12.45
CA THR H 537 38.62 -51.23 12.29
C THR H 537 37.77 -52.47 12.42
N THR H 538 38.34 -53.66 12.41
CA THR H 538 37.60 -54.84 12.86
C THR H 538 37.63 -54.91 14.38
N LEU H 539 38.76 -54.53 14.98
CA LEU H 539 38.91 -54.58 16.43
C LEU H 539 37.94 -53.63 17.13
N ILE H 540 37.71 -52.45 16.57
CA ILE H 540 36.76 -51.52 17.17
C ILE H 540 35.34 -52.00 16.98
N LEU H 541 35.07 -52.66 15.86
CA LEU H 541 33.73 -53.12 15.57
C LEU H 541 33.39 -54.45 16.22
N VAL H 542 34.39 -55.33 16.39
CA VAL H 542 34.16 -56.59 17.10
C VAL H 542 34.03 -56.34 18.60
N LYS H 543 34.88 -55.47 19.15
CA LYS H 543 34.72 -55.06 20.54
C LYS H 543 33.43 -54.29 20.74
N GLY H 544 32.94 -53.58 19.73
CA GLY H 544 31.64 -52.96 19.87
C GLY H 544 30.52 -53.96 19.82
N ALA H 545 30.66 -55.01 19.04
CA ALA H 545 29.60 -56.02 18.92
C ALA H 545 29.63 -56.99 20.10
N LEU H 546 30.82 -57.45 20.49
CA LEU H 546 30.89 -58.47 21.53
C LEU H 546 30.73 -57.88 22.93
N ASP H 547 31.22 -56.65 23.17
CA ASP H 547 30.96 -55.98 24.44
C ASP H 547 29.70 -55.13 24.39
N ALA H 548 28.75 -55.46 23.52
CA ALA H 548 27.49 -54.76 23.50
C ALA H 548 26.55 -55.21 24.61
N ARG H 549 26.77 -56.41 25.17
CA ARG H 549 26.01 -56.83 26.33
C ARG H 549 26.54 -56.18 27.60
N GLY H 550 27.85 -56.03 27.69
CA GLY H 550 28.47 -55.40 28.84
C GLY H 550 29.81 -56.03 29.13
N SER H 551 30.63 -55.27 29.86
CA SER H 551 31.91 -55.76 30.36
C SER H 551 32.04 -55.27 31.80
N LYS H 552 33.25 -55.34 32.35
CA LYS H 552 33.45 -55.05 33.76
C LYS H 552 33.27 -53.58 34.10
N LEU H 553 33.32 -52.68 33.12
CA LEU H 553 33.10 -51.27 33.43
C LEU H 553 31.63 -50.98 33.61
N MET H 554 30.76 -51.63 32.85
CA MET H 554 29.31 -51.56 33.07
C MET H 554 28.65 -52.84 32.60
N PRO H 555 28.25 -53.72 33.52
CA PRO H 555 27.61 -54.98 33.12
C PRO H 555 26.13 -54.91 32.79
N ASP H 556 25.53 -53.75 32.51
CA ASP H 556 24.15 -53.74 32.02
C ASP H 556 23.99 -52.86 30.78
N LYS H 557 24.87 -53.03 29.79
CA LYS H 557 24.77 -52.25 28.57
C LYS H 557 23.51 -52.55 27.77
N LYS H 558 22.90 -53.71 27.97
CA LYS H 558 21.67 -54.04 27.26
C LYS H 558 20.49 -53.25 27.80
N ASP H 559 20.49 -52.93 29.10
CA ASP H 559 19.39 -52.18 29.67
C ASP H 559 19.38 -50.71 29.26
N PHE H 560 20.49 -50.20 28.72
CA PHE H 560 20.58 -48.79 28.36
C PHE H 560 20.38 -48.53 26.88
N GLY H 561 20.33 -49.57 26.06
CA GLY H 561 20.08 -49.41 24.66
C GLY H 561 21.35 -49.46 23.84
N TYR H 562 21.22 -49.05 22.59
CA TYR H 562 22.35 -49.03 21.68
C TYR H 562 23.14 -47.73 21.81
N ALA H 563 22.47 -46.60 21.66
CA ALA H 563 23.13 -45.31 21.64
C ALA H 563 22.75 -44.53 22.89
N PHE H 564 23.61 -44.60 23.89
CA PHE H 564 23.54 -43.76 25.08
C PHE H 564 24.90 -43.10 25.20
N PRO H 565 24.98 -41.94 25.88
CA PRO H 565 26.27 -41.25 25.99
C PRO H 565 27.30 -42.00 26.81
N CYS H 566 26.93 -42.38 28.02
CA CYS H 566 27.88 -42.78 29.04
C CYS H 566 27.13 -43.42 30.19
N ASP H 567 27.84 -43.62 31.30
CA ASP H 567 27.24 -43.93 32.59
C ASP H 567 27.84 -43.05 33.67
N GLY H 568 28.05 -41.78 33.36
CA GLY H 568 28.49 -40.84 34.36
C GLY H 568 29.99 -40.80 34.49
N PRO H 569 30.49 -39.95 35.38
CA PRO H 569 31.92 -39.93 35.69
C PRO H 569 32.36 -40.92 36.74
N GLY H 570 31.45 -41.76 37.24
CA GLY H 570 31.84 -42.76 38.20
C GLY H 570 32.59 -43.89 37.55
N ARG H 571 33.27 -44.67 38.40
CA ARG H 571 34.12 -45.79 37.99
C ARG H 571 35.22 -45.34 37.02
N GLY H 572 35.79 -44.17 37.31
CA GLY H 572 36.82 -43.58 36.49
C GLY H 572 36.30 -42.62 35.44
N GLY H 573 35.12 -42.86 34.90
CA GLY H 573 34.57 -42.08 33.81
C GLY H 573 34.32 -43.06 32.68
N THR H 574 33.18 -42.92 32.03
CA THR H 574 32.76 -43.88 31.01
C THR H 574 32.32 -43.17 29.74
N CYS H 575 33.14 -42.24 29.23
CA CYS H 575 32.85 -41.61 27.95
C CYS H 575 32.97 -42.66 26.86
N ASP H 576 32.12 -42.56 25.83
CA ASP H 576 32.16 -43.44 24.65
C ASP H 576 32.06 -44.91 24.98
N ILE H 577 31.30 -45.28 26.02
CA ILE H 577 31.31 -46.67 26.45
C ILE H 577 30.37 -47.53 25.64
N SER H 578 29.38 -46.93 24.98
CA SER H 578 28.31 -47.69 24.36
C SER H 578 28.79 -48.43 23.12
N ALA H 579 27.95 -49.34 22.63
CA ALA H 579 28.23 -50.03 21.39
C ALA H 579 27.95 -49.16 20.18
N TRP H 580 27.26 -48.04 20.35
CA TRP H 580 27.15 -47.06 19.28
C TRP H 580 28.45 -46.32 19.09
N ASP H 581 29.13 -46.05 20.19
CA ASP H 581 30.37 -45.27 20.18
C ASP H 581 31.60 -46.13 19.90
N ALA H 582 31.40 -47.39 19.54
CA ALA H 582 32.45 -48.19 18.94
C ALA H 582 32.15 -48.56 17.50
N SER H 583 30.91 -48.36 17.06
CA SER H 583 30.54 -48.30 15.66
C SER H 583 30.74 -46.92 15.08
N TYR H 584 31.42 -46.07 15.81
CA TYR H 584 31.62 -44.66 15.59
C TYR H 584 33.09 -44.28 15.49
N LEU H 585 33.92 -44.82 16.38
CA LEU H 585 35.37 -44.68 16.25
C LEU H 585 35.91 -45.48 15.09
N ALA H 586 35.15 -46.43 14.56
CA ALA H 586 35.53 -47.20 13.40
C ALA H 586 34.98 -46.64 12.11
N VAL H 587 34.42 -45.44 12.14
CA VAL H 587 34.21 -44.69 10.91
C VAL H 587 35.43 -43.80 10.65
N PHE H 588 36.11 -43.36 11.70
CA PHE H 588 37.40 -42.70 11.52
C PHE H 588 38.46 -43.67 11.01
N TRP H 589 38.33 -44.95 11.31
CA TRP H 589 39.24 -45.95 10.79
C TRP H 589 38.79 -46.54 9.48
N MET H 590 37.51 -46.44 9.15
CA MET H 590 37.11 -46.86 7.83
C MET H 590 37.55 -45.82 6.82
N LEU H 591 37.34 -44.54 7.12
CA LEU H 591 37.74 -43.47 6.23
C LEU H 591 39.25 -43.37 6.10
N ASN H 592 39.97 -43.69 7.16
CA ASN H 592 41.43 -43.68 7.11
C ASN H 592 41.96 -44.79 6.22
N THR H 593 41.44 -46.01 6.40
CA THR H 593 41.92 -47.16 5.64
C THR H 593 41.63 -47.02 4.16
N LEU H 594 40.46 -46.48 3.81
CA LEU H 594 40.16 -46.16 2.42
C LEU H 594 40.77 -44.84 1.99
N GLY H 595 41.48 -44.14 2.88
CA GLY H 595 42.41 -43.13 2.48
C GLY H 595 43.82 -43.67 2.39
N TRP H 596 44.00 -44.96 2.56
CA TRP H 596 45.23 -45.65 2.27
C TRP H 596 45.10 -46.58 1.09
N VAL H 597 43.92 -47.17 0.92
CA VAL H 597 43.62 -47.95 -0.27
C VAL H 597 43.58 -47.05 -1.49
N THR H 598 42.75 -46.02 -1.44
CA THR H 598 42.54 -45.17 -2.61
C THR H 598 43.62 -44.12 -2.78
N PHE H 599 44.52 -43.96 -1.83
CA PHE H 599 45.74 -43.18 -2.05
C PHE H 599 46.79 -43.98 -2.76
N TYR H 600 46.72 -45.30 -2.65
CA TYR H 600 47.67 -46.20 -3.25
C TYR H 600 47.18 -46.72 -4.59
N TRP H 601 45.87 -46.82 -4.76
CA TRP H 601 45.33 -47.05 -6.09
C TRP H 601 45.64 -45.87 -7.00
N HIS H 602 45.48 -44.66 -6.47
CA HIS H 602 45.65 -43.48 -7.30
C HIS H 602 47.10 -43.26 -7.67
N TRP H 603 48.01 -43.38 -6.71
CA TRP H 603 49.40 -43.11 -7.01
C TRP H 603 50.07 -44.22 -7.81
N LYS H 604 49.62 -45.47 -7.66
CA LYS H 604 50.15 -46.51 -8.54
C LYS H 604 49.67 -46.30 -9.96
N HIS H 605 48.46 -45.81 -10.14
CA HIS H 605 47.92 -45.60 -11.48
C HIS H 605 48.29 -44.25 -12.05
N LEU H 606 48.51 -43.24 -11.22
CA LEU H 606 48.99 -41.95 -11.75
C LEU H 606 50.44 -42.02 -12.17
N SER H 607 51.17 -43.05 -11.78
CA SER H 607 52.52 -43.29 -12.25
C SER H 607 52.54 -44.13 -13.52
N ILE H 608 51.51 -44.92 -13.76
CA ILE H 608 51.43 -45.70 -14.98
C ILE H 608 50.86 -44.87 -16.12
N TRP H 609 49.85 -44.06 -15.83
CA TRP H 609 49.24 -43.22 -16.86
C TRP H 609 50.15 -42.09 -17.30
N GLN H 610 51.02 -41.61 -16.42
CA GLN H 610 52.00 -40.61 -16.78
C GLN H 610 53.31 -41.20 -17.25
N GLY H 611 53.40 -42.53 -17.35
CA GLY H 611 54.60 -43.20 -17.79
C GLY H 611 55.69 -43.34 -16.75
N ASN H 612 55.68 -42.52 -15.69
CA ASN H 612 56.75 -42.48 -14.70
C ASN H 612 56.55 -43.59 -13.67
N VAL H 613 56.70 -44.83 -14.14
CA VAL H 613 56.52 -45.99 -13.27
C VAL H 613 57.66 -46.10 -12.27
N ALA H 614 58.83 -45.57 -12.60
CA ALA H 614 59.95 -45.53 -11.66
C ALA H 614 59.87 -44.38 -10.66
N GLN H 615 58.74 -43.67 -10.60
CA GLN H 615 58.49 -42.69 -9.55
C GLN H 615 57.85 -43.34 -8.34
N PHE H 616 56.80 -44.14 -8.57
CA PHE H 616 56.18 -44.89 -7.49
C PHE H 616 57.11 -45.98 -6.97
N ASN H 617 57.89 -46.60 -7.85
CA ASN H 617 58.65 -47.77 -7.45
C ASN H 617 59.90 -47.44 -6.66
N GLU H 618 60.28 -46.16 -6.57
CA GLU H 618 61.45 -45.78 -5.78
C GLU H 618 61.13 -44.88 -4.61
N SER H 619 59.94 -44.28 -4.55
CA SER H 619 59.65 -43.29 -3.52
C SER H 619 58.34 -43.58 -2.82
N SER H 620 57.82 -44.79 -2.91
CA SER H 620 56.71 -45.21 -2.08
C SER H 620 57.15 -46.06 -0.92
N THR H 621 58.44 -46.26 -0.75
CA THR H 621 58.96 -47.07 0.32
C THR H 621 59.26 -46.26 1.57
N TYR H 622 59.07 -44.94 1.51
CA TYR H 622 59.23 -44.07 2.66
C TYR H 622 58.14 -43.01 2.59
N LEU H 623 57.85 -42.40 3.74
CA LEU H 623 56.66 -41.56 3.86
C LEU H 623 56.87 -40.14 3.38
N MET H 624 58.08 -39.77 2.97
CA MET H 624 58.25 -38.46 2.37
C MET H 624 57.79 -38.45 0.92
N GLY H 625 58.08 -39.52 0.18
CA GLY H 625 57.66 -39.59 -1.20
C GLY H 625 56.16 -39.71 -1.34
N TRP H 626 55.49 -40.29 -0.34
CA TRP H 626 54.04 -40.28 -0.31
C TRP H 626 53.50 -38.88 -0.13
N PHE H 627 54.26 -38.02 0.54
CA PHE H 627 53.89 -36.66 0.85
C PHE H 627 54.42 -35.66 -0.16
N ARG H 628 55.64 -35.88 -0.65
CA ARG H 628 56.20 -34.99 -1.66
C ARG H 628 55.66 -35.31 -3.04
N ASP H 629 55.76 -36.57 -3.46
CA ASP H 629 55.51 -36.90 -4.86
C ASP H 629 54.05 -37.19 -5.15
N TYR H 630 53.22 -37.43 -4.13
CA TYR H 630 51.80 -37.65 -4.36
C TYR H 630 50.95 -36.47 -3.94
N LEU H 631 51.03 -36.05 -2.69
CA LEU H 631 50.14 -35.02 -2.20
C LEU H 631 50.57 -33.64 -2.63
N TRP H 632 51.85 -33.31 -2.42
CA TRP H 632 52.31 -31.96 -2.74
C TRP H 632 52.47 -31.76 -4.25
N ALA H 633 52.87 -32.80 -4.97
CA ALA H 633 53.14 -32.65 -6.39
C ALA H 633 51.87 -32.58 -7.22
N ASN H 634 50.92 -33.48 -6.95
CA ASN H 634 49.73 -33.57 -7.79
C ASN H 634 48.66 -32.54 -7.44
N SER H 635 48.82 -31.80 -6.34
CA SER H 635 47.91 -30.73 -6.02
C SER H 635 48.33 -29.41 -6.63
N ALA H 636 49.33 -29.41 -7.51
CA ALA H 636 49.77 -28.18 -8.16
C ALA H 636 48.72 -27.66 -9.12
N GLN H 637 48.21 -28.54 -9.98
CA GLN H 637 47.22 -28.18 -10.99
C GLN H 637 45.81 -28.06 -10.41
N LEU H 638 45.60 -28.46 -9.16
CA LEU H 638 44.30 -28.39 -8.52
C LEU H 638 44.06 -27.04 -7.86
N ILE H 639 44.97 -26.59 -6.99
CA ILE H 639 44.81 -25.32 -6.31
C ILE H 639 44.98 -24.12 -7.22
N ASN H 640 45.51 -24.32 -8.42
CA ASN H 640 45.53 -23.30 -9.46
C ASN H 640 44.27 -23.35 -10.31
N GLY H 641 43.16 -23.82 -9.75
CA GLY H 641 41.89 -23.73 -10.42
C GLY H 641 41.41 -22.31 -10.56
N TYR H 642 41.84 -21.43 -9.67
CA TYR H 642 41.65 -20.00 -9.87
C TYR H 642 42.81 -19.29 -9.19
N ASN H 643 43.71 -18.77 -10.00
CA ASN H 643 44.77 -17.88 -9.56
C ASN H 643 44.27 -16.45 -9.66
N PRO H 644 45.04 -15.44 -9.21
CA PRO H 644 44.63 -14.05 -9.46
C PRO H 644 44.58 -13.65 -10.92
N TYR H 645 45.16 -14.43 -11.83
CA TYR H 645 45.24 -14.07 -13.23
C TYR H 645 44.20 -14.78 -14.10
N GLY H 646 43.41 -15.68 -13.54
CA GLY H 646 42.42 -16.36 -14.36
C GLY H 646 41.63 -17.39 -13.60
N THR H 647 41.00 -18.29 -14.36
CA THR H 647 40.06 -19.29 -13.89
C THR H 647 39.86 -20.33 -14.98
N ASN H 648 40.03 -21.62 -14.67
CA ASN H 648 39.86 -22.67 -15.67
C ASN H 648 38.73 -23.60 -15.24
N ASN H 649 38.63 -24.75 -15.93
CA ASN H 649 37.53 -25.68 -15.70
C ASN H 649 37.64 -26.43 -14.38
N LEU H 650 38.78 -26.35 -13.69
CA LEU H 650 38.92 -26.92 -12.36
C LEU H 650 38.62 -25.91 -11.26
N ALA H 651 37.89 -24.85 -11.56
CA ALA H 651 37.59 -23.85 -10.56
C ALA H 651 36.52 -24.31 -9.58
N VAL H 652 35.77 -25.35 -9.93
CA VAL H 652 34.82 -25.92 -8.98
C VAL H 652 35.46 -27.04 -8.18
N TRP H 653 36.45 -27.73 -8.74
CA TRP H 653 37.17 -28.71 -7.96
C TRP H 653 38.21 -28.05 -7.06
N ALA H 654 38.68 -26.85 -7.40
CA ALA H 654 39.52 -26.10 -6.49
C ALA H 654 38.73 -25.50 -5.35
N TRP H 655 37.43 -25.36 -5.52
CA TRP H 655 36.54 -24.81 -4.51
C TRP H 655 35.98 -25.89 -3.61
N MET H 656 35.65 -27.06 -4.18
CA MET H 656 35.18 -28.18 -3.39
C MET H 656 36.31 -28.78 -2.56
N PHE H 657 37.55 -28.72 -3.06
CA PHE H 657 38.72 -29.13 -2.29
C PHE H 657 38.91 -28.27 -1.05
N LEU H 658 38.46 -27.03 -1.10
CA LEU H 658 38.61 -26.11 0.01
C LEU H 658 37.33 -26.00 0.83
N PHE H 659 36.20 -26.32 0.22
CA PHE H 659 34.97 -26.57 0.94
C PHE H 659 35.08 -27.81 1.81
N GLY H 660 35.89 -28.79 1.39
CA GLY H 660 36.05 -29.99 2.16
C GLY H 660 37.06 -29.90 3.27
N HIS H 661 37.97 -28.92 3.22
CA HIS H 661 38.80 -28.65 4.38
C HIS H 661 38.01 -27.92 5.44
N LEU H 662 37.06 -27.09 5.03
CA LEU H 662 36.21 -26.38 5.98
C LEU H 662 35.25 -27.33 6.66
N ALA H 663 34.69 -28.28 5.92
CA ALA H 663 33.78 -29.24 6.52
C ALA H 663 34.51 -30.23 7.39
N TRP H 664 35.78 -30.51 7.11
CA TRP H 664 36.55 -31.37 7.99
C TRP H 664 36.91 -30.67 9.28
N ALA H 665 37.31 -29.41 9.18
CA ALA H 665 37.73 -28.66 10.35
C ALA H 665 36.57 -28.28 11.24
N VAL H 666 35.38 -28.12 10.67
CA VAL H 666 34.23 -27.79 11.48
C VAL H 666 33.74 -29.02 12.20
N SER H 667 34.13 -30.21 11.76
CA SER H 667 33.79 -31.43 12.47
C SER H 667 34.49 -31.49 13.80
N PHE H 668 35.70 -30.95 13.87
CA PHE H 668 36.49 -30.99 15.09
C PHE H 668 35.88 -30.15 16.21
N MET H 669 35.05 -29.16 15.87
CA MET H 669 34.35 -28.41 16.90
C MET H 669 33.37 -29.30 17.65
N PHE H 670 32.71 -30.20 16.93
CA PHE H 670 31.78 -31.12 17.53
C PHE H 670 32.46 -32.32 18.17
N LEU H 671 33.76 -32.49 17.94
CA LEU H 671 34.48 -33.63 18.47
C LEU H 671 35.44 -33.27 19.58
N ILE H 672 35.99 -32.07 19.57
CA ILE H 672 36.90 -31.65 20.65
C ILE H 672 36.08 -30.96 21.74
N THR H 673 35.32 -29.94 21.38
CA THR H 673 34.45 -29.30 22.35
C THR H 673 33.26 -30.21 22.61
N TRP H 674 32.87 -30.30 23.87
CA TRP H 674 31.80 -31.17 24.28
C TRP H 674 30.67 -30.33 24.86
N ARG H 675 29.63 -31.00 25.38
CA ARG H 675 28.30 -30.38 25.43
C ARG H 675 28.18 -29.29 26.47
N GLY H 676 28.83 -29.42 27.60
CA GLY H 676 28.62 -28.42 28.61
C GLY H 676 29.45 -27.18 28.48
N TYR H 677 30.31 -27.10 27.46
CA TYR H 677 30.82 -25.77 27.12
C TYR H 677 29.71 -24.94 26.51
N TRP H 678 28.87 -25.55 25.69
CA TRP H 678 27.89 -24.87 24.88
C TRP H 678 26.57 -24.66 25.58
N GLN H 679 26.29 -25.43 26.64
CA GLN H 679 25.05 -25.23 27.36
C GLN H 679 25.15 -24.01 28.27
N GLU H 680 26.35 -23.67 28.72
CA GLU H 680 26.50 -22.46 29.50
C GLU H 680 26.59 -21.21 28.62
N LEU H 681 26.77 -21.38 27.32
CA LEU H 681 26.87 -20.30 26.35
C LEU H 681 25.51 -20.02 25.71
N ILE H 682 24.71 -21.05 25.48
CA ILE H 682 23.33 -20.86 25.02
C ILE H 682 22.47 -20.35 26.16
N GLU H 683 22.80 -20.70 27.40
CA GLU H 683 22.17 -20.11 28.59
C GLU H 683 22.44 -18.62 28.70
N THR H 684 23.50 -18.12 28.09
CA THR H 684 23.87 -16.72 28.10
C THR H 684 23.25 -15.96 26.94
N LEU H 685 23.22 -16.56 25.74
CA LEU H 685 22.55 -15.95 24.61
C LEU H 685 21.03 -15.99 24.75
N ALA H 686 20.50 -16.89 25.57
CA ALA H 686 19.08 -16.86 25.86
C ALA H 686 18.74 -15.87 26.96
N TRP H 687 19.72 -15.46 27.76
CA TRP H 687 19.50 -14.32 28.63
C TRP H 687 19.39 -13.04 27.82
N ALA H 688 20.32 -12.82 26.90
CA ALA H 688 20.37 -11.58 26.13
C ALA H 688 19.24 -11.46 25.14
N HIS H 689 18.50 -12.53 24.89
CA HIS H 689 17.33 -12.42 24.04
C HIS H 689 16.10 -12.02 24.83
N GLU H 690 15.99 -12.47 26.08
CA GLU H 690 14.83 -12.13 26.86
C GLU H 690 14.88 -10.72 27.41
N GLN H 691 16.08 -10.17 27.60
CA GLN H 691 16.25 -8.87 28.23
C GLN H 691 16.57 -7.78 27.23
N THR H 692 16.23 -7.96 25.97
CA THR H 692 16.50 -6.92 25.00
C THR H 692 15.19 -6.39 24.42
N PRO H 693 15.13 -5.12 24.05
CA PRO H 693 13.94 -4.61 23.40
C PRO H 693 13.96 -4.89 21.91
N LEU H 694 12.78 -4.74 21.30
CA LEU H 694 12.52 -4.85 19.87
C LEU H 694 12.85 -6.23 19.31
N SER H 695 12.94 -7.25 20.14
CA SER H 695 13.14 -8.62 19.69
C SER H 695 11.88 -9.38 20.06
N PHE H 696 10.92 -9.41 19.14
CA PHE H 696 9.60 -9.91 19.46
C PHE H 696 9.46 -11.41 19.29
N GLY H 697 10.44 -12.08 18.72
CA GLY H 697 10.41 -13.52 18.70
C GLY H 697 10.60 -14.11 20.08
N TYR H 698 10.23 -15.38 20.21
CA TYR H 698 10.48 -16.13 21.42
C TYR H 698 10.43 -17.59 21.06
N TRP H 699 11.32 -18.39 21.66
CA TRP H 699 11.46 -19.78 21.27
C TRP H 699 10.25 -20.58 21.69
N ARG H 700 9.70 -21.32 20.74
CA ARG H 700 8.60 -22.23 21.08
C ARG H 700 9.09 -23.36 21.95
N ASP H 701 10.29 -23.85 21.67
CA ASP H 701 10.95 -24.90 22.43
C ASP H 701 12.36 -24.44 22.77
N LYS H 702 12.75 -24.65 24.02
CA LYS H 702 13.88 -23.95 24.59
C LYS H 702 15.19 -24.37 23.96
N PRO H 703 16.06 -23.44 23.59
CA PRO H 703 17.34 -23.81 22.96
C PRO H 703 18.26 -24.50 23.96
N VAL H 704 18.59 -25.73 23.66
CA VAL H 704 19.61 -26.44 24.40
C VAL H 704 20.76 -26.71 23.45
N ALA H 705 21.96 -26.86 24.02
CA ALA H 705 23.04 -27.43 23.26
C ALA H 705 22.68 -28.86 22.91
N LEU H 706 22.91 -29.23 21.66
CA LEU H 706 22.49 -30.54 21.18
C LEU H 706 23.30 -31.64 21.85
N SER H 707 22.70 -32.83 21.94
CA SER H 707 23.08 -33.79 22.98
C SER H 707 24.43 -34.44 22.70
N ILE H 708 24.79 -35.38 23.57
CA ILE H 708 26.13 -35.95 23.54
C ILE H 708 26.28 -36.89 22.34
N VAL H 709 25.38 -37.87 22.21
CA VAL H 709 25.44 -38.81 21.09
C VAL H 709 24.92 -38.22 19.79
N GLN H 710 24.45 -36.98 19.79
CA GLN H 710 24.07 -36.32 18.56
C GLN H 710 25.24 -35.61 17.92
N ALA H 711 26.03 -34.87 18.70
CA ALA H 711 27.18 -34.19 18.15
C ALA H 711 28.33 -35.11 17.81
N ARG H 712 28.33 -36.33 18.32
CA ARG H 712 29.23 -37.33 17.77
C ARG H 712 28.80 -37.68 16.35
N LEU H 713 27.49 -37.70 16.09
CA LEU H 713 27.00 -37.96 14.76
C LEU H 713 27.05 -36.72 13.88
N VAL H 714 26.79 -35.54 14.44
CA VAL H 714 26.90 -34.30 13.69
C VAL H 714 28.36 -34.00 13.37
N GLY H 715 29.27 -34.39 14.24
CA GLY H 715 30.68 -34.23 13.97
C GLY H 715 31.33 -35.36 13.23
N LEU H 716 30.61 -36.45 12.99
CA LEU H 716 31.09 -37.48 12.09
C LEU H 716 30.56 -37.30 10.69
N THR H 717 29.41 -36.64 10.56
CA THR H 717 28.88 -36.31 9.25
C THR H 717 29.78 -35.30 8.54
N HIS H 718 30.30 -34.32 9.27
CA HIS H 718 31.15 -33.33 8.63
C HIS H 718 32.54 -33.86 8.38
N PHE H 719 33.04 -34.73 9.26
CA PHE H 719 34.30 -35.41 9.02
C PHE H 719 34.24 -36.25 7.76
N THR H 720 33.12 -36.93 7.54
CA THR H 720 32.98 -37.79 6.38
C THR H 720 32.80 -36.99 5.11
N VAL H 721 31.94 -35.97 5.15
CA VAL H 721 31.70 -35.12 3.98
C VAL H 721 32.95 -34.32 3.62
N GLY H 722 33.68 -33.85 4.61
CA GLY H 722 34.94 -33.19 4.33
C GLY H 722 36.06 -34.12 3.94
N TYR H 723 35.90 -35.42 4.19
CA TYR H 723 36.84 -36.42 3.69
C TYR H 723 36.58 -36.75 2.23
N ILE H 724 35.34 -36.61 1.80
CA ILE H 724 34.90 -37.02 0.48
C ILE H 724 34.87 -35.85 -0.49
N ALA H 725 34.51 -34.66 -0.01
CA ALA H 725 34.60 -33.48 -0.85
C ALA H 725 36.04 -33.07 -1.11
N THR H 726 36.98 -33.48 -0.26
CA THR H 726 38.38 -33.14 -0.49
C THR H 726 39.08 -34.16 -1.37
N TYR H 727 38.83 -35.45 -1.14
CA TYR H 727 39.46 -36.44 -1.99
C TYR H 727 38.70 -36.67 -3.28
N GLY H 728 37.41 -36.47 -3.28
CA GLY H 728 36.71 -36.51 -4.54
C GLY H 728 36.82 -35.26 -5.37
N ALA H 729 37.62 -34.29 -4.94
CA ALA H 729 38.00 -33.15 -5.76
C ALA H 729 39.48 -33.11 -6.06
N PHE H 730 40.29 -33.87 -5.33
CA PHE H 730 41.68 -34.08 -5.67
C PHE H 730 41.84 -35.19 -6.69
N LEU H 731 41.09 -36.27 -6.53
CA LEU H 731 41.17 -37.37 -7.48
C LEU H 731 40.56 -36.99 -8.82
N ILE H 732 39.59 -36.10 -8.83
CA ILE H 732 38.99 -35.67 -10.08
C ILE H 732 39.87 -34.65 -10.78
N ALA H 733 40.45 -33.72 -10.04
CA ALA H 733 41.19 -32.63 -10.67
C ALA H 733 42.66 -32.90 -10.88
N SER H 734 43.23 -33.90 -10.21
CA SER H 734 44.61 -34.27 -10.52
C SER H 734 44.70 -35.36 -11.56
N THR H 735 43.58 -35.82 -12.10
CA THR H 735 43.54 -36.77 -13.19
C THR H 735 43.00 -36.15 -14.47
N ALA H 736 42.03 -35.25 -14.36
CA ALA H 736 41.46 -34.58 -15.52
C ALA H 736 42.26 -33.36 -15.95
N SER H 737 43.42 -33.12 -15.36
CA SER H 737 44.32 -32.07 -15.80
C SER H 737 45.65 -32.61 -16.29
N LYS H 738 46.34 -33.38 -15.46
CA LYS H 738 47.58 -34.05 -15.83
C LYS H 738 47.23 -35.52 -16.01
N PHE H 739 46.84 -35.88 -17.23
CA PHE H 739 46.29 -37.19 -17.55
C PHE H 739 47.31 -38.31 -17.38
N MET I 5 27.02 31.05 -12.35
CA MET I 5 26.66 29.67 -12.61
C MET I 5 25.15 29.49 -12.48
N THR I 6 24.67 28.30 -12.83
CA THR I 6 23.25 27.98 -12.75
C THR I 6 22.92 26.99 -11.65
N GLN I 7 23.85 26.73 -10.75
CA GLN I 7 23.71 25.67 -9.78
C GLN I 7 24.39 26.08 -8.48
N LEU I 8 23.92 25.52 -7.38
CA LEU I 8 24.54 25.76 -6.07
C LEU I 8 25.67 24.77 -5.89
N THR I 9 26.89 25.25 -6.00
CA THR I 9 28.07 24.42 -5.79
C THR I 9 28.73 24.85 -4.49
N GLY I 10 29.84 24.19 -4.18
CA GLY I 10 30.65 24.63 -3.07
C GLY I 10 32.13 24.37 -3.32
N ASP I 11 32.94 25.42 -3.24
CA ASP I 11 34.38 25.25 -3.33
C ASP I 11 34.99 24.74 -2.03
N TYR I 12 34.29 24.95 -0.92
CA TYR I 12 34.79 24.58 0.39
C TYR I 12 34.80 23.06 0.55
N ALA I 13 35.47 22.63 1.60
CA ALA I 13 35.58 21.21 1.91
C ALA I 13 34.25 20.66 2.38
N ALA I 14 33.98 19.41 2.02
CA ALA I 14 32.72 18.70 2.28
C ALA I 14 31.52 19.50 1.78
N SER I 15 31.54 19.81 0.49
CA SER I 15 30.48 20.59 -0.12
C SER I 15 29.19 19.82 -0.31
N TRP I 16 29.22 18.50 -0.11
CA TRP I 16 28.00 17.69 -0.06
C TRP I 16 27.23 17.89 1.24
N LEU I 17 27.84 18.49 2.23
CA LEU I 17 27.27 18.56 3.57
C LEU I 17 26.17 19.63 3.71
N PRO I 18 26.27 20.83 3.10
CA PRO I 18 25.07 21.68 3.03
C PRO I 18 23.97 21.12 2.14
N TRP I 19 24.29 20.19 1.24
CA TRP I 19 23.28 19.60 0.37
C TRP I 19 22.27 18.78 1.15
N ILE I 20 22.67 18.21 2.29
CA ILE I 20 21.78 17.42 3.11
C ILE I 20 21.43 18.10 4.43
N MET I 21 22.28 18.97 4.96
CA MET I 21 22.00 19.59 6.24
C MET I 21 21.01 20.74 6.15
N ILE I 22 20.87 21.36 4.98
CA ILE I 22 19.91 22.44 4.80
C ILE I 22 18.50 21.87 4.60
N PRO I 23 18.27 20.80 3.81
CA PRO I 23 16.94 20.17 3.88
C PRO I 23 16.65 19.49 5.20
N LEU I 24 17.65 19.07 5.95
CA LEU I 24 17.39 18.34 7.18
C LEU I 24 16.84 19.26 8.25
N VAL I 25 17.62 20.27 8.66
CA VAL I 25 17.22 21.10 9.79
C VAL I 25 16.15 22.11 9.48
N PHE I 26 15.70 22.23 8.23
CA PHE I 26 14.76 23.27 7.87
C PHE I 26 13.41 22.78 7.40
N TYR I 27 13.32 21.65 6.72
CA TYR I 27 12.00 21.15 6.39
C TYR I 27 11.79 19.65 6.54
N ILE I 28 12.80 18.87 6.89
CA ILE I 28 12.65 17.45 7.11
C ILE I 28 12.58 17.13 8.61
N LEU I 29 13.54 17.60 9.38
CA LEU I 29 13.52 17.45 10.83
C LEU I 29 12.54 18.29 11.65
N PRO I 30 12.19 19.55 11.32
CA PRO I 30 11.33 20.30 12.27
C PRO I 30 9.91 19.76 12.44
N PHE I 31 9.34 19.06 11.46
CA PHE I 31 8.00 18.55 11.69
C PHE I 31 8.03 17.34 12.62
N PRO I 32 9.04 16.46 12.58
CA PRO I 32 9.32 15.64 13.77
C PRO I 32 9.58 16.41 15.04
N VAL I 33 10.31 17.53 14.97
CA VAL I 33 10.66 18.27 16.17
C VAL I 33 9.42 18.97 16.74
N PHE I 34 8.59 19.54 15.87
CA PHE I 34 7.34 20.13 16.32
C PHE I 34 6.31 19.09 16.76
N ALA I 35 6.52 17.82 16.44
CA ALA I 35 5.68 16.76 16.99
C ALA I 35 6.10 16.41 18.41
N ILE I 36 7.42 16.25 18.63
CA ILE I 36 7.94 15.95 19.95
C ILE I 36 7.74 17.14 20.89
N LEU I 37 7.87 18.36 20.36
CA LEU I 37 7.63 19.56 21.16
C LEU I 37 6.16 19.82 21.40
N PHE I 38 5.26 19.07 20.76
CA PHE I 38 3.83 19.15 21.00
C PHE I 38 3.35 18.06 21.93
N LEU I 39 4.09 16.97 22.07
CA LEU I 39 3.67 15.85 22.88
C LEU I 39 4.00 16.01 24.35
N TRP I 40 4.80 17.00 24.73
CA TRP I 40 4.99 17.31 26.13
C TRP I 40 4.30 18.60 26.54
N ILE I 41 3.97 19.46 25.58
CA ILE I 41 3.14 20.62 25.87
C ILE I 41 1.72 20.18 26.22
N GLN I 42 1.19 19.23 25.46
CA GLN I 42 -0.17 18.75 25.68
C GLN I 42 -0.20 17.38 26.36
N LYS I 43 0.72 17.13 27.29
CA LYS I 43 0.77 15.87 28.00
C LYS I 43 0.09 16.01 29.35
N GLU I 44 -0.76 15.06 29.69
CA GLU I 44 -1.60 15.15 30.88
C GLU I 44 -0.89 14.64 32.12
N ALA I 45 -1.21 15.25 33.26
CA ALA I 45 -0.75 14.81 34.56
C ALA I 45 -1.84 14.00 35.24
N SER I 46 -1.44 13.09 36.10
CA SER I 46 -2.38 12.25 36.83
C SER I 46 -2.09 12.25 38.32
N GLU J 2 -32.59 88.53 25.41
CA GLU J 2 -31.99 89.57 26.23
C GLU J 2 -30.52 89.75 25.87
N ALA J 3 -30.14 90.99 25.56
CA ALA J 3 -28.78 91.30 25.15
C ALA J 3 -27.82 91.48 26.31
N ARG J 4 -28.27 91.28 27.54
CA ARG J 4 -27.41 91.32 28.70
C ARG J 4 -26.84 89.96 29.06
N TYR J 5 -27.38 88.90 28.47
CA TYR J 5 -26.80 87.55 28.55
C TYR J 5 -25.96 87.24 27.33
N LEU J 6 -25.87 88.16 26.37
CA LEU J 6 -25.06 87.92 25.18
C LEU J 6 -23.58 88.12 25.47
N PHE J 7 -23.22 89.26 26.07
CA PHE J 7 -21.82 89.49 26.39
C PHE J 7 -21.36 88.73 27.63
N ARG J 8 -22.28 88.10 28.35
CA ARG J 8 -21.94 87.13 29.38
C ARG J 8 -21.65 85.76 28.77
N TYR J 9 -21.95 85.58 27.49
CA TYR J 9 -21.50 84.43 26.72
C TYR J 9 -20.21 84.71 25.96
N LEU J 10 -19.99 85.96 25.52
CA LEU J 10 -18.75 86.32 24.84
C LEU J 10 -17.57 86.47 25.80
N SER J 11 -17.78 86.32 27.10
CA SER J 11 -16.70 86.26 28.07
C SER J 11 -16.41 84.83 28.51
N SER J 12 -16.90 83.84 27.80
CA SER J 12 -16.66 82.44 28.14
C SER J 12 -15.28 82.02 27.64
N ALA J 13 -14.97 80.73 27.80
CA ALA J 13 -13.60 80.27 27.53
C ALA J 13 -13.23 80.20 26.04
N PRO J 14 -14.01 79.57 25.14
CA PRO J 14 -13.54 79.54 23.75
C PRO J 14 -13.66 80.87 23.04
N VAL J 15 -14.47 81.80 23.53
CA VAL J 15 -14.59 83.08 22.87
C VAL J 15 -13.38 83.96 23.18
N VAL J 16 -13.05 84.11 24.47
CA VAL J 16 -11.90 84.95 24.81
C VAL J 16 -10.57 84.27 24.54
N ALA J 17 -10.56 82.98 24.20
CA ALA J 17 -9.36 82.30 23.74
C ALA J 17 -9.39 82.02 22.25
N THR J 18 -10.36 82.58 21.53
CA THR J 18 -10.24 82.76 20.09
C THR J 18 -10.04 84.21 19.70
N LEU J 19 -10.39 85.14 20.58
CA LEU J 19 -9.94 86.52 20.46
C LEU J 19 -8.59 86.74 21.15
N ALA J 20 -8.04 85.70 21.79
CA ALA J 20 -6.65 85.69 22.19
C ALA J 20 -5.74 85.10 21.12
N LEU J 21 -6.24 84.98 19.90
CA LEU J 21 -5.44 84.64 18.73
C LEU J 21 -5.56 85.68 17.63
N ILE J 22 -6.66 86.43 17.58
CA ILE J 22 -6.76 87.56 16.66
C ILE J 22 -6.11 88.80 17.28
N ILE J 23 -5.99 88.85 18.60
CA ILE J 23 -5.14 89.86 19.21
C ILE J 23 -3.67 89.45 19.06
N ILE J 24 -3.40 88.18 18.77
CA ILE J 24 -2.05 87.73 18.45
C ILE J 24 -1.97 87.64 16.91
N SER J 25 -2.78 88.45 16.24
CA SER J 25 -2.49 88.91 14.89
C SER J 25 -1.77 90.25 14.92
N VAL J 26 -1.25 90.66 16.07
CA VAL J 26 -0.30 91.77 16.09
C VAL J 26 1.09 91.26 15.78
N ILE J 27 1.28 89.94 15.74
CA ILE J 27 2.51 89.40 15.18
C ILE J 27 2.43 89.40 13.66
N LEU J 28 1.23 89.58 13.11
CA LEU J 28 1.11 89.81 11.68
C LEU J 28 1.51 91.23 11.33
N ILE J 29 1.14 92.19 12.16
CA ILE J 29 1.49 93.57 11.85
C ILE J 29 2.92 93.90 12.27
N VAL J 30 3.47 93.21 13.27
CA VAL J 30 4.86 93.47 13.66
C VAL J 30 5.82 92.68 12.76
N LEU J 31 5.29 91.82 11.90
CA LEU J 31 6.08 91.21 10.85
C LEU J 31 5.62 91.59 9.45
N ASN J 32 4.88 92.69 9.29
CA ASN J 32 4.52 93.24 8.00
C ASN J 32 5.36 94.46 7.65
N TYR J 33 5.38 95.46 8.54
CA TYR J 33 6.12 96.69 8.27
C TYR J 33 7.46 96.75 9.01
N LEU J 34 7.86 95.69 9.70
CA LEU J 34 9.19 95.65 10.31
C LEU J 34 10.15 94.80 9.51
N PHE J 35 10.09 94.93 8.17
CA PHE J 35 10.86 94.31 7.10
C PHE J 35 11.12 92.83 7.38
N PRO J 36 10.06 92.01 7.32
CA PRO J 36 9.85 90.87 8.25
C PRO J 36 11.06 90.15 8.85
N GLY J 37 12.11 89.92 8.05
CA GLY J 37 13.33 89.31 8.55
C GLY J 37 13.95 90.03 9.73
N LEU J 38 13.81 89.40 10.90
CA LEU J 38 14.20 89.94 12.18
C LEU J 38 14.87 88.81 12.96
N GLN J 39 16.18 88.68 12.79
CA GLN J 39 16.89 87.60 13.44
C GLN J 39 17.21 87.96 14.88
N TYR J 40 17.96 87.09 15.54
CA TYR J 40 18.15 87.24 16.99
C TYR J 40 19.24 88.27 17.30
N GLY J 41 19.97 88.72 16.30
CA GLY J 41 20.89 89.82 16.51
C GLY J 41 20.49 91.13 15.87
N THR J 42 19.35 91.16 15.17
CA THR J 42 19.00 92.26 14.28
C THR J 42 17.81 93.05 14.82
N PHE J 43 17.61 93.07 16.13
CA PHE J 43 16.60 93.95 16.71
C PHE J 43 17.09 94.42 18.07
N PHE J 44 16.74 95.65 18.42
CA PHE J 44 17.22 96.28 19.65
C PHE J 44 16.06 96.84 20.45
N UNK K 1 -55.10 61.52 -32.97
CA UNK K 1 -54.00 60.57 -33.04
C UNK K 1 -54.13 59.50 -31.98
N UNK K 2 -53.57 59.76 -30.79
CA UNK K 2 -53.50 58.79 -29.70
C UNK K 2 -54.60 59.00 -28.68
N UNK K 3 -55.80 59.40 -29.10
CA UNK K 3 -56.92 59.50 -28.19
C UNK K 3 -57.49 58.13 -27.84
N UNK K 4 -57.26 57.12 -28.67
CA UNK K 4 -57.69 55.77 -28.34
C UNK K 4 -56.79 55.10 -27.31
N UNK K 5 -55.57 55.64 -27.10
CA UNK K 5 -54.72 55.10 -26.05
C UNK K 5 -55.24 55.48 -24.67
N UNK K 6 -55.75 56.70 -24.52
CA UNK K 6 -56.40 57.11 -23.28
C UNK K 6 -57.81 56.54 -23.15
N UNK K 7 -58.43 56.15 -24.27
CA UNK K 7 -59.72 55.49 -24.21
C UNK K 7 -59.58 54.02 -23.82
N UNK K 8 -58.44 53.41 -24.10
CA UNK K 8 -58.14 52.06 -23.67
C UNK K 8 -57.53 52.02 -22.27
N UNK K 9 -57.33 53.18 -21.65
CA UNK K 9 -56.84 53.27 -20.29
C UNK K 9 -57.91 53.70 -19.29
N UNK K 10 -58.84 54.56 -19.69
CA UNK K 10 -59.95 54.93 -18.82
C UNK K 10 -60.93 53.79 -18.64
N UNK K 11 -60.99 52.86 -19.58
CA UNK K 11 -61.85 51.69 -19.47
C UNK K 11 -61.16 50.50 -18.84
N UNK K 12 -59.84 50.56 -18.66
CA UNK K 12 -59.07 49.44 -18.13
C UNK K 12 -58.42 49.73 -16.79
N UNK K 13 -57.84 50.91 -16.62
CA UNK K 13 -57.15 51.28 -15.38
C UNK K 13 -58.06 51.96 -14.37
N UNK K 14 -59.37 51.89 -14.57
CA UNK K 14 -60.33 52.37 -13.59
C UNK K 14 -60.72 51.31 -12.57
N UNK K 15 -60.10 50.13 -12.64
CA UNK K 15 -60.35 49.03 -11.73
C UNK K 15 -59.09 48.71 -10.91
N UNK K 16 -58.40 49.74 -10.45
CA UNK K 16 -57.21 49.58 -9.63
C UNK K 16 -57.07 50.73 -8.65
N VAL K 17 -58.39 61.85 -12.19
CA VAL K 17 -58.19 60.69 -13.06
C VAL K 17 -56.74 60.62 -13.49
N ALA K 18 -56.12 59.46 -13.27
CA ALA K 18 -54.77 59.19 -13.72
C ALA K 18 -54.70 58.34 -14.97
N ALA K 19 -55.83 57.77 -15.41
CA ALA K 19 -55.83 56.95 -16.61
C ALA K 19 -55.66 57.80 -17.87
N MET K 20 -56.07 59.07 -17.82
CA MET K 20 -55.69 60.00 -18.87
C MET K 20 -54.19 60.28 -18.82
N ALA K 21 -53.63 60.38 -17.61
CA ALA K 21 -52.21 60.66 -17.46
C ALA K 21 -51.36 59.45 -17.85
N PHE K 22 -51.87 58.23 -17.66
CA PHE K 22 -51.22 57.06 -18.23
C PHE K 22 -51.41 57.00 -19.73
N GLY K 23 -52.55 57.50 -20.23
CA GLY K 23 -52.87 57.42 -21.65
C GLY K 23 -51.93 58.19 -22.56
N HIS K 24 -51.16 59.12 -22.02
CA HIS K 24 -50.09 59.74 -22.79
C HIS K 24 -48.78 58.97 -22.67
N VAL K 25 -48.47 58.45 -21.48
CA VAL K 25 -47.23 57.71 -21.27
C VAL K 25 -47.24 56.40 -22.06
N ILE K 26 -48.41 55.78 -22.22
CA ILE K 26 -48.49 54.67 -23.17
C ILE K 26 -48.61 55.22 -24.60
N GLY K 27 -49.18 56.42 -24.76
CA GLY K 27 -49.43 56.98 -26.07
C GLY K 27 -48.22 57.57 -26.74
N VAL K 28 -47.43 58.37 -26.00
CA VAL K 28 -46.23 58.98 -26.58
C VAL K 28 -45.16 57.91 -26.82
N ALA K 29 -45.08 56.91 -25.94
CA ALA K 29 -44.04 55.90 -26.07
C ALA K 29 -44.30 54.92 -27.21
N ILE K 30 -45.52 54.85 -27.73
CA ILE K 30 -45.81 53.93 -28.82
C ILE K 30 -45.80 54.60 -30.20
N VAL K 31 -46.05 55.91 -30.27
CA VAL K 31 -46.00 56.59 -31.55
C VAL K 31 -44.59 57.11 -31.85
N LEU K 32 -43.80 57.39 -30.81
CA LEU K 32 -42.41 57.81 -31.02
C LEU K 32 -41.46 56.63 -31.13
N GLY K 33 -41.94 55.40 -31.00
CA GLY K 33 -41.07 54.26 -31.17
C GLY K 33 -40.97 53.86 -32.64
N LEU K 34 -39.92 54.32 -33.30
CA LEU K 34 -39.74 54.11 -34.73
C LEU K 34 -38.42 53.38 -35.01
N ILE L 12 -38.02 26.16 4.52
CA ILE L 12 -38.19 26.80 5.82
C ILE L 12 -37.00 26.35 6.68
N ILE L 13 -36.69 27.13 7.71
CA ILE L 13 -35.56 26.88 8.59
C ILE L 13 -36.11 26.75 10.00
N LYS L 14 -36.12 25.54 10.51
CA LYS L 14 -36.56 25.22 11.85
C LYS L 14 -35.36 25.06 12.76
N PRO L 15 -35.54 25.04 14.08
CA PRO L 15 -34.41 24.81 14.99
C PRO L 15 -33.76 23.45 14.82
N PHE L 16 -32.55 23.34 15.36
CA PHE L 16 -31.68 22.19 15.14
C PHE L 16 -32.19 20.99 15.94
N LYS L 17 -32.58 19.94 15.22
CA LYS L 17 -33.28 18.73 15.69
C LYS L 17 -34.35 18.98 16.75
N GLY L 18 -35.16 20.02 16.55
CA GLY L 18 -36.26 20.32 17.44
C GLY L 18 -35.89 21.05 18.71
N ASP L 19 -34.60 21.32 18.94
CA ASP L 19 -34.16 22.02 20.13
C ASP L 19 -33.91 23.48 19.78
N PRO L 20 -34.75 24.42 20.25
CA PRO L 20 -34.48 25.84 19.99
C PRO L 20 -33.32 26.40 20.79
N CYS L 21 -32.85 25.68 21.81
CA CYS L 21 -31.76 26.16 22.64
C CYS L 21 -30.39 25.80 22.08
N LEU L 22 -30.31 24.85 21.15
CA LEU L 22 -29.04 24.49 20.55
C LEU L 22 -28.62 25.54 19.53
N GLY L 23 -27.31 25.70 19.37
CA GLY L 23 -26.78 26.77 18.56
C GLY L 23 -26.54 26.42 17.11
N ASN L 24 -27.58 25.95 16.43
CA ASN L 24 -27.52 25.69 15.00
C ASN L 24 -28.95 25.76 14.46
N LEU L 25 -29.07 25.69 13.14
CA LEU L 25 -30.35 25.77 12.47
C LEU L 25 -30.50 24.61 11.50
N SER L 26 -31.75 24.17 11.32
CA SER L 26 -32.05 23.00 10.48
C SER L 26 -32.47 23.49 9.09
N THR L 27 -31.55 24.02 8.43
CA THR L 27 -31.38 24.77 7.20
C THR L 27 -31.33 23.81 6.00
N PRO L 28 -31.79 24.23 4.80
CA PRO L 28 -31.60 23.43 3.58
C PRO L 28 -30.19 22.97 3.20
N ILE L 29 -29.15 23.43 3.87
CA ILE L 29 -27.80 22.97 3.53
C ILE L 29 -27.39 21.82 4.41
N ASN L 30 -27.58 21.90 5.72
CA ASN L 30 -27.16 20.81 6.59
C ASN L 30 -28.24 19.77 6.82
N ASP L 31 -29.52 20.12 6.66
CA ASP L 31 -30.63 19.21 6.93
C ASP L 31 -31.58 19.13 5.74
N SER L 32 -31.00 18.91 4.55
CA SER L 32 -31.74 18.65 3.33
C SER L 32 -32.05 17.16 3.29
N PRO L 33 -32.77 16.64 2.30
CA PRO L 33 -32.65 15.22 2.01
C PRO L 33 -31.42 14.88 1.19
N LEU L 34 -31.03 15.78 0.28
CA LEU L 34 -29.90 15.51 -0.61
C LEU L 34 -28.57 15.67 0.11
N ALA L 35 -28.31 16.86 0.64
CA ALA L 35 -27.05 17.16 1.28
C ALA L 35 -26.86 16.46 2.62
N LYS L 36 -27.91 15.83 3.15
CA LYS L 36 -27.74 14.94 4.27
C LYS L 36 -27.36 13.53 3.82
N ALA L 37 -27.87 13.10 2.67
CA ALA L 37 -27.53 11.80 2.12
C ALA L 37 -26.24 11.82 1.32
N PHE L 38 -25.67 12.99 1.09
CA PHE L 38 -24.35 13.08 0.48
C PHE L 38 -23.26 13.16 1.54
N ILE L 39 -23.49 13.92 2.61
CA ILE L 39 -22.49 14.06 3.66
C ILE L 39 -22.42 12.80 4.50
N ASN L 40 -23.57 12.23 4.86
CA ASN L 40 -23.57 11.00 5.64
C ASN L 40 -23.26 9.75 4.82
N ASN L 41 -22.86 9.90 3.57
CA ASN L 41 -22.36 8.79 2.79
C ASN L 41 -20.95 9.01 2.29
N LEU L 42 -20.36 10.17 2.59
CA LEU L 42 -18.93 10.37 2.43
C LEU L 42 -18.21 9.42 3.40
N PRO L 43 -16.98 9.00 3.07
CA PRO L 43 -16.33 7.96 3.89
C PRO L 43 -16.02 8.37 5.31
N ALA L 44 -16.01 9.66 5.61
CA ALA L 44 -15.87 10.09 6.99
C ALA L 44 -17.10 9.78 7.82
N TYR L 45 -18.27 9.63 7.18
CA TYR L 45 -19.53 9.49 7.90
C TYR L 45 -20.34 8.28 7.47
N ARG L 46 -19.82 7.43 6.59
CA ARG L 46 -20.61 6.32 6.07
C ARG L 46 -20.79 5.26 7.14
N LYS L 47 -21.99 4.71 7.21
CA LYS L 47 -22.33 3.76 8.25
C LYS L 47 -21.79 2.38 7.91
N GLY L 48 -21.15 1.74 8.88
CA GLY L 48 -20.68 0.39 8.70
C GLY L 48 -19.36 0.29 7.98
N LEU L 49 -18.41 1.12 8.38
CA LEU L 49 -17.06 1.07 7.84
C LEU L 49 -16.09 0.95 9.00
N THR L 50 -15.09 0.10 8.83
CA THR L 50 -13.98 0.10 9.75
C THR L 50 -13.18 1.39 9.53
N PRO L 51 -12.51 1.91 10.57
CA PRO L 51 -11.76 3.16 10.40
C PRO L 51 -10.57 3.07 9.47
N PHE L 52 -10.09 1.88 9.12
CA PHE L 52 -9.08 1.80 8.09
C PHE L 52 -9.67 2.07 6.72
N MET L 53 -10.86 1.54 6.45
CA MET L 53 -11.51 1.75 5.16
C MET L 53 -12.08 3.15 5.02
N ARG L 54 -12.35 3.83 6.14
CA ARG L 54 -12.64 5.25 6.08
C ARG L 54 -11.42 6.01 5.60
N GLY L 55 -10.27 5.76 6.21
CA GLY L 55 -9.08 6.52 5.90
C GLY L 55 -8.48 6.15 4.55
N LEU L 56 -8.70 4.93 4.09
CA LEU L 56 -8.16 4.52 2.80
C LEU L 56 -8.88 5.21 1.65
N GLU L 57 -10.17 5.49 1.82
CA GLU L 57 -10.93 6.17 0.79
C GLU L 57 -10.79 7.68 0.87
N ILE L 58 -10.64 8.21 2.10
CA ILE L 58 -10.36 9.63 2.28
C ILE L 58 -8.99 9.97 1.72
N GLY L 59 -8.02 9.10 1.93
CA GLY L 59 -6.67 9.38 1.50
C GLY L 59 -6.51 9.33 0.00
N MET L 60 -7.07 8.30 -0.66
CA MET L 60 -6.91 8.11 -2.10
C MET L 60 -7.51 9.23 -2.91
N ALA L 61 -8.58 9.84 -2.42
CA ALA L 61 -9.14 11.00 -3.09
C ALA L 61 -8.26 12.24 -2.93
N HIS L 62 -7.29 12.21 -2.03
CA HIS L 62 -6.45 13.36 -1.73
C HIS L 62 -5.06 13.23 -2.30
N GLY L 63 -4.48 12.03 -2.31
CA GLY L 63 -3.24 11.85 -3.03
C GLY L 63 -3.40 12.03 -4.51
N TYR L 64 -4.61 11.78 -5.03
CA TYR L 64 -4.81 11.83 -6.47
C TYR L 64 -4.80 13.25 -7.00
N PHE L 65 -5.39 14.19 -6.27
CA PHE L 65 -5.42 15.55 -6.78
C PHE L 65 -4.23 16.38 -6.32
N LEU L 66 -3.57 16.02 -5.23
CA LEU L 66 -2.51 16.87 -4.68
C LEU L 66 -1.24 16.84 -5.50
N VAL L 67 -1.09 15.87 -6.41
CA VAL L 67 0.01 15.93 -7.37
C VAL L 67 -0.32 16.86 -8.52
N GLY L 68 -1.56 17.32 -8.61
CA GLY L 68 -2.00 18.21 -9.65
C GLY L 68 -1.31 19.56 -9.69
N PRO L 69 -1.47 20.40 -8.65
CA PRO L 69 -0.99 21.78 -8.72
C PRO L 69 0.51 22.00 -8.73
N GLU L 70 1.32 20.97 -8.83
CA GLU L 70 2.76 21.13 -8.88
C GLU L 70 3.39 20.65 -10.18
N VAL L 71 2.68 19.87 -10.99
CA VAL L 71 3.29 19.42 -12.23
C VAL L 71 2.97 20.33 -13.41
N VAL L 72 2.05 21.29 -13.26
CA VAL L 72 1.79 22.23 -14.33
C VAL L 72 2.07 23.67 -13.95
N ILE L 73 2.09 24.03 -12.68
CA ILE L 73 2.48 25.39 -12.31
C ILE L 73 3.55 25.37 -11.24
N GLY L 74 4.26 24.27 -11.10
CA GLY L 74 5.31 24.17 -10.13
C GLY L 74 6.62 24.71 -10.68
N PRO L 75 7.73 24.47 -9.97
CA PRO L 75 9.03 24.94 -10.46
C PRO L 75 9.61 24.05 -11.54
N LEU L 76 9.06 22.87 -11.76
CA LEU L 76 9.57 21.90 -12.71
C LEU L 76 8.68 21.75 -13.93
N ARG L 77 7.75 22.69 -14.15
CA ARG L 77 6.75 22.53 -15.19
C ARG L 77 7.31 22.64 -16.59
N GLU L 78 8.53 23.17 -16.75
CA GLU L 78 9.10 23.35 -18.07
C GLU L 78 9.54 22.01 -18.67
N SER L 79 9.94 21.07 -17.84
CA SER L 79 10.30 19.73 -18.27
C SER L 79 9.07 18.84 -18.23
N ALA L 80 9.25 17.55 -18.53
CA ALA L 80 8.15 16.60 -18.51
C ALA L 80 8.40 15.46 -17.54
N HIS L 81 9.59 14.86 -17.56
CA HIS L 81 9.85 13.75 -16.65
C HIS L 81 10.12 14.24 -15.24
N GLY L 82 10.72 15.41 -15.09
CA GLY L 82 10.96 15.97 -13.78
C GLY L 82 9.81 16.75 -13.20
N ALA L 83 8.79 17.06 -14.02
CA ALA L 83 7.61 17.74 -13.52
C ALA L 83 6.80 16.82 -12.63
N ASN L 84 6.60 15.57 -13.06
CA ASN L 84 5.77 14.62 -12.32
C ASN L 84 6.47 14.12 -11.06
N LEU L 85 7.79 14.26 -10.98
CA LEU L 85 8.47 13.93 -9.73
C LEU L 85 8.20 14.98 -8.67
N SER L 86 8.28 16.27 -9.04
CA SER L 86 8.07 17.34 -8.08
C SER L 86 6.62 17.46 -7.66
N GLY L 87 5.69 16.89 -8.43
CA GLY L 87 4.31 16.84 -8.00
C GLY L 87 4.03 15.66 -7.09
N LEU L 88 4.74 14.56 -7.29
CA LEU L 88 4.61 13.43 -6.38
C LEU L 88 5.30 13.71 -5.06
N ILE L 89 6.50 14.30 -5.10
CA ILE L 89 7.27 14.62 -3.91
C ILE L 89 6.53 15.62 -3.02
N THR L 90 5.75 16.52 -3.63
CA THR L 90 4.86 17.39 -2.87
C THR L 90 3.81 16.60 -2.12
N ALA L 91 3.07 15.74 -2.83
CA ALA L 91 2.00 14.98 -2.19
C ALA L 91 2.50 13.90 -1.25
N ILE L 92 3.77 13.50 -1.33
CA ILE L 92 4.34 12.69 -0.27
C ILE L 92 4.50 13.52 0.99
N TYR L 93 5.04 14.72 0.85
CA TYR L 93 5.32 15.57 2.00
C TYR L 93 4.07 16.21 2.59
N ILE L 94 3.05 16.47 1.76
CA ILE L 94 1.78 16.95 2.30
C ILE L 94 1.10 15.83 3.10
N ALA L 95 1.20 14.60 2.64
CA ALA L 95 0.49 13.50 3.27
C ALA L 95 1.31 12.73 4.29
N VAL L 96 2.64 12.90 4.33
CA VAL L 96 3.39 12.42 5.48
C VAL L 96 3.16 13.34 6.66
N SER L 97 3.28 14.64 6.44
CA SER L 97 3.14 15.62 7.51
C SER L 97 1.69 15.84 7.93
N ALA L 98 0.72 15.34 7.17
CA ALA L 98 -0.66 15.36 7.64
C ALA L 98 -0.99 14.10 8.40
N CYS L 99 -0.51 12.94 7.94
CA CYS L 99 -0.63 11.71 8.69
C CYS L 99 0.37 11.61 9.85
N LEU L 100 1.35 12.51 9.90
CA LEU L 100 2.08 12.70 11.15
C LEU L 100 1.21 13.41 12.16
N GLY L 101 0.48 14.43 11.71
CA GLY L 101 -0.29 15.27 12.59
C GLY L 101 -1.52 14.63 13.18
N ILE L 102 -1.95 13.48 12.66
CA ILE L 102 -3.10 12.81 13.24
C ILE L 102 -2.73 11.58 14.07
N SER L 103 -1.51 11.10 13.94
CA SER L 103 -0.98 10.27 15.01
C SER L 103 -0.63 11.14 16.20
N ILE L 104 -0.18 12.36 15.94
CA ILE L 104 0.11 13.31 17.00
C ILE L 104 -1.18 13.81 17.64
N PHE L 105 -2.26 13.86 16.87
CA PHE L 105 -3.57 14.27 17.39
C PHE L 105 -4.12 13.22 18.34
N ALA L 106 -4.12 11.95 17.93
CA ALA L 106 -4.71 10.90 18.76
C ALA L 106 -3.89 10.56 19.98
N ILE L 107 -2.57 10.74 19.93
CA ILE L 107 -1.76 10.56 21.12
C ILE L 107 -2.14 11.60 22.16
N THR L 108 -2.48 12.79 21.71
CA THR L 108 -2.53 13.93 22.60
C THR L 108 -3.95 14.36 22.98
N THR L 109 -4.99 13.87 22.30
CA THR L 109 -6.34 14.22 22.68
C THR L 109 -7.08 13.09 23.37
N PHE L 110 -6.55 11.86 23.33
CA PHE L 110 -7.18 10.72 23.97
C PHE L 110 -6.35 10.40 25.22
N GLN L 111 -6.66 11.12 26.29
CA GLN L 111 -5.97 10.94 27.56
C GLN L 111 -6.93 10.97 28.74
N GLY L 112 -8.23 10.84 28.52
CA GLY L 112 -9.23 11.01 29.55
C GLY L 112 -10.44 11.78 29.04
N ASN L 113 -10.26 12.46 27.90
CA ASN L 113 -11.32 13.19 27.22
C ASN L 113 -11.42 12.65 25.79
N PRO L 114 -12.08 11.51 25.58
CA PRO L 114 -12.19 10.97 24.20
C PRO L 114 -13.22 11.72 23.36
N LYS L 115 -12.84 12.95 22.95
CA LYS L 115 -13.72 13.93 22.29
C LYS L 115 -15.00 14.17 23.08
N GLY L 116 -14.91 14.05 24.41
CA GLY L 116 -16.07 14.00 25.27
C GLY L 116 -16.54 12.57 25.35
N SER L 117 -16.60 12.02 26.56
CA SER L 117 -17.23 10.71 26.73
C SER L 117 -18.74 10.80 26.61
N TYR L 118 -19.29 12.00 26.78
CA TYR L 118 -20.72 12.25 26.67
C TYR L 118 -21.05 12.77 25.28
N ASP L 124 -23.56 14.80 19.62
CA ASP L 124 -22.24 14.16 19.63
C ASP L 124 -21.74 13.89 18.21
N SER L 125 -22.58 14.18 17.22
CA SER L 125 -22.29 13.80 15.83
C SER L 125 -21.27 14.75 15.22
N LEU L 126 -21.03 14.56 13.92
CA LEU L 126 -20.04 15.19 13.05
C LEU L 126 -18.60 14.84 13.40
N ARG L 127 -18.37 14.02 14.44
CA ARG L 127 -17.03 13.59 14.83
C ARG L 127 -17.12 12.18 15.39
N PRO L 128 -17.41 11.17 14.53
CA PRO L 128 -17.68 9.81 15.02
C PRO L 128 -16.45 8.90 15.08
N LEU L 129 -15.36 9.40 15.66
CA LEU L 129 -14.09 8.68 15.67
C LEU L 129 -13.41 8.78 17.03
N ARG L 130 -14.15 8.42 18.07
CA ARG L 130 -13.86 8.84 19.45
C ARG L 130 -13.22 7.76 20.30
N THR L 131 -12.28 6.96 19.81
CA THR L 131 -11.92 5.78 20.59
C THR L 131 -10.43 5.65 20.87
N ARG L 132 -9.55 6.17 19.99
CA ARG L 132 -8.09 6.08 19.87
C ARG L 132 -7.64 4.73 19.30
N GLU L 133 -8.51 3.74 19.22
CA GLU L 133 -8.25 2.62 18.34
C GLU L 133 -8.99 2.76 17.04
N GLU L 134 -9.98 3.66 16.99
CA GLU L 134 -10.60 4.09 15.76
C GLU L 134 -9.87 5.25 15.12
N TRP L 135 -8.85 5.80 15.77
CA TRP L 135 -8.06 6.85 15.14
C TRP L 135 -6.69 6.36 14.72
N SER L 136 -6.11 5.40 15.44
CA SER L 136 -4.85 4.81 14.99
C SER L 136 -5.07 3.91 13.79
N GLN L 137 -6.27 3.37 13.62
CA GLN L 137 -6.61 2.66 12.40
C GLN L 137 -6.90 3.62 11.26
N LEU L 138 -7.37 4.81 11.57
CA LEU L 138 -7.64 5.81 10.54
C LEU L 138 -6.34 6.33 9.96
N ASN L 139 -5.33 6.52 10.80
CA ASN L 139 -4.06 7.06 10.34
C ASN L 139 -3.32 6.10 9.43
N GLY L 140 -3.51 4.80 9.62
CA GLY L 140 -2.98 3.84 8.66
C GLY L 140 -3.69 3.83 7.34
N GLY L 141 -4.93 4.30 7.30
CA GLY L 141 -5.66 4.37 6.07
C GLY L 141 -5.28 5.56 5.22
N ILE L 142 -5.18 6.73 5.85
CA ILE L 142 -4.86 7.96 5.11
C ILE L 142 -3.43 7.95 4.61
N PHE L 143 -2.55 7.20 5.26
CA PHE L 143 -1.19 7.10 4.75
C PHE L 143 -1.14 6.24 3.50
N LEU L 144 -1.68 5.03 3.57
CA LEU L 144 -1.69 4.16 2.39
C LEU L 144 -2.72 4.59 1.37
N GLY L 145 -3.67 5.42 1.74
CA GLY L 145 -4.59 5.96 0.78
C GLY L 145 -3.95 7.06 -0.02
N ALA L 146 -3.40 8.07 0.65
CA ALA L 146 -2.88 9.26 -0.02
C ALA L 146 -1.53 9.04 -0.67
N MET L 147 -1.04 7.81 -0.72
CA MET L 147 0.14 7.49 -1.48
C MET L 147 -0.08 6.35 -2.45
N GLY L 148 -1.25 5.73 -2.45
CA GLY L 148 -1.68 4.97 -3.58
C GLY L 148 -2.25 5.93 -4.60
N GLY L 149 -3.00 6.93 -4.12
CA GLY L 149 -3.52 7.94 -5.01
C GLY L 149 -2.45 8.86 -5.56
N ALA L 150 -1.39 9.09 -4.81
CA ALA L 150 -0.30 9.93 -5.30
C ALA L 150 0.55 9.21 -6.33
N ILE L 151 0.56 7.89 -6.33
CA ILE L 151 1.29 7.11 -7.32
C ILE L 151 0.43 6.81 -8.53
N PHE L 152 -0.87 6.56 -8.32
CA PHE L 152 -1.77 6.34 -9.44
C PHE L 152 -1.91 7.58 -10.30
N ALA L 153 -1.87 8.75 -9.70
CA ALA L 153 -1.84 9.96 -10.47
C ALA L 153 -0.45 10.33 -10.92
N TYR L 154 0.57 9.64 -10.43
CA TYR L 154 1.92 9.77 -10.95
C TYR L 154 2.15 8.85 -12.13
N LEU L 155 1.62 7.63 -12.06
CA LEU L 155 1.73 6.69 -13.18
C LEU L 155 0.79 7.03 -14.31
N LEU L 156 -0.22 7.86 -14.07
CA LEU L 156 -1.08 8.34 -15.14
C LEU L 156 -0.61 9.65 -15.72
N LEU L 157 0.47 10.23 -15.20
CA LEU L 157 1.01 11.48 -15.69
C LEU L 157 2.37 11.33 -16.34
N GLU L 158 3.20 10.40 -15.86
CA GLU L 158 4.42 10.09 -16.59
C GLU L 158 4.15 9.20 -17.78
N ASN L 159 3.00 8.54 -17.82
CA ASN L 159 2.54 7.76 -18.95
C ASN L 159 1.40 8.47 -19.67
N PHE L 160 1.46 9.79 -19.74
CA PHE L 160 0.37 10.53 -20.37
C PHE L 160 0.45 10.49 -21.89
N ASP L 161 1.66 10.50 -22.44
CA ASP L 161 1.79 10.40 -23.90
C ASP L 161 1.39 9.03 -24.40
N ALA L 162 1.53 8.00 -23.55
CA ALA L 162 1.02 6.68 -23.86
C ALA L 162 -0.44 6.50 -23.52
N LEU L 163 -1.03 7.42 -22.78
CA LEU L 163 -2.45 7.37 -22.46
C LEU L 163 -3.27 8.31 -23.32
N ASP L 164 -2.63 9.28 -23.98
CA ASP L 164 -3.32 10.05 -25.00
C ASP L 164 -3.57 9.19 -26.23
N ALA L 165 -2.71 8.22 -26.48
CA ALA L 165 -2.84 7.38 -27.67
C ALA L 165 -3.91 6.33 -27.51
N ILE L 166 -4.03 5.72 -26.32
CA ILE L 166 -5.03 4.68 -26.15
C ILE L 166 -6.42 5.25 -25.90
N LEU L 167 -6.53 6.55 -25.64
CA LEU L 167 -7.83 7.20 -25.55
C LEU L 167 -8.16 7.98 -26.81
N ARG L 168 -7.37 7.81 -27.87
CA ARG L 168 -7.66 8.39 -29.16
C ARG L 168 -7.57 7.36 -30.27
N GLY L 169 -7.39 6.09 -29.93
CA GLY L 169 -7.28 5.06 -30.93
C GLY L 169 -6.01 5.08 -31.73
N ALA L 170 -4.96 5.74 -31.23
CA ALA L 170 -3.70 5.83 -31.95
C ALA L 170 -2.84 4.60 -31.82
N VAL L 171 -3.26 3.63 -31.02
CA VAL L 171 -2.54 2.38 -30.86
C VAL L 171 -3.14 1.28 -31.74
N ASN L 172 -3.89 1.69 -32.78
CA ASN L 172 -4.84 0.86 -33.53
C ASN L 172 -5.75 0.16 -32.55
N MET M 1 44.37 28.58 1.40
CA MET M 1 44.37 27.17 1.80
C MET M 1 43.32 26.93 2.88
N SER M 2 42.13 26.48 2.46
CA SER M 2 41.06 26.18 3.39
C SER M 2 41.31 24.86 4.10
N ILE M 3 40.45 24.55 5.07
CA ILE M 3 40.61 23.34 5.85
C ILE M 3 40.26 22.11 5.01
N SER M 4 40.69 20.95 5.49
CA SER M 4 40.57 19.73 4.73
C SER M 4 39.15 19.16 4.84
N ASP M 5 38.89 18.08 4.11
CA ASP M 5 37.59 17.42 4.17
C ASP M 5 37.41 16.70 5.49
N THR M 6 38.50 16.24 6.10
CA THR M 6 38.44 15.49 7.34
C THR M 6 38.25 16.42 8.55
N GLN M 7 38.82 17.63 8.48
CA GLN M 7 38.69 18.58 9.58
C GLN M 7 37.27 19.06 9.79
N VAL M 8 36.41 19.01 8.77
CA VAL M 8 35.00 19.27 9.00
C VAL M 8 34.37 18.13 9.77
N TYR M 9 34.72 16.89 9.42
CA TYR M 9 34.16 15.74 10.13
C TYR M 9 34.75 15.58 11.51
N ILE M 10 35.96 16.11 11.74
CA ILE M 10 36.50 16.12 13.09
C ILE M 10 35.75 17.11 13.96
N ALA M 11 35.35 18.25 13.39
CA ALA M 11 34.60 19.23 14.15
C ALA M 11 33.19 18.75 14.50
N LEU M 12 32.61 17.92 13.64
CA LEU M 12 31.25 17.43 13.88
C LEU M 12 31.19 16.42 15.00
N VAL M 13 32.25 15.66 15.25
CA VAL M 13 32.24 14.72 16.35
C VAL M 13 32.79 15.32 17.63
N VAL M 14 33.57 16.39 17.55
CA VAL M 14 33.95 17.10 18.76
C VAL M 14 32.76 17.88 19.30
N ALA M 15 31.91 18.41 18.43
CA ALA M 15 30.74 19.14 18.89
C ALA M 15 29.56 18.25 19.24
N LEU M 16 29.74 16.94 19.26
CA LEU M 16 28.81 16.08 19.96
C LEU M 16 29.09 16.01 21.45
N VAL M 17 30.25 16.51 21.89
CA VAL M 17 30.59 16.53 23.30
C VAL M 17 29.88 17.69 24.01
N PRO M 18 29.79 18.92 23.48
CA PRO M 18 28.82 19.86 24.04
C PRO M 18 27.42 19.74 23.50
N GLY M 19 27.11 18.70 22.75
CA GLY M 19 25.75 18.48 22.31
C GLY M 19 25.07 17.53 23.26
N PHE M 20 25.83 16.57 23.78
CA PHE M 20 25.33 15.65 24.78
C PHE M 20 25.40 16.26 26.17
N LEU M 21 26.42 17.05 26.44
CA LEU M 21 26.52 17.72 27.74
C LEU M 21 25.53 18.86 27.87
N ALA M 22 25.05 19.39 26.74
CA ALA M 22 23.94 20.34 26.77
C ALA M 22 22.64 19.64 27.07
N TRP M 23 22.55 18.35 26.79
CA TRP M 23 21.36 17.60 27.17
C TRP M 23 21.41 17.19 28.64
N ARG M 24 22.60 16.94 29.18
CA ARG M 24 22.69 16.62 30.60
C ARG M 24 22.36 17.84 31.46
N LEU M 25 22.65 19.05 30.97
CA LEU M 25 22.35 20.24 31.73
C LEU M 25 20.89 20.65 31.59
N ALA M 26 20.32 20.51 30.39
CA ALA M 26 18.94 20.91 30.17
C ALA M 26 17.93 20.01 30.89
N THR M 27 18.31 18.79 31.22
CA THR M 27 17.41 17.92 31.97
C THR M 27 17.70 17.89 33.46
N GLU M 28 18.92 18.24 33.88
CA GLU M 28 19.19 18.40 35.30
C GLU M 28 18.62 19.71 35.82
N LEU M 29 18.40 20.68 34.94
CA LEU M 29 17.62 21.86 35.25
C LEU M 29 16.11 21.61 35.18
N TYR M 30 15.71 20.38 34.84
CA TYR M 30 14.37 19.82 35.03
C TYR M 30 13.30 20.60 34.24
N LYS M 31 13.39 20.45 32.93
CA LYS M 31 12.35 20.91 32.04
C LYS M 31 11.03 20.20 32.28
N SER N 2 11.71 -36.64 34.30
CA SER N 2 11.05 -37.94 34.30
C SER N 2 12.01 -39.04 33.88
N HIS N 3 13.04 -39.26 34.69
CA HIS N 3 13.94 -40.37 34.50
C HIS N 3 13.40 -41.55 35.31
N THR N 4 14.22 -42.57 35.55
CA THR N 4 13.77 -43.75 36.27
C THR N 4 14.89 -44.20 37.19
N VAL N 5 14.74 -43.96 38.49
CA VAL N 5 15.75 -44.33 39.47
C VAL N 5 15.26 -45.57 40.19
N LYS N 6 15.68 -46.74 39.73
CA LYS N 6 15.38 -47.98 40.43
C LYS N 6 16.44 -48.27 41.48
N ILE N 7 16.04 -49.04 42.49
CA ILE N 7 16.91 -49.36 43.61
C ILE N 7 16.78 -50.85 43.89
N TYR N 8 17.91 -51.55 43.94
CA TYR N 8 17.97 -53.00 44.00
C TYR N 8 18.35 -53.43 45.41
N ASP N 9 18.21 -54.72 45.69
CA ASP N 9 18.34 -55.19 47.06
C ASP N 9 19.77 -55.45 47.46
N THR N 10 20.77 -54.96 46.74
CA THR N 10 22.14 -55.08 47.16
C THR N 10 22.54 -53.90 48.06
N CYS N 11 21.56 -53.10 48.46
CA CYS N 11 21.77 -51.92 49.28
C CYS N 11 22.32 -52.29 50.65
N ILE N 12 23.06 -51.37 51.25
CA ILE N 12 23.58 -51.56 52.60
C ILE N 12 23.17 -50.44 53.54
N GLY N 13 22.40 -49.46 53.06
CA GLY N 13 21.91 -48.40 53.93
C GLY N 13 22.96 -47.44 54.44
N CYS N 14 23.95 -47.11 53.62
CA CYS N 14 24.97 -46.18 54.06
C CYS N 14 24.61 -44.72 53.79
N THR N 15 23.42 -44.47 53.23
CA THR N 15 22.82 -43.15 52.98
C THR N 15 23.66 -42.26 52.06
N GLN N 16 24.64 -42.81 51.35
CA GLN N 16 25.55 -41.97 50.60
C GLN N 16 24.94 -41.45 49.31
N CYS N 17 23.96 -42.15 48.74
CA CYS N 17 23.33 -41.63 47.54
C CYS N 17 22.38 -40.49 47.85
N VAL N 18 21.84 -40.46 49.06
CA VAL N 18 20.89 -39.42 49.44
C VAL N 18 21.61 -38.12 49.74
N ARG N 19 22.81 -38.21 50.32
CA ARG N 19 23.60 -37.02 50.57
C ARG N 19 24.21 -36.44 49.30
N ALA N 20 24.35 -37.25 48.25
CA ALA N 20 24.96 -36.81 47.01
C ALA N 20 23.96 -36.28 46.00
N CYS N 21 22.69 -36.57 46.16
CA CYS N 21 21.66 -36.06 45.26
C CYS N 21 21.51 -34.55 45.39
N PRO N 22 21.65 -33.78 44.32
CA PRO N 22 21.50 -32.33 44.40
C PRO N 22 20.06 -31.83 44.29
N THR N 23 19.08 -32.71 44.15
CA THR N 23 17.73 -32.28 43.83
C THR N 23 16.70 -32.92 44.75
N ASP N 24 17.13 -33.72 45.74
CA ASP N 24 16.28 -34.46 46.67
C ASP N 24 15.29 -35.35 45.90
N VAL N 25 15.85 -36.35 45.26
CA VAL N 25 15.07 -37.41 44.64
C VAL N 25 15.01 -38.64 45.54
N LEU N 26 16.11 -38.94 46.20
CA LEU N 26 16.20 -40.14 47.02
C LEU N 26 15.98 -39.81 48.48
N GLU N 27 15.53 -40.82 49.23
CA GLU N 27 15.31 -40.67 50.66
C GLU N 27 15.37 -42.05 51.27
N MET N 28 15.64 -42.11 52.57
CA MET N 28 15.83 -43.38 53.25
C MET N 28 14.53 -43.84 53.90
N VAL N 29 14.12 -45.07 53.59
CA VAL N 29 12.94 -45.67 54.17
C VAL N 29 13.40 -46.88 54.99
N PRO N 30 12.64 -47.37 55.97
CA PRO N 30 13.11 -48.51 56.75
C PRO N 30 12.97 -49.82 56.00
N TRP N 31 13.86 -50.75 56.34
CA TRP N 31 13.95 -52.04 55.69
C TRP N 31 14.43 -53.06 56.71
N ASP N 32 14.52 -54.32 56.27
CA ASP N 32 14.94 -55.41 57.13
C ASP N 32 16.21 -56.09 56.69
N GLY N 33 16.69 -55.83 55.47
CA GLY N 33 17.81 -56.58 54.94
C GLY N 33 19.16 -55.89 55.06
N CYS N 34 19.33 -55.00 56.03
CA CYS N 34 20.62 -54.38 56.26
C CYS N 34 20.83 -54.20 57.75
N ARG N 35 22.07 -53.86 58.11
CA ARG N 35 22.37 -53.53 59.51
C ARG N 35 21.89 -52.14 59.86
N ALA N 36 21.86 -51.22 58.91
CA ALA N 36 21.25 -49.92 59.15
C ALA N 36 19.73 -50.02 59.17
N GLY N 37 19.17 -51.09 58.62
CA GLY N 37 17.74 -51.23 58.53
C GLY N 37 17.10 -50.31 57.54
N GLN N 38 17.88 -49.71 56.64
CA GLN N 38 17.38 -48.74 55.69
C GLN N 38 17.59 -49.23 54.27
N ILE N 39 16.84 -48.62 53.35
CA ILE N 39 17.07 -48.75 51.93
C ILE N 39 16.62 -47.44 51.31
N ALA N 40 17.27 -47.04 50.22
CA ALA N 40 16.87 -45.82 49.54
C ALA N 40 15.59 -46.06 48.75
N SER N 41 14.82 -45.00 48.59
CA SER N 41 13.68 -45.00 47.68
C SER N 41 13.66 -43.66 46.98
N SER N 42 13.04 -43.62 45.80
CA SER N 42 13.02 -42.42 44.97
C SER N 42 11.58 -42.00 44.71
N PRO N 43 10.99 -41.19 45.59
CA PRO N 43 9.61 -40.74 45.36
C PRO N 43 9.52 -39.50 44.49
N ARG N 44 10.62 -38.78 44.34
CA ARG N 44 10.61 -37.53 43.62
C ARG N 44 11.42 -37.68 42.36
N THR N 45 11.16 -38.76 41.64
CA THR N 45 11.85 -39.09 40.39
C THR N 45 11.47 -38.12 39.27
N GLU N 46 10.37 -37.38 39.43
CA GLU N 46 10.10 -36.27 38.51
C GLU N 46 11.11 -35.14 38.65
N ASP N 47 11.83 -35.06 39.78
CA ASP N 47 12.90 -34.10 39.97
C ASP N 47 14.26 -34.68 39.62
N CYS N 48 14.32 -35.85 38.99
CA CYS N 48 15.60 -36.43 38.64
C CYS N 48 16.25 -35.63 37.54
N VAL N 49 17.39 -35.02 37.83
CA VAL N 49 18.09 -34.20 36.85
C VAL N 49 18.98 -35.06 35.97
N GLY N 50 19.18 -36.33 36.31
CA GLY N 50 19.88 -37.28 35.48
C GLY N 50 21.37 -37.36 35.68
N CYS N 51 21.92 -36.62 36.65
CA CYS N 51 23.35 -36.37 36.69
C CYS N 51 24.17 -37.54 37.21
N LYS N 52 23.55 -38.61 37.68
CA LYS N 52 24.20 -39.85 38.12
C LYS N 52 25.26 -39.63 39.19
N ARG N 53 25.02 -38.66 40.07
CA ARG N 53 25.91 -38.43 41.20
C ARG N 53 25.61 -39.35 42.36
N CYS N 54 24.40 -39.92 42.40
CA CYS N 54 24.10 -40.99 43.34
C CYS N 54 24.79 -42.28 42.95
N GLU N 55 25.14 -42.41 41.68
CA GLU N 55 25.77 -43.63 41.19
C GLU N 55 27.26 -43.67 41.48
N THR N 56 27.90 -42.50 41.59
CA THR N 56 29.30 -42.47 41.94
C THR N 56 29.54 -42.64 43.43
N ALA N 57 28.49 -42.53 44.24
CA ALA N 57 28.61 -42.60 45.68
C ALA N 57 28.26 -43.97 46.25
N CYS N 58 27.63 -44.83 45.47
CA CYS N 58 27.25 -46.16 45.93
C CYS N 58 28.47 -47.06 46.09
N PRO N 59 28.76 -47.59 47.27
CA PRO N 59 29.95 -48.41 47.46
C PRO N 59 29.77 -49.90 47.21
N THR N 60 28.56 -50.37 46.89
CA THR N 60 28.38 -51.78 46.58
C THR N 60 28.89 -52.05 45.18
N ASP N 61 29.53 -53.21 44.99
CA ASP N 61 30.12 -53.52 43.70
C ASP N 61 29.04 -53.89 42.71
N PHE N 62 29.15 -53.29 41.52
CA PHE N 62 28.07 -53.14 40.56
C PHE N 62 26.82 -52.67 41.27
N LEU N 63 26.87 -51.38 41.58
CA LEU N 63 26.02 -50.56 42.43
C LEU N 63 24.53 -50.85 42.44
N SER N 64 23.93 -50.61 43.59
CA SER N 64 22.56 -50.96 43.91
C SER N 64 21.53 -49.93 43.48
N ILE N 65 21.95 -48.88 42.79
CA ILE N 65 21.04 -47.83 42.33
C ILE N 65 21.39 -47.50 40.89
N ARG N 66 20.37 -47.35 40.05
CA ARG N 66 20.60 -46.95 38.68
C ARG N 66 19.76 -45.74 38.36
N VAL N 67 20.24 -44.95 37.41
CA VAL N 67 19.45 -43.91 36.77
C VAL N 67 19.35 -44.28 35.31
N TYR N 68 18.14 -44.53 34.85
CA TYR N 68 17.89 -44.87 33.45
C TYR N 68 17.37 -43.63 32.77
N LEU N 69 18.22 -43.01 31.95
CA LEU N 69 17.92 -41.72 31.35
C LEU N 69 16.81 -41.90 30.32
N GLY N 70 15.64 -41.31 30.60
CA GLY N 70 14.49 -41.52 29.75
C GLY N 70 13.95 -40.26 29.11
N ALA N 71 12.63 -40.12 29.07
CA ALA N 71 11.98 -38.97 28.44
C ALA N 71 12.28 -37.72 29.25
N GLU N 72 13.14 -36.86 28.72
CA GLU N 72 13.60 -35.69 29.44
C GLU N 72 12.57 -34.57 29.32
N THR N 73 12.38 -33.83 30.42
CA THR N 73 11.43 -32.74 30.45
C THR N 73 12.10 -31.46 30.92
N THR N 74 11.30 -30.44 31.23
CA THR N 74 11.85 -29.11 31.50
C THR N 74 12.53 -29.05 32.86
N ARG N 75 12.13 -29.91 33.81
CA ARG N 75 12.82 -29.96 35.09
C ARG N 75 13.78 -31.13 35.19
N SER N 76 13.81 -32.01 34.19
CA SER N 76 14.81 -33.05 34.09
C SER N 76 15.94 -32.68 33.15
N MET N 77 16.02 -31.41 32.76
CA MET N 77 17.12 -30.95 31.93
C MET N 77 17.75 -29.69 32.52
N GLY N 78 17.22 -29.16 33.61
CA GLY N 78 17.83 -28.04 34.29
C GLY N 78 17.83 -26.75 33.50
N LEU N 79 16.66 -26.32 33.06
CA LEU N 79 16.51 -25.10 32.28
C LEU N 79 15.86 -24.04 33.15
N ALA N 80 16.63 -23.00 33.47
CA ALA N 80 16.12 -21.85 34.20
C ALA N 80 15.50 -20.81 33.30
N TYR N 81 15.42 -21.08 32.00
CA TYR N 81 14.83 -20.14 31.05
C TYR N 81 13.70 -20.79 30.28
N THR O 21 1.27 -20.31 53.87
CA THR O 21 2.02 -19.90 52.68
C THR O 21 3.47 -19.60 53.02
N LEU O 22 3.99 -18.50 52.47
CA LEU O 22 5.38 -18.11 52.64
C LEU O 22 5.47 -16.62 52.95
N SER O 23 6.50 -16.25 53.71
CA SER O 23 6.76 -14.87 54.08
C SER O 23 8.21 -14.77 54.55
N GLY O 24 8.69 -13.55 54.63
CA GLY O 24 10.03 -13.26 55.10
C GLY O 24 10.63 -12.11 54.32
N GLN O 25 11.69 -11.53 54.89
CA GLN O 25 12.39 -10.43 54.25
C GLN O 25 13.50 -10.96 53.35
N THR O 26 13.64 -10.34 52.19
CA THR O 26 14.68 -10.73 51.26
C THR O 26 16.05 -10.31 51.78
N PRO O 27 17.10 -11.07 51.46
CA PRO O 27 18.44 -10.67 51.88
C PRO O 27 18.92 -9.44 51.13
N ILE O 28 19.95 -8.79 51.67
CA ILE O 28 20.50 -7.61 51.02
C ILE O 28 21.28 -8.08 49.81
N PHE O 29 20.67 -7.97 48.64
CA PHE O 29 21.28 -8.38 47.40
C PHE O 29 21.12 -7.24 46.41
N GLY O 30 22.20 -6.85 45.77
CA GLY O 30 22.17 -5.67 44.93
C GLY O 30 21.72 -5.93 43.50
N GLY O 31 20.94 -6.98 43.29
CA GLY O 31 20.51 -7.34 41.97
C GLY O 31 21.54 -8.20 41.26
N SER O 32 21.10 -9.11 40.41
CA SER O 32 22.00 -9.99 39.69
C SER O 32 21.50 -10.12 38.27
N THR O 33 22.01 -11.14 37.58
CA THR O 33 21.67 -11.36 36.19
C THR O 33 21.33 -12.85 36.01
N GLY O 34 21.91 -13.69 36.87
CA GLY O 34 21.57 -15.09 36.87
C GLY O 34 20.30 -15.46 37.62
N GLY O 35 19.44 -14.49 37.88
CA GLY O 35 18.22 -14.72 38.63
C GLY O 35 17.09 -15.33 37.81
N LEU O 36 15.87 -14.87 38.05
CA LEU O 36 14.70 -15.42 37.39
C LEU O 36 14.59 -14.93 35.96
N LEU O 37 13.93 -15.72 35.13
CA LEU O 37 13.70 -15.39 33.73
C LEU O 37 12.20 -15.52 33.47
N LYS O 38 11.82 -15.55 32.19
CA LYS O 38 10.40 -15.70 31.84
C LYS O 38 9.84 -17.08 32.19
N LYS O 39 10.68 -18.07 32.49
CA LYS O 39 10.18 -19.35 32.96
C LYS O 39 9.58 -19.23 34.35
N ALA O 40 10.16 -18.38 35.19
CA ALA O 40 9.70 -18.25 36.57
C ALA O 40 8.35 -17.55 36.67
N GLU O 41 7.97 -16.77 35.68
CA GLU O 41 6.68 -16.11 35.67
C GLU O 41 5.60 -16.98 35.05
N VAL O 42 5.99 -17.95 34.21
CA VAL O 42 5.06 -18.65 33.34
C VAL O 42 4.91 -20.12 33.72
N GLU O 43 5.99 -20.78 34.14
CA GLU O 43 5.89 -22.20 34.43
C GLU O 43 5.93 -22.55 35.92
N GLU O 44 7.01 -22.20 36.61
CA GLU O 44 7.18 -22.53 38.02
C GLU O 44 8.35 -21.73 38.57
N LYS O 45 8.39 -21.63 39.89
CA LYS O 45 9.38 -20.81 40.57
C LYS O 45 9.50 -21.33 41.99
N TYR O 46 10.72 -21.41 42.50
CA TYR O 46 10.96 -22.01 43.80
C TYR O 46 11.33 -20.93 44.80
N ALA O 47 11.14 -21.24 46.08
CA ALA O 47 11.41 -20.29 47.14
C ALA O 47 11.95 -21.01 48.35
N ILE O 48 13.15 -20.66 48.77
CA ILE O 48 13.73 -21.20 49.99
C ILE O 48 13.47 -20.22 51.11
N THR O 49 13.27 -20.74 52.32
CA THR O 49 12.89 -19.91 53.47
C THR O 49 13.64 -20.43 54.68
N TRP O 50 14.58 -19.65 55.19
CA TRP O 50 15.31 -20.00 56.39
C TRP O 50 15.30 -18.82 57.35
N THR O 51 15.80 -19.06 58.55
CA THR O 51 15.96 -18.00 59.54
C THR O 51 17.38 -18.03 60.08
N SER O 52 17.92 -16.86 60.37
CA SER O 52 19.33 -16.73 60.72
C SER O 52 19.49 -16.02 62.06
N PRO O 53 20.35 -16.50 62.93
CA PRO O 53 20.65 -15.74 64.15
C PRO O 53 21.77 -14.74 63.98
N LYS O 54 22.10 -14.37 62.73
CA LYS O 54 23.25 -13.53 62.49
C LYS O 54 23.08 -12.75 61.19
N GLU O 55 23.80 -11.64 61.11
CA GLU O 55 23.89 -10.81 59.90
C GLU O 55 25.14 -11.21 59.12
N GLN O 56 25.09 -12.40 58.53
CA GLN O 56 26.22 -12.94 57.80
C GLN O 56 26.00 -12.88 56.30
N VAL O 57 27.06 -13.10 55.56
CA VAL O 57 27.07 -12.99 54.10
C VAL O 57 27.31 -14.38 53.51
N PHE O 58 26.51 -14.73 52.51
CA PHE O 58 26.57 -16.03 51.87
C PHE O 58 26.69 -15.85 50.37
N GLU O 59 27.05 -16.94 49.69
CA GLU O 59 27.23 -16.92 48.25
C GLU O 59 25.93 -17.31 47.56
N MET O 60 25.52 -16.52 46.61
CA MET O 60 24.29 -16.79 45.90
C MET O 60 24.48 -17.91 44.88
N PRO O 61 23.46 -18.74 44.67
CA PRO O 61 23.53 -19.72 43.58
C PRO O 61 23.39 -19.09 42.21
N THR O 62 22.91 -17.84 42.14
CA THR O 62 22.82 -17.08 40.91
C THR O 62 24.03 -16.17 40.68
N GLY O 63 25.14 -16.46 41.34
CA GLY O 63 26.34 -15.67 41.14
C GLY O 63 26.37 -14.44 42.01
N GLY O 64 27.43 -14.25 42.79
CA GLY O 64 27.59 -13.09 43.62
C GLY O 64 27.66 -13.43 45.10
N ALA O 65 27.20 -12.50 45.92
CA ALA O 65 27.18 -12.67 47.37
C ALA O 65 26.10 -11.76 47.94
N ALA O 66 25.36 -12.27 48.93
CA ALA O 66 24.29 -11.53 49.55
C ALA O 66 24.37 -11.65 51.07
N ILE O 67 23.81 -10.67 51.76
CA ILE O 67 23.79 -10.65 53.22
C ILE O 67 22.40 -11.07 53.70
N MET O 68 22.32 -12.22 54.35
CA MET O 68 21.06 -12.67 54.91
C MET O 68 20.73 -11.89 56.18
N ARG O 69 19.45 -11.74 56.46
CA ARG O 69 18.95 -10.92 57.55
C ARG O 69 18.99 -11.70 58.87
N GLN O 70 18.32 -11.17 59.89
CA GLN O 70 18.26 -11.81 61.20
C GLN O 70 16.89 -12.41 61.50
N GLY O 71 15.90 -12.18 60.66
CA GLY O 71 14.57 -12.74 60.87
C GLY O 71 14.33 -13.93 59.97
N GLN O 72 13.12 -14.00 59.42
CA GLN O 72 12.82 -15.00 58.42
C GLN O 72 13.32 -14.50 57.07
N ASN O 73 14.13 -15.31 56.40
CA ASN O 73 14.63 -14.95 55.09
C ASN O 73 13.80 -15.61 54.01
N LEU O 74 13.82 -15.01 52.83
CA LEU O 74 13.03 -15.51 51.71
C LEU O 74 13.75 -15.17 50.43
N LEU O 75 13.99 -16.18 49.60
CA LEU O 75 14.77 -16.00 48.38
C LEU O 75 14.10 -16.81 47.27
N TYR O 76 13.82 -16.15 46.16
CA TYR O 76 13.16 -16.79 45.03
C TYR O 76 14.21 -17.29 44.06
N LEU O 77 14.22 -18.59 43.80
CA LEU O 77 15.15 -19.21 42.88
C LEU O 77 14.39 -19.80 41.71
N ALA O 78 15.13 -20.19 40.68
CA ALA O 78 14.51 -20.58 39.42
C ALA O 78 14.30 -22.07 39.27
N ARG O 79 15.17 -22.89 39.87
CA ARG O 79 15.03 -24.32 39.78
C ARG O 79 15.48 -24.96 41.09
N LYS O 80 15.10 -26.23 41.27
CA LYS O 80 15.26 -26.88 42.57
C LYS O 80 16.71 -27.18 42.90
N GLU O 81 17.57 -27.32 41.90
CA GLU O 81 18.98 -27.55 42.17
C GLU O 81 19.65 -26.31 42.73
N GLN O 82 19.11 -25.12 42.47
CA GLN O 82 19.66 -23.90 43.05
C GLN O 82 19.32 -23.77 44.53
N CYS O 83 18.18 -24.31 44.95
CA CYS O 83 17.77 -24.20 46.34
C CYS O 83 18.57 -25.14 47.23
N ILE O 84 18.80 -26.37 46.76
CA ILE O 84 19.51 -27.35 47.58
C ILE O 84 21.02 -27.17 47.47
N ALA O 85 21.51 -26.50 46.43
CA ALA O 85 22.88 -26.02 46.47
C ALA O 85 23.03 -24.87 47.45
N LEU O 86 21.95 -24.10 47.63
CA LEU O 86 21.92 -23.10 48.69
C LEU O 86 21.62 -23.75 50.03
N GLY O 87 20.75 -24.76 50.05
CA GLY O 87 20.47 -25.48 51.28
C GLY O 87 21.67 -26.24 51.82
N GLY O 88 22.54 -26.71 50.93
CA GLY O 88 23.79 -27.30 51.36
C GLY O 88 24.83 -26.31 51.80
N GLN O 89 24.61 -25.03 51.52
CA GLN O 89 25.47 -23.95 51.98
C GLN O 89 25.06 -23.45 53.37
N LEU O 90 23.75 -23.34 53.61
CA LEU O 90 23.25 -22.94 54.92
C LEU O 90 23.55 -23.99 55.98
N ARG O 91 23.66 -25.26 55.60
CA ARG O 91 24.02 -26.29 56.54
C ARG O 91 25.48 -26.20 56.98
N LYS O 92 26.30 -25.42 56.28
CA LYS O 92 27.64 -25.10 56.72
C LYS O 92 27.69 -23.79 57.50
N PHE O 93 26.60 -23.03 57.51
CA PHE O 93 26.42 -21.91 58.42
C PHE O 93 25.64 -22.32 59.66
N LYS O 94 25.48 -23.63 59.86
CA LYS O 94 24.76 -24.23 60.98
C LYS O 94 23.31 -23.74 61.03
N ILE O 95 22.70 -23.65 59.86
CA ILE O 95 21.30 -23.29 59.68
C ILE O 95 20.64 -24.47 58.98
N THR O 96 19.89 -25.27 59.72
CA THR O 96 19.32 -26.51 59.20
C THR O 96 17.81 -26.52 59.40
N ASP O 97 17.16 -25.42 59.04
CA ASP O 97 15.73 -25.26 59.24
C ASP O 97 15.03 -24.75 57.98
N TYR O 98 15.64 -24.90 56.82
CA TYR O 98 15.13 -24.25 55.63
C TYR O 98 13.98 -25.04 55.02
N LYS O 99 13.02 -24.30 54.48
CA LYS O 99 11.86 -24.87 53.80
C LYS O 99 11.87 -24.40 52.36
N ILE O 100 11.70 -25.33 51.44
CA ILE O 100 11.72 -25.05 50.01
C ILE O 100 10.31 -25.24 49.47
N TYR O 101 9.80 -24.22 48.80
CA TYR O 101 8.47 -24.26 48.22
C TYR O 101 8.57 -24.30 46.71
N ARG O 102 7.43 -24.49 46.05
CA ARG O 102 7.37 -24.51 44.60
C ARG O 102 6.11 -23.76 44.19
N ILE O 103 6.28 -22.64 43.52
CA ILE O 103 5.22 -21.65 43.35
C ILE O 103 4.78 -21.66 41.91
N TYR O 104 3.64 -22.29 41.65
CA TYR O 104 3.00 -22.21 40.35
C TYR O 104 2.48 -20.80 40.11
N PRO O 105 2.33 -20.37 38.84
CA PRO O 105 2.02 -18.95 38.59
C PRO O 105 0.61 -18.54 38.97
N ASN O 106 -0.31 -19.49 39.18
CA ASN O 106 -1.61 -19.17 39.71
C ASN O 106 -1.60 -18.88 41.20
N GLY O 107 -0.45 -19.07 41.87
CA GLY O 107 -0.29 -18.77 43.27
C GLY O 107 -0.23 -19.98 44.18
N GLU O 108 -0.31 -21.19 43.63
CA GLU O 108 -0.37 -22.40 44.45
C GLU O 108 1.01 -22.73 44.98
N THR O 109 1.22 -22.49 46.26
CA THR O 109 2.48 -22.80 46.92
C THR O 109 2.38 -24.19 47.53
N VAL O 110 3.07 -25.15 46.92
CA VAL O 110 3.23 -26.45 47.54
C VAL O 110 4.53 -26.42 48.33
N TYR O 111 4.71 -27.37 49.23
CA TYR O 111 5.85 -27.42 50.13
C TYR O 111 6.54 -28.76 49.91
N ILE O 112 7.77 -28.72 49.42
CA ILE O 112 8.41 -29.92 48.86
C ILE O 112 9.67 -30.34 49.59
N HIS O 113 10.33 -29.46 50.32
CA HIS O 113 11.57 -29.89 50.95
C HIS O 113 11.79 -29.20 52.29
N PRO O 114 11.98 -29.97 53.39
CA PRO O 114 11.82 -31.42 53.46
C PRO O 114 10.36 -31.79 53.58
N ALA O 115 9.94 -32.86 52.88
CA ALA O 115 8.52 -33.14 52.71
C ALA O 115 7.84 -33.50 54.03
N ASP O 116 8.42 -34.42 54.78
CA ASP O 116 7.81 -34.84 56.04
C ASP O 116 8.28 -34.03 57.24
N GLY O 117 9.02 -32.94 57.01
CA GLY O 117 9.69 -32.22 58.07
C GLY O 117 11.05 -32.77 58.44
N VAL O 118 11.33 -34.02 58.11
CA VAL O 118 12.58 -34.67 58.44
C VAL O 118 13.43 -34.72 57.19
N PHE O 119 14.74 -34.59 57.37
CA PHE O 119 15.65 -34.58 56.24
C PHE O 119 15.75 -35.97 55.63
N PRO O 120 15.88 -36.08 54.31
CA PRO O 120 15.83 -37.40 53.66
C PRO O 120 17.04 -38.29 53.92
N GLU O 121 18.09 -37.78 54.56
CA GLU O 121 19.22 -38.63 54.92
C GLU O 121 18.87 -39.58 56.06
N LYS O 122 18.24 -39.07 57.11
CA LYS O 122 17.87 -39.91 58.25
C LYS O 122 16.48 -40.50 58.04
N VAL O 123 16.29 -41.71 58.54
CA VAL O 123 15.13 -42.52 58.20
C VAL O 123 13.95 -42.12 59.09
N ASN O 124 12.77 -42.04 58.47
CA ASN O 124 11.51 -41.99 59.20
C ASN O 124 10.59 -43.10 58.75
N GLN O 125 9.54 -43.32 59.52
CA GLN O 125 8.60 -44.41 59.30
C GLN O 125 7.36 -43.87 58.59
N GLY O 126 6.59 -44.80 58.02
CA GLY O 126 5.49 -44.44 57.16
C GLY O 126 5.87 -44.21 55.72
N ARG O 127 7.17 -44.06 55.43
CA ARG O 127 7.64 -43.90 54.07
C ARG O 127 7.71 -45.25 53.37
N GLU O 128 7.65 -45.21 52.05
CA GLU O 128 7.36 -46.37 51.23
C GLU O 128 8.58 -46.76 50.41
N LYS O 129 8.70 -48.05 50.13
CA LYS O 129 9.70 -48.54 49.17
C LYS O 129 9.15 -48.30 47.78
N VAL O 130 9.40 -47.11 47.25
CA VAL O 130 8.92 -46.72 45.93
C VAL O 130 10.08 -46.81 44.95
N ARG O 131 9.78 -47.34 43.76
CA ARG O 131 10.76 -47.65 42.71
C ARG O 131 11.87 -48.56 43.24
N TYR O 132 11.46 -49.76 43.64
CA TYR O 132 12.36 -50.73 44.23
C TYR O 132 12.18 -52.06 43.52
N ASN O 133 13.29 -52.63 43.06
CA ASN O 133 13.29 -53.96 42.46
C ASN O 133 13.81 -54.97 43.44
N ASP O 134 13.16 -56.12 43.52
CA ASP O 134 13.48 -57.15 44.51
C ASP O 134 14.40 -58.22 43.94
N ARG O 135 15.33 -57.81 43.08
CA ARG O 135 16.32 -58.69 42.50
C ARG O 135 17.68 -58.01 42.60
N ARG O 136 18.72 -58.76 42.28
CA ARG O 136 19.99 -58.10 42.01
C ARG O 136 19.88 -57.30 40.72
N ILE O 137 20.79 -56.35 40.57
CA ILE O 137 20.81 -55.55 39.35
C ILE O 137 21.26 -56.38 38.15
N GLY O 138 22.14 -57.35 38.36
CA GLY O 138 22.65 -58.15 37.26
C GLY O 138 21.67 -59.15 36.70
N GLN O 139 20.58 -59.46 37.39
CA GLN O 139 19.57 -60.38 36.88
C GLN O 139 18.33 -59.66 36.37
N ASN O 140 18.51 -58.51 35.74
CA ASN O 140 17.46 -57.92 34.94
C ASN O 140 17.28 -58.74 33.66
N PRO O 141 16.06 -58.81 33.13
CA PRO O 141 15.84 -59.58 31.91
C PRO O 141 16.44 -58.93 30.69
N SER O 142 16.64 -59.75 29.66
CA SER O 142 17.19 -59.29 28.39
C SER O 142 16.19 -58.41 27.66
N PRO O 143 16.65 -57.50 26.80
CA PRO O 143 15.71 -56.69 26.02
C PRO O 143 14.95 -57.45 24.95
N SER O 144 15.26 -58.72 24.70
CA SER O 144 14.46 -59.56 23.84
C SER O 144 13.34 -60.26 24.59
N LYS O 145 13.33 -60.19 25.93
CA LYS O 145 12.17 -60.62 26.69
C LYS O 145 11.02 -59.64 26.56
N VAL O 146 11.33 -58.35 26.42
CA VAL O 146 10.34 -57.29 26.43
C VAL O 146 10.09 -56.74 25.03
N LYS O 147 10.36 -57.52 23.99
CA LYS O 147 10.24 -57.06 22.62
C LYS O 147 8.78 -56.86 22.24
N PHE O 148 8.48 -55.68 21.68
CA PHE O 148 7.14 -55.23 21.29
C PHE O 148 6.15 -55.27 22.45
N SER O 149 6.65 -54.92 23.63
CA SER O 149 5.85 -54.78 24.84
C SER O 149 6.00 -53.36 25.36
N GLY O 150 5.05 -52.97 26.21
CA GLY O 150 5.08 -51.61 26.73
C GLY O 150 6.16 -51.37 27.77
N ILE O 151 6.51 -52.40 28.53
CA ILE O 151 7.44 -52.22 29.64
C ILE O 151 8.87 -52.19 29.13
N ALA O 152 9.75 -51.60 29.94
CA ALA O 152 11.17 -51.66 29.71
C ALA O 152 11.75 -52.85 30.47
N THR O 153 13.04 -53.10 30.26
CA THR O 153 13.67 -54.26 30.86
C THR O 153 13.98 -54.07 32.34
N TYR O 154 13.92 -52.84 32.85
CA TYR O 154 14.14 -52.57 34.27
C TYR O 154 12.85 -52.43 35.05
N ASP O 155 11.69 -52.56 34.39
CA ASP O 155 10.41 -52.61 35.08
C ASP O 155 10.08 -54.03 35.52
N ALA O 156 9.95 -54.95 34.54
CA ALA O 156 10.18 -56.40 34.63
C ALA O 156 9.58 -57.08 35.85
N PRO O 157 8.26 -57.35 35.86
CA PRO O 157 7.59 -57.76 37.10
C PRO O 157 8.02 -59.11 37.65
N ASN O 158 8.74 -59.93 36.90
CA ASN O 158 9.27 -61.18 37.43
C ASN O 158 10.53 -60.90 38.23
N SER O 159 10.49 -61.23 39.52
CA SER O 159 11.54 -60.95 40.52
C SER O 159 11.98 -59.49 40.52
N VAL P 2 31.70 -71.11 55.48
CA VAL P 2 32.37 -69.85 55.15
C VAL P 2 32.64 -69.07 56.42
N GLN P 3 33.83 -69.26 56.98
CA GLN P 3 34.23 -68.61 58.21
C GLN P 3 35.15 -67.43 57.94
N ARG P 4 35.43 -66.67 58.99
CA ARG P 4 36.22 -65.47 58.88
C ARG P 4 37.70 -65.80 58.68
N GLY P 5 38.32 -65.18 57.69
CA GLY P 5 39.70 -65.43 57.35
C GLY P 5 39.91 -66.42 56.23
N SER P 6 38.85 -67.06 55.75
CA SER P 6 38.99 -68.06 54.70
C SER P 6 39.05 -67.39 53.33
N LYS P 7 39.70 -68.06 52.39
CA LYS P 7 39.78 -67.60 51.02
C LYS P 7 38.66 -68.23 50.21
N VAL P 8 38.00 -67.42 49.39
CA VAL P 8 36.77 -67.81 48.72
C VAL P 8 36.75 -67.21 47.32
N ARG P 9 36.11 -67.92 46.39
CA ARG P 9 35.97 -67.48 45.01
C ARG P 9 34.54 -67.05 44.75
N ILE P 10 34.36 -66.17 43.77
CA ILE P 10 33.12 -65.44 43.55
C ILE P 10 32.40 -66.03 42.35
N LEU P 11 31.10 -66.27 42.49
CA LEU P 11 30.25 -66.72 41.39
C LEU P 11 29.16 -65.69 41.05
N ARG P 12 29.44 -64.41 41.27
CA ARG P 12 28.49 -63.37 40.89
C ARG P 12 28.90 -62.78 39.56
N PRO P 13 28.13 -62.99 38.48
CA PRO P 13 28.62 -62.61 37.15
C PRO P 13 28.59 -61.11 36.91
N GLU P 14 27.79 -60.37 37.65
CA GLU P 14 27.68 -58.93 37.49
C GLU P 14 28.78 -58.16 38.20
N SER P 15 29.62 -58.83 38.98
CA SER P 15 30.57 -58.16 39.83
C SER P 15 31.90 -57.95 39.11
N TYR P 16 32.76 -57.13 39.71
CA TYR P 16 34.10 -56.94 39.18
C TYR P 16 34.98 -58.14 39.45
N TRP P 17 34.86 -58.72 40.65
CA TRP P 17 35.75 -59.78 41.10
C TRP P 17 35.21 -61.15 40.80
N PHE P 18 34.48 -61.31 39.69
CA PHE P 18 34.00 -62.60 39.24
C PHE P 18 35.17 -63.54 39.02
N GLN P 19 35.14 -64.68 39.73
CA GLN P 19 36.24 -65.66 39.79
C GLN P 19 37.53 -65.02 40.28
N ASP P 20 37.46 -64.30 41.38
CA ASP P 20 38.63 -63.77 42.06
C ASP P 20 38.65 -64.24 43.51
N VAL P 21 39.84 -64.57 44.00
CA VAL P 21 39.99 -65.08 45.36
C VAL P 21 39.96 -63.90 46.32
N GLY P 22 39.14 -64.01 47.36
CA GLY P 22 39.04 -62.97 48.35
C GLY P 22 39.01 -63.54 49.75
N THR P 23 39.44 -62.72 50.71
CA THR P 23 39.46 -63.10 52.11
C THR P 23 38.18 -62.65 52.79
N VAL P 24 37.51 -63.57 53.48
CA VAL P 24 36.30 -63.25 54.22
C VAL P 24 36.65 -62.37 55.41
N ALA P 25 35.92 -61.26 55.57
CA ALA P 25 36.16 -60.33 56.66
C ALA P 25 35.18 -60.50 57.82
N SER P 26 33.90 -60.72 57.53
CA SER P 26 32.90 -60.87 58.58
C SER P 26 31.68 -61.58 58.00
N ILE P 27 31.00 -62.34 58.85
CA ILE P 27 29.73 -62.99 58.52
C ILE P 27 28.70 -62.54 59.54
N GLU P 28 27.53 -62.13 59.06
CA GLU P 28 26.48 -61.65 59.94
C GLU P 28 25.68 -62.81 60.49
N GLN P 29 25.40 -62.76 61.80
CA GLN P 29 24.69 -63.83 62.49
C GLN P 29 23.21 -63.51 62.69
N GLY P 30 22.71 -62.44 62.09
CA GLY P 30 21.31 -62.09 62.27
C GLY P 30 20.36 -63.00 61.51
N GLY P 31 20.72 -63.33 60.27
CA GLY P 31 19.91 -64.25 59.49
C GLY P 31 18.77 -63.64 58.71
N THR P 32 18.69 -62.30 58.64
CA THR P 32 17.64 -61.64 57.89
C THR P 32 18.16 -60.54 56.97
N SER P 33 19.47 -60.51 56.71
CA SER P 33 20.07 -59.44 55.94
C SER P 33 20.30 -59.78 54.48
N ARG P 34 20.23 -61.07 54.12
CA ARG P 34 20.23 -61.64 52.77
C ARG P 34 21.54 -61.45 52.00
N TYR P 35 22.50 -60.71 52.55
CA TYR P 35 23.88 -60.67 52.04
C TYR P 35 24.79 -60.59 53.24
N PRO P 36 25.00 -61.70 53.94
CA PRO P 36 25.71 -61.64 55.23
C PRO P 36 27.21 -61.50 55.09
N VAL P 37 27.83 -62.28 54.22
CA VAL P 37 29.28 -62.43 54.21
C VAL P 37 29.94 -61.25 53.50
N ILE P 38 30.88 -60.61 54.18
CA ILE P 38 31.65 -59.50 53.64
C ILE P 38 33.04 -60.02 53.34
N VAL P 39 33.40 -60.03 52.06
CA VAL P 39 34.68 -60.55 51.61
C VAL P 39 35.52 -59.40 51.09
N ARG P 40 36.80 -59.40 51.46
CA ARG P 40 37.73 -58.34 51.11
C ARG P 40 38.70 -58.84 50.06
N PHE P 41 38.87 -58.07 48.99
CA PHE P 41 39.72 -58.44 47.88
C PHE P 41 40.99 -57.60 47.87
N ASP P 42 41.99 -58.07 47.14
CA ASP P 42 43.28 -57.42 47.08
C ASP P 42 43.43 -56.45 45.91
N LYS P 43 42.42 -56.33 45.07
CA LYS P 43 42.44 -55.36 43.98
C LYS P 43 41.16 -54.56 44.00
N VAL P 44 41.29 -53.23 43.90
CA VAL P 44 40.12 -52.37 43.87
C VAL P 44 39.37 -52.54 42.56
N ASN P 45 38.09 -52.21 42.55
CA ASN P 45 37.30 -52.46 41.35
C ASN P 45 37.50 -51.36 40.31
N TYR P 46 37.02 -50.15 40.58
CA TYR P 46 37.13 -49.06 39.62
C TYR P 46 37.04 -47.77 40.43
N ALA P 47 38.21 -47.21 40.76
CA ALA P 47 38.38 -46.02 41.61
C ALA P 47 37.60 -46.17 42.92
N GLY P 48 37.96 -47.19 43.69
CA GLY P 48 37.22 -47.37 44.91
C GLY P 48 37.45 -48.63 45.71
N VAL P 49 36.33 -49.28 46.04
CA VAL P 49 36.28 -50.22 47.15
C VAL P 49 36.96 -51.54 46.76
N ASN P 50 37.33 -52.30 47.79
CA ASN P 50 37.75 -53.68 47.62
C ASN P 50 36.96 -54.64 48.49
N THR P 51 36.00 -54.13 49.27
CA THR P 51 35.09 -54.95 50.05
C THR P 51 33.70 -54.91 49.45
N ASN P 52 32.98 -56.02 49.54
CA ASN P 52 31.62 -56.07 49.02
C ASN P 52 30.86 -57.15 49.74
N ASN P 53 29.59 -56.87 50.02
CA ASN P 53 28.70 -57.83 50.67
C ASN P 53 28.21 -58.86 49.65
N PHE P 54 28.21 -60.13 50.05
CA PHE P 54 27.84 -61.20 49.16
C PHE P 54 26.89 -62.15 49.86
N ALA P 55 26.26 -63.02 49.07
CA ALA P 55 25.46 -64.10 49.63
C ALA P 55 26.34 -65.32 49.85
N GLN P 56 25.74 -66.39 50.34
CA GLN P 56 26.48 -67.63 50.57
C GLN P 56 26.29 -68.65 49.46
N ASP P 57 25.30 -68.47 48.59
CA ASP P 57 25.07 -69.37 47.48
C ASP P 57 25.92 -69.05 46.26
N GLU P 58 26.56 -67.88 46.23
CA GLU P 58 27.40 -67.46 45.12
C GLU P 58 28.88 -67.46 45.48
N LEU P 59 29.26 -68.17 46.54
CA LEU P 59 30.64 -68.19 47.03
C LEU P 59 31.12 -69.63 47.11
N VAL P 60 32.25 -69.92 46.48
CA VAL P 60 32.87 -71.24 46.53
C VAL P 60 34.27 -71.08 47.12
N GLU P 61 34.50 -71.70 48.26
CA GLU P 61 35.79 -71.59 48.94
C GLU P 61 36.87 -72.36 48.21
N VAL P 62 38.10 -71.88 48.34
CA VAL P 62 39.25 -72.52 47.72
C VAL P 62 40.17 -73.19 48.74
N GLU P 63 40.11 -72.79 50.01
CA GLU P 63 40.87 -73.43 51.09
C GLU P 63 40.27 -73.08 52.45
N ASN Q 25 65.63 -66.79 -8.74
CA ASN Q 25 64.66 -67.08 -9.80
C ASN Q 25 64.08 -65.78 -10.37
N THR Q 26 63.79 -64.84 -9.47
CA THR Q 26 63.14 -63.58 -9.79
C THR Q 26 64.16 -62.67 -10.48
N THR Q 27 63.73 -61.45 -10.84
CA THR Q 27 64.60 -60.46 -11.46
C THR Q 27 65.53 -59.78 -10.47
N LEU Q 28 65.54 -60.19 -9.21
CA LEU Q 28 66.42 -59.63 -8.19
C LEU Q 28 67.82 -60.19 -8.42
N VAL Q 29 68.56 -59.51 -9.29
CA VAL Q 29 69.97 -59.79 -9.58
C VAL Q 29 70.77 -59.43 -8.34
N PRO Q 30 71.86 -60.15 -8.01
CA PRO Q 30 72.77 -59.68 -6.97
C PRO Q 30 73.39 -58.33 -7.30
N CYS Q 31 73.83 -57.59 -6.27
CA CYS Q 31 74.33 -56.24 -6.43
C CYS Q 31 75.75 -56.20 -6.99
N TYR Q 32 76.36 -57.35 -7.21
CA TYR Q 32 77.64 -57.45 -7.91
C TYR Q 32 77.53 -57.08 -9.37
N LYS Q 33 76.58 -57.67 -10.09
CA LYS Q 33 76.40 -57.43 -11.52
C LYS Q 33 75.12 -56.65 -11.82
N SER Q 34 74.58 -55.95 -10.85
CA SER Q 34 73.45 -55.07 -11.11
C SER Q 34 73.96 -53.76 -11.69
N PRO Q 35 73.49 -53.36 -12.89
CA PRO Q 35 74.05 -52.17 -13.55
C PRO Q 35 73.58 -50.84 -12.96
N ALA Q 36 72.72 -50.85 -11.94
CA ALA Q 36 72.28 -49.60 -11.31
C ALA Q 36 72.83 -49.42 -9.90
N PHE Q 37 73.45 -50.46 -9.33
CA PHE Q 37 74.06 -50.38 -8.01
C PHE Q 37 75.50 -49.91 -8.06
N VAL Q 38 76.19 -50.15 -9.19
CA VAL Q 38 77.59 -49.79 -9.27
C VAL Q 38 77.77 -48.28 -9.40
N GLU Q 39 76.70 -47.56 -9.80
CA GLU Q 39 76.76 -46.11 -9.78
C GLU Q 39 76.63 -45.57 -8.36
N ARG Q 40 75.94 -46.30 -7.48
CA ARG Q 40 75.91 -45.90 -6.07
C ARG Q 40 77.26 -46.11 -5.42
N MET Q 41 78.08 -47.00 -5.98
CA MET Q 41 79.46 -47.15 -5.50
C MET Q 41 80.44 -46.32 -6.33
N LYS Q 42 80.01 -45.81 -7.50
CA LYS Q 42 80.89 -44.97 -8.31
C LYS Q 42 81.08 -43.58 -7.74
N ASN Q 43 80.00 -42.78 -7.71
CA ASN Q 43 80.10 -41.45 -7.11
C ASN Q 43 79.46 -41.47 -5.72
N ALA Q 44 80.30 -41.42 -4.70
CA ALA Q 44 79.85 -41.57 -3.32
C ALA Q 44 80.86 -40.87 -2.42
N PRO Q 45 80.43 -40.45 -1.22
CA PRO Q 45 81.41 -40.01 -0.21
C PRO Q 45 82.13 -41.19 0.45
N ASP Q 46 82.94 -40.92 1.46
CA ASP Q 46 83.79 -41.98 1.99
C ASP Q 46 83.41 -42.43 3.40
N SER Q 47 83.12 -41.46 4.29
CA SER Q 47 83.56 -41.46 5.69
C SER Q 47 83.48 -42.77 6.47
N TYR Q 48 82.28 -43.25 6.77
CA TYR Q 48 82.13 -44.55 7.40
C TYR Q 48 80.83 -45.22 6.99
N TYR Q 49 80.05 -44.53 6.16
CA TYR Q 49 78.66 -44.86 5.94
C TYR Q 49 78.38 -45.28 4.52
N THR Q 50 79.28 -45.01 3.58
CA THR Q 50 79.09 -45.30 2.17
C THR Q 50 80.33 -45.95 1.56
N THR Q 51 81.22 -46.52 2.38
CA THR Q 51 82.27 -47.33 1.78
C THR Q 51 82.27 -48.78 2.24
N LYS Q 52 82.43 -49.02 3.53
CA LYS Q 52 82.46 -50.39 4.02
C LYS Q 52 81.06 -50.99 4.16
N PRO Q 53 80.03 -50.28 4.64
CA PRO Q 53 78.67 -50.83 4.49
C PRO Q 53 78.13 -50.85 3.07
N LEU Q 54 78.78 -50.24 2.07
CA LEU Q 54 78.28 -50.38 0.71
C LEU Q 54 78.88 -51.56 -0.03
N LYS Q 55 80.12 -51.95 0.27
CA LYS Q 55 80.68 -53.16 -0.32
C LYS Q 55 80.24 -54.41 0.41
N ALA Q 56 79.63 -54.27 1.59
CA ALA Q 56 78.99 -55.39 2.26
C ALA Q 56 77.57 -55.62 1.79
N TYR Q 57 76.99 -54.65 1.06
CA TYR Q 57 75.67 -54.83 0.47
C TYR Q 57 75.76 -55.46 -0.90
N SER Q 58 76.96 -55.82 -1.35
CA SER Q 58 77.17 -56.32 -2.71
C SER Q 58 76.64 -57.73 -2.89
N GLN Q 59 76.55 -58.49 -1.80
CA GLN Q 59 76.07 -59.87 -1.91
C GLN Q 59 74.56 -59.94 -1.68
N LEU Q 60 73.88 -58.80 -1.80
CA LEU Q 60 72.45 -58.72 -1.55
C LEU Q 60 71.70 -58.59 -2.86
N LEU Q 61 70.50 -59.15 -2.91
CA LEU Q 61 69.68 -59.10 -4.12
C LEU Q 61 69.09 -57.71 -4.28
N CYS Q 62 69.20 -57.13 -5.47
CA CYS Q 62 68.71 -55.79 -5.73
C CYS Q 62 68.05 -55.72 -7.10
N GLY Q 63 66.98 -54.94 -7.20
CA GLY Q 63 66.16 -54.87 -8.39
C GLY Q 63 66.77 -54.04 -9.50
N GLU Q 64 65.90 -53.41 -10.28
CA GLU Q 64 66.32 -52.64 -11.45
C GLU Q 64 66.68 -51.20 -11.10
N ASP Q 65 66.67 -50.83 -9.82
CA ASP Q 65 67.05 -49.49 -9.40
C ASP Q 65 68.20 -49.48 -8.40
N GLY Q 66 68.84 -50.62 -8.16
CA GLY Q 66 70.03 -50.67 -7.33
C GLY Q 66 69.78 -50.48 -5.85
N LEU Q 67 68.72 -51.09 -5.31
CA LEU Q 67 68.41 -51.02 -3.90
C LEU Q 67 68.27 -52.43 -3.36
N PRO Q 68 69.02 -52.80 -2.31
CA PRO Q 68 69.08 -54.21 -1.90
C PRO Q 68 67.81 -54.74 -1.27
N ARG Q 69 67.10 -55.58 -2.02
CA ARG Q 69 65.83 -56.12 -1.59
C ARG Q 69 66.04 -57.31 -0.66
N ILE Q 70 64.94 -57.74 -0.03
CA ILE Q 70 64.94 -58.87 0.89
C ILE Q 70 63.94 -59.88 0.34
N ALA Q 71 64.43 -60.87 -0.38
CA ALA Q 71 63.59 -61.92 -0.92
C ALA Q 71 63.67 -63.17 -0.05
N LEU Q 72 62.75 -64.09 -0.29
CA LEU Q 72 62.68 -65.35 0.46
C LEU Q 72 62.82 -66.50 -0.53
N ASP Q 73 64.01 -67.09 -0.61
CA ASP Q 73 64.30 -68.23 -1.44
C ASP Q 73 64.34 -69.48 -0.58
N ARG Q 74 64.67 -70.63 -1.17
CA ARG Q 74 64.62 -71.88 -0.43
C ARG Q 74 65.85 -72.08 0.46
N LEU Q 75 67.02 -72.14 -0.14
CA LEU Q 75 68.24 -72.52 0.55
C LEU Q 75 69.33 -71.45 0.51
N SER Q 76 69.35 -70.62 -0.53
CA SER Q 76 70.40 -69.61 -0.63
C SER Q 76 70.22 -68.51 0.42
N LEU Q 77 68.99 -68.28 0.86
CA LEU Q 77 68.70 -67.39 1.98
C LEU Q 77 67.85 -68.11 3.02
N ALA Q 78 68.21 -69.36 3.33
CA ALA Q 78 67.51 -70.09 4.39
C ALA Q 78 67.95 -69.59 5.76
N VAL Q 79 69.25 -69.69 6.06
CA VAL Q 79 69.77 -69.13 7.30
C VAL Q 79 70.07 -67.65 7.20
N ASP Q 80 70.10 -67.09 5.99
CA ASP Q 80 70.28 -65.65 5.85
C ASP Q 80 69.04 -64.88 6.28
N VAL Q 81 67.88 -65.52 6.30
CA VAL Q 81 66.68 -64.91 6.85
C VAL Q 81 66.40 -65.38 8.27
N ALA Q 82 67.00 -66.49 8.70
CA ALA Q 82 66.71 -67.10 10.00
C ALA Q 82 67.60 -66.58 11.12
N ILE Q 83 68.66 -65.84 10.81
CA ILE Q 83 69.41 -65.15 11.85
C ILE Q 83 68.61 -63.97 12.41
N PRO Q 84 67.93 -63.09 11.64
CA PRO Q 84 67.08 -62.09 12.31
C PRO Q 84 65.87 -62.66 13.03
N ILE Q 85 65.42 -63.87 12.72
CA ILE Q 85 64.37 -64.49 13.52
C ILE Q 85 64.94 -64.95 14.86
N ALA Q 86 65.94 -65.82 14.81
CA ALA Q 86 66.41 -66.50 16.01
C ALA Q 86 67.20 -65.60 16.94
N ILE Q 87 67.84 -64.55 16.41
CA ILE Q 87 68.51 -63.61 17.30
C ILE Q 87 67.50 -62.71 17.98
N PHE Q 88 66.48 -62.24 17.26
CA PHE Q 88 65.49 -61.36 17.90
C PHE Q 88 64.60 -62.14 18.86
N LEU Q 89 64.00 -63.24 18.39
CA LEU Q 89 62.97 -63.94 19.16
C LEU Q 89 63.52 -64.59 20.41
N TYR Q 90 64.84 -64.78 20.50
CA TYR Q 90 65.44 -65.15 21.78
C TYR Q 90 65.37 -63.99 22.77
N THR Q 91 65.91 -62.83 22.40
CA THR Q 91 65.83 -61.65 23.25
C THR Q 91 64.55 -60.84 23.04
N ALA Q 92 63.53 -61.43 22.44
CA ALA Q 92 62.16 -60.99 22.67
C ALA Q 92 61.53 -61.72 23.84
N GLY Q 93 61.74 -63.03 23.90
CA GLY Q 93 61.35 -63.86 25.02
C GLY Q 93 62.36 -63.92 26.14
N PHE Q 94 63.39 -63.08 26.09
CA PHE Q 94 64.26 -62.86 27.23
C PHE Q 94 63.84 -61.65 28.04
N ILE Q 95 63.32 -60.62 27.39
CA ILE Q 95 62.68 -59.53 28.10
C ILE Q 95 61.36 -59.98 28.69
N GLY Q 96 60.62 -60.81 27.95
CA GLY Q 96 59.30 -61.22 28.41
C GLY Q 96 59.35 -62.26 29.51
N TRP Q 97 60.35 -63.14 29.48
CA TRP Q 97 60.42 -64.17 30.52
C TRP Q 97 61.03 -63.65 31.82
N SER Q 98 61.93 -62.67 31.73
CA SER Q 98 62.43 -62.07 32.96
C SER Q 98 61.43 -61.11 33.56
N GLY Q 99 60.48 -60.62 32.77
CA GLY Q 99 59.42 -59.78 33.29
C GLY Q 99 58.28 -60.61 33.84
N ARG Q 100 58.10 -61.81 33.29
CA ARG Q 100 57.09 -62.71 33.82
C ARG Q 100 57.55 -63.38 35.10
N SER Q 101 58.80 -63.83 35.14
CA SER Q 101 59.32 -64.47 36.34
C SER Q 101 59.65 -63.48 37.44
N TYR Q 102 59.67 -62.18 37.17
CA TYR Q 102 59.78 -61.20 38.24
C TYR Q 102 58.43 -60.91 38.86
N LEU Q 103 57.37 -60.82 38.04
CA LEU Q 103 56.04 -60.58 38.57
C LEU Q 103 55.51 -61.77 39.34
N GLN Q 104 55.96 -62.98 38.99
CA GLN Q 104 55.59 -64.16 39.77
C GLN Q 104 56.44 -64.30 41.02
N ALA Q 105 57.65 -63.73 41.04
CA ALA Q 105 58.47 -63.79 42.24
C ALA Q 105 57.92 -62.88 43.32
N ILE Q 106 57.49 -61.67 42.94
CA ILE Q 106 57.03 -60.70 43.93
C ILE Q 106 55.58 -60.92 44.35
N LYS Q 107 54.87 -61.87 43.75
CA LYS Q 107 53.53 -62.19 44.21
C LYS Q 107 53.51 -63.35 45.19
N LYS Q 108 54.57 -64.17 45.21
CA LYS Q 108 54.72 -65.15 46.28
C LYS Q 108 55.32 -64.54 47.53
N GLN Q 109 55.89 -63.34 47.43
CA GLN Q 109 56.36 -62.61 48.61
C GLN Q 109 55.28 -61.76 49.25
N ASP Q 110 54.09 -61.71 48.63
CA ASP Q 110 52.91 -60.99 49.12
C ASP Q 110 53.18 -59.50 49.32
N LYS Q 111 53.98 -58.91 48.41
CA LYS Q 111 54.28 -57.48 48.49
C LYS Q 111 54.32 -56.85 47.11
N ALA Q 112 53.54 -57.39 46.17
CA ALA Q 112 53.58 -57.01 44.76
C ALA Q 112 53.06 -55.60 44.49
N GLU Q 113 52.31 -55.00 45.41
CA GLU Q 113 51.83 -53.65 45.20
C GLU Q 113 52.97 -52.64 45.24
N GLU Q 114 53.95 -52.89 46.09
CA GLU Q 114 55.04 -51.95 46.32
C GLU Q 114 56.35 -52.37 45.67
N LYS Q 115 56.47 -53.61 45.21
CA LYS Q 115 57.68 -54.04 44.53
C LYS Q 115 57.65 -53.75 43.03
N GLU Q 116 56.52 -53.30 42.49
CA GLU Q 116 56.44 -52.97 41.08
C GLU Q 116 56.85 -51.53 40.80
N VAL Q 117 56.72 -50.65 41.78
CA VAL Q 117 57.23 -49.29 41.69
C VAL Q 117 58.70 -49.24 42.07
N PHE Q 118 59.07 -49.82 43.19
CA PHE Q 118 60.46 -49.88 43.61
C PHE Q 118 61.02 -51.24 43.22
N ILE Q 119 61.70 -51.27 42.08
CA ILE Q 119 62.15 -52.52 41.47
C ILE Q 119 63.27 -53.12 42.32
N ASP Q 120 63.05 -54.34 42.79
CA ASP Q 120 64.04 -55.02 43.62
C ASP Q 120 65.07 -55.66 42.70
N VAL Q 121 66.07 -54.86 42.33
CA VAL Q 121 67.12 -55.25 41.39
C VAL Q 121 68.01 -56.44 41.79
N PRO Q 122 68.19 -56.84 43.06
CA PRO Q 122 68.82 -58.16 43.29
C PRO Q 122 67.97 -59.33 42.85
N LEU Q 123 66.65 -59.17 42.76
CA LEU Q 123 65.78 -60.25 42.31
C LEU Q 123 65.53 -60.19 40.81
N PHE Q 124 65.44 -58.99 40.25
CA PHE Q 124 65.20 -58.84 38.82
C PHE Q 124 66.39 -59.30 38.00
N ILE Q 125 67.61 -59.17 38.53
CA ILE Q 125 68.77 -59.75 37.88
C ILE Q 125 68.80 -61.27 38.10
N SER Q 126 68.34 -61.73 39.26
CA SER Q 126 68.24 -63.17 39.50
C SER Q 126 67.18 -63.82 38.63
N CYS Q 127 66.11 -63.09 38.29
CA CYS Q 127 65.11 -63.56 37.35
C CYS Q 127 65.46 -63.26 35.90
N MET Q 128 66.55 -62.55 35.66
CA MET Q 128 67.08 -62.36 34.31
C MET Q 128 67.99 -63.49 33.90
N VAL Q 129 68.88 -63.94 34.79
CA VAL Q 129 69.75 -65.07 34.48
C VAL Q 129 69.04 -66.41 34.58
N MET Q 130 67.81 -66.44 35.08
CA MET Q 130 66.97 -67.63 34.93
C MET Q 130 66.25 -67.64 33.61
N ALA Q 131 66.17 -66.50 32.93
CA ALA Q 131 65.53 -66.38 31.62
C ALA Q 131 66.52 -66.46 30.47
N LEU Q 132 67.81 -66.68 30.76
CA LEU Q 132 68.80 -66.84 29.70
C LEU Q 132 68.65 -68.18 28.98
N PHE Q 133 68.05 -69.16 29.62
CA PHE Q 133 67.73 -70.45 29.01
C PHE Q 133 66.23 -70.68 28.98
N TRP Q 134 65.48 -69.64 28.63
CA TRP Q 134 64.03 -69.71 28.59
C TRP Q 134 63.38 -70.65 27.55
N PRO Q 135 63.95 -71.00 26.38
CA PRO Q 135 63.26 -71.99 25.54
C PRO Q 135 63.22 -73.38 26.14
N MET Q 136 64.22 -73.75 26.93
CA MET Q 136 64.19 -74.98 27.71
C MET Q 136 63.62 -74.78 29.10
N ALA Q 137 62.84 -73.73 29.31
CA ALA Q 137 62.21 -73.47 30.59
C ALA Q 137 60.73 -73.19 30.40
N VAL Q 138 60.35 -72.73 29.21
CA VAL Q 138 58.93 -72.58 28.87
C VAL Q 138 58.29 -73.95 28.68
N ILE Q 139 58.95 -74.83 27.92
CA ILE Q 139 58.43 -76.17 27.67
C ILE Q 139 58.49 -77.07 28.89
N LYS Q 140 59.23 -76.68 29.93
CA LYS Q 140 59.11 -77.38 31.21
C LYS Q 140 57.87 -76.95 31.97
N GLU Q 141 57.23 -75.85 31.57
CA GLU Q 141 55.96 -75.42 32.14
C GLU Q 141 54.77 -75.65 31.22
N LEU Q 142 55.00 -75.91 29.93
CA LEU Q 142 53.90 -76.30 29.06
C LEU Q 142 53.47 -77.74 29.33
N LEU Q 143 54.42 -78.67 29.41
CA LEU Q 143 54.09 -80.05 29.71
C LEU Q 143 53.69 -80.25 31.16
N ALA Q 144 54.08 -79.34 32.05
CA ALA Q 144 53.61 -79.36 33.42
C ALA Q 144 52.32 -78.56 33.61
N GLY Q 145 51.85 -77.88 32.57
CA GLY Q 145 50.58 -77.18 32.63
C GLY Q 145 50.58 -75.93 33.48
N GLU Q 146 51.73 -75.30 33.68
CA GLU Q 146 51.83 -74.14 34.56
C GLU Q 146 52.09 -72.85 33.81
N LEU Q 147 52.11 -72.87 32.48
CA LEU Q 147 52.29 -71.62 31.75
C LEU Q 147 51.01 -70.82 31.69
N VAL Q 148 49.89 -71.47 31.45
CA VAL Q 148 48.61 -70.81 31.32
C VAL Q 148 47.84 -70.95 32.63
N ALA Q 149 46.96 -69.98 32.89
CA ALA Q 149 46.01 -70.07 33.97
C ALA Q 149 44.70 -70.65 33.45
N LYS Q 150 44.03 -71.45 34.28
CA LYS Q 150 42.85 -72.14 33.81
C LYS Q 150 41.66 -71.18 33.84
N ASP Q 151 40.70 -71.44 32.94
CA ASP Q 151 39.67 -70.47 32.59
C ASP Q 151 38.72 -70.12 33.73
N GLU Q 152 38.62 -70.98 34.75
CA GLU Q 152 37.77 -70.71 35.89
C GLU Q 152 38.49 -69.99 37.03
N GLU Q 153 39.71 -69.51 36.78
CA GLU Q 153 40.43 -68.71 37.76
C GLU Q 153 40.80 -67.33 37.23
N ILE Q 154 40.29 -66.95 36.07
CA ILE Q 154 40.60 -65.69 35.41
C ILE Q 154 39.36 -64.81 35.46
N PRO Q 155 39.46 -63.54 35.87
CA PRO Q 155 38.28 -62.67 35.89
C PRO Q 155 37.78 -62.34 34.50
N ILE Q 156 36.47 -62.44 34.33
CA ILE Q 156 35.81 -62.17 33.05
C ILE Q 156 34.62 -61.25 33.30
N SER Q 157 33.84 -61.00 32.28
CA SER Q 157 32.66 -60.17 32.36
C SER Q 157 31.40 -61.03 32.28
N VAL Q 158 30.24 -60.38 32.24
CA VAL Q 158 28.97 -61.09 32.07
C VAL Q 158 28.84 -61.49 30.60
N ARG Q 159 29.00 -62.79 30.34
CA ARG Q 159 29.10 -63.27 28.98
C ARG Q 159 28.12 -64.41 28.72
N MET R 5 31.44 -17.06 -23.85
CA MET R 5 30.34 -16.11 -23.90
C MET R 5 30.22 -15.37 -22.57
N THR R 6 29.35 -14.36 -22.53
CA THR R 6 29.13 -13.57 -21.32
C THR R 6 27.78 -13.83 -20.69
N GLN R 7 27.08 -14.89 -21.10
CA GLN R 7 25.71 -15.12 -20.69
C GLN R 7 25.46 -16.62 -20.59
N LEU R 8 24.50 -16.99 -19.75
CA LEU R 8 24.10 -18.38 -19.62
C LEU R 8 23.06 -18.68 -20.68
N THR R 9 23.46 -19.41 -21.71
CA THR R 9 22.54 -19.83 -22.75
C THR R 9 22.30 -21.32 -22.63
N GLY R 10 21.51 -21.84 -23.55
CA GLY R 10 21.35 -23.27 -23.65
C GLY R 10 21.14 -23.73 -25.08
N ASP R 11 21.98 -24.62 -25.56
CA ASP R 11 21.76 -25.21 -26.87
C ASP R 11 20.70 -26.29 -26.85
N TYR R 12 20.44 -26.87 -25.69
CA TYR R 12 19.50 -27.97 -25.56
C TYR R 12 18.07 -27.47 -25.75
N ALA R 13 17.17 -28.42 -25.91
CA ALA R 13 15.76 -28.11 -26.09
C ALA R 13 15.15 -27.57 -24.82
N ALA R 14 14.20 -26.66 -24.98
CA ALA R 14 13.54 -25.93 -23.88
C ALA R 14 14.57 -25.27 -22.95
N SER R 15 15.40 -24.43 -23.54
CA SER R 15 16.45 -23.76 -22.78
C SER R 15 15.92 -22.64 -21.89
N TRP R 16 14.64 -22.27 -22.04
CA TRP R 16 14.00 -21.36 -21.11
C TRP R 16 13.64 -22.04 -19.80
N LEU R 17 13.69 -23.35 -19.74
CA LEU R 17 13.21 -24.09 -18.59
C LEU R 17 14.18 -24.09 -17.41
N PRO R 18 15.52 -24.18 -17.57
CA PRO R 18 16.38 -23.86 -16.42
C PRO R 18 16.35 -22.42 -16.00
N TRP R 19 15.90 -21.51 -16.85
CA TRP R 19 15.82 -20.09 -16.50
C TRP R 19 14.82 -19.84 -15.40
N ILE R 20 13.78 -20.67 -15.31
CA ILE R 20 12.76 -20.51 -14.28
C ILE R 20 12.82 -21.62 -13.23
N MET R 21 13.31 -22.81 -13.57
CA MET R 21 13.30 -23.90 -12.60
C MET R 21 14.45 -23.81 -11.60
N ILE R 22 15.53 -23.11 -11.94
CA ILE R 22 16.63 -22.93 -11.01
C ILE R 22 16.31 -21.84 -9.99
N PRO R 23 15.71 -20.68 -10.34
CA PRO R 23 15.20 -19.80 -9.28
C PRO R 23 14.04 -20.37 -8.50
N LEU R 24 13.26 -21.27 -9.08
CA LEU R 24 12.08 -21.78 -8.40
C LEU R 24 12.47 -22.69 -7.25
N VAL R 25 13.14 -23.80 -7.55
CA VAL R 25 13.40 -24.81 -6.53
C VAL R 25 14.52 -24.45 -5.58
N PHE R 26 15.20 -23.32 -5.78
CA PHE R 26 16.37 -23.01 -4.96
C PHE R 26 16.22 -21.77 -4.10
N TYR R 27 15.51 -20.73 -4.55
CA TYR R 27 15.30 -19.61 -3.65
C TYR R 27 13.91 -19.00 -3.66
N ILE R 28 13.00 -19.47 -4.49
CA ILE R 28 11.63 -18.97 -4.50
C ILE R 28 10.69 -19.93 -3.79
N LEU R 29 10.71 -21.20 -4.16
CA LEU R 29 9.93 -22.22 -3.47
C LEU R 29 10.38 -22.71 -2.09
N PRO R 30 11.69 -22.79 -1.72
CA PRO R 30 11.99 -23.38 -0.41
C PRO R 30 11.54 -22.58 0.80
N PHE R 31 11.38 -21.27 0.70
CA PHE R 31 10.91 -20.56 1.89
C PHE R 31 9.41 -20.78 2.10
N PRO R 32 8.58 -20.89 1.05
CA PRO R 32 7.30 -21.59 1.24
C PRO R 32 7.42 -23.01 1.76
N VAL R 33 8.38 -23.78 1.28
CA VAL R 33 8.49 -25.18 1.69
C VAL R 33 8.96 -25.28 3.15
N PHE R 34 9.90 -24.43 3.54
CA PHE R 34 10.32 -24.38 4.94
C PHE R 34 9.26 -23.77 5.85
N ALA R 35 8.25 -23.11 5.31
CA ALA R 35 7.12 -22.67 6.11
C ALA R 35 6.16 -23.81 6.36
N ILE R 36 5.84 -24.57 5.31
CA ILE R 36 4.94 -25.72 5.43
C ILE R 36 5.60 -26.81 6.26
N LEU R 37 6.90 -26.98 6.11
CA LEU R 37 7.65 -27.97 6.90
C LEU R 37 7.89 -27.51 8.32
N PHE R 38 7.54 -26.28 8.67
CA PHE R 38 7.61 -25.77 10.03
C PHE R 38 6.25 -25.78 10.70
N LEU R 39 5.17 -25.80 9.94
CA LEU R 39 3.83 -25.75 10.50
C LEU R 39 3.31 -27.10 10.95
N TRP R 40 3.98 -28.20 10.60
CA TRP R 40 3.62 -29.48 11.18
C TRP R 40 4.63 -29.97 12.18
N ILE R 41 5.85 -29.45 12.15
CA ILE R 41 6.82 -29.72 13.21
C ILE R 41 6.37 -29.09 14.51
N GLN R 42 5.89 -27.86 14.46
CA GLN R 42 5.45 -27.14 15.65
C GLN R 42 3.93 -27.08 15.75
N LYS R 43 3.24 -28.14 15.37
CA LYS R 43 1.78 -28.18 15.45
C LYS R 43 1.37 -28.93 16.70
N GLU R 44 0.42 -28.35 17.44
CA GLU R 44 0.03 -28.88 18.75
C GLU R 44 -1.02 -29.97 18.63
N ALA R 45 -0.95 -30.91 19.56
CA ALA R 45 -1.96 -31.95 19.72
C ALA R 45 -2.91 -31.57 20.85
N SER R 46 -4.13 -32.07 20.75
CA SER R 46 -5.15 -31.79 21.77
C SER R 46 -5.82 -33.08 22.23
N GLU S 2 70.20 -39.51 55.47
CA GLU S 2 70.72 -40.88 55.50
C GLU S 2 70.94 -41.42 54.10
N ALA S 3 72.16 -41.89 53.83
CA ALA S 3 72.53 -42.38 52.51
C ALA S 3 72.09 -43.83 52.27
N ARG S 4 71.40 -44.45 53.22
CA ARG S 4 70.86 -45.78 53.02
C ARG S 4 69.44 -45.76 52.47
N TYR S 5 68.79 -44.60 52.47
CA TYR S 5 67.53 -44.39 51.78
C TYR S 5 67.74 -43.74 50.42
N LEU S 6 68.97 -43.45 50.05
CA LEU S 6 69.24 -42.85 48.75
C LEU S 6 69.18 -43.90 47.64
N PHE S 7 69.91 -45.01 47.80
CA PHE S 7 69.87 -46.04 46.78
C PHE S 7 68.61 -46.89 46.85
N ARG S 8 67.79 -46.72 47.87
CA ARG S 8 66.45 -47.27 47.91
C ARG S 8 65.47 -46.38 47.14
N TYR S 9 65.90 -45.17 46.75
CA TYR S 9 65.20 -44.34 45.80
C TYR S 9 65.69 -44.54 44.37
N LEU S 10 66.98 -44.82 44.19
CA LEU S 10 67.53 -45.08 42.86
C LEU S 10 67.14 -46.45 42.32
N SER S 11 66.45 -47.27 43.09
CA SER S 11 65.88 -48.53 42.60
C SER S 11 64.40 -48.41 42.33
N SER S 12 63.86 -47.20 42.25
CA SER S 12 62.45 -47.00 41.95
C SER S 12 62.20 -47.14 40.45
N ALA S 13 60.96 -46.87 40.05
CA ALA S 13 60.56 -47.15 38.66
C ALA S 13 61.15 -46.18 37.63
N PRO S 14 61.05 -44.84 37.75
CA PRO S 14 61.61 -44.00 36.68
C PRO S 14 63.11 -43.97 36.68
N VAL S 15 63.78 -44.33 37.77
CA VAL S 15 65.23 -44.31 37.79
C VAL S 15 65.78 -45.51 37.04
N VAL S 16 65.33 -46.72 37.38
CA VAL S 16 65.84 -47.90 36.69
C VAL S 16 65.26 -48.08 35.30
N ALA S 17 64.26 -47.28 34.91
CA ALA S 17 63.77 -47.26 33.54
C ALA S 17 64.19 -45.98 32.82
N THR S 18 65.09 -45.19 33.40
CA THR S 18 65.88 -44.23 32.64
C THR S 18 67.33 -44.64 32.55
N LEU S 19 67.80 -45.53 33.43
CA LEU S 19 69.04 -46.24 33.21
C LEU S 19 68.84 -47.52 32.41
N ALA S 20 67.59 -47.84 32.06
CA ALA S 20 67.31 -48.85 31.05
C ALA S 20 67.20 -48.24 29.66
N LEU S 21 67.67 -47.02 29.49
CA LEU S 21 67.85 -46.39 28.18
C LEU S 21 69.26 -45.92 27.94
N ILE S 22 70.03 -45.65 29.00
CA ILE S 22 71.45 -45.38 28.84
C ILE S 22 72.24 -46.69 28.79
N ILE S 23 71.68 -47.77 29.31
CA ILE S 23 72.25 -49.09 29.04
C ILE S 23 71.86 -49.54 27.63
N ILE S 24 70.82 -48.92 27.04
CA ILE S 24 70.48 -49.16 25.64
C ILE S 24 71.08 -48.00 24.83
N SER S 25 72.16 -47.42 25.36
CA SER S 25 73.15 -46.74 24.54
C SER S 25 74.29 -47.67 24.16
N VAL S 26 74.10 -48.98 24.32
CA VAL S 26 75.02 -49.93 23.71
C VAL S 26 74.61 -50.19 22.27
N ILE S 27 73.43 -49.69 21.86
CA ILE S 27 73.12 -49.66 20.44
C ILE S 27 73.79 -48.46 19.79
N LEU S 28 74.29 -47.53 20.59
CA LEU S 28 75.14 -46.48 20.06
C LEU S 28 76.54 -47.00 19.79
N ILE S 29 77.05 -47.86 20.67
CA ILE S 29 78.39 -48.36 20.46
C ILE S 29 78.40 -49.54 19.49
N VAL S 30 77.30 -50.29 19.35
CA VAL S 30 77.26 -51.38 18.39
C VAL S 30 76.90 -50.86 16.99
N LEU S 31 76.54 -49.57 16.90
CA LEU S 31 76.41 -48.92 15.60
C LEU S 31 77.41 -47.79 15.42
N ASN S 32 78.51 -47.75 16.16
CA ASN S 32 79.61 -46.82 15.96
C ASN S 32 80.80 -47.50 15.27
N TYR S 33 81.29 -48.58 15.85
CA TYR S 33 82.45 -49.28 15.28
C TYR S 33 82.09 -50.53 14.50
N LEU S 34 80.80 -50.81 14.29
CA LEU S 34 80.40 -51.92 13.43
C LEU S 34 79.94 -51.43 12.07
N PHE S 35 80.66 -50.44 11.51
CA PHE S 35 80.53 -49.75 10.23
C PHE S 35 79.06 -49.47 9.90
N PRO S 36 78.43 -48.56 10.64
CA PRO S 36 77.01 -48.69 11.07
C PRO S 36 76.02 -49.44 10.19
N GLY S 37 76.09 -49.26 8.86
CA GLY S 37 75.25 -50.00 7.94
C GLY S 37 75.32 -51.50 8.10
N LEU S 38 74.24 -52.06 8.65
CA LEU S 38 74.13 -53.45 9.01
C LEU S 38 72.72 -53.90 8.62
N GLN S 39 72.58 -54.37 7.38
CA GLN S 39 71.28 -54.76 6.88
C GLN S 39 70.94 -56.17 7.35
N TYR S 40 69.81 -56.69 6.88
CA TYR S 40 69.30 -57.93 7.43
C TYR S 40 69.99 -59.14 6.82
N GLY S 41 70.79 -58.93 5.78
CA GLY S 41 71.62 -60.01 5.28
C GLY S 41 73.10 -59.88 5.54
N THR S 42 73.51 -58.79 6.20
CA THR S 42 74.91 -58.41 6.27
C THR S 42 75.47 -58.55 7.68
N PHE S 43 74.91 -59.47 8.47
CA PHE S 43 75.51 -59.76 9.77
C PHE S 43 75.29 -61.23 10.08
N PHE S 44 76.26 -61.85 10.75
CA PHE S 44 76.22 -63.26 11.03
C PHE S 44 76.46 -63.54 12.51
N UNK T 1 73.47 27.34 42.07
CA UNK T 1 72.58 27.25 40.93
C UNK T 1 71.15 26.96 41.36
N UNK T 2 70.81 25.69 41.50
CA UNK T 2 69.45 25.24 41.80
C UNK T 2 69.25 24.92 43.26
N UNK T 3 69.90 25.68 44.16
CA UNK T 3 69.66 25.51 45.59
C UNK T 3 68.33 26.11 46.02
N UNK T 4 67.79 27.05 45.25
CA UNK T 4 66.48 27.60 45.55
C UNK T 4 65.35 26.66 45.15
N UNK T 5 65.63 25.66 44.31
CA UNK T 5 64.61 24.67 43.98
C UNK T 5 64.37 23.73 45.15
N UNK T 6 65.43 23.35 45.86
CA UNK T 6 65.27 22.57 47.08
C UNK T 6 64.82 23.42 48.26
N UNK T 7 65.03 24.74 48.20
CA UNK T 7 64.52 25.61 49.24
C UNK T 7 63.03 25.88 49.07
N UNK T 8 62.53 25.79 47.83
CA UNK T 8 61.10 25.89 47.55
C UNK T 8 60.39 24.54 47.69
N UNK T 9 61.13 23.47 48.01
CA UNK T 9 60.55 22.16 48.26
C UNK T 9 60.57 21.76 49.73
N UNK T 10 61.59 22.16 50.48
CA UNK T 10 61.61 21.90 51.91
C UNK T 10 60.59 22.74 52.66
N UNK T 11 60.19 23.89 52.11
CA UNK T 11 59.18 24.73 52.70
C UNK T 11 57.78 24.41 52.20
N UNK T 12 57.64 23.60 51.16
CA UNK T 12 56.34 23.29 50.58
C UNK T 12 55.95 21.82 50.70
N UNK T 13 56.89 20.90 50.47
CA UNK T 13 56.59 19.48 50.53
C UNK T 13 56.80 18.88 51.91
N UNK T 14 56.95 19.71 52.94
CA UNK T 14 57.01 19.25 54.32
C UNK T 14 55.63 19.12 54.95
N UNK T 15 54.57 19.37 54.19
CA UNK T 15 53.19 19.28 54.66
C UNK T 15 52.44 18.17 53.91
N UNK T 16 53.10 17.04 53.72
CA UNK T 16 52.49 15.89 53.05
C UNK T 16 53.07 14.59 53.59
N VAL T 17 64.65 13.18 54.89
CA VAL T 17 64.00 14.23 54.11
C VAL T 17 64.02 13.86 52.63
N ALA T 18 62.83 13.88 52.02
CA ALA T 18 62.68 13.65 50.59
C ALA T 18 62.49 14.93 49.80
N ALA T 19 62.28 16.07 50.46
CA ALA T 19 62.09 17.32 49.74
C ALA T 19 63.40 17.82 49.15
N MET T 20 64.53 17.44 49.73
CA MET T 20 65.81 17.65 49.06
C MET T 20 65.92 16.75 47.84
N ALA T 21 65.42 15.52 47.95
CA ALA T 21 65.48 14.57 46.84
C ALA T 21 64.52 14.95 45.72
N PHE T 22 63.38 15.58 46.06
CA PHE T 22 62.56 16.19 45.02
C PHE T 22 63.19 17.45 44.46
N GLY T 23 63.96 18.18 45.27
CA GLY T 23 64.55 19.44 44.87
C GLY T 23 65.57 19.33 43.75
N HIS T 24 66.09 18.14 43.50
CA HIS T 24 66.91 17.92 42.32
C HIS T 24 66.07 17.50 41.12
N VAL T 25 65.05 16.67 41.34
CA VAL T 25 64.20 16.22 40.24
C VAL T 25 63.39 17.37 39.65
N ILE T 26 63.00 18.34 40.49
CA ILE T 26 62.45 19.57 39.91
C ILE T 26 63.59 20.47 39.43
N GLY T 27 64.77 20.37 40.04
CA GLY T 27 65.88 21.23 39.72
C GLY T 27 66.62 20.88 38.45
N VAL T 28 66.93 19.60 38.26
CA VAL T 28 67.63 19.17 37.05
C VAL T 28 66.71 19.28 35.84
N ALA T 29 65.43 18.99 36.02
CA ALA T 29 64.50 19.00 34.89
C ALA T 29 64.16 20.40 34.40
N ILE T 30 64.43 21.44 35.19
CA ILE T 30 64.13 22.80 34.78
C ILE T 30 65.35 23.54 34.22
N VAL T 31 66.56 23.17 34.62
CA VAL T 31 67.74 23.82 34.07
C VAL T 31 68.24 23.12 32.81
N LEU T 32 67.95 21.82 32.66
CA LEU T 32 68.30 21.11 31.45
C LEU T 32 67.23 21.21 30.36
N GLY T 33 66.12 21.89 30.64
CA GLY T 33 65.11 22.07 29.61
C GLY T 33 65.41 23.29 28.77
N LEU T 34 66.04 23.07 27.61
CA LEU T 34 66.48 24.15 26.74
C LEU T 34 65.87 24.01 25.35
N ILE U 12 23.98 4.93 39.40
CA ILE U 12 23.98 3.76 40.27
C ILE U 12 23.12 2.70 39.59
N ILE U 13 23.35 1.44 39.93
CA ILE U 13 22.65 0.30 39.34
C ILE U 13 21.95 -0.43 40.47
N LYS U 14 20.64 -0.31 40.51
CA LYS U 14 19.80 -0.98 41.49
C LYS U 14 19.17 -2.22 40.85
N PRO U 15 18.58 -3.11 41.64
CA PRO U 15 17.90 -4.28 41.05
C PRO U 15 16.72 -3.92 40.18
N PHE U 16 16.30 -4.89 39.38
CA PHE U 16 15.31 -4.67 38.34
C PHE U 16 13.92 -4.55 38.94
N LYS U 17 13.31 -3.36 38.76
CA LYS U 17 12.07 -2.86 39.38
C LYS U 17 11.91 -3.23 40.85
N GLY U 18 12.97 -3.11 41.63
CA GLY U 18 12.91 -3.35 43.05
C GLY U 18 13.00 -4.80 43.47
N ASP U 19 13.04 -5.73 42.51
CA ASP U 19 13.12 -7.15 42.83
C ASP U 19 14.55 -7.62 42.70
N PRO U 20 15.24 -7.94 43.80
CA PRO U 20 16.61 -8.46 43.68
C PRO U 20 16.68 -9.88 43.17
N CYS U 21 15.56 -10.60 43.13
CA CYS U 21 15.54 -11.97 42.66
C CYS U 21 15.38 -12.09 41.15
N LEU U 22 14.93 -11.04 40.48
CA LEU U 22 14.80 -11.06 39.03
C LEU U 22 16.16 -10.94 38.37
N GLY U 23 16.28 -11.53 37.19
CA GLY U 23 17.55 -11.64 36.52
C GLY U 23 17.87 -10.51 35.57
N ASN U 24 17.82 -9.28 36.06
CA ASN U 24 18.22 -8.12 35.29
C ASN U 24 18.61 -7.01 36.26
N LEU U 25 19.14 -5.93 35.73
CA LEU U 25 19.60 -4.81 36.53
C LEU U 25 19.00 -3.51 35.99
N SER U 26 18.77 -2.56 36.90
CA SER U 26 18.12 -1.30 36.56
C SER U 26 19.18 -0.23 36.34
N THR U 27 19.89 -0.41 35.33
CA THR U 27 21.09 0.13 34.72
C THR U 27 20.77 1.41 33.94
N PRO U 28 21.71 2.37 33.83
CA PRO U 28 21.52 3.54 32.95
C PRO U 28 21.19 3.30 31.48
N ILE U 29 21.23 2.08 30.97
CA ILE U 29 20.88 1.86 29.58
C ILE U 29 19.42 1.45 29.44
N ASN U 30 18.94 0.52 30.25
CA ASN U 30 17.55 0.10 30.12
C ASN U 30 16.58 0.90 30.97
N ASP U 31 17.06 1.52 32.06
CA ASP U 31 16.20 2.25 32.99
C ASP U 31 16.72 3.65 33.21
N SER U 32 17.01 4.36 32.12
CA SER U 32 17.37 5.77 32.13
C SER U 32 16.07 6.57 32.11
N PRO U 33 16.09 7.89 32.18
CA PRO U 33 14.93 8.65 31.69
C PRO U 33 14.92 8.79 30.18
N LEU U 34 16.09 8.91 29.56
CA LEU U 34 16.17 9.13 28.12
C LEU U 34 15.90 7.85 27.35
N ALA U 35 16.72 6.82 27.58
CA ALA U 35 16.62 5.58 26.85
C ALA U 35 15.40 4.77 27.21
N LYS U 36 14.67 5.14 28.26
CA LYS U 36 13.35 4.57 28.49
C LYS U 36 12.28 5.30 27.71
N ALA U 37 12.43 6.61 27.53
CA ALA U 37 11.48 7.39 26.74
C ALA U 37 11.78 7.34 25.26
N PHE U 38 12.89 6.75 24.85
CA PHE U 38 13.15 6.51 23.45
C PHE U 38 12.68 5.12 23.02
N ILE U 39 12.90 4.12 23.87
CA ILE U 39 12.49 2.75 23.54
C ILE U 39 10.98 2.60 23.66
N ASN U 40 10.39 3.15 24.72
CA ASN U 40 8.95 3.06 24.88
C ASN U 40 8.18 4.04 24.01
N ASN U 41 8.84 4.72 23.08
CA ASN U 41 8.15 5.53 22.09
C ASN U 41 8.48 5.09 20.68
N LEU U 42 9.35 4.10 20.51
CA LEU U 42 9.49 3.42 19.24
C LEU U 42 8.18 2.70 18.92
N PRO U 43 7.85 2.52 17.63
CA PRO U 43 6.53 1.99 17.28
C PRO U 43 6.24 0.59 17.76
N ALA U 44 7.26 -0.17 18.13
CA ALA U 44 7.03 -1.47 18.73
C ALA U 44 6.46 -1.35 20.14
N TYR U 45 6.69 -0.22 20.82
CA TYR U 45 6.34 -0.07 22.22
C TYR U 45 5.49 1.16 22.51
N ARG U 46 5.09 1.92 21.49
CA ARG U 46 4.38 3.17 21.73
C ARG U 46 2.97 2.89 22.22
N LYS U 47 2.52 3.66 23.20
CA LYS U 47 1.24 3.44 23.82
C LYS U 47 0.12 4.00 22.96
N GLY U 48 -0.92 3.20 22.76
CA GLY U 48 -2.09 3.67 22.03
C GLY U 48 -1.94 3.59 20.54
N LEU U 49 -1.45 2.45 20.05
CA LEU U 49 -1.34 2.21 18.63
C LEU U 49 -2.03 0.89 18.32
N THR U 50 -2.79 0.87 17.23
CA THR U 50 -3.26 -0.40 16.71
C THR U 50 -2.07 -1.16 16.14
N PRO U 51 -2.10 -2.50 16.15
CA PRO U 51 -0.96 -3.27 15.64
C PRO U 51 -0.71 -3.12 14.16
N PHE U 52 -1.65 -2.60 13.38
CA PHE U 52 -1.34 -2.30 11.99
C PHE U 52 -0.45 -1.08 11.90
N MET U 53 -0.72 -0.06 12.70
CA MET U 53 0.07 1.16 12.67
C MET U 53 1.43 0.98 13.34
N ARG U 54 1.56 -0.01 14.23
CA ARG U 54 2.88 -0.41 14.69
C ARG U 54 3.70 -0.98 13.54
N GLY U 55 3.12 -1.91 12.81
CA GLY U 55 3.86 -2.58 11.75
C GLY U 55 4.08 -1.72 10.54
N LEU U 56 3.20 -0.76 10.29
CA LEU U 56 3.38 0.12 9.14
C LEU U 56 4.55 1.08 9.33
N GLU U 57 4.81 1.47 10.57
CA GLU U 57 5.92 2.37 10.84
C GLU U 57 7.22 1.60 11.03
N ILE U 58 7.15 0.39 11.58
CA ILE U 58 8.33 -0.48 11.67
C ILE U 58 8.79 -0.88 10.28
N GLY U 59 7.84 -1.18 9.39
CA GLY U 59 8.20 -1.64 8.06
C GLY U 59 8.81 -0.56 7.19
N MET U 60 8.21 0.64 7.19
CA MET U 60 8.67 1.72 6.34
C MET U 60 10.07 2.19 6.67
N ALA U 61 10.47 2.10 7.92
CA ALA U 61 11.84 2.40 8.28
C ALA U 61 12.81 1.35 7.81
N HIS U 62 12.33 0.19 7.40
CA HIS U 62 13.16 -0.94 7.01
C HIS U 62 13.22 -1.16 5.52
N GLY U 63 12.11 -0.95 4.82
CA GLY U 63 12.18 -0.96 3.37
C GLY U 63 13.01 0.18 2.83
N TYR U 64 13.09 1.28 3.57
CA TYR U 64 13.79 2.46 3.08
C TYR U 64 15.29 2.26 3.06
N PHE U 65 15.85 1.61 4.08
CA PHE U 65 17.30 1.46 4.09
C PHE U 65 17.76 0.17 3.42
N LEU U 66 16.90 -0.84 3.32
CA LEU U 66 17.34 -2.14 2.82
C LEU U 66 17.60 -2.14 1.33
N VAL U 67 17.12 -1.13 0.59
CA VAL U 67 17.53 -0.99 -0.80
C VAL U 67 18.89 -0.32 -0.91
N GLY U 68 19.43 0.18 0.20
CA GLY U 68 20.71 0.82 0.23
C GLY U 68 21.89 -0.06 -0.16
N PRO U 69 22.18 -1.11 0.64
CA PRO U 69 23.42 -1.87 0.42
C PRO U 69 23.52 -2.71 -0.85
N GLU U 70 22.58 -2.62 -1.77
CA GLU U 70 22.66 -3.38 -3.01
C GLU U 70 22.76 -2.51 -4.25
N VAL U 71 22.47 -1.21 -4.16
CA VAL U 71 22.58 -0.38 -5.36
C VAL U 71 23.94 0.29 -5.49
N VAL U 72 24.79 0.25 -4.47
CA VAL U 72 26.12 0.81 -4.59
C VAL U 72 27.22 -0.22 -4.40
N ILE U 73 26.98 -1.36 -3.75
CA ILE U 73 28.01 -2.38 -3.67
C ILE U 73 27.45 -3.73 -4.08
N GLY U 74 26.35 -3.73 -4.81
CA GLY U 74 25.77 -4.97 -5.28
C GLY U 74 26.40 -5.43 -6.57
N PRO U 75 25.81 -6.43 -7.22
CA PRO U 75 26.35 -6.90 -8.50
C PRO U 75 25.99 -6.00 -9.67
N LEU U 76 25.07 -5.07 -9.50
CA LEU U 76 24.59 -4.21 -10.57
C LEU U 76 25.06 -2.78 -10.41
N ARG U 77 26.06 -2.53 -9.56
CA ARG U 77 26.44 -1.17 -9.20
C ARG U 77 27.12 -0.42 -10.35
N GLU U 78 27.57 -1.14 -11.39
CA GLU U 78 28.28 -0.49 -12.48
C GLU U 78 27.32 0.28 -13.37
N SER U 79 26.08 -0.16 -13.47
CA SER U 79 25.06 0.53 -14.23
C SER U 79 24.32 1.50 -13.30
N ALA U 80 23.30 2.16 -13.82
CA ALA U 80 22.50 3.09 -13.03
C ALA U 80 21.04 2.70 -12.97
N HIS U 81 20.43 2.37 -14.11
CA HIS U 81 19.02 2.00 -14.09
C HIS U 81 18.81 0.59 -13.56
N GLY U 82 19.75 -0.31 -13.81
CA GLY U 82 19.66 -1.65 -13.29
C GLY U 82 20.18 -1.83 -11.89
N ALA U 83 20.88 -0.82 -11.36
CA ALA U 83 21.35 -0.90 -9.98
C ALA U 83 20.19 -0.78 -9.01
N ASN U 84 19.28 0.16 -9.26
CA ASN U 84 18.15 0.40 -8.36
C ASN U 84 17.11 -0.69 -8.44
N LEU U 85 17.10 -1.47 -9.51
CA LEU U 85 16.21 -2.62 -9.57
C LEU U 85 16.71 -3.73 -8.65
N SER U 86 18.01 -4.02 -8.67
CA SER U 86 18.56 -5.08 -7.84
C SER U 86 18.58 -4.72 -6.36
N GLY U 87 18.48 -3.44 -6.04
CA GLY U 87 18.33 -3.05 -4.65
C GLY U 87 16.89 -3.11 -4.18
N LEU U 88 15.95 -2.85 -5.07
CA LEU U 88 14.54 -3.02 -4.72
C LEU U 88 14.16 -4.48 -4.63
N ILE U 89 14.63 -5.30 -5.58
CA ILE U 89 14.34 -6.73 -5.62
C ILE U 89 14.89 -7.43 -4.39
N THR U 90 16.02 -6.96 -3.86
CA THR U 90 16.53 -7.44 -2.59
C THR U 90 15.55 -7.15 -1.45
N ALA U 91 15.14 -5.90 -1.30
CA ALA U 91 14.26 -5.52 -0.20
C ALA U 91 12.83 -6.03 -0.36
N ILE U 92 12.44 -6.45 -1.57
CA ILE U 92 11.19 -7.21 -1.69
C ILE U 92 11.37 -8.59 -1.09
N TYR U 93 12.48 -9.25 -1.42
CA TYR U 93 12.72 -10.62 -0.96
C TYR U 93 13.09 -10.69 0.51
N ILE U 94 13.76 -9.66 1.04
CA ILE U 94 14.04 -9.64 2.47
C ILE U 94 12.75 -9.44 3.25
N ALA U 95 11.84 -8.63 2.73
CA ALA U 95 10.63 -8.29 3.45
C ALA U 95 9.43 -9.17 3.09
N VAL U 96 9.48 -9.93 2.01
CA VAL U 96 8.48 -10.98 1.83
C VAL U 96 8.79 -12.15 2.75
N SER U 97 10.05 -12.58 2.77
CA SER U 97 10.47 -13.72 3.57
C SER U 97 10.58 -13.40 5.05
N ALA U 98 10.53 -12.13 5.44
CA ALA U 98 10.42 -11.80 6.85
C ALA U 98 8.97 -11.69 7.28
N CYS U 99 8.12 -11.11 6.45
CA CYS U 99 6.69 -11.11 6.70
C CYS U 99 6.03 -12.44 6.39
N LEU U 100 6.74 -13.35 5.72
CA LEU U 100 6.31 -14.75 5.72
C LEU U 100 6.57 -15.37 7.07
N GLY U 101 7.72 -15.08 7.66
CA GLY U 101 8.14 -15.70 8.89
C GLY U 101 7.39 -15.26 10.12
N ILE U 102 6.61 -14.19 10.05
CA ILE U 102 5.83 -13.76 11.20
C ILE U 102 4.36 -14.08 11.06
N SER U 103 3.89 -14.39 9.86
CA SER U 103 2.64 -15.13 9.79
C SER U 103 2.87 -16.56 10.20
N ILE U 104 4.04 -17.10 9.89
CA ILE U 104 4.41 -18.45 10.32
C ILE U 104 4.65 -18.48 11.82
N PHE U 105 5.13 -17.37 12.39
CA PHE U 105 5.33 -17.29 13.83
C PHE U 105 4.02 -17.28 14.59
N ALA U 106 3.06 -16.46 14.17
CA ALA U 106 1.80 -16.34 14.89
C ALA U 106 0.90 -17.56 14.72
N ILE U 107 0.99 -18.25 13.58
CA ILE U 107 0.25 -19.50 13.43
C ILE U 107 0.74 -20.51 14.44
N THR U 108 2.03 -20.50 14.72
CA THR U 108 2.66 -21.62 15.38
C THR U 108 2.97 -21.37 16.85
N THR U 109 2.90 -20.13 17.34
CA THR U 109 3.14 -19.88 18.75
C THR U 109 1.87 -19.57 19.51
N PHE U 110 0.76 -19.29 18.84
CA PHE U 110 -0.51 -19.00 19.48
C PHE U 110 -1.39 -20.23 19.32
N GLN U 111 -1.21 -21.18 20.22
CA GLN U 111 -1.99 -22.41 20.20
C GLN U 111 -2.41 -22.84 21.60
N GLY U 112 -2.33 -21.96 22.59
CA GLY U 112 -2.57 -22.31 23.97
C GLY U 112 -1.58 -21.63 24.90
N ASN U 113 -0.49 -21.14 24.31
CA ASN U 113 0.54 -20.38 25.03
C ASN U 113 0.70 -19.04 24.34
N PRO U 114 -0.18 -18.07 24.60
CA PRO U 114 -0.04 -16.75 23.96
C PRO U 114 1.07 -15.90 24.57
N LYS U 115 2.32 -16.29 24.26
CA LYS U 115 3.54 -15.74 24.86
C LYS U 115 3.50 -15.79 26.39
N GLY U 116 2.80 -16.80 26.92
CA GLY U 116 2.46 -16.86 28.32
C GLY U 116 1.17 -16.09 28.54
N SER U 117 0.14 -16.75 29.06
CA SER U 117 -1.05 -16.02 29.46
C SER U 117 -0.82 -15.20 30.72
N TYR U 118 0.22 -15.54 31.48
CA TYR U 118 0.59 -14.85 32.70
C TYR U 118 1.69 -13.84 32.41
N ASP U 124 6.15 -9.13 32.21
CA ASP U 124 5.51 -9.53 30.97
C ASP U 124 5.86 -8.59 29.81
N SER U 125 6.61 -7.54 30.11
CA SER U 125 6.87 -6.47 29.15
C SER U 125 7.91 -6.92 28.13
N LEU U 126 8.31 -5.96 27.26
CA LEU U 126 9.20 -6.07 26.10
C LEU U 126 8.61 -6.92 24.98
N ARG U 127 7.42 -7.48 25.13
CA ARG U 127 6.77 -8.27 24.08
C ARG U 127 5.26 -8.07 24.18
N PRO U 128 4.76 -6.87 23.86
CA PRO U 128 3.35 -6.54 24.09
C PRO U 128 2.43 -6.83 22.90
N LEU U 129 2.55 -8.02 22.33
CA LEU U 129 1.80 -8.36 21.11
C LEU U 129 1.24 -9.78 21.21
N ARG U 130 0.51 -10.06 22.27
CA ARG U 130 0.26 -11.42 22.75
C ARG U 130 -1.13 -11.95 22.42
N THR U 131 -1.69 -11.71 21.24
CA THR U 131 -3.10 -12.00 21.10
C THR U 131 -3.45 -12.91 19.93
N ARG U 132 -2.66 -12.89 18.84
CA ARG U 132 -2.78 -13.50 17.51
C ARG U 132 -3.76 -12.75 16.62
N GLU U 133 -4.56 -11.83 17.16
CA GLU U 133 -5.19 -10.84 16.33
C GLU U 133 -4.43 -9.53 16.36
N GLU U 134 -3.55 -9.37 17.34
CA GLU U 134 -2.57 -8.31 17.37
C GLU U 134 -1.30 -8.66 16.62
N TRP U 135 -1.16 -9.89 16.16
CA TRP U 135 -0.01 -10.25 15.36
C TRP U 135 -0.34 -10.42 13.88
N SER U 136 -1.56 -10.85 13.56
CA SER U 136 -1.98 -10.91 12.17
C SER U 136 -2.24 -9.52 11.62
N GLN U 137 -2.56 -8.56 12.49
CA GLN U 137 -2.64 -7.17 12.08
C GLN U 137 -1.27 -6.55 11.94
N LEU U 138 -0.30 -7.04 12.71
CA LEU U 138 1.06 -6.55 12.61
C LEU U 138 1.71 -6.97 11.30
N ASN U 139 1.43 -8.20 10.87
CA ASN U 139 2.04 -8.72 9.65
C ASN U 139 1.53 -8.00 8.40
N GLY U 140 0.30 -7.49 8.44
CA GLY U 140 -0.18 -6.65 7.36
C GLY U 140 0.46 -5.29 7.34
N GLY U 141 0.98 -4.83 8.47
CA GLY U 141 1.63 -3.54 8.53
C GLY U 141 3.04 -3.59 7.99
N ILE U 142 3.81 -4.59 8.40
CA ILE U 142 5.21 -4.70 8.00
C ILE U 142 5.32 -5.05 6.52
N PHE U 143 4.30 -5.68 5.94
CA PHE U 143 4.36 -5.93 4.50
C PHE U 143 4.13 -4.65 3.71
N LEU U 144 3.05 -3.93 4.00
CA LEU U 144 2.79 -2.68 3.31
C LEU U 144 3.70 -1.56 3.77
N GLY U 145 4.35 -1.71 4.92
CA GLY U 145 5.31 -0.73 5.35
C GLY U 145 6.61 -0.90 4.60
N ALA U 146 7.18 -2.10 4.62
CA ALA U 146 8.50 -2.35 4.05
C ALA U 146 8.52 -2.44 2.55
N MET U 147 7.39 -2.15 1.89
CA MET U 147 7.36 -2.04 0.45
C MET U 147 6.80 -0.72 -0.02
N GLY U 148 6.32 0.12 0.89
CA GLY U 148 6.17 1.52 0.58
C GLY U 148 7.52 2.17 0.76
N GLY U 149 8.25 1.77 1.79
CA GLY U 149 9.57 2.30 2.00
C GLY U 149 10.57 1.81 0.97
N ALA U 150 10.38 0.60 0.45
CA ALA U 150 11.27 0.08 -0.57
C ALA U 150 11.02 0.73 -1.93
N ILE U 151 9.84 1.28 -2.16
CA ILE U 151 9.53 1.98 -3.40
C ILE U 151 9.86 3.46 -3.28
N PHE U 152 9.63 4.05 -2.11
CA PHE U 152 9.99 5.45 -1.91
C PHE U 152 11.48 5.66 -1.99
N ALA U 153 12.26 4.70 -1.52
CA ALA U 153 13.69 4.77 -1.71
C ALA U 153 14.12 4.26 -3.08
N TYR U 154 13.21 3.65 -3.83
CA TYR U 154 13.47 3.31 -5.22
C TYR U 154 13.15 4.47 -6.13
N LEU U 155 12.07 5.19 -5.86
CA LEU U 155 11.72 6.37 -6.64
C LEU U 155 12.58 7.57 -6.33
N LEU U 156 13.28 7.55 -5.20
CA LEU U 156 14.24 8.60 -4.89
C LEU U 156 15.65 8.27 -5.35
N LEU U 157 15.85 7.09 -5.92
CA LEU U 157 17.15 6.66 -6.41
C LEU U 157 17.21 6.53 -7.92
N GLU U 158 16.13 6.13 -8.57
CA GLU U 158 16.09 6.20 -10.02
C GLU U 158 15.82 7.61 -10.51
N ASN U 159 15.33 8.49 -9.64
CA ASN U 159 15.17 9.91 -9.92
C ASN U 159 16.20 10.73 -9.16
N PHE U 160 17.41 10.21 -9.02
CA PHE U 160 18.42 10.93 -8.26
C PHE U 160 19.06 12.05 -9.06
N ASP U 161 19.22 11.87 -10.36
CA ASP U 161 19.76 12.93 -11.19
C ASP U 161 18.78 14.09 -11.33
N ALA U 162 17.49 13.81 -11.22
CA ALA U 162 16.48 14.84 -11.16
C ALA U 162 16.25 15.39 -9.76
N LEU U 163 16.80 14.74 -8.74
CA LEU U 163 16.71 15.25 -7.37
C LEU U 163 17.99 15.92 -6.91
N ASP U 164 19.10 15.69 -7.62
CA ASP U 164 20.28 16.50 -7.38
C ASP U 164 20.08 17.92 -7.89
N ALA U 165 19.25 18.07 -8.93
CA ALA U 165 19.06 19.38 -9.53
C ALA U 165 18.10 20.24 -8.71
N ILE U 166 17.05 19.65 -8.15
CA ILE U 166 16.11 20.46 -7.37
C ILE U 166 16.59 20.73 -5.97
N LEU U 167 17.65 20.06 -5.51
CA LEU U 167 18.28 20.36 -4.24
C LEU U 167 19.55 21.16 -4.43
N ARG U 168 19.82 21.63 -5.64
CA ARG U 168 20.94 22.52 -5.92
C ARG U 168 20.49 23.75 -6.70
N GLY U 169 19.19 23.93 -6.91
CA GLY U 169 18.70 25.06 -7.67
C GLY U 169 19.00 25.01 -9.15
N ALA U 170 19.29 23.84 -9.69
CA ALA U 170 19.62 23.71 -11.10
C ALA U 170 18.39 23.69 -11.99
N VAL U 171 17.19 23.69 -11.41
CA VAL U 171 15.95 23.73 -12.17
C VAL U 171 15.42 25.15 -12.26
N ASN U 172 16.28 26.14 -12.05
CA ASN U 172 15.94 27.53 -11.73
C ASN U 172 14.94 27.55 -10.59
N MET V 1 21.90 -35.12 -32.56
CA MET V 1 20.46 -34.82 -32.59
C MET V 1 19.84 -35.01 -31.22
N SER V 2 19.71 -33.90 -30.48
CA SER V 2 19.11 -33.95 -29.15
C SER V 2 17.60 -34.06 -29.25
N ILE V 3 16.96 -34.22 -28.09
CA ILE V 3 15.51 -34.39 -28.07
C ILE V 3 14.82 -33.07 -28.38
N SER V 4 13.54 -33.16 -28.70
CA SER V 4 12.79 -32.00 -29.16
C SER V 4 12.34 -31.14 -27.99
N ASP V 5 11.73 -30.01 -28.31
CA ASP V 5 11.21 -29.12 -27.26
C ASP V 5 9.99 -29.73 -26.59
N THR V 6 9.23 -30.54 -27.31
CA THR V 6 8.01 -31.14 -26.78
C THR V 6 8.32 -32.33 -25.90
N GLN V 7 9.39 -33.08 -26.20
CA GLN V 7 9.76 -34.25 -25.42
C GLN V 7 10.20 -33.90 -24.00
N VAL V 8 10.67 -32.67 -23.77
CA VAL V 8 10.91 -32.23 -22.40
C VAL V 8 9.59 -32.02 -21.68
N TYR V 9 8.61 -31.43 -22.35
CA TYR V 9 7.31 -31.18 -21.73
C TYR V 9 6.52 -32.47 -21.59
N ILE V 10 6.78 -33.46 -22.43
CA ILE V 10 6.16 -34.76 -22.26
C ILE V 10 6.71 -35.46 -21.02
N ALA V 11 8.01 -35.30 -20.77
CA ALA V 11 8.60 -35.91 -19.58
C ALA V 11 8.12 -35.26 -18.29
N LEU V 12 7.81 -33.97 -18.34
CA LEU V 12 7.38 -33.27 -17.14
C LEU V 12 5.97 -33.65 -16.70
N VAL V 13 5.11 -34.06 -17.63
CA VAL V 13 3.77 -34.49 -17.25
C VAL V 13 3.70 -36.00 -17.01
N VAL V 14 4.65 -36.78 -17.54
CA VAL V 14 4.71 -38.18 -17.17
C VAL V 14 5.24 -38.32 -15.75
N ALA V 15 6.16 -37.45 -15.35
CA ALA V 15 6.71 -37.52 -14.00
C ALA V 15 5.84 -36.81 -12.97
N LEU V 16 4.64 -36.38 -13.34
CA LEU V 16 3.64 -36.07 -12.34
C LEU V 16 2.89 -37.31 -11.87
N VAL V 17 3.06 -38.43 -12.57
CA VAL V 17 2.42 -39.69 -12.19
C VAL V 17 3.20 -40.34 -11.05
N PRO V 18 4.54 -40.41 -11.02
CA PRO V 18 5.20 -40.76 -9.75
C PRO V 18 5.43 -39.58 -8.82
N GLY V 19 4.85 -38.42 -9.09
CA GLY V 19 4.96 -37.32 -8.17
C GLY V 19 3.75 -37.29 -7.29
N PHE V 20 2.61 -37.66 -7.86
CA PHE V 20 1.37 -37.78 -7.10
C PHE V 20 1.29 -39.12 -6.38
N LEU V 21 1.80 -40.18 -7.00
CA LEU V 21 1.81 -41.48 -6.36
C LEU V 21 2.85 -41.57 -5.25
N ALA V 22 3.86 -40.69 -5.29
CA ALA V 22 4.77 -40.55 -4.16
C ALA V 22 4.12 -39.83 -3.01
N TRP V 23 3.09 -39.04 -3.29
CA TRP V 23 2.34 -38.41 -2.21
C TRP V 23 1.32 -39.37 -1.62
N ARG V 24 0.76 -40.27 -2.42
CA ARG V 24 -0.16 -41.27 -1.87
C ARG V 24 0.58 -42.26 -0.97
N LEU V 25 1.85 -42.53 -1.25
CA LEU V 25 2.60 -43.46 -0.42
C LEU V 25 3.13 -42.79 0.84
N ALA V 26 3.59 -41.54 0.72
CA ALA V 26 4.15 -40.85 1.88
C ALA V 26 3.11 -40.51 2.93
N THR V 27 1.83 -40.44 2.56
CA THR V 27 0.79 -40.19 3.55
C THR V 27 0.08 -41.45 4.00
N GLU V 28 0.11 -42.51 3.22
CA GLU V 28 -0.39 -43.79 3.70
C GLU V 28 0.58 -44.45 4.66
N LEU V 29 1.86 -44.09 4.58
CA LEU V 29 2.84 -44.42 5.62
C LEU V 29 2.75 -43.50 6.82
N TYR V 30 1.83 -42.52 6.80
CA TYR V 30 1.35 -41.77 7.96
C TYR V 30 2.47 -40.96 8.62
N LYS V 31 2.93 -39.96 7.89
CA LYS V 31 3.81 -38.94 8.44
C LYS V 31 3.16 -38.17 9.57
N PRO W 73 41.58 -83.97 26.60
CA PRO W 73 41.42 -85.07 25.66
C PRO W 73 42.35 -84.96 24.45
N PRO W 74 42.56 -86.06 23.73
CA PRO W 74 43.27 -85.96 22.43
C PRO W 74 42.35 -85.32 21.40
N TYR W 75 42.76 -84.17 20.88
CA TYR W 75 41.96 -83.46 19.89
C TYR W 75 42.07 -84.18 18.55
N THR W 76 40.96 -84.75 18.09
CA THR W 76 40.94 -85.50 16.85
C THR W 76 40.23 -84.78 15.72
N PHE W 77 39.30 -83.89 16.02
CA PHE W 77 38.60 -83.12 15.01
C PHE W 77 39.15 -81.71 14.83
N ARG W 78 39.74 -81.13 15.88
CA ARG W 78 40.45 -79.86 15.72
C ARG W 78 41.74 -80.06 14.93
N THR W 79 42.51 -81.08 15.27
CA THR W 79 43.52 -81.58 14.36
C THR W 79 42.84 -82.34 13.23
N ALA W 80 43.59 -82.57 12.15
CA ALA W 80 43.16 -83.10 10.85
C ALA W 80 42.18 -82.19 10.12
N TRP W 81 41.87 -81.02 10.67
CA TRP W 81 41.39 -79.87 9.93
C TRP W 81 42.35 -78.71 10.00
N ALA W 82 43.13 -78.60 11.08
CA ALA W 82 44.19 -77.61 11.14
C ALA W 82 45.41 -78.07 10.37
N LEU W 83 45.76 -79.35 10.46
CA LEU W 83 46.81 -79.91 9.63
C LEU W 83 46.30 -80.37 8.27
N LEU W 84 45.01 -80.19 7.98
CA LEU W 84 44.53 -80.26 6.61
C LEU W 84 44.68 -78.92 5.92
N LEU W 85 44.44 -77.82 6.64
CA LEU W 85 44.75 -76.50 6.11
C LEU W 85 46.26 -76.26 6.05
N LEU W 86 47.00 -76.85 6.99
CA LEU W 86 48.46 -76.80 6.91
C LEU W 86 48.98 -77.68 5.79
N ALA W 87 48.23 -78.72 5.40
CA ALA W 87 48.62 -79.52 4.25
C ALA W 87 48.43 -78.75 2.95
N ILE W 88 47.32 -78.03 2.82
CA ILE W 88 47.07 -77.19 1.65
C ILE W 88 48.06 -76.03 1.61
N ASN W 89 48.50 -75.56 2.78
CA ASN W 89 49.58 -74.58 2.85
C ASN W 89 50.91 -75.17 2.39
N PHE W 90 51.09 -76.48 2.48
CA PHE W 90 52.34 -77.11 2.09
C PHE W 90 52.35 -77.59 0.64
N ILE W 91 51.19 -77.69 -0.01
CA ILE W 91 51.19 -77.94 -1.45
C ILE W 91 51.45 -76.64 -2.20
N VAL W 92 50.90 -75.54 -1.70
CA VAL W 92 51.16 -74.23 -2.29
C VAL W 92 52.62 -73.82 -2.06
N ALA W 93 53.16 -74.14 -0.89
CA ALA W 93 54.58 -73.91 -0.65
C ALA W 93 55.47 -74.94 -1.32
N ALA W 94 54.91 -76.02 -1.87
CA ALA W 94 55.71 -76.90 -2.71
C ALA W 94 55.89 -76.33 -4.10
N TYR W 95 54.83 -75.72 -4.65
CA TYR W 95 54.95 -75.02 -5.93
C TYR W 95 55.73 -73.72 -5.80
N TYR W 96 55.78 -73.14 -4.60
CA TYR W 96 56.41 -71.84 -4.44
C TYR W 96 57.94 -71.96 -4.48
N PHE W 97 58.48 -73.04 -3.91
CA PHE W 97 59.91 -73.30 -3.94
C PHE W 97 60.30 -74.16 -5.13
N HIS W 98 59.43 -74.22 -6.15
CA HIS W 98 59.49 -75.11 -7.33
C HIS W 98 60.00 -76.52 -6.98
N ILE W 99 59.34 -77.13 -6.00
CA ILE W 99 59.65 -78.51 -5.67
C ILE W 99 58.89 -79.46 -6.59
N ILE W 100 57.57 -79.32 -6.66
CA ILE W 100 56.74 -80.16 -7.52
C ILE W 100 56.23 -79.32 -8.67
N GLU W 101 55.82 -80.01 -9.73
CA GLU W 101 55.32 -79.35 -10.94
C GLU W 101 54.11 -80.08 -11.51
N PRO X 73 16.81 76.53 58.18
CA PRO X 73 18.20 76.64 58.65
C PRO X 73 19.12 77.22 57.56
N PRO X 74 20.30 77.73 57.95
CA PRO X 74 21.32 78.07 56.95
C PRO X 74 21.92 76.79 56.37
N TYR X 75 21.75 76.61 55.07
CA TYR X 75 22.29 75.43 54.39
C TYR X 75 23.79 75.57 54.23
N THR X 76 24.53 74.73 54.93
CA THR X 76 25.99 74.78 54.92
C THR X 76 26.63 73.65 54.13
N PHE X 77 25.96 72.51 54.01
CA PHE X 77 26.47 71.39 53.24
C PHE X 77 25.86 71.29 51.85
N ARG X 78 24.64 71.78 51.65
CA ARG X 78 24.09 71.86 50.31
C ARG X 78 24.79 72.96 49.51
N THR X 79 24.97 74.13 50.11
CA THR X 79 25.96 75.07 49.60
C THR X 79 27.36 74.55 49.93
N ALA X 80 28.36 75.13 49.26
CA ALA X 80 29.76 74.71 49.22
C ALA X 80 29.98 73.33 48.61
N TRP X 81 28.92 72.69 48.11
CA TRP X 81 29.00 71.66 47.10
C TRP X 81 28.28 72.06 45.83
N ALA X 82 27.26 72.92 45.93
CA ALA X 82 26.63 73.48 44.75
C ALA X 82 27.47 74.62 44.19
N LEU X 83 28.02 75.46 45.05
CA LEU X 83 28.96 76.48 44.61
C LEU X 83 30.39 75.97 44.53
N LEU X 84 30.61 74.69 44.81
CA LEU X 84 31.85 74.03 44.41
C LEU X 84 31.75 73.51 43.00
N LEU X 85 30.58 72.98 42.62
CA LEU X 85 30.34 72.62 41.22
C LEU X 85 30.18 73.87 40.36
N LEU X 86 29.64 74.95 40.92
CA LEU X 86 29.59 76.22 40.22
C LEU X 86 30.98 76.84 40.12
N ALA X 87 31.89 76.51 41.05
CA ALA X 87 33.26 76.96 40.93
C ALA X 87 33.99 76.26 39.79
N ILE X 88 33.80 74.94 39.68
CA ILE X 88 34.38 74.18 38.57
C ILE X 88 33.76 74.59 37.24
N ASN X 89 32.49 75.00 37.26
CA ASN X 89 31.87 75.59 36.08
C ASN X 89 32.49 76.94 35.72
N PHE X 90 33.08 77.64 36.68
CA PHE X 90 33.67 78.95 36.41
C PHE X 90 35.15 78.89 36.08
N ILE X 91 35.82 77.78 36.35
CA ILE X 91 37.18 77.60 35.84
C ILE X 91 37.14 77.17 34.39
N VAL X 92 36.18 76.33 34.03
CA VAL X 92 36.01 75.94 32.63
C VAL X 92 35.52 77.12 31.80
N ALA X 93 34.64 77.95 32.38
CA ALA X 93 34.24 79.17 31.69
C ALA X 93 35.29 80.26 31.76
N ALA X 94 36.35 80.10 32.55
CA ALA X 94 37.47 81.02 32.47
C ALA X 94 38.36 80.69 31.28
N TYR X 95 38.57 79.40 31.01
CA TYR X 95 39.30 78.99 29.82
C TYR X 95 38.48 79.19 28.56
N TYR X 96 37.16 79.22 28.66
CA TYR X 96 36.30 79.30 27.49
C TYR X 96 36.32 80.70 26.89
N PHE X 97 36.35 81.72 27.75
CA PHE X 97 36.44 83.10 27.30
C PHE X 97 37.89 83.58 27.20
N HIS X 98 38.84 82.64 27.14
CA HIS X 98 40.30 82.84 27.22
C HIS X 98 40.69 83.92 28.22
N ILE X 99 40.20 83.76 29.45
CA ILE X 99 40.62 84.65 30.54
C ILE X 99 41.93 84.19 31.14
N ILE X 100 41.99 82.93 31.57
CA ILE X 100 43.20 82.37 32.15
C ILE X 100 43.79 81.36 31.19
N GLU X 101 45.07 81.08 31.37
CA GLU X 101 45.80 80.16 30.51
C GLU X 101 46.73 79.25 31.31
N GLU Y 10 -32.31 -73.09 -19.08
CA GLU Y 10 -32.55 -73.71 -20.38
C GLU Y 10 -33.01 -72.65 -21.38
N VAL Y 11 -32.61 -72.83 -22.64
CA VAL Y 11 -32.69 -71.81 -23.67
C VAL Y 11 -33.68 -72.36 -24.70
N ARG Y 12 -34.70 -73.06 -24.23
CA ARG Y 12 -35.64 -73.70 -25.13
C ARG Y 12 -36.62 -72.68 -25.72
N VAL Y 13 -37.36 -73.13 -26.73
CA VAL Y 13 -38.35 -72.33 -27.43
C VAL Y 13 -39.73 -72.61 -26.83
N VAL Y 14 -40.46 -71.55 -26.52
CA VAL Y 14 -41.86 -71.66 -26.12
C VAL Y 14 -42.68 -70.67 -26.92
N VAL Y 15 -43.82 -71.13 -27.44
CA VAL Y 15 -44.75 -70.29 -28.18
C VAL Y 15 -46.12 -70.44 -27.54
N ASP Y 16 -47.09 -69.73 -28.11
CA ASP Y 16 -48.49 -69.82 -27.71
C ASP Y 16 -49.32 -70.07 -28.95
N ASN Y 17 -50.16 -71.11 -28.90
CA ASN Y 17 -50.93 -71.52 -30.07
C ASN Y 17 -52.21 -70.69 -30.14
N ASP Y 18 -52.29 -69.83 -31.17
CA ASP Y 18 -53.41 -68.96 -31.52
C ASP Y 18 -53.87 -68.07 -30.36
N PRO Y 19 -53.10 -67.05 -29.96
CA PRO Y 19 -53.55 -66.22 -28.84
C PRO Y 19 -54.53 -65.13 -29.23
N VAL Y 20 -54.45 -64.63 -30.47
CA VAL Y 20 -55.21 -63.47 -30.92
C VAL Y 20 -56.03 -63.90 -32.14
N PRO Y 21 -57.33 -63.63 -32.17
CA PRO Y 21 -58.11 -63.91 -33.39
C PRO Y 21 -57.79 -62.92 -34.49
N THR Y 22 -58.17 -63.28 -35.71
CA THR Y 22 -57.93 -62.47 -36.90
C THR Y 22 -59.28 -62.07 -37.49
N SER Y 23 -59.71 -60.84 -37.21
CA SER Y 23 -60.98 -60.37 -37.73
C SER Y 23 -60.90 -58.86 -37.91
N PHE Y 24 -61.79 -58.34 -38.76
CA PHE Y 24 -61.88 -56.91 -38.99
C PHE Y 24 -62.85 -56.23 -38.03
N GLN Y 25 -63.13 -56.85 -36.89
CA GLN Y 25 -64.08 -56.29 -35.94
C GLN Y 25 -63.49 -55.11 -35.17
N LYS Y 26 -62.19 -55.12 -34.94
CA LYS Y 26 -61.55 -54.04 -34.22
C LYS Y 26 -61.05 -52.93 -35.14
N TRP Y 27 -61.03 -53.17 -36.44
CA TRP Y 27 -60.74 -52.08 -37.39
C TRP Y 27 -61.90 -51.11 -37.47
N SER Y 28 -63.11 -51.57 -37.17
CA SER Y 28 -64.29 -50.71 -37.17
C SER Y 28 -64.41 -49.89 -35.90
N GLN Y 29 -63.55 -50.14 -34.90
CA GLN Y 29 -63.57 -49.44 -33.62
C GLN Y 29 -62.19 -48.84 -33.37
N PRO Y 30 -61.90 -47.66 -33.91
CA PRO Y 30 -60.61 -47.04 -33.62
C PRO Y 30 -60.56 -46.52 -32.19
N GLY Y 31 -59.37 -46.60 -31.61
CA GLY Y 31 -59.20 -46.25 -30.21
C GLY Y 31 -59.49 -47.39 -29.26
N HIS Y 32 -59.49 -48.63 -29.75
CA HIS Y 32 -59.77 -49.78 -28.91
C HIS Y 32 -58.69 -50.05 -27.89
N PHE Y 33 -57.48 -49.53 -28.09
CA PHE Y 33 -56.37 -49.89 -27.24
C PHE Y 33 -56.43 -49.17 -25.89
N ASP Y 34 -56.83 -47.92 -25.87
CA ASP Y 34 -57.04 -47.18 -24.63
C ASP Y 34 -58.51 -47.24 -24.26
N ARG Y 35 -58.79 -47.34 -22.97
CA ARG Y 35 -60.16 -47.49 -22.50
C ARG Y 35 -60.95 -46.20 -22.63
N THR Y 36 -60.29 -45.04 -22.49
CA THR Y 36 -60.97 -43.76 -22.64
C THR Y 36 -61.15 -43.34 -24.09
N LEU Y 37 -60.46 -44.00 -25.02
CA LEU Y 37 -60.65 -43.71 -26.44
C LEU Y 37 -61.73 -44.58 -27.07
N ALA Y 38 -62.02 -45.73 -26.47
CA ALA Y 38 -62.99 -46.64 -27.04
C ALA Y 38 -64.43 -46.26 -26.73
N LYS Y 39 -64.64 -45.36 -25.77
CA LYS Y 39 -65.99 -45.02 -25.33
C LYS Y 39 -66.64 -43.94 -26.18
N GLY Y 40 -65.97 -43.46 -27.22
CA GLY Y 40 -66.58 -42.52 -28.15
C GLY Y 40 -65.71 -41.30 -28.37
N ALA Y 41 -66.06 -40.57 -29.43
CA ALA Y 41 -65.36 -39.36 -29.86
C ALA Y 41 -66.17 -38.16 -29.42
N LYS Y 42 -65.88 -37.66 -28.21
CA LYS Y 42 -66.60 -36.49 -27.72
C LYS Y 42 -66.13 -35.23 -28.41
N THR Y 43 -64.85 -34.92 -28.30
CA THR Y 43 -64.24 -33.74 -28.89
C THR Y 43 -63.22 -34.16 -29.93
N THR Y 44 -62.60 -33.17 -30.58
CA THR Y 44 -61.57 -33.46 -31.57
C THR Y 44 -60.23 -33.77 -30.95
N THR Y 45 -60.09 -33.74 -29.63
CA THR Y 45 -58.88 -34.23 -29.01
C THR Y 45 -58.80 -35.75 -29.08
N TRP Y 46 -59.95 -36.42 -29.26
CA TRP Y 46 -59.96 -37.85 -29.51
C TRP Y 46 -59.32 -38.20 -30.83
N ILE Y 47 -59.41 -37.30 -31.82
CA ILE Y 47 -58.77 -37.53 -33.11
C ILE Y 47 -57.26 -37.59 -32.96
N TRP Y 48 -56.68 -36.67 -32.19
CA TRP Y 48 -55.23 -36.60 -32.06
C TRP Y 48 -54.70 -37.60 -31.05
N ASN Y 49 -55.49 -37.96 -30.04
CA ASN Y 49 -55.05 -38.94 -29.06
C ASN Y 49 -55.06 -40.35 -29.59
N LEU Y 50 -55.75 -40.57 -30.71
CA LEU Y 50 -55.77 -41.88 -31.34
C LEU Y 50 -54.44 -42.18 -32.03
N HIS Y 51 -53.72 -41.15 -32.47
CA HIS Y 51 -52.45 -41.35 -33.16
C HIS Y 51 -51.24 -41.15 -32.27
N ALA Y 52 -51.38 -40.43 -31.16
CA ALA Y 52 -50.31 -40.27 -30.19
C ALA Y 52 -50.19 -41.45 -29.23
N ASN Y 53 -51.09 -42.43 -29.32
CA ASN Y 53 -51.09 -43.55 -28.41
C ASN Y 53 -51.18 -44.88 -29.13
N ALA Y 54 -51.10 -44.88 -30.45
CA ALA Y 54 -51.29 -46.11 -31.20
C ALA Y 54 -50.12 -47.06 -31.05
N HIS Y 55 -48.92 -46.52 -30.86
CA HIS Y 55 -47.73 -47.34 -30.68
C HIS Y 55 -47.21 -47.31 -29.26
N ASP Y 56 -47.92 -46.69 -28.33
CA ASP Y 56 -47.53 -46.76 -26.93
C ASP Y 56 -48.04 -48.11 -26.41
N PHE Y 57 -47.30 -49.18 -26.75
CA PHE Y 57 -47.76 -50.51 -26.41
C PHE Y 57 -47.67 -50.80 -24.93
N ASP Y 58 -46.87 -50.02 -24.20
CA ASP Y 58 -46.74 -50.19 -22.76
C ASP Y 58 -47.91 -49.62 -21.99
N THR Y 59 -48.82 -48.89 -22.64
CA THR Y 59 -50.02 -48.38 -22.00
C THR Y 59 -51.29 -49.04 -22.50
N HIS Y 60 -51.22 -49.87 -23.53
CA HIS Y 60 -52.38 -50.64 -23.94
C HIS Y 60 -52.66 -51.75 -22.96
N THR Y 61 -51.62 -52.53 -22.63
CA THR Y 61 -51.67 -53.59 -21.66
C THR Y 61 -50.71 -53.26 -20.51
N SER Y 62 -50.51 -54.23 -19.62
CA SER Y 62 -49.65 -54.02 -18.47
C SER Y 62 -48.59 -55.11 -18.39
N ASP Y 63 -48.88 -56.28 -18.95
CA ASP Y 63 -47.97 -57.41 -18.84
C ASP Y 63 -46.93 -57.38 -19.95
N LEU Y 64 -45.70 -57.73 -19.59
CA LEU Y 64 -44.59 -57.69 -20.54
C LEU Y 64 -44.62 -58.86 -21.51
N GLU Y 65 -45.39 -59.90 -21.23
CA GLU Y 65 -45.52 -61.00 -22.19
C GLU Y 65 -46.37 -60.58 -23.38
N ASP Y 66 -47.43 -59.81 -23.14
CA ASP Y 66 -48.30 -59.35 -24.21
C ASP Y 66 -47.81 -58.07 -24.86
N ILE Y 67 -46.97 -57.30 -24.17
CA ILE Y 67 -46.33 -56.16 -24.82
C ILE Y 67 -45.30 -56.65 -25.83
N SER Y 68 -44.43 -57.57 -25.41
CA SER Y 68 -43.31 -58.01 -26.23
C SER Y 68 -43.74 -58.79 -27.47
N ARG Y 69 -44.95 -59.34 -27.50
CA ARG Y 69 -45.45 -59.91 -28.74
C ARG Y 69 -45.89 -58.81 -29.70
N LYS Y 70 -46.35 -57.67 -29.17
CA LYS Y 70 -46.67 -56.54 -30.04
C LYS Y 70 -45.41 -55.89 -30.56
N ILE Y 71 -44.32 -55.91 -29.80
CA ILE Y 71 -43.06 -55.35 -30.29
C ILE Y 71 -42.51 -56.20 -31.41
N PHE Y 72 -42.51 -57.52 -31.21
CA PHE Y 72 -41.92 -58.46 -32.15
C PHE Y 72 -42.70 -58.51 -33.45
N ALA Y 73 -44.02 -58.42 -33.39
CA ALA Y 73 -44.82 -58.44 -34.60
C ALA Y 73 -44.86 -57.11 -35.31
N ALA Y 74 -44.51 -56.01 -34.64
CA ALA Y 74 -44.46 -54.73 -35.31
C ALA Y 74 -43.12 -54.47 -35.97
N HIS Y 75 -42.07 -55.19 -35.57
CA HIS Y 75 -40.81 -55.12 -36.30
C HIS Y 75 -40.93 -55.81 -37.64
N PHE Y 76 -41.74 -56.85 -37.73
CA PHE Y 76 -41.92 -57.55 -38.99
C PHE Y 76 -42.69 -56.69 -39.98
N GLY Y 77 -43.71 -55.99 -39.51
CA GLY Y 77 -44.40 -55.05 -40.37
C GLY Y 77 -43.59 -53.82 -40.69
N HIS Y 78 -42.54 -53.54 -39.91
CA HIS Y 78 -41.63 -52.49 -40.30
C HIS Y 78 -40.63 -52.97 -41.32
N LEU Y 79 -40.10 -54.17 -41.14
CA LEU Y 79 -39.17 -54.73 -42.11
C LEU Y 79 -39.83 -54.94 -43.46
N ALA Y 80 -41.14 -55.20 -43.47
CA ALA Y 80 -41.92 -55.23 -44.69
C ALA Y 80 -42.23 -53.85 -45.26
N VAL Y 81 -41.78 -52.77 -44.62
CA VAL Y 81 -41.91 -51.43 -45.17
C VAL Y 81 -40.60 -50.94 -45.77
N VAL Y 82 -39.48 -51.33 -45.15
CA VAL Y 82 -38.17 -51.10 -45.75
C VAL Y 82 -38.03 -51.88 -47.05
N PHE Y 83 -38.56 -53.10 -47.10
CA PHE Y 83 -38.45 -53.91 -48.32
C PHE Y 83 -39.33 -53.38 -49.44
N ILE Y 84 -40.41 -52.66 -49.12
CA ILE Y 84 -41.15 -51.96 -50.16
C ILE Y 84 -40.34 -50.81 -50.70
N TRP Y 85 -39.67 -50.07 -49.83
CA TRP Y 85 -38.86 -48.93 -50.26
C TRP Y 85 -37.59 -49.40 -50.96
N LEU Y 86 -37.01 -50.50 -50.49
CA LEU Y 86 -35.83 -51.05 -51.13
C LEU Y 86 -36.14 -51.69 -52.47
N SER Y 87 -37.37 -52.14 -52.67
CA SER Y 87 -37.80 -52.57 -54.00
C SER Y 87 -38.28 -51.43 -54.86
N GLY Y 88 -38.22 -50.20 -54.36
CA GLY Y 88 -38.61 -49.06 -55.16
C GLY Y 88 -37.39 -48.32 -55.63
N MET Y 89 -36.27 -48.57 -54.96
CA MET Y 89 -35.00 -48.02 -55.43
C MET Y 89 -34.40 -48.89 -56.52
N TYR Y 90 -34.58 -50.20 -56.43
CA TYR Y 90 -34.09 -51.10 -57.46
C TYR Y 90 -35.01 -51.13 -58.67
N PHE Y 91 -36.31 -50.89 -58.47
CA PHE Y 91 -37.21 -50.83 -59.62
C PHE Y 91 -37.05 -49.52 -60.37
N HIS Y 92 -36.73 -48.44 -59.68
CA HIS Y 92 -36.54 -47.18 -60.38
C HIS Y 92 -35.19 -47.12 -61.08
N GLY Y 93 -34.20 -47.85 -60.56
CA GLY Y 93 -32.99 -48.05 -61.33
C GLY Y 93 -33.18 -49.02 -62.48
N ALA Y 94 -34.19 -49.86 -62.42
CA ALA Y 94 -34.45 -50.79 -63.52
C ALA Y 94 -35.15 -50.10 -64.68
N ARG Y 95 -36.28 -49.45 -64.42
CA ARG Y 95 -37.13 -48.99 -65.52
C ARG Y 95 -37.01 -47.51 -65.82
N PHE Y 96 -36.71 -46.67 -64.84
CA PHE Y 96 -36.76 -45.22 -65.04
C PHE Y 96 -35.40 -44.57 -64.81
N SER Y 97 -34.32 -45.17 -65.28
CA SER Y 97 -33.01 -44.62 -65.00
C SER Y 97 -32.14 -44.64 -66.24
N ASN Y 98 -30.96 -44.06 -66.11
CA ASN Y 98 -29.91 -44.13 -67.12
C ASN Y 98 -28.72 -44.92 -66.60
N PHE Y 99 -29.00 -46.03 -65.91
CA PHE Y 99 -27.94 -46.85 -65.36
C PHE Y 99 -27.12 -47.53 -66.46
N GLU Y 100 -27.73 -47.75 -67.63
CA GLU Y 100 -26.98 -48.24 -68.77
C GLU Y 100 -26.01 -47.19 -69.29
N ALA Y 101 -26.48 -45.96 -69.43
CA ALA Y 101 -25.62 -44.90 -69.96
C ALA Y 101 -24.62 -44.43 -68.91
N TRP Y 102 -24.94 -44.58 -67.64
CA TRP Y 102 -24.00 -44.16 -66.61
C TRP Y 102 -22.89 -45.18 -66.42
N MET Y 103 -23.19 -46.47 -66.57
CA MET Y 103 -22.16 -47.48 -66.37
C MET Y 103 -21.14 -47.47 -67.50
N ALA Y 104 -21.55 -47.06 -68.70
CA ALA Y 104 -20.60 -46.95 -69.81
C ALA Y 104 -19.65 -45.77 -69.60
N ASN Y 105 -20.17 -44.63 -69.16
CA ASN Y 105 -19.36 -43.44 -68.94
C ASN Y 105 -19.76 -42.80 -67.61
N PRO Y 106 -19.09 -43.17 -66.51
CA PRO Y 106 -19.47 -42.65 -65.20
C PRO Y 106 -18.90 -41.28 -64.88
N THR Y 107 -18.41 -40.56 -65.89
CA THR Y 107 -17.89 -39.21 -65.71
C THR Y 107 -18.77 -38.17 -66.38
N GLY Y 108 -19.12 -38.38 -67.66
CA GLY Y 108 -19.93 -37.40 -68.37
C GLY Y 108 -21.42 -37.53 -68.12
N ILE Y 109 -21.90 -38.75 -67.90
CA ILE Y 109 -23.32 -38.99 -67.70
C ILE Y 109 -23.65 -38.82 -66.22
N LYS Y 110 -24.71 -38.07 -65.93
CA LYS Y 110 -25.12 -37.81 -64.56
C LYS Y 110 -26.06 -38.91 -64.08
N PRO Y 111 -25.96 -39.29 -62.80
CA PRO Y 111 -26.84 -40.33 -62.28
C PRO Y 111 -28.26 -39.80 -62.14
N SER Y 112 -29.21 -40.53 -62.72
CA SER Y 112 -30.59 -40.08 -62.65
C SER Y 112 -31.54 -41.26 -62.64
N ALA Y 113 -32.53 -41.18 -61.76
CA ALA Y 113 -33.74 -41.98 -61.83
C ALA Y 113 -34.89 -41.00 -61.74
N GLN Y 114 -36.11 -41.52 -61.58
CA GLN Y 114 -37.29 -40.76 -61.18
C GLN Y 114 -37.61 -39.66 -62.19
N VAL Y 115 -38.03 -40.11 -63.38
CA VAL Y 115 -38.51 -39.17 -64.38
C VAL Y 115 -39.86 -38.60 -63.96
N VAL Y 116 -40.24 -37.49 -64.57
CA VAL Y 116 -41.40 -36.71 -64.17
C VAL Y 116 -42.45 -36.77 -65.29
N TRP Y 117 -43.72 -36.82 -64.91
CA TRP Y 117 -44.80 -36.97 -65.87
C TRP Y 117 -45.03 -35.66 -66.64
N PRO Y 118 -45.48 -35.75 -67.89
CA PRO Y 118 -45.83 -34.53 -68.66
C PRO Y 118 -47.22 -34.01 -68.34
N ILE Y 119 -47.32 -33.27 -67.23
CA ILE Y 119 -48.55 -32.61 -66.82
C ILE Y 119 -48.13 -31.39 -66.00
N PHE Y 120 -48.97 -30.35 -66.03
CA PHE Y 120 -48.81 -29.12 -65.25
C PHE Y 120 -47.54 -28.35 -65.58
N GLY Y 121 -46.89 -28.65 -66.70
CA GLY Y 121 -45.67 -27.97 -67.05
C GLY Y 121 -44.48 -28.31 -66.19
N GLN Y 122 -44.53 -29.42 -65.46
CA GLN Y 122 -43.44 -29.80 -64.58
C GLN Y 122 -42.40 -30.67 -65.26
N GLU Y 123 -42.50 -30.85 -66.58
CA GLU Y 123 -41.45 -31.52 -67.33
C GLU Y 123 -40.24 -30.64 -67.58
N ILE Y 124 -40.23 -29.40 -67.05
CA ILE Y 124 -39.03 -28.60 -67.02
C ILE Y 124 -38.02 -29.16 -66.02
N LEU Y 125 -38.48 -29.99 -65.08
CA LEU Y 125 -37.58 -30.64 -64.15
C LEU Y 125 -36.80 -31.75 -64.80
N ASN Y 126 -37.26 -32.24 -65.95
CA ASN Y 126 -36.52 -33.23 -66.74
C ASN Y 126 -35.42 -32.51 -67.48
N GLY Y 127 -34.32 -32.26 -66.78
CA GLY Y 127 -33.17 -31.66 -67.39
C GLY Y 127 -32.32 -32.67 -68.12
N ASP Y 128 -31.33 -32.17 -68.83
CA ASP Y 128 -30.50 -33.03 -69.65
C ASP Y 128 -29.45 -33.70 -68.77
N MET Y 129 -29.45 -35.03 -68.76
CA MET Y 129 -28.53 -35.80 -67.93
C MET Y 129 -27.36 -36.37 -68.73
N GLY Y 130 -27.21 -35.99 -69.99
CA GLY Y 130 -26.17 -36.54 -70.82
C GLY Y 130 -26.61 -37.82 -71.49
N GLY Y 131 -26.53 -37.87 -72.81
CA GLY Y 131 -26.95 -39.06 -73.52
C GLY Y 131 -28.42 -39.11 -73.85
N GLY Y 132 -29.09 -37.97 -73.92
CA GLY Y 132 -30.48 -37.93 -74.32
C GLY Y 132 -31.47 -38.40 -73.30
N PHE Y 133 -31.05 -38.57 -72.04
CA PHE Y 133 -31.95 -38.94 -70.97
C PHE Y 133 -32.40 -37.70 -70.24
N HIS Y 134 -33.71 -37.57 -70.03
CA HIS Y 134 -34.29 -36.41 -69.36
C HIS Y 134 -34.92 -36.87 -68.05
N GLY Y 135 -34.32 -36.47 -66.95
CA GLY Y 135 -34.82 -36.83 -65.64
C GLY Y 135 -34.24 -35.95 -64.57
N ILE Y 136 -34.35 -36.40 -63.33
CA ILE Y 136 -33.87 -35.66 -62.17
C ILE Y 136 -32.59 -36.31 -61.69
N GLN Y 137 -31.54 -35.51 -61.53
CA GLN Y 137 -30.25 -35.99 -61.05
C GLN Y 137 -30.37 -36.44 -59.61
N ILE Y 138 -30.31 -37.75 -59.39
CA ILE Y 138 -30.41 -38.29 -58.05
C ILE Y 138 -29.06 -38.14 -57.35
N THR Y 139 -29.11 -37.85 -56.05
CA THR Y 139 -27.92 -37.68 -55.24
C THR Y 139 -27.86 -38.71 -54.12
N SER Y 140 -28.51 -39.84 -54.29
CA SER Y 140 -28.57 -40.83 -53.23
C SER Y 140 -27.44 -41.84 -53.27
N GLY Y 141 -26.62 -41.84 -54.31
CA GLY Y 141 -25.52 -42.77 -54.38
C GLY Y 141 -25.93 -44.18 -54.72
N LEU Y 142 -27.11 -44.37 -55.29
CA LEU Y 142 -27.54 -45.72 -55.64
C LEU Y 142 -26.75 -46.25 -56.83
N PHE Y 143 -26.36 -45.38 -57.75
CA PHE Y 143 -25.68 -45.84 -58.95
C PHE Y 143 -24.25 -46.23 -58.64
N GLN Y 144 -23.59 -45.48 -57.76
CA GLN Y 144 -22.25 -45.82 -57.33
C GLN Y 144 -22.22 -47.03 -56.41
N MET Y 145 -23.35 -47.41 -55.84
CA MET Y 145 -23.45 -48.57 -54.98
C MET Y 145 -23.75 -49.84 -55.75
N TRP Y 146 -24.52 -49.74 -56.82
CA TRP Y 146 -24.82 -50.91 -57.65
C TRP Y 146 -23.64 -51.30 -58.51
N ARG Y 147 -22.79 -50.33 -58.87
CA ARG Y 147 -21.58 -50.66 -59.60
C ARG Y 147 -20.60 -51.42 -58.72
N ALA Y 148 -20.55 -51.09 -57.43
CA ALA Y 148 -19.71 -51.81 -56.49
C ALA Y 148 -20.27 -53.17 -56.12
N ALA Y 149 -21.55 -53.40 -56.35
CA ALA Y 149 -22.13 -54.73 -56.16
C ALA Y 149 -22.02 -55.59 -57.41
N GLY Y 150 -21.59 -55.02 -58.52
CA GLY Y 150 -21.42 -55.78 -59.74
C GLY Y 150 -22.60 -55.80 -60.67
N PHE Y 151 -23.52 -54.85 -60.55
CA PHE Y 151 -24.65 -54.78 -61.46
C PHE Y 151 -24.17 -54.24 -62.80
N THR Y 152 -24.61 -54.87 -63.89
CA THR Y 152 -24.21 -54.45 -65.22
C THR Y 152 -25.38 -54.13 -66.14
N ASN Y 153 -26.48 -54.86 -66.04
CA ASN Y 153 -27.65 -54.58 -66.84
C ASN Y 153 -28.86 -54.35 -65.94
N THR Y 154 -29.90 -53.74 -66.51
CA THR Y 154 -31.09 -53.41 -65.76
C THR Y 154 -32.03 -54.59 -65.55
N PHE Y 155 -31.70 -55.77 -66.07
CA PHE Y 155 -32.47 -56.94 -65.70
C PHE Y 155 -32.12 -57.41 -64.29
N GLN Y 156 -30.84 -57.30 -63.92
CA GLN Y 156 -30.42 -57.70 -62.59
C GLN Y 156 -30.93 -56.75 -61.52
N LEU Y 157 -31.18 -55.49 -61.88
CA LEU Y 157 -31.84 -54.58 -60.94
C LEU Y 157 -33.31 -54.88 -60.81
N TYR Y 158 -33.94 -55.37 -61.88
CA TYR Y 158 -35.38 -55.59 -61.85
C TYR Y 158 -35.73 -56.80 -61.00
N CYS Y 159 -34.97 -57.89 -61.11
CA CYS Y 159 -35.24 -59.07 -60.30
C CYS Y 159 -34.59 -59.01 -58.92
N THR Y 160 -34.03 -57.87 -58.54
CA THR Y 160 -33.79 -57.56 -57.14
C THR Y 160 -35.00 -56.86 -56.54
N ALA Y 161 -35.65 -56.00 -57.34
CA ALA Y 161 -36.88 -55.35 -56.92
C ALA Y 161 -38.05 -56.32 -56.86
N ILE Y 162 -38.04 -57.36 -57.69
CA ILE Y 162 -39.05 -58.41 -57.54
C ILE Y 162 -38.75 -59.26 -56.32
N GLY Y 163 -37.49 -59.56 -56.09
CA GLY Y 163 -37.07 -60.37 -54.95
C GLY Y 163 -37.23 -59.70 -53.61
N GLY Y 164 -37.42 -58.38 -53.59
CA GLY Y 164 -37.67 -57.69 -52.33
C GLY Y 164 -39.16 -57.56 -52.06
N LEU Y 165 -39.97 -57.54 -53.11
CA LEU Y 165 -41.42 -57.55 -52.93
C LEU Y 165 -41.92 -58.88 -52.41
N VAL Y 166 -41.27 -59.98 -52.79
CA VAL Y 166 -41.58 -61.27 -52.18
C VAL Y 166 -40.87 -61.48 -50.87
N MET Y 167 -39.94 -60.59 -50.52
CA MET Y 167 -39.35 -60.54 -49.19
C MET Y 167 -40.11 -59.58 -48.28
N ALA Y 168 -40.88 -58.66 -48.86
CA ALA Y 168 -41.80 -57.86 -48.05
C ALA Y 168 -43.03 -58.67 -47.66
N ALA Y 169 -43.58 -59.45 -48.58
CA ALA Y 169 -44.70 -60.33 -48.25
C ALA Y 169 -44.27 -61.49 -47.38
N LEU Y 170 -42.98 -61.82 -47.35
CA LEU Y 170 -42.49 -62.80 -46.40
C LEU Y 170 -42.39 -62.23 -45.01
N MET Y 171 -41.87 -61.00 -44.88
CA MET Y 171 -41.77 -60.36 -43.58
C MET Y 171 -43.11 -59.87 -43.07
N LEU Y 172 -44.07 -59.62 -43.96
CA LEU Y 172 -45.39 -59.23 -43.50
C LEU Y 172 -46.21 -60.44 -43.09
N PHE Y 173 -45.94 -61.61 -43.66
CA PHE Y 173 -46.60 -62.82 -43.20
C PHE Y 173 -46.08 -63.27 -41.85
N ALA Y 174 -44.82 -62.98 -41.54
CA ALA Y 174 -44.23 -63.37 -40.28
C ALA Y 174 -44.60 -62.46 -39.13
N GLY Y 175 -45.33 -61.39 -39.39
CA GLY Y 175 -45.81 -60.56 -38.29
C GLY Y 175 -47.22 -60.96 -37.94
N TRP Y 176 -47.95 -61.42 -38.95
CA TRP Y 176 -49.24 -62.03 -38.67
C TRP Y 176 -49.06 -63.40 -38.01
N PHE Y 177 -48.00 -64.10 -38.37
CA PHE Y 177 -47.80 -65.43 -37.83
C PHE Y 177 -47.33 -65.40 -36.39
N HIS Y 178 -46.57 -64.38 -36.01
CA HIS Y 178 -46.04 -64.30 -34.65
C HIS Y 178 -46.82 -63.33 -33.78
N TYR Y 179 -48.06 -63.05 -34.15
CA TYR Y 179 -49.01 -62.44 -33.25
C TYR Y 179 -50.33 -63.15 -33.22
N HIS Y 180 -50.70 -63.88 -34.27
CA HIS Y 180 -52.01 -64.50 -34.35
C HIS Y 180 -51.97 -66.02 -34.36
N LYS Y 181 -50.84 -66.63 -34.71
CA LYS Y 181 -50.75 -68.09 -34.70
C LYS Y 181 -49.76 -68.60 -33.65
N ARG Y 182 -48.50 -68.19 -33.73
CA ARG Y 182 -47.46 -68.70 -32.84
C ARG Y 182 -46.77 -67.50 -32.20
N ALA Y 183 -47.35 -67.01 -31.16
CA ALA Y 183 -46.70 -65.91 -30.47
C ALA Y 183 -45.82 -66.45 -29.37
N PRO Y 184 -44.58 -65.98 -29.25
CA PRO Y 184 -43.69 -66.49 -28.20
C PRO Y 184 -44.12 -66.04 -26.81
N LYS Y 185 -43.49 -66.64 -25.81
CA LYS Y 185 -43.78 -66.33 -24.42
C LYS Y 185 -42.69 -65.42 -23.87
N LEU Y 186 -42.86 -64.98 -22.63
CA LEU Y 186 -41.98 -63.97 -22.06
C LEU Y 186 -40.58 -64.53 -21.80
N GLU Y 187 -40.48 -65.81 -21.46
CA GLU Y 187 -39.17 -66.40 -21.23
C GLU Y 187 -38.45 -66.74 -22.52
N TRP Y 188 -39.07 -66.53 -23.68
CA TRP Y 188 -38.35 -66.59 -24.95
C TRP Y 188 -37.72 -65.25 -25.29
N PHE Y 189 -38.30 -64.14 -24.82
CA PHE Y 189 -37.70 -62.85 -25.09
C PHE Y 189 -36.58 -62.51 -24.13
N GLN Y 190 -36.54 -63.17 -22.97
CA GLN Y 190 -35.69 -62.73 -21.87
C GLN Y 190 -34.36 -63.47 -21.81
N ASN Y 191 -34.02 -64.28 -22.81
CA ASN Y 191 -32.68 -64.86 -22.89
C ASN Y 191 -31.87 -64.04 -23.89
N THR Y 192 -31.45 -62.87 -23.43
CA THR Y 192 -30.69 -61.95 -24.26
C THR Y 192 -29.24 -62.36 -24.43
N GLN Y 193 -28.76 -63.38 -23.71
CA GLN Y 193 -27.43 -63.90 -24.00
C GLN Y 193 -27.45 -64.74 -25.26
N SER Y 194 -28.51 -65.52 -25.45
CA SER Y 194 -28.65 -66.29 -26.69
C SER Y 194 -28.94 -65.40 -27.88
N MET Y 195 -29.58 -64.27 -27.65
CA MET Y 195 -29.87 -63.34 -28.73
C MET Y 195 -28.61 -62.69 -29.24
N LEU Y 196 -27.69 -62.35 -28.34
CA LEU Y 196 -26.43 -61.75 -28.74
C LEU Y 196 -25.52 -62.74 -29.42
N ASN Y 197 -25.71 -64.04 -29.21
CA ASN Y 197 -24.92 -65.03 -29.94
C ASN Y 197 -25.32 -65.08 -31.40
N HIS Y 198 -26.62 -65.00 -31.69
CA HIS Y 198 -27.08 -65.12 -33.05
C HIS Y 198 -27.10 -63.80 -33.79
N HIS Y 199 -26.96 -62.68 -33.10
CA HIS Y 199 -26.87 -61.41 -33.79
C HIS Y 199 -25.44 -61.02 -34.08
N LEU Y 200 -24.52 -61.37 -33.19
CA LEU Y 200 -23.11 -61.16 -33.47
C LEU Y 200 -22.62 -62.13 -34.53
N ALA Y 201 -22.85 -63.41 -34.31
CA ALA Y 201 -22.30 -64.42 -35.22
C ALA Y 201 -23.23 -64.70 -36.39
N GLY Y 202 -24.52 -64.85 -36.14
CA GLY Y 202 -25.41 -65.28 -37.20
C GLY Y 202 -25.87 -64.17 -38.13
N LEU Y 203 -25.87 -62.93 -37.65
CA LEU Y 203 -26.36 -61.81 -38.45
C LEU Y 203 -25.23 -60.90 -38.92
N LEU Y 204 -24.37 -60.46 -38.02
CA LEU Y 204 -23.23 -59.64 -38.39
C LEU Y 204 -22.02 -60.45 -38.79
N GLY Y 205 -22.00 -61.74 -38.51
CA GLY Y 205 -20.86 -62.55 -38.90
C GLY Y 205 -21.13 -63.28 -40.18
N LEU Y 206 -22.31 -63.89 -40.31
CA LEU Y 206 -22.69 -64.53 -41.55
C LEU Y 206 -23.15 -63.53 -42.61
N GLY Y 207 -23.32 -62.27 -42.26
CA GLY Y 207 -23.69 -61.30 -43.24
C GLY Y 207 -22.48 -60.74 -43.94
N SER Y 208 -21.40 -60.54 -43.18
CA SER Y 208 -20.13 -60.13 -43.75
C SER Y 208 -19.27 -61.30 -44.16
N LEU Y 209 -19.73 -62.53 -43.94
CA LEU Y 209 -19.15 -63.69 -44.61
C LEU Y 209 -19.87 -63.99 -45.90
N GLY Y 210 -21.18 -63.75 -45.94
CA GLY Y 210 -21.90 -63.85 -47.19
C GLY Y 210 -21.48 -62.77 -48.16
N TRP Y 211 -21.24 -61.56 -47.66
CA TRP Y 211 -20.92 -60.47 -48.56
C TRP Y 211 -19.50 -60.56 -49.09
N THR Y 212 -18.55 -61.07 -48.30
CA THR Y 212 -17.21 -61.26 -48.86
C THR Y 212 -17.15 -62.44 -49.83
N GLY Y 213 -18.18 -63.29 -49.85
CA GLY Y 213 -18.31 -64.24 -50.93
C GLY Y 213 -18.95 -63.68 -52.17
N HIS Y 214 -19.73 -62.62 -52.03
CA HIS Y 214 -20.25 -61.92 -53.20
C HIS Y 214 -19.18 -61.06 -53.84
N LEU Y 215 -18.36 -60.41 -53.00
CA LEU Y 215 -17.38 -59.45 -53.49
C LEU Y 215 -16.35 -60.12 -54.38
N ILE Y 216 -15.78 -61.23 -53.91
CA ILE Y 216 -14.72 -61.90 -54.67
C ILE Y 216 -15.24 -62.74 -55.81
N HIS Y 217 -16.55 -62.91 -55.95
CA HIS Y 217 -17.10 -63.71 -57.03
C HIS Y 217 -17.96 -62.92 -58.00
N VAL Y 218 -18.52 -61.79 -57.59
CA VAL Y 218 -19.29 -60.92 -58.45
C VAL Y 218 -18.65 -59.55 -58.58
N SER Y 219 -18.30 -58.92 -57.46
CA SER Y 219 -17.83 -57.55 -57.52
C SER Y 219 -16.37 -57.46 -57.95
N LEU Y 220 -15.52 -58.34 -57.45
CA LEU Y 220 -14.10 -58.30 -57.83
C LEU Y 220 -13.83 -58.72 -59.28
N PRO Y 221 -14.55 -59.69 -59.88
CA PRO Y 221 -14.38 -59.85 -61.33
C PRO Y 221 -14.97 -58.72 -62.15
N THR Y 222 -16.15 -58.21 -61.79
CA THR Y 222 -16.81 -57.20 -62.62
C THR Y 222 -16.08 -55.86 -62.55
N ASN Y 223 -15.67 -55.43 -61.37
CA ASN Y 223 -14.97 -54.17 -61.26
C ASN Y 223 -13.51 -54.23 -61.70
N LYS Y 224 -13.00 -55.42 -61.99
CA LYS Y 224 -11.69 -55.50 -62.63
C LYS Y 224 -11.80 -55.26 -64.13
N LEU Y 225 -12.81 -55.86 -64.77
CA LEU Y 225 -13.00 -55.67 -66.20
C LEU Y 225 -13.58 -54.31 -66.54
N LEU Y 226 -14.28 -53.67 -65.61
CA LEU Y 226 -14.81 -52.34 -65.87
C LEU Y 226 -13.75 -51.26 -65.82
N ASP Y 227 -12.58 -51.55 -65.23
CA ASP Y 227 -11.48 -50.59 -65.25
C ASP Y 227 -10.66 -50.68 -66.53
N THR Y 228 -10.75 -51.79 -67.26
CA THR Y 228 -10.16 -51.88 -68.58
C THR Y 228 -11.11 -51.38 -69.67
N GLY Y 229 -12.33 -51.02 -69.31
CA GLY Y 229 -13.26 -50.44 -70.25
C GLY Y 229 -13.82 -51.41 -71.26
N VAL Y 230 -14.46 -52.49 -70.79
CA VAL Y 230 -15.00 -53.50 -71.69
C VAL Y 230 -16.37 -53.10 -72.25
N ALA Y 231 -16.94 -51.99 -71.80
CA ALA Y 231 -18.03 -51.26 -72.47
C ALA Y 231 -19.33 -52.06 -72.54
N LEU Y 232 -19.55 -52.93 -71.57
CA LEU Y 232 -20.81 -53.59 -71.24
C LEU Y 232 -21.35 -54.54 -72.32
N LYS Y 233 -20.62 -54.80 -73.41
CA LYS Y 233 -20.91 -55.98 -74.21
C LYS Y 233 -20.02 -57.14 -73.82
N ASP Y 234 -18.74 -56.86 -73.59
CA ASP Y 234 -17.71 -57.86 -73.39
C ASP Y 234 -17.70 -58.43 -71.99
N ILE Y 235 -18.36 -57.76 -71.05
CA ILE Y 235 -18.34 -58.18 -69.66
C ILE Y 235 -19.26 -59.39 -69.51
N PRO Y 236 -18.88 -60.38 -68.72
CA PRO Y 236 -19.76 -61.53 -68.51
C PRO Y 236 -20.70 -61.31 -67.33
N LEU Y 237 -21.83 -62.00 -67.41
CA LEU Y 237 -22.76 -62.05 -66.30
C LEU Y 237 -22.12 -62.80 -65.13
N PRO Y 238 -22.50 -62.46 -63.88
CA PRO Y 238 -21.71 -62.94 -62.74
C PRO Y 238 -21.75 -64.44 -62.50
N HIS Y 239 -22.68 -65.16 -63.10
CA HIS Y 239 -22.65 -66.62 -62.99
C HIS Y 239 -21.61 -67.24 -63.91
N GLU Y 240 -21.07 -66.49 -64.86
CA GLU Y 240 -20.05 -66.99 -65.77
C GLU Y 240 -18.65 -66.84 -65.20
N PHE Y 241 -18.51 -66.32 -63.99
CA PHE Y 241 -17.25 -66.38 -63.27
C PHE Y 241 -17.20 -67.56 -62.31
N ILE Y 242 -18.30 -68.28 -62.13
CA ILE Y 242 -18.33 -69.49 -61.34
C ILE Y 242 -18.56 -70.72 -62.20
N LEU Y 243 -19.43 -70.62 -63.19
CA LEU Y 243 -19.62 -71.72 -64.15
C LEU Y 243 -18.40 -71.89 -65.05
N ASN Y 244 -17.73 -70.80 -65.41
CA ASN Y 244 -16.50 -70.85 -66.20
C ASN Y 244 -15.35 -70.38 -65.33
N PRO Y 245 -14.70 -71.29 -64.59
CA PRO Y 245 -13.64 -70.86 -63.67
C PRO Y 245 -12.32 -70.56 -64.35
N SER Y 246 -12.17 -70.86 -65.64
CA SER Y 246 -11.02 -70.42 -66.40
C SER Y 246 -11.07 -68.94 -66.74
N LEU Y 247 -12.25 -68.34 -66.65
CA LEU Y 247 -12.41 -66.92 -66.94
C LEU Y 247 -11.85 -66.04 -65.82
N MET Y 248 -11.84 -66.53 -64.59
CA MET Y 248 -11.21 -65.82 -63.48
C MET Y 248 -9.82 -66.36 -63.19
N ASN Y 249 -9.08 -66.72 -64.23
CA ASN Y 249 -7.69 -67.14 -64.08
C ASN Y 249 -6.71 -66.20 -64.77
N LYS Y 250 -7.13 -65.51 -65.83
CA LYS Y 250 -6.33 -64.40 -66.33
C LYS Y 250 -6.38 -63.23 -65.37
N LEU Y 251 -7.50 -63.06 -64.66
CA LEU Y 251 -7.54 -62.22 -63.47
C LEU Y 251 -7.19 -63.10 -62.28
N TYR Y 252 -6.35 -62.57 -61.38
CA TYR Y 252 -5.86 -63.22 -60.18
C TYR Y 252 -5.21 -64.57 -60.46
N PRO Y 253 -4.03 -64.61 -61.07
CA PRO Y 253 -3.45 -65.89 -61.48
C PRO Y 253 -2.74 -66.65 -60.38
N HIS Y 254 -2.51 -66.03 -59.21
CA HIS Y 254 -1.78 -66.70 -58.15
C HIS Y 254 -2.60 -67.79 -57.48
N ALA Y 255 -3.91 -67.82 -57.67
CA ALA Y 255 -4.75 -68.89 -57.15
C ALA Y 255 -5.02 -69.91 -58.25
N ASP Y 256 -5.84 -70.90 -57.92
CA ASP Y 256 -6.15 -72.00 -58.83
C ASP Y 256 -7.50 -71.85 -59.50
N TRP Y 257 -8.53 -71.45 -58.72
CA TRP Y 257 -9.90 -71.21 -59.17
C TRP Y 257 -10.51 -72.47 -59.81
N GLY Y 258 -10.69 -73.47 -58.95
CA GLY Y 258 -11.47 -74.64 -59.30
C GLY Y 258 -12.44 -74.96 -58.19
N PHE Y 259 -13.40 -75.85 -58.49
CA PHE Y 259 -14.52 -76.11 -57.59
C PHE Y 259 -14.07 -76.72 -56.27
N VAL Y 260 -13.20 -77.72 -56.34
CA VAL Y 260 -12.57 -78.27 -55.14
C VAL Y 260 -11.08 -77.94 -55.09
N LYS Y 261 -10.44 -77.68 -56.22
CA LYS Y 261 -8.99 -77.55 -56.26
C LYS Y 261 -8.53 -76.17 -55.83
N GLY Y 262 -9.41 -75.17 -55.86
CA GLY Y 262 -9.01 -73.83 -55.50
C GLY Y 262 -9.30 -73.42 -54.09
N VAL Y 263 -10.11 -74.20 -53.37
CA VAL Y 263 -10.46 -73.87 -52.00
C VAL Y 263 -9.38 -74.36 -51.02
N VAL Y 264 -8.77 -75.50 -51.31
CA VAL Y 264 -7.78 -76.15 -50.45
C VAL Y 264 -6.54 -75.32 -50.05
N PRO Y 265 -6.14 -74.21 -50.70
CA PRO Y 265 -5.21 -73.30 -50.02
C PRO Y 265 -5.75 -72.68 -48.74
N PHE Y 266 -7.07 -72.58 -48.58
CA PHE Y 266 -7.60 -72.00 -47.34
C PHE Y 266 -7.49 -72.97 -46.18
N PHE Y 267 -7.70 -74.26 -46.43
CA PHE Y 267 -7.71 -75.24 -45.34
C PHE Y 267 -6.32 -75.70 -44.98
N THR Y 268 -5.40 -75.78 -45.94
CA THR Y 268 -4.01 -76.10 -45.65
C THR Y 268 -3.20 -74.88 -45.23
N LEU Y 269 -3.86 -73.74 -45.01
CA LEU Y 269 -3.27 -72.52 -44.44
C LEU Y 269 -2.14 -71.95 -45.27
N GLN Y 270 -2.14 -72.23 -46.57
CA GLN Y 270 -1.24 -71.55 -47.49
C GLN Y 270 -1.99 -70.38 -48.12
N TRP Y 271 -2.17 -69.34 -47.30
CA TRP Y 271 -2.98 -68.20 -47.67
C TRP Y 271 -2.24 -67.19 -48.53
N GLY Y 272 -1.04 -67.51 -49.00
CA GLY Y 272 -0.40 -66.68 -49.99
C GLY Y 272 -0.98 -66.79 -51.38
N HIS Y 273 -1.84 -67.77 -51.61
CA HIS Y 273 -2.55 -67.88 -52.89
C HIS Y 273 -3.66 -66.86 -53.03
N PHE Y 274 -4.08 -66.22 -51.94
CA PHE Y 274 -5.13 -65.23 -51.97
C PHE Y 274 -4.61 -63.82 -51.89
N THR Y 275 -3.30 -63.62 -51.88
CA THR Y 275 -2.74 -62.30 -51.60
C THR Y 275 -2.87 -61.32 -52.75
N ASP Y 276 -3.41 -61.71 -53.90
CA ASP Y 276 -3.58 -60.75 -54.96
C ASP Y 276 -4.98 -60.16 -55.00
N PHE Y 277 -5.98 -60.86 -54.47
CA PHE Y 277 -7.32 -60.31 -54.37
C PHE Y 277 -7.78 -60.14 -52.94
N LEU Y 278 -6.90 -60.32 -51.95
CA LEU Y 278 -7.11 -59.92 -50.56
C LEU Y 278 -5.90 -59.11 -50.15
N THR Y 279 -5.93 -57.82 -50.44
CA THR Y 279 -4.77 -56.98 -50.19
C THR Y 279 -4.95 -56.15 -48.94
N PHE Y 280 -3.87 -55.52 -48.52
CA PHE Y 280 -3.87 -54.53 -47.46
C PHE Y 280 -3.21 -53.27 -47.99
N LYS Y 281 -3.68 -52.85 -49.16
CA LYS Y 281 -3.13 -51.68 -49.85
C LYS Y 281 -3.39 -50.41 -49.05
N GLY Y 282 -4.63 -50.17 -48.69
CA GLY Y 282 -4.94 -49.03 -47.83
C GLY Y 282 -4.84 -47.72 -48.58
N GLY Y 283 -5.69 -47.53 -49.57
CA GLY Y 283 -5.73 -46.27 -50.28
C GLY Y 283 -6.91 -46.24 -51.20
N LEU Y 284 -6.97 -45.19 -52.00
CA LEU Y 284 -8.03 -45.03 -52.98
C LEU Y 284 -7.57 -45.51 -54.34
N ASN Y 285 -8.47 -46.18 -55.04
CA ASN Y 285 -8.25 -46.62 -56.41
C ASN Y 285 -8.13 -45.40 -57.31
N PRO Y 286 -6.97 -45.13 -57.91
CA PRO Y 286 -6.79 -43.87 -58.64
C PRO Y 286 -7.47 -43.80 -59.99
N VAL Y 287 -8.24 -44.82 -60.39
CA VAL Y 287 -8.97 -44.78 -61.64
C VAL Y 287 -10.45 -44.49 -61.35
N THR Y 288 -10.96 -44.99 -60.23
CA THR Y 288 -12.35 -44.81 -59.85
C THR Y 288 -12.55 -43.80 -58.73
N GLY Y 289 -11.68 -43.80 -57.73
CA GLY Y 289 -11.78 -42.92 -56.59
C GLY Y 289 -12.16 -43.62 -55.31
N GLY Y 290 -12.83 -44.76 -55.42
CA GLY Y 290 -13.21 -45.51 -54.25
C GLY Y 290 -12.06 -46.31 -53.68
N LEU Y 291 -12.36 -47.06 -52.62
CA LEU Y 291 -11.39 -47.98 -52.09
C LEU Y 291 -11.22 -49.16 -53.05
N TRP Y 292 -10.11 -49.87 -52.90
CA TRP Y 292 -9.89 -51.09 -53.67
C TRP Y 292 -10.88 -52.14 -53.23
N LEU Y 293 -11.53 -52.80 -54.19
CA LEU Y 293 -12.44 -53.85 -53.79
C LEU Y 293 -11.74 -55.14 -53.41
N THR Y 294 -10.43 -55.26 -53.68
CA THR Y 294 -9.66 -56.29 -53.01
C THR Y 294 -9.47 -55.95 -51.55
N ASP Y 295 -9.34 -54.66 -51.25
CA ASP Y 295 -9.15 -54.20 -49.88
C ASP Y 295 -10.44 -54.28 -49.08
N VAL Y 296 -11.59 -54.14 -49.75
CA VAL Y 296 -12.89 -54.25 -49.10
C VAL Y 296 -13.26 -55.71 -48.88
N ALA Y 297 -12.94 -56.57 -49.85
CA ALA Y 297 -13.27 -57.99 -49.71
C ALA Y 297 -12.43 -58.68 -48.66
N HIS Y 298 -11.20 -58.20 -48.46
CA HIS Y 298 -10.39 -58.68 -47.35
C HIS Y 298 -10.92 -58.17 -46.03
N HIS Y 299 -11.52 -56.98 -46.05
CA HIS Y 299 -11.99 -56.35 -44.83
C HIS Y 299 -13.19 -57.08 -44.24
N HIS Y 300 -14.12 -57.50 -45.10
CA HIS Y 300 -15.28 -58.23 -44.62
C HIS Y 300 -14.93 -59.62 -44.16
N LEU Y 301 -13.82 -60.16 -44.63
CA LEU Y 301 -13.40 -61.47 -44.15
C LEU Y 301 -12.78 -61.38 -42.77
N ALA Y 302 -12.11 -60.27 -42.45
CA ALA Y 302 -11.62 -60.07 -41.10
C ALA Y 302 -12.69 -59.57 -40.16
N ILE Y 303 -13.81 -59.11 -40.70
CA ILE Y 303 -14.96 -58.72 -39.89
C ILE Y 303 -15.81 -59.95 -39.58
N ALA Y 304 -15.98 -60.83 -40.57
CA ALA Y 304 -16.75 -62.05 -40.37
C ALA Y 304 -16.04 -63.02 -39.45
N VAL Y 305 -14.71 -63.04 -39.44
CA VAL Y 305 -14.00 -63.86 -38.48
C VAL Y 305 -14.18 -63.30 -37.08
N MET Y 306 -14.06 -61.98 -36.93
CA MET Y 306 -14.12 -61.35 -35.61
C MET Y 306 -15.53 -61.38 -35.03
N PHE Y 307 -16.56 -61.45 -35.88
CA PHE Y 307 -17.92 -61.48 -35.36
C PHE Y 307 -18.42 -62.89 -35.07
N ILE Y 308 -18.05 -63.87 -35.90
CA ILE Y 308 -18.42 -65.25 -35.62
C ILE Y 308 -17.68 -65.76 -34.39
N ILE Y 309 -16.46 -65.28 -34.17
CA ILE Y 309 -15.73 -65.56 -32.94
C ILE Y 309 -16.45 -64.94 -31.75
N ALA Y 310 -16.81 -63.66 -31.84
CA ALA Y 310 -17.41 -62.97 -30.72
C ALA Y 310 -18.87 -63.31 -30.48
N GLY Y 311 -19.47 -64.10 -31.37
CA GLY Y 311 -20.80 -64.62 -31.11
C GLY Y 311 -20.79 -65.89 -30.31
N HIS Y 312 -19.62 -66.40 -29.96
CA HIS Y 312 -19.49 -67.54 -29.06
C HIS Y 312 -18.98 -67.10 -27.70
N MET Y 313 -19.34 -65.90 -27.29
CA MET Y 313 -18.89 -65.39 -26.01
C MET Y 313 -19.88 -65.72 -24.91
N TYR Y 314 -21.17 -65.57 -25.17
CA TYR Y 314 -22.19 -65.67 -24.14
C TYR Y 314 -22.72 -67.09 -24.03
N ARG Y 315 -23.18 -67.44 -22.83
CA ARG Y 315 -23.49 -68.81 -22.47
C ARG Y 315 -24.94 -69.12 -22.78
N THR Y 316 -25.16 -70.01 -23.74
CA THR Y 316 -26.43 -70.67 -23.92
C THR Y 316 -26.39 -72.01 -23.18
N ASN Y 317 -27.32 -72.90 -23.48
CA ASN Y 317 -27.56 -74.12 -22.72
C ASN Y 317 -26.44 -75.17 -22.81
N TRP Y 318 -25.25 -74.95 -23.36
CA TRP Y 318 -24.19 -75.94 -23.31
C TRP Y 318 -23.12 -75.60 -22.29
N GLY Y 319 -23.47 -74.84 -21.25
CA GLY Y 319 -22.58 -74.64 -20.12
C GLY Y 319 -21.47 -73.63 -20.33
N ILE Y 320 -20.75 -73.77 -21.40
CA ILE Y 320 -19.58 -72.94 -21.66
C ILE Y 320 -20.05 -71.59 -22.19
N GLY Y 321 -19.30 -70.54 -21.86
CA GLY Y 321 -19.64 -69.18 -22.26
C GLY Y 321 -19.69 -68.24 -21.07
N HIS Y 322 -19.81 -66.97 -21.40
CA HIS Y 322 -19.96 -65.90 -20.43
C HIS Y 322 -21.43 -65.70 -20.09
N SER Y 323 -21.68 -65.15 -18.92
CA SER Y 323 -23.03 -64.75 -18.57
C SER Y 323 -23.01 -63.29 -18.14
N ILE Y 324 -23.84 -62.47 -18.78
CA ILE Y 324 -23.91 -61.05 -18.49
C ILE Y 324 -24.48 -60.80 -17.10
N LYS Y 325 -25.25 -61.75 -16.56
CA LYS Y 325 -25.78 -61.62 -15.21
C LYS Y 325 -24.67 -61.65 -14.17
N GLU Y 326 -23.62 -62.41 -14.42
CA GLU Y 326 -22.49 -62.51 -13.49
C GLU Y 326 -21.45 -61.42 -13.75
N MET Y 327 -21.28 -61.01 -15.02
CA MET Y 327 -20.33 -59.94 -15.32
C MET Y 327 -20.82 -58.58 -14.82
N LEU Y 328 -22.13 -58.34 -14.86
CA LEU Y 328 -22.66 -57.08 -14.35
C LEU Y 328 -22.62 -57.06 -12.83
N ASP Y 329 -22.96 -58.18 -12.19
CA ASP Y 329 -23.05 -58.21 -10.75
C ASP Y 329 -21.69 -58.35 -10.05
N ASP Y 330 -20.61 -58.47 -10.79
CA ASP Y 330 -19.29 -58.54 -10.18
C ASP Y 330 -18.53 -57.23 -10.23
N ALA Y 331 -19.11 -56.17 -10.79
CA ALA Y 331 -18.47 -54.86 -10.82
C ALA Y 331 -18.88 -54.01 -9.63
N ARG Y 332 -18.75 -54.57 -8.43
CA ARG Y 332 -18.93 -53.85 -7.18
C ARG Y 332 -17.58 -53.26 -6.79
N THR Y 333 -17.43 -52.81 -5.54
CA THR Y 333 -16.10 -52.26 -5.24
C THR Y 333 -15.26 -52.95 -4.17
N PRO Y 334 -15.26 -54.28 -4.05
CA PRO Y 334 -14.00 -54.94 -3.70
C PRO Y 334 -13.09 -55.13 -4.89
N ASN Y 335 -13.63 -55.18 -6.10
CA ASN Y 335 -12.87 -55.48 -7.31
C ASN Y 335 -13.13 -54.42 -8.38
N MET Y 336 -12.41 -53.31 -8.29
CA MET Y 336 -12.32 -52.34 -9.38
C MET Y 336 -10.87 -51.87 -9.44
N LEU Y 337 -10.58 -51.03 -10.42
CA LEU Y 337 -9.36 -50.25 -10.32
C LEU Y 337 -9.53 -49.22 -9.21
N PRO Y 338 -8.48 -48.92 -8.45
CA PRO Y 338 -8.65 -48.10 -7.24
C PRO Y 338 -8.94 -46.63 -7.52
N PHE Y 339 -8.82 -46.17 -8.77
CA PHE Y 339 -9.19 -44.79 -9.07
C PHE Y 339 -10.61 -44.66 -9.58
N LEU Y 340 -11.27 -45.76 -9.90
CA LEU Y 340 -12.69 -45.74 -10.22
C LEU Y 340 -13.46 -46.71 -9.33
N SER Y 341 -13.02 -46.82 -8.08
CA SER Y 341 -13.69 -47.61 -7.06
C SER Y 341 -14.77 -46.84 -6.32
N PHE Y 342 -15.22 -45.72 -6.88
CA PHE Y 342 -16.23 -44.91 -6.21
C PHE Y 342 -17.65 -45.41 -6.46
N ILE Y 343 -17.85 -46.38 -7.35
CA ILE Y 343 -19.23 -46.72 -7.70
C ILE Y 343 -19.81 -47.84 -6.83
N GLY Y 344 -20.03 -47.56 -5.56
CA GLY Y 344 -20.91 -48.37 -4.74
C GLY Y 344 -20.40 -49.74 -4.33
N PRO Y 345 -20.70 -50.14 -3.10
CA PRO Y 345 -20.54 -51.57 -2.76
C PRO Y 345 -21.55 -52.45 -3.46
N VAL Y 346 -22.68 -51.91 -3.88
CA VAL Y 346 -23.60 -52.66 -4.72
C VAL Y 346 -23.07 -52.73 -6.15
N GLY Y 347 -22.44 -51.66 -6.61
CA GLY Y 347 -21.86 -51.67 -7.94
C GLY Y 347 -22.92 -51.42 -8.98
N HIS Y 348 -23.14 -52.37 -9.88
CA HIS Y 348 -24.37 -52.40 -10.64
C HIS Y 348 -24.97 -53.79 -10.70
N LYS Y 349 -25.12 -54.40 -9.52
CA LYS Y 349 -26.14 -55.41 -9.34
C LYS Y 349 -27.52 -54.79 -9.58
N GLY Y 350 -28.44 -55.62 -10.04
CA GLY Y 350 -29.76 -55.11 -10.33
C GLY Y 350 -29.84 -54.27 -11.57
N LEU Y 351 -28.93 -54.47 -12.51
CA LEU Y 351 -28.94 -53.76 -13.78
C LEU Y 351 -29.18 -54.68 -14.97
N PHE Y 352 -28.95 -55.98 -14.81
CA PHE Y 352 -29.42 -56.93 -15.81
C PHE Y 352 -30.93 -57.08 -15.75
N GLU Y 353 -31.54 -56.80 -14.60
CA GLU Y 353 -32.99 -56.75 -14.48
C GLU Y 353 -33.58 -55.47 -15.07
N VAL Y 354 -32.75 -54.48 -15.35
CA VAL Y 354 -33.24 -53.25 -15.98
C VAL Y 354 -33.38 -53.45 -17.48
N LEU Y 355 -32.35 -54.00 -18.12
CA LEU Y 355 -32.31 -54.18 -19.56
C LEU Y 355 -32.91 -55.48 -20.03
N THR Y 356 -33.76 -56.11 -19.22
CA THR Y 356 -34.42 -57.35 -19.64
C THR Y 356 -35.91 -57.25 -19.36
N THR Y 357 -36.29 -56.49 -18.33
CA THR Y 357 -37.69 -56.38 -17.95
C THR Y 357 -38.32 -55.08 -18.41
N SER Y 358 -37.69 -54.36 -19.34
CA SER Y 358 -38.26 -53.13 -19.87
C SER Y 358 -37.63 -52.82 -21.22
N TRP Y 359 -38.47 -52.56 -22.21
CA TRP Y 359 -38.03 -52.30 -23.57
C TRP Y 359 -37.61 -50.86 -23.80
N HIS Y 360 -37.98 -49.94 -22.92
CA HIS Y 360 -37.54 -48.56 -23.06
C HIS Y 360 -36.09 -48.39 -22.63
N ALA Y 361 -35.64 -49.21 -21.70
CA ALA Y 361 -34.23 -49.20 -21.32
C ALA Y 361 -33.36 -49.74 -22.43
N GLN Y 362 -33.86 -50.68 -23.20
CA GLN Y 362 -33.12 -51.22 -24.31
C GLN Y 362 -33.17 -50.29 -25.52
N LEU Y 363 -34.28 -49.58 -25.70
CA LEU Y 363 -34.42 -48.68 -26.83
C LEU Y 363 -33.56 -47.44 -26.69
N SER Y 364 -33.29 -47.00 -25.46
CA SER Y 364 -32.48 -45.81 -25.30
C SER Y 364 -31.00 -46.08 -25.57
N ILE Y 365 -30.55 -47.31 -25.42
CA ILE Y 365 -29.17 -47.63 -25.79
C ILE Y 365 -29.08 -47.93 -27.27
N ASN Y 366 -30.07 -48.63 -27.82
CA ASN Y 366 -30.04 -48.97 -29.23
C ASN Y 366 -30.31 -47.80 -30.15
N LEU Y 367 -30.80 -46.67 -29.62
CA LEU Y 367 -30.98 -45.49 -30.44
C LEU Y 367 -29.77 -44.57 -30.36
N ALA Y 368 -29.18 -44.41 -29.18
CA ALA Y 368 -27.98 -43.62 -29.05
C ALA Y 368 -26.78 -44.29 -29.68
N MET Y 369 -26.78 -45.62 -29.78
CA MET Y 369 -25.70 -46.31 -30.46
C MET Y 369 -25.90 -46.32 -31.96
N LEU Y 370 -27.14 -46.48 -32.42
CA LEU Y 370 -27.42 -46.38 -33.85
C LEU Y 370 -27.38 -44.95 -34.34
N GLY Y 371 -27.57 -43.99 -33.44
CA GLY Y 371 -27.42 -42.60 -33.82
C GLY Y 371 -25.97 -42.22 -33.94
N SER Y 372 -25.15 -42.61 -32.97
CA SER Y 372 -23.73 -42.32 -33.03
C SER Y 372 -23.01 -43.14 -34.07
N LEU Y 373 -23.57 -44.28 -34.48
CA LEU Y 373 -22.99 -45.05 -35.56
C LEU Y 373 -23.22 -44.36 -36.90
N SER Y 374 -24.37 -43.73 -37.07
CA SER Y 374 -24.70 -43.11 -38.33
C SER Y 374 -23.97 -41.80 -38.55
N ILE Y 375 -23.36 -41.22 -37.52
CA ILE Y 375 -22.48 -40.08 -37.73
C ILE Y 375 -21.05 -40.52 -37.96
N ILE Y 376 -20.66 -41.66 -37.37
CA ILE Y 376 -19.36 -42.25 -37.66
C ILE Y 376 -19.32 -42.75 -39.10
N ILE Y 377 -20.45 -43.27 -39.57
CA ILE Y 377 -20.58 -43.71 -40.95
C ILE Y 377 -20.45 -42.53 -41.90
N ALA Y 378 -21.06 -41.39 -41.55
CA ALA Y 378 -21.00 -40.22 -42.40
C ALA Y 378 -19.60 -39.62 -42.47
N HIS Y 379 -18.84 -39.70 -41.38
CA HIS Y 379 -17.48 -39.21 -41.34
C HIS Y 379 -16.48 -40.11 -42.04
N HIS Y 380 -16.86 -41.35 -42.34
CA HIS Y 380 -15.96 -42.29 -42.98
C HIS Y 380 -16.21 -42.41 -44.46
N MET Y 381 -17.43 -42.17 -44.91
CA MET Y 381 -17.73 -42.26 -46.32
C MET Y 381 -17.34 -41.02 -47.11
N TYR Y 382 -16.90 -39.96 -46.45
CA TYR Y 382 -16.27 -38.87 -47.18
C TYR Y 382 -14.76 -38.96 -47.17
N ALA Y 383 -14.17 -39.43 -46.08
CA ALA Y 383 -12.73 -39.47 -45.95
C ALA Y 383 -12.12 -40.72 -46.55
N MET Y 384 -12.83 -41.84 -46.45
CA MET Y 384 -12.45 -43.09 -47.12
C MET Y 384 -13.63 -43.47 -48.01
N PRO Y 385 -13.74 -42.89 -49.21
CA PRO Y 385 -14.90 -43.14 -50.05
C PRO Y 385 -14.91 -44.57 -50.54
N PRO Y 386 -16.00 -45.31 -50.28
CA PRO Y 386 -16.00 -46.75 -50.53
C PRO Y 386 -16.49 -47.19 -51.89
N TYR Y 387 -17.08 -46.29 -52.68
CA TYR Y 387 -17.73 -46.70 -53.91
C TYR Y 387 -17.01 -46.11 -55.11
N PRO Y 388 -17.05 -46.80 -56.26
CA PRO Y 388 -16.43 -46.25 -57.47
C PRO Y 388 -17.20 -45.04 -57.96
N TYR Y 389 -16.46 -43.95 -58.23
CA TYR Y 389 -16.97 -42.67 -58.71
C TYR Y 389 -17.95 -42.03 -57.72
N LEU Y 390 -17.78 -42.32 -56.43
CA LEU Y 390 -18.57 -41.65 -55.42
C LEU Y 390 -17.97 -40.31 -55.04
N ALA Y 391 -16.65 -40.28 -54.87
CA ALA Y 391 -15.98 -39.11 -54.28
C ALA Y 391 -15.98 -37.93 -55.22
N THR Y 392 -16.07 -38.16 -56.53
CA THR Y 392 -16.10 -37.07 -57.48
C THR Y 392 -17.51 -36.62 -57.81
N ASP Y 393 -18.51 -37.44 -57.55
CA ASP Y 393 -19.88 -36.94 -57.59
C ASP Y 393 -20.08 -36.08 -56.36
N TYR Y 394 -19.85 -34.78 -56.49
CA TYR Y 394 -19.85 -33.88 -55.35
C TYR Y 394 -21.25 -33.65 -54.79
N GLY Y 395 -22.29 -33.90 -55.58
CA GLY Y 395 -23.64 -33.84 -55.06
C GLY Y 395 -24.01 -35.04 -54.23
N THR Y 396 -23.27 -36.13 -54.37
CA THR Y 396 -23.51 -37.37 -53.64
C THR Y 396 -22.71 -37.41 -52.34
N VAL Y 397 -21.50 -36.86 -52.35
CA VAL Y 397 -20.67 -36.81 -51.14
C VAL Y 397 -21.33 -35.95 -50.07
N VAL Y 398 -21.91 -34.82 -50.46
CA VAL Y 398 -22.51 -33.96 -49.45
C VAL Y 398 -23.89 -34.47 -49.06
N SER Y 399 -24.64 -35.08 -49.97
CA SER Y 399 -25.97 -35.53 -49.61
C SER Y 399 -25.96 -36.89 -48.90
N LEU Y 400 -24.81 -37.53 -48.77
CA LEU Y 400 -24.70 -38.71 -47.93
C LEU Y 400 -24.10 -38.39 -46.57
N PHE Y 401 -23.25 -37.38 -46.49
CA PHE Y 401 -22.83 -36.89 -45.18
C PHE Y 401 -23.99 -36.22 -44.47
N THR Y 402 -24.72 -35.36 -45.18
CA THR Y 402 -25.80 -34.60 -44.57
C THR Y 402 -26.97 -35.49 -44.20
N HIS Y 403 -27.21 -36.56 -44.95
CA HIS Y 403 -28.30 -37.46 -44.65
C HIS Y 403 -28.06 -38.20 -43.35
N HIS Y 404 -26.93 -38.90 -43.24
CA HIS Y 404 -26.67 -39.73 -42.09
C HIS Y 404 -26.26 -38.94 -40.86
N VAL Y 405 -25.90 -37.67 -41.01
CA VAL Y 405 -25.75 -36.84 -39.83
C VAL Y 405 -27.11 -36.49 -39.24
N TRP Y 406 -28.08 -36.14 -40.09
CA TRP Y 406 -29.41 -35.82 -39.59
C TRP Y 406 -30.14 -37.04 -39.07
N ILE Y 407 -30.03 -38.16 -39.80
CA ILE Y 407 -30.61 -39.42 -39.32
C ILE Y 407 -29.96 -39.84 -38.02
N GLY Y 408 -28.64 -39.78 -37.97
CA GLY Y 408 -27.95 -40.13 -36.76
C GLY Y 408 -27.96 -39.09 -35.68
N GLY Y 409 -28.75 -38.04 -35.80
CA GLY Y 409 -28.87 -37.09 -34.71
C GLY Y 409 -30.28 -37.05 -34.20
N PHE Y 410 -31.25 -37.46 -35.02
CA PHE Y 410 -32.58 -37.70 -34.52
C PHE Y 410 -32.60 -38.89 -33.57
N LEU Y 411 -31.83 -39.93 -33.90
CA LEU Y 411 -31.80 -41.12 -33.06
C LEU Y 411 -31.09 -40.89 -31.73
N ILE Y 412 -30.23 -39.89 -31.64
CA ILE Y 412 -29.63 -39.54 -30.35
C ILE Y 412 -30.67 -38.94 -29.43
N VAL Y 413 -31.53 -38.06 -29.96
CA VAL Y 413 -32.59 -37.46 -29.18
C VAL Y 413 -33.65 -38.49 -28.83
N GLY Y 414 -33.80 -39.52 -29.65
CA GLY Y 414 -34.64 -40.63 -29.26
C GLY Y 414 -33.99 -41.52 -28.23
N GLY Y 415 -32.68 -41.57 -28.20
CA GLY Y 415 -32.01 -42.29 -27.14
C GLY Y 415 -32.09 -41.60 -25.80
N ALA Y 416 -32.41 -40.31 -25.81
CA ALA Y 416 -32.62 -39.56 -24.58
C ALA Y 416 -34.08 -39.31 -24.29
N ALA Y 417 -34.98 -39.68 -25.21
CA ALA Y 417 -36.40 -39.67 -24.90
C ALA Y 417 -36.79 -40.92 -24.14
N HIS Y 418 -36.30 -42.08 -24.57
CA HIS Y 418 -36.63 -43.34 -23.92
C HIS Y 418 -35.78 -43.63 -22.72
N ALA Y 419 -34.69 -42.90 -22.53
CA ALA Y 419 -34.03 -42.90 -21.24
C ALA Y 419 -34.75 -42.03 -20.23
N ALA Y 420 -35.79 -41.31 -20.66
CA ALA Y 420 -36.68 -40.58 -19.78
C ALA Y 420 -38.05 -41.21 -19.64
N ILE Y 421 -38.48 -42.01 -20.62
CA ILE Y 421 -39.68 -42.82 -20.45
C ILE Y 421 -39.38 -44.00 -19.54
N TYR Y 422 -38.12 -44.44 -19.51
CA TYR Y 422 -37.75 -45.49 -18.57
C TYR Y 422 -37.84 -45.02 -17.13
N MET Y 423 -37.42 -43.78 -16.86
CA MET Y 423 -37.42 -43.29 -15.48
C MET Y 423 -38.85 -43.05 -14.99
N VAL Y 424 -39.70 -42.48 -15.83
CA VAL Y 424 -41.05 -42.17 -15.40
C VAL Y 424 -41.88 -43.44 -15.24
N ARG Y 425 -41.70 -44.40 -16.14
CA ARG Y 425 -42.56 -45.59 -16.15
C ARG Y 425 -41.88 -46.82 -15.56
N ASP Y 426 -40.73 -47.21 -16.10
CA ASP Y 426 -40.17 -48.52 -15.83
C ASP Y 426 -39.13 -48.52 -14.74
N TYR Y 427 -38.93 -47.40 -14.04
CA TYR Y 427 -37.90 -47.32 -13.01
C TYR Y 427 -38.42 -47.85 -11.70
N ASP Y 428 -37.61 -48.67 -11.04
CA ASP Y 428 -37.99 -49.34 -9.81
C ASP Y 428 -36.95 -49.03 -8.75
N PRO Y 429 -37.29 -48.32 -7.68
CA PRO Y 429 -36.30 -48.09 -6.60
C PRO Y 429 -36.02 -49.31 -5.76
N GLU Y 430 -36.82 -50.37 -5.89
CA GLU Y 430 -36.55 -51.62 -5.19
C GLU Y 430 -35.28 -52.29 -5.73
N GLN Y 431 -35.26 -52.59 -7.02
CA GLN Y 431 -34.13 -53.29 -7.62
C GLN Y 431 -32.93 -52.38 -7.90
N ASN Y 432 -33.08 -51.08 -7.71
CA ASN Y 432 -32.01 -50.13 -7.97
C ASN Y 432 -31.62 -49.38 -6.71
N PHE Y 433 -31.40 -50.09 -5.60
CA PHE Y 433 -30.92 -49.42 -4.39
C PHE Y 433 -29.40 -49.39 -4.40
N ASN Y 434 -28.85 -48.18 -4.41
CA ASN Y 434 -27.42 -47.89 -4.26
C ASN Y 434 -26.57 -48.52 -5.36
N ASN Y 435 -27.16 -48.89 -6.49
CA ASN Y 435 -26.39 -49.38 -7.61
C ASN Y 435 -25.92 -48.19 -8.43
N VAL Y 436 -25.43 -48.46 -9.64
CA VAL Y 436 -24.75 -47.43 -10.42
C VAL Y 436 -25.73 -46.41 -11.00
N LEU Y 437 -27.02 -46.73 -11.01
CA LEU Y 437 -28.08 -45.85 -11.48
C LEU Y 437 -28.73 -45.07 -10.34
N ASP Y 438 -28.79 -45.64 -9.14
CA ASP Y 438 -29.24 -44.89 -7.99
C ASP Y 438 -28.27 -43.77 -7.65
N ARG Y 439 -26.98 -44.06 -7.71
CA ARG Y 439 -25.96 -43.09 -7.32
C ARG Y 439 -25.83 -41.93 -8.30
N VAL Y 440 -26.39 -42.05 -9.50
CA VAL Y 440 -26.43 -40.94 -10.44
C VAL Y 440 -27.55 -39.98 -10.10
N LEU Y 441 -28.72 -40.50 -9.73
CA LEU Y 441 -29.80 -39.63 -9.30
C LEU Y 441 -29.54 -39.02 -7.93
N ARG Y 442 -28.64 -39.60 -7.15
CA ARG Y 442 -28.33 -39.05 -5.84
C ARG Y 442 -27.34 -37.90 -5.89
N HIS Y 443 -26.84 -37.53 -7.07
CA HIS Y 443 -25.98 -36.36 -7.14
C HIS Y 443 -26.25 -35.56 -8.40
N ARG Y 444 -27.45 -35.67 -8.96
CA ARG Y 444 -27.78 -35.09 -10.27
C ARG Y 444 -27.71 -33.57 -10.33
N ASP Y 445 -27.59 -32.87 -9.20
CA ASP Y 445 -27.29 -31.44 -9.25
C ASP Y 445 -25.80 -31.18 -9.33
N ALA Y 446 -24.96 -32.21 -9.31
CA ALA Y 446 -23.55 -32.05 -9.59
C ALA Y 446 -23.19 -32.45 -11.00
N ILE Y 447 -23.98 -33.32 -11.63
CA ILE Y 447 -23.83 -33.55 -13.06
C ILE Y 447 -24.25 -32.33 -13.84
N ILE Y 448 -25.41 -31.76 -13.48
CA ILE Y 448 -25.99 -30.69 -14.28
C ILE Y 448 -25.32 -29.35 -13.98
N SER Y 449 -24.76 -29.16 -12.78
CA SER Y 449 -24.01 -27.94 -12.49
C SER Y 449 -22.74 -27.83 -13.30
N HIS Y 450 -22.02 -28.93 -13.46
CA HIS Y 450 -20.78 -28.91 -14.21
C HIS Y 450 -21.00 -29.12 -15.69
N LEU Y 451 -22.15 -29.61 -16.07
CA LEU Y 451 -22.49 -29.60 -17.48
C LEU Y 451 -22.94 -28.22 -17.90
N ALA Y 452 -23.74 -27.54 -17.08
CA ALA Y 452 -24.16 -26.18 -17.40
C ALA Y 452 -23.07 -25.15 -17.20
N TRP Y 453 -21.90 -25.54 -16.70
CA TRP Y 453 -20.75 -24.65 -16.72
C TRP Y 453 -19.92 -24.85 -17.98
N VAL Y 454 -19.73 -26.11 -18.41
CA VAL Y 454 -18.95 -26.35 -19.61
C VAL Y 454 -19.74 -26.01 -20.87
N CYS Y 455 -21.06 -25.97 -20.82
CA CYS Y 455 -21.80 -25.33 -21.90
C CYS Y 455 -21.60 -23.84 -21.88
N GLN Y 456 -21.38 -23.27 -20.71
CA GLN Y 456 -21.17 -21.84 -20.58
C GLN Y 456 -19.74 -21.45 -20.86
N PHE Y 457 -18.78 -22.30 -20.49
CA PHE Y 457 -17.39 -22.05 -20.80
C PHE Y 457 -17.15 -22.08 -22.29
N LEU Y 458 -17.82 -22.99 -22.99
CA LEU Y 458 -17.61 -23.15 -24.41
C LEU Y 458 -18.39 -22.16 -25.23
N GLY Y 459 -19.49 -21.65 -24.71
CA GLY Y 459 -20.24 -20.64 -25.45
C GLY Y 459 -19.52 -19.33 -25.52
N PHE Y 460 -18.74 -19.01 -24.50
CA PHE Y 460 -17.92 -17.82 -24.56
C PHE Y 460 -16.65 -18.06 -25.36
N HIS Y 461 -16.10 -19.26 -25.34
CA HIS Y 461 -14.83 -19.51 -25.99
C HIS Y 461 -14.98 -20.17 -27.35
N SER Y 462 -16.15 -20.23 -27.85
CA SER Y 462 -16.26 -20.54 -29.25
C SER Y 462 -17.10 -19.53 -30.00
N PHE Y 463 -18.20 -19.07 -29.42
CA PHE Y 463 -19.02 -18.11 -30.12
C PHE Y 463 -18.56 -16.67 -29.89
N ALA Y 464 -18.18 -16.32 -28.68
CA ALA Y 464 -17.75 -14.95 -28.48
C ALA Y 464 -16.34 -14.69 -29.01
N MET Y 465 -15.62 -15.72 -29.45
CA MET Y 465 -14.45 -15.50 -30.27
C MET Y 465 -14.81 -15.28 -31.73
N TYR Y 466 -16.02 -15.60 -32.14
CA TYR Y 466 -16.53 -15.18 -33.44
C TYR Y 466 -17.10 -13.78 -33.41
N CYS Y 467 -17.47 -13.28 -32.23
CA CYS Y 467 -17.86 -11.90 -32.05
C CYS Y 467 -16.68 -10.98 -31.75
N HIS Y 468 -15.56 -11.53 -31.31
CA HIS Y 468 -14.34 -10.75 -31.24
C HIS Y 468 -13.77 -10.52 -32.62
N ASN Y 469 -13.75 -11.56 -33.45
CA ASN Y 469 -13.27 -11.42 -34.82
C ASN Y 469 -14.19 -10.55 -35.64
N ASP Y 470 -15.47 -10.57 -35.34
CA ASP Y 470 -16.42 -9.76 -36.10
C ASP Y 470 -16.30 -8.29 -35.80
N THR Y 471 -15.83 -7.95 -34.62
CA THR Y 471 -15.64 -6.57 -34.22
C THR Y 471 -14.28 -6.05 -34.62
N MET Y 472 -13.25 -6.88 -34.62
CA MET Y 472 -11.94 -6.45 -35.10
C MET Y 472 -11.91 -6.28 -36.60
N ARG Y 473 -12.67 -7.09 -37.32
CA ARG Y 473 -12.71 -6.97 -38.77
C ARG Y 473 -13.47 -5.72 -39.19
N ALA Y 474 -14.46 -5.32 -38.39
CA ALA Y 474 -15.22 -4.12 -38.70
C ALA Y 474 -14.49 -2.86 -38.27
N PHE Y 475 -13.73 -2.94 -37.18
CA PHE Y 475 -12.90 -1.84 -36.71
C PHE Y 475 -11.74 -1.54 -37.64
N GLY Y 476 -11.41 -2.43 -38.56
CA GLY Y 476 -10.20 -2.25 -39.33
C GLY Y 476 -8.97 -2.66 -38.58
N ARG Y 477 -9.09 -3.64 -37.69
CA ARG Y 477 -7.96 -4.20 -36.94
C ARG Y 477 -7.85 -5.68 -37.25
N PRO Y 478 -7.33 -6.05 -38.43
CA PRO Y 478 -7.23 -7.47 -38.76
C PRO Y 478 -6.04 -8.17 -38.13
N GLN Y 479 -5.22 -7.47 -37.35
CA GLN Y 479 -4.12 -8.08 -36.63
C GLN Y 479 -4.50 -8.42 -35.19
N ASP Y 480 -5.67 -8.01 -34.74
CA ASP Y 480 -6.11 -8.22 -33.37
C ASP Y 480 -7.08 -9.39 -33.24
N MET Y 481 -7.49 -10.00 -34.34
CA MET Y 481 -8.50 -11.04 -34.30
C MET Y 481 -7.85 -12.42 -34.44
N PHE Y 482 -8.65 -13.45 -34.11
CA PHE Y 482 -8.17 -14.83 -34.06
C PHE Y 482 -8.12 -15.41 -35.47
N SER Y 483 -7.10 -15.00 -36.22
CA SER Y 483 -6.88 -15.42 -37.58
C SER Y 483 -5.67 -16.35 -37.65
N ASP Y 484 -5.37 -16.81 -38.86
CA ASP Y 484 -4.03 -17.32 -39.12
C ASP Y 484 -3.02 -16.21 -39.31
N THR Y 485 -3.47 -14.98 -39.48
CA THR Y 485 -2.58 -13.82 -39.59
C THR Y 485 -2.51 -13.00 -38.31
N GLY Y 486 -3.53 -13.07 -37.46
CA GLY Y 486 -3.52 -12.32 -36.22
C GLY Y 486 -3.08 -13.16 -35.03
N ILE Y 487 -3.99 -13.41 -34.10
CA ILE Y 487 -3.71 -14.20 -32.91
C ILE Y 487 -4.04 -15.65 -33.24
N GLN Y 488 -3.01 -16.44 -33.52
CA GLN Y 488 -3.22 -17.79 -34.03
C GLN Y 488 -3.62 -18.73 -32.92
N LEU Y 489 -4.65 -19.53 -33.17
CA LEU Y 489 -5.11 -20.59 -32.29
C LEU Y 489 -4.99 -21.88 -33.06
N GLN Y 490 -3.90 -22.50 -32.98
CA GLN Y 490 -3.73 -23.67 -33.81
C GLN Y 490 -4.23 -24.92 -33.10
N PRO Y 491 -4.83 -25.85 -33.84
CA PRO Y 491 -5.21 -27.13 -33.26
C PRO Y 491 -3.99 -27.99 -33.03
N VAL Y 492 -3.31 -27.80 -31.90
CA VAL Y 492 -2.01 -28.43 -31.67
C VAL Y 492 -2.14 -29.95 -31.56
N PHE Y 493 -3.19 -30.42 -30.90
CA PHE Y 493 -3.38 -31.86 -30.73
C PHE Y 493 -4.11 -32.52 -31.88
N ALA Y 494 -4.66 -31.77 -32.81
CA ALA Y 494 -5.28 -32.34 -33.99
C ALA Y 494 -4.45 -32.20 -35.24
N GLN Y 495 -3.50 -31.26 -35.26
CA GLN Y 495 -2.45 -31.25 -36.27
C GLN Y 495 -1.41 -32.31 -35.99
N TRP Y 496 -1.34 -32.81 -34.77
CA TRP Y 496 -0.39 -33.86 -34.44
C TRP Y 496 -0.91 -35.24 -34.80
N LEU Y 497 -2.22 -35.47 -34.69
CA LEU Y 497 -2.76 -36.73 -35.15
C LEU Y 497 -2.81 -36.83 -36.66
N GLN Y 498 -2.80 -35.71 -37.35
CA GLN Y 498 -2.62 -35.77 -38.80
C GLN Y 498 -1.19 -36.12 -39.15
N HIS Y 499 -0.26 -35.83 -38.25
CA HIS Y 499 1.12 -36.20 -38.45
C HIS Y 499 1.37 -37.67 -38.12
N ILE Y 500 0.63 -38.22 -37.16
CA ILE Y 500 0.81 -39.62 -36.78
C ILE Y 500 0.26 -40.54 -37.88
N HIS Y 501 -0.92 -40.23 -38.39
CA HIS Y 501 -1.57 -41.13 -39.32
C HIS Y 501 -0.99 -41.09 -40.73
N THR Y 502 0.02 -40.26 -40.97
CA THR Y 502 0.80 -40.34 -42.20
C THR Y 502 2.23 -40.80 -41.98
N MET Y 503 2.70 -40.90 -40.74
CA MET Y 503 4.01 -41.46 -40.47
C MET Y 503 3.94 -42.92 -40.04
N THR Y 504 2.75 -43.51 -40.06
CA THR Y 504 2.56 -44.93 -39.78
C THR Y 504 2.03 -45.66 -41.00
N ILE Y 505 2.57 -45.35 -42.17
CA ILE Y 505 2.23 -46.07 -43.39
C ILE Y 505 3.47 -46.81 -43.89
N LEU Y 538 -0.72 -50.50 -45.47
CA LEU Y 538 0.73 -50.53 -45.43
C LEU Y 538 1.33 -49.37 -46.21
N HIS Y 539 1.86 -49.67 -47.40
CA HIS Y 539 2.67 -48.70 -48.14
C HIS Y 539 1.87 -47.57 -48.76
N ASP Y 540 0.54 -47.68 -48.83
CA ASP Y 540 -0.20 -46.55 -49.37
C ASP Y 540 -0.81 -45.72 -48.24
N PRO Y 541 -0.83 -44.41 -48.36
CA PRO Y 541 -1.42 -43.56 -47.31
C PRO Y 541 -2.93 -43.66 -47.22
N VAL Y 542 -3.42 -44.59 -46.40
CA VAL Y 542 -4.82 -44.69 -45.97
C VAL Y 542 -5.38 -43.32 -45.60
N SER Y 543 -6.54 -43.00 -46.19
CA SER Y 543 -7.26 -41.76 -45.93
C SER Y 543 -6.47 -40.50 -46.22
N TYR Y 544 -6.37 -40.13 -47.49
CA TYR Y 544 -5.71 -38.93 -47.98
C TYR Y 544 -6.15 -37.62 -47.30
N ALA Y 545 -7.25 -37.63 -46.54
CA ALA Y 545 -7.63 -36.54 -45.66
C ALA Y 545 -6.56 -36.21 -44.63
N PHE Y 546 -5.79 -37.19 -44.20
CA PHE Y 546 -4.74 -36.93 -43.20
C PHE Y 546 -3.55 -36.23 -43.82
N GLY Y 547 -3.07 -36.73 -44.95
CA GLY Y 547 -1.97 -36.09 -45.62
C GLY Y 547 -1.34 -36.98 -46.65
N GLY Y 548 -0.60 -36.36 -47.56
CA GLY Y 548 0.13 -37.08 -48.58
C GLY Y 548 -0.76 -37.39 -49.76
N GLY Y 549 -0.36 -36.97 -50.95
CA GLY Y 549 -1.08 -37.34 -52.16
C GLY Y 549 -2.36 -36.57 -52.41
N VAL Y 550 -2.69 -36.39 -53.68
CA VAL Y 550 -3.94 -35.78 -54.12
C VAL Y 550 -4.57 -36.74 -55.12
N VAL Y 551 -5.69 -37.35 -54.76
CA VAL Y 551 -6.38 -38.29 -55.63
C VAL Y 551 -7.30 -37.48 -56.53
N ALA Y 552 -7.01 -37.47 -57.82
CA ALA Y 552 -7.60 -36.55 -58.78
C ALA Y 552 -8.00 -37.32 -60.04
N VAL Y 553 -8.84 -38.35 -59.83
CA VAL Y 553 -8.98 -39.50 -60.73
C VAL Y 553 -9.32 -39.11 -62.18
N GLY Y 554 -10.04 -38.03 -62.39
CA GLY Y 554 -10.26 -37.52 -63.72
C GLY Y 554 -11.20 -36.34 -63.66
N GLY Y 555 -10.83 -35.24 -64.30
CA GLY Y 555 -11.57 -34.01 -64.10
C GLY Y 555 -11.40 -33.52 -62.68
N LYS Y 556 -12.43 -33.72 -61.88
CA LYS Y 556 -12.48 -33.22 -60.52
C LYS Y 556 -11.58 -34.04 -59.60
N VAL Y 557 -11.37 -33.52 -58.38
CA VAL Y 557 -10.47 -34.11 -57.40
C VAL Y 557 -11.29 -34.88 -56.36
N ALA Y 558 -10.86 -36.10 -56.06
CA ALA Y 558 -11.59 -36.97 -55.15
C ALA Y 558 -11.30 -36.64 -53.69
N MET Y 559 -10.04 -36.78 -53.28
CA MET Y 559 -9.66 -36.51 -51.91
C MET Y 559 -8.35 -35.74 -51.87
N MET Y 560 -8.24 -34.87 -50.88
CA MET Y 560 -7.06 -34.04 -50.65
C MET Y 560 -6.86 -33.95 -49.16
N PRO Y 561 -5.65 -33.63 -48.69
CA PRO Y 561 -5.47 -33.33 -47.26
C PRO Y 561 -6.33 -32.17 -46.80
N ILE Y 562 -6.96 -32.38 -45.64
CA ILE Y 562 -7.80 -31.36 -45.02
C ILE Y 562 -6.96 -30.80 -43.88
N THR Y 563 -6.25 -29.71 -44.15
CA THR Y 563 -5.40 -29.12 -43.13
C THR Y 563 -6.25 -28.32 -42.13
N LEU Y 564 -5.67 -28.11 -40.95
CA LEU Y 564 -6.39 -27.54 -39.83
C LEU Y 564 -5.66 -26.29 -39.35
N GLY Y 565 -6.36 -25.17 -39.34
CA GLY Y 565 -5.83 -23.91 -38.87
C GLY Y 565 -6.69 -23.36 -37.75
N THR Y 566 -6.65 -22.03 -37.63
CA THR Y 566 -7.42 -21.37 -36.58
C THR Y 566 -8.92 -21.44 -36.87
N ALA Y 567 -9.31 -21.41 -38.14
CA ALA Y 567 -10.70 -21.55 -38.51
C ALA Y 567 -11.25 -22.94 -38.24
N ASP Y 568 -10.39 -23.94 -38.11
CA ASP Y 568 -10.79 -25.29 -37.74
C ASP Y 568 -10.70 -25.54 -36.25
N PHE Y 569 -9.88 -24.78 -35.54
CA PHE Y 569 -9.93 -24.77 -34.08
C PHE Y 569 -11.23 -24.17 -33.60
N LEU Y 570 -11.62 -23.03 -34.17
CA LEU Y 570 -12.79 -22.31 -33.70
C LEU Y 570 -14.08 -23.03 -34.02
N ILE Y 571 -14.10 -23.81 -35.10
CA ILE Y 571 -15.34 -24.47 -35.51
C ILE Y 571 -15.48 -25.85 -34.89
N HIS Y 572 -14.41 -26.43 -34.36
CA HIS Y 572 -14.57 -27.67 -33.61
C HIS Y 572 -15.01 -27.41 -32.19
N HIS Y 573 -14.91 -26.17 -31.73
CA HIS Y 573 -15.43 -25.79 -30.44
C HIS Y 573 -16.83 -25.24 -30.53
N ILE Y 574 -17.27 -24.85 -31.72
CA ILE Y 574 -18.70 -24.66 -31.96
C ILE Y 574 -19.40 -26.00 -31.88
N HIS Y 575 -18.77 -27.04 -32.40
CA HIS Y 575 -19.36 -28.37 -32.33
C HIS Y 575 -19.29 -28.93 -30.92
N ALA Y 576 -18.22 -28.67 -30.20
CA ALA Y 576 -18.14 -29.08 -28.82
C ALA Y 576 -19.11 -28.33 -27.95
N PHE Y 577 -19.40 -27.07 -28.28
CA PHE Y 577 -20.36 -26.31 -27.51
C PHE Y 577 -21.78 -26.77 -27.77
N THR Y 578 -22.14 -26.98 -29.03
CA THR Y 578 -23.52 -27.31 -29.35
C THR Y 578 -23.86 -28.75 -29.02
N ILE Y 579 -22.87 -29.63 -28.91
CA ILE Y 579 -23.14 -31.00 -28.50
C ILE Y 579 -23.40 -31.05 -27.00
N HIS Y 580 -22.69 -30.21 -26.24
CA HIS Y 580 -22.86 -30.22 -24.79
C HIS Y 580 -24.17 -29.59 -24.36
N VAL Y 581 -24.64 -28.57 -25.07
CA VAL Y 581 -25.94 -28.03 -24.69
C VAL Y 581 -27.03 -28.97 -25.15
N THR Y 582 -26.82 -29.70 -26.25
CA THR Y 582 -27.76 -30.74 -26.63
C THR Y 582 -27.77 -31.85 -25.61
N VAL Y 583 -26.62 -32.15 -25.01
CA VAL Y 583 -26.57 -33.10 -23.92
C VAL Y 583 -27.23 -32.53 -22.69
N LEU Y 584 -26.95 -31.25 -22.37
CA LEU Y 584 -27.45 -30.64 -21.13
C LEU Y 584 -28.97 -30.54 -21.12
N VAL Y 585 -29.57 -30.27 -22.27
CA VAL Y 585 -31.03 -30.26 -22.35
C VAL Y 585 -31.58 -31.67 -22.19
N LEU Y 586 -30.96 -32.64 -22.84
CA LEU Y 586 -31.46 -34.00 -22.81
C LEU Y 586 -31.11 -34.73 -21.51
N LEU Y 587 -29.96 -34.44 -20.91
CA LEU Y 587 -29.62 -35.08 -19.63
C LEU Y 587 -30.41 -34.50 -18.49
N LYS Y 588 -30.81 -33.22 -18.58
CA LYS Y 588 -31.68 -32.64 -17.57
C LYS Y 588 -33.08 -33.23 -17.61
N GLY Y 589 -33.51 -33.76 -18.74
CA GLY Y 589 -34.79 -34.42 -18.80
C GLY Y 589 -34.77 -35.87 -18.38
N VAL Y 590 -33.59 -36.47 -18.29
CA VAL Y 590 -33.47 -37.84 -17.84
C VAL Y 590 -33.28 -37.92 -16.33
N LEU Y 591 -32.43 -37.05 -15.78
CA LEU Y 591 -32.18 -37.06 -14.34
C LEU Y 591 -33.36 -36.47 -13.57
N PHE Y 592 -33.94 -35.38 -14.08
CA PHE Y 592 -35.09 -34.73 -13.45
C PHE Y 592 -36.41 -35.19 -14.04
N ALA Y 593 -36.50 -36.44 -14.45
CA ALA Y 593 -37.77 -37.01 -14.86
C ALA Y 593 -38.54 -37.57 -13.69
N ARG Y 594 -37.84 -38.01 -12.66
CA ARG Y 594 -38.50 -38.50 -11.45
C ARG Y 594 -39.06 -37.35 -10.65
N SER Y 595 -38.21 -36.43 -10.23
CA SER Y 595 -38.60 -35.36 -9.32
C SER Y 595 -37.58 -34.24 -9.45
N SER Y 596 -37.82 -33.17 -8.72
CA SER Y 596 -36.94 -32.01 -8.71
C SER Y 596 -37.02 -31.38 -7.33
N ARG Y 597 -36.54 -30.16 -7.20
CA ARG Y 597 -36.89 -29.36 -6.04
C ARG Y 597 -38.17 -28.56 -6.26
N LEU Y 598 -38.56 -28.35 -7.52
CA LEU Y 598 -39.83 -27.69 -7.83
C LEU Y 598 -41.01 -28.62 -7.59
N ILE Y 599 -41.08 -29.68 -8.39
CA ILE Y 599 -42.18 -30.64 -8.31
C ILE Y 599 -41.58 -31.96 -7.84
N PRO Y 600 -41.70 -32.30 -6.56
CA PRO Y 600 -41.11 -33.54 -6.05
C PRO Y 600 -41.93 -34.78 -6.35
N ASP Y 601 -43.11 -34.63 -6.95
CA ASP Y 601 -43.95 -35.76 -7.32
C ASP Y 601 -44.17 -35.78 -8.83
N LYS Y 602 -43.11 -35.51 -9.60
CA LYS Y 602 -43.24 -35.33 -11.04
C LYS Y 602 -43.49 -36.65 -11.76
N ALA Y 603 -43.04 -37.77 -11.21
CA ALA Y 603 -43.27 -39.05 -11.84
C ALA Y 603 -44.71 -39.52 -11.76
N ASN Y 604 -45.53 -38.91 -10.89
CA ASN Y 604 -46.94 -39.19 -10.84
C ASN Y 604 -47.74 -38.36 -11.83
N LEU Y 605 -47.23 -37.20 -12.23
CA LEU Y 605 -47.91 -36.41 -13.26
C LEU Y 605 -47.74 -37.01 -14.64
N GLY Y 606 -46.67 -37.78 -14.85
CA GLY Y 606 -46.48 -38.50 -16.09
C GLY Y 606 -45.16 -38.11 -16.76
N PHE Y 607 -44.96 -38.71 -17.93
CA PHE Y 607 -43.85 -38.33 -18.79
C PHE Y 607 -44.22 -37.15 -19.68
N ARG Y 608 -45.41 -37.19 -20.26
CA ARG Y 608 -45.86 -36.21 -21.23
C ARG Y 608 -47.00 -35.42 -20.61
N PHE Y 609 -46.64 -34.41 -19.84
CA PHE Y 609 -47.61 -33.49 -19.26
C PHE Y 609 -47.12 -32.08 -19.52
N PRO Y 610 -48.02 -31.11 -19.68
CA PRO Y 610 -47.58 -29.76 -20.00
C PRO Y 610 -46.84 -29.04 -18.89
N CYS Y 611 -47.39 -29.07 -17.68
CA CYS Y 611 -46.94 -28.20 -16.61
C CYS Y 611 -47.52 -28.71 -15.30
N ASP Y 612 -47.24 -27.97 -14.24
CA ASP Y 612 -47.93 -28.09 -12.97
C ASP Y 612 -48.49 -26.74 -12.55
N GLY Y 613 -49.16 -26.09 -13.48
CA GLY Y 613 -49.88 -24.87 -13.18
C GLY Y 613 -48.99 -23.66 -13.12
N PRO Y 614 -49.57 -22.50 -12.85
CA PRO Y 614 -48.79 -21.27 -12.78
C PRO Y 614 -48.20 -21.00 -11.42
N GLY Y 615 -48.16 -22.00 -10.57
CA GLY Y 615 -47.58 -21.83 -9.26
C GLY Y 615 -46.10 -21.94 -9.30
N ARG Y 616 -45.49 -21.65 -8.15
CA ARG Y 616 -44.04 -21.59 -7.97
C ARG Y 616 -43.39 -20.61 -8.94
N GLY Y 617 -44.09 -19.54 -9.28
CA GLY Y 617 -43.68 -18.62 -10.32
C GLY Y 617 -44.15 -19.01 -11.71
N GLY Y 618 -44.32 -20.32 -11.95
CA GLY Y 618 -44.68 -20.86 -13.24
C GLY Y 618 -43.86 -22.10 -13.49
N THR Y 619 -44.51 -23.21 -13.83
CA THR Y 619 -43.81 -24.48 -14.03
C THR Y 619 -44.17 -25.09 -15.37
N CYS Y 620 -44.14 -24.29 -16.42
CA CYS Y 620 -44.34 -24.79 -17.77
C CYS Y 620 -43.08 -25.43 -18.32
N GLN Y 621 -43.26 -26.51 -19.09
CA GLN Y 621 -42.18 -27.32 -19.65
C GLN Y 621 -41.27 -27.90 -18.59
N VAL Y 622 -41.85 -28.40 -17.50
CA VAL Y 622 -41.07 -29.10 -16.49
C VAL Y 622 -40.96 -30.58 -16.77
N SER Y 623 -41.68 -31.09 -17.75
CA SER Y 623 -41.74 -32.52 -17.99
C SER Y 623 -40.44 -33.04 -18.59
N ALA Y 624 -40.39 -34.35 -18.74
CA ALA Y 624 -39.29 -34.96 -19.47
C ALA Y 624 -39.55 -34.96 -20.97
N TRP Y 625 -40.79 -34.71 -21.38
CA TRP Y 625 -41.09 -34.59 -22.80
C TRP Y 625 -40.57 -33.27 -23.35
N ASP Y 626 -40.68 -32.20 -22.58
CA ASP Y 626 -40.30 -30.88 -23.02
C ASP Y 626 -38.81 -30.61 -22.87
N HIS Y 627 -38.03 -31.63 -22.56
CA HIS Y 627 -36.59 -31.60 -22.75
C HIS Y 627 -36.17 -32.38 -23.99
N VAL Y 628 -37.01 -33.31 -24.44
CA VAL Y 628 -36.87 -33.86 -25.78
C VAL Y 628 -37.28 -32.82 -26.81
N PHE Y 629 -38.29 -32.03 -26.49
CA PHE Y 629 -38.77 -31.00 -27.41
C PHE Y 629 -37.76 -29.87 -27.54
N LEU Y 630 -37.09 -29.51 -26.46
CA LEU Y 630 -36.06 -28.47 -26.51
C LEU Y 630 -34.72 -28.99 -26.96
N GLY Y 631 -34.50 -30.29 -26.89
CA GLY Y 631 -33.30 -30.88 -27.41
C GLY Y 631 -33.39 -31.23 -28.87
N LEU Y 632 -34.55 -31.03 -29.48
CA LEU Y 632 -34.69 -31.18 -30.92
C LEU Y 632 -34.31 -29.90 -31.66
N PHE Y 633 -34.53 -28.74 -31.05
CA PHE Y 633 -33.99 -27.50 -31.59
C PHE Y 633 -32.49 -27.47 -31.46
N TRP Y 634 -31.98 -28.02 -30.39
CA TRP Y 634 -30.55 -28.00 -30.13
C TRP Y 634 -29.81 -29.09 -30.86
N MET Y 635 -30.48 -30.19 -31.17
CA MET Y 635 -29.95 -31.11 -32.17
C MET Y 635 -29.88 -30.44 -33.52
N TYR Y 636 -30.90 -29.64 -33.84
CA TYR Y 636 -30.95 -28.96 -35.13
C TYR Y 636 -29.81 -27.97 -35.27
N ASN Y 637 -29.61 -27.14 -34.25
CA ASN Y 637 -28.55 -26.14 -34.30
C ASN Y 637 -27.18 -26.77 -34.26
N SER Y 638 -27.04 -27.93 -33.64
CA SER Y 638 -25.76 -28.62 -33.60
C SER Y 638 -25.43 -29.26 -34.93
N LEU Y 639 -26.37 -30.00 -35.51
CA LEU Y 639 -26.10 -30.71 -36.74
C LEU Y 639 -26.17 -29.83 -37.97
N SER Y 640 -26.82 -28.68 -37.91
CA SER Y 640 -26.79 -27.80 -39.06
C SER Y 640 -25.49 -27.03 -39.16
N MET Y 641 -24.71 -26.99 -38.09
CA MET Y 641 -23.37 -26.43 -38.17
C MET Y 641 -22.32 -27.48 -38.48
N VAL Y 642 -22.62 -28.76 -38.26
CA VAL Y 642 -21.74 -29.82 -38.71
C VAL Y 642 -21.80 -29.93 -40.22
N ILE Y 643 -23.01 -29.87 -40.80
CA ILE Y 643 -23.15 -29.92 -42.24
C ILE Y 643 -22.81 -28.61 -42.94
N PHE Y 644 -22.66 -27.52 -42.20
CA PHE Y 644 -22.17 -26.28 -42.79
C PHE Y 644 -20.66 -26.16 -42.70
N HIS Y 645 -20.07 -26.72 -41.66
CA HIS Y 645 -18.62 -26.87 -41.61
C HIS Y 645 -18.13 -27.82 -42.68
N PHE Y 646 -18.90 -28.87 -42.96
CA PHE Y 646 -18.51 -29.82 -44.00
C PHE Y 646 -18.64 -29.20 -45.38
N PHE Y 647 -19.78 -28.57 -45.66
CA PHE Y 647 -20.09 -28.07 -46.99
C PHE Y 647 -19.17 -26.94 -47.43
N TRP Y 648 -18.56 -26.22 -46.50
CA TRP Y 648 -17.66 -25.14 -46.84
C TRP Y 648 -16.20 -25.53 -46.80
N LYS Y 649 -15.80 -26.43 -45.90
CA LYS Y 649 -14.42 -26.89 -45.89
C LYS Y 649 -14.13 -27.78 -47.08
N MET Y 650 -15.12 -28.55 -47.54
CA MET Y 650 -14.90 -29.37 -48.72
C MET Y 650 -14.79 -28.53 -49.98
N GLN Y 651 -15.60 -27.49 -50.09
CA GLN Y 651 -15.58 -26.66 -51.29
C GLN Y 651 -14.33 -25.81 -51.36
N SER Y 652 -13.85 -25.33 -50.23
CA SER Y 652 -12.71 -24.43 -50.25
C SER Y 652 -11.39 -25.16 -50.12
N ASP Y 653 -11.34 -26.28 -49.42
CA ASP Y 653 -10.07 -26.93 -49.17
C ASP Y 653 -9.94 -28.35 -49.70
N VAL Y 654 -10.99 -28.95 -50.25
CA VAL Y 654 -10.88 -30.30 -50.78
C VAL Y 654 -11.31 -30.39 -52.23
N TRP Y 655 -12.56 -30.04 -52.53
CA TRP Y 655 -13.10 -30.26 -53.86
C TRP Y 655 -12.57 -29.21 -54.83
N GLY Y 656 -12.77 -29.46 -56.11
CA GLY Y 656 -12.29 -28.59 -57.15
C GLY Y 656 -11.97 -29.38 -58.39
N THR Y 657 -11.20 -28.77 -59.28
CA THR Y 657 -10.77 -29.38 -60.52
C THR Y 657 -9.27 -29.21 -60.67
N VAL Y 658 -8.62 -30.20 -61.30
CA VAL Y 658 -7.19 -30.17 -61.52
C VAL Y 658 -6.92 -29.96 -63.01
N GLY Y 659 -5.94 -29.09 -63.29
CA GLY Y 659 -5.60 -28.79 -64.67
C GLY Y 659 -4.53 -29.71 -65.23
N ALA Y 660 -3.65 -29.17 -66.06
CA ALA Y 660 -2.56 -29.92 -66.65
C ALA Y 660 -1.20 -29.55 -66.07
N ASP Y 661 -1.18 -28.94 -64.89
CA ASP Y 661 0.08 -28.69 -64.20
C ASP Y 661 0.15 -29.32 -62.82
N GLY Y 662 -0.94 -29.30 -62.06
CA GLY Y 662 -0.94 -29.91 -60.74
C GLY Y 662 -1.61 -29.07 -59.67
N VAL Y 663 -1.80 -27.78 -59.94
CA VAL Y 663 -2.47 -26.90 -59.00
C VAL Y 663 -3.97 -27.19 -59.06
N VAL Y 664 -4.66 -26.98 -57.94
CA VAL Y 664 -6.09 -27.24 -57.83
C VAL Y 664 -6.80 -25.91 -57.60
N THR Y 665 -7.85 -25.66 -58.37
CA THR Y 665 -8.70 -24.48 -58.18
C THR Y 665 -9.97 -24.96 -57.51
N HIS Y 666 -10.13 -24.65 -56.24
CA HIS Y 666 -11.23 -25.16 -55.45
C HIS Y 666 -12.53 -24.43 -55.81
N ILE Y 667 -13.64 -24.93 -55.27
CA ILE Y 667 -14.96 -24.46 -55.67
C ILE Y 667 -15.19 -23.04 -55.20
N THR Y 668 -14.81 -22.72 -53.96
CA THR Y 668 -14.83 -21.35 -53.49
C THR Y 668 -13.43 -20.76 -53.29
N GLY Y 669 -12.40 -21.60 -53.24
CA GLY Y 669 -11.04 -21.11 -53.37
C GLY Y 669 -10.35 -20.64 -52.10
N GLY Y 670 -10.19 -21.53 -51.13
CA GLY Y 670 -9.50 -21.18 -49.90
C GLY Y 670 -10.28 -20.20 -49.05
N ASN Y 671 -11.60 -20.21 -49.17
CA ASN Y 671 -12.45 -19.23 -48.56
C ASN Y 671 -12.66 -19.48 -47.07
N PHE Y 672 -12.53 -20.74 -46.62
CA PHE Y 672 -12.80 -21.08 -45.23
C PHE Y 672 -11.71 -20.57 -44.31
N ALA Y 673 -10.49 -20.40 -44.80
CA ALA Y 673 -9.38 -20.08 -43.92
C ALA Y 673 -9.44 -18.63 -43.45
N THR Y 674 -9.89 -17.73 -44.32
CA THR Y 674 -9.84 -16.30 -44.05
C THR Y 674 -11.17 -15.72 -43.61
N SER Y 675 -12.29 -16.27 -44.06
CA SER Y 675 -13.57 -15.64 -43.87
C SER Y 675 -14.56 -16.45 -43.05
N SER Y 676 -14.21 -17.67 -42.62
CA SER Y 676 -15.09 -18.44 -41.75
C SER Y 676 -14.79 -18.21 -40.29
N ILE Y 677 -14.14 -17.09 -39.96
CA ILE Y 677 -13.83 -16.78 -38.57
C ILE Y 677 -14.70 -15.65 -38.05
N THR Y 678 -15.41 -14.95 -38.92
CA THR Y 678 -16.43 -14.00 -38.54
C THR Y 678 -17.75 -14.55 -39.02
N ASN Y 679 -18.81 -14.36 -38.24
CA ASN Y 679 -20.11 -14.80 -38.71
C ASN Y 679 -20.84 -13.74 -39.53
N ASN Y 680 -20.14 -12.67 -39.92
CA ASN Y 680 -20.51 -11.95 -41.13
C ASN Y 680 -19.93 -12.63 -42.35
N GLY Y 681 -18.84 -13.38 -42.18
CA GLY Y 681 -18.30 -14.15 -43.28
C GLY Y 681 -19.10 -15.40 -43.56
N TRP Y 682 -19.74 -15.97 -42.55
CA TRP Y 682 -20.68 -17.05 -42.81
C TRP Y 682 -21.94 -16.54 -43.47
N LEU Y 683 -22.30 -15.29 -43.20
CA LEU Y 683 -23.49 -14.70 -43.82
C LEU Y 683 -23.22 -14.27 -45.25
N ARG Y 684 -22.06 -13.69 -45.49
CA ARG Y 684 -21.72 -13.15 -46.81
C ARG Y 684 -21.11 -14.20 -47.72
N ASP Y 685 -20.09 -14.90 -47.24
CA ASP Y 685 -19.33 -15.78 -48.11
C ASP Y 685 -19.90 -17.19 -48.19
N PHE Y 686 -20.82 -17.56 -47.30
CA PHE Y 686 -21.41 -18.89 -47.33
C PHE Y 686 -22.90 -18.85 -47.63
N LEU Y 687 -23.70 -18.13 -46.85
CA LEU Y 687 -25.14 -18.23 -47.06
C LEU Y 687 -25.59 -17.34 -48.20
N TRP Y 688 -25.00 -16.15 -48.34
CA TRP Y 688 -25.39 -15.28 -49.45
C TRP Y 688 -24.74 -15.70 -50.75
N ALA Y 689 -23.44 -16.02 -50.72
CA ALA Y 689 -22.70 -16.23 -51.95
C ALA Y 689 -22.87 -17.61 -52.54
N GLN Y 690 -23.25 -18.61 -51.74
CA GLN Y 690 -23.45 -19.94 -52.28
C GLN Y 690 -24.91 -20.26 -52.52
N SER Y 691 -25.83 -19.35 -52.20
CA SER Y 691 -27.20 -19.51 -52.58
C SER Y 691 -27.53 -18.77 -53.87
N THR Y 692 -26.53 -18.43 -54.67
CA THR Y 692 -26.80 -17.86 -55.98
C THR Y 692 -27.23 -18.91 -56.98
N GLN Y 693 -27.16 -20.19 -56.62
CA GLN Y 693 -27.60 -21.27 -57.49
C GLN Y 693 -29.03 -21.71 -57.20
N VAL Y 694 -29.54 -21.43 -56.02
CA VAL Y 694 -30.93 -21.73 -55.67
C VAL Y 694 -31.83 -20.51 -55.80
N ILE Y 695 -31.27 -19.31 -55.74
CA ILE Y 695 -32.03 -18.10 -56.00
C ILE Y 695 -32.30 -17.92 -57.48
N THR Y 696 -31.28 -18.10 -58.32
CA THR Y 696 -31.41 -17.92 -59.76
C THR Y 696 -31.75 -19.21 -60.46
N SER Y 697 -32.51 -20.08 -59.79
CA SER Y 697 -32.88 -21.39 -60.30
C SER Y 697 -34.32 -21.42 -60.77
N TYR Y 698 -34.81 -20.34 -61.34
CA TYR Y 698 -36.12 -20.34 -61.96
C TYR Y 698 -35.94 -20.43 -63.47
N ASN Y 699 -36.96 -20.95 -64.15
CA ASN Y 699 -37.02 -21.25 -65.59
C ASN Y 699 -36.06 -22.35 -66.02
N THR Y 700 -35.37 -23.01 -65.11
CA THR Y 700 -34.36 -24.02 -65.43
C THR Y 700 -34.79 -25.38 -64.89
N SER Y 701 -33.86 -26.34 -64.94
CA SER Y 701 -34.12 -27.70 -64.48
C SER Y 701 -33.93 -27.87 -62.98
N LEU Y 702 -33.31 -26.90 -62.32
CA LEU Y 702 -33.24 -26.86 -60.86
C LEU Y 702 -34.38 -26.07 -60.27
N SER Y 703 -35.55 -26.09 -60.92
CA SER Y 703 -36.63 -25.20 -60.56
C SER Y 703 -37.32 -25.65 -59.29
N ALA Y 704 -37.36 -26.96 -59.03
CA ALA Y 704 -38.01 -27.46 -57.84
C ALA Y 704 -37.18 -27.18 -56.59
N TYR Y 705 -35.86 -27.04 -56.74
CA TYR Y 705 -35.05 -26.68 -55.60
C TYR Y 705 -35.25 -25.23 -55.21
N GLY Y 706 -35.59 -24.36 -56.17
CA GLY Y 706 -35.91 -23.00 -55.83
C GLY Y 706 -37.27 -22.84 -55.18
N LEU Y 707 -38.17 -23.80 -55.40
CA LEU Y 707 -39.47 -23.80 -54.75
C LEU Y 707 -39.42 -24.46 -53.38
N MET Y 708 -38.63 -25.51 -53.23
CA MET Y 708 -38.46 -26.13 -51.92
C MET Y 708 -37.63 -25.26 -50.99
N PHE Y 709 -36.79 -24.39 -51.54
CA PHE Y 709 -36.09 -23.40 -50.74
C PHE Y 709 -37.07 -22.39 -50.14
N LEU Y 710 -38.04 -21.95 -50.93
CA LEU Y 710 -38.99 -20.95 -50.47
C LEU Y 710 -40.17 -21.58 -49.76
N GLY Y 711 -40.54 -22.80 -50.14
CA GLY Y 711 -41.48 -23.55 -49.33
C GLY Y 711 -40.93 -23.98 -48.00
N GLY Y 712 -39.60 -24.03 -47.87
CA GLY Y 712 -39.01 -24.33 -46.57
C GLY Y 712 -39.09 -23.16 -45.62
N HIS Y 713 -38.88 -21.95 -46.11
CA HIS Y 713 -38.95 -20.77 -45.28
C HIS Y 713 -40.36 -20.50 -44.77
N PHE Y 714 -41.36 -20.98 -45.50
CA PHE Y 714 -42.74 -20.90 -45.02
C PHE Y 714 -42.94 -21.70 -43.75
N ILE Y 715 -42.58 -22.99 -43.79
CA ILE Y 715 -42.86 -23.92 -42.70
C ILE Y 715 -42.07 -23.57 -41.44
N PHE Y 716 -40.94 -22.89 -41.58
CA PHE Y 716 -40.22 -22.41 -40.41
C PHE Y 716 -40.97 -21.27 -39.75
N GLY Y 717 -41.38 -20.28 -40.54
CA GLY Y 717 -42.14 -19.18 -39.99
C GLY Y 717 -43.52 -19.61 -39.56
N PHE Y 718 -44.07 -20.63 -40.22
CA PHE Y 718 -45.35 -21.20 -39.82
C PHE Y 718 -45.24 -21.91 -38.49
N SER Y 719 -44.08 -22.52 -38.21
CA SER Y 719 -43.83 -23.20 -36.95
C SER Y 719 -43.90 -22.26 -35.77
N LEU Y 720 -43.58 -20.99 -35.98
CA LEU Y 720 -43.53 -20.04 -34.90
C LEU Y 720 -44.90 -19.58 -34.47
N MET Y 721 -45.96 -19.93 -35.21
CA MET Y 721 -47.31 -19.71 -34.71
C MET Y 721 -47.62 -20.63 -33.55
N PHE Y 722 -47.19 -21.88 -33.65
CA PHE Y 722 -47.47 -22.88 -32.62
C PHE Y 722 -46.49 -22.79 -31.46
N LEU Y 723 -45.27 -22.34 -31.72
CA LEU Y 723 -44.27 -22.27 -30.67
C LEU Y 723 -44.48 -21.06 -29.78
N PHE Y 724 -44.83 -19.92 -30.37
CA PHE Y 724 -44.84 -18.68 -29.60
C PHE Y 724 -46.16 -18.47 -28.87
N SER Y 725 -47.26 -18.88 -29.47
CA SER Y 725 -48.57 -18.64 -28.90
C SER Y 725 -49.03 -19.83 -28.07
N GLY Y 726 -50.10 -19.61 -27.29
CA GLY Y 726 -50.65 -20.62 -26.42
C GLY Y 726 -52.09 -20.91 -26.78
N ARG Y 727 -52.58 -22.04 -26.26
CA ARG Y 727 -53.87 -22.55 -26.71
C ARG Y 727 -55.06 -21.84 -26.09
N GLY Y 728 -54.87 -20.99 -25.09
CA GLY Y 728 -56.00 -20.26 -24.54
C GLY Y 728 -56.45 -19.12 -25.41
N TYR Y 729 -55.55 -18.57 -26.24
CA TYR Y 729 -56.01 -17.67 -27.30
C TYR Y 729 -56.82 -18.45 -28.31
N TRP Y 730 -56.37 -19.66 -28.64
CA TRP Y 730 -56.93 -20.37 -29.77
C TRP Y 730 -58.21 -21.08 -29.41
N GLN Y 731 -58.34 -21.58 -28.18
CA GLN Y 731 -59.61 -22.13 -27.75
C GLN Y 731 -60.66 -21.05 -27.63
N GLU Y 732 -60.27 -19.85 -27.22
CA GLU Y 732 -61.18 -18.72 -27.13
C GLU Y 732 -61.46 -18.08 -28.49
N LEU Y 733 -60.79 -18.54 -29.55
CA LEU Y 733 -61.07 -18.13 -30.91
C LEU Y 733 -61.95 -19.13 -31.65
N ILE Y 734 -61.89 -20.41 -31.28
CA ILE Y 734 -62.83 -21.38 -31.82
C ILE Y 734 -64.24 -21.06 -31.34
N GLU Y 735 -64.39 -20.56 -30.11
CA GLU Y 735 -65.69 -20.28 -29.53
C GLU Y 735 -66.43 -19.17 -30.27
N SER Y 736 -65.71 -18.23 -30.87
CA SER Y 736 -66.34 -17.23 -31.70
C SER Y 736 -66.60 -17.73 -33.11
N ILE Y 737 -66.06 -18.88 -33.48
CA ILE Y 737 -66.19 -19.45 -34.81
C ILE Y 737 -67.23 -20.57 -34.74
N VAL Y 738 -67.26 -21.28 -33.60
CA VAL Y 738 -68.35 -22.21 -33.30
C VAL Y 738 -69.68 -21.49 -33.25
N TRP Y 739 -69.68 -20.24 -32.78
CA TRP Y 739 -70.90 -19.43 -32.74
C TRP Y 739 -71.45 -19.18 -34.13
N ALA Y 740 -70.57 -18.90 -35.10
CA ALA Y 740 -71.01 -18.64 -36.46
C ALA Y 740 -71.49 -19.88 -37.18
N HIS Y 741 -71.25 -21.06 -36.62
CA HIS Y 741 -71.80 -22.32 -37.10
C HIS Y 741 -73.06 -22.70 -36.37
N ASN Y 742 -73.12 -22.44 -35.07
CA ASN Y 742 -74.35 -22.65 -34.33
C ASN Y 742 -75.44 -21.68 -34.76
N LYS Y 743 -75.06 -20.51 -35.27
CA LYS Y 743 -76.04 -19.57 -35.80
C LYS Y 743 -76.65 -20.11 -37.09
N LEU Y 744 -75.82 -20.58 -38.02
CA LEU Y 744 -76.31 -21.13 -39.27
C LEU Y 744 -76.63 -22.62 -39.19
N LYS Y 745 -76.64 -23.18 -37.98
CA LYS Y 745 -77.08 -24.55 -37.68
C LYS Y 745 -76.22 -25.59 -38.41
N VAL Y 746 -74.91 -25.38 -38.39
CA VAL Y 746 -73.98 -26.28 -39.07
C VAL Y 746 -72.90 -26.67 -38.06
N ALA Y 747 -73.24 -26.59 -36.78
CA ALA Y 747 -72.28 -26.96 -35.73
C ALA Y 747 -72.04 -28.47 -35.73
N PRO Y 748 -70.82 -28.91 -35.46
CA PRO Y 748 -70.54 -30.33 -35.36
C PRO Y 748 -70.79 -30.87 -33.96
N ALA Y 749 -70.90 -32.19 -33.87
CA ALA Y 749 -70.99 -32.83 -32.56
C ALA Y 749 -69.64 -33.35 -32.08
N ILE Y 750 -68.71 -33.64 -32.98
CA ILE Y 750 -67.31 -33.74 -32.56
C ILE Y 750 -66.90 -32.30 -32.28
N GLN Y 751 -66.85 -31.95 -31.02
CA GLN Y 751 -66.76 -30.56 -30.62
C GLN Y 751 -65.36 -30.01 -30.89
N PRO Y 752 -65.23 -28.91 -31.64
CA PRO Y 752 -63.91 -28.42 -32.03
C PRO Y 752 -63.16 -27.84 -30.84
N ARG Y 753 -62.02 -28.45 -30.53
CA ARG Y 753 -61.15 -27.97 -29.48
C ARG Y 753 -59.82 -27.55 -30.09
N ALA Y 754 -59.21 -26.54 -29.50
CA ALA Y 754 -57.84 -26.23 -29.83
C ALA Y 754 -56.93 -27.36 -29.39
N LEU Y 755 -55.76 -27.46 -30.03
CA LEU Y 755 -54.81 -28.51 -29.74
C LEU Y 755 -54.28 -28.40 -28.31
N SER Y 756 -53.72 -29.49 -27.82
CA SER Y 756 -53.21 -29.52 -26.45
C SER Y 756 -52.00 -28.62 -26.30
N ILE Y 757 -51.54 -28.48 -25.06
CA ILE Y 757 -50.31 -27.74 -24.84
C ILE Y 757 -49.13 -28.53 -25.36
N ILE Y 758 -49.12 -29.84 -25.12
CA ILE Y 758 -48.07 -30.70 -25.65
C ILE Y 758 -48.22 -30.86 -27.15
N HIS Y 759 -49.45 -31.00 -27.63
CA HIS Y 759 -49.69 -31.16 -29.05
C HIS Y 759 -49.42 -29.87 -29.81
N GLY Y 760 -49.55 -28.72 -29.18
CA GLY Y 760 -49.21 -27.47 -29.85
C GLY Y 760 -47.73 -27.22 -29.89
N ARG Y 761 -46.99 -27.81 -28.96
CA ARG Y 761 -45.53 -27.73 -28.99
C ARG Y 761 -44.93 -28.79 -29.90
N ALA Y 762 -45.63 -29.89 -30.11
CA ALA Y 762 -45.09 -30.94 -30.96
C ALA Y 762 -45.23 -30.59 -32.43
N VAL Y 763 -46.25 -29.82 -32.79
CA VAL Y 763 -46.40 -29.38 -34.17
C VAL Y 763 -45.66 -28.08 -34.44
N GLY Y 764 -45.05 -27.48 -33.43
CA GLY Y 764 -44.25 -26.30 -33.65
C GLY Y 764 -42.80 -26.69 -33.83
N VAL Y 765 -42.44 -27.89 -33.37
CA VAL Y 765 -41.11 -28.42 -33.60
C VAL Y 765 -41.10 -29.40 -34.78
N ALA Y 766 -42.24 -29.96 -35.15
CA ALA Y 766 -42.30 -30.78 -36.35
C ALA Y 766 -42.29 -29.96 -37.61
N HIS Y 767 -42.55 -28.66 -37.52
CA HIS Y 767 -42.50 -27.76 -38.66
C HIS Y 767 -41.19 -26.99 -38.73
N TYR Y 768 -40.64 -26.63 -37.57
CA TYR Y 768 -39.32 -26.03 -37.51
C TYR Y 768 -38.26 -26.98 -38.04
N LEU Y 769 -38.32 -28.24 -37.64
CA LEU Y 769 -37.42 -29.28 -38.10
C LEU Y 769 -37.87 -29.91 -39.40
N LEU Y 770 -38.81 -29.30 -40.11
CA LEU Y 770 -39.13 -29.74 -41.45
C LEU Y 770 -38.83 -28.65 -42.44
N GLY Y 771 -39.33 -27.45 -42.21
CA GLY Y 771 -38.98 -26.32 -43.02
C GLY Y 771 -37.61 -25.76 -42.76
N GLY Y 772 -36.88 -26.27 -41.79
CA GLY Y 772 -35.51 -25.85 -41.64
C GLY Y 772 -34.56 -26.84 -42.27
N ILE Y 773 -35.04 -28.06 -42.48
CA ILE Y 773 -34.25 -29.09 -43.17
C ILE Y 773 -34.47 -29.01 -44.68
N VAL Y 774 -35.70 -28.81 -45.13
CA VAL Y 774 -35.97 -28.79 -46.56
C VAL Y 774 -35.46 -27.50 -47.19
N THR Y 775 -35.18 -26.47 -46.39
CA THR Y 775 -34.51 -25.31 -46.96
C THR Y 775 -33.00 -25.48 -47.04
N THR Y 776 -32.44 -26.47 -46.33
CA THR Y 776 -31.03 -26.81 -46.42
C THR Y 776 -30.81 -27.93 -47.42
N TRP Y 777 -31.78 -28.83 -47.52
CA TRP Y 777 -31.78 -29.84 -48.56
C TRP Y 777 -31.87 -29.19 -49.94
N ALA Y 778 -32.68 -28.17 -50.09
CA ALA Y 778 -32.84 -27.50 -51.37
C ALA Y 778 -31.67 -26.58 -51.70
N PHE Y 779 -30.84 -26.25 -50.73
CA PHE Y 779 -29.67 -25.42 -50.96
C PHE Y 779 -28.41 -26.24 -51.15
N PHE Y 780 -28.30 -27.37 -50.46
CA PHE Y 780 -27.15 -28.26 -50.67
C PHE Y 780 -27.22 -28.91 -52.03
N LEU Y 781 -28.42 -29.14 -52.55
CA LEU Y 781 -28.58 -29.85 -53.81
C LEU Y 781 -28.71 -28.95 -55.01
N ALA Y 782 -29.22 -27.72 -54.85
CA ALA Y 782 -29.18 -26.81 -55.99
C ALA Y 782 -27.79 -26.27 -56.21
N ARG Y 783 -26.95 -26.25 -55.18
CA ARG Y 783 -25.59 -25.77 -55.34
C ARG Y 783 -24.71 -26.82 -55.99
N MET Y 784 -24.90 -28.09 -55.64
CA MET Y 784 -24.01 -29.13 -56.13
C MET Y 784 -24.50 -29.84 -57.39
N THR Y 785 -25.79 -29.82 -57.69
CA THR Y 785 -26.25 -30.29 -58.98
C THR Y 785 -26.31 -29.18 -60.02
N ALA Y 786 -25.83 -27.99 -59.69
CA ALA Y 786 -25.47 -27.00 -60.69
C ALA Y 786 -24.01 -27.10 -61.08
N PHE Y 787 -23.22 -27.86 -60.32
CA PHE Y 787 -21.84 -28.17 -60.66
C PHE Y 787 -21.68 -29.62 -61.09
N GLY Y 788 -22.21 -30.55 -60.31
CA GLY Y 788 -22.12 -31.96 -60.60
C GLY Y 788 -22.02 -32.82 -59.36
N ALA Z 2 -38.36 -7.38 2.94
CA ALA Z 2 -38.86 -6.23 3.67
C ALA Z 2 -38.11 -4.97 3.27
N THR Z 3 -37.80 -4.87 1.99
CA THR Z 3 -36.99 -3.78 1.48
C THR Z 3 -37.85 -2.53 1.26
N LYS Z 4 -37.18 -1.42 0.96
CA LYS Z 4 -37.86 -0.16 0.69
C LYS Z 4 -38.29 -0.03 -0.76
N PHE Z 5 -37.55 -0.62 -1.67
CA PHE Z 5 -37.86 -0.56 -3.09
C PHE Z 5 -38.57 -1.84 -3.51
N PRO Z 6 -39.76 -1.78 -4.11
CA PRO Z 6 -40.51 -0.59 -4.50
C PRO Z 6 -41.33 0.04 -3.38
N LYS Z 7 -41.32 1.37 -3.31
CA LYS Z 7 -42.07 2.06 -2.27
C LYS Z 7 -43.53 2.23 -2.62
N PHE Z 8 -43.93 1.97 -3.86
CA PHE Z 8 -45.30 2.22 -4.27
C PHE Z 8 -46.22 1.05 -4.00
N SER Z 9 -45.68 -0.16 -3.87
CA SER Z 9 -46.51 -1.34 -3.62
C SER Z 9 -45.84 -2.19 -2.57
N GLN Z 10 -46.53 -2.40 -1.45
CA GLN Z 10 -45.98 -3.13 -0.32
C GLN Z 10 -46.14 -4.63 -0.45
N ASP Z 11 -46.89 -5.12 -1.43
CA ASP Z 11 -46.98 -6.55 -1.70
C ASP Z 11 -45.80 -7.05 -2.50
N LEU Z 12 -45.00 -6.14 -3.06
CA LEU Z 12 -43.81 -6.47 -3.82
C LEU Z 12 -42.53 -6.15 -3.08
N ALA Z 13 -42.58 -5.30 -2.05
CA ALA Z 13 -41.40 -4.98 -1.28
C ALA Z 13 -41.00 -6.12 -0.34
N ASN Z 14 -41.93 -7.00 0.01
CA ASN Z 14 -41.64 -8.20 0.77
C ASN Z 14 -41.47 -9.43 -0.11
N ASP Z 15 -41.09 -9.24 -1.36
CA ASP Z 15 -40.72 -10.34 -2.24
C ASP Z 15 -39.34 -10.85 -1.82
N PRO Z 16 -39.16 -12.15 -1.62
CA PRO Z 16 -37.82 -12.67 -1.29
C PRO Z 16 -36.97 -13.07 -2.49
N THR Z 17 -37.43 -12.83 -3.72
CA THR Z 17 -36.75 -13.30 -4.93
C THR Z 17 -36.32 -12.10 -5.77
N THR Z 18 -35.78 -12.40 -6.95
CA THR Z 18 -35.35 -11.39 -7.91
C THR Z 18 -36.48 -10.92 -8.80
N ARG Z 19 -37.71 -11.38 -8.55
CA ARG Z 19 -38.89 -10.85 -9.22
C ARG Z 19 -39.22 -9.45 -8.73
N ARG Z 20 -38.69 -9.06 -7.57
CA ARG Z 20 -38.98 -7.76 -6.99
C ARG Z 20 -38.39 -6.63 -7.82
N ILE Z 21 -37.18 -6.83 -8.38
CA ILE Z 21 -36.53 -5.78 -9.15
C ILE Z 21 -37.28 -5.54 -10.46
N PHE Z 22 -37.61 -6.62 -11.17
CA PHE Z 22 -38.18 -6.49 -12.50
C PHE Z 22 -39.64 -6.06 -12.46
N TYR Z 23 -40.41 -6.60 -11.52
CA TYR Z 23 -41.80 -6.21 -11.40
C TYR Z 23 -41.98 -4.84 -10.79
N ALA Z 24 -40.95 -4.24 -10.23
CA ALA Z 24 -41.00 -2.85 -9.83
C ALA Z 24 -40.64 -1.90 -10.94
N ILE Z 25 -40.09 -2.41 -12.04
CA ILE Z 25 -39.85 -1.57 -13.20
C ILE Z 25 -41.12 -1.43 -14.03
N ALA Z 26 -41.78 -2.55 -14.33
CA ALA Z 26 -42.95 -2.55 -15.19
C ALA Z 26 -44.26 -2.37 -14.43
N THR Z 27 -44.19 -1.85 -13.21
CA THR Z 27 -45.39 -1.44 -12.49
C THR Z 27 -45.26 -0.01 -12.01
N ALA Z 28 -44.09 0.60 -12.15
CA ALA Z 28 -43.79 1.89 -11.55
C ALA Z 28 -44.57 3.03 -12.17
N HIS Z 29 -45.05 2.87 -13.40
CA HIS Z 29 -45.85 3.91 -14.03
C HIS Z 29 -47.33 3.62 -14.01
N ASP Z 30 -47.72 2.40 -13.66
CA ASP Z 30 -49.14 2.10 -13.49
C ASP Z 30 -49.57 2.68 -12.16
N PHE Z 31 -50.00 3.93 -12.16
CA PHE Z 31 -50.32 4.61 -10.92
C PHE Z 31 -51.63 4.14 -10.32
N GLU Z 32 -52.50 3.51 -11.10
CA GLU Z 32 -53.81 3.12 -10.58
C GLU Z 32 -53.75 1.90 -9.67
N SER Z 33 -52.66 1.14 -9.68
CA SER Z 33 -52.55 -0.04 -8.87
C SER Z 33 -51.59 0.12 -7.69
N HIS Z 34 -51.11 1.33 -7.46
CA HIS Z 34 -50.18 1.55 -6.36
C HIS Z 34 -50.92 1.58 -5.04
N ASP Z 35 -50.24 1.14 -3.99
CA ASP Z 35 -50.85 1.06 -2.68
C ASP Z 35 -51.04 2.45 -2.09
N GLY Z 36 -52.26 2.72 -1.63
CA GLY Z 36 -52.57 4.00 -1.02
C GLY Z 36 -52.64 5.13 -2.02
N MET Z 37 -53.52 5.02 -3.01
CA MET Z 37 -53.71 6.10 -3.98
C MET Z 37 -55.19 6.35 -4.17
N THR Z 38 -55.59 7.60 -4.02
CA THR Z 38 -56.95 8.04 -4.31
C THR Z 38 -57.01 8.56 -5.73
N GLU Z 39 -58.20 8.97 -6.15
CA GLU Z 39 -58.37 9.47 -7.51
C GLU Z 39 -57.83 10.88 -7.69
N GLU Z 40 -57.86 11.69 -6.64
CA GLU Z 40 -57.33 13.05 -6.77
C GLU Z 40 -55.81 13.04 -6.80
N ASN Z 41 -55.19 12.16 -6.01
CA ASN Z 41 -53.74 12.00 -6.05
C ASN Z 41 -53.29 11.24 -7.27
N LEU Z 42 -54.19 10.50 -7.91
CA LEU Z 42 -53.88 9.84 -9.18
C LEU Z 42 -53.56 10.88 -10.25
N TYR Z 43 -54.50 11.80 -10.48
CA TYR Z 43 -54.40 12.73 -11.60
C TYR Z 43 -53.28 13.74 -11.40
N GLN Z 44 -52.92 14.04 -10.17
CA GLN Z 44 -51.87 15.02 -9.92
C GLN Z 44 -50.47 14.46 -10.14
N ARG Z 45 -50.35 13.15 -10.33
CA ARG Z 45 -49.09 12.54 -10.74
C ARG Z 45 -49.07 12.21 -12.22
N ILE Z 46 -50.23 12.05 -12.86
CA ILE Z 46 -50.28 12.06 -14.31
C ILE Z 46 -49.85 13.43 -14.80
N PHE Z 47 -50.35 14.49 -14.16
CA PHE Z 47 -50.16 15.84 -14.63
C PHE Z 47 -48.72 16.29 -14.49
N ALA Z 48 -48.06 15.89 -13.40
CA ALA Z 48 -46.70 16.33 -13.14
C ALA Z 48 -45.65 15.42 -13.73
N SER Z 49 -46.05 14.32 -14.35
CA SER Z 49 -45.12 13.51 -15.12
C SER Z 49 -45.28 13.73 -16.62
N HIS Z 50 -46.33 14.41 -17.05
CA HIS Z 50 -46.33 14.98 -18.39
C HIS Z 50 -45.38 16.14 -18.50
N PHE Z 51 -45.17 16.86 -17.39
CA PHE Z 51 -44.22 17.96 -17.39
C PHE Z 51 -42.79 17.44 -17.48
N GLY Z 52 -42.50 16.36 -16.76
CA GLY Z 52 -41.21 15.72 -16.89
C GLY Z 52 -41.02 14.92 -18.15
N HIS Z 53 -42.09 14.73 -18.91
CA HIS Z 53 -41.95 14.12 -20.22
C HIS Z 53 -41.78 15.15 -21.33
N LEU Z 54 -42.45 16.29 -21.23
CA LEU Z 54 -42.23 17.37 -22.18
C LEU Z 54 -40.82 17.90 -22.11
N ALA Z 55 -40.21 17.86 -20.92
CA ALA Z 55 -38.84 18.30 -20.80
C ALA Z 55 -37.86 17.32 -21.42
N ILE Z 56 -38.24 16.05 -21.53
CA ILE Z 56 -37.40 15.10 -22.25
C ILE Z 56 -37.45 15.37 -23.74
N ILE Z 57 -38.63 15.70 -24.26
CA ILE Z 57 -38.77 16.06 -25.67
C ILE Z 57 -38.00 17.33 -25.98
N PHE Z 58 -38.05 18.32 -25.08
CA PHE Z 58 -37.35 19.56 -25.33
C PHE Z 58 -35.86 19.47 -25.06
N LEU Z 59 -35.42 18.51 -24.25
CA LEU Z 59 -33.99 18.25 -24.14
C LEU Z 59 -33.48 17.33 -25.24
N TRP Z 60 -34.35 16.53 -25.83
CA TRP Z 60 -33.94 15.71 -26.96
C TRP Z 60 -33.81 16.56 -28.22
N ALA Z 61 -34.76 17.45 -28.45
CA ALA Z 61 -34.70 18.35 -29.59
C ALA Z 61 -33.59 19.38 -29.43
N SER Z 62 -33.14 19.64 -28.20
CA SER Z 62 -31.97 20.47 -27.97
C SER Z 62 -30.67 19.70 -28.04
N GLY Z 63 -30.71 18.41 -28.33
CA GLY Z 63 -29.52 17.64 -28.55
C GLY Z 63 -29.35 17.38 -30.02
N ILE Z 64 -30.43 17.53 -30.77
CA ILE Z 64 -30.34 17.57 -32.23
C ILE Z 64 -29.69 18.87 -32.66
N LEU Z 65 -30.14 19.98 -32.09
CA LEU Z 65 -29.69 21.30 -32.50
C LEU Z 65 -28.27 21.57 -32.02
N PHE Z 66 -27.94 21.12 -30.81
CA PHE Z 66 -26.62 21.38 -30.30
C PHE Z 66 -25.56 20.56 -31.01
N HIS Z 67 -25.92 19.41 -31.54
CA HIS Z 67 -24.92 18.53 -32.12
C HIS Z 67 -24.69 18.75 -33.59
N VAL Z 68 -25.56 19.51 -34.25
CA VAL Z 68 -25.29 19.97 -35.61
C VAL Z 68 -24.82 21.40 -35.63
N ALA Z 69 -24.96 22.14 -34.54
CA ALA Z 69 -24.31 23.44 -34.43
C ALA Z 69 -22.84 23.27 -34.10
N TRP Z 70 -22.54 22.30 -33.25
CA TRP Z 70 -21.18 22.04 -32.77
C TRP Z 70 -20.43 21.11 -33.71
N GLN Z 71 -21.00 19.96 -34.04
CA GLN Z 71 -20.30 18.92 -34.78
C GLN Z 71 -20.81 18.71 -36.20
N GLY Z 72 -21.87 19.41 -36.61
CA GLY Z 72 -22.42 19.22 -37.93
C GLY Z 72 -21.89 20.23 -38.93
N ASN Z 73 -22.35 20.09 -40.17
CA ASN Z 73 -21.87 20.95 -41.25
C ASN Z 73 -23.02 21.74 -41.85
N PHE Z 74 -23.85 22.34 -41.00
CA PHE Z 74 -25.00 23.09 -41.50
C PHE Z 74 -24.61 24.36 -42.24
N GLU Z 75 -23.42 24.89 -41.97
CA GLU Z 75 -22.94 26.01 -42.78
C GLU Z 75 -22.43 25.53 -44.13
N VAL Z 76 -21.84 24.34 -44.19
CA VAL Z 76 -21.31 23.80 -45.44
C VAL Z 76 -22.43 23.22 -46.30
N TRP Z 77 -23.38 22.52 -45.66
CA TRP Z 77 -24.44 21.83 -46.38
C TRP Z 77 -25.41 22.80 -47.03
N ILE Z 78 -25.52 24.02 -46.50
CA ILE Z 78 -26.55 24.94 -46.95
C ILE Z 78 -26.21 25.62 -48.27
N LYS Z 79 -25.00 25.41 -48.77
CA LYS Z 79 -24.56 25.98 -50.03
C LYS Z 79 -24.66 25.01 -51.19
N ASP Z 80 -24.68 23.70 -50.93
CA ASP Z 80 -24.89 22.69 -51.97
C ASP Z 80 -25.69 21.53 -51.38
N PRO Z 81 -26.99 21.74 -51.14
CA PRO Z 81 -27.77 20.77 -50.35
C PRO Z 81 -28.13 19.48 -51.07
N VAL Z 82 -27.65 19.24 -52.28
CA VAL Z 82 -27.91 18.01 -53.01
C VAL Z 82 -26.65 17.15 -53.12
N HIS Z 83 -25.48 17.79 -53.25
CA HIS Z 83 -24.24 17.07 -53.48
C HIS Z 83 -23.33 17.05 -52.26
N VAL Z 84 -23.89 17.19 -51.06
CA VAL Z 84 -23.13 16.94 -49.83
C VAL Z 84 -24.09 16.35 -48.82
N ARG Z 85 -23.56 15.52 -47.94
CA ARG Z 85 -24.36 14.81 -46.96
C ARG Z 85 -24.35 15.53 -45.62
N PRO Z 86 -25.44 15.50 -44.87
CA PRO Z 86 -25.47 16.14 -43.56
C PRO Z 86 -24.63 15.37 -42.56
N ILE Z 87 -24.35 15.99 -41.42
CA ILE Z 87 -23.58 15.36 -40.36
C ILE Z 87 -24.45 15.33 -39.12
N ALA Z 88 -24.66 14.14 -38.57
CA ALA Z 88 -25.42 13.99 -37.34
C ALA Z 88 -24.62 14.49 -36.14
N HIS Z 89 -23.51 13.84 -35.85
CA HIS Z 89 -22.60 14.23 -34.80
C HIS Z 89 -21.26 13.60 -35.13
N ALA Z 90 -20.34 13.59 -34.18
CA ALA Z 90 -19.03 13.02 -34.41
C ALA Z 90 -18.87 11.71 -33.67
N ILE Z 91 -17.85 10.95 -34.06
CA ILE Z 91 -17.57 9.65 -33.47
C ILE Z 91 -16.43 9.82 -32.49
N TRP Z 92 -16.61 9.33 -31.28
CA TRP Z 92 -15.49 9.10 -30.39
C TRP Z 92 -15.64 7.69 -29.85
N ASP Z 93 -15.15 6.74 -30.62
CA ASP Z 93 -15.05 5.35 -30.20
C ASP Z 93 -13.55 5.07 -30.13
N ALA Z 94 -13.03 4.99 -28.93
CA ALA Z 94 -11.59 4.91 -28.72
C ALA Z 94 -11.00 3.59 -29.06
N GLN Z 95 -11.71 2.67 -29.70
CA GLN Z 95 -11.17 1.37 -30.10
C GLN Z 95 -11.23 1.18 -31.60
N PHE Z 96 -11.39 2.26 -32.36
CA PHE Z 96 -11.27 2.17 -33.80
C PHE Z 96 -9.87 1.83 -34.23
N GLY Z 97 -9.76 1.20 -35.39
CA GLY Z 97 -8.50 1.00 -36.03
C GLY Z 97 -8.30 2.09 -37.06
N PRO Z 98 -7.19 2.07 -37.77
CA PRO Z 98 -6.97 3.08 -38.82
C PRO Z 98 -7.86 2.90 -40.03
N GLY Z 99 -8.43 1.71 -40.22
CA GLY Z 99 -9.37 1.50 -41.30
C GLY Z 99 -10.78 1.97 -41.02
N ALA Z 100 -11.09 2.30 -39.78
CA ALA Z 100 -12.39 2.87 -39.45
C ALA Z 100 -12.34 4.35 -39.12
N ILE Z 101 -11.16 4.91 -38.84
CA ILE Z 101 -11.02 6.36 -38.82
C ILE Z 101 -11.15 6.89 -40.23
N LYS Z 102 -10.52 6.23 -41.19
CA LYS Z 102 -10.54 6.65 -42.58
C LYS Z 102 -11.89 6.44 -43.23
N ALA Z 103 -12.56 5.32 -42.91
CA ALA Z 103 -13.82 5.00 -43.56
C ALA Z 103 -14.95 5.89 -43.08
N PHE Z 104 -14.88 6.38 -41.85
CA PHE Z 104 -15.92 7.21 -41.28
C PHE Z 104 -15.61 8.69 -41.34
N THR Z 105 -14.46 9.08 -41.91
CA THR Z 105 -14.16 10.49 -42.13
C THR Z 105 -14.76 10.87 -43.49
N GLN Z 106 -16.05 11.11 -43.47
CA GLN Z 106 -16.84 11.29 -44.68
C GLN Z 106 -17.42 12.70 -44.70
N ALA Z 107 -18.00 13.05 -45.86
CA ALA Z 107 -18.74 14.29 -46.10
C ALA Z 107 -17.90 15.53 -45.82
N GLY Z 108 -16.61 15.46 -46.16
CA GLY Z 108 -15.76 16.63 -46.03
C GLY Z 108 -15.41 17.00 -44.61
N ALA Z 109 -15.44 16.06 -43.69
CA ALA Z 109 -15.07 16.32 -42.32
C ALA Z 109 -13.57 16.09 -42.12
N ARG Z 110 -13.06 16.62 -41.01
CA ARG Z 110 -11.68 16.37 -40.59
C ARG Z 110 -11.62 15.44 -39.40
N ASN Z 111 -12.71 14.73 -39.14
CA ASN Z 111 -12.83 13.78 -38.04
C ASN Z 111 -13.87 12.74 -38.45
N PRO Z 112 -13.92 11.58 -37.78
CA PRO Z 112 -15.00 10.64 -38.05
C PRO Z 112 -16.34 11.23 -37.64
N VAL Z 113 -17.37 10.98 -38.46
CA VAL Z 113 -18.68 11.60 -38.31
C VAL Z 113 -19.77 10.59 -38.65
N ASP Z 114 -21.02 11.00 -38.44
CA ASP Z 114 -22.21 10.25 -38.81
C ASP Z 114 -23.05 11.05 -39.79
N ILE Z 115 -23.42 10.43 -40.90
CA ILE Z 115 -24.29 11.08 -41.89
C ILE Z 115 -25.71 11.06 -41.37
N CYS Z 116 -26.31 12.24 -41.21
CA CYS Z 116 -27.64 12.39 -40.62
C CYS Z 116 -28.70 11.90 -41.59
N TYR Z 117 -29.40 10.82 -41.21
CA TYR Z 117 -30.52 10.29 -41.98
C TYR Z 117 -31.85 10.64 -41.36
N SER Z 118 -31.89 11.68 -40.54
CA SER Z 118 -33.12 12.13 -39.91
C SER Z 118 -33.87 13.18 -40.71
N GLY Z 119 -33.18 13.94 -41.55
CA GLY Z 119 -33.82 14.95 -42.34
C GLY Z 119 -34.06 16.26 -41.63
N VAL Z 120 -33.43 16.49 -40.48
CA VAL Z 120 -33.61 17.75 -39.79
C VAL Z 120 -32.82 18.88 -40.44
N TYR Z 121 -31.86 18.55 -41.31
CA TYR Z 121 -31.19 19.60 -42.07
C TYR Z 121 -32.13 20.20 -43.10
N HIS Z 122 -32.96 19.37 -43.72
CA HIS Z 122 -33.93 19.83 -44.69
C HIS Z 122 -35.08 20.56 -44.04
N TRP Z 123 -35.36 20.26 -42.77
CA TRP Z 123 -36.41 20.96 -42.05
C TRP Z 123 -35.97 22.36 -41.67
N TRP Z 124 -34.73 22.53 -41.23
CA TRP Z 124 -34.27 23.84 -40.80
C TRP Z 124 -33.85 24.71 -41.97
N TYR Z 125 -33.56 24.13 -43.12
CA TYR Z 125 -33.35 24.94 -44.31
C TYR Z 125 -34.67 25.50 -44.81
N THR Z 126 -35.77 24.81 -44.59
CA THR Z 126 -37.05 25.27 -45.12
C THR Z 126 -37.65 26.35 -44.23
N ILE Z 127 -37.56 26.19 -42.90
CA ILE Z 127 -38.19 27.13 -41.98
C ILE Z 127 -37.34 28.35 -41.70
N GLY Z 128 -36.18 28.49 -42.34
CA GLY Z 128 -35.43 29.72 -42.25
C GLY Z 128 -34.39 29.75 -41.15
N LEU Z 129 -33.51 28.76 -41.14
CA LEU Z 129 -32.32 28.78 -40.30
C LEU Z 129 -31.12 28.67 -41.23
N ARG Z 130 -30.21 29.65 -41.15
CA ARG Z 130 -29.15 29.77 -42.15
C ARG Z 130 -27.75 29.67 -41.59
N THR Z 131 -27.54 29.83 -40.29
CA THR Z 131 -26.22 29.82 -39.70
C THR Z 131 -26.18 28.85 -38.52
N ASN Z 132 -24.97 28.54 -38.07
CA ASN Z 132 -24.76 27.69 -36.91
C ASN Z 132 -25.00 28.42 -35.59
N THR Z 133 -25.29 29.71 -35.62
CA THR Z 133 -25.60 30.44 -34.40
C THR Z 133 -27.09 30.46 -34.10
N GLU Z 134 -27.93 30.49 -35.14
CA GLU Z 134 -29.37 30.37 -34.94
C GLU Z 134 -29.74 28.97 -34.48
N LEU Z 135 -28.92 27.98 -34.83
CA LEU Z 135 -29.08 26.64 -34.28
C LEU Z 135 -28.62 26.58 -32.83
N TYR Z 136 -27.60 27.34 -32.48
CA TYR Z 136 -27.07 27.30 -31.12
C TYR Z 136 -27.97 28.03 -30.15
N VAL Z 137 -28.47 29.21 -30.52
CA VAL Z 137 -29.38 29.94 -29.64
C VAL Z 137 -30.79 29.39 -29.67
N GLY Z 138 -31.07 28.44 -30.55
CA GLY Z 138 -32.31 27.70 -30.49
C GLY Z 138 -32.14 26.48 -29.62
N ALA Z 139 -30.90 26.01 -29.49
CA ALA Z 139 -30.61 24.89 -28.59
C ALA Z 139 -30.54 25.37 -27.15
N LEU Z 140 -30.02 26.57 -26.93
CA LEU Z 140 -29.98 27.12 -25.58
C LEU Z 140 -31.35 27.56 -25.11
N PHE Z 141 -32.24 27.87 -26.04
CA PHE Z 141 -33.60 28.25 -25.65
C PHE Z 141 -34.41 27.01 -25.27
N LEU Z 142 -34.24 25.91 -26.00
CA LEU Z 142 -34.95 24.68 -25.68
C LEU Z 142 -34.44 24.03 -24.41
N ILE Z 143 -33.19 24.31 -24.01
CA ILE Z 143 -32.72 23.92 -22.69
C ILE Z 143 -33.47 24.68 -21.61
N LEU Z 144 -33.63 26.00 -21.80
CA LEU Z 144 -34.35 26.80 -20.83
C LEU Z 144 -35.85 26.57 -20.92
N LEU Z 145 -36.36 26.21 -22.10
CA LEU Z 145 -37.76 25.83 -22.20
C LEU Z 145 -38.02 24.49 -21.54
N ALA Z 146 -37.05 23.57 -21.57
CA ALA Z 146 -37.18 22.35 -20.80
C ALA Z 146 -36.99 22.57 -19.31
N ALA Z 147 -36.45 23.72 -18.91
CA ALA Z 147 -36.33 24.03 -17.49
C ALA Z 147 -37.59 24.64 -16.91
N VAL Z 148 -38.38 25.36 -17.72
CA VAL Z 148 -39.65 25.86 -17.21
C VAL Z 148 -40.72 24.80 -17.17
N PHE Z 149 -40.49 23.64 -17.77
CA PHE Z 149 -41.40 22.52 -17.66
C PHE Z 149 -41.00 21.54 -16.56
N LEU Z 150 -39.72 21.48 -16.21
CA LEU Z 150 -39.34 20.78 -14.98
C LEU Z 150 -39.69 21.60 -13.76
N PHE Z 151 -39.70 22.92 -13.88
CA PHE Z 151 -40.09 23.76 -12.76
C PHE Z 151 -41.60 23.78 -12.58
N ALA Z 152 -42.35 23.73 -13.69
CA ALA Z 152 -43.79 23.68 -13.59
C ALA Z 152 -44.28 22.37 -13.02
N GLY Z 153 -43.58 21.27 -13.32
CA GLY Z 153 -43.94 20.01 -12.73
C GLY Z 153 -43.63 19.94 -11.26
N TRP Z 154 -42.54 20.58 -10.84
CA TRP Z 154 -42.27 20.70 -9.41
C TRP Z 154 -43.27 21.62 -8.75
N LEU Z 155 -43.76 22.62 -9.48
CA LEU Z 155 -44.72 23.57 -8.92
C LEU Z 155 -46.05 22.90 -8.61
N HIS Z 156 -46.55 22.08 -9.52
CA HIS Z 156 -47.87 21.50 -9.39
C HIS Z 156 -47.87 20.21 -8.60
N LEU Z 157 -46.87 19.99 -7.77
CA LEU Z 157 -46.96 19.04 -6.69
C LEU Z 157 -46.89 19.70 -5.33
N GLN Z 158 -46.63 21.00 -5.27
CA GLN Z 158 -46.71 21.73 -4.02
C GLN Z 158 -48.18 21.90 -3.63
N PRO Z 159 -48.51 21.79 -2.35
CA PRO Z 159 -49.93 21.68 -1.95
C PRO Z 159 -50.75 22.93 -2.17
N ARG Z 160 -50.14 24.08 -2.41
CA ARG Z 160 -50.87 25.28 -2.76
C ARG Z 160 -51.14 25.39 -4.26
N TYR Z 161 -50.53 24.52 -5.06
CA TYR Z 161 -50.63 24.60 -6.51
C TYR Z 161 -51.14 23.32 -7.15
N ARG Z 162 -51.33 22.25 -6.41
CA ARG Z 162 -51.92 21.04 -6.95
C ARG Z 162 -53.37 21.30 -7.32
N PRO Z 163 -53.77 21.02 -8.56
CA PRO Z 163 -55.19 21.16 -8.91
C PRO Z 163 -56.01 20.06 -8.28
N ASN Z 164 -57.31 20.34 -8.16
CA ASN Z 164 -58.22 19.36 -7.58
C ASN Z 164 -58.82 18.50 -8.67
N LEU Z 165 -59.62 17.51 -8.27
CA LEU Z 165 -60.23 16.60 -9.23
C LEU Z 165 -61.29 17.27 -10.09
N GLY Z 166 -61.88 18.37 -9.63
CA GLY Z 166 -62.82 19.09 -10.46
C GLY Z 166 -62.17 19.82 -11.62
N TRP Z 167 -60.88 20.13 -11.51
CA TRP Z 167 -60.17 20.80 -12.60
C TRP Z 167 -59.70 19.82 -13.65
N PHE Z 168 -59.34 18.60 -13.25
CA PHE Z 168 -58.91 17.59 -14.20
C PHE Z 168 -60.08 17.03 -14.99
N LYS Z 169 -61.24 16.94 -14.37
CA LYS Z 169 -62.45 16.46 -15.02
C LYS Z 169 -63.26 17.56 -15.67
N ASN Z 170 -62.61 18.66 -16.05
CA ASN Z 170 -63.24 19.75 -16.77
C ASN Z 170 -62.99 19.50 -18.25
N SER Z 171 -63.78 18.59 -18.81
CA SER Z 171 -63.53 18.15 -20.18
C SER Z 171 -63.95 19.20 -21.21
N GLU Z 172 -64.98 20.00 -20.92
CA GLU Z 172 -65.41 20.97 -21.92
C GLU Z 172 -64.50 22.19 -21.94
N ALA Z 173 -63.90 22.56 -20.81
CA ALA Z 173 -62.98 23.67 -20.80
C ALA Z 173 -61.61 23.29 -21.32
N ARG Z 174 -61.26 22.01 -21.30
CA ARG Z 174 -60.00 21.60 -21.88
C ARG Z 174 -60.10 21.48 -23.40
N LEU Z 175 -61.26 21.08 -23.91
CA LEU Z 175 -61.47 21.03 -25.35
C LEU Z 175 -61.53 22.41 -25.97
N ASN Z 176 -61.94 23.42 -25.19
CA ASN Z 176 -61.99 24.77 -25.74
C ASN Z 176 -60.60 25.34 -25.92
N HIS Z 177 -59.72 25.11 -24.96
CA HIS Z 177 -58.40 25.68 -25.03
C HIS Z 177 -57.41 24.84 -25.81
N HIS Z 178 -57.67 23.55 -25.98
CA HIS Z 178 -56.78 22.75 -26.79
C HIS Z 178 -57.05 22.89 -28.27
N LEU Z 179 -58.26 23.26 -28.65
CA LEU Z 179 -58.56 23.55 -30.03
C LEU Z 179 -58.23 24.99 -30.40
N ALA Z 180 -58.64 25.94 -29.57
CA ALA Z 180 -58.39 27.33 -29.89
C ALA Z 180 -56.96 27.73 -29.56
N GLY Z 181 -56.43 27.28 -28.44
CA GLY Z 181 -55.13 27.74 -28.00
C GLY Z 181 -53.97 26.82 -28.33
N LEU Z 182 -54.13 25.52 -28.08
CA LEU Z 182 -53.01 24.61 -28.34
C LEU Z 182 -52.91 24.26 -29.82
N PHE Z 183 -54.04 24.13 -30.51
CA PHE Z 183 -54.00 23.78 -31.92
C PHE Z 183 -54.29 24.95 -32.83
N GLY Z 184 -55.04 25.95 -32.36
CA GLY Z 184 -55.39 27.07 -33.20
C GLY Z 184 -54.39 28.19 -33.15
N VAL Z 185 -54.03 28.63 -31.94
CA VAL Z 185 -53.07 29.73 -31.81
C VAL Z 185 -51.68 29.29 -32.25
N SER Z 186 -51.27 28.08 -31.88
CA SER Z 186 -49.95 27.62 -32.26
C SER Z 186 -49.86 27.20 -33.72
N SER Z 187 -50.97 27.08 -34.43
CA SER Z 187 -50.94 27.01 -35.88
C SER Z 187 -51.10 28.39 -36.51
N LEU Z 188 -51.74 29.32 -35.80
CA LEU Z 188 -51.71 30.71 -36.20
C LEU Z 188 -50.33 31.30 -36.01
N ALA Z 189 -49.62 30.86 -34.97
CA ALA Z 189 -48.28 31.37 -34.73
C ALA Z 189 -47.28 30.79 -35.72
N TRP Z 190 -47.50 29.56 -36.19
CA TRP Z 190 -46.58 29.02 -37.17
C TRP Z 190 -46.76 29.67 -38.53
N ALA Z 191 -47.99 30.04 -38.89
CA ALA Z 191 -48.18 30.89 -40.05
C ALA Z 191 -47.60 32.28 -39.83
N GLY Z 192 -47.41 32.69 -38.58
CA GLY Z 192 -46.68 33.90 -38.31
C GLY Z 192 -45.20 33.77 -38.55
N HIS Z 193 -44.63 32.60 -38.27
CA HIS Z 193 -43.20 32.40 -38.53
C HIS Z 193 -42.95 32.26 -40.03
N LEU Z 194 -43.83 31.54 -40.72
CA LEU Z 194 -43.65 31.33 -42.15
C LEU Z 194 -43.76 32.63 -42.93
N VAL Z 195 -44.73 33.47 -42.58
CA VAL Z 195 -44.90 34.73 -43.28
C VAL Z 195 -43.77 35.70 -42.97
N HIS Z 196 -43.37 35.78 -41.70
CA HIS Z 196 -42.39 36.78 -41.31
C HIS Z 196 -40.96 36.35 -41.59
N VAL Z 197 -40.62 35.10 -41.34
CA VAL Z 197 -39.24 34.64 -41.35
C VAL Z 197 -38.97 33.70 -42.52
N ALA Z 198 -39.75 32.64 -42.65
CA ALA Z 198 -39.35 31.55 -43.52
C ALA Z 198 -39.56 31.86 -44.99
N ILE Z 199 -40.64 32.57 -45.33
CA ILE Z 199 -40.85 33.02 -46.71
C ILE Z 199 -39.85 34.11 -47.10
N PRO Z 200 -39.58 35.17 -46.31
CA PRO Z 200 -38.55 36.12 -46.75
C PRO Z 200 -37.14 35.57 -46.76
N GLU Z 201 -36.82 34.60 -45.90
CA GLU Z 201 -35.49 34.01 -45.95
C GLU Z 201 -35.36 32.99 -47.07
N SER Z 202 -36.47 32.52 -47.62
CA SER Z 202 -36.43 31.74 -48.84
C SER Z 202 -36.34 32.61 -50.08
N ARG Z 203 -36.47 33.92 -49.92
CA ARG Z 203 -36.35 34.87 -51.02
C ARG Z 203 -35.12 35.76 -50.88
N GLY Z 204 -34.21 35.43 -49.98
CA GLY Z 204 -32.93 36.11 -49.95
C GLY Z 204 -32.70 37.02 -48.77
N GLN Z 205 -33.71 37.78 -48.37
CA GLN Z 205 -33.52 38.75 -47.32
C GLN Z 205 -33.49 38.06 -45.96
N HIS Z 206 -32.65 38.59 -45.07
CA HIS Z 206 -32.40 37.96 -43.78
C HIS Z 206 -33.27 38.66 -42.73
N VAL Z 207 -34.22 37.93 -42.19
CA VAL Z 207 -35.12 38.44 -41.16
C VAL Z 207 -34.75 37.77 -39.85
N GLY Z 208 -34.33 38.56 -38.88
CA GLY Z 208 -33.95 38.04 -37.58
C GLY Z 208 -34.71 38.74 -36.48
N TRP Z 209 -34.26 38.58 -35.23
CA TRP Z 209 -34.99 39.16 -34.11
C TRP Z 209 -34.85 40.67 -34.06
N ASP Z 210 -33.74 41.20 -34.56
CA ASP Z 210 -33.50 42.63 -34.61
C ASP Z 210 -34.01 43.28 -35.90
N ASN Z 211 -34.78 42.55 -36.69
CA ASN Z 211 -35.06 42.96 -38.06
C ASN Z 211 -36.55 42.82 -38.35
N PHE Z 212 -37.23 41.94 -37.61
CA PHE Z 212 -38.60 41.58 -37.97
C PHE Z 212 -39.62 42.62 -37.58
N LEU Z 213 -39.28 43.50 -36.63
CA LEU Z 213 -40.24 44.52 -36.21
C LEU Z 213 -40.24 45.73 -37.12
N SER Z 214 -39.23 45.89 -37.97
CA SER Z 214 -39.15 47.03 -38.86
C SER Z 214 -39.63 46.72 -40.27
N THR Z 215 -39.04 45.71 -40.92
CA THR Z 215 -39.43 45.36 -42.27
C THR Z 215 -40.73 44.56 -42.25
N PRO Z 216 -41.81 45.06 -42.86
CA PRO Z 216 -43.03 44.27 -42.90
C PRO Z 216 -42.91 43.17 -43.94
N PRO Z 217 -43.63 42.05 -43.76
CA PRO Z 217 -43.55 40.95 -44.71
C PRO Z 217 -44.27 41.19 -46.02
N HIS Z 218 -44.90 42.36 -46.22
CA HIS Z 218 -45.63 42.62 -47.43
C HIS Z 218 -45.61 44.11 -47.69
N PRO Z 219 -45.51 44.56 -48.95
CA PRO Z 219 -45.59 45.99 -49.24
C PRO Z 219 -46.95 46.61 -48.95
N ALA Z 220 -48.01 45.82 -48.97
CA ALA Z 220 -49.35 46.25 -48.58
C ALA Z 220 -49.64 45.84 -47.14
N GLY Z 221 -48.62 45.92 -46.29
CA GLY Z 221 -48.67 45.24 -45.01
C GLY Z 221 -49.58 45.91 -44.01
N LEU Z 222 -50.10 45.08 -43.09
CA LEU Z 222 -50.82 45.42 -41.86
C LEU Z 222 -52.12 46.19 -42.08
N TRP Z 223 -52.51 46.42 -43.30
CA TRP Z 223 -53.67 47.24 -43.61
C TRP Z 223 -54.66 46.53 -44.52
N ALA Z 224 -54.16 45.75 -45.49
CA ALA Z 224 -55.03 45.01 -46.40
C ALA Z 224 -55.78 43.88 -45.72
N PHE Z 225 -55.43 43.53 -44.48
CA PHE Z 225 -56.19 42.54 -43.73
C PHE Z 225 -57.46 43.15 -43.16
N PHE Z 226 -57.35 44.33 -42.56
CA PHE Z 226 -58.48 44.91 -41.82
C PHE Z 226 -59.50 45.57 -42.73
N THR Z 227 -59.07 46.06 -43.90
CA THR Z 227 -60.04 46.65 -44.81
C THR Z 227 -60.86 45.58 -45.53
N GLY Z 228 -60.19 44.63 -46.16
CA GLY Z 228 -60.90 43.59 -46.90
C GLY Z 228 -60.25 43.34 -48.25
N ASN Z 229 -59.09 43.95 -48.47
CA ASN Z 229 -58.34 43.78 -49.72
C ASN Z 229 -57.42 42.58 -49.54
N TRP Z 230 -58.04 41.41 -49.38
CA TRP Z 230 -57.28 40.21 -49.03
C TRP Z 230 -56.55 39.65 -50.23
N GLY Z 231 -56.95 40.00 -51.45
CA GLY Z 231 -56.24 39.57 -52.63
C GLY Z 231 -54.90 40.23 -52.86
N ALA Z 232 -54.52 41.20 -52.02
CA ALA Z 232 -53.21 41.82 -52.16
C ALA Z 232 -52.09 40.87 -51.79
N TYR Z 233 -52.36 39.94 -50.89
CA TYR Z 233 -51.35 39.03 -50.38
C TYR Z 233 -50.98 37.92 -51.36
N ALA Z 234 -51.67 37.79 -52.48
CA ALA Z 234 -51.42 36.73 -53.44
C ALA Z 234 -51.23 37.29 -54.84
N GLN Z 235 -50.61 38.47 -54.97
CA GLN Z 235 -50.65 39.13 -56.27
C GLN Z 235 -49.57 38.59 -57.22
N ASN Z 236 -48.30 38.77 -56.87
CA ASN Z 236 -47.25 38.16 -57.68
C ASN Z 236 -46.53 37.09 -56.88
N PRO Z 237 -46.73 35.82 -57.19
CA PRO Z 237 -46.08 34.75 -56.44
C PRO Z 237 -44.68 34.45 -56.95
N ASP Z 238 -44.03 33.44 -56.38
CA ASP Z 238 -42.73 33.01 -56.88
C ASP Z 238 -42.93 32.31 -58.22
N THR Z 239 -42.23 32.79 -59.25
CA THR Z 239 -42.39 32.21 -60.57
C THR Z 239 -41.62 30.90 -60.69
N ALA Z 240 -41.75 30.24 -61.84
CA ALA Z 240 -41.24 28.90 -62.04
C ALA Z 240 -39.76 28.86 -62.43
N GLU Z 241 -39.03 29.96 -62.25
CA GLU Z 241 -37.58 29.94 -62.38
C GLU Z 241 -36.91 30.48 -61.13
N HIS Z 242 -37.68 30.57 -60.04
CA HIS Z 242 -37.12 30.98 -58.75
C HIS Z 242 -36.29 29.85 -58.17
N VAL Z 243 -35.07 30.16 -57.74
CA VAL Z 243 -34.23 29.19 -57.05
C VAL Z 243 -34.21 29.56 -55.57
N PHE Z 244 -34.10 28.54 -54.73
CA PHE Z 244 -34.40 28.68 -53.31
C PHE Z 244 -33.32 29.48 -52.59
N SER Z 245 -33.75 30.26 -51.60
CA SER Z 245 -32.93 31.10 -50.72
C SER Z 245 -32.13 32.16 -51.47
N THR Z 246 -32.56 32.55 -52.67
CA THR Z 246 -32.00 33.69 -53.37
C THR Z 246 -33.12 34.66 -53.71
N SER Z 247 -32.73 35.82 -54.21
CA SER Z 247 -33.69 36.83 -54.66
C SER Z 247 -34.04 36.72 -56.13
N GLN Z 248 -33.38 35.82 -56.87
CA GLN Z 248 -33.48 35.80 -58.33
C GLN Z 248 -34.68 34.97 -58.73
N GLY Z 249 -35.77 35.65 -59.10
CA GLY Z 249 -37.00 35.01 -59.45
C GLY Z 249 -38.07 35.05 -58.38
N ALA Z 250 -37.81 35.73 -57.26
CA ALA Z 250 -38.75 35.76 -56.15
C ALA Z 250 -39.95 36.65 -56.48
N GLY Z 251 -40.97 36.55 -55.64
CA GLY Z 251 -42.13 37.39 -55.75
C GLY Z 251 -42.34 38.19 -54.49
N THR Z 252 -43.56 38.68 -54.26
CA THR Z 252 -43.89 39.35 -53.01
C THR Z 252 -45.16 38.80 -52.38
N ALA Z 253 -45.78 37.78 -52.97
CA ALA Z 253 -46.95 37.17 -52.37
C ALA Z 253 -46.56 36.36 -51.15
N ILE Z 254 -47.37 36.42 -50.10
CA ILE Z 254 -47.13 35.64 -48.90
C ILE Z 254 -48.18 34.57 -48.68
N LEU Z 255 -49.38 34.71 -49.23
CA LEU Z 255 -50.47 33.77 -49.02
C LEU Z 255 -51.06 33.44 -50.39
N THR Z 256 -50.44 32.54 -51.12
CA THR Z 256 -50.95 32.17 -52.43
C THR Z 256 -51.06 30.66 -52.51
N PHE Z 257 -51.85 30.20 -53.46
CA PHE Z 257 -52.38 28.84 -53.47
C PHE Z 257 -52.27 28.24 -54.86
N LEU Z 258 -51.03 28.27 -55.39
CA LEU Z 258 -50.75 27.66 -56.68
C LEU Z 258 -50.93 26.15 -56.65
N GLY Z 259 -50.58 25.51 -55.53
CA GLY Z 259 -50.59 24.07 -55.44
C GLY Z 259 -49.41 23.44 -56.17
N GLY Z 260 -49.27 22.13 -55.98
CA GLY Z 260 -48.16 21.47 -56.63
C GLY Z 260 -46.86 21.75 -55.93
N PHE Z 261 -45.77 21.63 -56.69
CA PHE Z 261 -44.44 21.66 -56.12
C PHE Z 261 -43.63 22.84 -56.64
N HIS Z 262 -42.70 23.30 -55.81
CA HIS Z 262 -41.68 24.22 -56.25
C HIS Z 262 -40.81 23.53 -57.30
N PRO Z 263 -40.53 24.19 -58.43
CA PRO Z 263 -39.85 23.49 -59.52
C PRO Z 263 -38.37 23.21 -59.27
N GLN Z 264 -37.79 23.78 -58.22
CA GLN Z 264 -36.37 23.64 -57.93
C GLN Z 264 -36.09 22.71 -56.76
N THR Z 265 -36.91 22.76 -55.72
CA THR Z 265 -36.74 21.92 -54.54
C THR Z 265 -37.60 20.68 -54.56
N GLN Z 266 -38.55 20.59 -55.51
CA GLN Z 266 -39.59 19.56 -55.57
C GLN Z 266 -40.37 19.45 -54.26
N SER Z 267 -40.62 20.59 -53.64
CA SER Z 267 -41.31 20.66 -52.37
C SER Z 267 -42.51 21.58 -52.49
N LEU Z 268 -43.37 21.55 -51.49
CA LEU Z 268 -44.49 22.46 -51.43
C LEU Z 268 -43.99 23.89 -51.24
N TRP Z 269 -44.76 24.84 -51.78
CA TRP Z 269 -44.40 26.24 -51.67
C TRP Z 269 -44.52 26.71 -50.23
N LEU Z 270 -43.59 27.56 -49.80
CA LEU Z 270 -43.66 28.08 -48.44
C LEU Z 270 -44.80 29.06 -48.28
N THR Z 271 -45.22 29.69 -49.38
CA THR Z 271 -46.43 30.51 -49.36
C THR Z 271 -47.68 29.66 -49.31
N ASP Z 272 -47.60 28.43 -49.80
CA ASP Z 272 -48.74 27.52 -49.76
C ASP Z 272 -48.96 26.96 -48.37
N MET Z 273 -47.90 26.87 -47.57
CA MET Z 273 -48.00 26.38 -46.22
C MET Z 273 -48.27 27.47 -45.20
N ALA Z 274 -47.88 28.71 -45.50
CA ALA Z 274 -48.28 29.82 -44.64
C ALA Z 274 -49.75 30.12 -44.79
N HIS Z 275 -50.28 29.95 -45.99
CA HIS Z 275 -51.71 30.05 -46.21
C HIS Z 275 -52.44 28.88 -45.57
N HIS Z 276 -51.77 27.73 -45.47
CA HIS Z 276 -52.40 26.51 -44.99
C HIS Z 276 -52.64 26.57 -43.49
N HIS Z 277 -51.61 26.90 -42.72
CA HIS Z 277 -51.75 26.99 -41.27
C HIS Z 277 -52.53 28.22 -40.83
N LEU Z 278 -52.78 29.16 -41.73
CA LEU Z 278 -53.71 30.23 -41.44
C LEU Z 278 -55.15 29.77 -41.58
N ALA Z 279 -55.41 28.92 -42.57
CA ALA Z 279 -56.76 28.39 -42.73
C ALA Z 279 -57.07 27.30 -41.70
N ILE Z 280 -56.07 26.57 -41.25
CA ILE Z 280 -56.24 25.64 -40.13
C ILE Z 280 -56.56 26.39 -38.86
N ALA Z 281 -55.90 27.53 -38.64
CA ALA Z 281 -56.05 28.25 -37.38
C ALA Z 281 -57.40 28.92 -37.27
N VAL Z 282 -57.93 29.46 -38.38
CA VAL Z 282 -59.25 30.07 -38.37
C VAL Z 282 -60.32 29.02 -38.14
N VAL Z 283 -60.14 27.84 -38.73
CA VAL Z 283 -61.13 26.77 -38.59
C VAL Z 283 -61.05 26.13 -37.20
N LEU Z 284 -59.86 26.10 -36.60
CA LEU Z 284 -59.72 25.47 -35.29
C LEU Z 284 -60.08 26.41 -34.14
N ILE Z 285 -59.83 27.70 -34.27
CA ILE Z 285 -60.23 28.65 -33.23
C ILE Z 285 -61.75 28.80 -33.22
N ILE Z 286 -62.38 28.67 -34.38
CA ILE Z 286 -63.84 28.60 -34.44
C ILE Z 286 -64.36 27.35 -33.75
N ALA Z 287 -63.70 26.21 -33.98
CA ALA Z 287 -64.14 24.95 -33.37
C ALA Z 287 -63.87 24.89 -31.88
N GLY Z 288 -63.03 25.77 -31.34
CA GLY Z 288 -62.83 25.83 -29.91
C GLY Z 288 -63.87 26.61 -29.16
N HIS Z 289 -64.85 27.17 -29.84
CA HIS Z 289 -65.94 27.92 -29.23
C HIS Z 289 -67.24 27.15 -29.32
N MET Z 290 -67.17 25.84 -29.13
CA MET Z 290 -68.33 24.97 -29.25
C MET Z 290 -68.87 24.54 -27.89
N TYR Z 291 -67.99 24.21 -26.96
CA TYR Z 291 -68.40 23.68 -25.67
C TYR Z 291 -68.47 24.82 -24.66
N ARG Z 292 -69.26 24.63 -23.61
CA ARG Z 292 -69.54 25.71 -22.68
C ARG Z 292 -68.57 25.65 -21.49
N THR Z 293 -67.89 26.75 -21.27
CA THR Z 293 -67.32 27.08 -19.98
C THR Z 293 -68.36 27.93 -19.23
N ASN Z 294 -67.94 28.66 -18.23
CA ASN Z 294 -68.82 29.44 -17.36
C ASN Z 294 -69.50 30.65 -18.05
N TRP Z 295 -69.46 30.88 -19.36
CA TRP Z 295 -70.10 32.03 -19.99
C TRP Z 295 -71.45 31.68 -20.62
N ARG Z 296 -72.06 30.57 -20.20
CA ARG Z 296 -73.45 30.18 -20.42
C ARG Z 296 -73.81 29.82 -21.86
N ILE Z 297 -72.91 29.97 -22.82
CA ILE Z 297 -73.20 29.60 -24.21
C ILE Z 297 -72.30 28.44 -24.61
N GLY Z 298 -72.81 27.60 -25.50
CA GLY Z 298 -72.00 26.52 -26.00
C GLY Z 298 -72.74 25.20 -25.88
N HIS Z 299 -71.97 24.12 -25.95
CA HIS Z 299 -72.50 22.77 -25.86
C HIS Z 299 -72.08 22.12 -24.56
N SER Z 300 -72.99 21.36 -23.97
CA SER Z 300 -72.65 20.50 -22.86
C SER Z 300 -72.62 19.08 -23.37
N ILE Z 301 -71.44 18.44 -23.26
CA ILE Z 301 -71.26 17.08 -23.77
C ILE Z 301 -72.12 16.09 -23.00
N LYS Z 302 -72.42 16.38 -21.73
CA LYS Z 302 -73.33 15.55 -20.95
C LYS Z 302 -74.74 15.61 -21.50
N GLU Z 303 -75.14 16.73 -22.11
CA GLU Z 303 -76.45 16.82 -22.72
C GLU Z 303 -76.50 16.19 -24.10
N MET Z 304 -75.38 16.18 -24.83
CA MET Z 304 -75.36 15.61 -26.16
C MET Z 304 -75.41 14.09 -26.13
N MET Z 305 -74.98 13.47 -25.03
CA MET Z 305 -75.11 12.03 -24.88
C MET Z 305 -76.55 11.64 -24.64
N ASP Z 306 -77.23 12.33 -23.74
CA ASP Z 306 -78.54 11.92 -23.25
C ASP Z 306 -79.70 12.55 -24.00
N SER Z 307 -79.43 13.29 -25.08
CA SER Z 307 -80.50 13.96 -25.80
C SER Z 307 -81.29 12.95 -26.61
N LYS Z 308 -82.59 12.87 -26.35
CA LYS Z 308 -83.48 11.91 -26.99
C LYS Z 308 -84.60 12.60 -27.74
N THR Z 309 -84.36 13.80 -28.25
CA THR Z 309 -85.39 14.56 -28.96
C THR Z 309 -84.76 15.18 -30.20
N PHE Z 310 -85.32 14.86 -31.36
CA PHE Z 310 -84.80 15.30 -32.66
C PHE Z 310 -85.94 15.98 -33.42
N PHE Z 311 -86.15 17.27 -33.12
CA PHE Z 311 -87.18 18.10 -33.75
C PHE Z 311 -88.57 17.48 -33.59
N GLY Z 312 -88.91 17.11 -32.36
CA GLY Z 312 -90.16 16.48 -32.05
C GLY Z 312 -90.16 14.97 -32.10
N ARG Z 313 -89.21 14.36 -32.80
CA ARG Z 313 -89.15 12.90 -32.84
C ARG Z 313 -88.58 12.36 -31.52
N LYS Z 314 -88.56 11.03 -31.41
CA LYS Z 314 -88.16 10.38 -30.17
C LYS Z 314 -87.04 9.38 -30.47
N VAL Z 315 -85.97 9.86 -31.11
CA VAL Z 315 -84.81 9.02 -31.34
C VAL Z 315 -84.14 8.64 -30.02
N GLU Z 316 -83.37 7.55 -30.07
CA GLU Z 316 -82.69 7.02 -28.89
C GLU Z 316 -81.44 7.77 -28.52
N GLY Z 317 -80.99 8.71 -29.34
CA GLY Z 317 -79.80 9.47 -29.08
C GLY Z 317 -79.20 10.03 -30.35
N PRO Z 318 -77.88 10.24 -30.36
CA PRO Z 318 -77.21 10.59 -31.62
C PRO Z 318 -77.23 9.41 -32.58
N PHE Z 319 -77.72 9.69 -33.80
CA PHE Z 319 -77.87 8.72 -34.88
C PHE Z 319 -78.77 7.56 -34.46
N ASN Z 320 -79.82 7.88 -33.69
CA ASN Z 320 -80.83 6.93 -33.22
C ASN Z 320 -80.23 5.79 -32.41
N LEU Z 321 -79.09 6.05 -31.76
CA LEU Z 321 -78.32 5.07 -31.04
C LEU Z 321 -78.15 5.52 -29.61
N PRO Z 322 -78.30 4.63 -28.65
CA PRO Z 322 -78.27 5.04 -27.23
C PRO Z 322 -76.84 5.37 -26.80
N HIS Z 323 -76.57 6.65 -26.61
CA HIS Z 323 -75.28 7.09 -26.12
C HIS Z 323 -75.36 7.60 -24.69
N GLN Z 324 -76.39 7.25 -23.95
CA GLN Z 324 -76.52 7.75 -22.58
C GLN Z 324 -75.50 7.09 -21.68
N GLY Z 325 -75.03 7.85 -20.69
CA GLY Z 325 -74.04 7.33 -19.78
C GLY Z 325 -72.64 7.21 -20.33
N LEU Z 326 -72.39 7.71 -21.54
CA LEU Z 326 -71.04 7.67 -22.08
C LEU Z 326 -70.21 8.87 -21.68
N TYR Z 327 -70.81 9.93 -21.15
CA TYR Z 327 -70.01 11.03 -20.67
C TYR Z 327 -69.24 10.62 -19.42
N GLU Z 328 -69.91 10.02 -18.46
CA GLU Z 328 -69.23 9.56 -17.25
C GLU Z 328 -68.49 8.25 -17.45
N THR Z 329 -68.58 7.64 -18.62
CA THR Z 329 -67.74 6.50 -18.94
C THR Z 329 -66.40 6.95 -19.51
N VAL Z 330 -66.41 7.93 -20.42
CA VAL Z 330 -65.17 8.46 -20.94
C VAL Z 330 -64.44 9.31 -19.90
N ASN Z 331 -65.18 10.14 -19.15
CA ASN Z 331 -64.54 11.11 -18.28
C ASN Z 331 -63.89 10.48 -17.05
N ASN Z 332 -64.45 9.39 -16.53
CA ASN Z 332 -63.83 8.74 -15.39
C ASN Z 332 -62.72 7.78 -15.80
N SER Z 333 -62.85 7.13 -16.94
CA SER Z 333 -61.83 6.21 -17.42
C SER Z 333 -60.65 6.97 -18.01
N LEU Z 334 -59.48 6.79 -17.43
CA LEU Z 334 -58.27 7.33 -18.01
C LEU Z 334 -57.69 6.42 -19.08
N HIS Z 335 -58.24 5.22 -19.26
CA HIS Z 335 -57.83 4.32 -20.33
C HIS Z 335 -58.71 4.44 -21.57
N PHE Z 336 -59.96 4.86 -21.41
CA PHE Z 336 -60.76 5.24 -22.57
C PHE Z 336 -60.20 6.48 -23.22
N GLN Z 337 -59.74 7.44 -22.42
CA GLN Z 337 -59.17 8.65 -22.97
C GLN Z 337 -57.78 8.41 -23.54
N LEU Z 338 -57.08 7.39 -23.05
CA LEU Z 338 -55.75 7.10 -23.57
C LEU Z 338 -55.81 6.28 -24.84
N SER Z 339 -56.77 5.39 -24.95
CA SER Z 339 -56.91 4.59 -26.16
C SER Z 339 -57.42 5.40 -27.32
N LEU Z 340 -58.29 6.38 -27.06
CA LEU Z 340 -58.74 7.28 -28.12
C LEU Z 340 -57.66 8.25 -28.53
N ALA Z 341 -56.69 8.51 -27.67
CA ALA Z 341 -55.61 9.43 -27.99
C ALA Z 341 -54.44 8.75 -28.65
N LEU Z 342 -54.33 7.43 -28.55
CA LEU Z 342 -53.32 6.69 -29.31
C LEU Z 342 -53.85 6.24 -30.65
N ALA Z 343 -55.15 5.99 -30.76
CA ALA Z 343 -55.75 5.70 -32.06
C ALA Z 343 -55.74 6.93 -32.94
N CYS Z 344 -55.87 8.11 -32.36
CA CYS Z 344 -55.84 9.35 -33.12
C CYS Z 344 -54.45 9.89 -33.30
N LEU Z 345 -53.44 9.25 -32.71
CA LEU Z 345 -52.06 9.60 -32.93
C LEU Z 345 -51.32 8.56 -33.75
N GLY Z 346 -51.90 7.39 -33.95
CA GLY Z 346 -51.33 6.40 -34.83
C GLY Z 346 -51.98 6.49 -36.19
N VAL Z 347 -53.01 7.32 -36.31
CA VAL Z 347 -53.51 7.70 -37.62
C VAL Z 347 -52.76 8.91 -38.14
N ALA Z 348 -52.50 9.89 -37.27
CA ALA Z 348 -51.71 11.05 -37.66
C ALA Z 348 -50.26 10.72 -37.88
N SER Z 349 -49.78 9.57 -37.40
CA SER Z 349 -48.42 9.16 -37.68
C SER Z 349 -48.31 8.31 -38.94
N SER Z 350 -49.38 7.62 -39.33
CA SER Z 350 -49.42 7.04 -40.66
C SER Z 350 -49.62 8.10 -41.71
N LEU Z 351 -50.47 9.08 -41.41
CA LEU Z 351 -50.76 10.16 -42.33
C LEU Z 351 -49.57 11.06 -42.54
N THR Z 352 -48.70 11.15 -41.54
CA THR Z 352 -47.40 11.78 -41.74
C THR Z 352 -46.59 11.02 -42.78
N ALA Z 353 -46.55 9.70 -42.65
CA ALA Z 353 -45.71 8.89 -43.53
C ALA Z 353 -46.29 8.82 -44.93
N GLN Z 354 -47.61 8.71 -45.07
CA GLN Z 354 -48.22 8.58 -46.39
C GLN Z 354 -48.19 9.88 -47.17
N HIS Z 355 -47.97 11.02 -46.52
CA HIS Z 355 -48.01 12.30 -47.20
C HIS Z 355 -46.64 12.90 -47.41
N MET Z 356 -45.72 12.68 -46.48
CA MET Z 356 -44.41 13.32 -46.58
C MET Z 356 -43.51 12.68 -47.62
N TYR Z 357 -43.85 11.50 -48.14
CA TYR Z 357 -43.11 10.99 -49.28
C TYR Z 357 -43.71 11.43 -50.59
N SER Z 358 -45.04 11.60 -50.64
CA SER Z 358 -45.71 11.96 -51.88
C SER Z 358 -45.73 13.46 -52.10
N MET Z 359 -46.05 14.22 -51.05
CA MET Z 359 -46.00 15.68 -51.08
C MET Z 359 -44.92 16.12 -50.10
N PRO Z 360 -43.65 16.16 -50.52
CA PRO Z 360 -42.58 16.52 -49.60
C PRO Z 360 -42.65 17.99 -49.25
N PRO Z 361 -42.55 18.32 -47.99
CA PRO Z 361 -42.68 19.73 -47.59
C PRO Z 361 -41.36 20.45 -47.46
N TYR Z 362 -40.25 19.74 -47.56
CA TYR Z 362 -38.96 20.27 -47.19
C TYR Z 362 -38.06 20.38 -48.42
N ALA Z 363 -37.13 21.33 -48.34
CA ALA Z 363 -36.28 21.66 -49.48
C ALA Z 363 -35.29 20.55 -49.73
N PHE Z 364 -35.31 20.00 -50.95
CA PHE Z 364 -34.40 18.97 -51.45
C PHE Z 364 -34.43 17.70 -50.61
N ILE Z 365 -35.58 17.38 -50.00
CA ILE Z 365 -35.69 16.11 -49.30
C ILE Z 365 -36.17 15.01 -50.24
N ALA Z 366 -36.70 15.36 -51.41
CA ALA Z 366 -37.01 14.34 -52.40
C ALA Z 366 -35.73 13.79 -53.02
N LYS Z 367 -34.69 14.60 -53.11
CA LYS Z 367 -33.41 14.20 -53.68
C LYS Z 367 -32.43 13.71 -52.63
N ASP Z 368 -32.90 13.42 -51.42
CA ASP Z 368 -32.11 12.72 -50.41
C ASP Z 368 -32.86 11.43 -50.15
N PHE Z 369 -32.42 10.36 -50.81
CA PHE Z 369 -33.19 9.13 -50.89
C PHE Z 369 -33.22 8.35 -49.59
N THR Z 370 -32.27 8.56 -48.68
CA THR Z 370 -32.22 7.79 -47.46
C THR Z 370 -32.99 8.43 -46.32
N THR Z 371 -32.92 9.76 -46.17
CA THR Z 371 -33.74 10.42 -45.16
C THR Z 371 -35.21 10.41 -45.54
N MET Z 372 -35.50 10.34 -46.84
CA MET Z 372 -36.88 10.16 -47.27
C MET Z 372 -37.35 8.75 -46.97
N ALA Z 373 -36.45 7.77 -47.01
CA ALA Z 373 -36.81 6.38 -46.77
C ALA Z 373 -36.85 6.06 -45.29
N ALA Z 374 -35.95 6.64 -44.52
CA ALA Z 374 -35.91 6.37 -43.09
C ALA Z 374 -36.98 7.11 -42.33
N LEU Z 375 -37.61 8.11 -42.93
CA LEU Z 375 -38.71 8.82 -42.29
C LEU Z 375 -40.07 8.24 -42.62
N TYR Z 376 -40.20 7.48 -43.70
CA TYR Z 376 -41.42 6.73 -43.91
C TYR Z 376 -41.49 5.56 -42.95
N THR Z 377 -40.41 4.79 -42.88
CA THR Z 377 -40.36 3.59 -42.08
C THR Z 377 -40.41 3.91 -40.60
N HIS Z 378 -39.90 5.08 -40.21
CA HIS Z 378 -40.02 5.54 -38.84
C HIS Z 378 -41.46 5.75 -38.45
N HIS Z 379 -42.18 6.55 -39.22
CA HIS Z 379 -43.52 6.92 -38.82
C HIS Z 379 -44.56 5.85 -39.08
N GLN Z 380 -44.24 4.79 -39.81
CA GLN Z 380 -45.16 3.69 -39.92
C GLN Z 380 -44.98 2.66 -38.82
N TYR Z 381 -43.78 2.54 -38.26
CA TYR Z 381 -43.59 1.68 -37.11
C TYR Z 381 -44.03 2.37 -35.82
N ILE Z 382 -43.92 3.69 -35.76
CA ILE Z 382 -44.52 4.44 -34.67
C ILE Z 382 -46.04 4.31 -34.72
N ALA Z 383 -46.61 4.38 -35.92
CA ALA Z 383 -48.05 4.28 -36.08
C ALA Z 383 -48.58 2.89 -35.91
N GLY Z 384 -47.74 1.87 -36.04
CA GLY Z 384 -48.17 0.53 -35.71
C GLY Z 384 -48.10 0.26 -34.24
N PHE Z 385 -47.14 0.88 -33.55
CA PHE Z 385 -47.07 0.74 -32.11
C PHE Z 385 -48.18 1.51 -31.42
N LEU Z 386 -48.45 2.72 -31.90
CA LEU Z 386 -49.51 3.55 -31.31
C LEU Z 386 -50.89 2.99 -31.58
N MET Z 387 -51.05 2.09 -32.54
CA MET Z 387 -52.33 1.47 -32.77
C MET Z 387 -52.47 0.13 -32.07
N VAL Z 388 -51.36 -0.53 -31.74
CA VAL Z 388 -51.42 -1.68 -30.84
C VAL Z 388 -51.72 -1.22 -29.41
N GLY Z 389 -51.21 -0.05 -29.04
CA GLY Z 389 -51.52 0.51 -27.74
C GLY Z 389 -52.87 1.17 -27.64
N ALA Z 390 -53.48 1.50 -28.78
CA ALA Z 390 -54.85 1.98 -28.75
C ALA Z 390 -55.82 0.85 -28.45
N PHE Z 391 -55.44 -0.37 -28.76
CA PHE Z 391 -56.24 -1.54 -28.43
C PHE Z 391 -55.74 -2.25 -27.20
N SER Z 392 -54.57 -1.90 -26.69
CA SER Z 392 -54.12 -2.44 -25.42
C SER Z 392 -54.86 -1.78 -24.28
N HIS Z 393 -55.15 -0.49 -24.40
CA HIS Z 393 -55.90 0.24 -23.39
C HIS Z 393 -57.39 0.16 -23.57
N ALA Z 394 -57.86 -0.30 -24.73
CA ALA Z 394 -59.24 -0.74 -24.81
C ALA Z 394 -59.47 -1.92 -23.90
N ALA Z 395 -58.53 -2.86 -23.87
CA ALA Z 395 -58.66 -4.04 -23.03
C ALA Z 395 -58.51 -3.70 -21.55
N ILE Z 396 -57.70 -2.71 -21.21
CA ILE Z 396 -57.60 -2.31 -19.81
C ILE Z 396 -58.83 -1.51 -19.41
N PHE Z 397 -59.50 -0.87 -20.37
CA PHE Z 397 -60.73 -0.16 -20.06
C PHE Z 397 -61.85 -1.13 -19.71
N TRP Z 398 -61.97 -2.22 -20.46
CA TRP Z 398 -63.05 -3.18 -20.21
C TRP Z 398 -62.87 -3.87 -18.87
N ILE Z 399 -61.64 -4.19 -18.52
CA ILE Z 399 -61.37 -4.91 -17.28
C ILE Z 399 -61.52 -3.98 -16.07
N LYS Z 400 -60.80 -2.87 -16.08
CA LYS Z 400 -60.63 -2.07 -14.87
C LYS Z 400 -61.61 -0.90 -14.76
N ASP Z 401 -62.16 -0.42 -15.86
CA ASP Z 401 -62.82 0.88 -15.84
C ASP Z 401 -64.23 0.83 -16.40
N TYR Z 402 -64.81 -0.35 -16.56
CA TYR Z 402 -66.13 -0.48 -17.14
C TYR Z 402 -67.03 -1.23 -16.16
N ASP Z 403 -68.28 -0.77 -16.04
CA ASP Z 403 -69.30 -1.45 -15.25
C ASP Z 403 -70.57 -1.54 -16.09
N PRO Z 404 -71.21 -2.71 -16.14
CA PRO Z 404 -72.38 -2.87 -17.01
C PRO Z 404 -73.64 -2.22 -16.46
N GLU Z 405 -73.65 -1.77 -15.21
CA GLU Z 405 -74.84 -1.19 -14.63
C GLU Z 405 -75.02 0.27 -15.05
N GLN Z 406 -73.93 1.03 -15.06
CA GLN Z 406 -74.01 2.43 -15.49
C GLN Z 406 -74.13 2.53 -17.01
N ASN Z 407 -73.44 1.65 -17.74
CA ASN Z 407 -73.54 1.59 -19.19
C ASN Z 407 -74.62 0.58 -19.59
N LYS Z 408 -75.83 0.82 -19.09
CA LYS Z 408 -76.95 -0.11 -19.31
C LYS Z 408 -77.71 0.30 -20.56
N GLY Z 409 -77.75 -0.58 -21.54
CA GLY Z 409 -78.54 -0.37 -22.74
C GLY Z 409 -77.97 0.60 -23.73
N ASN Z 410 -76.79 1.15 -23.49
CA ASN Z 410 -76.23 2.14 -24.38
C ASN Z 410 -75.41 1.48 -25.47
N VAL Z 411 -74.62 2.27 -26.20
CA VAL Z 411 -73.88 1.79 -27.36
C VAL Z 411 -72.69 0.92 -26.98
N LEU Z 412 -72.30 0.93 -25.71
CA LEU Z 412 -71.17 0.15 -25.23
C LEU Z 412 -71.58 -1.23 -24.75
N GLU Z 413 -72.85 -1.40 -24.37
CA GLU Z 413 -73.33 -2.74 -24.08
C GLU Z 413 -73.69 -3.48 -25.34
N ARG Z 414 -74.11 -2.76 -26.38
CA ARG Z 414 -74.54 -3.38 -27.62
C ARG Z 414 -73.39 -4.03 -28.37
N VAL Z 415 -72.16 -3.59 -28.14
CA VAL Z 415 -71.01 -4.23 -28.77
C VAL Z 415 -70.70 -5.56 -28.10
N LEU Z 416 -70.72 -5.58 -26.77
CA LEU Z 416 -70.55 -6.83 -26.05
C LEU Z 416 -71.71 -7.79 -26.26
N LYS Z 417 -72.89 -7.29 -26.62
CA LYS Z 417 -74.04 -8.15 -26.85
C LYS Z 417 -73.89 -9.00 -28.11
N HIS Z 418 -73.02 -8.60 -29.03
CA HIS Z 418 -72.82 -9.39 -30.25
C HIS Z 418 -71.35 -9.59 -30.57
N LYS Z 419 -70.47 -9.56 -29.57
CA LYS Z 419 -69.02 -9.58 -29.77
C LYS Z 419 -68.51 -10.85 -30.42
N GLU Z 420 -69.30 -11.93 -30.46
CA GLU Z 420 -68.91 -13.12 -31.20
C GLU Z 420 -69.34 -13.06 -32.65
N ALA Z 421 -69.91 -11.94 -33.10
CA ALA Z 421 -70.18 -11.73 -34.51
C ALA Z 421 -69.20 -10.75 -35.15
N ILE Z 422 -68.49 -9.98 -34.35
CA ILE Z 422 -67.39 -9.18 -34.88
C ILE Z 422 -66.14 -10.03 -35.02
N ILE Z 423 -65.87 -10.90 -34.05
CA ILE Z 423 -64.71 -11.78 -34.12
C ILE Z 423 -64.93 -12.87 -35.16
N ALA Z 424 -66.18 -13.27 -35.40
CA ALA Z 424 -66.45 -14.24 -36.44
C ALA Z 424 -66.36 -13.65 -37.84
N HIS Z 425 -66.43 -12.33 -37.97
CA HIS Z 425 -66.34 -11.69 -39.28
C HIS Z 425 -64.97 -11.08 -39.55
N LEU Z 426 -64.23 -10.70 -38.51
CA LEU Z 426 -62.83 -10.37 -38.71
C LEU Z 426 -62.03 -11.60 -39.06
N SER Z 427 -62.49 -12.78 -38.64
CA SER Z 427 -61.86 -14.03 -38.98
C SER Z 427 -62.33 -14.61 -40.29
N TRP Z 428 -63.28 -13.98 -40.97
CA TRP Z 428 -63.58 -14.40 -42.32
C TRP Z 428 -62.79 -13.59 -43.33
N VAL Z 429 -62.69 -12.27 -43.13
CA VAL Z 429 -61.87 -11.41 -43.98
C VAL Z 429 -60.41 -11.80 -43.87
N SER Z 430 -59.97 -12.22 -42.68
CA SER Z 430 -58.63 -12.73 -42.52
C SER Z 430 -58.43 -14.04 -43.27
N LEU Z 431 -59.44 -14.91 -43.22
CA LEU Z 431 -59.35 -16.19 -43.89
C LEU Z 431 -59.57 -16.06 -45.40
N PHE Z 432 -60.29 -15.03 -45.83
CA PHE Z 432 -60.45 -14.78 -47.25
C PHE Z 432 -59.16 -14.27 -47.86
N LEU Z 433 -58.57 -13.26 -47.24
CA LEU Z 433 -57.43 -12.55 -47.79
C LEU Z 433 -56.12 -13.26 -47.61
N GLY Z 434 -56.12 -14.49 -47.14
CA GLY Z 434 -54.87 -15.20 -47.03
C GLY Z 434 -54.91 -16.47 -47.82
N PHE Z 435 -56.13 -16.97 -48.08
CA PHE Z 435 -56.27 -18.08 -49.00
C PHE Z 435 -56.14 -17.64 -50.44
N HIS Z 436 -56.38 -16.37 -50.73
CA HIS Z 436 -56.30 -15.86 -52.09
C HIS Z 436 -55.21 -14.83 -52.28
N THR Z 437 -54.43 -14.53 -51.26
CA THR Z 437 -53.23 -13.73 -51.49
C THR Z 437 -51.98 -14.57 -51.42
N LEU Z 438 -51.90 -15.50 -50.47
CA LEU Z 438 -50.83 -16.47 -50.50
C LEU Z 438 -51.03 -17.45 -51.63
N GLY Z 439 -52.27 -17.90 -51.85
CA GLY Z 439 -52.54 -18.84 -52.92
C GLY Z 439 -52.35 -18.26 -54.30
N LEU Z 440 -52.49 -16.96 -54.46
CA LEU Z 440 -52.26 -16.32 -55.74
C LEU Z 440 -50.81 -15.92 -55.96
N TYR Z 441 -49.98 -15.95 -54.92
CA TYR Z 441 -48.54 -15.81 -55.10
C TYR Z 441 -47.90 -17.13 -55.46
N VAL Z 442 -48.22 -18.17 -54.71
CA VAL Z 442 -47.62 -19.48 -54.97
C VAL Z 442 -48.32 -20.22 -56.09
N HIS Z 443 -49.31 -19.59 -56.74
CA HIS Z 443 -49.64 -19.95 -58.10
C HIS Z 443 -48.70 -19.25 -59.07
N ASN Z 444 -48.49 -17.95 -58.86
CA ASN Z 444 -47.55 -17.19 -59.68
C ASN Z 444 -46.11 -17.61 -59.43
N ASP Z 445 -45.82 -18.17 -58.26
CA ASP Z 445 -44.47 -18.69 -58.02
C ASP Z 445 -44.23 -19.93 -58.85
N VAL Z 446 -45.20 -20.84 -58.89
CA VAL Z 446 -45.04 -22.10 -59.60
C VAL Z 446 -45.07 -21.88 -61.11
N GLU Z 447 -45.83 -20.87 -61.58
CA GLU Z 447 -45.89 -20.61 -63.01
C GLU Z 447 -44.59 -20.02 -63.54
N VAL Z 448 -43.99 -19.07 -62.82
CA VAL Z 448 -42.68 -18.56 -63.23
C VAL Z 448 -41.61 -19.63 -63.03
N ALA Z 449 -41.75 -20.49 -62.02
CA ALA Z 449 -40.76 -21.53 -61.81
C ALA Z 449 -40.83 -22.60 -62.88
N PHE Z 450 -42.02 -22.91 -63.39
CA PHE Z 450 -42.18 -23.94 -64.40
C PHE Z 450 -42.10 -23.41 -65.81
N GLY Z 451 -41.53 -22.23 -66.00
CA GLY Z 451 -41.31 -21.69 -67.32
C GLY Z 451 -42.34 -20.68 -67.80
N ALA Z 452 -43.61 -20.91 -67.47
CA ALA Z 452 -44.69 -20.15 -68.07
C ALA Z 452 -45.03 -18.95 -67.18
N ALA Z 453 -44.28 -17.86 -67.38
CA ALA Z 453 -44.57 -16.63 -66.66
C ALA Z 453 -45.82 -15.95 -67.19
N ASP Z 454 -46.26 -16.29 -68.40
CA ASP Z 454 -47.46 -15.73 -68.99
C ASP Z 454 -48.74 -16.34 -68.43
N LYS Z 455 -48.64 -17.42 -67.65
CA LYS Z 455 -49.80 -18.04 -67.03
C LYS Z 455 -50.07 -17.51 -65.63
N GLN Z 456 -49.40 -16.44 -65.22
CA GLN Z 456 -49.67 -15.82 -63.95
C GLN Z 456 -51.05 -15.19 -63.96
N ILE Z 457 -51.72 -15.23 -62.82
CA ILE Z 457 -52.96 -14.48 -62.62
C ILE Z 457 -52.56 -13.09 -62.17
N LEU Z 458 -52.77 -12.10 -63.04
CA LEU Z 458 -52.40 -10.71 -62.76
C LEU Z 458 -53.67 -9.88 -62.76
N ILE Z 459 -54.17 -9.58 -61.58
CA ILE Z 459 -55.33 -8.69 -61.47
C ILE Z 459 -54.81 -7.26 -61.52
N GLU Z 460 -55.25 -6.51 -62.51
CA GLU Z 460 -54.94 -5.10 -62.55
C GLU Z 460 -55.79 -4.38 -61.52
N PRO Z 461 -55.21 -3.63 -60.60
CA PRO Z 461 -56.02 -2.96 -59.58
C PRO Z 461 -56.76 -1.77 -60.12
N VAL Z 462 -57.89 -2.03 -60.80
CA VAL Z 462 -58.58 -0.99 -61.54
C VAL Z 462 -59.48 -0.11 -60.67
N PHE Z 463 -59.51 -0.33 -59.36
CA PHE Z 463 -60.26 0.59 -58.51
C PHE Z 463 -59.38 1.68 -57.93
N ALA Z 464 -58.10 1.39 -57.70
CA ALA Z 464 -57.16 2.41 -57.27
C ALA Z 464 -56.39 3.01 -58.43
N GLN Z 465 -56.51 2.46 -59.62
CA GLN Z 465 -56.14 3.18 -60.83
C GLN Z 465 -57.21 4.17 -61.22
N PHE Z 466 -58.43 3.98 -60.72
CA PHE Z 466 -59.50 4.95 -60.92
C PHE Z 466 -59.36 6.15 -60.00
N ILE Z 467 -58.77 5.95 -58.81
CA ILE Z 467 -58.56 7.05 -57.87
C ILE Z 467 -57.58 8.06 -58.44
N GLN Z 468 -56.47 7.56 -58.99
CA GLN Z 468 -55.49 8.45 -59.61
C GLN Z 468 -56.06 9.11 -60.84
N SER Z 469 -56.88 8.39 -61.60
CA SER Z 469 -57.54 9.01 -62.74
C SER Z 469 -58.70 9.89 -62.34
N ALA Z 470 -59.14 9.84 -61.09
CA ALA Z 470 -60.11 10.80 -60.59
C ALA Z 470 -59.46 11.96 -59.86
N ASN Z 471 -58.14 12.03 -59.87
CA ASN Z 471 -57.40 13.14 -59.29
C ASN Z 471 -56.53 13.87 -60.28
N GLY Z 472 -56.22 13.27 -61.42
CA GLY Z 472 -55.48 13.99 -62.43
C GLY Z 472 -54.48 13.16 -63.20
N LYS Z 473 -54.26 11.93 -62.80
CA LYS Z 473 -53.31 11.07 -63.50
C LYS Z 473 -53.92 10.63 -64.82
N ILE Z 474 -53.36 11.10 -65.92
CA ILE Z 474 -53.90 10.88 -67.25
C ILE Z 474 -53.21 9.70 -67.92
N LEU Z 475 -52.47 8.91 -67.14
CA LEU Z 475 -51.67 7.84 -67.71
C LEU Z 475 -52.56 6.66 -68.13
N TYR Z 476 -53.55 6.31 -67.31
CA TYR Z 476 -54.36 5.14 -67.61
C TYR Z 476 -55.37 5.43 -68.70
N GLY Z 477 -56.20 6.45 -68.52
CA GLY Z 477 -57.14 6.81 -69.55
C GLY Z 477 -58.56 6.45 -69.19
N PHE Z 478 -58.91 6.57 -67.92
CA PHE Z 478 -60.31 6.47 -67.53
C PHE Z 478 -61.09 7.68 -68.03
N HIS Z 479 -60.42 8.84 -68.09
CA HIS Z 479 -60.93 10.08 -68.70
C HIS Z 479 -62.22 10.56 -68.04
N THR Z 480 -62.18 10.64 -66.71
CA THR Z 480 -63.30 11.11 -65.92
C THR Z 480 -62.79 11.92 -64.75
N LEU Z 481 -63.44 13.05 -64.49
CA LEU Z 481 -63.48 13.69 -63.17
C LEU Z 481 -62.09 14.11 -62.67
N LEU Z 482 -61.57 15.15 -63.32
CA LEU Z 482 -60.23 15.78 -63.27
C LEU Z 482 -59.22 15.07 -64.16
N SER Z 483 -59.59 14.00 -64.84
CA SER Z 483 -58.89 13.59 -66.04
C SER Z 483 -59.61 14.04 -67.30
N ASN Z 484 -60.89 14.37 -67.17
CA ASN Z 484 -61.69 14.92 -68.24
C ASN Z 484 -61.80 16.42 -68.02
N PRO Z 485 -61.11 17.25 -68.81
CA PRO Z 485 -61.20 18.70 -68.61
C PRO Z 485 -62.52 19.33 -69.05
N ASP Z 486 -63.45 18.56 -69.59
CA ASP Z 486 -64.78 19.04 -69.92
C ASP Z 486 -65.81 18.67 -68.86
N SER Z 487 -65.38 18.42 -67.64
CA SER Z 487 -66.25 17.92 -66.59
C SER Z 487 -66.67 19.04 -65.65
N ILE Z 488 -67.61 18.71 -64.76
CA ILE Z 488 -68.08 19.67 -63.77
C ILE Z 488 -67.04 19.83 -62.66
N ALA Z 489 -66.29 18.78 -62.34
CA ALA Z 489 -65.32 18.86 -61.25
C ALA Z 489 -64.03 19.53 -61.68
N PHE Z 490 -63.68 19.44 -62.96
CA PHE Z 490 -62.47 20.09 -63.45
C PHE Z 490 -62.66 21.60 -63.50
N THR Z 491 -63.73 22.05 -64.15
CA THR Z 491 -63.91 23.48 -64.39
C THR Z 491 -64.48 24.19 -63.18
N ALA Z 492 -65.28 23.49 -62.38
CA ALA Z 492 -66.14 24.06 -61.33
C ALA Z 492 -66.98 25.21 -61.88
N TRP Z 493 -67.85 24.86 -62.83
CA TRP Z 493 -68.66 25.70 -63.69
C TRP Z 493 -69.33 26.94 -63.07
N PRO Z 494 -69.90 26.92 -61.84
CA PRO Z 494 -70.50 28.17 -61.35
C PRO Z 494 -69.50 29.19 -60.83
N ASN Z 495 -68.26 28.81 -60.49
CA ASN Z 495 -67.35 29.81 -59.94
C ASN Z 495 -66.00 29.87 -60.64
N HIS Z 496 -65.49 28.70 -61.06
CA HIS Z 496 -64.16 28.53 -61.67
C HIS Z 496 -63.05 29.09 -60.77
N ALA Z 497 -63.01 28.62 -59.54
CA ALA Z 497 -62.03 29.07 -58.56
C ALA Z 497 -61.10 27.94 -58.13
N ASN Z 498 -60.71 27.07 -59.07
CA ASN Z 498 -59.69 26.06 -58.80
C ASN Z 498 -58.32 26.63 -59.16
N VAL Z 499 -57.87 27.57 -58.35
CA VAL Z 499 -56.55 28.14 -58.58
C VAL Z 499 -55.46 27.17 -58.15
N TRP Z 500 -55.80 26.15 -57.36
CA TRP Z 500 -54.85 25.10 -57.00
C TRP Z 500 -54.66 24.09 -58.10
N LEU Z 501 -55.62 24.00 -59.02
CA LEU Z 501 -55.68 22.88 -59.94
C LEU Z 501 -54.61 22.85 -61.03
N PRO Z 502 -54.28 23.95 -61.74
CA PRO Z 502 -53.23 23.82 -62.76
C PRO Z 502 -51.84 23.55 -62.19
N GLY Z 503 -51.58 23.95 -60.95
CA GLY Z 503 -50.32 23.57 -60.32
C GLY Z 503 -50.31 22.15 -59.81
N TRP Z 504 -51.49 21.63 -59.45
CA TRP Z 504 -51.58 20.26 -58.96
C TRP Z 504 -51.38 19.25 -60.08
N LEU Z 505 -51.99 19.52 -61.24
CA LEU Z 505 -51.92 18.59 -62.36
C LEU Z 505 -50.54 18.56 -63.01
N ASP Z 506 -49.74 19.61 -62.79
CA ASP Z 506 -48.34 19.56 -63.20
C ASP Z 506 -47.54 18.65 -62.28
N ALA Z 507 -48.00 18.48 -61.04
CA ALA Z 507 -47.31 17.64 -60.08
C ALA Z 507 -47.71 16.17 -60.20
N ILE Z 508 -48.99 15.89 -60.42
CA ILE Z 508 -49.43 14.50 -60.46
C ILE Z 508 -49.05 13.85 -61.79
N ASN Z 509 -48.89 14.65 -62.85
CA ASN Z 509 -48.58 14.10 -64.17
C ASN Z 509 -47.11 14.20 -64.53
N ASN Z 510 -46.28 14.74 -63.65
CA ASN Z 510 -44.84 14.62 -63.81
C ASN Z 510 -44.40 13.27 -63.24
N GLY Z 511 -43.57 12.56 -63.99
CA GLY Z 511 -43.21 11.21 -63.58
C GLY Z 511 -41.95 11.13 -62.76
N THR Z 512 -41.54 12.24 -62.14
CA THR Z 512 -40.34 12.30 -61.35
C THR Z 512 -40.57 12.42 -59.86
N ASN Z 513 -41.82 12.51 -59.42
CA ASN Z 513 -42.15 12.62 -58.00
C ASN Z 513 -42.87 11.36 -57.53
N SER Z 514 -43.08 11.28 -56.22
CA SER Z 514 -43.79 10.15 -55.64
C SER Z 514 -45.27 10.42 -55.48
N LEU Z 515 -45.78 11.50 -56.05
CA LEU Z 515 -47.19 11.84 -55.91
C LEU Z 515 -48.00 10.95 -56.83
N PHE Z 516 -48.73 10.00 -56.23
CA PHE Z 516 -49.63 9.07 -56.92
C PHE Z 516 -48.88 8.26 -57.97
N LEU Z 517 -47.99 7.40 -57.47
CA LEU Z 517 -47.13 6.55 -58.28
C LEU Z 517 -47.95 5.63 -59.20
N THR Z 518 -47.27 5.12 -60.23
CA THR Z 518 -47.92 4.25 -61.18
C THR Z 518 -48.21 2.90 -60.54
N ILE Z 519 -49.46 2.47 -60.65
CA ILE Z 519 -50.00 1.33 -59.92
C ILE Z 519 -50.25 0.20 -60.92
N GLY Z 520 -49.64 -0.94 -60.68
CA GLY Z 520 -49.78 -2.09 -61.55
C GLY Z 520 -50.19 -3.32 -60.76
N PRO Z 521 -50.10 -4.51 -61.38
CA PRO Z 521 -50.55 -5.73 -60.71
C PRO Z 521 -49.66 -6.17 -59.57
N GLY Z 522 -48.43 -5.68 -59.49
CA GLY Z 522 -47.63 -5.95 -58.30
C GLY Z 522 -48.07 -5.15 -57.10
N ASP Z 523 -48.89 -4.13 -57.31
CA ASP Z 523 -49.44 -3.29 -56.24
C ASP Z 523 -50.84 -3.71 -55.81
N PHE Z 524 -51.56 -4.42 -56.68
CA PHE Z 524 -52.80 -5.06 -56.26
C PHE Z 524 -52.53 -6.07 -55.16
N TYR Z 525 -51.47 -6.85 -55.33
CA TYR Z 525 -51.21 -8.00 -54.49
C TYR Z 525 -50.70 -7.63 -53.12
N VAL Z 526 -49.93 -6.55 -53.01
CA VAL Z 526 -49.39 -6.21 -51.71
C VAL Z 526 -50.43 -5.48 -50.89
N HIS Z 527 -51.39 -4.82 -51.53
CA HIS Z 527 -52.46 -4.20 -50.76
C HIS Z 527 -53.44 -5.20 -50.19
N HIS Z 528 -53.39 -6.45 -50.64
CA HIS Z 528 -54.17 -7.50 -50.01
C HIS Z 528 -53.35 -8.26 -48.98
N ALA Z 529 -52.04 -8.10 -49.00
CA ALA Z 529 -51.22 -8.49 -47.87
C ALA Z 529 -51.32 -7.46 -46.76
N ILE Z 530 -51.38 -6.19 -47.14
CA ILE Z 530 -51.57 -5.12 -46.16
C ILE Z 530 -52.96 -5.22 -45.55
N ALA Z 531 -53.96 -5.57 -46.35
CA ALA Z 531 -55.31 -5.76 -45.82
C ALA Z 531 -55.41 -7.03 -44.98
N LEU Z 532 -54.70 -8.09 -45.37
CA LEU Z 532 -54.59 -9.26 -44.52
C LEU Z 532 -53.87 -8.93 -43.23
N GLY Z 533 -52.87 -8.05 -43.30
CA GLY Z 533 -52.15 -7.68 -42.12
C GLY Z 533 -52.97 -6.84 -41.16
N LEU Z 534 -53.70 -5.86 -41.69
CA LEU Z 534 -54.51 -4.98 -40.84
C LEU Z 534 -55.74 -5.68 -40.28
N HIS Z 535 -56.13 -6.82 -40.84
CA HIS Z 535 -57.33 -7.52 -40.37
C HIS Z 535 -57.01 -8.56 -39.33
N VAL Z 536 -55.89 -9.26 -39.46
CA VAL Z 536 -55.52 -10.21 -38.44
C VAL Z 536 -55.07 -9.49 -37.18
N THR Z 537 -54.24 -8.46 -37.32
CA THR Z 537 -53.83 -7.73 -36.12
C THR Z 537 -54.94 -6.88 -35.54
N THR Z 538 -56.04 -6.67 -36.25
CA THR Z 538 -57.23 -6.17 -35.60
C THR Z 538 -57.97 -7.30 -34.91
N LEU Z 539 -57.98 -8.49 -35.52
CA LEU Z 539 -58.66 -9.64 -34.97
C LEU Z 539 -58.06 -10.07 -33.63
N ILE Z 540 -56.74 -10.02 -33.50
CA ILE Z 540 -56.11 -10.38 -32.23
C ILE Z 540 -56.37 -9.32 -31.19
N LEU Z 541 -56.45 -8.06 -31.60
CA LEU Z 541 -56.63 -6.97 -30.68
C LEU Z 541 -58.08 -6.75 -30.30
N VAL Z 542 -59.02 -7.02 -31.22
CA VAL Z 542 -60.44 -6.93 -30.90
C VAL Z 542 -60.87 -8.10 -30.02
N LYS Z 543 -60.39 -9.30 -30.35
CA LYS Z 543 -60.63 -10.45 -29.48
C LYS Z 543 -59.94 -10.26 -28.12
N GLY Z 544 -58.83 -9.55 -28.07
CA GLY Z 544 -58.24 -9.24 -26.78
C GLY Z 544 -59.04 -8.23 -26.00
N ALA Z 545 -59.65 -7.27 -26.69
CA ALA Z 545 -60.43 -6.25 -26.01
C ALA Z 545 -61.81 -6.75 -25.64
N LEU Z 546 -62.49 -7.45 -26.55
CA LEU Z 546 -63.85 -7.87 -26.28
C LEU Z 546 -63.93 -9.09 -25.38
N ASP Z 547 -62.98 -10.03 -25.47
CA ASP Z 547 -62.91 -11.13 -24.53
C ASP Z 547 -62.05 -10.81 -23.32
N ALA Z 548 -61.90 -9.54 -22.98
CA ALA Z 548 -61.17 -9.17 -21.77
C ALA Z 548 -62.01 -9.36 -20.51
N ARG Z 549 -63.33 -9.40 -20.65
CA ARG Z 549 -64.17 -9.72 -19.51
C ARG Z 549 -64.19 -11.21 -19.25
N GLY Z 550 -64.19 -12.01 -20.30
CA GLY Z 550 -64.18 -13.45 -20.17
C GLY Z 550 -64.94 -14.10 -21.30
N SER Z 551 -64.65 -15.37 -21.52
CA SER Z 551 -65.39 -16.19 -22.47
C SER Z 551 -65.60 -17.55 -21.81
N LYS Z 552 -65.98 -18.56 -22.60
CA LYS Z 552 -66.35 -19.85 -22.04
C LYS Z 552 -65.17 -20.62 -21.48
N LEU Z 553 -63.94 -20.27 -21.84
CA LEU Z 553 -62.81 -20.98 -21.26
C LEU Z 553 -62.52 -20.49 -19.85
N MET Z 554 -62.72 -19.20 -19.57
CA MET Z 554 -62.65 -18.67 -18.21
C MET Z 554 -63.54 -17.45 -18.09
N PRO Z 555 -64.71 -17.59 -17.46
CA PRO Z 555 -65.62 -16.46 -17.32
C PRO Z 555 -65.32 -15.47 -16.19
N ASP Z 556 -64.12 -15.44 -15.60
CA ASP Z 556 -63.80 -14.37 -14.65
C ASP Z 556 -62.45 -13.72 -14.96
N LYS Z 557 -62.23 -13.34 -16.22
CA LYS Z 557 -60.98 -12.68 -16.58
C LYS Z 557 -60.81 -11.32 -15.92
N LYS Z 558 -61.91 -10.68 -15.51
CA LYS Z 558 -61.80 -9.39 -14.85
C LYS Z 558 -61.25 -9.53 -13.44
N ASP Z 559 -61.54 -10.64 -12.76
CA ASP Z 559 -61.04 -10.84 -11.40
C ASP Z 559 -59.55 -11.12 -11.35
N PHE Z 560 -58.92 -11.47 -12.47
CA PHE Z 560 -57.52 -11.83 -12.49
C PHE Z 560 -56.62 -10.71 -12.97
N GLY Z 561 -57.18 -9.64 -13.49
CA GLY Z 561 -56.39 -8.51 -13.92
C GLY Z 561 -56.18 -8.52 -15.42
N TYR Z 562 -55.25 -7.65 -15.84
CA TYR Z 562 -54.90 -7.54 -17.25
C TYR Z 562 -53.86 -8.58 -17.64
N ALA Z 563 -52.73 -8.59 -16.94
CA ALA Z 563 -51.60 -9.44 -17.29
C ALA Z 563 -51.44 -10.52 -16.23
N PHE Z 564 -51.99 -11.69 -16.51
CA PHE Z 564 -51.77 -12.90 -15.74
C PHE Z 564 -51.32 -13.96 -16.74
N PRO Z 565 -50.58 -14.98 -16.28
CA PRO Z 565 -50.10 -16.00 -17.22
C PRO Z 565 -51.20 -16.83 -17.84
N CYS Z 566 -52.05 -17.40 -17.01
CA CYS Z 566 -52.92 -18.50 -17.41
C CYS Z 566 -53.94 -18.73 -16.31
N ASP Z 567 -54.66 -19.85 -16.43
CA ASP Z 567 -55.46 -20.39 -15.36
C ASP Z 567 -55.20 -21.88 -15.20
N GLY Z 568 -53.94 -22.28 -15.31
CA GLY Z 568 -53.57 -23.64 -15.05
C GLY Z 568 -53.69 -24.51 -16.27
N PRO Z 569 -53.35 -25.80 -16.13
CA PRO Z 569 -53.57 -26.75 -17.22
C PRO Z 569 -54.95 -27.37 -17.25
N GLY Z 570 -55.86 -26.95 -16.37
CA GLY Z 570 -57.20 -27.46 -16.42
C GLY Z 570 -57.98 -26.88 -17.58
N ARG Z 571 -59.09 -27.55 -17.89
CA ARG Z 571 -59.97 -27.21 -19.01
C ARG Z 571 -59.22 -27.22 -20.34
N GLY Z 572 -58.33 -28.20 -20.50
CA GLY Z 572 -57.52 -28.33 -21.67
C GLY Z 572 -56.15 -27.67 -21.57
N GLY Z 573 -56.06 -26.57 -20.84
CA GLY Z 573 -54.85 -25.78 -20.76
C GLY Z 573 -55.21 -24.40 -21.26
N THR Z 574 -54.71 -23.38 -20.56
CA THR Z 574 -55.09 -22.00 -20.84
C THR Z 574 -53.86 -21.11 -20.97
N CYS Z 575 -52.87 -21.53 -21.75
CA CYS Z 575 -51.72 -20.66 -22.00
C CYS Z 575 -52.18 -19.47 -22.82
N ASP Z 576 -51.59 -18.29 -22.55
CA ASP Z 576 -51.85 -17.05 -23.31
C ASP Z 576 -53.32 -16.65 -23.31
N ILE Z 577 -54.05 -16.90 -22.23
CA ILE Z 577 -55.49 -16.67 -22.27
C ILE Z 577 -55.84 -15.22 -21.99
N SER Z 578 -54.95 -14.47 -21.36
CA SER Z 578 -55.28 -13.15 -20.86
C SER Z 578 -55.42 -12.14 -21.99
N ALA Z 579 -55.97 -10.98 -21.66
CA ALA Z 579 -56.06 -9.89 -22.62
C ALA Z 579 -54.73 -9.19 -22.81
N TRP Z 580 -53.76 -9.42 -21.93
CA TRP Z 580 -52.40 -8.95 -22.18
C TRP Z 580 -51.75 -9.77 -23.27
N ASP Z 581 -52.03 -11.08 -23.29
CA ASP Z 581 -51.42 -12.00 -24.22
C ASP Z 581 -52.14 -12.05 -25.55
N ALA Z 582 -53.09 -11.16 -25.78
CA ALA Z 582 -53.62 -10.91 -27.11
C ALA Z 582 -53.29 -9.51 -27.59
N SER Z 583 -52.84 -8.64 -26.71
CA SER Z 583 -52.14 -7.41 -27.05
C SER Z 583 -50.66 -7.64 -27.27
N TYR Z 584 -50.28 -8.89 -27.35
CA TYR Z 584 -48.92 -9.40 -27.39
C TYR Z 584 -48.65 -10.22 -28.63
N LEU Z 585 -49.57 -11.09 -29.02
CA LEU Z 585 -49.49 -11.79 -30.30
C LEU Z 585 -49.73 -10.85 -31.47
N ALA Z 586 -50.29 -9.67 -31.22
CA ALA Z 586 -50.50 -8.66 -32.23
C ALA Z 586 -49.39 -7.63 -32.28
N VAL Z 587 -48.29 -7.86 -31.59
CA VAL Z 587 -47.07 -7.15 -31.86
C VAL Z 587 -46.25 -7.92 -32.88
N PHE Z 588 -46.35 -9.25 -32.89
CA PHE Z 588 -45.77 -10.03 -33.98
C PHE Z 588 -46.47 -9.78 -35.30
N TRP Z 589 -47.75 -9.42 -35.26
CA TRP Z 589 -48.46 -9.06 -36.47
C TRP Z 589 -48.40 -7.60 -36.82
N MET Z 590 -48.09 -6.75 -35.85
CA MET Z 590 -47.84 -5.37 -36.21
C MET Z 590 -46.50 -5.25 -36.90
N LEU Z 591 -45.47 -5.91 -36.36
CA LEU Z 591 -44.15 -5.86 -36.94
C LEU Z 591 -44.10 -6.57 -38.28
N ASN Z 592 -44.89 -7.62 -38.45
CA ASN Z 592 -44.96 -8.31 -39.73
C ASN Z 592 -45.60 -7.45 -40.81
N THR Z 593 -46.74 -6.82 -40.48
CA THR Z 593 -47.47 -6.02 -41.45
C THR Z 593 -46.66 -4.80 -41.89
N LEU Z 594 -45.96 -4.17 -40.96
CA LEU Z 594 -45.04 -3.10 -41.30
C LEU Z 594 -43.70 -3.62 -41.81
N GLY Z 595 -43.52 -4.93 -41.88
CA GLY Z 595 -42.50 -5.52 -42.70
C GLY Z 595 -43.02 -5.94 -44.05
N TRP Z 596 -44.28 -5.63 -44.34
CA TRP Z 596 -44.85 -5.75 -45.66
C TRP Z 596 -45.16 -4.40 -46.27
N VAL Z 597 -45.54 -3.44 -45.44
CA VAL Z 597 -45.69 -2.06 -45.88
C VAL Z 597 -44.34 -1.48 -46.28
N THR Z 598 -43.38 -1.52 -45.37
CA THR Z 598 -42.10 -0.88 -45.60
C THR Z 598 -41.14 -1.73 -46.43
N PHE Z 599 -41.49 -2.97 -46.73
CA PHE Z 599 -40.77 -3.74 -47.74
C PHE Z 599 -41.25 -3.40 -49.12
N TYR Z 600 -42.47 -2.91 -49.23
CA TYR Z 600 -43.08 -2.56 -50.51
C TYR Z 600 -42.92 -1.08 -50.80
N TRP Z 601 -42.85 -0.24 -49.77
CA TRP Z 601 -42.42 1.13 -49.99
C TRP Z 601 -41.00 1.18 -50.48
N HIS Z 602 -40.13 0.36 -49.90
CA HIS Z 602 -38.72 0.42 -50.23
C HIS Z 602 -38.46 -0.13 -51.62
N TRP Z 603 -39.05 -1.26 -51.96
CA TRP Z 603 -38.76 -1.85 -53.27
C TRP Z 603 -39.45 -1.12 -54.40
N LYS Z 604 -40.60 -0.49 -54.16
CA LYS Z 604 -41.18 0.33 -55.21
C LYS Z 604 -40.33 1.58 -55.45
N HIS Z 605 -39.74 2.12 -54.40
CA HIS Z 605 -38.93 3.31 -54.54
C HIS Z 605 -37.49 3.02 -54.91
N LEU Z 606 -36.96 1.85 -54.53
CA LEU Z 606 -35.62 1.48 -54.98
C LEU Z 606 -35.58 1.09 -56.44
N SER Z 607 -36.73 0.85 -57.05
CA SER Z 607 -36.83 0.64 -58.48
C SER Z 607 -37.02 1.93 -59.26
N ILE Z 608 -37.56 2.96 -58.61
CA ILE Z 608 -37.72 4.25 -59.26
C ILE Z 608 -36.42 5.05 -59.18
N TRP Z 609 -35.75 5.01 -58.03
CA TRP Z 609 -34.52 5.76 -57.85
C TRP Z 609 -33.37 5.17 -58.66
N GLN Z 610 -33.39 3.86 -58.90
CA GLN Z 610 -32.39 3.23 -59.74
C GLN Z 610 -32.80 3.17 -61.20
N GLY Z 611 -33.95 3.75 -61.55
CA GLY Z 611 -34.44 3.75 -62.91
C GLY Z 611 -35.10 2.47 -63.37
N ASN Z 612 -34.83 1.34 -62.72
CA ASN Z 612 -35.31 0.03 -63.15
C ASN Z 612 -36.74 -0.19 -62.68
N VAL Z 613 -37.65 0.59 -63.26
CA VAL Z 613 -39.06 0.50 -62.89
C VAL Z 613 -39.67 -0.79 -63.39
N ALA Z 614 -39.13 -1.35 -64.47
CA ALA Z 614 -39.59 -2.64 -64.98
C ALA Z 614 -38.99 -3.83 -64.24
N GLN Z 615 -38.31 -3.60 -63.11
CA GLN Z 615 -37.88 -4.67 -62.23
C GLN Z 615 -38.95 -5.00 -61.19
N PHE Z 616 -39.49 -3.97 -60.55
CA PHE Z 616 -40.60 -4.17 -59.63
C PHE Z 616 -41.86 -4.59 -60.37
N ASN Z 617 -42.08 -4.06 -61.57
CA ASN Z 617 -43.36 -4.26 -62.23
C ASN Z 617 -43.49 -5.63 -62.86
N GLU Z 618 -42.42 -6.42 -62.94
CA GLU Z 618 -42.50 -7.75 -63.50
C GLU Z 618 -42.19 -8.86 -62.51
N SER Z 619 -41.59 -8.56 -61.36
CA SER Z 619 -41.14 -9.59 -60.44
C SER Z 619 -41.63 -9.35 -59.02
N SER Z 620 -42.64 -8.52 -58.82
CA SER Z 620 -43.30 -8.42 -57.54
C SER Z 620 -44.61 -9.18 -57.51
N THR Z 621 -44.95 -9.87 -58.59
CA THR Z 621 -46.18 -10.61 -58.66
C THR Z 621 -46.02 -12.04 -58.18
N TYR Z 622 -44.81 -12.45 -57.82
CA TYR Z 622 -44.54 -13.75 -57.25
C TYR Z 622 -43.49 -13.58 -56.17
N LEU Z 623 -43.43 -14.56 -55.26
CA LEU Z 623 -42.65 -14.40 -54.03
C LEU Z 623 -41.18 -14.73 -54.19
N MET Z 624 -40.75 -15.17 -55.37
CA MET Z 624 -39.32 -15.34 -55.58
C MET Z 624 -38.65 -14.02 -55.88
N GLY Z 625 -39.30 -13.16 -56.67
CA GLY Z 625 -38.72 -11.87 -56.98
C GLY Z 625 -38.68 -10.96 -55.78
N TRP Z 626 -39.58 -11.15 -54.83
CA TRP Z 626 -39.50 -10.44 -53.56
C TRP Z 626 -38.28 -10.88 -52.76
N PHE Z 627 -37.86 -12.13 -52.95
CA PHE Z 627 -36.75 -12.73 -52.24
C PHE Z 627 -35.45 -12.65 -53.03
N ARG Z 628 -35.50 -12.79 -54.34
CA ARG Z 628 -34.31 -12.68 -55.16
C ARG Z 628 -33.95 -11.23 -55.41
N ASP Z 629 -34.90 -10.44 -55.91
CA ASP Z 629 -34.56 -9.12 -56.42
C ASP Z 629 -34.60 -8.04 -55.35
N TYR Z 630 -35.20 -8.29 -54.19
CA TYR Z 630 -35.21 -7.31 -53.12
C TYR Z 630 -34.27 -7.68 -51.98
N LEU Z 631 -34.46 -8.86 -51.38
CA LEU Z 631 -33.69 -9.20 -50.19
C LEU Z 631 -32.28 -9.65 -50.54
N TRP Z 632 -32.17 -10.60 -51.48
CA TRP Z 632 -30.86 -11.14 -51.81
C TRP Z 632 -30.03 -10.17 -52.63
N ALA Z 633 -30.66 -9.38 -53.49
CA ALA Z 633 -29.92 -8.51 -54.38
C ALA Z 633 -29.41 -7.26 -53.67
N ASN Z 634 -30.27 -6.62 -52.88
CA ASN Z 634 -29.90 -5.34 -52.27
C ASN Z 634 -29.07 -5.50 -51.01
N SER Z 635 -28.90 -6.70 -50.49
CA SER Z 635 -28.01 -6.93 -49.36
C SER Z 635 -26.60 -7.24 -49.80
N ALA Z 636 -26.27 -7.06 -51.08
CA ALA Z 636 -24.93 -7.29 -51.56
C ALA Z 636 -23.97 -6.25 -51.03
N GLN Z 637 -24.34 -4.98 -51.16
CA GLN Z 637 -23.50 -3.86 -50.72
C GLN Z 637 -23.55 -3.65 -49.21
N LEU Z 638 -24.45 -4.33 -48.50
CA LEU Z 638 -24.58 -4.18 -47.06
C LEU Z 638 -23.65 -5.11 -46.31
N ILE Z 639 -23.68 -6.41 -46.60
CA ILE Z 639 -22.84 -7.38 -45.91
C ILE Z 639 -21.38 -7.27 -46.29
N ASN Z 640 -21.06 -6.54 -47.36
CA ASN Z 640 -19.69 -6.18 -47.69
C ASN Z 640 -19.27 -4.88 -47.03
N GLY Z 641 -19.87 -4.55 -45.88
CA GLY Z 641 -19.41 -3.42 -45.10
C GLY Z 641 -18.05 -3.67 -44.50
N TYR Z 642 -17.69 -4.92 -44.29
CA TYR Z 642 -16.30 -5.27 -43.98
C TYR Z 642 -16.04 -6.66 -44.54
N ASN Z 643 -15.28 -6.71 -45.61
CA ASN Z 643 -14.75 -7.94 -46.15
C ASN Z 643 -13.39 -8.21 -45.53
N PRO Z 644 -12.74 -9.35 -45.81
CA PRO Z 644 -11.35 -9.53 -45.33
C PRO Z 644 -10.35 -8.55 -45.91
N TYR Z 645 -10.69 -7.84 -46.99
CA TYR Z 645 -9.75 -6.96 -47.67
C TYR Z 645 -9.93 -5.49 -47.30
N GLY Z 646 -10.94 -5.14 -46.52
CA GLY Z 646 -11.12 -3.74 -46.17
C GLY Z 646 -12.32 -3.50 -45.30
N THR Z 647 -12.75 -2.23 -45.29
CA THR Z 647 -13.79 -1.70 -44.41
C THR Z 647 -14.22 -0.34 -44.95
N ASN Z 648 -15.52 -0.14 -45.17
CA ASN Z 648 -16.01 1.14 -45.68
C ASN Z 648 -16.97 1.77 -44.67
N ASN Z 649 -17.68 2.81 -45.10
CA ASN Z 649 -18.54 3.57 -44.21
C ASN Z 649 -19.80 2.82 -43.80
N LEU Z 650 -20.12 1.69 -44.43
CA LEU Z 650 -21.22 0.85 -44.01
C LEU Z 650 -20.78 -0.25 -43.06
N ALA Z 651 -19.65 -0.08 -42.39
CA ALA Z 651 -19.18 -1.11 -41.48
C ALA Z 651 -19.95 -1.12 -40.18
N VAL Z 652 -20.68 -0.05 -39.87
CA VAL Z 652 -21.53 -0.06 -38.70
C VAL Z 652 -22.94 -0.53 -39.05
N TRP Z 653 -23.37 -0.32 -40.29
CA TRP Z 653 -24.64 -0.89 -40.70
C TRP Z 653 -24.52 -2.35 -41.06
N ALA Z 654 -23.32 -2.82 -41.42
CA ALA Z 654 -23.11 -4.25 -41.58
C ALA Z 654 -23.02 -4.96 -40.25
N TRP Z 655 -22.73 -4.23 -39.19
CA TRP Z 655 -22.63 -4.78 -37.84
C TRP Z 655 -23.96 -4.73 -37.12
N MET Z 656 -24.73 -3.66 -37.31
CA MET Z 656 -26.05 -3.56 -36.72
C MET Z 656 -27.03 -4.51 -37.40
N PHE Z 657 -26.83 -4.78 -38.68
CA PHE Z 657 -27.61 -5.78 -39.39
C PHE Z 657 -27.41 -7.17 -38.82
N LEU Z 658 -26.25 -7.42 -38.25
CA LEU Z 658 -25.92 -8.72 -37.67
C LEU Z 658 -26.10 -8.74 -36.17
N PHE Z 659 -26.05 -7.58 -35.55
CA PHE Z 659 -26.50 -7.40 -34.17
C PHE Z 659 -28.01 -7.61 -34.08
N GLY Z 660 -28.74 -7.30 -35.14
CA GLY Z 660 -30.17 -7.47 -35.12
C GLY Z 660 -30.65 -8.87 -35.44
N HIS Z 661 -29.81 -9.68 -36.08
CA HIS Z 661 -30.13 -11.10 -36.19
C HIS Z 661 -29.89 -11.80 -34.88
N LEU Z 662 -28.91 -11.35 -34.11
CA LEU Z 662 -28.63 -11.92 -32.81
C LEU Z 662 -29.72 -11.57 -31.81
N ALA Z 663 -30.20 -10.34 -31.85
CA ALA Z 663 -31.27 -9.94 -30.94
C ALA Z 663 -32.60 -10.56 -31.33
N TRP Z 664 -32.80 -10.87 -32.60
CA TRP Z 664 -34.01 -11.57 -32.99
C TRP Z 664 -33.97 -13.03 -32.56
N ALA Z 665 -32.83 -13.68 -32.74
CA ALA Z 665 -32.70 -15.09 -32.41
C ALA Z 665 -32.67 -15.33 -30.93
N VAL Z 666 -32.20 -14.36 -30.15
CA VAL Z 666 -32.19 -14.53 -28.71
C VAL Z 666 -33.57 -14.33 -28.14
N SER Z 667 -34.47 -13.69 -28.91
CA SER Z 667 -35.85 -13.56 -28.47
C SER Z 667 -36.54 -14.90 -28.46
N PHE Z 668 -36.17 -15.79 -29.37
CA PHE Z 668 -36.79 -17.10 -29.47
C PHE Z 668 -36.49 -17.97 -28.27
N MET Z 669 -35.41 -17.71 -27.54
CA MET Z 669 -35.13 -18.45 -26.32
C MET Z 669 -36.20 -18.16 -25.28
N PHE Z 670 -36.64 -16.91 -25.20
CA PHE Z 670 -37.67 -16.52 -24.26
C PHE Z 670 -39.06 -16.85 -24.77
N LEU Z 671 -39.21 -17.26 -26.01
CA LEU Z 671 -40.50 -17.56 -26.58
C LEU Z 671 -40.74 -19.04 -26.81
N ILE Z 672 -39.70 -19.81 -27.08
CA ILE Z 672 -39.85 -21.24 -27.28
C ILE Z 672 -39.66 -21.94 -25.94
N THR Z 673 -38.54 -21.71 -25.28
CA THR Z 673 -38.35 -22.28 -23.95
C THR Z 673 -39.19 -21.51 -22.96
N TRP Z 674 -39.81 -22.22 -22.03
CA TRP Z 674 -40.70 -21.63 -21.06
C TRP Z 674 -40.13 -21.85 -19.67
N ARG Z 675 -40.87 -21.44 -18.64
CA ARG Z 675 -40.25 -21.07 -17.38
C ARG Z 675 -39.73 -22.24 -16.58
N GLY Z 676 -40.40 -23.38 -16.62
CA GLY Z 676 -39.92 -24.45 -15.77
C GLY Z 676 -38.81 -25.27 -16.35
N TYR Z 677 -38.34 -24.97 -17.56
CA TYR Z 677 -37.03 -25.51 -17.93
C TYR Z 677 -35.95 -24.84 -17.13
N TRP Z 678 -36.09 -23.53 -16.91
CA TRP Z 678 -35.05 -22.70 -16.33
C TRP Z 678 -35.10 -22.66 -14.82
N GLN Z 679 -36.22 -23.01 -14.21
CA GLN Z 679 -36.28 -23.01 -12.77
C GLN Z 679 -35.60 -24.24 -12.20
N GLU Z 680 -35.57 -25.34 -12.95
CA GLU Z 680 -34.83 -26.51 -12.50
C GLU Z 680 -33.34 -26.39 -12.80
N LEU Z 681 -32.94 -25.42 -13.61
CA LEU Z 681 -31.55 -25.19 -13.95
C LEU Z 681 -30.92 -24.13 -13.05
N ILE Z 682 -31.69 -23.14 -12.64
CA ILE Z 682 -31.23 -22.16 -11.66
C ILE Z 682 -31.21 -22.80 -10.28
N GLU Z 683 -32.10 -23.77 -10.03
CA GLU Z 683 -32.05 -24.60 -8.82
C GLU Z 683 -30.78 -25.43 -8.74
N THR Z 684 -30.13 -25.70 -9.86
CA THR Z 684 -28.91 -26.48 -9.93
C THR Z 684 -27.67 -25.60 -9.82
N LEU Z 685 -27.69 -24.43 -10.48
CA LEU Z 685 -26.59 -23.47 -10.33
C LEU Z 685 -26.59 -22.79 -8.97
N ALA Z 686 -27.72 -22.78 -8.27
CA ALA Z 686 -27.74 -22.30 -6.90
C ALA Z 686 -27.31 -23.36 -5.91
N TRP Z 687 -27.35 -24.64 -6.30
CA TRP Z 687 -26.70 -25.67 -5.50
C TRP Z 687 -25.20 -25.51 -5.58
N ALA Z 688 -24.65 -25.37 -6.78
CA ALA Z 688 -23.21 -25.32 -6.97
C ALA Z 688 -22.58 -24.05 -6.46
N HIS Z 689 -23.38 -23.05 -6.12
CA HIS Z 689 -22.83 -21.86 -5.51
C HIS Z 689 -22.74 -22.01 -4.00
N GLU Z 690 -23.68 -22.72 -3.39
CA GLU Z 690 -23.66 -22.86 -1.95
C GLU Z 690 -22.63 -23.89 -1.49
N GLN Z 691 -22.31 -24.86 -2.34
CA GLN Z 691 -21.43 -25.96 -1.96
C GLN Z 691 -20.03 -25.81 -2.52
N THR Z 692 -19.62 -24.60 -2.87
CA THR Z 692 -18.27 -24.43 -3.38
C THR Z 692 -17.47 -23.54 -2.44
N PRO Z 693 -16.16 -23.76 -2.35
CA PRO Z 693 -15.33 -22.87 -1.54
C PRO Z 693 -14.94 -21.63 -2.33
N LEU Z 694 -14.45 -20.64 -1.58
CA LEU Z 694 -13.90 -19.38 -2.06
C LEU Z 694 -14.90 -18.55 -2.84
N SER Z 695 -16.20 -18.81 -2.70
CA SER Z 695 -17.24 -18.00 -3.33
C SER Z 695 -18.00 -17.33 -2.20
N PHE Z 696 -17.56 -16.15 -1.81
CA PHE Z 696 -18.05 -15.51 -0.61
C PHE Z 696 -19.31 -14.69 -0.82
N GLY Z 697 -19.73 -14.48 -2.06
CA GLY Z 697 -21.01 -13.85 -2.30
C GLY Z 697 -22.15 -14.76 -1.90
N TYR Z 698 -23.33 -14.15 -1.75
CA TYR Z 698 -24.55 -14.90 -1.49
C TYR Z 698 -25.70 -13.99 -1.89
N TRP Z 699 -26.73 -14.57 -2.50
CA TRP Z 699 -27.81 -13.77 -3.05
C TRP Z 699 -28.64 -13.15 -1.94
N ARG Z 700 -28.85 -11.85 -2.04
CA ARG Z 700 -29.72 -11.18 -1.09
C ARG Z 700 -31.16 -11.63 -1.30
N ASP Z 701 -31.56 -11.81 -2.54
CA ASP Z 701 -32.87 -12.29 -2.92
C ASP Z 701 -32.70 -13.45 -3.89
N LYS Z 702 -33.48 -14.50 -3.67
CA LYS Z 702 -33.16 -15.80 -4.25
C LYS Z 702 -33.36 -15.80 -5.76
N PRO Z 703 -32.42 -16.35 -6.52
CA PRO Z 703 -32.56 -16.37 -7.98
C PRO Z 703 -33.67 -17.30 -8.41
N VAL Z 704 -34.68 -16.74 -9.05
CA VAL Z 704 -35.70 -17.52 -9.70
C VAL Z 704 -35.61 -17.27 -11.19
N ALA Z 705 -36.06 -18.23 -11.97
CA ALA Z 705 -36.31 -17.98 -13.37
C ALA Z 705 -37.42 -16.95 -13.48
N LEU Z 706 -37.22 -15.95 -14.33
CA LEU Z 706 -38.14 -14.84 -14.43
C LEU Z 706 -39.47 -15.30 -14.99
N SER Z 707 -40.55 -14.60 -14.64
CA SER Z 707 -41.88 -15.17 -14.63
C SER Z 707 -42.43 -15.37 -16.04
N ILE Z 708 -43.68 -15.84 -16.09
CA ILE Z 708 -44.27 -16.24 -17.36
C ILE Z 708 -44.59 -15.02 -18.22
N VAL Z 709 -45.35 -14.07 -17.68
CA VAL Z 709 -45.70 -12.87 -18.43
C VAL Z 709 -44.57 -11.86 -18.50
N GLN Z 710 -43.42 -12.13 -17.88
CA GLN Z 710 -42.27 -11.27 -18.03
C GLN Z 710 -41.43 -11.67 -19.23
N ALA Z 711 -41.16 -12.97 -19.40
CA ALA Z 711 -40.39 -13.42 -20.55
C ALA Z 711 -41.14 -13.35 -21.85
N ARG Z 712 -42.46 -13.24 -21.82
CA ARG Z 712 -43.16 -12.86 -23.03
C ARG Z 712 -42.82 -11.43 -23.39
N LEU Z 713 -42.64 -10.57 -22.40
CA LEU Z 713 -42.25 -9.19 -22.66
C LEU Z 713 -40.76 -9.06 -22.91
N VAL Z 714 -39.94 -9.84 -22.22
CA VAL Z 714 -38.50 -9.84 -22.46
C VAL Z 714 -38.19 -10.45 -23.81
N GLY Z 715 -38.99 -11.41 -24.25
CA GLY Z 715 -38.82 -11.98 -25.57
C GLY Z 715 -39.54 -11.28 -26.68
N LEU Z 716 -40.36 -10.29 -26.36
CA LEU Z 716 -40.93 -9.42 -27.38
C LEU Z 716 -40.11 -8.17 -27.56
N THR Z 717 -39.39 -7.76 -26.52
CA THR Z 717 -38.48 -6.64 -26.63
C THR Z 717 -37.32 -6.96 -27.57
N HIS Z 718 -36.80 -8.17 -27.50
CA HIS Z 718 -35.68 -8.54 -28.37
C HIS Z 718 -36.15 -8.83 -29.78
N PHE Z 719 -37.34 -9.38 -29.93
CA PHE Z 719 -37.93 -9.57 -31.26
C PHE Z 719 -38.12 -8.24 -31.96
N THR Z 720 -38.57 -7.23 -31.22
CA THR Z 720 -38.82 -5.91 -31.80
C THR Z 720 -37.52 -5.19 -32.11
N VAL Z 721 -36.57 -5.20 -31.17
CA VAL Z 721 -35.27 -4.55 -31.38
C VAL Z 721 -34.50 -5.23 -32.49
N GLY Z 722 -34.55 -6.55 -32.57
CA GLY Z 722 -33.93 -7.24 -33.67
C GLY Z 722 -34.66 -7.12 -34.98
N TYR Z 723 -35.91 -6.70 -34.95
CA TYR Z 723 -36.65 -6.39 -36.16
C TYR Z 723 -36.29 -5.02 -36.70
N ILE Z 724 -35.88 -4.11 -35.81
CA ILE Z 724 -35.65 -2.72 -36.15
C ILE Z 724 -34.17 -2.46 -36.38
N ALA Z 725 -33.29 -3.12 -35.64
CA ALA Z 725 -31.87 -3.02 -35.91
C ALA Z 725 -31.49 -3.71 -37.20
N THR Z 726 -32.29 -4.67 -37.67
CA THR Z 726 -31.97 -5.33 -38.93
C THR Z 726 -32.55 -4.61 -40.13
N TYR Z 727 -33.79 -4.11 -40.03
CA TYR Z 727 -34.35 -3.39 -41.15
C TYR Z 727 -33.93 -1.93 -41.16
N GLY Z 728 -33.67 -1.36 -40.00
CA GLY Z 728 -33.10 -0.03 -40.01
C GLY Z 728 -31.63 0.02 -40.30
N ALA Z 729 -31.00 -1.11 -40.61
CA ALA Z 729 -29.65 -1.14 -41.14
C ALA Z 729 -29.58 -1.68 -42.54
N PHE Z 730 -30.63 -2.33 -43.02
CA PHE Z 730 -30.76 -2.69 -44.42
C PHE Z 730 -31.32 -1.53 -45.24
N LEU Z 731 -32.30 -0.83 -44.69
CA LEU Z 731 -32.87 0.31 -45.41
C LEU Z 731 -31.90 1.47 -45.47
N ILE Z 732 -31.03 1.60 -44.47
CA ILE Z 732 -30.06 2.68 -44.47
C ILE Z 732 -28.90 2.36 -45.40
N ALA Z 733 -28.43 1.12 -45.39
CA ALA Z 733 -27.23 0.77 -46.14
C ALA Z 733 -27.48 0.29 -47.56
N SER Z 734 -28.70 -0.08 -47.90
CA SER Z 734 -28.98 -0.40 -49.30
C SER Z 734 -29.52 0.80 -50.06
N THR Z 735 -29.61 1.95 -49.43
CA THR Z 735 -29.97 3.19 -50.09
C THR Z 735 -28.82 4.19 -50.13
N ALA Z 736 -28.00 4.22 -49.09
CA ALA Z 736 -26.85 5.11 -49.02
C ALA Z 736 -25.62 4.54 -49.71
N SER Z 737 -25.75 3.40 -50.39
CA SER Z 737 -24.67 2.86 -51.20
C SER Z 737 -25.03 2.77 -52.67
N LYS Z 738 -26.13 2.11 -53.00
CA LYS Z 738 -26.64 2.05 -54.36
C LYS Z 738 -27.86 2.96 -54.40
N PHE Z 739 -27.61 4.23 -54.71
CA PHE Z 739 -28.61 5.29 -54.61
C PHE Z 739 -29.76 5.11 -55.60
N SER AA 2 -48.69 -16.84 0.08
CA SER AA 2 -49.81 -15.98 0.43
C SER AA 2 -50.67 -15.69 -0.79
N HIS AA 3 -51.29 -16.74 -1.31
CA HIS AA 3 -52.27 -16.61 -2.38
C HIS AA 3 -53.64 -16.45 -1.74
N THR AA 4 -54.71 -16.63 -2.50
CA THR AA 4 -56.06 -16.47 -1.97
C THR AA 4 -56.94 -17.55 -2.56
N VAL AA 5 -57.28 -18.55 -1.78
CA VAL AA 5 -58.10 -19.66 -2.24
C VAL AA 5 -59.51 -19.45 -1.67
N LYS AA 6 -60.38 -18.85 -2.47
CA LYS AA 6 -61.78 -18.71 -2.08
C LYS AA 6 -62.57 -19.92 -2.55
N ILE AA 7 -63.67 -20.18 -1.87
CA ILE AA 7 -64.52 -21.34 -2.12
C ILE AA 7 -65.97 -20.87 -2.13
N TYR AA 8 -66.68 -21.20 -3.20
CA TYR AA 8 -68.01 -20.68 -3.47
C TYR AA 8 -69.05 -21.77 -3.19
N ASP AA 9 -70.31 -21.37 -3.16
CA ASP AA 9 -71.35 -22.30 -2.70
C ASP AA 9 -71.86 -23.22 -3.79
N THR AA 10 -71.16 -23.37 -4.90
CA THR AA 10 -71.53 -24.34 -5.91
C THR AA 10 -70.89 -25.70 -5.61
N CYS AA 11 -70.30 -25.84 -4.43
CA CYS AA 11 -69.61 -27.05 -4.03
C CYS AA 11 -70.58 -28.22 -3.91
N ILE AA 12 -70.08 -29.43 -4.09
CA ILE AA 12 -70.86 -30.64 -3.93
C ILE AA 12 -70.25 -31.60 -2.93
N GLY AA 13 -69.11 -31.26 -2.33
CA GLY AA 13 -68.52 -32.10 -1.31
C GLY AA 13 -67.95 -33.40 -1.81
N CYS AA 14 -67.36 -33.42 -2.99
CA CYS AA 14 -66.78 -34.65 -3.51
C CYS AA 14 -65.34 -34.85 -3.08
N THR AA 15 -64.78 -33.94 -2.26
CA THR AA 15 -63.45 -33.99 -1.65
C THR AA 15 -62.31 -34.07 -2.65
N GLN AA 16 -62.56 -33.80 -3.93
CA GLN AA 16 -61.52 -34.03 -4.93
C GLN AA 16 -60.45 -32.96 -4.94
N CYS AA 17 -60.77 -31.75 -4.49
CA CYS AA 17 -59.74 -30.73 -4.43
C CYS AA 17 -58.79 -30.95 -3.27
N VAL AA 18 -59.27 -31.61 -2.21
CA VAL AA 18 -58.42 -31.84 -1.04
C VAL AA 18 -57.44 -32.96 -1.30
N ARG AA 19 -57.86 -33.98 -2.06
CA ARG AA 19 -56.95 -35.06 -2.42
C ARG AA 19 -55.92 -34.64 -3.45
N ALA AA 20 -56.19 -33.58 -4.21
CA ALA AA 20 -55.28 -33.13 -5.26
C ALA AA 20 -54.30 -32.07 -4.79
N CYS AA 21 -54.55 -31.43 -3.66
CA CYS AA 21 -53.64 -30.43 -3.12
C CYS AA 21 -52.34 -31.07 -2.67
N PRO AA 22 -51.18 -30.64 -3.18
CA PRO AA 22 -49.91 -31.22 -2.76
C PRO AA 22 -49.32 -30.62 -1.49
N THR AA 23 -49.98 -29.66 -0.86
CA THR AA 23 -49.36 -28.92 0.22
C THR AA 23 -50.27 -28.83 1.44
N ASP AA 24 -51.45 -29.47 1.40
CA ASP AA 24 -52.47 -29.44 2.46
C ASP AA 24 -52.86 -28.00 2.80
N VAL AA 25 -53.51 -27.38 1.83
CA VAL AA 25 -54.14 -26.09 2.02
C VAL AA 25 -55.62 -26.23 2.28
N LEU AA 26 -56.27 -27.17 1.61
CA LEU AA 26 -57.70 -27.35 1.71
C LEU AA 26 -58.04 -28.48 2.66
N GLU AA 27 -59.24 -28.41 3.23
CA GLU AA 27 -59.72 -29.44 4.13
C GLU AA 27 -61.24 -29.37 4.14
N MET AA 28 -61.87 -30.48 4.51
CA MET AA 28 -63.33 -30.57 4.46
C MET AA 28 -63.94 -30.22 5.80
N VAL AA 29 -64.87 -29.28 5.80
CA VAL AA 29 -65.59 -28.87 6.99
C VAL AA 29 -67.06 -29.23 6.78
N PRO AA 30 -67.88 -29.40 7.82
CA PRO AA 30 -69.27 -29.75 7.59
C PRO AA 30 -70.11 -28.57 7.13
N TRP AA 31 -71.15 -28.90 6.36
CA TRP AA 31 -72.03 -27.92 5.75
C TRP AA 31 -73.42 -28.52 5.65
N ASP AA 32 -74.36 -27.73 5.14
CA ASP AA 32 -75.75 -28.14 5.02
C ASP AA 32 -76.25 -28.16 3.58
N GLY AA 33 -75.50 -27.60 2.64
CA GLY AA 33 -76.01 -27.45 1.29
C GLY AA 33 -75.55 -28.50 0.30
N CYS AA 34 -75.18 -29.69 0.77
CA CYS AA 34 -74.81 -30.77 -0.12
C CYS AA 34 -75.32 -32.09 0.45
N ARG AA 35 -75.24 -33.13 -0.39
CA ARG AA 35 -75.59 -34.47 0.07
C ARG AA 35 -74.47 -35.07 0.91
N ALA AA 36 -73.22 -34.70 0.62
CA ALA AA 36 -72.13 -35.12 1.50
C ALA AA 36 -72.11 -34.32 2.79
N GLY AA 37 -72.81 -33.18 2.83
CA GLY AA 37 -72.79 -32.34 3.99
C GLY AA 37 -71.49 -31.63 4.23
N GLN AA 38 -70.62 -31.59 3.23
CA GLN AA 38 -69.29 -31.01 3.37
C GLN AA 38 -69.14 -29.83 2.43
N ILE AA 39 -68.13 -29.00 2.74
CA ILE AA 39 -67.63 -27.99 1.84
C ILE AA 39 -66.16 -27.83 2.15
N ALA AA 40 -65.37 -27.49 1.14
CA ALA AA 40 -63.96 -27.27 1.38
C ALA AA 40 -63.73 -25.93 2.05
N SER AA 41 -62.66 -25.85 2.83
CA SER AA 41 -62.19 -24.59 3.36
C SER AA 41 -60.67 -24.60 3.27
N SER AA 42 -60.08 -23.40 3.25
CA SER AA 42 -58.64 -23.24 3.08
C SER AA 42 -58.05 -22.51 4.26
N PRO AA 43 -57.67 -23.20 5.33
CA PRO AA 43 -57.08 -22.52 6.48
C PRO AA 43 -55.59 -22.30 6.37
N ARG AA 44 -54.95 -23.04 5.47
CA ARG AA 44 -53.50 -23.02 5.35
C ARG AA 44 -53.13 -22.40 4.02
N THR AA 45 -53.79 -21.27 3.70
CA THR AA 45 -53.57 -20.54 2.47
C THR AA 45 -52.19 -19.89 2.43
N GLU AA 46 -51.51 -19.76 3.56
CA GLU AA 46 -50.10 -19.38 3.55
C GLU AA 46 -49.22 -20.47 2.94
N ASP AA 47 -49.69 -21.72 2.89
CA ASP AA 47 -48.99 -22.79 2.22
C ASP AA 47 -49.43 -22.98 0.78
N CYS AA 48 -50.20 -22.06 0.22
CA CYS AA 48 -50.67 -22.20 -1.15
C CYS AA 48 -49.51 -22.01 -2.10
N VAL AA 49 -49.16 -23.06 -2.83
CA VAL AA 49 -48.05 -23.00 -3.76
C VAL AA 49 -48.48 -22.44 -5.10
N GLY AA 50 -49.78 -22.27 -5.32
CA GLY AA 50 -50.31 -21.60 -6.49
C GLY AA 50 -50.57 -22.48 -7.69
N CYS AA 51 -50.38 -23.79 -7.57
CA CYS AA 51 -50.26 -24.64 -8.74
C CYS AA 51 -51.59 -24.99 -9.40
N LYS AA 52 -52.71 -24.59 -8.82
CA LYS AA 52 -54.06 -24.74 -9.39
C LYS AA 52 -54.40 -26.18 -9.74
N ARG AA 53 -53.91 -27.12 -8.95
CA ARG AA 53 -54.25 -28.53 -9.14
C ARG AA 53 -55.56 -28.87 -8.49
N CYS AA 54 -56.02 -28.07 -7.53
CA CYS AA 54 -57.36 -28.19 -6.99
C CYS AA 54 -58.39 -27.71 -7.99
N GLU AA 55 -57.99 -26.87 -8.93
CA GLU AA 55 -58.89 -26.32 -9.91
C GLU AA 55 -59.15 -27.27 -11.06
N THR AA 56 -58.20 -28.16 -11.36
CA THR AA 56 -58.41 -29.14 -12.40
C THR AA 56 -59.25 -30.32 -11.91
N ALA AA 57 -59.43 -30.47 -10.61
CA ALA AA 57 -60.14 -31.59 -10.03
C ALA AA 57 -61.59 -31.28 -9.70
N CYS AA 58 -61.98 -30.01 -9.66
CA CYS AA 58 -63.35 -29.63 -9.35
C CYS AA 58 -64.29 -30.00 -10.49
N PRO AA 59 -65.31 -30.83 -10.26
CA PRO AA 59 -66.20 -31.23 -11.34
C PRO AA 59 -67.42 -30.34 -11.55
N THR AA 60 -67.62 -29.30 -10.76
CA THR AA 60 -68.73 -28.40 -10.99
C THR AA 60 -68.40 -27.48 -12.15
N ASP AA 61 -69.40 -27.18 -12.98
CA ASP AA 61 -69.14 -26.38 -14.16
C ASP AA 61 -68.96 -24.93 -13.77
N PHE AA 62 -67.92 -24.32 -14.34
CA PHE AA 62 -67.29 -23.10 -13.84
C PHE AA 62 -67.10 -23.20 -12.34
N LEU AA 63 -66.09 -23.99 -12.01
CA LEU AA 63 -65.67 -24.55 -10.75
C LEU AA 63 -65.83 -23.69 -9.50
N SER AA 64 -66.08 -24.36 -8.38
CA SER AA 64 -66.45 -23.76 -7.10
C SER AA 64 -65.27 -23.35 -6.25
N ILE AA 65 -64.05 -23.45 -6.76
CA ILE AA 65 -62.86 -23.08 -6.02
C ILE AA 65 -61.95 -22.29 -6.95
N ARG AA 66 -61.37 -21.21 -6.46
CA ARG AA 66 -60.42 -20.45 -7.25
C ARG AA 66 -59.14 -20.26 -6.47
N VAL AA 67 -58.05 -20.11 -7.19
CA VAL AA 67 -56.79 -19.66 -6.64
C VAL AA 67 -56.48 -18.34 -7.32
N TYR AA 68 -56.42 -17.27 -6.54
CA TYR AA 68 -56.10 -15.95 -7.06
C TYR AA 68 -54.65 -15.68 -6.72
N LEU AA 69 -53.79 -15.73 -7.73
CA LEU AA 69 -52.34 -15.66 -7.54
C LEU AA 69 -51.98 -14.24 -7.11
N GLY AA 70 -51.51 -14.10 -5.88
CA GLY AA 70 -51.25 -12.79 -5.32
C GLY AA 70 -49.80 -12.55 -4.96
N ALA AA 71 -49.57 -11.92 -3.81
CA ALA AA 71 -48.22 -11.58 -3.36
C ALA AA 71 -47.47 -12.86 -3.00
N GLU AA 72 -46.53 -13.24 -3.85
CA GLU AA 72 -45.82 -14.50 -3.70
C GLU AA 72 -44.70 -14.35 -2.68
N THR AA 73 -44.51 -15.38 -1.87
CA THR AA 73 -43.48 -15.37 -0.84
C THR AA 73 -42.58 -16.59 -0.97
N THR AA 74 -41.76 -16.85 0.04
CA THR AA 74 -40.73 -17.88 -0.08
C THR AA 74 -41.32 -19.28 -0.01
N ARG AA 75 -42.47 -19.44 0.65
CA ARG AA 75 -43.13 -20.74 0.66
C ARG AA 75 -44.27 -20.82 -0.32
N SER AA 76 -44.62 -19.72 -0.98
CA SER AA 76 -45.59 -19.71 -2.06
C SER AA 76 -44.92 -19.72 -3.43
N MET AA 77 -43.61 -19.99 -3.47
CA MET AA 77 -42.89 -20.10 -4.72
C MET AA 77 -42.07 -21.38 -4.77
N GLY AA 78 -42.05 -22.16 -3.70
CA GLY AA 78 -41.37 -23.45 -3.71
C GLY AA 78 -39.87 -23.37 -3.86
N LEU AA 79 -39.22 -22.62 -2.98
CA LEU AA 79 -37.77 -22.45 -3.03
C LEU AA 79 -37.17 -23.23 -1.87
N ALA AA 80 -36.42 -24.28 -2.20
CA ALA AA 80 -35.69 -25.06 -1.21
C ALA AA 80 -34.30 -24.48 -0.93
N TYR AA 81 -33.98 -23.34 -1.52
CA TYR AA 81 -32.67 -22.70 -1.31
C TYR AA 81 -32.85 -21.28 -0.82
N THR BA 21 -41.97 -33.17 21.25
CA THR BA 21 -41.13 -32.81 20.11
C THR BA 21 -41.10 -33.93 19.07
N LEU BA 22 -39.92 -34.22 18.55
CA LEU BA 22 -39.73 -35.22 17.50
C LEU BA 22 -38.54 -36.11 17.83
N SER BA 23 -38.62 -37.36 17.37
CA SER BA 23 -37.57 -38.34 17.55
C SER BA 23 -37.77 -39.45 16.55
N GLY BA 24 -36.74 -40.28 16.39
CA GLY BA 24 -36.78 -41.42 15.51
C GLY BA 24 -35.45 -41.60 14.81
N GLN BA 25 -35.26 -42.80 14.27
CA GLN BA 25 -34.03 -43.13 13.55
C GLN BA 25 -34.18 -42.79 12.08
N THR BA 26 -33.12 -42.23 11.52
CA THR BA 26 -33.14 -41.88 10.10
C THR BA 26 -33.08 -43.15 9.24
N PRO BA 27 -33.68 -43.13 8.05
CA PRO BA 27 -33.60 -44.28 7.16
C PRO BA 27 -32.20 -44.46 6.60
N ILE BA 28 -31.93 -45.66 6.10
CA ILE BA 28 -30.62 -45.93 5.51
C ILE BA 28 -30.57 -45.21 4.18
N PHE BA 29 -29.91 -44.05 4.17
CA PHE BA 29 -29.77 -43.25 2.97
C PHE BA 29 -28.31 -42.89 2.84
N GLY BA 30 -27.74 -43.11 1.65
CA GLY BA 30 -26.32 -42.94 1.49
C GLY BA 30 -25.88 -41.53 1.15
N GLY BA 31 -26.69 -40.54 1.54
CA GLY BA 31 -26.41 -39.16 1.21
C GLY BA 31 -26.92 -38.80 -0.16
N SER BA 32 -27.33 -37.55 -0.35
CA SER BA 32 -27.86 -37.10 -1.61
C SER BA 32 -27.32 -35.70 -1.89
N THR BA 33 -27.96 -35.03 -2.83
CA THR BA 33 -27.54 -33.71 -3.24
C THR BA 33 -28.76 -32.80 -3.30
N GLY BA 34 -29.92 -33.39 -3.52
CA GLY BA 34 -31.16 -32.64 -3.48
C GLY BA 34 -31.73 -32.42 -2.09
N GLY BA 35 -30.92 -32.59 -1.04
CA GLY BA 35 -31.38 -32.43 0.31
C GLY BA 35 -31.49 -31.00 0.79
N LEU BA 36 -31.10 -30.76 2.04
CA LEU BA 36 -31.23 -29.44 2.63
C LEU BA 36 -30.15 -28.51 2.13
N LEU BA 37 -30.45 -27.21 2.17
CA LEU BA 37 -29.52 -26.17 1.74
C LEU BA 37 -29.43 -25.16 2.89
N LYS BA 38 -28.86 -23.99 2.60
CA LYS BA 38 -28.74 -22.95 3.63
C LYS BA 38 -30.10 -22.36 4.04
N LYS BA 39 -31.17 -22.61 3.29
CA LYS BA 39 -32.49 -22.18 3.73
C LYS BA 39 -32.96 -22.98 4.93
N ALA BA 40 -32.61 -24.27 4.98
CA ALA BA 40 -33.07 -25.13 6.06
C ALA BA 40 -32.40 -24.81 7.39
N GLU BA 41 -31.24 -24.19 7.37
CA GLU BA 41 -30.56 -23.81 8.60
C GLU BA 41 -30.98 -22.43 9.08
N VAL BA 42 -31.51 -21.59 8.19
CA VAL BA 42 -31.69 -20.18 8.44
C VAL BA 42 -33.16 -19.78 8.49
N GLU BA 43 -34.01 -20.38 7.65
CA GLU BA 43 -35.42 -19.96 7.63
C GLU BA 43 -36.37 -20.97 8.26
N GLU BA 44 -36.44 -22.19 7.72
CA GLU BA 44 -37.38 -23.21 8.19
C GLU BA 44 -36.98 -24.54 7.59
N LYS BA 45 -37.47 -25.61 8.19
CA LYS BA 45 -37.10 -26.95 7.81
C LYS BA 45 -38.20 -27.88 8.30
N TYR BA 46 -38.58 -28.85 7.49
CA TYR BA 46 -39.70 -29.71 7.79
C TYR BA 46 -39.20 -31.11 8.14
N ALA BA 47 -40.03 -31.85 8.86
CA ALA BA 47 -39.66 -33.19 9.30
C ALA BA 47 -40.89 -34.07 9.30
N ILE BA 48 -40.83 -35.15 8.53
CA ILE BA 48 -41.89 -36.14 8.51
C ILE BA 48 -41.48 -37.27 9.44
N THR BA 49 -42.46 -37.87 10.10
CA THR BA 49 -42.21 -38.89 11.11
C THR BA 49 -43.26 -39.98 10.97
N TRP BA 50 -42.84 -41.16 10.54
CA TRP BA 50 -43.74 -42.30 10.41
C TRP BA 50 -43.10 -43.50 11.08
N THR BA 51 -43.88 -44.57 11.19
CA THR BA 51 -43.38 -45.83 11.71
C THR BA 51 -43.74 -46.95 10.74
N SER BA 52 -42.85 -47.93 10.62
CA SER BA 52 -42.99 -48.95 9.60
C SER BA 52 -42.95 -50.33 10.23
N PRO BA 53 -43.82 -51.24 9.82
CA PRO BA 53 -43.70 -52.63 10.27
C PRO BA 53 -42.79 -53.47 9.39
N LYS BA 54 -41.94 -52.85 8.58
CA LYS BA 54 -41.15 -53.59 7.61
C LYS BA 54 -39.87 -52.84 7.29
N GLU BA 55 -38.89 -53.60 6.80
CA GLU BA 55 -37.62 -53.06 6.29
C GLU BA 55 -37.73 -52.94 4.77
N GLN BA 56 -38.52 -51.97 4.34
CA GLN BA 56 -38.77 -51.78 2.92
C GLN BA 56 -38.03 -50.54 2.40
N VAL BA 57 -37.97 -50.43 1.08
CA VAL BA 57 -37.23 -49.37 0.41
C VAL BA 57 -38.23 -48.47 -0.32
N PHE BA 58 -38.05 -47.17 -0.17
CA PHE BA 58 -38.95 -46.17 -0.76
C PHE BA 58 -38.13 -45.17 -1.55
N GLU BA 59 -38.82 -44.39 -2.37
CA GLU BA 59 -38.18 -43.39 -3.21
C GLU BA 59 -38.14 -42.06 -2.48
N MET BA 60 -36.99 -41.45 -2.46
CA MET BA 60 -36.84 -40.18 -1.78
C MET BA 60 -37.41 -39.04 -2.62
N PRO BA 61 -38.00 -38.02 -1.98
CA PRO BA 61 -38.39 -36.82 -2.74
C PRO BA 61 -37.21 -35.98 -3.17
N THR BA 62 -36.03 -36.20 -2.58
CA THR BA 62 -34.80 -35.52 -2.96
C THR BA 62 -33.97 -36.33 -3.94
N GLY BA 63 -34.59 -37.28 -4.64
CA GLY BA 63 -33.88 -38.06 -5.63
C GLY BA 63 -33.16 -39.24 -5.02
N GLY BA 64 -33.41 -40.44 -5.54
CA GLY BA 64 -32.74 -41.63 -5.08
C GLY BA 64 -33.70 -42.64 -4.49
N ALA BA 65 -33.20 -43.43 -3.55
CA ALA BA 65 -33.98 -44.45 -2.86
C ALA BA 65 -33.36 -44.71 -1.50
N ALA BA 66 -34.20 -44.88 -0.48
CA ALA BA 66 -33.73 -45.11 0.88
C ALA BA 66 -34.51 -46.26 1.50
N ILE BA 67 -33.91 -46.90 2.49
CA ILE BA 67 -34.54 -48.01 3.21
C ILE BA 67 -35.03 -47.50 4.56
N MET BA 68 -36.34 -47.49 4.74
CA MET BA 68 -36.90 -47.09 6.02
C MET BA 68 -36.74 -48.21 7.05
N ARG BA 69 -36.64 -47.83 8.32
CA ARG BA 69 -36.37 -48.74 9.40
C ARG BA 69 -37.65 -49.44 9.86
N GLN BA 70 -37.58 -50.10 11.02
CA GLN BA 70 -38.72 -50.80 11.59
C GLN BA 70 -39.30 -50.09 12.81
N GLY BA 71 -38.66 -49.04 13.31
CA GLY BA 71 -39.16 -48.31 14.44
C GLY BA 71 -39.82 -47.02 14.02
N GLN BA 72 -39.56 -45.96 14.78
CA GLN BA 72 -39.99 -44.63 14.40
C GLN BA 72 -38.99 -44.07 13.40
N ASN BA 73 -39.46 -43.64 12.25
CA ASN BA 73 -38.60 -43.04 11.25
C ASN BA 73 -38.66 -41.52 11.34
N LEU BA 74 -37.60 -40.89 10.86
CA LEU BA 74 -37.50 -39.44 10.92
C LEU BA 74 -36.68 -38.96 9.74
N LEU BA 75 -37.24 -38.05 8.96
CA LEU BA 75 -36.59 -37.58 7.74
C LEU BA 75 -36.78 -36.08 7.64
N TYR BA 76 -35.69 -35.36 7.47
CA TYR BA 76 -35.72 -33.90 7.39
C TYR BA 76 -35.80 -33.49 5.92
N LEU BA 77 -36.86 -32.77 5.57
CA LEU BA 77 -37.06 -32.28 4.22
C LEU BA 77 -37.03 -30.77 4.21
N ALA BA 78 -36.96 -30.19 3.02
CA ALA BA 78 -36.72 -28.76 2.89
C ALA BA 78 -37.99 -27.94 2.73
N ARG BA 79 -39.03 -28.49 2.14
CA ARG BA 79 -40.28 -27.76 1.96
C ARG BA 79 -41.45 -28.72 2.10
N LYS BA 80 -42.64 -28.15 2.29
CA LYS BA 80 -43.81 -28.94 2.67
C LYS BA 80 -44.32 -29.81 1.52
N GLU BA 81 -44.05 -29.42 0.28
CA GLU BA 81 -44.48 -30.24 -0.84
C GLU BA 81 -43.66 -31.51 -0.95
N GLN BA 82 -42.44 -31.54 -0.39
CA GLN BA 82 -41.65 -32.75 -0.39
C GLN BA 82 -42.15 -33.76 0.64
N CYS BA 83 -42.75 -33.28 1.73
CA CYS BA 83 -43.24 -34.18 2.76
C CYS BA 83 -44.52 -34.87 2.34
N ILE BA 84 -45.43 -34.14 1.71
CA ILE BA 84 -46.71 -34.70 1.32
C ILE BA 84 -46.61 -35.45 0.00
N ALA BA 85 -45.58 -35.18 -0.80
CA ALA BA 85 -45.27 -36.11 -1.89
C ALA BA 85 -44.67 -37.39 -1.34
N LEU BA 86 -43.99 -37.31 -0.20
CA LEU BA 86 -43.56 -38.51 0.51
C LEU BA 86 -44.71 -39.11 1.31
N GLY BA 87 -45.56 -38.27 1.88
CA GLY BA 87 -46.73 -38.77 2.59
C GLY BA 87 -47.73 -39.46 1.69
N GLY BA 88 -47.82 -39.04 0.43
CA GLY BA 88 -48.63 -39.75 -0.54
C GLY BA 88 -48.00 -41.02 -1.06
N GLN BA 89 -46.72 -41.22 -0.77
CA GLN BA 89 -46.02 -42.45 -1.11
C GLN BA 89 -46.14 -43.50 -0.01
N LEU BA 90 -46.07 -43.07 1.25
CA LEU BA 90 -46.25 -43.98 2.37
C LEU BA 90 -47.68 -44.50 2.46
N ARG BA 91 -48.65 -43.74 1.95
CA ARG BA 91 -50.03 -44.22 1.92
C ARG BA 91 -50.23 -45.32 0.88
N LYS BA 92 -49.28 -45.52 -0.03
CA LYS BA 92 -49.26 -46.67 -0.91
C LYS BA 92 -48.44 -47.82 -0.36
N PHE BA 93 -47.69 -47.59 0.72
CA PHE BA 93 -47.07 -48.66 1.50
C PHE BA 93 -47.94 -49.05 2.69
N LYS BA 94 -49.19 -48.56 2.71
CA LYS BA 94 -50.17 -48.81 3.76
C LYS BA 94 -49.67 -48.31 5.11
N ILE BA 95 -49.03 -47.15 5.09
CA ILE BA 95 -48.53 -46.47 6.28
C ILE BA 95 -49.23 -45.11 6.30
N THR BA 96 -50.22 -44.97 7.17
CA THR BA 96 -51.06 -43.77 7.19
C THR BA 96 -51.06 -43.17 8.59
N ASP BA 97 -49.87 -43.02 9.16
CA ASP BA 97 -49.73 -42.50 10.52
C ASP BA 97 -48.68 -41.42 10.62
N TYR BA 98 -48.34 -40.77 9.51
CA TYR BA 98 -47.20 -39.88 9.47
C TYR BA 98 -47.55 -38.52 10.04
N LYS BA 99 -46.60 -37.92 10.74
CA LYS BA 99 -46.73 -36.59 11.32
C LYS BA 99 -45.68 -35.70 10.70
N ILE BA 100 -46.10 -34.52 10.24
CA ILE BA 100 -45.21 -33.56 9.59
C ILE BA 100 -45.05 -32.37 10.52
N TYR BA 101 -43.80 -32.01 10.81
CA TYR BA 101 -43.50 -30.89 11.67
C TYR BA 101 -42.87 -29.78 10.85
N ARG BA 102 -42.69 -28.62 11.48
CA ARG BA 102 -42.05 -27.49 10.84
C ARG BA 102 -41.13 -26.84 11.85
N ILE BA 103 -39.83 -26.88 11.57
CA ILE BA 103 -38.81 -26.62 12.58
C ILE BA 103 -38.15 -25.30 12.26
N TYR BA 104 -38.52 -24.28 13.02
CA TYR BA 104 -37.84 -22.99 12.95
C TYR BA 104 -36.43 -23.13 13.54
N PRO BA 105 -35.48 -22.27 13.13
CA PRO BA 105 -34.07 -22.51 13.52
C PRO BA 105 -33.79 -22.25 14.99
N ASN BA 106 -34.66 -21.56 15.70
CA ASN BA 106 -34.52 -21.44 17.15
C ASN BA 106 -34.93 -22.70 17.90
N GLY BA 107 -35.46 -23.70 17.19
CA GLY BA 107 -35.82 -24.97 17.79
C GLY BA 107 -37.31 -25.19 17.95
N GLU BA 108 -38.15 -24.23 17.55
CA GLU BA 108 -39.58 -24.33 17.80
C GLU BA 108 -40.21 -25.29 16.80
N THR BA 109 -40.57 -26.47 17.27
CA THR BA 109 -41.22 -27.49 16.45
C THR BA 109 -42.72 -27.32 16.58
N VAL BA 110 -43.36 -26.80 15.54
CA VAL BA 110 -44.82 -26.83 15.48
C VAL BA 110 -45.22 -28.10 14.74
N TYR BA 111 -46.48 -28.48 14.86
CA TYR BA 111 -47.00 -29.72 14.29
C TYR BA 111 -48.14 -29.36 13.36
N ILE BA 112 -47.97 -29.61 12.07
CA ILE BA 112 -48.84 -29.02 11.06
C ILE BA 112 -49.62 -30.04 10.24
N HIS BA 113 -49.20 -31.29 10.17
CA HIS BA 113 -49.95 -32.22 9.33
C HIS BA 113 -49.94 -33.62 9.91
N PRO BA 114 -51.12 -34.24 10.14
CA PRO BA 114 -52.44 -33.61 10.05
C PRO BA 114 -52.74 -32.81 11.31
N ALA BA 115 -53.35 -31.64 11.15
CA ALA BA 115 -53.43 -30.68 12.25
C ALA BA 115 -54.28 -31.19 13.41
N ASP BA 116 -55.48 -31.68 13.11
CA ASP BA 116 -56.38 -32.14 14.16
C ASP BA 116 -56.21 -33.62 14.47
N GLY BA 117 -55.18 -34.27 13.92
CA GLY BA 117 -55.05 -35.71 13.97
C GLY BA 117 -55.79 -36.46 12.88
N VAL BA 118 -56.78 -35.83 12.27
CA VAL BA 118 -57.60 -36.45 11.24
C VAL BA 118 -57.14 -35.90 9.89
N PHE BA 119 -57.19 -36.75 8.88
CA PHE BA 119 -56.74 -36.36 7.56
C PHE BA 119 -57.73 -35.38 6.93
N PRO BA 120 -57.26 -34.40 6.17
CA PRO BA 120 -58.14 -33.34 5.68
C PRO BA 120 -59.14 -33.77 4.61
N GLU BA 121 -59.05 -35.00 4.10
CA GLU BA 121 -60.03 -35.49 3.15
C GLU BA 121 -61.35 -35.79 3.83
N LYS BA 122 -61.33 -36.48 4.97
CA LYS BA 122 -62.55 -36.82 5.69
C LYS BA 122 -62.89 -35.72 6.68
N VAL BA 123 -64.19 -35.50 6.88
CA VAL BA 123 -64.69 -34.33 7.58
C VAL BA 123 -64.65 -34.56 9.08
N ASN BA 124 -64.23 -33.53 9.82
CA ASN BA 124 -64.40 -33.47 11.27
C ASN BA 124 -65.15 -32.20 11.64
N GLN BA 125 -65.62 -32.18 12.89
CA GLN BA 125 -66.42 -31.09 13.41
C GLN BA 125 -65.55 -30.15 14.21
N GLY BA 126 -66.08 -28.94 14.45
CA GLY BA 126 -65.31 -27.88 15.05
C GLY BA 126 -64.49 -27.07 14.07
N ARG BA 127 -64.32 -27.57 12.84
CA ARG BA 127 -63.60 -26.84 11.81
C ARG BA 127 -64.51 -25.80 11.18
N GLU BA 128 -63.88 -24.77 10.60
CA GLU BA 128 -64.54 -23.53 10.27
C GLU BA 128 -64.61 -23.35 8.75
N LYS BA 129 -65.65 -22.68 8.30
CA LYS BA 129 -65.73 -22.26 6.90
C LYS BA 129 -64.88 -21.01 6.74
N VAL BA 130 -63.59 -21.23 6.48
CA VAL BA 130 -62.63 -20.14 6.33
C VAL BA 130 -62.36 -19.94 4.85
N ARG BA 131 -62.28 -18.68 4.44
CA ARG BA 131 -62.17 -18.24 3.04
C ARG BA 131 -63.29 -18.84 2.19
N TYR BA 132 -64.51 -18.45 2.52
CA TYR BA 132 -65.70 -18.95 1.86
C TYR BA 132 -66.56 -17.77 1.45
N ASN BA 133 -66.95 -17.74 0.17
CA ASN BA 133 -67.87 -16.73 -0.34
C ASN BA 133 -69.25 -17.34 -0.50
N ASP BA 134 -70.27 -16.59 -0.10
CA ASP BA 134 -71.64 -17.09 -0.07
C ASP BA 134 -72.41 -16.67 -1.33
N ARG BA 135 -71.72 -16.66 -2.46
CA ARG BA 135 -72.32 -16.35 -3.75
C ARG BA 135 -71.86 -17.39 -4.75
N ARG BA 136 -72.45 -17.37 -5.93
CA ARG BA 136 -71.82 -18.08 -7.04
C ARG BA 136 -70.54 -17.37 -7.42
N ILE BA 137 -69.67 -18.11 -8.11
CA ILE BA 137 -68.43 -17.52 -8.59
C ILE BA 137 -68.67 -16.50 -9.68
N GLY BA 138 -69.68 -16.70 -10.51
CA GLY BA 138 -69.95 -15.79 -11.61
C GLY BA 138 -70.54 -14.45 -11.21
N GLN BA 139 -71.05 -14.31 -9.99
CA GLN BA 139 -71.58 -13.03 -9.54
C GLN BA 139 -70.63 -12.32 -8.58
N ASN BA 140 -69.33 -12.40 -8.84
CA ASN BA 140 -68.39 -11.50 -8.21
C ASN BA 140 -68.54 -10.11 -8.82
N PRO BA 141 -68.30 -9.06 -8.03
CA PRO BA 141 -68.43 -7.70 -8.55
C PRO BA 141 -67.34 -7.34 -9.55
N SER BA 142 -67.63 -6.33 -10.34
CA SER BA 142 -66.70 -5.84 -11.35
C SER BA 142 -65.53 -5.14 -10.68
N PRO BA 143 -64.37 -5.09 -11.34
CA PRO BA 143 -63.22 -4.35 -10.77
C PRO BA 143 -63.39 -2.84 -10.76
N SER BA 144 -64.44 -2.30 -11.37
CA SER BA 144 -64.76 -0.89 -11.22
C SER BA 144 -65.64 -0.61 -10.02
N LYS BA 145 -66.17 -1.64 -9.37
CA LYS BA 145 -66.82 -1.47 -8.07
C LYS BA 145 -65.80 -1.19 -6.99
N VAL BA 146 -64.61 -1.77 -7.10
CA VAL BA 146 -63.61 -1.70 -6.06
C VAL BA 146 -62.46 -0.75 -6.42
N LYS BA 147 -62.73 0.23 -7.29
CA LYS BA 147 -61.70 1.14 -7.75
C LYS BA 147 -61.26 2.08 -6.64
N PHE BA 148 -59.93 2.17 -6.45
CA PHE BA 148 -59.28 2.97 -5.41
C PHE BA 148 -59.76 2.59 -4.01
N SER BA 149 -60.00 1.29 -3.81
CA SER BA 149 -60.35 0.73 -2.52
C SER BA 149 -59.32 -0.33 -2.15
N GLY BA 150 -59.28 -0.65 -0.86
CA GLY BA 150 -58.29 -1.62 -0.39
C GLY BA 150 -58.61 -3.05 -0.79
N ILE BA 151 -59.89 -3.38 -0.91
CA ILE BA 151 -60.28 -4.77 -1.14
C ILE BA 151 -60.12 -5.12 -2.62
N ALA BA 152 -60.00 -6.41 -2.88
CA ALA BA 152 -60.06 -6.94 -4.23
C ALA BA 152 -61.50 -7.31 -4.57
N THR BA 153 -61.71 -7.70 -5.82
CA THR BA 153 -63.06 -8.01 -6.27
C THR BA 153 -63.56 -9.36 -5.80
N TYR BA 154 -62.68 -10.23 -5.29
CA TYR BA 154 -63.07 -11.52 -4.76
C TYR BA 154 -63.21 -11.51 -3.24
N ASP BA 155 -62.95 -10.38 -2.59
CA ASP BA 155 -63.22 -10.24 -1.17
C ASP BA 155 -64.66 -9.81 -0.92
N ALA BA 156 -65.05 -8.63 -1.42
CA ALA BA 156 -66.39 -8.22 -1.83
C ALA BA 156 -67.51 -8.56 -0.84
N PRO BA 157 -67.66 -7.80 0.23
CA PRO BA 157 -68.54 -8.23 1.34
C PRO BA 157 -70.02 -8.31 1.01
N ASN BA 158 -70.47 -7.77 -0.11
CA ASN BA 158 -71.86 -7.92 -0.52
C ASN BA 158 -72.04 -9.28 -1.19
N SER BA 159 -72.91 -10.12 -0.59
CA SER BA 159 -73.15 -11.51 -0.97
C SER BA 159 -71.88 -12.34 -1.09
N VAL CA 2 -90.20 -28.83 -12.91
CA VAL CA 2 -88.97 -29.43 -13.43
C VAL CA 2 -88.86 -30.86 -12.93
N GLN CA 3 -89.35 -31.81 -13.71
CA GLN CA 3 -89.34 -33.21 -13.35
C GLN CA 3 -88.22 -33.95 -14.06
N ARG CA 4 -88.03 -35.20 -13.68
CA ARG CA 4 -86.94 -36.01 -14.20
C ARG CA 4 -87.26 -36.47 -15.62
N GLY CA 5 -86.30 -36.29 -16.53
CA GLY CA 5 -86.47 -36.63 -17.92
C GLY CA 5 -86.87 -35.48 -18.81
N SER CA 6 -87.17 -34.32 -18.24
CA SER CA 6 -87.61 -33.18 -19.03
C SER CA 6 -86.41 -32.44 -19.63
N LYS CA 7 -86.65 -31.79 -20.76
CA LYS CA 7 -85.63 -30.97 -21.40
C LYS CA 7 -85.76 -29.53 -20.93
N VAL CA 8 -84.62 -28.91 -20.62
CA VAL CA 8 -84.62 -27.62 -19.96
C VAL CA 8 -83.46 -26.78 -20.51
N ARG CA 9 -83.64 -25.47 -20.52
CA ARG CA 9 -82.63 -24.53 -20.98
C ARG CA 9 -82.03 -23.79 -19.79
N ILE CA 10 -80.80 -23.32 -19.97
CA ILE CA 10 -79.98 -22.82 -18.87
C ILE CA 10 -79.92 -21.30 -18.93
N LEU CA 11 -80.12 -20.64 -17.79
CA LEU CA 11 -79.98 -19.21 -17.67
C LEU CA 11 -78.84 -18.82 -16.72
N ARG CA 12 -77.80 -19.65 -16.64
CA ARG CA 12 -76.65 -19.32 -15.81
C ARG CA 12 -75.56 -18.74 -16.71
N PRO CA 13 -75.22 -17.47 -16.59
CA PRO CA 13 -74.32 -16.86 -17.58
C PRO CA 13 -72.88 -17.26 -17.42
N GLU CA 14 -72.48 -17.72 -16.25
CA GLU CA 14 -71.12 -18.14 -15.98
C GLU CA 14 -70.81 -19.55 -16.46
N SER CA 15 -71.81 -20.29 -16.92
CA SER CA 15 -71.64 -21.70 -17.22
C SER CA 15 -71.22 -21.91 -18.67
N TYR CA 16 -70.81 -23.14 -18.98
CA TYR CA 16 -70.49 -23.49 -20.35
C TYR CA 16 -71.75 -23.64 -21.19
N TRP CA 17 -72.79 -24.25 -20.61
CA TRP CA 17 -73.99 -24.61 -21.35
C TRP CA 17 -75.06 -23.54 -21.25
N PHE CA 18 -74.66 -22.27 -21.19
CA PHE CA 18 -75.59 -21.16 -21.20
C PHE CA 18 -76.42 -21.19 -22.49
N GLN CA 19 -77.74 -21.25 -22.32
CA GLN CA 19 -78.72 -21.45 -23.40
C GLN CA 19 -78.44 -22.74 -24.18
N ASP CA 20 -78.29 -23.83 -23.45
CA ASP CA 20 -78.18 -25.17 -24.05
C ASP CA 20 -79.24 -26.08 -23.44
N VAL CA 21 -79.84 -26.91 -24.29
CA VAL CA 21 -80.89 -27.81 -23.86
C VAL CA 21 -80.26 -29.01 -23.17
N GLY CA 22 -80.77 -29.34 -21.99
CA GLY CA 22 -80.26 -30.47 -21.24
C GLY CA 22 -81.39 -31.29 -20.64
N THR CA 23 -81.10 -32.56 -20.41
CA THR CA 23 -82.06 -33.48 -19.83
C THR CA 23 -81.87 -33.53 -18.32
N VAL CA 24 -82.96 -33.34 -17.57
CA VAL CA 24 -82.91 -33.42 -16.12
C VAL CA 24 -82.67 -34.87 -15.70
N ALA CA 25 -81.70 -35.07 -14.80
CA ALA CA 25 -81.37 -36.41 -14.33
C ALA CA 25 -81.97 -36.72 -12.96
N SER CA 26 -81.96 -35.76 -12.04
CA SER CA 26 -82.48 -35.99 -10.70
C SER CA 26 -82.77 -34.65 -10.05
N ILE CA 27 -83.79 -34.64 -9.18
CA ILE CA 27 -84.14 -33.49 -8.36
C ILE CA 27 -84.12 -33.92 -6.91
N GLU CA 28 -83.47 -33.13 -6.06
CA GLU CA 28 -83.35 -33.47 -4.65
C GLU CA 28 -84.58 -32.99 -3.89
N GLN CA 29 -85.10 -33.87 -3.03
CA GLN CA 29 -86.31 -33.60 -2.26
C GLN CA 29 -86.01 -33.13 -0.84
N GLY CA 30 -84.75 -32.87 -0.51
CA GLY CA 30 -84.43 -32.44 0.84
C GLY CA 30 -84.85 -31.01 1.13
N GLY CA 31 -84.62 -30.11 0.18
CA GLY CA 31 -85.05 -28.74 0.33
C GLY CA 31 -84.08 -27.82 1.05
N THR CA 32 -82.85 -28.27 1.31
CA THR CA 32 -81.85 -27.44 1.97
C THR CA 32 -80.50 -27.46 1.27
N SER CA 33 -80.45 -27.93 0.03
CA SER CA 33 -79.19 -28.10 -0.67
C SER CA 33 -78.87 -26.96 -1.64
N ARG CA 34 -79.86 -26.12 -1.97
CA ARG CA 34 -79.77 -24.86 -2.71
C ARG CA 34 -79.36 -25.01 -4.18
N TYR CA 35 -79.00 -26.22 -4.61
CA TYR CA 35 -78.83 -26.54 -6.03
C TYR CA 35 -79.35 -27.96 -6.23
N PRO CA 36 -80.67 -28.14 -6.26
CA PRO CA 36 -81.22 -29.50 -6.25
C PRO CA 36 -81.14 -30.22 -7.59
N VAL CA 37 -81.48 -29.54 -8.67
CA VAL CA 37 -81.71 -30.21 -9.94
C VAL CA 37 -80.39 -30.48 -10.64
N ILE CA 38 -80.18 -31.74 -11.02
CA ILE CA 38 -78.99 -32.17 -11.75
C ILE CA 38 -79.41 -32.43 -13.18
N VAL CA 39 -78.89 -31.63 -14.11
CA VAL CA 39 -79.25 -31.73 -15.52
C VAL CA 39 -78.04 -32.24 -16.29
N ARG CA 40 -78.28 -33.16 -17.21
CA ARG CA 40 -77.23 -33.80 -17.99
C ARG CA 40 -77.30 -33.29 -19.43
N PHE CA 41 -76.15 -32.88 -19.95
CA PHE CA 41 -76.04 -32.31 -21.28
C PHE CA 41 -75.36 -33.29 -22.22
N ASP CA 42 -75.53 -33.04 -23.51
CA ASP CA 42 -75.01 -33.93 -24.55
C ASP CA 42 -73.64 -33.51 -25.07
N LYS CA 43 -73.08 -32.40 -24.58
CA LYS CA 43 -71.75 -31.99 -24.95
C LYS CA 43 -70.95 -31.69 -23.70
N VAL CA 44 -69.72 -32.22 -23.64
CA VAL CA 44 -68.86 -31.97 -22.49
C VAL CA 44 -68.40 -30.51 -22.51
N ASN CA 45 -68.00 -30.01 -21.35
CA ASN CA 45 -67.65 -28.59 -21.29
C ASN CA 45 -66.22 -28.35 -21.77
N TYR CA 46 -65.23 -28.81 -21.02
CA TYR CA 46 -63.83 -28.59 -21.39
C TYR CA 46 -63.03 -29.69 -20.70
N ALA CA 47 -62.75 -30.75 -21.46
CA ALA CA 47 -62.08 -31.97 -20.99
C ALA CA 47 -62.73 -32.51 -19.72
N GLY CA 48 -64.00 -32.86 -19.83
CA GLY CA 48 -64.66 -33.34 -18.64
C GLY CA 48 -66.16 -33.55 -18.67
N VAL CA 49 -66.80 -32.97 -17.66
CA VAL CA 49 -68.14 -33.39 -17.25
C VAL CA 49 -69.18 -32.91 -18.25
N ASN CA 50 -70.35 -33.55 -18.20
CA ASN CA 50 -71.53 -33.08 -18.88
C ASN CA 50 -72.72 -32.95 -17.94
N THR CA 51 -72.55 -33.24 -16.66
CA THR CA 51 -73.57 -33.05 -15.65
C THR CA 51 -73.17 -31.92 -14.73
N ASN CA 52 -74.16 -31.17 -14.27
CA ASN CA 52 -73.89 -30.06 -13.36
C ASN CA 52 -75.13 -29.78 -12.53
N ASN CA 53 -74.91 -29.45 -11.26
CA ASN CA 53 -76.01 -29.11 -10.36
C ASN CA 53 -76.44 -27.67 -10.60
N PHE CA 54 -77.75 -27.45 -10.62
CA PHE CA 54 -78.30 -26.15 -10.92
C PHE CA 54 -79.39 -25.81 -9.92
N ALA CA 55 -79.79 -24.55 -9.92
CA ALA CA 55 -80.94 -24.11 -9.14
C ALA CA 55 -82.19 -24.23 -10.00
N GLN CA 56 -83.33 -23.85 -9.44
CA GLN CA 56 -84.59 -23.89 -10.18
C GLN CA 56 -85.00 -22.54 -10.73
N ASP CA 57 -84.39 -21.45 -10.26
CA ASP CA 57 -84.70 -20.12 -10.75
C ASP CA 57 -83.91 -19.75 -12.01
N GLU CA 58 -82.90 -20.54 -12.37
CA GLU CA 58 -82.10 -20.28 -13.56
C GLU CA 58 -82.35 -21.32 -14.65
N LEU CA 59 -83.48 -22.02 -14.60
CA LEU CA 59 -83.80 -23.08 -15.54
C LEU CA 59 -85.16 -22.79 -16.17
N VAL CA 60 -85.22 -22.77 -17.50
CA VAL CA 60 -86.46 -22.58 -18.24
C VAL CA 60 -86.67 -23.79 -19.13
N GLU CA 61 -87.75 -24.52 -18.89
CA GLU CA 61 -88.01 -25.74 -19.65
C GLU CA 61 -88.46 -25.41 -21.07
N VAL CA 62 -88.17 -26.33 -21.99
CA VAL CA 62 -88.55 -26.18 -23.38
C VAL CA 62 -89.66 -27.14 -23.80
N GLU CA 63 -89.85 -28.25 -23.07
CA GLU CA 63 -90.96 -29.18 -23.31
C GLU CA 63 -91.19 -30.05 -22.08
N ASN DA 25 -60.43 0.98 -72.24
CA ASN DA 25 -60.16 2.38 -71.97
C ASN DA 25 -58.72 2.57 -71.51
N THR DA 26 -58.25 1.64 -70.67
CA THR DA 26 -56.94 1.70 -70.05
C THR DA 26 -55.87 1.33 -71.09
N THR DA 27 -54.60 1.33 -70.70
CA THR DA 27 -53.50 0.95 -71.57
C THR DA 27 -53.38 -0.55 -71.79
N LEU DA 28 -54.32 -1.34 -71.26
CA LEU DA 28 -54.32 -2.79 -71.44
C LEU DA 28 -54.80 -3.10 -72.84
N VAL DA 29 -53.86 -3.08 -73.78
CA VAL DA 29 -54.08 -3.45 -75.16
C VAL DA 29 -54.36 -4.95 -75.21
N PRO DA 30 -55.22 -5.45 -76.11
CA PRO DA 30 -55.32 -6.91 -76.32
C PRO DA 30 -54.00 -7.51 -76.78
N CYS DA 31 -53.83 -8.81 -76.53
CA CYS DA 31 -52.57 -9.51 -76.81
C CYS DA 31 -52.40 -9.82 -78.29
N TYR DA 32 -53.37 -9.49 -79.12
CA TYR DA 32 -53.23 -9.56 -80.58
C TYR DA 32 -52.25 -8.54 -81.11
N LYS DA 33 -52.40 -7.27 -80.75
CA LYS DA 33 -51.54 -6.20 -81.23
C LYS DA 33 -50.62 -5.65 -80.14
N SER DA 34 -50.39 -6.41 -79.09
CA SER DA 34 -49.41 -6.00 -78.10
C SER DA 34 -48.01 -6.34 -78.58
N PRO DA 35 -47.11 -5.36 -78.69
CA PRO DA 35 -45.79 -5.64 -79.28
C PRO DA 35 -44.83 -6.39 -78.37
N ALA DA 36 -45.22 -6.73 -77.15
CA ALA DA 36 -44.36 -7.50 -76.25
C ALA DA 36 -44.86 -8.91 -76.01
N PHE DA 37 -46.07 -9.23 -76.46
CA PHE DA 37 -46.63 -10.58 -76.33
C PHE DA 37 -46.28 -11.46 -77.52
N VAL DA 38 -46.03 -10.86 -78.68
CA VAL DA 38 -45.77 -11.65 -79.88
C VAL DA 38 -44.38 -12.26 -79.83
N GLU DA 39 -43.48 -11.71 -78.98
CA GLU DA 39 -42.20 -12.35 -78.77
C GLU DA 39 -42.34 -13.59 -77.89
N ARG DA 40 -43.33 -13.61 -77.00
CA ARG DA 40 -43.59 -14.83 -76.23
C ARG DA 40 -44.16 -15.92 -77.12
N MET DA 41 -44.75 -15.55 -78.25
CA MET DA 41 -45.19 -16.54 -79.22
C MET DA 41 -44.15 -16.75 -80.32
N LYS DA 42 -43.15 -15.85 -80.43
CA LYS DA 42 -42.11 -16.02 -81.43
C LYS DA 42 -41.12 -17.12 -81.08
N ASN DA 43 -40.35 -16.93 -80.00
CA ASN DA 43 -39.42 -17.98 -79.56
C ASN DA 43 -40.01 -18.71 -78.35
N ALA DA 44 -40.47 -19.93 -78.58
CA ALA DA 44 -41.18 -20.68 -77.55
C ALA DA 44 -41.02 -22.17 -77.87
N PRO DA 45 -41.15 -23.04 -76.87
CA PRO DA 45 -41.25 -24.47 -77.14
C PRO DA 45 -42.64 -24.85 -77.65
N ASP DA 46 -42.91 -26.14 -77.81
CA ASP DA 46 -44.15 -26.54 -78.47
C ASP DA 46 -45.15 -27.24 -77.55
N SER DA 47 -44.66 -28.16 -76.71
CA SER DA 47 -45.30 -29.44 -76.41
C SER DA 47 -46.81 -29.46 -76.20
N TYR DA 48 -47.30 -28.88 -75.10
CA TYR DA 48 -48.74 -28.75 -74.90
C TYR DA 48 -49.05 -27.50 -74.09
N TYR DA 49 -48.02 -26.77 -73.70
CA TYR DA 49 -48.12 -25.77 -72.66
C TYR DA 49 -47.86 -24.36 -73.17
N THR DA 50 -47.27 -24.23 -74.35
CA THR DA 50 -46.90 -22.93 -74.91
C THR DA 50 -47.28 -22.84 -76.39
N THR DA 51 -48.21 -23.67 -76.85
CA THR DA 51 -48.75 -23.42 -78.19
C THR DA 51 -50.25 -23.16 -78.21
N LYS DA 52 -51.04 -24.13 -77.77
CA LYS DA 52 -52.48 -23.95 -77.81
C LYS DA 52 -52.99 -23.11 -76.63
N PRO DA 53 -52.51 -23.24 -75.40
CA PRO DA 53 -52.84 -22.22 -74.40
C PRO DA 53 -52.20 -20.86 -74.62
N LEU DA 54 -51.26 -20.67 -75.54
CA LEU DA 54 -50.74 -19.34 -75.79
C LEU DA 54 -51.51 -18.59 -76.87
N LYS DA 55 -52.07 -19.28 -77.86
CA LYS DA 55 -52.94 -18.62 -78.83
C LYS DA 55 -54.35 -18.44 -78.31
N ALA DA 56 -54.70 -19.09 -77.19
CA ALA DA 56 -55.96 -18.81 -76.53
C ALA DA 56 -55.86 -17.64 -75.56
N TYR DA 57 -54.63 -17.20 -75.24
CA TYR DA 57 -54.46 -16.01 -74.42
C TYR DA 57 -54.42 -14.74 -75.27
N SER DA 58 -54.62 -14.87 -76.58
CA SER DA 58 -54.47 -13.74 -77.49
C SER DA 58 -55.62 -12.75 -77.37
N GLN DA 59 -56.78 -13.22 -76.91
CA GLN DA 59 -57.94 -12.33 -76.76
C GLN DA 59 -58.00 -11.72 -75.37
N LEU DA 60 -56.89 -11.74 -74.65
CA LEU DA 60 -56.83 -11.25 -73.27
C LEU DA 60 -56.08 -9.93 -73.24
N LEU DA 61 -56.48 -9.05 -72.32
CA LEU DA 61 -55.84 -7.75 -72.19
C LEU DA 61 -54.50 -7.90 -71.53
N CYS DA 62 -53.46 -7.29 -72.10
CA CYS DA 62 -52.11 -7.38 -71.56
C CYS DA 62 -51.41 -6.05 -71.64
N GLY DA 63 -50.59 -5.76 -70.63
CA GLY DA 63 -49.95 -4.47 -70.48
C GLY DA 63 -48.76 -4.27 -71.40
N GLU DA 64 -47.79 -3.50 -70.92
CA GLU DA 64 -46.62 -3.14 -71.70
C GLU DA 64 -45.50 -4.18 -71.60
N ASP DA 65 -45.74 -5.30 -70.91
CA ASP DA 65 -44.75 -6.36 -70.81
C ASP DA 65 -45.26 -7.70 -71.32
N GLY DA 66 -46.42 -7.73 -71.96
CA GLY DA 66 -46.92 -8.95 -72.58
C GLY DA 66 -47.38 -10.02 -71.62
N LEU DA 67 -48.09 -9.64 -70.57
CA LEU DA 67 -48.62 -10.59 -69.61
C LEU DA 67 -50.12 -10.35 -69.47
N PRO DA 68 -50.96 -11.38 -69.68
CA PRO DA 68 -52.41 -11.15 -69.78
C PRO DA 68 -53.07 -10.75 -68.47
N ARG DA 69 -53.45 -9.48 -68.36
CA ARG DA 69 -54.05 -8.94 -67.16
C ARG DA 69 -55.53 -9.27 -67.09
N ILE DA 70 -56.12 -9.02 -65.92
CA ILE DA 70 -57.54 -9.25 -65.67
C ILE DA 70 -58.13 -7.93 -65.25
N ALA DA 71 -58.73 -7.21 -66.19
CA ALA DA 71 -59.38 -5.93 -65.90
C ALA DA 71 -60.88 -6.13 -65.77
N LEU DA 72 -61.55 -5.12 -65.25
CA LEU DA 72 -63.00 -5.13 -65.05
C LEU DA 72 -63.61 -3.96 -65.83
N ASP DA 73 -64.17 -4.27 -67.00
CA ASP DA 73 -64.85 -3.31 -67.85
C ASP DA 73 -66.36 -3.48 -67.68
N ARG DA 74 -67.14 -2.72 -68.45
CA ARG DA 74 -68.59 -2.74 -68.27
C ARG DA 74 -69.23 -3.95 -68.92
N LEU DA 75 -69.10 -4.06 -70.25
CA LEU DA 75 -69.82 -5.05 -71.02
C LEU DA 75 -68.93 -6.00 -71.80
N SER DA 76 -67.72 -5.58 -72.17
CA SER DA 76 -66.84 -6.45 -72.95
C SER DA 76 -66.32 -7.60 -72.10
N LEU DA 77 -66.22 -7.41 -70.79
CA LEU DA 77 -65.89 -8.47 -69.86
C LEU DA 77 -66.94 -8.54 -68.75
N ALA DA 78 -68.21 -8.44 -69.12
CA ALA DA 78 -69.30 -8.60 -68.15
C ALA DA 78 -69.47 -10.06 -67.77
N VAL DA 79 -69.78 -10.90 -68.77
CA VAL DA 79 -69.87 -12.34 -68.53
C VAL DA 79 -68.52 -13.02 -68.57
N ASP DA 80 -67.48 -12.35 -69.08
CA ASP DA 80 -66.15 -12.93 -69.06
C ASP DA 80 -65.56 -12.94 -67.66
N VAL DA 81 -66.07 -12.11 -66.76
CA VAL DA 81 -65.69 -12.17 -65.36
C VAL DA 81 -66.72 -12.92 -64.52
N ALA DA 82 -67.95 -13.09 -65.02
CA ALA DA 82 -69.03 -13.68 -64.26
C ALA DA 82 -69.13 -15.19 -64.39
N ILE DA 83 -68.40 -15.79 -65.33
CA ILE DA 83 -68.28 -17.25 -65.36
C ILE DA 83 -67.43 -17.76 -64.19
N PRO DA 84 -66.25 -17.19 -63.83
CA PRO DA 84 -65.58 -17.67 -62.61
C PRO DA 84 -66.34 -17.38 -61.32
N ILE DA 85 -67.26 -16.42 -61.29
CA ILE DA 85 -68.10 -16.25 -60.10
C ILE DA 85 -69.13 -17.36 -60.03
N ALA DA 86 -69.97 -17.47 -61.07
CA ALA DA 86 -71.13 -18.34 -61.01
C ALA DA 86 -70.77 -19.82 -61.09
N ILE DA 87 -69.66 -20.17 -61.72
CA ILE DA 87 -69.25 -21.56 -61.72
C ILE DA 87 -68.67 -21.95 -60.36
N PHE DA 88 -67.87 -21.08 -59.74
CA PHE DA 88 -67.30 -21.42 -58.43
C PHE DA 88 -68.36 -21.38 -57.35
N LEU DA 89 -69.10 -20.27 -57.24
CA LEU DA 89 -70.00 -20.05 -56.10
C LEU DA 89 -71.17 -21.01 -56.08
N TYR DA 90 -71.47 -21.67 -57.21
CA TYR DA 90 -72.40 -22.78 -57.18
C TYR DA 90 -71.79 -23.98 -56.46
N THR DA 91 -70.62 -24.45 -56.89
CA THR DA 91 -69.94 -25.55 -56.21
C THR DA 91 -69.03 -25.07 -55.08
N ALA DA 92 -69.24 -23.86 -54.57
CA ALA DA 92 -68.84 -23.53 -53.22
C ALA DA 92 -69.97 -23.79 -52.24
N GLY DA 93 -71.19 -23.40 -52.62
CA GLY DA 93 -72.39 -23.71 -51.89
C GLY DA 93 -73.00 -25.05 -52.24
N PHE DA 94 -72.30 -25.88 -53.00
CA PHE DA 94 -72.67 -27.28 -53.17
C PHE DA 94 -71.92 -28.18 -52.21
N ILE DA 95 -70.67 -27.84 -51.89
CA ILE DA 95 -69.96 -28.51 -50.82
C ILE DA 95 -70.54 -28.10 -49.47
N GLY DA 96 -70.90 -26.82 -49.33
CA GLY DA 96 -71.39 -26.34 -48.05
C GLY DA 96 -72.82 -26.78 -47.74
N TRP DA 97 -73.66 -26.89 -48.77
CA TRP DA 97 -75.04 -27.29 -48.51
C TRP DA 97 -75.17 -28.80 -48.32
N SER DA 98 -74.33 -29.59 -48.97
CA SER DA 98 -74.36 -31.02 -48.70
C SER DA 98 -73.70 -31.38 -47.39
N GLY DA 99 -72.85 -30.50 -46.87
CA GLY DA 99 -72.26 -30.71 -45.57
C GLY DA 99 -73.16 -30.20 -44.47
N ARG DA 100 -73.99 -29.20 -44.78
CA ARG DA 100 -74.95 -28.72 -43.81
C ARG DA 100 -76.15 -29.65 -43.71
N SER DA 101 -76.66 -30.13 -44.85
CA SER DA 101 -77.80 -31.03 -44.83
C SER DA 101 -77.42 -32.45 -44.41
N TYR DA 102 -76.13 -32.78 -44.33
CA TYR DA 102 -75.74 -34.05 -43.75
C TYR DA 102 -75.65 -33.96 -42.24
N LEU DA 103 -75.15 -32.84 -41.71
CA LEU DA 103 -75.07 -32.68 -40.27
C LEU DA 103 -76.45 -32.50 -39.65
N GLN DA 104 -77.41 -31.97 -40.41
CA GLN DA 104 -78.78 -31.89 -39.92
C GLN DA 104 -79.52 -33.21 -40.08
N ALA DA 105 -79.09 -34.07 -41.01
CA ALA DA 105 -79.73 -35.36 -41.15
C ALA DA 105 -79.35 -36.28 -40.00
N ILE DA 106 -78.08 -36.28 -39.61
CA ILE DA 106 -77.61 -37.18 -38.57
C ILE DA 106 -77.89 -36.69 -37.16
N LYS DA 107 -78.43 -35.49 -37.00
CA LYS DA 107 -78.83 -35.03 -35.68
C LYS DA 107 -80.31 -35.29 -35.40
N LYS DA 108 -81.12 -35.50 -36.43
CA LYS DA 108 -82.47 -35.99 -36.22
C LYS DA 108 -82.51 -37.49 -36.04
N GLN DA 109 -81.44 -38.20 -36.37
CA GLN DA 109 -81.34 -39.62 -36.08
C GLN DA 109 -80.78 -39.91 -34.70
N ASP DA 110 -80.39 -38.86 -33.96
CA ASP DA 110 -79.88 -38.94 -32.58
C ASP DA 110 -78.65 -39.84 -32.47
N LYS DA 111 -77.78 -39.80 -33.48
CA LYS DA 111 -76.56 -40.59 -33.47
C LYS DA 111 -75.38 -39.82 -34.06
N ALA DA 112 -75.41 -38.49 -33.93
CA ALA DA 112 -74.44 -37.60 -34.56
C ALA DA 112 -73.03 -37.71 -34.01
N GLU DA 113 -72.85 -38.28 -32.82
CA GLU DA 113 -71.50 -38.43 -32.27
C GLU DA 113 -70.70 -39.45 -33.06
N GLU DA 114 -71.37 -40.50 -33.54
CA GLU DA 114 -70.70 -41.60 -34.21
C GLU DA 114 -70.88 -41.59 -35.72
N LYS DA 115 -71.79 -40.80 -36.25
CA LYS DA 115 -71.96 -40.72 -37.70
C LYS DA 115 -71.04 -39.69 -38.35
N GLU DA 116 -70.32 -38.88 -37.56
CA GLU DA 116 -69.39 -37.91 -38.10
C GLU DA 116 -68.01 -38.50 -38.34
N VAL DA 117 -67.65 -39.54 -37.60
CA VAL DA 117 -66.42 -40.28 -37.86
C VAL DA 117 -66.63 -41.33 -38.93
N PHE DA 118 -67.68 -42.12 -38.82
CA PHE DA 118 -68.01 -43.13 -39.82
C PHE DA 118 -69.09 -42.55 -40.72
N ILE DA 119 -68.66 -42.02 -41.86
CA ILE DA 119 -69.54 -41.27 -42.76
C ILE DA 119 -70.52 -42.23 -43.41
N ASP DA 120 -71.82 -41.98 -43.22
CA ASP DA 120 -72.86 -42.83 -43.78
C ASP DA 120 -73.08 -42.39 -45.21
N VAL DA 121 -72.28 -42.94 -46.12
CA VAL DA 121 -72.29 -42.60 -47.54
C VAL DA 121 -73.58 -42.86 -48.32
N PRO DA 122 -74.52 -43.76 -47.94
CA PRO DA 122 -75.83 -43.69 -48.59
C PRO DA 122 -76.64 -42.45 -48.27
N LEU DA 123 -76.36 -41.79 -47.15
CA LEU DA 123 -77.09 -40.56 -46.81
C LEU DA 123 -76.35 -39.33 -47.30
N PHE DA 124 -75.01 -39.35 -47.28
CA PHE DA 124 -74.23 -38.20 -47.74
C PHE DA 124 -74.36 -37.98 -49.23
N ILE DA 125 -74.56 -39.05 -50.00
CA ILE DA 125 -74.88 -38.91 -51.42
C ILE DA 125 -76.33 -38.47 -51.59
N SER DA 126 -77.22 -38.92 -50.72
CA SER DA 126 -78.61 -38.47 -50.76
C SER DA 126 -78.75 -37.00 -50.38
N CYS DA 127 -77.86 -36.51 -49.51
CA CYS DA 127 -77.81 -35.10 -49.17
C CYS DA 127 -76.94 -34.30 -50.11
N MET DA 128 -76.26 -34.96 -51.05
CA MET DA 128 -75.52 -34.28 -52.11
C MET DA 128 -76.41 -33.96 -53.30
N VAL DA 129 -77.28 -34.89 -53.70
CA VAL DA 129 -78.21 -34.64 -54.80
C VAL DA 129 -79.40 -33.81 -54.38
N MET DA 130 -79.57 -33.55 -53.07
CA MET DA 130 -80.51 -32.54 -52.63
C MET DA 130 -79.89 -31.15 -52.64
N ALA DA 131 -78.56 -31.06 -52.70
CA ALA DA 131 -77.84 -29.80 -52.76
C ALA DA 131 -77.47 -29.39 -54.18
N LEU DA 132 -77.88 -30.18 -55.19
CA LEU DA 132 -77.62 -29.80 -56.57
C LEU DA 132 -78.48 -28.63 -57.02
N PHE DA 133 -79.62 -28.40 -56.37
CA PHE DA 133 -80.48 -27.25 -56.61
C PHE DA 133 -80.57 -26.39 -55.37
N TRP DA 134 -79.44 -26.16 -54.71
CA TRP DA 134 -79.38 -25.37 -53.49
C TRP DA 134 -79.73 -23.87 -53.59
N PRO DA 135 -79.56 -23.13 -54.71
CA PRO DA 135 -80.02 -21.74 -54.68
C PRO DA 135 -81.53 -21.60 -54.59
N MET DA 136 -82.28 -22.56 -55.14
CA MET DA 136 -83.73 -22.62 -54.95
C MET DA 136 -84.12 -23.48 -53.77
N ALA DA 137 -83.22 -23.67 -52.81
CA ALA DA 137 -83.51 -24.44 -51.60
C ALA DA 137 -83.08 -23.64 -50.37
N VAL DA 138 -82.11 -22.74 -50.54
CA VAL DA 138 -81.74 -21.84 -49.46
C VAL DA 138 -82.84 -20.80 -49.24
N ILE DA 139 -83.34 -20.20 -50.31
CA ILE DA 139 -84.38 -19.20 -50.21
C ILE DA 139 -85.74 -19.79 -49.85
N LYS DA 140 -85.90 -21.10 -49.92
CA LYS DA 140 -87.08 -21.73 -49.32
C LYS DA 140 -86.95 -21.85 -47.81
N GLU DA 141 -85.74 -21.68 -47.26
CA GLU DA 141 -85.53 -21.65 -45.82
C GLU DA 141 -85.25 -20.26 -45.28
N LEU DA 142 -84.93 -19.30 -46.14
CA LEU DA 142 -84.82 -17.92 -45.68
C LEU DA 142 -86.19 -17.31 -45.43
N LEU DA 143 -87.13 -17.48 -46.37
CA LEU DA 143 -88.47 -16.96 -46.17
C LEU DA 143 -89.26 -17.78 -45.16
N ALA DA 144 -88.87 -19.03 -44.92
CA ALA DA 144 -89.46 -19.82 -43.86
C ALA DA 144 -88.74 -19.65 -42.53
N GLY DA 145 -87.64 -18.90 -42.50
CA GLY DA 145 -86.96 -18.59 -41.26
C GLY DA 145 -86.22 -19.74 -40.63
N GLU DA 146 -85.82 -20.74 -41.42
CA GLU DA 146 -85.17 -21.93 -40.89
C GLU DA 146 -83.70 -22.03 -41.25
N LEU DA 147 -83.13 -21.02 -41.91
CA LEU DA 147 -81.70 -21.06 -42.21
C LEU DA 147 -80.88 -20.71 -40.98
N VAL DA 148 -81.29 -19.69 -40.25
CA VAL DA 148 -80.55 -19.23 -39.10
C VAL DA 148 -81.19 -19.77 -37.83
N ALA DA 149 -80.39 -19.91 -36.78
CA ALA DA 149 -80.88 -20.23 -35.46
C ALA DA 149 -81.09 -18.94 -34.69
N LYS DA 150 -82.12 -18.90 -33.85
CA LYS DA 150 -82.45 -17.66 -33.17
C LYS DA 150 -81.53 -17.47 -31.97
N ASP DA 151 -81.30 -16.20 -31.62
CA ASP DA 151 -80.21 -15.82 -30.73
C ASP DA 151 -80.34 -16.35 -29.31
N GLU DA 152 -81.54 -16.72 -28.88
CA GLU DA 152 -81.75 -17.26 -27.55
C GLU DA 152 -81.66 -18.79 -27.51
N GLU DA 153 -81.20 -19.42 -28.59
CA GLU DA 153 -80.96 -20.85 -28.61
C GLU DA 153 -79.52 -21.19 -28.95
N ILE DA 154 -78.63 -20.21 -28.99
CA ILE DA 154 -77.23 -20.39 -29.37
C ILE DA 154 -76.39 -20.16 -28.12
N PRO DA 155 -75.44 -21.05 -27.80
CA PRO DA 155 -74.59 -20.83 -26.62
C PRO DA 155 -73.65 -19.65 -26.80
N ILE DA 156 -73.57 -18.82 -25.77
CA ILE DA 156 -72.73 -17.63 -25.76
C ILE DA 156 -71.94 -17.60 -24.46
N SER DA 157 -71.21 -16.52 -24.24
CA SER DA 157 -70.42 -16.33 -23.04
C SER DA 157 -71.08 -15.28 -22.14
N VAL DA 158 -70.39 -14.94 -21.05
CA VAL DA 158 -70.87 -13.89 -20.16
C VAL DA 158 -70.57 -12.53 -20.82
N ARG DA 159 -71.63 -11.88 -21.31
CA ARG DA 159 -71.48 -10.69 -22.13
C ARG DA 159 -72.32 -9.53 -21.61
N MET EA 5 -6.93 9.17 -41.49
CA MET EA 5 -5.98 9.36 -40.40
C MET EA 5 -5.90 8.11 -39.54
N THR EA 6 -4.97 8.10 -38.59
CA THR EA 6 -4.77 6.98 -37.69
C THR EA 6 -5.20 7.28 -36.26
N GLN EA 7 -5.91 8.38 -36.05
CA GLN EA 7 -6.20 8.86 -34.71
C GLN EA 7 -7.56 9.52 -34.70
N LEU EA 8 -8.21 9.52 -33.54
CA LEU EA 8 -9.49 10.20 -33.37
C LEU EA 8 -9.22 11.65 -33.03
N THR EA 9 -9.45 12.53 -33.99
CA THR EA 9 -9.31 13.95 -33.78
C THR EA 9 -10.67 14.60 -33.77
N GLY EA 10 -10.69 15.91 -33.61
CA GLY EA 10 -11.91 16.66 -33.77
C GLY EA 10 -11.67 18.03 -34.35
N ASP EA 11 -12.32 18.34 -35.47
CA ASP EA 11 -12.25 19.69 -36.00
C ASP EA 11 -13.16 20.65 -35.27
N TYR EA 12 -14.17 20.14 -34.59
CA TYR EA 12 -15.15 20.96 -33.90
C TYR EA 12 -14.53 21.62 -32.68
N ALA EA 13 -15.24 22.59 -32.13
CA ALA EA 13 -14.80 23.32 -30.96
C ALA EA 13 -14.85 22.43 -29.73
N ALA EA 14 -13.88 22.65 -28.84
CA ALA EA 14 -13.67 21.86 -27.62
C ALA EA 14 -13.56 20.37 -27.94
N SER EA 15 -12.60 20.04 -28.80
CA SER EA 15 -12.40 18.66 -29.22
C SER EA 15 -11.76 17.79 -28.15
N TRP EA 16 -11.28 18.39 -27.06
CA TRP EA 16 -10.83 17.65 -25.89
C TRP EA 16 -11.99 17.10 -25.07
N LEU EA 17 -13.20 17.58 -25.32
CA LEU EA 17 -14.34 17.25 -24.49
C LEU EA 17 -14.92 15.87 -24.76
N PRO EA 18 -15.01 15.35 -26.00
CA PRO EA 18 -15.30 13.91 -26.13
C PRO EA 18 -14.18 13.01 -25.66
N TRP EA 19 -12.96 13.52 -25.52
CA TRP EA 19 -11.84 12.70 -25.04
C TRP EA 19 -12.04 12.28 -23.61
N ILE EA 20 -12.75 13.06 -22.81
CA ILE EA 20 -12.99 12.74 -21.43
C ILE EA 20 -14.45 12.37 -21.16
N MET EA 21 -15.41 12.86 -21.94
CA MET EA 21 -16.81 12.58 -21.66
C MET EA 21 -17.23 11.20 -22.15
N ILE EA 22 -16.55 10.63 -23.12
CA ILE EA 22 -16.86 9.29 -23.60
C ILE EA 22 -16.30 8.23 -22.64
N PRO EA 23 -15.07 8.32 -22.09
CA PRO EA 23 -14.73 7.41 -21.00
C PRO EA 23 -15.50 7.64 -19.72
N LEU EA 24 -15.99 8.85 -19.49
CA LEU EA 24 -16.67 9.13 -18.22
C LEU EA 24 -18.02 8.43 -18.18
N VAL EA 25 -18.93 8.78 -19.09
CA VAL EA 25 -20.30 8.29 -19.00
C VAL EA 25 -20.47 6.85 -19.44
N PHE EA 26 -19.42 6.20 -19.93
CA PHE EA 26 -19.58 4.86 -20.48
C PHE EA 26 -18.83 3.78 -19.74
N TYR EA 27 -17.66 4.05 -19.17
CA TYR EA 27 -17.04 3.01 -18.36
C TYR EA 27 -16.41 3.46 -17.06
N ILE EA 28 -16.38 4.75 -16.76
CA ILE EA 28 -15.85 5.24 -15.49
C ILE EA 28 -16.96 5.57 -14.51
N LEU EA 29 -17.94 6.36 -14.93
CA LEU EA 29 -19.11 6.66 -14.10
C LEU EA 29 -20.18 5.58 -13.91
N PRO EA 30 -20.51 4.68 -14.87
CA PRO EA 30 -21.62 3.76 -14.61
C PRO EA 30 -21.41 2.75 -13.50
N PHE EA 31 -20.18 2.36 -13.18
CA PHE EA 31 -20.05 1.41 -12.09
C PHE EA 31 -20.23 2.09 -10.73
N PRO EA 32 -19.82 3.36 -10.53
CA PRO EA 32 -20.44 4.14 -9.46
C PRO EA 32 -21.94 4.27 -9.57
N VAL EA 33 -22.48 4.46 -10.76
CA VAL EA 33 -23.93 4.67 -10.90
C VAL EA 33 -24.68 3.38 -10.61
N PHE EA 34 -24.16 2.24 -11.10
CA PHE EA 34 -24.77 0.95 -10.77
C PHE EA 34 -24.56 0.55 -9.33
N ALA EA 35 -23.64 1.20 -8.60
CA ALA EA 35 -23.54 0.97 -7.18
C ALA EA 35 -24.61 1.76 -6.42
N ILE EA 36 -24.80 3.02 -6.77
CA ILE EA 36 -25.83 3.84 -6.14
C ILE EA 36 -27.21 3.33 -6.50
N LEU EA 37 -27.39 2.86 -7.73
CA LEU EA 37 -28.66 2.29 -8.15
C LEU EA 37 -28.90 0.90 -7.60
N PHE EA 38 -27.92 0.31 -6.93
CA PHE EA 38 -28.07 -0.97 -6.25
C PHE EA 38 -28.29 -0.80 -4.75
N LEU EA 39 -27.90 0.34 -4.20
CA LEU EA 39 -28.01 0.57 -2.77
C LEU EA 39 -29.38 1.05 -2.33
N TRP EA 40 -30.25 1.42 -3.26
CA TRP EA 40 -31.63 1.70 -2.90
C TRP EA 40 -32.59 0.62 -3.38
N ILE EA 41 -32.17 -0.19 -4.35
CA ILE EA 41 -32.96 -1.36 -4.73
C ILE EA 41 -32.94 -2.39 -3.60
N GLN EA 42 -31.77 -2.60 -3.01
CA GLN EA 42 -31.62 -3.58 -1.93
C GLN EA 42 -31.52 -2.93 -0.57
N LYS EA 43 -32.25 -1.85 -0.34
CA LYS EA 43 -32.23 -1.16 0.95
C LYS EA 43 -33.42 -1.59 1.79
N GLU EA 44 -33.17 -1.91 3.04
CA GLU EA 44 -34.19 -2.48 3.92
C GLU EA 44 -35.05 -1.43 4.59
N ALA EA 45 -36.31 -1.78 4.81
CA ALA EA 45 -37.23 -0.96 5.57
C ALA EA 45 -37.34 -1.50 6.99
N SER EA 46 -37.66 -0.59 7.92
CA SER EA 46 -37.79 -0.98 9.31
C SER EA 46 -39.10 -0.46 9.91
N GLU FA 2 -64.72 -61.14 -40.74
CA GLU FA 2 -65.99 -60.85 -41.38
C GLU FA 2 -65.86 -59.67 -42.34
N ALA FA 3 -66.27 -59.87 -43.59
CA ALA FA 3 -66.16 -58.84 -44.62
C ALA FA 3 -67.31 -57.84 -44.59
N ARG FA 4 -68.22 -57.94 -43.62
CA ARG FA 4 -69.27 -56.95 -43.46
C ARG FA 4 -68.88 -55.83 -42.50
N TYR FA 5 -67.79 -56.01 -41.75
CA TYR FA 5 -67.18 -54.95 -40.97
C TYR FA 5 -66.02 -54.29 -41.71
N LEU FA 6 -65.70 -54.76 -42.91
CA LEU FA 6 -64.61 -54.17 -43.67
C LEU FA 6 -65.05 -52.86 -44.31
N PHE FA 7 -66.18 -52.87 -45.03
CA PHE FA 7 -66.64 -51.64 -45.66
C PHE FA 7 -67.32 -50.69 -44.67
N ARG FA 8 -67.54 -51.14 -43.44
CA ARG FA 8 -67.92 -50.25 -42.35
C ARG FA 8 -66.70 -49.57 -41.75
N TYR FA 9 -65.50 -50.01 -42.12
CA TYR FA 9 -64.26 -49.29 -41.84
C TYR FA 9 -63.85 -48.38 -42.99
N LEU FA 10 -64.14 -48.76 -44.23
CA LEU FA 10 -63.82 -47.92 -45.38
C LEU FA 10 -64.78 -46.74 -45.52
N SER FA 11 -65.79 -46.62 -44.67
CA SER FA 11 -66.64 -45.44 -44.62
C SER FA 11 -66.28 -44.53 -43.45
N SER FA 12 -65.11 -44.73 -42.84
CA SER FA 12 -64.68 -43.89 -41.73
C SER FA 12 -64.11 -42.57 -42.26
N ALA FA 13 -63.58 -41.75 -41.35
CA ALA FA 13 -63.18 -40.40 -41.73
C ALA FA 13 -61.92 -40.32 -42.58
N PRO FA 14 -60.77 -40.93 -42.22
CA PRO FA 14 -59.60 -40.77 -43.09
C PRO FA 14 -59.69 -41.53 -44.39
N VAL FA 15 -60.56 -42.53 -44.49
CA VAL FA 15 -60.68 -43.27 -45.73
C VAL FA 15 -61.46 -42.47 -46.75
N VAL FA 16 -62.65 -41.99 -46.38
CA VAL FA 16 -63.45 -41.23 -47.34
C VAL FA 16 -62.94 -39.80 -47.54
N ALA FA 17 -61.97 -39.35 -46.74
CA ALA FA 17 -61.28 -38.09 -46.98
C ALA FA 17 -59.88 -38.29 -47.49
N THR FA 18 -59.50 -39.52 -47.86
CA THR FA 18 -58.39 -39.75 -48.76
C THR FA 18 -58.84 -40.23 -50.13
N LEU FA 19 -60.06 -40.75 -50.24
CA LEU FA 19 -60.71 -40.90 -51.53
C LEU FA 19 -61.47 -39.65 -51.93
N ALA FA 20 -61.49 -38.62 -51.08
CA ALA FA 20 -61.91 -37.29 -51.48
C ALA FA 20 -60.74 -36.45 -51.96
N LEU FA 21 -59.62 -37.08 -52.27
CA LEU FA 21 -58.50 -36.44 -52.94
C LEU FA 21 -58.10 -37.17 -54.22
N ILE FA 22 -58.40 -38.46 -54.32
CA ILE FA 22 -58.21 -39.18 -55.58
C ILE FA 22 -59.42 -38.97 -56.49
N ILE FA 23 -60.57 -38.62 -55.91
CA ILE FA 23 -61.67 -38.13 -56.74
C ILE FA 23 -61.41 -36.68 -57.15
N ILE FA 24 -60.51 -35.99 -56.46
CA ILE FA 24 -60.07 -34.66 -56.87
C ILE FA 24 -58.73 -34.84 -57.59
N SER FA 25 -58.54 -36.03 -58.18
CA SER FA 25 -57.66 -36.19 -59.33
C SER FA 25 -58.43 -36.09 -60.64
N VAL FA 26 -59.65 -35.55 -60.60
CA VAL FA 26 -60.30 -35.14 -61.83
C VAL FA 26 -59.85 -33.74 -62.20
N ILE FA 27 -59.13 -33.06 -61.32
CA ILE FA 27 -58.43 -31.85 -61.73
C ILE FA 27 -57.14 -32.20 -62.44
N LEU FA 28 -56.71 -33.45 -62.33
CA LEU FA 28 -55.61 -33.92 -63.16
C LEU FA 28 -56.08 -34.19 -64.58
N ILE FA 29 -57.28 -34.74 -64.73
CA ILE FA 29 -57.77 -35.04 -66.07
C ILE FA 29 -58.38 -33.80 -66.72
N VAL FA 30 -58.89 -32.84 -65.96
CA VAL FA 30 -59.43 -31.63 -66.55
C VAL FA 30 -58.31 -30.62 -66.83
N LEU FA 31 -57.09 -30.91 -66.38
CA LEU FA 31 -55.92 -30.15 -66.79
C LEU FA 31 -54.91 -30.99 -67.56
N ASN FA 32 -55.33 -32.12 -68.15
CA ASN FA 32 -54.49 -32.90 -69.04
C ASN FA 32 -54.90 -32.70 -70.50
N TYR FA 33 -56.17 -32.91 -70.83
CA TYR FA 33 -56.63 -32.77 -72.20
C TYR FA 33 -57.37 -31.46 -72.46
N LEU FA 34 -57.41 -30.55 -71.50
CA LEU FA 34 -57.98 -29.23 -71.74
C LEU FA 34 -56.91 -28.17 -71.92
N PHE FA 35 -55.83 -28.53 -72.66
CA PHE FA 35 -54.64 -27.79 -73.05
C PHE FA 35 -54.11 -26.93 -71.91
N PRO FA 36 -53.56 -27.57 -70.86
CA PRO FA 36 -53.75 -27.12 -69.46
C PRO FA 36 -53.94 -25.64 -69.15
N GLY FA 37 -53.20 -24.76 -69.82
CA GLY FA 37 -53.37 -23.33 -69.65
C GLY FA 37 -54.79 -22.83 -69.86
N LEU FA 38 -55.43 -22.48 -68.76
CA LEU FA 38 -56.83 -22.10 -68.70
C LEU FA 38 -56.93 -20.91 -67.75
N GLN FA 39 -56.78 -19.71 -68.30
CA GLN FA 39 -56.80 -18.52 -67.48
C GLN FA 39 -58.22 -18.11 -67.18
N TYR FA 40 -58.37 -16.96 -66.51
CA TYR FA 40 -59.68 -16.59 -65.99
C TYR FA 40 -60.55 -15.95 -67.08
N GLY FA 41 -59.98 -15.67 -68.24
CA GLY FA 41 -60.79 -15.23 -69.35
C GLY FA 41 -60.92 -16.24 -70.47
N THR FA 42 -60.28 -17.40 -70.36
CA THR FA 42 -60.10 -18.31 -71.48
C THR FA 42 -60.89 -19.60 -71.28
N PHE FA 43 -62.01 -19.53 -70.56
CA PHE FA 43 -62.91 -20.67 -70.49
C PHE FA 43 -64.33 -20.17 -70.39
N PHE FA 44 -65.26 -20.90 -71.00
CA PHE FA 44 -66.66 -20.49 -71.05
C PHE FA 44 -67.58 -21.61 -70.58
N UNK GA 1 0.96 -80.22 -38.26
CA UNK GA 1 1.43 -78.86 -38.05
C UNK GA 1 1.07 -78.35 -36.66
N UNK GA 2 -0.12 -77.76 -36.54
CA UNK GA 2 -0.57 -77.11 -35.31
C UNK GA 2 -1.49 -78.01 -34.49
N UNK GA 3 -1.24 -79.32 -34.49
CA UNK GA 3 -2.01 -80.21 -33.62
C UNK GA 3 -1.58 -80.11 -32.17
N UNK GA 4 -0.36 -79.62 -31.90
CA UNK GA 4 0.08 -79.41 -30.53
C UNK GA 4 -0.53 -78.15 -29.93
N UNK GA 5 -1.06 -77.24 -30.75
CA UNK GA 5 -1.75 -76.08 -30.21
C UNK GA 5 -3.09 -76.46 -29.60
N UNK GA 6 -3.80 -77.38 -30.24
CA UNK GA 6 -5.04 -77.92 -29.66
C UNK GA 6 -4.76 -78.93 -28.56
N UNK GA 7 -3.57 -79.53 -28.53
CA UNK GA 7 -3.20 -80.41 -27.43
C UNK GA 7 -2.81 -79.62 -26.19
N UNK GA 8 -2.31 -78.39 -26.37
CA UNK GA 8 -2.02 -77.49 -25.26
C UNK GA 8 -3.25 -76.69 -24.82
N UNK GA 9 -4.39 -76.88 -25.49
CA UNK GA 9 -5.63 -76.24 -25.11
C UNK GA 9 -6.64 -77.20 -24.49
N UNK GA 10 -6.67 -78.45 -24.94
CA UNK GA 10 -7.53 -79.45 -24.32
C UNK GA 10 -7.05 -79.83 -22.92
N UNK GA 11 -5.76 -79.67 -22.65
CA UNK GA 11 -5.20 -79.95 -21.33
C UNK GA 11 -5.18 -78.73 -20.43
N UNK GA 12 -5.45 -77.54 -20.96
CA UNK GA 12 -5.39 -76.32 -20.18
C UNK GA 12 -6.74 -75.61 -20.05
N UNK GA 13 -7.52 -75.54 -21.12
CA UNK GA 13 -8.80 -74.86 -21.10
C UNK GA 13 -9.96 -75.77 -20.73
N UNK GA 14 -9.67 -76.96 -20.20
CA UNK GA 14 -10.69 -77.85 -19.68
C UNK GA 14 -11.00 -77.58 -18.22
N UNK GA 15 -10.38 -76.57 -17.62
CA UNK GA 15 -10.60 -76.18 -16.23
C UNK GA 15 -11.20 -74.79 -16.14
N UNK GA 16 -12.18 -74.51 -17.00
CA UNK GA 16 -12.88 -73.23 -17.01
C UNK GA 16 -14.31 -73.41 -17.47
N VAL GA 17 -16.84 -79.72 -27.04
CA VAL GA 17 -15.52 -79.22 -26.68
C VAL GA 17 -15.20 -77.96 -27.46
N ALA GA 18 -14.85 -76.90 -26.73
CA ALA GA 18 -14.41 -75.65 -27.35
C ALA GA 18 -12.90 -75.46 -27.33
N ALA GA 19 -12.17 -76.32 -26.62
CA ALA GA 19 -10.72 -76.19 -26.59
C ALA GA 19 -10.09 -76.61 -27.90
N MET GA 20 -10.75 -77.47 -28.66
CA MET GA 20 -10.34 -77.70 -30.04
C MET GA 20 -10.62 -76.47 -30.89
N ALA GA 21 -11.75 -75.79 -30.63
CA ALA GA 21 -12.11 -74.60 -31.38
C ALA GA 21 -11.22 -73.42 -31.03
N PHE GA 22 -10.74 -73.35 -29.78
CA PHE GA 22 -9.69 -72.38 -29.45
C PHE GA 22 -8.35 -72.79 -30.05
N GLY GA 23 -8.10 -74.09 -30.18
CA GLY GA 23 -6.82 -74.60 -30.66
C GLY GA 23 -6.49 -74.23 -32.08
N HIS GA 24 -7.49 -73.81 -32.87
CA HIS GA 24 -7.20 -73.25 -34.18
C HIS GA 24 -7.01 -71.74 -34.12
N VAL GA 25 -7.79 -71.05 -33.28
CA VAL GA 25 -7.67 -69.59 -33.16
C VAL GA 25 -6.32 -69.21 -32.54
N ILE GA 26 -5.79 -70.03 -31.63
CA ILE GA 26 -4.41 -69.82 -31.22
C ILE GA 26 -3.45 -70.40 -32.27
N GLY GA 27 -3.89 -71.43 -33.01
CA GLY GA 27 -3.04 -72.11 -33.96
C GLY GA 27 -2.83 -71.37 -35.27
N VAL GA 28 -3.93 -70.86 -35.86
CA VAL GA 28 -3.81 -70.13 -37.12
C VAL GA 28 -3.14 -68.78 -36.90
N ALA GA 29 -3.39 -68.15 -35.75
CA ALA GA 29 -2.84 -66.82 -35.49
C ALA GA 29 -1.35 -66.85 -35.19
N ILE GA 30 -0.78 -68.01 -34.86
CA ILE GA 30 0.65 -68.09 -34.55
C ILE GA 30 1.48 -68.58 -35.74
N VAL GA 31 0.89 -69.35 -36.65
CA VAL GA 31 1.65 -69.82 -37.81
C VAL GA 31 1.55 -68.81 -38.97
N LEU GA 32 0.47 -68.04 -39.03
CA LEU GA 32 0.34 -67.00 -40.04
C LEU GA 32 0.97 -65.68 -39.62
N GLY GA 33 1.52 -65.59 -38.42
CA GLY GA 33 2.19 -64.37 -38.01
C GLY GA 33 3.64 -64.38 -38.46
N LEU GA 34 3.91 -63.73 -39.59
CA LEU GA 34 5.23 -63.74 -40.19
C LEU GA 34 5.75 -62.31 -40.36
N ILE HA 12 -14.51 -44.01 -0.90
CA ILE HA 12 -15.94 -44.19 -0.69
C ILE HA 12 -16.54 -42.81 -0.45
N ILE HA 13 -17.83 -42.67 -0.70
CA ILE HA 13 -18.54 -41.40 -0.58
C ILE HA 13 -19.65 -41.60 0.44
N LYS HA 14 -19.47 -41.02 1.61
CA LYS HA 14 -20.44 -41.06 2.69
C LYS HA 14 -21.22 -39.75 2.71
N PRO HA 15 -22.34 -39.68 3.45
CA PRO HA 15 -23.08 -38.42 3.54
C PRO HA 15 -22.29 -37.30 4.21
N PHE HA 16 -22.78 -36.09 4.03
CA PHE HA 16 -22.07 -34.88 4.41
C PHE HA 16 -22.12 -34.70 5.92
N LYS HA 17 -20.94 -34.74 6.56
CA LYS HA 17 -20.69 -34.78 8.01
C LYS HA 17 -21.66 -35.66 8.80
N GLY HA 18 -21.95 -36.85 8.27
CA GLY HA 18 -22.80 -37.79 8.96
C GLY HA 18 -24.29 -37.55 8.83
N ASP HA 19 -24.70 -36.47 8.17
CA ASP HA 19 -26.11 -36.17 8.02
C ASP HA 19 -26.57 -36.61 6.64
N PRO HA 20 -27.39 -37.66 6.52
CA PRO HA 20 -27.89 -38.05 5.20
C PRO HA 20 -28.95 -37.11 4.65
N CYS HA 21 -29.50 -36.22 5.47
CA CYS HA 21 -30.52 -35.29 5.03
C CYS HA 21 -29.95 -34.01 4.42
N LEU HA 22 -28.68 -33.71 4.66
CA LEU HA 22 -28.06 -32.53 4.09
C LEU HA 22 -27.74 -32.76 2.62
N GLY HA 23 -27.76 -31.68 1.84
CA GLY HA 23 -27.66 -31.78 0.41
C GLY HA 23 -26.24 -31.67 -0.12
N ASN HA 24 -25.35 -32.53 0.37
CA ASN HA 24 -23.99 -32.62 -0.15
C ASN HA 24 -23.47 -34.01 0.18
N LEU HA 25 -22.28 -34.32 -0.35
CA LEU HA 25 -21.67 -35.62 -0.17
C LEU HA 25 -20.23 -35.43 0.31
N SER HA 26 -19.77 -36.40 1.11
CA SER HA 26 -18.45 -36.34 1.72
C SER HA 26 -17.46 -37.15 0.88
N THR HA 27 -17.23 -36.67 -0.25
CA THR HA 27 -16.55 -37.03 -1.48
C THR HA 27 -15.04 -36.79 -1.35
N PRO HA 28 -14.19 -37.58 -2.05
CA PRO HA 28 -12.75 -37.30 -2.11
C PRO HA 28 -12.29 -35.91 -2.56
N ILE HA 29 -13.16 -35.05 -3.06
CA ILE HA 29 -12.73 -33.72 -3.46
C ILE HA 29 -12.93 -32.71 -2.34
N ASN HA 30 -14.09 -32.70 -1.70
CA ASN HA 30 -14.32 -31.73 -0.64
C ASN HA 30 -13.91 -32.23 0.74
N ASP HA 31 -13.87 -33.54 0.97
CA ASP HA 31 -13.57 -34.12 2.27
C ASP HA 31 -12.44 -35.13 2.18
N SER HA 32 -11.35 -34.72 1.53
CA SER HA 32 -10.11 -35.50 1.46
C SER HA 32 -9.30 -35.16 2.71
N PRO HA 33 -8.15 -35.77 2.94
CA PRO HA 33 -7.18 -35.13 3.84
C PRO HA 33 -6.39 -34.02 3.15
N LEU HA 34 -6.09 -34.20 1.87
CA LEU HA 34 -5.26 -33.24 1.14
C LEU HA 34 -6.05 -31.98 0.78
N ALA HA 35 -7.13 -32.16 0.02
CA ALA HA 35 -7.91 -31.03 -0.47
C ALA HA 35 -8.72 -30.35 0.63
N LYS HA 36 -8.79 -30.94 1.82
CA LYS HA 36 -9.32 -30.23 2.97
C LYS HA 36 -8.25 -29.38 3.64
N ALA HA 37 -7.00 -29.86 3.65
CA ALA HA 37 -5.91 -29.11 4.23
C ALA HA 37 -5.31 -28.11 3.25
N PHE HA 38 -5.74 -28.12 2.00
CA PHE HA 38 -5.35 -27.08 1.06
C PHE HA 38 -6.37 -25.95 1.03
N ILE HA 39 -7.66 -26.29 1.07
CA ILE HA 39 -8.70 -25.27 1.02
C ILE HA 39 -8.81 -24.55 2.36
N ASN HA 40 -8.73 -25.28 3.46
CA ASN HA 40 -8.79 -24.63 4.77
C ASN HA 40 -7.48 -23.99 5.18
N ASN HA 41 -6.50 -23.90 4.29
CA ASN HA 41 -5.30 -23.13 4.55
C ASN HA 41 -5.09 -22.05 3.51
N LEU HA 42 -5.96 -21.94 2.52
CA LEU HA 42 -6.02 -20.77 1.67
C LEU HA 42 -6.43 -19.57 2.52
N PRO HA 43 -6.01 -18.35 2.15
CA PRO HA 43 -6.25 -17.20 3.05
C PRO HA 43 -7.69 -16.85 3.27
N ALA HA 44 -8.60 -17.33 2.43
CA ALA HA 44 -10.00 -17.14 2.71
C ALA HA 44 -10.49 -17.97 3.88
N TYR HA 45 -9.79 -19.06 4.20
CA TYR HA 45 -10.25 -20.01 5.21
C TYR HA 45 -9.21 -20.31 6.29
N ARG HA 46 -8.06 -19.65 6.28
CA ARG HA 46 -7.01 -19.99 7.21
C ARG HA 46 -7.38 -19.52 8.61
N LYS HA 47 -7.08 -20.36 9.61
CA LYS HA 47 -7.47 -20.09 10.97
C LYS HA 47 -6.51 -19.11 11.62
N GLY HA 48 -7.07 -18.10 12.28
CA GLY HA 48 -6.26 -17.15 13.01
C GLY HA 48 -5.68 -16.06 12.16
N LEU HA 49 -6.51 -15.47 11.31
CA LEU HA 49 -6.12 -14.34 10.49
C LEU HA 49 -7.11 -13.22 10.71
N THR HA 50 -6.60 -12.00 10.83
CA THR HA 50 -7.48 -10.85 10.78
C THR HA 50 -7.99 -10.72 9.35
N PRO HA 51 -9.19 -10.14 9.16
CA PRO HA 51 -9.73 -10.03 7.80
C PRO HA 51 -8.96 -9.08 6.89
N PHE HA 52 -8.09 -8.22 7.42
CA PHE HA 52 -7.23 -7.45 6.53
C PHE HA 52 -6.15 -8.34 5.93
N MET HA 53 -5.57 -9.23 6.73
CA MET HA 53 -4.53 -10.11 6.24
C MET HA 53 -5.07 -11.22 5.36
N ARG HA 54 -6.35 -11.56 5.50
CA ARG HA 54 -7.00 -12.41 4.52
C ARG HA 54 -7.06 -11.71 3.18
N GLY HA 55 -7.53 -10.47 3.16
CA GLY HA 55 -7.72 -9.78 1.90
C GLY HA 55 -6.43 -9.32 1.27
N LEU HA 56 -5.39 -9.09 2.07
CA LEU HA 56 -4.12 -8.66 1.53
C LEU HA 56 -3.43 -9.79 0.78
N GLU HA 57 -3.63 -11.02 1.21
CA GLU HA 57 -3.03 -12.17 0.54
C GLU HA 57 -3.88 -12.65 -0.63
N ILE HA 58 -5.20 -12.53 -0.51
CA ILE HA 58 -6.10 -12.83 -1.62
C ILE HA 58 -5.88 -11.85 -2.75
N GLY HA 59 -5.68 -10.57 -2.41
CA GLY HA 59 -5.54 -9.55 -3.44
C GLY HA 59 -4.24 -9.64 -4.19
N MET HA 60 -3.12 -9.83 -3.47
CA MET HA 60 -1.79 -9.86 -4.09
C MET HA 60 -1.62 -11.00 -5.07
N ALA HA 61 -2.29 -12.14 -4.82
CA ALA HA 61 -2.25 -13.22 -5.78
C ALA HA 61 -3.05 -12.92 -7.03
N HIS HA 62 -3.89 -11.88 -7.01
CA HIS HA 62 -4.78 -11.54 -8.10
C HIS HA 62 -4.33 -10.35 -8.90
N GLY HA 63 -3.74 -9.35 -8.25
CA GLY HA 63 -3.13 -8.28 -8.99
C GLY HA 63 -1.92 -8.75 -9.78
N TYR HA 64 -1.27 -9.81 -9.31
CA TYR HA 64 -0.04 -10.27 -9.94
C TYR HA 64 -0.32 -10.94 -11.27
N PHE HA 65 -1.37 -11.73 -11.38
CA PHE HA 65 -1.61 -12.39 -12.65
C PHE HA 65 -2.51 -11.59 -13.58
N LEU HA 66 -3.32 -10.67 -13.07
CA LEU HA 66 -4.29 -9.98 -13.91
C LEU HA 66 -3.65 -8.98 -14.84
N VAL HA 67 -2.39 -8.59 -14.61
CA VAL HA 67 -1.67 -7.80 -15.60
C VAL HA 67 -1.12 -8.67 -16.72
N GLY HA 68 -1.20 -9.99 -16.57
CA GLY HA 68 -0.72 -10.93 -17.55
C GLY HA 68 -1.42 -10.86 -18.89
N PRO HA 69 -2.72 -11.17 -18.95
CA PRO HA 69 -3.38 -11.33 -20.25
C PRO HA 69 -3.59 -10.08 -21.09
N GLU HA 70 -3.04 -8.94 -20.70
CA GLU HA 70 -3.17 -7.73 -21.49
C GLU HA 70 -1.86 -7.20 -22.02
N VAL HA 71 -0.72 -7.65 -21.51
CA VAL HA 71 0.55 -7.14 -22.03
C VAL HA 71 1.12 -7.99 -23.15
N VAL HA 72 0.57 -9.18 -23.39
CA VAL HA 72 1.04 -9.99 -24.51
C VAL HA 72 -0.04 -10.27 -25.54
N ILE HA 73 -1.32 -10.18 -25.22
CA ILE HA 73 -2.35 -10.33 -26.24
C ILE HA 73 -3.33 -9.18 -26.20
N GLY HA 74 -2.94 -8.07 -25.59
CA GLY HA 74 -3.81 -6.91 -25.53
C GLY HA 74 -3.69 -6.07 -26.77
N PRO HA 75 -4.26 -4.86 -26.74
CA PRO HA 75 -4.16 -3.97 -27.90
C PRO HA 75 -2.82 -3.26 -28.01
N LEU HA 76 -2.00 -3.31 -26.97
CA LEU HA 76 -0.73 -2.61 -26.91
C LEU HA 76 0.46 -3.56 -26.99
N ARG HA 77 0.24 -4.81 -27.40
CA ARG HA 77 1.28 -5.83 -27.33
C ARG HA 77 2.40 -5.61 -28.34
N GLU HA 78 2.18 -4.76 -29.35
CA GLU HA 78 3.20 -4.56 -30.37
C GLU HA 78 4.35 -3.72 -29.84
N SER HA 79 4.08 -2.82 -28.90
CA SER HA 79 5.11 -2.02 -28.26
C SER HA 79 5.61 -2.75 -27.02
N ALA HA 80 6.50 -2.11 -26.27
CA ALA HA 80 7.04 -2.70 -25.05
C ALA HA 80 6.76 -1.85 -23.82
N HIS HA 81 7.00 -0.53 -23.90
CA HIS HA 81 6.76 0.31 -22.74
C HIS HA 81 5.28 0.60 -22.55
N GLY HA 82 4.52 0.68 -23.63
CA GLY HA 82 3.09 0.89 -23.53
C GLY HA 82 2.29 -0.37 -23.34
N ALA HA 83 2.90 -1.54 -23.52
CA ALA HA 83 2.20 -2.79 -23.27
C ALA HA 83 1.95 -2.99 -21.79
N ASN HA 84 2.96 -2.72 -20.96
CA ASN HA 84 2.86 -2.95 -19.53
C ASN HA 84 1.99 -1.91 -18.85
N LEU HA 85 1.75 -0.77 -19.50
CA LEU HA 85 0.81 0.19 -18.96
C LEU HA 85 -0.62 -0.30 -19.13
N SER HA 86 -0.95 -0.82 -20.31
CA SER HA 86 -2.31 -1.29 -20.57
C SER HA 86 -2.63 -2.57 -19.82
N GLY HA 87 -1.62 -3.29 -19.35
CA GLY HA 87 -1.87 -4.43 -18.49
C GLY HA 87 -2.04 -4.04 -17.05
N LEU HA 88 -1.36 -2.98 -16.61
CA LEU HA 88 -1.56 -2.48 -15.26
C LEU HA 88 -2.89 -1.75 -15.14
N ILE HA 89 -3.23 -0.94 -16.14
CA ILE HA 89 -4.48 -0.16 -16.16
C ILE HA 89 -5.69 -1.09 -16.16
N THR HA 90 -5.56 -2.26 -16.79
CA THR HA 90 -6.60 -3.28 -16.71
C THR HA 90 -6.77 -3.77 -15.27
N ALA HA 91 -5.69 -4.19 -14.63
CA ALA HA 91 -5.78 -4.74 -13.28
C ALA HA 91 -6.07 -3.69 -12.23
N ILE HA 92 -5.89 -2.40 -12.53
CA ILE HA 92 -6.43 -1.36 -11.65
C ILE HA 92 -7.94 -1.34 -11.75
N TYR HA 93 -8.47 -1.39 -12.98
CA TYR HA 93 -9.91 -1.29 -13.19
C TYR HA 93 -10.65 -2.57 -12.84
N ILE HA 94 -10.01 -3.73 -12.98
CA ILE HA 94 -10.62 -4.97 -12.52
C ILE HA 94 -10.71 -4.98 -11.00
N ALA HA 95 -9.69 -4.47 -10.33
CA ALA HA 95 -9.62 -4.53 -8.88
C ALA HA 95 -10.17 -3.31 -8.17
N VAL HA 96 -10.39 -2.19 -8.86
CA VAL HA 96 -11.18 -1.12 -8.27
C VAL HA 96 -12.65 -1.50 -8.30
N SER HA 97 -13.12 -1.97 -9.45
CA SER HA 97 -14.52 -2.32 -9.62
C SER HA 97 -14.90 -3.62 -8.95
N ALA HA 98 -13.93 -4.43 -8.51
CA ALA HA 98 -14.25 -5.58 -7.68
C ALA HA 98 -14.25 -5.22 -6.21
N CYS HA 99 -13.30 -4.40 -5.78
CA CYS HA 99 -13.32 -3.87 -4.42
C CYS HA 99 -14.33 -2.75 -4.24
N LEU HA 100 -14.90 -2.23 -5.33
CA LEU HA 100 -16.12 -1.44 -5.19
C LEU HA 100 -17.29 -2.33 -4.86
N GLY HA 101 -17.36 -3.49 -5.53
CA GLY HA 101 -18.50 -4.36 -5.41
C GLY HA 101 -18.59 -5.10 -4.10
N ILE HA 102 -17.54 -5.11 -3.28
CA ILE HA 102 -17.62 -5.75 -1.98
C ILE HA 102 -17.74 -4.78 -0.84
N SER HA 103 -17.47 -3.50 -1.05
CA SER HA 103 -18.01 -2.51 -0.15
C SER HA 103 -19.49 -2.36 -0.40
N ILE HA 104 -19.92 -2.49 -1.65
CA ILE HA 104 -21.33 -2.44 -1.99
C ILE HA 104 -22.04 -3.69 -1.49
N PHE HA 105 -21.33 -4.82 -1.42
CA PHE HA 105 -21.90 -6.06 -0.91
C PHE HA 105 -22.14 -5.97 0.60
N ALA HA 106 -21.16 -5.51 1.36
CA ALA HA 106 -21.30 -5.47 2.82
C ALA HA 106 -22.24 -4.38 3.30
N ILE HA 107 -22.37 -3.28 2.55
CA ILE HA 107 -23.37 -2.27 2.90
C ILE HA 107 -24.75 -2.87 2.78
N THR HA 108 -24.95 -3.75 1.81
CA THR HA 108 -26.28 -4.10 1.40
C THR HA 108 -26.73 -5.48 1.87
N THR HA 109 -25.83 -6.33 2.38
CA THR HA 109 -26.24 -7.61 2.90
C THR HA 109 -26.22 -7.69 4.41
N PHE HA 110 -25.60 -6.73 5.08
CA PHE HA 110 -25.54 -6.70 6.54
C PHE HA 110 -26.49 -5.62 7.01
N GLN HA 111 -27.76 -6.01 7.12
CA GLN HA 111 -28.81 -5.10 7.56
C GLN HA 111 -29.79 -5.77 8.53
N GLY HA 112 -29.44 -6.92 9.09
CA GLY HA 112 -30.34 -7.70 9.90
C GLY HA 112 -30.21 -9.18 9.61
N ASN HA 113 -29.58 -9.51 8.47
CA ASN HA 113 -29.29 -10.87 8.05
C ASN HA 113 -27.79 -10.98 7.81
N PRO HA 114 -26.99 -11.14 8.87
CA PRO HA 114 -25.52 -11.26 8.66
C PRO HA 114 -25.11 -12.63 8.15
N LYS HA 115 -25.40 -12.87 6.86
CA LYS HA 115 -25.27 -14.17 6.18
C LYS HA 115 -25.98 -15.28 6.95
N GLY HA 116 -27.06 -14.92 7.63
CA GLY HA 116 -27.71 -15.79 8.59
C GLY HA 116 -27.03 -15.61 9.92
N SER HA 117 -27.78 -15.22 10.96
CA SER HA 117 -27.22 -15.23 12.30
C SER HA 117 -27.07 -16.64 12.84
N TYR HA 118 -27.78 -17.60 12.26
CA TYR HA 118 -27.72 -18.99 12.64
C TYR HA 118 -26.77 -19.74 11.72
N ASP HA 124 -22.75 -23.78 8.59
CA ASP HA 124 -22.51 -22.35 8.49
C ASP HA 124 -21.20 -22.03 7.79
N SER HA 125 -20.42 -23.07 7.48
CA SER HA 125 -19.07 -22.90 6.97
C SER HA 125 -19.08 -22.48 5.50
N LEU HA 126 -17.88 -22.42 4.91
CA LEU HA 126 -17.52 -21.93 3.57
C LEU HA 126 -17.75 -20.44 3.39
N ARG HA 127 -18.24 -19.72 4.40
CA ARG HA 127 -18.44 -18.27 4.32
C ARG HA 127 -18.20 -17.66 5.70
N PRO HA 128 -16.95 -17.67 6.19
CA PRO HA 128 -16.66 -17.26 7.57
C PRO HA 128 -16.34 -15.78 7.75
N LEU HA 129 -17.17 -14.91 7.16
CA LEU HA 129 -16.89 -13.47 7.16
C LEU HA 129 -18.16 -12.68 7.44
N ARG HA 130 -18.83 -13.01 8.54
CA ARG HA 130 -20.24 -12.69 8.75
C ARG HA 130 -20.48 -11.51 9.69
N THR HA 131 -19.70 -10.44 9.64
CA THR HA 131 -19.81 -9.49 10.75
C THR HA 131 -20.08 -8.05 10.33
N ARG HA 132 -19.65 -7.64 9.13
CA ARG HA 132 -19.60 -6.32 8.50
C ARG HA 132 -18.45 -5.46 9.04
N GLU HA 133 -17.83 -5.83 10.14
CA GLU HA 133 -16.53 -5.29 10.46
C GLU HA 133 -15.42 -6.24 10.05
N GLU HA 134 -15.77 -7.50 9.78
CA GLU HA 134 -14.89 -8.46 9.14
C GLU HA 134 -14.97 -8.37 7.63
N TRP HA 135 -15.88 -7.59 7.08
CA TRP HA 135 -15.91 -7.41 5.64
C TRP HA 135 -15.39 -6.06 5.20
N SER HA 136 -15.56 -5.02 6.01
CA SER HA 136 -14.97 -3.73 5.70
C SER HA 136 -13.47 -3.75 5.89
N GLN HA 137 -12.98 -4.64 6.76
CA GLN HA 137 -11.54 -4.86 6.86
C GLN HA 137 -11.02 -5.71 5.72
N LEU HA 138 -11.86 -6.58 5.17
CA LEU HA 138 -11.47 -7.39 4.03
C LEU HA 138 -11.31 -6.55 2.79
N ASN HA 139 -12.20 -5.57 2.60
CA ASN HA 139 -12.17 -4.74 1.41
C ASN HA 139 -10.94 -3.84 1.37
N GLY HA 140 -10.43 -3.44 2.54
CA GLY HA 140 -9.17 -2.74 2.57
C GLY HA 140 -7.98 -3.60 2.25
N GLY HA 141 -8.10 -4.91 2.42
CA GLY HA 141 -7.01 -5.80 2.11
C GLY HA 141 -6.92 -6.09 0.63
N ILE HA 142 -8.05 -6.39 -0.01
CA ILE HA 142 -8.06 -6.73 -1.42
C ILE HA 142 -7.72 -5.53 -2.29
N PHE HA 143 -7.96 -4.32 -1.81
CA PHE HA 143 -7.56 -3.15 -2.57
C PHE HA 143 -6.05 -2.96 -2.54
N LEU HA 144 -5.46 -2.94 -1.35
CA LEU HA 144 -4.02 -2.79 -1.24
C LEU HA 144 -3.28 -4.07 -1.61
N GLY HA 145 -3.97 -5.20 -1.64
CA GLY HA 145 -3.34 -6.41 -2.11
C GLY HA 145 -3.24 -6.43 -3.61
N ALA HA 146 -4.37 -6.23 -4.30
CA ALA HA 146 -4.43 -6.37 -5.74
C ALA HA 146 -3.85 -5.19 -6.49
N MET HA 147 -3.23 -4.25 -5.79
CA MET HA 147 -2.49 -3.19 -6.43
C MET HA 147 -1.06 -3.09 -5.95
N GLY HA 148 -0.68 -3.87 -4.95
CA GLY HA 148 0.72 -4.15 -4.73
C GLY HA 148 1.14 -5.23 -5.71
N GLY HA 149 0.27 -6.21 -5.90
CA GLY HA 149 0.56 -7.25 -6.86
C GLY HA 149 0.52 -6.77 -8.29
N ALA HA 150 -0.33 -5.79 -8.57
CA ALA HA 150 -0.40 -5.24 -9.92
C ALA HA 150 0.79 -4.37 -10.25
N ILE HA 151 1.46 -3.81 -9.24
CA ILE HA 151 2.65 -3.01 -9.46
C ILE HA 151 3.91 -3.86 -9.43
N PHE HA 152 3.94 -4.89 -8.57
CA PHE HA 152 5.08 -5.80 -8.53
C PHE HA 152 5.20 -6.57 -9.82
N ALA HA 153 4.09 -6.92 -10.43
CA ALA HA 153 4.14 -7.53 -11.75
C ALA HA 153 4.25 -6.50 -12.86
N TYR HA 154 4.10 -5.22 -12.55
CA TYR HA 154 4.39 -4.16 -13.50
C TYR HA 154 5.86 -3.78 -13.46
N LEU HA 155 6.46 -3.74 -12.27
CA LEU HA 155 7.88 -3.45 -12.13
C LEU HA 155 8.75 -4.62 -12.52
N LEU HA 156 8.19 -5.83 -12.60
CA LEU HA 156 8.93 -6.97 -13.08
C LEU HA 156 8.74 -7.19 -14.58
N LEU HA 157 7.92 -6.37 -15.23
CA LEU HA 157 7.67 -6.49 -16.65
C LEU HA 157 8.22 -5.32 -17.45
N GLU HA 158 8.22 -4.11 -16.89
CA GLU HA 158 8.93 -3.03 -17.55
C GLU HA 158 10.43 -3.10 -17.31
N ASN HA 159 10.85 -3.86 -16.32
CA ASN HA 159 12.26 -4.15 -16.07
C ASN HA 159 12.59 -5.58 -16.45
N PHE HA 160 11.98 -6.10 -17.52
CA PHE HA 160 12.22 -7.48 -17.89
C PHE HA 160 13.54 -7.65 -18.63
N ASP HA 161 13.94 -6.67 -19.44
CA ASP HA 161 15.23 -6.76 -20.12
C ASP HA 161 16.38 -6.63 -19.14
N ALA HA 162 16.16 -5.95 -18.02
CA ALA HA 162 17.13 -5.91 -16.94
C ALA HA 162 17.02 -7.08 -15.99
N LEU HA 163 15.95 -7.87 -16.08
CA LEU HA 163 15.82 -9.06 -15.26
C LEU HA 163 16.13 -10.33 -16.02
N ASP HA 164 16.17 -10.27 -17.35
CA ASP HA 164 16.70 -11.38 -18.12
C ASP HA 164 18.21 -11.47 -17.95
N ALA HA 165 18.86 -10.33 -17.71
CA ALA HA 165 20.31 -10.31 -17.61
C ALA HA 165 20.78 -10.81 -16.24
N ILE HA 166 20.07 -10.45 -15.17
CA ILE HA 166 20.52 -10.90 -13.85
C ILE HA 166 20.11 -12.33 -13.54
N LEU HA 167 19.23 -12.92 -14.35
CA LEU HA 167 18.91 -14.33 -14.23
C LEU HA 167 19.62 -15.17 -15.29
N ARG HA 168 20.56 -14.57 -16.01
CA ARG HA 168 21.40 -15.29 -16.95
C ARG HA 168 22.88 -14.98 -16.73
N GLY HA 169 23.21 -14.23 -15.69
CA GLY HA 169 24.59 -13.88 -15.43
C GLY HA 169 25.18 -12.89 -16.40
N ALA HA 170 24.34 -12.13 -17.11
CA ALA HA 170 24.84 -11.18 -18.10
C ALA HA 170 25.29 -9.87 -17.46
N VAL HA 171 25.12 -9.71 -16.17
CA VAL HA 171 25.57 -8.53 -15.45
C VAL HA 171 26.92 -8.76 -14.79
N ASN HA 172 27.65 -9.77 -15.26
CA ASN HA 172 28.78 -10.42 -14.58
C ASN HA 172 28.36 -10.78 -13.17
N MET IA 1 -18.58 28.01 -40.53
CA MET IA 1 -18.21 28.66 -39.27
C MET IA 1 -18.95 28.02 -38.10
N SER IA 2 -18.28 27.07 -37.44
CA SER IA 2 -18.88 26.39 -36.30
C SER IA 2 -18.83 27.29 -35.07
N ILE IA 3 -19.45 26.80 -34.00
CA ILE IA 3 -19.54 27.59 -32.78
C ILE IA 3 -18.17 27.64 -32.09
N SER IA 4 -18.03 28.59 -31.17
CA SER IA 4 -16.75 28.86 -30.53
C SER IA 4 -16.47 27.85 -29.43
N ASP IA 5 -15.28 27.95 -28.85
CA ASP IA 5 -14.92 27.06 -27.73
C ASP IA 5 -15.69 27.42 -26.48
N THR IA 6 -16.04 28.69 -26.32
CA THR IA 6 -16.74 29.16 -25.14
C THR IA 6 -18.23 28.81 -25.19
N GLN IA 7 -18.82 28.81 -26.38
CA GLN IA 7 -20.23 28.49 -26.53
C GLN IA 7 -20.56 27.04 -26.17
N VAL IA 8 -19.60 26.13 -26.22
CA VAL IA 8 -19.83 24.80 -25.70
C VAL IA 8 -19.87 24.84 -24.17
N TYR IA 9 -18.98 25.61 -23.55
CA TYR IA 9 -18.97 25.71 -22.10
C TYR IA 9 -20.13 26.53 -21.58
N ILE IA 10 -20.67 27.43 -22.40
CA ILE IA 10 -21.88 28.15 -22.03
C ILE IA 10 -23.07 27.21 -22.02
N ALA IA 11 -23.13 26.29 -22.98
CA ALA IA 11 -24.23 25.33 -23.03
C ALA IA 11 -24.18 24.34 -21.87
N LEU IA 12 -22.99 24.01 -21.39
CA LEU IA 12 -22.86 23.04 -20.31
C LEU IA 12 -23.32 23.60 -18.97
N VAL IA 13 -23.21 24.90 -18.76
CA VAL IA 13 -23.70 25.48 -17.51
C VAL IA 13 -25.15 25.94 -17.59
N VAL IA 14 -25.67 26.17 -18.80
CA VAL IA 14 -27.09 26.42 -18.94
C VAL IA 14 -27.87 25.13 -18.74
N ALA IA 15 -27.32 24.00 -19.18
CA ALA IA 15 -28.00 22.73 -18.99
C ALA IA 15 -27.77 22.11 -17.63
N LEU IA 16 -27.15 22.82 -16.71
CA LEU IA 16 -27.26 22.46 -15.30
C LEU IA 16 -28.53 22.99 -14.67
N VAL IA 17 -29.24 23.89 -15.35
CA VAL IA 17 -30.49 24.44 -14.85
C VAL IA 17 -31.63 23.44 -15.08
N PRO IA 18 -31.78 22.76 -16.22
CA PRO IA 18 -32.68 21.60 -16.24
C PRO IA 18 -32.06 20.30 -15.79
N GLY IA 19 -30.87 20.32 -15.21
CA GLY IA 19 -30.29 19.13 -14.65
C GLY IA 19 -30.58 19.07 -13.18
N PHE IA 20 -30.60 20.25 -12.54
CA PHE IA 20 -30.97 20.34 -11.14
C PHE IA 20 -32.47 20.39 -10.97
N LEU IA 21 -33.19 21.02 -11.90
CA LEU IA 21 -34.64 21.06 -11.83
C LEU IA 21 -35.26 19.72 -12.20
N ALA IA 22 -34.52 18.88 -12.93
CA ALA IA 22 -34.94 17.50 -13.13
C ALA IA 22 -34.77 16.68 -11.89
N TRP IA 23 -33.87 17.08 -11.00
CA TRP IA 23 -33.74 16.41 -9.73
C TRP IA 23 -34.80 16.86 -8.73
N ARG IA 24 -35.22 18.13 -8.81
CA ARG IA 24 -36.30 18.58 -7.95
C ARG IA 24 -37.62 17.93 -8.31
N LEU IA 25 -37.82 17.59 -9.59
CA LEU IA 25 -39.07 16.96 -10.00
C LEU IA 25 -39.04 15.47 -9.72
N ALA IA 26 -37.91 14.81 -9.93
CA ALA IA 26 -37.83 13.37 -9.74
C ALA IA 26 -37.92 12.97 -8.28
N THR IA 27 -37.63 13.87 -7.35
CA THR IA 27 -37.78 13.56 -5.94
C THR IA 27 -39.06 14.09 -5.34
N GLU IA 28 -39.68 15.09 -5.94
CA GLU IA 28 -41.00 15.51 -5.51
C GLU IA 28 -42.07 14.55 -6.00
N LEU IA 29 -41.79 13.81 -7.06
CA LEU IA 29 -42.60 12.66 -7.46
C LEU IA 29 -42.30 11.42 -6.63
N TYR IA 30 -41.36 11.51 -5.68
CA TYR IA 30 -41.16 10.57 -4.58
C TYR IA 30 -40.80 9.16 -5.06
N LYS IA 31 -39.60 9.09 -5.62
CA LYS IA 31 -38.99 7.81 -5.93
C LYS IA 31 -38.75 6.97 -4.69
N PRO JA 73 -89.81 -6.35 -37.52
CA PRO JA 73 -90.36 -5.09 -38.03
C PRO JA 73 -89.79 -4.70 -39.39
N PRO JA 74 -90.45 -3.81 -40.12
CA PRO JA 74 -89.84 -3.22 -41.31
C PRO JA 74 -88.73 -2.24 -40.91
N TYR JA 75 -87.50 -2.55 -41.30
CA TYR JA 75 -86.37 -1.70 -40.98
C TYR JA 75 -86.41 -0.44 -41.84
N THR JA 76 -86.63 0.70 -41.21
CA THR JA 76 -86.76 1.97 -41.92
C THR JA 76 -85.55 2.87 -41.74
N PHE JA 77 -84.83 2.74 -40.63
CA PHE JA 77 -83.63 3.53 -40.38
C PHE JA 77 -82.35 2.79 -40.69
N ARG JA 78 -82.33 1.47 -40.60
CA ARG JA 78 -81.17 0.70 -41.06
C ARG JA 78 -81.10 0.73 -42.57
N THR JA 79 -82.22 0.49 -43.25
CA THR JA 79 -82.31 0.89 -44.64
C THR JA 79 -82.45 2.41 -44.74
N ALA JA 80 -82.21 2.93 -45.94
CA ALA JA 80 -82.07 4.35 -46.29
C ALA JA 80 -80.86 5.02 -45.64
N TRP JA 81 -80.05 4.27 -44.91
CA TRP JA 81 -78.66 4.59 -44.65
C TRP JA 81 -77.72 3.55 -45.24
N ALA JA 82 -78.17 2.31 -45.36
CA ALA JA 82 -77.39 1.30 -46.07
C ALA JA 82 -77.53 1.47 -47.58
N LEU JA 83 -78.74 1.75 -48.05
CA LEU JA 83 -78.94 2.08 -49.46
C LEU JA 83 -78.70 3.56 -49.75
N LEU JA 84 -78.32 4.34 -48.75
CA LEU JA 84 -77.74 5.65 -49.01
C LEU JA 84 -76.24 5.53 -49.24
N LEU JA 85 -75.57 4.65 -48.49
CA LEU JA 85 -74.17 4.34 -48.79
C LEU JA 85 -74.04 3.52 -50.07
N LEU JA 86 -75.04 2.69 -50.36
CA LEU JA 86 -75.06 1.98 -51.64
C LEU JA 86 -75.39 2.94 -52.78
N ALA JA 87 -76.08 4.04 -52.50
CA ALA JA 87 -76.30 5.05 -53.53
C ALA JA 87 -75.02 5.79 -53.86
N ILE JA 88 -74.24 6.16 -52.83
CA ILE JA 88 -72.95 6.81 -53.04
C ILE JA 88 -71.97 5.85 -53.71
N ASN JA 89 -72.09 4.55 -53.44
CA ASN JA 89 -71.34 3.55 -54.16
C ASN JA 89 -71.75 3.46 -55.63
N PHE JA 90 -72.97 3.85 -55.97
CA PHE JA 90 -73.44 3.78 -57.35
C PHE JA 90 -73.22 5.07 -58.13
N ILE JA 91 -72.94 6.19 -57.47
CA ILE JA 91 -72.52 7.38 -58.20
C ILE JA 91 -71.04 7.27 -58.55
N VAL JA 92 -70.24 6.70 -57.65
CA VAL JA 92 -68.82 6.47 -57.94
C VAL JA 92 -68.67 5.39 -59.00
N ALA JA 93 -69.52 4.36 -58.96
CA ALA JA 93 -69.52 3.36 -60.02
C ALA JA 93 -70.19 3.85 -61.29
N ALA JA 94 -70.88 5.00 -61.27
CA ALA JA 94 -71.34 5.59 -62.51
C ALA JA 94 -70.21 6.32 -63.23
N TYR JA 95 -69.35 7.01 -62.48
CA TYR JA 95 -68.16 7.62 -63.07
C TYR JA 95 -67.12 6.58 -63.46
N TYR JA 96 -67.14 5.41 -62.82
CA TYR JA 96 -66.11 4.42 -63.06
C TYR JA 96 -66.30 3.73 -64.40
N PHE JA 97 -67.55 3.47 -64.79
CA PHE JA 97 -67.87 2.90 -66.08
C PHE JA 97 -68.14 3.95 -67.14
N HIS JA 98 -67.67 5.19 -66.89
CA HIS JA 98 -67.93 6.42 -67.66
C HIS JA 98 -69.37 6.48 -68.18
N ILE JA 99 -70.31 6.33 -67.25
CA ILE JA 99 -71.72 6.51 -67.59
C ILE JA 99 -72.09 7.99 -67.56
N ILE JA 100 -71.85 8.65 -66.43
CA ILE JA 100 -72.15 10.06 -66.28
C ILE JA 100 -70.84 10.85 -66.24
N GLU JA 101 -70.96 12.14 -66.52
CA GLU JA 101 -69.80 13.02 -66.57
C GLU JA 101 -70.10 14.38 -65.93
MG CL0 KA . 6.02 57.99 3.48
CHA CL0 KA . 2.65 58.27 2.61
CHB CL0 KA . 5.00 57.27 6.66
CHC CL0 KA . 9.27 57.70 4.28
CHD CL0 KA . 6.94 58.86 0.20
NA CL0 KA . 4.09 57.78 4.53
C1A CL0 KA . 2.91 57.95 4.05
C2A CL0 KA . 1.82 57.81 5.05
C3A CL0 KA . 2.62 57.63 6.27
C4A CL0 KA . 4.00 57.53 5.81
CMA CL0 KA . 2.46 58.94 6.96
CAA CL0 KA . 1.20 56.44 4.94
CBA CL0 KA . -0.04 56.26 5.79
CGA CL0 KA . -0.17 54.78 5.93
O1A CL0 KA . 0.74 54.09 6.33
O2A CL0 KA . -1.22 54.05 5.64
NB CL0 KA . 6.99 57.55 5.23
C1B CL0 KA . 6.46 57.23 6.40
C2B CL0 KA . 7.48 56.86 7.43
C3B CL0 KA . 8.73 57.02 6.67
C4B CL0 KA . 8.31 57.44 5.34
CMB CL0 KA . 7.27 56.44 8.84
CAB CL0 KA . 10.17 56.84 6.97
CBB CL0 KA . 10.71 56.70 8.15
NC CL0 KA . 7.82 58.13 2.38
C1C CL0 KA . 9.04 58.04 2.89
C2C CL0 KA . 10.16 58.30 1.98
C3C CL0 KA . 9.44 58.57 0.75
C4C CL0 KA . 8.02 58.45 1.11
CMC CL0 KA . 11.63 58.26 2.27
CAC CL0 KA . 9.98 58.93 -0.59
CBC CL0 KA . 10.17 60.40 -0.49
ND CL0 KA . 5.15 58.46 1.76
C1D CL0 KA . 5.53 58.79 0.55
C2D CL0 KA . 4.43 59.08 -0.40
C3D CL0 KA . 3.29 58.86 0.49
C4D CL0 KA . 3.76 58.51 1.69
CMD CL0 KA . 4.30 59.49 -1.82
CAD CL0 KA . 1.82 58.89 0.51
OBD CL0 KA . 1.09 58.85 -0.53
CBD CL0 KA . 1.36 58.47 1.85
CGD CL0 KA . 0.62 57.19 1.67
O1D CL0 KA . 1.18 56.20 1.26
O2D CL0 KA . -0.78 57.08 1.99
CED CL0 KA . -1.34 55.78 2.16
C1 CL0 KA . -1.20 52.74 4.72
C2 CL0 KA . -0.01 52.31 3.89
C3 CL0 KA . -0.15 51.71 2.71
C4 CL0 KA . -1.50 51.44 2.12
C5 CL0 KA . 1.11 51.30 1.98
C6 CL0 KA . 0.97 51.40 0.48
C7 CL0 KA . 2.32 51.20 -0.18
C8 CL0 KA . 2.54 49.72 -0.45
C9 CL0 KA . 4.01 49.40 -0.70
C10 CL0 KA . 1.70 49.34 -1.64
C11 CL0 KA . 1.56 47.83 -1.72
C12 CL0 KA . 0.80 47.45 -2.97
C13 CL0 KA . -0.08 46.22 -2.78
C14 CL0 KA . -0.96 46.02 -3.99
C15 CL0 KA . -0.96 46.44 -1.57
C16 CL0 KA . -1.34 45.12 -0.93
C17 CL0 KA . -1.78 45.36 0.50
C18 CL0 KA . -3.14 46.00 0.54
C19 CL0 KA . -4.10 45.05 1.21
C20 CL0 KA . -3.10 47.33 1.27
MG CLA LA . -0.50 47.69 5.72
CHA CLA LA . 2.73 48.68 5.11
CHB CLA LA . 0.10 45.07 3.60
CHC CLA LA . -3.61 46.59 6.44
CHD CLA LA . -1.03 50.51 7.77
NA CLA LA . 1.19 46.95 4.48
C1A CLA LA . 2.34 47.46 4.33
C2A CLA LA . 3.20 46.80 3.30
C3A CLA LA . 2.28 45.72 2.83
C4A CLA LA . 1.11 45.91 3.68
CMA CLA LA . 2.02 45.71 1.35
CAA CLA LA . 4.40 46.04 3.84
CBA CLA LA . 5.50 45.86 2.80
CGA CLA LA . 5.48 44.40 2.39
O1A CLA LA . 4.83 43.56 2.95
O2A CLA LA . 6.14 43.90 1.36
NB CLA LA . -1.59 46.07 5.10
C1B CLA LA . -1.18 45.09 4.29
C2B CLA LA . -2.17 44.01 4.12
C3B CLA LA . -3.24 44.50 4.95
C4B CLA LA . -2.81 45.77 5.53
CMB CLA LA . -2.13 42.76 3.33
CAB CLA LA . -4.50 43.81 5.19
CBB CLA LA . -4.54 42.82 6.03
NC CLA LA . -2.06 48.40 6.98
C1C CLA LA . -3.28 47.89 7.05
C2C CLA LA . -4.27 48.68 7.77
C3C CLA LA . -3.49 49.83 8.17
C4C CLA LA . -2.15 49.56 7.64
CMC CLA LA . -5.72 48.37 8.01
CAC CLA LA . -3.92 51.04 8.95
CBC CLA LA . -4.40 52.07 7.97
ND CLA LA . 0.45 49.34 6.29
C1D CLA LA . 0.29 50.27 7.22
C2D CLA LA . 1.52 51.00 7.59
C3D CLA LA . 2.45 50.31 6.69
C4D CLA LA . 1.78 49.41 5.99
CMD CLA LA . 1.95 52.07 8.54
CAD CLA LA . 3.87 50.27 6.33
OBD CLA LA . 4.79 50.46 7.20
CBD CLA LA . 4.07 49.34 5.21
CGD CLA LA . 4.36 50.11 3.99
O1D CLA LA . 3.85 51.18 3.80
O2D CLA LA . 5.27 49.61 3.02
CED CLA LA . 6.05 50.57 2.38
C1 CLA LA . 6.18 42.34 1.02
C2 CLA LA . 6.70 41.28 1.96
C3 CLA LA . 7.81 40.60 1.72
C4 CLA LA . 8.62 40.82 0.49
C5 CLA LA . 8.24 39.56 2.71
C6 CLA LA . 7.20 38.48 2.71
C7 CLA LA . 7.74 37.29 3.48
C8 CLA LA . 6.64 36.39 3.98
C9 CLA LA . 5.56 37.15 4.72
C10 CLA LA . 7.28 35.43 4.95
C11 CLA LA . 7.46 34.10 4.25
C12 CLA LA . 8.01 33.10 5.24
C13 CLA LA . 9.52 33.15 5.34
C14 CLA LA . 10.18 33.26 3.98
C15 CLA LA . 9.93 31.85 6.01
C16 CLA LA . 11.41 31.83 6.33
C17 CLA LA . 11.59 31.29 7.73
C18 CLA LA . 12.09 29.87 7.69
C19 CLA LA . 13.48 29.84 7.08
C20 CLA LA . 12.11 29.28 9.08
MG CLA MA . 5.20 60.93 22.34
CHA CLA MA . 5.65 62.32 25.52
CHB CLA MA . 5.47 64.05 21.09
CHC CLA MA . 4.85 59.59 19.26
CHD CLA MA . 4.70 57.83 23.78
NA CLA MA . 5.52 62.96 23.17
C1A CLA MA . 5.63 63.31 24.39
C2A CLA MA . 5.76 64.79 24.53
C3A CLA MA . 5.56 65.25 23.13
C4A CLA MA . 5.53 64.00 22.41
CMA CLA MA . 4.32 66.09 22.96
CAA CLA MA . 7.25 65.02 24.69
CBA CLA MA . 7.64 66.30 25.39
CGA CLA MA . 7.71 67.48 24.45
O1A CLA MA . 7.42 68.62 24.73
O2A CLA MA . 8.08 67.39 23.19
NB CLA MA . 5.16 61.72 20.44
C1B CLA MA . 5.34 62.98 20.12
C2B CLA MA . 5.39 63.30 18.70
C3B CLA MA . 5.19 61.97 18.14
C4B CLA MA . 5.06 61.05 19.31
CMB CLA MA . 5.59 64.67 18.15
CAB CLA MA . 5.16 61.55 16.72
CBB CLA MA . 5.31 62.31 15.66
NC CLA MA . 5.02 58.94 21.63
C1C CLA MA . 4.82 58.60 20.37
C2C CLA MA . 4.57 57.15 20.19
C3C CLA MA . 4.65 56.63 21.53
C4C CLA MA . 4.93 57.82 22.33
CMC CLA MA . 4.29 56.38 18.95
CAC CLA MA . 4.50 55.20 22.02
CBC CLA MA . 3.16 54.88 22.61
ND CLA MA . 5.14 60.14 24.15
C1D CLA MA . 4.96 58.95 24.65
C2D CLA MA . 5.07 58.82 26.10
C3D CLA MA . 5.34 60.22 26.43
C4D CLA MA . 5.37 60.91 25.27
CMD CLA MA . 4.94 57.66 27.01
CAD CLA MA . 5.60 61.13 27.56
OBD CLA MA . 5.90 60.73 28.73
CBD CLA MA . 6.00 62.44 27.00
CGD CLA MA . 5.33 63.57 27.70
O1D CLA MA . 4.14 63.77 27.59
O2D CLA MA . 6.09 64.47 28.53
CED CLA MA . 5.46 65.01 29.68
C1 CLA MA . 7.51 68.37 22.05
C2 CLA MA . 6.12 68.91 21.92
C3 CLA MA . 5.43 68.74 20.79
C4 CLA MA . 6.02 68.00 19.64
C5 CLA MA . 4.02 69.28 20.69
C6 CLA MA . 3.84 69.91 19.32
C7 CLA MA . 3.41 71.36 19.48
C8 CLA MA . 2.15 71.61 18.68
C9 CLA MA . 2.41 71.30 17.21
C10 CLA MA . 1.67 73.03 18.94
C11 CLA MA . 0.74 73.54 17.85
C12 CLA MA . -0.71 73.13 18.06
C13 CLA MA . -1.58 73.59 16.90
C14 CLA MA . -3.01 73.10 17.04
C15 CLA MA . -0.99 73.11 15.58
MG CLA NA . -15.80 75.26 22.14
CHA CLA NA . -13.35 74.96 24.61
CHB CLA NA . -13.33 74.56 19.85
CHC CLA NA . -18.17 75.48 19.77
CHD CLA NA . -18.23 75.90 24.63
NA CLA NA . -13.62 74.80 22.19
C1A CLA NA . -12.85 74.73 23.21
C2A CLA NA . -11.44 74.37 22.89
C3A CLA NA . -11.46 74.30 21.38
C4A CLA NA . -12.90 74.57 21.11
CMA CLA NA . -10.42 75.05 20.58
CAA CLA NA . -11.20 72.93 23.31
CBA CLA NA . -9.73 72.55 23.27
CGA CLA NA . -8.98 73.35 24.30
O1A CLA NA . -8.28 74.31 24.07
O2A CLA NA . -9.02 73.06 25.59
NB CLA NA . -15.74 75.03 20.10
C1B CLA NA . -14.69 74.79 19.33
C2B CLA NA . -14.99 74.72 17.88
C3B CLA NA . -16.42 75.01 17.88
C4B CLA NA . -16.81 75.18 19.30
CMB CLA NA . -14.08 74.47 16.72
CAB CLA NA . -17.32 75.08 16.72
CBB CLA NA . -17.76 76.24 16.30
NC CLA NA . -17.89 75.55 22.20
C1C CLA NA . -18.68 75.69 21.14
C2C CLA NA . -20.07 76.05 21.41
C3C CLA NA . -20.09 76.14 22.87
C4C CLA NA . -18.70 75.82 23.24
CMC CLA NA . -21.19 76.29 20.45
CAC CLA NA . -21.24 76.47 23.77
CBC CLA NA . -21.28 77.96 24.03
ND CLA NA . -15.93 75.40 24.12
C1D CLA NA . -16.85 75.66 25.03
C2D CLA NA . -16.36 75.73 26.44
C3D CLA NA . -14.95 75.44 26.19
C4D CLA NA . -14.77 75.26 24.89
CMD CLA NA . -16.91 75.97 27.80
CAD CLA NA . -13.69 75.26 26.92
OBD CLA NA . -13.49 75.63 28.13
CBD CLA NA . -12.62 74.97 25.94
CGD CLA NA . -11.56 76.02 26.04
O1D CLA NA . -10.84 76.07 27.01
O2D CLA NA . -11.35 77.01 25.00
CED CLA NA . -10.01 77.41 24.73
MG CLA OA . -23.54 73.22 16.81
CHA CLA OA . -25.75 73.78 19.42
CHB CLA OA . -26.15 73.76 14.66
CHC CLA OA . -21.37 72.74 14.25
CHD CLA OA . -20.93 72.58 19.12
NA CLA OA . -25.70 73.73 16.99
C1A CLA OA . -26.38 73.92 18.05
C2A CLA OA . -27.85 74.20 17.79
C3A CLA OA . -27.88 74.16 16.27
C4A CLA OA . -26.48 73.86 15.95
CMA CLA OA . -28.89 73.31 15.53
CAA CLA OA . -28.38 75.60 18.14
CBA CLA OA . -27.39 76.65 18.58
CGA CLA OA . -27.53 77.94 17.81
O1A CLA OA . -28.37 78.16 16.96
O2A CLA OA . -26.76 78.99 18.00
NB CLA OA . -23.75 73.25 14.76
C1B CLA OA . -24.86 73.47 14.07
C2B CLA OA . -24.70 73.39 12.60
C3B CLA OA . -23.27 73.09 12.49
C4B CLA OA . -22.77 73.02 13.88
CMB CLA OA . -25.79 73.60 11.59
CAB CLA OA . -22.40 72.88 11.31
CBB CLA OA . -22.81 72.52 10.12
NC CLA OA . -21.45 72.83 16.70
C1C CLA OA . -20.77 72.59 15.58
C2C CLA OA . -19.38 72.17 15.75
C3C CLA OA . -19.23 72.18 17.19
C4C CLA OA . -20.57 72.59 17.69
CMC CLA OA . -18.36 71.84 14.69
CAC CLA OA . -18.04 71.82 18.03
CBC CLA OA . -17.90 70.33 18.12
ND CLA OA . -23.26 73.13 18.78
C1D CLA OA . -22.25 72.95 19.63
C2D CLA OA . -22.61 73.12 21.06
C3D CLA OA . -24.02 73.46 20.90
C4D CLA OA . -24.32 73.45 19.60
CMD CLA OA . -21.94 73.05 22.39
CAD CLA OA . -25.21 73.80 21.70
OBD CLA OA . -25.25 73.87 22.97
CBD CLA OA . -26.39 73.87 20.78
CGD CLA OA . -27.20 72.64 20.97
O1D CLA OA . -26.67 71.56 21.05
O2D CLA OA . -28.64 72.68 21.08
CED CLA OA . -29.26 71.89 22.08
C1 CLA OA . -25.25 79.03 17.44
C2 CLA OA . -24.18 77.97 17.69
C3 CLA OA . -23.35 77.58 16.71
C4 CLA OA . -22.31 76.54 16.95
C5 CLA OA . -23.45 78.17 15.32
C6 CLA OA . -24.23 77.23 14.42
C7 CLA OA . -23.31 76.58 13.39
C8 CLA OA . -22.93 77.57 12.30
C9 CLA OA . -24.12 77.84 11.40
C10 CLA OA . -21.75 77.00 11.52
C11 CLA OA . -20.58 76.59 12.41
C12 CLA OA . -19.27 76.98 11.77
C13 CLA OA . -18.39 75.77 11.55
C14 CLA OA . -18.04 75.13 12.88
C15 CLA OA . -17.12 76.17 10.81
MG CLA PA . -28.69 65.29 9.67
CHA CLA PA . -29.24 64.39 6.37
CHB CLA PA . -26.83 67.91 8.50
CHC CLA PA . -28.31 66.24 12.86
CHD CLA PA . -30.63 62.52 10.75
NA CLA PA . -28.10 66.09 7.69
C1A CLA PA . -28.38 65.61 6.54
C2A CLA PA . -27.82 66.41 5.41
C3A CLA PA . -27.01 67.43 6.15
C4A CLA PA . -27.34 67.15 7.54
CMA CLA PA . -25.55 67.26 5.90
CAA CLA PA . -28.94 67.27 4.85
CBA CLA PA . -29.09 67.20 3.34
CGA CLA PA . -27.84 67.74 2.69
O1A CLA PA . -27.33 68.81 2.95
O2A CLA PA . -27.18 67.12 1.73
NB CLA PA . -27.72 66.88 10.53
C1B CLA PA . -26.98 67.82 9.95
C2B CLA PA . -26.35 68.77 10.91
C3B CLA PA . -26.81 68.24 12.17
C4B CLA PA . -27.64 67.06 11.85
CMB CLA PA . -25.47 69.95 10.59
CAB CLA PA . -26.58 68.65 13.58
CBB CLA PA . -26.50 69.90 13.95
NC CLA PA . -29.42 64.53 11.49
C1C CLA PA . -29.03 64.99 12.68
C2C CLA PA . -29.35 64.16 13.82
C3C CLA PA . -30.05 63.05 13.20
C4C CLA PA . -30.03 63.37 11.77
CMC CLA PA . -29.06 64.40 15.26
CAC CLA PA . -30.62 61.85 13.87
CBC CLA PA . -29.57 60.77 13.86
ND CLA PA . -29.73 63.77 8.89
C1D CLA PA . -30.44 62.74 9.32
C2D CLA PA . -30.99 61.87 8.25
C3D CLA PA . -30.47 62.60 7.09
C4D CLA PA . -29.77 63.65 7.52
CMD CLA PA . -31.84 60.64 8.12
CAD CLA PA . -30.46 62.53 5.64
OBD CLA PA . -30.91 61.57 4.96
CBD CLA PA . -29.68 63.69 5.11
CGD CLA PA . -28.53 63.13 4.33
O1D CLA PA . -28.06 63.75 3.40
O2D CLA PA . -27.95 61.87 4.64
CED CLA PA . -26.58 61.68 4.29
C1 CLA PA . -26.43 67.99 0.61
C2 CLA PA . -27.16 68.97 -0.27
C3 CLA PA . -26.56 70.07 -0.75
C4 CLA PA . -25.12 70.33 -0.40
C5 CLA PA . -27.31 71.03 -1.63
C6 CLA PA . -26.77 72.45 -1.49
C7 CLA PA . -27.60 73.49 -2.24
C8 CLA PA . -27.36 73.48 -3.74
C9 CLA PA . -25.88 73.49 -4.05
C10 CLA PA . -28.04 74.68 -4.39
C11 CLA PA . -28.53 74.39 -5.80
C12 CLA PA . -29.25 75.59 -6.39
C13 CLA PA . -30.65 75.78 -5.82
C14 CLA PA . -31.72 75.55 -6.88
C15 CLA PA . -30.78 77.18 -5.25
MG CLA QA . -20.92 68.86 5.95
CHA CLA QA . -20.70 69.24 9.42
CHB CLA QA . -22.30 65.79 6.52
CHC CLA QA . -21.34 68.60 2.62
CHD CLA QA . -19.52 72.07 5.53
NA CLA QA . -21.46 67.64 7.73
C1A CLA QA . -21.28 67.92 8.96
C2A CLA QA . -21.69 66.83 9.88
C3A CLA QA . -22.12 65.76 8.92
C4A CLA QA . -21.97 66.45 7.64
CMA CLA QA . -21.32 64.47 8.98
CAA CLA QA . -22.99 67.23 10.57
CBA CLA QA . -23.45 66.18 11.55
CGA CLA QA . -22.72 66.34 12.86
O1A CLA QA . -22.37 67.40 13.33
O2A CLA QA . -22.41 65.35 13.65
NB CLA QA . -21.73 67.40 4.76
C1B CLA QA . -22.20 66.21 5.12
C2B CLA QA . -22.65 65.36 3.99
C3B CLA QA . -22.34 66.23 2.86
C4B CLA QA . -21.78 67.45 3.43
CMB CLA QA . -23.24 63.98 4.04
CAB CLA QA . -22.52 66.01 1.41
CBB CLA QA . -23.69 65.67 0.92
NC CLA QA . -20.51 70.14 4.33
C1C CLA QA . -20.68 69.84 3.05
C2C CLA QA . -20.19 70.82 2.09
C3C CLA QA . -19.67 71.83 2.98
C4C CLA QA . -19.90 71.33 4.33
CMC CLA QA . -20.24 70.77 0.59
CAC CLA QA . -19.00 73.12 2.68
CBC CLA QA . -17.52 72.89 2.59
ND CLA QA . -20.27 70.38 7.07
C1D CLA QA . -19.70 71.56 6.88
C2D CLA QA . -19.27 72.27 8.11
C3D CLA QA . -19.70 71.27 9.08
C4D CLA QA . -20.26 70.25 8.44
CMD CLA QA . -18.61 73.55 8.51
CAD CLA QA . -19.72 71.06 10.53
OBD CLA QA . -19.42 71.94 11.41
CBD CLA QA . -20.45 69.80 10.81
CGD CLA QA . -19.55 68.96 11.64
O1D CLA QA . -19.76 68.81 12.83
O2D CLA QA . -18.39 68.32 11.04
CED CLA QA . -17.92 67.10 11.58
C1 CLA QA . -20.88 64.91 13.80
C2 CLA QA . -20.14 64.19 12.70
C3 CLA QA . -19.22 63.27 12.99
C4 CLA QA . -18.91 62.92 14.41
C5 CLA QA . -18.50 62.57 11.89
C6 CLA QA . -17.39 63.43 11.32
C7 CLA QA . -16.74 62.63 10.20
C8 CLA QA . -15.74 63.36 9.31
C9 CLA QA . -15.71 64.87 9.49
C10 CLA QA . -16.03 63.00 7.87
C11 CLA QA . -17.45 63.40 7.48
C12 CLA QA . -17.70 63.19 5.99
C13 CLA QA . -18.30 64.42 5.36
C14 CLA QA . -18.66 64.16 3.91
C15 CLA QA . -17.30 65.55 5.46
C16 CLA QA . -17.93 66.90 5.74
C17 CLA QA . -16.94 68.00 5.44
C18 CLA QA . -16.77 68.95 6.61
C19 CLA QA . -16.39 68.21 7.89
C20 CLA QA . -15.75 70.03 6.30
MG CLA RA . -13.16 84.61 1.44
CHA CLA RA . -10.31 86.60 1.26
CHB CLA RA . -11.10 82.04 2.44
CHC CLA RA . -15.93 82.70 1.74
CHD CLA RA . -15.15 87.35 0.42
NA CLA RA . -10.98 84.32 1.83
C1A CLA RA . -10.05 85.19 1.70
C2A CLA RA . -8.69 84.65 2.03
C3A CLA RA . -8.98 83.21 2.32
C4A CLA RA . -10.45 83.18 2.19
CMA CLA RA . -8.20 82.23 1.47
CAA CLA RA . -8.13 85.18 3.35
CBA CLA RA . -9.18 85.58 4.38
CGA CLA RA . -8.62 85.60 5.77
O1A CLA RA . -7.62 86.20 6.11
O2A CLA RA . -9.17 84.99 6.80
NB CLA RA . -13.45 82.65 2.02
C1B CLA RA . -12.54 81.75 2.36
C2B CLA RA . -13.08 80.41 2.69
C3B CLA RA . -14.50 80.63 2.48
C4B CLA RA . -14.65 82.05 2.05
CMB CLA RA . -12.31 79.19 3.13
CAB CLA RA . -15.64 79.70 2.62
CBB CLA RA . -15.61 78.53 2.04
NC CLA RA . -15.23 84.99 1.16
C1C CLA RA . -16.20 84.08 1.31
C2C CLA RA . -17.56 84.54 1.01
C3C CLA RA . -17.33 85.93 0.64
C4C CLA RA . -15.87 86.10 0.76
CMC CLA RA . -18.86 83.79 1.08
CAC CLA RA . -18.35 86.95 0.22
CBC CLA RA . -18.66 87.87 1.38
ND CLA RA . -12.94 86.53 0.95
C1D CLA RA . -13.71 87.54 0.56
C2D CLA RA . -12.97 88.80 0.26
C3D CLA RA . -11.62 88.35 0.57
C4D CLA RA . -11.67 87.07 0.95
CMD CLA RA . -13.26 90.20 -0.19
CAD CLA RA . -10.24 88.86 0.59
OBD CLA RA . -9.83 89.96 0.07
CBD CLA RA . -9.35 87.75 1.05
CGD CLA RA . -8.35 87.45 -0.03
O1D CLA RA . -8.53 86.57 -0.83
O2D CLA RA . -7.13 88.23 -0.11
CED CLA RA . -6.55 88.51 -1.38
MG CLA SA . -6.43 76.60 -0.36
CHA CLA SA . -8.93 75.98 -2.73
CHB CLA SA . -8.74 78.44 1.39
CHC CLA SA . -4.08 77.03 1.99
CHD CLA SA . -4.17 74.63 -2.26
NA CLA SA . -8.58 77.14 -0.60
C1A CLA SA . -9.36 76.84 -1.56
C2A CLA SA . -10.75 77.37 -1.39
C3A CLA SA . -10.61 78.20 -0.14
C4A CLA SA . -9.22 77.90 0.26
CMA CLA SA . -10.99 79.65 -0.30
CAA CLA SA . -11.67 76.18 -1.05
CBA CLA SA . -12.41 76.10 0.29
CGA CLA SA . -11.82 75.05 1.20
O1A CLA SA . -11.27 74.03 0.82
O2A CLA SA . -11.86 75.10 2.51
NB CLA SA . -6.44 77.59 1.44
C1B CLA SA . -7.41 78.32 1.99
C2B CLA SA . -7.03 78.97 3.28
C3B CLA SA . -5.65 78.52 3.40
C4B CLA SA . -5.37 77.68 2.23
CMB CLA SA . -7.83 79.85 4.19
CAB CLA SA . -4.66 78.80 4.46
CBB CLA SA . -4.91 78.52 5.71
NC CLA SA . -4.44 75.91 -0.17
C1C CLA SA . -3.62 76.22 0.84
C2C CLA SA . -2.25 75.70 0.75
C3C CLA SA . -2.28 74.99 -0.51
C4C CLA SA . -3.67 75.19 -0.99
CMC CLA SA . -1.12 75.86 1.72
CAC CLA SA . -1.19 74.23 -1.20
CBC CLA SA . -0.53 75.08 -2.26
ND CLA SA . -6.40 75.53 -2.05
C1D CLA SA . -5.53 74.80 -2.74
C2D CLA SA . -6.04 74.22 -4.01
C3D CLA SA . -7.41 74.73 -3.93
C4D CLA SA . -7.55 75.45 -2.82
CMD CLA SA . -5.53 73.37 -5.13
CAD CLA SA . -8.66 74.71 -4.71
OBD CLA SA . -8.90 73.91 -5.67
CBD CLA SA . -9.69 75.43 -3.93
CGD CLA SA . -10.31 76.46 -4.83
O1D CLA SA . -10.97 76.09 -5.78
O2D CLA SA . -10.19 77.88 -4.62
CED CLA SA . -11.33 78.69 -4.91
MG CLA TA . -0.08 81.42 5.67
CHA CLA TA . -2.82 82.66 3.93
CHB CLA TA . -0.72 83.78 8.07
CHC CLA TA . 2.55 80.16 7.37
CHD CLA TA . 0.49 79.03 3.12
NA CLA TA . -1.58 83.03 6.00
C1A CLA TA . -2.55 83.37 5.23
C2A CLA TA . -3.34 84.54 5.72
C3A CLA TA . -2.61 84.88 7.00
C4A CLA TA . -1.56 83.83 7.04
CMA CLA TA . -2.18 86.32 7.14
CAA CLA TA . -4.76 84.21 6.16
CBA CLA TA . -4.88 82.81 6.76
CGA CLA TA . -6.33 82.44 6.92
O1A CLA TA . -7.21 82.75 6.14
O2A CLA TA . -6.81 81.72 7.91
NB CLA TA . 0.78 81.91 7.47
C1B CLA TA . 0.41 82.87 8.32
C2B CLA TA . 1.24 82.93 9.55
C3B CLA TA . 2.17 81.86 9.29
C4B CLA TA . 1.83 81.28 7.99
CMB CLA TA . 1.16 83.83 10.74
CAB CLA TA . 3.28 81.40 10.14
CBB CLA TA . 4.46 81.88 9.83
NC CLA TA . 1.25 79.79 5.34
C1C CLA TA . 2.25 79.44 6.14
C2C CLA TA . 3.04 78.27 5.71
C3C CLA TA . 2.39 77.92 4.48
C4C CLA TA . 1.31 78.92 4.33
CMC CLA TA . 4.21 77.62 6.40
CAC CLA TA . 2.73 76.78 3.55
CBC CLA TA . 1.90 75.58 3.94
ND CLA TA . -0.87 80.85 3.94
C1D CLA TA . -0.62 79.97 3.00
C2D CLA TA . -1.53 80.05 1.83
C3D CLA TA . -2.39 81.14 2.27
C4D CLA TA . -1.97 81.55 3.46
CMD CLA TA . -1.71 79.37 0.53
CAD CLA TA . -3.55 81.92 1.82
OBD CLA TA . -4.00 81.98 0.63
CBD CLA TA . -3.90 82.87 2.90
CGD CLA TA . -3.82 84.23 2.29
O1D CLA TA . -2.77 84.69 1.92
O2D CLA TA . -5.02 85.02 2.14
CED CLA TA . -5.24 85.69 0.91
MG CLA UA . -41.54 76.50 4.95
CHA CLA UA . -44.73 77.15 6.18
CHB CLA UA . -42.35 73.17 5.06
CHC CLA UA . -38.50 75.88 3.62
CHD CLA UA . -40.80 79.97 5.01
NA CLA UA . -43.31 75.27 5.53
C1A CLA UA . -44.44 75.70 5.97
C2A CLA UA . -45.40 74.59 6.29
C3A CLA UA . -44.60 73.37 5.98
C4A CLA UA . -43.33 73.96 5.49
CMA CLA UA . -44.56 72.38 7.12
CAA CLA UA . -46.62 74.52 5.37
CBA CLA UA . -46.30 74.73 3.88
CGA CLA UA . -47.51 74.36 3.07
O1A CLA UA . -47.56 74.39 1.84
O2A CLA UA . -48.65 73.98 3.58
NB CLA UA . -40.57 74.76 4.42
C1B CLA UA . -41.02 73.51 4.54
C2B CLA UA . -40.05 72.48 4.09
C3B CLA UA . -38.94 73.29 3.68
C4B CLA UA . -39.33 74.70 3.92
CMB CLA UA . -40.20 70.99 4.08
CAB CLA UA . -37.65 72.81 3.14
CBB CLA UA . -37.34 72.98 1.88
NC CLA UA . -39.93 77.75 4.35
C1C CLA UA . -38.79 77.31 3.82
C2C CLA UA . -37.80 78.36 3.46
C3C CLA UA . -38.52 79.57 3.84
C4C CLA UA . -39.80 79.08 4.38
CMC CLA UA . -36.44 78.21 2.84
CAC CLA UA . -38.08 81.00 3.70
CBC CLA UA . -37.42 81.49 4.97
ND CLA UA . -42.43 78.22 5.44
C1D CLA UA . -42.12 79.52 5.45
C2D CLA UA . -43.21 80.42 5.95
C3D CLA UA . -44.22 79.40 6.22
C4D CLA UA . -43.73 78.20 5.91
CMD CLA UA . -43.46 81.88 6.18
CAD CLA UA . -45.60 79.28 6.71
OBD CLA UA . -46.27 80.21 7.29
CBD CLA UA . -45.99 77.84 6.67
CGD CLA UA . -46.33 77.42 8.06
O1D CLA UA . -45.71 77.88 9.00
O2D CLA UA . -47.38 76.45 8.30
CED CLA UA . -48.57 76.86 8.96
MG CLA VA . -31.67 78.35 18.36
CHA CLA VA . -31.89 75.75 20.65
CHB CLA VA . -31.49 80.52 21.03
CHC CLA VA . -31.41 80.87 16.13
CHD CLA VA . -31.93 76.04 15.70
NA CLA VA . -31.67 78.20 20.58
C1A CLA VA . -31.76 77.12 21.26
C2A CLA VA . -31.66 77.36 22.74
C3A CLA VA . -31.60 78.86 22.82
C4A CLA VA . -31.60 79.23 21.39
CMA CLA VA . -32.60 79.52 23.75
CAA CLA VA . -30.28 76.92 23.27
CBA CLA VA . -29.13 76.94 22.24
CGA CLA VA . -27.75 76.99 22.83
O1A CLA VA . -26.73 76.93 22.16
O2A CLA VA . -27.47 77.12 24.11
NB CLA VA . -31.47 80.39 18.56
C1B CLA VA . -31.44 81.11 19.69
C2B CLA VA . -31.30 82.57 19.47
C3B CLA VA . -31.28 82.64 18.01
C4B CLA VA . -31.40 81.25 17.54
CMB CLA VA . -31.21 83.67 20.48
CAB CLA VA . -31.17 83.81 17.13
CBB CLA VA . -30.11 84.58 17.17
NC CLA VA . -31.60 78.42 16.24
C1C CLA VA . -31.43 79.54 15.52
C2C CLA VA . -31.27 79.35 14.08
C3C CLA VA . -31.36 77.90 13.98
C4C CLA VA . -31.58 77.43 15.35
CMC CLA VA . -31.03 80.38 13.02
CAC CLA VA . -31.23 77.07 12.73
CBC CLA VA . -29.85 76.47 12.73
ND CLA VA . -31.86 76.38 18.08
C1D CLA VA . -31.96 75.52 17.06
C2D CLA VA . -32.10 74.10 17.46
C3D CLA VA . -32.06 74.26 18.90
C4D CLA VA . -31.93 75.56 19.20
CMD CLA VA . -32.26 72.75 16.81
CAD CLA VA . -32.13 73.46 20.14
OBD CLA VA . -31.96 72.19 20.18
CBD CLA VA . -31.96 74.38 21.30
CGD CLA VA . -33.09 74.24 22.28
O1D CLA VA . -34.19 74.69 22.05
O2D CLA VA . -32.87 73.57 23.54
CED CLA VA . -33.81 72.62 24.02
MG CLA WA . -46.96 70.05 -2.41
CHA CLA WA . -47.47 69.53 1.00
CHB CLA WA . -49.58 67.90 -2.98
CHC CLA WA . -46.49 70.61 -5.70
CHD CLA WA . -44.23 72.19 -1.68
NA CLA WA . -48.38 68.86 -1.16
C1A CLA WA . -48.43 68.77 0.11
C2A CLA WA . -49.49 67.83 0.63
C3A CLA WA . -50.11 67.33 -0.67
C4A CLA WA . -49.31 68.08 -1.68
CMA CLA WA . -50.30 65.84 -0.87
CAA CLA WA . -50.62 68.51 1.40
CBA CLA WA . -50.99 69.86 0.81
CGA CLA WA . -51.27 70.84 1.94
O1A CLA WA . -52.03 70.63 2.85
O2A CLA WA . -50.71 72.03 2.03
NB CLA WA . -47.92 69.35 -4.09
C1B CLA WA . -48.94 68.51 -4.16
C2B CLA WA . -49.39 68.20 -5.54
C3B CLA WA . -48.47 69.01 -6.32
C4B CLA WA . -47.58 69.69 -5.34
CMB CLA WA . -50.50 67.31 -6.00
CAB CLA WA . -48.39 69.14 -7.79
CBB CLA WA . -48.81 70.23 -8.37
NC CLA WA . -45.65 71.31 -3.51
C1C CLA WA . -45.56 71.35 -4.83
C2C CLA WA . -44.47 72.18 -5.39
C3C CLA WA . -43.86 72.70 -4.18
C4C CLA WA . -44.65 72.10 -3.09
CMC CLA WA . -44.11 72.43 -6.83
CAC CLA WA . -42.68 73.62 -4.05
CBC CLA WA . -43.15 75.03 -3.77
ND CLA WA . -45.98 70.78 -0.83
C1D CLA WA . -44.97 71.59 -0.58
C2D CLA WA . -44.64 71.79 0.86
C3D CLA WA . -45.69 70.94 1.42
C4D CLA WA . -46.41 70.39 0.43
CMD CLA WA . -43.66 72.54 1.70
CAD CLA WA . -46.17 70.50 2.73
OBD CLA WA . -45.60 70.75 3.84
CBD CLA WA . -47.37 69.65 2.51
CGD CLA WA . -47.16 68.40 3.30
O1D CLA WA . -47.16 68.45 4.52
O2D CLA WA . -46.98 67.09 2.72
CED CLA WA . -46.95 65.99 3.64
MG CLA XA . -38.39 68.79 1.59
CHA CLA XA . -35.37 68.48 3.29
CHB CLA XA . -36.60 70.25 -0.95
CHC CLA XA . -41.26 68.95 -0.12
CHD CLA XA . -40.09 67.22 4.28
NA CLA XA . -36.24 69.30 1.18
C1A CLA XA . -35.24 69.13 1.94
C2A CLA XA . -33.96 69.68 1.37
C3A CLA XA . -34.42 70.26 0.06
C4A CLA XA . -35.85 69.90 0.09
CMA CLA XA . -34.12 71.72 -0.24
CAA CLA XA . -32.94 68.62 1.01
CBA CLA XA . -31.57 69.23 0.73
CGA CLA XA . -31.07 68.83 -0.64
O1A CLA XA . -30.19 68.02 -0.83
O2A CLA XA . -31.57 69.26 -1.79
NB CLA XA . -38.84 69.49 -0.28
C1B CLA XA . -38.04 70.05 -1.17
C2B CLA XA . -38.70 70.48 -2.43
C3B CLA XA . -40.08 70.09 -2.14
C4B CLA XA . -40.07 69.49 -0.79
CMB CLA XA . -38.08 71.14 -3.62
CAB CLA XA . -41.28 70.23 -2.98
CBB CLA XA . -41.30 69.79 -4.21
NC CLA XA . -40.37 68.16 2.02
C1C CLA XA . -41.39 68.31 1.20
C2C CLA XA . -42.69 67.83 1.68
C3C CLA XA . -42.34 67.30 2.98
C4C CLA XA . -40.89 67.56 3.10
CMC CLA XA . -44.02 67.85 1.00
CAC CLA XA . -43.30 66.67 3.97
CBC CLA XA . -43.18 65.18 4.09
ND CLA XA . -37.98 67.97 3.37
C1D CLA XA . -38.65 67.44 4.38
C2D CLA XA . -37.83 67.11 5.57
C3D CLA XA . -36.53 67.55 5.07
C4D CLA XA . -36.68 68.03 3.83
CMD CLA XA . -37.99 66.52 6.95
CAD CLA XA . -35.14 67.64 5.49
OBD CLA XA . -34.78 67.70 6.71
CBD CLA XA . -34.34 68.15 4.34
CGD CLA XA . -33.66 69.39 4.78
O1D CLA XA . -32.53 69.63 4.41
O2D CLA XA . -34.31 70.36 5.60
CED CLA XA . -34.05 71.69 5.24
C1 CLA XA . -31.08 70.59 -2.54
C2 CLA XA . -30.84 71.89 -1.80
C3 CLA XA . -31.45 73.05 -2.13
C4 CLA XA . -31.14 74.28 -1.33
C5 CLA XA . -32.44 73.11 -3.27
C6 CLA XA . -33.46 74.22 -3.02
C7 CLA XA . -34.89 73.81 -3.35
C8 CLA XA . -35.83 74.99 -3.19
C9 CLA XA . -36.09 75.28 -1.72
C10 CLA XA . -37.11 74.75 -3.97
C11 CLA XA . -37.83 76.03 -4.39
C12 CLA XA . -36.87 77.07 -4.99
C13 CLA XA . -37.47 77.87 -6.14
C14 CLA XA . -38.88 78.37 -5.81
C15 CLA XA . -37.46 77.03 -7.41
MG CLA YA . -30.18 79.56 -15.22
CHA CLA YA . -27.83 82.13 -15.41
CHB CLA YA . -28.28 78.22 -12.70
CHC CLA YA . -32.52 77.17 -14.92
CHD CLA YA . -31.96 80.96 -17.95
NA CLA YA . -28.29 80.09 -14.15
C1A CLA YA . -27.53 81.10 -14.34
C2A CLA YA . -26.30 81.11 -13.46
C3A CLA YA . -26.49 79.83 -12.67
C4A CLA YA . -27.78 79.34 -13.19
CMA CLA YA . -25.34 78.84 -12.61
CAA CLA YA . -26.24 82.28 -12.47
CBA CLA YA . -27.24 82.25 -11.33
CGA CLA YA . -27.36 83.64 -10.74
O1A CLA YA . -26.54 84.53 -10.92
O2A CLA YA . -28.35 84.06 -9.98
NB CLA YA . -30.37 77.93 -13.97
C1B CLA YA . -29.52 77.51 -13.04
C2B CLA YA . -29.93 76.26 -12.34
C3B CLA YA . -31.18 75.98 -13.03
C4B CLA YA . -31.38 77.05 -14.02
CMB CLA YA . -29.23 75.50 -11.26
CAB CLA YA . -32.12 74.85 -12.82
CBB CLA YA . -32.66 74.62 -11.65
NC CLA YA . -32.01 79.20 -16.22
C1C CLA YA . -32.78 78.12 -16.01
C2C CLA YA . -33.92 77.95 -16.92
C3C CLA YA . -33.77 79.10 -17.79
C4C CLA YA . -32.57 79.79 -17.28
CMC CLA YA . -34.92 76.86 -16.93
CAC CLA YA . -34.63 79.48 -18.97
CBC CLA YA . -35.61 80.56 -18.56
ND CLA YA . -30.06 81.11 -16.46
C1D CLA YA . -30.76 81.64 -17.46
C2D CLA YA . -30.20 82.90 -18.03
C3D CLA YA . -29.03 83.05 -17.16
C4D CLA YA . -29.00 82.00 -16.30
CMD CLA YA . -30.52 83.90 -19.11
CAD CLA YA . -27.90 83.94 -16.93
OBD CLA YA . -27.54 84.91 -17.70
CBD CLA YA . -27.11 83.41 -15.78
CGD CLA YA . -25.73 83.14 -16.29
O1D CLA YA . -24.85 83.95 -16.08
O2D CLA YA . -25.43 81.95 -17.04
CED CLA YA . -24.17 81.34 -16.85
MG CLA ZA . -37.82 76.10 -23.49
CHA CLA ZA . -38.39 78.51 -25.89
CHB CLA ZA . -38.38 78.53 -21.11
CHC CLA ZA . -37.19 73.76 -21.15
CHD CLA ZA . -37.29 73.65 -26.02
NA CLA ZA . -38.34 78.27 -23.47
C1A CLA ZA . -38.53 79.02 -24.48
C2A CLA ZA . -38.85 80.45 -24.11
C3A CLA ZA . -38.80 80.40 -22.60
C4A CLA ZA . -38.48 78.97 -22.37
CMA CLA ZA . -38.01 81.46 -21.85
CAA CLA ZA . -40.31 80.81 -24.45
CBA CLA ZA . -41.27 79.65 -24.36
CGA CLA ZA . -42.57 80.09 -23.70
O1A CLA ZA . -42.98 81.23 -23.68
O2A CLA ZA . -43.40 79.27 -23.09
NB CLA ZA . -37.79 76.17 -21.44
C1B CLA ZA . -38.06 77.18 -20.64
C2B CLA ZA . -38.01 76.86 -19.18
C3B CLA ZA . -37.65 75.43 -19.25
C4B CLA ZA . -37.54 75.10 -20.67
CMB CLA ZA . -38.28 77.82 -18.06
CAB CLA ZA . -37.42 74.39 -18.23
CBB CLA ZA . -37.75 74.52 -16.98
NC CLA ZA . -37.45 74.01 -23.58
C1C CLA ZA . -37.22 73.24 -22.53
C2C CLA ZA . -37.01 71.83 -22.80
C3C CLA ZA . -37.14 71.79 -24.25
C4C CLA ZA . -37.39 73.19 -24.64
CMC CLA ZA . -36.76 70.73 -21.81
CAC CLA ZA . -37.04 70.60 -25.14
CBC CLA ZA . -35.57 70.38 -25.32
ND CLA ZA . -37.82 75.95 -25.48
C1D CLA ZA . -37.59 75.03 -26.41
C2D CLA ZA . -37.67 75.54 -27.82
C3D CLA ZA . -37.98 76.93 -27.51
C4D CLA ZA . -38.06 77.11 -26.20
CMD CLA ZA . -37.51 75.02 -29.21
CAD CLA ZA . -38.26 78.18 -28.22
OBD CLA ZA . -38.66 78.21 -29.43
CBD CLA ZA . -38.52 79.25 -27.21
CGD CLA ZA . -37.50 80.32 -27.38
O1D CLA ZA . -37.71 81.46 -27.01
O2D CLA ZA . -36.21 80.05 -28.00
CED CLA ZA . -35.08 80.81 -27.61
MG CLA AB . -31.39 87.72 -16.73
CHA CLA AB . -29.30 90.49 -16.50
CHB CLA AB . -29.51 86.29 -14.25
CHC CLA AB . -33.47 85.05 -16.85
CHD CLA AB . -33.31 89.32 -19.25
NA CLA AB . -29.62 88.29 -15.50
C1A CLA AB . -28.95 89.37 -15.55
C2A CLA AB . -27.75 89.37 -14.62
C3A CLA AB . -27.86 88.01 -13.96
C4A CLA AB . -29.09 87.50 -14.60
CMA CLA AB . -26.69 87.06 -14.04
CAA CLA AB . -27.78 90.40 -13.50
CBA CLA AB . -29.15 90.58 -12.88
CGA CLA AB . -29.08 91.74 -11.93
O1A CLA AB . -28.32 91.82 -10.99
O2A CLA AB . -29.83 92.82 -12.03
NB CLA AB . -31.47 85.95 -15.69
C1B CLA AB . -30.65 85.53 -14.74
C2B CLA AB . -30.97 84.20 -14.20
C3B CLA AB . -32.14 83.83 -14.99
C4B CLA AB . -32.37 84.99 -15.89
CMB CLA AB . -30.20 83.49 -13.13
CAB CLA AB . -32.98 82.62 -14.97
CBB CLA AB . -33.36 82.05 -13.85
NC CLA AB . -33.13 87.27 -17.86
C1C CLA AB . -33.80 86.12 -17.81
C2C CLA AB . -34.90 85.95 -18.75
C3C CLA AB . -34.86 87.22 -19.46
C4C CLA AB . -33.73 87.95 -18.85
CMC CLA AB . -35.81 84.75 -18.89
CAC CLA AB . -35.74 87.68 -20.59
CBC CLA AB . -35.39 86.91 -21.84
ND CLA AB . -31.44 89.46 -17.70
C1D CLA AB . -32.14 90.02 -18.68
C2D CLA AB . -31.65 91.36 -19.11
C3D CLA AB . -30.51 91.48 -18.20
C4D CLA AB . -30.44 90.38 -17.43
CMD CLA AB . -31.98 92.43 -20.11
CAD CLA AB . -29.42 92.42 -17.86
OBD CLA AB . -28.99 93.33 -18.65
CBD CLA AB . -28.65 91.83 -16.73
CGD CLA AB . -27.22 91.69 -17.16
O1D CLA AB . -26.39 92.53 -16.88
O2D CLA AB . -26.79 90.53 -17.93
CED CLA AB . -25.53 89.93 -17.63
MG CLA BB . -35.94 60.90 -26.44
CHA CLA BB . -34.40 60.13 -29.46
CHB CLA BB . -36.69 63.98 -27.79
CHC CLA BB . -37.44 61.65 -23.50
CHD CLA BB . -35.06 57.72 -25.16
NA CLA BB . -35.62 61.96 -28.38
C1A CLA BB . -35.01 61.50 -29.42
C2A CLA BB . -34.97 62.48 -30.57
C3A CLA BB . -35.67 63.67 -29.97
C4A CLA BB . -36.02 63.18 -28.62
CMA CLA BB . -34.99 65.03 -30.07
CAA CLA BB . -35.81 62.15 -31.81
CBA CLA BB . -36.71 60.90 -31.89
CGA CLA BB . -37.84 60.88 -30.91
O1A CLA BB . -38.40 61.86 -30.46
O2A CLA BB . -38.38 59.78 -30.40
NB CLA BB . -36.92 62.57 -25.76
C1B CLA BB . -37.15 63.72 -26.41
C2B CLA BB . -37.90 64.72 -25.62
C3B CLA BB . -38.10 64.01 -24.37
C4B CLA BB . -37.46 62.68 -24.54
CMB CLA BB . -38.31 66.10 -26.06
CAB CLA BB . -38.78 64.39 -23.12
CBB CLA BB . -39.94 65.01 -23.11
NC CLA BB . -36.28 59.82 -24.65
C1C CLA BB . -36.89 60.29 -23.56
C2C CLA BB . -36.99 59.36 -22.43
C3C CLA BB . -36.33 58.18 -22.96
C4C CLA BB . -35.91 58.58 -24.32
CMC CLA BB . -37.63 59.55 -21.09
CAC CLA BB . -36.11 56.86 -22.29
CBC CLA BB . -34.81 56.89 -21.52
ND CLA BB . -34.98 59.26 -27.02
C1D CLA BB . -34.68 58.06 -26.54
C2D CLA BB . -33.94 57.16 -27.47
C3D CLA BB . -33.86 58.06 -28.62
C4D CLA BB . -34.47 59.21 -28.32
CMD CLA BB . -33.37 55.78 -27.49
CAD CLA BB . -33.35 58.10 -30.00
OBD CLA BB . -32.62 57.20 -30.56
CBD CLA BB . -33.62 59.45 -30.57
CGD CLA BB . -32.32 60.15 -30.80
O1D CLA BB . -31.72 60.67 -29.89
O2D CLA BB . -31.77 60.22 -32.14
CED CLA BB . -30.42 59.81 -32.35
C1 CLA BB . -38.45 59.54 -28.82
C2 CLA BB . -38.26 58.17 -28.23
C3 CLA BB . -38.83 57.83 -27.07
C4 CLA BB . -38.59 56.45 -26.53
C5 CLA BB . -39.68 58.83 -26.30
C6 CLA BB . -40.08 58.33 -24.92
C7 CLA BB . -41.25 59.13 -24.40
C8 CLA BB . -41.24 59.21 -22.87
C9 CLA BB . -41.63 57.87 -22.26
C10 CLA BB . -42.18 60.31 -22.43
MG CLA CB . -27.57 58.85 -19.26
CHA CLA CB . -24.24 59.19 -18.28
CHB CLA CB . -26.72 60.52 -22.13
CHC CLA CB . -30.78 58.44 -20.25
CHD CLA CB . -28.29 57.14 -16.24
NA CLA CB . -25.71 59.75 -20.13
C1A CLA CB . -24.54 59.78 -19.63
C2A CLA CB . -23.53 60.47 -20.49
C3A CLA CB . -24.38 60.95 -21.64
C4A CLA CB . -25.69 60.36 -21.29
CMA CLA CB . -24.33 62.42 -21.95
CAA CLA CB . -22.51 59.44 -21.01
CBA CLA CB . -22.44 59.08 -22.50
CGA CLA CB . -23.32 57.89 -22.85
O1A CLA CB . -23.62 57.55 -23.99
O2A CLA CB . -23.88 57.09 -21.96
NB CLA CB . -28.58 59.40 -20.96
C1B CLA CB . -28.11 60.07 -22.00
C2B CLA CB . -29.13 60.33 -23.04
C3B CLA CB . -30.31 59.72 -22.45
C4B CLA CB . -29.88 59.16 -21.16
CMB CLA CB . -28.97 61.07 -24.34
CAB CLA CB . -31.67 59.63 -23.00
CBB CLA CB . -31.86 58.97 -24.12
NC CLA CB . -29.25 57.88 -18.41
C1C CLA CB . -30.49 57.91 -18.91
C2C CLA CB . -31.56 57.40 -18.05
C3C CLA CB . -30.81 57.00 -16.87
C4C CLA CB . -29.41 57.35 -17.19
CMC CLA CB . -33.03 57.29 -18.30
CAC CLA CB . -31.34 56.41 -15.60
CBC CLA CB . -31.19 54.91 -15.66
ND CLA CB . -26.63 58.25 -17.60
C1D CLA CB . -26.92 57.59 -16.50
C2D CLA CB . -25.77 57.37 -15.57
C3D CLA CB . -24.73 58.04 -16.35
C4D CLA CB . -25.28 58.51 -17.48
CMD CLA CB . -25.47 56.75 -14.25
CAD CLA CB . -23.31 58.35 -16.28
OBD CLA CB . -22.58 58.21 -15.24
CBD CLA CB . -22.96 59.16 -17.47
CGD CLA CB . -22.58 60.52 -17.01
O1D CLA CB . -23.37 61.20 -16.41
O2D CLA CB . -21.25 61.05 -17.25
CED CLA CB . -20.54 61.67 -16.19
C1 CLA CB . -24.87 55.90 -22.37
C2 CLA CB . -26.36 56.07 -22.62
C3 CLA CB . -27.27 55.61 -21.75
C4 CLA CB . -26.84 54.96 -20.47
C5 CLA CB . -28.74 55.78 -22.03
C6 CLA CB . -29.59 54.80 -21.23
C7 CLA CB . -30.86 54.42 -21.97
C8 CLA CB . -32.01 54.12 -21.02
C9 CLA CB . -31.62 53.17 -19.92
C10 CLA CB . -33.17 53.54 -21.84
MG CLA DB . -26.89 66.11 -13.21
CHA CLA DB . -24.41 68.31 -14.23
CHB CLA DB . -25.12 63.63 -14.76
CHC CLA DB . -29.26 63.96 -12.16
CHD CLA DB . -28.66 68.79 -11.67
NA CLA DB . -24.99 65.95 -14.36
C1A CLA DB . -24.20 66.88 -14.68
C2A CLA DB . -23.02 66.41 -15.48
C3A CLA DB . -23.35 64.95 -15.72
C4A CLA DB . -24.57 64.82 -14.90
CMA CLA DB . -23.38 64.44 -17.16
CAA CLA DB . -21.86 66.41 -14.46
CBA CLA DB . -21.17 65.14 -13.93
CGA CLA DB . -21.82 64.42 -12.77
O1A CLA DB . -22.86 64.79 -12.27
O2A CLA DB . -21.37 63.30 -12.26
NB CLA DB . -27.14 64.10 -13.44
C1B CLA DB . -26.34 63.25 -14.05
C2B CLA DB . -26.77 61.84 -13.98
C3B CLA DB . -28.01 61.95 -13.21
C4B CLA DB . -28.15 63.39 -12.92
CMB CLA DB . -26.04 60.70 -14.58
CAB CLA DB . -28.99 60.95 -12.75
CBB CLA DB . -29.01 59.69 -13.08
NC CLA DB . -28.64 66.34 -12.06
C1C CLA DB . -29.46 65.34 -11.75
C2C CLA DB . -30.61 65.67 -10.93
C3C CLA DB . -30.43 67.09 -10.74
C4C CLA DB . -29.20 67.42 -11.49
CMC CLA DB . -31.65 64.73 -10.43
CAC CLA DB . -31.30 68.03 -9.97
CBC CLA DB . -31.06 67.87 -8.49
ND CLA DB . -26.73 68.10 -12.97
C1D CLA DB . -27.38 69.05 -12.32
C2D CLA DB . -26.69 70.38 -12.34
C3D CLA DB . -25.51 70.01 -13.14
C4D CLA DB . -25.60 68.72 -13.45
CMD CLA DB . -26.91 71.77 -11.81
CAD CLA DB . -24.27 70.59 -13.70
OBD CLA DB . -23.82 71.78 -13.52
CBD CLA DB . -23.58 69.55 -14.49
CGD CLA DB . -23.63 69.87 -15.93
O1D CLA DB . -24.55 70.51 -16.40
O2D CLA DB . -22.57 69.43 -16.81
CED CLA DB . -22.44 70.05 -18.07
C1 CLA DB . -22.21 61.95 -12.45
C2 CLA DB . -23.47 61.67 -11.65
C3 CLA DB . -23.88 60.42 -11.38
C4 CLA DB . -23.10 59.24 -11.88
C5 CLA DB . -25.13 60.15 -10.58
C6 CLA DB . -25.65 61.42 -9.91
C7 CLA DB . -26.58 61.10 -8.75
C8 CLA DB . -28.01 60.90 -9.18
C9 CLA DB . -28.92 61.88 -8.46
C10 CLA DB . -28.41 59.47 -8.90
C11 CLA DB . -29.89 59.20 -9.17
C12 CLA DB . -30.22 57.75 -8.85
C13 CLA DB . -30.55 56.97 -10.11
C14 CLA DB . -32.05 56.93 -10.34
C15 CLA DB . -30.04 55.55 -9.97
C16 CLA DB . -29.16 55.18 -11.16
C17 CLA DB . -27.89 54.51 -10.67
C18 CLA DB . -26.69 55.35 -11.07
C19 CLA DB . -26.45 56.47 -10.09
C20 CLA DB . -25.44 54.50 -11.22
MG CLA EB . -48.97 65.34 -10.22
CHA CLA EB . -50.30 63.63 -7.51
CHB CLA EB . -51.62 64.22 -12.06
CHC CLA EB . -47.63 66.97 -12.85
CHD CLA EB . -46.25 66.43 -8.21
NA CLA EB . -50.77 64.08 -9.85
C1A CLA EB . -51.13 63.53 -8.75
C2A CLA EB . -52.42 62.76 -8.86
C3A CLA EB . -52.77 62.97 -10.31
C4A CLA EB . -51.65 63.81 -10.78
CMA CLA EB . -53.18 61.79 -11.16
CAA CLA EB . -53.60 63.41 -8.11
CBA CLA EB . -53.43 64.91 -7.92
CGA CLA EB . -54.74 65.66 -7.73
O1A CLA EB . -55.85 65.15 -7.83
O2A CLA EB . -54.81 66.94 -7.41
NB CLA EB . -49.56 65.57 -12.18
C1B CLA EB . -50.64 65.05 -12.76
C2B CLA EB . -50.78 65.42 -14.20
C3B CLA EB . -49.59 66.23 -14.40
C4B CLA EB . -48.89 66.26 -13.09
CMB CLA EB . -51.85 65.05 -15.18
CAB CLA EB . -49.13 66.90 -15.64
CBB CLA EB . -48.12 66.41 -16.33
NC CLA EB . -47.28 66.61 -10.45
C1C CLA EB . -46.90 67.17 -11.60
C2C CLA EB . -45.72 68.03 -11.54
C3C CLA EB . -45.37 67.93 -10.13
C4C CLA EB . -46.38 67.03 -9.56
CMC CLA EB . -45.07 68.82 -12.66
CAC CLA EB . -44.24 68.59 -9.40
CBC CLA EB . -43.04 67.77 -9.75
ND CLA EB . -48.30 65.15 -8.35
C1D CLA EB . -47.29 65.61 -7.61
C2D CLA EB . -47.32 65.16 -6.19
C3D CLA EB . -48.56 64.38 -6.22
C4D CLA EB . -49.05 64.41 -7.45
CMD CLA EB . -46.51 65.34 -4.95
CAD CLA EB . -49.41 63.59 -5.33
OBD CLA EB . -49.46 63.77 -4.07
CBD CLA EB . -50.54 63.04 -6.13
CGD CLA EB . -50.45 61.55 -6.10
O1D CLA EB . -51.17 60.91 -5.36
O2D CLA EB . -49.50 60.82 -6.91
CED CLA EB . -49.92 59.60 -7.51
C1 CLA EB . -54.54 68.11 -8.46
C2 CLA EB . -53.67 67.94 -9.69
C3 CLA EB . -52.74 68.83 -10.07
C4 CLA EB . -52.52 70.08 -9.27
C5 CLA EB . -51.95 68.53 -11.33
C6 CLA EB . -50.64 69.33 -11.41
C7 CLA EB . -50.73 70.39 -12.50
C8 CLA EB . -49.38 70.95 -12.97
C9 CLA EB . -48.88 70.17 -14.18
C10 CLA EB . -48.33 70.97 -11.88
MG CLA FB . -37.50 54.00 -6.42
CHA CLA FB . -38.91 51.41 -4.60
CHB CLA FB . -36.05 55.04 -3.49
CHC CLA FB . -35.96 56.40 -8.21
CHD CLA FB . -39.09 52.83 -9.37
NA CLA FB . -37.45 53.32 -4.29
C1A CLA FB . -38.06 52.33 -3.78
C2A CLA FB . -37.84 52.19 -2.30
C3A CLA FB . -36.99 53.40 -2.02
C4A CLA FB . -36.81 53.97 -3.36
CMA CLA FB . -37.55 54.39 -1.03
CAA CLA FB . -37.01 50.94 -1.96
CBA CLA FB . -35.63 50.87 -2.61
CGA CLA FB . -35.24 49.48 -3.05
O1A CLA FB . -35.57 48.46 -2.48
O2A CLA FB . -34.50 49.24 -4.11
NB CLA FB . -36.19 55.48 -5.91
C1B CLA FB . -35.73 55.79 -4.70
C2B CLA FB . -34.82 56.94 -4.66
C3B CLA FB . -34.79 57.33 -6.06
C4B CLA FB . -35.68 56.38 -6.76
CMB CLA FB . -34.16 57.47 -3.43
CAB CLA FB . -34.07 58.45 -6.69
CBB CLA FB . -32.80 58.68 -6.46
NC CLA FB . -37.49 54.49 -8.48
C1C CLA FB . -36.86 55.55 -8.99
C2C CLA FB . -37.13 55.83 -10.39
C3C CLA FB . -38.05 54.77 -10.76
C4C CLA FB . -38.20 54.00 -9.50
CMC CLA FB . -36.58 56.95 -11.21
CAC CLA FB . -38.72 54.53 -12.09
CBC CLA FB . -38.00 53.46 -12.87
ND CLA FB . -38.72 52.53 -7.00
C1D CLA FB . -39.28 52.10 -8.12
C2D CLA FB . -40.11 50.87 -7.96
C3D CLA FB . -39.92 50.65 -6.53
C4D CLA FB . -39.13 51.61 -6.05
CMD CLA FB . -40.95 49.98 -8.83
CAD CLA FB . -40.32 49.72 -5.45
OBD CLA FB . -41.37 48.98 -5.49
CBD CLA FB . -39.72 50.20 -4.19
CGD CLA FB . -40.80 50.64 -3.26
O1D CLA FB . -41.75 51.27 -3.68
O2D CLA FB . -40.67 50.39 -1.84
CED CLA FB . -41.34 49.27 -1.27
C1 CLA FB . -33.17 48.35 -4.03
C2 CLA FB . -32.09 48.56 -2.99
C3 CLA FB . -30.80 48.73 -3.33
C4 CLA FB . -30.38 48.75 -4.76
C5 CLA FB . -29.76 48.93 -2.25
C6 CLA FB . -29.93 47.91 -1.14
C7 CLA FB . -28.63 47.79 -0.35
C8 CLA FB . -28.87 47.87 1.15
C9 CLA FB . -29.42 49.23 1.55
C10 CLA FB . -27.58 47.59 1.90
C11 CLA FB . -27.21 46.12 1.86
C12 CLA FB . -27.53 45.44 3.17
C13 CLA FB . -26.28 44.93 3.87
C14 CLA FB . -25.50 43.97 2.99
C15 CLA FB . -26.68 44.22 5.15
C16 CLA FB . -27.40 45.16 6.11
C17 CLA FB . -28.41 44.39 6.94
C18 CLA FB . -28.02 44.35 8.41
C19 CLA FB . -29.25 44.20 9.30
C20 CLA FB . -27.04 43.22 8.69
CAA F6C GB . -51.97 47.58 -10.35
CAB F6C GB . -42.65 48.21 -11.72
CAC F6C GB . -45.15 55.86 -11.23
CAD F6C GB . -52.20 52.38 -8.82
NA F6C GB . -48.95 49.04 -9.87
CBA F6C GB . -51.63 48.11 -11.73
CBB F6C GB . -41.86 47.18 -11.55
CBC F6C GB . -45.82 56.29 -12.52
CBD F6C GB . -52.21 50.89 -8.86
NB F6C GB . -46.07 49.23 -10.71
OBD F6C GB . -52.96 53.04 -8.04
CGA F6C GB . -52.80 47.92 -12.66
CGD F6C GB . -52.49 50.36 -7.49
ND F6C GB . -48.78 52.12 -9.90
CED F6C GB . -51.53 50.11 -5.24
CHA F6C GB . -50.81 50.52 -9.30
CHB F6C GB . -47.48 47.25 -10.29
CHC F6C GB . -44.24 50.81 -11.26
CHD F6C GB . -47.61 54.18 -10.22
CMA F6C GB . -49.53 45.70 -8.66
CMB F6C GB . -44.91 45.63 -11.06
CMC F6C GB . -42.73 53.59 -11.77
CMD F6C GB . -50.61 55.45 -9.26
OMB F6C GB . -43.96 45.03 -10.58
C1A F6C GB . -50.17 49.17 -9.52
C1B F6C GB . -46.22 47.90 -10.66
C1C F6C GB . -44.89 52.13 -11.13
C1D F6C GB . -48.80 53.44 -9.88
O1A F6C GB . -52.85 48.33 -13.81
O1D F6C GB . -53.18 49.38 -7.35
C2A F6C GB . -50.88 47.85 -9.31
C2B F6C GB . -45.01 47.13 -11.02
C2C F6C GB . -44.17 53.39 -11.38
C2D F6C GB . -50.08 54.06 -9.45
O2A F6C GB . -53.92 47.30 -12.32
O2D F6C GB . -51.94 50.97 -6.29
C3A F6C GB . -49.77 46.86 -9.61
C3B F6C GB . -44.07 48.22 -11.30
C3C F6C GB . -45.21 54.37 -11.14
C3D F6C GB . -50.86 52.83 -9.24
C4A F6C GB . -48.64 47.77 -9.95
C4B F6C GB . -44.82 49.48 -11.09
C4C F6C GB . -46.40 53.57 -10.79
C4D F6C GB . -50.07 51.78 -9.51
NC F6C GB . -46.18 52.26 -10.80
MG F6C GB . -47.48 50.66 -10.30
CAA F6C HB . -46.82 40.61 -5.30
CAB F6C HB . -37.53 39.56 -5.74
CAC F6C HB . -38.58 47.11 -8.23
CAD F6C HB . -46.44 45.61 -5.80
NA F6C HB . -43.69 41.83 -5.08
CBA F6C HB . -47.92 39.87 -4.56
CBB F6C HB . -36.80 39.13 -4.75
CBC F6C HB . -38.68 47.03 -9.73
CBD F6C HB . -46.68 44.25 -5.24
NB F6C HB . -40.79 41.31 -5.57
OBD F6C HB . -47.34 46.51 -5.93
CGA F6C HB . -47.96 38.41 -4.99
CGD F6C HB . -47.09 44.44 -3.81
ND F6C HB . -43.05 44.58 -6.29
CED F6C HB . -48.75 46.06 -2.94
CHA F6C HB . -45.33 43.60 -5.36
CHB F6C HB . -42.50 39.85 -4.57
CHC F6C HB . -38.70 42.31 -6.48
CHD F6C HB . -41.53 46.22 -7.24
CMA F6C HB . -44.77 39.58 -2.62
CMB F6C HB . -40.10 37.77 -4.42
CMC F6C HB . -36.69 44.43 -7.71
CMD F6C HB . -44.46 48.06 -7.16
OMB F6C HB . -39.47 36.88 -4.97
C1A F6C HB . -44.89 42.22 -4.95
C1B F6C HB . -41.14 40.15 -5.04
C1C F6C HB . -39.12 43.66 -6.87
C1D F6C HB . -42.86 45.81 -6.78
O1A F6C HB . -47.01 37.78 -5.44
O1D F6C HB . -46.27 44.30 -2.92
C2A F6C HB . -45.80 41.20 -4.31
C2B F6C HB . -40.05 39.16 -4.95
C2C F6C HB . -38.16 44.62 -7.43
C2D F6C HB . -44.07 46.67 -6.77
O2A F6C HB . -49.03 37.63 -4.91
O2D F6C HB . -48.45 44.78 -3.47
C3A F6C HB . -44.85 40.08 -4.05
C3B F6C HB . -38.94 39.93 -5.52
C3C F6C HB . -39.00 45.78 -7.66
C3D F6C HB . -45.03 45.72 -6.19
C4A F6C HB . -43.59 40.61 -4.60
C4B F6C HB . -39.49 41.24 -5.87
C4C F6C HB . -40.34 45.36 -7.20
C4D F6C HB . -44.39 44.57 -5.95
NC F6C HB . -40.37 44.09 -6.75
MG F6C HB . -41.95 42.97 -5.87
MG CLA IB . -35.27 43.06 1.91
CHA CLA IB . -37.17 45.38 0.15
CHB CLA IB . -35.93 40.82 -0.61
CHC CLA IB . -33.18 40.93 3.46
CHD CLA IB . -34.67 45.46 4.44
NA CLA IB . -36.39 43.07 -0.01
C1A CLA IB . -37.06 44.03 -0.52
C2A CLA IB . -37.76 43.65 -1.79
C3A CLA IB . -37.36 42.21 -1.97
C4A CLA IB . -36.50 42.01 -0.78
CMA CLA IB . -38.47 41.22 -2.25
CAA CLA IB . -37.22 44.37 -3.01
CBA CLA IB . -35.73 44.62 -2.95
CGA CLA IB . -35.36 45.29 -4.23
O1A CLA IB . -35.75 46.38 -4.57
O2A CLA IB . -34.60 44.72 -5.16
NB CLA IB . -34.64 41.15 1.47
C1B CLA IB . -35.04 40.37 0.47
C2B CLA IB . -34.47 39.00 0.50
C3B CLA IB . -33.67 39.08 1.71
C4B CLA IB . -33.83 40.44 2.25
CMB CLA IB . -34.69 37.86 -0.45
CAB CLA IB . -32.83 38.04 2.33
CBB CLA IB . -31.55 38.03 2.07
NC CLA IB . -34.16 43.17 3.72
C1C CLA IB . -33.34 42.22 4.15
C2C CLA IB . -32.60 42.53 5.37
C3C CLA IB . -33.06 43.85 5.69
C4C CLA IB . -34.02 44.16 4.61
CMC CLA IB . -31.59 41.69 6.07
CAC CLA IB . -32.63 44.72 6.84
CBC CLA IB . -33.63 44.74 7.96
ND CLA IB . -35.72 44.95 2.32
C1D CLA IB . -35.50 45.83 3.30
C2D CLA IB . -36.16 47.14 3.13
C3D CLA IB . -36.82 46.90 1.84
C4D CLA IB . -36.52 45.66 1.45
CMD CLA IB . -36.28 48.44 3.86
CAD CLA IB . -37.68 47.58 0.87
OBD CLA IB . -37.91 48.83 0.84
CBD CLA IB . -37.88 46.66 -0.28
CGD CLA IB . -39.35 46.41 -0.49
O1D CLA IB . -40.11 46.28 0.46
O2D CLA IB . -39.83 46.30 -1.86
CED CLA IB . -41.07 45.67 -2.15
C1 CLA IB . -33.40 43.76 -4.77
C2 CLA IB . -32.10 44.32 -4.29
C3 CLA IB . -30.92 43.78 -4.64
C4 CLA IB . -30.86 42.58 -5.55
C5 CLA IB . -29.66 44.41 -4.11
C6 CLA IB . -28.72 43.32 -3.64
C7 CLA IB . -28.82 43.19 -2.13
C8 CLA IB . -27.44 43.30 -1.48
C9 CLA IB . -27.52 42.90 -0.02
C10 CLA IB . -26.96 44.73 -1.63
MG CLA JB . -35.22 55.75 1.19
CHA CLA JB . -34.45 59.07 0.56
CHB CLA JB . -32.27 54.92 -0.34
CHC CLA JB . -35.98 52.53 1.82
CHD CLA JB . -38.22 56.73 2.82
NA CLA JB . -33.53 56.85 0.23
C1A CLA JB . -33.39 58.11 0.10
C2A CLA JB . -32.09 58.53 -0.55
C3A CLA JB . -31.45 57.17 -0.82
C4A CLA JB . -32.48 56.25 -0.28
CMA CLA JB . -30.77 56.90 -2.14
CAA CLA JB . -31.18 59.18 0.47
CBA CLA JB . -30.04 59.98 -0.13
CGA CLA JB . -30.14 61.40 0.40
O1A CLA JB . -29.34 61.92 1.14
O2A CLA JB . -31.10 62.23 0.06
NB CLA JB . -34.24 53.99 0.79
C1B CLA JB . -33.10 53.81 0.14
C2B CLA JB . -32.71 52.39 -0.02
C3B CLA JB . -33.84 51.72 0.63
C4B CLA JB . -34.73 52.78 1.11
CMB CLA JB . -31.48 51.86 -0.70
CAB CLA JB . -34.15 50.28 0.86
CBB CLA JB . -33.76 49.31 0.07
NC CLA JB . -36.79 54.80 2.27
C1C CLA JB . -36.98 53.48 2.32
C2C CLA JB . -38.24 53.02 2.90
C3C CLA JB . -38.88 54.28 3.24
C4C CLA JB . -37.90 55.30 2.81
CMC CLA JB . -38.76 51.61 3.08
CAC CLA JB . -40.22 54.51 3.88
CBC CLA JB . -40.04 54.63 5.37
ND CLA JB . -36.20 57.40 1.66
C1D CLA JB . -37.34 57.75 2.26
C2D CLA JB . -37.61 59.20 2.28
C3D CLA JB . -36.41 59.67 1.59
C4D CLA JB . -35.66 58.62 1.26
CMD CLA JB . -38.66 60.13 2.78
CAD CLA JB . -35.79 60.91 1.14
OBD CLA JB . -36.47 61.95 0.85
CBD CLA JB . -34.51 60.58 0.47
CGD CLA JB . -34.61 61.07 -0.94
O1D CLA JB . -33.77 61.83 -1.40
O2D CLA JB . -35.70 60.69 -1.80
CED CLA JB . -35.55 60.85 -3.21
C1 CLA JB . -31.33 63.61 0.80
C2 CLA JB . -31.85 63.67 2.22
C3 CLA JB . -32.95 64.34 2.56
C4 CLA JB . -33.74 65.04 1.51
C5 CLA JB . -33.42 64.37 3.99
C6 CLA JB . -34.39 63.22 4.20
C7 CLA JB . -34.74 63.04 5.67
C8 CLA JB . -35.30 61.66 6.06
C9 CLA JB . -35.56 60.72 4.89
C10 CLA JB . -36.58 61.84 6.89
C11 CLA JB . -37.28 60.55 7.27
C12 CLA JB . -38.37 60.86 8.30
C13 CLA JB . -38.64 59.76 9.33
C14 CLA JB . -39.25 60.35 10.59
C15 CLA JB . -37.39 58.99 9.69
MG CLA KB . -18.65 49.06 -1.93
CHA CLA KB . -17.79 49.73 -5.23
CHB CLA KB . -21.36 47.36 -3.15
CHC CLA KB . -19.36 48.22 1.24
CHD CLA KB . -15.84 50.90 -0.82
NA CLA KB . -19.50 48.58 -3.93
C1A CLA KB . -19.06 48.93 -5.06
C2A CLA KB . -19.91 48.43 -6.21
C3A CLA KB . -21.05 47.77 -5.50
C4A CLA KB . -20.61 47.91 -4.10
CMA CLA KB . -22.44 48.27 -5.84
CAA CLA KB . -19.10 47.27 -6.78
CBA CLA KB . -19.87 46.12 -7.44
CGA CLA KB . -18.93 45.01 -7.76
O1A CLA KB . -17.75 45.15 -7.96
O2A CLA KB . -19.31 43.75 -7.83
NB CLA KB . -20.15 47.94 -1.09
C1B CLA KB . -21.16 47.35 -1.71
C2B CLA KB . -22.10 46.62 -0.83
C3B CLA KB . -21.50 46.89 0.46
C4B CLA KB . -20.29 47.71 0.21
CMB CLA KB . -23.33 45.85 -1.24
CAB CLA KB . -21.95 46.44 1.78
CBB CLA KB . -22.13 45.15 2.01
NC CLA KB . -17.73 49.49 -0.08
C1C CLA KB . -18.15 49.03 1.11
C2C CLA KB . -17.33 49.41 2.26
C3C CLA KB . -16.28 50.20 1.62
C4C CLA KB . -16.63 50.19 0.20
CMC CLA KB . -17.52 49.04 3.69
CAC CLA KB . -15.09 50.89 2.21
CBC CLA KB . -15.48 52.29 2.62
ND CLA KB . -17.12 50.09 -2.69
C1D CLA KB . -16.07 50.77 -2.25
C2D CLA KB . -15.23 51.39 -3.31
C3D CLA KB . -15.98 50.93 -4.48
C4D CLA KB . -17.03 50.21 -4.07
CMD CLA KB . -14.00 52.22 -3.45
CAD CLA KB . -15.95 51.01 -5.95
OBD CLA KB . -15.27 51.86 -6.63
CBD CLA KB . -17.11 50.26 -6.46
CGD CLA KB . -18.00 51.22 -7.14
O1D CLA KB . -18.69 51.97 -6.49
O2D CLA KB . -18.06 51.26 -8.57
CED CLA KB . -18.12 52.53 -9.19
C1 CLA KB . -19.30 42.93 -9.20
C2 CLA KB . -20.18 43.23 -10.38
C3 CLA KB . -20.81 42.25 -11.04
C4 CLA KB . -20.69 40.81 -10.63
C5 CLA KB . -21.68 42.58 -12.23
C6 CLA KB . -23.11 42.14 -11.95
C7 CLA KB . -24.11 42.95 -12.78
C8 CLA KB . -25.49 42.34 -12.67
C9 CLA KB . -25.97 42.32 -11.22
C10 CLA KB . -25.50 40.94 -13.24
MG CLA LB . -20.94 51.97 -14.26
CHA CLA LB . -21.38 50.20 -11.32
CHB CLA LB . -24.33 52.32 -14.41
CHC CLA LB . -20.46 53.73 -17.06
CHD CLA LB . -17.39 51.63 -13.92
NA CLA LB . -22.67 51.36 -13.02
C1A CLA LB . -22.65 50.67 -11.94
C2A CLA LB . -24.03 50.37 -11.41
C3A CLA LB . -24.90 51.03 -12.44
C4A CLA LB . -23.91 51.62 -13.35
CMA CLA LB . -25.95 50.15 -13.07
CAA CLA LB . -24.31 51.14 -10.12
CBA CLA LB . -24.88 50.23 -9.04
CGA CLA LB . -25.85 50.98 -8.17
O1A CLA LB . -26.77 50.46 -7.56
O2A CLA LB . -25.81 52.28 -7.94
NB CLA LB . -22.24 52.90 -15.54
C1B CLA LB . -23.56 52.96 -15.48
C2B CLA LB . -24.19 53.72 -16.58
C3B CLA LB . -23.01 54.12 -17.36
C4B CLA LB . -21.86 53.56 -16.64
CMB CLA LB . -25.65 53.98 -16.77
CAB CLA LB . -22.84 54.90 -18.60
CBB CLA LB . -23.67 55.84 -18.99
NC CLA LB . -19.20 52.61 -15.29
C1C CLA LB . -19.23 53.27 -16.42
C2C CLA LB . -17.94 53.54 -17.02
C3C CLA LB . -17.00 52.93 -16.10
C4C CLA LB . -17.89 52.39 -15.07
CMC CLA LB . -17.76 54.27 -18.29
CAC CLA LB . -15.51 52.85 -16.12
CBC CLA LB . -15.05 51.78 -17.09
ND CLA LB . -19.59 51.23 -13.01
C1D CLA LB . -18.28 51.04 -12.95
C2D CLA LB . -17.80 50.17 -11.86
C3D CLA LB . -19.11 49.88 -11.26
C4D CLA LB . -20.06 50.49 -11.93
CMD CLA LB . -16.51 49.64 -11.35
CAD CLA LB . -19.65 49.11 -10.16
OBD CLA LB . -19.15 47.97 -9.95
CBD CLA LB . -21.11 49.38 -10.08
CGD CLA LB . -21.81 48.06 -10.04
O1D CLA LB . -22.58 47.80 -9.13
O2D CLA LB . -21.64 47.04 -11.05
CED CLA LB . -22.70 46.09 -11.22
C1 CLA LB . -26.08 52.87 -6.48
C2 CLA LB . -27.46 53.15 -5.94
C3 CLA LB . -27.72 54.27 -5.24
C4 CLA LB . -26.65 55.27 -4.98
C5 CLA LB . -29.11 54.54 -4.69
C6 CLA LB . -30.07 54.91 -5.80
C7 CLA LB . -30.97 53.72 -6.15
C8 CLA LB . -32.28 53.78 -5.40
C9 CLA LB . -32.34 52.73 -4.30
C10 CLA LB . -33.41 53.60 -6.39
C11 CLA LB . -33.31 52.28 -7.14
C12 CLA LB . -34.58 51.44 -6.97
C13 CLA LB . -35.36 51.15 -8.24
C14 CLA LB . -35.88 49.72 -8.18
C15 CLA LB . -34.53 51.33 -9.52
C16 CLA LB . -35.38 51.86 -10.68
C17 CLA LB . -34.61 51.75 -11.99
C18 CLA LB . -34.25 53.13 -12.55
C19 CLA LB . -32.94 53.64 -11.97
C20 CLA LB . -34.18 53.09 -14.07
MG CLA MB . -10.92 67.48 -0.29
CHA CLA MB . -12.04 70.59 -1.35
CHB CLA MB . -9.01 67.36 -3.15
CHC CLA MB . -9.79 64.48 0.74
CHD CLA MB . -13.01 67.64 2.54
NA CLA MB . -10.55 68.78 -2.05
C1A CLA MB . -11.07 69.91 -2.30
C2A CLA MB . -10.63 70.51 -3.58
C3A CLA MB . -9.75 69.44 -4.14
C4A CLA MB . -9.77 68.44 -3.06
CMA CLA MB . -10.12 68.97 -5.51
CAA CLA MB . -9.71 71.71 -3.38
CBA CLA MB . -8.36 71.52 -2.67
CGA CLA MB . -8.46 71.72 -1.19
O1A CLA MB . -8.87 70.92 -0.39
O2A CLA MB . -8.07 72.81 -0.56
NB CLA MB . -9.61 66.13 -1.11
C1B CLA MB . -8.89 66.24 -2.23
C2B CLA MB . -7.94 65.14 -2.47
C3B CLA MB . -8.20 64.31 -1.31
C4B CLA MB . -9.24 64.99 -0.52
CMB CLA MB . -6.99 64.96 -3.63
CAB CLA MB . -7.58 63.05 -0.92
CBB CLA MB . -6.28 62.91 -0.81
NC CLA MB . -11.25 66.30 1.44
C1C CLA MB . -10.75 65.09 1.66
C2C CLA MB . -11.17 64.41 2.89
C3C CLA MB . -12.10 65.41 3.46
C4C CLA MB . -12.07 66.51 2.48
CMC CLA MB . -10.75 63.07 3.39
CAC CLA MB . -12.90 65.39 4.74
CBC CLA MB . -13.90 64.27 4.84
ND CLA MB . -12.27 68.70 0.51
C1D CLA MB . -12.99 68.77 1.61
C2D CLA MB . -13.72 70.04 1.79
C3D CLA MB . -13.30 70.72 0.56
C4D CLA MB . -12.49 69.92 -0.12
CMD CLA MB . -14.64 70.67 2.77
CAD CLA MB . -13.49 71.99 -0.16
OBD CLA MB . -14.14 73.01 0.26
CBD CLA MB . -12.68 71.96 -1.40
CGD CLA MB . -13.63 72.07 -2.54
O1D CLA MB . -14.73 71.60 -2.44
O2D CLA MB . -13.25 72.75 -3.76
CED CLA MB . -14.08 73.80 -4.25
C1 CLA MB . -7.33 72.67 0.85
C2 CLA MB . -7.86 73.38 2.06
C3 CLA MB . -7.02 73.83 3.01
C4 CLA MB . -7.58 74.53 4.21
C5 CLA MB . -5.53 73.62 2.89
C6 CLA MB . -4.93 73.28 4.24
C7 CLA MB . -3.56 73.93 4.43
C8 CLA MB . -3.32 74.57 5.80
C9 CLA MB . -4.60 74.94 6.54
C10 CLA MB . -2.45 75.82 5.59
C11 CLA MB . -1.20 75.85 6.45
C12 CLA MB . -1.45 76.50 7.80
C13 CLA MB . -0.87 77.91 7.90
C14 CLA MB . -0.33 78.17 9.29
C15 CLA MB . -1.95 78.94 7.59
MG CLA NB . -19.19 66.95 -4.57
CHA CLA NB . -18.73 68.30 -7.76
CHB CLA NB . -17.06 69.35 -3.41
CHC CLA NB . -19.74 65.70 -1.48
CHD CLA NB . -21.40 64.55 -5.90
NA CLA NB . -18.02 68.64 -5.44
C1A CLA NB . -17.95 69.00 -6.67
C2A CLA NB . -16.97 70.12 -6.92
C3A CLA NB . -16.45 70.37 -5.54
C4A CLA NB . -17.22 69.39 -4.73
CMA CLA NB . -14.94 70.33 -5.43
CAA CLA NB . -17.62 71.43 -7.35
CBA CLA NB . -18.99 71.61 -6.72
CGA CLA NB . -19.57 72.93 -7.09
O1A CLA NB . -19.14 74.00 -6.71
O2A CLA NB . -20.63 73.11 -7.87
NB CLA NB . -18.48 67.47 -2.72
C1B CLA NB . -17.67 68.47 -2.41
C2B CLA NB . -17.39 68.58 -0.97
C3B CLA NB . -18.18 67.48 -0.43
C4B CLA NB . -18.83 66.86 -1.59
CMB CLA NB . -16.50 69.60 -0.33
CAB CLA NB . -18.42 66.98 0.95
CBB CLA NB . -17.63 67.20 1.97
NC CLA NB . -20.44 65.40 -3.81
C1C CLA NB . -20.47 65.02 -2.54
C2C CLA NB . -21.32 63.85 -2.25
C3C CLA NB . -21.84 63.53 -3.56
C4C CLA NB . -21.22 64.54 -4.44
CMC CLA NB . -21.57 63.17 -0.92
CAC CLA NB . -22.78 62.41 -3.94
CBC CLA NB . -24.17 62.93 -4.13
ND CLA NB . -19.98 66.45 -6.32
C1D CLA NB . -20.79 65.52 -6.79
C2D CLA NB . -20.98 65.54 -8.25
C3D CLA NB . -20.13 66.68 -8.58
C4D CLA NB . -19.59 67.15 -7.46
CMD CLA NB . -21.75 64.76 -9.26
CAD CLA NB . -19.68 67.46 -9.74
OBD CLA NB . -19.93 67.21 -10.96
CBD CLA NB . -18.84 68.59 -9.25
CGD CLA NB . -17.54 68.48 -9.95
O1D CLA NB . -17.11 67.41 -10.30
O2D CLA NB . -16.76 69.67 -10.22
CED CLA NB . -15.95 69.71 -11.38
C1 CLA NB . -21.92 72.17 -7.81
C2 CLA NB . -22.03 70.77 -8.39
C3 CLA NB . -22.71 70.52 -9.52
C4 CLA NB . -23.37 71.64 -10.26
C5 CLA NB . -22.81 69.13 -10.05
C6 CLA NB . -23.79 68.38 -9.16
C7 CLA NB . -24.81 67.57 -9.94
C8 CLA NB . -25.34 66.44 -9.09
C9 CLA NB . -25.45 65.14 -9.87
C10 CLA NB . -26.70 66.78 -8.50
C11 CLA NB . -27.00 65.81 -7.37
C12 CLA NB . -28.48 65.57 -7.19
C13 CLA NB . -28.92 65.69 -5.74
C14 CLA NB . -28.82 67.13 -5.25
C15 CLA NB . -28.08 64.78 -4.84
C16 CLA NB . -28.95 63.85 -4.02
C17 CLA NB . -28.88 62.43 -4.57
C18 CLA NB . -29.77 61.49 -3.76
C19 CLA NB . -31.21 61.97 -3.75
C20 CLA NB . -29.69 60.07 -4.30
MG CLA OB . -22.06 60.48 13.03
CHA CLA OB . -22.03 60.10 16.47
CHB CLA OB . -24.78 62.52 13.44
CHC CLA OB . -22.03 60.95 9.69
CHD CLA OB . -19.39 58.23 12.70
NA CLA OB . -23.27 61.26 14.72
C1A CLA OB . -23.11 61.02 15.96
C2A CLA OB . -24.10 61.72 16.85
C3A CLA OB . -24.97 62.41 15.84
C4A CLA OB . -24.31 62.05 14.58
CMA CLA OB . -26.42 62.03 15.96
CAA CLA OB . -23.45 62.84 17.67
CBA CLA OB . -22.47 63.72 16.92
CGA CLA OB . -21.69 64.54 17.91
O1A CLA OB . -21.15 64.06 18.89
O2A CLA OB . -21.52 65.84 17.87
NB CLA OB . -23.22 61.58 11.76
C1B CLA OB . -24.28 62.30 12.09
C2B CLA OB . -24.93 62.92 10.95
C3B CLA OB . -24.14 62.47 9.82
C4B CLA OB . -23.08 61.63 10.43
CMB CLA OB . -26.11 63.76 11.10
CAB CLA OB . -24.26 62.71 8.36
CBB CLA OB . -25.38 62.98 7.76
NC CLA OB . -20.85 59.75 11.45
C1C CLA OB . -20.96 60.11 10.19
C2C CLA OB . -19.90 59.64 9.29
C3C CLA OB . -19.06 58.87 10.20
C4C CLA OB . -19.75 59.00 11.50
CMC CLA OB . -19.78 59.94 7.82
CAC CLA OB . -17.79 58.12 9.90
CBC CLA OB . -16.61 58.90 10.39
ND CLA OB . -20.89 59.38 14.19
C1D CLA OB . -19.89 58.53 14.03
C2D CLA OB . -19.40 57.93 15.29
C3D CLA OB . -20.30 58.60 16.24
C4D CLA OB . -21.10 59.40 15.56
CMD CLA OB . -18.34 56.93 15.67
CAD CLA OB . -20.59 58.69 17.67
OBD CLA OB . -19.85 58.25 18.61
CBD CLA OB . -21.66 59.69 17.88
CGD CLA OB . -22.75 59.00 18.63
O1D CLA OB . -22.61 58.75 19.81
O2D CLA OB . -23.99 58.64 18.01
CED CLA OB . -25.17 58.70 18.78
C1 CLA OB . -20.29 66.50 17.09
C2 CLA OB . -18.85 66.09 17.34
C3 CLA OB . -17.84 66.60 16.63
C4 CLA OB . -18.10 67.61 15.55
C5 CLA OB . -16.43 66.18 16.90
C6 CLA OB . -15.86 65.55 15.64
C7 CLA OB . -14.53 66.16 15.22
C8 CLA OB . -14.31 65.97 13.73
C9 CLA OB . -14.35 64.49 13.37
C10 CLA OB . -12.97 66.56 13.30
C11 CLA OB . -12.95 66.78 11.80
C12 CLA OB . -11.55 67.10 11.29
C13 CLA OB . -11.54 68.33 10.40
C14 CLA OB . -11.87 67.96 8.96
C15 CLA OB . -10.18 69.02 10.48
MG CLA PB . -28.19 34.72 5.50
CHA CLA PB . -31.19 33.15 6.34
CHB CLA PB . -26.71 31.63 5.69
CHC CLA PB . -25.30 36.23 4.60
CHD CLA PB . -29.84 37.83 5.41
NA CLA PB . -28.84 32.63 5.94
C1A CLA PB . -30.01 32.22 6.22
C2A CLA PB . -30.11 30.76 6.51
C3A CLA PB . -28.68 30.33 6.33
C4A CLA PB . -28.02 31.61 5.97
CMA CLA PB . -28.08 29.55 7.49
CAA CLA PB . -30.87 30.02 5.41
CBA CLA PB . -30.64 30.53 4.00
CGA CLA PB . -30.72 29.38 3.04
O1A CLA PB . -31.40 28.39 3.22
O2A CLA PB . -30.08 29.31 1.89
NB CLA PB . -26.29 34.02 5.19
C1B CLA PB . -25.86 32.76 5.32
C2B CLA PB . -24.43 32.60 5.01
C3B CLA PB . -24.04 33.96 4.70
C4B CLA PB . -25.25 34.78 4.84
CMB CLA PB . -23.64 31.33 5.05
CAB CLA PB . -22.72 34.49 4.32
CBB CLA PB . -22.10 34.00 3.27
NC CLA PB . -27.67 36.71 4.99
C1C CLA PB . -26.44 37.15 4.71
C2C CLA PB . -26.31 38.60 4.53
C3C CLA PB . -27.68 39.05 4.74
C4C CLA PB . -28.43 37.82 5.02
CMC CLA PB . -25.10 39.43 4.21
CAC CLA PB . -28.21 40.46 4.69
CBC CLA PB . -28.80 40.74 3.32
ND CLA PB . -30.02 35.45 5.74
C1D CLA PB . -30.60 36.63 5.74
C2D CLA PB . -32.03 36.61 6.12
C3D CLA PB . -32.20 35.18 6.34
C4D CLA PB . -31.04 34.59 6.10
CMD CLA PB . -33.13 37.58 6.31
CAD CLA PB . -33.23 34.21 6.72
OBD CLA PB . -34.33 34.53 7.28
CBD CLA PB . -32.58 32.88 6.84
CGD CLA PB . -32.49 32.66 8.32
O1D CLA PB . -32.16 33.56 9.05
O2D CLA PB . -32.77 31.40 8.96
CED CLA PB . -33.01 31.45 10.36
MG CLA QB . -20.91 27.53 4.08
CHA CLA QB . -23.68 26.71 5.97
CHB CLA QB . -19.02 25.96 6.49
CHC CLA QB . -18.20 28.21 2.19
CHD CLA QB . -22.97 29.14 1.69
NA CLA QB . -21.27 26.44 5.99
C1A CLA QB . -22.39 26.21 6.56
C2A CLA QB . -22.28 25.46 7.85
C3A CLA QB . -20.79 25.32 7.99
C4A CLA QB . -20.32 25.94 6.74
CMA CLA QB . -20.18 25.82 9.28
CAA CLA QB . -22.79 24.03 7.77
CBA CLA QB . -22.74 23.43 6.37
CGA CLA QB . -22.86 21.93 6.36
O1A CLA QB . -23.42 21.28 7.21
O2A CLA QB . -22.34 21.17 5.41
NB CLA QB . -18.91 27.12 4.31
C1B CLA QB . -18.31 26.53 5.34
C2B CLA QB . -16.85 26.45 5.25
C3B CLA QB . -16.63 27.12 3.97
C4B CLA QB . -17.96 27.51 3.46
CMB CLA QB . -15.92 25.84 6.24
CAB CLA QB . -15.37 27.38 3.27
CBB CLA QB . -14.51 26.42 3.04
NC CLA QB . -20.64 28.50 2.21
C1C CLA QB . -19.46 28.73 1.63
C2C CLA QB . -19.50 29.51 0.39
C3C CLA QB . -20.92 29.76 0.25
C4C CLA QB . -21.53 29.12 1.43
CMC CLA QB . -18.35 29.90 -0.48
CAC CLA QB . -21.65 30.53 -0.81
CBC CLA QB . -21.78 31.98 -0.38
ND CLA QB . -22.83 27.89 3.76
C1D CLA QB . -23.59 28.52 2.86
C2D CLA QB . -25.04 28.53 3.17
C3D CLA QB . -24.98 27.79 4.42
C4D CLA QB . -23.73 27.45 4.70
CMD CLA QB . -26.32 29.05 2.59
CAD CLA QB . -25.88 27.29 5.46
OBD CLA QB . -27.07 27.03 5.17
CBD CLA QB . -25.09 26.58 6.49
CGD CLA QB . -25.23 27.29 7.80
O1D CLA QB . -24.96 28.47 7.90
O2D CLA QB . -25.68 26.60 8.98
CED CLA QB . -26.40 27.30 9.98
C1 CLA QB . -23.20 20.70 4.14
C2 CLA QB . -22.49 20.04 2.97
C3 CLA QB . -22.87 20.20 1.69
C4 CLA QB . -24.04 21.06 1.33
C5 CLA QB . -22.09 19.51 0.60
C6 CLA QB . -22.13 20.29 -0.70
C7 CLA QB . -20.77 20.88 -1.05
C8 CLA QB . -20.64 21.15 -2.55
C9 CLA QB . -19.33 21.85 -2.87
C10 CLA QB . -21.81 21.99 -3.04
MG CLA RB . -5.86 28.01 -2.85
CHA CLA RB . -7.20 28.34 0.34
CHB CLA RB . -2.74 28.23 -1.41
CHC CLA RB . -4.53 27.68 -5.94
CHD CLA RB . -9.09 27.94 -4.25
NA CLA RB . -5.03 28.25 -0.79
C1A CLA RB . -5.68 28.39 0.29
C2A CLA RB . -4.80 28.64 1.48
C3A CLA RB . -3.42 28.65 0.85
C4A CLA RB . -3.75 28.36 -0.54
CMA CLA RB . -2.63 29.94 0.98
CAA CLA RB . -4.80 27.50 2.48
CBA CLA RB . -3.83 27.75 3.62
CGA CLA RB . -4.57 27.58 4.89
O1A CLA RB . -4.78 26.50 5.40
O2A CLA RB . -5.11 28.56 5.57
NB CLA RB . -3.93 27.97 -3.55
C1B CLA RB . -2.79 28.00 -2.85
C2B CLA RB . -1.56 27.86 -3.63
C3B CLA RB . -2.12 27.70 -4.97
C4B CLA RB . -3.58 27.78 -4.83
CMB CLA RB . -0.13 27.86 -3.17
CAB CLA RB . -1.40 27.49 -6.23
CBB CLA RB . -1.37 26.31 -6.79
NC CLA RB . -6.68 27.75 -4.78
C1C CLA RB . -6.00 27.69 -5.92
C2C CLA RB . -6.79 27.60 -7.15
C3C CLA RB . -8.14 27.62 -6.62
C4C CLA RB . -7.96 27.74 -5.17
CMC CLA RB . -6.32 27.52 -8.57
CAC CLA RB . -9.44 27.59 -7.37
CBC CLA RB . -9.77 29.00 -7.76
ND CLA RB . -7.76 28.12 -2.24
C1D CLA RB . -8.96 28.06 -2.79
C2D CLA RB . -10.09 28.14 -1.83
C3D CLA RB . -9.31 28.25 -0.60
C4D CLA RB . -8.01 28.22 -0.89
CMD CLA RB . -11.58 28.13 -1.86
CAD CLA RB . -9.48 28.37 0.85
OBD CLA RB . -10.61 28.26 1.45
CBD CLA RB . -8.16 28.39 1.50
CGD CLA RB . -8.05 29.67 2.24
O1D CLA RB . -7.97 30.72 1.64
O2D CLA RB . -8.04 29.73 3.68
CED CLA RB . -8.90 30.63 4.36
C1 CLA RB . -4.22 29.68 6.27
C2 CLA RB . -3.28 29.43 7.43
C3 CLA RB . -3.63 29.76 8.70
C4 CLA RB . -4.97 30.35 9.01
C5 CLA RB . -2.65 29.49 9.81
C6 CLA RB . -1.37 30.26 9.56
C7 CLA RB . -0.16 29.36 9.80
C8 CLA RB . 0.35 29.47 11.22
C9 CLA RB . 1.84 29.79 11.20
C10 CLA RB . 0.08 28.17 11.95
C11 CLA RB . 0.35 28.28 13.45
C12 CLA RB . 0.67 26.91 14.03
C13 CLA RB . 0.21 26.74 15.48
C14 CLA RB . -1.26 27.12 15.62
C15 CLA RB . 1.09 27.55 16.42
MG CLA SB . 4.01 30.69 -4.08
CHA CLA SB . 5.83 28.63 -6.19
CHB CLA SB . 1.24 29.88 -5.97
CHC CLA SB . 2.19 32.53 -1.95
CHD CLA SB . 6.94 31.49 -2.25
NA CLA SB . 3.54 29.40 -5.84
C1A CLA SB . 4.36 28.69 -6.50
C2A CLA SB . 3.71 27.93 -7.62
C3A CLA SB . 2.29 28.41 -7.55
C4A CLA SB . 2.35 29.30 -6.38
CMA CLA SB . 1.70 28.96 -8.83
CAA CLA SB . 3.59 26.45 -7.30
CBA CLA SB . 3.50 26.07 -5.83
CGA CLA SB . 2.41 25.08 -5.60
O1A CLA SB . 1.49 24.88 -6.37
O2A CLA SB . 2.33 24.30 -4.54
NB CLA SB . 2.00 31.12 -3.99
C1B CLA SB . 1.03 30.78 -4.83
C2B CLA SB . -0.29 31.32 -4.50
C3B CLA SB . 0.04 32.09 -3.33
C4B CLA SB . 1.46 31.92 -3.07
CMB CLA SB . -1.62 31.16 -5.18
CAB CLA SB . -0.90 32.87 -2.52
CBB CLA SB . -1.60 32.15 -1.69
NC CLA SB . 4.49 31.82 -2.34
C1C CLA SB . 3.62 32.52 -1.63
C2C CLA SB . 4.17 33.27 -0.49
C3C CLA SB . 5.60 32.95 -0.59
C4C CLA SB . 5.67 32.05 -1.76
CMC CLA SB . 3.44 34.12 0.50
CAC CLA SB . 6.73 33.38 0.28
CBC CLA SB . 7.03 34.84 0.18
ND CLA SB . 5.95 30.28 -4.10
C1D CLA SB . 7.03 30.55 -3.38
C2D CLA SB . 8.26 29.84 -3.81
C3D CLA SB . 7.71 29.10 -4.94
C4D CLA SB . 6.42 29.38 -5.06
CMD CLA SB . 9.70 29.75 -3.40
CAD CLA SB . 8.12 28.15 -5.98
OBD CLA SB . 9.29 27.66 -6.10
CBD CLA SB . 6.93 27.83 -6.83
CGD CLA SB . 7.24 28.21 -8.25
O1D CLA SB . 8.21 27.76 -8.78
O2D CLA SB . 6.41 29.08 -9.04
CED CLA SB . 6.15 28.66 -10.37
C1 CLA SB . 1.09 23.29 -4.37
C2 CLA SB . -0.26 23.75 -3.89
C3 CLA SB . -1.12 22.90 -3.29
C4 CLA SB . -0.75 21.47 -3.08
C5 CLA SB . -2.45 23.39 -2.80
C6 CLA SB . -3.32 23.75 -3.99
C7 CLA SB . -4.64 24.37 -3.53
C8 CLA SB . -5.85 23.58 -4.00
C9 CLA SB . -5.71 23.09 -5.43
C10 CLA SB . -7.10 24.42 -3.96
C11 CLA SB . -8.28 23.55 -3.58
C12 CLA SB . -9.49 24.37 -3.21
C13 CLA SB . -10.73 23.78 -3.82
C14 CLA SB . -11.02 24.40 -5.18
C15 CLA SB . -11.90 24.01 -2.88
C16 CLA SB . -13.12 23.23 -3.32
C17 CLA SB . -13.13 21.85 -2.70
C18 CLA SB . -14.29 21.00 -3.19
C19 CLA SB . -15.59 21.47 -2.55
C20 CLA SB . -14.40 21.00 -4.71
MG CLA TB . -23.39 46.01 -19.30
CHA CLA TB . -24.56 48.02 -21.90
CHB CLA TB . -22.41 48.88 -17.68
CHC CLA TB . -22.22 44.02 -16.80
CHD CLA TB . -24.41 43.11 -21.05
NA CLA TB . -23.46 48.20 -19.71
C1A CLA TB . -23.93 48.78 -20.75
C2A CLA TB . -23.78 50.29 -20.71
C3A CLA TB . -23.07 50.49 -19.38
C4A CLA TB . -22.98 49.10 -18.88
CMA CLA TB . -21.80 51.30 -19.43
CAA CLA TB . -25.12 51.03 -20.75
CBA CLA TB . -25.70 51.59 -19.46
CGA CLA TB . -26.56 50.61 -18.74
O1A CLA TB . -26.12 49.69 -18.07
O2A CLA TB . -27.88 50.62 -18.74
NB CLA TB . -22.46 46.41 -17.52
C1B CLA TB . -22.18 47.61 -16.99
C2B CLA TB . -21.56 47.51 -15.64
C3B CLA TB . -21.52 46.09 -15.42
C4B CLA TB . -22.08 45.47 -16.63
CMB CLA TB . -21.11 48.60 -14.75
CAB CLA TB . -21.02 45.33 -14.26
CBB CLA TB . -19.79 45.44 -13.84
NC CLA TB . -23.42 43.92 -18.94
C1C CLA TB . -22.92 43.30 -17.86
C2C CLA TB . -23.11 41.85 -17.79
C3C CLA TB . -23.83 41.60 -19.03
C4C CLA TB . -23.96 42.93 -19.66
CMC CLA TB . -22.68 40.89 -16.71
CAC CLA TB . -24.36 40.30 -19.55
CBC CLA TB . -23.28 39.63 -20.37
ND CLA TB . -24.27 45.52 -21.02
C1D CLA TB . -24.63 44.42 -21.67
C2D CLA TB . -25.23 44.64 -23.00
C3D CLA TB . -25.17 46.10 -23.04
C4D CLA TB . -24.63 46.54 -21.90
CMD CLA TB . -25.80 43.85 -24.15
CAD CLA TB . -25.52 47.21 -23.92
OBD CLA TB . -25.75 47.13 -25.18
CBD CLA TB . -25.23 48.47 -23.19
CGD CLA TB . -24.37 49.35 -24.04
O1D CLA TB . -24.86 50.03 -24.91
O2D CLA TB . -22.94 49.42 -23.85
CED CLA TB . -22.27 50.64 -24.14
C1 CLA TB . -28.74 51.70 -17.91
C2 CLA TB . -28.53 51.91 -16.42
C3 CLA TB . -29.49 51.72 -15.52
C4 CLA TB . -30.86 51.25 -15.93
C5 CLA TB . -29.20 51.96 -14.05
C6 CLA TB . -29.56 50.69 -13.31
C7 CLA TB . -29.47 50.83 -11.79
C8 CLA TB . -30.22 49.68 -11.10
C9 CLA TB . -31.63 49.56 -11.65
C10 CLA TB . -30.13 49.84 -9.57
C11 CLA TB . -31.39 49.51 -8.79
C12 CLA TB . -31.48 48.06 -8.32
C13 CLA TB . -32.83 47.46 -8.70
C14 CLA TB . -33.48 46.80 -7.49
C15 CLA TB . -32.68 46.45 -9.84
MG CLA UB . -12.82 48.67 -11.86
CHA CLA UB . -14.13 47.04 -14.65
CHB CLA UB . -14.86 46.69 -9.94
CHC CLA UB . -11.44 50.13 -9.18
CHD CLA UB . -10.77 50.63 -13.98
NA CLA UB . -14.32 47.05 -12.21
C1A CLA UB . -14.69 46.57 -13.34
C2A CLA UB . -15.76 45.51 -13.22
C3A CLA UB . -15.96 45.45 -11.73
C4A CLA UB . -14.98 46.46 -11.25
CMA CLA UB . -17.37 45.50 -11.21
CAA CLA UB . -15.25 44.12 -13.56
CBA CLA UB . -16.10 43.53 -14.65
CGA CLA UB . -16.75 42.26 -14.17
O1A CLA UB . -16.13 41.29 -13.79
O2A CLA UB . -18.04 42.07 -14.08
NB CLA UB . -13.11 48.42 -9.85
C1B CLA UB . -13.97 47.63 -9.24
C2B CLA UB . -13.95 47.75 -7.75
C3B CLA UB . -12.94 48.79 -7.57
C4B CLA UB . -12.47 49.14 -8.93
CMB CLA UB . -14.81 46.97 -6.79
CAB CLA UB . -12.35 49.44 -6.40
CBB CLA UB . -12.81 49.33 -5.18
NC CLA UB . -11.27 50.11 -11.62
C1C CLA UB . -10.93 50.65 -10.46
C2C CLA UB . -10.05 51.82 -10.51
C3C CLA UB . -9.82 51.95 -11.94
C4C CLA UB . -10.63 50.85 -12.53
CMC CLA UB . -9.52 52.63 -9.37
CAC CLA UB . -9.01 53.00 -12.63
CBC CLA UB . -7.72 52.45 -13.19
ND CLA UB . -12.42 48.88 -13.81
C1D CLA UB . -11.66 49.63 -14.57
C2D CLA UB . -11.81 49.41 -16.03
C3D CLA UB . -12.82 48.35 -15.99
C4D CLA UB . -13.12 48.10 -14.72
CMD CLA UB . -11.27 49.92 -17.33
CAD CLA UB . -13.59 47.50 -16.89
OBD CLA UB . -13.88 47.81 -18.09
CBD CLA UB . -14.45 46.62 -16.06
CGD CLA UB . -15.84 47.00 -16.45
O1D CLA UB . -16.49 46.32 -17.21
O2D CLA UB . -16.43 48.21 -15.93
CED CLA UB . -17.79 48.46 -16.24
C1 CLA UB . -18.65 40.61 -13.85
C2 CLA UB . -18.58 39.52 -14.90
C3 CLA UB . -19.50 38.54 -14.94
C4 CLA UB . -20.62 38.47 -13.96
C5 CLA UB . -19.39 37.49 -16.02
MG CLA VB . -12.81 37.11 -8.78
CHA CLA VB . -12.89 39.38 -11.40
CHB CLA VB . -14.01 39.60 -6.75
CHC CLA VB . -12.84 34.84 -6.28
CHD CLA VB . -11.49 34.64 -10.97
NA CLA VB . -13.40 39.24 -9.01
C1A CLA VB . -13.35 39.96 -10.07
C2A CLA VB . -13.81 41.37 -9.87
C3A CLA VB . -14.12 41.40 -8.39
C4A CLA VB . -13.82 39.99 -8.01
CMA CLA VB . -13.55 42.55 -7.58
CAA CLA VB . -15.12 41.65 -10.60
CBA CLA VB . -16.38 40.95 -10.11
CGA CLA VB . -16.72 39.60 -10.71
O1A CLA VB . -17.84 39.13 -10.68
O2A CLA VB . -15.90 38.77 -11.32
NB CLA VB . -13.35 37.22 -6.81
C1B CLA VB . -13.79 38.28 -6.15
C2B CLA VB . -14.09 38.03 -4.73
C3B CLA VB . -13.74 36.62 -4.60
C4B CLA VB . -13.29 36.20 -5.94
CMB CLA VB . -14.60 39.00 -3.71
CAB CLA VB . -13.82 35.83 -3.36
CBB CLA VB . -14.59 34.77 -3.24
NC CLA VB . -12.29 35.06 -8.66
C1C CLA VB . -12.37 34.31 -7.56
C2C CLA VB . -11.98 32.90 -7.71
C3C CLA VB . -11.60 32.85 -9.12
C4C CLA VB . -11.82 34.22 -9.60
CMC CLA VB . -11.98 31.80 -6.70
CAC CLA VB . -11.10 31.69 -9.93
CBC CLA VB . -12.28 31.01 -10.60
ND CLA VB . -12.27 36.90 -10.69
C1D CLA VB . -11.80 35.96 -11.49
C2D CLA VB . -11.60 36.36 -12.91
C3D CLA VB . -12.06 37.74 -12.80
C4D CLA VB . -12.42 37.99 -11.54
CMD CLA VB . -11.13 35.76 -14.20
CAD CLA VB . -12.23 38.93 -13.64
OBD CLA VB . -12.40 38.87 -14.90
CBD CLA VB . -12.84 39.98 -12.79
CGD CLA VB . -12.05 41.25 -12.87
O1D CLA VB . -12.60 42.32 -12.82
O2D CLA VB . -10.62 41.25 -12.99
CED CLA VB . -10.01 42.52 -12.92
C1 CLA VB . -16.17 37.19 -11.34
C2 CLA VB . -16.40 36.40 -10.07
C3 CLA VB . -16.19 35.08 -10.00
C4 CLA VB . -15.71 34.31 -11.18
C5 CLA VB . -16.47 34.39 -8.68
C6 CLA VB . -15.71 33.08 -8.57
C7 CLA VB . -16.55 32.01 -7.90
C8 CLA VB . -17.06 32.48 -6.54
C9 CLA VB . -16.31 31.78 -5.42
C10 CLA VB . -18.56 32.20 -6.47
MG CLA WB . -19.12 39.01 -1.24
CHA CLA WB . -18.60 41.20 -3.88
CHB CLA WB . -20.25 41.68 0.58
CHC CLA WB . -19.63 36.86 1.30
CHD CLA WB . -17.96 36.32 -3.24
NA CLA WB . -19.42 41.19 -1.58
C1A CLA WB . -19.15 41.86 -2.64
C2A CLA WB . -19.39 43.34 -2.50
C3A CLA WB . -19.87 43.42 -1.06
C4A CLA WB . -19.86 42.01 -0.65
CMA CLA WB . -19.11 44.35 -0.15
CAA CLA WB . -20.50 43.92 -3.38
CBA CLA WB . -21.59 42.94 -3.75
CGA CLA WB . -22.29 43.43 -5.00
O1A CLA WB . -23.14 44.31 -5.03
O2A CLA WB . -22.07 42.96 -6.21
NB CLA WB . -19.84 39.26 0.66
C1B CLA WB . -20.28 40.36 1.25
C2B CLA WB . -20.78 40.17 2.63
C3B CLA WB . -20.56 38.73 2.79
C4B CLA WB . -19.98 38.25 1.53
CMB CLA WB . -21.33 41.18 3.58
CAB CLA WB . -20.81 37.80 3.91
CBB CLA WB . -21.92 37.82 4.59
NC CLA WB . -18.91 36.90 -1.03
C1C CLA WB . -19.10 36.23 0.09
C2C CLA WB . -18.76 34.80 0.08
C3C CLA WB . -18.29 34.65 -1.30
C4C CLA WB . -18.43 36.00 -1.89
CMC CLA WB . -18.86 33.79 1.17
CAC CLA WB . -17.78 33.40 -1.96
CBC CLA WB . -18.87 32.78 -2.80
ND CLA WB . -18.41 38.68 -3.07
C1D CLA WB . -18.03 37.66 -3.81
C2D CLA WB . -17.69 38.00 -5.22
C3D CLA WB . -17.93 39.43 -5.17
C4D CLA WB . -18.34 39.76 -3.94
CMD CLA WB . -17.22 37.31 -6.47
CAD CLA WB . -17.90 40.61 -6.04
OBD CLA WB . -18.04 40.54 -7.30
CBD CLA WB . -18.24 41.79 -5.23
CGD CLA WB . -17.05 42.70 -5.24
O1D CLA WB . -16.59 43.03 -6.31
O2D CLA WB . -16.44 43.25 -4.06
CED CLA WB . -16.07 44.63 -4.09
MG CLA XB . 1.70 74.78 32.99
CHA CLA XB . 4.57 72.94 33.63
CHB CLA XB . 3.04 77.28 34.95
CHC CLA XB . -1.07 76.61 32.34
CHD CLA XB . 0.39 72.13 31.04
NA CLA XB . 3.57 75.10 34.14
C1A CLA XB . 4.56 74.31 34.26
C2A CLA XB . 5.68 74.88 35.09
C3A CLA XB . 5.13 76.21 35.51
C4A CLA XB . 3.82 76.21 34.82
CMA CLA XB . 5.15 76.58 36.98
CAA CLA XB . 6.95 75.25 34.32
CBA CLA XB . 7.00 75.17 32.79
CGA CLA XB . 6.20 76.24 32.11
O1A CLA XB . 6.61 77.34 31.83
O2A CLA XB . 4.95 76.06 31.73
NB CLA XB . 1.09 76.65 33.57
C1B CLA XB . 1.72 77.52 34.37
C2B CLA XB . 1.00 78.79 34.62
C3B CLA XB . -0.21 78.56 33.84
C4B CLA XB . -0.07 77.23 33.22
CMB CLA XB . 1.45 79.93 35.47
CAB CLA XB . -1.38 79.43 33.66
CBB CLA XB . -1.25 80.69 33.31
NC CLA XB . -0.05 74.45 31.81
C1C CLA XB . -1.05 75.31 31.66
C2C CLA XB . -2.13 74.88 30.77
C3C CLA XB . -1.66 73.56 30.35
C4C CLA XB . -0.38 73.39 31.06
CMC CLA XB . -3.38 75.61 30.37
CAC CLA XB . -2.33 72.60 29.42
CBC CLA XB . -1.76 72.78 28.03
ND CLA XB . 2.21 72.94 32.41
C1D CLA XB . 1.72 71.98 31.64
C2D CLA XB . 2.62 70.81 31.48
C3D CLA XB . 3.74 71.26 32.31
C4D CLA XB . 3.45 72.46 32.80
CMD CLA XB . 2.64 69.49 30.78
CAD CLA XB . 5.07 70.82 32.75
OBD CLA XB . 5.71 69.83 32.26
CBD CLA XB . 5.65 71.86 33.65
CGD CLA XB . 5.90 71.22 34.98
O1D CLA XB . 5.58 70.07 35.16
O2D CLA XB . 6.53 71.92 36.08
CED CLA XB . 7.94 72.02 36.20
C1 CLA XB . 4.53 75.23 30.44
C2 CLA XB . 3.37 75.76 29.65
C3 CLA XB . 2.69 75.04 28.74
C4 CLA XB . 3.08 73.64 28.44
C5 CLA XB . 1.55 75.69 28.00
C6 CLA XB . 0.81 76.67 28.89
C7 CLA XB . 0.92 78.10 28.38
C8 CLA XB . -0.31 78.48 27.58
C9 CLA XB . -0.11 79.80 26.85
C10 CLA XB . -1.51 78.54 28.52
C11 CLA XB . -1.48 79.78 29.42
C12 CLA XB . -2.80 79.90 30.17
C13 CLA XB . -3.53 81.19 29.82
C14 CLA XB . -2.94 82.37 30.59
C15 CLA XB . -5.01 81.03 30.13
MG CLA YB . -6.03 73.49 31.88
CHA CLA YB . -6.71 76.86 32.50
CHB CLA YB . -8.70 73.51 29.74
CHC CLA YB . -5.23 70.31 31.12
CHD CLA YB . -3.36 73.60 34.20
NA CLA YB . -7.54 74.99 31.16
C1A CLA YB . -7.66 76.21 31.52
C2A CLA YB . -8.83 76.91 30.88
C3A CLA YB . -9.45 75.80 30.08
C4A CLA YB . -8.51 74.69 30.33
CMA CLA YB . -10.93 75.54 30.29
CAA CLA YB . -8.33 77.87 29.82
CBA CLA YB . -8.97 79.25 29.98
CGA CLA YB . -8.49 80.19 28.90
O1A CLA YB . -8.37 79.88 27.72
O2A CLA YB . -8.16 81.45 29.09
NB CLA YB . -6.86 72.11 30.59
C1B CLA YB . -7.94 72.27 29.82
C2B CLA YB . -8.30 71.08 29.03
C3B CLA YB . -7.28 70.13 29.45
C4B CLA YB . -6.41 70.86 30.42
CMB CLA YB . -9.43 70.90 28.07
CAB CLA YB . -7.18 68.75 28.93
CBB CLA YB . -6.92 67.68 29.64
NC CLA YB . -4.52 72.17 32.55
C1C CLA YB . -4.34 70.93 32.10
C2C CLA YB . -3.17 70.22 32.64
C3C CLA YB . -2.60 71.21 33.54
C4C CLA YB . -3.51 72.36 33.41
CMC CLA YB . -2.67 68.85 32.34
CAC CLA YB . -1.37 71.07 34.38
CBC CLA YB . -1.72 70.73 35.80
ND CLA YB . -5.16 74.79 33.12
C1D CLA YB . -4.13 74.80 33.95
C2D CLA YB . -3.87 76.12 34.59
C3D CLA YB . -4.93 76.89 33.97
C4D CLA YB . -5.62 76.09 33.15
CMD CLA YB . -2.88 76.70 35.55
CAD CLA YB . -5.48 78.26 33.95
OBD CLA YB . -4.86 79.29 34.38
CBD CLA YB . -6.59 78.29 32.97
CGD CLA YB . -7.83 78.73 33.65
O1D CLA YB . -8.25 78.10 34.59
O2D CLA YB . -8.55 79.90 33.19
CED CLA YB . -8.00 81.17 33.48
MG CLA ZB . -5.26 67.91 17.68
CHA CLA ZB . -8.63 67.08 18.00
CHB CLA ZB . -5.89 68.56 14.39
CHC CLA ZB . -2.05 68.87 17.46
CHD CLA ZB . -4.75 67.10 21.10
NA CLA ZB . -7.03 67.86 16.33
C1A CLA ZB . -8.23 67.51 16.61
C2A CLA ZB . -9.17 67.56 15.44
C3A CLA ZB . -8.25 67.97 14.32
C4A CLA ZB . -6.96 68.15 15.05
CMA CLA ZB . -8.25 67.11 13.09
CAA CLA ZB . -10.25 68.64 15.61
CBA CLA ZB . -9.81 70.11 15.41
CGA CLA ZB . -9.86 70.90 16.69
O1A CLA ZB . -9.72 72.12 16.74
O2A CLA ZB . -10.06 70.38 17.89
NB CLA ZB . -4.13 68.63 16.12
C1B CLA ZB . -4.53 68.80 14.86
C2B CLA ZB . -3.46 69.28 13.96
C3B CLA ZB . -2.31 69.36 14.87
C4B CLA ZB . -2.83 68.94 16.20
CMB CLA ZB . -3.53 69.59 12.50
CAB CLA ZB . -0.98 69.83 14.42
CBB CLA ZB . 0.19 69.60 14.98
NC CLA ZB . -3.66 67.98 19.08
C1C CLA ZB . -2.44 68.43 18.81
C2C CLA ZB . -1.49 68.46 19.93
C3C CLA ZB . -2.31 67.94 21.01
C4C CLA ZB . -3.61 67.67 20.38
CMC CLA ZB . -0.07 68.92 19.96
CAC CLA ZB . -1.94 67.72 22.47
CBC CLA ZB . -1.31 66.37 22.64
ND CLA ZB . -6.30 67.24 19.25
C1D CLA ZB . -6.08 66.98 20.53
C2D CLA ZB . -7.27 66.55 21.30
C3D CLA ZB . -8.26 66.61 20.22
C4D CLA ZB . -7.65 67.01 19.10
CMD CLA ZB . -7.58 66.15 22.70
CAD CLA ZB . -9.69 66.39 19.98
OBD CLA ZB . -10.53 65.93 20.84
CBD CLA ZB . -9.96 66.59 18.54
CGD CLA ZB . -10.31 65.30 17.87
O1D CLA ZB . -9.45 64.61 17.38
O2D CLA ZB . -11.67 64.82 17.79
CED CLA ZB . -11.90 63.44 17.54
C1 CLA ZB . -9.34 70.97 19.20
C2 CLA ZB . -7.86 71.28 19.19
C3 CLA ZB . -7.04 70.93 20.20
C4 CLA ZB . -7.57 70.21 21.41
C5 CLA ZB . -5.57 71.29 20.10
C6 CLA ZB . -4.95 71.48 21.47
C7 CLA ZB . -4.45 72.91 21.65
C8 CLA ZB . -2.93 73.08 21.77
C9 CLA ZB . -2.11 71.89 21.30
C10 CLA ZB . -2.55 73.48 23.19
C11 CLA ZB . -2.74 74.96 23.50
C12 CLA ZB . -2.30 75.88 22.36
C13 CLA ZB . -1.48 77.07 22.84
C14 CLA ZB . -2.12 77.77 24.04
C15 CLA ZB . -1.28 78.05 21.69
C16 CLA ZB . -0.50 79.28 22.12
C17 CLA ZB . -0.02 80.09 20.92
C18 CLA ZB . -0.12 81.60 21.12
C19 CLA ZB . 0.31 82.05 22.52
C20 CLA ZB . 0.70 82.34 20.07
C1 PQN AC . -2.49 60.42 25.05
O1 PQN AC . -1.71 60.02 24.19
C2 PQN AC . -2.29 61.76 25.64
C2M PQN AC . -1.13 62.59 25.19
C3 PQN AC . -3.24 62.25 26.69
C4 PQN AC . -4.36 61.37 27.09
O4 PQN AC . -5.16 61.77 27.95
C5 PQN AC . -4.56 60.05 26.48
C6 PQN AC . -5.61 59.24 26.85
C7 PQN AC . -5.76 58.00 26.27
C8 PQN AC . -4.88 57.54 25.30
C9 PQN AC . -3.81 58.32 24.90
C10 PQN AC . -3.63 59.56 25.46
C11 PQN AC . -3.10 63.59 27.33
C12 PQN AC . -3.83 64.57 26.45
C13 PQN AC . -4.13 65.81 26.83
C14 PQN AC . -3.79 66.28 28.20
C15 PQN AC . -4.87 66.71 25.85
C16 PQN AC . -4.06 67.96 25.55
C17 PQN AC . -4.95 69.12 25.12
C18 PQN AC . -4.46 70.42 25.73
C19 PQN AC . -4.45 70.28 27.25
C20 PQN AC . -5.28 71.61 25.22
C21 PQN AC . -5.64 72.66 26.27
C22 PQN AC . -5.48 74.11 25.83
C23 PQN AC . -5.77 75.05 27.00
C24 PQN AC . -7.24 75.43 27.03
C25 PQN AC . -4.89 76.30 26.95
C26 PQN AC . -5.34 77.29 25.88
C27 PQN AC . -5.50 78.71 26.43
C28 PQN AC . -4.98 79.75 25.45
C29 PQN AC . -5.64 79.62 24.10
C30 PQN AC . -5.14 81.16 26.01
FE1 SF4 BC . -8.01 49.63 29.52
FE2 SF4 BC . -8.25 47.43 27.93
FE3 SF4 BC . -10.41 48.38 29.29
FE4 SF4 BC . -8.38 47.18 30.62
S1 SF4 BC . -9.76 46.20 29.12
S2 SF4 BC . -9.44 49.11 31.21
S3 SF4 BC . -6.59 47.86 29.40
S4 SF4 BC . -9.28 49.46 27.64
C1 BCR CC . -52.15 53.68 -13.32
C2 BCR CC . -52.36 52.18 -13.14
C3 BCR CC . -51.46 51.36 -14.04
C4 BCR CC . -50.00 51.68 -13.75
C5 BCR CC . -49.81 53.17 -13.95
C6 BCR CC . -50.68 54.05 -13.48
C7 BCR CC . -50.18 55.38 -13.09
C8 BCR CC . -50.32 56.53 -13.76
C9 BCR CC . -49.79 57.56 -13.23
C10 BCR CC . -48.81 58.09 -13.79
C11 BCR CC . -48.34 59.09 -14.16
C33 BCR CC . -48.57 53.60 -14.67
C31 BCR CC . -52.70 54.38 -12.11
C32 BCR CC . -52.91 54.14 -14.54
C34 BCR CC . -50.29 58.13 -11.94
C12 BCR CC . -47.78 60.13 -14.58
C13 BCR CC . -47.60 61.56 -14.84
C14 BCR CC . -46.43 61.92 -15.34
C15 BCR CC . -46.06 63.29 -15.67
C16 BCR CC . -45.20 64.10 -16.25
C17 BCR CC . -44.59 65.02 -16.72
C18 BCR CC . -43.52 65.52 -17.32
C19 BCR CC . -43.36 66.93 -17.73
C20 BCR CC . -42.80 67.72 -18.63
C21 BCR CC . -42.44 68.68 -19.26
C22 BCR CC . -41.71 69.42 -20.08
C23 BCR CC . -42.07 70.81 -20.35
C24 BCR CC . -41.15 71.67 -20.81
C25 BCR CC . -41.45 73.08 -21.11
C26 BCR CC . -41.39 74.02 -20.15
C27 BCR CC . -41.88 75.40 -20.42
C28 BCR CC . -41.18 75.82 -21.69
C29 BCR CC . -41.70 74.96 -22.82
C30 BCR CC . -41.75 73.46 -22.55
C35 BCR CC . -48.67 62.55 -14.55
C36 BCR CC . -42.39 64.59 -17.60
C37 BCR CC . -40.51 68.81 -20.75
C38 BCR CC . -40.82 73.72 -18.80
C39 BCR CC . -40.71 72.77 -23.42
C40 BCR CC . -43.13 72.97 -22.95
C1 BCR DC . -28.00 80.35 -6.56
C2 BCR DC . -27.11 79.95 -5.39
C3 BCR DC . -25.74 79.48 -5.86
C4 BCR DC . -25.92 78.24 -6.72
C5 BCR DC . -26.89 78.54 -7.84
C6 BCR DC . -27.99 79.27 -7.62
C7 BCR DC . -29.22 78.98 -8.42
C8 BCR DC . -29.63 79.79 -9.41
C9 BCR DC . -30.66 79.59 -10.11
C10 BCR DC . -31.56 78.76 -9.89
C11 BCR DC . -32.57 78.44 -10.39
C33 BCR DC . -26.56 77.97 -9.18
C31 BCR DC . -27.47 81.64 -7.18
C32 BCR DC . -29.38 80.60 -5.99
C34 BCR DC . -30.85 80.40 -11.35
C12 BCR DC . -33.64 77.96 -10.84
C13 BCR DC . -34.75 77.87 -11.79
C14 BCR DC . -35.51 76.77 -11.80
C15 BCR DC . -36.64 76.54 -12.67
C16 BCR DC . -37.59 75.72 -13.09
C17 BCR DC . -38.52 75.19 -13.64
C18 BCR DC . -39.28 74.15 -13.95
C19 BCR DC . -40.46 74.18 -14.82
C20 BCR DC . -41.56 73.52 -15.16
C21 BCR DC . -42.57 73.16 -15.69
C22 BCR DC . -43.55 72.31 -16.00
C23 BCR DC . -44.60 72.66 -16.96
C24 BCR DC . -45.81 72.10 -16.86
C25 BCR DC . -46.89 72.40 -17.81
C26 BCR DC . -46.88 71.77 -18.99
C27 BCR DC . -47.34 72.48 -20.25
C28 BCR DC . -48.63 73.22 -19.93
C29 BCR DC . -48.41 74.14 -18.73
C30 BCR DC . -48.04 73.35 -17.48
C35 BCR DC . -35.05 78.99 -12.76
C36 BCR DC . -38.89 72.83 -13.37
C37 BCR DC . -43.58 70.97 -15.34
C38 BCR DC . -46.40 70.35 -19.10
C39 BCR DC . -49.24 72.52 -17.06
C40 BCR DC . -47.68 74.31 -16.35
C1 BCR EC . -43.89 76.36 -12.35
C2 BCR EC . -45.23 76.96 -12.75
C3 BCR EC . -45.18 78.47 -12.87
C4 BCR EC . -44.74 79.10 -11.56
C5 BCR EC . -43.44 78.46 -11.15
C6 BCR EC . -43.33 77.13 -11.16
C7 BCR EC . -42.70 76.42 -10.01
C8 BCR EC . -41.42 76.01 -9.98
C9 BCR EC . -40.98 75.41 -8.95
C10 BCR EC . -40.17 74.46 -9.11
C11 BCR EC . -39.06 74.11 -9.00
C33 BCR EC . -42.31 79.36 -10.75
C31 BCR EC . -42.90 76.50 -13.49
C32 BCR EC . -44.11 74.89 -12.00
C34 BCR EC . -41.40 75.82 -7.57
C12 BCR EC . -37.86 73.72 -8.93
C13 BCR EC . -36.70 73.14 -8.26
C14 BCR EC . -35.50 73.22 -8.83
C15 BCR EC . -34.32 72.65 -8.21
C16 BCR EC . -33.04 72.29 -8.25
C17 BCR EC . -31.97 71.87 -7.95
C18 BCR EC . -30.71 71.48 -8.16
C19 BCR EC . -29.87 70.97 -7.07
C20 BCR EC . -28.66 70.72 -6.61
C21 BCR EC . -27.47 70.62 -6.60
C22 BCR EC . -26.21 70.99 -6.79
C23 BCR EC . -25.10 70.15 -6.30
C24 BCR EC . -24.90 70.12 -4.99
C25 BCR EC . -23.82 69.37 -4.32
C26 BCR EC . -23.96 68.10 -3.93
C27 BCR EC . -23.56 67.73 -2.53
C28 BCR EC . -22.18 68.29 -2.28
C29 BCR EC . -22.10 69.77 -2.58
C30 BCR EC . -22.52 70.08 -4.00
C35 BCR EC . -36.86 72.44 -6.94
C36 BCR EC . -30.12 71.59 -9.53
C37 BCR EC . -25.90 72.23 -7.56
C38 BCR EC . -24.48 67.01 -4.83
C39 BCR EC . -21.51 69.56 -4.99
C40 BCR EC . -22.63 71.59 -4.13
C1 BCR FC . -32.10 48.98 8.81
C2 BCR FC . -31.76 48.19 10.06
C3 BCR FC . -30.31 48.38 10.47
C4 BCR FC . -29.40 47.92 9.36
C5 BCR FC . -29.77 48.69 8.13
C6 BCR FC . -31.04 48.81 7.76
C7 BCR FC . -31.39 48.86 6.32
C8 BCR FC . -31.33 47.78 5.55
C9 BCR FC . -31.63 47.80 4.32
C10 BCR FC . -31.18 46.90 3.59
C11 BCR FC . -31.43 46.11 2.77
C33 BCR FC . -28.69 49.35 7.34
C31 BCR FC . -32.06 50.45 9.12
C32 BCR FC . -33.48 48.61 8.30
C34 BCR FC . -32.50 48.86 3.72
C12 BCR FC . -31.63 45.24 1.91
C13 BCR FC . -32.09 44.68 0.63
C14 BCR FC . -31.81 43.40 0.40
C15 BCR FC . -32.20 42.73 -0.83
C16 BCR FC . -32.28 41.64 -1.57
C17 BCR FC . -32.52 40.90 -2.46
C18 BCR FC . -32.52 39.74 -3.15
C19 BCR FC . -31.79 38.60 -2.58
C20 BCR FC . -31.16 37.45 -2.76
C21 BCR FC . -30.54 36.46 -2.51
C22 BCR FC . -30.16 35.18 -2.53
C23 BCR FC . -28.99 34.76 -1.75
C24 BCR FC . -29.01 33.62 -1.08
C25 BCR FC . -27.84 33.19 -0.29
C26 BCR FC . -26.89 32.48 -0.90
C27 BCR FC . -25.46 32.62 -0.51
C28 BCR FC . -25.30 32.86 0.99
C29 BCR FC . -26.60 32.70 1.78
C30 BCR FC . -27.72 33.53 1.18
C35 BCR FC . -32.80 45.53 -0.37
C36 BCR FC . -33.21 39.63 -4.47
C37 BCR FC . -30.91 34.16 -3.35
C38 BCR FC . -27.24 31.52 -2.00
C39 BCR FC . -27.47 35.00 1.43
C40 BCR FC . -29.00 33.13 1.88
C1 BCR GC . -22.40 47.84 6.02
C2 BCR GC . -22.60 47.54 7.49
C3 BCR GC . -24.04 47.19 7.74
C4 BCR GC . -24.89 48.42 7.52
C5 BCR GC . -24.53 49.13 6.24
C6 BCR GC . -23.46 48.80 5.51
C7 BCR GC . -23.26 49.47 4.20
C8 BCR GC . -23.73 48.98 3.04
C9 BCR GC . -23.55 49.62 1.96
C10 BCR GC . -24.44 49.65 1.11
C11 BCR GC . -24.70 49.36 0.03
C33 BCR GC . -25.45 50.24 5.82
C31 BCR GC . -22.48 46.51 5.29
C32 BCR GC . -21.04 48.47 5.80
C34 BCR GC . -22.30 50.34 1.66
C12 BCR GC . -25.05 49.03 -1.12
C13 BCR GC . -25.15 49.11 -2.57
C14 BCR GC . -25.71 48.08 -3.18
C15 BCR GC . -25.87 48.05 -4.61
C16 BCR GC . -26.39 47.50 -5.69
C17 BCR GC . -26.68 47.23 -6.80
C18 BCR GC . -27.41 46.64 -7.74
C19 BCR GC . -27.10 46.73 -9.16
C20 BCR GC . -27.57 46.43 -10.36
C21 BCR GC . -27.72 46.25 -11.51
C22 BCR GC . -28.31 45.76 -12.59
C23 BCR GC . -27.73 46.01 -13.91
C24 BCR GC . -28.43 45.75 -15.01
C25 BCR GC . -27.91 45.96 -16.39
C26 BCR GC . -28.20 47.07 -17.07
C27 BCR GC . -28.09 47.12 -18.58
C28 BCR GC . -28.21 45.72 -19.13
C29 BCR GC . -27.17 44.80 -18.51
C30 BCR GC . -27.04 44.90 -16.99
C35 BCR GC . -24.66 50.29 -3.34
C36 BCR GC . -28.61 45.85 -7.34
C37 BCR GC . -29.55 44.94 -12.44
C38 BCR GC . -28.67 48.30 -16.38
C39 BCR GC . -25.62 45.30 -16.64
C40 BCR GC . -27.35 43.52 -16.42
C1 BCR HC . -6.77 68.75 3.21
C2 BCR HC . -6.42 67.31 2.93
C3 BCR HC . -7.60 66.40 3.21
C4 BCR HC . -8.06 66.50 4.66
C5 BCR HC . -8.34 67.96 4.91
C6 BCR HC . -7.43 68.86 4.56
C7 BCR HC . -7.14 69.96 5.50
C8 BCR HC . -6.41 69.83 6.60
C9 BCR HC . -6.23 70.85 7.33
C10 BCR HC . -5.17 71.08 7.92
C11 BCR HC . -4.06 70.78 8.17
C33 BCR HC . -9.62 68.40 5.52
C31 BCR HC . -7.80 69.20 2.18
C32 BCR HC . -5.53 69.63 3.15
C34 BCR HC . -7.35 71.83 7.55
C12 BCR HC . -2.86 70.60 8.45
C13 BCR HC . -1.69 69.90 8.99
C14 BCR HC . -0.79 70.65 9.63
C15 BCR HC . 0.43 70.16 10.24
C16 BCR HC . 1.42 70.39 11.10
C17 BCR HC . 2.39 70.30 11.79
C18 BCR HC . 3.29 70.70 12.69
C19 BCR HC . 3.23 72.00 13.37
C20 BCR HC . 3.90 72.71 14.25
C21 BCR HC . 4.26 73.52 15.03
C22 BCR HC . 4.95 73.94 16.09
C23 BCR HC . 4.83 75.32 16.56
C24 BCR HC . 4.46 75.54 17.81
C25 BCR HC . 4.33 76.91 18.39
C26 BCR HC . 5.24 77.26 19.31
C27 BCR HC . 4.97 78.39 20.25
C28 BCR HC . 4.20 79.48 19.54
C29 BCR HC . 2.92 78.86 19.03
C30 BCR HC . 3.22 77.84 17.95
C35 BCR HC . -1.52 68.43 8.81
C36 BCR HC . 4.44 69.85 13.12
C37 BCR HC . 5.86 73.01 16.81
C38 BCR HC . 6.52 76.52 19.47
C39 BCR HC . 3.62 78.59 16.69
C40 BCR HC . 1.94 77.06 17.69
O1 LHG IC . -21.69 61.71 28.29
C1 LHG IC . -20.31 61.33 28.29
C2 LHG IC . -19.85 61.25 26.85
O2 LHG IC . -20.99 61.08 26.01
C3 LHG IC . -18.91 60.07 26.68
O3 LHG IC . -18.25 60.19 25.43
P LHG IC . -16.65 60.26 25.33
O4 LHG IC . -16.17 61.46 26.10
O5 LHG IC . -16.13 58.90 25.65
O6 LHG IC . -16.45 60.58 23.76
C4 LHG IC . -15.61 61.66 23.37
C5 LHG IC . -15.34 61.65 21.87
C6 LHG IC . -16.12 60.55 21.16
O7 LHG IC . -15.74 62.91 21.34
C7 LHG IC . -14.65 63.79 21.01
O9 LHG IC . -13.73 63.37 20.33
C8 LHG IC . -14.64 65.22 21.48
C9 LHG IC . -14.67 66.13 20.27
C10 LHG IC . -14.13 67.51 20.61
O8 LHG IC . -16.27 60.86 19.77
C23 LHG IC . -17.54 61.36 19.24
O10 LHG IC . -18.46 61.55 20.01
C24 LHG IC . -17.73 61.65 17.77
C11 LHG IC . -13.78 68.25 19.33
C12 LHG IC . -13.33 69.68 19.60
C13 LHG IC . -13.34 70.58 18.37
C14 LHG IC . -14.25 70.11 17.23
C15 LHG IC . -13.95 70.86 15.93
C16 LHG IC . -14.62 70.20 14.74
C17 LHG IC . -14.64 71.13 13.54
C18 LHG IC . -15.46 70.56 12.39
C19 LHG IC . -15.16 71.27 11.08
C25 LHG IC . -16.43 61.48 16.99
C26 LHG IC . -16.58 60.42 15.90
C27 LHG IC . -15.55 60.58 14.80
C28 LHG IC . -14.31 59.73 15.10
C29 LHG IC . -13.36 59.68 13.91
C30 LHG IC . -12.93 61.06 13.45
C31 LHG IC . -13.15 61.23 11.95
C32 LHG IC . -11.83 61.35 11.21
C33 LHG IC . -11.58 62.78 10.75
C34 LHG IC . -10.71 62.84 9.50
C1 LMG JC . -1.22 29.66 -17.04
O1 LMG JC . -1.93 30.30 -15.98
C2 LMG JC . -0.37 30.71 -17.76
O2 LMG JC . -1.25 31.56 -18.51
C3 LMG JC . 0.62 30.08 -18.73
O3 LMG JC . 1.61 31.04 -19.09
C4 LMG JC . 1.32 28.84 -18.17
O4 LMG JC . 2.35 29.24 -17.25
C5 LMG JC . 0.33 27.92 -17.47
O5 LMG JC . 1.66 25.97 -17.85
C6 LMG JC . 1.03 26.75 -16.83
O6 LMG JC . -0.39 28.66 -16.47
C7 LMG JC . -2.61 29.37 -15.14
C8 LMG JC . -3.30 30.13 -14.01
C9 LMG JC . -4.61 30.75 -14.49
O7 LMG JC . -3.57 29.23 -12.93
C10 LMG JC . -2.89 29.60 -11.69
O9 LMG JC . -1.72 29.92 -11.74
C11 LMG JC . -3.61 29.57 -10.36
C12 LMG JC . -2.96 30.53 -9.38
C13 LMG JC . -3.88 30.85 -8.22
C14 LMG JC . -5.14 31.57 -8.68
C15 LMG JC . -6.35 31.18 -7.84
C16 LMG JC . -6.90 32.31 -6.99
C17 LMG JC . -7.53 33.40 -7.83
C18 LMG JC . -8.09 34.47 -6.92
O8 LMG JC . -4.76 30.70 -15.91
C28 LMG JC . -5.52 31.73 -16.63
O10 LMG JC . -5.00 32.29 -17.59
C29 LMG JC . -6.92 32.08 -16.22
C30 LMG JC . -6.91 33.43 -15.51
C31 LMG JC . -8.09 33.60 -14.57
C32 LMG JC . -8.18 32.44 -13.59
C33 LMG JC . -9.63 32.00 -13.40
C34 LMG JC . -10.31 31.67 -14.73
C35 LMG JC . -11.73 31.19 -14.50
C36 LMG JC . -12.21 30.47 -15.74
C37 LMG JC . -13.16 29.54 -15.67
C38 LMG JC . -13.80 29.14 -14.36
C39 LMG JC . -15.12 29.85 -14.21
C40 LMG JC . -15.81 29.75 -13.07
C41 LMG JC . -17.14 30.47 -12.92
C42 LMG JC . -17.64 30.31 -11.51
C43 LMG JC . -17.87 29.11 -11.00
C44 LMG JC . -18.38 28.98 -9.58
C45 LMG JC . -18.56 27.53 -9.22
C1B LMT KC . -9.85 40.47 -25.76
C2B LMT KC . -8.35 40.74 -25.55
C3B LMT KC . -8.14 41.73 -24.38
C4B LMT KC . -9.02 43.00 -24.52
C5B LMT KC . -10.47 42.55 -24.82
C6B LMT KC . -11.39 43.76 -25.03
O1B LMT KC . -10.36 39.81 -24.66
O2B LMT KC . -7.74 39.55 -25.28
O3B LMT KC . -6.82 42.04 -24.22
O4' LMT KC . -9.01 43.72 -23.35
O5B LMT KC . -10.54 41.68 -25.93
O6B LMT KC . -10.66 44.90 -25.23
C1' LMT KC . -12.25 36.52 -23.10
C2' LMT KC . -10.82 36.28 -23.59
C3' LMT KC . -10.14 37.65 -23.75
C4' LMT KC . -10.82 38.49 -24.84
C5' LMT KC . -12.35 38.47 -24.60
C6' LMT KC . -13.18 38.02 -25.79
O1' LMT KC . -13.12 35.60 -23.60
O2' LMT KC . -10.15 35.56 -22.66
O3' LMT KC . -8.83 37.49 -24.06
O5' LMT KC . -12.76 37.83 -23.39
O6' LMT KC . -14.17 38.94 -25.92
C1 LMT KC . -13.48 34.58 -22.70
C2 LMT KC . -14.70 35.09 -22.02
C3 LMT KC . -15.40 34.12 -21.13
C4 LMT KC . -16.43 34.89 -20.35
C5 LMT KC . -17.78 34.64 -20.91
C6 LMT KC . -18.80 34.52 -19.85
C7 LMT KC . -20.16 34.38 -20.48
C8 LMT KC . -21.20 34.70 -19.47
C1B LMT LC . -22.36 38.14 -2.24
C2B LMT LC . -22.66 37.04 -1.17
C3B LMT LC . -23.84 37.42 -0.27
C4B LMT LC . -23.88 38.95 -0.01
C5B LMT LC . -24.11 39.60 -1.40
C6B LMT LC . -23.77 41.08 -1.34
O1B LMT LC . -21.75 37.60 -3.38
O2B LMT LC . -22.91 35.86 -1.81
O3B LMT LC . -23.84 36.69 0.89
O4' LMT LC . -24.91 39.28 0.81
O5B LMT LC . -23.48 38.95 -2.52
O6B LMT LC . -24.44 41.67 -0.31
C1' LMT LC . -21.25 37.44 -7.35
C2' LMT LC . -22.04 38.70 -6.97
C3' LMT LC . -22.00 38.84 -5.42
C4' LMT LC . -22.36 37.56 -4.65
C5' LMT LC . -21.65 36.37 -5.37
C6' LMT LC . -21.92 35.00 -4.79
O1' LMT LC . -21.24 37.22 -8.70
O2' LMT LC . -21.44 39.79 -7.53
O3' LMT LC . -22.82 39.85 -5.04
O5' LMT LC . -21.90 36.34 -6.74
O6' LMT LC . -21.17 34.12 -5.52
C1 LMT LC . -20.62 36.00 -9.06
C2 LMT LC . -20.39 36.08 -10.54
C3 LMT LC . -20.12 34.79 -11.23
C4 LMT LC . -19.56 35.09 -12.61
C5 LMT LC . -19.25 33.83 -13.34
MG CLA MC . 10.00 53.91 4.88
CHA CLA MC . 12.29 53.54 7.48
CHB CLA MC . 7.53 53.20 7.10
CHC CLA MC . 7.82 54.48 2.36
CHD CLA MC . 12.67 54.64 2.68
NA CLA MC . 9.90 53.42 7.04
C1A CLA MC . 10.86 53.25 7.85
C2A CLA MC . 10.43 52.73 9.18
C3A CLA MC . 8.99 52.56 8.96
C4A CLA MC . 8.76 53.10 7.63
CMA CLA MC . 8.76 51.08 8.96
CAA CLA MC . 10.46 53.82 10.22
CBA CLA MC . 10.34 53.24 11.61
CGA CLA MC . 9.68 54.35 12.36
O1A CLA MC . 8.72 54.91 11.92
O2A CLA MC . 10.03 54.82 13.53
NB CLA MC . 7.96 53.84 4.76
C1B CLA MC . 7.10 53.62 5.75
C2B CLA MC . 5.69 53.75 5.34
C3B CLA MC . 5.82 54.12 3.93
C4B CLA MC . 7.26 54.15 3.67
CMB CLA MC . 4.47 53.59 6.21
CAB CLA MC . 4.87 54.44 2.84
CBB CLA MC . 3.59 54.19 2.86
NC CLA MC . 10.21 54.48 2.85
C1C CLA MC . 9.22 54.64 1.98
C2C CLA MC . 9.63 55.02 0.62
C3C CLA MC . 11.07 55.07 0.76
C4C CLA MC . 11.31 54.70 2.14
CMC CLA MC . 8.80 55.32 -0.58
CAC CLA MC . 12.10 55.38 -0.26
CBC CLA MC . 12.35 54.10 -1.00
ND CLA MC . 11.98 54.08 4.91
C1D CLA MC . 12.94 54.35 4.06
C2D CLA MC . 14.30 54.31 4.61
C3D CLA MC . 13.98 53.97 6.00
C4D CLA MC . 12.65 53.85 6.09
CMD CLA MC . 15.66 54.53 4.09
CAD CLA MC . 14.63 53.72 7.28
OBD CLA MC . 15.83 54.02 7.56
CBD CLA MC . 13.55 53.70 8.30
CGD CLA MC . 13.92 52.62 9.26
O1D CLA MC . 14.59 51.69 8.91
O2D CLA MC . 13.51 52.70 10.64
CED CLA MC . 14.30 53.52 11.48
C1 CLA MC . 10.60 56.31 13.64
C2 CLA MC . 10.89 57.12 12.41
C3 CLA MC . 11.97 57.89 12.31
C4 CLA MC . 12.96 58.01 13.43
C5 CLA MC . 12.16 58.65 11.03
C6 CLA MC . 12.55 60.08 11.36
C7 CLA MC . 12.99 60.72 10.06
C8 CLA MC . 13.48 62.13 10.32
C9 CLA MC . 13.03 63.07 9.21
C10 CLA MC . 14.98 62.03 10.38
C11 CLA MC . 15.51 63.25 11.10
C12 CLA MC . 16.46 62.85 12.22
C13 CLA MC . 16.41 63.95 13.25
C14 CLA MC . 17.53 63.81 14.25
C15 CLA MC . 15.05 63.85 13.90
C16 CLA MC . 14.41 65.19 14.08
C17 CLA MC . 14.53 65.55 15.55
C18 CLA MC . 13.25 66.03 16.20
C19 CLA MC . 13.57 66.84 17.44
C20 CLA MC . 12.38 66.84 15.26
MG CLA NC . 8.42 60.98 15.23
CHA CLA NC . 7.91 61.15 11.81
CHB CLA NC . 9.44 64.25 15.07
CHC CLA NC . 8.78 60.84 18.58
CHD CLA NC . 7.33 57.61 15.24
NA CLA NC . 8.66 62.54 13.65
C1A CLA NC . 8.46 62.40 12.40
C2A CLA NC . 8.87 63.61 11.59
C3A CLA NC . 9.39 64.51 12.68
C4A CLA NC . 9.15 63.72 13.89
CMA CLA NC . 10.81 64.94 12.49
CAA CLA NC . 7.73 64.42 10.99
CBA CLA NC . 8.17 65.10 9.71
CGA CLA NC . 8.15 66.60 9.89
O1A CLA NC . 7.42 67.17 10.67
O2A CLA NC . 8.93 67.44 9.23
NB CLA NC . 9.04 62.35 16.61
C1B CLA NC . 9.36 63.64 16.40
C2B CLA NC . 9.65 64.40 17.63
C3B CLA NC . 9.46 63.38 18.64
C4B CLA NC . 9.09 62.14 17.93
CMB CLA NC . 10.02 65.83 17.82
CAB CLA NC . 9.61 63.55 20.07
CBB CLA NC . 8.87 64.37 20.77
NC CLA NC . 8.06 59.47 16.69
C1C CLA NC . 8.39 59.56 17.98
C2C CLA NC . 8.33 58.30 18.74
C3C CLA NC . 7.89 57.35 17.72
C4C CLA NC . 7.76 58.18 16.52
CMC CLA NC . 8.63 58.04 20.17
CAC CLA NC . 7.66 55.87 17.82
CBC CLA NC . 8.88 55.11 17.38
ND CLA NC . 7.84 59.58 13.94
C1D CLA NC . 7.32 58.37 14.00
C2D CLA NC . 6.75 57.87 12.75
C3D CLA NC . 7.02 59.03 11.90
C4D CLA NC . 7.64 59.95 12.63
CMD CLA NC . 6.05 56.64 12.30
CAD CLA NC . 6.83 59.50 10.52
OBD CLA NC . 5.79 59.17 9.86
CBD CLA NC . 7.40 60.86 10.42
CGD CLA NC . 8.39 60.97 9.30
O1D CLA NC . 8.54 62.03 8.73
O2D CLA NC . 9.16 59.86 8.84
CED CLA NC . 10.13 60.19 7.86
C1 CLA NC . 8.81 69.03 9.37
C2 CLA NC . 8.08 69.95 8.41
C3 CLA NC . 6.91 70.51 8.74
C4 CLA NC . 6.28 70.17 10.05
C5 CLA NC . 6.19 71.43 7.80
C6 CLA NC . 4.78 71.79 8.27
C7 CLA NC . 4.73 73.23 8.72
C8 CLA NC . 3.30 73.63 9.03
C9 CLA NC . 2.48 73.68 7.76
C10 CLA NC . 3.32 74.97 9.73
C11 CLA NC . 1.93 75.37 10.19
C12 CLA NC . 1.84 75.30 11.71
C13 CLA NC . 0.40 75.45 12.17
C14 CLA NC . 0.33 76.00 13.59
C15 CLA NC . -0.31 74.11 12.07
C16 CLA NC . -1.45 74.13 11.06
C17 CLA NC . -2.80 74.25 11.75
C18 CLA NC . -3.76 75.04 10.89
C19 CLA NC . -5.00 74.22 10.55
C20 CLA NC . -4.14 76.35 11.56
MG CLA OC . -4.72 43.23 9.90
CHA CLA OC . -7.56 41.20 9.85
CHB CLA OC . -3.03 40.72 8.32
CHC CLA OC . -2.15 45.34 9.58
CHD CLA OC . -6.47 45.61 11.74
NA CLA OC . -5.20 41.20 9.15
C1A CLA OC . -6.31 40.57 9.27
C2A CLA OC . -6.21 39.18 8.75
C3A CLA OC . -4.76 39.07 8.36
C4A CLA OC . -4.30 40.42 8.62
CMA CLA OC . -3.96 37.93 8.94
CAA CLA OC . -6.92 39.18 7.41
CBA CLA OC . -7.20 37.77 6.93
CGA CLA OC . -6.32 37.54 5.74
O1A CLA OC . -6.03 38.41 4.95
O2A CLA OC . -5.74 36.40 5.45
NB CLA OC . -2.85 43.04 9.04
C1B CLA OC . -2.30 41.97 8.49
C2B CLA OC . -0.90 42.16 8.04
C3B CLA OC . -0.68 43.53 8.45
C4B CLA OC . -1.93 44.00 9.05
CMB CLA OC . 0.03 41.18 7.38
CAB CLA OC . 0.52 44.37 8.29
CBB CLA OC . 0.93 44.64 7.08
NC CLA OC . -4.39 45.20 10.57
C1C CLA OC . -3.28 45.85 10.35
C2C CLA OC . -3.20 47.16 10.93
C3C CLA OC . -4.48 47.33 11.61
C4C CLA OC . -5.13 46.03 11.32
CMC CLA OC . -2.04 48.07 10.78
CAC CLA OC . -4.85 48.57 12.40
CBC CLA OC . -6.28 49.04 12.49
ND CLA OC . -6.52 43.48 10.66
C1D CLA OC . -7.15 44.40 11.35
C2D CLA OC . -8.55 44.12 11.71
C3D CLA OC . -8.66 42.81 11.08
C4D CLA OC . -7.49 42.50 10.52
CMD CLA OC . -9.62 44.84 12.47
CAD CLA OC . -9.62 41.72 10.87
OBD CLA OC . -10.88 41.81 11.10
CBD CLA OC . -9.03 40.81 9.86
CGD CLA OC . -9.36 39.40 10.19
O1D CLA OC . -9.44 39.02 11.33
O2D CLA OC . -9.62 38.43 9.15
CED CLA OC . -10.59 37.43 9.36
C1 CLA OC . -4.33 36.44 4.71
C2 CLA OC . -3.02 36.66 5.43
C3 CLA OC . -2.25 37.71 5.14
C4 CLA OC . -2.64 38.72 4.12
C5 CLA OC . -0.94 37.86 5.89
C6 CLA OC . 0.21 37.69 4.91
C7 CLA OC . 0.41 36.22 4.58
C8 CLA OC . 1.86 35.92 4.24
C9 CLA OC . 2.29 36.73 3.02
C10 CLA OC . 1.98 34.43 3.97
C11 CLA OC . 2.80 33.74 5.06
C12 CLA OC . 3.67 32.65 4.45
C13 CLA OC . 3.87 31.50 5.42
C14 CLA OC . 2.54 30.95 5.92
C15 CLA OC . 4.71 31.98 6.59
C16 CLA OC . 4.98 30.83 7.54
C17 CLA OC . 6.47 30.65 7.67
C18 CLA OC . 6.85 29.87 8.92
C19 CLA OC . 8.36 29.87 9.05
C20 CLA OC . 6.19 30.44 10.17
MG CLA PC . 14.53 27.98 28.65
CHA CLA PC . 12.71 26.06 30.90
CHB CLA PC . 17.27 27.58 30.69
CHC CLA PC . 16.31 29.70 26.38
CHD CLA PC . 11.62 28.39 26.65
NA CLA PC . 14.98 26.95 30.56
C1A CLA PC . 14.17 26.28 31.28
C2A CLA PC . 14.82 25.68 32.48
C3A CLA PC . 16.23 26.23 32.39
C4A CLA PC . 16.16 26.99 31.13
CMA CLA PC . 16.80 26.95 33.60
CAA CLA PC . 14.94 24.16 32.28
CBA CLA PC . 15.80 23.63 31.12
CGA CLA PC . 15.06 23.26 29.85
O1A CLA PC . 15.25 22.25 29.22
O2A CLA PC . 14.14 23.98 29.23
NB CLA PC . 16.51 28.55 28.56
C1B CLA PC . 17.46 28.36 29.47
C2B CLA PC . 18.77 28.94 29.12
C3B CLA PC . 18.46 29.56 27.83
C4B CLA PC . 17.04 29.26 27.57
CMB CLA PC . 20.05 28.88 29.91
CAB CLA PC . 19.30 30.33 26.92
CBB CLA PC . 20.08 31.29 27.33
NC CLA PC . 14.05 28.88 26.77
C1C CLA PC . 14.90 29.53 26.00
C2C CLA PC . 14.36 30.05 24.73
C3C CLA PC . 12.97 29.64 24.82
C4C CLA PC . 12.88 28.93 26.11
CMC CLA PC . 15.05 30.81 23.64
CAC CLA PC . 11.85 29.85 23.84
CBC CLA PC . 11.40 31.29 23.91
ND CLA PC . 12.61 27.44 28.64
C1D CLA PC . 11.54 27.60 27.86
C2D CLA PC . 10.31 26.92 28.35
C3D CLA PC . 10.86 26.33 29.57
C4D CLA PC . 12.14 26.66 29.68
CMD CLA PC . 8.89 26.75 27.93
CAD CLA PC . 10.42 25.50 30.70
OBD CLA PC . 9.34 24.80 30.74
CBD CLA PC . 11.62 25.23 31.54
CGD CLA PC . 11.33 25.57 32.96
O1D CLA PC . 10.65 24.82 33.63
O2D CLA PC . 11.85 26.76 33.59
CED CLA PC . 12.15 26.67 34.98
C1 CLA PC . 14.33 24.49 27.73
C2 CLA PC . 13.27 24.17 26.70
C3 CLA PC . 13.34 24.54 25.43
C4 CLA PC . 12.23 24.13 24.51
C5 CLA PC . 14.53 25.32 24.90
C6 CLA PC . 14.13 26.14 23.68
C7 CLA PC . 15.24 26.11 22.64
C8 CLA PC . 14.68 26.20 21.22
C9 CLA PC . 14.12 27.58 20.93
C10 CLA PC . 13.64 25.11 20.99
MG CLA QC . 20.97 36.36 34.98
CHA CLA QC . 23.79 38.35 34.99
CHB CLA QC . 22.04 35.16 31.95
CHC CLA QC . 18.30 34.30 35.00
CHD CLA QC . 20.01 37.65 38.11
NA CLA QC . 22.71 36.69 33.62
C1A CLA QC . 23.68 37.49 33.78
C2A CLA QC . 24.66 37.52 32.62
C3A CLA QC . 23.98 36.55 31.68
C4A CLA QC . 22.83 36.08 32.46
CMA CLA QC . 23.56 37.16 30.38
CAA CLA QC . 26.01 36.93 32.99
CBA CLA QC . 26.88 36.45 31.81
CGA CLA QC . 27.33 37.54 30.84
O1A CLA QC . 27.81 37.33 29.74
O2A CLA QC . 27.31 38.85 31.04
NB CLA QC . 20.29 34.93 33.66
C1B CLA QC . 20.82 34.59 32.49
C2B CLA QC . 20.05 33.54 31.77
C3B CLA QC . 18.96 33.29 32.69
C4B CLA QC . 19.17 34.20 33.83
CMB CLA QC . 20.34 32.90 30.46
CAB CLA QC . 17.86 32.35 32.47
CBB CLA QC . 17.63 31.34 33.26
NC CLA QC . 19.42 36.01 36.36
C1C CLA QC . 18.37 35.22 36.15
C2C CLA QC . 17.28 35.32 37.11
C3C CLA QC . 17.79 36.33 38.02
C4C CLA QC . 19.11 36.68 37.47
CMC CLA QC . 15.98 34.58 37.11
CAC CLA QC . 17.12 36.89 39.25
CBC CLA QC . 16.44 38.19 38.87
ND CLA QC . 21.62 37.66 36.33
C1D CLA QC . 21.23 38.13 37.50
C2D CLA QC . 22.12 39.16 38.09
C3D CLA QC . 23.13 39.20 37.03
C4D CLA QC . 22.79 38.33 36.08
CMD CLA QC . 22.20 40.01 39.31
CAD CLA QC . 24.37 39.87 36.68
OBD CLA QC . 24.92 40.81 37.36
CBD CLA QC . 24.77 39.46 35.31
CGD CLA QC . 24.36 40.58 34.43
O1D CLA QC . 23.47 41.31 34.78
O2D CLA QC . 24.95 40.81 33.15
CED CLA QC . 24.36 41.84 32.39
C1 CLA QC . 28.52 39.56 31.79
C2 CLA QC . 28.88 39.12 33.19
C3 CLA QC . 29.67 39.85 33.99
C4 CLA QC . 30.25 41.13 33.48
C5 CLA QC . 30.01 39.37 35.39
C6 CLA QC . 28.82 39.51 36.31
C7 CLA QC . 28.46 38.19 36.98
C8 CLA QC . 27.52 38.42 38.15
C9 CLA QC . 28.33 38.67 39.41
C10 CLA QC . 26.62 37.22 38.35
C11 CLA QC . 25.69 37.42 39.54
C12 CLA QC . 25.05 36.09 39.89
C13 CLA QC . 23.81 36.23 40.76
C14 CLA QC . 24.13 36.99 42.03
C15 CLA QC . 23.29 34.85 41.10
MG CLA RC . 22.04 36.80 25.58
CHA CLA RC . 19.08 35.14 26.33
CHB CLA RC . 21.28 38.97 28.10
CHC CLA RC . 25.00 38.27 24.97
CHD CLA RC . 22.68 34.46 23.00
NA CLA RC . 20.39 37.04 27.07
C1A CLA RC . 19.35 36.34 27.19
C2A CLA RC . 18.41 36.83 28.25
C3A CLA RC . 19.11 38.07 28.70
C4A CLA RC . 20.36 38.03 27.92
CMA CLA RC . 18.31 39.33 28.47
CAA CLA RC . 18.53 35.96 29.48
CBA CLA RC . 17.33 35.07 29.75
CGA CLA RC . 16.27 35.81 30.49
O1A CLA RC . 16.46 36.35 31.55
O2A CLA RC . 15.02 35.92 30.11
NB CLA RC . 23.00 38.39 26.45
C1B CLA RC . 22.56 39.17 27.42
C2B CLA RC . 23.49 40.28 27.76
C3B CLA RC . 24.56 40.05 26.81
C4B CLA RC . 24.17 38.85 26.04
CMB CLA RC . 23.34 41.36 28.78
CAB CLA RC . 25.81 40.78 26.59
CBB CLA RC . 26.72 40.82 27.54
NC CLA RC . 23.61 36.38 24.24
C1C CLA RC . 24.70 37.12 24.09
C2C CLA RC . 25.60 36.73 23.00
C3C CLA RC . 24.90 35.58 22.46
C4C CLA RC . 23.70 35.46 23.28
CMC CLA RC . 26.90 37.34 22.58
CAC CLA RC . 25.25 34.69 21.33
CBC CLA RC . 24.73 35.33 20.07
ND CLA RC . 21.22 35.17 24.78
C1D CLA RC . 21.46 34.33 23.77
C2D CLA RC . 20.40 33.33 23.51
C3D CLA RC . 19.50 33.72 24.57
C4D CLA RC . 20.00 34.75 25.25
CMD CLA RC . 20.09 32.20 22.58
CAD CLA RC . 18.21 33.33 25.11
OBD CLA RC . 17.70 32.19 24.90
CBD CLA RC . 17.93 34.16 26.30
CGD CLA RC . 16.59 34.79 26.09
O1D CLA RC . 16.40 35.62 25.23
O2D CLA RC . 15.50 34.39 26.94
CED CLA RC . 14.70 33.29 26.57
C1 CLA RC . 14.64 36.91 28.92
C2 CLA RC . 14.25 38.33 29.14
C3 CLA RC . 14.20 39.19 28.13
C4 CLA RC . 13.80 40.58 28.44
C5 CLA RC . 14.54 38.80 26.71
C6 CLA RC . 14.49 39.98 25.75
C7 CLA RC . 15.89 40.46 25.39
C8 CLA RC . 15.82 41.74 24.55
C9 CLA RC . 16.06 41.43 23.08
C10 CLA RC . 16.80 42.77 25.11
C11 CLA RC . 18.21 42.69 24.54
C12 CLA RC . 19.19 42.15 25.57
C13 CLA RC . 20.55 41.81 24.99
C14 CLA RC . 21.34 43.08 24.75
C15 CLA RC . 20.40 41.04 23.68
C16 CLA RC . 20.57 39.55 23.90
C17 CLA RC . 20.61 38.85 22.55
C18 CLA RC . 19.65 37.67 22.52
C19 CLA RC . 18.25 38.04 23.00
C20 CLA RC . 19.61 37.07 21.12
MG CLA SC . 26.88 25.75 11.64
CHA CLA SC . 25.70 25.08 8.42
CHB CLA SC . 24.95 28.55 11.58
CHC CLA SC . 27.98 26.41 14.77
CHD CLA SC . 28.88 22.89 11.51
NA CLA SC . 25.47 26.72 10.22
C1A CLA SC . 25.15 26.33 9.05
C2A CLA SC . 24.21 27.24 8.32
C3A CLA SC . 24.07 28.33 9.31
C4A CLA SC . 24.88 27.85 10.46
CMA CLA SC . 24.49 29.66 8.74
CAA CLA SC . 22.79 26.67 8.20
CBA CLA SC . 22.33 25.81 9.37
CGA CLA SC . 22.43 24.36 9.02
O1A CLA SC . 21.74 23.83 8.18
O2A CLA SC . 23.27 23.50 9.55
NB CLA SC . 26.51 27.26 12.96
C1B CLA SC . 25.69 28.30 12.82
C2B CLA SC . 25.59 29.19 13.99
C3B CLA SC . 26.51 28.52 14.89
C4B CLA SC . 27.03 27.35 14.19
CMB CLA SC . 24.79 30.44 14.21
CAB CLA SC . 26.86 28.91 16.25
CBB CLA SC . 26.04 28.55 17.20
NC CLA SC . 28.16 24.73 12.99
C1C CLA SC . 28.57 25.20 14.16
C2C CLA SC . 29.64 24.45 14.83
C3C CLA SC . 29.86 23.39 13.87
C4C CLA SC . 28.91 23.65 12.77
CMC CLA SC . 30.31 24.73 16.14
CAC CLA SC . 30.86 22.28 13.97
CBC CLA SC . 30.12 21.01 14.30
ND CLA SC . 27.31 24.29 10.36
C1D CLA SC . 28.03 23.19 10.37
C2D CLA SC . 27.91 22.37 9.14
C3D CLA SC . 26.96 23.18 8.39
C4D CLA SC . 26.65 24.24 9.15
CMD CLA SC . 28.48 21.10 8.61
CAD CLA SC . 26.23 23.22 7.11
OBD CLA SC . 25.91 22.18 6.46
CBD CLA SC . 25.48 24.50 7.05
CGD CLA SC . 26.12 25.39 6.03
O1D CLA SC . 27.32 25.37 5.88
O2D CLA SC . 25.35 26.30 5.23
CED CLA SC . 25.78 26.62 3.92
C1 CLA SC . 23.04 22.77 10.95
C2 CLA SC . 23.89 23.04 12.17
C3 CLA SC . 24.68 22.09 12.70
C4 CLA SC . 24.76 20.73 12.08
C5 CLA SC . 25.53 22.35 13.92
C6 CLA SC . 25.03 23.58 14.67
C7 CLA SC . 24.92 23.31 16.16
C8 CLA SC . 25.97 24.12 16.91
C9 CLA SC . 27.10 23.20 17.34
C10 CLA SC . 25.35 24.79 18.13
C11 CLA SC . 24.12 25.61 17.78
C12 CLA SC . 23.02 25.40 18.82
C13 CLA SC . 22.76 26.68 19.59
C14 CLA SC . 23.74 26.84 20.74
C15 CLA SC . 21.32 26.64 20.10
C16 CLA SC . 21.00 27.86 20.95
C17 CLA SC . 19.99 28.76 20.25
C18 CLA SC . 18.59 28.48 20.77
C19 CLA SC . 18.47 28.83 22.25
C20 CLA SC . 17.54 29.23 19.96
MG CLA TC . 24.04 35.00 8.60
CHA CLA TC . 26.99 36.39 9.81
CHB CLA TC . 24.30 32.64 11.08
CHC CLA TC . 21.15 33.66 7.45
CHD CLA TC . 23.91 37.42 6.08
NA CLA TC . 25.44 34.53 10.25
C1A CLA TC . 26.52 35.15 10.54
C2A CLA TC . 27.19 34.61 11.75
C3A CLA TC . 26.39 33.39 12.05
C4A CLA TC . 25.30 33.51 11.05
CMA CLA TC . 27.19 32.11 12.02
CAA CLA TC . 26.89 35.59 12.91
CBA CLA TC . 25.50 35.76 13.53
CGA CLA TC . 24.50 36.67 12.83
O1A CLA TC . 23.53 37.13 13.38
O2A CLA TC . 24.49 37.09 11.57
NB CLA TC . 22.91 33.38 9.19
C1B CLA TC . 23.13 32.56 10.19
C2B CLA TC . 22.08 31.55 10.42
C3B CLA TC . 21.17 31.85 9.33
C4B CLA TC . 21.75 33.01 8.62
CMB CLA TC . 22.04 30.50 11.49
CAB CLA TC . 19.90 31.19 8.98
CBB CLA TC . 19.00 30.86 9.88
NC CLA TC . 22.69 35.52 7.06
C1C CLA TC . 21.57 34.89 6.77
C2C CLA TC . 20.77 35.50 5.69
C3C CLA TC . 21.59 36.65 5.33
C4C CLA TC . 22.74 36.55 6.22
CMC CLA TC . 19.46 35.09 5.14
CAC CLA TC . 21.36 37.70 4.30
CBC CLA TC . 20.78 38.93 4.95
ND CLA TC . 25.12 36.52 7.94
C1D CLA TC . 24.99 37.48 7.05
C2D CLA TC . 25.99 38.55 7.10
C3D CLA TC . 26.78 38.06 8.23
C4D CLA TC . 26.25 36.92 8.65
CMD CLA TC . 26.25 39.80 6.36
CAD CLA TC . 27.97 38.42 9.02
OBD CLA TC . 28.36 39.62 9.16
CBD CLA TC . 28.10 37.38 10.09
CGD CLA TC . 29.49 36.82 10.16
O1D CLA TC . 30.39 37.51 10.56
O2D CLA TC . 29.79 35.45 9.81
CED CLA TC . 31.02 34.90 10.27
C1 CLA TC . 23.28 37.88 10.91
C2 CLA TC . 21.87 37.38 10.69
C3 CLA TC . 21.09 37.90 9.72
C4 CLA TC . 21.59 38.99 8.82
C5 CLA TC . 19.69 37.43 9.50
C6 CLA TC . 19.57 35.97 9.90
C7 CLA TC . 18.24 35.73 10.57
C8 CLA TC . 18.37 34.64 11.61
C9 CLA TC . 17.02 34.33 12.23
C10 CLA TC . 19.37 35.08 12.68
C11 CLA TC . 20.25 33.93 13.11
C12 CLA TC . 21.57 34.44 13.67
C13 CLA TC . 21.62 34.24 15.16
C14 CLA TC . 22.24 35.43 15.87
C15 CLA TC . 22.44 33.00 15.50
C16 CLA TC . 22.17 32.61 16.93
C17 CLA TC . 23.25 31.69 17.49
C18 CLA TC . 22.87 31.18 18.86
C19 CLA TC . 23.98 30.34 19.47
C20 CLA TC . 22.55 32.33 19.81
MG CLA UC . 16.72 32.98 1.57
CHA CLA UC . 19.55 31.90 3.28
CHB CLA UC . 15.00 30.45 3.09
CHC CLA UC . 13.93 34.23 0.14
CHD CLA UC . 18.63 35.45 -0.07
NA CLA UC . 17.19 31.36 3.02
C1A CLA UC . 18.31 31.09 3.54
C2A CLA UC . 18.26 29.89 4.44
C3A CLA UC . 16.87 29.41 4.25
C4A CLA UC . 16.30 30.47 3.41
CMA CLA UC . 16.98 28.03 3.65
CAA CLA UC . 18.38 30.37 5.90
CBA CLA UC . 17.17 30.36 6.84
CGA CLA UC . 16.91 31.71 7.42
O1A CLA UC . 17.71 32.63 7.43
O2A CLA UC . 15.78 32.08 7.99
NB CLA UC . 14.75 32.42 1.63
C1B CLA UC . 14.23 31.36 2.24
C2B CLA UC . 12.78 31.22 2.01
C3B CLA UC . 12.48 32.34 1.15
C4B CLA UC . 13.76 33.02 0.95
CMB CLA UC . 11.91 30.17 2.58
CAB CLA UC . 11.20 32.76 0.54
CBB CLA UC . 10.34 31.93 0.00
NC CLA UC . 16.34 34.62 0.29
C1C CLA UC . 15.16 34.93 -0.22
C2C CLA UC . 15.12 36.02 -1.19
C3C CLA UC . 16.52 36.40 -1.24
C4C CLA UC . 17.17 35.48 -0.30
CMC CLA UC . 13.93 36.56 -1.90
CAC CLA UC . 17.17 37.47 -2.06
CBC CLA UC . 17.60 36.86 -3.36
ND CLA UC . 18.60 33.61 1.48
C1D CLA UC . 19.28 34.58 0.91
C2D CLA UC . 20.69 34.70 1.30
C3D CLA UC . 20.74 33.58 2.25
C4D CLA UC . 19.54 33.01 2.31
CMD CLA UC . 21.83 35.59 0.95
CAD CLA UC . 21.68 32.90 3.15
OBD CLA UC . 22.71 33.44 3.65
CBD CLA UC . 20.93 31.85 3.89
CGD CLA UC . 21.60 30.51 3.79
O1D CLA UC . 21.86 30.01 2.72
O2D CLA UC . 21.89 29.78 4.99
CED CLA UC . 23.17 29.17 5.15
MG CLA VC . 10.49 25.99 -0.19
CHA CLA VC . 9.62 24.92 -3.33
CHB CLA VC . 13.59 24.56 -0.71
CHC CLA VC . 11.17 26.72 2.95
CHD CLA VC . 7.36 27.67 0.14
NA CLA VC . 11.52 24.88 -1.82
C1A CLA VC . 11.04 24.57 -2.96
C2A CLA VC . 11.99 23.87 -3.86
C3A CLA VC . 13.22 23.75 -2.97
C4A CLA VC . 12.75 24.44 -1.75
CMA CLA VC . 13.89 22.41 -2.82
CAA CLA VC . 12.41 24.80 -4.98
CBA CLA VC . 12.59 24.09 -6.31
CGA CLA VC . 13.76 24.72 -7.02
O1A CLA VC . 14.91 24.31 -6.96
O2A CLA VC . 13.69 25.79 -7.79
NB CLA VC . 12.16 25.67 0.97
C1B CLA VC . 13.34 25.17 0.59
C2B CLA VC . 14.37 25.22 1.66
C3B CLA VC . 13.65 25.86 2.74
C4B CLA VC . 12.28 26.11 2.23
CMB CLA VC . 15.80 24.76 1.61
CAB CLA VC . 14.24 26.15 4.07
CBB CLA VC . 13.85 26.99 5.01
NC CLA VC . 9.48 27.15 1.28
C1C CLA VC . 9.91 27.30 2.51
C2C CLA VC . 9.06 28.07 3.42
C3C CLA VC . 7.95 28.41 2.55
C4C CLA VC . 8.30 27.79 1.25
CMC CLA VC . 9.27 28.39 4.86
CAC CLA VC . 6.73 29.18 2.90
CBC CLA VC . 7.01 30.64 2.65
ND CLA VC . 8.83 26.32 -1.23
C1D CLA VC . 7.66 26.94 -1.08
C2D CLA VC . 6.72 26.77 -2.23
C3D CLA VC . 7.58 25.95 -3.09
C4D CLA VC . 8.74 25.74 -2.48
CMD CLA VC . 5.34 27.23 -2.60
CAD CLA VC . 7.58 25.29 -4.40
OBD CLA VC . 6.53 25.07 -5.09
CBD CLA VC . 8.83 24.50 -4.54
CGD CLA VC . 8.49 23.05 -4.40
O1D CLA VC . 7.44 22.69 -3.92
O2D CLA VC . 9.43 22.03 -4.83
CED CLA VC . 9.02 21.05 -5.78
MG CLA WC . 33.62 25.06 40.32
CHA CLA WC . 33.97 23.34 43.34
CHB CLA WC . 32.57 27.77 42.17
CHC CLA WC . 33.37 26.74 37.41
CHD CLA WC . 34.70 22.19 38.55
NA CLA WC . 33.31 25.54 42.47
C1A CLA WC . 33.48 24.77 43.47
C2A CLA WC . 33.16 25.40 44.78
C3A CLA WC . 32.64 26.74 44.37
C4A CLA WC . 32.86 26.70 42.91
CMA CLA WC . 31.21 26.87 44.80
CAA CLA WC . 34.49 25.76 45.44
CBA CLA WC . 34.37 26.09 46.92
CGA CLA WC . 35.77 26.11 47.47
O1A CLA WC . 36.74 26.56 46.87
O2A CLA WC . 36.13 25.65 48.65
NB CLA WC . 33.05 26.98 39.86
C1B CLA WC . 32.66 27.95 40.71
C2B CLA WC . 32.32 29.23 40.05
C3B CLA WC . 32.56 28.92 38.65
C4B CLA WC . 33.01 27.50 38.63
CMB CLA WC . 31.85 30.51 40.64
CAB CLA WC . 32.33 29.88 37.55
CBB CLA WC . 33.12 30.09 36.53
NC CLA WC . 33.99 24.54 38.29
C1C CLA WC . 33.87 25.37 37.26
C2C CLA WC . 34.27 24.83 35.95
C3C CLA WC . 34.67 23.48 36.31
C4C CLA WC . 34.46 23.41 37.77
CMC CLA WC . 34.26 25.52 34.61
CAC CLA WC . 35.21 22.40 35.41
CBC CLA WC . 34.04 21.57 34.92
ND CLA WC . 34.23 23.19 40.70
C1D CLA WC . 34.60 22.11 40.01
C2D CLA WC . 34.86 20.91 40.84
C3D CLA WC . 34.60 21.48 42.16
C4D CLA WC . 34.24 22.76 42.02
CMD CLA WC . 35.29 19.48 40.66
CAD CLA WC . 34.59 21.09 43.58
OBD CLA WC . 35.01 19.98 44.05
CBD CLA WC . 34.23 22.29 44.40
CGD CLA WC . 33.00 21.99 45.18
O1D CLA WC . 31.89 22.15 44.70
O2D CLA WC . 33.08 21.56 46.56
CED CLA WC . 32.08 20.69 47.08
C1 CLA WC . 36.92 24.26 48.74
C2 CLA WC . 36.22 22.93 48.67
C3 CLA WC . 36.75 21.89 48.04
C4 CLA WC . 36.03 20.58 48.01
C5 CLA WC . 38.08 22.02 47.33
C6 CLA WC . 37.88 21.83 45.83
C7 CLA WC . 38.51 22.97 45.04
C8 CLA WC . 38.00 23.00 43.61
C9 CLA WC . 38.66 21.93 42.76
C10 CLA WC . 38.25 24.38 43.01
C11 CLA WC . 37.71 24.51 41.60
C12 CLA WC . 37.60 25.98 41.21
C13 CLA WC . 37.00 26.11 39.82
C14 CLA WC . 38.01 25.72 38.74
C15 CLA WC . 36.42 27.52 39.64
C16 CLA WC . 37.40 28.53 39.07
C17 CLA WC . 36.70 29.63 38.28
C18 CLA WC . 36.65 29.39 36.76
C19 CLA WC . 36.62 30.71 36.01
C20 CLA WC . 37.79 28.53 36.22
MG CLA XC . 40.35 32.16 45.31
CHA CLA XC . 37.63 31.14 47.24
CHB CLA XC . 41.68 33.48 48.19
CHC CLA XC . 43.01 33.08 43.47
CHD CLA XC . 38.84 30.77 42.42
NA CLA XC . 39.76 32.30 47.46
C1A CLA XC . 38.70 31.85 48.02
C2A CLA XC . 38.63 32.14 49.50
C3A CLA XC . 39.92 32.89 49.73
C4A CLA XC . 40.50 32.89 48.37
CMA CLA XC . 39.87 34.20 50.50
CAA CLA XC . 38.76 30.86 50.32
CBA CLA XC . 37.55 30.69 51.22
CGA CLA XC . 37.64 29.38 51.95
O1A CLA XC . 37.02 29.12 52.97
O2A CLA XC . 38.41 28.38 51.58
NB CLA XC . 42.09 33.13 45.79
C1B CLA XC . 42.47 33.62 46.96
C2B CLA XC . 43.77 34.32 46.95
C3B CLA XC . 44.15 34.19 45.55
C4B CLA XC . 43.05 33.43 44.90
CMB CLA XC . 44.52 34.98 48.08
CAB CLA XC . 45.37 34.70 44.90
CBB CLA XC . 46.33 33.87 44.53
NC CLA XC . 40.87 31.90 43.28
C1C CLA XC . 41.98 32.37 42.71
C2C CLA XC . 42.11 32.15 41.26
C3C CLA XC . 40.88 31.43 40.97
C4C CLA XC . 40.19 31.32 42.27
CMC CLA XC . 43.22 32.56 40.34
CAC CLA XC . 40.40 30.91 39.64
CBC CLA XC . 40.93 29.50 39.48
ND CLA XC . 38.69 31.16 44.80
C1D CLA XC . 38.13 30.67 43.70
C2D CLA XC . 36.78 30.09 43.89
C3D CLA XC . 36.64 30.30 45.33
C4D CLA XC . 37.74 30.90 45.79
CMD CLA XC . 35.71 29.44 43.07
CAD CLA XC . 35.68 30.08 46.42
OBD CLA XC . 34.48 29.64 46.30
CBD CLA XC . 36.28 30.56 47.69
CGD CLA XC . 35.41 31.62 48.31
O1D CLA XC . 35.63 32.79 48.13
O2D CLA XC . 34.29 31.26 49.15
CED CLA XC . 33.31 32.25 49.43
MG CLA YC . 32.77 33.87 39.81
CHA CLA YC . 29.99 34.03 37.71
CHB CLA YC . 34.71 34.13 36.97
CHC CLA YC . 35.42 33.80 41.80
CHD CLA YC . 30.63 33.74 42.63
NA CLA YC . 32.43 34.07 37.61
C1A CLA YC . 31.31 34.12 37.01
C2A CLA YC . 31.46 34.23 35.52
C3A CLA YC . 32.95 34.22 35.33
C4A CLA YC . 33.40 34.14 36.73
CMA CLA YC . 33.54 33.28 34.32
CAA CLA YC . 31.01 35.60 35.06
CBA CLA YC . 30.35 35.44 33.71
CGA CLA YC . 31.14 36.30 32.77
O1A CLA YC . 31.12 36.21 31.57
O2A CLA YC . 31.95 37.25 33.22
NB CLA YC . 34.78 33.97 39.42
C1B CLA YC . 35.40 34.05 38.26
C2B CLA YC . 36.88 34.06 38.34
C3B CLA YC . 37.07 33.95 39.79
C4B CLA YC . 35.72 33.91 40.37
CMB CLA YC . 37.86 34.13 37.21
CAB CLA YC . 38.32 33.91 40.58
CBB CLA YC . 39.33 34.72 40.34
NC CLA YC . 32.99 33.81 41.92
C1C CLA YC . 34.16 33.75 42.53
C2C CLA YC . 34.12 33.61 43.98
C3C CLA YC . 32.69 33.60 44.26
C4C CLA YC . 32.08 33.72 42.91
CMC CLA YC . 35.26 33.51 44.93
CAC CLA YC . 32.08 33.46 45.63
CBC CLA YC . 31.32 34.66 46.12
ND CLA YC . 30.82 33.90 40.23
C1D CLA YC . 30.03 33.80 41.30
C2D CLA YC . 28.58 33.74 41.01
C3D CLA YC . 28.64 33.85 39.56
C4D CLA YC . 29.92 33.93 39.18
CMD CLA YC . 27.29 33.64 41.77
CAD CLA YC . 27.76 33.88 38.39
OBD CLA YC . 26.53 33.51 38.41
CBD CLA YC . 28.60 33.91 37.16
CGD CLA YC . 28.50 32.59 36.50
O1D CLA YC . 28.24 31.59 37.14
O2D CLA YC . 28.73 32.41 35.09
CED CLA YC . 28.89 31.08 34.64
C1 CLA YC . 32.49 38.42 32.29
C2 CLA YC . 33.58 38.15 31.28
C3 CLA YC . 34.43 39.07 30.88
C4 CLA YC . 35.46 38.68 29.87
C5 CLA YC . 34.37 40.48 31.42
C6 CLA YC . 34.43 41.46 30.25
C7 CLA YC . 33.21 42.35 30.21
C8 CLA YC . 33.21 43.40 31.31
C9 CLA YC . 31.80 43.88 31.58
C10 CLA YC . 34.03 44.59 30.87
C11 CLA YC . 35.30 44.71 31.69
C12 CLA YC . 35.90 46.09 31.47
C13 CLA YC . 36.12 46.89 32.75
C14 CLA YC . 35.10 46.57 33.83
C15 CLA YC . 36.06 48.35 32.35
C16 CLA YC . 36.38 49.28 33.50
C17 CLA YC . 37.81 49.10 34.01
C18 CLA YC . 38.19 50.25 34.94
C19 CLA YC . 39.59 50.05 35.51
C20 CLA YC . 38.06 51.58 34.23
MG CLA ZC . 46.63 33.62 23.58
CHA CLA ZC . 46.94 32.10 20.44
CHB CLA ZC . 43.40 34.35 22.73
CHC CLA ZC . 46.31 34.96 26.64
CHD CLA ZC . 50.03 32.86 24.27
NA CLA ZC . 45.30 33.26 21.83
C1A CLA ZC . 45.58 32.67 20.73
C2A CLA ZC . 44.46 32.66 19.74
C3A CLA ZC . 43.40 33.42 20.49
C4A CLA ZC . 44.07 33.70 21.78
CMA CLA ZC . 42.88 34.64 19.79
CAA CLA ZC . 43.89 31.25 19.52
CBA CLA ZC . 43.70 30.44 20.79
CGA CLA ZC . 43.98 28.98 20.57
O1A CLA ZC . 43.46 28.29 19.71
O2A CLA ZC . 44.83 28.30 21.30
NB CLA ZC . 45.06 34.51 24.54
C1B CLA ZC . 43.84 34.75 24.08
C2B CLA ZC . 42.94 35.46 25.02
C3B CLA ZC . 43.83 35.63 26.16
C4B CLA ZC . 45.11 35.02 25.77
CMB CLA ZC . 41.51 35.85 24.76
CAB CLA ZC . 43.62 36.26 27.49
CBB CLA ZC . 42.73 37.19 27.75
NC CLA ZC . 47.95 33.81 25.23
C1C CLA ZC . 47.64 34.40 26.37
C2C CLA ZC . 48.72 34.45 27.38
C3C CLA ZC . 49.79 33.78 26.68
C4C CLA ZC . 49.23 33.44 25.36
CMC CLA ZC . 48.69 35.00 28.77
CAC CLA ZC . 51.19 33.49 27.16
CBC CLA ZC . 52.02 34.70 26.85
ND CLA ZC . 48.19 32.73 22.70
C1D CLA ZC . 49.46 32.44 22.99
C2D CLA ZC . 50.19 31.72 21.92
C3D CLA ZC . 49.12 31.63 20.92
C4D CLA ZC . 48.03 32.19 21.43
CMD CLA ZC . 51.56 31.18 21.67
CAD CLA ZC . 48.88 31.09 19.58
OBD CLA ZC . 49.66 30.37 18.89
CBD CLA ZC . 47.48 31.43 19.20
CGD CLA ZC . 47.58 32.36 18.02
O1D CLA ZC . 47.18 33.50 18.05
O2D CLA ZC . 48.18 31.87 16.80
CED CLA ZC . 49.30 32.56 16.24
C1 CLA ZC . 44.33 27.17 22.33
C2 CLA ZC . 44.47 25.70 21.98
C3 CLA ZC . 45.32 24.91 22.66
C4 CLA ZC . 45.43 23.47 22.29
C5 CLA ZC . 46.17 25.46 23.78
C6 CLA ZC . 45.65 25.03 25.14
C7 CLA ZC . 46.00 26.03 26.24
C8 CLA ZC . 44.75 26.46 26.98
C9 CLA ZC . 43.84 27.22 26.04
C10 CLA ZC . 45.09 27.30 28.22
C11 CLA ZC . 43.99 27.21 29.28
C12 CLA ZC . 43.20 28.52 29.41
C13 CLA ZC . 41.71 28.29 29.69
C14 CLA ZC . 41.12 27.14 28.89
C15 CLA ZC . 40.94 29.57 29.40
C16 CLA ZC . 40.17 30.05 30.63
C17 CLA ZC . 38.76 29.49 30.65
C18 CLA ZC . 38.50 28.74 31.94
C19 CLA ZC . 37.21 29.23 32.59
C20 CLA ZC . 38.44 27.23 31.72
MG CLA AD . 55.42 37.32 29.83
CHA CLA AD . 58.57 35.88 29.24
CHB CLA AD . 54.27 34.17 30.48
CHC CLA AD . 52.47 38.76 30.61
CHD CLA AD . 56.74 40.51 29.02
NA CLA AD . 56.28 35.26 29.88
C1A CLA AD . 57.48 34.89 29.62
C2A CLA AD . 57.68 33.40 29.69
C3A CLA AD . 56.30 32.92 30.04
C4A CLA AD . 55.56 34.19 30.14
CMA CLA AD . 55.71 31.80 29.19
CAA CLA AD . 58.56 32.98 30.85
CBA CLA AD . 59.65 32.02 30.38
CGA CLA AD . 59.48 30.65 31.01
O1A CLA AD . 59.92 29.61 30.53
O2A CLA AD . 58.87 30.43 32.16
NB CLA AD . 53.63 36.56 30.46
C1B CLA AD . 53.31 35.27 30.64
C2B CLA AD . 51.90 35.06 31.05
C3B CLA AD . 51.40 36.43 31.07
C4B CLA AD . 52.53 37.29 30.69
CMB CLA AD . 51.20 33.76 31.34
CAB CLA AD . 50.05 36.92 31.39
CBB CLA AD . 49.47 36.60 32.53
NC CLA AD . 54.73 39.34 29.84
C1C CLA AD . 53.50 39.72 30.19
C2C CLA AD . 53.25 41.17 30.12
C3C CLA AD . 54.53 41.68 29.66
C4C CLA AD . 55.36 40.47 29.52
CMC CLA AD . 51.99 41.92 30.46
CAC CLA AD . 54.92 43.12 29.40
CBC CLA AD . 55.77 43.66 30.54
ND CLA AD . 57.16 38.14 29.28
C1D CLA AD . 57.62 39.34 28.97
C2D CLA AD . 59.03 39.40 28.55
C3D CLA AD . 59.36 37.98 28.68
C4D CLA AD . 58.26 37.32 29.09
CMD CLA AD . 59.99 40.46 28.09
CAD CLA AD . 60.48 37.06 28.50
OBD CLA AD . 61.65 37.37 28.08
CBD CLA AD . 60.04 35.70 28.94
CGD CLA AD . 60.37 34.78 27.80
O1D CLA AD . 61.53 34.53 27.56
O2D CLA AD . 59.38 34.14 26.97
CED CLA AD . 59.66 32.80 26.56
MG CLA BD . 53.73 52.46 32.84
CHA CLA BD . 55.57 54.78 31.01
CHB CLA BD . 56.09 50.12 31.94
CHC CLA BD . 52.02 50.23 34.71
CHD CLA BD . 51.36 54.97 33.64
NA CLA BD . 55.62 52.42 31.64
C1A CLA BD . 56.17 53.39 31.03
C2A CLA BD . 57.43 53.00 30.28
C3A CLA BD . 57.50 51.52 30.58
C4A CLA BD . 56.33 51.33 31.45
CMA CLA BD . 57.61 50.57 29.40
CAA CLA BD . 58.76 53.54 30.85
CBA CLA BD . 58.74 54.32 32.17
CGA CLA BD . 59.27 53.57 33.36
O1A CLA BD . 60.45 53.39 33.61
O2A CLA BD . 58.52 53.04 34.31
NB CLA BD . 54.02 50.47 33.26
C1B CLA BD . 54.99 49.66 32.81
C2B CLA BD . 54.89 48.25 33.29
C3B CLA BD . 53.67 48.34 34.08
C4B CLA BD . 53.21 49.73 34.02
CMB CLA BD . 55.79 47.10 32.97
CAB CLA BD . 52.99 47.27 34.86
CBB CLA BD . 53.63 46.62 35.80
NC CLA BD . 51.98 52.59 34.02
C1C CLA BD . 51.43 51.58 34.71
C2C CLA BD . 50.21 51.91 35.46
C3C CLA BD . 50.03 53.32 35.15
C4C CLA BD . 51.16 53.64 34.25
CMC CLA BD . 49.37 51.03 36.34
CAC CLA BD . 48.95 54.23 35.63
CBC CLA BD . 49.43 55.01 36.83
ND CLA BD . 53.40 54.39 32.49
C1D CLA BD . 52.51 55.33 32.82
C2D CLA BD . 52.80 56.69 32.29
C3D CLA BD . 54.04 56.38 31.57
C4D CLA BD . 54.33 55.09 31.72
CMD CLA BD . 52.21 58.07 32.32
CAD CLA BD . 55.07 57.05 30.75
OBD CLA BD . 55.07 58.28 30.41
CBD CLA BD . 56.06 56.02 30.31
CGD CLA BD . 55.92 55.89 28.84
O1D CLA BD . 54.89 56.21 28.31
O2D CLA BD . 57.00 55.39 28.01
CED CLA BD . 57.29 56.04 26.78
C1 CLA BD . 57.03 53.56 34.61
C2 CLA BD . 56.72 54.98 35.05
C3 CLA BD . 55.54 55.30 35.58
C4 CLA BD . 55.27 56.72 35.99
C5 CLA BD . 54.46 54.26 35.77
C6 CLA BD . 54.36 53.85 37.23
C7 CLA BD . 54.50 52.33 37.37
C8 CLA BD . 53.28 51.69 38.01
C9 CLA BD . 52.81 52.43 39.26
C10 CLA BD . 53.60 50.24 38.36
MG CLA CD . 43.75 53.88 28.14
CHA CLA CD . 41.65 54.20 25.40
CHB CLA CD . 46.32 53.47 25.90
CHC CLA CD . 45.85 53.68 30.79
CHD CLA CD . 41.01 54.26 30.36
NA CLA CD . 44.00 53.85 25.92
C1A CLA CD . 43.09 54.00 25.03
C2A CLA CD . 43.59 53.86 23.62
C3A CLA CD . 45.06 53.59 23.84
C4A CLA CD . 45.14 53.64 25.32
CMA CLA CD . 45.67 52.40 23.14
CAA CLA CD . 43.52 55.12 22.78
CBA CLA CD . 43.98 56.37 23.51
CGA CLA CD . 44.83 57.16 22.56
O1A CLA CD . 44.61 57.27 21.37
O2A CLA CD . 45.92 57.81 22.90
NB CLA CD . 45.78 53.63 28.31
C1B CLA CD . 46.66 53.46 27.33
C2B CLA CD . 48.03 53.25 27.79
C3B CLA CD . 47.86 53.30 29.22
C4B CLA CD . 46.43 53.55 29.46
CMB CLA CD . 49.26 53.00 26.99
CAB CLA CD . 48.88 53.17 30.26
CBB CLA CD . 49.59 54.25 30.51
NC CLA CD . 43.47 53.99 30.25
C1C CLA CD . 44.43 53.87 31.16
C2C CLA CD . 44.03 53.92 32.57
C3C CLA CD . 42.59 54.11 32.43
C4C CLA CD . 42.36 54.14 30.98
CMC CLA CD . 44.94 53.80 33.76
CAC CLA CD . 41.53 54.27 33.50
CBC CLA CD . 41.43 53.08 34.41
ND CLA CD . 41.79 54.17 28.07
C1D CLA CD . 40.77 54.30 28.92
C2D CLA CD . 39.45 54.47 28.26
C3D CLA CD . 39.88 54.42 26.86
C4D CLA CD . 41.20 54.26 26.81
CMD CLA CD . 38.02 54.65 28.66
CAD CLA CD . 39.32 54.49 25.51
OBD CLA CD . 38.13 54.12 25.26
CBD CLA CD . 40.43 54.32 24.52
CGD CLA CD . 40.18 53.04 23.79
O1D CLA CD . 39.97 52.02 24.41
O2D CLA CD . 40.20 52.99 22.35
CED CLA CD . 39.27 52.15 21.66
C1 CLA CD . 46.18 58.08 24.46
C2 CLA CD . 45.80 59.37 25.13
C3 CLA CD . 45.55 59.41 26.45
C4 CLA CD . 45.20 60.72 27.06
C5 CLA CD . 45.62 58.16 27.31
C6 CLA CD . 44.74 58.30 28.54
C7 CLA CD . 44.78 57.05 29.40
C8 CLA CD . 45.23 57.32 30.83
C9 CLA CD . 44.15 58.00 31.65
C10 CLA CD . 46.53 58.11 30.88
C11 CLA CD . 47.51 57.40 31.81
C12 CLA CD . 48.00 58.32 32.91
C13 CLA CD . 47.08 58.40 34.13
C14 CLA CD . 47.86 58.87 35.35
C15 CLA CD . 46.44 57.07 34.47
MG CLA DD . 40.01 45.53 26.50
CHA CLA DD . 40.55 44.70 23.17
CHB CLA DD . 40.00 48.80 25.50
CHC CLA DD . 39.36 46.34 29.69
CHD CLA DD . 40.08 42.10 27.39
NA CLA DD . 40.22 46.64 24.58
C1A CLA DD . 40.46 46.17 23.42
C2A CLA DD . 40.63 47.24 22.37
C3A CLA DD . 40.57 48.50 23.18
C4A CLA DD . 40.24 47.95 24.52
CMA CLA DD . 41.73 49.47 23.09
CAA CLA DD . 39.33 47.22 21.51
CBA CLA DD . 38.39 48.44 21.41
CGA CLA DD . 37.31 48.41 22.46
O1A CLA DD . 37.37 47.56 23.32
O2A CLA DD . 36.33 49.29 22.60
NB CLA DD . 39.72 47.31 27.44
C1B CLA DD . 39.72 48.52 26.92
C2B CLA DD . 39.44 49.61 27.86
C3B CLA DD . 39.28 48.87 29.11
C4B CLA DD . 39.46 47.45 28.75
CMB CLA DD . 39.40 51.06 27.51
CAB CLA DD . 38.96 49.29 30.50
CBB CLA DD . 38.53 50.49 30.82
NC CLA DD . 39.73 44.39 28.26
C1C CLA DD . 39.52 44.90 29.46
C2C CLA DD . 39.42 43.95 30.57
C3C CLA DD . 39.63 42.70 29.86
C4C CLA DD . 39.83 43.08 28.46
CMC CLA DD . 39.17 44.26 32.02
CAC CLA DD . 39.65 41.34 30.45
CBC CLA DD . 38.24 40.90 30.66
ND CLA DD . 40.28 43.75 25.64
C1D CLA DD . 40.23 42.48 25.99
C2D CLA DD . 40.34 41.51 24.86
C3D CLA DD . 40.48 42.47 23.76
C4D CLA DD . 40.43 43.71 24.26
CMD CLA DD . 40.35 40.03 24.65
CAD CLA DD . 40.64 42.52 22.30
OBD CLA DD . 40.39 41.56 21.48
CBD CLA DD . 40.80 43.93 21.89
CGD CLA DD . 42.20 44.17 21.43
O1D CLA DD . 43.13 43.79 22.10
O2D CLA DD . 42.46 44.86 20.19
CED CLA DD . 43.30 44.25 19.23
C1 CLA DD . 36.09 50.09 23.97
C2 CLA DD . 35.68 49.31 25.19
C3 CLA DD . 35.28 49.80 26.38
C4 CLA DD . 35.21 51.28 26.58
C5 CLA DD . 34.93 48.84 27.50
C6 CLA DD . 34.78 47.39 27.01
C7 CLA DD . 35.96 46.47 27.33
C8 CLA DD . 35.67 45.01 27.03
C9 CLA DD . 36.28 44.08 28.07
C10 CLA DD . 36.22 44.58 25.69
C11 CLA DD . 35.75 43.17 25.37
C12 CLA DD . 36.69 42.44 24.44
C13 CLA DD . 36.05 42.16 23.08
C14 CLA DD . 35.91 40.67 22.85
C15 CLA DD . 36.94 42.74 22.00
MG CLA ED . 35.37 50.41 42.84
CHA CLA ED . 33.34 51.26 45.50
CHB CLA ED . 32.72 48.54 41.64
CHC CLA ED . 37.26 49.70 40.16
CHD CLA ED . 38.00 52.41 44.14
NA CLA ED . 33.29 49.95 43.45
C1A CLA ED . 32.68 50.37 44.50
C2A CLA ED . 31.28 49.85 44.64
C3A CLA ED . 31.17 48.96 43.43
C4A CLA ED . 32.48 49.15 42.79
CMA CLA ED . 30.88 47.52 43.76
CAA CLA ED . 30.25 50.98 44.39
CBA CLA ED . 30.60 51.92 43.23
CGA CLA ED . 29.83 53.21 43.22
O1A CLA ED . 28.63 53.31 43.39
O2A CLA ED . 30.38 54.40 43.01
NB CLA ED . 35.02 49.29 41.15
C1B CLA ED . 33.94 48.58 40.83
C2B CLA ED . 34.04 47.88 39.53
C3B CLA ED . 35.39 48.24 39.14
C4B CLA ED . 35.92 49.11 40.19
CMB CLA ED . 33.05 47.01 38.83
CAB CLA ED . 36.12 47.86 37.94
CBB CLA ED . 35.69 48.38 36.82
NC CLA ED . 37.33 50.96 42.26
C1C CLA ED . 37.91 50.57 41.14
C2C CLA ED . 39.27 51.03 40.91
C3C CLA ED . 39.51 51.83 42.10
C4C CLA ED . 38.24 51.72 42.87
CMC CLA ED . 40.12 50.72 39.72
CAC CLA ED . 40.76 52.59 42.48
CBC CLA ED . 41.83 51.62 42.90
ND CLA ED . 35.72 51.61 44.39
C1D CLA ED . 36.73 52.33 44.88
C2D CLA ED . 36.44 52.98 46.20
C3D CLA ED . 35.06 52.51 46.38
C4D CLA ED . 34.72 51.75 45.34
CMD CLA ED . 37.14 53.86 47.19
CAD CLA ED . 33.94 52.61 47.34
OBD CLA ED . 33.87 53.40 48.33
CBD CLA ED . 32.82 51.78 46.82
CGD CLA ED . 32.65 50.62 47.73
O1D CLA ED . 33.61 50.10 48.26
O2D CLA ED . 31.32 50.07 47.96
CED CLA ED . 30.61 50.43 49.13
C1 CLA ED . 29.92 55.36 41.82
C2 CLA ED . 30.41 55.22 40.38
C3 CLA ED . 30.90 56.26 39.70
C4 CLA ED . 30.98 57.63 40.32
C5 CLA ED . 31.37 56.07 38.27
C6 CLA ED . 32.49 57.02 37.90
C7 CLA ED . 33.39 56.46 36.81
C8 CLA ED . 33.91 57.53 35.87
C9 CLA ED . 34.79 56.93 34.79
C10 CLA ED . 34.68 58.58 36.66
MG CLA FD . 46.38 38.88 46.62
CHA CLA FD . 44.15 38.77 49.29
CHB CLA FD . 48.80 39.79 48.87
CHC CLA FD . 48.53 38.94 44.02
CHD CLA FD . 43.76 37.95 44.38
NA CLA FD . 46.50 39.23 48.82
C1A CLA FD . 45.55 39.14 49.69
C2A CLA FD . 45.99 39.44 51.10
C3A CLA FD . 47.45 39.80 50.89
C4A CLA FD . 47.61 39.58 49.43
CMA CLA FD . 47.97 41.09 51.50
CAA CLA FD . 45.87 38.17 51.98
CBA CLA FD . 47.11 37.61 52.67
CGA CLA FD . 47.65 36.42 51.90
O1A CLA FD . 48.73 35.90 52.12
O2A CLA FD . 47.03 35.82 50.90
NB CLA FD . 48.39 39.30 46.49
C1B CLA FD . 49.22 39.66 47.46
C2B CLA FD . 50.61 39.92 47.00
C3B CLA FD . 50.49 39.66 45.58
C4B CLA FD . 49.08 39.29 45.34
CMB CLA FD . 51.82 40.34 47.80
CAB CLA FD . 51.53 39.75 44.53
CBB CLA FD . 52.11 38.66 44.07
NC CLA FD . 46.19 38.43 44.56
C1C CLA FD . 47.16 38.56 43.64
C2C CLA FD . 46.79 38.31 42.25
C3C CLA FD . 45.39 37.97 42.38
C4C CLA FD . 45.12 38.08 43.83
CMC CLA FD . 47.65 38.36 41.01
CAC CLA FD . 44.41 37.60 41.31
CBC CLA FD . 44.36 36.10 41.15
ND CLA FD . 44.43 38.44 46.67
C1D CLA FD . 43.47 38.09 45.82
C2D CLA FD . 42.14 37.86 46.42
C3D CLA FD . 42.48 38.15 47.81
C4D CLA FD . 43.78 38.46 47.89
CMD CLA FD . 40.77 37.48 46.00
CAD CLA FD . 41.85 38.20 49.14
OBD CLA FD . 40.79 37.56 49.44
CBD CLA FD . 42.87 38.66 50.10
CGD CLA FD . 42.46 40.00 50.64
O1D CLA FD . 42.11 40.91 49.92
O2D CLA FD . 42.46 40.23 52.07
CED CLA FD . 41.29 39.92 52.81
C1 CLA FD . 47.84 34.94 49.84
C2 CLA FD . 48.83 35.56 48.88
C3 CLA FD . 49.19 34.94 47.75
C4 CLA FD . 48.62 33.60 47.39
C5 CLA FD . 50.19 35.59 46.81
C6 CLA FD . 49.64 35.54 45.39
C7 CLA FD . 50.73 35.24 44.37
C8 CLA FD . 50.27 35.58 42.96
C9 CLA FD . 49.24 34.55 42.48
C10 CLA FD . 51.45 35.62 42.01
MG CLA GD . 41.33 51.63 52.37
CHA CLA GD . 41.71 50.26 55.55
CHB CLA GD . 40.04 54.44 53.90
CHC CLA GD . 40.99 52.97 49.29
CHD CLA GD . 42.66 48.67 50.93
NA CLA GD . 40.93 52.31 54.47
C1A CLA GD . 41.15 51.66 55.54
C2A CLA GD . 40.73 52.39 56.80
C3A CLA GD . 40.20 53.70 56.22
C4A CLA GD . 40.41 53.48 54.77
CMA CLA GD . 38.89 54.27 56.72
CAA CLA GD . 41.87 52.77 57.74
CBA CLA GD . 43.11 53.25 57.03
CGA CLA GD . 44.17 53.47 58.07
O1A CLA GD . 44.18 54.40 58.86
O2A CLA GD . 45.21 52.68 58.27
NB CLA GD . 40.62 53.45 51.71
C1B CLA GD . 40.14 54.47 52.43
C2B CLA GD . 39.69 55.63 51.62
C3B CLA GD . 39.97 55.15 50.27
C4B CLA GD . 40.55 53.80 50.41
CMB CLA GD . 39.09 56.92 52.10
CAB CLA GD . 39.78 55.80 48.95
CBB CLA GD . 40.16 57.03 48.71
NC CLA GD . 41.84 50.96 50.43
C1C CLA GD . 41.58 51.62 49.29
C2C CLA GD . 41.90 50.92 48.04
C3C CLA GD . 42.45 49.67 48.55
C4C CLA GD . 42.35 49.80 50.02
CMC CLA GD . 41.73 51.38 46.62
CAC CLA GD . 42.98 48.50 47.78
CBC CLA GD . 44.49 48.59 47.70
ND CLA GD . 42.05 49.87 52.94
C1D CLA GD . 42.54 48.77 52.38
C2D CLA GD . 42.90 47.67 53.32
C3D CLA GD . 42.55 48.34 54.58
C4D CLA GD . 42.08 49.57 54.30
CMD CLA GD . 43.47 46.28 53.26
CAD CLA GD . 42.54 48.10 56.03
OBD CLA GD . 42.71 46.96 56.59
CBD CLA GD . 41.95 49.30 56.69
CGD CLA GD . 40.66 48.86 57.30
O1D CLA GD . 40.65 48.17 58.30
O2D CLA GD . 39.38 49.22 56.71
CED CLA GD . 38.29 49.55 57.56
MG CLA HD . 33.66 58.38 52.73
CHA CLA HD . 34.56 55.79 54.91
CHB CLA HD . 32.27 59.96 55.41
CHC CLA HD . 32.99 60.96 50.67
CHD CLA HD . 35.09 56.59 50.02
NA CLA HD . 33.42 57.96 54.91
C1A CLA HD . 33.80 56.93 55.56
C2A CLA HD . 33.39 56.96 57.01
C3A CLA HD . 32.64 58.28 57.10
C4A CLA HD . 32.79 58.78 55.71
CMA CLA HD . 31.23 58.29 57.66
CAA CLA HD . 34.59 57.08 57.95
CBA CLA HD . 35.72 57.95 57.40
CGA CLA HD . 36.93 57.85 58.29
O1A CLA HD . 36.95 58.13 59.47
O2A CLA HD . 38.13 57.48 57.87
NB CLA HD . 32.76 60.20 53.03
C1B CLA HD . 32.25 60.69 54.14
C2B CLA HD . 31.68 62.06 54.02
C3B CLA HD . 31.90 62.32 52.60
C4B CLA HD . 32.58 61.12 52.06
CMB CLA HD . 31.03 62.90 55.09
CAB CLA HD . 31.58 63.51 51.81
CBB CLA HD . 31.98 64.70 52.17
NC CLA HD . 34.05 58.74 50.67
C1C CLA HD . 33.64 59.81 50.00
C2C CLA HD . 33.88 59.80 48.55
C3C CLA HD . 34.53 58.51 48.37
C4C CLA HD . 34.58 57.94 49.73
CMC CLA HD . 33.54 60.84 47.53
CAC CLA HD . 35.02 57.89 47.09
CBC CLA HD . 36.52 58.07 46.95
ND CLA HD . 34.61 56.65 52.40
C1D CLA HD . 35.13 56.00 51.36
C2D CLA HD . 35.71 54.68 51.67
C3D CLA HD . 35.45 54.65 53.11
C4D CLA HD . 34.83 55.78 53.46
CMD CLA HD . 36.40 53.58 50.92
CAD CLA HD . 35.64 53.79 54.29
OBD CLA HD . 35.98 52.55 54.27
CBD CLA HD . 35.18 54.53 55.49
CGD CLA HD . 34.17 53.70 56.20
O1D CLA HD . 33.31 53.12 55.58
O2D CLA HD . 34.18 53.59 57.65
CED CLA HD . 33.86 52.35 58.27
MG CLA ID . 24.88 56.73 46.89
CHA CLA ID . 27.54 54.61 47.60
CHB CLA ID . 27.11 59.34 47.08
CHC CLA ID . 22.31 58.78 46.13
CHD CLA ID . 22.70 53.94 46.68
NA CLA ID . 27.07 56.98 47.28
C1A CLA ID . 27.92 56.06 47.53
C2A CLA ID . 29.30 56.58 47.74
C3A CLA ID . 29.12 58.07 47.60
C4A CLA ID . 27.67 58.15 47.31
CMA CLA ID . 29.77 59.00 48.61
CAA CLA ID . 30.12 56.25 46.50
CBA CLA ID . 31.33 55.39 46.81
CGA CLA ID . 32.42 55.75 45.84
O1A CLA ID . 33.52 55.24 45.86
O2A CLA ID . 32.30 56.63 44.88
NB CLA ID . 24.74 58.77 46.64
C1B CLA ID . 25.71 59.67 46.76
C2B CLA ID . 25.26 61.06 46.50
C3B CLA ID . 23.84 60.87 46.24
C4B CLA ID . 23.61 59.41 46.34
CMB CLA ID . 26.11 62.29 46.53
CAB CLA ID . 22.75 61.81 45.88
CBB CLA ID . 22.67 63.05 46.34
NC CLA ID . 22.84 56.40 46.42
C1C CLA ID . 21.96 57.36 46.16
C2C CLA ID . 20.58 56.93 45.94
C3C CLA ID . 20.71 55.49 46.07
C4C CLA ID . 22.13 55.26 46.38
CMC CLA ID . 19.40 57.77 45.62
CAC CLA ID . 19.63 54.46 45.96
CBC CLA ID . 19.67 53.80 44.60
ND CLA ID . 24.95 54.76 47.07
C1D CLA ID . 24.10 53.72 46.97
C2D CLA ID . 24.71 52.38 47.18
C3D CLA ID . 26.10 52.81 47.43
C4D CLA ID . 26.16 54.15 47.35
CMD CLA ID . 24.27 50.95 47.18
CAD CLA ID . 27.42 52.26 47.72
OBD CLA ID . 27.78 51.06 47.44
CBD CLA ID . 28.37 53.39 47.94
CGD CLA ID . 28.79 53.46 49.38
O1D CLA ID . 28.09 53.02 50.28
O2D CLA ID . 30.06 54.08 49.74
CED CLA ID . 30.74 53.74 50.93
C1 CLA ID . 33.06 56.43 43.48
C2 CLA ID . 34.54 56.64 43.29
C3 CLA ID . 35.32 55.65 42.83
C4 CLA ID . 34.72 54.32 42.51
C5 CLA ID . 36.81 55.84 42.65
C6 CLA ID . 37.29 57.22 43.06
C7 CLA ID . 38.59 57.14 43.83
C8 CLA ID . 39.71 56.50 43.00
C9 CLA ID . 40.88 56.09 43.88
C10 CLA ID . 40.15 57.47 41.91
MG CLA JD . 27.95 46.15 42.66
CHA CLA JD . 29.13 43.67 40.51
CHB CLA JD . 27.87 48.25 39.97
CHC CLA JD . 26.77 48.51 44.75
CHD CLA JD . 28.17 43.88 45.38
NA CLA JD . 28.42 46.00 40.49
C1A CLA JD . 28.85 44.99 39.85
C2A CLA JD . 29.06 45.26 38.38
C3A CLA JD . 28.67 46.72 38.28
C4A CLA JD . 28.27 47.02 39.67
CMA CLA JD . 29.64 47.70 37.69
CAA CLA JD . 28.03 44.52 37.53
CBA CLA JD . 28.21 44.75 36.04
CGA CLA JD . 29.43 43.99 35.62
O1A CLA JD . 29.73 42.92 36.12
O2A CLA JD . 30.32 44.39 34.72
NB CLA JD . 27.39 48.10 42.38
C1B CLA JD . 27.43 48.80 41.26
C2B CLA JD . 27.01 50.21 41.40
C3B CLA JD . 26.70 50.26 42.83
C4B CLA JD . 26.96 48.91 43.35
CMB CLA JD . 26.94 51.27 40.33
CAB CLA JD . 26.21 51.39 43.64
CBB CLA JD . 25.14 52.08 43.29
NC CLA JD . 27.43 46.15 44.72
C1C CLA JD . 27.03 47.21 45.39
C2C CLA JD . 26.84 47.02 46.84
C3C CLA JD . 27.20 45.62 47.01
C4C CLA JD . 27.55 45.19 45.65
CMC CLA JD . 26.39 47.99 47.87
CAC CLA JD . 27.20 44.81 48.26
CBC CLA JD . 25.91 44.03 48.35
ND CLA JD . 28.48 44.26 43.02
C1D CLA JD . 28.54 43.44 44.05
C2D CLA JD . 29.03 42.08 43.74
C3D CLA JD . 29.25 42.24 42.31
C4D CLA JD . 28.92 43.48 41.95
CMD CLA JD . 29.30 40.81 44.48
CAD CLA JD . 29.71 41.47 41.13
OBD CLA JD . 30.48 40.47 41.20
CBD CLA JD . 29.64 42.37 39.95
CGD CLA JD . 31.05 42.45 39.48
O1D CLA JD . 31.41 41.95 38.44
O2D CLA JD . 32.04 43.12 40.29
CED CLA JD . 33.27 43.46 39.69
C1 CLA JD . 31.05 45.80 34.85
C2 CLA JD . 31.12 46.79 33.73
C3 CLA JD . 31.66 48.01 33.86
C4 CLA JD . 31.70 48.94 32.69
C5 CLA JD . 32.22 48.49 35.18
C6 CLA JD . 31.65 49.86 35.49
C7 CLA JD . 32.67 50.80 36.12
C8 CLA JD . 32.42 51.13 37.58
C9 CLA JD . 30.95 51.20 37.97
C10 CLA JD . 33.08 52.45 37.90
C11 CLA JD . 34.23 52.30 38.89
C12 CLA JD . 35.04 53.59 38.94
C13 CLA JD . 36.50 53.35 38.55
C14 CLA JD . 37.42 54.33 39.25
C15 CLA JD . 36.61 53.48 37.04
MG CLA KD . 22.18 57.33 28.64
CHA CLA KD . 25.06 58.00 26.79
CHB CLA KD . 23.67 58.89 31.27
CHC CLA KD . 19.34 56.78 30.37
CHD CLA KD . 20.83 55.59 25.90
NA CLA KD . 24.12 58.34 29.03
C1A CLA KD . 25.09 58.49 28.22
C2A CLA KD . 26.23 59.25 28.81
C3A CLA KD . 25.79 59.44 30.23
C4A CLA KD . 24.44 58.86 30.18
CMA CLA KD . 26.75 58.99 31.31
CAA CLA KD . 26.00 60.63 28.22
CBA CLA KD . 26.77 61.78 28.84
CGA CLA KD . 26.21 62.99 28.15
O1A CLA KD . 25.09 63.04 27.70
O2A CLA KD . 26.85 64.11 27.93
NB CLA KD . 21.61 57.78 30.56
C1B CLA KD . 22.31 58.40 31.50
C2B CLA KD . 21.62 58.58 32.79
C3B CLA KD . 20.34 57.94 32.50
C4B CLA KD . 20.42 57.48 31.09
CMB CLA KD . 22.19 59.25 34.01
CAB CLA KD . 19.14 57.73 33.33
CBB CLA KD . 18.81 58.50 34.34
NC CLA KD . 20.29 56.47 28.14
C1C CLA KD . 19.29 56.29 28.99
C2C CLA KD . 18.13 55.55 28.47
C3C CLA KD . 18.55 55.28 27.09
C4C CLA KD . 19.89 55.88 27.00
CMC CLA KD . 16.87 55.19 29.19
CAC CLA KD . 17.79 54.54 26.01
CBC CLA KD . 17.37 55.44 24.86
ND CLA KD . 22.70 56.82 26.78
C1D CLA KD . 22.14 56.20 25.76
C2D CLA KD . 22.97 56.17 24.53
C3D CLA KD . 24.13 56.91 25.01
C4D CLA KD . 23.91 57.25 26.28
CMD CLA KD . 22.88 55.62 23.14
CAD CLA KD . 25.44 57.38 24.56
OBD CLA KD . 26.08 56.93 23.55
CBD CLA KD . 26.08 58.11 25.67
CGD CLA KD . 27.37 57.41 25.96
O1D CLA KD . 28.35 57.64 25.28
O2D CLA KD . 27.52 56.48 27.04
CED CLA KD . 28.75 56.40 27.73
C1 CLA KD . 27.71 64.79 29.07
C2 CLA KD . 27.18 65.98 29.80
C3 CLA KD . 27.97 66.99 30.19
C4 CLA KD . 27.35 68.15 30.90
C5 CLA KD . 29.46 66.99 29.90
C6 CLA KD . 30.32 66.45 31.05
C7 CLA KD . 30.76 67.50 32.07
C8 CLA KD . 32.24 67.93 32.04
C9 CLA KD . 32.91 67.74 30.69
C10 CLA KD . 33.03 67.23 33.15
C11 CLA KD . 34.53 67.50 33.07
C12 CLA KD . 34.92 68.87 33.59
C13 CLA KD . 36.25 68.76 34.28
C14 CLA KD . 36.09 68.06 35.62
C15 CLA KD . 36.87 70.14 34.45
C16 CLA KD . 38.38 70.04 34.57
C17 CLA KD . 38.85 70.54 35.93
C18 CLA KD . 39.75 71.76 35.76
C19 CLA KD . 38.91 73.04 35.71
C20 CLA KD . 40.78 71.82 36.88
MG CLA LD . 34.92 59.70 25.56
CHA CLA LD . 31.97 59.78 27.41
CHB CLA LD . 36.53 58.74 28.44
CHC CLA LD . 37.72 59.52 23.72
CHD CLA LD . 33.12 60.65 22.64
NA CLA LD . 34.35 59.29 27.69
C1A CLA LD . 33.18 59.38 28.22
C2A CLA LD . 33.17 59.04 29.70
C3A CLA LD . 34.64 58.74 29.95
C4A CLA LD . 35.21 58.94 28.60
CMA CLA LD . 35.38 59.35 31.13
CAA CLA LD . 32.38 57.76 29.94
CBA CLA LD . 32.66 56.95 31.20
CGA CLA LD . 31.38 56.79 31.97
O1A CLA LD . 30.27 56.78 31.47
O2A CLA LD . 31.33 56.61 33.27
NB CLA LD . 36.84 59.19 26.03
C1B CLA LD . 37.34 58.86 27.22
C2B CLA LD . 38.80 58.60 27.21
C3B CLA LD . 39.12 58.84 25.81
C4B CLA LD . 37.85 59.20 25.15
CMB CLA LD . 39.65 58.21 28.39
CAB CLA LD . 40.40 58.77 25.08
CBB CLA LD . 41.27 57.81 25.28
NC CLA LD . 35.34 60.00 23.50
C1C CLA LD . 36.54 59.92 22.94
C2C CLA LD . 36.62 60.22 21.51
C3C CLA LD . 35.23 60.54 21.20
C4C CLA LD . 34.55 60.37 22.49
CMC CLA LD . 37.82 60.20 20.60
CAC CLA LD . 34.60 60.94 19.89
CBC CLA LD . 34.62 62.42 19.71
ND CLA LD . 33.05 60.13 25.01
C1D CLA LD . 32.41 60.48 23.91
C2D CLA LD . 30.97 60.72 24.06
C3D CLA LD . 30.86 60.42 25.49
C4D CLA LD . 32.06 60.10 25.97
CMD CLA LD . 29.82 61.11 23.20
CAD CLA LD . 29.85 60.38 26.53
OBD CLA LD . 28.59 60.36 26.30
CBD CLA LD . 30.50 59.91 27.79
CGD CLA LD . 30.27 60.86 28.92
O1D CLA LD . 29.77 60.47 29.96
O2D CLA LD . 30.60 62.27 28.83
CED CLA LD . 31.01 62.89 30.05
C1 CLA LD . 30.69 55.27 33.86
C2 CLA LD . 29.25 55.23 34.32
C3 CLA LD . 28.69 54.11 34.81
C4 CLA LD . 29.48 52.84 34.90
C5 CLA LD . 27.25 54.12 35.26
C6 CLA LD . 27.17 53.71 36.72
C7 CLA LD . 27.08 54.92 37.63
C8 CLA LD . 26.19 54.64 38.84
C9 CLA LD . 24.80 54.13 38.43
C10 CLA LD . 26.07 55.89 39.73
C11 CLA LD . 25.88 57.18 38.95
C12 CLA LD . 24.50 57.75 39.18
C13 CLA LD . 24.40 59.18 38.71
C14 CLA LD . 25.27 60.08 39.56
C15 CLA LD . 22.94 59.62 38.76
C16 CLA LD . 22.77 61.04 38.24
C17 CLA LD . 21.58 61.13 37.29
C18 CLA LD . 21.42 62.55 36.76
C19 CLA LD . 21.13 63.50 37.91
C20 CLA LD . 22.66 63.00 36.00
MG CLA MD . 22.89 43.04 15.77
CHA CLA MD . 25.14 40.49 15.07
CHB CLA MD . 24.36 44.81 13.25
CHC CLA MD . 20.67 45.48 16.41
CHD CLA MD . 21.59 41.17 18.46
NA CLA MD . 24.55 42.73 14.31
C1A CLA MD . 25.32 41.71 14.21
C2A CLA MD . 26.44 41.88 13.22
C3A CLA MD . 26.18 43.27 12.74
C4A CLA MD . 24.96 43.64 13.48
CMA CLA MD . 27.40 44.16 12.85
CAA CLA MD . 26.35 41.03 11.94
CBA CLA MD . 25.01 41.05 11.20
CGA CLA MD . 25.06 41.81 9.90
O1A CLA MD . 25.87 41.63 9.03
O2A CLA MD . 24.25 42.80 9.60
NB CLA MD . 22.58 44.89 14.93
C1B CLA MD . 23.20 45.41 13.89
C2B CLA MD . 22.64 46.69 13.42
C3B CLA MD . 21.56 46.88 14.39
C4B CLA MD . 21.59 45.71 15.29
CMB CLA MD . 23.11 47.54 12.28
CAB CLA MD . 20.59 47.97 14.48
CBB CLA MD . 19.81 48.23 13.47
NC CLA MD . 21.25 43.21 17.11
C1C CLA MD . 20.56 44.33 17.31
C2C CLA MD . 19.69 44.33 18.50
C3C CLA MD . 19.91 43.00 19.04
C4C CLA MD . 20.89 42.41 18.11
CMC CLA MD . 18.81 45.39 19.05
CAC CLA MD . 19.32 42.37 20.28
CBC CLA MD . 18.22 41.39 19.91
ND CLA MD . 23.23 41.32 16.70
C1D CLA MD . 22.63 40.59 17.63
C2D CLA MD . 23.11 39.20 17.74
C3D CLA MD . 24.13 39.23 16.70
C4D CLA MD . 24.15 40.45 16.14
CMD CLA MD . 22.81 38.01 18.58
CAD CLA MD . 25.12 38.37 16.06
OBD CLA MD . 25.48 37.23 16.49
CBD CLA MD . 25.84 39.16 15.02
CGD CLA MD . 27.24 39.25 15.47
O1D CLA MD . 27.44 39.37 16.65
O2D CLA MD . 28.34 39.17 14.54
CED CLA MD . 29.32 38.17 14.76
C1 CLA MD . 22.73 42.44 9.26
C2 CLA MD . 21.53 43.24 9.68
C3 CLA MD . 20.94 43.06 10.87
C4 CLA MD . 19.74 43.86 11.21
C5 CLA MD . 21.51 42.08 11.87
C6 CLA MD . 20.40 41.24 12.48
C7 CLA MD . 20.92 40.23 13.49
C8 CLA MD . 19.74 39.83 14.36
C9 CLA MD . 19.26 41.04 15.15
C10 CLA MD . 20.12 38.65 15.25
C11 CLA MD . 19.06 38.44 16.34
C12 CLA MD . 19.01 37.01 16.85
C13 CLA MD . 17.56 36.56 16.96
C14 CLA MD . 16.80 37.43 17.94
C15 CLA MD . 17.52 35.10 17.38
C16 CLA MD . 17.23 34.18 16.20
C17 CLA MD . 17.38 32.73 16.62
C18 CLA MD . 16.80 31.73 15.62
C19 CLA MD . 15.45 32.19 15.06
C20 CLA MD . 17.79 31.42 14.50
MG CLA ND . 29.95 43.23 21.58
CHA CLA ND . 32.87 43.33 19.66
CHB CLA ND . 28.67 41.12 19.24
CHC CLA ND . 27.18 43.08 23.49
CHD CLA ND . 31.41 45.41 23.94
NA CLA ND . 30.65 42.30 19.68
C1A CLA ND . 31.78 42.46 19.08
C2A CLA ND . 31.86 41.74 17.77
C3A CLA ND . 30.49 41.12 17.65
C4A CLA ND . 29.89 41.53 18.94
CMA CLA ND . 29.79 41.58 16.40
CAA CLA ND . 32.93 40.61 17.80
CBA CLA ND . 32.49 39.15 17.89
CGA CLA ND . 32.95 38.57 19.20
O1A CLA ND . 33.13 39.21 20.22
O2A CLA ND . 33.18 37.28 19.39
NB CLA ND . 28.18 42.24 21.38
C1B CLA ND . 27.83 41.41 20.40
C2B CLA ND . 26.50 40.81 20.59
C3B CLA ND . 26.08 41.41 21.85
C4B CLA ND . 27.19 42.28 22.27
CMB CLA ND . 25.88 39.84 19.66
CAB CLA ND . 24.84 41.26 22.65
CBB CLA ND . 23.67 40.95 22.15
NC CLA ND . 29.41 44.09 23.44
C1C CLA ND . 28.25 43.92 24.05
C2C CLA ND . 28.08 44.62 25.33
C3C CLA ND . 29.35 45.29 25.48
C4C CLA ND . 30.08 44.91 24.26
CMC CLA ND . 26.89 44.60 26.23
CAC CLA ND . 29.82 46.18 26.59
CBC CLA ND . 30.74 45.44 27.54
ND CLA ND . 31.67 44.16 21.88
C1D CLA ND . 32.16 45.02 22.76
C2D CLA ND . 33.49 45.53 22.43
C3D CLA ND . 33.72 44.82 21.18
C4D CLA ND . 32.66 44.07 20.92
CMD CLA ND . 34.43 46.48 23.04
CAD CLA ND . 34.73 44.68 20.13
OBD CLA ND . 35.81 45.35 20.02
CBD CLA ND . 34.28 43.63 19.20
CGD CLA ND . 34.27 44.20 17.82
O1D CLA ND . 34.00 45.37 17.65
O2D CLA ND . 34.55 43.34 16.70
CED CLA ND . 35.10 43.88 15.52
C1 CLA ND . 33.13 36.66 20.87
C2 CLA ND . 34.33 36.61 21.79
C3 CLA ND . 34.39 35.77 22.84
C4 CLA ND . 33.25 34.86 23.17
C5 CLA ND . 35.60 35.75 23.72
C6 CLA ND . 35.94 37.16 24.16
C7 CLA ND . 37.18 37.14 25.04
C8 CLA ND . 36.85 37.71 26.41
C9 CLA ND . 36.42 39.16 26.30
C10 CLA ND . 38.06 37.57 27.32
C11 CLA ND . 38.28 36.12 27.73
C12 CLA ND . 39.18 36.06 28.95
C13 CLA ND . 39.99 34.78 28.94
C14 CLA ND . 39.09 33.57 29.09
C15 CLA ND . 41.00 34.84 30.08
C16 CLA ND . 41.77 33.54 30.20
C17 CLA ND . 43.25 33.82 30.37
C18 CLA ND . 43.81 33.02 31.52
C19 CLA ND . 45.03 32.23 31.07
C20 CLA ND . 44.15 33.91 32.70
MG CLA OD . 14.31 41.25 31.86
CHA CLA OD . 11.26 40.21 33.12
CHB CLA OD . 15.72 38.61 33.53
CHC CLA OD . 17.32 42.19 30.58
CHD CLA OD . 12.81 43.99 30.28
NA CLA OD . 13.62 39.58 33.16
C1A CLA OD . 12.43 39.33 33.52
C2A CLA OD . 12.32 38.11 34.39
C3A CLA OD . 13.74 37.68 34.52
C4A CLA OD . 14.42 38.69 33.69
CMA CLA OD . 14.24 37.52 35.93
CAA CLA OD . 11.62 36.98 33.65
CBA CLA OD . 12.02 36.76 32.20
CGA CLA OD . 10.83 36.13 31.54
O1A CLA OD . 9.77 36.69 31.41
O2A CLA OD . 10.77 34.91 31.06
NB CLA OD . 16.21 40.52 32.03
C1B CLA OD . 16.59 39.48 32.74
C2B CLA OD . 18.02 39.20 32.68
C3B CLA OD . 18.52 40.25 31.82
C4B CLA OD . 17.32 41.02 31.46
CMB CLA OD . 18.63 38.07 33.39
CAB CLA OD . 19.90 40.55 31.36
CBB CLA OD . 20.98 40.30 32.05
NC CLA OD . 14.95 42.83 30.61
C1C CLA OD . 16.19 42.98 30.14
C2C CLA OD . 16.37 43.99 29.11
C3C CLA OD . 15.01 44.51 28.96
C4C CLA OD . 14.23 43.74 29.95
CMC CLA OD . 17.66 44.29 28.43
CAC CLA OD . 14.54 45.58 28.04
CBC CLA OD . 13.86 44.96 26.85
ND CLA OD . 12.50 42.03 31.65
C1D CLA OD . 11.96 43.08 31.06
C2D CLA OD . 10.51 43.23 31.30
C3D CLA OD . 10.29 42.04 32.13
C4D CLA OD . 11.44 41.41 32.29
CMD CLA OD . 9.44 44.19 30.92
CAD CLA OD . 9.22 41.33 32.86
OBD CLA OD . 8.00 41.68 32.93
CBD CLA OD . 9.79 40.09 33.45
CGD CLA OD . 9.48 40.04 34.92
O1D CLA OD . 10.32 40.26 35.77
O2D CLA OD . 8.16 39.72 35.39
CED CLA OD . 7.81 40.10 36.73
C1 CLA OD . 11.28 34.53 29.60
C2 CLA OD . 11.35 35.50 28.44
C3 CLA OD . 11.23 35.07 27.18
C4 CLA OD . 11.02 33.63 26.86
C5 CLA OD . 11.34 36.06 26.05
C6 CLA OD . 9.97 36.39 25.47
C7 CLA OD . 10.08 36.80 24.01
C8 CLA OD . 11.11 37.91 23.82
C9 CLA OD . 10.46 39.28 23.69
C10 CLA OD . 11.99 37.57 22.62
C11 CLA OD . 11.38 37.92 21.27
C12 CLA OD . 12.45 37.88 20.18
C13 CLA OD . 11.91 37.42 18.83
C14 CLA OD . 11.10 36.15 18.97
C15 CLA OD . 13.06 37.18 17.87
C16 CLA OD . 12.70 37.50 16.42
C17 CLA OD . 13.01 36.32 15.51
C18 CLA OD . 13.46 36.70 14.08
C19 CLA OD . 12.27 36.78 13.13
C20 CLA OD . 14.30 37.96 14.03
MG CLA PD . 16.61 65.31 44.88
CHA CLA PD . 16.71 65.81 48.33
CHB CLA PD . 14.76 68.18 44.68
CHC CLA PD . 16.61 64.89 41.52
CHD CLA PD . 18.49 62.32 45.23
NA CLA PD . 15.83 66.84 46.30
C1A CLA PD . 15.96 66.87 47.57
C2A CLA PD . 15.28 68.04 48.23
C3A CLA PD . 14.65 68.73 47.05
C4A CLA PD . 15.11 67.87 45.93
CMA CLA PD . 13.17 69.03 47.18
CAA CLA PD . 16.29 69.07 48.74
CBA CLA PD . 15.96 69.48 50.18
CGA CLA PD . 15.26 70.82 50.24
O1A CLA PD . 14.37 71.19 49.49
O2A CLA PD . 15.53 71.75 51.13
NB CLA PD . 15.81 66.40 43.33
C1B CLA PD . 15.07 67.50 43.41
C2B CLA PD . 14.61 68.01 42.10
C3B CLA PD . 15.17 67.01 41.20
C4B CLA PD . 15.89 66.05 42.05
CMB CLA PD . 13.78 69.21 41.83
CAB CLA PD . 15.08 66.94 39.73
CBB CLA PD . 15.59 67.89 38.99
NC CLA PD . 17.48 63.86 43.58
C1C CLA PD . 17.36 63.85 42.25
C2C CLA PD . 17.99 62.74 41.55
C3C CLA PD . 18.59 62.00 42.65
C4C CLA PD . 18.21 62.77 43.85
CMC CLA PD . 18.04 62.46 40.07
CAC CLA PD . 19.41 60.73 42.59
CBC CLA PD . 20.87 61.08 42.57
ND CLA PD . 17.46 64.24 46.32
C1D CLA PD . 18.15 63.11 46.42
C2D CLA PD . 18.51 62.76 47.81
C3D CLA PD . 17.90 63.87 48.54
C4D CLA PD . 17.33 64.67 47.64
CMD CLA PD . 19.23 61.67 48.53
CAD CLA PD . 17.73 64.40 49.89
OBD CLA PD . 18.44 64.05 50.91
CBD CLA PD . 16.95 65.65 49.82
CGD CLA PD . 15.67 65.46 50.58
O1D CLA PD . 15.34 66.27 51.43
O2D CLA PD . 14.81 64.32 50.31
CED CLA PD . 13.40 64.51 50.19
MG CLA QD . 13.03 73.80 40.32
CHA CLA QD . 12.17 72.98 43.57
CHB CLA QD . 9.81 74.97 39.93
CHC CLA QD . 13.87 74.70 37.17
CHD CLA QD . 16.27 72.49 40.82
NA CLA QD . 11.20 73.98 41.57
C1A CLA QD . 11.06 73.62 42.79
C2A CLA QD . 9.69 73.86 43.35
C3A CLA QD . 8.98 74.44 42.14
C4A CLA QD . 10.06 74.47 41.13
CMA CLA QD . 7.68 73.79 41.71
CAA CLA QD . 9.68 74.97 44.40
CBA CLA QD . 10.61 76.14 44.08
CGA CLA QD . 10.98 76.92 45.31
O1A CLA QD . 11.38 78.08 45.29
O2A CLA QD . 10.94 76.44 46.54
NB CLA QD . 11.99 74.69 38.79
C1B CLA QD . 10.72 75.09 38.78
C2B CLA QD . 10.26 75.71 37.51
C3B CLA QD . 11.48 75.61 36.71
C4B CLA QD . 12.49 74.98 37.58
CMB CLA QD . 8.91 76.25 37.21
CAB CLA QD . 11.73 76.04 35.32
CBB CLA QD . 11.44 77.26 34.94
NC CLA QD . 14.82 73.68 39.20
C1C CLA QD . 14.95 74.05 37.93
C2C CLA QD . 16.24 73.79 37.30
C3C CLA QD . 16.98 73.16 38.38
C4C CLA QD . 16.01 73.13 39.51
CMC CLA QD . 16.62 74.12 35.89
CAC CLA QD . 18.39 72.64 38.34
CBC CLA QD . 19.33 73.47 39.20
ND CLA QD . 14.09 72.92 41.75
C1D CLA QD . 15.33 72.46 41.94
C2D CLA QD . 15.61 71.93 43.29
C3D CLA QD . 14.30 72.16 43.90
C4D CLA QD . 13.50 72.73 42.99
CMD CLA QD . 16.75 71.30 44.04
CAD CLA QD . 13.59 71.99 45.17
OBD CLA QD . 14.19 72.06 46.31
CBD CLA QD . 12.18 72.41 44.97
CGD CLA QD . 11.28 71.21 45.04
O1D CLA QD . 11.58 70.17 44.49
O2D CLA QD . 10.03 71.29 45.76
CED CLA QD . 9.76 70.36 46.81
MG CLA RD . 10.81 79.96 24.94
CHA CLA RD . 9.27 78.02 27.38
CHB CLA RD . 7.99 79.52 23.04
CHC CLA RD . 12.23 81.98 22.64
CHD CLA RD . 13.64 80.34 27.03
NA CLA RD . 8.85 78.93 25.15
C1A CLA RD . 8.45 78.22 26.14
C2A CLA RD . 7.08 77.66 25.96
C3A CLA RD . 6.74 78.10 24.56
C4A CLA RD . 7.94 78.90 24.21
CMA CLA RD . 6.27 77.06 23.55
CAA CLA RD . 6.19 78.63 26.72
CBA CLA RD . 5.39 78.04 27.87
CGA CLA RD . 4.61 79.17 28.50
O1A CLA RD . 4.46 80.27 27.99
O2A CLA RD . 4.00 79.11 29.67
NB CLA RD . 10.18 80.64 23.11
C1B CLA RD . 9.04 80.37 22.48
C2B CLA RD . 8.90 81.01 21.15
C3B CLA RD . 10.17 81.73 21.06
C4B CLA RD . 10.90 81.44 22.31
CMB CLA RD . 7.72 80.88 20.23
CAB CLA RD . 10.76 82.61 20.03
CBB CLA RD . 10.13 83.02 18.95
NC CLA RD . 12.65 81.01 24.85
C1C CLA RD . 13.06 81.75 23.83
C2C CLA RD . 14.41 82.32 23.96
C3C CLA RD . 14.80 81.82 25.27
C4C CLA RD . 13.66 81.03 25.73
CMC CLA RD . 15.17 83.20 22.99
CAC CLA RD . 16.08 82.04 26.03
CBC CLA RD . 17.14 81.12 25.46
ND CLA RD . 11.44 79.39 26.75
C1D CLA RD . 12.50 79.56 27.53
C2D CLA RD . 12.42 78.90 28.86
C3D CLA RD . 11.09 78.30 28.73
C4D CLA RD . 10.60 78.61 27.53
CMD CLA RD . 13.25 78.74 30.09
CAD CLA RD . 10.14 77.48 29.48
OBD CLA RD . 10.40 76.87 30.58
CBD CLA RD . 8.97 77.22 28.62
CGD CLA RD . 8.95 75.76 28.31
O1D CLA RD . 9.94 75.22 27.85
O2D CLA RD . 7.79 74.95 28.56
CED CLA RD . 7.93 73.86 29.46
C1 CLA RD . 4.54 80.03 30.87
C2 CLA RD . 6.01 80.35 30.88
C3 CLA RD . 6.74 80.47 31.99
C4 CLA RD . 6.09 80.30 33.33
C5 CLA RD . 8.22 80.79 31.84
C6 CLA RD . 9.01 80.53 33.11
C7 CLA RD . 10.21 81.45 33.14
C8 CLA RD . 10.60 81.85 34.55
C9 CLA RD . 10.96 83.34 34.62
C10 CLA RD . 11.75 80.99 35.04
C11 CLA RD . 13.02 81.20 34.21
C12 CLA RD . 13.55 79.89 33.66
C13 CLA RD . 14.50 79.22 34.63
C14 CLA RD . 15.69 80.13 34.92
C15 CLA RD . 14.98 77.89 34.06
CAA F6C SD . 11.03 86.58 13.82
CAB F6C SD . 10.37 77.95 17.81
CAC F6C SD . 5.92 77.55 10.98
CAD F6C SD . 9.35 85.04 9.68
NA F6C SD . 10.81 83.21 13.80
CBA F6C SD . 9.70 86.28 14.49
CBB F6C SD . 10.88 77.91 19.01
CBC F6C SD . 4.50 77.88 11.38
CBD F6C SD . 10.19 85.55 10.81
NB F6C SD . 10.24 80.63 15.21
OBD F6C SD . 9.33 85.55 8.50
CGA F6C SD . 9.17 87.57 15.06
CGD F6C SD . 11.58 85.82 10.30
ND F6C SD . 8.91 82.07 11.66
CED F6C SD . 14.02 85.40 10.51
CHA F6C SD . 10.20 84.39 11.76
CHB F6C SD . 11.70 82.52 15.88
CHC F6C SD . 8.94 78.50 15.01
CHD F6C SD . 7.46 80.36 10.72
CMA F6C SD . 13.77 84.73 15.27
CMB F6C SD . 12.26 80.64 18.43
CMC F6C SD . 6.96 76.28 13.88
CMD F6C SD . 7.29 82.74 8.20
OMB F6C SD . 13.17 81.43 18.28
C1A F6C SD . 10.91 84.24 13.06
C1B F6C SD . 11.09 81.18 16.07
C1C F6C SD . 8.23 78.64 13.73
C1D F6C SD . 8.12 81.67 10.65
O1A F6C SD . 8.17 87.68 15.73
O1D F6C SD . 11.79 86.77 9.59
C2A F6C SD . 11.83 85.31 13.58
C2B F6C SD . 11.37 80.34 17.27
C2C F6C SD . 7.33 77.58 13.23
C2D F6C SD . 7.99 82.64 9.52
O2A F6C SD . 9.74 88.74 14.88
O2D F6C SD . 12.68 84.94 10.64
C3A F6C SD . 12.29 84.69 14.89
C3B F6C SD . 10.54 79.18 16.99
C3C F6C SD . 6.88 78.15 11.97
C3D F6C SD . 8.84 83.71 10.04
C4A F6C SD . 11.56 83.38 14.87
C4B F6C SD . 9.88 79.43 15.68
C4C F6C SD . 7.57 79.46 11.88
C4D F6C SD . 9.32 83.32 11.23
NC F6C SD . 8.36 79.71 12.94
MG F6C SD . 9.59 81.39 13.42
MG CLA TD . 38.88 66.69 27.87
CHA CLA TD . 42.11 65.40 27.59
CHB CLA TD . 37.75 63.61 26.84
CHC CLA TD . 35.75 67.86 28.33
CHD CLA TD . 40.20 69.83 28.81
NA CLA TD . 39.78 64.73 27.29
C1A CLA TD . 41.03 64.43 27.22
C2A CLA TD . 41.27 63.04 26.69
C3A CLA TD . 39.88 62.57 26.41
C4A CLA TD . 39.07 63.71 26.88
CMA CLA TD . 39.72 62.24 24.95
CAA CLA TD . 41.85 62.08 27.75
CBA CLA TD . 40.96 61.70 28.92
CGA CLA TD . 41.77 60.99 29.96
O1A CLA TD . 42.04 59.82 29.94
O2A CLA TD . 42.28 61.58 31.03
NB CLA TD . 37.02 65.84 27.62
C1B CLA TD . 36.73 64.60 27.20
C2B CLA TD . 35.30 64.29 27.12
C3B CLA TD . 34.72 65.55 27.56
C4B CLA TD . 35.86 66.46 27.85
CMB CLA TD . 34.75 62.96 26.70
CAB CLA TD . 33.31 65.99 27.73
CBB CLA TD . 32.25 65.23 27.60
NC CLA TD . 38.09 68.56 28.49
C1C CLA TD . 36.80 68.83 28.66
C2C CLA TD . 36.50 70.17 29.20
C3C CLA TD . 37.84 70.74 29.35
C4C CLA TD . 38.73 69.67 28.88
CMC CLA TD . 35.19 70.81 29.56
CAC CLA TD . 38.20 72.10 29.87
CBC CLA TD . 38.57 72.01 31.34
ND CLA TD . 40.65 67.54 28.18
C1D CLA TD . 41.12 68.74 28.53
C2D CLA TD . 42.61 68.83 28.56
C3D CLA TD . 42.93 67.46 28.18
C4D CLA TD . 41.80 66.79 27.97
CMD CLA TD . 43.67 69.83 28.87
CAD CLA TD . 44.10 66.61 27.95
OBD CLA TD . 45.31 66.90 28.30
CBD CLA TD . 43.62 65.25 27.61
CGD CLA TD . 44.12 64.91 26.25
O1D CLA TD . 43.70 65.50 25.28
O2D CLA TD . 45.08 63.86 26.07
CED CLA TD . 45.54 63.65 24.76
C1 CLA TD . 41.73 61.21 32.49
C2 CLA TD . 42.71 60.92 33.60
C3 CLA TD . 42.57 61.49 34.81
C4 CLA TD . 43.56 61.18 35.88
C5 CLA TD . 41.45 62.46 35.09
C6 CLA TD . 42.00 63.88 35.17
C7 CLA TD . 41.07 64.77 35.97
C8 CLA TD . 41.34 66.24 35.68
C9 CLA TD . 42.67 66.67 36.29
C10 CLA TD . 40.21 67.07 36.24
MG CLA UD . 45.40 67.81 32.71
CHA CLA UD . 48.41 66.13 33.19
CHB CLA UD . 44.02 64.80 31.84
CHC CLA UD . 42.41 69.42 32.44
CHD CLA UD . 46.95 70.89 33.54
NA CLA UD . 46.10 65.70 32.54
C1A CLA UD . 47.28 65.23 32.73
C2A CLA UD . 47.41 63.75 32.42
C3A CLA UD . 46.00 63.40 31.99
C4A CLA UD . 45.32 64.72 32.13
CMA CLA UD . 45.79 62.58 30.73
CAA CLA UD . 47.77 62.86 33.61
CBA CLA UD . 46.73 62.84 34.73
CGA CLA UD . 47.34 62.30 36.00
O1A CLA UD . 48.53 62.06 36.13
O2A CLA UD . 46.67 62.05 37.10
NB CLA UD . 43.50 67.18 32.23
C1B CLA UD . 43.12 65.95 31.89
C2B CLA UD . 41.68 65.85 31.56
C3B CLA UD . 41.24 67.22 31.74
C4B CLA UD . 42.43 67.98 32.15
CMB CLA UD . 40.93 64.63 31.14
CAB CLA UD . 39.89 67.79 31.57
CBB CLA UD . 38.83 67.29 32.16
NC CLA UD . 44.78 69.83 32.99
C1C CLA UD . 43.54 70.29 32.80
C2C CLA UD . 43.33 71.73 32.99
C3C CLA UD . 44.68 72.16 33.33
C4C CLA UD . 45.49 70.92 33.31
CMC CLA UD . 42.08 72.52 32.86
CAC CLA UD . 45.14 73.56 33.65
CBC CLA UD . 45.03 73.79 35.13
ND CLA UD . 47.19 68.50 33.23
C1D CLA UD . 47.75 69.67 33.56
C2D CLA UD . 49.20 69.59 33.89
C3D CLA UD . 49.39 68.15 33.73
C4D CLA UD . 48.23 67.59 33.36
CMD CLA UD . 50.31 70.50 34.31
CAD CLA UD . 50.46 67.14 33.85
OBD CLA UD . 51.54 67.30 34.50
CBD CLA UD . 49.85 65.81 33.56
CGD CLA UD . 50.62 65.16 32.47
O1D CLA UD . 50.82 65.74 31.41
O2D CLA UD . 51.13 63.83 32.66
CED CLA UD . 52.54 63.59 32.58
MG CLA VD . 50.73 69.15 38.56
CHA CLA VD . 53.51 67.39 39.70
CHB CLA VD . 49.37 66.12 37.68
CHC CLA VD . 47.99 70.85 37.56
CHD CLA VD . 52.25 72.21 39.54
NA CLA VD . 51.33 66.99 38.68
C1A CLA VD . 52.42 66.51 39.14
C2A CLA VD . 52.53 65.02 39.02
C3A CLA VD . 51.22 64.66 38.36
C4A CLA VD . 50.58 66.00 38.23
CMA CLA VD . 51.22 63.71 37.18
CAA CLA VD . 52.50 64.30 40.37
CBA CLA VD . 53.79 63.52 40.67
CGA CLA VD . 54.20 62.69 39.48
O1A CLA VD . 55.13 62.94 38.74
O2A CLA VD . 53.60 61.57 39.11
NB CLA VD . 48.94 68.55 37.75
C1B CLA VD . 48.55 67.31 37.44
C2B CLA VD . 47.19 67.25 36.83
C3B CLA VD . 46.81 68.66 36.80
C4B CLA VD . 47.95 69.39 37.40
CMB CLA VD . 46.39 66.08 36.36
CAB CLA VD . 45.56 69.24 36.31
CBB CLA VD . 44.63 69.64 37.14
NC CLA VD . 50.19 71.21 38.60
C1C CLA VD . 49.05 71.71 38.10
C2C CLA VD . 48.92 73.17 38.13
C3C CLA VD . 50.18 73.56 38.74
C4C CLA VD . 50.89 72.29 38.98
CMC CLA VD . 47.79 74.04 37.66
CAC CLA VD . 50.66 74.96 39.03
CBC CLA VD . 50.32 75.30 40.46
ND CLA VD . 52.41 69.79 39.41
C1D CLA VD . 52.97 70.96 39.78
C2D CLA VD . 54.32 70.84 40.39
C3D CLA VD . 54.47 69.39 40.33
C4D CLA VD . 53.37 68.86 39.78
CMD CLA VD . 55.38 71.74 40.97
CAD CLA VD . 55.44 68.34 40.69
OBD CLA VD . 56.68 68.56 40.95
CBD CLA VD . 54.89 67.04 40.22
CGD CLA VD . 55.75 66.55 39.09
O1D CLA VD . 55.72 67.09 38.00
O2D CLA VD . 56.65 65.42 39.29
CED CLA VD . 58.03 65.57 39.01
MG CLA WD . 28.22 63.20 20.40
CHA CLA WD . 30.50 65.70 21.24
CHB CLA WD . 27.08 63.35 23.63
CHC CLA WD . 25.94 60.91 19.50
CHD CLA WD . 29.47 63.23 17.08
NA CLA WD . 28.70 64.37 22.22
C1A CLA WD . 29.60 65.27 22.37
C2A CLA WD . 29.71 65.79 23.78
C3A CLA WD . 28.66 64.97 24.49
C4A CLA WD . 28.09 64.20 23.37
CMA CLA WD . 29.15 64.12 25.64
CAA CLA WD . 29.31 67.27 23.83
CBA CLA WD . 28.93 67.71 25.22
CGA CLA WD . 29.69 68.90 25.70
O1A CLA WD . 29.82 69.94 25.10
O2A CLA WD . 30.29 68.92 26.86
NB CLA WD . 26.71 62.28 21.44
C1B CLA WD . 26.39 62.43 22.72
C2B CLA WD . 25.27 61.57 23.15
C3B CLA WD . 24.97 60.86 21.93
C4B CLA WD . 25.90 61.36 20.91
CMB CLA WD . 24.62 61.45 24.50
CAB CLA WD . 23.91 59.86 21.74
CBB CLA WD . 24.21 58.61 21.64
NC CLA WD . 27.75 62.26 18.55
C1C CLA WD . 26.80 61.36 18.40
C2C CLA WD . 26.67 60.82 17.04
C3C CLA WD . 27.70 61.54 16.30
C4C CLA WD . 28.29 62.39 17.34
CMC CLA WD . 25.70 59.80 16.56
CAC CLA WD . 28.05 61.46 14.83
CBC CLA WD . 29.34 60.78 14.47
ND CLA WD . 29.54 64.19 19.29
C1D CLA WD . 30.07 64.10 18.08
C2D CLA WD . 31.30 64.88 17.84
C3D CLA WD . 31.40 65.49 19.15
C4D CLA WD . 30.38 65.10 19.91
CMD CLA WD . 32.30 65.11 16.75
CAD CLA WD . 32.25 66.43 19.87
OBD CLA WD . 33.43 66.74 19.52
CBD CLA WD . 31.71 66.56 21.23
CGD CLA WD . 32.69 65.79 22.02
O1D CLA WD . 33.18 64.77 21.60
O2D CLA WD . 33.03 66.20 23.35
CED CLA WD . 33.42 65.12 24.16
C1 CLA WD . 30.01 70.07 27.92
C2 CLA WD . 30.82 71.32 27.84
C3 CLA WD . 31.47 71.80 28.91
C4 CLA WD . 32.27 73.04 28.73
C5 CLA WD . 31.41 71.13 30.26
C6 CLA WD . 30.68 72.02 31.24
C7 CLA WD . 31.41 72.12 32.57
C8 CLA WD . 30.75 71.24 33.63
C9 CLA WD . 29.35 71.74 33.96
C10 CLA WD . 31.62 71.21 34.88
MG CLA XD . 22.20 73.11 25.32
CHA CLA XD . 25.05 71.80 23.85
CHB CLA XD . 21.50 69.91 26.44
CHC CLA XD . 19.46 74.37 26.81
CHD CLA XD . 23.02 76.32 24.10
NA CLA XD . 23.12 71.09 25.20
C1A CLA XD . 24.21 70.80 24.59
C2A CLA XD . 24.60 69.36 24.74
C3A CLA XD . 23.44 68.79 25.50
C4A CLA XD . 22.62 70.00 25.72
CMA CLA XD . 22.83 67.56 24.89
CAA CLA XD . 25.76 69.24 25.74
CBA CLA XD . 25.68 69.89 27.13
CGA CLA XD . 26.12 71.34 27.14
O1A CLA XD . 27.28 71.71 27.22
O2A CLA XD . 25.32 72.38 27.02
NB CLA XD . 20.71 72.26 26.46
C1B CLA XD . 20.57 70.97 26.79
C2B CLA XD . 19.39 70.69 27.65
C3B CLA XD . 18.79 72.02 27.73
C4B CLA XD . 19.68 72.92 26.97
CMB CLA XD . 19.02 69.34 28.17
CAB CLA XD . 17.58 72.53 28.42
CBB CLA XD . 16.86 71.87 29.27
NC CLA XD . 21.39 75.06 25.48
C1C CLA XD . 20.25 75.37 26.08
C2C CLA XD . 19.81 76.76 25.95
C3C CLA XD . 20.89 77.34 25.17
C4C CLA XD . 21.81 76.20 24.93
CMC CLA XD . 18.59 77.43 26.49
CAC CLA XD . 21.06 78.75 24.66
CBC CLA XD . 20.39 78.85 23.32
ND CLA XD . 23.62 74.00 24.25
C1D CLA XD . 23.92 75.21 23.80
C2D CLA XD . 25.17 75.30 23.02
C3D CLA XD . 25.58 73.89 23.08
C4D CLA XD . 24.67 73.22 23.78
CMD CLA XD . 25.97 76.35 22.30
CAD CLA XD . 26.64 72.98 22.62
OBD CLA XD . 27.79 73.33 22.19
CBD CLA XD . 26.32 71.60 23.07
CGD CLA XD . 26.07 70.80 21.84
O1D CLA XD . 25.24 71.16 21.04
O2D CLA XD . 26.79 69.58 21.56
CED CLA XD . 27.06 69.25 20.21
C1 CLA XD . 24.31 72.84 28.17
C2 CLA XD . 24.04 74.30 28.38
C3 CLA XD . 23.23 74.79 29.32
C4 CLA XD . 23.08 76.27 29.40
C5 CLA XD . 22.46 73.89 30.28
C6 CLA XD . 21.02 74.37 30.39
C7 CLA XD . 20.66 74.80 31.80
C8 CLA XD . 19.24 75.38 31.90
C9 CLA XD . 18.20 74.47 31.29
C10 CLA XD . 19.14 76.75 31.25
C11 CLA XD . 17.78 77.37 31.55
C12 CLA XD . 17.26 78.19 30.37
C13 CLA XD . 17.83 79.60 30.42
C14 CLA XD . 17.12 80.46 31.46
C15 CLA XD . 17.71 80.24 29.04
MG CLA YD . 19.49 66.09 32.72
CHA CLA YD . 21.89 65.34 30.31
CHB CLA YD . 19.11 62.71 33.16
CHC CLA YD . 17.21 66.83 35.05
CHD CLA YD . 19.94 69.53 32.07
NA CLA YD . 20.38 64.23 31.88
C1A CLA YD . 21.28 64.14 30.97
C2A CLA YD . 21.63 62.74 30.59
C3A CLA YD . 20.69 61.95 31.47
C4A CLA YD . 20.01 63.03 32.22
CMA CLA YD . 19.79 60.97 30.76
CAA CLA YD . 23.03 62.35 31.04
CBA CLA YD . 23.50 63.02 32.33
CGA CLA YD . 24.99 62.90 32.48
O1A CLA YD . 25.57 61.95 32.98
O2A CLA YD . 25.85 63.81 32.08
NB CLA YD . 18.32 64.92 33.94
C1B CLA YD . 18.31 63.59 34.00
C2B CLA YD . 17.38 63.05 35.02
C3B CLA YD . 16.80 64.26 35.58
C4B CLA YD . 17.44 65.39 34.85
CMB CLA YD . 17.09 61.62 35.37
CAB CLA YD . 15.79 64.24 36.67
CBB CLA YD . 14.87 65.14 36.92
NC CLA YD . 18.77 67.91 33.53
C1C CLA YD . 17.80 68.01 34.41
C2C CLA YD . 17.33 69.38 34.72
C3C CLA YD . 18.20 70.17 33.87
C4C CLA YD . 19.05 69.17 33.18
CMC CLA YD . 16.26 69.82 35.67
CAC CLA YD . 18.26 71.66 33.70
CBC CLA YD . 19.43 72.20 34.49
ND CLA YD . 20.54 67.28 31.51
C1D CLA YD . 20.76 68.57 31.35
C2D CLA YD . 21.85 68.92 30.41
C3D CLA YD . 22.26 67.57 30.02
C4D CLA YD . 21.49 66.70 30.68
CMD CLA YD . 22.50 70.15 29.88
CAD CLA YD . 23.24 66.87 29.17
OBD CLA YD . 24.38 67.32 28.84
CBD CLA YD . 22.89 65.43 29.18
CGD CLA YD . 22.15 65.09 27.94
O1D CLA YD . 21.28 65.84 27.56
O2D CLA YD . 22.41 63.91 27.16
CED CLA YD . 22.25 63.99 25.76
CAA F6C ZD . -12.27 25.97 6.75
CAB F6C ZD . -7.52 20.67 12.93
CAC F6C ZD . -4.93 28.48 14.27
CAD F6C ZD . -11.17 30.22 9.12
NA F6C ZD . -10.79 25.54 9.77
CBA F6C ZD . -10.89 25.55 6.30
CBB F6C ZD . -6.37 20.68 13.57
CBC F6C ZD . -3.91 28.94 13.25
CBD F6C ZD . -11.90 29.05 8.56
NB F6C ZD . -8.91 23.85 11.43
OBD F6C ZD . -11.21 31.39 8.61
CGA F6C ZD . -10.12 26.76 5.89
CGD F6C ZD . -13.34 29.14 8.97
ND F6C ZD . -9.22 27.87 10.98
CED F6C ZD . -15.61 29.44 7.97
CHA F6C ZD . -11.21 27.88 9.23
CHB F6C ZD . -10.78 23.17 9.98
CHC F6C ZD . -6.99 24.02 12.97
CHD F6C ZD . -7.52 28.81 12.41
CMA F6C ZD . -13.56 23.50 8.85
CMB F6C ZD . -10.01 20.27 10.95
CMC F6C ZD . -4.63 25.23 14.72
CMD F6C ZD . -8.78 31.68 11.12
OMB F6C ZD . -9.43 19.21 11.06
C1 F6C ZD . -7.74 26.97 6.78
C1A F6C ZD . -11.46 26.40 9.11
C1B F6C ZD . -9.68 22.91 10.92
C1C F6C ZD . -6.73 25.44 13.08
C1D F6C ZD . -8.60 28.94 11.45
O1A F6C ZD . -10.20 27.27 4.79
O1D F6C ZD . -13.65 29.57 10.06
C2 F6C ZD . -7.20 26.04 7.84
C2A F6C ZD . -12.54 25.80 8.24
C2B F6C ZD . -9.34 21.55 11.34
C2C F6C ZD . -5.63 25.96 13.90
C2D F6C ZD . -9.09 30.23 10.93
O2A F6C ZD . -9.28 27.43 6.67
O2D F6C ZD . -14.40 28.71 8.08
C3 F6C ZD . -6.89 24.77 7.56
C3A F6C ZD . -12.35 24.33 8.54
C3B F6C ZD . -8.21 21.78 12.23
C3C F6C ZD . -5.76 27.38 13.68
C3D F6C ZD . -10.15 29.74 10.05
C4 F6C ZD . -7.10 24.22 6.18
C4A F6C ZD . -11.23 24.33 9.50
C4B F6C ZD . -8.01 23.26 12.24
C4C F6C ZD . -6.92 27.51 12.79
C4D F6C ZD . -10.17 28.41 10.12
C5 F6C ZD . -6.33 23.89 8.66
C6 F6C ZD . -6.54 22.40 8.39
C7 F6C ZD . -5.23 21.67 8.12
C8 F6C ZD . -4.99 20.54 9.10
C9 F6C ZD . -4.70 21.11 10.47
C10 F6C ZD . -3.87 19.62 8.63
C11 F6C ZD . -2.47 20.21 8.84
C12 F6C ZD . -1.53 19.27 9.58
C13 F6C ZD . -0.19 19.94 9.81
C14 F6C ZD . 0.54 20.09 8.48
C15 F6C ZD . 0.67 19.15 10.79
NC F6C ZD . -7.46 26.34 12.44
MG F6C ZD . -9.11 25.89 11.20
MG CLA AE . -5.91 26.30 17.82
CHA CLA AE . -5.21 22.88 17.94
CHB CLA AE . -2.87 26.78 19.32
CHC CLA AE . -6.47 29.60 17.51
CHD CLA AE . -9.01 25.61 16.30
NA CLA AE . -4.22 25.02 18.53
C1A CLA AE . -4.13 23.75 18.51
C2A CLA AE . -2.83 23.24 19.07
C3A CLA AE . -2.17 24.49 19.55
C4A CLA AE . -3.14 25.50 19.09
CMA CLA AE . -1.66 24.58 20.98
CAA CLA AE . -1.82 23.18 17.96
CBA CLA AE . -1.92 22.09 16.92
CGA CLA AE . -2.18 22.77 15.60
O1A CLA AE . -1.65 23.81 15.26
O2A CLA AE . -2.97 22.30 14.65
NB CLA AE . -4.80 27.94 18.33
C1B CLA AE . -3.65 27.96 18.97
C2B CLA AE . -3.16 29.29 19.32
C3B CLA AE . -4.23 30.12 18.78
C4B CLA AE . -5.22 29.20 18.18
CMB CLA AE . -1.89 29.61 20.03
CAB CLA AE . -4.36 31.57 18.82
CBB CLA AE . -4.35 32.22 19.97
NC CLA AE . -7.51 27.43 17.00
C1C CLA AE . -7.55 28.76 16.97
C2C CLA AE . -8.78 29.33 16.39
C3C CLA AE . -9.53 28.15 16.02
C4C CLA AE . -8.66 27.04 16.46
CMC CLA AE . -9.14 30.76 16.20
CAC CLA AE . -10.91 28.08 15.40
CBC CLA AE . -10.90 27.65 13.95
ND CLA AE . -6.96 24.74 17.23
C1D CLA AE . -8.13 24.51 16.63
C2D CLA AE . -8.42 23.10 16.39
C3D CLA AE . -7.23 22.49 16.92
C4D CLA AE . -6.45 23.46 17.39
CMD CLA AE . -9.52 22.30 15.79
CAD CLA AE . -6.63 21.17 17.12
OBD CLA AE . -7.03 20.07 16.61
CBD CLA AE . -5.31 21.37 17.77
CGD CLA AE . -5.20 20.59 19.04
O1D CLA AE . -5.33 21.13 20.12
O2D CLA AE . -4.90 19.17 18.98
CED CLA AE . -5.43 18.27 19.94
C1 CLA AE . -2.45 22.35 13.14
C2 CLA AE . -2.67 23.54 12.23
C3 CLA AE . -1.70 24.01 11.44
C4 CLA AE . -0.34 23.38 11.44
C5 CLA AE . -2.00 25.20 10.57
C6 CLA AE . -1.22 25.10 9.27
C7 CLA AE . -2.04 24.40 8.20
C8 CLA AE . -1.59 24.80 6.82
C9 CLA AE . -1.66 26.31 6.66
C10 CLA AE . -2.44 24.12 5.77
C11 CLA AE . -2.32 22.61 5.92
C12 CLA AE . -3.13 21.89 4.86
C13 CLA AE . -2.29 20.73 4.34
C14 CLA AE . -1.14 21.23 3.50
C15 CLA AE . -3.19 19.80 3.54
C16 CLA AE . -3.78 18.75 4.48
C17 CLA AE . -4.99 18.10 3.85
C18 CLA AE . -4.56 17.18 2.73
C19 CLA AE . -4.72 15.73 3.13
C20 CLA AE . -5.35 17.52 1.48
MG CLA BE . 4.14 37.37 13.83
CHA CLA BE . 5.64 36.38 16.81
CHB CLA BE . 7.30 38.12 12.65
CHC CLA BE . 2.69 38.21 10.94
CHD CLA BE . 0.94 36.60 15.16
NA CLA BE . 6.23 37.25 14.60
C1A CLA BE . 6.60 36.86 15.75
C2A CLA BE . 8.09 36.98 15.97
C3A CLA BE . 8.56 37.56 14.66
C4A CLA BE . 7.29 37.64 13.90
CMA CLA BE . 9.44 38.77 14.71
CAA CLA BE . 8.79 35.64 16.11
CBA CLA BE . 8.23 34.52 15.25
CGA CLA BE . 8.88 33.27 15.79
O1A CLA BE . 8.53 32.71 16.81
O2A CLA BE . 9.93 32.68 15.27
NB CLA BE . 4.90 38.05 12.05
C1B CLA BE . 6.16 38.32 11.74
C2B CLA BE . 6.32 38.85 10.35
C3B CLA BE . 4.95 38.86 9.89
C4B CLA BE . 4.13 38.36 11.01
CMB CLA BE . 7.54 39.27 9.62
CAB CLA BE . 4.44 39.29 8.58
CBB CLA BE . 4.03 38.39 7.71
NC CLA BE . 2.13 37.37 13.15
C1C CLA BE . 1.74 37.74 11.94
C2C CLA BE . 0.31 37.65 11.63
C3C CLA BE . -0.21 37.15 12.89
C4C CLA BE . 1.00 37.02 13.75
CMC CLA BE . -0.32 38.00 10.30
CAC CLA BE . -1.61 36.78 13.31
CBC CLA BE . -2.65 37.84 13.07
ND CLA BE . 3.33 36.67 15.51
C1D CLA BE . 2.12 36.40 15.99
C2D CLA BE . 2.12 35.91 17.40
C3D CLA BE . 3.56 35.93 17.65
C4D CLA BE . 4.19 36.35 16.57
CMD CLA BE . 1.15 35.47 18.44
CAD CLA BE . 4.51 35.62 18.73
OBD CLA BE . 4.20 35.50 19.96
CBD CLA BE . 5.87 35.92 18.23
CGD CLA BE . 6.39 37.04 19.07
O1D CLA BE . 6.35 38.17 18.66
O2D CLA BE . 6.95 36.79 20.38
CED CLA BE . 6.60 37.64 21.47
C1 CLA BE . 9.85 31.21 14.63
C2 CLA BE . 8.81 30.16 14.97
C3 CLA BE . 8.40 29.29 14.03
C4 CLA BE . 8.97 29.38 12.64
C5 CLA BE . 7.36 28.24 14.34
C6 CLA BE . 6.30 28.28 13.24
C7 CLA BE . 6.23 26.96 12.47
C8 CLA BE . 4.78 26.56 12.28
C9 CLA BE . 4.25 25.98 13.59
C10 CLA BE . 4.68 25.56 11.15
C11 CLA BE . 3.83 26.15 10.03
C12 CLA BE . 3.93 25.29 8.78
C13 CLA BE . 2.61 24.61 8.51
C14 CLA BE . 2.59 23.21 9.12
C15 CLA BE . 2.32 24.60 7.02
C16 CLA BE . 2.99 23.46 6.27
C17 CLA BE . 2.34 23.31 4.89
C18 CLA BE . 2.59 21.94 4.29
C19 CLA BE . 4.04 21.77 3.89
C20 CLA BE . 2.17 20.82 5.23
C1 PQN CE . -4.47 41.12 17.71
O1 PQN CE . -4.11 42.04 16.98
C2 PQN CE . -4.67 39.77 17.17
C2M PQN CE . -4.43 39.60 15.71
C3 PQN CE . -5.11 38.66 18.06
C4 PQN CE . -5.33 38.95 19.48
O4 PQN CE . -5.69 38.04 20.24
C5 PQN CE . -5.12 40.32 20.02
C6 PQN CE . -5.32 40.59 21.34
C7 PQN CE . -5.12 41.87 21.81
C8 PQN CE . -4.72 42.90 20.97
C9 PQN CE . -4.49 42.65 19.63
C10 PQN CE . -4.70 41.39 19.14
C11 PQN CE . -5.34 37.26 17.57
C12 PQN CE . -4.00 36.60 17.45
C13 PQN CE . -3.84 35.31 17.18
C14 PQN CE . -5.03 34.43 17.03
C15 PQN CE . -2.42 34.79 17.06
C16 PQN CE . -2.39 33.36 16.58
C17 PQN CE . -2.01 33.27 15.12
C18 PQN CE . -1.11 32.07 14.87
C19 PQN CE . -1.61 30.81 15.54
C20 PQN CE . 0.28 32.42 15.40
C21 PQN CE . 1.12 33.01 14.29
C22 PQN CE . 2.35 32.15 14.05
C23 PQN CE . 3.63 32.94 14.27
C24 PQN CE . 4.35 33.17 12.96
C25 PQN CE . 4.50 32.18 15.25
C26 PQN CE . 3.84 32.10 16.62
C27 PQN CE . 4.26 30.84 17.35
C28 PQN CE . 4.73 31.16 18.75
C29 PQN CE . 5.10 29.89 19.51
C30 PQN CE . 5.92 32.10 18.71
C1 BCR DE . 55.25 39.44 34.21
C2 BCR DE . 55.85 38.18 33.59
C3 BCR DE . 54.95 36.95 33.54
C4 BCR DE . 54.15 36.82 34.81
C5 BCR DE . 53.31 38.06 34.88
C6 BCR DE . 53.88 39.27 34.82
C7 BCR DE . 53.17 40.46 35.34
C8 BCR DE . 53.04 40.78 36.64
C9 BCR DE . 52.40 41.85 36.94
C10 BCR DE . 51.45 41.79 37.76
C11 BCR DE . 51.05 42.17 38.81
C33 BCR DE . 51.82 37.90 34.98
C31 BCR DE . 55.14 40.57 33.20
C32 BCR DE . 56.22 39.85 35.30
C34 BCR DE . 52.75 43.15 36.31
C12 BCR DE . 50.58 42.53 39.90
C13 BCR DE . 50.25 43.49 40.99
C14 BCR DE . 49.70 42.99 42.11
C15 BCR DE . 49.32 43.83 43.24
C16 BCR DE . 49.02 43.93 44.53
C17 BCR DE . 48.70 44.32 45.62
C18 BCR DE . 48.66 44.28 46.95
C19 BCR DE . 47.89 45.20 47.81
C20 BCR DE . 47.77 45.59 49.06
C21 BCR DE . 47.44 46.12 50.08
C22 BCR DE . 47.35 46.21 51.41
C23 BCR DE . 46.72 47.36 52.07
C24 BCR DE . 47.48 48.05 52.92
C25 BCR DE . 46.98 49.21 53.67
C26 BCR DE . 46.60 50.32 53.04
C27 BCR DE . 45.37 51.05 53.53
C28 BCR DE . 45.27 51.01 55.06
C29 BCR DE . 46.49 50.46 55.77
C30 BCR DE . 46.95 49.13 55.17
C35 BCR DE . 50.51 44.95 40.83
C36 BCR DE . 49.46 43.23 47.65
C37 BCR DE . 47.90 45.11 52.26
C38 BCR DE . 47.36 50.87 51.87
C39 BCR DE . 46.04 48.00 55.59
C40 BCR DE . 48.37 48.82 55.65
C1 BCR EE . 48.20 33.62 35.78
C2 BCR EE . 48.65 35.08 35.76
C3 BCR EE . 48.07 35.97 36.84
C4 BCR EE . 48.18 35.32 38.22
C5 BCR EE . 47.63 33.92 38.17
C6 BCR EE . 47.35 33.31 37.01
C7 BCR EE . 46.29 32.27 36.97
C8 BCR EE . 44.97 32.48 36.95
C9 BCR EE . 44.15 31.49 36.92
C10 BCR EE . 42.93 31.65 36.73
C11 BCR EE . 42.07 32.13 36.09
C33 BCR EE . 47.40 33.21 39.47
C31 BCR EE . 49.42 32.71 35.84
C32 BCR EE . 47.42 33.32 34.52
C34 BCR EE . 44.63 30.08 37.15
C12 BCR EE . 41.09 32.59 35.46
C13 BCR EE . 40.33 33.48 34.57
C14 BCR EE . 39.19 33.01 34.06
C15 BCR EE . 38.33 33.77 33.15
C16 BCR EE . 37.30 33.80 32.32
C17 BCR EE . 36.47 34.09 31.52
C18 BCR EE . 35.40 33.92 30.73
C19 BCR EE . 34.93 34.95 29.80
C20 BCR EE . 33.93 35.46 29.11
C21 BCR EE . 33.31 36.19 28.37
C22 BCR EE . 32.24 36.71 27.79
C23 BCR EE . 32.33 37.76 26.77
C24 BCR EE . 31.23 38.48 26.54
C25 BCR EE . 31.16 39.55 25.52
C26 BCR EE . 31.79 40.71 25.67
C27 BCR EE . 32.58 41.27 24.52
C28 BCR EE . 32.18 40.58 23.22
C29 BCR EE . 30.69 40.31 23.20
C30 BCR EE . 30.30 39.34 24.31
C35 BCR EE . 40.81 34.86 34.25
C36 BCR EE . 34.66 32.61 30.80
C37 BCR EE . 30.90 36.20 28.21
C38 BCR EE . 31.70 41.47 26.94
C39 BCR EE . 30.44 37.94 23.75
C40 BCR EE . 28.88 39.60 24.75
C1 BCR FE . 55.21 31.00 34.99
C2 BCR FE . 54.97 31.48 36.43
C3 BCR FE . 54.01 30.60 37.20
C4 BCR FE . 52.67 30.42 36.48
C5 BCR FE . 52.98 30.01 35.06
C6 BCR FE . 53.85 30.76 34.38
C7 BCR FE . 53.49 31.40 33.10
C8 BCR FE . 53.40 30.95 31.84
C9 BCR FE . 53.59 29.79 31.34
C10 BCR FE . 52.69 29.34 30.59
C11 BCR FE . 51.67 29.62 30.07
C33 BCR FE . 52.33 28.79 34.48
C31 BCR FE . 56.01 29.70 35.00
C32 BCR FE . 55.97 32.07 34.22
C34 BCR FE . 54.83 28.99 31.54
C12 BCR FE . 50.57 29.88 29.50
C13 BCR FE . 49.20 30.42 29.39
C14 BCR FE . 48.52 30.17 28.27
C15 BCR FE . 47.17 30.63 28.02
C16 BCR FE . 46.09 30.72 27.24
C17 BCR FE . 45.00 30.96 26.80
C18 BCR FE . 44.05 31.02 25.87
C19 BCR FE . 42.70 31.52 26.18
C20 BCR FE . 41.47 31.83 25.77
C21 BCR FE . 40.52 32.02 25.07
C22 BCR FE . 39.24 32.21 24.73
C23 BCR FE . 38.85 32.40 23.32
C24 BCR FE . 39.74 32.87 22.44
C25 BCR FE . 39.43 33.11 21.01
C26 BCR FE . 39.79 32.22 20.09
C27 BCR FE . 40.04 32.59 18.65
C28 BCR FE . 39.22 33.80 18.23
C29 BCR FE . 39.25 34.90 19.28
C30 BCR FE . 38.74 34.41 20.62
C35 BCR FE . 48.58 31.20 30.51
C36 BCR FE . 44.37 30.58 24.48
C37 BCR FE . 38.18 32.25 25.76
C38 BCR FE . 39.98 30.77 20.44
C39 BCR FE . 37.24 34.14 20.53
C40 BCR FE . 39.02 35.51 21.62
C1 BCR GE . 39.34 61.62 46.88
C2 BCR GE . 40.10 60.31 46.79
C3 BCR GE . 41.12 60.29 45.65
C4 BCR GE . 40.43 60.56 44.32
C5 BCR GE . 39.66 61.86 44.46
C6 BCR GE . 38.87 62.04 45.50
C7 BCR GE . 37.56 62.68 45.28
C8 BCR GE . 36.57 62.02 44.67
C9 BCR GE . 35.42 62.56 44.47
C10 BCR GE . 34.55 61.92 43.85
C11 BCR GE . 33.55 61.31 43.97
C33 BCR GE . 39.81 62.92 43.41
C31 BCR GE . 40.24 62.73 47.39
C32 BCR GE . 38.16 61.44 47.82
C34 BCR GE . 35.06 63.93 44.96
C12 BCR GE . 32.51 60.62 44.02
C13 BCR GE . 31.05 60.46 44.05
C14 BCR GE . 30.55 59.24 43.83
C15 BCR GE . 29.10 59.02 43.80
C16 BCR GE . 28.06 58.25 43.55
C17 BCR GE . 26.95 57.84 43.40
C18 BCR GE . 25.95 56.97 43.33
C19 BCR GE . 24.62 57.40 42.89
C20 BCR GE . 23.41 57.01 42.54
C21 BCR GE . 22.29 57.00 42.15
C22 BCR GE . 21.18 56.46 41.65
C23 BCR GE . 20.03 57.29 41.33
C24 BCR GE . 19.03 56.74 40.65
C25 BCR GE . 17.82 57.51 40.28
C26 BCR GE . 16.89 57.74 41.19
C27 BCR GE . 16.11 59.02 41.17
C28 BCR GE . 15.80 59.48 39.75
C29 BCR GE . 16.24 58.52 38.66
C30 BCR GE . 17.67 58.00 38.86
C35 BCR GE . 30.15 61.63 44.30
C36 BCR GE . 26.17 55.54 43.70
C37 BCR GE . 21.15 54.99 41.41
C38 BCR GE . 16.60 56.71 42.24
C39 BCR GE . 18.68 59.09 38.53
C40 BCR GE . 17.89 56.83 37.92
C1 BCR HE . 36.83 62.72 33.57
C2 BCR HE . 37.74 62.08 32.54
C3 BCR HE . 37.72 62.86 31.23
C4 BCR HE . 36.33 62.88 30.64
C5 BCR HE . 35.36 63.35 31.68
C6 BCR HE . 35.47 62.97 32.96
C7 BCR HE . 34.25 62.83 33.79
C8 BCR HE . 33.37 61.84 33.63
C9 BCR HE . 32.33 61.75 34.36
C10 BCR HE . 31.74 60.66 34.45
C11 BCR HE . 30.67 60.18 34.53
C33 BCR HE . 34.28 64.29 31.24
C31 BCR HE . 37.39 64.05 34.02
C32 BCR HE . 36.74 61.79 34.78
C34 BCR HE . 31.79 62.93 35.12
C12 BCR HE . 29.57 59.60 34.62
C13 BCR HE . 28.15 59.48 34.96
C14 BCR HE . 27.57 58.29 34.78
C15 BCR HE . 26.17 58.06 35.09
C16 BCR HE . 25.08 57.33 35.02
C17 BCR HE . 24.37 56.45 34.66
C18 BCR HE . 23.36 55.59 34.57
C19 BCR HE . 22.30 55.47 35.56
C20 BCR HE . 21.47 54.62 36.14
C21 BCR HE . 20.64 54.12 36.84
C22 BCR HE . 19.71 53.25 37.22
C23 BCR HE . 19.05 53.40 38.51
C24 BCR HE . 18.14 52.48 38.88
C25 BCR HE . 17.39 52.48 40.15
C26 BCR HE . 16.24 53.19 40.25
C27 BCR HE . 15.46 53.27 41.54
C28 BCR HE . 15.73 52.05 42.39
C29 BCR HE . 17.21 51.97 42.60
C30 BCR HE . 17.88 51.61 41.29
C35 BCR HE . 27.38 60.65 35.49
C36 BCR HE . 23.33 54.67 33.40
C37 BCR HE . 19.33 52.12 36.31
C38 BCR HE . 15.65 53.95 39.11
C39 BCR HE . 17.50 50.17 40.98
C40 BCR HE . 19.38 51.65 41.51
C1 BCR IE . 5.45 82.70 16.49
C2 BCR IE . 6.58 83.64 16.06
C3 BCR IE . 6.18 84.56 14.91
C4 BCR IE . 5.74 83.75 13.68
C5 BCR IE . 5.08 82.46 14.13
C6 BCR IE . 4.52 82.40 15.33
C7 BCR IE . 3.11 81.98 15.57
C8 BCR IE . 2.08 82.11 14.71
C9 BCR IE . 0.91 81.70 15.03
C10 BCR IE . 0.25 80.98 14.23
C11 BCR IE . -0.55 80.93 13.34
C33 BCR IE . 5.12 81.27 13.25
C31 BCR IE . 4.64 83.29 17.65
C32 BCR IE . 6.09 81.39 16.89
C34 BCR IE . 0.30 82.07 16.34
C12 BCR IE . -1.37 80.82 12.41
C13 BCR IE . -2.66 81.00 11.69
C14 BCR IE . -3.07 80.00 10.90
C15 BCR IE . -4.32 79.95 10.13
C16 BCR IE . -5.29 79.20 9.61
C17 BCR IE . -6.26 78.76 9.03
C18 BCR IE . -7.28 77.93 8.80
C19 BCR IE . -8.14 78.06 7.61
C20 BCR IE . -9.35 78.10 7.06
C21 BCR IE . -10.54 78.03 6.94
C22 BCR IE . -11.82 78.37 7.12
C23 BCR IE . -12.93 77.71 6.41
C24 BCR IE . -14.06 77.38 7.05
C25 BCR IE . -15.24 76.75 6.44
C26 BCR IE . -16.40 77.43 6.52
C27 BCR IE . -17.45 77.33 5.45
C28 BCR IE . -17.56 75.89 4.94
C29 BCR IE . -16.66 74.89 5.65
C30 BCR IE . -15.22 75.37 5.78
C35 BCR IE . -3.47 82.24 11.86
C36 BCR IE . -7.59 76.84 9.79
C37 BCR IE . -12.16 79.45 8.11
C38 BCR IE . -16.66 78.32 7.70
C39 BCR IE . -14.58 75.34 4.39
C40 BCR IE . -14.46 74.42 6.69
C1 BCR JE . -1.66 91.61 5.69
C2 BCR JE . -1.15 92.05 4.32
C3 BCR JE . -2.03 93.05 3.59
C4 BCR JE . -3.45 92.50 3.55
C5 BCR JE . -3.92 92.41 4.97
C6 BCR JE . -3.14 91.87 5.91
C7 BCR JE . -3.74 91.56 7.24
C8 BCR JE . -4.38 90.44 7.60
C9 BCR JE . -4.86 90.31 8.77
C10 BCR JE . -5.78 89.48 8.98
C11 BCR JE . -6.07 88.37 9.18
C33 BCR JE . -5.27 93.00 5.30
C31 BCR JE . -0.92 92.36 6.77
C32 BCR JE . -1.38 90.13 5.79
C34 BCR JE . -4.37 91.14 9.93
C12 BCR JE . -6.45 87.18 9.38
C13 BCR JE . -6.46 85.91 10.12
C14 BCR JE . -7.63 85.25 10.24
C15 BCR JE . -7.72 83.99 10.98
C16 BCR JE . -8.37 83.08 11.69
C17 BCR JE . -9.26 82.49 12.25
C18 BCR JE . -9.93 82.00 13.29
C19 BCR JE . -11.13 81.16 13.10
C20 BCR JE . -12.31 80.74 13.52
C21 BCR JE . -13.26 80.56 14.23
C22 BCR JE . -14.50 80.74 14.72
C23 BCR JE . -15.05 79.92 15.80
C24 BCR JE . -15.93 80.48 16.62
C25 BCR JE . -16.62 79.84 17.77
C26 BCR JE . -17.91 79.51 17.62
C27 BCR JE . -18.71 78.97 18.78
C28 BCR JE . -18.27 79.69 20.03
C29 BCR JE . -16.78 79.51 20.28
C30 BCR JE . -15.87 79.60 19.06
C35 BCR JE . -5.22 85.37 10.75
C36 BCR JE . -9.48 82.31 14.69
C37 BCR JE . -15.33 81.86 14.16
C38 BCR JE . -18.63 79.72 16.32
C39 BCR JE . -15.07 78.30 18.96
C40 BCR JE . -14.93 80.77 19.29
C1 BCR KE . 11.04 86.99 21.10
C2 BCR KE . 11.80 87.22 19.81
C3 BCR KE . 11.26 86.38 18.67
C4 BCR KE . 9.76 86.55 18.42
C5 BCR KE . 9.06 87.09 19.64
C6 BCR KE . 9.56 86.84 20.85
C7 BCR KE . 8.67 86.46 21.97
C8 BCR KE . 7.91 85.36 21.92
C9 BCR KE . 7.16 85.04 22.90
C10 BCR KE . 6.81 83.86 23.00
C11 BCR KE . 5.92 83.11 23.14
C33 BCR KE . 7.84 87.93 19.46
C31 BCR KE . 11.23 88.17 22.03
C32 BCR KE . 11.55 85.73 21.77
C34 BCR KE . 6.67 86.04 23.90
C12 BCR KE . 4.99 82.27 23.22
C13 BCR KE . 4.08 81.36 23.93
C14 BCR KE . 3.90 80.18 23.37
C15 BCR KE . 3.07 79.12 23.91
C16 BCR KE . 2.70 77.86 23.81
C17 BCR KE . 2.26 76.76 23.94
C18 BCR KE . 1.84 75.57 23.53
C19 BCR KE . 1.43 74.52 24.46
C20 BCR KE . 1.40 73.21 24.65
C21 BCR KE . 1.25 72.13 25.11
C22 BCR KE . 0.98 70.83 25.08
C23 BCR KE . 1.10 70.01 26.29
C24 BCR KE . 0.52 68.81 26.29
C25 BCR KE . 0.55 67.82 27.40
C26 BCR KE . -0.19 67.97 28.51
C27 BCR KE . 0.01 67.09 29.71
C28 BCR KE . 0.31 65.68 29.25
C29 BCR KE . 1.59 65.77 28.44
C30 BCR KE . 1.38 66.57 27.17
C35 BCR KE . 3.41 81.75 25.21
C36 BCR KE . 1.79 75.28 22.06
C37 BCR KE . 0.54 70.21 23.80
C38 BCR KE . -1.28 69.00 28.64
C39 BCR KE . 0.67 65.74 26.13
C40 BCR KE . 2.77 66.91 26.65
C1 BCR LE . 6.02 81.28 38.12
C2 BCR LE . 5.10 82.40 37.65
C3 BCR LE . 5.79 83.19 36.56
C4 BCR LE . 6.94 83.95 37.19
C5 BCR LE . 7.85 82.99 37.89
C6 BCR LE . 7.43 81.82 38.40
C7 BCR LE . 8.32 81.04 39.29
C8 BCR LE . 9.07 80.00 38.89
C9 BCR LE . 9.82 79.36 39.69
C10 BCR LE . 10.80 78.73 39.22
C11 BCR LE . 11.88 78.38 39.46
C33 BCR LE . 9.29 83.42 38.03
C31 BCR LE . 6.06 80.23 37.04
C32 BCR LE . 5.47 80.71 39.42
C34 BCR LE . 9.58 79.35 41.17
C12 BCR LE . 13.06 78.00 39.66
C13 BCR LE . 14.13 77.47 40.54
C14 BCR LE . 15.37 77.36 40.08
C15 BCR LE . 15.72 77.75 38.72
C16 BCR LE . 16.60 77.95 37.75
C17 BCR LE . 17.65 78.06 37.18
C18 BCR LE . 18.91 77.80 36.80
C19 BCR LE . 19.56 78.60 35.76
C20 BCR LE . 20.34 78.59 34.69
C21 BCR LE . 20.97 78.95 33.74
C22 BCR LE . 21.93 78.96 32.80
C23 BCR LE . 21.94 80.02 31.78
C24 BCR LE . 23.02 80.21 31.02
C25 BCR LE . 23.14 81.23 29.96
C26 BCR LE . 23.57 82.48 30.22
C27 BCR LE . 24.65 83.07 29.35
C28 BCR LE . 24.48 82.67 27.89
C29 BCR LE . 23.13 82.02 27.59
C30 BCR LE . 22.86 80.85 28.52
C35 BCR LE . 13.80 77.05 41.94
C36 BCR LE . 19.68 76.71 37.46
C37 BCR LE . 22.96 77.88 32.79
C38 BCR LE . 23.04 83.32 31.35
C39 BCR LE . 23.77 79.68 28.13
C40 BCR LE . 21.40 80.43 28.31
C1 BCR ME . 14.92 35.22 4.91
C2 BCR ME . 15.42 36.03 3.72
C3 BCR ME . 16.37 37.13 4.12
C4 BCR ME . 15.62 38.07 5.04
C5 BCR ME . 15.31 37.28 6.28
C6 BCR ME . 14.84 36.03 6.20
C7 BCR ME . 14.26 35.42 7.42
C8 BCR ME . 13.00 35.56 7.88
C9 BCR ME . 12.64 34.99 8.95
C10 BCR ME . 11.55 35.33 9.47
C11 BCR ME . 10.39 35.20 9.46
C33 BCR ME . 15.61 37.93 7.59
C31 BCR ME . 15.91 34.11 5.13
C32 BCR ME . 13.61 34.58 4.56
C34 BCR ME . 13.46 33.94 9.64
C12 BCR ME . 9.15 35.11 9.43
C13 BCR ME . 7.86 34.61 9.92
C14 BCR ME . 6.76 34.98 9.28
C15 BCR ME . 5.44 34.54 9.71
C16 BCR ME . 4.13 34.55 9.56
C17 BCR ME . 2.95 34.36 9.70
C18 BCR ME . 1.67 34.45 9.42
C19 BCR ME . 0.65 33.83 10.26
C20 BCR ME . -0.62 33.72 10.58
C21 BCR ME . -1.79 33.95 10.67
C22 BCR ME . -3.08 34.05 10.36
C23 BCR ME . -4.04 34.44 11.39
C24 BCR ME . -5.25 33.90 11.40
C25 BCR ME . -6.28 34.25 12.40
C26 BCR ME . -6.47 33.48 13.48
C27 BCR ME . -7.58 33.72 14.47
C28 BCR ME . -8.21 35.09 14.33
C29 BCR ME . -8.46 35.37 12.86
C30 BCR ME . -7.13 35.49 12.15
C35 BCR ME . 7.81 33.73 11.13
C36 BCR ME . 1.23 35.17 8.18
C37 BCR ME . -3.53 33.84 8.95
C38 BCR ME . -5.61 32.29 13.74
C39 BCR ME . -6.42 36.74 12.64
C40 BCR ME . -7.40 35.61 10.66
C1 LMG NE . 3.09 37.33 33.88
O1 LMG NE . 3.16 37.89 32.57
C2 LMG NE . 2.69 38.42 34.90
O2 LMG NE . 3.66 38.45 35.96
C3 LMG NE . 1.31 38.15 35.48
O3 LMG NE . 0.32 38.47 34.49
C4 LMG NE . 1.09 36.72 35.96
O4 LMG NE . -0.31 36.43 35.90
C5 LMG NE . 1.85 35.69 35.13
O5 LMG NE . 0.85 33.74 36.19
C6 LMG NE . 1.05 34.40 34.94
O6 LMG NE . 2.13 36.26 33.85
C7 LMG NE . 4.28 38.77 32.43
C8 LMG NE . 4.49 39.11 30.96
C9 LMG NE . 5.85 39.75 30.80
O7 LMG NE . 4.47 37.90 30.23
C10 LMG NE . 3.32 37.80 29.36
O9 LMG NE . 2.21 37.85 29.83
C11 LMG NE . 3.52 37.65 27.88
C12 LMG NE . 2.79 36.40 27.41
C13 LMG NE . 3.62 35.64 26.39
C14 LMG NE . 4.08 36.53 25.25
C15 LMG NE . 5.43 36.08 24.73
C16 LMG NE . 5.36 34.71 24.08
C17 LMG NE . 6.73 34.37 23.50
C18 LMG NE . 6.62 33.17 22.60
C19 LMG NE . 7.61 32.82 21.79
C20 LMG NE . 8.91 33.60 21.74
C21 LMG NE . 9.68 33.20 20.51
C22 LMG NE . 10.50 32.16 20.52
C23 LMG NE . 11.26 31.80 19.26
C24 LMG NE . 12.26 30.71 19.56
O8 LMG NE . 6.43 39.28 29.59
C28 LMG NE . 7.86 39.32 29.36
O10 LMG NE . 8.49 38.28 29.37
C29 LMG NE . 8.58 40.62 29.09
C30 LMG NE . 9.63 40.34 28.03
C31 LMG NE . 10.43 41.57 27.65
C32 LMG NE . 9.59 42.78 27.25
C33 LMG NE . 10.39 43.69 26.32
C34 LMG NE . 10.76 42.98 25.03
C35 LMG NE . 11.22 43.98 23.96
C36 LMG NE . 11.28 43.28 22.63
C37 LMG NE . 12.45 42.96 22.09
C38 LMG NE . 12.50 42.26 20.76
C39 LMG NE . 13.92 42.21 20.24
O1 LHG OE . 23.25 71.78 55.02
C1 LHG OE . 21.95 71.27 55.31
C2 LHG OE . 22.08 69.85 55.84
O2 LHG OE . 23.37 69.36 55.52
C3 LHG OE . 21.03 68.96 55.19
O3 LHG OE . 21.05 67.65 55.72
P LHG OE . 21.90 66.52 54.96
O4 LHG OE . 23.35 66.71 55.34
O5 LHG OE . 21.23 65.18 55.17
O6 LHG OE . 21.77 66.91 53.41
C4 LHG OE . 21.87 65.85 52.46
C5 LHG OE . 21.88 66.35 51.02
C6 LHG OE . 20.49 66.75 50.54
O7 LHG OE . 22.78 67.43 50.87
C7 LHG OE . 23.93 66.98 50.11
O9 LHG OE . 24.45 65.92 50.37
C8 LHG OE . 24.48 67.82 49.00
C9 LHG OE . 24.16 67.10 47.70
C10 LHG OE . 25.15 67.47 46.61
O8 LHG OE . 20.61 67.53 49.35
C23 LHG OE . 20.51 66.89 48.06
O10 LHG OE . 20.45 65.68 47.99
C24 LHG OE . 20.46 67.71 46.80
C11 LHG OE . 25.36 66.29 45.68
C12 LHG OE . 26.21 66.71 44.49
C13 LHG OE . 27.67 66.79 44.87
C14 LHG OE . 28.45 65.71 44.13
C15 LHG OE . 29.94 65.86 44.36
C16 LHG OE . 30.69 65.72 43.04
C17 LHG OE . 32.20 65.80 43.25
C25 LHG OE . 21.09 66.92 45.65
C26 LHG OE . 20.01 66.35 44.74
C27 LHG OE . 19.30 67.44 43.97
C28 LHG OE . 19.57 67.29 42.48
C29 LHG OE . 19.03 68.47 41.68
C30 LHG OE . 19.31 68.35 40.18
C31 LHG OE . 19.34 66.92 39.66
C32 LHG OE . 19.48 66.87 38.15
C33 LHG OE . 20.76 67.55 37.73
C34 LHG OE . 20.84 67.66 36.21
C35 LHG OE . 21.82 66.66 35.64
C36 LHG OE . 22.85 67.41 34.82
C37 LHG OE . 23.62 66.45 33.93
C38 LHG OE . 24.91 67.09 33.48
FE1 SF4 PE . -17.40 40.96 37.93
FE2 SF4 PE . -19.00 40.79 40.12
FE3 SF4 PE . -16.62 42.09 40.29
FE4 SF4 PE . -16.68 39.39 40.02
S1 SF4 PE . -17.46 40.59 41.78
S2 SF4 PE . -15.34 40.84 38.89
S3 SF4 PE . -18.49 39.12 38.67
S4 SF4 PE . -18.42 42.69 39.02
FE1 SF4 QE . -19.55 49.08 47.60
FE2 SF4 QE . -20.43 46.81 48.81
FE3 SF4 QE . -21.46 49.23 49.53
FE4 SF4 QE . -18.90 48.58 50.20
S1 SF4 QE . -20.79 47.55 50.93
S2 SF4 QE . -19.62 50.56 49.34
S3 SF4 QE . -18.26 47.36 48.38
S4 SF4 QE . -21.65 48.23 47.51
MG CL0 RE . 49.95 -29.61 6.42
CHA CL0 RE . 50.81 -27.36 8.96
CHB CL0 RE . 47.97 -31.21 8.70
CHC CL0 RE . 49.11 -31.74 3.96
CHD CL0 RE . 52.11 -27.95 4.22
NA CL0 RE . 49.42 -29.34 8.57
C1A CL0 RE . 49.87 -28.45 9.37
C2A CL0 RE . 49.38 -28.61 10.77
C3A CL0 RE . 48.62 -29.86 10.63
C4A CL0 RE . 48.64 -30.16 9.21
CMA CL0 RE . 49.49 -30.85 11.33
CAA CL0 RE . 48.24 -27.64 11.01
CBA CL0 RE . 47.79 -27.59 12.46
CGA CL0 RE . 46.40 -27.03 12.38
O1A CL0 RE . 45.57 -27.50 11.66
O2A CL0 RE . 45.96 -25.97 13.03
NB CL0 RE . 48.72 -31.25 6.36
C1B CL0 RE . 47.94 -31.73 7.32
C2B CL0 RE . 47.10 -32.87 6.86
C3B CL0 RE . 47.49 -32.99 5.46
C4B CL0 RE . 48.49 -31.95 5.25
CMB CL0 RE . 46.11 -33.66 7.67
CAB CL0 RE . 47.10 -33.87 4.33
CBB CL0 RE . 46.42 -34.98 4.42
NC CL0 RE . 50.44 -29.74 4.38
C1C CL0 RE . 50.05 -30.70 3.56
C2C CL0 RE . 50.61 -30.68 2.21
C3C CL0 RE . 51.44 -29.50 2.28
C4C CL0 RE . 51.29 -29.01 3.65
CMC CL0 RE . 50.35 -31.63 1.07
CAC CL0 RE . 52.32 -28.90 1.23
CBC CL0 RE . 53.58 -29.69 1.38
ND CL0 RE . 51.20 -28.06 6.44
C1D CL0 RE . 51.99 -27.46 5.59
C2D CL0 RE . 52.75 -26.31 6.14
C3D CL0 RE . 52.23 -26.33 7.50
C4D CL0 RE . 51.36 -27.32 7.60
CMD CL0 RE . 53.75 -25.34 5.63
CAD CL0 RE . 52.35 -25.61 8.78
OBD CL0 RE . 52.82 -24.43 8.90
CBD CL0 RE . 51.41 -26.22 9.75
CGD CL0 RE . 50.40 -25.17 10.08
O1D CL0 RE . 49.65 -24.75 9.23
O2D CL0 RE . 50.25 -24.66 11.42
CED CL0 RE . 49.05 -23.99 11.76
C1 CL0 RE . 45.19 -24.74 12.34
C2 CL0 RE . 45.09 -24.53 10.85
C3 CL0 RE . 45.08 -23.32 10.28
C4 CL0 RE . 45.20 -22.09 11.13
C5 CL0 RE . 44.96 -23.23 8.79
C6 CL0 RE . 45.72 -22.06 8.21
C7 CL0 RE . 45.74 -22.17 6.71
C8 CL0 RE . 44.52 -21.46 6.13
C9 CL0 RE . 44.25 -21.88 4.70
C10 CL0 RE . 44.77 -19.96 6.21
C11 CL0 RE . 43.46 -19.22 6.04
C12 CL0 RE . 43.72 -17.73 6.03
C13 CL0 RE . 42.60 -16.93 6.67
C14 CL0 RE . 43.01 -15.48 6.81
C15 CL0 RE . 42.32 -17.49 8.04
C16 CL0 RE . 40.88 -17.23 8.45
C17 CL0 RE . 40.50 -18.20 9.55
C18 CL0 RE . 41.15 -17.81 10.85
C19 CL0 RE . 40.06 -17.45 11.84
C20 CL0 RE . 42.00 -18.93 11.39
MG CLA SE . 40.19 -23.78 11.36
CHA CLA SE . 41.13 -25.34 8.44
CHB CLA SE . 38.74 -21.38 9.37
CHC CLA SE . 39.10 -22.29 14.19
CHD CLA SE . 41.84 -26.22 13.28
NA CLA SE . 39.95 -23.37 9.17
C1A CLA SE . 40.40 -24.05 8.20
C2A CLA SE . 40.22 -23.43 6.85
C3A CLA SE . 39.51 -22.16 7.23
C4A CLA SE . 39.38 -22.30 8.69
CMA CLA SE . 40.18 -20.90 6.76
CAA CLA SE . 39.21 -24.13 5.95
CBA CLA SE . 39.42 -23.82 4.47
CGA CLA SE . 38.32 -22.89 4.04
O1A CLA SE . 37.36 -22.65 4.73
O2A CLA SE . 38.27 -22.25 2.90
NB CLA SE . 39.09 -22.08 11.70
C1B CLA SE . 38.53 -21.27 10.81
C2B CLA SE . 37.71 -20.20 11.39
C3B CLA SE . 37.85 -20.49 12.80
C4B CLA SE . 38.71 -21.67 12.91
CMB CLA SE . 36.94 -19.10 10.76
CAB CLA SE . 37.22 -19.75 13.87
CBB CLA SE . 35.96 -19.96 14.14
NC CLA SE . 40.37 -24.23 13.41
C1C CLA SE . 39.96 -23.46 14.41
C2C CLA SE . 40.42 -23.83 15.75
C3C CLA SE . 41.22 -25.01 15.47
C4C CLA SE . 41.13 -25.16 14.01
CMC CLA SE . 40.13 -23.17 17.06
CAC CLA SE . 41.98 -25.87 16.42
CBC CLA SE . 43.38 -25.32 16.53
ND CLA SE . 41.34 -25.36 11.09
C1D CLA SE . 41.79 -26.36 11.83
C2D CLA SE . 42.19 -27.57 11.07
C3D CLA SE . 41.91 -27.07 9.72
C4D CLA SE . 41.45 -25.83 9.80
CMD CLA SE . 42.70 -28.95 11.34
CAD CLA SE . 41.93 -27.49 8.32
OBD CLA SE . 41.66 -28.70 7.98
CBD CLA SE . 41.58 -26.36 7.46
CGD CLA SE . 42.79 -25.90 6.76
O1D CLA SE . 43.87 -25.95 7.28
O2D CLA SE . 42.70 -25.42 5.42
CED CLA SE . 43.80 -25.73 4.61
C1 CLA SE . 37.03 -21.36 2.43
C2 CLA SE . 35.63 -21.90 2.26
C3 CLA SE . 35.04 -21.99 1.06
C4 CLA SE . 35.74 -21.56 -0.19
C5 CLA SE . 33.66 -22.53 0.98
C6 CLA SE . 32.76 -21.56 1.70
C7 CLA SE . 31.32 -21.93 1.39
C8 CLA SE . 30.36 -21.39 2.43
C9 CLA SE . 30.79 -21.72 3.84
C10 CLA SE . 29.03 -22.04 2.17
C11 CLA SE . 28.14 -21.05 1.46
C12 CLA SE . 26.77 -21.67 1.28
C13 CLA SE . 26.67 -22.53 0.04
C14 CLA SE . 27.33 -21.87 -1.17
C15 CLA SE . 25.19 -22.70 -0.21
C16 CLA SE . 24.93 -23.68 -1.34
C17 CLA SE . 23.82 -24.62 -0.92
C18 CLA SE . 22.53 -24.25 -1.62
C19 CLA SE . 22.68 -24.48 -3.11
C20 CLA SE . 21.38 -25.07 -1.06
MG CLA TE . 44.30 -44.71 16.65
CHA CLA TE . 44.11 -47.94 18.04
CHB CLA TE . 47.63 -45.19 16.37
CHC CLA TE . 44.47 -41.65 15.26
CHD CLA TE . 40.92 -44.28 17.26
NA CLA TE . 45.73 -46.34 17.14
C1A CLA TE . 45.50 -47.47 17.69
C2A CLA TE . 46.75 -48.25 17.90
C3A CLA TE . 47.79 -47.28 17.47
C4A CLA TE . 47.00 -46.19 16.95
CMA CLA TE . 48.69 -46.88 18.61
CAA CLA TE . 46.78 -49.22 16.72
CBA CLA TE . 47.59 -50.49 16.95
CGA CLA TE . 49.06 -50.29 16.63
O1A CLA TE . 49.97 -50.83 17.21
O2A CLA TE . 49.50 -49.48 15.70
NB CLA TE . 45.85 -43.59 15.92
C1B CLA TE . 47.11 -43.96 15.84
C2B CLA TE . 48.01 -43.03 15.17
C3B CLA TE . 47.08 -41.96 14.84
C4B CLA TE . 45.75 -42.40 15.35
CMB CLA TE . 49.47 -43.28 14.96
CAB CLA TE . 47.34 -40.69 14.12
CBB CLA TE . 48.48 -40.28 13.61
NC CLA TE . 42.85 -43.27 16.13
C1C CLA TE . 43.11 -42.07 15.65
C2C CLA TE . 41.91 -41.21 15.52
C3C CLA TE . 40.84 -42.06 16.01
C4C CLA TE . 41.54 -43.30 16.37
CMC CLA TE . 41.80 -39.81 15.04
CAC CLA TE . 39.37 -41.75 16.13
CBC CLA TE . 38.91 -41.39 17.51
ND CLA TE . 42.80 -45.73 17.45
C1D CLA TE . 41.52 -45.53 17.63
C2D CLA TE . 40.76 -46.63 18.21
C3D CLA TE . 41.84 -47.61 18.37
C4D CLA TE . 42.98 -47.02 17.92
CMD CLA TE . 39.33 -46.79 18.56
CAD CLA TE . 42.13 -48.96 18.85
OBD CLA TE . 41.24 -49.85 19.08
CBD CLA TE . 43.54 -49.28 18.47
CGD CLA TE . 44.28 -49.95 19.57
O1D CLA TE . 44.58 -49.34 20.58
O2D CLA TE . 44.68 -51.32 19.46
CED CLA TE . 44.68 -52.11 20.65
C1 CLA TE . 50.92 -48.74 15.81
C2 CLA TE . 51.57 -48.16 17.05
C3 CLA TE . 51.96 -46.88 17.07
C4 CLA TE . 51.76 -46.01 15.88
C5 CLA TE . 52.58 -46.32 18.32
C6 CLA TE . 53.76 -45.45 17.93
C7 CLA TE . 55.01 -45.95 18.62
C8 CLA TE . 55.67 -44.81 19.38
C9 CLA TE . 56.01 -43.70 18.39
C10 CLA TE . 56.86 -45.35 20.16
C11 CLA TE . 57.86 -44.27 20.52
C12 CLA TE . 57.50 -43.53 21.80
C13 CLA TE . 58.49 -42.40 22.08
C14 CLA TE . 58.08 -41.58 23.30
C15 CLA TE . 58.59 -41.50 20.85
MG CLA UE . 58.61 -39.91 37.11
CHA CLA UE . 57.10 -42.89 36.13
CHB CLA UE . 58.83 -39.11 33.78
CHC CLA UE . 60.02 -37.00 38.06
CHD CLA UE . 58.25 -40.84 40.51
NA CLA UE . 58.03 -40.86 35.17
C1A CLA UE . 57.47 -41.98 35.00
C2A CLA UE . 57.21 -42.31 33.56
C3A CLA UE . 57.80 -41.11 32.85
C4A CLA UE . 58.26 -40.30 34.01
CMA CLA UE . 58.76 -41.34 31.70
CAA CLA UE . 55.71 -42.15 33.32
CBA CLA UE . 55.29 -42.70 31.97
CGA CLA UE . 55.48 -44.19 31.95
O1A CLA UE . 56.41 -44.76 31.40
O2A CLA UE . 54.68 -45.03 32.54
NB CLA UE . 59.31 -38.29 36.05
C1B CLA UE . 59.36 -38.13 34.73
C2B CLA UE . 59.96 -36.85 34.29
C3B CLA UE . 60.31 -36.25 35.57
C4B CLA UE . 59.87 -37.21 36.61
CMB CLA UE . 60.19 -36.33 32.90
CAB CLA UE . 60.95 -34.95 35.79
CBB CLA UE . 62.21 -34.90 36.17
NC CLA UE . 58.99 -39.02 39.00
C1C CLA UE . 59.63 -37.87 39.19
C2C CLA UE . 59.94 -37.52 40.58
C3C CLA UE . 59.37 -38.65 41.30
C4C CLA UE . 58.82 -39.51 40.24
CMC CLA UE . 60.64 -36.33 41.14
CAC CLA UE . 59.34 -38.90 42.78
CBC CLA UE . 60.57 -39.68 43.21
ND CLA UE . 57.87 -41.40 38.19
C1D CLA UE . 57.77 -41.74 39.48
C2D CLA UE . 57.17 -43.07 39.73
C3D CLA UE . 56.92 -43.47 38.35
C4D CLA UE . 57.33 -42.50 37.54
CMD CLA UE . 56.82 -43.93 40.90
CAD CLA UE . 56.37 -44.60 37.59
OBD CLA UE . 56.15 -45.77 38.06
CBD CLA UE . 56.46 -44.27 36.14
CGD CLA UE . 57.29 -45.31 35.46
O1D CLA UE . 56.86 -46.43 35.31
O2D CLA UE . 58.62 -45.04 34.95
CED CLA UE . 59.00 -45.67 33.73
MG CLA VE . 59.67 -31.12 40.88
CHA CLA VE . 59.16 -32.21 44.13
CHB CLA VE . 61.27 -28.40 42.19
CHC CLA VE . 60.22 -30.07 37.71
CHD CLA VE . 57.90 -33.92 39.63
NA CLA VE . 60.19 -30.38 42.91
C1A CLA VE . 59.93 -30.92 44.04
C2A CLA VE . 60.40 -30.10 45.22
C3A CLA VE . 61.04 -28.92 44.53
C4A CLA VE . 60.83 -29.25 43.11
CMA CLA VE . 60.67 -27.50 44.89
CAA CLA VE . 61.53 -30.67 46.10
CBA CLA VE . 62.22 -31.94 45.63
CGA CLA VE . 63.71 -31.82 45.61
O1A CLA VE . 64.34 -30.84 45.96
O2A CLA VE . 64.51 -32.78 45.20
NB CLA VE . 60.62 -29.47 40.08
C1B CLA VE . 61.19 -28.47 40.74
C2B CLA VE . 61.76 -27.41 39.89
C3B CLA VE . 61.43 -27.92 38.56
C4B CLA VE . 60.73 -29.21 38.78
CMB CLA VE . 62.47 -26.18 40.38
CAB CLA VE . 61.71 -27.38 37.20
CBB CLA VE . 61.94 -26.13 36.94
NC CLA VE . 59.22 -31.93 38.96
C1C CLA VE . 59.46 -31.32 37.80
C2C CLA VE . 58.92 -31.98 36.60
C3C CLA VE . 58.27 -33.15 37.18
C4C CLA VE . 58.51 -33.01 38.63
CMC CLA VE . 59.02 -31.54 35.17
CAC CLA VE . 57.51 -34.23 36.48
CBC CLA VE . 56.12 -33.75 36.16
ND CLA VE . 58.70 -32.72 41.56
C1D CLA VE . 58.09 -33.78 41.07
C2D CLA VE . 57.64 -34.77 42.10
C3D CLA VE . 58.10 -34.07 43.30
C4D CLA VE . 58.68 -32.94 42.93
CMD CLA VE . 56.93 -36.09 42.14
CAD CLA VE . 58.14 -34.22 44.76
OBD CLA VE . 57.64 -35.20 45.41
CBD CLA VE . 58.68 -32.96 45.34
CGD CLA VE . 57.55 -32.19 45.93
O1D CLA VE . 56.51 -32.07 45.32
O2D CLA VE . 57.63 -31.57 47.23
CED CLA VE . 56.53 -31.70 48.10
C1 CLA VE . 64.70 -33.13 43.64
C2 CLA VE . 63.57 -33.42 42.67
C3 CLA VE . 63.60 -32.94 41.42
C4 CLA VE . 62.49 -33.22 40.46
C5 CLA VE . 64.74 -32.08 40.93
C6 CLA VE . 64.35 -30.61 41.02
C7 CLA VE . 64.17 -30.03 39.63
C8 CLA VE . 65.50 -29.79 38.94
C9 CLA VE . 66.23 -28.62 39.58
C10 CLA VE . 65.26 -29.56 37.45
C11 CLA VE . 64.43 -30.66 36.82
C12 CLA VE . 64.97 -31.00 35.43
C13 CLA VE . 63.92 -30.76 34.37
C14 CLA VE . 62.73 -31.69 34.58
C15 CLA VE . 64.53 -31.02 32.99
MG CLA WE . 56.07 -19.83 40.54
CHA CLA WE . 56.77 -16.69 39.28
CHB CLA WE . 58.81 -20.96 38.83
CHC CLA WE . 55.49 -22.84 41.90
CHD CLA WE . 53.25 -18.52 42.25
NA CLA WE . 57.63 -18.96 39.22
C1A CLA WE . 57.73 -17.75 38.83
C2A CLA WE . 58.90 -17.49 37.94
C3A CLA WE . 59.43 -18.89 37.78
C4A CLA WE . 58.58 -19.66 38.68
CMA CLA WE . 59.29 -19.37 36.37
CAA CLA WE . 59.99 -16.86 38.79
CBA CLA WE . 60.61 -15.62 38.18
CGA CLA WE . 61.30 -15.97 36.89
O1A CLA WE . 62.11 -16.88 36.76
O2A CLA WE . 61.12 -15.32 35.75
NB CLA WE . 57.05 -21.63 40.38
C1B CLA WE . 58.09 -21.95 39.63
C2B CLA WE . 58.49 -23.39 39.72
C3B CLA WE . 57.47 -23.90 40.63
C4B CLA WE . 56.63 -22.75 40.98
CMB CLA WE . 59.62 -24.08 39.00
CAB CLA WE . 57.22 -25.25 41.17
CBB CLA WE . 58.16 -26.08 41.50
NC CLA WE . 54.63 -20.54 41.90
C1C CLA WE . 54.50 -21.82 42.22
C2C CLA WE . 53.26 -22.18 42.90
C3C CLA WE . 52.60 -20.91 43.02
C4C CLA WE . 53.53 -19.96 42.37
CMC CLA WE . 52.84 -23.52 43.38
CAC CLA WE . 51.27 -20.63 43.62
CBC CLA WE . 50.24 -20.71 42.52
ND CLA WE . 55.13 -18.09 40.80
C1D CLA WE . 54.07 -17.62 41.45
C2D CLA WE . 53.80 -16.18 41.26
C3D CLA WE . 54.92 -15.87 40.38
C4D CLA WE . 55.62 -16.98 40.16
CMD CLA WE . 52.81 -15.14 41.71
CAD CLA WE . 55.51 -14.75 39.67
OBD CLA WE . 54.97 -13.60 39.56
CBD CLA WE . 56.72 -15.21 38.94
CGD CLA WE . 56.50 -14.97 37.49
O1D CLA WE . 57.43 -14.76 36.73
O2D CLA WE . 55.18 -14.98 36.91
CED CLA WE . 55.08 -15.33 35.53
C1 CLA WE . 62.34 -15.21 34.73
C2 CLA WE . 63.66 -14.58 35.10
C3 CLA WE . 64.81 -14.97 34.54
C4 CLA WE . 64.80 -16.07 33.52
C5 CLA WE . 66.11 -14.31 34.94
C6 CLA WE . 67.28 -15.29 34.77
C7 CLA WE . 68.60 -14.73 35.32
C8 CLA WE . 69.24 -13.70 34.38
C9 CLA WE . 69.28 -14.23 32.96
C10 CLA WE . 70.64 -13.37 34.86
C11 CLA WE . 71.04 -11.93 34.56
C12 CLA WE . 72.43 -11.61 35.10
C13 CLA WE . 72.44 -11.42 36.61
C14 CLA WE . 72.77 -9.98 36.99
C15 CLA WE . 73.45 -12.37 37.25
MG CLA XE . 60.38 -22.40 32.68
CHA CLA XE . 59.18 -25.30 34.21
CHB CLA XE . 57.48 -20.87 33.61
CHC CLA XE . 61.66 -19.55 31.40
CHD CLA XE . 63.35 -24.11 31.83
NA CLA XE . 58.55 -22.97 33.79
C1A CLA XE . 58.25 -24.11 34.27
C2A CLA XE . 56.89 -24.16 34.88
C3A CLA XE . 56.38 -22.77 34.60
C4A CLA XE . 57.55 -22.15 33.98
CMA CLA XE . 55.16 -22.68 33.72
CAA CLA XE . 57.03 -24.19 36.38
CBA CLA XE . 55.69 -24.28 37.08
CGA CLA XE . 55.20 -25.69 37.11
O1A CLA XE . 55.92 -26.66 37.20
O2A CLA XE . 53.95 -26.04 37.05
NB CLA XE . 59.66 -20.49 32.55
C1B CLA XE . 58.47 -20.03 32.94
C2B CLA XE . 58.24 -18.60 32.63
C3B CLA XE . 59.50 -18.24 31.97
C4B CLA XE . 60.31 -19.48 31.97
CMB CLA XE . 57.02 -17.77 32.93
CAB CLA XE . 59.95 -16.97 31.40
CBB CLA XE . 59.95 -15.87 32.11
NC CLA XE . 62.23 -21.91 31.78
C1C CLA XE . 62.54 -20.72 31.26
C2C CLA XE . 63.80 -20.63 30.54
C3C CLA XE . 64.28 -22.00 30.69
C4C CLA XE . 63.25 -22.69 31.46
CMC CLA XE . 64.42 -19.45 29.86
CAC CLA XE . 65.53 -22.64 30.20
CBC CLA XE . 65.25 -23.22 28.84
ND CLA XE . 61.21 -24.19 32.92
C1D CLA XE . 62.32 -24.83 32.54
C2D CLA XE . 62.38 -26.28 32.88
C3D CLA XE . 61.09 -26.38 33.55
C4D CLA XE . 60.48 -25.20 33.54
CMD CLA XE . 63.30 -27.44 32.72
CAD CLA XE . 60.26 -27.39 34.22
OBD CLA XE . 60.64 -28.57 34.52
CBD CLA XE . 59.05 -26.70 34.76
CGD CLA XE . 57.87 -27.45 34.23
O1D CLA XE . 57.24 -28.18 34.97
O2D CLA XE . 57.49 -27.31 32.84
CED CLA XE . 56.12 -27.45 32.48
C1 CLA XE . 53.39 -26.75 35.72
C2 CLA XE . 53.18 -25.99 34.44
C3 CLA XE . 52.18 -26.29 33.63
C4 CLA XE . 51.20 -27.37 33.97
C5 CLA XE . 51.98 -25.52 32.36
C6 CLA XE . 52.92 -26.01 31.28
C7 CLA XE . 52.65 -25.16 30.04
C8 CLA XE . 53.64 -25.29 28.87
C9 CLA XE . 54.91 -26.06 29.20
C10 CLA XE . 53.97 -23.88 28.38
C11 CLA XE . 54.59 -23.05 29.49
C12 CLA XE . 55.08 -21.71 28.95
C13 CLA XE . 56.51 -21.44 29.39
C14 CLA XE . 56.94 -20.05 28.95
C15 CLA XE . 57.41 -22.48 28.76
C16 CLA XE . 58.53 -22.94 29.68
C17 CLA XE . 59.59 -23.66 28.85
C18 CLA XE . 59.90 -25.03 29.44
C19 CLA XE . 58.66 -25.88 29.60
C20 CLA XE . 60.94 -25.75 28.60
MG CLA YE . 75.95 -29.38 26.55
CHA CLA YE . 77.62 -31.51 24.34
CHB CLA YE . 73.07 -30.12 24.82
CHC CLA YE . 74.30 -27.43 28.74
CHD CLA YE . 78.98 -28.74 28.24
NA CLA YE . 75.38 -30.66 24.80
C1A CLA YE . 76.14 -31.38 24.09
C2A CLA YE . 75.42 -32.10 22.98
C3A CLA YE . 74.03 -31.58 23.12
C4A CLA YE . 74.15 -30.74 24.34
CMA CLA YE . 73.47 -30.93 21.88
CAA CLA YE . 75.28 -33.61 23.22
CBA CLA YE . 75.25 -34.01 24.69
CGA CLA YE . 74.62 -35.37 24.87
O1A CLA YE . 74.93 -36.38 24.28
O2A CLA YE . 73.64 -35.62 25.74
NB CLA YE . 73.97 -28.87 26.74
C1B CLA YE . 72.94 -29.22 25.96
C2B CLA YE . 71.64 -28.64 26.35
C3B CLA YE . 72.03 -27.85 27.51
C4B CLA YE . 73.49 -28.05 27.68
CMB CLA YE . 70.30 -28.85 25.69
CAB CLA YE . 71.20 -27.00 28.39
CBB CLA YE . 70.41 -26.10 27.89
NC CLA YE . 76.55 -28.28 28.26
C1C CLA YE . 75.75 -27.53 29.00
C2C CLA YE . 76.38 -26.82 30.12
C3C CLA YE . 77.77 -27.23 29.97
C4C CLA YE . 77.76 -28.12 28.80
CMC CLA YE . 75.76 -25.91 31.14
CAC CLA YE . 78.93 -26.81 30.83
CBC CLA YE . 79.26 -27.92 31.81
ND CLA YE . 77.87 -29.91 26.45
C1D CLA YE . 79.01 -29.65 27.10
C2D CLA YE . 80.21 -30.32 26.54
C3D CLA YE . 79.58 -31.05 25.44
C4D CLA YE . 78.27 -30.78 25.44
CMD CLA YE . 81.68 -30.41 26.82
CAD CLA YE . 79.93 -31.97 24.34
OBD CLA YE . 81.11 -32.24 23.95
CBD CLA YE . 78.68 -32.31 23.62
CGD CLA YE . 78.82 -31.87 22.18
O1D CLA YE . 78.39 -30.81 21.81
O2D CLA YE . 79.47 -32.75 21.23
CED CLA YE . 80.23 -32.19 20.17
MG CLA ZE . 69.13 -28.10 18.51
CHA CLA ZE . 69.78 -24.79 19.43
CHB CLA ZE . 70.15 -29.02 21.66
CHC CLA ZE . 68.31 -31.24 17.68
CHD CLA ZE . 68.05 -26.99 15.32
NA CLA ZE . 69.86 -27.07 20.34
C1A CLA ZE . 70.07 -25.81 20.51
C2A CLA ZE . 70.56 -25.47 21.88
C3A CLA ZE . 70.75 -26.83 22.49
C4A CLA ZE . 70.21 -27.71 21.43
CMA CLA ZE . 72.14 -27.11 23.00
CAA CLA ZE . 69.40 -24.77 22.62
CBA CLA ZE . 68.79 -25.38 23.89
CGA CLA ZE . 67.42 -25.92 23.64
O1A CLA ZE . 66.63 -25.50 22.80
O2A CLA ZE . 66.88 -26.92 24.31
NB CLA ZE . 69.22 -29.87 19.55
C1B CLA ZE . 69.69 -30.10 20.78
C2B CLA ZE . 69.68 -31.54 21.17
C3B CLA ZE . 69.13 -32.15 19.96
C4B CLA ZE . 68.88 -31.06 19.02
CMB CLA ZE . 70.11 -32.19 22.46
CAB CLA ZE . 68.86 -33.56 19.67
CBB CLA ZE . 68.06 -34.26 20.44
NC CLA ZE . 68.29 -28.98 16.77
C1C CLA ZE . 68.07 -30.27 16.60
C2C CLA ZE . 67.55 -30.68 15.29
C3C CLA ZE . 67.48 -29.41 14.60
C4C CLA ZE . 67.96 -28.43 15.59
CMC CLA ZE . 67.19 -32.05 14.82
CAC CLA ZE . 67.02 -29.13 13.19
CBC CLA ZE . 68.21 -29.01 12.26
ND CLA ZE . 68.91 -26.40 17.49
C1D CLA ZE . 68.51 -26.01 16.29
C2D CLA ZE . 68.59 -24.55 16.03
C3D CLA ZE . 69.11 -24.13 17.33
C4D CLA ZE . 69.27 -25.20 18.10
CMD CLA ZE . 68.29 -23.60 14.91
CAD CLA ZE . 69.51 -22.90 18.02
OBD CLA ZE . 69.23 -21.72 17.64
CBD CLA ZE . 69.89 -23.28 19.42
CGD CLA ZE . 71.24 -22.70 19.69
O1D CLA ZE . 71.38 -21.49 19.74
O2D CLA ZE . 72.42 -23.50 19.94
CED CLA ZE . 73.34 -23.05 20.91
MG CLA AF . 70.35 -37.88 16.75
CHA CLA AF . 72.41 -35.68 18.50
CHB CLA AF . 71.44 -40.34 18.86
CHC CLA AF . 68.29 -39.97 15.09
CHD CLA AF . 69.30 -35.24 14.63
NA CLA AF . 71.75 -38.02 18.48
C1A CLA AF . 72.45 -37.10 19.00
C2A CLA AF . 73.34 -37.56 20.13
C3A CLA AF . 73.02 -39.03 20.17
C4A CLA AF . 72.01 -39.16 19.11
CMA CLA AF . 74.22 -39.95 20.11
CAA CLA AF . 72.94 -37.03 21.50
CBA CLA AF . 71.44 -36.84 21.65
CGA CLA AF . 71.13 -36.09 22.91
O1A CLA AF . 71.81 -35.18 23.35
O2A CLA AF . 70.08 -36.30 23.67
NB CLA AF . 69.94 -39.87 16.96
C1B CLA AF . 70.44 -40.72 17.85
C2B CLA AF . 69.90 -42.10 17.74
C3B CLA AF . 68.98 -41.94 16.62
C4B CLA AF . 69.07 -40.54 16.19
CMB CLA AF . 70.18 -43.33 18.53
CAB CLA AF . 68.13 -42.95 16.00
CBB CLA AF . 68.62 -43.51 14.92
NC CLA AF . 68.96 -37.62 15.16
C1C CLA AF . 68.22 -38.57 14.63
C2C CLA AF . 67.31 -38.18 13.55
C3C CLA AF . 67.57 -36.75 13.46
C4C CLA AF . 68.60 -36.52 14.48
CMC CLA AF . 66.34 -39.01 12.77
CAC CLA AF . 66.95 -35.76 12.53
CBC CLA AF . 65.76 -35.15 13.21
ND CLA AF . 70.66 -35.93 16.52
C1D CLA AF . 70.27 -34.97 15.69
C2D CLA AF . 70.91 -33.66 15.93
C3D CLA AF . 71.75 -34.01 17.07
C4D CLA AF . 71.57 -35.30 17.35
CMD CLA AF . 70.90 -32.31 15.35
CAD CLA AF . 72.73 -33.41 17.98
OBD CLA AF . 73.34 -32.30 17.81
CBD CLA AF . 73.14 -34.44 18.97
CGD CLA AF . 74.60 -34.58 18.85
O1D CLA AF . 75.11 -35.02 17.84
O2D CLA AF . 75.46 -34.18 19.94
CED CLA AF . 76.62 -33.42 19.65
MG CLA BF . 69.05 -14.40 51.28
CHA CLA BF . 69.30 -14.01 54.72
CHB CLA BF . 66.07 -12.71 51.45
CHC CLA BF . 68.88 -14.67 47.92
CHD CLA BF . 72.07 -16.26 51.26
NA CLA BF . 67.82 -13.45 52.86
C1A CLA BF . 68.07 -13.38 54.12
C2A CLA BF . 67.02 -12.69 54.92
C3A CLA BF . 66.00 -12.36 53.86
C4A CLA BF . 66.66 -12.86 52.64
CMA CLA BF . 64.62 -12.83 54.21
CAA CLA BF . 67.44 -11.35 55.50
CBA CLA BF . 68.27 -10.48 54.56
CGA CLA BF . 68.38 -9.09 55.15
O1A CLA BF . 68.94 -8.15 54.60
O2A CLA BF . 67.88 -8.74 56.31
NB CLA BF . 67.67 -13.77 49.89
C1B CLA BF . 66.53 -13.12 50.12
C2B CLA BF . 65.73 -12.84 48.89
C3B CLA BF . 66.58 -13.43 47.87
C4B CLA BF . 67.75 -13.99 48.57
CMB CLA BF . 64.42 -12.14 48.75
CAB CLA BF . 66.30 -13.47 46.42
CBB CLA BF . 66.98 -12.75 45.57
NC CLA BF . 70.32 -15.27 49.81
C1C CLA BF . 70.09 -15.28 48.50
C2C CLA BF . 71.12 -15.91 47.66
C3C CLA BF . 72.09 -16.35 48.67
C4C CLA BF . 71.49 -15.91 49.95
CMC CLA BF . 71.17 -16.08 46.17
CAC CLA BF . 73.39 -17.07 48.47
CBC CLA BF . 73.24 -18.56 48.59
ND CLA BF . 70.44 -15.04 52.57
C1D CLA BF . 71.58 -15.74 52.53
C2D CLA BF . 72.22 -15.93 53.86
C3D CLA BF . 71.27 -15.21 54.69
C4D CLA BF . 70.29 -14.74 53.91
CMD CLA BF . 73.44 -16.59 54.43
CAD CLA BF . 71.03 -14.85 56.09
OBD CLA BF . 71.66 -15.33 57.10
CBD CLA BF . 69.79 -14.03 56.15
CGD CLA BF . 68.82 -14.73 57.04
O1D CLA BF . 68.77 -15.94 57.03
O2D CLA BF . 67.92 -13.99 57.89
CED CLA BF . 68.07 -14.05 59.31
MG CLA CF . 64.12 -30.31 49.50
CHA CLA CF . 60.79 -30.87 50.34
CHB CLA CF . 64.86 -33.33 50.99
CHC CLA CF . 67.34 -29.80 48.64
CHD CLA CF . 63.24 -27.21 48.06
NA CLA CF . 63.00 -31.93 50.54
C1A CLA CF . 61.74 -31.97 50.75
C2A CLA CF . 61.29 -33.24 51.42
C3A CLA CF . 62.60 -33.94 51.67
C4A CLA CF . 63.56 -33.02 51.03
CMA CLA CF . 62.84 -34.43 53.09
CAA CLA CF . 60.58 -34.15 50.40
CBA CLA CF . 60.97 -33.96 48.92
CGA CLA CF . 60.66 -35.12 48.02
O1A CLA CF . 60.84 -35.12 46.82
O2A CLA CF . 60.19 -36.28 48.43
NB CLA CF . 65.84 -31.41 49.78
C1B CLA CF . 65.98 -32.58 50.42
C2B CLA CF . 67.38 -33.09 50.44
C3B CLA CF . 68.07 -32.02 49.74
C4B CLA CF . 67.05 -31.03 49.37
CMB CLA CF . 67.91 -34.36 51.05
CAB CLA CF . 69.51 -31.88 49.43
CBB CLA CF . 70.11 -32.77 48.66
NC CLA CF . 65.12 -28.77 48.45
C1C CLA CF . 66.41 -28.77 48.15
C2C CLA CF . 66.87 -27.68 47.28
C3C CLA CF . 65.63 -26.96 47.06
C4C CLA CF . 64.62 -27.70 47.83
CMC CLA CF . 68.24 -27.43 46.75
CAC CLA CF . 65.42 -25.74 46.22
CBC CLA CF . 64.79 -26.19 44.92
ND CLA CF . 62.49 -29.20 49.20
C1D CLA CF . 62.18 -28.02 48.64
C2D CLA CF . 60.75 -27.66 48.71
C3D CLA CF . 60.24 -28.85 49.40
C4D CLA CF . 61.27 -29.67 49.65
CMD CLA CF . 59.83 -26.53 48.30
CAD CLA CF . 58.98 -29.41 49.91
OBD CLA CF . 57.81 -29.00 49.58
CBD CLA CF . 59.28 -30.76 50.47
CGD CLA CF . 58.80 -30.87 51.89
O1D CLA CF . 59.38 -30.33 52.81
O2D CLA CF . 57.63 -31.67 52.20
CED CLA CF . 56.63 -31.17 53.08
MG CLA DF . 66.90 -3.43 51.31
CHA CLA DF . 64.96 -5.55 53.29
CHB CLA DF . 65.41 -0.79 52.93
CHC CLA DF . 68.82 -1.39 49.43
CHD CLA DF . 68.31 -6.24 49.68
NA CLA DF . 65.38 -3.16 52.92
C1A CLA DF . 64.74 -4.07 53.56
C2A CLA DF . 63.74 -3.54 54.56
C3A CLA DF . 63.91 -2.04 54.39
C4A CLA DF . 64.97 -1.99 53.34
CMA CLA DF . 62.68 -1.18 54.20
CAA CLA DF . 64.09 -3.83 56.02
CBA CLA DF . 65.58 -3.77 56.29
CGA CLA DF . 65.97 -4.87 57.23
O1A CLA DF . 65.43 -5.10 58.30
O2A CLA DF . 66.96 -5.72 57.01
NB CLA DF . 67.09 -1.38 51.22
C1B CLA DF . 66.42 -0.47 51.91
C2B CLA DF . 66.79 0.93 51.59
C3B CLA DF . 67.79 0.72 50.56
C4B CLA DF . 67.92 -0.74 50.38
CMB CLA DF . 66.27 2.22 52.17
CAB CLA DF . 68.56 1.75 49.81
CBB CLA DF . 69.82 1.95 50.08
NC CLA DF . 68.42 -3.78 49.88
C1C CLA DF . 69.04 -2.83 49.17
C2C CLA DF . 69.96 -3.30 48.12
C3C CLA DF . 69.84 -4.74 48.25
C4C CLA DF . 68.88 -4.93 49.35
CMC CLA DF . 70.79 -2.49 47.16
CAC CLA DF . 70.53 -5.81 47.45
CBC CLA DF . 71.70 -6.37 48.23
ND CLA DF . 66.78 -5.41 51.35
C1D CLA DF . 67.33 -6.45 50.74
C2D CLA DF . 66.86 -7.78 51.17
C3D CLA DF . 65.91 -7.35 52.20
C4D CLA DF . 65.92 -6.00 52.26
CMD CLA DF . 67.08 -9.24 50.86
CAD CLA DF . 64.98 -7.91 53.17
OBD CLA DF . 64.67 -9.15 53.25
CBD CLA DF . 64.39 -6.79 53.95
CGD CLA DF . 62.90 -6.97 53.94
O1D CLA DF . 62.42 -7.93 54.52
O2D CLA DF . 61.98 -6.09 53.28
CED CLA DF . 60.60 -6.35 53.50
MG CLA EF . 63.43 -10.27 45.62
CHA CLA EF . 62.18 -12.94 43.80
CHB CLA EF . 65.74 -9.83 43.12
CHC CLA EF . 64.51 -7.59 47.31
CHD CLA EF . 60.95 -10.80 48.11
NA CLA EF . 63.92 -11.24 43.68
C1A CLA EF . 63.37 -12.26 43.14
C2A CLA EF . 64.04 -12.70 41.85
C3A CLA EF . 65.16 -11.71 41.73
C4A CLA EF . 64.92 -10.86 42.91
CMA CLA EF . 66.57 -12.24 41.59
CAA CLA EF . 63.17 -12.49 40.62
CBA CLA EF . 63.75 -13.22 39.42
CGA CLA EF . 63.96 -12.27 38.27
O1A CLA EF . 63.26 -12.24 37.27
O2A CLA EF . 64.88 -11.33 38.21
NB CLA EF . 64.91 -8.90 45.25
C1B CLA EF . 65.75 -8.86 44.21
C2B CLA EF . 66.73 -7.76 44.27
C3B CLA EF . 66.35 -7.12 45.52
C4B CLA EF . 65.22 -7.89 46.05
CMB CLA EF . 67.82 -7.43 43.28
CAB CLA EF . 66.93 -5.93 46.18
CBB CLA EF . 67.08 -4.80 45.53
NC CLA EF . 62.81 -9.33 47.43
C1C CLA EF . 63.39 -8.25 47.95
C2C CLA EF . 62.82 -7.77 49.21
C3C CLA EF . 61.75 -8.70 49.44
C4C CLA EF . 61.83 -9.64 48.30
CMC CLA EF . 63.22 -6.58 50.03
CAC CLA EF . 60.82 -8.72 50.63
CBC CLA EF . 59.43 -8.26 50.34
ND CLA EF . 61.88 -11.48 45.99
C1D CLA EF . 60.99 -11.69 46.96
C2D CLA EF . 60.12 -12.88 46.76
C3D CLA EF . 60.66 -13.32 45.48
C4D CLA EF . 61.64 -12.50 45.09
CMD CLA EF . 59.01 -13.59 47.47
CAD CLA EF . 60.45 -14.38 44.50
OBD CLA EF . 59.94 -15.51 44.79
CBD CLA EF . 61.36 -14.13 43.35
CGD CLA EF . 62.24 -15.31 43.18
O1D CLA EF . 62.54 -15.70 42.08
O2D CLA EF . 62.77 -16.00 44.31
CED CLA EF . 64.12 -16.41 44.14
C1 CLA EF . 66.37 -11.57 37.67
C2 CLA EF . 67.19 -12.77 38.04
C3 CLA EF . 68.41 -12.69 38.60
C4 CLA EF . 69.14 -13.96 38.93
C5 CLA EF . 69.04 -11.35 38.92
C6 CLA EF . 69.99 -11.48 40.10
C7 CLA EF . 69.86 -10.35 41.11
C8 CLA EF . 70.92 -10.48 42.20
C9 CLA EF . 70.54 -11.59 43.19
C10 CLA EF . 71.12 -9.14 42.90
C11 CLA EF . 72.51 -8.99 43.53
C12 CLA EF . 73.63 -9.45 42.59
C13 CLA EF . 74.91 -8.60 42.70
C14 CLA EF . 75.31 -8.35 44.16
C15 CLA EF . 74.72 -7.30 41.94
MG CLA FF . 79.95 -6.09 32.36
CHA CLA FF . 82.17 -8.18 30.70
CHB CLA FF . 77.49 -8.40 31.71
CHC CLA FF . 77.83 -4.14 34.12
CHD CLA FF . 82.52 -3.69 32.84
NA CLA FF . 79.81 -8.07 31.34
C1A CLA FF . 80.75 -8.72 30.77
C2A CLA FF . 80.28 -10.01 30.13
C3A CLA FF . 78.80 -9.99 30.46
C4A CLA FF . 78.69 -8.74 31.22
CMA CLA FF . 77.82 -10.20 29.32
CAA CLA FF . 80.90 -11.27 30.76
CBA CLA FF . 80.43 -11.63 32.16
CGA CLA FF . 81.42 -12.59 32.78
O1A CLA FF . 82.24 -13.24 32.14
O2A CLA FF . 81.52 -12.84 34.07
NB CLA FF . 77.94 -6.27 32.85
C1B CLA FF . 77.09 -7.23 32.49
C2B CLA FF . 75.70 -7.03 32.96
C3B CLA FF . 75.83 -5.76 33.66
C4B CLA FF . 77.25 -5.36 33.55
CMB CLA FF . 74.50 -7.90 32.75
CAB CLA FF . 74.79 -4.99 34.38
CBB CLA FF . 74.11 -5.52 35.36
NC CLA FF . 80.18 -4.25 33.40
C1C CLA FF . 79.19 -3.58 33.98
C2C CLA FF . 79.51 -2.25 34.48
C3C CLA FF . 80.91 -2.13 34.15
C4C CLA FF . 81.23 -3.42 33.48
CMC CLA FF . 78.60 -1.28 35.17
CAC CLA FF . 81.83 -0.97 34.39
CBC CLA FF . 82.68 -1.22 35.61
ND CLA FF . 81.88 -5.84 31.92
C1D CLA FF . 82.84 -4.94 32.14
C2D CLA FF . 84.17 -5.32 31.62
C3D CLA FF . 83.84 -6.63 31.05
C4D CLA FF . 82.53 -6.87 31.26
CMD CLA FF . 85.56 -4.75 31.55
CAD CLA FF . 84.47 -7.75 30.34
OBD CLA FF . 85.65 -7.74 29.83
CBD CLA FF . 83.43 -8.79 30.12
CGD CLA FF . 83.32 -8.99 28.64
O1D CLA FF . 83.88 -9.93 28.11
O2D CLA FF . 82.57 -8.08 27.83
CED CLA FF . 81.85 -8.61 26.71
MG CLA GF . 81.01 5.47 34.40
CHA CLA GF . 84.27 6.58 34.15
CHB CLA GF . 82.17 2.95 36.43
CHC CLA GF . 77.86 4.35 34.58
CHD CLA GF . 79.91 8.13 32.31
NA CLA GF . 82.98 4.81 35.22
C1A CLA GF . 84.11 5.37 35.03
C2A CLA GF . 85.24 4.67 35.73
C3A CLA GF . 84.53 3.51 36.41
C4A CLA GF . 83.13 3.76 35.99
CMA CLA GF . 85.10 2.11 36.27
CAA CLA GF . 85.82 5.49 36.88
CBA CLA GF . 84.81 6.41 37.56
CGA CLA GF . 85.00 6.37 39.06
O1A CLA GF . 86.04 6.08 39.62
O2A CLA GF . 84.05 6.66 39.93
NB CLA GF . 80.16 3.87 35.36
C1B CLA GF . 80.74 2.97 36.15
C2B CLA GF . 79.80 1.99 36.76
C3B CLA GF . 78.53 2.43 36.17
C4B CLA GF . 78.85 3.60 35.33
CMB CLA GF . 80.18 0.87 37.69
CAB CLA GF . 77.14 1.97 36.28
CBB CLA GF . 76.72 1.14 37.19
NC CLA GF . 79.17 6.21 33.67
C1C CLA GF . 78.00 5.61 33.86
C2C CLA GF . 76.83 6.30 33.30
C3C CLA GF . 77.44 7.47 32.71
C4C CLA GF . 78.88 7.33 32.98
CMC CLA GF . 75.40 5.88 33.37
CAC CLA GF . 76.77 8.60 31.98
CBC CLA GF . 76.55 8.09 30.60
ND CLA GF . 81.77 7.03 33.42
C1D CLA GF . 81.33 8.01 32.61
C2D CLA GF . 82.42 8.90 32.10
C3D CLA GF . 83.55 8.26 32.76
C4D CLA GF . 83.13 7.23 33.48
CMD CLA GF . 82.56 10.09 31.21
CAD CLA GF . 85.00 8.41 32.87
OBD CLA GF . 85.59 9.52 32.64
CBD CLA GF . 85.52 7.34 33.76
CGD CLA GF . 86.50 6.51 32.98
O1D CLA GF . 87.36 5.86 33.54
O2D CLA GF . 86.44 6.45 31.54
CED CLA GF . 86.87 5.26 30.88
MG CLA HF . 87.99 -7.69 34.09
CHA CLA HF . 90.22 -10.07 32.88
CHB CLA HF . 85.49 -9.94 33.40
CHC CLA HF . 85.80 -5.46 35.37
CHD CLA HF . 90.66 -5.47 34.82
NA CLA HF . 87.84 -9.76 33.25
C1A CLA HF . 88.78 -10.52 32.84
C2A CLA HF . 88.29 -11.83 32.24
C3A CLA HF . 86.79 -11.70 32.42
C4A CLA HF . 86.70 -10.38 33.09
CMA CLA HF . 85.89 -11.84 31.21
CAA CLA HF . 88.71 -13.09 32.99
CBA CLA HF . 88.69 -12.93 34.49
CGA CLA HF . 89.32 -14.16 35.08
O1A CLA HF . 88.91 -15.30 34.90
O2A CLA HF . 90.37 -14.15 35.87
NB CLA HF . 85.95 -7.72 34.35
C1B CLA HF . 85.10 -8.68 34.03
C2B CLA HF . 83.69 -8.38 34.33
C3B CLA HF . 83.79 -7.03 34.90
C4B CLA HF . 85.24 -6.71 34.88
CMB CLA HF . 82.54 -9.28 34.06
CAB CLA HF . 82.76 -6.12 35.42
CBB CLA HF . 81.78 -6.54 36.19
NC CLA HF . 88.21 -5.77 34.97
C1C CLA HF . 87.20 -5.00 35.37
C2C CLA HF . 87.53 -3.66 35.84
C3C CLA HF . 88.98 -3.67 35.68
C4C CLA HF . 89.29 -5.01 35.14
CMC CLA HF . 86.59 -2.61 36.35
CAC CLA HF . 89.95 -2.56 35.99
CBC CLA HF . 89.78 -1.47 34.95
ND CLA HF . 89.98 -7.65 33.96
C1D CLA HF . 90.96 -6.79 34.20
C2D CLA HF . 92.32 -7.26 33.79
C3D CLA HF . 91.94 -8.58 33.27
C4D CLA HF . 90.62 -8.74 33.39
CMD CLA HF . 93.74 -6.77 33.79
CAD CLA HF . 92.56 -9.77 32.65
OBD CLA HF . 93.70 -9.77 32.06
CBD CLA HF . 91.49 -10.79 32.43
CGD CLA HF . 91.45 -11.11 30.97
O1D CLA HF . 92.02 -12.09 30.54
O2D CLA HF . 90.73 -10.28 30.03
CED CLA HF . 89.97 -10.87 28.99
MG CLA IF . 68.60 13.03 28.75
CHA CLA IF . 69.14 14.86 25.85
CHB CLA IF . 71.99 13.17 29.29
CHC CLA IF . 68.07 11.25 31.58
CHD CLA IF . 65.13 12.94 28.07
NA CLA IF . 70.38 13.91 27.73
C1A CLA IF . 70.39 14.58 26.64
C2A CLA IF . 71.76 15.02 26.22
C3A CLA IF . 72.63 14.43 27.32
C4A CLA IF . 71.61 13.79 28.19
CMA CLA IF . 73.84 13.60 26.91
CAA CLA IF . 72.07 16.53 26.30
CBA CLA IF . 71.06 17.55 26.81
CGA CLA IF . 70.67 17.39 28.26
O1A CLA IF . 71.40 16.92 29.11
O2A CLA IF . 69.51 17.73 28.77
NB CLA IF . 69.86 12.32 30.21
C1B CLA IF . 71.18 12.45 30.29
C2B CLA IF . 71.79 11.83 31.49
C3B CLA IF . 70.61 11.26 32.13
C4B CLA IF . 69.46 11.62 31.28
CMB CLA IF . 73.25 11.79 31.87
CAB CLA IF . 70.44 10.50 33.39
CBB CLA IF . 71.07 10.83 34.49
NC CLA IF . 66.87 12.28 29.72
C1C CLA IF . 66.84 11.58 30.85
C2C CLA IF . 65.51 11.15 31.31
C3C CLA IF . 64.65 11.71 30.29
C4C CLA IF . 65.57 12.37 29.35
CMC CLA IF . 65.14 10.38 32.54
CAC CLA IF . 63.16 11.64 30.19
CBC CLA IF . 62.77 10.38 29.45
ND CLA IF . 67.32 13.67 27.36
C1D CLA IF . 66.01 13.65 27.13
C2D CLA IF . 65.57 14.35 25.90
C3D CLA IF . 66.88 14.82 25.44
C4D CLA IF . 67.81 14.40 26.30
CMD CLA IF . 64.30 14.65 25.16
CAD CLA IF . 67.50 15.58 24.34
OBD CLA IF . 66.88 16.01 23.30
CBD CLA IF . 68.97 15.59 24.53
CGD CLA IF . 69.62 14.83 23.43
O1D CLA IF . 69.64 13.62 23.43
O2D CLA IF . 70.23 15.53 22.32
CED CLA IF . 69.87 15.19 20.99
C1 CLA IF . 68.61 16.67 29.55
C2 CLA IF . 67.10 16.68 29.44
C3 CLA IF . 66.31 16.23 30.42
C4 CLA IF . 64.84 16.28 30.23
C5 CLA IF . 66.93 15.67 31.68
C6 CLA IF . 65.90 15.02 32.61
C7 CLA IF . 66.47 14.88 34.00
C8 CLA IF . 65.86 13.70 34.73
C9 CLA IF . 64.42 13.98 35.13
C10 CLA IF . 66.71 13.38 35.95
MG CLA JF . 63.03 4.20 24.63
CHA CLA JF . 62.67 1.65 22.29
CHB CLA JF . 65.73 5.27 22.81
CHC CLA JF . 63.31 6.76 26.85
CHD CLA JF . 60.22 2.99 26.40
NA CLA JF . 64.10 3.58 22.76
C1A CLA JF . 63.82 2.58 22.01
C2A CLA JF . 64.75 2.44 20.84
C3A CLA JF . 65.74 3.55 21.10
C4A CLA JF . 65.15 4.19 22.30
CMA CLA JF . 67.20 3.16 21.17
CAA CLA JF . 63.99 2.76 19.54
CBA CLA JF . 64.32 4.00 18.69
CGA CLA JF . 63.47 5.19 19.09
O1A CLA JF . 63.68 6.34 18.74
O2A CLA JF . 62.40 5.13 19.86
NB CLA JF . 64.33 5.78 24.79
C1B CLA JF . 65.37 6.06 24.00
C2B CLA JF . 66.13 7.26 24.42
C3B CLA JF . 65.40 7.66 25.60
C4B CLA JF . 64.30 6.70 25.77
CMB CLA JF . 67.35 7.86 23.79
CAB CLA JF . 65.66 8.80 26.49
CBB CLA JF . 65.58 10.01 26.02
NC CLA JF . 61.90 4.81 26.33
C1C CLA JF . 62.23 5.81 27.15
C2C CLA JF . 61.46 5.90 28.39
C3C CLA JF . 60.54 4.80 28.24
C4C CLA JF . 60.89 4.19 26.94
CMC CLA JF . 61.57 6.88 29.52
CAC CLA JF . 59.48 4.35 29.21
CBC CLA JF . 58.15 4.94 28.80
ND CLA JF . 61.70 2.73 24.52
C1D CLA JF . 60.64 2.31 25.18
C2D CLA JF . 59.96 1.12 24.59
C3D CLA JF . 60.83 0.91 23.44
C4D CLA JF . 61.79 1.85 23.45
CMD CLA JF . 58.80 0.23 24.86
CAD CLA JF . 60.98 0.02 22.30
OBD CLA JF . 60.34 -1.08 22.14
CBD CLA JF . 62.20 0.41 21.57
CGD CLA JF . 63.20 -0.69 21.69
O1D CLA JF . 63.59 -1.04 22.77
O2D CLA JF . 63.68 -1.40 20.53
CED CLA JF . 63.72 -2.82 20.54
C1 CLA JF . 61.58 6.43 20.31
C2 CLA JF . 61.94 7.30 21.50
C3 CLA JF . 61.21 7.29 22.62
C4 CLA JF . 60.03 6.37 22.76
C5 CLA JF . 61.59 8.17 23.79
C6 CLA JF . 60.42 8.39 24.73
C7 CLA JF . 60.50 9.76 25.40
C8 CLA JF . 59.88 9.75 26.80
C9 CLA JF . 58.50 9.09 26.83
C10 CLA JF . 59.80 11.19 27.31
MG CLA KF . 66.80 -3.72 28.18
CHA CLA KF . 69.06 -5.09 25.94
CHB CLA KF . 65.15 -2.40 25.50
CHC CLA KF . 64.57 -2.43 30.35
CHD CLA KF . 68.62 -5.10 30.91
NA CLA KF . 67.04 -3.73 25.97
C1A CLA KF . 67.97 -4.28 25.30
C2A CLA KF . 67.80 -4.07 23.82
C3A CLA KF . 66.65 -3.11 23.73
C4A CLA KF . 66.24 -3.07 25.15
CMA CLA KF . 66.81 -1.80 22.98
CAA CLA KF . 67.29 -5.43 23.31
CBA CLA KF . 65.86 -5.65 22.74
CGA CLA KF . 64.76 -5.91 23.74
O1A CLA KF . 64.93 -5.92 24.93
O2A CLA KF . 63.49 -6.06 23.41
NB CLA KF . 65.12 -2.59 27.95
C1B CLA KF . 64.57 -2.17 26.82
C2B CLA KF . 63.32 -1.43 26.98
C3B CLA KF . 63.17 -1.43 28.43
C4B CLA KF . 64.33 -2.17 28.94
CMB CLA KF . 62.51 -0.87 25.87
CAB CLA KF . 62.12 -0.88 29.33
CBB CLA KF . 61.14 -0.10 28.97
NC CLA KF . 66.61 -3.80 30.29
C1C CLA KF . 65.64 -3.21 30.96
C2C CLA KF . 65.65 -3.39 32.41
C3C CLA KF . 66.83 -4.22 32.58
C4C CLA KF . 67.36 -4.40 31.22
CMC CLA KF . 64.65 -2.86 33.38
CAC CLA KF . 67.38 -4.75 33.86
CBC CLA KF . 66.57 -5.92 34.34
ND CLA KF . 68.46 -4.80 28.51
C1D CLA KF . 69.08 -5.36 29.54
C2D CLA KF . 70.22 -6.23 29.16
C3D CLA KF . 70.16 -6.07 27.70
C4D CLA KF . 69.15 -5.26 27.40
CMD CLA KF . 71.25 -7.10 29.84
CAD CLA KF . 70.85 -6.52 26.47
OBD CLA KF . 71.81 -7.36 26.37
CBD CLA KF . 70.22 -5.83 25.31
CGD CLA KF . 71.15 -4.85 24.72
O1D CLA KF . 71.99 -4.28 25.39
O2D CLA KF . 71.07 -4.53 23.31
CED CLA KF . 72.18 -3.90 22.70
C1 CLA KF . 62.43 -4.93 23.81
C2 CLA KF . 61.91 -4.79 25.22
C3 CLA KF . 60.70 -4.27 25.49
C4 CLA KF . 59.82 -3.80 24.37
C5 CLA KF . 60.19 -4.14 26.90
C6 CLA KF . 61.07 -4.91 27.89
C7 CLA KF . 60.34 -5.19 29.19
C8 CLA KF . 60.44 -4.05 30.19
C9 CLA KF . 61.05 -4.55 31.48
C10 CLA KF . 59.06 -3.48 30.42
C11 CLA KF . 59.03 -2.41 31.50
C12 CLA KF . 57.62 -1.90 31.71
C13 CLA KF . 57.50 -0.45 31.26
C14 CLA KF . 57.67 0.50 32.43
C15 CLA KF . 56.14 -0.22 30.64
C16 CLA KF . 56.27 0.39 29.25
C17 CLA KF . 55.37 -0.35 28.27
C18 CLA KF . 56.22 -1.00 27.18
C19 CLA KF . 56.77 -2.33 27.65
C20 CLA KF . 55.44 -1.16 25.89
MG CLA LF . 66.27 5.45 48.49
CHA CLA LF . 63.63 4.77 50.65
CHB CLA LF . 66.26 8.64 49.71
CHC CLA LF . 68.81 6.11 46.36
CHD CLA LF . 66.18 2.11 47.30
NA CLA LF . 65.11 6.60 50.01
C1A CLA LF . 64.16 6.18 50.74
C2A CLA LF . 63.60 7.21 51.69
C3A CLA LF . 64.45 8.42 51.32
C4A CLA LF . 65.34 7.86 50.28
CMA CLA LF . 63.80 9.76 51.07
CAA CLA LF . 63.92 6.98 53.17
CBA CLA LF . 65.17 6.14 53.38
CGA CLA LF . 65.84 6.35 54.71
O1A CLA LF . 65.52 7.19 55.53
O2A CLA LF . 66.85 5.61 55.15
NB CLA LF . 67.38 7.14 48.11
C1B CLA LF . 67.25 8.34 48.67
C2B CLA LF . 68.23 9.36 48.17
C3B CLA LF . 68.95 8.57 47.17
C4B CLA LF . 68.37 7.22 47.21
CMB CLA LF . 68.39 10.79 48.56
CAB CLA LF . 70.07 9.01 46.31
CBB CLA LF . 69.88 9.22 45.04
NC CLA LF . 67.40 4.26 47.15
C1C CLA LF . 68.39 4.71 46.38
C2C CLA LF . 69.05 3.71 45.52
C3C CLA LF . 68.32 2.51 45.89
C4C CLA LF . 67.31 2.95 46.87
CMC CLA LF . 70.19 3.92 44.57
CAC CLA LF . 68.50 1.12 45.38
CBC CLA LF . 67.85 1.11 44.04
ND CLA LF . 65.24 3.77 48.79
C1D CLA LF . 65.24 2.51 48.35
C2D CLA LF . 64.23 1.64 48.98
C3D CLA LF . 63.62 2.60 49.88
C4D CLA LF . 64.23 3.78 49.74
CMD CLA LF . 63.78 0.21 48.90
CAD CLA LF . 62.57 2.69 50.92
OBD CLA LF . 62.17 1.68 51.59
CBD CLA LF . 62.51 4.09 51.41
CGD CLA LF . 61.16 4.64 51.10
O1D CLA LF . 60.31 4.72 51.97
O2D CLA LF . 60.80 5.07 49.77
CED CLA LF . 60.01 6.26 49.63
C1 CLA LF . 68.35 5.78 54.61
C2 CLA LF . 68.69 6.35 53.25
C3 CLA LF . 69.58 5.81 52.42
C4 CLA LF . 70.33 4.57 52.83
C5 CLA LF . 69.82 6.47 51.08
C6 CLA LF . 70.49 5.55 50.06
C7 CLA LF . 71.92 5.98 49.79
C8 CLA LF . 72.54 5.44 48.51
C9 CLA LF . 72.34 6.43 47.36
C10 CLA LF . 72.00 4.07 48.12
MG CLA MF . 53.68 1.47 38.49
CHA CLA MF . 50.65 1.88 40.14
CHB CLA MF . 53.21 -1.91 38.82
CHC CLA MF . 56.50 1.06 36.72
CHD CLA MF . 54.04 5.00 38.25
NA CLA MF . 52.14 0.12 39.35
C1A CLA MF . 51.05 0.44 39.95
C2A CLA MF . 50.26 -0.73 40.44
C3A CLA MF . 51.16 -1.87 40.06
C4A CLA MF . 52.26 -1.18 39.36
CMA CLA MF . 51.65 -2.75 41.19
CAA CLA MF . 48.94 -0.90 39.68
CBA CLA MF . 49.07 -1.06 38.17
CGA CLA MF . 48.00 -0.35 37.38
O1A CLA MF . 46.85 -0.19 37.76
O2A CLA MF . 48.20 0.17 36.20
NB CLA MF . 54.70 -0.19 37.85
C1B CLA MF . 54.40 -1.46 38.09
C2B CLA MF . 55.35 -2.42 37.53
C3B CLA MF . 56.33 -1.55 36.90
C4B CLA MF . 55.84 -0.17 37.17
CMB CLA MF . 55.24 -3.91 37.64
CAB CLA MF . 57.55 -1.89 36.17
CBB CLA MF . 57.56 -2.80 35.22
NC CLA MF . 55.03 2.83 37.58
C1C CLA MF . 56.16 2.47 36.98
C2C CLA MF . 57.05 3.55 36.59
C3C CLA MF . 56.32 4.73 37.02
C4C CLA MF . 55.09 4.17 37.63
CMC CLA MF . 58.37 3.43 35.92
CAC CLA MF . 56.74 6.17 36.92
CBC CLA MF . 56.08 6.84 35.74
ND CLA MF . 52.70 3.13 39.02
C1D CLA MF . 52.85 4.45 38.89
C2D CLA MF . 51.74 5.26 39.47
C3D CLA MF . 50.89 4.16 39.95
C4D CLA MF . 51.48 3.00 39.66
CMD CLA MF . 51.39 6.71 39.61
CAD CLA MF . 49.61 3.94 40.65
OBD CLA MF . 49.04 4.79 41.41
CBD CLA MF . 49.44 2.47 40.82
CGD CLA MF . 49.50 2.12 42.27
O1D CLA MF . 50.32 2.66 42.99
O2D CLA MF . 48.64 1.09 42.80
CED CLA MF . 47.43 1.46 43.45
C1 CLA MF . 47.29 -0.19 34.93
C2 CLA MF . 46.93 -1.60 34.54
C3 CLA MF . 47.15 -2.08 33.30
C4 CLA MF . 47.78 -1.21 32.25
C5 CLA MF . 46.78 -3.49 32.96
C6 CLA MF . 45.39 -3.83 33.45
C7 CLA MF . 44.84 -5.03 32.69
C8 CLA MF . 44.27 -6.09 33.63
C9 CLA MF . 45.35 -6.68 34.53
C10 CLA MF . 43.60 -7.20 32.83
C11 CLA MF . 42.28 -6.73 32.24
C12 CLA MF . 41.11 -7.28 33.03
C13 CLA MF . 40.27 -8.25 32.20
C14 CLA MF . 39.75 -7.57 30.94
C15 CLA MF . 39.09 -8.72 33.03
C16 CLA MF . 39.55 -9.48 34.26
C17 CLA MF . 38.56 -9.28 35.41
C18 CLA MF . 37.86 -10.57 35.77
C19 CLA MF . 37.42 -10.55 37.23
C20 CLA MF . 36.66 -10.80 34.86
CAA F6C NF . 50.65 14.39 47.97
CAB F6C NF . 51.20 10.49 39.39
CAC F6C NF . 57.98 8.21 43.10
CAD F6C NF . 54.28 11.37 49.72
NA F6C NF . 51.54 11.91 45.84
CBA F6C NF . 51.71 15.06 47.11
CBB F6C NF . 50.14 10.38 38.62
CBC F6C NF . 58.99 9.35 43.13
CBD F6C NF . 52.96 12.02 49.46
NB F6C NF . 51.88 11.02 43.00
OBD F6C NF . 54.58 10.89 50.86
CGA F6C NF . 52.03 16.43 47.65
CGD F6C NF . 51.90 11.34 50.27
ND F6C NF . 54.29 10.59 46.22
CED F6C NF . 50.62 9.25 50.47
CHA F6C NF . 52.73 11.81 47.98
CHB F6C NF . 50.02 12.23 44.07
CHC F6C NF . 53.42 9.86 41.44
CHD F6C NF . 56.20 9.38 45.41
CMA F6C NF . 48.05 12.66 46.36
CMB F6C NF . 48.74 12.19 41.22
CMC F6C NF . 56.03 8.34 40.37
CMD F6C NF . 57.12 9.63 48.67
OMB F6C NF . 47.94 11.59 40.52
C1A F6C NF . 51.58 12.21 47.10
C1B F6C NF . 50.70 11.61 42.92
C1C F6C NF . 54.59 9.55 42.28
C1D F6C NF . 55.46 10.03 46.49
O1A F6C NF . 52.90 17.16 47.21
O1D F6C NF . 51.01 11.99 50.77
C2A F6C NF . 50.36 12.94 47.57
C2B F6C NF . 50.08 11.59 41.58
C2C F6C NF . 55.77 8.85 41.75
C2D F6C NF . 55.92 10.09 47.89
O2A F6C NF . 51.40 16.99 48.66
O2D F6C NF . 51.89 9.90 50.47
C3A F6C NF . 49.52 13.03 46.31
C3B F6C NF . 51.12 10.88 40.82
C3C F6C NF . 56.62 8.79 42.94
C3D F6C NF . 54.77 10.83 48.45
C4A F6C NF . 50.42 12.34 45.33
C4B F6C NF . 52.19 10.57 41.79
C4C F6C NF . 55.83 9.45 43.99
C4D F6C NF . 53.91 11.07 47.46
NC F6C NF . 54.63 9.89 43.57
MG F6C NF . 53.08 10.83 44.66
CAA F6C OF . 41.84 10.84 44.75
CAB F6C OF . 40.46 6.93 36.36
CAC F6C OF . 48.38 6.24 37.37
CAD F6C OF . 46.50 8.97 45.05
NA F6C OF . 42.61 8.59 42.37
CBA F6C OF . 40.92 11.15 45.93
CBB F6C OF . 39.59 5.99 36.14
CBC F6C OF . 48.99 7.45 36.73
CBD F6C OF . 45.06 9.23 45.29
NB F6C OF . 42.18 7.73 39.55
OBD F6C OF . 47.42 9.15 45.91
CGA F6C OF . 39.81 12.10 45.51
CGD F6C OF . 44.62 8.27 46.35
ND F6C OF . 45.57 8.05 41.72
CED F6C OF . 45.80 7.78 48.49
CHA F6C OF . 44.43 8.91 43.96
CHB F6C OF . 40.54 8.43 41.25
CHC F6C OF . 43.34 6.95 37.49
CHD F6C OF . 47.36 7.35 40.23
CMA F6C OF . 39.60 8.21 44.09
CMB F6C OF . 38.45 7.96 38.90
CMC F6C OF . 45.63 6.01 35.54
CMD F6C OF . 49.17 8.00 43.10
OMB F6C OF . 37.86 8.43 37.94
C1A F6C OF . 42.98 8.94 43.54
C1B F6C OF . 40.92 7.98 39.91
C1C F6C OF . 44.75 6.91 37.89
C1D F6C OF . 46.87 7.83 41.53
O1A F6C OF . 39.39 12.21 44.36
O1D F6C OF . 44.04 7.25 46.05
C2A F6C OF . 41.86 9.33 44.46
C2B F6C OF . 39.93 7.77 38.83
C2C F6C OF . 45.78 6.45 36.96
C2D F6C OF . 47.71 8.08 42.73
O2A F6C OF . 39.16 12.89 46.33
O2D F6C OF . 44.87 8.55 47.75
C3A F6C OF . 40.66 9.12 43.56
C3B F6C OF . 40.80 7.32 37.74
C3C F6C OF . 46.98 6.56 37.78
C3D F6C OF . 46.68 8.52 43.67
C4A F6C OF . 41.31 8.70 42.31
C4B F6C OF . 42.16 7.33 38.28
C4C F6C OF . 46.49 7.07 39.08
C4D F6C OF . 45.50 8.48 43.04
NC F6C OF . 45.16 7.25 39.11
MG F6C OF . 43.88 7.85 40.69
MG CLA PF . 40.07 -1.46 38.68
CHA CLA PF . 43.05 -0.12 39.87
CHB CLA PF . 39.21 1.72 37.66
CHC CLA PF . 37.34 -2.81 37.26
CHD CLA PF . 41.06 -4.67 39.79
NA CLA PF . 41.00 0.57 38.72
C1A CLA PF . 42.13 0.89 39.22
C2A CLA PF . 42.40 2.37 39.15
C3A CLA PF . 41.16 2.89 38.48
C4A CLA PF . 40.39 1.64 38.27
CMA CLA PF . 40.47 4.07 39.13
CAA CLA PF . 43.54 2.72 38.23
CBA CLA PF . 43.64 1.82 37.01
CGA CLA PF . 44.78 2.33 36.19
O1A CLA PF . 45.94 2.35 36.56
O2A CLA PF . 44.64 2.89 35.02
NB CLA PF . 38.52 -0.64 37.60
C1B CLA PF . 38.28 0.63 37.33
C2B CLA PF . 37.01 0.89 36.62
C3B CLA PF . 36.48 -0.47 36.52
C4B CLA PF . 37.47 -1.35 37.15
CMB CLA PF . 36.42 2.19 36.15
CAB CLA PF . 35.22 -0.93 35.92
CBB CLA PF . 35.24 -1.36 34.68
NC CLA PF . 39.29 -3.43 38.60
C1C CLA PF . 38.20 -3.78 37.94
C2C CLA PF . 37.89 -5.20 37.94
C3C CLA PF . 38.96 -5.76 38.72
C4C CLA PF . 39.77 -4.58 39.08
CMC CLA PF . 36.75 -5.89 37.27
CAC CLA PF . 39.19 -7.21 39.05
CBC CLA PF . 38.79 -7.56 40.45
ND CLA PF . 41.61 -2.32 39.58
C1D CLA PF . 41.95 -3.53 40.02
C2D CLA PF . 43.24 -3.61 40.73
C3D CLA PF . 43.63 -2.21 40.63
C4D CLA PF . 42.68 -1.54 39.98
CMD CLA PF . 44.07 -4.64 41.41
CAD CLA PF . 44.73 -1.31 41.03
OBD CLA PF . 45.88 -1.69 41.44
CBD CLA PF . 44.42 0.04 40.50
CGD CLA PF . 44.39 1.03 41.62
O1D CLA PF . 43.92 0.76 42.70
O2D CLA PF . 44.93 2.36 41.36
CED CLA PF . 44.58 3.48 42.19
C1 CLA PF . 43.52 2.38 33.99
C2 CLA PF . 43.72 1.13 33.20
C3 CLA PF . 43.31 1.04 31.92
C4 CLA PF . 42.64 2.18 31.23
C5 CLA PF . 43.55 -0.26 31.19
C6 CLA PF . 42.30 -0.65 30.42
C7 CLA PF . 41.53 -1.70 31.20
C8 CLA PF . 41.26 -2.92 30.36
C9 CLA PF . 40.25 -3.82 31.05
C10 CLA PF . 42.56 -3.64 30.11
MG CLA QF . 51.73 -6.17 40.47
CHA CLA QF . 54.93 -7.46 40.07
CHB CLA QF . 51.47 -6.15 37.05
CHC CLA QF . 48.61 -4.93 40.87
CHD CLA QF . 52.09 -6.30 44.00
NA CLA QF . 53.02 -6.75 38.74
C1A CLA QF . 54.20 -7.23 38.78
C2A CLA QF . 54.78 -7.57 37.42
C3A CLA QF . 53.65 -7.13 36.51
C4A CLA QF . 52.64 -6.64 37.49
CMA CLA QF . 53.93 -6.36 35.23
CAA CLA QF . 54.85 -9.08 37.24
CBA CLA QF . 55.75 -9.53 36.11
CGA CLA QF . 56.79 -10.45 36.67
O1A CLA QF . 56.87 -11.64 36.44
O2A CLA QF . 57.74 -10.06 37.48
NB CLA QF . 50.26 -5.63 39.14
C1B CLA QF . 50.32 -5.65 37.81
C2B CLA QF . 49.08 -5.13 37.15
C3B CLA QF . 48.27 -4.78 38.32
C4B CLA QF . 49.08 -5.12 39.49
CMB CLA QF . 48.82 -5.01 35.68
CAB CLA QF . 46.92 -4.20 38.44
CBB CLA QF . 46.36 -3.39 37.57
NC CLA QF . 50.50 -5.80 42.18
C1C CLA QF . 49.32 -5.20 42.14
C2C CLA QF . 48.73 -4.81 43.43
C3C CLA QF . 49.76 -5.28 44.35
C4C CLA QF . 50.79 -5.86 43.48
CMC CLA QF . 47.43 -4.12 43.71
CAC CLA QF . 49.76 -5.19 45.85
CBC CLA QF . 49.21 -6.46 46.43
ND CLA QF . 53.06 -6.72 41.82
C1D CLA QF . 53.19 -6.74 43.14
C2D CLA QF . 54.50 -7.22 43.64
C3D CLA QF . 55.14 -7.49 42.36
C4D CLA QF . 54.29 -7.18 41.38
CMD CLA QF . 55.18 -7.46 44.94
CAD CLA QF . 56.41 -7.98 41.83
OBD CLA QF . 57.51 -7.84 42.45
CBD CLA QF . 56.32 -7.97 40.35
CGD CLA QF . 57.40 -7.06 39.84
O1D CLA QF . 58.21 -7.44 39.03
O2D CLA QF . 57.50 -5.69 40.31
CED CLA QF . 58.25 -4.77 39.53
C1 CLA QF . 58.68 -11.09 38.28
C2 CLA QF . 58.13 -11.93 39.41
C3 CLA QF . 58.65 -11.89 40.64
C4 CLA QF . 59.80 -10.99 40.94
C5 CLA QF . 58.08 -12.75 41.74
C6 CLA QF . 57.03 -11.95 42.48
C7 CLA QF . 56.23 -12.82 43.45
C8 CLA QF . 54.87 -12.27 43.88
C9 CLA QF . 54.56 -10.86 43.39
C10 CLA QF . 54.75 -12.33 45.41
C11 CLA QF . 53.47 -11.72 45.98
C12 CLA QF . 53.37 -12.09 47.46
C13 CLA QF . 51.96 -12.28 48.00
C14 CLA QF . 51.96 -13.18 49.23
C15 CLA QF . 51.01 -12.87 46.96
MG CLA RF . 46.01 -9.39 23.56
CHA CLA RF . 48.01 -7.59 21.35
CHB CLA RF . 45.21 -6.39 25.02
CHC CLA RF . 43.90 -11.09 25.54
CHD CLA RF . 46.97 -12.40 21.98
NA CLA RF . 46.52 -7.24 23.25
C1A CLA RF . 47.30 -6.74 22.39
C2A CLA RF . 47.42 -5.25 22.48
C3A CLA RF . 46.60 -4.94 23.70
C4A CLA RF . 46.07 -6.27 24.01
CMA CLA RF . 47.28 -4.18 24.81
CAA CLA RF . 46.57 -4.74 21.31
CBA CLA RF . 45.90 -3.38 21.47
CGA CLA RF . 44.98 -3.14 20.32
O1A CLA RF . 45.12 -3.65 19.23
O2A CLA RF . 43.91 -2.39 20.39
NB CLA RF . 44.74 -8.80 25.06
C1B CLA RF . 44.56 -7.58 25.53
C2B CLA RF . 43.57 -7.48 26.63
C3B CLA RF . 43.20 -8.88 26.78
C4B CLA RF . 43.97 -9.63 25.77
CMB CLA RF . 43.15 -6.24 27.37
CAB CLA RF . 42.24 -9.46 27.73
CBB CLA RF . 41.01 -9.01 27.77
NC CLA RF . 45.51 -11.43 23.73
C1C CLA RF . 44.61 -11.93 24.58
C2C CLA RF . 44.39 -13.38 24.49
C3C CLA RF . 45.30 -13.75 23.41
C4C CLA RF . 45.94 -12.48 23.03
CMC CLA RF . 43.44 -14.21 25.28
CAC CLA RF . 45.58 -15.08 22.79
CBC CLA RF . 46.68 -15.78 23.56
ND CLA RF . 47.17 -10.01 22.05
C1D CLA RF . 47.51 -11.14 21.48
C2D CLA RF . 48.48 -11.02 20.35
C3D CLA RF . 48.63 -9.57 20.36
C4D CLA RF . 47.87 -9.06 21.33
CMD CLA RF . 49.19 -11.88 19.37
CAD CLA RF . 49.35 -8.51 19.64
OBD CLA RF . 50.36 -8.68 18.89
CBD CLA RF . 48.97 -7.21 20.26
CGD CLA RF . 50.20 -6.65 20.88
O1D CLA RF . 50.63 -7.10 21.92
O2D CLA RF . 50.88 -5.55 20.24
CED CLA RF . 52.29 -5.58 20.22
C1 CLA RF . 43.79 -1.02 19.59
C2 CLA RF . 44.63 0.21 19.82
C3 CLA RF . 44.09 1.43 19.90
C4 CLA RF . 42.62 1.64 19.74
C5 CLA RF . 44.97 2.63 20.13
C6 CLA RF . 44.55 3.31 21.42
C7 CLA RF . 45.70 4.12 22.02
C8 CLA RF . 45.21 4.98 23.16
C9 CLA RF . 44.58 4.13 24.26
C10 CLA RF . 44.21 6.00 22.64
MG CLA SF . 54.22 -0.08 20.13
CHA CLA SF . 51.36 -1.35 21.60
CHB CLA SF . 54.83 1.61 23.04
CHC CLA SF . 57.00 1.08 18.68
CHD CLA SF . 53.53 -1.99 17.17
NA CLA SF . 53.24 0.11 22.11
C1A CLA SF . 52.15 -0.44 22.49
C2A CLA SF . 51.73 -0.04 23.88
C3A CLA SF . 52.83 0.93 24.26
C4A CLA SF . 53.70 0.88 23.06
CMA CLA SF . 52.39 2.30 24.71
CAA CLA SF . 51.86 -1.18 24.87
CBA CLA SF . 50.61 -1.32 25.72
CGA CLA SF . 50.96 -1.82 27.11
O1A CLA SF . 50.30 -1.60 28.10
O2A CLA SF . 52.03 -2.54 27.40
NB CLA SF . 55.70 1.16 20.79
C1B CLA SF . 55.82 1.76 21.98
C2B CLA SF . 57.04 2.60 22.12
C3B CLA SF . 57.65 2.42 20.80
C4B CLA SF . 56.76 1.52 20.06
CMB CLA SF . 57.44 3.37 23.34
CAB CLA SF . 58.89 2.95 20.19
CBB CLA SF . 59.95 3.28 20.88
NC CLA SF . 55.12 -0.44 18.25
C1C CLA SF . 56.22 0.16 17.85
C2C CLA SF . 56.64 -0.13 16.49
C3C CLA SF . 55.63 -1.06 16.02
C4C CLA SF . 54.74 -1.16 17.20
CMC CLA SF . 57.84 0.43 15.86
CAC CLA SF . 55.46 -1.76 14.72
CBC CLA SF . 54.90 -0.83 13.68
ND CLA SF . 52.90 -1.40 19.45
C1D CLA SF . 52.63 -2.03 18.31
C2D CLA SF . 51.34 -2.74 18.28
C3D CLA SF . 50.90 -2.43 19.63
C4D CLA SF . 51.81 -1.67 20.23
CMD CLA SF . 50.54 -3.56 17.30
CAD CLA SF . 49.76 -2.66 20.50
OBD CLA SF . 48.61 -2.60 19.97
CBD CLA SF . 50.07 -2.10 21.83
CGD CLA SF . 48.91 -1.23 22.24
O1D CLA SF . 48.33 -1.42 23.28
O2D CLA SF . 48.44 -0.13 21.43
CED CLA SF . 47.74 0.93 22.09
C1 CLA SF . 51.93 -3.76 28.43
C2 CLA SF . 52.03 -3.60 29.93
C3 CLA SF . 52.74 -4.45 30.68
C4 CLA SF . 53.45 -5.60 30.05
C5 CLA SF . 52.83 -4.29 32.18
C6 CLA SF . 53.73 -3.11 32.55
C7 CLA SF . 52.88 -1.91 32.94
C8 CLA SF . 52.68 -1.84 34.45
C9 CLA SF . 51.26 -2.21 34.83
C10 CLA SF . 53.03 -0.44 34.92
C11 CLA SF . 52.18 0.62 34.24
C12 CLA SF . 51.44 1.47 35.27
C13 CLA SF . 51.80 2.96 35.28
C14 CLA SF . 50.53 3.76 35.52
C15 CLA SF . 52.46 3.43 34.00
C16 CLA SF . 53.50 4.52 34.26
C17 CLA SF . 53.94 5.18 32.96
C18 CLA SF . 55.39 4.85 32.61
C19 CLA SF . 55.50 3.54 31.85
C20 CLA SF . 56.02 5.98 31.82
MG CLA TF . 61.23 -22.13 20.85
CHA CLA TF . 64.56 -22.05 21.84
CHB CLA TF . 62.27 -20.87 17.82
CHC CLA TF . 58.02 -22.24 19.84
CHD CLA TF . 60.28 -23.30 24.02
NA CLA TF . 63.16 -21.52 19.90
C1A CLA TF . 64.32 -21.54 20.44
C2A CLA TF . 65.40 -21.02 19.54
C3A CLA TF . 64.62 -20.60 18.33
C4A CLA TF . 63.25 -21.01 18.70
CMA CLA TF . 64.83 -19.18 17.92
CAA CLA TF . 66.31 -22.14 19.06
CBA CLA TF . 65.74 -23.27 18.19
CGA CLA TF . 65.27 -24.44 19.03
O1A CLA TF . 64.23 -24.51 19.63
O2A CLA TF . 65.94 -25.56 19.18
NB CLA TF . 60.30 -21.62 19.09
C1B CLA TF . 60.86 -21.17 17.96
C2B CLA TF . 59.91 -21.01 16.83
C3B CLA TF . 58.68 -21.42 17.47
C4B CLA TF . 59.01 -21.78 18.85
CMB CLA TF . 60.19 -20.54 15.44
CAB CLA TF . 57.33 -21.51 16.91
CBB CLA TF . 57.08 -22.18 15.81
NC CLA TF . 59.44 -22.79 21.76
C1C CLA TF . 58.23 -22.72 21.22
C2C CLA TF . 57.11 -23.16 22.07
C3C CLA TF . 57.80 -23.52 23.30
C4C CLA TF . 59.23 -23.25 23.00
CMC CLA TF . 55.65 -23.19 21.71
CAC CLA TF . 57.29 -24.09 24.61
CBC CLA TF . 56.31 -23.19 25.31
ND CLA TF . 62.07 -22.56 22.59
C1D CLA TF . 61.69 -23.07 23.76
C2D CLA TF . 62.81 -23.35 24.70
C3D CLA TF . 63.93 -22.92 23.86
C4D CLA TF . 63.45 -22.48 22.70
CMD CLA TF . 62.99 -23.89 26.07
CAD CLA TF . 65.39 -22.80 23.90
OBD CLA TF . 66.16 -23.21 24.83
CBD CLA TF . 65.85 -22.24 22.60
CGD CLA TF . 66.53 -20.96 22.89
O1D CLA TF . 66.14 -20.29 23.81
O2D CLA TF . 67.65 -20.51 22.10
CED CLA TF . 68.85 -20.14 22.76
C1 CLA TF . 65.15 -26.94 19.19
C2 CLA TF . 65.28 -27.90 20.35
C3 CLA TF . 65.20 -29.22 20.16
C4 CLA TF . 65.33 -30.13 21.34
C5 CLA TF . 64.96 -29.79 18.78
C6 CLA TF . 64.03 -30.98 18.85
C7 CLA TF . 64.43 -32.09 17.87
C8 CLA TF . 64.39 -33.51 18.42
C9 CLA TF . 64.47 -33.57 19.95
C10 CLA TF . 65.53 -34.30 17.80
C11 CLA TF . 65.09 -35.60 17.13
C12 CLA TF . 65.11 -36.76 18.11
C13 CLA TF . 66.27 -37.71 17.91
C14 CLA TF . 65.85 -39.16 18.15
C15 CLA TF . 67.40 -37.36 18.86
MG CLA UF . 63.22 -14.49 25.84
CHA CLA UF . 65.80 -12.86 24.14
CHB CLA UF . 64.71 -17.44 24.96
CHC CLA UF . 60.77 -16.05 27.55
CHD CLA UF . 61.80 -11.38 26.69
NA CLA UF . 65.03 -15.12 24.70
C1A CLA UF . 65.89 -14.37 24.11
C2A CLA UF . 66.94 -15.13 23.34
C3A CLA UF . 66.52 -16.56 23.60
C4A CLA UF . 65.34 -16.37 24.48
CMA CLA UF . 66.33 -17.38 22.35
CAA CLA UF . 68.35 -15.04 23.92
CBA CLA UF . 68.32 -14.89 25.43
CGA CLA UF . 69.72 -14.86 25.98
O1A CLA UF . 70.47 -15.81 25.98
O2A CLA UF . 70.28 -13.81 26.55
NB CLA UF . 62.82 -16.47 26.20
C1B CLA UF . 63.52 -17.53 25.82
C2B CLA UF . 62.96 -18.82 26.28
C3B CLA UF . 61.79 -18.37 27.04
C4B CLA UF . 61.79 -16.90 26.94
CMB CLA UF . 63.53 -20.17 26.00
CAB CLA UF . 60.76 -19.09 27.81
CBB CLA UF . 60.44 -20.35 27.65
NC CLA UF . 61.58 -13.81 27.01
C1C CLA UF . 60.67 -14.59 27.58
C2C CLA UF . 59.56 -13.91 28.24
C3C CLA UF . 59.88 -12.51 28.01
C4C CLA UF . 61.14 -12.57 27.23
CMC CLA UF . 58.39 -14.50 28.97
CAC CLA UF . 59.12 -11.30 28.45
CBC CLA UF . 59.76 -10.66 29.65
ND CLA UF . 63.60 -12.57 25.59
C1D CLA UF . 63.03 -11.42 25.90
C2D CLA UF . 63.71 -10.22 25.37
C3D CLA UF . 64.81 -10.87 24.67
C4D CLA UF . 64.70 -12.18 24.82
CMD CLA UF . 63.50 -8.76 25.41
CAD CLA UF . 65.99 -10.54 23.86
OBD CLA UF . 66.33 -9.38 23.45
CBD CLA UF . 66.72 -11.79 23.57
CGD CLA UF . 66.86 -11.89 22.09
O1D CLA UF . 66.02 -11.39 21.37
O2D CLA UF . 67.99 -12.56 21.50
CED CLA UF . 68.48 -12.10 20.26
C1 CLA UF . 69.50 -12.82 27.53
C2 CLA UF . 68.51 -11.75 27.11
C3 CLA UF . 68.84 -10.45 27.11
C4 CLA UF . 70.22 -10.01 27.51
C5 CLA UF . 67.83 -9.41 26.70
C6 CLA UF . 66.84 -9.29 27.85
C7 CLA UF . 66.52 -7.84 28.21
C8 CLA UF . 65.16 -7.76 28.87
C9 CLA UF . 64.36 -6.57 28.38
C10 CLA UF . 65.31 -7.66 30.39
C11 CLA UF . 63.96 -7.97 31.02
C12 CLA UF . 63.76 -7.25 32.34
C13 CLA UF . 63.26 -8.19 33.43
C14 CLA UF . 64.33 -9.20 33.83
C15 CLA UF . 62.00 -8.91 32.98
C16 CLA UF . 60.86 -8.71 33.97
C17 CLA UF . 59.82 -7.75 33.41
C18 CLA UF . 58.68 -7.52 34.39
C19 CLA UF . 59.20 -7.01 35.72
C20 CLA UF . 57.65 -6.57 33.82
MG CLA VF . 49.83 -23.73 35.61
CHA CLA VF . 47.98 -26.20 37.16
CHB CLA VF . 51.67 -23.52 38.50
CHC CLA VF . 51.75 -21.41 34.07
CHD CLA VF . 47.79 -23.90 32.77
NA CLA VF . 49.87 -24.74 37.60
C1A CLA VF . 49.09 -25.66 38.01
C2A CLA VF . 49.40 -26.12 39.40
C3A CLA VF . 50.51 -25.20 39.79
C4A CLA VF . 50.72 -24.43 38.55
CMA CLA VF . 50.23 -24.40 41.03
CAA CLA VF . 50.00 -27.53 39.43
CBA CLA VF . 51.05 -27.82 38.38
CGA CLA VF . 51.29 -29.30 38.33
O1A CLA VF . 50.40 -30.12 38.24
O2A CLA VF . 52.46 -29.89 38.39
NB CLA VF . 51.46 -22.64 36.19
C1B CLA VF . 52.03 -22.66 37.38
C2B CLA VF . 53.13 -21.72 37.51
C3B CLA VF . 53.17 -21.07 36.20
C4B CLA VF . 52.08 -21.72 35.45
CMB CLA VF . 53.90 -21.59 38.74
CAB CLA VF . 54.05 -20.01 35.66
CBB CLA VF . 54.63 -19.10 36.38
NC CLA VF . 49.81 -22.85 33.69
C1C CLA VF . 50.70 -21.99 33.23
C2C CLA VF . 50.60 -21.65 31.82
C3C CLA VF . 49.46 -22.43 31.41
C4C CLA VF . 49.03 -23.13 32.63
CMC CLA VF . 51.51 -20.72 31.07
CAC CLA VF . 48.83 -22.53 30.04
CBC CLA VF . 49.24 -23.83 29.38
ND CLA VF . 48.26 -24.75 34.97
C1D CLA VF . 47.51 -24.78 33.90
C2D CLA VF . 46.37 -25.73 33.96
C3D CLA VF . 46.62 -26.29 35.30
C4D CLA VF . 47.70 -25.69 35.81
CMD CLA VF . 45.25 -26.15 33.06
CAD CLA VF . 46.08 -27.26 36.25
OBD CLA VF . 45.23 -28.17 35.98
CBD CLA VF . 46.97 -27.29 37.45
CGD CLA VF . 46.09 -27.04 38.63
O1D CLA VF . 45.34 -27.89 39.02
O2D CLA VF . 46.12 -25.78 39.34
CED CLA VF . 45.91 -25.79 40.74
C1 CLA VF . 53.30 -30.19 37.06
C2 CLA VF . 52.73 -30.94 35.87
C3 CLA VF . 53.44 -31.13 34.76
C4 CLA VF . 54.83 -30.58 34.63
C5 CLA VF . 52.85 -31.87 33.59
C6 CLA VF . 52.80 -30.93 32.39
C7 CLA VF . 53.45 -31.54 31.16
C8 CLA VF . 53.92 -30.44 30.20
C9 CLA VF . 52.76 -29.53 29.82
C10 CLA VF . 54.55 -31.03 28.96
C11 CLA VF . 55.40 -29.99 28.25
C12 CLA VF . 55.82 -30.44 26.86
C13 CLA VF . 57.33 -30.28 26.64
C14 CLA VF . 57.66 -28.88 26.16
C15 CLA VF . 57.81 -31.31 25.63
MG CLA WF . 30.53 -4.30 32.86
CHA CLA WF . 28.96 -2.77 35.58
CHB CLA WF . 27.59 -3.92 31.16
CHC CLA WF . 32.10 -5.69 30.22
CHD CLA WF . 33.47 -4.68 34.77
NA CLA WF . 28.52 -3.44 33.28
C1A CLA WF . 28.10 -2.90 34.35
C2A CLA WF . 26.69 -2.46 34.32
C3A CLA WF . 26.28 -2.88 32.94
C4A CLA WF . 27.54 -3.46 32.41
CMA CLA WF . 25.04 -3.73 32.83
CAA CLA WF . 26.56 -0.94 34.33
CBA CLA WF . 27.62 -0.20 33.54
CGA CLA WF . 27.02 1.05 32.95
O1A CLA WF . 26.10 1.66 33.45
O2A CLA WF . 27.43 1.63 31.83
NB CLA WF . 29.92 -4.74 30.96
C1B CLA WF . 28.71 -4.53 30.43
C2B CLA WF . 28.61 -4.95 29.03
C3B CLA WF . 29.93 -5.48 28.78
C4B CLA WF . 30.69 -5.30 30.03
CMB CLA WF . 27.40 -4.85 28.16
CAB CLA WF . 30.50 -6.07 27.54
CBB CLA WF . 30.48 -5.39 26.43
NC CLA WF . 32.51 -5.00 32.52
C1C CLA WF . 32.94 -5.59 31.41
C2C CLA WF . 34.32 -6.11 31.45
C3C CLA WF . 34.72 -5.77 32.79
C4C CLA WF . 33.54 -5.10 33.37
CMC CLA WF . 35.12 -6.82 30.39
CAC CLA WF . 36.04 -6.05 33.48
CBC CLA WF . 36.93 -4.83 33.38
ND CLA WF . 31.21 -3.86 34.68
C1D CLA WF . 32.31 -4.06 35.39
C2D CLA WF . 32.21 -3.62 36.79
C3D CLA WF . 30.85 -3.11 36.80
C4D CLA WF . 30.34 -3.27 35.58
CMD CLA WF . 33.07 -3.61 38.00
CAD CLA WF . 29.89 -2.48 37.69
OBD CLA WF . 30.00 -2.48 38.96
CBD CLA WF . 28.60 -2.36 36.97
CGD CLA WF . 27.74 -3.42 37.56
O1D CLA WF . 28.21 -4.52 37.78
O2D CLA WF . 26.35 -3.25 37.90
CED CLA WF . 25.79 -4.20 38.78
MG CLA XF . 24.25 -3.92 24.67
CHA CLA XF . 22.86 -3.61 27.83
CHB CLA XF . 21.65 -6.05 23.94
CHC CLA XF . 25.51 -4.14 21.56
CHD CLA XF . 26.88 -1.74 25.59
NA CLA XF . 22.45 -4.74 25.72
C1A CLA XF . 22.08 -4.51 26.92
C2A CLA XF . 20.83 -5.24 27.31
C3A CLA XF . 20.53 -6.03 26.08
C4A CLA XF . 21.62 -5.58 25.18
CMA CLA XF . 20.37 -7.53 26.25
CAA CLA XF . 19.60 -4.32 27.47
CBA CLA XF . 19.69 -3.05 26.65
CGA CLA XF . 18.36 -2.36 26.49
O1A CLA XF . 17.44 -2.46 27.27
O2A CLA XF . 18.07 -1.58 25.46
NB CLA XF . 23.65 -4.94 23.00
C1B CLA XF . 22.62 -5.77 22.88
C2B CLA XF . 22.50 -6.39 21.55
C3B CLA XF . 23.64 -5.83 20.87
C4B CLA XF . 24.31 -4.94 21.85
CMB CLA XF . 21.44 -7.37 21.13
CAB CLA XF . 24.10 -6.04 19.50
CBB CLA XF . 23.29 -5.89 18.48
NC CLA XF . 25.92 -3.04 23.71
C1C CLA XF . 26.30 -3.29 22.47
C2C CLA XF . 27.55 -2.65 22.04
C3C CLA XF . 27.94 -1.93 23.25
C4C CLA XF . 26.88 -2.25 24.21
CMC CLA XF . 28.22 -2.73 20.70
CAC CLA XF . 29.15 -1.08 23.49
CBC CLA XF . 30.25 -1.93 24.05
ND CLA XF . 24.85 -2.86 26.24
C1D CLA XF . 25.85 -2.05 26.57
C2D CLA XF . 25.82 -1.57 27.97
C3D CLA XF . 24.61 -2.24 28.40
C4D CLA XF . 24.09 -2.94 27.39
CMD CLA XF . 26.63 -0.69 28.88
CAD CLA XF . 23.76 -2.37 29.58
OBD CLA XF . 23.73 -1.44 30.43
CBD CLA XF . 22.60 -3.26 29.28
CGD CLA XF . 22.68 -4.47 30.14
O1D CLA XF . 23.67 -5.16 30.16
O2D CLA XF . 21.56 -4.86 30.98
CED CLA XF . 21.81 -5.54 32.20
C1 CLA XF . 18.26 0.00 25.50
C2 CLA XF . 18.15 0.82 24.23
C3 CLA XF . 18.89 1.91 23.96
C4 CLA XF . 19.88 2.42 24.95
C5 CLA XF . 18.68 2.63 22.65
C6 CLA XF . 19.96 3.31 22.20
C7 CLA XF . 20.56 2.64 20.96
C8 CLA XF . 21.46 3.61 20.19
C9 CLA XF . 22.14 2.89 19.02
C10 CLA XF . 22.50 4.23 21.10
MG CLA YF . 26.73 -6.44 8.50
CHA CLA YF . 25.70 -8.32 11.21
CHB CLA YF . 26.08 -9.20 6.53
CHC CLA YF . 27.71 -4.63 5.82
CHD CLA YF . 27.50 -3.73 10.59
NA CLA YF . 25.98 -8.52 8.78
C1A CLA YF . 25.66 -9.07 9.89
C2A CLA YF . 25.31 -10.53 9.75
C3A CLA YF . 25.51 -10.74 8.28
C4A CLA YF . 25.87 -9.40 7.83
CMA CLA YF . 26.53 -11.76 7.87
CAA CLA YF . 23.84 -10.80 10.04
CBA CLA YF . 23.51 -12.26 9.78
CGA CLA YF . 22.83 -12.79 11.01
O1A CLA YF . 21.67 -12.63 11.25
O2A CLA YF . 23.45 -13.44 11.96
NB CLA YF . 26.87 -6.87 6.48
C1B CLA YF . 26.52 -7.99 5.85
C2B CLA YF . 26.65 -7.95 4.38
C3B CLA YF . 27.13 -6.59 4.20
C4B CLA YF . 27.25 -6.00 5.55
CMB CLA YF . 26.35 -9.02 3.39
CAB CLA YF . 27.47 -5.91 2.94
CBB CLA YF . 26.64 -5.02 2.44
NC CLA YF . 27.40 -4.45 8.23
C1C CLA YF . 27.80 -3.92 7.08
C2C CLA YF . 28.32 -2.55 7.16
C3C CLA YF . 28.21 -2.27 8.58
C4C CLA YF . 27.64 -3.51 9.14
CMC CLA YF . 28.84 -1.66 6.06
CAC CLA YF . 28.59 -1.04 9.34
CBC CLA YF . 30.05 -1.16 9.68
ND CLA YF . 26.69 -5.99 10.43
C1D CLA YF . 26.95 -4.94 11.20
C2D CLA YF . 26.68 -5.14 12.64
C3D CLA YF . 26.17 -6.51 12.58
C4D CLA YF . 26.20 -6.94 11.31
CMD CLA YF . 26.78 -4.37 13.91
CAD CLA YF . 25.66 -7.56 13.44
OBD CLA YF . 25.37 -7.41 14.68
CBD CLA YF . 25.30 -8.74 12.61
CGD CLA YF . 26.12 -9.89 13.10
O1D CLA YF . 27.30 -9.91 12.91
O2D CLA YF . 25.52 -11.01 13.79
CED CLA YF . 26.09 -11.46 15.01
C1 CLA YF . 24.08 -14.89 11.73
C2 CLA YF . 23.28 -16.13 11.43
C3 CLA YF . 23.03 -17.04 12.38
C4 CLA YF . 23.51 -16.86 13.79
C5 CLA YF . 22.24 -18.28 12.04
C6 CLA YF . 22.96 -19.04 10.94
C7 CLA YF . 21.97 -19.47 9.85
C8 CLA YF . 21.40 -20.85 10.11
C9 CLA YF . 21.60 -21.72 8.88
C10 CLA YF . 19.93 -20.73 10.48
C11 CLA YF . 19.35 -22.05 10.99
C12 CLA YF . 17.84 -22.09 10.75
C13 CLA YF . 17.08 -22.88 11.81
C14 CLA YF . 17.45 -22.41 13.21
C15 CLA YF . 17.33 -24.37 11.64
MG CLA ZF . 29.00 -11.59 -0.14
CHA CLA ZF . 27.96 -10.06 -3.07
CHB CLA ZF . 29.30 -8.42 1.21
CHC CLA ZF . 29.83 -13.05 2.76
CHD CLA ZF . 28.72 -14.77 -1.65
NA CLA ZF . 28.67 -9.49 -0.81
C1A CLA ZF . 28.27 -9.10 -1.95
C2A CLA ZF . 28.13 -7.61 -2.05
C3A CLA ZF . 28.62 -7.14 -0.72
C4A CLA ZF . 28.88 -8.43 -0.05
CMA CLA ZF . 29.71 -6.10 -0.72
CAA CLA ZF . 26.66 -7.18 -2.04
CBA CLA ZF . 25.69 -8.10 -1.33
CGA CLA ZF . 24.76 -7.31 -0.45
O1A CLA ZF . 24.99 -6.19 -0.06
O2A CLA ZF . 23.61 -7.74 -0.01
NB CLA ZF . 29.48 -10.82 1.71
C1B CLA ZF . 29.62 -9.55 2.07
C2B CLA ZF . 30.04 -9.36 3.47
C3B CLA ZF . 30.19 -10.73 3.88
C4B CLA ZF . 29.82 -11.58 2.75
CMB CLA ZF . 30.30 -8.11 4.26
CAB CLA ZF . 30.59 -11.20 5.21
CBB CLA ZF . 29.63 -11.17 6.09
NC CLA ZF . 29.23 -13.61 0.47
C1C CLA ZF . 29.59 -14.01 1.68
C2C CLA ZF . 29.72 -15.45 1.88
C3C CLA ZF . 29.37 -15.97 0.55
C4C CLA ZF . 29.09 -14.75 -0.23
CMC CLA ZF . 30.09 -16.19 3.13
CAC CLA ZF . 29.30 -17.37 0.06
CBC CLA ZF . 30.64 -18.06 0.01
ND CLA ZF . 28.52 -12.37 -1.90
C1D CLA ZF . 28.36 -13.59 -2.43
C2D CLA ZF . 27.84 -13.59 -3.81
C3D CLA ZF . 27.71 -12.14 -4.01
C4D CLA ZF . 28.11 -11.53 -2.90
CMD CLA ZF . 27.49 -14.58 -4.88
CAD CLA ZF . 27.31 -11.17 -5.03
OBD CLA ZF . 26.83 -11.46 -6.17
CBD CLA ZF . 27.47 -9.79 -4.47
CGD CLA ZF . 28.41 -9.04 -5.33
O1D CLA ZF . 28.17 -8.92 -6.51
O2D CLA ZF . 29.59 -8.36 -4.86
CED CLA ZF . 29.83 -7.05 -5.34
C1 CLA ZF . 22.71 -6.84 0.96
C2 CLA ZF . 23.00 -6.71 2.44
C3 CLA ZF . 22.04 -6.39 3.31
C4 CLA ZF . 20.63 -6.14 2.85
C5 CLA ZF . 22.35 -6.28 4.78
C6 CLA ZF . 23.25 -5.10 5.03
C7 CLA ZF . 23.68 -5.04 6.48
C8 CLA ZF . 23.28 -3.74 7.16
C9 CLA ZF . 23.46 -2.53 6.27
C10 CLA ZF . 24.10 -3.49 8.40
C11 CLA ZF . 23.23 -2.83 9.44
C12 CLA ZF . 23.88 -2.84 10.82
C13 CLA ZF . 23.71 -1.50 11.49
C14 CLA ZF . 24.88 -0.59 11.20
C15 CLA ZF . 23.57 -1.73 12.98
C16 CLA ZF . 23.16 -0.45 13.69
C17 CLA ZF . 21.64 -0.35 13.76
C18 CLA ZF . 21.18 0.95 14.39
C19 CLA ZF . 21.40 0.93 15.89
C20 CLA ZF . 21.86 2.15 13.75
MG CLA AG . 51.28 7.44 18.80
CHA CLA AG . 54.29 9.17 18.91
CHB CLA AG . 53.06 4.54 19.23
CHC CLA AG . 48.32 5.78 18.65
CHD CLA AG . 49.52 10.48 18.35
NA CLA AG . 53.42 6.88 19.06
C1A CLA AG . 54.44 7.67 19.07
C2A CLA AG . 55.75 6.93 19.21
C3A CLA AG . 55.30 5.49 19.26
C4A CLA AG . 53.84 5.64 19.18
CMA CLA AG . 55.97 4.56 18.28
CAA CLA AG . 56.54 7.33 20.47
CBA CLA AG . 56.50 6.42 21.67
CGA CLA AG . 55.35 6.71 22.60
O1A CLA AG . 54.21 6.37 22.37
O2A CLA AG . 55.45 7.38 23.74
NB CLA AG . 50.79 5.45 18.92
C1B CLA AG . 51.60 4.42 19.13
C2B CLA AG . 50.88 3.12 19.23
C3B CLA AG . 49.50 3.52 19.06
C4B CLA AG . 49.53 4.98 18.87
CMB CLA AG . 51.43 1.76 19.47
CAB CLA AG . 48.28 2.70 19.06
CBB CLA AG . 48.11 1.71 18.22
NC CLA AG . 49.25 8.04 18.65
C1C CLA AG . 48.19 7.24 18.62
C2C CLA AG . 46.87 7.87 18.57
C3C CLA AG . 47.25 9.27 18.56
C4C CLA AG . 48.71 9.27 18.60
CMC CLA AG . 45.50 7.24 18.55
CAC CLA AG . 46.35 10.48 18.53
CBC CLA AG . 46.03 10.83 17.11
ND CLA AG . 51.67 9.39 18.67
C1D CLA AG . 50.98 10.52 18.48
C2D CLA AG . 51.82 11.75 18.39
C3D CLA AG . 53.13 11.14 18.57
C4D CLA AG . 52.98 9.81 18.72
CMD CLA AG . 51.65 13.23 18.19
CAD CLA AG . 54.54 11.53 18.63
OBD CLA AG . 55.04 12.62 18.23
CBD CLA AG . 55.32 10.30 18.95
CGD CLA AG . 56.42 10.15 17.95
O1D CLA AG . 57.45 10.77 18.09
O2D CLA AG . 56.31 9.26 16.82
CED CLA AG . 57.48 8.64 16.32
C1 CLA AG . 56.12 6.73 25.05
C2 CLA AG . 55.63 5.41 25.62
C3 CLA AG . 55.13 5.29 26.86
C4 CLA AG . 54.99 6.48 27.75
C5 CLA AG . 54.67 3.93 27.34
C6 CLA AG . 53.22 4.07 27.79
C7 CLA AG . 52.67 2.82 28.47
C8 CLA AG . 51.40 3.14 29.24
C9 CLA AG . 51.64 4.33 30.18
C10 CLA AG . 50.87 1.87 29.92
C11 CLA AG . 50.31 2.05 31.33
C12 CLA AG . 48.80 2.34 31.37
C13 CLA AG . 48.53 3.56 32.26
C14 CLA AG . 47.44 3.25 33.29
C15 CLA AG . 48.12 4.75 31.41
MG CLA BG . 49.67 -4.62 13.71
CHA CLA BG . 49.52 -1.18 13.24
CHB CLA BG . 47.18 -4.24 16.05
CHC CLA BG . 49.68 -7.97 14.06
CHD CLA BG . 52.21 -4.87 11.27
NA CLA BG . 48.47 -2.94 14.55
C1A CLA BG . 48.55 -1.70 14.26
C2A CLA BG . 47.63 -0.82 15.06
C3A CLA BG . 46.94 -1.82 15.94
C4A CLA BG . 47.56 -3.09 15.49
CMA CLA BG . 46.84 -1.52 17.41
CAA CLA BG . 46.50 -0.24 14.23
CBA CLA BG . 46.51 1.27 14.32
CGA CLA BG . 45.21 1.74 14.90
O1A CLA BG . 44.12 1.56 14.38
O2A CLA BG . 45.08 2.41 16.02
NB CLA BG . 48.57 -5.91 14.89
C1B CLA BG . 47.64 -5.61 15.79
C2B CLA BG . 47.10 -6.79 16.51
C3B CLA BG . 47.87 -7.87 15.89
C4B CLA BG . 48.75 -7.22 14.90
CMB CLA BG . 46.03 -6.77 17.56
CAB CLA BG . 47.91 -9.33 16.06
CBB CLA BG . 47.29 -9.99 17.01
NC CLA BG . 50.73 -6.18 12.74
C1C CLA BG . 50.69 -7.46 13.11
C2C CLA BG . 51.69 -8.35 12.52
C3C CLA BG . 52.43 -7.43 11.66
C4C CLA BG . 51.76 -6.13 11.88
CMC CLA BG . 51.89 -9.83 12.75
CAC CLA BG . 53.61 -7.76 10.81
CBC CLA BG . 53.29 -7.75 9.34
ND CLA BG . 50.68 -3.44 12.48
C1D CLA BG . 51.65 -3.55 11.58
C2D CLA BG . 52.09 -2.27 10.98
C3D CLA BG . 51.20 -1.37 11.69
C4D CLA BG . 50.44 -2.08 12.52
CMD CLA BG . 53.09 -1.77 9.98
CAD CLA BG . 50.89 0.06 11.77
OBD CLA BG . 51.72 0.99 11.50
CBD CLA BG . 49.79 0.23 12.76
CGD CLA BG . 50.40 1.06 13.84
O1D CLA BG . 50.17 2.25 13.92
O2D CLA BG . 51.29 0.47 14.80
CED CLA BG . 51.74 1.29 15.86
C1 CLA BG . 43.71 3.14 16.40
C2 CLA BG . 43.21 4.35 15.66
C3 CLA BG . 42.41 5.26 16.25
C4 CLA BG . 41.98 5.11 17.68
C5 CLA BG . 41.95 6.46 15.47
MG CLA CG . 37.96 -2.20 13.19
CHA CLA CG . 41.15 -1.11 12.40
CHB CLA CG . 39.37 -4.16 15.63
CHC CLA CG . 34.83 -3.14 14.03
CHD CLA CG . 36.62 -0.18 10.61
NA CLA CG . 40.01 -2.61 13.97
C1A CLA CG . 41.10 -2.11 13.54
C2A CLA CG . 42.31 -2.63 14.27
C3A CLA CG . 41.71 -3.60 15.25
C4A CLA CG . 40.27 -3.46 14.93
CMA CLA CG . 42.34 -4.98 15.34
CAA CLA CG . 42.99 -1.52 15.09
CBA CLA CG . 42.22 -0.98 16.30
CGA CLA CG . 41.31 0.20 16.07
O1A CLA CG . 40.94 0.93 16.97
O2A CLA CG . 40.78 0.60 14.93
NB CLA CG . 37.21 -3.47 14.63
C1B CLA CG . 37.91 -4.18 15.51
C2B CLA CG . 37.08 -5.01 16.39
C3B CLA CG . 35.74 -4.70 15.93
C4B CLA CG . 35.92 -3.74 14.81
CMB CLA CG . 37.52 -5.91 17.49
CAB CLA CG . 34.48 -5.27 16.44
CBB CLA CG . 33.54 -4.53 16.98
NC CLA CG . 36.03 -1.71 12.45
C1C CLA CG . 34.88 -2.18 12.92
C2C CLA CG . 33.66 -1.69 12.27
C3C CLA CG . 34.21 -0.79 11.27
C4C CLA CG . 35.67 -0.89 11.47
CMC CLA CG . 32.23 -2.00 12.56
CAC CLA CG . 33.50 0.05 10.26
CBC CLA CG . 33.27 1.43 10.83
ND CLA CG . 38.58 -0.93 11.78
C1D CLA CG . 38.06 -0.17 10.83
C2D CLA CG . 39.03 0.64 10.06
C3D CLA CG . 40.26 0.21 10.74
C4D CLA CG . 39.93 -0.67 11.69
CMD CLA CG . 39.03 1.62 8.93
CAD CLA CG . 41.69 0.45 10.70
OBD CLA CG . 42.21 1.51 10.22
CBD CLA CG . 42.30 -0.33 11.80
CGD CLA CG . 43.41 -1.19 11.30
O1D CLA CG . 44.39 -1.39 11.98
O2D CLA CG . 43.37 -1.81 10.01
CED CLA CG . 44.45 -2.69 9.73
C1 CLA CG . 39.38 1.39 14.88
C2 CLA CG . 38.13 0.88 15.55
C3 CLA CG . 36.91 1.26 15.19
C4 CLA CG . 36.71 2.24 14.07
C5 CLA CG . 35.73 0.70 15.93
C6 CLA CG . 34.46 0.77 15.11
C7 CLA CG . 33.25 1.12 15.97
C8 CLA CG . 33.11 0.15 17.14
C9 CLA CG . 31.94 -0.79 16.90
C10 CLA CG . 32.93 0.97 18.41
MG CLA DG . 36.75 -5.53 22.57
CHA CLA DG . 39.85 -4.69 21.24
CHB CLA DG . 38.40 -7.45 24.87
CHC CLA DG . 33.73 -6.31 23.85
CHD CLA DG . 35.15 -3.49 20.16
NA CLA DG . 38.87 -6.02 23.04
C1A CLA DG . 39.92 -5.62 22.42
C2A CLA DG . 41.19 -6.22 22.94
C3A CLA DG . 40.67 -7.10 24.05
C4A CLA DG . 39.21 -6.84 24.00
CMA CLA DG . 41.04 -8.56 23.99
CAA CLA DG . 42.18 -5.24 23.58
CBA CLA DG . 41.54 -4.00 24.17
CGA CLA DG . 42.58 -2.91 24.26
O1A CLA DG . 43.43 -2.82 25.12
O2A CLA DG . 42.67 -1.91 23.41
NB CLA DG . 36.17 -6.71 24.13
C1B CLA DG . 36.94 -7.38 24.99
C2B CLA DG . 36.18 -8.11 26.04
C3B CLA DG . 34.81 -7.74 25.69
C4B CLA DG . 34.91 -6.89 24.50
CMB CLA DG . 36.70 -8.96 27.15
CAB CLA DG . 33.51 -8.08 26.28
CBB CLA DG . 33.30 -8.05 27.57
NC CLA DG . 34.76 -4.92 22.12
C1C CLA DG . 33.67 -5.40 22.71
C2C CLA DG . 32.38 -4.97 22.15
C3C CLA DG . 32.82 -4.10 21.09
C4C CLA DG . 34.29 -4.15 21.15
CMC CLA DG . 30.99 -5.33 22.60
CAC CLA DG . 31.96 -3.34 20.10
CBC CLA DG . 31.85 -1.90 20.53
ND CLA DG . 37.22 -4.37 21.02
C1D CLA DG . 36.61 -3.57 20.16
C2D CLA DG . 37.51 -2.81 19.26
C3D CLA DG . 38.79 -3.32 19.74
C4D CLA DG . 38.56 -4.17 20.73
CMD CLA DG . 37.42 -1.80 18.15
CAD CLA DG . 40.21 -3.16 19.49
OBD CLA DG . 40.72 -2.10 19.00
CBD CLA DG . 40.94 -4.09 20.39
CGD CLA DG . 41.68 -5.06 19.51
O1D CLA DG . 42.41 -4.62 18.65
O2D CLA DG . 41.61 -6.48 19.64
CED CLA DG . 42.83 -7.22 19.54
MG CLA EG . 52.22 -56.75 27.15
CHA CLA EG . 50.09 -57.93 24.66
CHB CLA EG . 53.49 -59.94 27.36
CHC CLA EG . 54.32 -55.62 29.54
CHD CLA EG . 50.79 -53.52 26.89
NA CLA EG . 51.87 -58.70 26.14
C1A CLA EG . 51.03 -58.97 25.22
C2A CLA EG . 51.09 -60.40 24.75
C3A CLA EG . 52.15 -60.99 25.65
C4A CLA EG . 52.54 -59.80 26.44
CMA CLA EG . 51.83 -62.26 26.41
CAA CLA EG . 51.69 -60.61 23.34
CBA CLA EG . 52.29 -59.44 22.56
CGA CLA EG . 53.60 -58.95 23.10
O1A CLA EG . 54.69 -59.41 22.80
O2A CLA EG . 53.70 -57.96 23.97
NB CLA EG . 53.68 -57.66 28.27
C1B CLA EG . 54.05 -58.94 28.25
C2B CLA EG . 55.12 -59.29 29.22
C3B CLA EG . 55.35 -58.00 29.85
C4B CLA EG . 54.42 -57.05 29.20
CMB CLA EG . 55.75 -60.64 29.43
CAB CLA EG . 56.28 -57.63 30.92
CBB CLA EG . 57.55 -57.96 30.85
NC CLA EG . 52.56 -54.84 28.03
C1C CLA EG . 53.46 -54.58 28.97
C2C CLA EG . 53.55 -53.18 29.40
C3C CLA EG . 52.52 -52.56 28.57
C4C CLA EG . 51.96 -53.67 27.78
CMC CLA EG . 54.46 -52.55 30.40
CAC CLA EG . 52.12 -51.11 28.54
CBC CLA EG . 52.85 -50.43 27.41
ND CLA EG . 50.79 -55.82 26.13
C1D CLA EG . 50.31 -54.58 26.01
C2D CLA EG . 49.26 -54.44 24.96
C3D CLA EG . 49.23 -55.81 24.46
C4D CLA EG . 50.11 -56.53 25.15
CMD CLA EG . 48.40 -53.36 24.37
CAD CLA EG . 48.56 -56.64 23.46
OBD CLA EG . 47.84 -56.17 22.50
CBD CLA EG . 49.05 -58.04 23.56
CGD CLA EG . 47.87 -58.91 23.88
O1D CLA EG . 46.78 -58.40 24.04
O2D CLA EG . 47.97 -60.35 23.98
CED CLA EG . 47.91 -61.19 22.83
C1 CLA EG . 53.56 -56.43 23.58
C2 CLA EG . 54.46 -55.46 24.28
C3 CLA EG . 54.27 -54.14 24.31
C4 CLA EG . 53.11 -53.52 23.58
C5 CLA EG . 55.25 -53.26 25.05
C6 CLA EG . 55.77 -53.98 26.28
C7 CLA EG . 57.27 -54.23 26.19
C8 CLA EG . 58.04 -53.17 26.93
C9 CLA EG . 59.54 -53.26 26.63
C10 CLA EG . 57.78 -53.30 28.43
C11 CLA EG . 58.48 -54.51 29.05
C12 CLA EG . 58.35 -54.46 30.56
C13 CLA EG . 59.70 -54.37 31.24
C14 CLA EG . 60.37 -55.72 31.31
C15 CLA EG . 59.51 -53.78 32.63
MG CLA FG . 52.07 -51.48 33.06
CHA CLA FG . 54.85 -53.00 34.50
CHB CLA FG . 53.22 -48.52 34.33
CHC CLA FG . 49.51 -50.00 31.46
CHD CLA FG . 50.96 -54.63 31.88
NA CLA FG . 53.83 -50.80 34.27
C1A CLA FG . 54.77 -51.51 34.76
C2A CLA FG . 55.75 -50.73 35.57
C3A CLA FG . 55.17 -49.34 35.54
C4A CLA FG . 53.99 -49.56 34.66
CMA CLA FG . 54.95 -48.66 36.87
CAA CLA FG . 57.06 -50.57 34.80
CBA CLA FG . 58.26 -50.94 35.66
CGA CLA FG . 59.55 -50.74 34.90
O1A CLA FG . 59.78 -49.79 34.18
O2A CLA FG . 60.57 -51.57 34.92
NB CLA FG . 51.47 -49.52 32.91
C1B CLA FG . 52.01 -48.46 33.50
C2B CLA FG . 51.32 -47.19 33.23
C3B CLA FG . 50.22 -47.63 32.40
C4B CLA FG . 50.38 -49.09 32.24
CMB CLA FG . 51.66 -45.81 33.72
CAB CLA FG . 49.20 -46.71 31.82
CBB CLA FG . 47.92 -46.94 31.75
NC CLA FG . 50.49 -52.22 31.84
C1C CLA FG . 49.57 -51.45 31.27
C2C CLA FG . 48.61 -52.16 30.39
C3C CLA FG . 49.07 -53.53 30.51
C4C CLA FG . 50.22 -53.46 31.42
CMC CLA FG . 47.49 -51.60 29.58
CAC CLA FG . 48.49 -54.73 29.83
CBC CLA FG . 47.58 -55.49 30.75
ND CLA FG . 52.62 -53.40 33.11
C1D CLA FG . 52.20 -54.56 32.63
C2D CLA FG . 53.08 -55.71 32.93
C3D CLA FG . 54.12 -55.02 33.69
C4D CLA FG . 53.81 -53.73 33.76
CMD CLA FG . 53.11 -57.18 32.66
CAD CLA FG . 55.38 -55.30 34.39
OBD CLA FG . 56.08 -56.37 34.24
CBD CLA FG . 55.93 -54.01 34.88
CGD CLA FG . 56.10 -54.08 36.36
O1D CLA FG . 55.15 -54.32 37.05
O2D CLA FG . 57.40 -53.86 36.94
CED CLA FG . 58.37 -54.88 36.84
MG CLA GG . 53.29 -38.80 24.64
CHA CLA GG . 52.64 -37.00 27.56
CHB CLA GG . 55.39 -36.24 23.72
CHC CLA GG . 54.04 -40.64 21.95
CHD CLA GG . 51.03 -41.31 25.70
NA CLA GG . 53.97 -36.85 25.51
C1A CLA GG . 53.62 -36.33 26.63
C2A CLA GG . 54.24 -34.98 26.89
C3A CLA GG . 55.05 -34.76 25.62
C4A CLA GG . 54.79 -36.03 24.90
CMA CLA GG . 54.81 -33.47 24.88
CAA CLA GG . 55.22 -35.02 28.07
CBA CLA GG . 56.57 -35.69 27.85
CGA CLA GG . 56.73 -36.97 28.65
O1A CLA GG . 57.77 -37.57 28.76
O2A CLA GG . 55.75 -37.56 29.31
NB CLA GG . 54.55 -38.48 23.05
C1B CLA GG . 55.29 -37.40 22.81
C2B CLA GG . 56.05 -37.45 21.54
C3B CLA GG . 55.65 -38.73 21.01
C4B CLA GG . 54.72 -39.33 22.02
CMB CLA GG . 56.98 -36.42 20.97
CAB CLA GG . 56.17 -39.27 19.72
CBB CLA GG . 55.64 -40.19 18.96
NC CLA GG . 52.65 -40.69 23.94
C1C CLA GG . 53.08 -41.28 22.84
C2C CLA GG . 52.54 -42.63 22.57
C3C CLA GG . 51.66 -42.83 23.71
C4C CLA GG . 51.79 -41.58 24.47
CMC CLA GG . 52.86 -43.57 21.45
CAC CLA GG . 50.80 -44.02 24.04
CBC CLA GG . 49.46 -43.91 23.35
ND CLA GG . 52.08 -39.19 26.17
C1D CLA GG . 51.27 -40.16 26.55
C2D CLA GG . 50.62 -39.96 27.86
C3D CLA GG . 51.22 -38.68 28.21
C4D CLA GG . 52.03 -38.29 27.23
CMD CLA GG . 49.67 -40.70 28.74
CAD CLA GG . 51.22 -37.68 29.29
OBD CLA GG . 50.50 -37.72 30.35
CBD CLA GG . 52.06 -36.53 28.87
CGD CLA GG . 51.22 -35.32 28.64
O1D CLA GG . 50.76 -35.10 27.53
O2D CLA GG . 50.93 -34.38 29.69
CED CLA GG . 49.82 -33.50 29.53
C1 CLA GG . 55.63 -39.16 29.41
C2 CLA GG . 55.82 -40.02 28.18
C3 CLA GG . 55.02 -41.06 27.90
C4 CLA GG . 53.87 -41.41 28.80
C5 CLA GG . 55.27 -41.86 26.65
C6 CLA GG . 54.79 -43.30 26.80
C7 CLA GG . 55.97 -44.28 26.71
C8 CLA GG . 55.98 -45.21 25.48
C9 CLA GG . 55.05 -44.77 24.34
C10 CLA GG . 55.66 -46.64 25.91
C11 CLA GG . 56.88 -47.39 26.47
C12 CLA GG . 58.17 -47.13 25.70
C13 CLA GG . 58.96 -48.40 25.42
C14 CLA GG . 59.10 -49.27 26.67
C15 CLA GG . 60.34 -48.02 24.86
C16 CLA GG . 61.19 -49.25 24.62
C17 CLA GG . 62.42 -48.93 23.76
C18 CLA GG . 63.68 -49.65 24.21
C19 CLA GG . 63.44 -51.11 24.59
C20 CLA GG . 64.75 -49.57 23.12
C1 PQN HG . 43.16 -42.69 24.50
O1 PQN HG . 43.13 -42.27 23.34
C2 PQN HG . 44.08 -43.79 24.84
C2M PQN HG . 44.95 -44.37 23.77
C3 PQN HG . 44.12 -44.31 26.23
C4 PQN HG . 43.24 -43.69 27.25
O4 PQN HG . 43.26 -44.11 28.41
C5 PQN HG . 42.33 -42.58 26.90
C6 PQN HG . 41.52 -42.00 27.85
C7 PQN HG . 40.67 -40.97 27.48
C8 PQN HG . 40.64 -40.49 26.18
C9 PQN HG . 41.44 -41.05 25.19
C10 PQN HG . 42.29 -42.07 25.52
C11 PQN HG . 45.02 -45.42 26.65
C12 PQN HG . 46.35 -44.79 27.03
C13 PQN HG . 47.31 -45.43 27.68
C14 PQN HG . 47.10 -46.84 28.13
C15 PQN HG . 48.59 -44.70 28.01
C16 PQN HG . 49.79 -45.39 27.38
C17 PQN HG . 51.07 -45.09 28.15
C18 PQN HG . 51.94 -46.34 28.24
C19 PQN HG . 51.14 -47.44 28.93
C20 PQN HG . 53.29 -46.03 28.90
C21 PQN HG . 53.78 -47.09 29.89
C22 PQN HG . 55.27 -47.42 29.79
C23 PQN HG . 55.61 -48.56 30.76
C24 PQN HG . 56.04 -48.00 32.11
C25 PQN HG . 56.68 -49.48 30.19
C26 PQN HG . 58.08 -48.86 30.23
C27 PQN HG . 59.11 -49.77 30.89
C28 PQN HG . 60.44 -49.73 30.14
C29 PQN HG . 60.98 -48.30 30.05
C30 PQN HG . 61.47 -50.64 30.79
FE1 SF4 IG . 31.91 -38.84 29.54
FE2 SF4 IG . 30.66 -36.61 28.60
FE3 SF4 IG . 31.04 -36.95 31.28
FE4 SF4 IG . 29.24 -38.48 29.96
S1 SF4 IG . 29.14 -36.25 30.26
S2 SF4 IG . 30.78 -39.19 31.49
S3 SF4 IG . 30.28 -38.75 27.95
S4 SF4 IG . 32.66 -36.70 29.70
C1 BCR JG . 57.43 14.22 47.75
C2 BCR JG . 56.02 14.81 47.76
C3 BCR JG . 55.61 15.38 46.41
C4 BCR JG . 55.69 14.29 45.35
C5 BCR JG . 57.09 13.74 45.34
C6 BCR JG . 57.73 13.46 46.47
C7 BCR JG . 58.72 12.36 46.47
C8 BCR JG . 60.05 12.46 46.47
C9 BCR JG . 60.70 11.36 46.43
C10 BCR JG . 61.35 11.07 45.42
C11 BCR JG . 62.39 10.71 45.01
C33 BCR JG . 57.71 13.48 44.00
C31 BCR JG . 57.55 13.29 48.93
C32 BCR JG . 58.43 15.34 47.90
C34 BCR JG . 60.68 10.40 47.58
C12 BCR JG . 63.46 10.32 44.50
C13 BCR JG . 64.84 9.83 44.46
C14 BCR JG . 65.31 9.48 43.27
C15 BCR JG . 66.65 8.98 43.03
C16 BCR JG . 67.58 8.65 42.15
C17 BCR JG . 68.57 8.32 41.56
C18 BCR JG . 69.22 8.01 40.43
C19 BCR JG . 70.63 7.67 40.35
C20 BCR JG . 71.71 7.75 39.56
C21 BCR JG . 72.81 7.65 39.13
C22 BCR JG . 73.80 7.60 38.22
C23 BCR JG . 75.19 7.42 38.65
C24 BCR JG . 76.09 6.94 37.79
C25 BCR JG . 77.51 6.74 38.14
C26 BCR JG . 77.91 5.59 38.71
C27 BCR JG . 79.31 5.47 39.24
C28 BCR JG . 80.20 5.91 38.11
C29 BCR JG . 79.96 7.39 37.86
C30 BCR JG . 78.50 7.81 37.77
C35 BCR JG . 65.67 9.75 45.69
C36 BCR JG . 68.42 8.05 39.18
C37 BCR JG . 73.46 7.75 36.77
C38 BCR JG . 77.01 4.41 38.82
C39 BCR JG . 78.20 8.24 36.35
C40 BCR JG . 78.34 9.01 38.69
C1 BCR KG . 76.68 -14.09 34.76
C2 BCR KG . 75.74 -15.25 34.48
C3 BCR KG . 75.43 -15.38 33.01
C4 BCR KG . 74.72 -14.14 32.53
C5 BCR KG . 75.54 -12.93 32.89
C6 BCR KG . 76.17 -12.83 34.07
C7 BCR KG . 76.36 -11.49 34.69
C8 BCR KG . 77.54 -10.88 34.71
C9 BCR KG . 77.74 -9.74 35.24
C10 BCR KG . 76.95 -9.11 35.96
C11 BCR KG . 76.96 -8.08 36.55
C33 BCR KG . 75.60 -11.83 31.86
C31 BCR KG . 78.06 -14.40 34.23
C32 BCR KG . 76.74 -13.92 36.27
C34 BCR KG . 79.03 -9.03 34.93
C12 BCR KG . 76.81 -7.00 37.17
C13 BCR KG . 77.22 -5.69 37.65
C14 BCR KG . 76.29 -4.86 38.11
C15 BCR KG . 76.55 -3.52 38.64
C16 BCR KG . 76.06 -2.39 39.11
C17 BCR KG . 75.90 -1.29 39.55
C18 BCR KG . 75.15 -0.24 39.89
C19 BCR KG . 75.64 1.01 40.49
C20 BCR KG . 75.28 2.09 41.16
C21 BCR KG . 75.26 3.16 41.70
C22 BCR KG . 74.70 4.23 42.27
C23 BCR KG . 75.51 5.35 42.77
C24 BCR KG . 75.04 6.11 43.76
C25 BCR KG . 75.80 7.26 44.29
C26 BCR KG . 75.77 8.41 43.61
C27 BCR KG . 76.98 9.29 43.52
C28 BCR KG . 77.60 9.39 44.91
C29 BCR KG . 77.86 7.99 45.46
C30 BCR KG . 76.58 7.19 45.60
C35 BCR KG . 78.67 -5.27 37.64
C36 BCR KG . 73.68 -0.32 39.61
C37 BCR KG . 73.21 4.30 42.37
C38 BCR KG . 74.51 8.82 42.89
C39 BCR KG . 75.74 7.81 46.69
C40 BCR KG . 76.92 5.76 46.00
C1 BCR LG . 76.73 -0.04 45.01
C2 BCR LG . 77.53 0.69 46.07
C3 BCR LG . 78.94 0.14 46.22
C4 BCR LG . 78.90 -1.34 46.58
C5 BCR LG . 78.05 -2.04 45.55
C6 BCR LG . 76.86 -1.54 45.21
C7 BCR LG . 75.67 -2.44 45.10
C8 BCR LG . 75.21 -2.94 43.95
C9 BCR LG . 74.18 -3.69 43.95
C10 BCR LG . 73.35 -3.58 43.02
C11 BCR LG . 72.91 -4.09 42.05
C33 BCR LG . 78.60 -3.29 44.91
C31 BCR LG . 77.30 0.27 43.63
C32 BCR LG . 75.28 0.42 45.11
C34 BCR LG . 73.97 -4.70 45.05
C12 BCR LG . 72.47 -4.57 40.99
C13 BCR LG . 71.56 -5.44 40.21
C14 BCR LG . 71.80 -5.64 38.92
C15 BCR LG . 70.93 -6.47 38.10
C16 BCR LG . 70.55 -6.93 36.92
C17 BCR LG . 69.97 -7.52 36.05
C18 BCR LG . 69.63 -7.84 34.81
C19 BCR LG . 68.63 -8.88 34.52
C20 BCR LG . 68.13 -9.74 33.66
C21 BCR LG . 67.95 -10.30 32.62
C22 BCR LG . 68.28 -10.94 31.50
C23 BCR LG . 67.25 -11.52 30.64
C24 BCR LG . 66.63 -12.61 31.09
C25 BCR LG . 65.58 -13.36 30.36
C26 BCR LG . 64.28 -13.05 30.44
C27 BCR LG . 63.30 -14.16 30.70
C28 BCR LG . 63.60 -15.29 29.73
C29 BCR LG . 65.05 -15.71 29.77
C30 BCR LG . 65.99 -14.54 29.52
C35 BCR LG . 70.36 -6.06 40.86
C36 BCR LG . 70.30 -7.14 33.67
C37 BCR LG . 69.72 -11.02 31.09
C38 BCR LG . 63.75 -11.66 30.28
C39 BCR LG . 65.89 -14.09 28.08
C40 BCR LG . 67.40 -15.01 29.80
C1 BCR MG . 42.10 -10.73 40.26
C2 BCR MG . 40.81 -11.52 40.43
C3 BCR MG . 40.71 -12.64 39.42
C4 BCR MG . 40.72 -12.06 38.01
C5 BCR MG . 41.98 -11.26 37.88
C6 BCR MG . 42.34 -10.40 38.81
C7 BCR MG . 43.04 -9.15 38.44
C8 BCR MG . 42.41 -8.15 37.84
C9 BCR MG . 43.00 -7.08 37.51
C10 BCR MG . 42.48 -6.38 36.62
C11 BCR MG . 42.15 -5.30 36.31
C33 BCR MG . 42.85 -11.48 36.68
C31 BCR MG . 43.27 -11.58 40.62
C32 BCR MG . 42.09 -9.49 41.14
C34 BCR MG . 44.27 -6.62 38.15
C12 BCR MG . 41.76 -4.18 35.91
C13 BCR MG . 41.87 -2.75 35.60
C14 BCR MG . 40.81 -2.19 35.03
C15 BCR MG . 40.77 -0.78 34.68
C16 BCR MG . 40.14 0.27 34.20
C17 BCR MG . 39.87 1.38 33.85
C18 BCR MG . 39.15 2.37 33.32
C19 BCR MG . 37.83 2.05 32.76
C20 BCR MG . 36.84 2.32 31.93
C21 BCR MG . 35.79 2.24 31.36
C22 BCR MG . 34.64 2.60 30.80
C23 BCR MG . 33.83 1.59 30.10
C24 BCR MG . 32.51 1.57 30.24
C25 BCR MG . 31.70 0.54 29.53
C26 BCR MG . 31.28 0.83 28.30
C27 BCR MG . 31.14 -0.26 27.27
C28 BCR MG . 30.67 -1.57 27.91
C29 BCR MG . 30.27 -1.45 29.37
C30 BCR MG . 31.35 -0.77 30.19
C35 BCR MG . 43.10 -1.98 35.88
C36 BCR MG . 39.68 3.77 33.27
C37 BCR MG . 34.14 4.01 30.88
C38 BCR MG . 30.93 2.24 27.92
C39 BCR MG . 32.55 -1.70 30.34
C40 BCR MG . 30.77 -0.50 31.56
C1 BCR NG . 41.66 -13.03 30.38
C2 BCR NG . 40.76 -13.93 31.21
C3 BCR NG . 40.43 -13.23 32.51
C4 BCR NG . 41.69 -13.16 33.34
C5 BCR NG . 42.86 -12.65 32.54
C6 BCR NG . 42.82 -12.51 31.20
C7 BCR NG . 43.97 -11.88 30.53
C8 BCR NG . 44.09 -10.57 30.29
C9 BCR NG . 45.12 -10.10 29.73
C10 BCR NG . 45.59 -9.03 30.11
C11 BCR NG . 45.82 -7.94 29.76
C33 BCR NG . 44.09 -12.33 33.33
C31 BCR NG . 40.79 -11.88 29.87
C32 BCR NG . 42.22 -13.80 29.21
C34 BCR NG . 45.82 -10.81 28.64
C12 BCR NG . 46.05 -6.77 29.45
C13 BCR NG . 46.78 -5.64 28.85
C14 BCR NG . 46.16 -4.47 28.88
C15 BCR NG . 46.77 -3.29 28.32
C16 BCR NG . 46.80 -2.00 28.15
C17 BCR NG . 47.07 -0.88 27.83
C18 BCR NG . 47.00 0.43 27.91
C19 BCR NG . 47.70 1.32 26.97
C20 BCR NG . 47.98 2.59 26.75
C21 BCR NG . 48.34 3.62 26.30
C22 BCR NG . 48.42 4.93 26.21
C23 BCR NG . 49.19 5.53 25.12
C24 BCR NG . 49.48 6.84 25.16
C25 BCR NG . 50.25 7.53 24.09
C26 BCR NG . 51.56 7.74 24.19
C27 BCR NG . 52.27 8.81 23.39
C28 BCR NG . 51.26 9.86 23.00
C29 BCR NG . 50.10 9.24 22.23
C30 BCR NG . 49.50 7.98 22.86
C35 BCR NG . 48.13 -5.80 28.27
C36 BCR NG . 46.21 1.06 29.00
C37 BCR NG . 47.70 5.78 27.21
C38 BCR NG . 52.41 6.94 25.14
C39 BCR NG . 49.61 6.84 21.87
C40 BCR NG . 48.05 8.28 23.17
C1 BCR OG . 60.56 -27.41 19.16
C2 BCR OG . 59.36 -26.78 18.48
C3 BCR OG . 58.52 -26.01 19.48
C4 BCR OG . 57.99 -26.91 20.58
C5 BCR OG . 59.21 -27.57 21.19
C6 BCR OG . 60.10 -28.14 20.39
C7 BCR OG . 60.66 -29.45 20.78
C8 BCR OG . 60.00 -30.60 20.66
C9 BCR OG . 60.58 -31.67 21.04
C10 BCR OG . 60.44 -32.76 20.44
C11 BCR OG . 59.99 -33.37 19.55
C33 BCR OG . 59.40 -27.57 22.67
C31 BCR OG . 61.48 -26.29 19.63
C32 BCR OG . 61.28 -28.35 18.22
C34 BCR OG . 61.43 -31.67 22.27
C12 BCR OG . 59.63 -34.12 18.62
C13 BCR OG . 58.68 -34.81 17.75
C14 BCR OG . 59.01 -36.06 17.41
C15 BCR OG . 58.21 -36.95 16.58
C16 BCR OG . 57.98 -38.19 16.17
C17 BCR OG . 57.54 -39.17 15.64
C18 BCR OG . 57.43 -40.47 15.36
C19 BCR OG . 58.29 -41.49 15.97
C20 BCR OG . 58.49 -42.78 15.94
C21 BCR OG . 58.86 -43.90 16.14
C22 BCR OG . 58.72 -45.22 16.13
C23 BCR OG . 59.74 -46.08 16.68
C24 BCR OG . 59.42 -46.94 17.65
C25 BCR OG . 60.39 -47.88 18.26
C26 BCR OG . 60.24 -49.18 17.99
C27 BCR OG . 60.86 -50.23 18.87
C28 BCR OG . 62.20 -49.75 19.37
C29 BCR OG . 61.95 -48.45 20.13
C30 BCR OG . 61.50 -47.37 19.17
C35 BCR OG . 57.43 -34.16 17.26
C36 BCR OG . 56.41 -41.03 14.44
C37 BCR OG . 57.51 -45.84 15.52
C38 BCR OG . 59.42 -49.64 16.82
C39 BCR OG . 62.70 -46.93 18.36
C40 BCR OG . 61.01 -46.20 20.01
O1 LHG PG . 44.17 -36.01 42.81
C1 LHG PG . 43.74 -36.54 41.56
C2 LHG PG . 44.28 -35.66 40.45
O2 LHG PG . 44.57 -34.37 41.00
C3 LHG PG . 43.23 -35.51 39.36
O3 LHG PG . 43.84 -34.93 38.21
P LHG PG . 43.86 -35.70 36.80
O4 LHG PG . 44.54 -37.03 36.95
O5 LHG PG . 42.45 -35.65 36.27
O6 LHG PG . 44.81 -34.75 35.92
C4 LHG PG . 45.89 -35.32 35.20
C5 LHG PG . 46.53 -34.31 34.25
C6 LHG PG . 45.91 -32.92 34.39
O7 LHG PG . 47.91 -34.23 34.57
C7 LHG PG . 48.78 -34.89 33.61
O9 LHG PG . 48.63 -34.66 32.43
C8 LHG PG . 49.85 -35.84 34.08
C9 LHG PG . 51.20 -35.28 33.68
C10 LHG PG . 52.24 -36.38 33.62
O8 LHG PG . 46.81 -31.91 33.92
C23 LHG PG . 47.58 -31.08 34.84
O10 LHG PG . 47.48 -31.29 36.02
C24 LHG PG . 48.51 -29.99 34.35
C11 LHG PG . 53.45 -35.89 32.82
C12 LHG PG . 54.58 -36.91 32.82
C13 LHG PG . 55.93 -36.35 32.39
C14 LHG PG . 56.08 -34.84 32.55
C15 LHG PG . 57.30 -34.31 31.79
C16 LHG PG . 57.28 -32.79 31.69
C17 LHG PG . 58.65 -32.27 31.29
C18 LHG PG . 58.70 -30.73 31.35
C19 LHG PG . 59.89 -30.19 30.59
C25 LHG PG . 48.61 -29.98 32.83
C26 LHG PG . 48.15 -28.65 32.26
C27 LHG PG . 48.71 -28.41 30.86
C28 LHG PG . 47.74 -28.90 29.80
C29 LHG PG . 48.16 -28.46 28.40
C30 LHG PG . 49.57 -28.89 28.04
C31 LHG PG . 50.39 -27.71 27.55
C32 LHG PG . 50.73 -27.86 26.07
C33 LHG PG . 52.20 -28.23 25.89
C34 LHG PG . 52.75 -27.74 24.55
C1 LMG QG . 34.17 1.30 -2.01
O1 LMG QG . 34.32 0.60 -0.78
C2 LMG QG . 35.37 0.99 -2.90
O2 LMG QG . 36.51 1.65 -2.36
C3 LMG QG . 35.16 1.49 -4.34
O3 LMG QG . 36.12 0.86 -5.19
C4 LMG QG . 33.76 1.22 -4.89
O4 LMG QG . 33.65 -0.16 -5.25
C5 LMG QG . 32.70 1.58 -3.86
O5 LMG QG . 31.03 1.99 -5.51
C6 LMG QG . 31.32 1.21 -4.35
O6 LMG QG . 32.96 0.88 -2.64
C7 LMG QG . 33.16 0.68 0.05
C8 LMG QG . 33.38 -0.13 1.31
C9 LMG QG . 34.24 0.63 2.32
O7 LMG QG . 32.12 -0.45 1.91
C10 LMG QG . 31.86 -1.89 1.98
O9 LMG QG . 32.08 -2.57 1.00
C11 LMG QG . 31.29 -2.51 3.23
C12 LMG QG . 31.68 -3.98 3.29
C13 LMG QG . 31.51 -4.55 4.71
C14 LMG QG . 32.45 -3.84 5.69
C15 LMG QG . 31.80 -3.72 7.06
C16 LMG QG . 32.47 -4.55 8.14
C17 LMG QG . 33.87 -4.05 8.47
C18 LMG QG . 34.46 -4.89 9.57
O8 LMG QG . 34.84 1.80 1.75
C28 LMG QG . 36.12 2.30 2.24
O10 LMG QG . 37.01 2.54 1.43
C29 LMG QG . 36.35 2.55 3.71
C30 LMG QG . 37.24 1.45 4.27
C31 LMG QG . 37.06 1.27 5.77
C32 LMG QG . 35.59 1.05 6.11
C33 LMG QG . 35.22 1.82 7.38
C34 LMG QG . 35.55 3.31 7.26
C35 LMG QG . 35.12 4.04 8.52
C36 LMG QG . 35.06 5.52 8.22
C37 LMG QG . 34.25 6.33 8.90
C38 LMG QG . 33.36 5.83 10.01
C39 LMG QG . 34.02 6.09 11.35
C40 LMG QG . 33.47 5.61 12.46
C41 LMG QG . 34.13 5.87 13.80
C42 LMG QG . 33.41 5.12 14.89
C43 LMG QG . 32.12 5.33 15.12
C44 LMG QG . 31.42 4.56 16.22
C45 LMG QG . 29.97 4.98 16.29
C1B LMT RG . 48.27 7.81 3.11
C2B LMT RG . 48.32 6.77 1.96
C3B LMT RG . 48.67 5.38 2.51
C4B LMT RG . 49.93 5.41 3.42
C5B LMT RG . 49.76 6.55 4.44
C6B LMT RG . 50.99 6.67 5.35
O1B LMT RG . 47.22 7.51 3.96
O2B LMT RG . 47.09 6.76 1.35
O3B LMT RG . 48.79 4.46 1.50
O4' LMT RG . 50.06 4.22 4.09
O5B LMT RG . 49.47 7.78 3.82
O6B LMT RG . 52.05 5.98 4.82
C1' LMT RG . 43.72 8.63 5.78
C2' LMT RG . 43.63 8.39 4.26
C3' LMT RG . 44.88 7.60 3.83
C4' LMT RG . 46.16 8.41 4.04
C5' LMT RG . 46.13 9.02 5.47
C6' LMT RG . 46.31 10.52 5.54
O1' LMT RG . 43.18 9.83 6.12
O2' LMT RG . 42.52 7.64 4.01
O3' LMT RG . 44.78 7.23 2.52
O5' LMT RG . 45.06 8.56 6.29
O6' LMT RG . 47.25 10.74 6.49
C1 LMT RG . 41.89 9.74 6.67
C2 LMT RG . 42.13 9.64 8.15
C3 LMT RG . 40.92 9.71 9.02
C4 LMT RG . 41.33 9.32 10.40
C5 LMT RG . 41.44 10.54 11.24
C6 LMT RG . 40.94 10.29 12.62
C7 LMT RG . 41.18 11.51 13.46
C8 LMT RG . 41.09 11.14 14.89
C1B LMT SG . 36.63 -2.77 24.74
C2B LMT SG . 35.20 -2.97 25.31
C3B LMT SG . 35.21 -3.23 26.82
C4B LMT SG . 36.47 -4.02 27.25
C5B LMT SG . 37.68 -3.14 26.89
C6B LMT SG . 38.96 -3.95 26.88
O1B LMT SG . 36.61 -1.99 23.57
O2B LMT SG . 34.44 -1.88 25.02
O3B LMT SG . 34.05 -3.80 27.24
O4' LMT SG . 36.47 -4.28 28.59
O5B LMT SG . 37.56 -2.34 25.71
O6B LMT SG . 39.07 -4.64 28.05
C1' LMT SG . 38.19 0.83 21.20
C2' LMT SG . 39.20 0.42 22.28
C3' LMT SG . 38.64 -0.83 23.02
C4' LMT SG . 37.17 -0.70 23.48
C5' LMT SG . 36.38 -0.03 22.31
C6' LMT SG . 34.92 0.23 22.58
O1' LMT SG . 38.59 1.95 20.51
O2' LMT SG . 40.38 0.10 21.69
O3' LMT SG . 39.43 -1.14 24.08
O5' LMT SG . 36.99 1.15 21.87
O6' LMT SG . 34.40 0.78 21.44
C1 LMT SG . 37.61 2.41 19.61
C2 LMT SG . 38.33 3.38 18.71
C3 LMT SG . 37.46 4.31 17.92
C4 LMT SG . 38.29 4.93 16.84
C5 LMT SG . 37.47 5.85 16.00
MG CLA TG . 47.27 -40.96 10.50
CHA CLA TG . 48.97 -38.18 9.34
CHB CLA TG . 50.18 -42.71 10.10
CHC CLA TG . 45.64 -43.63 11.75
CHD CLA TG . 44.33 -39.04 10.86
NA CLA TG . 49.34 -40.53 9.80
C1A CLA TG . 49.81 -39.43 9.35
C2A CLA TG . 51.21 -39.52 8.82
C3A CLA TG . 51.49 -40.97 9.04
C4A CLA TG . 50.26 -41.45 9.69
CMA CLA TG . 51.85 -41.73 7.80
CAA CLA TG . 52.27 -38.82 9.64
CBA CLA TG . 53.42 -38.35 8.77
CGA CLA TG . 54.68 -39.10 9.13
O1A CLA TG . 54.89 -39.56 10.24
O2A CLA TG . 55.66 -39.33 8.29
NB CLA TG . 47.85 -42.90 10.86
C1B CLA TG . 49.07 -43.42 10.70
C2B CLA TG . 49.19 -44.82 11.17
C3B CLA TG . 47.84 -45.06 11.63
C4B CLA TG . 47.06 -43.83 11.41
CMB CLA TG . 50.36 -45.74 11.19
CAB CLA TG . 47.35 -46.31 12.22
CBB CLA TG . 47.83 -46.80 13.34
NC CLA TG . 45.30 -41.27 11.24
C1C CLA TG . 44.79 -42.44 11.59
C2C CLA TG . 43.33 -42.47 11.79
C3C CLA TG . 42.96 -41.10 11.52
C4C CLA TG . 44.24 -40.45 11.20
CMC CLA TG . 42.45 -43.61 12.17
CAC CLA TG . 41.61 -40.44 11.51
CBC CLA TG . 41.04 -40.41 10.12
ND CLA TG . 46.63 -39.12 10.15
C1D CLA TG . 45.55 -38.41 10.41
C2D CLA TG . 45.70 -36.95 10.22
C3D CLA TG . 47.10 -36.93 9.77
C4D CLA TG . 47.56 -38.18 9.75
CMD CLA TG . 44.84 -35.75 10.40
CAD CLA TG . 48.13 -35.98 9.35
OBD CLA TG . 48.20 -34.82 9.88
CBD CLA TG . 49.36 -36.75 9.05
CGD CLA TG . 49.88 -36.45 7.69
O1D CLA TG . 51.07 -36.53 7.46
O2D CLA TG . 49.04 -36.03 6.60
CED CLA TG . 49.71 -35.92 5.36
C1 CLA TG . 57.03 -40.05 8.74
C2 CLA TG . 58.33 -39.33 9.07
C3 CLA TG . 58.76 -39.21 10.33
C4 CLA TG . 57.92 -39.75 11.43
C5 CLA TG . 60.05 -38.52 10.65
C6 CLA TG . 60.27 -38.30 12.15
C7 CLA TG . 61.36 -39.23 12.66
C8 CLA TG . 61.67 -38.90 14.10
C9 CLA TG . 62.34 -37.54 14.22
C10 CLA TG . 62.57 -39.99 14.65
C11 CLA TG . 62.80 -39.81 16.14
C12 CLA TG . 62.08 -40.89 16.94
C13 CLA TG . 62.11 -40.56 18.43
C14 CLA TG . 61.98 -41.85 19.25
C15 CLA TG . 60.99 -39.59 18.76
C16 CLA TG . 61.54 -38.26 19.26
C17 CLA TG . 61.43 -38.16 20.76
C18 CLA TG . 62.58 -37.34 21.32
C19 CLA TG . 62.08 -36.12 22.08
C20 CLA TG . 63.48 -38.19 22.19
MG CLA UG . 45.42 -30.99 2.97
CHA CLA UG . 43.78 -33.96 2.17
CHB CLA UG . 43.97 -31.13 6.03
CHC CLA UG . 47.18 -28.21 3.73
CHD CLA UG . 46.86 -30.96 -0.26
NA CLA UG . 44.03 -32.37 4.01
C1A CLA UG . 43.45 -33.41 3.53
C2A CLA UG . 42.43 -33.98 4.45
C3A CLA UG . 42.47 -33.01 5.56
C4A CLA UG . 43.56 -32.11 5.21
CMA CLA UG . 41.16 -32.29 5.50
CAA CLA UG . 42.94 -35.23 5.11
CBA CLA UG . 41.82 -36.00 5.78
CGA CLA UG . 42.52 -36.68 6.89
O1A CLA UG . 43.29 -36.10 7.61
O2A CLA UG . 42.40 -37.95 7.23
NB CLA UG . 45.55 -29.84 4.66
C1B CLA UG . 44.95 -30.07 5.83
C2B CLA UG . 45.37 -29.10 6.88
C3B CLA UG . 46.30 -28.25 6.15
C4B CLA UG . 46.34 -28.79 4.79
CMB CLA UG . 44.91 -29.08 8.31
CAB CLA UG . 47.13 -27.07 6.51
CBB CLA UG . 46.99 -26.34 7.57
NC CLA UG . 46.80 -29.79 1.91
C1C CLA UG . 47.41 -28.71 2.38
C2C CLA UG . 48.31 -28.03 1.44
C3C CLA UG . 48.20 -28.88 0.28
C4C CLA UG . 47.25 -29.90 0.66
CMC CLA UG . 49.16 -26.83 1.63
CAC CLA UG . 48.87 -28.75 -1.05
CBC CLA UG . 48.03 -27.79 -1.84
ND CLA UG . 45.42 -32.08 1.32
C1D CLA UG . 45.96 -32.03 0.12
C2D CLA UG . 45.60 -33.12 -0.79
C3D CLA UG . 44.70 -33.86 0.09
C4D CLA UG . 44.65 -33.22 1.25
CMD CLA UG . 45.94 -33.49 -2.18
CAD CLA UG . 43.88 -35.07 0.10
OBD CLA UG . 43.94 -36.01 -0.76
CBD CLA UG . 43.47 -35.29 1.51
CGD CLA UG . 42.06 -35.75 1.47
O1D CLA UG . 41.33 -35.44 0.56
O2D CLA UG . 41.55 -36.63 2.49
CED CLA UG . 41.86 -38.00 2.36
C1 CLA UG . 43.65 -38.93 7.06
C2 CLA UG . 44.90 -38.48 6.35
C3 CLA UG . 45.56 -39.27 5.51
C4 CLA UG . 45.10 -40.65 5.20
C5 CLA UG . 46.79 -38.71 4.87
C6 CLA UG . 47.90 -39.74 4.93
C7 CLA UG . 49.01 -39.24 4.03
C8 CLA UG . 50.13 -40.26 3.99
C9 CLA UG . 51.49 -39.57 4.01
C10 CLA UG . 49.91 -41.02 2.70
C11 CLA UG . 50.65 -42.34 2.81
C12 CLA UG . 49.73 -43.50 2.46
C13 CLA UG . 50.27 -44.71 3.18
C14 CLA UG . 49.61 -45.98 2.66
C15 CLA UG . 49.97 -44.48 4.65
C16 CLA UG . 51.14 -44.85 5.52
C17 CLA UG . 50.81 -46.17 6.16
C18 CLA UG . 51.03 -46.23 7.65
C19 CLA UG . 51.19 -47.66 8.12
C20 CLA UG . 52.23 -45.40 8.11
MG CLA VG . 34.63 -22.97 16.21
CHA CLA VG . 33.03 -20.67 18.29
CHB CLA VG . 32.97 -21.59 13.57
CHC CLA VG . 36.48 -24.90 14.20
CHD CLA VG . 36.06 -24.47 19.02
NA CLA VG . 33.18 -21.32 15.93
C1A CLA VG . 32.65 -20.60 16.83
C2A CLA VG . 31.61 -19.67 16.26
C3A CLA VG . 31.59 -20.06 14.80
C4A CLA VG . 32.66 -21.06 14.75
CMA CLA VG . 30.26 -20.44 14.19
CAA CLA VG . 32.26 -18.31 16.23
CBA CLA VG . 31.23 -17.22 15.99
CGA CLA VG . 31.49 -16.66 14.63
O1A CLA VG . 32.60 -16.56 14.15
O2A CLA VG . 30.57 -16.26 13.80
NB CLA VG . 34.72 -23.19 14.16
C1B CLA VG . 33.97 -22.61 13.24
C2B CLA VG . 34.23 -23.05 11.85
C3B CLA VG . 35.27 -24.04 12.10
C4B CLA VG . 35.51 -24.05 13.54
CMB CLA VG . 33.59 -22.60 10.57
CAB CLA VG . 36.01 -24.86 11.12
CBB CLA VG . 36.76 -24.25 10.25
NC CLA VG . 36.07 -24.46 16.59
C1C CLA VG . 36.68 -25.13 15.64
C2C CLA VG . 37.59 -26.15 16.08
C3C CLA VG . 37.53 -26.08 17.53
C4C CLA VG . 36.53 -25.00 17.72
CMC CLA VG . 38.39 -26.98 15.15
CAC CLA VG . 38.31 -27.01 18.44
CBC CLA VG . 38.79 -26.55 19.78
ND CLA VG . 34.64 -22.75 18.18
C1D CLA VG . 35.21 -23.34 19.21
C2D CLA VG . 34.89 -22.78 20.53
C3D CLA VG . 34.00 -21.71 20.11
C4D CLA VG . 33.90 -21.75 18.78
CMD CLA VG . 35.27 -23.12 21.94
CAD CLA VG . 33.18 -20.62 20.64
OBD CLA VG . 33.24 -20.19 21.85
CBD CLA VG . 32.78 -19.77 19.49
CGD CLA VG . 31.39 -19.28 19.69
O1D CLA VG . 30.55 -19.95 20.24
O2D CLA VG . 31.00 -17.95 19.25
CED CLA VG . 30.08 -17.21 20.02
C1 CLA VG . 30.82 -16.43 12.23
C2 CLA VG . 30.62 -17.72 11.49
C3 CLA VG . 31.62 -18.33 10.86
C4 CLA VG . 33.01 -17.77 10.89
C5 CLA VG . 31.35 -19.61 10.12
C6 CLA VG . 31.54 -19.38 8.64
C7 CLA VG . 30.36 -18.62 8.05
C8 CLA VG . 30.15 -18.97 6.59
C9 CLA VG . 31.38 -18.61 5.78
C10 CLA VG . 28.93 -18.22 6.09
C11 CLA VG . 27.78 -19.17 5.79
C12 CLA VG . 27.02 -18.69 4.57
C13 CLA VG . 25.54 -19.05 4.67
C14 CLA VG . 24.91 -18.53 5.95
C15 CLA VG . 25.39 -20.56 4.59
C16 CLA VG . 23.93 -20.95 4.61
C17 CLA VG . 23.61 -21.73 3.36
C18 CLA VG . 22.33 -22.55 3.49
C19 CLA VG . 22.18 -23.41 2.25
C20 CLA VG . 22.33 -23.39 4.76
MG CLA WG . 11.42 -40.60 5.99
CHA CLA WG . 8.82 -40.61 8.30
CHB CLA WG . 9.97 -43.36 4.55
CHC CLA WG . 13.84 -40.48 3.67
CHD CLA WG . 12.86 -37.78 7.61
NA CLA WG . 9.61 -41.85 6.33
C1A CLA WG . 8.76 -41.71 7.27
C2A CLA WG . 7.64 -42.71 7.18
C3A CLA WG . 8.07 -43.58 6.02
C4A CLA WG . 9.32 -42.90 5.60
CMA CLA WG . 8.14 -45.08 6.22
CAA CLA WG . 6.36 -41.99 6.72
CBA CLA WG . 6.35 -41.32 5.34
CGA CLA WG . 6.63 -39.83 5.30
O1A CLA WG . 5.97 -39.03 4.67
O2A CLA WG . 7.59 -39.20 5.91
NB CLA WG . 11.82 -41.76 4.34
C1B CLA WG . 11.19 -42.86 3.93
C2B CLA WG . 11.77 -43.49 2.72
C3B CLA WG . 12.92 -42.62 2.49
C4B CLA WG . 12.87 -41.58 3.54
CMB CLA WG . 11.29 -44.71 2.00
CAB CLA WG . 13.96 -42.67 1.45
CBB CLA WG . 14.59 -43.77 1.14
NC CLA WG . 13.07 -39.31 5.67
C1C CLA WG . 13.94 -39.41 4.67
C2C CLA WG . 15.01 -38.40 4.63
C3C CLA WG . 14.68 -37.59 5.80
C4C CLA WG . 13.49 -38.24 6.36
CMC CLA WG . 16.12 -38.24 3.64
CAC CLA WG . 15.38 -36.38 6.33
CBC CLA WG . 16.67 -36.81 7.00
ND CLA WG . 11.07 -39.41 7.55
C1D CLA WG . 11.61 -38.35 8.12
C2D CLA WG . 10.87 -37.82 9.30
C3D CLA WG . 9.77 -38.77 9.32
C4D CLA WG . 9.93 -39.64 8.31
CMD CLA WG . 10.99 -36.71 10.29
CAD CLA WG . 8.55 -39.06 10.08
OBD CLA WG . 8.00 -38.27 10.91
CBD CLA WG . 7.87 -40.20 9.41
CGD CLA WG . 7.57 -41.27 10.40
O1D CLA WG . 6.65 -41.12 11.18
O2D CLA WG . 8.31 -42.50 10.46
CED CLA WG . 7.61 -43.67 10.85
C1 CLA WG . 8.71 -38.36 5.12
C2 CLA WG . 8.95 -36.92 5.49
C3 CLA WG . 9.83 -36.13 4.88
C4 CLA WG . 9.95 -34.72 5.33
C5 CLA WG . 10.68 -36.66 3.75
C6 CLA WG . 11.99 -35.87 3.64
C7 CLA WG . 12.34 -35.62 2.19
C8 CLA WG . 13.09 -34.31 1.99
C9 CLA WG . 14.48 -34.38 2.60
C10 CLA WG . 12.29 -33.15 2.60
MG CLA XG . 15.67 -52.11 4.90
CHA CLA XG . 17.27 -54.37 2.83
CHB CLA XG . 15.88 -49.85 2.34
CHC CLA XG . 14.00 -49.94 6.88
CHD CLA XG . 15.51 -54.54 7.46
NA CLA XG . 16.45 -52.09 2.82
C1A CLA XG . 17.04 -53.04 2.20
C2A CLA XG . 17.51 -52.66 0.82
C3A CLA XG . 17.10 -51.21 0.77
C4A CLA XG . 16.41 -51.03 2.05
CMA CLA XG . 18.25 -50.26 0.61
CAA CLA XG . 16.73 -53.38 -0.29
CBA CLA XG . 16.76 -52.73 -1.68
CGA CLA XG . 18.13 -52.67 -2.35
O1A CLA XG . 18.40 -51.98 -3.32
O2A CLA XG . 19.23 -53.34 -2.01
NB CLA XG . 15.02 -50.18 4.63
C1B CLA XG . 15.20 -49.41 3.55
C2B CLA XG . 14.64 -48.05 3.68
C3B CLA XG . 14.08 -48.10 5.02
C4B CLA XG . 14.38 -49.45 5.54
CMB CLA XG . 14.62 -46.94 2.71
CAB CLA XG . 13.40 -46.98 5.71
CBB CLA XG . 12.17 -47.05 6.12
NC CLA XG . 14.85 -52.24 6.85
C1C CLA XG . 14.32 -51.22 7.51
C2C CLA XG . 14.06 -51.43 8.93
C3C CLA XG . 14.52 -52.81 9.11
C4C CLA XG . 14.99 -53.20 7.77
CMC CLA XG . 13.47 -50.48 9.93
CAC CLA XG . 14.53 -53.63 10.35
CBC CLA XG . 15.90 -53.54 10.98
ND CLA XG . 16.19 -54.00 5.22
C1D CLA XG . 16.12 -54.89 6.20
C2D CLA XG . 16.73 -56.20 5.89
C3D CLA XG . 17.16 -55.93 4.52
C4D CLA XG . 16.83 -54.67 4.21
CMD CLA XG . 16.94 -57.53 6.55
CAD CLA XG . 17.84 -56.57 3.39
OBD CLA XG . 18.34 -57.74 3.41
CBD CLA XG . 18.04 -55.55 2.33
CGD CLA XG . 19.45 -55.14 2.46
O1D CLA XG . 20.02 -55.27 3.52
O2D CLA XG . 20.19 -54.57 1.36
CED CLA XG . 21.49 -54.12 1.69
C1 CLA XG . 19.44 -54.82 -2.56
C2 CLA XG . 18.41 -55.89 -2.29
C3 CLA XG . 18.65 -57.19 -2.46
C4 CLA XG . 19.98 -57.62 -2.97
C5 CLA XG . 17.58 -58.22 -2.16
C6 CLA XG . 17.37 -58.38 -0.67
C7 CLA XG . 15.93 -58.16 -0.26
C8 CLA XG . 15.68 -58.67 1.14
C9 CLA XG . 15.29 -60.13 1.09
C10 CLA XG . 14.58 -57.88 1.81
C11 CLA XG . 14.28 -58.39 3.20
C12 CLA XG . 12.98 -57.78 3.70
C13 CLA XG . 12.82 -57.88 5.20
C14 CLA XG . 12.92 -59.31 5.67
C15 CLA XG . 11.46 -57.31 5.58
MG CLA YG . 20.16 -45.70 -0.42
CHA CLA YG . 18.54 -44.09 2.19
CHB CLA YG . 21.03 -48.12 1.81
CHC CLA YG . 21.53 -47.33 -3.01
CHD CLA YG . 19.16 -43.09 -2.62
NA CLA YG . 19.82 -46.10 1.74
C1A CLA YG . 19.21 -45.38 2.59
C2A CLA YG . 19.25 -45.91 3.98
C3A CLA YG . 20.11 -47.11 3.80
C4A CLA YG . 20.32 -47.14 2.35
CMA CLA YG . 21.38 -47.06 4.59
CAA CLA YG . 17.92 -46.54 4.31
CBA CLA YG . 17.08 -45.77 5.32
CGA CLA YG . 17.48 -46.11 6.72
O1A CLA YG . 17.49 -47.24 7.15
O2A CLA YG . 17.83 -45.25 7.64
NB CLA YG . 21.12 -47.50 -0.57
C1B CLA YG . 21.43 -48.34 0.41
C2B CLA YG . 22.21 -49.52 -0.04
C3B CLA YG . 22.34 -49.24 -1.46
C4B CLA YG . 21.64 -47.97 -1.70
CMB CLA YG . 22.73 -50.67 0.76
CAB CLA YG . 23.01 -50.02 -2.50
CBB CLA YG . 22.56 -51.20 -2.83
NC CLA YG . 20.26 -45.31 -2.50
C1C CLA YG . 20.92 -46.05 -3.38
C2C CLA YG . 20.99 -45.51 -4.74
C3C CLA YG . 20.25 -44.27 -4.59
C4C CLA YG . 19.86 -44.24 -3.19
CMC CLA YG . 21.63 -46.10 -5.96
CAC CLA YG . 19.93 -43.22 -5.60
CBC CLA YG . 21.08 -42.27 -5.64
ND CLA YG . 19.10 -44.01 -0.40
C1D CLA YG . 18.78 -43.02 -1.21
C2D CLA YG . 18.07 -41.88 -0.61
C3D CLA YG . 18.02 -42.39 0.75
C4D CLA YG . 18.60 -43.58 0.81
CMD CLA YG . 17.49 -40.54 -0.98
CAD CLA YG . 17.51 -41.99 2.05
OBD CLA YG . 16.62 -41.09 2.19
CBD CLA YG . 17.74 -43.09 3.00
CGD CLA YG . 18.50 -42.52 4.16
O1D CLA YG . 19.63 -42.10 4.05
O2D CLA YG . 17.83 -42.46 5.44
CED CLA YG . 17.06 -41.30 5.76
C1 CLA YG . 19.26 -44.55 7.56
C2 CLA YG . 20.47 -45.11 8.24
C3 CLA YG . 21.69 -44.67 7.95
C4 CLA YG . 22.83 -45.28 8.67
C5 CLA YG . 21.94 -43.60 6.92
C6 CLA YG . 23.44 -43.34 6.69
C7 CLA YG . 23.93 -43.97 5.40
C8 CLA YG . 25.44 -43.83 5.28
C9 CLA YG . 25.80 -42.70 4.31
C10 CLA YG . 26.05 -45.17 4.88
C11 CLA YG . 26.14 -45.41 3.38
C12 CLA YG . 25.12 -46.46 2.94
C13 CLA YG . 25.00 -46.56 1.43
C14 CLA YG . 26.17 -47.30 0.85
C15 CLA YG . 24.89 -45.19 0.80
C16 CLA YG . 23.45 -44.81 0.50
C17 CLA YG . 23.41 -43.52 -0.30
C18 CLA YG . 22.43 -42.53 0.31
C19 CLA YG . 22.65 -42.35 1.81
C20 CLA YG . 22.53 -41.21 -0.42
MG CLA ZG . 16.09 -33.01 -13.17
CHA CLA ZG . 17.01 -29.69 -13.80
CHB CLA ZG . 18.76 -33.13 -11.05
CHC CLA ZG . 15.23 -36.20 -12.51
CHD CLA ZG . 13.47 -32.73 -15.44
NA CLA ZG . 17.69 -31.61 -12.47
C1A CLA ZG . 17.88 -30.40 -12.82
C2A CLA ZG . 19.07 -29.75 -12.20
C3A CLA ZG . 19.63 -30.89 -11.42
C4A CLA ZG . 18.63 -31.95 -11.65
CMA CLA ZG . 21.03 -31.22 -11.82
CAA CLA ZG . 18.72 -28.70 -11.13
CBA CLA ZG . 17.47 -29.01 -10.32
CGA CLA ZG . 16.31 -28.20 -10.82
O1A CLA ZG . 16.25 -26.98 -10.73
O2A CLA ZG . 15.25 -28.66 -11.45
NB CLA ZG . 16.90 -34.44 -11.95
C1B CLA ZG . 17.94 -34.34 -11.14
C2B CLA ZG . 18.22 -35.55 -10.34
C3B CLA ZG . 17.17 -36.42 -10.81
C4B CLA ZG . 16.39 -35.67 -11.80
CMB CLA ZG . 19.29 -35.83 -9.34
CAB CLA ZG . 16.89 -37.79 -10.40
CBB CLA ZG . 16.21 -37.96 -9.30
NC CLA ZG . 14.50 -34.25 -13.79
C1C CLA ZG . 14.38 -35.53 -13.50
C2C CLA ZG . 13.34 -36.27 -14.23
C3C CLA ZG . 12.80 -35.22 -15.07
C4C CLA ZG . 13.58 -34.02 -14.73
CMC CLA ZG . 12.97 -37.71 -14.13
CAC CLA ZG . 11.69 -35.34 -16.08
CBC CLA ZG . 10.47 -34.69 -15.49
ND CLA ZG . 15.33 -31.65 -14.40
C1D CLA ZG . 14.29 -31.55 -15.20
C2D CLA ZG . 14.11 -30.23 -15.83
C3D CLA ZG . 15.24 -29.52 -15.22
C4D CLA ZG . 15.87 -30.37 -14.42
CMD CLA ZG . 13.17 -29.59 -16.78
CAD CLA ZG . 15.88 -28.20 -15.20
OBD CLA ZG . 15.26 -27.11 -15.42
CBD CLA ZG . 17.11 -28.29 -14.37
CGD CLA ZG . 18.31 -28.22 -15.26
O1D CLA ZG . 18.28 -28.69 -16.36
O2D CLA ZG . 19.53 -27.59 -14.81
CED CLA ZG . 20.36 -26.95 -15.76
C1 CLA ZG . 13.99 -29.32 -10.70
C2 CLA ZG . 13.64 -30.78 -10.80
C3 CLA ZG . 12.51 -31.19 -11.39
C4 CLA ZG . 11.55 -30.19 -11.99
C5 CLA ZG . 12.13 -32.65 -11.48
C6 CLA ZG . 12.94 -33.47 -10.49
C7 CLA ZG . 12.06 -34.43 -9.73
C8 CLA ZG . 12.37 -35.86 -10.14
C9 CLA ZG . 11.29 -36.39 -11.06
C10 CLA ZG . 12.48 -36.76 -8.91
C11 CLA ZG . 13.44 -36.20 -7.87
C12 CLA ZG . 12.87 -36.36 -6.46
C13 CLA ZG . 13.69 -37.34 -5.64
C14 CLA ZG . 13.26 -38.78 -5.91
C15 CLA ZG . 13.54 -36.99 -4.18
C16 CLA ZG . 14.27 -37.97 -3.28
C17 CLA ZG . 15.45 -37.31 -2.59
C18 CLA ZG . 15.06 -36.88 -1.19
C19 CLA ZG . 14.73 -38.09 -0.32
C20 CLA ZG . 16.17 -36.05 -0.55
MG CLA AH . 25.90 -33.08 -10.58
CHA CLA AH . 26.43 -36.06 -12.31
CHB CLA AH . 22.69 -34.11 -10.02
CHC CLA AH . 25.42 -30.20 -8.87
CHD CLA AH . 29.21 -32.11 -11.27
NA CLA AH . 24.67 -34.85 -11.09
C1A CLA AH . 25.02 -35.87 -11.78
C2A CLA AH . 23.96 -36.90 -11.87
C3A CLA AH . 22.78 -36.22 -11.23
C4A CLA AH . 23.40 -34.97 -10.75
CMA CLA AH . 21.60 -36.07 -12.15
CAA CLA AH . 24.35 -38.03 -10.88
CBA CLA AH . 24.31 -37.88 -9.36
CGA CLA AH . 25.50 -37.20 -8.68
O1A CLA AH . 25.74 -37.32 -7.49
O2A CLA AH . 26.42 -36.43 -9.20
NB CLA AH . 24.28 -32.28 -9.61
C1B CLA AH . 23.08 -32.83 -9.45
C2B CLA AH . 22.14 -32.05 -8.62
C3B CLA AH . 22.97 -30.89 -8.31
C4B CLA AH . 24.27 -31.12 -8.96
CMB CLA AH . 20.75 -32.42 -8.26
CAB CLA AH . 22.62 -29.71 -7.49
CBB CLA AH . 21.98 -29.80 -6.35
NC CLA AH . 27.14 -31.44 -10.08
C1C CLA AH . 26.78 -30.39 -9.36
C2C CLA AH . 27.87 -29.44 -9.08
C3C CLA AH . 28.99 -30.05 -9.75
C4C CLA AH . 28.44 -31.26 -10.35
CMC CLA AH . 27.82 -28.18 -8.29
CAC CLA AH . 30.41 -29.58 -9.87
CBC CLA AH . 31.25 -30.29 -8.85
ND CLA AH . 27.49 -33.75 -11.58
C1D CLA AH . 28.75 -33.40 -11.72
C2D CLA AH . 29.62 -34.39 -12.37
C3D CLA AH . 28.63 -35.44 -12.60
C4D CLA AH . 27.45 -35.02 -12.14
CMD CLA AH . 31.05 -34.48 -12.75
CAD CLA AH . 28.51 -36.78 -13.17
OBD CLA AH . 29.50 -37.60 -13.25
CBD CLA AH . 27.11 -37.24 -12.97
CGD CLA AH . 26.47 -37.76 -14.21
O1D CLA AH . 26.86 -38.81 -14.69
O2D CLA AH . 25.39 -37.09 -14.88
CED CLA AH . 24.61 -37.82 -15.81
C1 CLA AH . 27.52 -35.64 -8.33
C2 CLA AH . 27.26 -34.56 -7.31
C3 CLA AH . 28.21 -33.65 -7.02
C4 CLA AH . 29.54 -33.67 -7.69
C5 CLA AH . 27.98 -32.58 -5.99
C6 CLA AH . 26.50 -32.22 -5.94
C7 CLA AH . 26.08 -31.95 -4.53
C8 CLA AH . 24.64 -32.37 -4.32
C9 CLA AH . 24.18 -32.02 -2.92
C10 CLA AH . 24.49 -33.86 -4.60
C11 CLA AH . 23.21 -34.15 -5.36
C12 CLA AH . 23.34 -35.45 -6.13
C13 CLA AH . 22.48 -36.53 -5.49
C14 CLA AH . 23.21 -37.86 -5.49
C15 CLA AH . 21.18 -36.68 -6.26
C16 CLA AH . 20.21 -37.48 -5.40
C17 CLA AH . 19.08 -38.06 -6.22
C18 CLA AH . 18.03 -38.71 -5.32
C19 CLA AH . 16.94 -39.38 -6.13
C20 CLA AH . 18.67 -39.73 -4.40
MG CLA BH . 27.70 -23.22 -7.98
CHA CLA BH . 25.79 -25.49 -9.80
CHB CLA BH . 24.88 -22.47 -6.23
CHC CLA BH . 29.63 -21.25 -6.06
CHD CLA BH . 30.51 -23.95 -10.00
NA CLA BH . 25.58 -23.89 -7.97
C1A CLA BH . 25.02 -24.74 -8.75
C2A CLA BH . 23.56 -24.90 -8.48
C3A CLA BH . 23.31 -23.86 -7.46
C4A CLA BH . 24.68 -23.37 -7.18
CMA CLA BH . 22.34 -22.88 -8.06
CAA CLA BH . 23.34 -26.27 -7.80
CBA CLA BH . 23.00 -26.36 -6.31
CGA CLA BH . 23.98 -27.24 -5.57
O1A CLA BH . 24.73 -28.02 -6.10
O2A CLA BH . 24.13 -27.26 -4.27
NB CLA BH . 27.30 -22.04 -6.37
C1B CLA BH . 26.13 -21.81 -5.81
C2B CLA BH . 26.19 -20.86 -4.69
C3B CLA BH . 27.59 -20.50 -4.66
C4B CLA BH . 28.21 -21.29 -5.74
CMB CLA BH . 25.07 -20.41 -3.84
CAB CLA BH . 28.34 -19.57 -3.77
CBB CLA BH . 27.88 -18.38 -3.43
NC CLA BH . 29.77 -22.74 -8.00
C1C CLA BH . 30.34 -21.89 -7.17
C2C CLA BH . 31.74 -21.59 -7.42
C3C CLA BH . 32.02 -22.41 -8.57
C4C CLA BH . 30.74 -23.07 -8.85
CMC CLA BH . 32.62 -20.67 -6.64
CAC CLA BH . 33.29 -22.55 -9.35
CBC CLA BH . 33.28 -21.53 -10.45
ND CLA BH . 28.17 -24.36 -9.55
C1D CLA BH . 29.26 -24.66 -10.23
C2D CLA BH . 29.09 -25.72 -11.25
C3D CLA BH . 27.67 -26.01 -11.03
C4D CLA BH . 27.22 -25.21 -10.06
CMD CLA BH . 29.97 -26.41 -12.24
CAD CLA BH . 26.59 -26.88 -11.52
OBD CLA BH . 26.79 -28.01 -12.07
CBD CLA BH . 25.38 -26.63 -10.71
CGD CLA BH . 24.19 -26.34 -11.55
O1D CLA BH . 24.19 -25.46 -12.38
O2D CLA BH . 22.97 -27.10 -11.35
CED CLA BH . 22.28 -27.62 -12.48
MG CLA CH . 22.64 -15.86 -4.66
CHA CLA CH . 23.14 -12.60 -5.61
CHB CLA CH . 21.39 -16.44 -7.83
CHC CLA CH . 21.87 -18.90 -3.62
CHD CLA CH . 24.21 -15.23 -1.52
NA CLA CH . 22.30 -14.68 -6.52
C1A CLA CH . 22.57 -13.45 -6.70
C2A CLA CH . 22.27 -12.95 -8.08
C3A CLA CH . 21.69 -14.19 -8.73
C4A CLA CH . 21.79 -15.18 -7.63
CMA CLA CH . 20.37 -14.10 -9.47
CAA CLA CH . 23.58 -12.71 -8.82
CBA CLA CH . 23.50 -11.49 -9.73
CGA CLA CH . 24.31 -11.81 -10.97
O1A CLA CH . 23.84 -12.26 -12.00
O2A CLA CH . 25.61 -11.63 -11.10
NB CLA CH . 21.74 -17.45 -5.61
C1B CLA CH . 21.37 -17.56 -6.88
C2B CLA CH . 20.88 -18.91 -7.26
C3B CLA CH . 21.02 -19.63 -6.01
C4B CLA CH . 21.56 -18.65 -5.04
CMB CLA CH . 20.38 -19.41 -8.60
CAB CLA CH . 20.65 -21.05 -5.83
CBB CLA CH . 21.02 -21.91 -4.90
NC CLA CH . 23.11 -16.95 -2.90
C1C CLA CH . 22.67 -18.16 -2.65
C2C CLA CH . 22.99 -18.74 -1.35
C3C CLA CH . 23.76 -17.66 -0.77
C4C CLA CH . 23.76 -16.60 -1.79
CMC CLA CH . 22.64 -20.08 -0.79
CAC CLA CH . 24.39 -17.64 0.60
CBC CLA CH . 25.78 -18.18 0.49
ND CLA CH . 23.52 -14.38 -3.68
C1D CLA CH . 24.07 -14.15 -2.49
C2D CLA CH . 24.50 -12.74 -2.26
C3D CLA CH . 24.09 -12.18 -3.55
C4D CLA CH . 23.55 -13.15 -4.30
CMD CLA CH . 25.16 -11.95 -1.17
CAD CLA CH . 24.08 -10.91 -4.30
OBD CLA CH . 24.25 -9.76 -3.76
CBD CLA CH . 23.34 -11.12 -5.57
CGD CLA CH . 22.01 -10.45 -5.48
O1D CLA CH . 21.54 -10.13 -4.40
O2D CLA CH . 21.23 -10.17 -6.65
CED CLA CH . 20.79 -8.84 -6.93
MG CLA DH . 2.35 -57.86 -5.37
CHA CLA DH . -0.54 -59.64 -4.51
CHB CLA DH . 4.02 -59.86 -3.12
CHC CLA DH . 5.15 -56.23 -6.26
CHD CLA DH . 0.49 -55.88 -7.63
NA CLA DH . 1.85 -59.55 -3.99
C1A CLA DH . 0.71 -60.07 -3.79
C2A CLA DH . 0.72 -61.17 -2.77
C3A CLA DH . 2.13 -61.14 -2.30
C4A CLA DH . 2.72 -60.13 -3.20
CMA CLA DH . 2.16 -60.81 -0.83
CAA CLA DH . 0.65 -62.48 -3.54
CBA CLA DH . 0.31 -63.68 -2.68
CGA CLA DH . -0.01 -64.82 -3.62
O1A CLA DH . 0.59 -65.04 -4.66
O2A CLA DH . -0.97 -65.71 -3.44
NB CLA DH . 4.32 -58.04 -4.77
C1B CLA DH . 4.83 -58.88 -3.86
C2B CLA DH . 6.28 -58.73 -3.67
C3B CLA DH . 6.61 -57.66 -4.59
C4B CLA DH . 5.32 -57.28 -5.23
CMB CLA DH . 7.22 -59.47 -2.76
CAB CLA DH . 7.98 -57.12 -4.75
CBB CLA DH . 8.56 -56.81 -5.88
NC CLA DH . 2.77 -56.32 -6.74
C1C CLA DH . 3.97 -55.81 -6.99
C2C CLA DH . 4.05 -54.79 -8.04
C3C CLA DH . 2.65 -54.71 -8.46
C4C CLA DH . 1.95 -55.67 -7.59
CMC CLA DH . 5.24 -54.05 -8.56
CAC CLA DH . 2.04 -53.85 -9.53
CBC CLA DH . 1.59 -52.55 -8.91
ND CLA DH . 0.48 -57.70 -6.03
C1D CLA DH . -0.21 -56.92 -6.86
C2D CLA DH . -1.67 -57.18 -6.90
C3D CLA DH . -1.73 -58.29 -5.94
C4D CLA DH . -0.50 -58.52 -5.49
CMD CLA DH . -2.89 -56.67 -7.60
CAD CLA DH . -2.70 -59.20 -5.31
OBD CLA DH . -3.93 -59.32 -5.65
CBD CLA DH . -1.96 -60.13 -4.42
CGD CLA DH . -2.49 -59.99 -3.02
O1D CLA DH . -2.06 -59.12 -2.28
O2D CLA DH . -3.51 -60.89 -2.52
CED CLA DH . -4.43 -60.42 -1.55
C1 CLA DH . -2.30 -65.59 -4.32
C2 CLA DH . -3.42 -64.64 -3.97
C3 CLA DH . -4.11 -64.00 -4.92
C4 CLA DH . -5.21 -63.06 -4.53
C5 CLA DH . -3.77 -64.19 -6.38
C6 CLA DH . -3.25 -62.87 -6.95
C7 CLA DH . -1.93 -63.06 -7.68
C8 CLA DH . -1.22 -61.72 -7.92
C9 CLA DH . -1.86 -60.97 -9.08
C10 CLA DH . 0.25 -61.97 -8.18
C11 CLA DH . 1.03 -60.67 -8.36
C12 CLA DH . 2.51 -60.93 -8.20
C13 CLA DH . 3.29 -59.64 -8.33
C14 CLA DH . 3.35 -59.17 -9.78
C15 CLA DH . 4.67 -59.78 -7.68
C16 CLA DH . 5.76 -60.26 -8.62
C17 CLA DH . 7.14 -59.76 -8.21
C18 CLA DH . 7.59 -58.48 -8.93
C19 CLA DH . 9.11 -58.46 -9.05
C20 CLA DH . 6.99 -58.30 -10.32
MG CLA EH . 6.05 -67.98 -7.55
CHA CLA EH . 4.46 -67.65 -4.46
CHB CLA EH . 5.87 -71.38 -7.09
CHC CLA EH . 7.50 -68.31 -10.57
CHD CLA EH . 6.18 -64.45 -7.87
NA CLA EH . 5.25 -69.37 -5.99
C1A CLA EH . 4.68 -69.08 -4.89
C2A CLA EH . 4.29 -70.28 -4.07
C3A CLA EH . 4.78 -71.41 -4.94
C4A CLA EH . 5.34 -70.68 -6.10
CMA CLA EH . 5.61 -72.51 -4.31
CAA CLA EH . 2.78 -70.44 -4.01
CBA CLA EH . 2.31 -70.46 -2.57
CGA CLA EH . 0.81 -70.51 -2.52
O1A CLA EH . 0.16 -70.86 -1.54
O2A CLA EH . 0.03 -70.20 -3.53
NB CLA EH . 6.58 -69.62 -8.66
C1B CLA EH . 6.48 -70.91 -8.34
C2B CLA EH . 7.01 -71.84 -9.35
C3B CLA EH . 7.50 -70.91 -10.36
C4B CLA EH . 7.19 -69.55 -9.86
CMB CLA EH . 7.07 -73.34 -9.33
CAB CLA EH . 8.16 -71.24 -11.64
CBB CLA EH . 7.52 -71.10 -12.78
NC CLA EH . 6.67 -66.59 -9.02
C1C CLA EH . 7.28 -66.92 -10.16
C2C CLA EH . 7.71 -65.79 -11.01
C3C CLA EH . 7.28 -64.66 -10.21
C4C CLA EH . 6.66 -65.25 -9.01
CMC CLA EH . 8.41 -65.82 -12.34
CAC CLA EH . 7.43 -63.19 -10.53
CBC CLA EH . 6.21 -62.76 -11.31
ND CLA EH . 5.49 -66.35 -6.54
C1D CLA EH . 5.58 -65.03 -6.67
C2D CLA EH . 5.07 -64.24 -5.51
C3D CLA EH . 4.63 -65.36 -4.66
C4D CLA EH . 4.89 -66.51 -5.29
CMD CLA EH . 4.92 -62.82 -5.10
CAD CLA EH . 4.00 -65.61 -3.36
OBD CLA EH . 3.76 -64.74 -2.46
CBD CLA EH . 3.84 -67.08 -3.19
CGD CLA EH . 4.57 -67.54 -1.95
O1D CLA EH . 5.68 -68.00 -2.03
O2D CLA EH . 3.95 -67.47 -0.66
CED CLA EH . 4.79 -67.60 0.49
MG CLA FH . 10.52 -60.69 -3.36
CHA CLA FH . 11.77 -57.77 -1.95
CHB CLA FH . 11.88 -59.63 -6.35
CHC CLA FH . 9.40 -63.51 -4.71
CHD CLA FH . 9.30 -61.70 -0.20
NA CLA FH . 11.70 -58.94 -4.09
C1A CLA FH . 12.08 -57.94 -3.41
C2A CLA FH . 12.82 -56.93 -4.22
C3A CLA FH . 12.81 -57.52 -5.60
C4A CLA FH . 12.08 -58.79 -5.33
CMA CLA FH . 12.36 -56.68 -6.77
CAA CLA FH . 14.29 -56.92 -3.82
CBA CLA FH . 14.79 -55.50 -3.93
CGA CLA FH . 15.91 -55.54 -4.92
O1A CLA FH . 16.37 -54.57 -5.49
O2A CLA FH . 16.51 -56.68 -5.24
NB CLA FH . 10.65 -61.46 -5.26
C1B CLA FH . 11.18 -60.91 -6.35
C2B CLA FH . 11.06 -61.73 -7.58
C3B CLA FH . 10.31 -62.87 -7.07
C4B CLA FH . 10.11 -62.62 -5.63
CMB CLA FH . 11.57 -61.39 -8.95
CAB CLA FH . 9.84 -64.09 -7.77
CBB CLA FH . 10.60 -64.75 -8.62
NC CLA FH . 9.53 -62.38 -2.55
C1C CLA FH . 9.11 -63.40 -3.28
C2C CLA FH . 8.35 -64.42 -2.57
C3C CLA FH . 8.32 -63.93 -1.22
C4C CLA FH . 9.07 -62.64 -1.31
CMC CLA FH . 7.77 -65.69 -3.12
CAC CLA FH . 7.63 -64.59 -0.06
CBC CLA FH . 8.53 -65.09 1.04
ND CLA FH . 10.49 -60.04 -1.48
C1D CLA FH . 9.98 -60.42 -0.31
C2D CLA FH . 10.16 -59.45 0.79
C3D CLA FH . 10.89 -58.41 0.06
C4D CLA FH . 11.04 -58.81 -1.19
CMD CLA FH . 9.82 -59.32 2.25
CAD CLA FH . 11.48 -57.09 0.27
OBD CLA FH . 11.23 -56.35 1.28
CBD CLA FH . 12.01 -56.60 -1.03
CGD CLA FH . 11.12 -55.50 -1.49
O1D CLA FH . 9.96 -55.44 -1.13
O2D CLA FH . 11.57 -54.47 -2.39
CED CLA FH . 10.57 -53.66 -2.98
C1 CLA FH . 17.93 -56.73 -5.95
C2 CLA FH . 18.05 -56.39 -7.40
C3 CLA FH . 19.00 -56.90 -8.18
C4 CLA FH . 19.02 -56.50 -9.61
C5 CLA FH . 20.04 -57.86 -7.63
C6 CLA FH . 21.42 -57.41 -8.07
C7 CLA FH . 22.32 -57.13 -6.88
C8 CLA FH . 22.77 -58.40 -6.17
C9 CLA FH . 23.18 -58.10 -4.75
C10 CLA FH . 23.97 -58.97 -6.88
C11 CLA FH . 23.63 -60.28 -7.57
C12 CLA FH . 24.92 -60.98 -7.95
C13 CLA FH . 25.06 -62.39 -7.40
C14 CLA FH . 24.37 -62.58 -6.06
C15 CLA FH . 26.55 -62.67 -7.29
C16 CLA FH . 26.85 -64.09 -6.86
C17 CLA FH . 26.36 -65.12 -7.86
C18 CLA FH . 26.95 -66.49 -7.56
C19 CLA FH . 26.43 -67.55 -8.52
C20 CLA FH . 28.47 -66.43 -7.56
MG CLA GH . 16.53 -55.26 -23.12
CHA CLA GH . 16.54 -52.41 -25.14
CHB CLA GH . 17.77 -53.28 -20.61
CHC CLA GH . 16.40 -57.97 -21.14
CHD CLA GH . 15.31 -57.18 -25.84
NA CLA GH . 17.08 -53.11 -22.86
C1A CLA GH . 17.02 -52.18 -23.74
C2A CLA GH . 17.52 -50.85 -23.24
C3A CLA GH . 17.94 -51.21 -21.84
C4A CLA GH . 17.57 -52.64 -21.75
CMA CLA GH . 19.37 -50.91 -21.52
CAA CLA GH . 16.39 -49.81 -23.11
CBA CLA GH . 15.11 -50.35 -22.46
CGA CLA GH . 13.89 -49.72 -23.07
O1A CLA GH . 13.69 -48.53 -23.15
O2A CLA GH . 12.90 -50.42 -23.56
NB CLA GH . 17.01 -55.56 -21.14
C1B CLA GH . 17.52 -54.69 -20.27
C2B CLA GH . 17.79 -55.25 -18.93
C3B CLA GH . 17.38 -56.64 -19.12
C4B CLA GH . 16.92 -56.74 -20.52
CMB CLA GH . 18.35 -54.49 -17.75
CAB CLA GH . 17.36 -57.81 -18.19
CBB CLA GH . 18.15 -57.93 -17.14
NC CLA GH . 15.88 -57.26 -23.43
C1C CLA GH . 15.93 -58.21 -22.51
C2C CLA GH . 15.45 -59.53 -22.95
C3C CLA GH . 15.09 -59.27 -24.32
C4C CLA GH . 15.41 -57.85 -24.53
CMC CLA GH . 15.35 -60.81 -22.16
CAC CLA GH . 14.53 -60.21 -25.34
CBC CLA GH . 15.69 -60.90 -26.00
ND CLA GH . 16.02 -55.01 -25.03
C1D CLA GH . 15.55 -55.75 -26.03
C2D CLA GH . 15.33 -55.01 -27.29
C3D CLA GH . 15.75 -53.67 -26.87
C4D CLA GH . 16.11 -53.74 -25.59
CMD CLA GH . 14.87 -55.28 -28.68
CAD CLA GH . 15.89 -52.31 -27.39
OBD CLA GH . 15.50 -51.89 -28.52
CBD CLA GH . 16.46 -51.45 -26.32
CGD CLA GH . 17.79 -51.00 -26.81
O1D CLA GH . 18.83 -51.30 -26.25
O2D CLA GH . 17.86 -50.18 -27.98
CED CLA GH . 18.66 -50.60 -29.09
C1 CLA GH . 11.47 -50.48 -22.85
C2 CLA GH . 10.30 -49.69 -23.37
C3 CLA GH . 9.23 -50.31 -23.91
C4 CLA GH . 8.09 -49.49 -24.44
C5 CLA GH . 9.18 -51.82 -24.02
C6 CLA GH . 8.23 -52.41 -22.99
C7 CLA GH . 8.61 -53.84 -22.60
C8 CLA GH . 8.75 -53.94 -21.09
C9 CLA GH . 9.92 -53.08 -20.62
C10 CLA GH . 8.93 -55.39 -20.65
C11 CLA GH . 8.46 -55.60 -19.21
C12 CLA GH . 9.62 -55.85 -18.24
C13 CLA GH . 9.41 -55.22 -16.86
C14 CLA GH . 8.76 -53.83 -16.94
C15 CLA GH . 10.73 -55.14 -16.12
C16 CLA GH . 10.66 -55.88 -14.79
C17 CLA GH . 10.24 -54.95 -13.66
C18 CLA GH . 9.02 -55.49 -12.94
C19 CLA GH . 9.26 -55.54 -11.45
C20 CLA GH . 7.77 -54.67 -13.26
MG CLA HH . 16.49 -65.96 -27.06
CHA CLA HH . 15.25 -66.50 -30.30
CHB CLA HH . 13.46 -64.56 -26.29
CHC CLA HH . 17.63 -65.66 -23.90
CHD CLA HH . 19.61 -67.33 -28.03
NA CLA HH . 14.56 -65.58 -28.13
C1A CLA HH . 14.28 -65.84 -29.35
C2A CLA HH . 12.90 -65.37 -29.74
C3A CLA HH . 12.40 -64.74 -28.46
C4A CLA HH . 13.55 -64.98 -27.56
CMA CLA HH . 11.82 -63.34 -28.55
CAA CLA HH . 11.95 -66.53 -30.02
CBA CLA HH . 11.22 -66.31 -31.34
CGA CLA HH . 9.73 -66.15 -31.14
O1A CLA HH . 8.98 -65.58 -31.91
O2A CLA HH . 9.07 -66.62 -30.09
NB CLA HH . 15.65 -65.22 -25.34
C1B CLA HH . 14.44 -64.67 -25.20
C2B CLA HH . 14.16 -64.18 -23.83
C3B CLA HH . 15.41 -64.50 -23.15
C4B CLA HH . 16.27 -65.15 -24.16
CMB CLA HH . 12.92 -63.50 -23.31
CAB CLA HH . 15.80 -64.27 -21.75
CBB CLA HH . 15.05 -64.71 -20.76
NC CLA HH . 18.33 -66.44 -26.11
C1C CLA HH . 18.61 -66.24 -24.83
C2C CLA HH . 19.95 -66.67 -24.39
C3C CLA HH . 20.53 -67.19 -25.62
C4C CLA HH . 19.45 -66.99 -26.61
CMC CLA HH . 20.55 -66.60 -23.01
CAC CLA HH . 21.89 -67.77 -25.84
CBC CLA HH . 21.83 -69.29 -25.93
ND CLA HH . 17.34 -66.76 -28.67
C1D CLA HH . 18.54 -67.25 -29.01
C2D CLA HH . 18.68 -67.66 -30.42
C3D CLA HH . 17.32 -67.33 -30.88
C4D CLA HH . 16.62 -66.83 -29.86
CMD CLA HH . 19.76 -68.24 -31.29
CAD CLA HH . 16.50 -67.39 -32.10
OBD CLA HH . 16.90 -67.79 -33.24
CBD CLA HH . 15.12 -66.94 -31.74
CGD CLA HH . 14.78 -65.87 -32.72
O1D CLA HH . 14.59 -66.16 -33.89
O2D CLA HH . 14.64 -64.47 -32.38
CED CLA HH . 13.61 -63.76 -33.04
MG CLA IH . 28.82 -73.64 -21.57
CHA CLA IH . 31.57 -74.14 -23.63
CHB CLA IH . 26.96 -73.18 -24.42
CHC CLA IH . 26.12 -73.28 -19.57
CHD CLA IH . 30.87 -74.08 -18.71
NA CLA IH . 29.18 -73.66 -23.77
C1A CLA IH . 30.29 -73.88 -24.38
C2A CLA IH . 30.18 -73.79 -25.88
C3A CLA IH . 28.72 -73.44 -26.06
C4A CLA IH . 28.25 -73.43 -24.66
CMA CLA IH . 28.39 -72.21 -26.87
CAA CLA IH . 30.33 -75.10 -26.66
CBA CLA IH . 30.44 -76.42 -25.88
CGA CLA IH . 29.21 -77.29 -25.89
O1A CLA IH . 28.86 -77.99 -26.82
O2A CLA IH . 28.37 -77.41 -24.88
NB CLA IH . 26.83 -73.28 -21.96
C1B CLA IH . 26.24 -73.10 -23.14
C2B CLA IH . 24.79 -72.82 -23.07
C3B CLA IH . 24.58 -72.85 -21.63
C4B CLA IH . 25.89 -73.15 -21.02
CMB CLA IH . 23.83 -72.57 -24.20
CAB CLA IH . 23.34 -72.66 -20.85
CBB CLA IH . 22.30 -73.43 -21.07
NC CLA IH . 28.53 -73.71 -19.47
C1C CLA IH . 27.37 -73.53 -18.84
C2C CLA IH . 27.40 -73.62 -17.37
C3C CLA IH . 28.81 -73.88 -17.13
C4C CLA IH . 29.41 -73.91 -18.48
CMC CLA IH . 26.29 -73.50 -16.38
CAC CLA IH . 29.49 -74.07 -15.80
CBC CLA IH . 29.62 -75.55 -15.51
ND CLA IH . 30.72 -74.01 -21.12
C1D CLA IH . 31.47 -74.20 -20.04
C2D CLA IH . 32.91 -74.49 -20.30
C3D CLA IH . 32.87 -74.45 -21.77
C4D CLA IH . 31.62 -74.18 -22.16
CMD CLA IH . 34.17 -74.79 -19.54
CAD CLA IH . 33.76 -74.63 -22.93
OBD CLA IH . 35.01 -74.88 -22.88
CBD CLA IH . 32.96 -74.37 -24.17
CGD CLA IH . 33.50 -73.12 -24.77
O1D CLA IH . 34.10 -72.34 -24.08
O2D CLA IH . 33.35 -72.83 -26.19
CED CLA IH . 34.45 -72.31 -26.92
C1 CLA IH . 28.80 -77.10 -23.36
C2 CLA IH . 29.90 -77.86 -22.65
C3 CLA IH . 30.03 -77.80 -21.32
C4 CLA IH . 31.13 -78.56 -20.65
C5 CLA IH . 29.07 -76.98 -20.48
C6 CLA IH . 28.08 -77.85 -19.76
C7 CLA IH . 26.66 -77.41 -20.08
C8 CLA IH . 25.87 -77.02 -18.83
C9 CLA IH . 26.02 -78.03 -17.71
C10 CLA IH . 24.41 -76.84 -19.19
MG CLA JH . 32.83 -65.63 -14.97
CHA CLA JH . 34.47 -62.62 -14.41
CHB CLA JH . 33.28 -65.05 -18.33
CHC CLA JH . 31.34 -68.61 -15.54
CHD CLA JH . 32.38 -66.10 -11.49
NA CLA JH . 33.77 -64.05 -16.25
C1A CLA JH . 34.35 -62.99 -15.87
C2A CLA JH . 34.82 -62.11 -17.00
C3A CLA JH . 34.39 -62.91 -18.21
C4A CLA JH . 33.78 -64.09 -17.56
CMA CLA JH . 33.59 -62.20 -19.28
CAA CLA JH . 36.33 -61.96 -17.12
CBA CLA JH . 37.09 -63.25 -16.95
CGA CLA JH . 38.16 -63.29 -18.01
O1A CLA JH . 38.80 -62.32 -18.37
O2A CLA JH . 38.52 -64.37 -18.66
NB CLA JH . 32.40 -66.68 -16.68
C1B CLA JH . 32.63 -66.30 -17.94
C2B CLA JH . 32.14 -67.26 -18.94
C3B CLA JH . 31.56 -68.28 -18.09
C4B CLA JH . 31.77 -67.85 -16.71
CMB CLA JH . 32.18 -67.18 -20.43
CAB CLA JH . 30.93 -69.53 -18.50
CBB CLA JH . 31.73 -70.52 -18.80
NC CLA JH . 32.02 -67.14 -13.70
C1C CLA JH . 31.44 -68.26 -14.13
C2C CLA JH . 30.89 -69.15 -13.09
C3C CLA JH . 31.22 -68.39 -11.88
C4C CLA JH . 31.92 -67.19 -12.36
CMC CLA JH . 30.20 -70.46 -13.31
CAC CLA JH . 30.98 -68.74 -10.44
CBC CLA JH . 29.50 -68.89 -10.12
ND CLA JH . 33.26 -64.70 -13.27
C1D CLA JH . 33.07 -64.90 -11.97
C2D CLA JH . 33.61 -63.80 -11.12
C3D CLA JH . 34.16 -62.93 -12.16
C4D CLA JH . 33.93 -63.49 -13.34
CMD CLA JH . 33.68 -63.45 -9.65
CAD CLA JH . 34.84 -61.64 -12.31
OBD CLA JH . 34.70 -60.71 -11.47
CBD CLA JH . 35.05 -61.39 -13.77
CGD CLA JH . 34.25 -60.19 -14.12
O1D CLA JH . 33.08 -60.12 -13.83
O2D CLA JH . 34.84 -59.08 -14.84
CED CLA JH . 34.45 -57.75 -14.52
C1 CLA JH . 38.06 -65.80 -18.11
C2 CLA JH . 38.94 -66.64 -17.24
C3 CLA JH . 38.42 -67.54 -16.39
C4 CLA JH . 39.33 -68.37 -15.56
C5 CLA JH . 36.91 -67.71 -16.25
C6 CLA JH . 36.55 -68.26 -14.88
C7 CLA JH . 35.05 -68.41 -14.72
C8 CLA JH . 34.63 -69.84 -14.37
C9 CLA JH . 34.95 -70.19 -12.92
C10 CLA JH . 35.22 -70.86 -15.33
C11 CLA JH . 34.11 -71.76 -15.84
C12 CLA JH . 34.41 -73.23 -15.59
C13 CLA JH . 34.02 -73.72 -14.20
C14 CLA JH . 33.83 -75.23 -14.21
C15 CLA JH . 32.71 -73.10 -13.72
MG CLA KH . 26.35 -59.04 -13.97
CHA CLA KH . 27.03 -56.45 -16.18
CHB CLA KH . 29.71 -59.65 -13.87
CHC CLA KH . 25.70 -61.49 -11.74
CHD CLA KH . 22.88 -58.34 -14.19
NA CLA KH . 28.18 -58.17 -14.88
C1A CLA KH . 28.25 -57.22 -15.72
C2A CLA KH . 29.65 -56.94 -16.18
C3A CLA KH . 30.43 -58.06 -15.53
C4A CLA KH . 29.38 -58.66 -14.70
CMA CLA KH . 31.27 -58.97 -16.41
CAA CLA KH . 30.10 -55.64 -15.49
CBA CLA KH . 31.30 -55.58 -14.50
CGA CLA KH . 30.89 -55.81 -13.08
O1A CLA KH . 29.75 -56.15 -12.87
O2A CLA KH . 31.68 -55.79 -12.03
NB CLA KH . 27.54 -60.36 -12.96
C1B CLA KH . 28.86 -60.47 -13.01
C2B CLA KH . 29.43 -61.49 -12.12
C3B CLA KH . 28.22 -62.04 -11.51
C4B CLA KH . 27.11 -61.27 -12.09
CMB CLA KH . 30.89 -61.80 -12.01
CAB CLA KH . 28.01 -63.11 -10.50
CBB CLA KH . 28.96 -63.64 -9.78
NC CLA KH . 24.57 -59.78 -13.09
C1C CLA KH . 24.50 -60.80 -12.23
C2C CLA KH . 23.17 -61.20 -11.79
C3C CLA KH . 22.36 -60.25 -12.51
C4C CLA KH . 23.30 -59.42 -13.29
CMC CLA KH . 22.82 -62.29 -10.83
CAC CLA KH . 20.87 -60.14 -12.50
CBC CLA KH . 20.48 -59.40 -11.25
ND CLA KH . 25.12 -57.80 -14.92
C1D CLA KH . 23.82 -57.51 -14.93
C2D CLA KH . 23.45 -56.32 -15.74
C3D CLA KH . 24.80 -55.95 -16.20
C4D CLA KH . 25.68 -56.81 -15.71
CMD CLA KH . 22.22 -55.55 -16.09
CAD CLA KH . 25.46 -54.94 -17.04
OBD CLA KH . 24.98 -53.80 -17.38
CBD CLA KH . 26.90 -55.30 -17.12
CGD CLA KH . 27.22 -55.74 -18.51
O1D CLA KH . 26.53 -56.57 -19.06
O2D CLA KH . 28.37 -55.22 -19.22
CED CLA KH . 28.19 -54.67 -20.51
C1 CLA KH . 31.80 -57.04 -11.02
C2 CLA KH . 30.59 -57.44 -10.21
C3 CLA KH . 30.53 -58.34 -9.23
C4 CLA KH . 31.78 -59.06 -8.82
C5 CLA KH . 29.21 -58.62 -8.55
C6 CLA KH . 28.14 -57.57 -8.90
C7 CLA KH . 27.10 -58.04 -9.92
C8 CLA KH . 25.93 -57.05 -10.07
C9 CLA KH . 24.61 -57.77 -10.25
C10 CLA KH . 26.11 -56.14 -11.26
C11 CLA KH . 25.02 -55.08 -11.24
C12 CLA KH . 24.72 -54.54 -12.63
C13 CLA KH . 25.10 -53.08 -12.77
C14 CLA KH . 23.88 -52.21 -13.02
C15 CLA KH . 26.03 -52.94 -13.95
MG CLA LH . 23.81 -71.13 -1.31
CHA CLA LH . 23.52 -72.49 1.86
CHB CLA LH . 22.83 -68.11 0.06
CHC CLA LH . 24.23 -69.76 -4.34
CHD CLA LH . 24.84 -74.28 -2.61
NA CLA LH . 23.25 -70.36 0.69
C1A CLA LH . 23.20 -71.01 1.79
C2A CLA LH . 22.79 -70.20 2.98
C3A CLA LH . 22.52 -68.87 2.33
C4A CLA LH . 22.89 -69.12 0.92
CMA CLA LH . 21.11 -68.36 2.49
CAA CLA LH . 23.97 -69.96 3.94
CBA CLA LH . 25.30 -69.65 3.24
CGA CLA LH . 26.51 -69.79 4.12
O1A CLA LH . 26.60 -69.34 5.24
O2A CLA LH . 27.63 -70.40 3.75
NB CLA LH . 23.57 -69.21 -2.01
C1B CLA LH . 23.15 -68.12 -1.35
C2B CLA LH . 23.09 -66.91 -2.20
C3B CLA LH . 23.49 -67.44 -3.47
C4B CLA LH . 23.77 -68.87 -3.28
CMB CLA LH . 22.69 -65.52 -1.82
CAB CLA LH . 23.64 -66.73 -4.75
CBB CLA LH . 24.62 -65.89 -4.82
NC CLA LH . 24.42 -71.91 -3.19
C1C CLA LH . 24.52 -71.19 -4.29
C2C CLA LH . 24.94 -71.89 -5.49
C3C CLA LH . 25.12 -73.25 -5.00
C4C CLA LH . 24.77 -73.15 -3.56
CMC CLA LH . 25.13 -71.29 -6.85
CAC CLA LH . 25.56 -74.47 -5.76
CBC CLA LH . 24.42 -74.94 -6.64
ND CLA LH . 24.16 -72.99 -0.67
C1D CLA LH . 24.52 -74.16 -1.18
C2D CLA LH . 24.54 -75.28 -0.20
C3D CLA LH . 24.14 -74.54 1.01
C4D CLA LH . 23.94 -73.25 0.67
CMD CLA LH . 24.84 -76.75 -0.17
CAD CLA LH . 23.87 -74.73 2.44
OBD CLA LH . 24.15 -75.79 3.11
CBD CLA LH . 23.44 -73.43 3.02
CGD CLA LH . 22.01 -73.55 3.40
O1D CLA LH . 21.25 -74.22 2.73
O2D CLA LH . 21.51 -72.84 4.56
CED CLA LH . 21.36 -73.52 5.80
C1 CLA LH . 29.05 -69.66 3.73
C2 CLA LH . 29.52 -68.76 2.61
C3 CLA LH . 30.73 -68.91 2.04
C4 CLA LH . 31.66 -69.99 2.50
C5 CLA LH . 31.15 -67.98 0.91
C6 CLA LH . 32.09 -68.67 -0.06
C7 CLA LH . 32.01 -68.05 -1.46
C8 CLA LH . 33.35 -68.05 -2.17
C9 CLA LH . 33.23 -67.42 -3.55
C10 CLA LH . 33.89 -69.46 -2.29
MG CLA MH . 11.08 -74.79 -10.96
CHA CLA MH . 9.94 -75.64 -7.78
CHB CLA MH . 10.73 -78.09 -11.83
CHC CLA MH . 12.13 -73.92 -14.05
CHD CLA MH . 11.41 -71.39 -9.95
NA CLA MH . 10.40 -76.66 -9.96
C1A CLA MH . 10.00 -76.80 -8.74
C2A CLA MH . 9.62 -78.21 -8.39
C3A CLA MH . 9.93 -78.95 -9.69
C4A CLA MH . 10.38 -77.83 -10.56
CMA CLA MH . 10.78 -80.20 -9.62
CAA CLA MH . 8.11 -78.31 -8.09
CBA CLA MH . 7.21 -79.22 -8.92
CGA CLA MH . 6.46 -78.42 -9.96
O1A CLA MH . 5.81 -78.92 -10.87
O2A CLA MH . 6.40 -77.11 -10.00
NB CLA MH . 11.37 -75.87 -12.69
C1B CLA MH . 11.22 -77.18 -12.88
C2B CLA MH . 11.55 -77.65 -14.25
C3B CLA MH . 11.96 -76.39 -14.87
C4B CLA MH . 11.82 -75.34 -13.84
CMB CLA MH . 11.49 -79.02 -14.84
CAB CLA MH . 12.43 -76.16 -16.26
CBB CLA MH . 11.62 -75.64 -17.16
NC CLA MH . 11.59 -72.94 -11.88
C1C CLA MH . 12.05 -72.79 -13.12
C2C CLA MH . 12.46 -71.44 -13.52
C3C CLA MH . 12.20 -70.70 -12.29
C4C CLA MH . 11.68 -71.70 -11.36
CMC CLA MH . 13.01 -70.96 -14.83
CAC CLA MH . 12.41 -69.23 -12.03
CBC CLA MH . 11.14 -68.47 -12.32
ND CLA MH . 10.79 -73.66 -9.35
C1D CLA MH . 10.91 -72.38 -8.99
C2D CLA MH . 10.54 -72.09 -7.59
C3D CLA MH . 10.16 -73.43 -7.17
C4D CLA MH . 10.32 -74.27 -8.19
CMD CLA MH . 10.47 -70.91 -6.68
CAD CLA MH . 9.66 -74.13 -5.98
OBD CLA MH . 9.03 -73.57 -5.03
CBD CLA MH . 9.58 -75.57 -6.31
CGD CLA MH . 10.57 -76.33 -5.48
O1D CLA MH . 11.72 -75.99 -5.36
O2D CLA MH . 10.13 -77.51 -4.76
CED CLA MH . 9.61 -77.35 -3.45
C1 CLA MH . 6.03 -76.34 -11.36
C2 CLA MH . 6.94 -76.36 -12.57
C3 CLA MH . 6.87 -75.43 -13.52
C4 CLA MH . 5.86 -74.32 -13.44
C5 CLA MH . 7.80 -75.49 -14.72
C6 CLA MH . 8.41 -74.12 -14.94
C7 CLA MH . 8.52 -73.77 -16.42
C8 CLA MH . 9.47 -72.60 -16.64
C9 CLA MH . 8.85 -71.30 -16.15
C10 CLA MH . 9.85 -72.51 -18.10
MG CLA NH . 20.28 -81.87 -1.67
CHA CLA NH . 17.62 -83.91 -0.73
CHB CLA NH . 22.20 -83.54 0.64
CHC CLA NH . 22.86 -79.91 -2.63
CHD CLA NH . 18.19 -80.23 -4.03
NA CLA NH . 19.99 -83.54 -0.21
C1A CLA NH . 18.91 -84.20 0.00
C2A CLA NH . 19.05 -85.24 1.09
C3A CLA NH . 20.50 -85.08 1.49
C4A CLA NH . 20.94 -83.98 0.58
CMA CLA NH . 20.89 -85.03 2.96
CAA CLA NH . 18.88 -86.69 0.62
CBA CLA NH . 19.55 -86.97 -0.71
CGA CLA NH . 19.21 -88.39 -1.08
O1A CLA NH . 19.69 -89.37 -0.55
O2A CLA NH . 18.35 -88.73 -2.03
NB CLA NH . 22.24 -81.76 -1.07
C1B CLA NH . 22.87 -82.48 -0.14
C2B CLA NH . 24.30 -82.12 0.06
C3B CLA NH . 24.46 -81.04 -0.92
C4B CLA NH . 23.14 -80.89 -1.57
CMB CLA NH . 25.29 -82.71 1.03
CAB CLA NH . 25.62 -80.21 -1.27
CBB CLA NH . 26.81 -80.73 -1.50
NC CLA NH . 20.51 -80.38 -3.17
C1C CLA NH . 21.61 -79.65 -3.36
C2C CLA NH . 21.52 -78.58 -4.36
C3C CLA NH . 20.14 -78.72 -4.81
C4C CLA NH . 19.61 -79.85 -4.01
CMC CLA NH . 22.56 -77.61 -4.82
CAC CLA NH . 19.40 -77.92 -5.84
CBC CLA NH . 19.42 -78.65 -7.15
ND CLA NH . 18.40 -81.94 -2.34
C1D CLA NH . 17.63 -81.30 -3.21
C2D CLA NH . 16.21 -81.75 -3.26
C3D CLA NH . 16.28 -82.80 -2.24
C4D CLA NH . 17.53 -82.86 -1.76
CMD CLA NH . 14.95 -81.41 -4.01
CAD CLA NH . 15.43 -83.80 -1.58
OBD CLA NH . 14.15 -83.83 -1.66
CBD CLA NH . 16.24 -84.50 -0.55
CGD CLA NH . 15.67 -84.12 0.78
O1D CLA NH . 14.60 -84.60 1.14
O2D CLA NH . 16.34 -83.19 1.65
CED CLA NH . 16.33 -83.41 3.07
MG CLA OH . 26.67 -81.07 6.25
CHA CLA OH . 23.34 -82.09 6.08
CHB CLA OH . 27.01 -83.06 9.01
CHC CLA OH . 29.95 -80.22 6.28
CHD CLA OH . 26.18 -78.99 3.42
NA CLA OH . 25.36 -82.42 7.42
C1A CLA OH . 24.12 -82.68 7.24
C2A CLA OH . 23.53 -83.59 8.30
C3A CLA OH . 24.72 -83.81 9.20
C4A CLA OH . 25.77 -83.04 8.50
CMA CLA OH . 24.58 -83.54 10.68
CAA CLA OH . 23.15 -84.96 7.73
CBA CLA OH . 24.09 -85.46 6.64
CGA CLA OH . 23.53 -86.71 6.01
O1A CLA OH . 23.24 -87.73 6.60
O2A CLA OH . 23.29 -86.84 4.71
NB CLA OH . 28.24 -81.59 7.48
C1B CLA OH . 28.21 -82.38 8.54
C2B CLA OH . 29.53 -82.56 9.21
C3B CLA OH . 30.37 -81.71 8.38
C4B CLA OH . 29.49 -81.14 7.34
CMB CLA OH . 29.85 -83.40 10.43
CAB CLA OH . 31.82 -81.42 8.49
CBB CLA OH . 32.68 -82.41 8.51
NC CLA OH . 27.88 -79.85 5.00
C1C CLA OH . 29.17 -79.58 5.21
C2C CLA OH . 29.78 -78.58 4.31
C3C CLA OH . 28.66 -78.25 3.44
C4C CLA OH . 27.55 -79.07 3.96
CMC CLA OH . 31.19 -78.06 4.29
CAC CLA OH . 28.64 -77.27 2.30
CBC CLA OH . 28.75 -77.98 0.97
ND CLA OH . 25.22 -80.57 4.98
C1D CLA OH . 25.06 -79.78 3.92
C2D CLA OH . 23.69 -79.76 3.34
C3D CLA OH . 23.04 -80.72 4.25
C4D CLA OH . 23.95 -81.13 5.16
CMD CLA OH . 22.99 -79.09 2.21
CAD CLA OH . 21.75 -81.34 4.50
OBD CLA OH . 20.63 -80.99 3.99
CBD CLA OH . 21.91 -82.33 5.60
CGD CLA OH . 20.92 -82.02 6.68
O1D CLA OH . 20.74 -80.89 7.02
O2D CLA OH . 20.19 -83.08 7.34
CED CLA OH . 18.82 -82.87 7.69
MG CLA PH . 28.37 -71.53 10.74
CHA CLA PH . 25.97 -72.53 8.42
CHB CLA PH . 30.47 -73.87 9.36
CHC CLA PH . 30.71 -70.50 12.94
CHD CLA PH . 26.12 -69.12 12.04
NA CLA PH . 28.28 -73.03 9.09
C1A CLA PH . 27.28 -73.27 8.32
C2A CLA PH . 27.56 -74.35 7.31
C3A CLA PH . 28.97 -74.76 7.65
C4A CLA PH . 29.26 -73.84 8.78
CMA CLA PH . 29.31 -76.23 7.74
CAA CLA PH . 27.75 -73.67 5.96
CBA CLA PH . 26.76 -74.16 4.92
CGA CLA PH . 27.44 -74.12 3.58
O1A CLA PH . 26.91 -74.49 2.55
O2A CLA PH . 28.68 -73.70 3.36
NB CLA PH . 30.31 -72.11 11.09
C1B CLA PH . 31.00 -73.06 10.47
C2B CLA PH . 32.39 -73.22 10.97
C3B CLA PH . 32.43 -72.20 12.03
C4B CLA PH . 31.09 -71.58 12.03
CMB CLA PH . 33.43 -74.17 10.46
CAB CLA PH . 33.50 -71.79 12.96
CBB CLA PH . 34.41 -72.61 13.45
NC CLA PH . 28.42 -70.00 12.21
C1C CLA PH . 29.45 -69.77 13.01
C2C CLA PH . 29.26 -68.72 14.02
C3C CLA PH . 27.90 -68.29 13.72
C4C CLA PH . 27.47 -69.15 12.61
CMC CLA PH . 30.23 -68.23 15.03
CAC CLA PH . 27.10 -67.24 14.42
CBC CLA PH . 27.11 -65.96 13.63
ND CLA PH . 26.51 -70.88 10.43
C1D CLA PH . 25.70 -69.96 10.92
C2D CLA PH . 24.37 -69.87 10.27
C3D CLA PH . 24.55 -70.93 9.28
C4D CLA PH . 25.77 -71.45 9.42
CMD CLA PH . 23.12 -69.05 10.42
CAD CLA PH . 23.83 -71.60 8.18
OBD CLA PH . 22.86 -71.07 7.53
CBD CLA PH . 24.69 -72.71 7.66
CGD CLA PH . 24.08 -74.04 8.00
O1D CLA PH . 23.35 -74.18 8.95
O2D CLA PH . 24.40 -75.20 7.18
CED CLA PH . 23.51 -76.31 7.11
C1 CLA PH . 29.07 -72.94 2.02
C2 CLA PH . 29.23 -73.63 0.68
C3 CLA PH . 28.49 -73.26 -0.38
C4 CLA PH . 27.48 -72.17 -0.24
C5 CLA PH . 28.64 -73.94 -1.72
C6 CLA PH . 29.66 -75.07 -1.69
C7 CLA PH . 29.17 -76.29 -2.46
C8 CLA PH . 28.88 -75.95 -3.93
C9 CLA PH . 28.05 -77.04 -4.60
C10 CLA PH . 30.21 -75.75 -4.67
MG CLA QH . 20.56 -65.50 4.25
CHA CLA QH . 19.22 -63.44 1.78
CHB CLA QH . 23.64 -64.28 3.40
CHC CLA QH . 21.84 -67.47 6.68
CHD CLA QH . 17.32 -66.73 4.99
NA CLA QH . 21.36 -64.03 2.79
C1A CLA QH . 20.71 -63.33 1.93
C2A CLA QH . 21.59 -62.44 1.10
C3A CLA QH . 22.96 -62.78 1.64
C4A CLA QH . 22.64 -63.75 2.70
CMA CLA QH . 24.03 -63.22 0.69
CAA CLA QH . 21.38 -60.97 1.45
CBA CLA QH . 22.23 -60.03 0.62
CGA CLA QH . 21.65 -60.01 -0.75
O1A CLA QH . 20.45 -60.10 -0.95
O2A CLA QH . 22.34 -59.94 -1.88
NB CLA QH . 22.47 -65.81 4.94
C1B CLA QH . 23.60 -65.27 4.48
C2B CLA QH . 24.83 -65.74 5.17
C3B CLA QH . 24.26 -66.69 6.11
C4B CLA QH . 22.80 -66.66 5.91
CMB CLA QH . 26.24 -65.34 4.89
CAB CLA QH . 24.93 -67.53 7.13
CBB CLA QH . 25.79 -67.01 7.99
NC CLA QH . 19.69 -66.80 5.68
C1C CLA QH . 20.38 -67.55 6.54
C2C CLA QH . 19.57 -68.47 7.36
C3C CLA QH . 18.23 -68.20 6.90
C4C CLA QH . 18.42 -67.16 5.86
CMC CLA QH . 20.01 -69.43 8.41
CAC CLA QH . 16.94 -68.82 7.34
CBC CLA QH . 16.30 -67.91 8.36
ND CLA QH . 18.68 -65.25 3.64
C1D CLA QH . 17.48 -65.72 3.94
C2D CLA QH . 16.37 -65.18 3.14
C3D CLA QH . 17.13 -64.27 2.29
C4D CLA QH . 18.42 -64.35 2.62
CMD CLA QH . 14.90 -65.35 3.05
CAD CLA QH . 16.94 -63.29 1.21
OBD CLA QH . 15.96 -63.32 0.39
CBD CLA QH . 18.27 -62.73 0.85
CGD CLA QH . 18.45 -63.13 -0.57
O1D CLA QH . 18.45 -62.31 -1.46
O2D CLA QH . 18.63 -64.51 -0.91
CED CLA QH . 19.12 -64.82 -2.21
C1 CLA QH . 23.49 -61.00 -2.21
C2 CLA QH . 24.88 -60.57 -2.64
C3 CLA QH . 25.87 -61.46 -2.83
C4 CLA QH . 27.21 -60.97 -3.27
C5 CLA QH . 25.68 -62.93 -2.61
C6 CLA QH . 26.81 -63.45 -1.73
C7 CLA QH . 27.31 -64.83 -2.15
C8 CLA QH . 26.96 -65.96 -1.17
C9 CLA QH . 26.96 -65.54 0.29
C10 CLA QH . 27.96 -67.08 -1.36
C11 CLA QH . 27.31 -68.34 -1.91
C12 CLA QH . 28.39 -69.31 -2.36
C13 CLA QH . 28.25 -69.65 -3.83
C14 CLA QH . 28.75 -71.06 -4.13
C15 CLA QH . 29.03 -68.62 -4.64
MG CLA RH . 37.15 -56.57 4.44
CHA CLA RH . 38.37 -56.90 1.18
CHB CLA RH . 37.29 -59.97 4.68
CHC CLA RH . 36.08 -56.23 7.61
CHD CLA RH . 36.90 -53.09 3.99
NA CLA RH . 37.75 -58.25 3.12
C1A CLA RH . 38.18 -58.20 1.93
C2A CLA RH . 38.52 -59.52 1.36
C3A CLA RH . 38.10 -60.46 2.45
C4A CLA RH . 37.69 -59.50 3.49
CMA CLA RH . 37.15 -61.58 2.06
CAA CLA RH . 40.03 -59.53 1.51
CBA CLA RH . 40.74 -60.87 1.34
CGA CLA RH . 42.16 -60.56 1.70
O1A CLA RH . 42.48 -59.68 2.46
O2A CLA RH . 43.21 -61.17 1.23
NB CLA RH . 36.75 -57.92 5.92
C1B CLA RH . 36.84 -59.24 5.87
C2B CLA RH . 36.48 -59.95 7.11
C3B CLA RH . 36.12 -58.82 7.97
C4B CLA RH . 36.32 -57.60 7.15
CMB CLA RH . 36.50 -61.44 7.32
CAB CLA RH . 35.64 -58.77 9.36
CBB CLA RH . 35.91 -59.69 10.27
NC CLA RH . 36.73 -54.88 5.67
C1C CLA RH . 36.26 -54.95 6.91
C2C CLA RH . 35.91 -53.67 7.53
C3C CLA RH . 36.26 -52.71 6.48
C4C CLA RH . 36.73 -53.57 5.37
CMC CLA RH . 35.36 -53.43 8.90
CAC CLA RH . 36.12 -51.21 6.48
CBC CLA RH . 37.45 -50.50 6.44
ND CLA RH . 37.48 -55.21 3.02
C1D CLA RH . 37.42 -53.90 2.89
C2D CLA RH . 37.87 -53.36 1.59
C3D CLA RH . 38.24 -54.62 0.95
C4D CLA RH . 38.01 -55.62 1.80
CMD CLA RH . 38.01 -52.04 0.91
CAD CLA RH . 38.79 -55.13 -0.31
OBD CLA RH . 38.79 -54.50 -1.44
CBD CLA RH . 38.89 -56.60 -0.22
CGD CLA RH . 38.07 -57.18 -1.31
O1D CLA RH . 38.51 -57.24 -2.44
O2D CLA RH . 36.73 -57.68 -1.07
CED CLA RH . 36.28 -58.80 -1.82
C1 CLA RH . 43.26 -62.76 1.15
C2 CLA RH . 44.04 -63.54 2.17
C3 CLA RH . 44.72 -64.65 1.84
C4 CLA RH . 45.49 -65.34 2.92
C5 CLA RH . 44.75 -65.18 0.43
C6 CLA RH . 43.69 -66.27 0.15
C7 CLA RH . 44.16 -67.69 0.43
C8 CLA RH . 44.46 -68.59 -0.78
C9 CLA RH . 44.84 -67.82 -2.04
C10 CLA RH . 43.29 -69.54 -1.05
C11 CLA RH . 43.46 -70.34 -2.34
C12 CLA RH . 44.43 -71.50 -2.19
C13 CLA RH . 43.93 -72.66 -3.03
C14 CLA RH . 42.73 -73.31 -2.37
C15 CLA RH . 45.06 -73.66 -3.24
C16 CLA RH . 44.81 -74.48 -4.50
C17 CLA RH . 44.63 -75.95 -4.17
C18 CLA RH . 45.73 -76.78 -4.81
C19 CLA RH . 46.95 -76.84 -3.90
C20 CLA RH . 45.23 -78.17 -5.16
MG CLA SH . 39.78 -61.63 -7.60
CHA CLA SH . 39.23 -61.58 -4.16
CHB CLA SH . 37.54 -64.22 -7.78
CHC CLA SH . 40.24 -61.57 -10.93
CHD CLA SH . 42.04 -58.90 -7.28
NA CLA SH . 38.51 -62.79 -6.16
C1A CLA SH . 38.43 -62.64 -4.89
C2A CLA SH . 37.47 -63.62 -4.23
C3A CLA SH . 37.00 -64.43 -5.42
C4A CLA SH . 37.73 -63.77 -6.53
CMA CLA SH . 36.98 -65.95 -5.39
CAA CLA SH . 36.27 -62.86 -3.65
CBA CLA SH . 34.97 -63.63 -3.43
CGA CLA SH . 34.58 -63.50 -1.99
O1A CLA SH . 34.86 -62.56 -1.27
O2A CLA SH . 33.84 -64.39 -1.35
NB CLA SH . 38.99 -62.74 -9.13
C1B CLA SH . 38.13 -63.76 -9.03
C2B CLA SH . 37.80 -64.38 -10.34
C3B CLA SH . 38.62 -63.57 -11.25
C4B CLA SH . 39.32 -62.58 -10.40
CMB CLA SH . 36.87 -65.54 -10.58
CAB CLA SH . 38.79 -63.64 -12.72
CBB CLA SH . 37.78 -63.84 -13.52
NC CLA SH . 40.93 -60.40 -8.90
C1C CLA SH . 41.01 -60.54 -10.21
C2C CLA SH . 41.92 -59.62 -10.93
C3C CLA SH . 42.43 -58.82 -9.82
C4C CLA SH . 41.76 -59.38 -8.64
CMC CLA SH . 42.22 -59.53 -12.39
CAC CLA SH . 43.40 -57.67 -9.83
CBC CLA SH . 44.82 -58.16 -9.68
ND CLA SH . 40.52 -60.44 -6.19
C1D CLA SH . 41.38 -59.43 -6.11
C2D CLA SH . 41.61 -58.92 -4.75
C3D CLA SH . 40.73 -59.82 -4.02
C4D CLA SH . 40.14 -60.66 -4.87
CMD CLA SH . 42.42 -57.85 -4.10
CAD CLA SH . 40.30 -60.10 -2.66
OBD CLA SH . 40.46 -59.27 -1.70
CBD CLA SH . 39.27 -61.18 -2.70
CGD CLA SH . 39.65 -62.31 -1.79
O1D CLA SH . 38.87 -62.68 -0.94
O2D CLA SH . 40.91 -63.00 -1.88
CED CLA SH . 40.92 -64.38 -1.54
C1 CLA SH . 32.43 -63.97 -0.74
C2 CLA SH . 32.29 -63.57 0.70
C3 CLA SH . 31.12 -63.20 1.23
C4 CLA SH . 29.88 -63.15 0.38
C5 CLA SH . 31.02 -62.82 2.68
C6 CLA SH . 30.01 -63.72 3.38
C7 CLA SH . 30.69 -64.87 4.11
C8 CLA SH . 29.97 -65.22 5.40
C9 CLA SH . 29.79 -64.00 6.30
C10 CLA SH . 30.70 -66.34 6.15
C11 CLA SH . 32.21 -66.20 6.15
C12 CLA SH . 32.71 -65.90 7.55
C13 CLA SH . 34.21 -66.09 7.67
C14 CLA SH . 34.58 -67.55 7.47
C15 CLA SH . 34.67 -65.57 9.02
C16 CLA SH . 36.19 -65.68 9.15
C17 CLA SH . 36.77 -64.40 9.74
C18 CLA SH . 38.28 -64.51 9.87
C19 CLA SH . 38.66 -65.62 10.84
C20 CLA SH . 38.94 -64.73 8.52
MG CLA TH . 30.01 -41.26 -4.79
CHA CLA TH . 27.89 -40.81 -7.50
CHB CLA TH . 32.61 -40.81 -6.96
CHC CLA TH . 32.06 -41.64 -2.14
CHD CLA TH . 27.23 -41.87 -2.71
NA CLA TH . 30.26 -40.86 -6.97
C1A CLA TH . 29.35 -40.75 -7.85
C2A CLA TH . 29.86 -40.62 -9.25
C3A CLA TH . 31.34 -40.72 -9.03
C4A CLA TH . 31.42 -40.82 -7.56
CMA CLA TH . 31.99 -41.77 -9.88
CAA CLA TH . 29.68 -39.27 -9.94
CBA CLA TH . 30.10 -38.04 -9.14
CGA CLA TH . 31.36 -37.40 -9.68
O1A CLA TH . 31.53 -37.07 -10.83
O2A CLA TH . 32.43 -37.17 -8.95
NB CLA TH . 32.05 -41.23 -4.60
C1B CLA TH . 32.94 -40.96 -5.55
C2B CLA TH . 34.33 -40.86 -5.06
C3B CLA TH . 34.14 -41.13 -3.65
C4B CLA TH . 32.70 -41.35 -3.43
CMB CLA TH . 35.56 -40.58 -5.87
CAB CLA TH . 35.14 -41.16 -2.57
CBB CLA TH . 35.88 -40.10 -2.35
NC CLA TH . 29.69 -41.51 -2.70
C1C CLA TH . 30.64 -41.80 -1.82
C2C CLA TH . 30.17 -42.25 -0.50
C3C CLA TH . 28.73 -42.23 -0.66
C4C CLA TH . 28.54 -41.76 -2.05
CMC CLA TH . 30.94 -42.66 0.71
CAC CLA TH . 27.66 -42.60 0.34
CBC CLA TH . 27.01 -41.36 0.92
ND CLA TH . 28.04 -41.43 -4.93
C1D CLA TH . 27.02 -41.53 -4.10
C2D CLA TH . 25.70 -41.28 -4.70
C3D CLA TH . 26.12 -41.01 -6.07
C4D CLA TH . 27.44 -41.10 -6.13
CMD CLA TH . 24.28 -41.27 -4.24
CAD CLA TH . 25.56 -40.68 -7.38
OBD CLA TH . 24.31 -40.72 -7.67
CBD CLA TH . 26.67 -40.57 -8.35
CGD CLA TH . 26.47 -41.66 -9.32
O1D CLA TH . 26.03 -42.71 -8.92
O2D CLA TH . 26.72 -41.47 -10.73
CED CLA TH . 25.66 -41.72 -11.64
C1 CLA TH . 32.36 -36.00 -7.87
C2 CLA TH . 32.98 -36.04 -6.49
C3 CLA TH . 32.33 -36.57 -5.45
C4 CLA TH . 32.97 -36.55 -4.11
C5 CLA TH . 30.97 -37.21 -5.64
C6 CLA TH . 30.03 -36.76 -4.53
C7 CLA TH . 28.64 -37.37 -4.66
C8 CLA TH . 27.97 -37.28 -3.31
C9 CLA TH . 28.74 -38.13 -2.29
C10 CLA TH . 26.50 -37.66 -3.40
C11 CLA TH . 25.90 -37.86 -2.01
C12 CLA TH . 24.40 -37.64 -1.96
C13 CLA TH . 24.04 -36.80 -0.75
C14 CLA TH . 24.44 -37.52 0.54
C15 CLA TH . 22.55 -36.50 -0.76
C16 CLA TH . 22.27 -35.08 -1.22
C17 CLA TH . 20.78 -34.87 -1.41
C18 CLA TH . 20.37 -33.41 -1.56
C19 CLA TH . 21.11 -32.50 -0.59
C20 CLA TH . 20.52 -32.93 -3.00
MG CLA UH . 27.15 -49.30 -8.06
CHA CLA UH . 27.87 -49.36 -11.46
CHB CLA UH . 26.37 -46.01 -8.43
CHC CLA UH . 26.35 -49.30 -4.78
CHD CLA UH . 27.95 -52.74 -7.82
NA CLA UH . 27.10 -47.83 -9.73
C1A CLA UH . 27.43 -48.01 -10.94
C2A CLA UH . 27.35 -46.75 -11.78
C3A CLA UH . 26.95 -45.73 -10.76
C4A CLA UH . 26.79 -46.56 -9.56
CMA CLA UH . 27.96 -44.60 -10.67
CAA CLA UH . 26.27 -46.86 -12.87
CBA CLA UH . 24.95 -46.10 -12.70
CGA CLA UH . 23.82 -47.09 -12.58
O1A CLA UH . 23.93 -48.22 -12.14
O2A CLA UH . 22.57 -46.82 -12.91
NB CLA UH . 26.45 -47.86 -6.80
C1B CLA UH . 26.17 -46.60 -7.10
C2B CLA UH . 25.65 -45.82 -5.98
C3B CLA UH . 25.65 -46.80 -4.89
C4B CLA UH . 26.16 -48.04 -5.51
CMB CLA UH . 25.23 -44.40 -6.04
CAB CLA UH . 25.25 -46.72 -3.48
CBB CLA UH . 25.26 -45.63 -2.77
NC CLA UH . 27.12 -50.80 -6.55
C1C CLA UH . 26.77 -50.60 -5.29
C2C CLA UH . 26.85 -51.78 -4.42
C3C CLA UH . 27.30 -52.81 -5.33
C4C CLA UH . 27.44 -52.09 -6.60
CMC CLA UH . 26.52 -51.86 -2.96
CAC CLA UH . 27.58 -54.26 -5.04
CBC CLA UH . 26.43 -55.13 -5.50
ND CLA UH . 27.72 -50.79 -9.23
C1D CLA UH . 28.06 -52.05 -9.09
C2D CLA UH . 28.59 -52.68 -10.30
C3D CLA UH . 28.49 -51.56 -11.22
C4D CLA UH . 27.99 -50.52 -10.56
CMD CLA UH . 29.09 -54.02 -10.65
CAD CLA UH . 28.76 -51.22 -12.62
OBD CLA UH . 29.33 -51.95 -13.48
CBD CLA UH . 28.26 -49.84 -12.85
CGD CLA UH . 29.37 -49.03 -13.40
O1D CLA UH . 30.51 -49.25 -13.06
O2D CLA UH . 29.07 -47.96 -14.33
CED CLA UH . 30.05 -47.57 -15.28
C1 CLA UH . 21.36 -47.66 -12.27
C2 CLA UH . 20.83 -48.94 -12.87
C3 CLA UH . 19.61 -49.42 -12.54
C4 CLA UH . 18.73 -48.72 -11.56
C5 CLA UH . 19.12 -50.69 -13.17
C6 CLA UH . 20.17 -51.78 -13.02
C7 CLA UH . 19.68 -53.06 -13.67
C8 CLA UH . 19.59 -54.17 -12.63
C9 CLA UH . 20.98 -54.47 -12.07
C10 CLA UH . 18.99 -55.41 -13.27
C11 CLA UH . 17.50 -55.23 -13.50
C12 CLA UH . 16.85 -56.59 -13.70
C13 CLA UH . 15.65 -56.47 -14.63
C14 CLA UH . 14.56 -55.62 -13.99
C15 CLA UH . 15.13 -57.86 -14.95
C16 CLA UH . 13.86 -57.80 -15.78
C17 CLA UH . 13.95 -58.80 -16.91
C18 CLA UH . 12.67 -59.61 -16.99
C19 CLA UH . 12.09 -59.57 -18.39
C20 CLA UH . 12.93 -61.04 -16.56
MG CLA VH . 21.87 -48.41 9.99
CHA CLA VH . 20.59 -47.40 13.05
CHB CLA VH . 18.69 -49.30 9.12
CHC CLA VH . 23.07 -49.35 6.95
CHD CLA VH . 25.12 -47.58 11.00
NA CLA VH . 19.86 -48.36 10.93
C1A CLA VH . 19.56 -47.93 12.08
C2A CLA VH . 18.09 -48.03 12.37
C3A CLA VH . 17.55 -48.67 11.14
C4A CLA VH . 18.77 -48.80 10.33
CMA CLA VH . 16.74 -49.92 11.37
CAA CLA VH . 17.44 -46.65 12.43
CBA CLA VH . 17.87 -45.66 11.36
CGA CLA VH . 17.68 -44.30 11.95
O1A CLA VH . 18.31 -43.90 12.91
O2A CLA VH . 16.80 -43.40 11.58
NB CLA VH . 21.01 -49.19 8.30
C1B CLA VH . 19.75 -49.49 8.15
C2B CLA VH . 19.43 -50.05 6.84
C3B CLA VH . 20.72 -50.09 6.18
C4B CLA VH . 21.64 -49.52 7.17
CMB CLA VH . 18.07 -50.44 6.46
CAB CLA VH . 21.09 -50.55 4.83
CBB CLA VH . 20.49 -51.52 4.18
NC CLA VH . 23.80 -48.43 9.11
C1C CLA VH . 24.06 -48.76 7.86
C2C CLA VH . 25.40 -48.49 7.37
C3C CLA VH . 26.02 -47.90 8.56
C4C CLA VH . 24.95 -47.94 9.58
CMC CLA VH . 25.89 -48.75 5.98
CAC CLA VH . 27.43 -47.41 8.72
CBC CLA VH . 27.44 -45.91 8.61
ND CLA VH . 22.79 -47.65 11.57
C1D CLA VH . 24.03 -47.38 11.95
C2D CLA VH . 24.15 -46.89 13.33
C3D CLA VH . 22.73 -46.92 13.73
C4D CLA VH . 22.02 -47.36 12.69
CMD CLA VH . 25.26 -46.46 14.24
CAD CLA VH . 21.85 -46.63 14.87
OBD CLA VH . 22.22 -46.22 16.02
CBD CLA VH . 20.44 -46.85 14.45
CGD CLA VH . 19.77 -47.80 15.42
O1D CLA VH . 19.54 -48.95 15.14
O2D CLA VH . 19.36 -47.35 16.73
CED CLA VH . 19.14 -48.35 17.73
C1 CLA VH . 17.07 -42.39 10.38
C2 CLA VH . 18.44 -41.95 9.92
C3 CLA VH . 18.63 -40.75 9.34
C4 CLA VH . 17.49 -39.81 9.13
C5 CLA VH . 20.01 -40.36 8.89
C6 CLA VH . 20.64 -39.36 9.85
C7 CLA VH . 21.66 -38.49 9.12
C8 CLA VH . 22.66 -39.32 8.33
C9 CLA VH . 23.98 -39.45 9.07
C10 CLA VH . 22.83 -38.71 6.93
C11 CLA VH . 23.78 -37.52 6.88
C12 CLA VH . 24.15 -37.22 5.44
C13 CLA VH . 24.37 -35.73 5.17
C14 CLA VH . 23.22 -34.90 5.72
C15 CLA VH . 24.51 -35.48 3.67
C16 CLA VH . 25.45 -34.33 3.35
C17 CLA VH . 24.78 -33.30 2.44
C18 CLA VH . 25.71 -32.60 1.45
C19 CLA VH . 26.30 -31.32 2.02
C20 CLA VH . 26.82 -33.52 0.92
MG CLA WH . 37.49 -69.37 18.37
CHA CLA WH . 36.41 -72.25 20.03
CHB CLA WH . 40.27 -69.47 20.36
CHC CLA WH . 38.59 -66.65 16.68
CHD CLA WH . 34.54 -69.36 16.41
NA CLA WH . 38.29 -70.69 19.99
C1A CLA WH . 37.74 -71.74 20.49
C2A CLA WH . 38.55 -72.38 21.58
C3A CLA WH . 39.72 -71.44 21.68
C4A CLA WH . 39.42 -70.47 20.61
CMA CLA WH . 40.03 -70.93 23.06
CAA CLA WH . 39.16 -73.69 21.14
CBA CLA WH . 38.92 -74.80 22.18
CGA CLA WH . 40.14 -75.04 23.04
O1A CLA WH . 40.87 -74.18 23.51
O2A CLA WH . 40.57 -76.24 23.39
NB CLA WH . 39.19 -68.25 18.51
C1B CLA WH . 40.20 -68.39 19.37
C2B CLA WH . 41.26 -67.38 19.22
C3B CLA WH . 40.74 -66.56 18.14
C4B CLA WH . 39.45 -67.17 17.76
CMB CLA WH . 42.52 -67.24 20.01
CAB CLA WH . 41.32 -65.37 17.51
CBB CLA WH . 42.47 -65.46 16.87
NC CLA WH . 36.72 -68.23 16.75
C1C CLA WH . 37.30 -67.15 16.22
C2C CLA WH . 36.56 -66.49 15.14
C3C CLA WH . 35.38 -67.32 15.03
C4C CLA WH . 35.57 -68.36 16.07
CMC CLA WH . 36.96 -65.27 14.35
CAC CLA WH . 34.22 -67.17 14.08
CBC CLA WH . 34.44 -68.02 12.87
ND CLA WH . 35.83 -70.46 18.15
C1D CLA WH . 34.74 -70.41 17.41
C2D CLA WH . 33.77 -71.51 17.71
C3D CLA WH . 34.50 -72.21 18.76
C4D CLA WH . 35.65 -71.57 18.96
CMD CLA WH . 32.45 -71.96 17.23
CAD CLA WH . 34.38 -73.38 19.65
OBD CLA WH . 33.58 -74.36 19.46
CBD CLA WH . 35.60 -73.43 20.51
CGD CLA WH . 35.17 -73.29 21.94
O1D CLA WH . 35.54 -74.10 22.76
O2D CLA WH . 34.33 -72.18 22.35
CED CLA WH . 34.65 -71.46 23.54
MG CLA XH . 47.35 -67.62 20.72
CHA CLA XH . 45.22 -69.32 22.88
CHB CLA XH . 48.77 -66.18 23.51
CHC CLA XH . 49.48 -66.02 18.64
CHD CLA XH . 45.73 -69.09 17.95
NA CLA XH . 47.07 -67.72 22.93
C1A CLA XH . 46.22 -68.42 23.58
C2A CLA XH . 46.28 -68.26 25.07
C3A CLA XH . 47.38 -67.22 25.19
C4A CLA XH . 47.78 -67.01 23.79
CMA CLA XH . 47.09 -65.97 25.99
CAA CLA XH . 46.81 -69.51 25.76
CBA CLA XH . 47.93 -70.22 25.01
CGA CLA XH . 48.06 -71.66 25.41
O1A CLA XH . 49.08 -72.32 25.27
O2A CLA XH . 47.10 -72.38 25.95
NB CLA XH . 48.90 -66.30 21.04
C1B CLA XH . 49.33 -65.82 22.21
C2B CLA XH . 50.47 -64.89 22.09
C3B CLA XH . 50.66 -64.84 20.65
C4B CLA XH . 49.64 -65.75 20.08
CMB CLA XH . 51.19 -64.19 23.21
CAB CLA XH . 51.64 -64.10 19.84
CBB CLA XH . 52.92 -64.17 20.12
NC CLA XH . 47.61 -67.63 18.62
C1C CLA XH . 48.50 -66.88 17.98
C2C CLA XH . 48.45 -66.94 16.52
C3C CLA XH . 47.37 -67.88 16.29
C4C CLA XH . 46.90 -68.23 17.65
CMC CLA XH . 49.35 -66.20 15.58
CAC CLA XH . 46.82 -68.34 14.96
CBC CLA XH . 47.12 -69.79 14.71
ND CLA XH . 45.85 -68.88 20.35
C1D CLA XH . 45.28 -69.44 19.29
C2D CLA XH . 44.18 -70.40 19.61
C3D CLA XH . 44.21 -70.29 21.06
C4D CLA XH . 45.17 -69.43 21.42
CMD CLA XH . 43.21 -71.29 18.87
CAD CLA XH . 43.55 -70.84 22.25
OBD CLA XH . 43.05 -72.03 22.30
CBD CLA XH . 44.10 -70.14 23.45
CGD CLA XH . 43.06 -69.26 24.04
O1D CLA XH . 42.36 -68.55 23.35
O2D CLA XH . 42.89 -69.20 25.48
CED CLA XH . 41.63 -69.48 26.06
MG CLA YH . 59.81 -57.37 16.33
CHA CLA YH . 57.09 -57.64 18.51
CHB CLA YH . 60.44 -54.33 17.78
CHC CLA YH . 62.52 -57.17 14.36
CHD CLA YH . 59.02 -60.54 14.96
NA CLA YH . 58.91 -56.11 17.95
C1A CLA YH . 57.87 -56.37 18.65
C2A CLA YH . 57.55 -55.31 19.65
C3A CLA YH . 58.58 -54.26 19.35
C4A CLA YH . 59.36 -54.93 18.28
CMA CLA YH . 58.12 -52.84 19.09
CAA CLA YH . 58.13 -55.84 20.94
CBA CLA YH . 57.16 -56.06 22.07
CGA CLA YH . 57.94 -56.63 23.24
O1A CLA YH . 59.15 -56.62 23.32
O2A CLA YH . 57.41 -57.19 24.32
NB CLA YH . 61.26 -55.95 16.12
C1B CLA YH . 61.37 -54.78 16.75
C2B CLA YH . 62.54 -53.97 16.35
C3B CLA YH . 63.14 -54.84 15.34
C4B CLA YH . 62.28 -56.04 15.26
CMB CLA YH . 62.91 -52.62 16.90
CAB CLA YH . 64.34 -54.72 14.49
CBB CLA YH . 65.23 -53.75 14.58
NC CLA YH . 60.65 -58.67 14.90
C1C CLA YH . 61.74 -58.40 14.17
C2C CLA YH . 62.10 -59.42 13.17
C3C CLA YH . 61.05 -60.41 13.38
C4C CLA YH . 60.22 -59.85 14.45
CMC CLA YH . 63.26 -59.42 12.21
CAC CLA YH . 60.82 -61.71 12.67
CBC CLA YH . 60.17 -61.43 11.34
ND CLA YH . 58.44 -58.82 16.56
C1D CLA YH . 58.18 -60.02 16.04
C2D CLA YH . 57.00 -60.72 16.65
C3D CLA YH . 56.62 -59.71 17.62
C4D CLA YH . 57.46 -58.68 17.53
CMD CLA YH . 56.25 -62.01 16.49
CAD CLA YH . 55.61 -59.46 18.66
OBD CLA YH . 54.57 -60.17 18.86
CBD CLA YH . 55.84 -58.11 19.22
CGD CLA YH . 54.68 -57.26 18.82
O1D CLA YH . 54.33 -57.18 17.68
O2D CLA YH . 53.91 -56.53 19.81
CED CLA YH . 52.54 -56.84 19.94
C1 CLA YH . 57.67 -58.74 24.59
C2 CLA YH . 57.85 -59.62 23.37
C3 CLA YH . 57.41 -60.88 23.30
C4 CLA YH . 56.71 -61.50 24.47
C5 CLA YH . 57.66 -61.64 22.02
C6 CLA YH . 56.81 -62.90 21.90
C7 CLA YH . 57.55 -63.91 21.02
C8 CLA YH . 57.26 -65.34 21.44
C9 CLA YH . 58.53 -66.19 21.42
C10 CLA YH . 56.19 -65.94 20.54
C11 CLA YH . 56.67 -66.03 19.09
C12 CLA YH . 55.70 -65.34 18.13
C13 CLA YH . 54.61 -66.28 17.67
C14 CLA YH . 55.20 -67.48 16.94
C15 CLA YH . 53.64 -65.53 16.76
CAA F6C ZH . 70.66 -51.75 12.00
CAB F6C ZH . 61.21 -50.91 12.97
CAC F6C ZH . 64.14 -43.31 13.40
CAD F6C ZH . 71.20 -47.14 11.15
NA F6C ZH . 67.66 -50.25 11.59
CBA F6C ZH . 70.22 -51.42 13.41
CBB F6C ZH . 60.63 -52.06 13.28
CBC F6C ZH . 64.32 -43.04 14.88
CBD F6C ZH . 71.10 -48.62 11.07
NB F6C ZH . 64.75 -49.97 12.30
OBD F6C ZH . 72.15 -46.44 10.67
CGA F6C ZH . 71.13 -52.16 14.37
CGD F6C ZH . 71.49 -49.05 9.69
ND F6C ZH . 67.69 -47.20 11.97
CED F6C ZH . 70.93 -50.09 7.50
CHA F6C ZH . 69.64 -48.88 11.33
CHB F6C ZH . 66.06 -52.00 11.71
CHC F6C ZH . 63.02 -48.29 12.94
CHD F6C ZH . 66.66 -45.05 12.44
CMA F6C ZH . 68.18 -53.51 10.06
CMB F6C ZH . 63.22 -53.45 12.13
CMC F6C ZH . 61.65 -45.52 13.69
CMD F6C ZH . 69.89 -44.02 11.77
OMB F6C ZH . 63.95 -54.13 11.43
C1A F6C ZH . 68.90 -50.17 11.32
C1B F6C ZH . 64.82 -51.29 12.08
C1C F6C ZH . 63.74 -47.02 12.95
C1D F6C ZH . 67.82 -45.87 12.08
O1A F6C ZH . 70.94 -52.30 15.56
O1D F6C ZH . 72.59 -48.78 9.24
C2A F6C ZH . 69.57 -51.47 10.98
C2B F6C ZH . 63.53 -51.99 12.29
C2C F6C ZH . 63.08 -45.75 13.31
C2D F6C ZH . 69.19 -45.35 11.81
O2A F6C ZH . 72.26 -52.75 14.00
O2D F6C ZH . 70.57 -49.80 8.84
C3A F6C ZH . 68.40 -52.45 11.11
C3B F6C ZH . 62.65 -50.87 12.65
C3C F6C ZH . 64.18 -44.80 13.17
C3D F6C ZH . 69.86 -46.61 11.52
C4A F6C ZH . 67.29 -51.52 11.49
C4B F6C ZH . 63.49 -49.66 12.63
C4C F6C ZH . 65.34 -45.62 12.77
C4D F6C ZH . 68.98 -47.60 11.62
NC F6C ZH . 65.05 -46.92 12.65
MG F6C ZH . 66.26 -48.60 12.12
MG CLA AI . 44.75 -68.24 -8.71
CHA CLA AI . 43.50 -69.14 -11.85
CHB CLA AI . 42.52 -65.63 -8.76
CHC CLA AI . 45.78 -67.51 -5.60
CHD CLA AI . 47.04 -70.93 -8.86
NA CLA AI . 43.18 -67.46 -10.10
C1A CLA AI . 42.86 -67.91 -11.25
C2A CLA AI . 41.83 -67.07 -11.96
C3A CLA AI . 41.63 -65.95 -10.98
C4A CLA AI . 42.50 -66.37 -9.86
CMA CLA AI . 41.99 -64.63 -11.59
CAA CLA AI . 40.47 -67.76 -12.13
CBA CLA AI . 39.68 -68.05 -10.85
CGA CLA AI . 38.53 -68.95 -11.17
O1A CLA AI . 37.46 -68.59 -11.62
O2A CLA AI . 38.54 -70.26 -11.00
NB CLA AI . 44.22 -66.78 -7.38
C1B CLA AI . 43.31 -65.82 -7.54
C2B CLA AI . 43.16 -64.90 -6.40
C3B CLA AI . 44.15 -65.46 -5.47
C4B CLA AI . 44.75 -66.63 -6.16
CMB CLA AI . 42.20 -63.75 -6.35
CAB CLA AI . 44.56 -65.06 -4.10
CBB CLA AI . 44.01 -64.11 -3.38
NC CLA AI . 46.19 -69.11 -7.42
C1C CLA AI . 46.45 -68.70 -6.17
C2C CLA AI . 47.43 -69.51 -5.43
C3C CLA AI . 47.78 -70.53 -6.41
C4C CLA AI . 46.97 -70.18 -7.59
CMC CLA AI . 47.93 -69.39 -4.02
CAC CLA AI . 48.73 -71.67 -6.24
CBC CLA AI . 47.99 -72.93 -5.87
ND CLA AI . 45.24 -69.73 -9.94
C1D CLA AI . 46.13 -70.73 -9.98
C2D CLA AI . 46.10 -71.55 -11.22
C3D CLA AI . 45.02 -70.86 -11.92
C4D CLA AI . 44.58 -69.85 -11.16
CMD CLA AI . 46.79 -72.72 -11.82
CAD CLA AI . 44.28 -70.92 -13.19
OBD CLA AI . 44.30 -71.91 -14.01
CBD CLA AI . 43.25 -69.85 -13.16
CGD CLA AI . 43.52 -68.94 -14.29
O1D CLA AI . 44.51 -68.23 -14.32
O2D CLA AI . 42.59 -68.84 -15.39
CED CLA AI . 42.95 -68.00 -16.46
C1 CLA AI . 37.61 -70.94 -9.89
C2 CLA AI . 36.79 -72.16 -10.25
C3 CLA AI . 36.78 -73.24 -9.46
C4 CLA AI . 35.96 -74.42 -9.85
C5 CLA AI . 37.60 -73.29 -8.19
C6 CLA AI . 38.79 -74.21 -8.39
C7 CLA AI . 39.30 -74.71 -7.05
C8 CLA AI . 40.72 -75.25 -7.17
C9 CLA AI . 40.74 -76.55 -7.95
C10 CLA AI . 41.30 -75.44 -5.78
MG CLA BI . 43.17 -75.68 -11.81
CHA CLA BI . 41.25 -76.87 -14.47
CHB CLA BI . 40.95 -73.08 -11.55
CHC CLA BI . 44.92 -74.63 -9.10
CHD CLA BI . 45.45 -78.36 -12.22
NA CLA BI . 41.31 -75.02 -12.86
C1A CLA BI . 40.73 -75.58 -13.86
C2A CLA BI . 39.53 -74.80 -14.37
C3A CLA BI . 39.50 -73.61 -13.43
C4A CLA BI . 40.66 -73.91 -12.55
CMA CLA BI . 39.34 -72.22 -14.00
CAA CLA BI . 38.17 -75.51 -14.28
CBA CLA BI . 37.73 -75.82 -12.86
CGA CLA BI . 36.66 -76.88 -12.86
O1A CLA BI . 36.30 -77.49 -13.86
O2A CLA BI . 35.98 -77.28 -11.81
NB CLA BI . 42.95 -74.10 -10.52
C1B CLA BI . 42.02 -73.14 -10.56
C2B CLA BI . 42.17 -72.12 -9.50
C3B CLA BI . 43.35 -72.59 -8.79
C4B CLA BI . 43.77 -73.82 -9.49
CMB CLA BI . 41.32 -70.92 -9.26
CAB CLA BI . 44.03 -72.03 -7.62
CBB CLA BI . 43.39 -71.74 -6.52
NC CLA BI . 44.89 -76.42 -10.80
C1C CLA BI . 45.46 -75.84 -9.75
C2C CLA BI . 46.69 -76.47 -9.23
C3C CLA BI . 46.83 -77.59 -10.16
C4C CLA BI . 45.68 -77.46 -11.08
CMC CLA BI . 47.54 -76.05 -8.07
CAC CLA BI . 47.91 -78.63 -10.16
CBC CLA BI . 47.47 -79.80 -9.32
ND CLA BI . 43.43 -77.27 -12.99
C1D CLA BI . 44.29 -78.28 -13.12
C2D CLA BI . 43.98 -79.22 -14.21
C3D CLA BI . 42.75 -78.60 -14.71
C4D CLA BI . 42.49 -77.51 -13.98
CMD CLA BI . 44.53 -80.48 -14.82
CAD CLA BI . 41.73 -78.81 -15.74
OBD CLA BI . 41.51 -79.92 -16.34
CBD CLA BI . 40.70 -77.75 -15.58
CGD CLA BI . 40.56 -77.02 -16.88
O1D CLA BI . 41.52 -76.57 -17.45
O2D CLA BI . 39.23 -76.89 -17.46
CED CLA BI . 38.97 -77.43 -18.74
MG CLA CI . 41.42 -83.35 -13.38
CHA CLA CI . 39.15 -84.90 -15.53
CHB CLA CI . 39.18 -80.75 -13.14
CHC CLA CI . 43.57 -81.92 -11.20
CHD CLA CI . 43.62 -86.13 -13.69
NA CLA CI . 39.40 -82.86 -14.22
C1A CLA CI . 38.69 -83.56 -15.01
C2A CLA CI . 37.39 -82.92 -15.42
C3A CLA CI . 37.46 -81.60 -14.66
C4A CLA CI . 38.77 -81.73 -13.95
CMA CLA CI . 37.13 -80.30 -15.39
CAA CLA CI . 36.16 -83.63 -14.87
CBA CLA CI . 35.25 -84.17 -15.97
CGA CLA CI . 35.00 -83.13 -17.04
O1A CLA CI . 35.49 -83.15 -18.15
O2A CLA CI . 34.21 -82.09 -16.88
NB CLA CI . 41.36 -81.59 -12.32
C1B CLA CI . 40.42 -80.65 -12.34
C2B CLA CI . 40.73 -79.47 -11.48
C3B CLA CI . 42.02 -79.84 -10.93
C4B CLA CI . 42.34 -81.17 -11.50
CMB CLA CI . 39.94 -78.23 -11.23
CAB CLA CI . 42.85 -79.08 -9.98
CBB CLA CI . 42.91 -79.41 -8.72
NC CLA CI . 43.27 -83.96 -12.54
C1C CLA CI . 44.02 -83.21 -11.72
C2C CLA CI . 45.34 -83.78 -11.34
C3C CLA CI . 45.33 -85.03 -12.06
C4C CLA CI . 44.03 -85.05 -12.77
CMC CLA CI . 46.39 -83.20 -10.44
CAC CLA CI . 46.42 -86.07 -12.09
CBC CLA CI . 46.11 -87.12 -11.05
ND CLA CI . 41.51 -85.12 -14.31
C1D CLA CI . 42.34 -86.15 -14.41
C2D CLA CI . 41.89 -87.25 -15.30
C3D CLA CI . 40.60 -86.69 -15.71
C4D CLA CI . 40.44 -85.50 -15.12
CMD CLA CI . 42.36 -88.59 -15.79
CAD CLA CI . 39.45 -87.01 -16.56
OBD CLA CI . 39.44 -87.92 -17.47
CBD CLA CI . 38.52 -85.85 -16.53
CGD CLA CI . 38.52 -85.22 -17.90
O1D CLA CI . 39.49 -84.60 -18.29
O2D CLA CI . 37.37 -85.34 -18.76
CED CLA CI . 37.53 -85.90 -20.06
MG CLA DI . 45.63 -55.78 -3.70
CHA CLA DI . 47.34 -58.59 -4.83
CHB CLA DI . 44.43 -57.72 -1.15
CHC CLA DI . 44.14 -53.01 -2.57
CHD CLA DI . 47.05 -53.91 -6.36
NA CLA DI . 45.86 -57.89 -3.04
C1A CLA DI . 46.53 -58.83 -3.59
C2A CLA DI . 46.36 -60.17 -2.93
C3A CLA DI . 45.39 -59.83 -1.81
C4A CLA DI . 45.22 -58.38 -2.00
CMA CLA DI . 44.09 -60.61 -1.84
CAA CLA DI . 47.69 -60.61 -2.30
CBA CLA DI . 47.50 -61.66 -1.23
CGA CLA DI . 48.30 -62.90 -1.46
O1A CLA DI . 49.49 -62.93 -1.68
O2A CLA DI . 47.76 -64.08 -1.42
NB CLA DI . 44.46 -55.43 -2.07
C1B CLA DI . 44.05 -56.30 -1.15
C2B CLA DI . 43.16 -55.71 -0.12
C3B CLA DI . 43.09 -54.34 -0.57
C4B CLA DI . 43.93 -54.24 -1.78
CMB CLA DI . 42.50 -56.34 1.06
CAB CLA DI . 42.36 -53.25 0.09
CBB CLA DI . 41.26 -52.80 -0.44
NC CLA DI . 45.65 -53.76 -4.34
C1C CLA DI . 44.97 -52.78 -3.76
C2C CLA DI . 45.10 -51.47 -4.39
C3C CLA DI . 46.00 -51.72 -5.50
C4C CLA DI . 46.27 -53.16 -5.37
CMC CLA DI . 44.47 -50.18 -3.95
CAC CLA DI . 46.55 -50.74 -6.52
CBC CLA DI . 46.01 -50.85 -7.93
ND CLA DI . 46.93 -56.00 -5.20
C1D CLA DI . 47.33 -55.32 -6.26
C2D CLA DI . 48.06 -56.07 -7.29
C3D CLA DI . 48.03 -57.38 -6.65
C4D CLA DI . 47.41 -57.27 -5.48
CMD CLA DI . 48.68 -55.86 -8.64
CAD CLA DI . 48.49 -58.74 -6.88
OBD CLA DI . 48.84 -59.20 -8.01
CBD CLA DI . 48.05 -59.57 -5.74
CGD CLA DI . 46.94 -60.34 -6.32
O1D CLA DI . 46.18 -59.83 -7.13
O2D CLA DI . 46.70 -61.68 -5.92
CED CLA DI . 45.34 -62.05 -6.06
C1 CLA DI . 48.34 -65.23 -0.47
C2 CLA DI . 49.44 -66.10 -0.99
C3 CLA DI . 49.36 -67.42 -0.96
C4 CLA DI . 50.48 -68.21 -1.52
C5 CLA DI . 48.16 -68.13 -0.37
C6 CLA DI . 48.58 -68.89 0.88
C7 CLA DI . 48.02 -70.31 0.90
C8 CLA DI . 46.82 -70.42 1.83
C9 CLA DI . 47.21 -70.17 3.27
C10 CLA DI . 46.18 -71.80 1.67
MG CLA EI . 52.73 -60.57 5.55
CHA CLA EI . 52.02 -60.35 2.15
CHB CLA EI . 49.43 -59.75 6.12
CHC CLA EI . 53.39 -60.84 8.84
CHD CLA EI . 56.10 -61.38 4.79
NA CLA EI . 50.92 -60.11 4.33
C1A CLA EI . 50.85 -60.08 3.06
C2A CLA EI . 49.48 -59.79 2.55
C3A CLA EI . 48.71 -59.55 3.81
C4A CLA EI . 49.75 -59.80 4.85
CMA CLA EI . 47.91 -58.28 3.84
CAA CLA EI . 48.85 -61.09 2.02
CBA CLA EI . 48.82 -62.37 2.85
CGA CLA EI . 50.08 -63.19 2.72
O1A CLA EI . 50.30 -63.99 1.84
O2A CLA EI . 51.12 -63.13 3.54
NB CLA EI . 51.57 -60.33 7.21
C1B CLA EI . 50.28 -59.99 7.28
C2B CLA EI . 49.74 -59.92 8.65
C3B CLA EI . 50.93 -60.24 9.44
C4B CLA EI . 52.01 -60.48 8.46
CMB CLA EI . 48.31 -59.58 9.00
CAB CLA EI . 51.16 -60.35 10.89
CBB CLA EI . 50.23 -60.37 11.82
NC CLA EI . 54.46 -61.09 6.64
C1C CLA EI . 54.55 -61.09 7.96
C2C CLA EI . 55.89 -61.36 8.52
C3C CLA EI . 56.67 -61.54 7.30
C4C CLA EI . 55.71 -61.35 6.21
CMC CLA EI . 56.33 -61.43 9.94
CAC CLA EI . 58.14 -61.83 7.17
CBC CLA EI . 58.88 -60.51 7.11
ND CLA EI . 53.90 -60.84 3.95
C1D CLA EI . 55.16 -61.16 3.69
C2D CLA EI . 55.51 -61.22 2.25
C3D CLA EI . 54.20 -60.89 1.68
C4D CLA EI . 53.35 -60.69 2.69
CMD CLA EI . 56.72 -61.50 1.40
CAD CLA EI . 53.52 -60.71 0.40
OBD CLA EI . 53.95 -61.09 -0.74
CBD CLA EI . 52.10 -60.32 0.65
CGD CLA EI . 51.94 -58.92 0.14
O1D CLA EI . 52.67 -58.05 0.53
O2D CLA EI . 50.92 -58.57 -0.82
CED CLA EI . 51.22 -57.54 -1.76
C1 CLA EI . 51.09 -63.68 5.04
C2 CLA EI . 52.33 -64.31 5.62
C3 CLA EI . 52.39 -64.82 6.86
C4 CLA EI . 53.69 -65.41 7.28
C5 CLA EI . 51.23 -64.79 7.81
C6 CLA EI . 51.71 -64.34 9.19
C7 CLA EI . 51.49 -65.41 10.26
C8 CLA EI . 52.06 -65.02 11.63
C9 CLA EI . 51.58 -63.65 12.06
C10 CLA EI . 53.58 -65.02 11.63
C11 CLA EI . 54.09 -64.83 13.05
C12 CLA EI . 55.38 -64.01 13.08
C13 CLA EI . 56.59 -64.92 12.85
C14 CLA EI . 56.94 -65.70 14.11
C15 CLA EI . 57.77 -64.08 12.41
MG CLA FI . 43.37 -61.92 10.20
CHA CLA FI . 43.60 -60.99 6.86
CHB CLA FI . 40.17 -60.68 10.16
CHC CLA FI . 43.15 -62.85 13.42
CHD CLA FI . 46.70 -63.07 10.09
NA CLA FI . 42.01 -60.97 8.71
C1A CLA FI . 42.28 -60.69 7.49
C2A CLA FI . 41.17 -60.00 6.77
C3A CLA FI . 40.14 -59.87 7.87
C4A CLA FI . 40.81 -60.55 9.00
CMA CLA FI . 39.63 -58.47 8.14
CAA CLA FI . 40.52 -60.90 5.71
CBA CLA FI . 40.52 -62.37 6.04
CGA CLA FI . 40.25 -63.20 4.80
O1A CLA FI . 39.14 -63.47 4.39
O2A CLA FI . 41.18 -63.70 4.03
NB CLA FI . 41.86 -61.77 11.60
C1B CLA FI . 40.64 -61.27 11.42
C2B CLA FI . 39.78 -61.35 12.60
C3B CLA FI . 40.65 -61.98 13.58
C4B CLA FI . 41.94 -62.22 12.86
CMB CLA FI . 38.36 -60.88 12.78
CAB CLA FI . 40.22 -62.29 14.96
CBB CLA FI . 40.97 -62.38 16.03
NC CLA FI . 44.69 -62.93 11.52
C1C CLA FI . 44.45 -63.15 12.80
C2C CLA FI . 45.57 -63.72 13.58
C3C CLA FI . 46.58 -63.83 12.56
C4C CLA FI . 45.96 -63.32 11.34
CMC CLA FI . 45.61 -64.07 15.03
CAC CLA FI . 48.00 -64.35 12.69
CBC CLA FI . 48.06 -65.76 12.14
ND CLA FI . 44.89 -62.02 8.92
C1D CLA FI . 46.11 -62.55 8.88
C2D CLA FI . 46.76 -62.52 7.55
C3D CLA FI . 45.70 -61.89 6.79
C4D CLA FI . 44.68 -61.64 7.60
CMD CLA FI . 48.05 -62.96 6.95
CAD CLA FI . 45.38 -61.43 5.42
OBD CLA FI . 45.85 -61.94 4.34
CBD CLA FI . 44.11 -60.68 5.47
CGD CLA FI . 44.42 -59.23 5.46
O1D CLA FI . 45.30 -58.80 6.15
O2D CLA FI . 43.68 -58.29 4.65
CED CLA FI . 44.38 -57.16 4.13
CAA F6C GI . 21.09 -9.65 18.26
CAB F6C GI . 13.30 -14.55 16.21
CAC F6C GI . 19.52 -20.10 15.94
CAD F6C GI . 23.77 -13.76 19.17
NA F6C GI . 19.27 -12.52 18.34
CBA F6C GI . 20.83 -9.84 16.77
CBB F6C GI . 12.95 -15.62 15.52
CBC F6C GI . 20.30 -20.03 14.67
CBD F6C GI . 23.03 -12.49 19.34
NB F6C GI . 16.90 -14.04 17.24
OBD F6C GI . 25.04 -13.84 19.16
CGA F6C GI . 22.04 -10.41 16.12
CGD F6C GI . 23.02 -12.11 20.78
ND F6C GI . 20.72 -15.18 17.97
CED F6C GI . 23.88 -10.33 22.31
CHA F6C GI . 21.63 -12.85 18.86
CHB F6C GI . 17.06 -11.70 18.03
CHC F6C GI . 16.23 -16.23 16.34
CHD F6C GI . 20.81 -17.52 17.35
CMA F6C GI . 18.04 -9.58 19.95
CMB F6C GI . 13.99 -11.63 17.33
CMC F6C GI . 16.39 -19.24 15.36
CMD F6C GI . 24.03 -17.09 18.32
OMB F6C GI . 12.95 -11.57 16.71
C1 F6C GI . 21.67 -12.37 14.54
C1A F6C GI . 20.38 -12.03 18.75
C1B F6C GI . 16.34 -12.86 17.50
C1C F6C GI . 17.45 -17.04 16.42
C1D F6C GI . 21.42 -16.30 17.84
O1A F6C GI . 22.97 -9.75 15.75
O1D F6C GI . 22.94 -12.96 21.64
C2 F6C GI . 20.33 -13.07 14.42
C2A F6C GI . 20.30 -10.58 19.16
C2B F6C GI . 14.91 -12.79 17.16
C2C F6C GI . 17.49 -18.42 15.95
C2D F6C GI . 22.84 -16.19 18.25
O2A F6C GI . 22.23 -11.70 15.88
O2D F6C GI . 23.10 -10.72 21.19
C3 F6C GI . 19.30 -12.49 13.80
C3A F6C GI . 18.84 -10.29 18.89
C3B F6C GI . 14.65 -14.12 16.66
C3C F6C GI . 18.86 -18.79 16.21
C3D F6C GI . 22.86 -14.79 18.65
C4 F6C GI . 19.43 -11.11 13.23
C4A F6C GI . 18.34 -11.59 18.38
C4B F6C GI . 15.95 -14.85 16.75
C4C F6C GI . 19.45 -17.57 16.79
C4D F6C GI . 21.64 -14.28 18.46
C5 F6C GI . 17.98 -13.24 13.69
C6 F6C GI . 16.79 -12.31 13.49
C7 F6C GI . 16.17 -12.47 12.11
C8 F6C GI . 14.71 -12.85 12.18
C9 F6C GI . 14.60 -14.28 12.67
C10 F6C GI . 14.02 -12.70 10.82
C11 F6C GI . 14.36 -13.80 9.82
C12 F6C GI . 13.13 -14.45 9.22
C13 F6C GI . 13.54 -15.57 8.27
C14 F6C GI . 14.20 -15.00 7.04
C15 F6C GI . 12.33 -16.42 7.87
NC F6C GI . 18.59 -16.56 16.90
MG F6C GI . 18.84 -14.60 17.65
MG CLA HI . 16.06 -21.40 18.12
CHA CLA HI . 12.91 -20.42 16.99
CHB CLA HI . 15.63 -24.26 16.30
CHC CLA HI . 19.20 -22.24 19.01
CHD CLA HI . 16.34 -18.40 19.96
NA CLA HI . 14.49 -22.26 16.79
C1A CLA HI . 13.36 -21.77 16.48
C2A CLA HI . 12.57 -22.63 15.55
C3A CLA HI . 13.44 -23.85 15.43
C4A CLA HI . 14.61 -23.43 16.20
CMA CLA HI . 12.84 -25.22 15.67
CAA CLA HI . 12.94 -22.27 14.13
CBA CLA HI . 12.44 -20.99 13.53
CGA CLA HI . 13.64 -20.13 13.24
O1A CLA HI . 14.68 -20.57 12.81
O2A CLA HI . 13.70 -18.82 13.40
NB CLA HI . 17.24 -23.02 17.69
C1B CLA HI . 16.89 -24.09 17.01
C2B CLA HI . 17.90 -25.16 16.99
C3B CLA HI . 18.95 -24.55 17.80
C4B CLA HI . 18.46 -23.22 18.20
CMB CLA HI . 17.78 -26.47 16.29
CAB CLA HI . 20.24 -25.12 18.17
CBB CLA HI . 20.30 -26.25 18.82
NC CLA HI . 17.55 -20.44 19.30
C1C CLA HI . 18.76 -20.94 19.56
C2C CLA HI . 19.61 -20.12 20.43
C3C CLA HI . 18.76 -18.97 20.70
C4C CLA HI . 17.51 -19.28 19.97
CMC CLA HI . 21.00 -20.39 20.90
CAC CLA HI . 19.08 -17.78 21.57
CBC CLA HI . 19.33 -16.50 20.80
ND CLA HI . 15.00 -19.77 18.49
C1D CLA HI . 15.14 -18.64 19.17
C2D CLA HI . 14.01 -17.72 19.06
C3D CLA HI . 13.14 -18.48 18.18
C4D CLA HI . 13.75 -19.63 17.88
CMD CLA HI . 13.64 -16.39 19.57
CAD CLA HI . 11.83 -18.39 17.53
OBD CLA HI . 11.11 -17.35 17.44
CBD CLA HI . 11.64 -19.62 16.74
CGD CLA HI . 10.37 -20.33 17.11
O1D CLA HI . 10.39 -21.30 17.84
O2D CLA HI . 9.10 -19.84 16.58
CED CLA HI . 7.92 -19.93 17.35
C1 CLA HI . 14.37 -17.96 12.24
C2 CLA HI . 15.85 -17.65 12.18
C3 CLA HI . 16.55 -17.73 11.06
C4 CLA HI . 15.89 -18.15 9.77
C5 CLA HI . 18.03 -17.41 11.11
C6 CLA HI . 18.45 -16.77 9.78
C7 CLA HI . 18.36 -15.27 9.88
C8 CLA HI . 19.30 -14.60 8.88
C9 CLA HI . 20.72 -15.06 9.12
C10 CLA HI . 19.20 -13.10 9.00
C11 CLA HI . 17.78 -12.66 8.70
C12 CLA HI . 17.65 -11.14 8.78
C13 CLA HI . 16.80 -10.68 7.61
C14 CLA HI . 17.55 -10.84 6.31
C15 CLA HI . 16.37 -9.25 7.84
C16 CLA HI . 15.08 -9.23 8.61
C17 CLA HI . 14.85 -7.87 9.24
C18 CLA HI . 14.49 -6.86 8.18
C19 CLA HI . 13.01 -6.48 8.26
C20 CLA HI . 15.40 -5.65 8.32
MG CLA II . 27.05 -28.00 9.46
CHA CLA II . 24.76 -30.61 9.42
CHB CLA II . 28.03 -29.01 6.31
CHC CLA II . 29.18 -25.42 9.47
CHD CLA II . 26.00 -27.08 12.72
NA CLA II . 26.48 -29.59 8.01
C1A CLA II . 25.58 -30.49 8.16
C2A CLA II . 25.49 -31.46 7.01
C3A CLA II . 26.55 -30.93 6.08
C4A CLA II . 27.06 -29.76 6.84
CMA CLA II . 27.57 -31.92 5.55
CAA CLA II . 24.19 -31.36 6.24
CBA CLA II . 23.60 -29.97 6.13
CGA CLA II . 22.20 -30.19 5.62
O1A CLA II . 21.28 -30.56 6.31
O2A CLA II . 21.82 -30.08 4.36
NB CLA II . 28.40 -27.32 8.07
C1B CLA II . 28.69 -27.82 6.88
C2B CLA II . 29.77 -27.08 6.17
C3B CLA II . 30.08 -26.04 7.14
C4B CLA II . 29.19 -26.26 8.28
CMB CLA II . 30.39 -27.31 4.85
CAB CLA II . 31.07 -24.97 7.02
CBB CLA II . 30.68 -23.72 6.81
NC CLA II . 27.49 -26.47 10.87
C1C CLA II . 28.39 -25.52 10.69
C2C CLA II . 28.54 -24.52 11.74
C3C CLA II . 27.56 -25.01 12.72
C4C CLA II . 26.99 -26.21 12.08
CMC CLA II . 29.48 -23.34 11.72
CAC CLA II . 27.14 -24.47 14.06
CBC CLA II . 28.27 -24.20 15.03
ND CLA II . 25.74 -28.58 10.84
C1D CLA II . 25.37 -28.23 12.06
C2D CLA II . 24.31 -29.09 12.65
C3D CLA II . 24.11 -30.01 11.55
C4D CLA II . 24.94 -29.68 10.56
CMD CLA II . 23.51 -29.21 13.91
CAD CLA II . 23.30 -31.18 11.19
OBD CLA II . 22.67 -31.92 12.02
CBD CLA II . 23.70 -31.62 9.83
CGD CLA II . 24.29 -32.97 9.97
O1D CLA II . 25.50 -33.11 10.01
O2D CLA II . 23.46 -34.15 10.07
CED CLA II . 23.76 -35.15 11.03
C1 CLA II . 20.80 -28.95 3.86
C2 CLA II . 19.79 -28.25 4.74
C3 CLA II . 19.46 -26.97 4.50
C4 CLA II . 20.10 -26.24 3.36
C5 CLA II . 18.45 -26.24 5.36
C6 CLA II . 19.03 -24.89 5.77
C7 CLA II . 18.21 -23.73 5.22
C8 CLA II . 18.03 -22.70 6.31
C9 CLA II . 16.97 -23.17 7.29
C10 CLA II . 17.64 -21.36 5.69
C11 CLA II . 18.71 -20.33 5.98
C12 CLA II . 18.50 -19.08 5.15
C13 CLA II . 18.09 -17.93 6.05
C14 CLA II . 16.58 -17.80 6.11
C15 CLA II . 18.77 -16.65 5.58
C16 CLA II . 18.03 -15.94 4.44
C17 CLA II . 18.55 -14.51 4.32
C18 CLA II . 17.57 -13.61 3.58
C19 CLA II . 17.50 -13.98 2.11
C20 CLA II . 16.19 -13.64 4.20
C1 PQN JI . 29.28 -28.16 19.37
O1 PQN JI . 30.40 -28.16 18.87
C2 PQN JI . 28.32 -27.08 19.05
C2M PQN JI . 28.80 -26.04 18.12
C3 PQN JI . 26.98 -27.08 19.66
C4 PQN JI . 26.61 -28.17 20.59
O4 PQN JI . 25.48 -28.19 21.11
C5 PQN JI . 27.58 -29.25 20.90
C6 PQN JI . 27.26 -30.26 21.76
C7 PQN JI . 28.18 -31.25 22.02
C8 PQN JI . 29.44 -31.24 21.45
C9 PQN JI . 29.80 -30.23 20.58
C10 PQN JI . 28.91 -29.24 20.29
C11 PQN JI . 25.94 -26.02 19.40
C12 PQN JI . 25.32 -26.32 18.06
C13 PQN JI . 24.27 -25.67 17.57
C14 PQN JI . 23.63 -24.59 18.39
C15 PQN JI . 23.77 -26.09 16.22
C16 PQN JI . 22.69 -25.15 15.71
C17 PQN JI . 23.24 -24.18 14.67
C18 PQN JI . 22.21 -23.97 13.57
C19 PQN JI . 20.81 -23.69 14.11
C20 PQN JI . 22.19 -25.20 12.69
C21 PQN JI . 23.15 -25.04 11.53
C22 PQN JI . 22.42 -25.11 10.22
C23 PQN JI . 22.94 -26.25 9.36
C24 PQN JI . 23.67 -25.72 8.13
C25 PQN JI . 21.77 -27.12 8.94
C26 PQN JI . 21.14 -27.78 10.15
C27 PQN JI . 19.66 -28.04 9.92
C28 PQN JI . 19.29 -29.47 10.25
C29 PQN JI . 17.79 -29.71 10.07
C30 PQN JI . 20.07 -30.43 9.36
C1 BCR KI . 16.47 -70.07 -24.45
C2 BCR KI . 15.57 -69.38 -25.48
C3 BCR KI . 14.56 -68.38 -24.94
C4 BCR KI . 13.93 -68.88 -23.66
C5 BCR KI . 15.07 -69.03 -22.69
C6 BCR KI . 16.13 -69.77 -23.01
C7 BCR KI . 17.02 -70.30 -21.94
C8 BCR KI . 16.74 -71.35 -21.16
C9 BCR KI . 17.60 -71.69 -20.28
C10 BCR KI . 17.25 -71.83 -19.08
C11 BCR KI . 17.16 -72.57 -18.16
C33 BCR KI . 14.98 -68.29 -21.39
C31 BCR KI . 17.92 -69.72 -24.65
C32 BCR KI . 16.28 -71.56 -24.70
C34 BCR KI . 19.03 -71.95 -20.66
C12 BCR KI . 17.02 -73.32 -17.18
C13 BCR KI . 17.42 -74.36 -16.21
C14 BCR KI . 16.52 -74.73 -15.28
C15 BCR KI . 16.79 -75.75 -14.27
C16 BCR KI . 16.34 -76.62 -13.37
C17 BCR KI . 16.23 -77.44 -12.51
C18 BCR KI . 15.60 -78.41 -11.85
C19 BCR KI . 16.10 -79.06 -10.63
C20 BCR KI . 15.91 -80.11 -9.84
C21 BCR KI . 15.94 -80.94 -8.98
C22 BCR KI . 15.45 -81.94 -8.25
C23 BCR KI . 16.23 -82.59 -7.19
C24 BCR KI . 16.42 -83.90 -7.32
C25 BCR KI . 17.17 -84.70 -6.34
C26 BCR KI . 18.46 -84.50 -6.12
C27 BCR KI . 18.97 -84.55 -4.70
C28 BCR KI . 18.27 -85.63 -3.90
C29 BCR KI . 17.38 -86.56 -4.71
C30 BCR KI . 16.42 -85.79 -5.62
C35 BCR KI . 18.79 -74.97 -16.25
C36 BCR KI . 14.30 -78.91 -12.38
C37 BCR KI . 14.05 -82.41 -8.50
C38 BCR KI . 19.42 -84.22 -7.24
C39 BCR KI . 15.28 -85.19 -4.81
C40 BCR KI . 15.85 -86.74 -6.66
C1 BCR LI . 11.04 -65.31 -18.62
C2 BCR LI . 12.32 -66.12 -18.78
C3 BCR LI . 12.68 -67.02 -17.61
C4 BCR LI . 11.48 -67.85 -17.15
C5 BCR LI . 10.29 -66.96 -16.94
C6 BCR LI . 10.27 -65.69 -17.36
C7 BCR LI . 9.44 -64.70 -16.65
C8 BCR LI . 9.72 -64.09 -15.48
C9 BCR LI . 8.90 -63.26 -14.96
C10 BCR LI . 9.21 -62.56 -13.97
C11 BCR LI . 9.98 -61.85 -13.45
C33 BCR LI . 9.09 -67.54 -16.24
C31 BCR LI . 10.11 -65.59 -19.80
C32 BCR LI . 11.39 -63.83 -18.61
C34 BCR LI . 7.51 -63.09 -15.50
C12 BCR LI . 10.73 -61.05 -12.83
C13 BCR LI . 11.97 -60.36 -12.44
C14 BCR LI . 11.86 -59.20 -11.78
C15 BCR LI . 13.00 -58.40 -11.36
C16 BCR LI . 13.46 -57.26 -10.87
C17 BCR LI . 14.14 -56.36 -10.48
C18 BCR LI . 14.39 -55.14 -9.97
C19 BCR LI . 15.76 -54.62 -9.83
C20 BCR LI . 16.60 -53.82 -9.21
C21 BCR LI . 17.61 -53.25 -8.91
C22 BCR LI . 18.41 -52.48 -8.17
C23 BCR LI . 19.79 -52.18 -8.56
C24 BCR LI . 20.61 -51.75 -7.60
C25 BCR LI . 22.03 -51.38 -7.84
C26 BCR LI . 22.95 -52.29 -8.11
C27 BCR LI . 23.91 -52.05 -9.25
C28 BCR LI . 23.89 -50.58 -9.65
C29 BCR LI . 23.75 -49.70 -8.42
C30 BCR LI . 22.44 -49.94 -7.72
C35 BCR LI . 13.31 -60.94 -12.79
C36 BCR LI . 13.25 -54.29 -9.52
C37 BCR LI . 17.86 -51.92 -6.91
C38 BCR LI . 23.07 -53.54 -7.30
C39 BCR LI . 21.42 -49.01 -8.35
C40 BCR LI . 22.57 -49.67 -6.24
C1 BCR MI . 8.56 -67.16 -25.49
C2 BCR MI . 8.38 -68.32 -24.52
C3 BCR MI . 7.31 -68.06 -23.46
C4 BCR MI . 7.57 -66.77 -22.70
C5 BCR MI . 7.81 -65.68 -23.71
C6 BCR MI . 8.71 -65.90 -24.65
C7 BCR MI . 9.89 -65.02 -24.84
C8 BCR MI . 10.04 -63.84 -25.45
C9 BCR MI . 9.21 -63.07 -26.04
C10 BCR MI . 9.21 -61.87 -25.71
C11 BCR MI . 9.74 -61.07 -25.03
C33 BCR MI . 7.01 -64.40 -23.63
C31 BCR MI . 7.34 -67.03 -26.40
C32 BCR MI . 9.81 -67.40 -26.32
C34 BCR MI . 8.32 -63.51 -27.16
C12 BCR MI . 10.31 -60.19 -24.32
C13 BCR MI . 10.92 -59.64 -23.10
C14 BCR MI . 11.25 -58.34 -23.10
C15 BCR MI . 11.85 -57.66 -21.96
C16 BCR MI . 12.35 -56.57 -21.39
C17 BCR MI . 12.84 -55.78 -20.62
C18 BCR MI . 13.38 -54.63 -20.23
C19 BCR MI . 13.78 -54.39 -18.84
C20 BCR MI . 14.31 -53.59 -17.93
C21 BCR MI . 14.84 -52.65 -17.41
C22 BCR MI . 15.26 -51.82 -16.44
C23 BCR MI . 16.08 -50.64 -16.75
C24 BCR MI . 16.83 -50.61 -17.84
C25 BCR MI . 17.70 -49.48 -18.23
C26 BCR MI . 17.28 -48.58 -19.13
C27 BCR MI . 18.24 -47.77 -19.97
C28 BCR MI . 19.55 -47.54 -19.26
C29 BCR MI . 20.07 -48.80 -18.59
C30 BCR MI . 19.08 -49.36 -17.60
C35 BCR MI . 11.18 -60.49 -21.89
C36 BCR MI . 13.57 -53.56 -21.26
C37 BCR MI . 14.92 -52.09 -15.02
C38 BCR MI . 15.83 -48.35 -19.38
C39 BCR MI . 18.98 -48.43 -16.40
C40 BCR MI . 19.60 -50.72 -17.16
C1 BCR NI . 31.78 -80.82 -0.87
C2 BCR NI . 30.60 -80.60 -1.82
C3 BCR NI . 31.02 -80.24 -3.23
C4 BCR NI . 31.89 -79.00 -3.23
C5 BCR NI . 33.03 -79.24 -2.29
C6 BCR NI . 32.80 -79.72 -1.06
C7 BCR NI . 33.55 -79.16 0.07
C8 BCR NI . 33.31 -77.92 0.52
C9 BCR NI . 33.95 -77.41 1.50
C10 BCR NI . 33.71 -76.23 1.85
C11 BCR NI . 33.17 -75.57 2.66
C33 BCR NI . 34.45 -78.97 -2.73
C31 BCR NI . 32.48 -82.12 -1.22
C32 BCR NI . 31.28 -80.87 0.56
C34 BCR NI . 34.98 -78.16 2.29
C12 BCR NI . 32.60 -74.80 3.46
C13 BCR NI . 32.54 -74.02 4.71
C14 BCR NI . 31.59 -73.09 4.82
C15 BCR NI . 31.51 -72.26 6.01
C16 BCR NI . 30.99 -71.23 6.67
C17 BCR NI . 30.77 -70.38 7.48
C18 BCR NI . 30.09 -69.46 8.16
C19 BCR NI . 30.76 -68.64 9.17
C20 BCR NI . 30.64 -67.61 9.97
C21 BCR NI . 30.88 -66.73 10.74
C22 BCR NI . 30.70 -65.58 11.36
C23 BCR NI . 31.66 -65.09 12.36
C24 BCR NI . 31.54 -63.85 12.80
C25 BCR NI . 32.47 -63.27 13.78
C26 BCR NI . 32.32 -63.59 15.07
C27 BCR NI . 33.54 -63.71 15.95
C28 BCR NI . 34.60 -62.67 15.62
C29 BCR NI . 34.18 -61.67 14.54
C30 BCR NI . 33.55 -62.32 13.33
C35 BCR NI . 33.54 -74.25 5.80
C36 BCR NI . 28.64 -69.26 7.91
C37 BCR NI . 29.48 -64.76 11.03
C38 BCR NI . 30.97 -63.83 15.64
C39 BCR NI . 34.59 -63.03 12.49
C40 BCR NI . 32.89 -61.24 12.49
C1 BCR OI . 38.81 -69.91 -4.90
C2 BCR OI . 38.63 -69.32 -6.29
C3 BCR OI . 39.91 -68.65 -6.76
C4 BCR OI . 40.28 -67.50 -5.85
C5 BCR OI . 40.31 -68.01 -4.43
C6 BCR OI . 39.39 -68.87 -3.97
C7 BCR OI . 38.99 -68.82 -2.56
C8 BCR OI . 38.22 -67.85 -2.04
C9 BCR OI . 37.90 -67.85 -0.81
C10 BCR OI . 36.92 -67.17 -0.45
C11 BCR OI . 36.53 -66.49 0.43
C33 BCR OI . 41.42 -67.51 -3.55
C31 BCR OI . 39.77 -71.09 -4.93
C32 BCR OI . 37.45 -70.40 -4.41
C34 BCR OI . 38.65 -68.63 0.22
C12 BCR OI . 36.05 -65.75 1.31
C13 BCR OI . 35.88 -65.25 2.69
C14 BCR OI . 34.94 -64.34 2.89
C15 BCR OI . 34.69 -63.78 4.21
C16 BCR OI . 34.14 -62.86 5.00
C17 BCR OI . 33.56 -61.87 5.28
C18 BCR OI . 32.91 -60.94 5.95
C19 BCR OI . 32.43 -61.11 7.33
C20 BCR OI . 31.46 -60.78 8.17
C21 BCR OI . 30.77 -60.68 9.14
C22 BCR OI . 29.89 -60.14 9.97
C23 BCR OI . 29.48 -60.85 11.18
C24 BCR OI . 28.56 -60.29 11.97
C25 BCR OI . 28.05 -60.88 13.24
C26 BCR OI . 28.72 -60.68 14.40
C27 BCR OI . 28.27 -61.30 15.70
C28 BCR OI . 26.79 -61.57 15.67
C29 BCR OI . 26.53 -62.44 14.48
C30 BCR OI . 26.73 -61.64 13.21
C35 BCR OI . 36.75 -65.75 3.81
C36 BCR OI . 32.59 -59.65 5.27
C37 BCR OI . 29.31 -58.80 9.67
C38 BCR OI . 29.94 -59.83 14.49
C39 BCR OI . 25.61 -60.62 13.14
C40 BCR OI . 26.57 -62.58 12.03
C1 BCR PI . 66.34 -49.39 17.38
C2 BCR PI . 67.30 -50.02 16.37
C3 BCR PI . 68.65 -49.32 16.30
C4 BCR PI . 68.50 -47.83 15.97
C5 BCR PI . 67.20 -47.32 16.53
C6 BCR PI . 66.65 -47.92 17.57
C7 BCR PI . 66.26 -47.21 18.84
C8 BCR PI . 66.83 -46.11 19.33
C9 BCR PI . 66.40 -45.58 20.42
C10 BCR PI . 66.16 -44.34 20.48
C11 BCR PI . 66.56 -43.25 20.74
C33 BCR PI . 66.52 -46.17 15.88
C31 BCR PI . 66.41 -50.10 18.73
C32 BCR PI . 64.95 -49.47 16.80
C34 BCR PI . 66.19 -46.42 21.64
C12 BCR PI . 66.92 -42.08 20.98
C13 BCR PI . 67.49 -40.96 21.77
C14 BCR PI . 66.97 -39.74 21.59
C15 BCR PI . 67.35 -38.51 22.28
C16 BCR PI . 66.98 -37.31 22.74
C17 BCR PI . 66.90 -36.21 23.22
C18 BCR PI . 66.33 -35.17 23.84
C19 BCR PI . 67.03 -33.89 24.04
C20 BCR PI . 67.40 -32.88 24.82
C21 BCR PI . 67.46 -32.16 25.78
C22 BCR PI . 67.77 -31.80 27.04
C23 BCR PI . 67.57 -30.42 27.53
C24 BCR PI . 67.08 -30.21 28.75
C25 BCR PI . 66.86 -28.88 29.37
C26 BCR PI . 67.50 -28.64 30.52
C27 BCR PI . 67.95 -27.26 30.90
C28 BCR PI . 66.90 -26.22 30.51
C29 BCR PI . 65.63 -26.80 29.89
C30 BCR PI . 65.91 -27.82 28.80
C35 BCR PI . 68.58 -41.19 22.77
C36 BCR PI . 64.94 -35.31 24.40
C37 BCR PI . 68.32 -32.82 27.98
C38 BCR PI . 67.80 -29.77 31.46
C39 BCR PI . 66.45 -27.08 27.58
C40 BCR PI . 64.61 -28.50 28.41
C1 BCR QI . 79.57 -41.29 19.86
C2 BCR QI . 80.53 -40.68 18.85
C3 BCR QI . 81.80 -40.10 19.43
C4 BCR QI . 81.43 -39.13 20.53
C5 BCR QI . 80.75 -39.93 21.61
C6 BCR QI . 79.80 -40.82 21.29
C7 BCR QI . 78.98 -41.40 22.39
C8 BCR QI . 77.86 -40.88 22.91
C9 BCR QI . 77.25 -41.48 23.86
C10 BCR QI . 76.49 -40.83 24.62
C11 BCR QI . 75.41 -40.37 24.78
C33 BCR QI . 81.22 -39.75 23.02
C31 BCR QI . 79.71 -42.80 19.88
C32 BCR QI . 78.17 -40.90 19.41
C34 BCR QI . 77.45 -42.95 24.15
C12 BCR QI . 74.29 -39.85 24.99
C13 BCR QI . 72.83 -39.88 25.15
C14 BCR QI . 72.27 -39.11 26.09
C15 BCR QI . 70.83 -39.10 26.31
C16 BCR QI . 69.74 -38.95 27.05
C17 BCR QI . 69.02 -38.68 27.98
C18 BCR QI . 68.15 -38.92 28.98
C19 BCR QI . 67.58 -37.82 29.77
C20 BCR QI . 67.10 -37.38 30.92
C21 BCR QI . 66.68 -37.37 32.04
C22 BCR QI . 66.72 -37.19 33.38
C23 BCR QI . 65.54 -37.39 34.23
C24 BCR QI . 65.74 -37.80 35.48
C25 BCR QI . 64.71 -38.05 36.50
C26 BCR QI . 64.57 -37.16 37.50
C27 BCR QI . 63.63 -37.41 38.64
C28 BCR QI . 63.68 -38.89 38.99
C29 BCR QI . 63.31 -39.76 37.79
C30 BCR QI . 63.86 -39.32 36.43
C35 BCR QI . 71.99 -40.77 24.28
C36 BCR QI . 67.80 -40.34 29.31
C37 BCR QI . 68.02 -36.80 34.01
C38 BCR QI . 65.38 -35.90 37.52
C39 BCR QI . 62.70 -39.12 35.48
C40 BCR QI . 64.75 -40.45 35.94
C1 BCR RI . 67.77 -57.48 15.51
C2 BCR RI . 68.49 -56.97 14.27
C3 BCR RI . 68.27 -55.49 14.05
C4 BCR RI . 68.64 -54.62 15.25
C5 BCR RI . 68.63 -55.42 16.53
C6 BCR RI . 67.84 -56.48 16.64
C7 BCR RI . 67.07 -56.72 17.87
C8 BCR RI . 66.16 -55.86 18.32
C9 BCR RI . 65.49 -56.08 19.38
C10 BCR RI . 64.40 -55.50 19.52
C11 BCR RI . 63.74 -54.84 20.23
C33 BCR RI . 69.56 -55.00 17.64
C31 BCR RI . 68.41 -58.77 15.98
C32 BCR RI . 66.31 -57.72 15.18
C34 BCR RI . 65.98 -57.00 20.45
C12 BCR RI . 63.02 -54.09 20.92
C13 BCR RI . 61.96 -53.80 21.89
C14 BCR RI . 61.15 -52.79 21.57
C15 BCR RI . 60.02 -52.34 22.36
C16 BCR RI . 58.96 -51.56 22.42
C17 BCR RI . 57.95 -50.98 22.67
C18 BCR RI . 57.10 -49.96 22.63
C19 BCR RI . 55.78 -50.04 23.24
C20 BCR RI . 54.52 -49.63 23.15
C21 BCR RI . 53.35 -49.45 23.31
C22 BCR RI . 52.23 -48.75 23.31
C23 BCR RI . 50.94 -49.40 23.64
C24 BCR RI . 49.91 -48.61 23.93
C25 BCR RI . 48.54 -49.05 24.27
C26 BCR RI . 48.23 -49.58 25.47
C27 BCR RI . 46.90 -50.23 25.70
C28 BCR RI . 45.83 -49.45 24.99
C29 BCR RI . 46.17 -49.52 23.52
C30 BCR RI . 47.47 -48.79 23.22
C35 BCR RI . 61.78 -54.59 23.15
C36 BCR RI . 57.50 -48.70 21.92
C37 BCR RI . 52.27 -47.30 22.96
C38 BCR RI . 49.17 -49.57 26.64
C39 BCR RI . 47.22 -47.30 23.21
C40 BCR RI . 47.91 -49.22 21.84
C1 BCR SI . 55.48 -65.51 27.00
C2 BCR SI . 56.74 -65.14 27.75
C3 BCR SI . 57.90 -64.98 26.78
C4 BCR SI . 58.21 -66.35 26.22
C5 BCR SI . 56.98 -66.96 25.60
C6 BCR SI . 55.74 -66.65 26.01
C7 BCR SI . 54.59 -67.46 25.54
C8 BCR SI . 53.80 -67.10 24.52
C9 BCR SI . 52.81 -67.82 24.14
C10 BCR SI . 52.39 -67.68 22.97
C11 BCR SI . 51.88 -68.28 22.09
C33 BCR SI . 57.21 -67.97 24.50
C31 BCR SI . 55.01 -64.27 26.26
C32 BCR SI . 54.43 -65.97 27.99
C34 BCR SI . 52.15 -68.81 25.06
C12 BCR SI . 51.39 -68.86 21.10
C13 BCR SI . 50.45 -69.84 20.52
C14 BCR SI . 50.48 -70.09 19.20
C15 BCR SI . 51.40 -69.40 18.32
C16 BCR SI . 51.95 -69.18 17.14
C17 BCR SI . 52.23 -69.32 15.98
C18 BCR SI . 52.08 -69.56 14.67
C19 BCR SI . 53.21 -69.42 13.74
C20 BCR SI . 53.62 -69.00 12.56
C21 BCR SI . 54.32 -68.75 11.63
C22 BCR SI . 54.67 -68.52 10.36
C23 BCR SI . 56.07 -68.19 10.04
C24 BCR SI . 56.51 -68.24 8.78
C25 BCR SI . 57.89 -67.92 8.33
C26 BCR SI . 58.86 -68.85 8.31
C27 BCR SI . 59.71 -68.97 7.07
C28 BCR SI . 60.00 -67.62 6.44
C29 BCR SI . 59.64 -66.44 7.34
C30 BCR SI . 58.20 -66.52 7.82
C35 BCR SI . 49.49 -70.57 21.39
C36 BCR SI . 50.75 -70.00 14.14
C37 BCR SI . 53.65 -68.60 9.27
C38 BCR SI . 59.15 -69.78 9.45
C39 BCR SI . 57.26 -66.21 6.66
C40 BCR SI . 58.02 -65.47 8.90
C1 BCR TI . 28.35 -25.78 -4.47
C2 BCR TI . 29.56 -25.46 -5.33
C3 BCR TI . 30.31 -26.69 -5.77
C4 BCR TI . 30.79 -27.40 -4.51
C5 BCR TI . 29.56 -27.87 -3.80
C6 BCR TI . 28.51 -27.05 -3.63
C7 BCR TI . 27.46 -27.43 -2.66
C8 BCR TI . 27.48 -27.20 -1.33
C9 BCR TI . 26.51 -27.61 -0.60
C10 BCR TI . 26.65 -27.59 0.64
C11 BCR TI . 26.63 -26.93 1.61
C33 BCR TI . 29.54 -29.29 -3.31
C31 BCR TI . 27.19 -25.99 -5.39
C32 BCR TI . 28.02 -24.59 -3.60
C34 BCR TI . 25.21 -28.09 -1.16
C12 BCR TI . 26.65 -26.25 2.65
C13 BCR TI . 26.07 -25.77 3.91
C14 BCR TI . 26.75 -24.89 4.62
C15 BCR TI . 26.26 -24.37 5.89
C16 BCR TI . 26.42 -23.60 6.95
C17 BCR TI . 26.26 -23.03 7.99
C18 BCR TI . 26.56 -22.19 8.98
C19 BCR TI . 25.70 -22.07 10.15
C20 BCR TI . 25.54 -21.64 11.38
C21 BCR TI . 25.80 -21.21 12.47
C22 BCR TI . 26.10 -20.36 13.44
C23 BCR TI . 26.06 -20.82 14.83
C24 BCR TI . 25.66 -19.99 15.79
C25 BCR TI . 25.60 -20.38 17.22
C26 BCR TI . 24.44 -20.79 17.76
C27 BCR TI . 24.30 -21.07 19.24
C28 BCR TI . 25.63 -21.22 19.95
C29 BCR TI . 26.54 -20.10 19.50
C30 BCR TI . 26.87 -20.27 18.04
C35 BCR TI . 24.75 -26.30 4.38
C36 BCR TI . 27.79 -21.34 8.89
C37 BCR TI . 26.57 -18.98 13.12
C38 BCR TI . 23.20 -20.92 16.94
C39 BCR TI . 27.74 -21.52 17.87
C40 BCR TI . 27.66 -19.06 17.58
C1 LMG UI . 18.24 -42.68 19.96
O1 LMG UI . 19.30 -41.95 19.35
C2 LMG UI . 18.77 -43.69 20.96
O2 LMG UI . 18.28 -44.99 20.65
C3 LMG UI . 18.39 -43.33 22.39
O3 LMG UI . 19.17 -42.20 22.82
C4 LMG UI . 16.90 -42.99 22.57
O4 LMG UI . 16.76 -42.11 23.69
C5 LMG UI . 16.30 -42.32 21.34
O5 LMG UI . 14.15 -41.81 22.38
C6 LMG UI . 15.28 -41.24 21.72
O6 LMG UI . 17.35 -41.73 20.58
C7 LMG UI . 20.07 -42.77 18.48
C8 LMG UI . 21.03 -41.90 17.66
C9 LMG UI . 21.57 -42.73 16.52
O7 LMG UI . 20.26 -40.84 17.11
C10 LMG UI . 20.63 -39.55 17.67
O9 LMG UI . 20.54 -39.37 18.86
C11 LMG UI . 21.13 -38.47 16.77
C12 LMG UI . 20.28 -37.23 16.96
C13 LMG UI . 20.00 -36.56 15.62
C14 LMG UI . 21.27 -36.28 14.83
C15 LMG UI . 21.00 -36.39 13.34
C16 LMG UI . 20.06 -35.29 12.85
C17 LMG UI . 19.92 -35.41 11.35
C18 LMG UI . 19.25 -34.17 10.81
C19 LMG UI . 19.22 -33.92 9.50
C20 LMG UI . 19.87 -34.84 8.50
C21 LMG UI . 20.01 -34.13 7.17
C22 LMG UI . 19.02 -34.14 6.29
C23 LMG UI . 19.19 -33.41 4.98
C24 LMG UI . 18.02 -33.69 4.06
O8 LMG UI . 21.65 -41.90 15.35
C28 LMG UI . 21.70 -42.47 14.01
O10 LMG UI . 20.72 -42.36 13.30
C29 LMG UI . 22.92 -43.16 13.50
C30 LMG UI . 23.06 -42.77 12.03
C31 LMG UI . 24.29 -43.39 11.38
C32 LMG UI . 25.59 -43.16 12.10
C33 LMG UI . 26.77 -43.24 11.14
C34 LMG UI . 26.68 -42.15 10.09
C35 LMG UI . 28.01 -41.98 9.35
C36 LMG UI . 27.97 -40.72 8.54
C37 LMG UI . 27.85 -40.78 7.21
C38 LMG UI . 27.81 -39.49 6.41
C39 LMG UI . 27.89 -39.78 4.94
O1 LHG VI . 38.35 -83.09 18.61
C1 LHG VI . 37.84 -82.44 19.79
C2 LHG VI . 36.34 -82.32 19.68
O2 LHG VI . 35.95 -82.52 18.32
C3 LHG VI . 35.91 -80.93 20.12
O3 LHG VI . 34.49 -80.81 20.13
P LHG VI . 33.76 -80.19 18.84
O4 LHG VI . 33.66 -81.28 17.82
O5 LHG VI . 32.52 -79.46 19.29
O6 LHG VI . 34.81 -79.11 18.29
C4 LHG VI . 34.27 -78.01 17.56
C5 LHG VI . 35.35 -77.12 16.95
C6 LHG VI . 36.02 -76.23 17.98
O7 LHG VI . 36.33 -77.90 16.29
C7 LHG VI . 36.18 -77.73 14.86
O9 LHG VI . 35.09 -77.74 14.34
C8 LHG VI . 37.39 -77.50 13.99
C9 LHG VI . 37.34 -76.06 13.52
C10 LHG VI . 38.09 -75.89 12.22
O8 LHG VI . 37.24 -75.69 17.45
C23 LHG VI . 37.23 -74.41 16.80
O10 LHG VI . 36.18 -73.83 16.61
C24 LHG VI . 38.54 -73.76 16.39
C11 LHG VI . 37.42 -74.80 11.38
C12 LHG VI . 38.28 -74.49 10.16
C13 LHG VI . 38.08 -75.55 9.09
C14 LHG VI . 37.38 -74.94 7.89
C15 LHG VI . 37.32 -75.92 6.73
C16 LHG VI . 37.72 -75.24 5.43
C17 LHG VI . 37.59 -76.19 4.24
C25 LHG VI . 38.29 -72.88 15.16
C26 LHG VI . 38.25 -71.42 15.55
C27 LHG VI . 39.62 -70.92 15.98
C28 LHG VI . 40.12 -69.86 15.01
C29 LHG VI . 41.56 -69.47 15.29
C30 LHG VI . 42.11 -68.43 14.32
C31 LHG VI . 41.05 -67.46 13.80
C32 LHG VI . 41.66 -66.36 12.95
C33 LHG VI . 42.37 -66.97 11.75
C34 LHG VI . 43.14 -65.90 11.00
C35 LHG VI . 42.43 -65.55 9.69
C36 LHG VI . 43.40 -65.75 8.54
C37 LHG VI . 42.88 -65.07 7.28
C38 LHG VI . 43.57 -65.65 6.07
C1 BCR WI . 20.80 27.83 15.14
C2 BCR WI . 22.09 27.02 15.11
C3 BCR WI . 21.97 25.69 14.38
C4 BCR WI . 21.48 25.88 12.96
C5 BCR WI . 20.39 26.92 12.91
C6 BCR WI . 19.87 27.41 14.04
C7 BCR WI . 18.42 27.58 14.16
C8 BCR WI . 17.62 26.51 14.13
C9 BCR WI . 16.36 26.65 14.24
C10 BCR WI . 15.61 25.96 13.54
C11 BCR WI . 14.75 25.95 12.76
C33 BCR WI . 19.89 27.41 11.59
C31 BCR WI . 21.12 29.30 14.94
C32 BCR WI . 20.11 27.65 16.48
C34 BCR WI . 15.75 27.64 15.15
C12 BCR WI . 13.85 25.93 11.93
C13 BCR WI . 12.45 26.03 11.53
C14 BCR WI . 12.04 25.69 10.30
C15 BCR WI . 10.64 25.79 9.96
C16 BCR WI . 9.61 25.65 9.16
C17 BCR WI . 8.94 25.50 8.19
C18 BCR WI . 8.30 24.92 7.17
C19 BCR WI . 7.37 25.69 6.36
C20 BCR WI . 6.31 25.73 5.58
C21 BCR WI . 5.48 26.17 4.86
C22 BCR WI . 4.74 26.21 3.76
C23 BCR WI . 3.73 27.25 3.53
C24 BCR WI . 2.99 27.19 2.44
C25 BCR WI . 1.99 28.23 2.13
C26 BCR WI . 0.88 28.36 2.87
C27 BCR WI . 0.36 29.74 3.19
C28 BCR WI . 0.78 30.77 2.14
C29 BCR WI . 1.09 30.11 0.80
C30 BCR WI . 2.24 29.14 0.95
C35 BCR WI . 11.49 26.51 12.55
C36 BCR WI . 8.61 23.49 6.82
C37 BCR WI . 5.00 25.17 2.74
C38 BCR WI . 0.16 27.17 3.41
C39 BCR WI . 3.52 29.92 1.18
C40 BCR WI . 2.39 28.31 -0.31
C1 BCR XI . 8.85 21.98 0.90
C2 BCR XI . 9.35 20.85 1.76
C3 BCR XI . 9.77 19.66 0.90
C4 BCR XI . 8.58 19.11 0.15
C5 BCR XI . 7.94 20.25 -0.58
C6 BCR XI . 7.80 21.46 -0.03
C7 BCR XI . 6.64 22.29 -0.37
C8 BCR XI . 5.39 22.04 0.02
C9 BCR XI . 4.44 22.80 -0.32
C10 BCR XI . 3.26 22.46 -0.31
C11 BCR XI . 2.18 22.90 -0.15
C33 BCR XI . 7.48 19.96 -1.98
C31 BCR XI . 10.02 22.47 0.08
C32 BCR XI . 8.33 23.10 1.77
C34 BCR XI . 4.65 24.19 -0.75
C12 BCR XI . 1.01 23.26 0.01
C13 BCR XI . -0.17 24.10 0.23
C14 BCR XI . -1.25 23.44 0.61
C15 BCR XI . -2.53 24.04 0.90
C16 BCR XI . -3.82 23.85 1.07
C17 BCR XI . -4.97 24.00 1.31
C18 BCR XI . -6.23 24.21 1.03
C19 BCR XI . -7.32 24.20 1.99
C20 BCR XI . -8.63 24.29 2.05
C21 BCR XI . -9.73 24.46 1.63
C22 BCR XI . -11.02 24.20 1.47
C23 BCR XI . -11.48 22.97 2.09
C24 BCR XI . -12.76 22.78 2.39
C25 BCR XI . -13.20 21.54 3.05
C26 BCR XI . -13.54 20.50 2.28
C27 BCR XI . -13.72 19.12 2.86
C28 BCR XI . -13.37 19.08 4.33
C29 BCR XI . -14.02 20.26 5.01
C30 BCR XI . -13.29 21.50 4.56
C35 BCR XI . -0.18 25.57 0.02
C36 BCR XI . -6.60 24.52 -0.37
C37 BCR XI . -11.93 25.06 0.68
C38 BCR XI . -13.82 20.65 0.82
C39 BCR XI . -11.94 21.52 5.25
C40 BCR XI . -14.09 22.71 4.99
C1 LMG YI . 30.38 13.30 -2.06
O1 LMG YI . 29.80 12.07 -1.64
C2 LMG YI . 31.90 13.20 -2.13
O2 LMG YI . 32.44 12.82 -0.87
C3 LMG YI . 32.49 14.54 -2.55
O3 LMG YI . 33.90 14.38 -2.79
C4 LMG YI . 31.83 15.11 -3.80
O4 LMG YI . 32.29 14.39 -4.95
C5 LMG YI . 30.31 15.02 -3.72
O5 LMG YI . 30.02 16.77 -5.34
C6 LMG YI . 29.69 15.41 -5.06
O6 LMG YI . 29.88 13.70 -3.34
C7 LMG YI . 29.24 12.16 -0.33
C8 LMG YI . 29.26 10.79 0.36
C9 LMG YI . 30.69 10.32 0.50
O7 LMG YI . 28.67 10.88 1.65
C10 LMG YI . 27.30 10.40 1.69
O9 LMG YI . 26.63 10.45 0.67
C11 LMG YI . 26.70 9.86 2.96
C12 LMG YI . 27.63 10.03 4.14
C13 LMG YI . 26.86 9.91 5.44
C14 LMG YI . 25.78 10.98 5.51
C15 LMG YI . 25.03 10.96 6.83
C16 LMG YI . 24.07 12.14 6.93
C17 LMG YI . 23.40 12.20 8.30
O8 LMG YI . 31.41 11.21 1.37
C28 LMG YI . 32.83 10.99 1.57
O10 LMG YI . 33.62 11.62 0.88
C29 LMG YI . 33.33 10.01 2.61
C30 LMG YI . 33.15 10.65 3.98
C31 LMG YI . 33.03 9.60 5.08
C32 LMG YI . 32.41 10.19 6.35
C33 LMG YI . 31.14 10.96 6.02
C34 LMG YI . 30.21 11.03 7.21
C35 LMG YI . 29.93 12.46 7.64
C36 LMG YI . 28.57 12.52 8.29
C37 LMG YI . 28.07 13.68 8.74
MG CLA ZI . -52.54 66.53 -24.23
CHA CLA ZI . -54.55 65.41 -26.86
CHB CLA ZI . -49.81 65.46 -26.05
CHC CLA ZI . -50.59 67.76 -21.76
CHD CLA ZI . -55.43 67.54 -22.42
NA CLA ZI . -52.18 65.57 -26.23
C1A CLA ZI . -53.06 65.21 -27.09
C2A CLA ZI . -52.47 64.56 -28.32
C3A CLA ZI . -51.00 64.55 -27.99
C4A CLA ZI . -50.98 65.25 -26.67
CMA CLA ZI . -50.30 63.23 -28.16
CAA CLA ZI . -52.67 65.35 -29.62
CBA CLA ZI . -51.84 66.62 -29.79
CGA CLA ZI . -52.72 67.84 -29.70
O1A CLA ZI . -53.71 67.95 -28.99
O2A CLA ZI . -52.51 68.95 -30.39
NB CLA ZI . -50.49 66.60 -23.97
C1B CLA ZI . -49.53 66.11 -24.76
C2B CLA ZI . -48.15 66.28 -24.21
C3B CLA ZI . -48.43 66.94 -22.94
C4B CLA ZI . -49.90 67.11 -22.88
CMB CLA ZI . -46.82 65.86 -24.79
CAB CLA ZI . -47.47 67.41 -21.92
CBB CLA ZI . -47.30 66.73 -20.81
NC CLA ZI . -52.96 67.54 -22.40
C1C CLA ZI . -52.03 67.93 -21.52
C2C CLA ZI . -52.53 68.55 -20.28
C3C CLA ZI . -53.98 68.50 -20.50
C4C CLA ZI . -54.12 67.86 -21.82
CMC CLA ZI . -51.73 69.09 -19.11
CAC CLA ZI . -55.08 68.98 -19.59
CBC CLA ZI . -55.24 68.06 -18.40
ND CLA ZI . -54.53 66.55 -24.44
C1D CLA ZI . -55.60 66.92 -23.74
C2D CLA ZI . -56.91 66.66 -24.41
C3D CLA ZI . -56.42 66.05 -25.65
C4D CLA ZI . -55.08 66.02 -25.61
CMD CLA ZI . -58.38 66.84 -24.15
CAD CLA ZI . -56.93 65.48 -26.91
OBD CLA ZI . -58.14 65.51 -27.30
CBD CLA ZI . -55.74 65.11 -27.75
CGD CLA ZI . -55.83 63.68 -28.15
O1D CLA ZI . -56.17 62.81 -27.36
O2D CLA ZI . -55.50 63.33 -29.52
CED CLA ZI . -56.52 63.37 -30.51
CA CA AJ . 10.97 27.67 -12.46
MG CLA BJ . -16.49 7.02 -3.01
CHA CLA BJ . -14.72 4.04 -3.39
CHB CLA BJ . -13.73 8.65 -4.20
CHC CLA BJ . -18.22 9.89 -2.66
CHD CLA BJ . -19.33 5.20 -1.94
NA CLA BJ . -14.46 6.44 -3.73
C1A CLA BJ . -13.95 5.26 -3.80
C2A CLA BJ . -12.55 5.25 -4.38
C3A CLA BJ . -12.29 6.73 -4.56
C4A CLA BJ . -13.58 7.32 -4.14
CMA CLA BJ . -11.02 7.37 -4.03
CAA CLA BJ . -12.39 4.81 -5.84
CBA CLA BJ . -13.40 3.95 -6.61
CGA CLA BJ . -14.75 4.56 -6.90
O1A CLA BJ . -15.01 5.34 -7.79
O2A CLA BJ . -15.83 4.30 -6.20
NB CLA BJ . -16.02 8.98 -3.39
C1B CLA BJ . -14.87 9.48 -3.84
C2B CLA BJ . -14.86 10.95 -3.98
C3B CLA BJ . -16.21 11.29 -3.51
C4B CLA BJ . -16.85 10.01 -3.17
CMB CLA BJ . -13.71 11.80 -4.46
CAB CLA BJ . -16.89 12.59 -3.37
CBB CLA BJ . -16.71 13.60 -4.17
NC CLA BJ . -18.48 7.47 -2.42
C1C CLA BJ . -19.00 8.68 -2.34
C2C CLA BJ . -20.41 8.76 -1.92
C3C CLA BJ . -20.73 7.35 -1.74
C4C CLA BJ . -19.48 6.66 -2.06
CMC CLA BJ . -21.29 9.96 -1.74
CAC CLA BJ . -22.02 6.69 -1.30
CBC CLA BJ . -22.80 6.21 -2.50
ND CLA BJ . -17.04 5.13 -2.72
C1D CLA BJ . -18.12 4.48 -2.28
C2D CLA BJ . -17.95 3.02 -2.15
C3D CLA BJ . -16.57 2.90 -2.61
C4D CLA BJ . -16.11 4.12 -2.91
CMD CLA BJ . -18.81 1.88 -1.72
CAD CLA BJ . -15.54 1.89 -2.82
OBD CLA BJ . -15.41 0.89 -2.05
CBD CLA BJ . -14.37 2.56 -3.44
CGD CLA BJ . -13.15 2.18 -2.65
O1D CLA BJ . -12.56 1.16 -2.93
O2D CLA BJ . -12.63 2.99 -1.58
CED CLA BJ . -11.22 3.16 -1.51
C1 CLA BJ . -17.30 4.79 -6.56
C2 CLA BJ . -17.85 6.17 -6.37
C3 CLA BJ . -19.12 6.36 -5.99
C4 CLA BJ . -20.02 5.18 -5.73
C5 CLA BJ . -19.68 7.74 -5.80
C6 CLA BJ . -18.86 8.78 -6.55
C7 CLA BJ . -19.62 10.09 -6.63
C8 CLA BJ . -18.67 11.24 -6.96
C9 CLA BJ . -19.29 12.53 -6.48
C10 CLA BJ . -18.38 11.27 -8.46
C11 CLA BJ . -17.53 12.46 -8.88
C12 CLA BJ . -17.87 12.90 -10.30
C13 CLA BJ . -16.65 12.99 -11.20
C14 CLA BJ . -15.90 11.66 -11.30
C15 CLA BJ . -15.71 14.08 -10.71
MG CLA CJ . -11.11 17.17 1.81
CHA CLA CJ . -13.47 14.65 1.54
CHB CLA CJ . -11.53 17.73 -1.54
CHC CLA CJ . -8.79 19.61 2.09
CHD CLA CJ . -10.73 16.45 5.23
NA CLA CJ . -12.35 16.33 0.17
C1A CLA CJ . -13.19 15.38 0.25
C2A CLA CJ . -13.88 15.06 -1.05
C3A CLA CJ . -13.18 16.00 -1.98
C4A CLA CJ . -12.30 16.75 -1.07
CMA CLA CJ . -12.51 15.33 -3.16
CAA CLA CJ . -15.35 15.53 -1.04
CBA CLA CJ . -15.59 16.77 -0.19
CGA CLA CJ . -17.01 17.28 -0.19
O1A CLA CJ . -17.59 17.70 -1.17
O2A CLA CJ . -17.75 17.34 0.89
NB CLA CJ . -10.29 18.47 0.46
C1B CLA CJ . -10.56 18.58 -0.84
C2B CLA CJ . -9.81 19.65 -1.52
C3B CLA CJ . -9.02 20.17 -0.43
C4B CLA CJ . -9.37 19.39 0.76
CMB CLA CJ . -9.86 20.06 -2.95
CAB CLA CJ . -8.03 21.26 -0.46
CBB CLA CJ . -6.76 20.93 -0.54
NC CLA CJ . -10.03 17.99 3.44
C1C CLA CJ . -9.16 18.99 3.36
C2C CLA CJ . -8.59 19.44 4.63
C3C CLA CJ . -9.24 18.54 5.57
C4C CLA CJ . -10.09 17.68 4.73
CMC CLA CJ . -7.61 20.55 4.88
CAC CLA CJ . -9.12 18.50 7.06
CBC CLA CJ . -10.36 19.15 7.63
ND CLA CJ . -11.83 15.92 3.18
C1D CLA CJ . -11.68 15.66 4.46
C2D CLA CJ . -12.49 14.56 5.00
C3D CLA CJ . -13.19 14.19 3.77
C4D CLA CJ . -12.78 14.99 2.80
CMD CLA CJ . -12.71 13.87 6.31
CAD CLA CJ . -14.19 13.24 3.26
OBD CLA CJ . -14.54 12.18 3.88
CBD CLA CJ . -14.37 13.47 1.82
CGD CLA CJ . -13.78 12.31 1.12
O1D CLA CJ . -12.75 11.84 1.53
O2D CLA CJ . -14.37 11.70 -0.04
CED CLA CJ . -13.67 10.64 -0.65
C1 CLA CJ . -18.43 18.71 1.38
C2 CLA CJ . -17.74 20.05 1.39
C3 CLA CJ . -17.74 20.83 2.48
C4 CLA CJ . -18.40 20.39 3.75
C5 CLA CJ . -17.05 22.18 2.46
C6 CLA CJ . -17.93 23.17 1.70
C7 CLA CJ . -18.81 23.93 2.68
C8 CLA CJ . -20.16 24.39 2.14
C9 CLA CJ . -21.27 23.47 2.64
C10 CLA CJ . -20.22 24.52 0.62
C11 CLA CJ . -21.59 24.97 0.17
C12 CLA CJ . -21.51 25.96 -0.98
C13 CLA CJ . -22.83 26.07 -1.73
C14 CLA CJ . -22.75 27.19 -2.76
C15 CLA CJ . -23.98 26.32 -0.77
MG CLA DJ . -6.67 18.52 -10.63
CHA CLA DJ . -6.31 15.88 -12.84
CHB CLA DJ . -4.09 20.06 -12.29
CHC CLA DJ . -7.07 21.13 -8.54
CHD CLA DJ . -9.39 16.86 -9.07
NA CLA DJ . -5.35 18.06 -12.36
C1A CLA DJ . -5.34 17.00 -13.06
C2A CLA DJ . -4.30 16.98 -14.13
C3A CLA DJ . -3.60 18.28 -13.88
C4A CLA DJ . -4.39 18.85 -12.77
CMA CLA DJ . -2.12 18.18 -13.66
CAA CLA DJ . -4.99 17.21 -15.46
CBA CLA DJ . -4.04 17.07 -16.63
CGA CLA DJ . -4.22 15.69 -17.19
O1A CLA DJ . -3.66 14.69 -16.78
O2A CLA DJ . -5.00 15.44 -18.22
NB CLA DJ . -5.71 20.33 -10.46
C1B CLA DJ . -4.71 20.81 -11.20
C2B CLA DJ . -4.27 22.17 -10.80
C3B CLA DJ . -5.16 22.45 -9.69
C4B CLA DJ . -6.02 21.26 -9.55
CMB CLA DJ . -3.21 23.00 -11.42
CAB CLA DJ . -5.30 23.65 -8.82
CBB CLA DJ . -4.34 24.46 -8.48
NC CLA DJ . -8.03 18.94 -9.06
C1C CLA DJ . -8.03 20.04 -8.34
C2C CLA DJ . -9.05 20.14 -7.30
C3C CLA DJ . -9.75 18.87 -7.47
C4C CLA DJ . -9.04 18.20 -8.57
CMC CLA DJ . -9.30 21.27 -6.36
CAC CLA DJ . -10.94 18.35 -6.69
CBC CLA DJ . -10.45 17.46 -5.58
ND CLA DJ . -7.70 16.83 -10.79
C1D CLA DJ . -8.72 16.22 -10.20
C2D CLA DJ . -9.07 14.88 -10.75
C3D CLA DJ . -8.06 14.81 -11.81
C4D CLA DJ . -7.33 15.92 -11.78
CMD CLA DJ . -10.07 13.79 -10.50
CAD CLA DJ . -7.59 13.93 -12.87
OBD CLA DJ . -8.17 12.86 -13.28
CBD CLA DJ . -6.39 14.53 -13.49
CGD CLA DJ . -5.18 13.75 -13.09
O1D CLA DJ . -4.80 13.74 -11.94
O2D CLA DJ . -4.43 13.01 -14.07
CED CLA DJ . -3.90 11.76 -13.68
C1 CLA DJ . -5.47 13.96 -18.58
C2 CLA DJ . -6.25 13.05 -17.67
C3 CLA DJ . -5.78 11.86 -17.31
C4 CLA DJ . -4.43 11.38 -17.79
C5 CLA DJ . -6.60 10.98 -16.42
C6 CLA DJ . -7.41 10.04 -17.30
C7 CLA DJ . -8.83 9.88 -16.77
C8 CLA DJ . -8.79 9.32 -15.35
C9 CLA DJ . -8.46 7.83 -15.35
C10 CLA DJ . -10.14 9.57 -14.69
C11 CLA DJ . -9.90 10.06 -13.27
C12 CLA DJ . -10.34 9.02 -12.26
C13 CLA DJ . -11.79 9.25 -11.89
C14 CLA DJ . -11.97 10.61 -11.23
C15 CLA DJ . -12.24 8.12 -11.00
C16 CLA DJ . -13.63 8.35 -10.44
C17 CLA DJ . -13.64 8.10 -8.94
C18 CLA DJ . -14.88 8.64 -8.25
C19 CLA DJ . -14.76 10.13 -8.03
C20 CLA DJ . -16.14 8.29 -9.03
C1 BCR EJ . 8.96 27.23 20.85
C2 BCR EJ . 9.64 27.13 22.22
C3 BCR EJ . 9.33 25.81 22.90
C4 BCR EJ . 7.84 25.65 23.17
C5 BCR EJ . 7.04 26.31 22.07
C6 BCR EJ . 7.59 26.57 20.90
C7 BCR EJ . 6.86 26.31 19.64
C8 BCR EJ . 6.48 25.10 19.27
C9 BCR EJ . 5.85 24.87 18.18
C10 BCR EJ . 5.26 23.78 18.04
C11 BCR EJ . 4.38 23.22 17.48
C33 BCR EJ . 5.63 26.72 22.34
C31 BCR EJ . 9.81 26.59 19.78
C32 BCR EJ . 8.72 28.69 20.50
C34 BCR EJ . 5.82 25.88 17.06
C12 BCR EJ . 3.47 22.56 16.94
C13 BCR EJ . 2.46 22.22 15.93
C14 BCR EJ . 1.86 21.02 16.04
C15 BCR EJ . 0.84 20.55 15.12
C16 BCR EJ . -0.23 19.79 14.91
C17 BCR EJ . -1.19 19.25 14.46
C18 BCR EJ . -2.35 18.58 14.54
C19 BCR EJ . -3.11 18.15 13.36
C20 BCR EJ . -4.26 17.69 12.88
C21 BCR EJ . -5.08 17.27 12.12
C22 BCR EJ . -6.18 16.63 11.72
C23 BCR EJ . -6.53 16.54 10.29
C24 BCR EJ . -6.90 15.33 9.92
C25 BCR EJ . -7.29 14.78 8.60
C26 BCR EJ . -8.46 14.12 8.53
C27 BCR EJ . -9.11 13.76 7.22
C28 BCR EJ . -8.20 13.95 6.03
C29 BCR EJ . -6.74 13.79 6.38
C30 BCR EJ . -6.35 14.85 7.41
C35 BCR EJ . 2.13 23.14 14.81
C36 BCR EJ . -2.87 18.25 15.89
C37 BCR EJ . -7.06 15.98 12.73
C38 BCR EJ . -9.15 13.69 9.79
C39 BCR EJ . -6.33 16.20 6.75
C40 BCR EJ . -4.93 14.53 7.84
C1 BCR FJ . 20.59 8.49 15.69
C2 BCR FJ . 20.01 9.48 16.70
C3 BCR FJ . 18.64 9.09 17.26
C4 BCR FJ . 18.62 7.65 17.77
C5 BCR FJ . 19.22 6.73 16.74
C6 BCR FJ . 19.76 7.23 15.63
C7 BCR FJ . 19.60 6.49 14.36
C8 BCR FJ . 18.47 6.43 13.65
C9 BCR FJ . 18.51 5.74 12.59
C10 BCR FJ . 18.14 6.22 11.50
C11 BCR FJ . 17.32 6.23 10.67
C33 BCR FJ . 19.26 5.26 16.99
C31 BCR FJ . 21.99 8.08 16.14
C32 BCR FJ . 20.67 9.16 14.33
C34 BCR FJ . 19.01 4.34 12.65
C12 BCR FJ . 16.46 6.29 9.77
C13 BCR FJ . 15.53 5.78 8.77
C14 BCR FJ . 14.50 6.54 8.44
C15 BCR FJ . 13.50 6.15 7.47
C16 BCR FJ . 12.41 6.47 6.80
C17 BCR FJ . 11.46 6.48 6.08
C18 BCR FJ . 10.47 7.04 5.40
C19 BCR FJ . 9.50 6.27 4.63
C20 BCR FJ . 8.59 6.38 3.69
C21 BCR FJ . 7.74 6.16 2.89
C22 BCR FJ . 6.73 6.46 2.08
C23 BCR FJ . 6.12 5.43 1.24
C24 BCR FJ . 5.18 5.78 0.37
C25 BCR FJ . 4.48 4.87 -0.56
C26 BCR FJ . 3.56 3.98 -0.15
C27 BCR FJ . 3.13 2.86 -1.05
C28 BCR FJ . 2.86 3.46 -2.41
C29 BCR FJ . 4.16 4.02 -2.94
C30 BCR FJ . 4.80 5.06 -2.03
C35 BCR FJ . 15.74 4.46 8.12
C36 BCR FJ . 10.36 8.53 5.42
C37 BCR FJ . 6.26 7.87 2.01
C38 BCR FJ . 2.90 4.07 1.20
C39 BCR FJ . 4.37 6.46 -2.42
C40 BCR FJ . 6.29 5.01 -2.27
C1 LMG GJ . 0.80 17.34 -20.75
O1 LMG GJ . 0.04 18.53 -20.85
C2 LMG GJ . 1.85 17.29 -21.86
O2 LMG GJ . 1.21 17.33 -23.14
C3 LMG GJ . 2.66 16.02 -21.71
O3 LMG GJ . 3.69 15.95 -22.70
C4 LMG GJ . 3.29 15.95 -20.32
O4 LMG GJ . 4.18 17.05 -20.18
C5 LMG GJ . 2.19 16.07 -19.27
O5 LMG GJ . 3.45 14.82 -17.63
C6 LMG GJ . 2.78 16.06 -17.86
O6 LMG GJ . 1.45 17.27 -19.49
C7 LMG GJ . -1.24 18.39 -20.23
C8 LMG GJ . -2.23 19.32 -20.90
C9 LMG GJ . -2.84 18.61 -22.11
O7 LMG GJ . -3.29 19.65 -20.01
C10 LMG GJ . -2.90 20.62 -18.99
O9 LMG GJ . -2.01 21.42 -19.22
C11 LMG GJ . -3.63 20.65 -17.67
C12 LMG GJ . -4.27 22.01 -17.50
C13 LMG GJ . -4.91 22.17 -16.13
C14 LMG GJ . -6.04 21.17 -15.94
C15 LMG GJ . -6.75 21.41 -14.62
C16 LMG GJ . -7.84 20.38 -14.39
C17 LMG GJ . -8.45 20.61 -13.03
C18 LMG GJ . -9.78 19.91 -12.94
C19 LMG GJ . -10.48 20.12 -11.84
C20 LMG GJ . -11.83 19.48 -11.63
C21 LMG GJ . -11.74 17.98 -11.73
C22 LMG GJ . -12.65 17.21 -11.14
C23 LMG GJ . -13.78 17.80 -10.35
O8 LMG GJ . -1.84 18.23 -23.06
C28 LMG GJ . -2.05 18.43 -24.48
O10 LMG GJ . -2.50 19.50 -24.86
C29 LMG GJ . -1.72 17.34 -25.47
C30 LMG GJ . -3.01 16.75 -26.04
C31 LMG GJ . -3.96 16.40 -24.89
C32 LMG GJ . -5.37 16.11 -25.39
C33 LMG GJ . -6.28 15.80 -24.20
C34 LMG GJ . -6.28 16.95 -23.23
C35 LMG GJ . -6.74 16.52 -21.84
C36 LMG GJ . -8.24 16.46 -21.81
C37 LMG GJ . -8.91 16.36 -20.66
C38 LMG GJ . -8.19 16.28 -19.34
C39 LMG GJ . -9.20 16.30 -18.21
C40 LMG GJ . -8.77 16.39 -16.96
C41 LMG GJ . -9.76 16.41 -15.83
C42 LMG GJ . -10.39 15.05 -15.65
C43 LMG GJ . -11.31 14.89 -14.71
C44 LMG GJ . -11.97 13.55 -14.51
C1 BCR HJ . 18.94 25.02 25.59
C2 BCR HJ . 18.07 24.47 26.70
C3 BCR HJ . 18.52 24.93 28.07
C4 BCR HJ . 19.92 24.41 28.29
C5 BCR HJ . 20.82 25.00 27.24
C6 BCR HJ . 20.36 25.29 26.01
C7 BCR HJ . 21.18 25.97 24.98
C8 BCR HJ . 22.19 25.66 24.16
C9 BCR HJ . 22.93 24.62 24.09
C10 BCR HJ . 22.65 23.64 23.37
C11 BCR HJ . 23.02 23.03 22.46
C33 BCR HJ . 22.21 25.28 27.69
C31 BCR HJ . 18.34 26.33 25.11
C32 BCR HJ . 18.98 24.04 24.44
C34 BCR HJ . 24.28 24.63 24.73
C12 BCR HJ . 23.41 22.36 21.46
C13 BCR HJ . 24.38 21.72 20.58
C14 BCR HJ . 23.99 20.82 19.67
C15 BCR HJ . 24.98 20.19 18.81
C16 BCR HJ . 25.41 19.40 17.84
C17 BCR HJ . 25.54 18.59 16.96
C18 BCR HJ . 26.17 18.07 15.91
C19 BCR HJ . 25.75 16.87 15.19
C20 BCR HJ . 26.13 15.76 14.55
C21 BCR HJ . 26.83 14.88 14.12
C22 BCR HJ . 27.17 13.84 13.35
C23 BCR HJ . 28.47 13.16 13.50
C24 BCR HJ . 28.58 11.90 13.05
C25 BCR HJ . 29.77 11.00 13.08
C26 BCR HJ . 29.96 10.15 14.13
C27 BCR HJ . 30.99 9.04 14.14
C28 BCR HJ . 31.64 8.84 12.78
C29 BCR HJ . 31.98 10.19 12.19
C30 BCR HJ . 30.70 10.95 11.87
C35 BCR HJ . 25.83 22.04 20.75
C36 BCR HJ . 27.41 18.77 15.45
C37 BCR HJ . 26.23 13.37 12.30
C38 BCR HJ . 29.14 10.26 15.38
C39 BCR HJ . 29.95 10.19 10.79
C40 BCR HJ . 31.10 12.32 11.35
FE1 SF4 IJ . 21.08 -36.91 40.17
FE2 SF4 IJ . 20.07 -37.69 42.56
FE3 SF4 IJ . 20.99 -39.55 40.81
FE4 SF4 IJ . 18.69 -38.21 40.27
S1 SF4 IJ . 19.05 -39.65 41.99
S2 SF4 IJ . 20.39 -38.62 38.82
S3 SF4 IJ . 19.17 -36.16 41.14
S4 SF4 IJ . 22.21 -37.94 41.86
FE1 SF4 JJ . 24.20 -46.55 48.01
FE2 SF4 JJ . 21.69 -46.07 48.97
FE3 SF4 JJ . 23.60 -47.11 50.62
FE4 SF4 JJ . 22.56 -48.63 48.61
S1 SF4 JJ . 21.44 -47.81 50.42
S2 SF4 JJ . 24.76 -48.43 49.16
S3 SF4 JJ . 22.23 -47.05 46.98
S4 SF4 JJ . 23.61 -45.05 49.63
C1 BCR KJ . 16.82 -33.45 -5.89
C2 BCR KJ . 16.03 -33.74 -7.17
C3 BCR KJ . 15.17 -32.58 -7.64
C4 BCR KJ . 16.01 -31.33 -7.86
C5 BCR KJ . 17.03 -31.18 -6.76
C6 BCR KJ . 17.00 -31.97 -5.70
C7 BCR KJ . 17.19 -31.41 -4.36
C8 BCR KJ . 16.30 -30.54 -3.87
C9 BCR KJ . 16.46 -30.05 -2.71
C10 BCR KJ . 16.20 -28.86 -2.52
C11 BCR KJ . 16.60 -27.82 -2.15
C33 BCR KJ . 18.08 -30.11 -6.88
C31 BCR KJ . 18.21 -34.06 -6.01
C32 BCR KJ . 16.11 -34.04 -4.70
C34 BCR KJ . 16.99 -30.84 -1.57
C12 BCR KJ . 17.02 -26.73 -1.77
C13 BCR KJ . 17.37 -25.76 -0.74
C14 BCR KJ . 17.64 -24.48 -1.04
C15 BCR KJ . 17.98 -23.56 0.02
C16 BCR KJ . 18.27 -22.37 0.51
C17 BCR KJ . 18.61 -21.23 0.59
C18 BCR KJ . 18.58 -19.91 0.56
C19 BCR KJ . 19.69 -19.14 1.11
C20 BCR KJ . 20.14 -18.03 1.64
C21 BCR KJ . 20.91 -17.25 2.10
C22 BCR KJ . 21.48 -16.06 2.22
C23 BCR KJ . 22.58 -15.80 3.15
C24 BCR KJ . 23.06 -14.56 3.25
C25 BCR KJ . 24.19 -14.26 4.14
C26 BCR KJ . 24.07 -14.33 5.47
C27 BCR KJ . 25.18 -14.86 6.32
C28 BCR KJ . 26.54 -14.71 5.63
C29 BCR KJ . 26.53 -13.58 4.61
C30 BCR KJ . 25.51 -13.88 3.52
C35 BCR KJ . 17.41 -26.25 0.66
C36 BCR KJ . 17.45 -19.20 -0.12
C37 BCR KJ . 20.98 -14.98 1.32
C38 BCR KJ . 22.80 -13.88 6.15
C39 BCR KJ . 26.03 -15.02 2.66
C40 BCR KJ . 25.32 -12.65 2.65
C1 BCR LJ . 18.69 -14.21 -3.42
C2 BCR LJ . 17.26 -14.65 -3.64
C3 BCR LJ . 16.55 -13.71 -4.61
C4 BCR LJ . 16.47 -12.32 -4.04
C5 BCR LJ . 17.86 -11.90 -3.64
C6 BCR LJ . 18.71 -12.76 -3.05
C7 BCR LJ . 19.68 -12.26 -2.07
C8 BCR LJ . 19.36 -11.82 -0.85
C9 BCR LJ . 20.26 -11.40 -0.06
C10 BCR LJ . 20.03 -10.67 0.90
C11 BCR LJ . 20.41 -10.43 1.97
C33 BCR LJ . 18.27 -10.50 -3.97
C31 BCR LJ . 19.42 -14.37 -4.73
C32 BCR LJ . 19.35 -15.07 -2.36
C34 BCR LJ . 21.68 -11.76 -0.22
C12 BCR LJ . 20.75 -10.11 3.12
C13 BCR LJ . 21.49 -10.04 4.38
C14 BCR LJ . 20.80 -9.51 5.39
C15 BCR LJ . 21.29 -9.33 6.73
C16 BCR LJ . 21.14 -8.73 7.90
C17 BCR LJ . 21.24 -8.40 9.03
C18 BCR LJ . 21.64 -7.62 10.02
C19 BCR LJ . 21.28 -7.80 11.41
C20 BCR LJ . 21.43 -7.23 12.58
C21 BCR LJ . 21.83 -6.42 13.35
C22 BCR LJ . 21.76 -5.55 14.34
C23 BCR LJ . 20.41 -5.28 14.83
C24 BCR LJ . 20.20 -4.80 16.04
C25 BCR LJ . 18.83 -4.55 16.51
C26 BCR LJ . 18.26 -3.37 16.26
C27 BCR LJ . 16.78 -3.15 16.46
C28 BCR LJ . 16.07 -4.42 16.86
C29 BCR LJ . 16.87 -5.10 17.94
C30 BCR LJ . 18.13 -5.63 17.32
C35 BCR LJ . 22.90 -10.47 4.54
C36 BCR LJ . 22.56 -6.52 9.71
C37 BCR LJ . 22.95 -4.84 14.89
C38 BCR LJ . 19.06 -2.18 15.84
C39 BCR LJ . 17.76 -6.84 16.49
C40 BCR LJ . 19.08 -6.05 18.42
C1 LMG MJ . 10.79 -19.23 -24.86
O1 LMG MJ . 9.54 -18.74 -24.39
C2 LMG MJ . 10.63 -19.89 -26.23
O2 LMG MJ . 9.70 -20.97 -26.16
C3 LMG MJ . 11.97 -20.44 -26.71
O3 LMG MJ . 11.84 -20.89 -28.06
C4 LMG MJ . 13.07 -19.38 -26.65
O4 LMG MJ . 12.91 -18.44 -27.71
C5 LMG MJ . 13.07 -18.64 -25.30
O5 LMG MJ . 15.36 -17.99 -25.54
C6 LMG MJ . 14.05 -17.47 -25.35
O6 LMG MJ . 11.74 -18.17 -24.99
C7 LMG MJ . 9.08 -19.49 -23.26
C8 LMG MJ . 7.55 -19.45 -23.17
C9 LMG MJ . 6.97 -20.10 -24.42
O7 LMG MJ . 7.10 -20.19 -22.04
C10 LMG MJ . 6.75 -19.32 -20.93
O9 LMG MJ . 7.29 -18.23 -20.83
C11 LMG MJ . 5.74 -19.75 -19.89
C12 LMG MJ . 5.31 -21.19 -20.10
C13 LMG MJ . 4.68 -21.75 -18.83
C14 LMG MJ . 5.68 -21.69 -17.68
C15 LMG MJ . 5.12 -22.31 -16.41
C16 LMG MJ . 6.21 -22.40 -15.34
C17 LMG MJ . 5.70 -23.12 -14.09
O8 LMG MJ . 7.33 -21.47 -24.47
C28 LMG MJ . 6.95 -22.26 -25.64
O10 LMG MJ . 7.77 -22.39 -26.54
C29 LMG MJ . 5.59 -22.89 -25.74
C30 LMG MJ . 5.56 -24.10 -24.82
C31 LMG MJ . 4.14 -24.45 -24.37
C32 LMG MJ . 4.15 -25.35 -23.14
C33 LMG MJ . 5.07 -24.78 -22.07
C34 LMG MJ . 4.67 -25.24 -20.68
C35 LMG MJ . 5.78 -26.02 -19.98
C36 LMG MJ . 5.64 -25.84 -18.49
C37 LMG MJ . 6.50 -26.41 -17.65
MG CLA NJ . 73.78 17.33 44.87
CHA CLA NJ . 74.13 20.80 45.16
CHB CLA NJ . 73.44 17.80 41.47
CHC CLA NJ . 73.62 13.97 44.58
CHD CLA NJ . 74.09 16.99 48.40
NA CLA NJ . 73.80 19.07 43.46
C1A CLA NJ . 73.94 20.31 43.74
C2A CLA NJ . 73.87 21.22 42.53
C3A CLA NJ . 73.61 20.24 41.41
C4A CLA NJ . 73.63 18.94 42.14
CMA CLA NJ . 72.45 20.59 40.50
CAA CLA NJ . 75.17 21.97 42.21
CBA CLA NJ . 76.32 21.14 41.63
CGA CLA NJ . 77.44 20.99 42.63
O1A CLA NJ . 77.28 20.91 43.84
O2A CLA NJ . 78.71 20.94 42.31
NB CLA NJ . 73.58 16.09 43.25
C1B CLA NJ . 73.41 16.41 41.96
C2B CLA NJ . 73.21 15.24 41.05
C3B CLA NJ . 73.26 14.14 42.02
C4B CLA NJ . 73.49 14.74 43.34
CMB CLA NJ . 73.00 15.18 39.57
CAB CLA NJ . 73.13 12.68 41.75
CBB CLA NJ . 72.01 12.04 42.02
NC CLA NJ . 73.89 15.73 46.27
C1C CLA NJ . 73.77 14.44 45.96
C2C CLA NJ . 73.80 13.49 47.09
C3C CLA NJ . 73.97 14.39 48.22
C4C CLA NJ . 74.01 15.75 47.61
CMC CLA NJ . 73.70 11.99 47.05
CAC CLA NJ . 74.08 14.06 49.69
CBC CLA NJ . 72.73 13.64 50.24
ND CLA NJ . 74.05 18.48 46.48
C1D CLA NJ . 74.15 18.33 47.80
C2D CLA NJ . 74.32 19.61 48.58
C3D CLA NJ . 74.30 20.55 47.45
C4D CLA NJ . 74.14 19.86 46.31
CMD CLA NJ . 74.48 20.06 50.00
CAD CLA NJ . 74.40 21.99 47.21
OBD CLA NJ . 74.70 22.88 48.08
CBD CLA NJ . 74.36 22.20 45.72
CGD CLA NJ . 73.27 23.15 45.36
O1D CLA NJ . 72.18 23.09 45.88
O2D CLA NJ . 73.55 24.17 44.36
CED CLA NJ . 74.12 25.41 44.78
CA CA OJ . 29.54 -7.49 -10.67
MG CLA PJ . 8.75 7.71 13.96
CHA CLA PJ . 6.11 8.33 11.74
CHB CLA PJ . 10.54 6.53 11.29
CHC CLA PJ . 11.27 7.12 16.11
CHD CLA PJ . 6.84 9.07 16.61
NA CLA PJ . 8.41 7.46 11.77
C1A CLA PJ . 7.35 7.75 11.09
C2A CLA PJ . 7.50 7.48 9.61
C3A CLA PJ . 8.89 6.87 9.55
C4A CLA PJ . 9.32 6.96 10.96
CMA CLA PJ . 9.13 5.57 8.83
CAA CLA PJ . 7.74 8.70 8.70
CBA CLA PJ . 7.37 10.15 9.05
CGA CLA PJ . 8.15 10.79 10.18
O1A CLA PJ . 9.25 11.27 10.11
O2A CLA PJ . 7.67 10.91 11.40
NB CLA PJ . 10.63 6.94 13.71
C1B CLA PJ . 11.19 6.50 12.59
C2B CLA PJ . 12.58 5.99 12.77
C3B CLA PJ . 12.76 6.18 14.21
C4B CLA PJ . 11.50 6.77 14.71
CMB CLA PJ . 13.47 5.43 11.71
CAB CLA PJ . 13.90 5.87 15.10
CBB CLA PJ . 15.16 5.97 14.73
NC CLA PJ . 9.02 8.07 16.04
C1C CLA PJ . 10.11 7.77 16.73
C2C CLA PJ . 10.07 8.13 18.16
C3C CLA PJ . 8.75 8.73 18.27
C4C CLA PJ . 8.20 8.63 16.92
CMC CLA PJ . 11.14 7.93 19.21
CAC CLA PJ . 8.07 9.32 19.48
CBC CLA PJ . 8.21 10.82 19.51
ND CLA PJ . 6.96 8.54 14.25
C1D CLA PJ . 6.26 9.01 15.28
C2D CLA PJ . 4.88 9.43 14.95
C3D CLA PJ . 4.89 9.14 13.52
C4D CLA PJ . 6.07 8.63 13.19
CMD CLA PJ . 3.73 10.01 15.70
CAD CLA PJ . 4.00 9.20 12.35
OBD CLA PJ . 2.76 8.95 12.43
CBD CLA PJ . 4.80 8.80 11.16
CGD CLA PJ . 4.02 7.74 10.43
O1D CLA PJ . 3.19 8.08 9.61
O2D CLA PJ . 4.24 6.34 10.63
CED CLA PJ . 4.27 5.51 9.49
C1 CLA PJ . 8.37 11.73 12.58
C2 CLA PJ . 9.56 11.28 13.37
C3 CLA PJ . 9.64 11.55 14.69
C4 CLA PJ . 8.54 12.30 15.39
C5 CLA PJ . 10.84 11.13 15.50
C6 CLA PJ . 12.03 10.86 14.62
C7 CLA PJ . 13.30 10.76 15.45
C8 CLA PJ . 14.39 10.06 14.67
C9 CLA PJ . 15.39 9.47 15.66
C10 CLA PJ . 15.07 11.03 13.72
C11 CLA PJ . 16.26 10.43 12.99
C12 CLA PJ . 17.31 11.50 12.68
C13 CLA PJ . 17.71 11.53 11.21
C14 CLA PJ . 16.52 11.77 10.29
C15 CLA PJ . 18.41 10.24 10.81
MG CLA QJ . 15.33 -2.86 13.38
CHA CLA QJ . 13.35 -0.42 14.85
CHB CLA QJ . 17.34 -0.34 12.23
CHC CLA QJ . 17.23 -5.25 11.93
CHD CLA QJ . 13.16 -5.36 14.56
NA CLA QJ . 15.38 -0.64 13.51
C1A CLA QJ . 14.56 0.11 14.13
C2A CLA QJ . 14.88 1.58 14.04
C3A CLA QJ . 16.10 1.55 13.14
C4A CLA QJ . 16.31 0.10 12.95
CMA CLA QJ . 15.98 2.37 11.89
CAA CLA QJ . 15.40 2.12 15.38
CBA CLA QJ . 16.15 1.08 16.22
CGA CLA QJ . 16.71 1.59 17.51
O1A CLA QJ . 17.55 2.45 17.61
O2A CLA QJ . 16.34 1.12 18.68
NB CLA QJ . 17.04 -2.78 12.25
C1B CLA QJ . 17.72 -1.71 11.89
C2B CLA QJ . 18.93 -2.00 11.09
C3B CLA QJ . 18.87 -3.46 11.02
C4B CLA QJ . 17.67 -3.85 11.76
CMB CLA QJ . 19.93 -1.07 10.52
CAB CLA QJ . 19.78 -4.38 10.34
CBB CLA QJ . 19.44 -4.81 9.15
NC CLA QJ . 15.27 -4.97 13.36
C1C CLA QJ . 16.14 -5.77 12.75
C2C CLA QJ . 15.94 -7.22 12.95
C3C CLA QJ . 14.77 -7.22 13.80
C4C CLA QJ . 14.43 -5.80 13.99
CMC CLA QJ . 16.77 -8.35 12.42
CAC CLA QJ . 14.06 -8.40 14.40
CBC CLA QJ . 14.47 -8.47 15.84
ND CLA QJ . 13.65 -3.01 14.44
C1D CLA QJ . 12.85 -3.97 14.87
C2D CLA QJ . 11.67 -3.51 15.65
C3D CLA QJ . 11.92 -2.07 15.60
C4D CLA QJ . 13.06 -1.86 14.91
CMD CLA QJ . 10.49 -4.11 16.34
CAD CLA QJ . 11.38 -0.79 16.05
OBD CLA QJ . 10.18 -0.63 16.47
CBD CLA QJ . 12.24 0.30 15.55
CGD CLA QJ . 11.46 1.02 14.51
O1D CLA QJ . 10.79 0.39 13.74
O2D CLA QJ . 11.47 2.45 14.36
CED CLA QJ . 10.73 3.00 13.28
C1 CLA QJ . 17.38 0.51 19.74
C2 CLA QJ . 18.53 -0.40 19.38
C3 CLA QJ . 18.75 -1.55 20.03
C4 CLA QJ . 17.83 -1.99 21.13
C5 CLA QJ . 19.91 -2.43 19.67
C6 CLA QJ . 21.20 -1.82 20.23
C7 CLA QJ . 21.50 -2.43 21.59
C8 CLA QJ . 22.25 -1.53 22.58
C9 CLA QJ . 21.27 -0.98 23.60
C10 CLA QJ . 23.04 -0.41 21.91
C11 CLA QJ . 23.73 0.45 22.95
C12 CLA QJ . 25.12 0.87 22.51
C13 CLA QJ . 25.64 2.05 23.31
C14 CLA QJ . 27.09 2.34 22.94
C15 CLA QJ . 25.52 1.80 24.81
MG CLA RJ . 21.73 3.79 3.84
CHA CLA RJ . 20.31 6.36 2.02
CHB CLA RJ . 23.67 3.11 1.09
CHC CLA RJ . 23.17 1.33 5.63
CHD CLA RJ . 19.74 4.65 6.63
NA CLA RJ . 21.99 4.62 1.78
C1A CLA RJ . 21.36 5.60 1.27
C2A CLA RJ . 21.74 5.89 -0.14
C3A CLA RJ . 22.75 4.80 -0.40
C4A CLA RJ . 22.83 4.12 0.90
CMA CLA RJ . 22.46 3.94 -1.59
CAA CLA RJ . 22.59 7.15 -0.14
CBA CLA RJ . 22.91 7.61 -1.55
CGA CLA RJ . 21.94 8.70 -1.90
O1A CLA RJ . 20.82 8.52 -2.36
O2A CLA RJ . 22.23 9.98 -1.76
NB CLA RJ . 23.21 2.43 3.40
C1B CLA RJ . 23.90 2.28 2.28
C2B CLA RJ . 24.92 1.20 2.32
C3B CLA RJ . 24.74 0.69 3.67
C4B CLA RJ . 23.66 1.51 4.26
CMB CLA RJ . 25.86 0.78 1.23
CAB CLA RJ . 25.43 -0.39 4.41
CBB CLA RJ . 25.95 -1.48 3.87
NC CLA RJ . 21.50 3.11 5.83
C1C CLA RJ . 22.18 2.10 6.36
C2C CLA RJ . 21.86 1.80 7.76
C3C CLA RJ . 20.85 2.80 8.07
C4C CLA RJ . 20.70 3.55 6.80
CMC CLA RJ . 22.49 0.73 8.61
CAC CLA RJ . 20.13 3.02 9.36
CBC CLA RJ . 18.80 2.29 9.33
ND CLA RJ . 20.36 5.13 4.35
C1D CLA RJ . 19.62 5.44 5.41
C2D CLA RJ . 18.70 6.58 5.22
C3D CLA RJ . 19.03 6.91 3.83
C4D CLA RJ . 19.97 6.06 3.41
CMD CLA RJ . 17.68 7.35 6.01
CAD CLA RJ . 18.68 7.85 2.77
OBD CLA RJ . 17.94 8.89 2.88
CBD CLA RJ . 19.41 7.47 1.54
CGD CLA RJ . 18.46 6.88 0.56
O1D CLA RJ . 17.91 5.82 0.78
O2D CLA RJ . 18.18 7.55 -0.68
CED CLA RJ . 16.85 7.50 -1.17
C1 CLA RJ . 21.09 11.10 -1.79
C2 CLA RJ . 19.93 11.18 -0.83
C3 CLA RJ . 18.67 11.16 -1.28
C4 CLA RJ . 18.36 11.04 -2.74
C5 CLA RJ . 17.54 11.26 -0.29
C6 CLA RJ . 17.14 12.72 -0.18
C7 CLA RJ . 16.87 13.09 1.27
C8 CLA RJ . 15.74 12.24 1.82
C9 CLA RJ . 14.38 12.68 1.28
C10 CLA RJ . 15.76 12.31 3.34
C11 CLA RJ . 15.55 10.91 3.90
C12 CLA RJ . 14.20 10.79 4.58
C13 CLA RJ . 14.35 11.15 6.05
C14 CLA RJ . 15.29 10.17 6.75
C15 CLA RJ . 12.97 11.17 6.67
C16 CLA RJ . 13.02 11.35 8.18
C17 CLA RJ . 12.13 10.32 8.85
C18 CLA RJ . 12.39 10.21 10.34
C19 CLA RJ . 13.63 9.36 10.61
C20 CLA RJ . 12.50 11.56 11.01
C1 BCR SJ . 14.56 -31.57 6.94
C2 BCR SJ . 13.82 -32.91 6.98
C3 BCR SJ . 12.36 -32.72 7.35
C4 BCR SJ . 12.20 -32.12 8.73
C5 BCR SJ . 13.32 -31.15 9.01
C6 BCR SJ . 14.04 -30.65 8.01
C7 BCR SJ . 14.41 -29.22 7.99
C8 BCR SJ . 13.51 -28.24 7.94
C9 BCR SJ . 13.84 -27.00 7.92
C10 BCR SJ . 12.97 -26.15 8.18
C11 BCR SJ . 12.77 -25.05 8.57
C33 BCR SJ . 13.67 -30.81 10.42
C31 BCR SJ . 14.40 -30.92 5.57
C32 BCR SJ . 16.04 -31.78 7.22
C34 BCR SJ . 15.23 -26.56 7.59
C12 BCR SJ . 12.48 -23.90 8.98
C13 BCR SJ . 12.69 -22.49 9.31
C14 BCR SJ . 11.61 -21.78 9.67
C15 BCR SJ . 11.66 -20.37 10.03
C16 BCR SJ . 11.15 -19.36 10.73
C17 BCR SJ . 10.93 -18.30 11.24
C18 BCR SJ . 10.37 -17.51 12.16
C19 BCR SJ . 10.55 -16.06 12.18
C20 BCR SJ . 10.44 -14.92 12.86
C21 BCR SJ . 10.46 -13.76 13.13
C22 BCR SJ . 10.14 -12.63 13.78
C23 BCR SJ . 10.71 -11.34 13.39
C24 BCR SJ . 9.81 -10.37 13.31
C25 BCR SJ . 9.93 -8.94 12.92
C26 BCR SJ . 9.45 -8.04 13.78
C27 BCR SJ . 9.75 -6.57 13.65
C28 BCR SJ . 10.39 -6.20 12.33
C29 BCR SJ . 9.99 -7.15 11.23
C30 BCR SJ . 10.45 -8.55 11.56
C35 BCR SJ . 14.04 -21.86 9.22
C36 BCR SJ . 9.51 -18.14 13.21
C37 BCR SJ . 9.16 -12.70 14.90
C38 BCR SJ . 8.55 -8.46 14.90
C39 BCR SJ . 11.96 -8.61 11.46
C40 BCR SJ . 9.89 -9.46 10.49
C1 BCR TJ . -0.71 -25.79 -8.77
C2 BCR TJ . -0.22 -26.65 -7.62
C3 BCR TJ . -0.73 -26.24 -6.25
C4 BCR TJ . -2.24 -26.02 -6.23
C5 BCR TJ . -2.65 -25.16 -7.40
C6 BCR TJ . -1.74 -24.78 -8.30
C7 BCR TJ . -1.84 -23.44 -8.90
C8 BCR TJ . -1.50 -22.32 -8.28
C9 BCR TJ . -1.64 -21.24 -8.94
C10 BCR TJ . -0.72 -20.43 -9.06
C11 BCR TJ . -0.29 -19.39 -8.74
C33 BCR TJ . -4.08 -24.76 -7.56
C31 BCR TJ . -1.36 -26.64 -9.83
C32 BCR TJ . 0.49 -25.07 -9.38
C34 BCR TJ . -2.96 -20.95 -9.58
C12 BCR TJ . 0.22 -18.30 -8.43
C13 BCR TJ . 0.27 -16.85 -8.19
C14 BCR TJ . 1.16 -16.40 -7.33
C15 BCR TJ . 1.31 -15.00 -7.00
C16 BCR TJ . 1.98 -14.08 -6.33
C17 BCR TJ . 2.36 -13.05 -5.86
C18 BCR TJ . 3.22 -12.27 -5.23
C19 BCR TJ . 2.95 -10.89 -4.90
C20 BCR TJ . 3.52 -9.75 -4.54
C21 BCR TJ . 3.74 -8.63 -4.23
C22 BCR TJ . 4.43 -7.63 -3.71
C23 BCR TJ . 3.91 -6.27 -3.75
C24 BCR TJ . 4.68 -5.28 -3.30
C25 BCR TJ . 4.32 -3.84 -3.29
C26 BCR TJ . 3.41 -3.32 -2.46
C27 BCR TJ . 2.84 -1.96 -2.71
C28 BCR TJ . 3.98 -1.03 -3.03
C29 BCR TJ . 4.63 -1.52 -4.32
C30 BCR TJ . 5.12 -2.96 -4.24
C35 BCR TJ . -0.65 -15.92 -8.90
C36 BCR TJ . 4.56 -12.84 -4.87
C37 BCR TJ . 5.76 -7.92 -3.09
C38 BCR TJ . 2.94 -4.04 -1.23
C39 BCR TJ . 6.57 -3.03 -3.81
C40 BCR TJ . 5.09 -3.50 -5.64
C1 LMG UJ . 24.65 8.20 -7.64
O1 LMG UJ . 25.82 8.16 -6.83
C2 LMG UJ . 25.03 8.53 -9.09
O2 LMG UJ . 25.67 9.80 -9.14
C3 LMG UJ . 23.76 8.53 -9.93
O3 LMG UJ . 24.08 8.80 -11.30
C4 LMG UJ . 23.05 7.19 -9.81
O4 LMG UJ . 23.91 6.17 -10.33
C5 LMG UJ . 22.75 6.89 -8.36
O5 LMG UJ . 20.84 5.53 -8.86
C6 LMG UJ . 22.10 5.52 -8.19
O6 LMG UJ . 23.98 6.93 -7.60
C7 LMG UJ . 25.50 8.38 -5.46
C8 LMG UJ . 26.69 9.02 -4.77
C9 LMG UJ . 26.64 10.54 -4.94
O7 LMG UJ . 26.66 8.73 -3.37
C10 LMG UJ . 27.06 7.36 -3.05
O9 LMG UJ . 27.81 6.75 -3.79
C11 LMG UJ . 26.55 6.72 -1.79
C12 LMG UJ . 27.74 6.35 -0.91
C13 LMG UJ . 27.30 5.56 0.31
C14 LMG UJ . 26.41 6.40 1.21
C15 LMG UJ . 26.09 5.66 2.48
C16 LMG UJ . 25.15 6.47 3.36
C17 LMG UJ . 24.79 5.64 4.58
C18 LMG UJ . 24.21 6.53 5.65
C19 LMG UJ . 23.95 5.97 6.81
C20 LMG UJ . 23.38 6.75 7.96
C21 LMG UJ . 22.09 7.40 7.58
C22 LMG UJ . 21.19 7.72 8.52
C23 LMG UJ . 21.44 7.45 9.98
O8 LMG UJ . 26.64 10.90 -6.32
C28 LMG UJ . 27.47 12.01 -6.78
O10 LMG UJ . 28.62 12.08 -6.40
C29 LMG UJ . 26.91 13.04 -7.73
C30 LMG UJ . 26.71 14.36 -7.00
C31 LMG UJ . 25.97 14.12 -5.68
C32 LMG UJ . 26.01 15.33 -4.76
C33 LMG UJ . 25.27 15.01 -3.47
C34 LMG UJ . 25.87 13.80 -2.79
C35 LMG UJ . 24.90 13.15 -1.82
C36 LMG UJ . 24.95 13.91 -0.51
C37 LMG UJ . 24.39 13.42 0.59
C38 LMG UJ . 23.68 12.09 0.60
C39 LMG UJ . 23.27 11.73 2.00
C40 LMG UJ . 22.76 10.53 2.25
C41 LMG UJ . 22.35 10.15 3.66
C42 LMG UJ . 21.11 10.90 4.04
C43 LMG UJ . 20.60 10.72 5.26
C44 LMG UJ . 19.35 11.45 5.69
C1 BCR VJ . 9.85 -39.11 0.36
C2 BCR VJ . 8.93 -39.28 1.55
C3 BCR VJ . 8.70 -40.73 1.89
C4 BCR VJ . 8.03 -41.39 0.70
C5 BCR VJ . 8.95 -41.29 -0.47
C6 BCR VJ . 9.80 -40.26 -0.63
C7 BCR VJ . 10.81 -40.16 -1.71
C8 BCR VJ . 10.81 -39.93 -3.03
C9 BCR VJ . 9.85 -39.81 -3.86
C10 BCR VJ . 9.34 -38.72 -4.12
C11 BCR VJ . 9.17 -37.95 -5.00
C33 BCR VJ . 8.90 -42.46 -1.40
C31 BCR VJ . 11.28 -39.00 0.86
C32 BCR VJ . 9.48 -37.84 -0.39
C34 BCR VJ . 9.48 -40.98 -4.72
C12 BCR VJ . 8.98 -37.12 -5.91
C13 BCR VJ . 8.72 -36.68 -7.28
C14 BCR VJ . 8.37 -35.41 -7.53
C15 BCR VJ . 8.11 -35.00 -8.90
C16 BCR VJ . 7.80 -34.15 -9.88
C17 BCR VJ . 7.46 -33.22 -10.54
C18 BCR VJ . 7.42 -32.52 -11.68
C19 BCR VJ . 6.70 -31.26 -11.86
C20 BCR VJ . 5.97 -30.50 -12.69
C21 BCR VJ . 5.32 -30.16 -13.63
C22 BCR VJ . 4.70 -29.32 -14.47
C23 BCR VJ . 3.93 -29.80 -15.63
C24 BCR VJ . 3.00 -28.98 -16.16
C25 BCR VJ . 2.09 -29.22 -17.32
C26 BCR VJ . 0.87 -29.75 -17.12
C27 BCR VJ . -0.21 -29.82 -18.19
C28 BCR VJ . 0.17 -29.04 -19.44
C29 BCR VJ . 1.61 -29.32 -19.79
C30 BCR VJ . 2.52 -28.76 -18.71
C35 BCR VJ . 8.84 -37.66 -8.40
C36 BCR VJ . 8.16 -33.08 -12.85
C37 BCR VJ . 4.83 -27.84 -14.24
C38 BCR VJ . 0.47 -30.34 -15.79
C39 BCR VJ . 2.38 -27.24 -18.71
C40 BCR VJ . 3.95 -29.14 -19.08
MG CLA WJ . 51.72 -70.32 6.85
CHA CLA WJ . 52.93 -69.14 3.81
CHB CLA WJ . 54.45 -72.40 6.97
CHC CLA WJ . 50.58 -71.37 9.85
CHD CLA WJ . 48.92 -68.12 6.60
NA CLA WJ . 53.50 -70.74 5.57
C1A CLA WJ . 53.79 -70.19 4.45
C2A CLA WJ . 55.07 -70.72 3.84
C3A CLA WJ . 55.49 -71.76 4.85
C4A CLA WJ . 54.42 -71.63 5.87
CMA CLA WJ . 55.92 -73.14 4.39
CAA CLA WJ . 56.15 -69.65 3.92
CBA CLA WJ . 57.24 -69.84 2.88
CGA CLA WJ . 58.47 -69.10 3.32
O1A CLA WJ . 58.60 -67.89 3.29
O2A CLA WJ . 59.56 -69.68 3.79
NB CLA WJ . 52.44 -71.69 8.21
C1B CLA WJ . 53.53 -72.45 8.11
C2B CLA WJ . 53.74 -73.37 9.26
C3B CLA WJ . 52.57 -73.04 10.08
C4B CLA WJ . 51.82 -71.99 9.36
CMB CLA WJ . 54.83 -74.36 9.50
CAB CLA WJ . 52.19 -73.61 11.38
CBB CLA WJ . 52.38 -72.93 12.49
NC CLA WJ . 50.06 -69.76 8.07
C1C CLA WJ . 49.75 -70.31 9.23
C2C CLA WJ . 48.52 -69.82 9.87
C3C CLA WJ . 48.07 -68.82 8.92
C4C CLA WJ . 49.09 -68.87 7.85
CMC CLA WJ . 47.92 -70.24 11.18
CAC CLA WJ . 46.86 -67.94 8.99
CBC CLA WJ . 45.68 -68.68 8.42
ND CLA WJ . 50.99 -68.92 5.63
C1D CLA WJ . 49.93 -68.14 5.54
C2D CLA WJ . 49.84 -67.34 4.30
C3D CLA WJ . 51.07 -67.79 3.66
C4D CLA WJ . 51.67 -68.67 4.45
CMD CLA WJ . 48.90 -66.35 3.68
CAD CLA WJ . 51.83 -67.57 2.44
OBD CLA WJ . 51.38 -66.98 1.40
CBD CLA WJ . 53.06 -68.41 2.50
CGD CLA WJ . 53.01 -69.35 1.34
O1D CLA WJ . 52.03 -70.04 1.14
O2D CLA WJ . 54.14 -69.45 0.45
CED CLA WJ . 54.01 -68.90 -0.86
MG CLA XJ . 26.13 76.53 33.85
CHA CLA XJ . 28.06 76.58 30.96
CHB CLA XJ . 26.95 79.85 34.28
CHC CLA XJ . 24.17 76.48 36.60
CHD CLA XJ . 25.37 73.09 33.29
NA CLA XJ . 27.34 78.05 32.77
C1A CLA XJ . 28.01 77.90 31.69
C2A CLA XJ . 28.73 79.15 31.23
C3A CLA XJ . 28.37 80.13 32.32
C4A CLA XJ . 27.49 79.30 33.19
CMA CLA XJ . 29.45 80.98 32.96
CAA CLA XJ . 28.05 79.70 29.99
CBA CLA XJ . 28.98 80.57 29.16
CGA CLA XJ . 28.15 81.45 28.27
O1A CLA XJ . 27.54 81.08 27.28
O2A CLA XJ . 27.98 82.74 28.45
NB CLA XJ . 25.63 77.97 35.23
C1B CLA XJ . 26.06 79.24 35.29
C2B CLA XJ . 25.53 80.00 36.45
C3B CLA XJ . 24.72 78.98 37.10
C4B CLA XJ . 24.84 77.75 36.28
CMB CLA XJ . 25.77 81.44 36.83
CAB CLA XJ . 23.92 79.10 38.34
CBB CLA XJ . 22.61 79.21 38.28
NC CLA XJ . 24.90 75.04 34.74
C1C CLA XJ . 24.21 75.20 35.86
C2C CLA XJ . 23.47 74.02 36.33
C3C CLA XJ . 23.80 73.03 35.31
C4C CLA XJ . 24.68 73.76 34.39
CMC CLA XJ . 22.61 73.87 37.55
CAC CLA XJ . 23.35 71.59 35.21
CBC CLA XJ . 24.28 70.73 36.02
ND CLA XJ . 26.50 75.10 32.52
C1D CLA XJ . 26.24 73.80 32.35
C2D CLA XJ . 26.89 73.17 31.18
C3D CLA XJ . 27.60 74.35 30.67
C4D CLA XJ . 27.34 75.39 31.46
CMD CLA XJ . 26.97 71.82 30.53
CAD CLA XJ . 28.49 74.72 29.58
OBD CLA XJ . 29.10 73.89 28.82
CBD CLA XJ . 28.80 76.16 29.71
CGD CLA XJ . 30.27 76.29 29.89
O1D CLA XJ . 30.85 75.66 30.74
O2D CLA XJ . 31.03 77.18 29.03
CED CLA XJ . 31.87 76.61 28.04
MG CL0 YJ . -32.63 -17.88 -44.98
CHA CL0 YJ . -31.80 -21.15 -44.11
CHB CL0 YJ . -34.93 -17.94 -42.46
CHC CL0 YJ . -33.39 -14.71 -45.80
CHD CL0 YJ . -30.31 -17.97 -47.61
NA CL0 YJ . -33.30 -19.34 -43.46
C1A CL0 YJ . -32.89 -20.55 -43.30
C2A CL0 YJ . -33.61 -21.30 -42.23
C3A CL0 YJ . -34.62 -20.29 -41.86
C4A CL0 YJ . -34.27 -19.10 -42.61
CMA CL0 YJ . -35.87 -20.85 -42.44
CAA CL0 YJ . -32.78 -21.30 -40.97
CBA CL0 YJ . -33.34 -22.19 -39.88
CGA CL0 YJ . -32.71 -21.67 -38.63
O1A CL0 YJ . -32.76 -20.51 -38.33
O2A CL0 YJ . -32.02 -22.36 -37.76
NB CL0 YJ . -33.98 -16.53 -44.22
C1B CL0 YJ . -34.79 -16.66 -43.18
C2B CL0 YJ . -35.56 -15.42 -42.88
C3B CL0 YJ . -35.07 -14.50 -43.90
C4B CL0 YJ . -34.12 -15.28 -44.67
CMB CL0 YJ . -36.55 -15.21 -41.78
CAB CL0 YJ . -35.33 -13.09 -44.26
CBB CL0 YJ . -36.32 -12.35 -43.82
NC CL0 YJ . -31.88 -16.51 -46.40
C1C CL0 YJ . -32.35 -15.30 -46.63
C2C CL0 YJ . -31.78 -14.55 -47.75
C3C CL0 YJ . -30.80 -15.53 -48.22
C4C CL0 YJ . -30.95 -16.69 -47.35
CMC CL0 YJ . -32.11 -13.18 -48.24
CAC CL0 YJ . -29.87 -15.42 -49.38
CBC CL0 YJ . -30.72 -15.84 -50.54
ND CL0 YJ . -31.32 -19.14 -45.77
C1D CL0 YJ . -30.48 -19.15 -46.77
C2D CL0 YJ . -29.74 -20.42 -46.96
C3D CL0 YJ . -30.32 -21.19 -45.86
C4D CL0 YJ . -31.20 -20.41 -45.24
CMD CL0 YJ . -28.71 -20.94 -47.89
CAD CL0 YJ . -30.24 -22.51 -45.23
OBD CL0 YJ . -29.27 -23.33 -45.38
CBD CL0 YJ . -31.16 -22.52 -44.06
CGD CL0 YJ . -30.31 -22.69 -42.85
O1D CL0 YJ . -29.50 -21.86 -42.55
O2D CL0 YJ . -30.42 -23.85 -41.99
CED CL0 YJ . -29.88 -23.78 -40.68
C1 CL0 YJ . -30.57 -21.96 -37.21
C2 CL0 YJ . -29.71 -20.87 -37.80
C3 CL0 YJ . -28.38 -20.94 -37.86
C4 CL0 YJ . -27.65 -22.14 -37.34
C5 CL0 YJ . -27.63 -19.77 -38.45
C6 CL0 YJ . -26.38 -20.21 -39.19
C7 CL0 YJ . -25.81 -19.01 -39.93
C8 CL0 YJ . -24.85 -18.26 -39.04
C9 CL0 YJ . -24.56 -16.86 -39.56
C10 CL0 YJ . -23.56 -19.06 -38.96
C11 CL0 YJ . -22.73 -18.57 -37.79
C12 CL0 YJ . -21.41 -19.32 -37.76
C13 CL0 YJ . -20.90 -19.56 -36.35
C14 CL0 YJ . -19.69 -20.47 -36.39
C15 CL0 YJ . -21.99 -20.23 -35.55
C16 CL0 YJ . -21.84 -19.92 -34.08
C17 CL0 YJ . -23.16 -20.17 -33.38
C18 CL0 YJ . -23.43 -21.65 -33.25
C19 CL0 YJ . -23.48 -21.99 -31.77
C20 CL0 YJ . -24.73 -22.02 -33.92
MG CLA ZJ . -28.93 -19.09 -33.21
CHA CLA ZJ . -29.11 -16.72 -35.67
CHB CLA ZJ . -25.81 -17.84 -32.50
CHC CLA ZJ . -28.78 -21.30 -30.66
CHD CLA ZJ . -32.08 -20.38 -34.13
NA CLA ZJ . -27.60 -17.48 -33.98
C1A CLA ZJ . -27.81 -16.69 -34.96
C2A CLA ZJ . -26.64 -15.81 -35.33
C3A CLA ZJ . -25.63 -16.28 -34.33
C4A CLA ZJ . -26.38 -17.27 -33.54
CMA CLA ZJ . -24.33 -16.77 -34.91
CAA CLA ZJ . -26.80 -14.34 -35.02
CBA CLA ZJ . -25.88 -13.46 -35.85
CGA CLA ZJ . -24.79 -12.95 -34.95
O1A CLA ZJ . -24.82 -13.09 -33.75
O2A CLA ZJ . -23.71 -12.33 -35.34
NB CLA ZJ . -27.49 -19.49 -31.80
C1B CLA ZJ . -26.34 -18.87 -31.61
C2B CLA ZJ . -25.58 -19.33 -30.45
C3B CLA ZJ . -26.47 -20.35 -29.95
C4B CLA ZJ . -27.63 -20.40 -30.83
CMB CLA ZJ . -24.27 -18.92 -29.89
CAB CLA ZJ . -26.25 -21.16 -28.76
CBB CLA ZJ . -26.46 -20.64 -27.59
NC CLA ZJ . -30.27 -20.56 -32.47
C1C CLA ZJ . -29.98 -21.42 -31.50
C2C CLA ZJ . -30.93 -22.53 -31.31
C3C CLA ZJ . -31.92 -22.23 -32.33
C4C CLA ZJ . -31.41 -21.00 -32.98
CMC CLA ZJ . -30.89 -23.64 -30.32
CAC CLA ZJ . -33.16 -22.98 -32.69
CBC CLA ZJ . -32.81 -23.99 -33.74
ND CLA ZJ . -30.31 -18.82 -34.60
C1D CLA ZJ . -31.56 -19.19 -34.80
C2D CLA ZJ . -32.33 -18.32 -35.72
C3D CLA ZJ . -31.27 -17.36 -36.04
C4D CLA ZJ . -30.16 -17.70 -35.39
CMD CLA ZJ . -33.72 -18.21 -36.27
CAD CLA ZJ . -31.05 -16.13 -36.80
OBD CLA ZJ . -31.95 -15.25 -36.94
CBD CLA ZJ . -29.62 -15.76 -36.72
CGD CLA ZJ . -28.98 -16.03 -38.02
O1D CLA ZJ . -29.32 -16.96 -38.71
O2D CLA ZJ . -27.95 -15.17 -38.50
CED CLA ZJ . -27.94 -14.99 -39.88
C1 CLA ZJ . -22.63 -11.72 -34.34
C2 CLA ZJ . -22.94 -10.65 -33.33
C3 CLA ZJ . -22.46 -9.41 -33.40
C4 CLA ZJ . -21.56 -8.98 -34.52
C5 CLA ZJ . -22.82 -8.43 -32.34
C6 CLA ZJ . -22.20 -8.92 -31.05
C7 CLA ZJ . -22.30 -7.81 -30.03
C8 CLA ZJ . -22.22 -8.34 -28.61
C9 CLA ZJ . -23.16 -9.49 -28.37
C10 CLA ZJ . -22.59 -7.20 -27.70
C11 CLA ZJ . -21.33 -6.62 -27.11
C12 CLA ZJ . -21.72 -5.54 -26.11
C13 CLA ZJ . -21.93 -4.19 -26.77
C14 CLA ZJ . -20.86 -3.88 -27.81
C15 CLA ZJ . -21.88 -3.17 -25.65
C16 CLA ZJ . -22.25 -1.79 -26.14
C17 CLA ZJ . -23.20 -1.16 -25.13
C18 CLA ZJ . -22.46 -0.14 -24.30
C19 CLA ZJ . -22.04 1.01 -25.18
C20 CLA ZJ . -23.37 0.36 -23.18
MG CLA AK . -50.28 -16.59 -37.81
CHA CLA AK . -53.77 -16.21 -37.54
CHB CLA AK . -50.81 -17.85 -40.89
CHC CLA AK . -46.94 -16.88 -38.09
CHD CLA AK . -49.93 -15.52 -34.54
NA CLA AK . -52.05 -17.00 -39.08
C1A CLA AK . -53.28 -16.84 -38.81
C2A CLA AK . -54.16 -17.31 -39.93
C3A CLA AK . -53.18 -17.91 -40.86
C4A CLA AK . -51.92 -17.56 -40.25
CMA CLA AK . -53.38 -19.40 -41.03
CAA CLA AK . -54.52 -16.03 -40.68
CBA CLA AK . -55.80 -16.10 -41.49
CGA CLA AK . -55.59 -16.67 -42.87
O1A CLA AK . -56.38 -17.35 -43.47
O2A CLA AK . -54.47 -16.53 -43.56
NB CLA AK . -49.06 -17.27 -39.30
C1B CLA AK . -49.44 -17.68 -40.48
C2B CLA AK . -48.37 -18.02 -41.42
C3B CLA AK . -47.20 -17.73 -40.60
C4B CLA AK . -47.73 -17.27 -39.28
CMB CLA AK . -48.59 -18.50 -42.82
CAB CLA AK . -45.77 -17.85 -40.95
CBB CLA AK . -45.25 -18.20 -42.11
NC CLA AK . -48.67 -16.05 -36.56
C1C CLA AK . -47.39 -16.30 -36.81
C2C CLA AK . -46.49 -15.96 -35.69
C3C CLA AK . -47.39 -15.44 -34.68
C4C CLA AK . -48.70 -15.55 -35.32
CMC CLA AK . -45.02 -16.11 -35.58
CAC CLA AK . -47.08 -14.91 -33.31
CBC CLA AK . -47.34 -15.88 -32.18
ND CLA AK . -51.45 -16.01 -36.30
C1D CLA AK . -51.27 -15.59 -35.09
C2D CLA AK . -52.45 -15.19 -34.35
C3D CLA AK . -53.46 -15.46 -35.38
C4D CLA AK . -52.82 -15.93 -36.45
CMD CLA AK . -52.65 -14.67 -32.96
CAD CLA AK . -54.92 -15.41 -35.62
OBD CLA AK . -55.75 -14.77 -34.90
CBD CLA AK . -55.12 -15.70 -37.08
CGD CLA AK . -56.25 -16.64 -37.29
O1D CLA AK . -56.18 -17.80 -36.97
O2D CLA AK . -57.47 -16.19 -37.92
CED CLA AK . -58.69 -16.77 -37.50
C1 CLA AK . -53.95 -17.63 -44.60
C2 CLA AK . -54.03 -19.13 -44.46
C3 CLA AK . -52.92 -19.87 -44.57
C4 CLA AK . -51.59 -19.23 -44.83
C5 CLA AK . -53.00 -21.36 -44.41
C6 CLA AK . -52.13 -22.02 -45.47
C7 CLA AK . -52.97 -22.97 -46.30
C8 CLA AK . -52.32 -24.34 -46.30
C9 CLA AK . -50.92 -24.23 -46.89
C10 CLA AK . -53.24 -25.31 -47.05
C11 CLA AK . -52.50 -26.55 -47.56
C12 CLA AK . -52.36 -27.63 -46.50
C13 CLA AK . -51.55 -28.80 -47.03
C14 CLA AK . -51.32 -29.86 -45.95
C15 CLA AK . -50.21 -28.30 -47.56
MG CLA BK . -55.94 -41.31 -39.51
CHA CLA BK . -58.09 -38.58 -39.18
CHB CLA BK . -53.78 -39.22 -41.16
CHC CLA BK . -53.84 -43.94 -39.76
CHD CLA BK . -58.25 -43.33 -37.72
NA CLA BK . -55.90 -39.17 -40.11
C1A CLA BK . -56.79 -38.28 -39.89
C2A CLA BK . -56.43 -36.92 -40.41
C3A CLA BK . -55.09 -37.17 -41.06
C4A CLA BK . -54.89 -38.61 -40.76
CMA CLA BK . -54.85 -36.68 -42.48
CAA CLA BK . -56.08 -36.04 -39.22
CBA CLA BK . -55.95 -34.58 -39.60
CGA CLA BK . -57.30 -34.06 -40.02
O1A CLA BK . -57.63 -33.86 -41.18
O2A CLA BK . -58.26 -33.75 -39.19
NB CLA BK . -54.07 -41.52 -40.34
C1B CLA BK . -53.35 -40.60 -40.98
C2B CLA BK . -52.06 -41.11 -41.50
C3B CLA BK . -52.10 -42.50 -41.08
C4B CLA BK . -53.39 -42.67 -40.37
CMB CLA BK . -50.99 -40.38 -42.27
CAB CLA BK . -51.08 -43.53 -41.31
CBB CLA BK . -51.28 -44.47 -42.19
NC CLA BK . -56.01 -43.30 -38.77
C1C CLA BK . -55.10 -44.24 -39.04
C2C CLA BK . -55.43 -45.59 -38.58
C3C CLA BK . -56.72 -45.39 -37.94
C4C CLA BK . -56.98 -43.95 -38.13
CMC CLA BK . -54.65 -46.86 -38.72
CAC CLA BK . -57.60 -46.41 -37.26
CBC CLA BK . -58.56 -47.02 -38.24
ND CLA BK . -57.70 -41.15 -38.61
C1D CLA BK . -58.57 -41.93 -37.97
C2D CLA BK . -59.84 -41.27 -37.55
C3D CLA BK . -59.57 -39.93 -38.08
C4D CLA BK . -58.37 -39.93 -38.65
CMD CLA BK . -61.10 -41.64 -36.85
CAD CLA BK . -60.20 -38.61 -38.16
OBD CLA BK . -61.44 -38.38 -37.95
CBD CLA BK . -59.27 -37.69 -38.88
CGD CLA BK . -59.96 -37.17 -40.09
O1D CLA BK . -60.86 -36.37 -39.98
O2D CLA BK . -59.59 -37.56 -41.44
CED CLA BK . -59.64 -36.57 -42.45
MG CLA CK . -49.81 -48.31 -37.10
CHA CLA CK . -52.18 -50.09 -35.30
CHB CLA CK . -48.05 -51.25 -37.39
CHC CLA CK . -47.50 -46.62 -38.92
CHD CLA CK . -51.65 -45.33 -36.66
NA CLA CK . -50.07 -50.43 -36.45
C1A CLA CK . -51.03 -50.94 -35.78
C2A CLA CK . -50.85 -52.41 -35.48
C3A CLA CK . -49.52 -52.68 -36.16
C4A CLA CK . -49.19 -51.36 -36.71
CMA CLA CK . -48.39 -53.36 -35.42
CAA CLA CK . -51.82 -53.40 -36.13
CBA CLA CK . -52.80 -52.88 -37.17
CGA CLA CK . -52.78 -53.66 -38.44
O1A CLA CK . -52.09 -54.64 -38.64
O2A CLA CK . -53.52 -53.37 -39.49
NB CLA CK . -48.05 -48.87 -38.02
C1B CLA CK . -47.48 -50.07 -38.02
C2B CLA CK . -46.18 -50.15 -38.75
C3B CLA CK . -46.04 -48.77 -39.19
C4B CLA CK . -47.24 -48.05 -38.69
CMB CLA CK . -45.35 -51.38 -38.90
CAB CLA CK . -44.98 -48.09 -39.98
CBB CLA CK . -43.75 -48.52 -40.09
NC CLA CK . -49.66 -46.30 -37.79
C1C CLA CK . -48.61 -45.79 -38.44
C2C CLA CK . -48.64 -44.34 -38.66
C3C CLA CK . -49.89 -43.97 -38.02
C4C CLA CK . -50.44 -45.25 -37.51
CMC CLA CK . -47.63 -43.48 -39.35
CAC CLA CK . -50.51 -42.61 -37.89
CBC CLA CK . -49.85 -41.86 -36.77
ND CLA CK . -51.47 -47.69 -36.22
C1D CLA CK . -52.18 -46.57 -36.11
C2D CLA CK . -53.48 -46.71 -35.40
C3D CLA CK . -53.41 -48.15 -35.10
C4D CLA CK . -52.27 -48.64 -35.59
CMD CLA CK . -54.63 -45.85 -35.00
CAD CLA CK . -54.19 -49.22 -34.46
OBD CLA CK . -55.32 -49.06 -33.89
CBD CLA CK . -53.35 -50.46 -34.43
CGD CLA CK . -52.84 -50.64 -33.05
O1D CLA CK . -52.41 -49.70 -32.43
O2D CLA CK . -52.86 -51.93 -32.40
CED CLA CK . -53.29 -51.98 -31.04
C1 CLA CK . -53.16 -52.13 -40.45
C2 CLA CK . -52.92 -50.70 -40.00
C3 CLA CK . -51.93 -49.96 -40.55
C4 CLA CK . -51.69 -48.56 -40.10
C5 CLA CK . -51.02 -50.52 -41.61
C6 CLA CK . -49.71 -50.99 -40.99
C7 CLA CK . -48.57 -50.09 -41.39
C8 CLA CK . -48.15 -50.34 -42.83
C9 CLA CK . -47.43 -51.67 -42.95
C10 CLA CK . -47.27 -49.18 -43.29
C11 CLA CK . -47.91 -47.82 -43.07
C12 CLA CK . -47.65 -46.91 -44.26
C13 CLA CK . -46.91 -45.66 -43.83
C14 CLA CK . -47.74 -44.85 -42.86
C15 CLA CK . -46.56 -44.82 -45.05
MG CLA DK . -39.30 -50.88 -32.23
CHA CLA DK . -35.98 -51.57 -32.89
CHB CLA DK . -39.76 -50.50 -35.61
CHC CLA DK . -42.56 -50.39 -31.60
CHD CLA DK . -38.71 -51.30 -28.76
NA CLA DK . -38.05 -51.03 -34.06
C1A CLA DK . -36.81 -51.28 -34.11
C2A CLA DK . -36.27 -51.30 -35.51
C3A CLA DK . -37.46 -50.87 -36.28
C4A CLA DK . -38.51 -50.82 -35.25
CMA CLA DK . -37.26 -49.53 -36.92
CAA CLA DK . -36.14 -52.76 -35.93
CBA CLA DK . -34.80 -53.12 -36.55
CGA CLA DK . -34.58 -52.34 -37.82
O1A CLA DK . -35.40 -52.27 -38.73
O2A CLA DK . -33.49 -51.65 -38.10
NB CLA DK . -40.92 -50.52 -33.45
C1B CLA DK . -40.95 -50.35 -34.77
C2B CLA DK . -42.29 -50.01 -35.32
C3B CLA DK . -43.08 -49.98 -34.10
C4B CLA DK . -42.15 -50.30 -33.01
CMB CLA DK . -42.68 -49.76 -36.74
CAB CLA DK . -44.51 -49.71 -33.85
CBB CLA DK . -45.47 -50.10 -34.66
NC CLA DK . -40.45 -50.91 -30.46
C1C CLA DK . -41.73 -50.54 -30.42
C2C CLA DK . -42.26 -50.30 -29.09
C3C CLA DK . -41.14 -50.58 -28.24
C4C CLA DK . -40.06 -50.94 -29.18
CMC CLA DK . -43.64 -49.89 -28.71
CAC CLA DK . -41.07 -50.48 -26.75
CBC CLA DK . -40.58 -49.09 -26.42
ND CLA DK . -37.80 -51.33 -31.00
C1D CLA DK . -37.59 -51.47 -29.69
C2D CLA DK . -36.20 -51.79 -29.30
C3D CLA DK . -35.62 -51.81 -30.64
C4D CLA DK . -36.56 -51.54 -31.54
CMD CLA DK . -35.41 -52.06 -28.06
CAD CLA DK . -34.33 -52.04 -31.30
OBD CLA DK . -33.22 -52.15 -30.69
CBD CLA DK . -34.52 -51.89 -32.76
CGD CLA DK . -33.64 -50.78 -33.23
O1D CLA DK . -33.18 -50.76 -34.35
O2D CLA DK . -33.31 -49.67 -32.38
CED CLA DK . -33.00 -48.44 -33.01
C1 CLA DK . -33.02 -51.53 -39.62
C2 CLA DK . -32.71 -52.75 -40.47
C3 CLA DK . -32.89 -52.73 -41.80
C4 CLA DK . -33.43 -51.50 -42.46
C5 CLA DK . -32.58 -53.96 -42.61
C6 CLA DK . -33.45 -54.03 -43.86
C7 CLA DK . -33.27 -55.34 -44.64
C8 CLA DK . -31.99 -55.37 -45.47
C9 CLA DK . -31.83 -54.10 -46.27
C10 CLA DK . -31.99 -56.58 -46.39
C11 CLA DK . -30.60 -57.15 -46.62
C12 CLA DK . -30.64 -58.38 -47.51
C13 CLA DK . -31.14 -59.62 -46.76
C14 CLA DK . -30.04 -60.66 -46.62
C15 CLA DK . -32.33 -60.22 -47.48
MG CLA EK . -38.43 -46.04 -40.14
CHA CLA EK . -41.63 -45.40 -38.87
CHB CLA EK . -37.28 -45.91 -36.95
CHC CLA EK . -35.40 -46.87 -41.37
CHD CLA EK . -39.78 -46.19 -43.40
NA CLA EK . -39.32 -45.71 -38.13
C1A CLA EK . -40.53 -45.46 -37.84
C2A CLA EK . -40.73 -45.22 -36.38
C3A CLA EK . -39.34 -45.33 -35.86
C4A CLA EK . -38.59 -45.70 -37.05
CMA CLA EK . -38.80 -44.08 -35.20
CAA CLA EK . -41.44 -46.43 -35.79
CBA CLA EK . -41.74 -46.24 -34.32
CGA CLA EK . -42.98 -45.43 -34.14
O1A CLA EK . -43.95 -45.47 -34.88
O2A CLA EK . -43.18 -44.60 -33.14
NB CLA EK . -36.61 -46.36 -39.27
C1B CLA EK . -36.29 -46.25 -37.98
C2B CLA EK . -34.87 -46.48 -37.67
C3B CLA EK . -34.34 -46.75 -39.01
C4B CLA EK . -35.49 -46.66 -39.92
CMB CLA EK . -34.17 -46.44 -36.34
CAB CLA EK . -32.99 -47.08 -39.46
CBB CLA EK . -32.31 -48.06 -38.93
NC CLA EK . -37.71 -46.49 -42.09
C1C CLA EK . -36.45 -46.73 -42.39
C2C CLA EK . -36.14 -46.86 -43.82
C3C CLA EK . -37.46 -46.65 -44.39
C4C CLA EK . -38.35 -46.43 -43.25
CMC CLA EK . -34.83 -47.14 -44.47
CAC CLA EK . -37.89 -46.65 -45.81
CBC CLA EK . -37.81 -45.24 -46.32
ND CLA EK . -40.20 -45.90 -41.06
C1D CLA EK . -40.68 -45.90 -42.29
C2D CLA EK . -42.12 -45.60 -42.43
C3D CLA EK . -42.43 -45.41 -41.02
C4D CLA EK . -41.32 -45.59 -40.30
CMD CLA EK . -43.16 -45.46 -43.50
CAD CLA EK . -43.56 -45.10 -40.16
OBD CLA EK . -44.77 -45.03 -40.54
CBD CLA EK . -43.12 -45.18 -38.75
CGD CLA EK . -43.47 -43.87 -38.11
O1D CLA EK . -44.41 -43.80 -37.35
O2D CLA EK . -42.71 -42.69 -38.42
CED CLA EK . -42.58 -41.66 -37.44
C1 CLA EK . -43.20 -43.03 -33.42
C2 CLA EK . -41.95 -42.26 -33.73
C3 CLA EK . -41.79 -41.02 -33.30
C4 CLA EK . -42.84 -40.34 -32.48
C5 CLA EK . -40.53 -40.27 -33.61
C6 CLA EK . -40.55 -39.73 -35.02
C7 CLA EK . -39.23 -39.00 -35.24
C8 CLA EK . -38.90 -38.55 -36.66
C9 CLA EK . -39.81 -39.13 -37.73
C10 CLA EK . -37.45 -38.92 -36.95
C11 CLA EK . -37.22 -40.42 -36.82
C12 CLA EK . -35.82 -40.80 -37.26
C13 CLA EK . -35.86 -41.98 -38.22
C14 CLA EK . -34.46 -42.44 -38.56
C15 CLA EK . -36.58 -41.53 -39.48
C16 CLA EK . -37.47 -42.60 -40.08
C17 CLA EK . -37.82 -42.21 -41.51
C18 CLA EK . -39.32 -42.25 -41.74
C19 CLA EK . -40.08 -41.39 -40.74
C20 CLA EK . -39.67 -41.84 -43.16
MG CLA FK . -43.02 -46.36 -57.69
CHA CLA FK . -44.06 -44.65 -60.54
CHB CLA FK . -42.72 -43.28 -56.17
CHC CLA FK . -42.12 -47.99 -54.87
CHD CLA FK . -43.39 -49.44 -59.38
NA CLA FK . -43.35 -44.23 -58.25
C1A CLA FK . -43.74 -43.77 -59.37
C2A CLA FK . -43.84 -42.27 -59.41
C3A CLA FK . -43.35 -41.89 -58.05
C4A CLA FK . -43.13 -43.22 -57.44
CMA CLA FK . -42.18 -40.93 -58.05
CAA CLA FK . -45.29 -41.76 -59.43
CBA CLA FK . -46.30 -42.69 -58.77
CGA CLA FK . -47.55 -41.96 -58.37
O1A CLA FK . -48.21 -41.24 -59.10
O2A CLA FK . -48.09 -42.01 -57.17
NB CLA FK . -42.51 -45.71 -55.80
C1B CLA FK . -42.42 -44.46 -55.36
C2B CLA FK . -41.98 -44.33 -53.94
C3B CLA FK . -41.81 -45.75 -53.58
C4B CLA FK . -42.15 -46.52 -54.80
CMB CLA FK . -41.79 -43.08 -53.14
CAB CLA FK . -41.38 -46.35 -52.31
CBB CLA FK . -40.29 -45.93 -51.71
NC CLA FK . -42.82 -48.41 -57.20
C1C CLA FK . -42.43 -48.88 -56.01
C2C CLA FK . -42.32 -50.34 -55.91
C3C CLA FK . -42.71 -50.77 -57.24
C4C CLA FK . -42.99 -49.51 -57.96
CMC CLA FK . -41.91 -51.17 -54.73
CAC CLA FK . -42.80 -52.18 -57.76
CBC CLA FK . -44.24 -52.63 -57.77
ND CLA FK . -43.57 -47.04 -59.47
C1D CLA FK . -43.70 -48.20 -60.09
C2D CLA FK . -44.13 -48.12 -61.52
C3D CLA FK . -44.26 -46.67 -61.63
C4D CLA FK . -43.94 -46.12 -60.46
CMD CLA FK . -44.43 -49.03 -62.67
CAD CLA FK . -44.62 -45.63 -62.61
OBD CLA FK . -44.76 -45.82 -63.87
CBD CLA FK . -44.52 -44.30 -61.94
CGD CLA FK . -43.51 -43.47 -62.67
O1D CLA FK . -42.36 -43.41 -62.30
O2D CLA FK . -43.92 -42.71 -63.84
CED CLA FK . -43.00 -42.52 -64.92
MG CLA GK . -37.87 -37.34 -55.43
CHA CLA GK . -35.36 -39.73 -55.00
CHB CLA GK . -40.16 -39.87 -54.98
CHC CLA GK . -40.27 -35.01 -55.67
CHD CLA GK . -35.40 -34.83 -55.85
NA CLA GK . -37.79 -39.53 -55.03
C1A CLA GK . -36.76 -40.27 -54.91
C2A CLA GK . -37.10 -41.70 -54.62
C3A CLA GK . -38.59 -41.70 -54.71
C4A CLA GK . -38.88 -40.27 -54.90
CMA CLA GK . -39.17 -42.68 -55.72
CAA CLA GK . -36.72 -41.98 -53.14
CBA CLA GK . -37.78 -42.37 -52.11
CGA CLA GK . -38.07 -41.26 -51.14
O1A CLA GK . -37.28 -40.41 -50.80
O2A CLA GK . -39.23 -41.09 -50.53
NB CLA GK . -39.92 -37.45 -55.32
C1B CLA GK . -40.71 -38.52 -55.19
C2B CLA GK . -42.17 -38.23 -55.23
C3B CLA GK . -42.14 -36.79 -55.45
C4B CLA GK . -40.72 -36.39 -55.48
CMB CLA GK . -43.34 -39.15 -55.10
CAB CLA GK . -43.26 -35.84 -55.59
CBB CLA GK . -44.17 -35.73 -54.66
NC CLA GK . -37.83 -35.24 -55.71
C1C CLA GK . -38.91 -34.47 -55.81
C2C CLA GK . -38.67 -33.04 -56.07
C3C CLA GK . -37.21 -33.00 -56.12
C4C CLA GK . -36.81 -34.41 -55.89
CMC CLA GK . -39.66 -31.94 -56.23
CAC CLA GK . -36.31 -31.81 -56.35
CBC CLA GK . -35.87 -31.77 -57.81
ND CLA GK . -35.88 -37.17 -55.45
C1D CLA GK . -34.99 -36.21 -55.61
C2D CLA GK . -33.57 -36.64 -55.56
C3D CLA GK . -33.79 -38.07 -55.30
C4D CLA GK . -35.11 -38.30 -55.26
CMD CLA GK . -32.20 -36.03 -55.66
CAD CLA GK . -33.04 -39.29 -55.11
OBD CLA GK . -31.78 -39.36 -54.86
CBD CLA GK . -33.99 -40.39 -54.84
CGD CLA GK . -33.70 -41.53 -55.77
O1D CLA GK . -32.64 -42.12 -55.66
O2D CLA GK . -34.60 -41.97 -56.80
CED CLA GK . -34.69 -43.37 -57.06
MG CLA HK . -45.93 -32.61 -59.02
CHA CLA HK . -44.87 -35.87 -59.58
CHB CLA HK . -49.14 -33.74 -59.37
CHC CLA HK . -46.94 -29.45 -58.39
CHD CLA HK . -42.57 -31.55 -58.68
NA CLA HK . -46.92 -34.56 -59.42
C1A CLA HK . -46.37 -35.70 -59.61
C2A CLA HK . -47.33 -36.81 -59.92
C3A CLA HK . -48.65 -36.07 -59.88
C4A CLA HK . -48.22 -34.70 -59.53
CMA CLA HK . -49.53 -36.25 -61.10
CAA CLA HK . -47.44 -37.87 -58.82
CBA CLA HK . -47.25 -37.29 -57.43
CGA CLA HK . -47.09 -38.41 -56.43
O1A CLA HK . -46.53 -39.47 -56.65
O2A CLA HK . -47.56 -38.37 -55.20
NB CLA HK . -47.78 -31.75 -58.90
C1B CLA HK . -48.97 -32.32 -59.06
C2B CLA HK . -50.11 -31.39 -58.88
C3B CLA HK . -49.42 -30.15 -58.60
C4B CLA HK . -47.98 -30.45 -58.63
CMB CLA HK . -51.59 -31.63 -58.96
CAB CLA HK . -49.99 -28.82 -58.34
CBB CLA HK . -50.05 -28.03 -59.37
NC CLA HK . -44.91 -30.81 -58.53
C1C CLA HK . -45.49 -29.63 -58.31
C2C CLA HK . -44.59 -28.51 -57.97
C3C CLA HK . -43.30 -29.16 -58.01
C4C CLA HK . -43.60 -30.56 -58.36
CMC CLA HK . -44.93 -27.08 -57.67
CAC CLA HK . -41.95 -28.55 -57.74
CBC CLA HK . -41.62 -28.73 -56.29
ND CLA HK . -44.10 -33.39 -59.06
C1D CLA HK . -42.86 -32.95 -58.96
C2D CLA HK . -41.83 -34.00 -59.17
C3D CLA HK . -42.70 -35.15 -59.41
C4D CLA HK . -43.97 -34.73 -59.34
CMD CLA HK . -40.36 -34.10 -59.20
CAD CLA HK . -42.63 -36.58 -59.71
OBD CLA HK . -41.61 -37.21 -60.12
CBD CLA HK . -44.01 -37.10 -59.76
CGD CLA HK . -44.18 -37.70 -61.12
O1D CLA HK . -44.17 -37.01 -62.11
O2D CLA HK . -44.37 -39.13 -61.26
CED CLA HK . -43.64 -39.81 -62.26
MG CLA IK . -40.04 -67.81 -37.34
CHA CLA IK . -41.21 -70.73 -35.83
CHB CLA IK . -38.40 -67.14 -34.40
CHC CLA IK . -38.79 -65.06 -38.85
CHD CLA IK . -41.89 -68.56 -40.27
NA CLA IK . -39.80 -68.80 -35.35
C1A CLA IK . -40.32 -69.90 -34.96
C2A CLA IK . -39.98 -70.26 -33.55
C3A CLA IK . -39.14 -69.08 -33.11
C4A CLA IK . -39.10 -68.28 -34.36
CMA CLA IK . -39.63 -68.45 -31.84
CAA CLA IK . -39.06 -71.47 -33.40
CBA CLA IK . -37.91 -71.52 -34.41
CGA CLA IK . -36.94 -72.60 -33.99
O1A CLA IK . -35.90 -72.86 -34.58
O2A CLA IK . -37.11 -73.37 -32.94
NB CLA IK . -38.77 -66.32 -36.70
C1B CLA IK . -38.22 -66.18 -35.49
C2B CLA IK . -37.37 -64.98 -35.35
C3B CLA IK . -37.50 -64.38 -36.66
C4B CLA IK . -38.39 -65.27 -37.44
CMB CLA IK . -36.60 -64.49 -34.16
CAB CLA IK . -36.89 -63.12 -37.12
CBB CLA IK . -35.90 -63.12 -37.99
NC CLA IK . -40.25 -66.98 -39.28
C1C CLA IK . -39.67 -65.87 -39.71
C2C CLA IK . -39.94 -65.49 -41.10
C3C CLA IK . -40.83 -66.57 -41.53
C4C CLA IK . -40.96 -67.42 -40.33
CMC CLA IK . -39.43 -64.32 -41.88
CAC CLA IK . -41.47 -66.78 -42.88
CBC CLA IK . -42.86 -66.17 -42.93
ND CLA IK . -41.27 -69.22 -38.02
C1D CLA IK . -41.95 -69.49 -39.14
C2D CLA IK . -42.76 -70.76 -39.10
C3D CLA IK . -42.41 -71.19 -37.74
C4D CLA IK . -41.58 -70.30 -37.20
CMD CLA IK . -43.69 -71.53 -39.99
CAD CLA IK . -42.68 -72.29 -36.81
OBD CLA IK . -43.60 -73.17 -36.94
CBD CLA IK . -41.89 -72.05 -35.57
CGD CLA IK . -42.86 -71.93 -34.43
O1D CLA IK . -43.93 -71.41 -34.60
O2D CLA IK . -42.51 -72.44 -33.12
CED CLA IK . -43.20 -73.56 -32.58
MG CLA JK . -53.17 -57.44 -36.67
CHA CLA JK . -53.82 -56.17 -33.50
CHB CLA JK . -56.58 -57.71 -37.11
CHC CLA JK . -52.54 -58.63 -39.77
CHD CLA JK . -49.71 -57.18 -36.08
NA CLA JK . -55.01 -57.01 -35.48
C1A CLA JK . -55.05 -56.51 -34.30
C2A CLA JK . -56.44 -56.27 -33.82
C3A CLA JK . -57.28 -56.83 -34.95
C4A CLA JK . -56.23 -57.21 -35.92
CMA CLA JK . -58.35 -57.83 -34.56
CAA CLA JK . -56.77 -54.77 -33.85
CBA CLA JK . -55.98 -53.92 -34.86
CGA CLA JK . -56.61 -52.60 -35.23
O1A CLA JK . -56.08 -51.78 -35.95
O2A CLA JK . -57.79 -52.19 -34.83
NB CLA JK . -54.39 -58.07 -38.20
C1B CLA JK . -55.73 -58.15 -38.22
C2B CLA JK . -56.29 -58.65 -39.50
C3B CLA JK . -55.07 -58.92 -40.25
C4B CLA JK . -53.95 -58.52 -39.38
CMB CLA JK . -57.72 -58.86 -39.89
CAB CLA JK . -54.91 -59.46 -41.62
CBB CLA JK . -55.40 -58.82 -42.65
NC CLA JK . -51.40 -57.78 -37.77
C1C CLA JK . -51.35 -58.20 -39.03
C2C CLA JK . -50.03 -58.22 -39.65
C3C CLA JK . -49.20 -57.73 -38.57
C4C CLA JK . -50.13 -57.50 -37.45
CMC CLA JK . -49.66 -58.61 -41.05
CAC CLA JK . -47.72 -57.49 -38.58
CBC CLA JK . -47.51 -56.01 -38.74
ND CLA JK . -51.93 -56.86 -35.22
C1D CLA JK . -50.62 -56.76 -35.02
C2D CLA JK . -50.22 -56.23 -33.69
C3D CLA JK . -51.56 -56.01 -33.13
C4D CLA JK . -52.47 -56.38 -34.04
CMD CLA JK . -48.98 -55.92 -32.91
CAD CLA JK . -52.20 -55.53 -31.90
OBD CLA JK . -51.62 -54.85 -30.99
CBD CLA JK . -53.68 -55.56 -32.11
CGD CLA JK . -54.38 -56.34 -31.04
O1D CLA JK . -54.34 -57.56 -31.01
O2D CLA JK . -55.15 -55.65 -30.03
CED CLA JK . -55.02 -56.03 -28.66
MG CLA KK . -30.08 -71.27 -33.58
CHA CLA KK . -32.73 -70.92 -31.33
CHB CLA KK . -28.34 -72.82 -31.07
CHC CLA KK . -27.56 -71.65 -35.79
CHD CLA KK . -31.98 -69.59 -36.06
NA CLA KK . -30.45 -71.84 -31.45
C1A CLA KK . -31.52 -71.62 -30.75
C2A CLA KK . -31.40 -72.10 -29.32
C3A CLA KK . -30.00 -72.66 -29.29
C4A CLA KK . -29.56 -72.43 -30.70
CMA CLA KK . -29.06 -72.26 -28.18
CAA CLA KK . -32.33 -73.26 -28.98
CBA CLA KK . -32.50 -74.24 -30.12
CGA CLA KK . -33.93 -74.70 -30.20
O1A CLA KK . -34.56 -75.15 -29.26
O2A CLA KK . -34.65 -74.68 -31.30
NB CLA KK . -28.22 -72.12 -33.43
C1B CLA KK . -27.67 -72.70 -32.37
C2B CLA KK . -26.30 -73.22 -32.60
C3B CLA KK . -26.10 -72.85 -34.00
C4B CLA KK . -27.33 -72.18 -34.44
CMB CLA KK . -25.38 -73.93 -31.66
CAB CLA KK . -24.90 -73.10 -34.83
CBB CLA KK . -24.92 -74.02 -35.77
NC CLA KK . -29.87 -70.81 -35.64
C1C CLA KK . -28.75 -70.97 -36.34
C2C CLA KK . -28.77 -70.44 -37.72
C3C CLA KK . -30.11 -69.89 -37.80
C4C CLA KK . -30.70 -70.16 -36.48
CMC CLA KK . -27.68 -70.46 -38.76
CAC CLA KK . -30.76 -69.19 -38.97
CBC CLA KK . -31.69 -70.15 -39.70
ND CLA KK . -31.87 -70.43 -33.80
C1D CLA KK . -32.57 -69.81 -34.75
C2D CLA KK . -33.93 -69.35 -34.36
C3D CLA KK . -33.92 -69.83 -32.98
C4D CLA KK . -32.74 -70.43 -32.72
CMD CLA KK . -35.10 -68.63 -34.95
CAD CLA KK . -34.79 -69.87 -31.81
OBD CLA KK . -35.91 -69.27 -31.72
CBD CLA KK . -34.09 -70.62 -30.73
CGD CLA KK . -34.15 -69.79 -29.49
O1D CLA KK . -35.23 -69.59 -28.95
O2D CLA KK . -33.00 -69.19 -28.86
CED CLA KK . -33.25 -68.55 -27.62
MG CLA LK . -33.47 -62.39 -34.49
CHA CLA LK . -34.98 -59.27 -34.76
CHB CLA LK . -32.13 -61.83 -37.59
CHC CLA LK . -31.89 -65.32 -34.16
CHD CLA LK . -34.89 -62.81 -31.26
NA CLA LK . -33.52 -60.76 -36.01
C1A CLA LK . -34.16 -59.65 -35.97
C2A CLA LK . -34.03 -58.83 -37.23
C3A CLA LK . -33.16 -59.71 -38.09
C4A CLA LK . -32.91 -60.83 -37.17
CMA CLA LK . -33.66 -60.08 -39.47
CAA CLA LK . -33.24 -57.55 -37.04
CBA CLA LK . -33.41 -56.62 -38.24
CGA CLA LK . -32.06 -56.24 -38.81
O1A CLA LK . -31.55 -55.15 -38.68
O2A CLA LK . -31.25 -57.06 -39.47
NB CLA LK . -32.18 -63.41 -35.71
C1B CLA LK . -31.75 -63.07 -36.92
C2B CLA LK . -30.85 -64.06 -37.56
C3B CLA LK . -30.80 -65.08 -36.52
C4B CLA LK . -31.65 -64.60 -35.42
CMB CLA LK . -30.19 -63.98 -38.91
CAB CLA LK . -30.06 -66.36 -36.49
CBB CLA LK . -28.78 -66.41 -36.74
NC CLA LK . -33.39 -63.82 -32.93
C1C CLA LK . -32.69 -64.96 -32.99
C2C CLA LK . -32.77 -65.82 -31.82
C3C CLA LK . -33.65 -65.09 -30.94
C4C CLA LK . -33.98 -63.87 -31.73
CMC CLA LK . -32.11 -67.14 -31.57
CAC CLA LK . -34.11 -65.51 -29.58
CBC CLA LK . -33.49 -64.77 -28.44
ND CLA LK . -34.61 -61.39 -33.20
C1D CLA LK . -35.17 -61.59 -32.01
C2D CLA LK . -36.09 -60.51 -31.55
C3D CLA LK . -35.96 -59.62 -32.70
C4D CLA LK . -35.12 -60.16 -33.59
CMD CLA LK . -36.96 -60.19 -30.38
CAD CLA LK . -36.46 -58.33 -33.18
OBD CLA LK . -37.57 -57.84 -32.79
CBD CLA LK . -35.79 -58.03 -34.46
CGD CLA LK . -36.84 -57.85 -35.50
O1D CLA LK . -36.72 -57.01 -36.35
O2D CLA LK . -37.99 -58.71 -35.54
CED CLA LK . -38.36 -59.08 -36.86
C1 CLA LK . -31.32 -57.30 -41.06
C2 CLA LK . -32.63 -57.49 -41.79
C3 CLA LK . -32.88 -58.57 -42.55
C4 CLA LK . -34.21 -58.67 -43.24
C5 CLA LK . -31.86 -59.68 -42.71
C6 CLA LK . -32.57 -61.01 -42.99
C7 CLA LK . -31.98 -62.17 -42.20
C8 CLA LK . -32.66 -63.47 -42.61
C9 CLA LK . -34.05 -63.57 -42.01
C10 CLA LK . -31.77 -64.66 -42.23
C11 CLA LK . -32.02 -65.90 -43.10
C12 CLA LK . -32.08 -65.57 -44.58
C13 CLA LK . -31.46 -66.64 -45.49
C14 CLA LK . -31.90 -68.05 -45.09
C15 CLA LK . -29.94 -66.50 -45.46
MG CLA MK . -24.99 -62.36 -54.34
CHA CLA MK . -26.28 -61.36 -57.41
CHB CLA MK . -26.60 -59.68 -52.93
CHC CLA MK . -23.88 -63.43 -51.34
CHD CLA MK . -23.22 -65.01 -55.92
NA CLA MK . -26.31 -60.71 -55.05
C1A CLA MK . -26.69 -60.48 -56.25
C2A CLA MK . -27.55 -59.23 -56.37
C3A CLA MK . -27.57 -58.73 -54.94
C4A CLA MK . -26.78 -59.78 -54.26
CMA CLA MK . -27.19 -57.30 -54.67
CAA CLA MK . -28.98 -59.49 -56.82
CBA CLA MK . -29.89 -60.18 -55.81
CGA CLA MK . -31.09 -60.75 -56.53
O1A CLA MK . -31.44 -60.41 -57.64
O2A CLA MK . -31.88 -61.68 -56.04
NB CLA MK . -25.22 -61.64 -52.42
C1B CLA MK . -25.88 -60.55 -52.02
C2B CLA MK . -25.81 -60.29 -50.56
C3B CLA MK . -24.99 -61.42 -50.13
C4B CLA MK . -24.68 -62.20 -51.33
CMB CLA MK . -26.41 -59.16 -49.78
CAB CLA MK . -24.54 -61.75 -48.75
CBB CLA MK . -25.40 -61.94 -47.78
NC CLA MK . -23.81 -64.03 -53.73
C1C CLA MK . -23.40 -64.23 -52.48
C2C CLA MK . -22.46 -65.34 -52.28
C3C CLA MK . -22.30 -65.84 -53.64
C4C CLA MK . -23.17 -64.96 -54.45
CMC CLA MK . -21.83 -65.80 -51.01
CAC CLA MK . -21.42 -66.97 -54.11
CBC CLA MK . -22.25 -68.21 -54.30
ND CLA MK . -24.70 -63.11 -56.16
C1D CLA MK . -24.06 -64.13 -56.73
C2D CLA MK . -24.25 -64.24 -58.21
C3D CLA MK . -25.15 -63.11 -58.41
C4D CLA MK . -25.37 -62.51 -57.23
CMD CLA MK . -23.80 -65.13 -59.34
CAD CLA MK . -25.87 -62.43 -59.49
OBD CLA MK . -25.73 -62.63 -60.74
CBD CLA MK . -26.64 -61.30 -58.88
CGD CLA MK . -26.17 -60.05 -59.53
O1D CLA MK . -26.81 -59.54 -60.43
O2D CLA MK . -24.94 -59.42 -59.11
CED CLA MK . -24.88 -58.00 -59.12
MG CLA NK . -15.61 -69.20 -52.30
CHA CLA NK . -14.72 -71.12 -55.03
CHB CLA NK . -18.83 -70.28 -52.77
CHC CLA NK . -16.48 -67.28 -49.69
CHD CLA NK . -12.23 -68.15 -51.90
NA CLA NK . -16.69 -70.55 -53.71
C1A CLA NK . -16.18 -71.19 -54.68
C2A CLA NK . -17.19 -72.02 -55.44
C3A CLA NK . -18.47 -71.69 -54.70
C4A CLA NK . -17.98 -70.78 -53.66
CMA CLA NK . -19.71 -71.30 -55.50
CAA CLA NK . -17.00 -73.52 -55.25
CBA CLA NK . -16.41 -73.91 -53.89
CGA CLA NK . -17.11 -75.12 -53.34
O1A CLA NK . -17.69 -75.96 -54.02
O2A CLA NK . -17.17 -75.43 -52.05
NB CLA NK . -17.40 -68.84 -51.38
C1B CLA NK . -18.59 -69.37 -51.65
C2B CLA NK . -19.68 -68.94 -50.74
C3B CLA NK . -18.94 -68.05 -49.84
C4B CLA NK . -17.54 -68.06 -50.32
CMB CLA NK . -21.12 -69.39 -50.80
CAB CLA NK . -19.31 -67.23 -48.66
CBB CLA NK . -20.43 -67.37 -48.01
NC CLA NK . -14.50 -68.02 -50.94
C1C CLA NK . -15.04 -67.33 -49.94
C2C CLA NK . -14.10 -66.60 -49.08
C3C CLA NK . -12.83 -66.94 -49.69
C4C CLA NK . -13.18 -67.81 -50.83
CMC CLA NK . -14.42 -65.75 -47.89
CAC CLA NK . -11.46 -66.52 -49.27
CBC CLA NK . -11.30 -65.14 -49.83
ND CLA NK . -13.82 -69.48 -53.14
C1D CLA NK . -12.57 -69.05 -52.99
C2D CLA NK . -11.62 -69.57 -54.02
C3D CLA NK . -12.55 -70.38 -54.79
C4D CLA NK . -13.77 -70.30 -54.25
CMD CLA NK . -10.16 -69.46 -54.37
CAD CLA NK . -12.56 -71.26 -55.96
OBD CLA NK . -11.50 -71.83 -56.38
CBD CLA NK . -13.95 -71.75 -56.16
CGD CLA NK . -14.41 -71.31 -57.51
O1D CLA NK . -15.29 -71.91 -58.10
O2D CLA NK . -13.83 -70.17 -58.17
CED CLA NK . -14.63 -69.39 -59.06
MG CLA OK . -27.71 -67.07 -60.71
CHA CLA OK . -29.46 -66.30 -63.62
CHB CLA OK . -29.26 -64.37 -59.28
CHC CLA OK . -26.13 -67.85 -57.83
CHD CLA OK . -26.23 -69.88 -62.29
NA CLA OK . -29.19 -65.52 -61.34
C1A CLA OK . -29.75 -65.36 -62.48
C2A CLA OK . -30.62 -64.12 -62.56
C3A CLA OK . -30.48 -63.56 -61.17
C4A CLA OK . -29.60 -64.55 -60.55
CMA CLA OK . -30.02 -62.12 -61.00
CAA CLA OK . -32.11 -64.38 -62.79
CBA CLA OK . -32.63 -65.58 -62.03
CGA CLA OK . -34.03 -65.84 -62.49
O1A CLA OK . -34.94 -65.03 -62.42
O2A CLA OK . -34.45 -66.98 -63.03
NB CLA OK . -27.71 -66.24 -58.84
C1B CLA OK . -28.38 -65.17 -58.43
C2B CLA OK . -28.15 -64.80 -57.02
C3B CLA OK . -27.21 -65.84 -56.60
C4B CLA OK . -27.00 -66.68 -57.79
CMB CLA OK . -28.77 -63.64 -56.31
CAB CLA OK . -26.55 -66.09 -55.30
CBB CLA OK . -27.20 -66.01 -54.16
NC CLA OK . -26.41 -68.64 -60.16
C1C CLA OK . -25.82 -68.75 -58.96
C2C CLA OK . -24.85 -69.83 -58.79
C3C CLA OK . -24.88 -70.44 -60.11
C4C CLA OK . -25.86 -69.62 -60.88
CMC CLA OK . -24.07 -70.17 -57.55
CAC CLA OK . -24.08 -71.61 -60.61
CBC CLA OK . -22.65 -71.19 -60.78
ND CLA OK . -27.75 -67.99 -62.48
C1D CLA OK . -27.15 -69.03 -63.06
C2D CLA OK . -27.49 -69.20 -64.51
C3D CLA OK . -28.42 -68.08 -64.67
C4D CLA OK . -28.53 -67.44 -63.50
CMD CLA OK . -27.15 -70.12 -65.65
CAD CLA OK . -29.25 -67.43 -65.70
OBD CLA OK . -29.06 -67.56 -66.96
CBD CLA OK . -29.99 -66.30 -65.05
CGD CLA OK . -29.63 -65.05 -65.78
O1D CLA OK . -30.36 -64.60 -66.65
O2D CLA OK . -28.42 -64.32 -65.46
CED CLA OK . -28.45 -62.89 -65.41
MG CLA PK . -5.53 -61.76 -43.02
CHA CLA PK . -2.64 -60.58 -44.56
CHB CLA PK . -5.87 -63.93 -45.66
CHC CLA PK . -8.33 -62.90 -41.51
CHD CLA PK . -5.08 -59.45 -40.38
NA CLA PK . -4.40 -62.24 -44.89
C1A CLA PK . -3.33 -61.69 -45.31
C2A CLA PK . -2.84 -62.26 -46.61
C3A CLA PK . -3.91 -63.27 -46.92
C4A CLA PK . -4.80 -63.15 -45.75
CMA CLA PK . -4.55 -63.24 -48.31
CAA CLA PK . -1.54 -63.09 -46.58
CBA CLA PK . -0.79 -63.38 -45.29
CGA CLA PK . -1.55 -64.22 -44.29
O1A CLA PK . -2.39 -65.05 -44.59
O2A CLA PK . -1.38 -64.16 -42.99
NB CLA PK . -6.89 -63.20 -43.53
C1B CLA PK . -6.89 -64.00 -44.61
C2B CLA PK . -8.03 -64.95 -44.66
C3B CLA PK . -8.73 -64.61 -43.43
C4B CLA PK . -7.96 -63.53 -42.79
CMB CLA PK . -8.32 -65.96 -45.74
CAB CLA PK . -9.96 -65.17 -42.81
CBB CLA PK . -10.19 -66.46 -42.78
NC CLA PK . -6.51 -61.31 -41.18
C1C CLA PK . -7.64 -61.87 -40.75
C2C CLA PK . -8.13 -61.38 -39.46
C3C CLA PK . -7.12 -60.39 -39.11
C4C CLA PK . -6.18 -60.42 -40.24
CMC CLA PK . -9.34 -61.80 -38.68
CAC CLA PK . -7.05 -59.53 -37.88
CBC CLA PK . -7.82 -58.26 -38.12
ND CLA PK . -4.26 -60.32 -42.47
C1D CLA PK . -4.10 -59.48 -41.47
C2D CLA PK . -2.89 -58.60 -41.55
C3D CLA PK . -2.35 -59.11 -42.82
C4D CLA PK . -3.17 -60.06 -43.28
CMD CLA PK . -2.21 -57.52 -40.76
CAD CLA PK . -1.22 -58.90 -43.74
OBD CLA PK . -0.34 -57.97 -43.64
CBD CLA PK . -1.40 -59.79 -44.91
CGD CLA PK . -1.64 -58.97 -46.13
O1D CLA PK . -2.73 -58.48 -46.35
O2D CLA PK . -0.57 -58.72 -47.07
CED CLA PK . -0.25 -57.39 -47.46
C1 CLA PK . -2.62 -63.86 -42.02
C2 CLA PK . -2.46 -63.02 -40.77
C3 CLA PK . -3.25 -63.19 -39.70
C4 CLA PK . -3.02 -62.31 -38.51
C5 CLA PK . -4.34 -64.23 -39.73
C6 CLA PK . -5.26 -64.14 -38.50
C7 CLA PK . -6.04 -65.43 -38.36
C8 CLA PK . -7.38 -65.19 -37.68
C9 CLA PK . -7.21 -64.88 -36.20
C10 CLA PK . -8.26 -66.42 -37.89
MG CLA QK . -11.24 -52.19 -41.72
CHA CLA QK . -12.47 -49.18 -42.96
CHB CLA QK . -9.67 -52.61 -44.72
CHC CLA QK . -9.96 -55.06 -40.45
CHD CLA QK . -12.92 -51.62 -38.65
NA CLA QK . -11.05 -51.05 -43.63
C1A CLA QK . -11.59 -49.93 -43.92
C2A CLA QK . -11.27 -49.46 -45.31
C3A CLA QK . -10.45 -50.61 -45.85
C4A CLA QK . -10.37 -51.49 -44.66
CMA CLA QK . -10.93 -51.23 -47.14
CAA CLA QK . -10.36 -48.21 -45.23
CBA CLA QK . -8.89 -48.25 -45.70
CGA CLA QK . -7.95 -48.62 -44.57
O1A CLA QK . -6.78 -48.93 -44.74
O2A CLA QK . -8.28 -48.63 -43.30
NB CLA QK . -9.98 -53.62 -42.48
C1B CLA QK . -9.46 -53.65 -43.71
C2B CLA QK . -8.62 -54.85 -43.97
C3B CLA QK . -8.74 -55.55 -42.70
C4B CLA QK . -9.59 -54.71 -41.84
CMB CLA QK . -7.89 -55.23 -45.20
CAB CLA QK . -8.13 -56.82 -42.29
CBB CLA QK . -6.82 -56.92 -42.24
NC CLA QK . -11.37 -53.15 -39.83
C1C CLA QK . -10.87 -54.35 -39.54
C2C CLA QK . -11.28 -54.95 -38.26
C3C CLA QK . -12.14 -53.92 -37.74
C4C CLA QK . -12.13 -52.86 -38.76
CMC CLA QK . -10.91 -56.27 -37.66
CAC CLA QK . -12.89 -53.94 -36.44
CBC CLA QK . -12.10 -53.20 -35.40
ND CLA QK . -12.42 -50.82 -40.88
C1D CLA QK . -13.02 -50.62 -39.71
C2D CLA QK . -13.78 -49.35 -39.62
C3D CLA QK . -13.52 -48.83 -40.95
C4D CLA QK . -12.75 -49.70 -41.61
CMD CLA QK . -14.62 -48.60 -38.64
CAD CLA QK . -13.83 -47.67 -41.79
OBD CLA QK . -14.70 -46.78 -41.50
CBD CLA QK . -13.24 -47.89 -43.12
CGD CLA QK . -14.35 -48.02 -44.11
O1D CLA QK . -15.15 -48.91 -43.98
O2D CLA QK . -14.50 -47.10 -45.21
CED CLA QK . -15.77 -46.54 -45.48
C1 CLA QK . -7.26 -49.10 -42.15
C2 CLA QK . -7.02 -50.54 -41.75
C3 CLA QK . -7.48 -51.02 -40.57
C4 CLA QK . -8.28 -50.15 -39.66
C5 CLA QK . -7.22 -52.46 -40.19
C6 CLA QK . -7.36 -52.67 -38.69
C7 CLA QK . -6.45 -53.78 -38.20
C8 CLA QK . -7.03 -54.53 -37.01
C9 CLA QK . -7.53 -53.58 -35.92
C10 CLA QK . -5.96 -55.45 -36.45
MG CLA RK . -20.15 -53.54 -44.62
CHA CLA RK . -20.55 -52.40 -47.87
CHB CLA RK . -17.67 -51.20 -44.26
CHC CLA RK . -19.80 -54.59 -41.44
CHD CLA RK . -22.71 -55.96 -45.13
NA CLA RK . -19.21 -51.96 -45.88
C1A CLA RK . -19.46 -51.70 -47.10
C2A CLA RK . -18.60 -50.58 -47.63
C3A CLA RK . -17.63 -50.32 -46.51
C4A CLA RK . -18.20 -51.21 -45.48
CMA CLA RK . -16.15 -50.38 -46.80
CAA CLA RK . -19.57 -49.37 -47.66
CBA CLA RK . -19.42 -48.14 -46.75
CGA CLA RK . -20.02 -48.22 -45.37
O1A CLA RK . -20.56 -49.22 -44.94
O2A CLA RK . -19.93 -47.29 -44.47
NB CLA RK . -18.93 -52.98 -43.09
C1B CLA RK . -18.01 -52.01 -43.09
C2B CLA RK . -17.34 -51.80 -41.80
C3B CLA RK . -17.97 -52.83 -40.98
C4B CLA RK . -18.94 -53.49 -41.86
CMB CLA RK . -16.30 -50.79 -41.54
CAB CLA RK . -17.80 -53.22 -39.55
CBB CLA RK . -16.87 -52.77 -38.75
NC CLA RK . -21.14 -55.00 -43.46
C1C CLA RK . -20.85 -55.27 -42.20
C2C CLA RK . -21.65 -56.29 -41.55
C3C CLA RK . -22.54 -56.68 -42.62
C4C CLA RK . -22.13 -55.84 -43.77
CMC CLA RK . -21.52 -56.75 -40.13
CAC CLA RK . -23.62 -57.71 -42.58
CBC CLA RK . -24.82 -57.19 -41.85
ND CLA RK . -21.37 -54.17 -46.08
C1D CLA RK . -22.37 -55.04 -46.21
C2D CLA RK . -23.07 -54.97 -47.53
C3D CLA RK . -22.27 -53.90 -48.16
C4D CLA RK . -21.35 -53.50 -47.29
CMD CLA RK . -24.21 -55.64 -48.24
CAD CLA RK . -22.17 -53.13 -49.41
OBD CLA RK . -22.95 -53.18 -50.42
CBD CLA RK . -21.01 -52.21 -49.30
CGD CLA RK . -19.93 -52.63 -50.21
O1D CLA RK . -19.77 -53.80 -50.51
O2D CLA RK . -19.02 -51.66 -50.77
CED CLA RK . -18.26 -52.01 -51.90
C1 CLA RK . -19.03 -47.51 -43.17
C2 CLA RK . -19.48 -48.38 -42.01
C3 CLA RK . -19.05 -48.18 -40.75
C4 CLA RK . -18.08 -47.09 -40.44
C5 CLA RK . -19.52 -49.05 -39.61
C6 CLA RK . -20.70 -49.93 -40.02
C7 CLA RK . -21.48 -50.43 -38.82
C8 CLA RK . -20.91 -51.71 -38.24
C9 CLA RK . -21.97 -52.81 -38.23
C10 CLA RK . -20.41 -51.43 -36.84
C11 CLA RK . -19.93 -52.68 -36.12
C12 CLA RK . -19.46 -52.32 -34.71
C13 CLA RK . -17.96 -52.52 -34.58
C14 CLA RK . -17.64 -53.89 -34.00
C15 CLA RK . -17.39 -51.46 -33.67
C16 CLA RK . -16.25 -50.72 -34.33
C17 CLA RK . -16.42 -49.22 -34.16
C18 CLA RK . -16.57 -48.57 -35.51
C19 CLA RK . -18.01 -48.64 -36.00
C20 CLA RK . -16.10 -47.12 -35.51
MG CLA SK . -20.85 -72.46 -32.86
CHA CLA SK . -22.23 -72.49 -29.68
CHB CLA SK . -18.53 -74.69 -31.73
CHC CLA SK . -19.50 -72.40 -35.96
CHD CLA SK . -23.32 -70.13 -33.93
NA CLA SK . -20.42 -73.51 -30.94
C1A CLA SK . -21.05 -73.40 -29.84
C2A CLA SK . -20.50 -74.26 -28.72
C3A CLA SK . -19.32 -74.91 -29.43
C4A CLA SK . -19.42 -74.34 -30.79
CMA CLA SK . -17.96 -74.94 -28.77
CAA CLA SK . -21.39 -75.45 -28.34
CBA CLA SK . -22.31 -75.90 -29.46
CGA CLA SK . -22.76 -77.34 -29.35
O1A CLA SK . -22.35 -78.14 -28.54
O2A CLA SK . -23.68 -77.88 -30.14
NB CLA SK . -19.24 -73.42 -33.70
C1B CLA SK . -18.41 -74.29 -33.12
C2B CLA SK . -17.35 -74.80 -34.03
C3B CLA SK . -17.66 -74.10 -35.27
C4B CLA SK . -18.85 -73.27 -34.98
CMB CLA SK . -16.24 -75.78 -33.75
CAB CLA SK . -16.97 -74.18 -36.56
CBB CLA SK . -16.20 -73.21 -36.97
NC CLA SK . -21.41 -71.51 -34.68
C1C CLA SK . -20.73 -71.61 -35.82
C2C CLA SK . -21.29 -70.89 -36.98
C3C CLA SK . -22.47 -70.30 -36.38
C4C CLA SK . -22.45 -70.73 -34.96
CMC CLA SK . -20.76 -70.83 -38.38
CAC CLA SK . -23.51 -69.44 -37.01
CBC CLA SK . -22.88 -68.09 -37.10
ND CLA SK . -22.41 -71.47 -32.12
C1D CLA SK . -23.34 -70.62 -32.55
C2D CLA SK . -24.35 -70.23 -31.52
C3D CLA SK . -23.84 -71.01 -30.40
C4D CLA SK . -22.76 -71.68 -30.80
CMD CLA SK . -25.56 -69.36 -31.42
CAD CLA SK . -24.15 -71.30 -28.99
OBD CLA SK . -25.32 -71.20 -28.50
CBD CLA SK . -23.11 -72.22 -28.46
CGD CLA SK . -22.39 -71.52 -27.35
O1D CLA SK . -22.65 -71.79 -26.19
O2D CLA SK . -21.38 -70.52 -27.61
CED CLA SK . -20.22 -70.49 -26.79
C1 CLA SK . -23.39 -78.30 -31.67
C2 CLA SK . -22.31 -77.65 -32.51
C3 CLA SK . -22.48 -77.25 -33.77
C4 CLA SK . -23.82 -77.44 -34.44
C5 CLA SK . -21.31 -76.63 -34.50
C6 CLA SK . -21.74 -75.82 -35.72
C7 CLA SK . -21.32 -76.51 -37.01
C8 CLA SK . -21.28 -75.62 -38.26
C9 CLA SK . -19.88 -75.05 -38.47
C10 CLA SK . -22.31 -74.49 -38.22
MG CLA TK . -19.17 -56.88 -27.49
CHA CLA TK . -19.34 -56.77 -24.03
CHB CLA TK . -22.32 -55.50 -27.53
CHC CLA TK . -18.95 -56.78 -30.85
CHD CLA TK . -15.94 -58.33 -27.31
NA CLA TK . -20.66 -56.20 -25.99
C1A CLA TK . -20.56 -56.23 -24.72
C2A CLA TK . -21.78 -55.73 -23.99
C3A CLA TK . -22.70 -55.42 -25.15
C4A CLA TK . -21.84 -55.72 -26.31
CMA CLA TK . -23.99 -56.16 -25.19
CAA CLA TK . -21.51 -54.42 -23.26
CBA CLA TK . -20.99 -53.27 -24.12
CGA CLA TK . -19.94 -52.42 -23.45
O1A CLA TK . -19.89 -52.20 -22.26
O2A CLA TK . -18.96 -51.84 -24.09
NB CLA TK . -20.45 -56.22 -28.96
C1B CLA TK . -21.67 -55.74 -28.81
C2B CLA TK . -22.35 -55.38 -30.06
C3B CLA TK . -21.35 -55.76 -31.05
C4B CLA TK . -20.19 -56.29 -30.27
CMB CLA TK . -23.71 -54.81 -30.18
CAB CLA TK . -21.41 -55.69 -32.52
CBB CLA TK . -21.82 -54.61 -33.14
NC CLA TK . -17.64 -57.42 -28.85
C1C CLA TK . -17.78 -57.39 -30.18
C2C CLA TK . -16.70 -57.99 -30.95
C3C CLA TK . -15.79 -58.44 -29.91
C4C CLA TK . -16.47 -58.05 -28.66
CMC CLA TK . -16.60 -58.09 -32.44
CAC CLA TK . -14.48 -59.16 -30.07
CBC CLA TK . -13.31 -58.21 -29.96
ND CLA TK . -17.85 -57.46 -26.12
C1D CLA TK . -16.63 -57.99 -26.07
C2D CLA TK . -16.09 -58.20 -24.71
C3D CLA TK . -17.23 -57.68 -23.94
C4D CLA TK . -18.18 -57.30 -24.78
CMD CLA TK . -14.83 -58.73 -24.08
CAD CLA TK . -17.65 -57.47 -22.54
OBD CLA TK . -17.18 -58.11 -21.53
CBD CLA TK . -19.03 -56.93 -22.56
CGD CLA TK . -19.98 -57.91 -21.99
O1D CLA TK . -19.87 -59.09 -22.23
O2D CLA TK . -21.08 -57.45 -21.16
CED CLA TK . -20.96 -57.48 -19.75
C1 CLA TK . -18.67 -50.27 -23.98
C2 CLA TK . -19.74 -49.21 -24.11
C3 CLA TK . -19.63 -48.18 -24.96
C4 CLA TK . -18.44 -48.05 -25.87
C5 CLA TK . -20.72 -47.15 -25.06
C6 CLA TK . -21.16 -46.69 -23.68
C7 CLA TK . -21.86 -45.34 -23.78
C8 CLA TK . -23.17 -45.34 -23.03
C9 CLA TK . -24.17 -46.31 -23.63
C10 CLA TK . -23.77 -43.94 -23.02
C11 CLA TK . -23.01 -43.01 -22.08
C12 CLA TK . -23.78 -42.79 -20.80
C13 CLA TK . -24.21 -41.33 -20.62
C14 CLA TK . -23.02 -40.40 -20.66
C15 CLA TK . -24.92 -41.19 -19.29
C16 CLA TK . -26.18 -42.05 -19.24
C17 CLA TK . -26.43 -42.50 -17.81
C18 CLA TK . -27.71 -41.88 -17.24
C19 CLA TK . -28.31 -42.77 -16.17
C20 CLA TK . -27.44 -40.49 -16.69
CAA F6C UK . -11.58 -67.86 -18.12
CAB F6C UK . -11.34 -60.01 -23.37
CAC F6C UK . -15.46 -65.32 -27.84
CAD F6C UK . -15.29 -69.78 -20.93
NA F6C UK . -12.93 -65.68 -20.34
CBA F6C UK . -10.68 -68.01 -19.34
CBB F6C UK . -11.01 -58.85 -22.86
CBC F6C UK . -14.51 -66.32 -28.49
CBD F6C UK . -14.51 -69.18 -19.81
NB F6C UK . -12.49 -63.33 -22.15
OBD F6C UK . -16.25 -70.59 -20.72
CGA F6C UK . -9.71 -69.15 -19.12
CGD F6C UK . -15.41 -68.98 -18.63
ND F6C UK . -14.47 -66.80 -22.76
CED F6C UK . -17.28 -67.63 -17.79
CHA F6C UK . -14.04 -67.86 -20.36
CHB F6C UK . -11.76 -63.69 -19.82
CHC F6C UK . -12.96 -62.43 -24.43
CHD F6C UK . -15.31 -66.65 -25.00
CMA F6C UK . -12.25 -64.60 -16.96
CMB F6C UK . -10.46 -60.86 -20.10
CMC F6C UK . -14.00 -62.31 -27.44
CMD F6C UK . -16.58 -69.69 -24.18
OMB F6C UK . -10.63 -59.68 -19.84
C1A F6C UK . -13.21 -66.76 -19.72
C1B F6C UK . -11.86 -62.91 -21.06
C1C F6C UK . -13.68 -63.54 -25.08
C1D F6C UK . -15.15 -67.36 -23.73
O1A F6C UK . -8.92 -69.55 -19.96
O1D F6C UK . -15.00 -69.17 -17.51
C2A F6C UK . -12.68 -66.82 -18.31
C2B F6C UK . -11.24 -61.57 -21.17
C2C F6C UK . -14.15 -63.44 -26.46
C2D F6C UK . -15.74 -68.69 -23.44
O2A F6C UK . -9.60 -69.83 -17.99
O2D F6C UK . -16.78 -68.54 -18.76
C3A F6C UK . -11.99 -65.47 -18.19
C3B F6C UK . -11.61 -61.22 -22.55
C3C F6C UK . -14.77 -64.74 -26.63
C3D F6C UK . -15.26 -68.84 -22.07
C4A F6C UK . -12.24 -64.90 -19.53
C4B F6C UK . -12.38 -62.36 -23.07
C4C F6C UK . -14.60 -65.41 -25.34
C4D F6C UK . -14.55 -67.75 -21.75
NC F6C UK . -13.94 -64.67 -24.44
MG F6C UK . -13.47 -65.11 -22.42
CAA F6C VK . -12.76 -59.51 -12.69
CAB F6C VK . -12.47 -50.84 -16.20
CAC F6C VK . -14.07 -55.32 -22.65
CAD F6C VK . -14.87 -61.31 -16.89
NA F6C VK . -13.78 -57.18 -14.88
CBA F6C VK . -12.94 -60.07 -11.28
CBB F6C VK . -13.16 -49.84 -15.71
CBC F6C VK . -12.73 -55.63 -23.27
CBD F6C VK . -14.65 -60.89 -15.49
NB F6C VK . -13.28 -54.46 -16.02
OBD F6C VK . -15.15 -62.51 -17.22
CGA F6C VK . -11.83 -59.57 -10.37
CGD F6C VK . -15.95 -61.07 -14.76
ND F6C VK . -14.16 -57.95 -17.84
CED F6C VK . -17.40 -63.09 -14.85
CHA F6C VK . -14.31 -59.42 -15.64
CHB F6C VK . -13.29 -55.21 -13.67
CHC F6C VK . -13.14 -53.16 -18.13
CHD F6C VK . -14.26 -57.43 -20.21
CMA F6C VK . -14.67 -56.79 -11.53
CMB F6C VK . -12.53 -52.17 -13.07
CMC F6C VK . -13.29 -52.44 -21.21
CMD F6C VK . -15.06 -60.79 -20.27
OMB F6C VK . -11.65 -51.34 -12.95
C1A F6C VK . -14.00 -58.39 -14.58
C1B F6C VK . -13.13 -54.20 -14.71
C1C F6C VK . -13.46 -54.15 -19.16
C1D F6C VK . -14.37 -58.37 -19.09
O1A F6C VK . -11.19 -58.55 -10.53
O1D F6C VK . -16.70 -60.14 -14.58
C2A F6C VK . -13.98 -58.68 -13.11
C2B F6C VK . -12.78 -52.79 -14.41
C2C F6C VK . -13.52 -53.78 -20.57
C2D F6C VK . -14.73 -59.81 -19.20
O2A F6C VK . -11.44 -60.20 -9.27
O2D F6C VK . -16.32 -62.38 -14.26
C3A F6C VK . -13.70 -57.31 -12.55
C3B F6C VK . -12.75 -52.21 -15.75
C3C F6C VK . -13.86 -55.05 -21.19
C3D F6C VK . -14.68 -60.17 -17.78
C4A F6C VK . -13.57 -56.50 -13.78
C4B F6C VK . -13.07 -53.32 -16.67
C4C F6C VK . -13.95 -55.99 -20.05
C4D F6C VK . -14.35 -59.08 -17.08
NC F6C VK . -13.70 -55.43 -18.88
MG F6C VK . -13.78 -56.24 -16.91
MG CLA WK . -20.97 -48.95 -16.18
CHA CLA WK . -20.50 -51.91 -17.96
CHB CLA WK . -17.63 -49.05 -15.39
CHC CLA WK . -21.38 -45.94 -14.76
CHD CLA WK . -24.41 -48.98 -17.05
NA CLA WK . -19.25 -50.29 -16.61
C1A CLA WK . -19.26 -51.37 -17.29
C2A CLA WK . -17.92 -52.06 -17.30
C3A CLA WK . -17.07 -51.14 -16.48
C4A CLA WK . -18.04 -50.08 -16.13
CMA CLA WK . -16.25 -51.77 -15.37
CAA CLA WK . -17.26 -52.09 -18.68
CBA CLA WK . -17.54 -50.84 -19.49
CGA CLA WK . -16.80 -51.00 -20.78
O1A CLA WK . -17.03 -51.87 -21.60
O2A CLA WK . -15.77 -50.26 -21.13
NB CLA WK . -19.67 -47.69 -15.23
C1B CLA WK . -18.39 -47.88 -14.94
C2B CLA WK . -17.77 -46.80 -14.14
C3B CLA WK . -18.90 -45.92 -13.96
C4B CLA WK . -20.04 -46.52 -14.67
CMB CLA WK . -16.36 -46.69 -13.63
CAB CLA WK . -18.96 -44.63 -13.25
CBB CLA WK . -18.81 -43.52 -13.94
NC CLA WK . -22.66 -47.69 -15.89
C1C CLA WK . -22.60 -46.49 -15.32
C2C CLA WK . -23.86 -45.74 -15.30
C3C CLA WK . -24.78 -46.65 -15.96
C4C CLA WK . -23.94 -47.82 -16.27
CMC CLA WK . -24.10 -44.39 -14.77
CAC CLA WK . -26.23 -46.43 -16.24
CBC CLA WK . -27.14 -47.14 -15.28
ND CLA WK . -22.26 -50.06 -17.23
C1D CLA WK . -23.55 -50.06 -17.51
C2D CLA WK . -24.02 -51.22 -18.31
C3D CLA WK . -22.74 -51.93 -18.45
C4D CLA WK . -21.80 -51.22 -17.84
CMD CLA WK . -25.30 -51.74 -18.88
CAD CLA WK . -22.19 -53.15 -19.05
OBD CLA WK . -22.79 -53.88 -19.91
CBD CLA WK . -20.73 -53.15 -18.80
CGD CLA WK . -20.32 -54.39 -18.08
O1D CLA WK . -21.02 -54.87 -17.20
O2D CLA WK . -19.06 -55.01 -18.43
CED CLA WK . -18.41 -55.92 -17.55
C1 CLA WK . -15.70 -48.72 -20.74
C2 CLA WK . -16.49 -47.69 -21.52
C3 CLA WK . -15.99 -46.48 -21.79
C4 CLA WK . -14.61 -46.08 -21.33
C5 CLA WK . -16.84 -45.52 -22.57
C6 CLA WK . -16.77 -44.13 -21.93
C7 CLA WK . -18.00 -43.92 -21.07
C8 CLA WK . -18.70 -42.63 -21.44
C9 CLA WK . -19.76 -42.28 -20.41
C10 CLA WK . -19.33 -42.81 -22.82
MG CLA XK . -26.76 -54.24 -26.18
CHA CLA XK . -27.95 -55.04 -29.35
CHB CLA XK . -25.23 -51.53 -27.59
CHC CLA XK . -25.62 -53.51 -23.09
CHD CLA XK . -28.46 -57.07 -24.82
NA CLA XK . -26.60 -53.36 -28.22
C1A CLA XK . -27.13 -53.78 -29.31
C2A CLA XK . -26.87 -52.90 -30.50
C3A CLA XK . -26.00 -51.82 -29.89
C4A CLA XK . -25.93 -52.26 -28.47
CMA CLA XK . -24.77 -51.31 -30.61
CAA CLA XK . -28.15 -52.18 -30.91
CBA CLA XK . -28.11 -51.59 -32.31
CGA CLA XK . -29.27 -52.16 -33.09
O1A CLA XK . -30.22 -51.53 -33.47
O2A CLA XK . -29.32 -53.43 -33.46
NB CLA XK . -25.59 -52.72 -25.47
C1B CLA XK . -25.02 -51.74 -26.15
C2B CLA XK . -24.19 -50.83 -25.31
C3B CLA XK . -24.33 -51.45 -24.00
C4B CLA XK . -25.21 -52.61 -24.19
CMB CLA XK . -23.42 -49.63 -25.78
CAB CLA XK . -23.79 -51.10 -22.67
CBB CLA XK . -22.64 -50.49 -22.47
NC CLA XK . -27.10 -55.08 -24.24
C1C CLA XK . -26.46 -54.70 -23.14
C2C CLA XK . -26.65 -55.55 -21.95
C3C CLA XK . -27.54 -56.56 -22.47
C4C CLA XK . -27.74 -56.19 -23.88
CMC CLA XK . -26.07 -55.40 -20.58
CAC CLA XK . -28.11 -57.76 -21.74
CBC CLA XK . -29.47 -57.40 -21.20
ND CLA XK . -27.93 -55.73 -26.77
C1D CLA XK . -28.54 -56.79 -26.26
C2D CLA XK . -29.28 -57.62 -27.22
C3D CLA XK . -28.99 -56.86 -28.44
C4D CLA XK . -28.24 -55.82 -28.13
CMD CLA XK . -30.10 -58.86 -27.23
CAD CLA XK . -29.28 -56.91 -29.87
OBD CLA XK . -29.51 -57.99 -30.49
CBD CLA XK . -28.62 -55.74 -30.50
CGD CLA XK . -27.65 -56.27 -31.51
O1D CLA XK . -27.70 -55.91 -32.67
O2D CLA XK . -26.65 -57.24 -31.15
CED CLA XK . -25.53 -57.40 -32.01
C1 CLA XK . -30.66 -54.08 -34.06
C2 CLA XK . -31.87 -54.32 -33.19
C3 CLA XK . -32.42 -55.53 -33.04
C4 CLA XK . -31.82 -56.71 -33.73
C5 CLA XK . -33.63 -55.72 -32.17
C6 CLA XK . -33.17 -56.08 -30.77
C7 CLA XK . -34.33 -56.06 -29.77
C8 CLA XK . -33.93 -55.93 -28.29
C9 CLA XK . -32.43 -55.97 -28.03
C10 CLA XK . -34.64 -57.00 -27.47
C11 CLA XK . -34.27 -57.03 -26.00
C12 CLA XK . -35.25 -57.95 -25.26
C13 CLA XK . -35.55 -57.58 -23.82
C14 CLA XK . -36.90 -58.15 -23.39
C15 CLA XK . -35.56 -56.07 -23.60
MG CLA YK . -21.80 -37.21 -29.90
CHA CLA YK . -19.37 -37.29 -32.38
CHB CLA YK . -19.72 -39.14 -28.01
CHC CLA YK . -24.06 -36.95 -27.43
CHD CLA YK . -23.88 -35.25 -32.01
NA CLA YK . -19.79 -38.11 -30.12
C1A CLA YK . -19.02 -38.05 -31.13
C2A CLA YK . -17.73 -38.80 -30.93
C3A CLA YK . -17.93 -39.44 -29.58
C4A CLA YK . -19.23 -38.86 -29.21
CMA CLA YK . -17.79 -40.94 -29.51
CAA CLA YK . -16.70 -37.70 -30.67
CBA CLA YK . -15.51 -38.04 -29.78
CGA CLA YK . -14.73 -36.79 -29.51
O1A CLA YK . -14.70 -35.82 -30.22
O2A CLA YK . -14.01 -36.61 -28.42
NB CLA YK . -21.86 -37.95 -27.99
C1B CLA YK . -20.96 -38.72 -27.39
C2B CLA YK . -21.29 -39.10 -26.01
C3B CLA YK . -22.59 -38.46 -25.86
C4B CLA YK . -22.87 -37.75 -27.14
CMB CLA YK . -20.48 -39.96 -25.08
CAB CLA YK . -23.46 -38.44 -24.68
CBB CLA YK . -22.99 -38.04 -23.52
NC CLA YK . -23.68 -36.24 -29.75
C1C CLA YK . -24.44 -36.23 -28.65
C2C CLA YK . -25.68 -35.45 -28.75
C3C CLA YK . -25.60 -34.94 -30.11
C4C CLA YK . -24.34 -35.50 -30.63
CMC CLA YK . -26.72 -35.23 -27.69
CAC CLA YK . -26.54 -34.06 -30.89
CBC CLA YK . -27.57 -34.92 -31.58
ND CLA YK . -21.77 -36.40 -31.73
C1D CLA YK . -22.57 -35.66 -32.50
C2D CLA YK . -22.01 -35.35 -33.84
C3D CLA YK . -20.74 -36.03 -33.73
C4D CLA YK . -20.66 -36.59 -32.52
CMD CLA YK . -22.40 -34.61 -35.08
CAD CLA YK . -19.52 -36.28 -34.50
OBD CLA YK . -19.40 -36.14 -35.77
CBD CLA YK . -18.61 -37.09 -33.67
CGD CLA YK . -18.46 -38.41 -34.33
O1D CLA YK . -19.34 -39.24 -34.28
O2D CLA YK . -17.24 -38.72 -35.02
CED CLA YK . -17.35 -39.41 -36.25
C1 CLA YK . -12.42 -36.51 -28.45
C2 CLA YK . -11.49 -37.62 -28.86
C3 CLA YK . -10.39 -37.90 -28.15
C4 CLA YK . -10.03 -37.13 -26.92
C5 CLA YK . -9.48 -39.02 -28.59
C6 CLA YK . -9.40 -40.07 -27.50
C7 CLA YK . -9.02 -41.44 -28.06
C8 CLA YK . -8.72 -42.40 -26.93
C9 CLA YK . -9.93 -42.57 -26.01
C10 CLA YK . -7.51 -41.93 -26.15
MG CLA ZK . -12.51 -42.56 -37.03
CHA CLA ZK . -14.11 -41.72 -34.08
CHB CLA ZK . -12.32 -45.78 -35.86
CHC CLA ZK . -11.02 -43.35 -39.90
CHD CLA ZK . -12.87 -39.19 -38.18
NA CLA ZK . -13.15 -43.65 -35.19
C1A CLA ZK . -13.73 -43.17 -34.17
C2A CLA ZK . -13.95 -44.18 -33.08
C3A CLA ZK . -13.33 -45.41 -33.67
C4A CLA ZK . -12.91 -44.93 -35.00
CMA CLA ZK . -12.28 -46.10 -32.85
CAA CLA ZK . -15.43 -44.53 -32.91
CBA CLA ZK . -15.86 -44.48 -31.45
CGA CLA ZK . -16.92 -45.51 -31.17
O1A CLA ZK . -17.12 -46.02 -30.09
O2A CLA ZK . -17.77 -45.97 -32.08
NB CLA ZK . -11.79 -44.33 -37.77
C1B CLA ZK . -11.78 -45.53 -37.20
C2B CLA ZK . -11.18 -46.59 -38.03
C3B CLA ZK . -10.79 -45.84 -39.22
C4B CLA ZK . -11.21 -44.45 -38.96
CMB CLA ZK . -11.05 -48.05 -37.66
CAB CLA ZK . -10.13 -46.22 -40.48
CBB CLA ZK . -10.22 -47.41 -41.02
NC CLA ZK . -12.07 -41.45 -38.76
C1C CLA ZK . -11.42 -41.95 -39.79
C2C CLA ZK . -11.12 -41.01 -40.86
C3C CLA ZK . -11.67 -39.76 -40.36
C4C CLA ZK . -12.22 -40.16 -39.06
CMC CLA ZK . -10.42 -41.37 -42.10
CAC CLA ZK . -11.71 -38.39 -40.97
CBC CLA ZK . -10.38 -37.70 -40.82
ND CLA ZK . -13.30 -40.84 -36.44
C1D CLA ZK . -13.34 -39.58 -36.86
C2D CLA ZK . -13.88 -38.61 -35.89
C3D CLA ZK . -14.16 -39.55 -34.81
C4D CLA ZK . -13.83 -40.78 -35.16
CMD CLA ZK . -14.14 -37.14 -35.80
CAD CLA ZK . -14.69 -39.54 -33.45
OBD CLA ZK . -14.32 -38.58 -32.70
CBD CLA ZK . -14.80 -40.94 -32.97
CGD CLA ZK . -14.11 -41.02 -31.64
O1D CLA ZK . -14.71 -41.44 -30.66
O2D CLA ZK . -12.74 -40.62 -31.42
CED CLA ZK . -12.04 -41.20 -30.33
C1 CLA ZK . -19.31 -46.21 -31.70
C2 CLA ZK . -19.83 -47.46 -31.05
C3 CLA ZK . -20.98 -48.04 -31.44
C4 CLA ZK . -21.78 -47.45 -32.56
C5 CLA ZK . -21.48 -49.29 -30.78
C6 CLA ZK . -20.66 -50.51 -31.17
C7 CLA ZK . -19.71 -50.87 -30.04
C8 CLA ZK . -20.30 -51.94 -29.13
C9 CLA ZK . -20.70 -51.36 -27.79
C10 CLA ZK . -19.26 -53.05 -28.97
C11 CLA ZK . -17.96 -52.54 -28.38
C12 CLA ZK . -17.61 -53.31 -27.11
C13 CLA ZK . -16.31 -54.10 -27.16
C14 CLA ZK . -15.60 -53.97 -25.81
C15 CLA ZK . -15.36 -53.66 -28.26
C16 CLA ZK . -14.57 -54.82 -28.84
C17 CLA ZK . -13.44 -54.33 -29.73
C18 CLA ZK . -13.67 -54.66 -31.20
C19 CLA ZK . -14.53 -53.61 -31.89
C20 CLA ZK . -12.35 -54.85 -31.93
MG CLA AL . -33.04 -37.59 -46.50
CHA CLA AL . -33.61 -40.05 -48.87
CHB CLA AL . -30.63 -36.33 -48.62
CHC CLA AL . -32.48 -35.16 -44.24
CHD CLA AL . -35.41 -39.04 -44.36
NA CLA AL . -32.20 -38.09 -48.51
C1A CLA AL . -32.54 -39.08 -49.25
C2A CLA AL . -31.75 -39.16 -50.52
C3A CLA AL . -30.79 -38.01 -50.36
C4A CLA AL . -31.21 -37.44 -49.07
CMA CLA AL . -29.34 -38.39 -50.50
CAA CLA AL . -32.60 -38.79 -51.73
CBA CLA AL . -33.19 -37.38 -51.85
CGA CLA AL . -34.57 -37.30 -51.25
O1A CLA AL . -34.83 -37.20 -50.07
O2A CLA AL . -35.68 -37.28 -51.94
NB CLA AL . -31.74 -35.99 -46.46
C1B CLA AL . -30.88 -35.59 -47.39
C2B CLA AL . -30.18 -34.33 -47.10
C3B CLA AL . -30.74 -34.03 -45.80
C4B CLA AL . -31.70 -35.10 -45.47
CMB CLA AL . -29.16 -33.62 -47.93
CAB CLA AL . -30.49 -32.88 -44.92
CBB CLA AL . -30.59 -31.65 -45.34
NC CLA AL . -33.91 -37.11 -44.63
C1C CLA AL . -33.52 -36.12 -43.83
C2C CLA AL . -34.21 -36.02 -42.54
C3C CLA AL . -35.13 -37.15 -42.61
C4C CLA AL . -34.85 -37.75 -43.93
CMC CLA AL . -33.99 -34.99 -41.46
CAC CLA AL . -36.18 -37.65 -41.64
CBC CLA AL . -35.62 -38.05 -40.30
ND CLA AL . -34.24 -39.17 -46.46
C1D CLA AL . -35.18 -39.64 -45.67
C2D CLA AL . -35.93 -40.80 -46.23
C3D CLA AL . -35.25 -40.91 -47.52
C4D CLA AL . -34.32 -39.97 -47.58
CMD CLA AL . -37.04 -41.71 -45.81
CAD CLA AL . -35.25 -41.73 -48.73
OBD CLA AL . -36.09 -42.65 -49.02
CBD CLA AL . -34.21 -41.20 -49.65
CGD CLA AL . -33.23 -42.29 -49.88
O1D CLA AL . -33.02 -43.06 -48.98
O2D CLA AL . -32.55 -42.44 -51.15
CED CLA AL . -32.60 -43.70 -51.81
C1 CLA AL . -36.87 -36.32 -51.49
C2 CLA AL . -38.24 -36.88 -51.21
C3 CLA AL . -39.34 -36.15 -51.46
C4 CLA AL . -40.69 -36.75 -51.17
C5 CLA AL . -39.23 -34.75 -52.02
C6 CLA AL . -40.26 -33.84 -51.38
C7 CLA AL . -40.85 -32.85 -52.39
C8 CLA AL . -42.37 -32.66 -52.33
C9 CLA AL . -43.10 -33.84 -51.69
C10 CLA AL . -42.88 -32.45 -53.76
C11 CLA AL . -43.71 -31.18 -53.91
C12 CLA AL . -45.19 -31.45 -53.66
C13 CLA AL . -46.02 -31.49 -54.93
C14 CLA AL . -47.39 -30.87 -54.70
C15 CLA AL . -46.20 -32.93 -55.38
MG CLA BL . -28.53 -45.52 -44.51
CHA CLA BL . -26.49 -46.21 -47.27
CHB CLA BL . -30.89 -44.40 -46.72
CHC CLA BL . -30.52 -44.95 -41.85
CHD CLA BL . -26.02 -46.73 -42.35
NA CLA BL . -28.70 -45.31 -46.73
C1A CLA BL . -27.83 -45.60 -47.62
C2A CLA BL . -28.25 -45.24 -49.02
C3A CLA BL . -29.60 -44.63 -48.78
C4A CLA BL . -29.75 -44.79 -47.31
CMA CLA BL . -29.78 -43.25 -49.36
CAA CLA BL . -28.50 -46.43 -49.94
CBA CLA BL . -29.05 -47.62 -49.17
CGA CLA BL . -29.35 -48.76 -50.08
O1A CLA BL . -30.25 -48.73 -50.91
O2A CLA BL . -28.69 -49.89 -50.12
NB CLA BL . -30.43 -44.78 -44.33
C1B CLA BL . -31.25 -44.41 -45.30
C2B CLA BL . -32.58 -43.95 -44.82
C3B CLA BL . -32.44 -44.12 -43.37
C4B CLA BL . -31.07 -44.64 -43.17
CMB CLA BL . -33.70 -43.46 -45.67
CAB CLA BL . -33.35 -43.88 -42.23
CBB CLA BL . -34.39 -43.09 -42.25
NC CLA BL . -28.32 -45.86 -42.43
C1C CLA BL . -29.21 -45.51 -41.50
C2C CLA BL . -28.82 -45.74 -40.10
C3C CLA BL . -27.49 -46.30 -40.26
C4C CLA BL . -27.28 -46.32 -41.72
CMC CLA BL . -29.60 -45.46 -38.85
CAC CLA BL . -26.54 -46.74 -39.18
CBC CLA BL . -26.55 -48.25 -39.06
ND CLA BL . -26.72 -46.31 -44.63
C1D CLA BL . -25.79 -46.73 -43.79
C2D CLA BL . -24.53 -47.16 -44.42
C3D CLA BL . -24.87 -46.93 -45.81
C4D CLA BL . -26.11 -46.45 -45.87
CMD CLA BL . -23.22 -47.70 -43.97
CAD CLA BL . -24.31 -47.04 -47.16
OBD CLA BL . -23.10 -47.37 -47.44
CBD CLA BL . -25.35 -46.67 -48.15
CGD CLA BL . -24.78 -45.58 -48.98
O1D CLA BL . -23.97 -44.81 -48.53
O2D CLA BL . -25.20 -45.43 -50.35
CED CLA BL . -24.28 -44.91 -51.30
C1 CLA BL . -28.19 -50.67 -48.82
C2 CLA BL . -26.98 -50.28 -47.99
C3 CLA BL . -25.84 -50.98 -48.05
C4 CLA BL . -25.72 -52.15 -48.96
C5 CLA BL . -24.66 -50.59 -47.20
C6 CLA BL . -24.99 -51.01 -45.76
C7 CLA BL . -23.84 -51.71 -45.07
C8 CLA BL . -23.97 -51.58 -43.57
C9 CLA BL . -22.63 -51.28 -42.92
C10 CLA BL . -24.56 -52.83 -42.96
C11 CLA BL . -25.02 -52.52 -41.55
C12 CLA BL . -24.94 -53.71 -40.62
C13 CLA BL . -26.23 -53.90 -39.83
C14 CLA BL . -27.38 -54.33 -40.73
C15 CLA BL . -26.59 -52.62 -39.07
C16 CLA BL . -26.77 -52.88 -37.59
C17 CLA BL . -25.60 -52.32 -36.80
C18 CLA BL . -25.75 -52.59 -35.31
C19 CLA BL . -25.92 -54.08 -35.04
C20 CLA BL . -24.59 -52.02 -34.53
MG CLA CL . -40.22 -42.39 -29.89
CHA CLA CL . -42.99 -41.62 -27.98
CHB CLA CL . -41.43 -45.60 -30.06
CHC CLA CL . -37.58 -43.14 -31.87
CHD CLA CL . -38.98 -39.14 -29.52
NA CLA CL . -41.99 -43.51 -29.14
C1A CLA CL . -42.95 -43.04 -28.44
C2A CLA CL . -43.99 -44.07 -28.11
C3A CLA CL . -43.42 -45.31 -28.73
C4A CLA CL . -42.20 -44.78 -29.36
CMA CLA CL . -43.23 -46.43 -27.75
CAA CLA CL . -45.31 -43.81 -28.85
CBA CLA CL . -45.18 -43.42 -30.32
CGA CLA CL . -46.50 -42.90 -30.80
O1A CLA CL . -47.13 -42.05 -30.21
O2A CLA CL . -47.13 -43.29 -31.89
NB CLA CL . -39.60 -44.10 -30.82
C1B CLA CL . -40.18 -45.29 -30.76
C2B CLA CL . -39.46 -46.32 -31.48
C3B CLA CL . -38.32 -45.63 -32.03
C4B CLA CL . -38.50 -44.23 -31.57
CMB CLA CL . -39.95 -47.70 -31.53
CAB CLA CL . -37.18 -46.08 -32.86
CBB CLA CL . -36.72 -47.29 -32.86
NC CLA CL . -38.58 -41.28 -30.63
C1C CLA CL . -37.66 -41.74 -31.47
C2C CLA CL . -36.72 -40.76 -32.01
C3C CLA CL . -37.17 -39.53 -31.36
C4C CLA CL . -38.31 -39.98 -30.52
CMC CLA CL . -35.63 -41.02 -32.99
CAC CLA CL . -36.62 -38.14 -31.48
CBC CLA CL . -37.51 -37.31 -32.37
ND CLA CL . -40.74 -40.69 -29.02
C1D CLA CL . -40.24 -39.48 -28.89
C2D CLA CL . -41.06 -38.58 -28.05
C3D CLA CL . -42.15 -39.49 -27.72
C4D CLA CL . -41.91 -40.66 -28.29
CMD CLA CL . -40.95 -37.16 -27.58
CAD CLA CL . -43.41 -39.55 -26.96
OBD CLA CL . -44.05 -38.54 -26.52
CBD CLA CL . -44.03 -40.88 -27.16
CGD CLA CL . -44.26 -41.44 -25.79
O1D CLA CL . -45.15 -41.00 -25.10
O2D CLA CL . -43.44 -42.51 -25.26
CED CLA CL . -44.06 -43.47 -24.41
C1 CLA CL . -46.87 -42.59 -33.30
C2 CLA CL . -46.97 -41.09 -33.50
C3 CLA CL . -46.70 -40.53 -34.68
C4 CLA CL . -46.25 -41.36 -35.84
C5 CLA CL . -46.81 -39.03 -34.85
C6 CLA CL . -45.44 -38.49 -35.23
C7 CLA CL . -45.48 -37.63 -36.48
C8 CLA CL . -44.11 -37.59 -37.14
C9 CLA CL . -43.05 -37.09 -36.18
C10 CLA CL . -44.13 -36.72 -38.39
C11 CLA CL . -42.95 -37.04 -39.28
C12 CLA CL . -42.77 -36.01 -40.39
C13 CLA CL . -42.63 -36.67 -41.76
C14 CLA CL . -41.18 -37.06 -42.03
C15 CLA CL . -43.14 -35.72 -42.84
MG CLA DL . -20.33 -38.56 -11.25
CHA CLA DL . -20.06 -40.45 -8.34
CHB CLA DL . -19.04 -35.93 -9.47
CHC CLA DL . -20.52 -36.76 -14.11
CHD CLA DL . -21.71 -41.34 -12.93
NA CLA DL . -19.61 -38.21 -9.17
C1A CLA DL . -19.57 -39.04 -8.21
C2A CLA DL . -19.07 -38.47 -6.92
C3A CLA DL . -18.81 -37.04 -7.31
C4A CLA DL . -19.18 -37.04 -8.75
CMA CLA DL . -19.44 -35.99 -6.44
CAA CLA DL . -17.70 -39.05 -6.55
CBA CLA DL . -16.76 -39.29 -7.71
CGA CLA DL . -15.35 -39.05 -7.27
O1A CLA DL . -14.95 -39.23 -6.13
O2A CLA DL . -14.37 -38.64 -8.05
NB CLA DL . -19.84 -36.62 -11.71
C1B CLA DL . -19.34 -35.70 -10.89
C2B CLA DL . -19.09 -34.40 -11.54
C3B CLA DL . -19.54 -34.67 -12.90
C4B CLA DL . -19.99 -36.07 -12.92
CMB CLA DL . -18.54 -33.17 -10.90
CAB CLA DL . -19.57 -33.78 -14.07
CBB CLA DL . -18.46 -33.20 -14.47
NC CLA DL . -20.94 -39.00 -13.24
C1C CLA DL . -21.00 -38.14 -14.25
C2C CLA DL . -21.58 -38.65 -15.51
C3C CLA DL . -21.89 -40.02 -15.15
C4C CLA DL . -21.47 -40.13 -13.74
CMC CLA DL . -21.80 -37.95 -16.81
CAC CLA DL . -22.53 -41.09 -16.00
CBC CLA DL . -21.45 -41.96 -16.60
ND CLA DL . -20.78 -40.46 -10.89
C1D CLA DL . -21.35 -41.47 -11.53
C2D CLA DL . -21.56 -42.67 -10.71
C3D CLA DL . -21.02 -42.20 -9.44
C4D CLA DL . -20.59 -40.96 -9.61
CMD CLA DL . -22.14 -44.02 -10.86
CAD CLA DL . -20.79 -42.65 -8.07
OBD CLA DL . -21.35 -43.68 -7.56
CBD CLA DL . -20.27 -41.50 -7.28
CGD CLA DL . -21.43 -41.08 -6.45
O1D CLA DL . -22.54 -41.03 -6.93
O2D CLA DL . -21.33 -40.71 -5.06
CED CLA DL . -22.53 -40.69 -4.31
MG CLA EL . -15.96 -29.33 -9.69
CHA CLA EL . -16.99 -31.16 -6.93
CHB CLA EL . -17.37 -26.59 -8.19
CHC CLA EL . -14.87 -27.50 -12.31
CHD CLA EL . -14.60 -32.25 -11.16
NA CLA EL . -17.04 -28.88 -7.80
C1A CLA EL . -17.33 -29.69 -6.86
C2A CLA EL . -18.09 -29.06 -5.71
C3A CLA EL . -18.22 -27.64 -6.20
C4A CLA EL . -17.49 -27.69 -7.47
CMA CLA EL . -19.63 -27.08 -6.23
CAA CLA EL . -17.25 -28.94 -4.43
CBA CLA EL . -15.74 -28.89 -4.69
CGA CLA EL . -14.98 -28.38 -3.49
O1A CLA EL . -15.34 -28.46 -2.33
O2A CLA EL . -13.81 -27.77 -3.59
NB CLA EL . -16.09 -27.33 -10.16
C1B CLA EL . -16.72 -26.39 -9.48
C2B CLA EL . -16.69 -25.06 -10.11
C3B CLA EL . -15.95 -25.35 -11.33
C4B CLA EL . -15.62 -26.79 -11.28
CMB CLA EL . -17.31 -23.80 -9.58
CAB CLA EL . -15.57 -24.45 -12.42
CBB CLA EL . -14.94 -23.33 -12.18
NC CLA EL . -14.87 -29.81 -11.45
C1C CLA EL . -14.56 -28.95 -12.41
C2C CLA EL . -13.89 -29.52 -13.58
C3C CLA EL . -13.80 -30.92 -13.21
C4C CLA EL . -14.44 -30.99 -11.90
CMC CLA EL . -13.41 -28.80 -14.82
CAC CLA EL . -13.22 -32.06 -14.00
CBC CLA EL . -14.31 -32.70 -14.82
ND CLA EL . -15.74 -31.26 -9.28
C1D CLA EL . -15.23 -32.34 -9.85
C2D CLA EL . -15.42 -33.59 -9.07
C3D CLA EL . -16.12 -33.03 -7.92
C4D CLA EL . -16.27 -31.72 -8.09
CMD CLA EL . -15.09 -35.05 -9.18
CAD CLA EL . -16.70 -33.45 -6.66
OBD CLA EL . -16.25 -34.46 -6.07
CBD CLA EL . -17.28 -32.27 -5.97
CGD CLA EL . -18.76 -32.46 -5.83
O1D CLA EL . -19.45 -32.68 -6.79
O2D CLA EL . -19.40 -32.37 -4.53
CED CLA EL . -20.57 -33.14 -4.28
C1 CLA EL . -12.41 -28.55 -3.47
C2 CLA EL . -11.12 -27.86 -3.85
C3 CLA EL . -10.07 -28.48 -4.42
C4 CLA EL . -10.13 -29.94 -4.72
C5 CLA EL . -8.84 -27.67 -4.76
C6 CLA EL . -8.12 -28.25 -5.96
C7 CLA EL . -8.21 -27.34 -7.17
C8 CLA EL . -7.06 -27.60 -8.14
C9 CLA EL . -7.24 -26.77 -9.41
C10 CLA EL . -6.97 -29.08 -8.50
MG CLA FL . -11.26 -17.25 -20.01
CHA CLA FL . -14.07 -18.03 -18.15
CHB CLA FL . -12.82 -14.30 -20.87
CHC CLA FL . -8.52 -16.45 -21.83
CHD CLA FL . -9.80 -20.36 -19.21
NA CLA FL . -13.19 -16.24 -19.58
C1A CLA FL . -14.16 -16.71 -18.88
C2A CLA FL . -15.38 -15.81 -18.89
C3A CLA FL . -14.93 -14.70 -19.81
C4A CLA FL . -13.56 -15.10 -20.10
CMA CLA FL . -15.74 -14.49 -21.06
CAA CLA FL . -15.66 -15.17 -17.54
CBA CLA FL . -16.83 -14.21 -17.62
CGA CLA FL . -17.79 -14.59 -16.55
O1A CLA FL . -17.67 -14.25 -15.39
O2A CLA FL . -18.84 -15.35 -16.73
NB CLA FL . -10.76 -15.62 -21.17
C1B CLA FL . -11.47 -14.50 -21.37
C2B CLA FL . -10.79 -13.47 -22.18
C3B CLA FL . -9.53 -14.13 -22.44
C4B CLA FL . -9.59 -15.45 -21.79
CMB CLA FL . -11.29 -12.12 -22.58
CAB CLA FL . -8.39 -13.62 -23.21
CBB CLA FL . -7.31 -13.19 -22.59
NC CLA FL . -9.41 -18.20 -20.38
C1C CLA FL . -8.45 -17.76 -21.18
C2C CLA FL . -7.29 -18.64 -21.37
C3C CLA FL . -7.67 -19.77 -20.53
C4C CLA FL . -8.98 -19.42 -19.99
CMC CLA FL . -6.06 -18.44 -22.18
CAC CLA FL . -6.92 -21.05 -20.28
CBC CLA FL . -7.27 -22.00 -21.39
ND CLA FL . -11.70 -18.88 -18.97
C1D CLA FL . -11.12 -20.03 -18.66
C2D CLA FL . -11.92 -20.90 -17.76
C3D CLA FL . -13.09 -20.04 -17.59
C4D CLA FL . -12.91 -18.92 -18.29
CMD CLA FL . -11.80 -22.25 -17.11
CAD CLA FL . -14.38 -20.01 -16.92
OBD CLA FL . -14.76 -20.87 -16.05
CBD CLA FL . -15.04 -18.71 -17.21
CGD CLA FL . -16.34 -19.02 -17.88
O1D CLA FL . -16.35 -19.47 -18.99
O2D CLA FL . -17.60 -18.79 -17.22
CED CLA FL . -18.58 -19.81 -17.21
C1 CLA FL . -20.07 -14.90 -17.64
C2 CLA FL . -21.01 -13.76 -17.30
C3 CLA FL . -22.23 -13.99 -16.79
C4 CLA FL . -22.71 -15.37 -16.50
C5 CLA FL . -23.12 -12.81 -16.49
C6 CLA FL . -23.37 -12.02 -17.76
C7 CLA FL . -23.20 -10.53 -17.50
C8 CLA FL . -24.52 -9.88 -17.13
C9 CLA FL . -24.77 -8.68 -18.03
C10 CLA FL . -24.47 -9.46 -15.65
C11 CLA FL . -25.84 -9.00 -15.15
C12 CLA FL . -25.68 -8.06 -13.97
C13 CLA FL . -26.79 -8.15 -12.94
C14 CLA FL . -27.02 -9.59 -12.52
C15 CLA FL . -28.08 -7.53 -13.50
MG CLA GL . -12.22 -9.73 -26.98
CHA CLA GL . -9.48 -7.61 -27.24
CHB CLA GL . -10.00 -12.20 -26.06
CHC CLA GL . -14.85 -11.74 -26.57
CHD CLA GL . -14.38 -7.12 -28.01
NA CLA GL . -10.02 -9.92 -26.65
C1A CLA GL . -9.15 -9.01 -26.79
C2A CLA GL . -7.76 -9.47 -26.46
C3A CLA GL . -7.95 -10.93 -26.16
C4A CLA GL . -9.42 -11.04 -26.31
CMA CLA GL . -7.10 -11.91 -26.94
CAA CLA GL . -7.27 -8.91 -25.13
CBA CLA GL . -8.35 -8.58 -24.10
CGA CLA GL . -7.96 -9.10 -22.75
O1A CLA GL . -7.14 -9.98 -22.57
O2A CLA GL . -8.47 -8.69 -21.61
NB CLA GL . -12.38 -11.69 -26.39
C1B CLA GL . -11.41 -12.56 -26.11
C2B CLA GL . -11.88 -13.91 -25.77
C3B CLA GL . -13.30 -13.74 -25.95
C4B CLA GL . -13.53 -12.33 -26.31
CMB CLA GL . -11.12 -15.15 -25.39
CAB CLA GL . -14.32 -14.75 -25.73
CBB CLA GL . -14.63 -14.94 -24.48
NC CLA GL . -14.31 -9.47 -27.23
C1C CLA GL . -15.22 -10.41 -27.04
C2C CLA GL . -16.61 -10.03 -27.30
C3C CLA GL . -16.46 -8.64 -27.73
C4C CLA GL . -15.01 -8.40 -27.65
CMC CLA GL . -17.85 -10.87 -27.15
CAC CLA GL . -17.51 -7.65 -28.14
CBC CLA GL . -18.18 -8.01 -29.44
ND CLA GL . -12.11 -7.82 -27.54
C1D CLA GL . -12.95 -6.85 -27.88
C2D CLA GL . -12.30 -5.53 -28.09
C3D CLA GL . -10.92 -5.90 -27.83
C4D CLA GL . -10.87 -7.21 -27.54
CMD CLA GL . -12.70 -4.14 -28.46
CAD CLA GL . -9.57 -5.33 -27.79
OBD CLA GL . -9.29 -4.09 -27.99
CBD CLA GL . -8.60 -6.40 -27.43
CGD CLA GL . -7.59 -6.54 -28.53
O1D CLA GL . -6.97 -5.57 -28.88
O2D CLA GL . -7.29 -7.77 -29.21
CED CLA GL . -5.92 -8.06 -29.41
C1 CLA GL . -8.03 -9.34 -20.23
C2 CLA GL . -8.59 -10.66 -19.75
C3 CLA GL . -8.63 -10.97 -18.44
C4 CLA GL . -8.09 -10.02 -17.42
C5 CLA GL . -9.19 -12.29 -17.99
C6 CLA GL . -8.30 -13.42 -18.45
C7 CLA GL . -8.91 -14.77 -18.11
C8 CLA GL . -8.02 -15.61 -17.22
C9 CLA GL . -6.56 -15.53 -17.59
C10 CLA GL . -8.41 -17.07 -17.29
C11 CLA GL . -8.21 -17.69 -15.92
C12 CLA GL . -8.87 -19.06 -15.83
C13 CLA GL . -7.95 -20.04 -15.13
C14 CLA GL . -7.09 -20.78 -16.12
C15 CLA GL . -8.81 -21.00 -14.33
C16 CLA GL . -7.95 -21.86 -13.42
C17 CLA GL . -7.79 -21.19 -12.07
C18 CLA GL . -6.87 -21.96 -11.14
C19 CLA GL . -7.55 -23.21 -10.62
C20 CLA GL . -5.55 -22.31 -11.83
MG CLA HL . -4.99 -43.17 -33.82
CHA CLA HL . -3.70 -45.49 -36.08
CHB CLA HL . -7.90 -43.20 -35.66
CHC CLA HL . -6.23 -40.88 -31.64
CHD CLA HL . -1.96 -43.19 -32.02
NA CLA HL . -5.75 -44.22 -35.65
C1A CLA HL . -5.12 -45.06 -36.38
C2A CLA HL . -5.93 -45.53 -37.57
C3A CLA HL . -7.22 -44.74 -37.41
C4A CLA HL . -6.95 -44.00 -36.16
CMA CLA HL . -7.66 -43.95 -38.61
CAA CLA HL . -6.18 -47.04 -37.57
CBA CLA HL . -7.53 -47.56 -37.13
CGA CLA HL . -7.59 -47.80 -35.65
O1A CLA HL . -7.74 -46.92 -34.82
O2A CLA HL . -7.51 -48.99 -35.07
NB CLA HL . -6.80 -42.20 -33.69
C1B CLA HL . -7.88 -42.34 -34.47
C2B CLA HL . -9.03 -41.52 -34.03
C3B CLA HL . -8.50 -40.85 -32.86
C4B CLA HL . -7.12 -41.32 -32.72
CMB CLA HL . -10.38 -41.42 -34.61
CAB CLA HL . -9.16 -39.91 -31.94
CBB CLA HL . -9.66 -38.78 -32.36
NC CLA HL . -4.26 -42.27 -32.05
C1C CLA HL . -4.90 -41.39 -31.29
C2C CLA HL . -4.22 -40.94 -30.07
C3C CLA HL . -2.98 -41.71 -30.16
C4C CLA HL . -3.10 -42.48 -31.41
CMC CLA HL . -4.69 -39.98 -29.02
CAC CLA HL . -1.84 -41.73 -29.19
CBC CLA HL . -0.87 -40.63 -29.55
ND CLA HL . -3.22 -44.05 -33.89
C1D CLA HL . -2.08 -44.03 -33.20
C2D CLA HL . -1.00 -44.90 -33.76
C3D CLA HL . -1.71 -45.44 -34.90
C4D CLA HL . -2.95 -44.94 -34.94
CMD CLA HL . 0.43 -45.26 -33.45
CAD CLA HL . -1.49 -46.36 -36.02
OBD CLA HL . -0.35 -46.75 -36.45
CBD CLA HL . -2.78 -46.50 -36.75
CGD CLA HL . -2.54 -46.23 -38.20
O1D CLA HL . -2.11 -47.11 -38.92
O2D CLA HL . -2.83 -44.95 -38.79
CED CLA HL . -3.24 -44.90 -40.15
C1 CLA HL . -8.71 -50.06 -35.12
C2 CLA HL . -10.11 -49.71 -34.67
C3 CLA HL . -10.73 -50.34 -33.66
C4 CLA HL . -10.05 -51.44 -32.90
C5 CLA HL . -12.13 -49.92 -33.26
C6 CLA HL . -12.10 -49.59 -31.78
C7 CLA HL . -13.49 -49.31 -31.20
C8 CLA HL . -13.45 -49.39 -29.67
C9 CLA HL . -12.82 -50.71 -29.21
C10 CLA HL . -14.85 -49.11 -29.11
C11 CLA HL . -15.27 -49.97 -27.92
C12 CLA HL . -14.94 -49.37 -26.56
C13 CLA HL . -14.23 -50.40 -25.69
C14 CLA HL . -14.88 -50.50 -24.31
C15 CLA HL . -12.75 -50.04 -25.53
MG CLA IL . -13.46 -33.54 -36.95
CHA CLA IL . -10.15 -34.52 -36.46
CHB CLA IL . -13.98 -34.21 -33.63
CHC CLA IL . -16.61 -32.44 -37.38
CHD CLA IL . -12.76 -32.86 -40.35
NA CLA IL . -12.23 -34.26 -35.23
C1A CLA IL . -11.00 -34.59 -35.23
C2A CLA IL . -10.50 -35.09 -33.90
C3A CLA IL . -11.74 -35.00 -33.06
C4A CLA IL . -12.72 -34.44 -34.03
CMA CLA IL . -12.11 -36.19 -32.21
CAA CLA IL . -9.54 -34.13 -33.23
CBA CLA IL . -8.23 -34.83 -32.93
CGA CLA IL . -7.98 -34.80 -31.45
O1A CLA IL . -7.85 -33.79 -30.80
O2A CLA IL . -7.85 -35.86 -30.69
NB CLA IL . -15.04 -33.35 -35.66
C1B CLA IL . -15.11 -33.69 -34.39
C2B CLA IL . -16.44 -33.46 -33.77
C3B CLA IL . -17.19 -32.95 -34.92
C4B CLA IL . -16.24 -32.92 -36.04
CMB CLA IL . -16.83 -33.74 -32.35
CAB CLA IL . -18.58 -32.49 -35.12
CBB CLA IL . -19.54 -32.64 -34.25
NC CLA IL . -14.50 -32.69 -38.60
C1C CLA IL . -15.79 -32.42 -38.61
C2C CLA IL . -16.40 -32.11 -39.91
C3C CLA IL . -15.25 -32.21 -40.79
C4C CLA IL . -14.13 -32.58 -39.89
CMC CLA IL . -17.83 -31.79 -40.22
CAC CLA IL . -15.24 -32.03 -42.28
CBC CLA IL . -14.56 -30.75 -42.70
ND CLA IL . -11.92 -33.60 -38.21
C1D CLA IL . -11.68 -33.36 -39.50
C2D CLA IL . -10.31 -33.65 -39.95
C3D CLA IL . -9.74 -34.11 -38.68
C4D CLA IL . -10.70 -34.05 -37.75
CMD CLA IL . -9.48 -33.60 -41.20
CAD CLA IL . -8.48 -34.59 -38.12
OBD CLA IL . -7.59 -35.19 -38.82
CBD CLA IL . -8.70 -34.87 -36.69
CGD CLA IL . -8.47 -36.34 -36.54
O1D CLA IL . -7.42 -36.77 -36.11
O2D CLA IL . -9.48 -37.27 -36.95
CED CLA IL . -9.24 -38.63 -36.68
C1 CLA IL . -7.29 -35.77 -29.20
C2 CLA IL . -5.84 -35.44 -28.91
C3 CLA IL . -5.24 -35.86 -27.79
C4 CLA IL . -5.98 -36.67 -26.77
C5 CLA IL . -3.79 -35.52 -27.56
MG CLA JL . -10.27 -28.23 -26.71
CHA CLA JL . -9.17 -29.69 -29.64
CHB CLA JL . -13.19 -29.98 -27.09
CHC CLA JL . -11.28 -26.90 -23.77
CHD CLA JL . -7.23 -26.42 -26.44
NA CLA JL . -11.12 -29.68 -28.16
C1A CLA JL . -10.56 -30.11 -29.23
C2A CLA JL . -11.43 -31.07 -30.01
C3A CLA JL . -12.69 -31.10 -29.19
C4A CLA JL . -12.33 -30.19 -28.07
CMA CLA JL . -14.00 -30.92 -29.92
CAA CLA JL . -10.83 -32.48 -30.00
CBA CLA JL . -10.83 -33.24 -28.68
CGA CLA JL . -9.61 -33.08 -27.80
O1A CLA JL . -9.33 -33.88 -26.92
O2A CLA JL . -8.72 -32.12 -27.82
NB CLA JL . -12.00 -28.42 -25.60
C1B CLA JL . -13.06 -29.14 -25.89
C2B CLA JL . -14.15 -29.06 -24.89
C3B CLA JL . -13.57 -28.16 -23.91
C4B CLA JL . -12.23 -27.80 -24.43
CMB CLA JL . -15.46 -29.75 -24.91
CAB CLA JL . -14.22 -27.68 -22.68
CBB CLA JL . -13.75 -27.92 -21.49
NC CLA JL . -9.38 -26.90 -25.31
C1C CLA JL . -9.93 -26.48 -24.18
C2C CLA JL . -9.12 -25.57 -23.36
C3C CLA JL . -7.91 -25.46 -24.16
C4C CLA JL . -8.19 -26.30 -25.34
CMC CLA JL . -9.44 -24.95 -22.04
CAC CLA JL . -6.67 -24.67 -23.89
CBC CLA JL . -5.67 -25.56 -23.18
ND CLA JL . -8.56 -28.00 -27.69
C1D CLA JL . -7.43 -27.32 -27.58
C2D CLA JL . -6.43 -27.55 -28.64
C3D CLA JL . -7.19 -28.51 -29.43
C4D CLA JL . -8.38 -28.71 -28.86
CMD CLA JL . -5.05 -27.11 -29.01
CAD CLA JL . -7.06 -29.30 -30.66
OBD CLA JL . -5.93 -29.65 -31.15
CBD CLA JL . -8.28 -30.13 -30.79
CGD CLA JL . -8.90 -29.95 -32.13
O1D CLA JL . -9.44 -30.89 -32.68
O2D CLA JL . -8.89 -28.71 -32.82
CED CLA JL . -9.63 -28.67 -34.04
C1 CLA JL . -7.90 -31.71 -26.51
C2 CLA JL . -8.57 -31.38 -25.20
C3 CLA JL . -7.99 -30.63 -24.25
C4 CLA JL . -6.61 -30.09 -24.44
C5 CLA JL . -8.74 -30.37 -22.98
C6 CLA JL . -8.23 -29.14 -22.27
C7 CLA JL . -8.21 -29.33 -20.75
C8 CLA JL . -9.58 -29.74 -20.24
C9 CLA JL . -10.25 -28.59 -19.50
C10 CLA JL . -9.41 -30.96 -19.34
MG CLA KL . -17.30 -33.36 -21.74
CHA CLA KL . -16.17 -34.27 -24.90
CHB CLA KL . -20.14 -35.17 -22.39
CHC CLA KL . -18.36 -32.50 -18.66
CHD CLA KL . -14.31 -31.56 -21.17
NA CLA KL . -18.09 -34.60 -23.43
C1A CLA KL . -17.53 -34.82 -24.56
C2A CLA KL . -18.38 -35.61 -25.51
C3A CLA KL . -19.63 -35.82 -24.68
C4A CLA KL . -19.27 -35.16 -23.41
CMA CLA KL . -20.94 -35.37 -25.27
CAA CLA KL . -17.85 -36.99 -25.88
CBA CLA KL . -16.95 -37.62 -24.85
CGA CLA KL . -16.09 -38.67 -25.50
O1A CLA KL . -16.45 -39.79 -25.82
O2A CLA KL . -14.83 -38.48 -25.82
NB CLA KL . -19.01 -33.79 -20.70
C1B CLA KL . -20.05 -34.54 -21.08
C2B CLA KL . -21.10 -34.66 -20.03
C3B CLA KL . -20.54 -33.85 -18.97
C4B CLA KL . -19.25 -33.35 -19.46
CMB CLA KL . -22.39 -35.42 -20.10
CAB CLA KL . -21.02 -33.50 -17.61
CBB CLA KL . -21.53 -34.39 -16.81
NC CLA KL . -16.43 -32.28 -20.14
C1C CLA KL . -17.05 -31.97 -19.01
C2C CLA KL . -16.33 -31.08 -18.09
C3C CLA KL . -15.11 -30.85 -18.83
C4C CLA KL . -15.28 -31.61 -20.07
CMC CLA KL . -16.76 -30.58 -16.74
CAC CLA KL . -13.94 -29.98 -18.43
CBC CLA KL . -12.83 -30.85 -17.88
ND CLA KL . -15.62 -32.91 -22.69
C1D CLA KL . -14.47 -32.28 -22.44
C2D CLA KL . -13.46 -32.35 -23.52
C3D CLA KL . -14.21 -33.16 -24.47
C4D CLA KL . -15.41 -33.45 -23.95
CMD CLA KL . -12.07 -31.88 -23.80
CAD CLA KL . -14.06 -33.75 -25.79
OBD CLA KL . -12.94 -34.07 -26.28
CBD CLA KL . -15.33 -34.42 -26.15
CGD CLA KL . -15.86 -33.73 -27.37
O1D CLA KL . -15.15 -33.63 -28.34
O2D CLA KL . -17.20 -33.21 -27.50
CED CLA KL . -17.88 -33.44 -28.71
MG CLA LL . -66.21 -23.61 -41.67
CHA CLA LL . -66.02 -20.15 -41.22
CHB CLA LL . -69.25 -23.09 -43.21
CHC CLA LL . -66.38 -26.94 -42.14
CHD CLA LL . -63.11 -24.01 -40.01
NA CLA LL . -67.50 -21.86 -42.19
C1A CLA LL . -67.26 -20.63 -41.96
C2A CLA LL . -68.33 -19.71 -42.48
C3A CLA LL . -69.34 -20.68 -43.06
C4A CLA LL . -68.64 -21.97 -42.81
CMA CLA LL . -70.79 -20.57 -42.64
CAA CLA LL . -67.94 -18.86 -43.70
CBA CLA LL . -66.60 -19.05 -44.40
CGA CLA LL . -66.48 -20.32 -45.18
O1A CLA LL . -66.84 -20.45 -46.33
O2A CLA LL . -66.00 -21.43 -44.68
NB CLA LL . -67.61 -24.82 -42.55
C1B CLA LL . -68.78 -24.47 -43.09
C2B CLA LL . -69.58 -25.59 -43.61
C3B CLA LL . -68.72 -26.72 -43.28
C4B CLA LL . -67.52 -26.14 -42.63
CMB CLA LL . -70.93 -25.52 -44.28
CAB CLA LL . -68.93 -28.16 -43.52
CBB CLA LL . -69.27 -28.61 -44.70
NC CLA LL . -64.91 -25.22 -41.20
C1C CLA LL . -65.15 -26.50 -41.50
C2C CLA LL . -64.09 -27.44 -41.12
C3C CLA LL . -63.10 -26.56 -40.54
C4C CLA LL . -63.71 -25.22 -40.62
CMC CLA LL . -64.03 -28.93 -41.32
CAC CLA LL . -61.76 -26.92 -39.95
CBC CLA LL . -60.70 -26.72 -41.01
ND CLA LL . -64.83 -22.49 -40.77
C1D CLA LL . -63.64 -22.66 -40.20
C2D CLA LL . -62.97 -21.39 -39.78
C3D CLA LL . -63.99 -20.44 -40.23
C4D CLA LL . -65.00 -21.11 -40.77
CMD CLA LL . -61.70 -20.96 -39.12
CAD CLA LL . -64.23 -18.99 -40.26
OBD CLA LL . -63.35 -18.10 -40.03
CBD CLA LL . -65.58 -18.75 -40.88
CGD CLA LL . -66.41 -18.04 -39.87
O1D CLA LL . -65.96 -17.81 -38.76
O2D CLA LL . -67.76 -17.57 -40.15
CED CLA LL . -68.00 -16.32 -40.79
C1 CLA LL . -64.43 -21.69 -44.48
C2 CLA LL . -63.94 -23.09 -44.75
C3 CLA LL . -62.75 -23.55 -44.35
C4 CLA LL . -61.81 -22.67 -43.58
C5 CLA LL . -62.36 -24.96 -44.69
C6 CLA LL . -63.58 -25.87 -44.67
C7 CLA LL . -63.87 -26.44 -46.05
C8 CLA LL . -63.29 -27.86 -46.18
C9 CLA LL . -63.34 -28.33 -47.62
C10 CLA LL . -64.05 -28.79 -45.25
C11 CLA LL . -65.45 -29.12 -45.76
C12 CLA LL . -66.07 -30.22 -44.92
C13 CLA LL . -66.37 -31.46 -45.75
C14 CLA LL . -67.66 -31.29 -46.52
C15 CLA LL . -66.44 -32.66 -44.82
MG CLA ML . -64.08 -30.18 -37.80
CHA CLA ML . -66.27 -32.05 -39.77
CHB CLA ML . -62.07 -32.95 -37.68
CHC CLA ML . -61.89 -28.29 -36.11
CHD CLA ML . -66.32 -27.43 -37.96
NA CLA ML . -64.13 -32.26 -38.62
C1A CLA ML . -65.05 -32.81 -39.32
C2A CLA ML . -64.77 -34.25 -39.64
C3A CLA ML . -63.47 -34.49 -38.92
C4A CLA ML . -63.20 -33.15 -38.37
CMA CLA ML . -63.43 -35.68 -37.97
CAA CLA ML . -64.37 -34.39 -41.10
CBA CLA ML . -65.16 -35.50 -41.80
CGA CLA ML . -64.73 -35.65 -43.24
O1A CLA ML . -63.58 -35.61 -43.61
O2A CLA ML . -65.55 -35.84 -44.26
NB CLA ML . -62.22 -30.57 -37.02
C1B CLA ML . -61.58 -31.73 -37.02
C2B CLA ML . -60.27 -31.70 -36.34
C3B CLA ML . -60.21 -30.33 -35.86
C4B CLA ML . -61.47 -29.68 -36.34
CMB CLA ML . -59.28 -32.81 -36.16
CAB CLA ML . -59.07 -29.76 -35.11
CBB CLA ML . -59.17 -28.96 -34.08
NC CLA ML . -64.10 -28.16 -37.16
C1C CLA ML . -63.10 -27.57 -36.50
C2C CLA ML . -63.28 -26.13 -36.22
C3C CLA ML . -64.60 -25.88 -36.80
C4C CLA ML . -65.00 -27.19 -37.33
CMC CLA ML . -62.37 -25.18 -35.55
CAC CLA ML . -65.33 -24.58 -36.83
CBC CLA ML . -66.36 -24.51 -35.74
ND CLA ML . -65.85 -29.72 -38.58
C1D CLA ML . -66.66 -28.65 -38.65
C2D CLA ML . -67.89 -28.85 -39.47
C3D CLA ML . -67.67 -30.24 -39.88
C4D CLA ML . -66.52 -30.67 -39.35
CMD CLA ML . -69.08 -28.05 -39.87
CAD CLA ML . -68.31 -31.29 -40.67
OBD CLA ML . -69.24 -31.09 -41.53
CBD CLA ML . -67.40 -32.47 -40.68
CGD CLA ML . -68.14 -33.64 -40.14
O1D CLA ML . -68.59 -33.59 -39.03
O2D CLA ML . -68.28 -34.83 -40.94
CED CLA ML . -69.20 -34.83 -42.01
MG CLA NL . -49.11 -29.62 -40.71
CHA CLA NL . -48.73 -32.24 -38.45
CHB CLA NL . -46.54 -31.02 -42.52
CHC CLA NL . -49.62 -27.19 -42.97
CHD CLA NL . -51.67 -28.24 -38.69
NA CLA NL . -47.79 -31.42 -40.55
C1A CLA NL . -47.78 -32.30 -39.62
C2A CLA NL . -46.73 -33.36 -39.80
C3A CLA NL . -46.04 -32.90 -41.05
C4A CLA NL . -46.84 -31.70 -41.41
CMA CLA NL . -44.54 -32.75 -40.99
CAA CLA NL . -47.36 -34.75 -40.07
CBA CLA NL . -47.95 -34.99 -41.47
CGA CLA NL . -49.46 -35.14 -41.43
O1A CLA NL . -50.11 -35.51 -42.39
O2A CLA NL . -50.22 -34.90 -40.37
NB CLA NL . -48.20 -29.17 -42.51
C1B CLA NL . -47.17 -29.81 -43.07
C2B CLA NL . -46.72 -29.21 -44.33
C3B CLA NL . -47.61 -28.07 -44.47
C4B CLA NL . -48.52 -28.12 -43.29
CMB CLA NL . -45.60 -29.66 -45.24
CAB CLA NL . -47.55 -27.14 -45.63
CBB CLA NL . -47.99 -25.91 -45.70
NC CLA NL . -50.45 -27.98 -40.81
C1C CLA NL . -50.52 -27.12 -41.81
C2C CLA NL . -51.57 -26.09 -41.71
C3C CLA NL . -52.19 -26.42 -40.44
C4C CLA NL . -51.41 -27.59 -39.97
CMC CLA NL . -51.94 -25.01 -42.68
CAC CLA NL . -53.34 -25.76 -39.75
CBC CLA NL . -52.86 -24.60 -38.92
ND CLA NL . -50.05 -30.00 -39.00
C1D CLA NL . -51.03 -29.48 -38.28
C2D CLA NL . -51.39 -30.24 -37.06
C3D CLA NL . -50.43 -31.33 -37.19
C4D CLA NL . -49.71 -31.14 -38.30
CMD CLA NL . -52.37 -30.12 -35.95
CAD CLA NL . -50.01 -32.57 -36.50
OBD CLA NL . -50.47 -32.98 -35.38
CBD CLA NL . -48.86 -33.14 -37.23
CGD CLA NL . -47.61 -33.03 -36.42
O1D CLA NL . -46.90 -32.06 -36.51
O2D CLA NL . -47.21 -34.07 -35.50
CED CLA NL . -46.28 -33.75 -34.47
C1 CLA NL . -51.68 -34.26 -40.51
C2 CLA NL . -51.93 -33.07 -41.41
C3 CLA NL . -52.68 -32.03 -41.03
C4 CLA NL . -53.31 -31.99 -39.67
C5 CLA NL . -52.86 -30.88 -41.99
C6 CLA NL . -54.19 -30.16 -41.74
C7 CLA NL . -55.10 -30.28 -42.96
C8 CLA NL . -55.38 -28.97 -43.71
C9 CLA NL . -54.44 -27.82 -43.39
C10 CLA NL . -56.84 -28.55 -43.49
C11 CLA NL . -57.84 -29.28 -44.40
C12 CLA NL . -57.35 -29.46 -45.83
C13 CLA NL . -58.42 -29.13 -46.87
C14 CLA NL . -59.76 -29.79 -46.54
C15 CLA NL . -57.93 -29.54 -48.25
C16 CLA NL . -58.98 -29.29 -49.32
C17 CLA NL . -58.39 -29.39 -50.73
C18 CLA NL . -59.32 -30.07 -51.72
C19 CLA NL . -60.78 -29.63 -51.58
C20 CLA NL . -58.84 -29.82 -53.15
C1 PQN OL . -51.85 -22.80 -32.73
O1 PQN OL . -50.96 -22.07 -33.18
C2 PQN OL . -53.05 -23.07 -33.55
C2M PQN OL . -53.16 -22.45 -34.90
C3 PQN OL . -54.12 -23.93 -32.99
C4 PQN OL . -53.96 -24.51 -31.65
O4 PQN OL . -54.85 -25.24 -31.19
C5 PQN OL . -52.75 -24.24 -30.84
C6 PQN OL . -52.60 -24.79 -29.59
C7 PQN OL . -51.46 -24.52 -28.86
C8 PQN OL . -50.46 -23.70 -29.38
C9 PQN OL . -50.57 -23.13 -30.63
C10 PQN OL . -51.70 -23.38 -31.38
C11 PQN OL . -55.37 -24.25 -33.77
C12 PQN OL . -55.06 -25.46 -34.62
C13 PQN OL . -55.99 -26.18 -35.24
C14 PQN OL . -57.43 -25.83 -35.10
C15 PQN OL . -55.56 -27.38 -36.06
C16 PQN OL . -55.98 -27.21 -37.52
C17 PQN OL . -56.14 -28.57 -38.20
C18 PQN OL . -57.35 -28.56 -39.12
C19 PQN OL . -58.59 -28.24 -38.28
C20 PQN OL . -57.45 -29.87 -39.91
C21 PQN OL . -58.87 -30.44 -40.05
C22 PQN OL . -59.22 -30.98 -41.42
C23 PQN OL . -60.68 -31.42 -41.45
C24 PQN OL . -60.81 -32.89 -41.07
C25 PQN OL . -61.33 -31.16 -42.81
C26 PQN OL . -60.88 -32.14 -43.88
C27 PQN OL . -62.06 -32.79 -44.61
C28 PQN OL . -61.78 -32.91 -46.11
C29 PQN OL . -60.50 -33.69 -46.37
C30 PQN OL . -62.96 -33.55 -46.84
FE1 SF4 PL . -49.87 -22.53 -19.96
FE2 SF4 PL . -47.39 -22.11 -18.95
FE3 SF4 PL . -48.90 -24.20 -18.06
FE4 SF4 PL . -49.57 -21.65 -17.41
S1 SF4 PL . -47.69 -22.74 -16.78
S2 SF4 PL . -50.98 -23.30 -18.12
S3 SF4 PL . -48.99 -20.54 -19.31
S4 SF4 PL . -48.10 -23.91 -20.17
C1 BCR QL . -12.09 -71.04 -24.09
C2 BCR QL . -11.47 -70.58 -22.78
C3 BCR QL . -10.34 -69.59 -22.98
C4 BCR QL . -10.85 -68.38 -23.74
C5 BCR QL . -11.43 -68.84 -25.04
C6 BCR QL . -12.23 -69.91 -25.10
C7 BCR QL . -13.28 -69.95 -26.15
C8 BCR QL . -13.27 -70.66 -27.28
C9 BCR QL . -14.29 -70.52 -28.04
C10 BCR QL . -14.14 -69.95 -29.14
C11 BCR QL . -14.35 -70.01 -30.29
C33 BCR QL . -11.12 -68.03 -26.26
C31 BCR QL . -13.44 -71.62 -23.81
C32 BCR QL . -11.22 -72.12 -24.69
C34 BCR QL . -15.65 -70.98 -27.63
C12 BCR QL . -14.54 -70.00 -31.52
C13 BCR QL . -15.06 -70.47 -32.81
C14 BCR QL . -14.89 -69.66 -33.85
C15 BCR QL . -15.32 -69.96 -35.20
C16 BCR QL . -15.29 -69.61 -36.48
C17 BCR QL . -15.38 -69.53 -37.67
C18 BCR QL . -15.20 -68.88 -38.81
C19 BCR QL . -15.56 -69.39 -40.15
C20 BCR QL . -15.22 -69.36 -41.42
C21 BCR QL . -15.20 -69.56 -42.60
C22 BCR QL . -14.90 -69.34 -43.89
C23 BCR QL . -15.35 -70.29 -44.91
C24 BCR QL . -15.46 -69.89 -46.18
C25 BCR QL . -15.89 -70.80 -47.27
C26 BCR QL . -17.19 -70.96 -47.54
C27 BCR QL . -17.63 -72.02 -48.51
C28 BCR QL . -16.79 -71.78 -49.75
C29 BCR QL . -15.34 -72.08 -49.41
C30 BCR QL . -14.82 -71.46 -48.12
C35 BCR QL . -15.74 -71.79 -32.95
C36 BCR QL . -14.56 -67.54 -38.74
C37 BCR QL . -14.11 -68.13 -44.27
C38 BCR QL . -18.24 -70.10 -46.92
C39 BCR QL . -13.80 -70.40 -48.47
C40 BCR QL . -14.15 -72.56 -47.32
C1 BCR RL . -32.99 -59.25 -51.75
C2 BCR RL . -33.85 -58.09 -51.28
C3 BCR RL . -33.29 -56.76 -51.74
C4 BCR RL . -31.92 -56.55 -51.15
C5 BCR RL . -31.04 -57.73 -51.48
C6 BCR RL . -31.52 -58.98 -51.44
C7 BCR RL . -30.61 -60.10 -51.06
C8 BCR RL . -30.14 -60.97 -51.97
C9 BCR RL . -29.36 -61.94 -51.70
C10 BCR RL . -29.08 -62.34 -50.56
C11 BCR RL . -28.42 -63.22 -50.11
C33 BCR RL . -29.62 -57.44 -51.83
C31 BCR RL . -33.13 -59.42 -53.26
C32 BCR RL . -33.50 -60.49 -51.05
C34 BCR RL . -28.69 -62.65 -52.83
C12 BCR RL . -27.72 -64.05 -49.50
C13 BCR RL . -26.78 -65.18 -49.40
C14 BCR RL . -26.17 -65.39 -48.23
C15 BCR RL . -25.22 -66.47 -47.97
C16 BCR RL . -24.38 -67.05 -47.14
C17 BCR RL . -23.58 -67.76 -46.59
C18 BCR RL . -22.74 -68.07 -45.61
C19 BCR RL . -21.93 -69.28 -45.52
C20 BCR RL . -21.23 -70.06 -44.71
C21 BCR RL . -20.51 -70.89 -44.25
C22 BCR RL . -19.76 -71.48 -43.31
C23 BCR RL . -19.03 -72.73 -43.58
C24 BCR RL . -18.76 -73.57 -42.56
C25 BCR RL . -18.02 -74.82 -42.78
C26 BCR RL . -16.69 -74.75 -42.87
C27 BCR RL . -15.94 -75.67 -43.80
C28 BCR RL . -16.50 -77.07 -43.64
C29 BCR RL . -18.01 -77.05 -43.86
C30 BCR RL . -18.70 -76.17 -42.83
C35 BCR RL . -26.48 -66.06 -50.57
C36 BCR RL . -22.60 -67.08 -44.49
C37 BCR RL . -19.65 -70.83 -41.97
C38 BCR RL . -15.92 -73.75 -42.06
C39 BCR RL . -18.57 -76.84 -41.46
C40 BCR RL . -20.18 -76.07 -43.18
C1 BCR SL . -24.93 -72.83 -44.48
C2 BCR SL . -24.79 -74.35 -44.54
C3 BCR SL . -25.45 -74.94 -45.77
C4 BCR SL . -26.93 -74.58 -45.81
C5 BCR SL . -27.04 -73.08 -45.71
C6 BCR SL . -26.37 -72.44 -44.74
C7 BCR SL . -27.04 -71.38 -43.94
C8 BCR SL . -26.94 -70.06 -44.18
C9 BCR SL . -27.56 -69.24 -43.41
C10 BCR SL . -27.00 -68.16 -43.12
C11 BCR SL . -26.99 -67.00 -43.30
C33 BCR SL . -27.92 -72.37 -46.70
C31 BCR SL . -24.08 -72.19 -45.58
C32 BCR SL . -24.46 -72.36 -43.10
C34 BCR SL . -28.92 -69.56 -42.88
C12 BCR SL . -26.94 -65.77 -43.51
C13 BCR SL . -27.31 -64.36 -43.26
C14 BCR SL . -26.93 -63.42 -44.12
C15 BCR SL . -27.25 -62.02 -43.90
C16 BCR SL . -27.13 -60.74 -44.22
C17 BCR SL . -27.23 -59.55 -44.23
C18 BCR SL . -26.95 -58.30 -44.59
C19 BCR SL . -27.68 -57.15 -44.04
C20 BCR SL . -28.04 -55.89 -44.17
C21 BCR SL . -28.08 -54.78 -44.62
C22 BCR SL . -28.18 -53.83 -45.54
C23 BCR SL . -28.26 -52.42 -45.17
C24 BCR SL . -29.39 -52.00 -44.61
C25 BCR SL . -29.66 -50.61 -44.18
C26 BCR SL . -29.33 -50.14 -42.97
C27 BCR SL . -30.38 -49.39 -42.19
C28 BCR SL . -30.98 -48.34 -43.11
C29 BCR SL . -31.47 -48.93 -44.42
C30 BCR SL . -30.38 -49.69 -45.14
C35 BCR SL . -28.07 -64.00 -42.02
C36 BCR SL . -25.86 -58.06 -45.59
C37 BCR SL . -28.17 -54.20 -46.99
C38 BCR SL . -27.98 -50.32 -42.35
C39 BCR SL . -29.33 -48.73 -45.67
C40 BCR SL . -31.01 -50.42 -46.30
C1 BCR TL . -30.11 -47.37 -18.77
C2 BCR TL . -30.81 -46.53 -17.72
C3 BCR TL . -31.37 -45.24 -18.31
C4 BCR TL . -30.22 -44.41 -18.89
C5 BCR TL . -29.54 -45.28 -19.90
C6 BCR TL . -29.19 -46.53 -19.61
C7 BCR TL . -27.96 -47.11 -20.18
C8 BCR TL . -26.75 -46.75 -19.76
C9 BCR TL . -25.68 -47.23 -20.24
C10 BCR TL . -24.64 -46.58 -20.09
C11 BCR TL . -23.50 -46.62 -19.78
C33 BCR TL . -29.26 -44.72 -21.26
C31 BCR TL . -31.12 -47.88 -19.76
C32 BCR TL . -29.40 -48.54 -18.13
C34 BCR TL . -25.65 -48.55 -20.95
C12 BCR TL . -22.31 -46.59 -19.43
C13 BCR TL . -20.91 -46.98 -19.43
C14 BCR TL . -20.07 -46.26 -18.69
C15 BCR TL . -18.66 -46.54 -18.60
C16 BCR TL . -17.47 -46.30 -18.10
C17 BCR TL . -16.29 -46.35 -17.85
C18 BCR TL . -15.13 -45.99 -17.30
C19 BCR TL . -15.09 -44.77 -16.49
C20 BCR TL . -14.40 -43.75 -15.99
C21 BCR TL . -14.15 -42.75 -15.38
C22 BCR TL . -13.51 -41.89 -14.59
C23 BCR TL . -14.06 -40.55 -14.40
C24 BCR TL . -14.06 -39.98 -13.20
C25 BCR TL . -14.60 -38.62 -13.02
C26 BCR TL . -13.77 -37.58 -13.19
C27 BCR TL . -14.28 -36.28 -13.75
C28 BCR TL . -15.70 -35.99 -13.27
C29 BCR TL . -16.21 -36.94 -12.20
C30 BCR TL . -16.05 -38.38 -12.63
C35 BCR TL . -20.42 -48.15 -20.24
C36 BCR TL . -13.89 -46.80 -17.54
C37 BCR TL . -12.26 -42.29 -13.89
C38 BCR TL . -12.32 -37.69 -12.84
C39 BCR TL . -17.02 -38.73 -13.75
C40 BCR TL . -16.36 -39.25 -11.43
C1 BCR UL . -27.78 -38.69 -23.52
C2 BCR UL . -28.89 -38.50 -22.50
C3 BCR UL . -28.82 -39.61 -21.47
C4 BCR UL . -29.21 -40.90 -22.15
C5 BCR UL . -28.48 -41.10 -23.45
C6 BCR UL . -27.76 -40.12 -24.03
C7 BCR UL . -26.98 -40.45 -25.24
C8 BCR UL . -25.71 -40.87 -25.23
C9 BCR UL . -25.11 -41.15 -26.30
C10 BCR UL . -24.34 -42.11 -26.35
C11 BCR UL . -23.24 -42.41 -26.52
C33 BCR UL . -28.62 -42.45 -24.08
C31 BCR UL . -26.48 -38.35 -22.82
C32 BCR UL . -28.00 -37.78 -24.70
C34 BCR UL . -25.30 -40.38 -27.55
C12 BCR UL . -22.06 -42.78 -26.67
C13 BCR UL . -20.84 -43.15 -27.38
C14 BCR UL . -19.76 -43.35 -26.65
C15 BCR UL . -18.50 -43.72 -27.25
C16 BCR UL . -17.27 -44.14 -27.11
C17 BCR UL . -16.14 -44.47 -27.31
C18 BCR UL . -15.00 -45.05 -27.00
C19 BCR UL . -13.84 -45.05 -27.89
C20 BCR UL . -12.63 -45.55 -28.01
C21 BCR UL . -11.53 -45.81 -28.37
C22 BCR UL . -10.32 -46.32 -28.25
C23 BCR UL . -9.35 -46.13 -29.32
C24 BCR UL . -8.23 -46.85 -29.35
C25 BCR UL . -7.18 -46.69 -30.40
C26 BCR UL . -7.13 -47.52 -31.44
C27 BCR UL . -5.86 -47.71 -32.26
C28 BCR UL . -4.68 -47.34 -31.39
C29 BCR UL . -4.83 -45.92 -30.86
C30 BCR UL . -6.18 -45.57 -30.27
C35 BCR UL . -20.82 -43.33 -28.87
C36 BCR UL . -14.87 -45.73 -25.67
C37 BCR UL . -9.95 -47.07 -27.01
C38 BCR UL . -8.32 -48.34 -31.85
C39 BCR UL . -6.77 -44.41 -31.03
C40 BCR UL . -5.96 -45.20 -28.80
C1 BCR VL . -36.97 -33.81 -47.62
C2 BCR VL . -36.03 -32.93 -46.82
C3 BCR VL . -35.72 -33.59 -45.49
C4 BCR VL . -36.99 -33.78 -44.66
C5 BCR VL . -37.92 -34.59 -45.52
C6 BCR VL . -38.13 -34.21 -46.77
C7 BCR VL . -39.52 -34.24 -47.29
C8 BCR VL . -40.45 -33.34 -46.98
C9 BCR VL . -41.61 -33.48 -47.48
C10 BCR VL . -42.31 -32.51 -47.84
C11 BCR VL . -42.44 -31.35 -47.99
C33 BCR VL . -38.58 -35.81 -44.99
C31 BCR VL . -36.24 -35.08 -48.01
C32 BCR VL . -37.45 -33.06 -48.87
C34 BCR VL . -42.22 -34.85 -47.63
C12 BCR VL . -42.67 -30.17 -48.24
C13 BCR VL . -42.85 -28.74 -47.97
C14 BCR VL . -43.85 -28.13 -48.63
C15 BCR VL . -44.21 -26.73 -48.50
C16 BCR VL . -45.13 -25.80 -48.70
C17 BCR VL . -45.76 -24.77 -48.74
C18 BCR VL . -46.79 -23.97 -49.00
C19 BCR VL . -48.02 -24.44 -49.63
C20 BCR VL . -49.19 -23.99 -50.04
C21 BCR VL . -50.29 -23.86 -50.44
C22 BCR VL . -51.46 -23.24 -50.56
C23 BCR VL . -52.55 -23.83 -51.33
C24 BCR VL . -53.72 -24.05 -50.74
C25 BCR VL . -54.89 -24.62 -51.44
C26 BCR VL . -55.93 -23.81 -51.66
C27 BCR VL . -57.30 -24.35 -51.95
C28 BCR VL . -57.18 -25.60 -52.78
C29 BCR VL . -56.34 -26.58 -51.99
C30 BCR VL . -54.92 -26.07 -51.87
C35 BCR VL . -41.98 -28.01 -47.01
C36 BCR VL . -46.81 -22.52 -48.66
C37 BCR VL . -51.66 -21.92 -49.92
C38 BCR VL . -55.77 -22.31 -51.59
C39 BCR VL . -54.24 -26.25 -53.22
C40 BCR VL . -54.20 -26.95 -50.84
O1 LHG WL . -54.00 -39.96 -23.68
C1 LHG WL . -53.90 -38.57 -24.01
C2 LHG WL . -52.65 -38.36 -24.84
O2 LHG WL . -51.77 -39.46 -24.61
C3 LHG WL . -51.97 -37.06 -24.44
O3 LHG WL . -50.99 -36.74 -25.42
P LHG WL . -51.06 -35.36 -26.23
O4 LHG WL . -52.36 -35.28 -26.98
O5 LHG WL . -50.68 -34.27 -25.27
O6 LHG WL . -49.89 -35.57 -27.31
C4 LHG WL . -50.15 -35.33 -28.68
C5 LHG WL . -48.87 -35.35 -29.52
C6 LHG WL . -47.65 -35.71 -28.67
O7 LHG WL . -49.02 -36.32 -30.54
C7 LHG WL . -49.25 -35.76 -31.86
O9 LHG WL . -48.52 -34.89 -32.27
C8 LHG WL . -50.39 -36.26 -32.72
C9 LHG WL . -49.80 -36.87 -33.97
C10 LHG WL . -50.83 -36.89 -35.10
O8 LHG WL . -46.60 -36.22 -29.51
C23 LHG WL . -46.31 -37.64 -29.59
O10 LHG WL . -47.01 -38.41 -28.97
C24 LHG WL . -45.18 -38.20 -30.42
C11 LHG WL . -50.12 -37.10 -36.42
C12 LHG WL . -51.11 -37.25 -37.57
C13 LHG WL . -50.49 -37.84 -38.85
C14 LHG WL . -49.22 -38.65 -38.64
C15 LHG WL . -48.50 -38.91 -39.96
C16 LHG WL . -47.09 -39.45 -39.73
C17 LHG WL . -46.53 -40.05 -41.01
C18 LHG WL . -45.20 -40.75 -40.77
C19 LHG WL . -44.45 -41.00 -42.07
C25 LHG WL . -44.51 -37.10 -31.24
C26 LHG WL . -43.03 -36.98 -30.89
C27 LHG WL . -42.24 -36.30 -31.99
C28 LHG WL . -42.15 -34.80 -31.75
C29 LHG WL . -41.16 -34.12 -32.71
C30 LHG WL . -41.49 -34.40 -34.17
C31 LHG WL . -40.27 -34.91 -34.92
C32 LHG WL . -39.77 -33.91 -35.95
C33 LHG WL . -40.12 -34.35 -37.36
C34 LHG WL . -39.13 -33.81 -38.39
C1 LMG XL . -0.20 -16.21 -30.12
O1 LMG XL . -1.38 -16.93 -29.78
C2 LMG XL . -0.16 -16.01 -31.63
O2 LMG XL . 0.12 -17.27 -32.25
C3 LMG XL . 0.94 -15.02 -32.05
O3 LMG XL . 0.68 -14.60 -33.39
C4 LMG XL . 1.03 -13.79 -31.16
O4 LMG XL . -0.04 -12.88 -31.48
C5 LMG XL . 0.96 -14.18 -29.69
O5 LMG XL . 2.17 -12.25 -28.97
C6 LMG XL . 0.94 -12.95 -28.80
O6 LMG XL . -0.22 -14.95 -29.46
C7 LMG XL . -1.58 -17.01 -28.37
C8 LMG XL . -2.89 -17.74 -28.10
C9 LMG XL . -2.70 -19.26 -28.22
O7 LMG XL . -3.36 -17.43 -26.78
C10 LMG XL . -4.65 -16.77 -26.77
O9 LMG XL . -4.85 -15.86 -27.55
C11 LMG XL . -5.73 -17.18 -25.79
C12 LMG XL . -7.10 -16.81 -26.34
C13 LMG XL . -8.20 -17.57 -25.61
C14 LMG XL . -8.08 -19.07 -25.83
C15 LMG XL . -8.52 -19.84 -24.60
C16 LMG XL . -9.79 -20.66 -24.81
C17 LMG XL . -9.58 -21.82 -25.76
C18 LMG XL . -10.86 -22.61 -25.88
O8 LMG XL . -1.45 -19.61 -28.81
C28 LMG XL . -1.29 -20.83 -29.59
O10 LMG XL . -0.79 -20.77 -30.70
C29 LMG XL . -1.73 -22.17 -29.05
C30 LMG XL . -3.03 -22.59 -29.73
C31 LMG XL . -3.83 -23.56 -28.89
C32 LMG XL . -4.10 -22.99 -27.50
C33 LMG XL . -3.93 -24.08 -26.45
C34 LMG XL . -2.58 -24.77 -26.52
C35 LMG XL . -2.44 -25.81 -25.43
C36 LMG XL . -0.98 -26.16 -25.26
C37 LMG XL . -0.51 -26.61 -24.10
C38 LMG XL . -1.38 -26.80 -22.89
C39 LMG XL . -1.79 -28.25 -22.77
C40 LMG XL . -2.66 -28.62 -21.85
C41 LMG XL . -3.06 -30.08 -21.73
C42 LMG XL . -4.16 -30.23 -20.72
C43 LMG XL . -3.99 -29.84 -19.46
C44 LMG XL . -5.12 -30.00 -18.46
C45 LMG XL . -4.68 -29.51 -17.11
C1B LMT YL . 2.44 -29.88 -38.69
C2B LMT YL . 2.02 -28.61 -39.45
C3B LMT YL . 0.51 -28.64 -39.74
C4B LMT YL . 0.05 -29.97 -40.38
C5B LMT YL . 0.63 -31.13 -39.55
C6B LMT YL . 0.26 -32.49 -40.16
O1B LMT YL . 1.87 -29.88 -37.43
O2B LMT YL . 2.36 -27.53 -38.69
O3B LMT YL . 0.12 -27.55 -40.49
O4' LMT YL . -1.32 -30.05 -40.38
O5B LMT YL . 2.03 -31.03 -39.38
O6B LMT YL . -0.20 -32.34 -41.44
C1' LMT YL . 2.31 -29.95 -33.35
C2' LMT YL . 2.76 -28.66 -34.05
C3' LMT YL . 2.16 -28.63 -35.46
C4' LMT YL . 2.71 -29.77 -36.32
C5' LMT YL . 2.62 -31.09 -35.52
C6' LMT YL . 3.93 -31.86 -35.38
O1' LMT YL . 3.26 -30.43 -32.51
O2' LMT YL . 2.27 -27.60 -33.34
O3' LMT YL . 2.42 -27.44 -36.07
O5' LMT YL . 1.93 -30.99 -34.28
O6' LMT YL . 3.64 -33.14 -35.70
C1 LMT YL . 3.02 -30.17 -31.16
C2 LMT YL . 2.27 -31.37 -30.67
C3 LMT YL . 2.04 -31.43 -29.21
C4 LMT YL . 1.05 -32.55 -28.97
C5 LMT YL . 1.75 -33.74 -28.45
C6 LMT YL . 0.96 -34.43 -27.40
C7 LMT YL . 1.67 -35.69 -26.99
C8 LMT YL . 0.71 -36.59 -26.29
C1B LMT ZL . -15.78 -36.09 -20.13
C2B LMT ZL . -16.12 -35.71 -18.66
C3B LMT ZL . -17.02 -36.77 -17.99
C4B LMT ZL . -18.00 -37.39 -19.01
C5B LMT ZL . -17.13 -38.10 -20.07
C6B LMT ZL . -17.95 -38.40 -21.32
O1B LMT ZL . -14.58 -35.51 -20.54
O2B LMT ZL . -14.97 -35.57 -17.96
O3B LMT ZL . -17.65 -36.27 -16.89
O4' LMT ZL . -18.83 -38.32 -18.41
O5B LMT ZL . -15.88 -37.47 -20.39
O6B LMT ZL . -19.09 -39.07 -20.97
C1' LMT ZL . -11.10 -35.67 -22.55
C2' LMT ZL . -12.02 -36.84 -22.97
C3' LMT ZL . -13.42 -36.60 -22.35
C4' LMT ZL . -13.41 -36.25 -20.84
C5' LMT ZL . -12.25 -35.25 -20.61
C6' LMT ZL . -12.04 -34.83 -19.17
O1' LMT ZL . -9.83 -35.81 -23.03
O2' LMT ZL . -12.13 -36.85 -24.33
O3' LMT ZL . -14.21 -37.68 -22.57
O5' LMT ZL . -11.03 -35.71 -21.13
O6' LMT ZL . -11.00 -33.93 -19.19
C1 LMT ZL . -8.94 -34.82 -22.55
C2 LMT ZL . -7.74 -34.90 -23.42
C3 LMT ZL . -6.49 -34.24 -22.89
C4 LMT ZL . -5.52 -34.09 -24.03
C5 LMT ZL . -4.27 -33.42 -23.55
MG CLA AM . -32.05 -12.40 -42.97
CHA CLA AM . -34.25 -9.75 -42.45
CHB CLA AM . -33.43 -13.93 -40.27
CHC CLA AM . -30.02 -15.01 -43.64
CHD CLA AM . -30.69 -10.68 -45.75
NA CLA AM . -33.64 -11.92 -41.51
C1A CLA AM . -34.33 -10.84 -41.42
C2A CLA AM . -35.18 -10.79 -40.20
C3A CLA AM . -34.80 -12.05 -39.53
C4A CLA AM . -33.91 -12.69 -40.49
CMA CLA AM . -34.05 -11.64 -38.31
CAA CLA AM . -36.63 -11.02 -40.54
CBA CLA AM . -37.53 -10.65 -39.38
CGA CLA AM . -38.69 -11.57 -39.57
O1A CLA AM . -38.53 -12.74 -39.79
O2A CLA AM . -39.95 -11.26 -39.53
NB CLA AM . -31.78 -14.21 -42.07
C1B CLA AM . -32.45 -14.71 -41.04
C2B CLA AM . -32.07 -16.12 -40.72
C3B CLA AM . -31.04 -16.38 -41.73
C4B CLA AM . -30.94 -15.15 -42.51
CMB CLA AM . -32.65 -16.98 -39.65
CAB CLA AM . -30.21 -17.55 -42.07
CBB CLA AM . -30.01 -18.60 -41.32
NC CLA AM . -30.60 -12.78 -44.46
C1C CLA AM . -29.87 -13.89 -44.56
C2C CLA AM . -28.92 -13.91 -45.68
C3C CLA AM . -29.15 -12.63 -46.29
C4C CLA AM . -30.18 -12.01 -45.46
CMC CLA AM . -27.98 -14.98 -46.11
CAC CLA AM . -28.50 -12.00 -47.48
CBC CLA AM . -27.23 -11.38 -46.96
ND CLA AM . -32.29 -10.69 -43.95
C1D CLA AM . -31.76 -10.08 -44.99
C2D CLA AM . -32.31 -8.76 -45.29
C3D CLA AM . -33.30 -8.66 -44.23
C4D CLA AM . -33.24 -9.78 -43.51
CMD CLA AM . -32.06 -7.72 -46.31
CAD CLA AM . -34.33 -7.76 -43.71
OBD CLA AM . -34.80 -6.77 -44.34
CBD CLA AM . -35.12 -8.54 -42.73
CGD CLA AM . -35.42 -7.61 -41.61
O1D CLA AM . -34.70 -6.68 -41.37
O2D CLA AM . -36.63 -7.76 -40.83
CED CLA AM . -37.82 -7.26 -41.40
C1 CLA AM . -40.84 -11.35 -40.85
C2 CLA AM . -40.21 -11.62 -42.18
C3 CLA AM . -40.58 -11.00 -43.29
C4 CLA AM . -41.66 -9.96 -43.28
C5 CLA AM . -39.88 -11.36 -44.57
C6 CLA AM . -40.90 -11.54 -45.66
C7 CLA AM . -40.14 -11.63 -46.97
C8 CLA AM . -41.11 -11.74 -48.12
C9 CLA AM . -40.59 -12.72 -49.16
C10 CLA AM . -41.21 -10.33 -48.69
C11 CLA AM . -42.49 -10.24 -49.50
C12 CLA AM . -43.31 -9.05 -49.07
C13 CLA AM . -44.75 -9.37 -49.40
C14 CLA AM . -45.61 -8.13 -49.30
C15 CLA AM . -45.17 -10.41 -48.40
C16 CLA AM . -45.96 -11.52 -49.06
C17 CLA AM . -47.40 -11.31 -48.68
C18 CLA AM . -48.12 -12.53 -48.17
C19 CLA AM . -49.62 -12.37 -48.33
C20 CLA AM . -47.66 -13.81 -48.85
MG CLA BM . -44.42 -14.95 -42.66
CHA CLA BM . -41.52 -16.06 -44.21
CHB CLA BM . -46.00 -15.40 -45.67
CHC CLA BM . -47.25 -13.98 -41.12
CHD CLA BM . -42.65 -14.53 -39.63
NA CLA BM . -43.85 -15.65 -44.71
C1A CLA BM . -42.70 -15.98 -45.13
C2A CLA BM . -42.64 -16.25 -46.61
C3A CLA BM . -44.06 -15.98 -47.01
C4A CLA BM . -44.69 -15.64 -45.71
CMA CLA BM . -44.22 -14.91 -48.05
CAA CLA BM . -42.45 -17.71 -47.01
CBA CLA BM . -41.72 -17.82 -48.34
CGA CLA BM . -42.64 -18.41 -49.37
O1A CLA BM . -43.54 -19.17 -49.11
O2A CLA BM . -42.54 -18.17 -50.68
NB CLA BM . -46.34 -14.72 -43.33
C1B CLA BM . -46.83 -15.00 -44.54
C2B CLA BM . -48.28 -14.84 -44.66
C3B CLA BM . -48.62 -14.42 -43.32
C4B CLA BM . -47.36 -14.37 -42.55
CMB CLA BM . -49.20 -15.06 -45.82
CAB CLA BM . -49.96 -14.10 -42.83
CBB CLA BM . -50.92 -14.99 -42.79
NC CLA BM . -44.89 -14.39 -40.66
C1C CLA BM . -46.06 -13.91 -40.26
C2C CLA BM . -46.07 -13.32 -38.91
C3C CLA BM . -44.70 -13.50 -38.49
C4C CLA BM . -44.07 -14.15 -39.64
CMC CLA BM . -47.20 -12.71 -38.16
CAC CLA BM . -44.01 -13.08 -37.21
CBC CLA BM . -43.33 -11.73 -37.39
ND CLA BM . -42.57 -15.12 -41.96
C1D CLA BM . -41.96 -15.07 -40.79
C2D CLA BM . -40.59 -15.59 -40.77
C3D CLA BM . -40.47 -15.97 -42.17
C4D CLA BM . -41.61 -15.67 -42.79
CMD CLA BM . -39.55 -15.78 -39.73
CAD CLA BM . -39.50 -16.57 -43.10
OBD CLA BM . -38.70 -17.47 -42.71
CBD CLA BM . -40.15 -16.63 -44.44
CGD CLA BM . -39.31 -15.98 -45.49
O1D CLA BM . -39.36 -16.38 -46.63
O2D CLA BM . -38.40 -14.91 -45.21
CED CLA BM . -37.80 -14.35 -46.36
C1 CLA BM . -43.47 -18.92 -51.75
C2 CLA BM . -43.05 -20.11 -52.60
C3 CLA BM . -43.54 -21.33 -52.33
C4 CLA BM . -44.45 -21.53 -51.18
C5 CLA BM . -43.13 -22.52 -53.18
C6 CLA BM . -43.63 -23.85 -52.60
C7 CLA BM . -44.74 -24.41 -53.47
C8 CLA BM . -45.11 -25.80 -52.98
C9 CLA BM . -43.99 -26.78 -53.27
C10 CLA BM . -46.40 -26.22 -53.68
C11 CLA BM . -46.90 -27.54 -53.14
C12 CLA BM . -48.17 -27.34 -52.32
C13 CLA BM . -48.54 -28.61 -51.57
C14 CLA BM . -50.04 -28.65 -51.29
C15 CLA BM . -47.74 -28.71 -50.28
C16 CLA BM . -46.80 -29.90 -50.29
C17 CLA BM . -47.36 -31.05 -49.46
C18 CLA BM . -46.96 -32.38 -50.05
C19 CLA BM . -46.16 -33.21 -49.04
C20 CLA BM . -48.18 -33.15 -50.55
MG CLA CM . -29.98 -20.31 -25.96
CHA CLA CM . -28.73 -22.02 -23.18
CHB CLA CM . -27.47 -18.04 -25.56
CHC CLA CM . -30.94 -18.93 -28.85
CHD CLA CM . -32.65 -22.54 -26.11
NA CLA CM . -28.29 -20.03 -24.56
C1A CLA CM . -28.00 -20.75 -23.54
C2A CLA CM . -26.86 -20.17 -22.77
C3A CLA CM . -26.56 -18.90 -23.52
C4A CLA CM . -27.51 -18.99 -24.63
CMA CLA CM . -26.54 -17.60 -22.74
CAA CLA CM . -25.65 -21.04 -23.11
CBA CLA CM . -24.51 -20.79 -22.15
CGA CLA CM . -23.42 -20.12 -22.93
O1A CLA CM . -23.20 -20.35 -24.09
O2A CLA CM . -22.64 -19.18 -22.46
NB CLA CM . -29.28 -18.71 -27.05
C1B CLA CM . -28.30 -17.86 -26.74
C2B CLA CM . -28.10 -16.77 -27.73
C3B CLA CM . -29.16 -17.06 -28.67
C4B CLA CM . -29.83 -18.28 -28.18
CMB CLA CM . -27.10 -15.65 -27.70
CAB CLA CM . -29.53 -16.37 -29.90
CBB CLA CM . -28.65 -16.32 -30.88
NC CLA CM . -31.58 -20.71 -27.28
C1C CLA CM . -31.79 -20.02 -28.37
C2C CLA CM . -32.97 -20.39 -29.12
C3C CLA CM . -33.54 -21.48 -28.36
C4C CLA CM . -32.59 -21.59 -27.22
CMC CLA CM . -33.36 -19.76 -30.39
CAC CLA CM . -34.83 -22.19 -28.75
CBC CLA CM . -35.04 -23.65 -28.44
ND CLA CM . -30.65 -21.90 -24.99
C1D CLA CM . -31.67 -22.72 -25.08
C2D CLA CM . -31.74 -23.80 -24.07
C3D CLA CM . -30.53 -23.46 -23.34
C4D CLA CM . -29.97 -22.38 -23.89
CMD CLA CM . -32.68 -24.91 -23.78
CAD CLA CM . -29.74 -23.91 -22.18
OBD CLA CM . -29.89 -25.03 -21.59
CBD CLA CM . -28.44 -23.18 -22.25
CGD CLA CM . -28.00 -22.83 -20.86
O1D CLA CM . -28.78 -22.55 -19.99
O2D CLA CM . -26.59 -22.84 -20.52
CED CLA CM . -26.20 -23.27 -19.23
C1 CLA CM . -22.12 -18.06 -23.46
C2 CLA CM . -22.94 -16.85 -23.86
C3 CLA CM . -23.27 -16.63 -25.14
C4 CLA CM . -22.88 -17.58 -26.22
C5 CLA CM . -24.07 -15.41 -25.47
C6 CLA CM . -23.23 -14.47 -26.32
C7 CLA CM . -22.21 -13.74 -25.45
C8 CLA CM . -21.87 -12.38 -26.03
C9 CLA CM . -21.26 -12.54 -27.40
C10 CLA CM . -20.89 -11.70 -25.08
C11 CLA CM . -21.54 -10.50 -24.40
C12 CLA CM . -20.52 -9.39 -24.24
C13 CLA CM . -20.79 -8.57 -22.99
C14 CLA CM . -20.85 -9.44 -21.75
C15 CLA CM . -22.09 -7.81 -23.17
C16 CLA CM . -22.35 -6.93 -21.95
C17 CLA CM . -22.48 -5.49 -22.42
C18 CLA CM . -23.18 -4.62 -21.39
C19 CLA CM . -23.40 -3.25 -22.00
C20 CLA CM . -24.50 -5.23 -20.94
MG CLA DM . -39.72 6.42 -13.90
CHA CLA DM . -40.57 5.97 -10.56
CHB CLA DM . -41.46 9.38 -13.83
CHC CLA DM . -38.75 6.90 -17.06
CHD CLA DM . -38.00 3.30 -13.88
NA CLA DM . -40.88 7.58 -12.40
C1A CLA DM . -41.10 7.25 -11.18
C2A CLA DM . -41.88 8.29 -10.44
C3A CLA DM . -42.19 9.30 -11.52
C4A CLA DM . -41.47 8.71 -12.67
CMA CLA DM . -43.62 9.72 -11.74
CAA CLA DM . -40.94 8.98 -9.43
CBA CLA DM . -39.74 9.76 -9.97
CGA CLA DM . -38.42 9.04 -9.97
O1A CLA DM . -37.37 9.52 -9.58
O2A CLA DM . -38.17 7.82 -10.40
NB CLA DM . -40.06 7.93 -15.24
C1B CLA DM . -40.81 9.03 -15.09
C2B CLA DM . -40.89 9.90 -16.28
C3B CLA DM . -40.09 9.15 -17.22
C4B CLA DM . -39.62 7.94 -16.49
CMB CLA DM . -41.64 11.20 -16.40
CAB CLA DM . -39.74 9.42 -18.61
CBB CLA DM . -40.64 9.79 -19.49
NC CLA DM . -38.53 5.29 -15.25
C1C CLA DM . -38.25 5.65 -16.50
C2C CLA DM . -37.39 4.73 -17.27
C3C CLA DM . -37.16 3.68 -16.29
C4C CLA DM . -37.91 4.12 -15.10
CMC CLA DM . -36.87 4.85 -18.67
CAC CLA DM . -36.35 2.42 -16.43
CBC CLA DM . -37.11 1.44 -17.29
ND CLA DM . -39.32 4.91 -12.64
C1D CLA DM . -38.66 3.76 -12.66
C2D CLA DM . -38.65 3.03 -11.37
C3D CLA DM . -39.43 3.97 -10.57
C4D CLA DM . -39.79 5.00 -11.34
CMD CLA DM . -38.11 1.76 -10.81
CAD CLA DM . -39.96 4.11 -9.21
OBD CLA DM . -39.57 3.44 -8.20
CBD CLA DM . -40.63 5.44 -9.13
CGD CLA DM . -42.01 5.28 -8.59
O1D CLA DM . -42.16 5.10 -7.39
O2D CLA DM . -43.18 5.37 -9.41
CED CLA DM . -44.36 5.91 -8.82
C1 CLA DM . -37.15 7.52 -11.59
C2 CLA DM . -36.05 6.53 -11.38
C3 CLA DM . -35.13 6.22 -12.31
C4 CLA DM . -34.07 5.23 -11.94
C5 CLA DM . -35.15 6.87 -13.67
C6 CLA DM . -34.49 5.96 -14.70
C7 CLA DM . -33.65 6.78 -15.66
C8 CLA DM . -32.44 6.02 -16.16
C9 CLA DM . -32.85 4.88 -17.10
C10 CLA DM . -31.63 5.49 -14.99
MG CLA EM . -49.83 9.82 -20.06
CHA CLA EM . -51.04 11.52 -22.81
CHB CLA EM . -46.69 10.73 -21.08
CHC CLA EM . -48.65 8.28 -17.30
CHD CLA EM . -53.12 8.96 -19.11
NA CLA EM . -48.94 11.00 -21.73
C1A CLA EM . -49.55 11.57 -22.69
C2A CLA EM . -48.64 12.22 -23.69
C3A CLA EM . -47.30 11.87 -23.11
C4A CLA EM . -47.66 11.17 -21.88
CMA CLA EM . -46.45 11.02 -24.02
CAA CLA EM . -48.75 13.76 -23.68
CBA CLA EM . -47.55 14.52 -24.26
CGA CLA EM . -47.29 14.31 -25.75
O1A CLA EM . -46.28 14.64 -26.32
O2A CLA EM . -48.11 13.78 -26.64
NB CLA EM . -47.93 9.57 -19.30
C1B CLA EM . -46.78 9.99 -19.83
C2B CLA EM . -45.59 9.60 -19.05
C3B CLA EM . -46.18 8.88 -17.95
C4B CLA EM . -47.64 8.90 -18.18
CMB CLA EM . -44.16 9.89 -19.33
CAB CLA EM . -45.44 8.25 -16.84
CBB CLA EM . -45.60 8.59 -15.60
NC CLA EM . -50.75 8.81 -18.44
C1C CLA EM . -50.09 8.16 -17.49
C2C CLA EM . -50.89 7.30 -16.63
C3C CLA EM . -52.22 7.50 -17.16
C4C CLA EM . -52.02 8.44 -18.28
CMC CLA EM . -50.44 6.46 -15.48
CAC CLA EM . -53.52 6.88 -16.73
CBC CLA EM . -53.79 5.68 -17.58
ND CLA EM . -51.69 10.09 -20.68
C1D CLA EM . -52.92 9.75 -20.31
C2D CLA EM . -53.99 10.22 -21.20
C3D CLA EM . -53.17 10.92 -22.18
C4D CLA EM . -51.90 10.82 -21.83
CMD CLA EM . -55.48 10.15 -21.30
CAD CLA EM . -53.30 11.72 -23.41
OBD CLA EM . -54.40 11.93 -24.05
CBD CLA EM . -51.93 11.99 -23.92
CGD CLA EM . -51.71 11.02 -25.01
O1D CLA EM . -52.33 9.98 -25.01
O2D CLA EM . -50.77 11.24 -26.07
CED CLA EM . -50.60 10.14 -26.96
C1 CLA EM . -49.21 14.70 -27.34
C2 CLA EM . -50.23 15.45 -26.50
C3 CLA EM . -51.33 15.99 -27.02
C4 CLA EM . -51.57 15.89 -28.49
C5 CLA EM . -52.30 16.74 -26.14
C6 CLA EM . -53.10 15.77 -25.27
C7 CLA EM . -52.98 16.11 -23.79
C8 CLA EM . -54.04 15.38 -22.99
C9 CLA EM . -55.30 16.21 -22.93
C10 CLA EM . -53.55 15.10 -21.59
C11 CLA EM . -54.61 14.39 -20.76
C12 CLA EM . -54.20 14.42 -19.29
C13 CLA EM . -54.93 13.40 -18.45
C14 CLA EM . -56.44 13.59 -18.56
C15 CLA EM . -54.50 13.57 -17.01
MG CLA FM . -42.04 8.97 -25.36
CHA CLA FM . -41.64 7.14 -22.44
CHB CLA FM . -45.25 7.84 -25.48
CHC CLA FM . -42.45 10.91 -28.08
CHD CLA FM . -38.68 10.06 -25.11
NA CLA FM . -43.33 7.66 -24.12
C1A CLA FM . -43.02 7.03 -23.06
C2A CLA FM . -44.11 6.17 -22.52
C3A CLA FM . -45.17 6.37 -23.55
C4A CLA FM . -44.56 7.37 -24.42
CMA CLA FM . -45.55 5.10 -24.26
CAA CLA FM . -44.73 6.85 -21.32
CBA CLA FM . -44.43 6.19 -19.98
CGA CLA FM . -45.39 5.06 -19.71
O1A CLA FM . -46.58 5.19 -19.71
O2A CLA FM . -45.03 3.83 -19.43
NB CLA FM . -43.65 9.33 -26.57
C1B CLA FM . -44.86 8.78 -26.52
C2B CLA FM . -45.77 9.21 -27.61
C3B CLA FM . -44.89 10.11 -28.36
C4B CLA FM . -43.61 10.12 -27.64
CMB CLA FM . -47.18 8.81 -27.87
CAB CLA FM . -45.18 10.89 -29.57
CBB CLA FM . -46.07 11.84 -29.54
NC CLA FM . -40.78 10.32 -26.40
C1C CLA FM . -41.10 10.97 -27.50
C2C CLA FM . -40.02 11.75 -28.11
C3C CLA FM . -38.94 11.51 -27.21
C4C CLA FM . -39.50 10.62 -26.19
CMC CLA FM . -40.06 12.59 -29.35
CAC CLA FM . -37.53 12.00 -27.23
CBC CLA FM . -36.74 11.05 -28.08
ND CLA FM . -40.47 8.79 -24.15
C1D CLA FM . -39.20 9.16 -24.11
C2D CLA FM . -38.39 8.59 -23.00
C3D CLA FM . -39.45 7.80 -22.40
C4D CLA FM . -40.59 7.95 -23.07
CMD CLA FM . -37.00 8.62 -22.47
CAD CLA FM . -39.63 6.90 -21.27
OBD CLA FM . -38.83 6.88 -20.29
CBD CLA FM . -41.05 6.51 -21.21
CGD CLA FM . -41.10 5.01 -21.20
O1D CLA FM . -40.76 4.36 -22.16
O2D CLA FM . -41.56 4.35 -20.00
CED CLA FM . -40.62 4.03 -19.00
C1 CLA FM . -44.47 2.89 -20.58
C2 CLA FM . -45.36 1.99 -21.39
C3 CLA FM . -44.91 1.41 -22.51
C4 CLA FM . -45.86 0.54 -23.24
C5 CLA FM . -43.51 1.63 -23.04
C6 CLA FM . -43.28 0.94 -24.38
C7 CLA FM . -43.31 1.93 -25.53
C8 CLA FM . -43.23 1.21 -26.86
C9 CLA FM . -41.82 1.29 -27.44
C10 CLA FM . -44.29 1.74 -27.82
C11 CLA FM . -43.86 2.95 -28.65
C12 CLA FM . -44.53 4.23 -28.17
C13 CLA FM . -43.95 5.48 -28.80
C14 CLA FM . -44.44 5.62 -30.22
C15 CLA FM . -42.44 5.45 -28.78
C16 CLA FM . -41.87 6.23 -27.61
C17 CLA FM . -40.37 6.34 -27.74
C18 CLA FM . -39.68 5.96 -26.44
C19 CLA FM . -40.18 4.64 -25.87
C20 CLA FM . -38.17 5.93 -26.64
MG CLA GM . -24.80 15.47 -25.80
CHA CLA GM . -21.60 14.14 -26.31
CHB CLA GM . -26.02 12.58 -27.10
CHC CLA GM . -27.88 16.73 -25.28
CHD CLA GM . -23.37 18.41 -24.58
NA CLA GM . -23.95 13.57 -26.60
C1A CLA GM . -22.73 13.24 -26.71
C2A CLA GM . -22.50 11.90 -27.35
C3A CLA GM . -23.91 11.50 -27.64
C4A CLA GM . -24.69 12.61 -27.08
CMA CLA GM . -24.11 11.22 -29.10
CAA CLA GM . -22.01 10.84 -26.35
CBA CLA GM . -22.56 10.97 -24.93
CGA CLA GM . -21.53 11.60 -24.03
O1A CLA GM . -20.49 11.07 -23.73
O2A CLA GM . -21.61 12.81 -23.50
NB CLA GM . -26.67 14.74 -26.15
C1B CLA GM . -27.00 13.55 -26.64
C2B CLA GM . -28.46 13.30 -26.72
C3B CLA GM . -28.96 14.55 -26.18
C4B CLA GM . -27.80 15.38 -25.85
CMB CLA GM . -29.22 12.11 -27.20
CAB CLA GM . -30.36 14.94 -25.98
CBB CLA GM . -30.94 14.52 -24.90
NC CLA GM . -25.52 17.27 -24.95
C1C CLA GM . -26.80 17.64 -24.92
C2C CLA GM . -27.07 19.02 -24.50
C3C CLA GM . -25.72 19.50 -24.25
C4C CLA GM . -24.84 18.35 -24.55
CMC CLA GM . -28.38 19.73 -24.38
CAC CLA GM . -25.31 20.87 -23.80
CBC CLA GM . -24.90 20.78 -22.36
ND CLA GM . -22.98 16.24 -25.49
C1D CLA GM . -22.48 17.33 -24.98
C2D CLA GM . -20.99 17.36 -24.89
C3D CLA GM . -20.70 16.04 -25.44
C4D CLA GM . -21.86 15.46 -25.76
CMD CLA GM . -19.94 18.29 -24.42
CAD CLA GM . -19.58 15.15 -25.76
OBD CLA GM . -18.46 15.18 -25.14
CBD CLA GM . -20.11 13.94 -26.43
CGD CLA GM . -19.73 13.98 -27.88
O1D CLA GM . -19.67 15.03 -28.46
O2D CLA GM . -19.44 12.77 -28.62
CED CLA GM . -18.51 12.80 -29.68
C1 CLA GM . -22.43 13.14 -22.18
C2 CLA GM . -23.68 14.00 -22.18
C3 CLA GM . -23.70 15.19 -21.54
C4 CLA GM . -22.50 15.71 -20.84
C5 CLA GM . -24.95 16.04 -21.53
C6 CLA GM . -26.19 15.23 -21.88
C7 CLA GM . -27.32 15.50 -20.92
C8 CLA GM . -28.44 16.23 -21.63
C9 CLA GM . -28.42 17.70 -21.24
C10 CLA GM . -29.79 15.61 -21.29
C11 CLA GM . -29.82 14.11 -21.52
C12 CLA GM . -30.54 13.39 -20.40
C13 CLA GM . -31.83 12.76 -20.88
C14 CLA GM . -32.96 13.77 -20.88
C15 CLA GM . -32.15 11.57 -19.97
C16 CLA GM . -33.48 10.93 -20.36
C17 CLA GM . -33.27 9.53 -20.92
C18 CLA GM . -33.47 8.49 -19.83
C19 CLA GM . -34.91 8.51 -19.33
C20 CLA GM . -33.07 7.11 -20.34
MG CLA HM . -26.65 8.59 -33.02
CHA CLA HM . -28.59 10.87 -34.80
CHB CLA HM . -27.61 10.22 -30.16
CHC CLA HM . -24.80 6.36 -31.28
CHD CLA HM . -25.69 7.05 -36.01
NA CLA HM . -27.93 10.33 -32.49
C1A CLA HM . -28.56 11.09 -33.30
C2A CLA HM . -29.37 12.11 -32.61
C3A CLA HM . -28.96 11.96 -31.18
C4A CLA HM . -28.09 10.76 -31.27
CMA CLA HM . -28.35 13.19 -30.58
CAA CLA HM . -30.85 11.64 -32.67
CBA CLA HM . -31.37 10.44 -31.88
CGA CLA HM . -31.16 9.04 -32.47
O1A CLA HM . -31.80 8.09 -32.12
O2A CLA HM . -30.29 8.65 -33.38
NB CLA HM . -26.25 8.35 -31.02
C1B CLA HM . -26.73 9.06 -30.01
C2B CLA HM . -26.34 8.57 -28.67
C3B CLA HM . -25.50 7.45 -29.01
C4B CLA HM . -25.51 7.38 -30.49
CMB CLA HM . -26.73 9.16 -27.34
CAB CLA HM . -24.77 6.53 -28.13
CBB CLA HM . -25.32 6.01 -27.05
NC CLA HM . -25.50 6.91 -33.56
C1C CLA HM . -24.84 6.11 -32.73
C2C CLA HM . -24.17 4.97 -33.36
C3C CLA HM . -24.50 5.16 -34.76
C4C CLA HM . -25.30 6.39 -34.77
CMC CLA HM . -23.41 3.86 -32.72
CAC CLA HM . -24.13 4.34 -35.96
CBC CLA HM . -25.27 3.43 -36.31
ND CLA HM . -26.92 8.83 -34.97
C1D CLA HM . -26.63 8.16 -36.07
C2D CLA HM . -27.28 8.63 -37.29
C3D CLA HM . -28.06 9.73 -36.73
C4D CLA HM . -27.80 9.79 -35.43
CMD CLA HM . -27.29 8.21 -38.72
CAD CLA HM . -29.00 10.77 -37.14
OBD CLA HM . -29.75 10.66 -38.16
CBD CLA HM . -29.41 11.51 -35.91
CGD CLA HM . -29.28 12.99 -36.06
O1D CLA HM . -30.02 13.59 -36.78
O2D CLA HM . -28.30 13.77 -35.32
CED CLA HM . -28.51 15.17 -35.22
C1 CLA HM . -30.03 7.12 -33.77
C2 CLA HM . -29.50 6.04 -32.87
C3 CLA HM . -28.88 4.96 -33.39
C4 CLA HM . -28.69 4.80 -34.87
C5 CLA HM . -28.36 3.86 -32.52
C6 CLA HM . -27.96 4.42 -31.17
C7 CLA HM . -28.32 3.44 -30.07
C8 CLA HM . -28.69 4.19 -28.81
C9 CLA HM . -28.96 3.21 -27.68
C10 CLA HM . -29.89 5.09 -29.08
C11 CLA HM . -29.74 6.43 -28.38
C12 CLA HM . -30.56 7.48 -29.08
C13 CLA HM . -31.75 7.87 -28.23
C14 CLA HM . -33.00 8.05 -29.07
C15 CLA HM . -31.47 9.17 -27.50
C16 CLA HM . -32.49 9.34 -26.39
C17 CLA HM . -32.57 10.78 -25.90
C18 CLA HM . -33.48 10.89 -24.69
C19 CLA HM . -33.65 12.32 -24.25
C20 CLA HM . -34.85 10.28 -24.96
MG CLA IM . -19.09 1.67 -31.62
CHA CLA IM . -20.20 4.94 -31.25
CHB CLA IM . -18.99 1.44 -28.23
CHC CLA IM . -18.31 -1.58 -32.03
CHD CLA IM . -19.04 2.08 -35.14
NA CLA IM . -19.55 3.00 -29.91
C1A CLA IM . -19.93 4.21 -29.95
C2A CLA IM . -20.10 4.82 -28.58
C3A CLA IM . -19.60 3.74 -27.70
C4A CLA IM . -19.38 2.65 -28.66
CMA CLA IM . -18.40 4.28 -26.99
CAA CLA IM . -21.61 4.98 -28.31
CBA CLA IM . -22.33 4.06 -27.32
CGA CLA IM . -23.49 3.37 -27.95
O1A CLA IM . -24.02 3.71 -28.99
O2A CLA IM . -24.10 2.30 -27.47
NB CLA IM . -18.71 0.14 -30.31
C1B CLA IM . -18.68 0.23 -28.99
C2B CLA IM . -18.32 -1.05 -28.34
C3B CLA IM . -18.10 -1.93 -29.47
C4B CLA IM . -18.38 -1.10 -30.66
CMB CLA IM . -18.23 -1.30 -26.89
CAB CLA IM . -17.72 -3.36 -29.52
CBB CLA IM . -16.77 -3.88 -28.76
NC CLA IM . -18.80 0.43 -33.32
C1C CLA IM . -18.42 -0.84 -33.28
C2C CLA IM . -18.14 -1.48 -34.56
C3C CLA IM . -18.39 -0.40 -35.48
C4C CLA IM . -18.77 0.73 -34.63
CMC CLA IM . -17.72 -2.89 -34.78
CAC CLA IM . -18.26 -0.41 -36.98
CBC CLA IM . -16.85 0.02 -37.33
ND CLA IM . -19.45 3.08 -32.98
C1D CLA IM . -19.49 3.19 -34.30
C2D CLA IM . -19.99 4.47 -34.81
C3D CLA IM . -20.24 5.14 -33.53
C4D CLA IM . -19.92 4.31 -32.55
CMD CLA IM . -20.22 5.06 -36.16
CAD CLA IM . -20.74 6.41 -32.99
OBD CLA IM . -21.51 7.20 -33.62
CBD CLA IM . -20.79 6.30 -31.52
CGD CLA IM . -20.08 7.43 -30.84
O1D CLA IM . -18.92 7.69 -31.08
O2D CLA IM . -20.76 8.21 -29.83
CED CLA IM . -20.68 9.62 -29.86
MG CLA JM . -13.63 -1.33 -24.41
CHA CLA JM . -10.33 -2.20 -24.73
CHB CLA JM . -12.67 1.94 -24.96
CHC CLA JM . -16.75 -0.49 -23.77
CHD CLA JM . -14.55 -4.77 -24.16
NA CLA JM . -11.73 -0.23 -24.81
C1A CLA JM . -10.57 -0.73 -24.91
C2A CLA JM . -9.49 0.26 -25.23
C3A CLA JM . -10.27 1.56 -25.25
C4A CLA JM . -11.65 1.07 -24.99
CMA CLA JM . -9.78 2.74 -24.46
CAA CLA JM . -9.03 0.07 -26.67
CBA CLA JM . -7.54 0.28 -26.83
CGA CLA JM . -7.32 0.95 -28.17
O1A CLA JM . -7.25 2.15 -28.35
O2A CLA JM . -7.20 0.32 -29.32
NB CLA JM . -14.58 0.50 -24.37
C1B CLA JM . -14.08 1.69 -24.67
C2B CLA JM . -15.09 2.78 -24.67
C3B CLA JM . -16.30 2.05 -24.32
C4B CLA JM . -15.88 0.64 -24.14
CMB CLA JM . -14.92 4.25 -24.96
CAB CLA JM . -17.62 2.69 -24.16
CBB CLA JM . -18.83 2.15 -24.17
NC CLA JM . -15.40 -2.46 -24.16
C1C CLA JM . -16.56 -1.92 -23.87
C2C CLA JM . -17.68 -2.85 -23.63
C3C CLA JM . -17.03 -4.12 -23.82
C4C CLA JM . -15.63 -3.78 -24.12
CMC CLA JM . -19.11 -2.54 -23.30
CAC CLA JM . -17.65 -5.47 -23.71
CBC CLA JM . -18.18 -5.87 -25.05
ND CLA JM . -12.79 -3.13 -24.44
C1D CLA JM . -13.14 -4.40 -24.31
C2D CLA JM . -12.02 -5.37 -24.33
C3D CLA JM . -10.92 -4.42 -24.50
C4D CLA JM . -11.41 -3.18 -24.56
CMD CLA JM . -11.83 -6.86 -24.25
CAD CLA JM . -9.45 -4.37 -24.62
OBD CLA JM . -8.67 -5.34 -24.32
CBD CLA JM . -9.02 -2.94 -24.64
CGD CLA JM . -8.38 -2.62 -23.33
O1D CLA JM . -8.54 -3.33 -22.36
O2D CLA JM . -7.56 -1.44 -23.17
CED CLA JM . -6.22 -1.57 -22.70
MG CLA KM . -49.58 26.71 -14.50
CHA CLA KM . -51.34 28.25 -11.91
CHB CLA KM . -52.46 24.97 -15.21
CHC CLA KM . -47.91 25.29 -17.06
CHD CLA KM . -46.68 28.55 -13.64
NA CLA KM . -51.66 26.60 -13.70
C1A CLA KM . -52.13 27.25 -12.70
C2A CLA KM . -53.56 26.92 -12.42
C3A CLA KM . -53.85 25.84 -13.40
C4A CLA KM . -52.58 25.81 -14.17
CMA CLA KM . -54.18 24.57 -12.67
CAA CLA KM . -54.39 28.08 -12.96
CBA CLA KM . -55.83 28.09 -12.45
CGA CLA KM . -56.41 29.43 -12.83
O1A CLA KM . -56.18 30.01 -13.87
O2A CLA KM . -57.22 30.14 -12.07
NB CLA KM . -50.12 25.33 -15.93
C1B CLA KM . -51.31 24.73 -16.08
C2B CLA KM . -51.36 23.78 -17.21
C3B CLA KM . -50.03 23.89 -17.76
C4B CLA KM . -49.30 24.87 -16.90
CMB CLA KM . -52.48 22.94 -17.71
CAB CLA KM . -49.55 23.09 -18.92
CBB CLA KM . -48.81 23.53 -19.91
NC CLA KM . -47.60 26.91 -15.25
C1C CLA KM . -47.12 26.28 -16.31
C2C CLA KM . -45.74 26.63 -16.71
C3C CLA KM . -45.40 27.60 -15.70
C4C CLA KM . -46.60 27.70 -14.84
CMC CLA KM . -44.94 26.10 -17.87
CAC CLA KM . -44.12 28.37 -15.53
CBC CLA KM . -43.20 27.60 -14.63
ND CLA KM . -49.01 28.08 -13.17
C1D CLA KM . -47.90 28.74 -12.85
C2D CLA KM . -48.01 29.62 -11.65
C3D CLA KM . -49.42 29.37 -11.33
C4D CLA KM . -49.92 28.51 -12.22
CMD CLA KM . -47.16 30.55 -10.85
CAD CLA KM . -50.45 29.77 -10.36
OBD CLA KM . -50.33 30.68 -9.47
CBD CLA KM . -51.73 29.09 -10.72
CGD CLA KM . -52.18 28.24 -9.57
O1D CLA KM . -51.76 27.11 -9.43
O2D CLA KM . -53.14 28.74 -8.61
CED CLA KM . -53.09 28.29 -7.27
C1 CLA KM . -56.65 31.43 -11.32
C2 CLA KM . -55.87 31.34 -10.03
C3 CLA KM . -54.83 32.14 -9.78
C4 CLA KM . -54.10 32.03 -8.48
C5 CLA KM . -54.38 33.16 -10.80
C6 CLA KM . -52.98 32.79 -11.30
C7 CLA KM . -52.92 32.75 -12.81
C8 CLA KM . -51.66 32.04 -13.30
C9 CLA KM . -50.43 32.93 -13.19
C10 CLA KM . -51.87 31.60 -14.74
C11 CLA KM . -50.68 30.81 -15.27
C12 CLA KM . -51.08 30.04 -16.54
C13 CLA KM . -49.90 29.21 -17.03
C14 CLA KM . -48.86 30.09 -17.70
C15 CLA KM . -50.42 28.08 -17.93
C16 CLA KM . -50.51 28.44 -19.40
C17 CLA KM . -50.33 27.23 -20.31
C18 CLA KM . -48.90 27.02 -20.83
C19 CLA KM . -48.93 26.33 -22.18
C20 CLA KM . -48.09 28.30 -20.94
MG CLA LM . -57.92 30.65 -20.47
CHA CLA LM . -58.87 28.97 -17.56
CHB CLA LM . -61.14 31.80 -20.68
CHC CLA LM . -56.97 32.35 -23.22
CHD CLA LM . -54.62 29.38 -20.13
NA CLA LM . -59.79 30.44 -19.28
C1A CLA LM . -59.98 29.78 -18.20
C2A CLA LM . -61.38 29.85 -17.68
C3A CLA LM . -62.05 30.73 -18.72
C4A CLA LM . -60.92 31.02 -19.62
CMA CLA LM . -63.37 30.29 -19.32
CAA CLA LM . -61.46 30.64 -16.38
CBA CLA LM . -62.07 29.78 -15.29
CGA CLA LM . -62.05 30.52 -13.98
O1A CLA LM . -62.73 30.24 -13.01
O2A CLA LM . -61.27 31.56 -13.74
NB CLA LM . -58.92 31.90 -21.74
C1B CLA LM . -60.21 32.25 -21.72
C2B CLA LM . -60.64 33.12 -22.83
C3B CLA LM . -59.39 33.27 -23.56
C4B CLA LM . -58.38 32.49 -22.83
CMB CLA LM . -61.99 33.70 -23.11
CAB CLA LM . -59.17 34.04 -24.81
CBB CLA LM . -58.50 35.17 -24.78
NC CLA LM . -56.06 30.89 -21.47
C1C CLA LM . -55.89 31.59 -22.59
C2C CLA LM . -54.54 31.54 -23.18
C3C CLA LM . -53.84 30.69 -22.23
C4C CLA LM . -54.87 30.34 -21.22
CMC CLA LM . -54.03 32.21 -24.42
CAC CLA LM . -52.40 30.26 -22.26
CBC CLA LM . -51.59 31.28 -21.51
ND CLA LM . -56.86 29.50 -19.22
C1D CLA LM . -55.63 29.01 -19.13
C2D CLA LM . -55.41 28.07 -18.00
C3D CLA LM . -56.74 28.11 -17.41
C4D CLA LM . -57.51 28.92 -18.13
CMD CLA LM . -54.29 27.24 -17.44
CAD CLA LM . -57.50 27.53 -16.29
OBD CLA LM . -57.10 26.61 -15.49
CBD CLA LM . -58.88 28.09 -16.32
CGD CLA LM . -59.88 26.97 -16.43
O1D CLA LM . -60.34 26.66 -17.51
O2D CLA LM . -60.35 26.27 -15.27
CED CLA LM . -61.03 25.03 -15.46
MG CLA MM . -53.53 22.23 -21.05
CHA CLA MM . -51.62 19.32 -20.95
CHB CLA MM . -51.35 23.36 -23.47
CHC CLA MM . -55.38 24.97 -21.22
CHD CLA MM . -55.75 20.86 -18.66
NA CLA MM . -51.72 21.47 -22.11
C1A CLA MM . -51.14 20.34 -21.95
C2A CLA MM . -49.93 20.17 -22.81
C3A CLA MM . -49.85 21.47 -23.56
C4A CLA MM . -51.06 22.15 -23.02
CMA CLA MM . -48.55 22.23 -23.59
CAA CLA MM . -50.20 19.13 -23.87
CBA CLA MM . -48.91 18.37 -24.12
CGA CLA MM . -48.60 18.57 -25.56
O1A CLA MM . -47.50 18.38 -26.06
O2A CLA MM . -49.51 18.97 -26.41
NB CLA MM . -53.38 23.92 -22.21
C1B CLA MM . -52.45 24.24 -23.10
C2B CLA MM . -52.63 25.57 -23.72
C3B CLA MM . -53.84 26.04 -23.03
C4B CLA MM . -54.23 24.95 -22.12
CMB CLA MM . -51.76 26.23 -24.75
CAB CLA MM . -54.58 27.32 -23.17
CBB CLA MM . -54.85 27.84 -24.34
NC CLA MM . -55.33 22.81 -20.10
C1C CLA MM . -55.90 23.98 -20.27
C2C CLA MM . -57.08 24.26 -19.45
C3C CLA MM . -57.22 23.04 -18.70
C4C CLA MM . -56.07 22.20 -19.16
CMC CLA MM . -57.93 25.49 -19.43
CAC CLA MM . -58.28 22.78 -17.65
CBC CLA MM . -59.26 21.69 -17.99
ND CLA MM . -53.78 20.54 -20.02
C1D CLA MM . -54.59 20.06 -19.09
C2D CLA MM . -54.22 18.74 -18.54
C3D CLA MM . -53.03 18.51 -19.34
C4D CLA MM . -52.83 19.54 -20.15
CMD CLA MM . -54.73 17.76 -17.53
CAD CLA MM . -51.97 17.50 -19.53
OBD CLA MM . -51.73 16.56 -18.70
CBD CLA MM . -50.99 18.02 -20.52
CGD CLA MM . -49.75 18.37 -19.79
O1D CLA MM . -49.77 18.65 -18.61
O2D CLA MM . -48.46 18.40 -20.43
CED CLA MM . -47.40 19.02 -19.71
C1 CLA MM . -49.33 18.82 -27.99
C2 CLA MM . -48.40 19.73 -28.74
C3 CLA MM . -48.58 20.05 -30.02
C4 CLA MM . -47.58 20.95 -30.65
C5 CLA MM . -49.74 19.50 -30.81
C6 CLA MM . -49.24 18.96 -32.13
C7 CLA MM . -49.58 17.48 -32.28
C8 CLA MM . -51.05 17.24 -32.56
C9 CLA MM . -51.43 15.83 -32.18
C10 CLA MM . -51.33 17.41 -34.03
C11 CLA MM . -52.18 18.64 -34.29
C12 CLA MM . -52.72 18.57 -35.71
C13 CLA MM . -54.24 18.66 -35.80
C14 CLA MM . -54.95 18.06 -34.59
C15 CLA MM . -54.63 17.93 -37.08
C16 CLA MM . -56.12 18.04 -37.37
C17 CLA MM . -56.56 19.48 -37.61
C18 CLA MM . -57.96 19.50 -38.21
C19 CLA MM . -58.45 20.93 -38.41
C20 CLA MM . -58.02 18.71 -39.51
MG CLA NM . -40.35 31.96 -34.76
CHA CLA NM . -36.92 32.32 -35.25
CHB CLA NM . -39.79 28.62 -34.29
CHC CLA NM . -43.65 31.63 -34.17
CHD CLA NM . -40.80 35.43 -35.34
NA CLA NM . -38.59 30.60 -34.74
C1A CLA NM . -37.37 30.91 -34.95
C2A CLA NM . -36.43 29.75 -34.91
C3A CLA NM . -37.39 28.62 -34.66
C4A CLA NM . -38.68 29.32 -34.54
CMA CLA NM . -37.37 27.52 -35.69
CAA CLA NM . -35.48 29.78 -33.70
CBA CLA NM . -36.16 30.16 -32.39
CGA CLA NM . -35.26 30.98 -31.51
O1A CLA NM . -34.14 30.66 -31.17
O2A CLA NM . -35.59 32.15 -31.01
NB CLA NM . -41.54 30.34 -34.29
C1B CLA NM . -41.17 29.07 -34.15
C2B CLA NM . -42.28 28.14 -33.84
C3B CLA NM . -43.42 29.06 -33.81
C4B CLA NM . -42.86 30.39 -34.10
CMB CLA NM . -42.15 26.66 -33.63
CAB CLA NM . -44.86 28.84 -33.56
CBB CLA NM . -45.50 27.70 -33.75
NC CLA NM . -41.97 33.34 -34.70
C1C CLA NM . -43.23 33.02 -34.45
C2C CLA NM . -44.19 34.13 -34.49
C3C CLA NM . -43.32 35.25 -34.78
C4C CLA NM . -41.98 34.66 -34.91
CMC CLA NM . -45.67 34.12 -34.23
CAC CLA NM . -43.69 36.70 -34.96
CBC CLA NM . -44.09 36.90 -36.38
ND CLA NM . -39.26 33.56 -35.19
C1D CLA NM . -39.46 34.86 -35.40
C2D CLA NM . -38.21 35.63 -35.69
C3D CLA NM . -37.24 34.55 -35.62
C4D CLA NM . -37.89 33.42 -35.33
CMD CLA NM . -37.81 37.03 -36.00
CAD CLA NM . -35.80 34.32 -35.74
OBD CLA NM . -34.89 35.21 -35.89
CBD CLA NM . -35.55 32.87 -35.58
CGD CLA NM . -35.01 32.37 -36.88
O1D CLA NM . -35.59 31.55 -37.56
O2D CLA NM . -33.75 32.90 -37.37
CED CLA NM . -33.70 33.52 -38.65
C1 CLA NM . -35.87 32.34 -29.45
C2 CLA NM . -34.85 33.01 -28.56
C3 CLA NM . -35.09 34.21 -28.02
C4 CLA NM . -34.05 34.85 -27.14
C5 CLA NM . -36.39 34.93 -28.28
C6 CLA NM . -37.31 34.87 -27.06
C7 CLA NM . -38.78 34.97 -27.46
C8 CLA NM . -39.56 33.80 -26.86
C9 CLA NM . -39.07 32.51 -27.50
C10 CLA NM . -41.06 33.97 -27.06
C11 CLA NM . -41.86 33.20 -26.01
C12 CLA NM . -42.58 31.99 -26.58
C13 CLA NM . -42.61 30.80 -25.62
C14 CLA NM . -41.29 30.61 -24.88
C15 CLA NM . -42.95 29.53 -26.39
C16 CLA NM . -44.20 28.85 -25.83
C17 CLA NM . -43.83 27.83 -24.76
C18 CLA NM . -44.55 28.12 -23.46
C19 CLA NM . -45.27 26.87 -22.96
C20 CLA NM . -43.60 28.65 -22.39
MG CLA OM . -48.20 39.36 -38.45
CHA CLA OM . -47.18 42.68 -39.02
CHB CLA OM . -47.09 39.74 -35.24
CHC CLA OM . -49.39 36.27 -37.86
CHD CLA OM . -49.20 39.10 -41.84
NA CLA OM . -47.26 41.00 -37.24
C1A CLA OM . -46.93 42.18 -37.62
C2A CLA OM . -46.25 42.98 -36.55
C3A CLA OM . -46.22 42.00 -35.39
C4A CLA OM . -46.90 40.83 -35.99
CMA CLA OM . -44.89 41.78 -34.70
CAA CLA OM . -47.10 44.14 -36.05
CBA CLA OM . -46.28 45.43 -36.03
CGA CLA OM . -46.13 45.95 -34.62
O1A CLA OM . -45.23 46.69 -34.24
O2A CLA OM . -46.96 45.69 -33.62
NB CLA OM . -48.23 38.19 -36.77
C1B CLA OM . -47.73 38.46 -35.58
C2B CLA OM . -47.87 37.35 -34.59
C3B CLA OM . -48.55 36.35 -35.41
C4B CLA OM . -48.74 36.94 -36.74
CMB CLA OM . -47.41 37.32 -33.16
CAB CLA OM . -48.98 34.99 -35.03
CBB CLA OM . -49.76 34.80 -33.98
NC CLA OM . -49.18 37.92 -39.67
C1C CLA OM . -49.59 36.72 -39.25
C2C CLA OM . -50.24 35.89 -40.27
C3C CLA OM . -50.20 36.74 -41.44
C4C CLA OM . -49.52 37.97 -40.96
CMC CLA OM . -50.83 34.52 -40.12
CAC CLA OM . -50.72 36.47 -42.83
CBC CLA OM . -52.04 37.18 -43.08
ND CLA OM . -48.26 40.49 -40.10
C1D CLA OM . -48.64 40.35 -41.37
C2D CLA OM . -48.39 41.52 -42.24
C3D CLA OM . -47.81 42.42 -41.24
C4D CLA OM . -47.76 41.79 -40.06
CMD CLA OM . -48.59 41.86 -43.67
CAD CLA OM . -47.26 43.78 -41.11
OBD CLA OM . -47.14 44.62 -42.08
CBD CLA OM . -46.92 44.02 -39.69
CGD CLA OM . -45.51 44.49 -39.68
O1D CLA OM . -45.25 45.60 -40.12
O2D CLA OM . -44.41 43.74 -39.15
CED CLA OM . -43.40 44.46 -38.45
MG CLA PM . -58.31 32.14 -47.75
CHA CLA PM . -58.03 32.51 -51.20
CHB CLA PM . -56.52 35.06 -47.44
CHC CLA PM . -58.69 31.83 -44.41
CHD CLA PM . -60.11 29.11 -48.21
NA CLA PM . -57.40 33.64 -49.13
C1A CLA PM . -57.39 33.62 -50.41
C2A CLA PM . -56.64 34.79 -51.01
C3A CLA PM . -56.15 35.51 -49.79
C4A CLA PM . -56.73 34.69 -48.70
CMA CLA PM . -54.67 35.80 -49.68
CAA CLA PM . -57.49 35.84 -51.75
CBA CLA PM . -59.01 35.74 -51.70
CGA CLA PM . -59.71 36.72 -50.79
O1A CLA PM . -59.90 37.90 -51.06
O2A CLA PM . -60.20 36.43 -49.59
NB CLA PM . -57.69 33.29 -46.17
C1B CLA PM . -56.97 34.41 -46.20
C2B CLA PM . -56.65 34.98 -44.86
C3B CLA PM . -57.30 33.99 -43.99
C4B CLA PM . -57.93 33.00 -44.89
CMB CLA PM . -55.87 36.21 -44.53
CAB CLA PM . -57.39 33.96 -42.52
CBB CLA PM . -57.91 34.97 -41.86
NC CLA PM . -59.28 30.72 -46.51
C1C CLA PM . -59.33 30.76 -45.18
C2C CLA PM . -60.06 29.67 -44.52
C3C CLA PM . -60.49 28.87 -45.67
C4C CLA PM . -59.96 29.60 -46.84
CMC CLA PM . -60.31 29.42 -43.06
CAC CLA PM . -61.29 27.60 -45.65
CBC CLA PM . -62.75 27.92 -45.87
ND CLA PM . -58.97 30.99 -49.24
C1D CLA PM . -59.66 29.86 -49.40
C2D CLA PM . -59.91 29.47 -50.82
C3D CLA PM . -59.22 30.58 -51.48
C4D CLA PM . -58.73 31.39 -50.54
CMD CLA PM . -60.59 28.37 -51.59
CAD CLA PM . -58.93 31.09 -52.83
OBD CLA PM . -59.26 30.53 -53.93
CBD CLA PM . -58.10 32.32 -52.70
CGD CLA PM . -56.75 31.99 -53.23
O1D CLA PM . -56.39 30.84 -53.28
O2D CLA PM . -55.86 33.03 -53.73
CED CLA PM . -55.15 32.80 -54.93
C1 CLA PM . -60.62 34.94 -49.19
C2 CLA PM . -61.68 34.15 -49.92
C3 CLA PM . -62.24 33.05 -49.39
C4 CLA PM . -63.28 32.30 -50.15
C5 CLA PM . -61.80 32.55 -48.03
C6 CLA PM . -62.84 32.88 -46.98
C7 CLA PM . -62.21 33.65 -45.82
C8 CLA PM . -62.35 32.93 -44.49
C9 CLA PM . -63.76 32.42 -44.25
C10 CLA PM . -61.93 33.87 -43.37
MG CLA QM . -54.32 21.81 -46.67
CHA CLA QM . -51.98 19.33 -47.30
CHB CLA QM . -52.36 23.90 -48.57
CHC CLA QM . -56.65 24.23 -46.18
CHD CLA QM . -56.24 19.59 -44.69
NA CLA QM . -52.41 21.66 -47.82
C1A CLA QM . -51.66 20.64 -47.96
C2A CLA QM . -50.40 20.90 -48.75
C3A CLA QM . -50.57 22.36 -49.10
C4A CLA QM . -51.87 22.67 -48.47
CMA CLA QM . -49.40 23.29 -48.80
CAA CLA QM . -50.31 20.17 -50.08
CBA CLA QM . -51.60 20.20 -50.89
CGA CLA QM . -51.24 20.47 -52.32
O1A CLA QM . -50.25 20.02 -52.87
O2A CLA QM . -51.94 21.24 -53.13
NB CLA QM . -54.47 23.75 -47.31
C1B CLA QM . -53.60 24.45 -48.03
C2B CLA QM . -53.98 25.85 -48.25
C3B CLA QM . -55.24 25.91 -47.53
C4B CLA QM . -55.47 24.58 -46.98
CMB CLA QM . -53.26 26.91 -48.99
CAB CLA QM . -56.13 27.06 -47.40
CBB CLA QM . -56.94 27.29 -48.40
NC CLA QM . -56.17 21.88 -45.63
C1C CLA QM . -56.95 22.96 -45.52
C2C CLA QM . -58.17 22.81 -44.71
C3C CLA QM . -58.06 21.41 -44.28
C4C CLA QM . -56.79 20.94 -44.91
CMC CLA QM . -59.21 23.87 -44.44
CAC CLA QM . -58.98 20.58 -43.43
CBC CLA QM . -59.15 21.14 -42.04
ND CLA QM . -54.26 19.92 -46.07
C1D CLA QM . -54.99 19.10 -45.31
C2D CLA QM . -54.43 17.74 -45.17
C3D CLA QM . -53.23 17.90 -46.00
C4D CLA QM . -53.19 19.15 -46.48
CMD CLA QM . -54.76 16.45 -44.48
CAD CLA QM . -52.06 17.14 -46.45
OBD CLA QM . -51.57 16.19 -45.75
CBD CLA QM . -51.21 18.04 -47.27
CGD CLA QM . -49.91 18.22 -46.55
O1D CLA QM . -49.91 18.56 -45.40
O2D CLA QM . -48.64 18.01 -47.21
CED CLA QM . -47.57 17.41 -46.49
C1 CLA QM . -53.43 21.63 -52.70
C2 CLA QM . -54.64 20.87 -53.19
C3 CLA QM . -55.77 20.86 -52.48
C4 CLA QM . -56.94 20.10 -53.03
C5 CLA QM . -55.89 21.58 -51.16
C6 CLA QM . -56.96 20.95 -50.28
C7 CLA QM . -57.07 21.65 -48.94
C8 CLA QM . -58.47 22.18 -48.65
C9 CLA QM . -59.45 21.07 -48.30
C10 CLA QM . -59.00 23.03 -49.79
C11 CLA QM . -59.50 24.35 -49.25
C12 CLA QM . -60.96 24.60 -49.63
C13 CLA QM . -61.98 23.95 -48.71
C14 CLA QM . -63.32 24.68 -48.82
C15 CLA QM . -61.55 23.99 -47.25
MG CLA RM . -48.44 21.62 -39.48
CHA CLA RM . -45.19 21.88 -40.68
CHB CLA RM . -49.24 20.10 -42.43
CHC CLA RM . -51.55 21.26 -38.28
CHD CLA RM . -47.48 23.25 -36.48
NA CLA RM . -47.36 21.03 -41.34
C1A CLA RM . -46.15 21.23 -41.64
C2A CLA RM . -45.79 20.77 -43.03
C3A CLA RM . -47.13 20.34 -43.57
C4A CLA RM . -47.97 20.48 -42.36
CMA CLA RM . -47.62 20.96 -44.86
CAA CLA RM . -44.95 19.47 -42.86
CBA CLA RM . -45.42 18.10 -43.40
CGA CLA RM . -46.24 17.33 -42.41
O1A CLA RM . -46.55 17.89 -41.39
O2A CLA RM . -46.73 16.11 -42.57
NB CLA RM . -50.14 20.79 -40.25
C1B CLA RM . -50.29 20.21 -41.43
C2B CLA RM . -51.64 19.67 -41.67
C3B CLA RM . -52.33 20.04 -40.44
C4B CLA RM . -51.31 20.72 -39.62
CMB CLA RM . -52.07 18.97 -42.92
CAB CLA RM . -53.71 19.83 -39.95
CBB CLA RM . -54.57 19.01 -40.52
NC CLA RM . -49.36 22.15 -37.64
C1C CLA RM . -50.64 21.95 -37.37
C2C CLA RM . -51.11 22.45 -36.07
C3C CLA RM . -49.88 23.02 -35.55
C4C CLA RM . -48.88 22.80 -36.59
CMC CLA RM . -52.49 22.34 -35.50
CAC CLA RM . -49.70 23.71 -34.25
CBC CLA RM . -49.57 22.65 -33.19
ND CLA RM . -46.82 22.46 -38.66
C1D CLA RM . -46.47 22.99 -37.50
C2D CLA RM . -45.03 23.30 -37.36
C3D CLA RM . -44.57 22.83 -38.68
C4D CLA RM . -45.62 22.36 -39.35
CMD CLA RM . -44.09 23.87 -36.34
CAD CLA RM . -43.35 22.71 -39.48
OBD CLA RM . -42.15 22.74 -39.04
CBD CLA RM . -43.73 22.20 -40.83
CGD CLA RM . -43.54 23.27 -41.84
O1D CLA RM . -43.99 24.38 -41.65
O2D CLA RM . -42.83 23.01 -43.07
CED CLA RM . -41.75 23.85 -43.45
C1 CLA RM . -48.30 15.80 -42.42
C2 CLA RM . -48.94 15.97 -41.06
C3 CLA RM . -50.17 15.62 -40.70
C4 CLA RM . -51.09 14.98 -41.69
C5 CLA RM . -50.63 15.89 -39.28
C6 CLA RM . -49.47 16.26 -38.33
C7 CLA RM . -49.37 17.75 -38.01
C8 CLA RM . -48.34 18.04 -36.92
C9 CLA RM . -48.81 19.15 -35.99
C10 CLA RM . -47.00 18.48 -37.49
C11 CLA RM . -45.99 18.58 -36.35
C12 CLA RM . -44.89 19.57 -36.65
C13 CLA RM . -43.54 18.89 -36.81
C14 CLA RM . -42.58 19.33 -35.72
C15 CLA RM . -42.96 19.26 -38.15
MG CLA SM . -64.65 18.26 -33.31
CHA CLA SM . -67.24 16.54 -31.78
CHB CLA SM . -62.50 16.46 -31.29
CHC CLA SM . -62.11 19.78 -34.89
CHD CLA SM . -66.98 20.01 -35.36
NA CLA SM . -64.81 16.69 -31.74
C1A CLA SM . -65.88 16.16 -31.29
C2A CLA SM . -65.64 15.13 -30.22
C3A CLA SM . -64.15 15.21 -30.07
C4A CLA SM . -63.78 16.18 -31.10
CMA CLA SM . -63.69 15.59 -28.69
CAA CLA SM . -65.94 13.71 -30.73
CBA CLA SM . -65.44 13.43 -32.16
CGA CLA SM . -66.03 12.21 -32.80
O1A CLA SM . -66.14 11.14 -32.26
O2A CLA SM . -66.48 12.19 -34.05
NB CLA SM . -62.63 18.12 -33.11
C1B CLA SM . -61.91 17.39 -32.25
C2B CLA SM . -60.44 17.55 -32.38
C3B CLA SM . -60.38 18.53 -33.44
C4B CLA SM . -61.77 18.84 -33.83
CMB CLA SM . -59.33 16.90 -31.62
CAB CLA SM . -59.20 19.14 -34.05
CBB CLA SM . -58.48 18.35 -34.79
NC CLA SM . -64.57 19.69 -34.87
C1C CLA SM . -63.45 20.18 -35.36
C2C CLA SM . -63.57 21.18 -36.42
C3C CLA SM . -65.02 21.26 -36.56
C4C CLA SM . -65.54 20.31 -35.55
CMC CLA SM . -62.45 21.86 -37.13
CAC CLA SM . -65.81 22.12 -37.51
CBC CLA SM . -65.76 23.56 -37.04
ND CLA SM . -66.63 18.36 -33.63
C1D CLA SM . -67.48 19.04 -34.38
C2D CLA SM . -68.92 18.74 -34.12
C3D CLA SM . -68.75 17.73 -33.06
C4D CLA SM . -67.44 17.55 -32.84
CMD CLA SM . -70.26 19.16 -34.61
CAD CLA SM . -69.54 16.86 -32.18
OBD CLA SM . -70.80 16.63 -32.28
CBD CLA SM . -68.60 16.09 -31.31
CGD CLA SM . -68.79 16.58 -29.92
O1D CLA SM . -69.04 17.75 -29.70
O2D CLA SM . -68.63 15.66 -28.81
CED CLA SM . -69.77 15.07 -28.20
C1 CLA SM . -65.91 11.17 -35.15
C2 CLA SM . -64.64 11.42 -35.93
C3 CLA SM . -64.60 11.31 -37.28
C4 CLA SM . -65.84 10.94 -38.05
C5 CLA SM . -63.30 11.57 -38.02
C6 CLA SM . -63.55 12.12 -39.42
C7 CLA SM . -62.38 12.96 -39.91
C8 CLA SM . -62.15 12.83 -41.41
C9 CLA SM . -60.98 13.68 -41.86
C10 CLA SM . -63.41 13.22 -42.16
MG CLA TM . -62.84 33.51 -27.60
CHA CLA TM . -64.92 32.01 -25.24
CHB CLA TM . -65.39 35.69 -28.27
CHC CLA TM . -60.77 34.97 -29.84
CHD CLA TM . -60.27 31.18 -26.81
NA CLA TM . -64.91 33.85 -26.85
C1A CLA TM . -65.54 33.20 -25.95
C2A CLA TM . -66.94 33.69 -25.70
C3A CLA TM . -67.05 34.82 -26.72
C4A CLA TM . -65.69 34.80 -27.33
CMA CLA TM . -68.26 34.86 -27.63
CAA CLA TM . -67.05 34.27 -24.27
CBA CLA TM . -67.45 35.73 -24.05
CGA CLA TM . -66.22 36.57 -23.76
O1A CLA TM . -66.22 37.80 -23.74
O2A CLA TM . -65.02 36.09 -23.51
NB CLA TM . -63.07 35.12 -28.87
C1B CLA TM . -64.15 35.88 -29.04
C2B CLA TM . -63.98 36.94 -30.07
C3B CLA TM . -62.60 36.69 -30.50
C4B CLA TM . -62.12 35.54 -29.71
CMB CLA TM . -64.95 37.99 -30.55
CAB CLA TM . -61.82 37.41 -31.54
CBB CLA TM . -60.91 38.28 -31.18
NC CLA TM . -60.81 33.18 -28.16
C1C CLA TM . -60.17 33.84 -29.12
C2C CLA TM . -58.81 33.37 -29.44
C3C CLA TM . -58.65 32.28 -28.49
C4C CLA TM . -59.94 32.24 -27.77
CMC CLA TM . -57.83 33.90 -30.45
CAC CLA TM . -57.49 31.37 -28.30
CBC CLA TM . -56.58 31.91 -27.21
ND CLA TM . -62.52 31.96 -26.38
C1D CLA TM . -61.54 31.11 -26.10
C2D CLA TM . -61.87 30.11 -25.06
C3D CLA TM . -63.23 30.53 -24.76
C4D CLA TM . -63.54 31.58 -25.53
CMD CLA TM . -61.21 28.96 -24.36
CAD CLA TM . -64.35 30.17 -23.88
OBD CLA TM . -64.22 29.54 -22.78
CBD CLA TM . -65.50 31.06 -24.21
CGD CLA TM . -66.60 30.23 -24.79
O1D CLA TM . -66.42 29.42 -25.68
O2D CLA TM . -67.95 30.39 -24.29
CED CLA TM . -68.34 29.60 -23.17
C1 CLA TM . -63.72 36.99 -23.71
C2 CLA TM . -63.27 37.47 -25.08
C3 CLA TM . -62.00 37.85 -25.31
C4 CLA TM . -60.98 37.83 -24.22
C5 CLA TM . -61.59 38.31 -26.68
C6 CLA TM . -60.31 37.60 -27.10
C7 CLA TM . -59.36 38.53 -27.83
C8 CLA TM . -58.28 37.73 -28.55
C9 CLA TM . -57.28 37.14 -27.57
C10 CLA TM . -57.57 38.61 -29.57
MG CLA UM . -73.88 24.72 -32.28
CHA CLA UM . -75.95 26.18 -29.89
CHB CLA UM . -76.53 22.69 -33.12
CHC CLA UM . -71.87 23.35 -34.63
CHD CLA UM . -71.23 26.89 -31.34
NA CLA UM . -76.00 24.45 -31.62
C1A CLA UM . -76.61 25.10 -30.70
C2A CLA UM . -78.03 24.63 -30.48
C3A CLA UM . -78.16 23.53 -31.52
C4A CLA UM . -76.81 23.55 -32.14
CMA CLA UM . -78.80 22.20 -31.14
CAA CLA UM . -79.11 25.66 -30.82
CBA CLA UM . -78.82 26.45 -32.08
CGA CLA UM . -79.91 27.49 -32.21
O1A CLA UM . -81.05 27.25 -32.53
O2A CLA UM . -79.75 28.78 -31.97
NB CLA UM . -74.18 23.23 -33.67
C1B CLA UM . -75.28 22.50 -33.89
C2B CLA UM . -75.14 21.49 -34.96
C3B CLA UM . -73.75 21.71 -35.38
C4B CLA UM . -73.25 22.80 -34.53
CMB CLA UM . -76.16 20.50 -35.45
CAB CLA UM . -72.93 21.04 -36.41
CBB CLA UM . -73.37 20.83 -37.63
NC CLA UM . -71.90 25.13 -32.94
C1C CLA UM . -71.25 24.43 -33.86
C2C CLA UM . -69.83 24.79 -34.08
C3C CLA UM . -69.68 25.88 -33.13
C4C CLA UM . -70.99 26.00 -32.48
CMC CLA UM . -68.84 24.20 -35.03
CAC CLA UM . -68.46 26.70 -32.84
CBC CLA UM . -68.54 28.00 -33.61
ND CLA UM . -73.52 26.21 -31.00
C1D CLA UM . -72.52 27.00 -30.64
C2D CLA UM . -72.80 27.93 -29.53
C3D CLA UM . -74.19 27.56 -29.28
C4D CLA UM . -74.54 26.59 -30.13
CMD CLA UM . -72.09 28.99 -28.75
CAD CLA UM . -75.33 27.89 -28.40
OBD CLA UM . -75.24 28.61 -27.34
CBD CLA UM . -76.46 26.99 -28.73
CGD CLA UM . -76.68 26.12 -27.53
O1D CLA UM . -77.19 26.56 -26.52
O2D CLA UM . -76.26 24.72 -27.53
CED CLA UM . -77.09 23.75 -26.89
MG CLA VM . -77.07 15.16 -33.86
CHA CLA VM . -77.70 17.39 -31.24
CHB CLA VM . -80.09 13.71 -33.16
CHC CLA VM . -76.55 13.13 -36.51
CHD CLA VM . -73.93 16.70 -34.43
NA CLA VM . -78.72 15.48 -32.40
C1A CLA VM . -78.79 16.36 -31.46
C2A CLA VM . -80.03 16.23 -30.60
C3A CLA VM . -80.71 15.03 -31.24
C4A CLA VM . -79.78 14.71 -32.34
CMA CLA VM . -81.10 13.86 -30.36
CAA CLA VM . -80.98 17.41 -30.78
CBA CLA VM . -81.02 17.98 -32.20
CGA CLA VM . -81.82 19.25 -32.24
O1A CLA VM . -82.98 19.36 -31.89
O2A CLA VM . -81.34 20.40 -32.68
NB CLA VM . -78.19 13.65 -34.70
C1B CLA VM . -79.37 13.18 -34.31
C2B CLA VM . -79.92 12.08 -35.15
C3B CLA VM . -78.84 11.93 -36.13
C4B CLA VM . -77.81 12.93 -35.77
CMB CLA VM . -81.21 11.34 -35.00
CAB CLA VM . -78.73 11.01 -37.27
CBB CLA VM . -79.68 10.95 -38.19
NC CLA VM . -75.52 15.00 -35.29
C1C CLA VM . -75.45 14.07 -36.24
C2C CLA VM . -74.21 14.04 -37.03
C3C CLA VM . -73.45 15.12 -36.44
C4C CLA VM . -74.34 15.64 -35.37
CMC CLA VM . -73.83 13.12 -38.17
CAC CLA VM . -72.07 15.59 -36.79
CBC CLA VM . -72.14 16.84 -37.65
ND CLA VM . -75.98 16.65 -33.13
C1D CLA VM . -74.79 17.20 -33.36
C2D CLA VM . -74.43 18.33 -32.46
C3D CLA VM . -75.64 18.35 -31.63
C4D CLA VM . -76.47 17.39 -32.06
CMD CLA VM . -73.28 19.27 -32.28
CAD CLA VM . -76.23 19.08 -30.50
OBD CLA VM . -75.62 19.89 -29.73
CBD CLA VM . -77.61 18.57 -30.29
CGD CLA VM . -77.74 18.12 -28.87
O1D CLA VM . -76.86 17.49 -28.36
O2D CLA VM . -78.93 18.42 -28.10
CED CLA VM . -78.81 18.76 -26.72
MG CLA WM . -70.63 6.97 -31.54
CHA CLA WM . -70.34 10.35 -30.75
CHB CLA WM . -72.25 7.92 -34.40
CHC CLA WM . -70.83 3.69 -32.32
CHD CLA WM . -68.90 6.13 -28.56
NA CLA WM . -71.24 8.89 -32.50
C1A CLA WM . -71.05 10.07 -32.06
C2A CLA WM . -71.59 11.14 -32.96
C3A CLA WM . -72.20 10.34 -34.08
C4A CLA WM . -71.89 8.95 -33.64
CMA CLA WM . -73.58 10.70 -34.58
CAA CLA WM . -70.40 11.79 -33.65
CBA CLA WM . -70.32 13.27 -33.39
CGA CLA WM . -69.73 13.94 -34.60
O1A CLA WM . -69.57 15.14 -34.71
O2A CLA WM . -69.34 13.31 -35.70
NB CLA WM . -71.44 5.97 -33.13
C1B CLA WM . -72.05 6.47 -34.19
C2B CLA WM . -72.51 5.46 -35.17
C3B CLA WM . -72.07 4.21 -34.52
C4B CLA WM . -71.43 4.64 -33.27
CMB CLA WM . -73.21 5.71 -36.46
CAB CLA WM . -72.19 2.80 -34.93
CBB CLA WM . -73.19 2.30 -35.62
NC CLA WM . -69.92 5.20 -30.60
C1C CLA WM . -70.13 3.97 -31.06
C2C CLA WM . -69.62 2.88 -30.24
C3C CLA WM . -69.02 3.60 -29.13
C4C CLA WM . -69.27 5.02 -29.45
CMC CLA WM . -69.69 1.42 -30.51
CAC CLA WM . -68.32 3.05 -27.93
CBC CLA WM . -66.83 3.12 -28.11
ND CLA WM . -69.80 7.87 -29.97
C1D CLA WM . -69.13 7.53 -28.87
C2D CLA WM . -68.68 8.66 -28.02
C3D CLA WM . -69.19 9.76 -28.84
C4D CLA WM . -69.81 9.26 -29.92
CMD CLA WM . -67.92 8.84 -26.74
CAD CLA WM . -69.26 11.24 -28.85
OBD CLA WM . -68.44 12.00 -28.25
CBD CLA WM . -70.08 11.64 -30.03
CGD CLA WM . -71.39 12.24 -29.58
O1D CLA WM . -71.88 11.95 -28.51
O2D CLA WM . -72.08 13.18 -30.44
CED CLA WM . -72.99 14.14 -29.90
C1 CLA WM . -68.09 13.82 -36.55
C2 CLA WM . -68.14 15.04 -37.46
C3 CLA WM . -67.29 16.06 -37.26
C4 CLA WM . -66.30 16.02 -36.14
C5 CLA WM . -67.33 17.29 -38.15
C6 CLA WM . -68.41 17.21 -39.22
C7 CLA WM . -69.12 18.55 -39.36
C8 CLA WM . -68.16 19.66 -39.75
C9 CLA WM . -68.79 21.03 -39.55
C10 CLA WM . -67.74 19.47 -41.21
MG CLA XM . -61.86 13.36 -26.88
CHA CLA XM . -58.84 15.06 -26.55
CHB CLA XM . -60.59 11.95 -29.73
CHC CLA XM . -64.77 11.68 -27.15
CHD CLA XM . -63.06 14.94 -23.95
NA CLA XM . -59.94 13.45 -28.01
C1A CLA XM . -58.91 14.15 -27.75
C2A CLA XM . -57.79 13.97 -28.75
C3A CLA XM . -58.42 13.00 -29.73
C4A CLA XM . -59.75 12.77 -29.12
CMA CLA XM . -58.48 13.37 -31.19
CAA CLA XM . -56.63 13.21 -28.14
CBA CLA XM . -55.48 13.02 -29.11
CGA CLA XM . -54.81 14.35 -29.27
O1A CLA XM . -54.71 15.14 -28.35
O2A CLA XM . -54.29 14.83 -30.39
NB CLA XM . -62.56 12.00 -28.25
C1B CLA XM . -61.95 11.55 -29.34
C2B CLA XM . -62.75 10.61 -30.15
C3B CLA XM . -63.98 10.56 -29.37
C4B CLA XM . -63.78 11.44 -28.21
CMB CLA XM . -62.37 9.94 -31.44
CAB CLA XM . -65.22 9.80 -29.62
CBB CLA XM . -65.20 8.50 -29.85
NC CLA XM . -63.59 13.24 -25.67
C1C CLA XM . -64.69 12.55 -25.97
C2C CLA XM . -65.81 12.71 -25.05
C3C CLA XM . -65.28 13.64 -24.07
C4C CLA XM . -63.91 13.90 -24.54
CMC CLA XM . -67.16 12.10 -25.09
CAC CLA XM . -65.95 14.19 -22.85
CBC CLA XM . -65.55 13.38 -21.65
ND CLA XM . -61.24 14.66 -25.51
C1D CLA XM . -61.72 15.23 -24.42
C2D CLA XM . -60.80 16.18 -23.75
C3D CLA XM . -59.65 16.06 -24.66
C4D CLA XM . -59.97 15.20 -25.63
CMD CLA XM . -60.82 17.06 -22.55
CAD CLA XM . -58.30 16.58 -24.84
OBD CLA XM . -57.90 17.71 -24.39
CBD CLA XM . -57.73 15.96 -26.05
CGD CLA XM . -57.47 17.10 -26.97
O1D CLA XM . -56.34 17.44 -27.24
O2D CLA XM . -58.57 17.85 -27.53
CED CLA XM . -58.30 18.71 -28.61
C1 CLA XM . -55.17 14.93 -31.73
C2 CLA XM . -54.70 14.38 -33.05
C3 CLA XM . -55.47 14.39 -34.14
C4 CLA XM . -54.93 13.85 -35.43
C5 CLA XM . -56.88 14.92 -34.13
C6 CLA XM . -57.81 13.90 -34.77
C7 CLA XM . -58.89 14.53 -35.63
C8 CLA XM . -60.30 14.43 -35.06
C9 CLA XM . -60.56 13.14 -34.29
C10 CLA XM . -61.28 14.53 -36.21
C11 CLA XM . -62.13 15.79 -36.13
C12 CLA XM . -62.88 15.99 -37.44
C13 CLA XM . -62.52 17.32 -38.08
C14 CLA XM . -63.68 17.87 -38.90
C15 CLA XM . -61.30 17.11 -38.96
MG CLA YM . -55.04 1.16 -39.53
CHA CLA YM . -53.98 3.16 -42.20
CHB CLA YM . -58.20 2.32 -40.13
CHC CLA YM . -56.06 -0.85 -37.04
CHD CLA YM . -51.71 0.21 -38.94
NA CLA YM . -56.01 2.56 -40.97
C1A CLA YM . -55.46 3.22 -41.90
C2A CLA YM . -56.42 4.03 -42.70
C3A CLA YM . -57.71 3.81 -41.98
C4A CLA YM . -57.29 2.84 -40.96
CMA CLA YM . -58.48 5.04 -41.54
CAA CLA YM . -56.60 3.17 -43.93
CBA CLA YM . -57.76 3.49 -44.85
CGA CLA YM . -57.74 2.36 -45.85
O1A CLA YM . -57.31 1.26 -45.61
O2A CLA YM . -58.15 2.44 -47.09
NB CLA YM . -56.88 0.79 -38.71
C1B CLA YM . -58.04 1.36 -39.05
C2B CLA YM . -59.21 0.87 -38.26
C3B CLA YM . -58.54 -0.06 -37.34
C4B CLA YM . -57.11 -0.04 -37.70
CMB CLA YM . -60.64 1.31 -38.43
CAB CLA YM . -59.09 -0.90 -36.26
CBB CLA YM . -60.32 -1.35 -36.21
NC CLA YM . -54.04 -0.24 -38.30
C1C CLA YM . -54.62 -0.92 -37.31
C2C CLA YM . -53.72 -1.74 -36.50
C3C CLA YM . -52.43 -1.50 -37.12
C4C CLA YM . -52.75 -0.55 -38.21
CMC CLA YM . -54.07 -2.60 -35.32
CAC CLA YM . -51.08 -2.06 -36.75
CBC CLA YM . -50.50 -2.99 -37.80
ND CLA YM . -53.22 1.52 -40.27
C1D CLA YM . -51.98 1.11 -40.05
C2D CLA YM . -50.97 1.65 -40.98
C3D CLA YM . -51.83 2.47 -41.82
C4D CLA YM . -53.09 2.35 -41.37
CMD CLA YM . -49.49 1.56 -41.18
CAD CLA YM . -51.76 3.37 -42.98
OBD CLA YM . -50.71 3.95 -43.41
CBD CLA YM . -53.14 3.84 -43.27
CGD CLA YM . -53.12 5.32 -43.19
O1D CLA YM . -52.71 5.99 -44.11
O2D CLA YM . -53.59 6.02 -42.01
CED CLA YM . -54.23 7.28 -42.17
C1 CLA YM . -59.54 3.13 -47.43
C2 CLA YM . -60.74 2.28 -47.76
C3 CLA YM . -61.63 2.65 -48.69
C4 CLA YM . -62.79 1.73 -48.95
C5 CLA YM . -61.49 3.93 -49.48
C6 CLA YM . -62.27 5.11 -48.89
C7 CLA YM . -63.70 5.25 -49.40
C8 CLA YM . -63.99 6.40 -50.39
C9 CLA YM . -62.78 6.84 -51.19
C10 CLA YM . -64.65 7.57 -49.67
C11 CLA YM . -64.80 8.79 -50.58
C12 CLA YM . -65.97 8.67 -51.55
C13 CLA YM . -66.62 10.03 -51.72
C14 CLA YM . -67.41 10.40 -50.47
C15 CLA YM . -67.49 10.04 -52.96
C16 CLA YM . -67.65 11.46 -53.48
C17 CLA YM . -69.11 11.90 -53.43
C18 CLA YM . -69.63 12.18 -54.82
C19 CLA YM . -70.17 10.89 -55.45
C20 CLA YM . -70.69 13.27 -54.80
MG CLA ZM . -54.44 11.07 -48.43
CHA CLA ZM . -55.88 8.72 -46.31
CHB CLA ZM . -56.54 13.40 -47.04
CHC CLA ZM . -52.95 13.33 -50.41
CHD CLA ZM . -52.29 8.57 -49.76
NA CLA ZM . -56.03 11.09 -46.85
C1A CLA ZM . -56.46 10.11 -46.15
C2A CLA ZM . -57.55 10.49 -45.18
C3A CLA ZM . -57.72 11.97 -45.48
C4A CLA ZM . -56.70 12.18 -46.53
CMA CLA ZM . -59.09 12.58 -45.71
CAA CLA ZM . -57.06 10.34 -43.73
CBA CLA ZM . -57.75 11.15 -42.65
CGA CLA ZM . -58.25 10.20 -41.59
O1A CLA ZM . -57.75 9.13 -41.34
O2A CLA ZM . -59.27 10.45 -40.81
NB CLA ZM . -54.71 13.08 -48.66
C1B CLA ZM . -55.61 13.86 -48.07
C2B CLA ZM . -55.57 15.28 -48.51
C3B CLA ZM . -54.50 15.22 -49.52
C4B CLA ZM . -54.04 13.83 -49.55
CMB CLA ZM . -56.44 16.40 -48.04
CAB CLA ZM . -53.93 16.27 -50.38
CBB CLA ZM . -53.68 17.48 -49.94
NC CLA ZM . -52.84 10.97 -49.84
C1C CLA ZM . -52.40 11.99 -50.56
C2C CLA ZM . -51.33 11.68 -51.52
C3C CLA ZM . -51.13 10.26 -51.30
C4C CLA ZM . -52.11 9.93 -50.25
CMC CLA ZM . -50.62 12.61 -52.47
CAC CLA ZM . -50.17 9.31 -51.95
CBC CLA ZM . -50.77 8.67 -53.18
ND CLA ZM . -54.06 9.14 -48.20
C1D CLA ZM . -53.25 8.22 -48.71
C2D CLA ZM . -53.40 6.86 -48.18
C3D CLA ZM . -54.47 7.13 -47.23
C4D CLA ZM . -54.81 8.42 -47.28
CMD CLA ZM . -52.78 5.52 -48.39
CAD CLA ZM . -55.28 6.43 -46.25
OBD CLA ZM . -54.98 5.28 -45.79
CBD CLA ZM . -56.17 7.42 -45.57
CGD CLA ZM . -57.60 7.00 -45.65
O1D CLA ZM . -58.26 6.90 -44.63
O2D CLA ZM . -58.26 6.71 -46.90
CED CLA ZM . -59.65 7.02 -46.98
C1 CLA ZM . -59.07 10.53 -39.23
C2 CLA ZM . -59.34 9.34 -38.34
C3 CLA ZM . -59.17 9.39 -37.01
C4 CLA ZM . -58.66 10.63 -36.35
C5 CLA ZM . -59.46 8.17 -36.18
C6 CLA ZM . -60.50 8.52 -35.13
C7 CLA ZM . -61.90 8.10 -35.56
C8 CLA ZM . -62.74 7.61 -34.39
C9 CLA ZM . -62.03 6.52 -33.58
C10 CLA ZM . -64.12 7.15 -34.85
C11 CLA ZM . -64.09 6.32 -36.12
C12 CLA ZM . -64.48 4.88 -35.82
C13 CLA ZM . -64.79 4.12 -37.10
C14 CLA ZM . -66.04 4.68 -37.76
C15 CLA ZM . -64.95 2.65 -36.76
C16 CLA ZM . -65.21 1.82 -38.02
C17 CLA ZM . -64.36 0.56 -38.02
C18 CLA ZM . -64.62 -0.26 -39.27
C19 CLA ZM . -66.06 -0.72 -39.32
C20 CLA ZM . -64.27 0.53 -40.53
MG CLA AN . -36.80 5.49 -35.18
CHA CLA AN . -35.07 8.43 -34.58
CHB CLA AN . -35.62 5.65 -38.38
CHC CLA AN . -38.44 2.61 -35.75
CHD CLA AN . -38.07 5.56 -31.89
NA CLA AN . -35.50 6.86 -36.37
C1A CLA AN . -34.96 7.94 -35.99
C2A CLA AN . -34.25 8.69 -37.09
C3A CLA AN . -34.54 7.82 -38.26
C4A CLA AN . -35.27 6.69 -37.65
CMA CLA AN . -35.16 8.56 -39.41
CAA CLA AN . -32.72 8.75 -37.02
CBA CLA AN . -32.00 7.43 -36.79
CGA CLA AN . -31.28 6.93 -38.02
O1A CLA AN . -30.49 7.58 -38.66
O2A CLA AN . -31.47 5.74 -38.56
NB CLA AN . -36.99 4.30 -36.84
C1B CLA AN . -36.40 4.47 -38.02
C2B CLA AN . -36.62 3.36 -38.96
C3B CLA AN . -37.47 2.48 -38.17
C4B CLA AN . -37.65 3.14 -36.87
CMB CLA AN . -36.08 3.24 -40.37
CAB CLA AN . -38.03 1.18 -38.53
CBB CLA AN . -37.23 0.20 -38.87
NC CLA AN . -37.93 4.18 -33.95
C1C CLA AN . -38.62 3.14 -34.39
C2C CLA AN . -39.58 2.56 -33.44
C3C CLA AN . -39.39 3.39 -32.27
C4C CLA AN . -38.36 4.36 -32.69
CMC CLA AN . -40.54 1.43 -33.60
CAC CLA AN . -40.10 3.34 -30.94
CBC CLA AN . -39.22 2.70 -29.88
ND CLA AN . -36.75 6.66 -33.58
C1D CLA AN . -37.14 6.59 -32.32
C2D CLA AN . -36.57 7.61 -31.42
C3D CLA AN . -35.76 8.32 -32.40
C4D CLA AN . -35.90 7.74 -33.58
CMD CLA AN . -36.68 7.97 -29.98
CAD CLA AN . -34.84 9.46 -32.49
OBD CLA AN . -34.67 10.33 -31.56
CBD CLA AN . -34.40 9.59 -33.90
CGD CLA AN . -34.92 10.88 -34.37
O1D CLA AN . -36.02 11.23 -33.99
O2D CLA AN . -34.16 11.75 -35.23
CED CLA AN . -33.90 13.07 -34.80
C1 CLA AN . -30.89 4.48 -37.78
C2 CLA AN . -31.57 3.13 -37.65
C3 CLA AN . -32.46 2.90 -36.68
C4 CLA AN . -33.08 1.55 -36.60
C5 CLA AN . -32.87 3.98 -35.72
C6 CLA AN . -32.89 3.43 -34.30
C7 CLA AN . -33.28 4.49 -33.27
C8 CLA AN . -33.76 3.75 -32.03
C9 CLA AN . -35.02 2.96 -32.36
C10 CLA AN . -33.96 4.73 -30.88
C11 CLA AN . -34.71 4.05 -29.73
C12 CLA AN . -34.43 4.69 -28.37
C13 CLA AN . -34.19 3.60 -27.34
C14 CLA AN . -35.42 2.72 -27.20
C15 CLA AN . -33.82 4.24 -26.01
C16 CLA AN . -32.32 4.14 -25.76
C17 CLA AN . -31.96 4.95 -24.52
C18 CLA AN . -30.56 4.67 -23.98
C19 CLA AN . -30.22 3.18 -24.00
C20 CLA AN . -29.50 5.49 -24.73
MG CLA BN . -42.37 12.72 -35.66
CHA CLA BN . -40.96 14.97 -37.93
CHB CLA BN . -39.20 12.04 -34.60
CHC CLA BN . -43.75 10.64 -33.40
CHD CLA BN . -45.59 13.55 -36.83
NA CLA BN . -40.31 13.41 -36.17
C1A CLA BN . -39.96 14.24 -37.07
C2A CLA BN . -38.46 14.40 -37.19
C3A CLA BN . -37.97 13.40 -36.18
C4A CLA BN . -39.23 12.92 -35.61
CMA CLA BN . -37.07 12.37 -36.81
CAA CLA BN . -38.00 15.81 -36.79
CBA CLA BN . -37.31 16.04 -35.45
CGA CLA BN . -38.18 16.92 -34.57
O1A CLA BN . -39.39 17.00 -34.66
O2A CLA BN . -37.70 17.69 -33.62
NB CLA BN . -41.58 11.52 -34.21
C1B CLA BN . -40.31 11.38 -33.90
C2B CLA BN . -40.07 10.47 -32.77
C3B CLA BN . -41.42 10.05 -32.43
C4B CLA BN . -42.29 10.76 -33.39
CMB CLA BN . -38.74 10.15 -32.21
CAB CLA BN . -41.95 9.14 -31.40
CBB CLA BN . -41.28 8.14 -30.88
NC CLA BN . -44.37 12.20 -35.18
C1C CLA BN . -44.73 11.34 -34.24
C2C CLA BN . -46.16 11.12 -34.08
C3C CLA BN . -46.72 12.01 -35.09
C4C CLA BN . -45.52 12.61 -35.70
CMC CLA BN . -46.86 10.22 -33.12
CAC CLA BN . -48.16 12.25 -35.45
CBC CLA BN . -48.66 13.54 -34.82
ND CLA BN . -43.22 13.93 -36.98
C1D CLA BN . -44.43 14.17 -37.41
C2D CLA BN . -44.50 15.09 -38.55
C3D CLA BN . -43.09 15.38 -38.72
C4D CLA BN . -42.41 14.70 -37.79
CMD CLA BN . -45.57 15.64 -39.39
CAD CLA BN . -42.18 16.16 -39.55
OBD CLA BN . -42.50 16.83 -40.60
CBD CLA BN . -40.81 16.02 -39.01
CGD CLA BN . -39.92 15.55 -40.09
O1D CLA BN . -40.33 14.80 -40.95
O2D CLA BN . -38.54 15.96 -40.10
CED CLA BN . -37.83 16.02 -41.33
C1 CLA BN . -38.66 18.17 -32.41
C2 CLA BN . -39.50 19.41 -32.46
C3 CLA BN . -39.99 19.98 -31.34
C4 CLA BN . -39.74 19.38 -30.00
C5 CLA BN . -40.82 21.22 -31.44
C6 CLA BN . -41.93 21.03 -32.46
C7 CLA BN . -42.77 22.29 -32.56
C8 CLA BN . -44.21 22.00 -32.19
C9 CLA BN . -44.82 21.00 -33.16
C10 CLA BN . -45.00 23.30 -32.20
C11 CLA BN . -44.64 24.16 -30.99
C12 CLA BN . -45.72 25.19 -30.75
C13 CLA BN . -45.12 26.45 -30.14
C14 CLA BN . -44.58 26.17 -28.75
C15 CLA BN . -46.19 27.53 -30.10
C16 CLA BN . -45.69 28.77 -29.38
C17 CLA BN . -46.09 30.00 -30.16
C18 CLA BN . -46.71 31.04 -29.25
C19 CLA BN . -46.00 32.38 -29.41
C20 CLA BN . -48.20 31.18 -29.52
MG CLA CN . -49.17 1.30 -22.33
CHA CLA CN . -49.53 -0.77 -19.58
CHB CLA CN . -49.37 3.94 -20.15
CHC CLA CN . -48.76 3.40 -24.98
CHD CLA CN . -49.08 -1.44 -24.51
NA CLA CN . -49.40 1.60 -20.13
C1A CLA CN . -49.51 0.70 -19.25
C2A CLA CN . -49.62 1.24 -17.86
C3A CLA CN . -49.62 2.73 -18.09
C4A CLA CN . -49.46 2.77 -19.56
CMA CLA CN . -50.79 3.47 -17.51
CAA CLA CN . -48.38 0.97 -17.04
CBA CLA CN . -47.04 1.16 -17.74
CGA CLA CN . -46.08 0.24 -17.06
O1A CLA CN . -46.18 -0.96 -17.08
O2A CLA CN . -45.04 0.60 -16.34
NB CLA CN . -49.07 3.34 -22.53
C1B CLA CN . -49.19 4.23 -21.57
C2B CLA CN . -49.09 5.61 -22.01
C3B CLA CN . -48.91 5.48 -23.44
C4B CLA CN . -48.91 4.02 -23.67
CMB CLA CN . -49.18 6.74 -21.09
CAB CLA CN . -48.75 6.51 -24.49
CBB CLA CN . -49.30 7.70 -24.44
NC CLA CN . -48.93 1.01 -24.41
C1C CLA CN . -48.69 1.97 -25.29
C2C CLA CN . -48.32 1.55 -26.63
C3C CLA CN . -48.37 0.10 -26.50
C4C CLA CN . -48.77 -0.12 -25.09
CMC CLA CN . -47.97 2.47 -27.76
CAC CLA CN . -48.08 -0.94 -27.55
CBC CLA CN . -46.70 -1.48 -27.35
ND CLA CN . -49.26 -0.67 -22.22
C1D CLA CN . -49.25 -1.68 -23.07
C2D CLA CN . -49.43 -3.01 -22.42
C3D CLA CN . -49.53 -2.58 -21.02
C4D CLA CN . -49.43 -1.25 -20.98
CMD CLA CN . -49.51 -4.43 -22.87
CAD CLA CN . -49.73 -3.11 -19.66
OBD CLA CN . -49.88 -4.34 -19.36
CBD CLA CN . -49.65 -2.00 -18.69
CGD CLA CN . -50.87 -2.00 -17.82
O1D CLA CN . -51.77 -1.20 -17.94
O2D CLA CN . -51.02 -2.97 -16.75
CED CLA CN . -52.34 -3.21 -16.26
C1 CLA CN . -43.63 0.96 -16.97
C2 CLA CN . -43.13 0.44 -18.30
C3 CLA CN . -41.81 0.30 -18.53
C4 CLA CN . -40.80 0.65 -17.49
C5 CLA CN . -41.35 -0.21 -19.86
C6 CLA CN . -40.92 -1.68 -19.78
C7 CLA CN . -39.89 -2.00 -20.85
C8 CLA CN . -40.34 -1.56 -22.23
C9 CLA CN . -40.88 -2.74 -23.04
C10 CLA CN . -39.21 -0.84 -22.94
C11 CLA CN . -38.18 -1.76 -23.57
C12 CLA CN . -37.29 -0.98 -24.55
C13 CLA CN . -35.86 -1.51 -24.61
C14 CLA CN . -35.29 -1.68 -23.21
C15 CLA CN . -34.99 -0.54 -25.40
C16 CLA CN . -33.88 -1.24 -26.17
C17 CLA CN . -32.51 -0.62 -25.85
C18 CLA CN . -31.51 -0.63 -27.01
C19 CLA CN . -30.66 -1.89 -27.02
C20 CLA CN . -32.16 -0.41 -28.37
MG CLA DN . -72.67 -4.31 -35.36
CHA CLA DN . -75.90 -3.85 -34.13
CHB CLA DN . -73.82 -7.18 -36.81
CHC CLA DN . -69.57 -4.71 -36.65
CHD CLA DN . -71.60 -1.34 -33.76
NA CLA DN . -74.61 -5.40 -35.49
C1A CLA DN . -75.73 -5.07 -34.96
C2A CLA DN . -76.84 -6.05 -35.24
C3A CLA DN . -76.13 -7.10 -36.04
C4A CLA DN . -74.76 -6.53 -36.13
CMA CLA DN . -76.29 -8.53 -35.57
CAA CLA DN . -77.87 -5.49 -36.22
CBA CLA DN . -79.29 -5.70 -35.70
CGA CLA DN . -79.98 -6.86 -36.38
O1A CLA DN . -79.45 -7.94 -36.63
O2A CLA DN . -81.23 -6.86 -36.78
NB CLA DN . -71.83 -5.75 -36.56
C1B CLA DN . -72.41 -6.84 -37.04
C2B CLA DN . -71.51 -7.69 -37.85
C3B CLA DN . -70.26 -6.94 -37.78
C4B CLA DN . -70.56 -5.75 -36.96
CMB CLA DN . -71.82 -8.98 -38.54
CAB CLA DN . -68.96 -7.24 -38.38
CBB CLA DN . -68.84 -7.30 -39.69
NC CLA DN . -70.88 -3.16 -35.27
C1C CLA DN . -69.72 -3.50 -35.84
C2C CLA DN . -68.60 -2.58 -35.61
C3C CLA DN . -69.22 -1.56 -34.79
C4C CLA DN . -70.61 -2.02 -34.63
CMC CLA DN . -67.19 -2.68 -36.13
CAC CLA DN . -68.59 -0.32 -34.21
CBC CLA DN . -68.83 0.85 -35.13
ND CLA DN . -73.43 -2.87 -34.22
C1D CLA DN . -72.99 -1.76 -33.62
C2D CLA DN . -74.03 -1.06 -32.84
C3D CLA DN . -75.18 -1.94 -33.09
C4D CLA DN . -74.76 -2.93 -33.86
CMD CLA DN . -74.15 0.16 -32.01
CAD CLA DN . -76.61 -2.07 -32.75
OBD CLA DN . -77.34 -1.11 -32.32
CBD CLA DN . -77.11 -3.31 -33.40
CGD CLA DN . -77.59 -4.24 -32.32
O1D CLA DN . -78.70 -4.72 -32.38
O2D CLA DN . -76.73 -4.60 -31.21
CED CLA DN . -76.62 -5.94 -30.79
MG CLA EN . -72.79 -11.80 -42.41
CHA CLA EN . -75.12 -11.66 -39.85
CHB CLA EN . -72.82 -15.22 -42.06
CHC CLA EN . -70.58 -11.95 -44.97
CHD CLA EN . -72.76 -8.27 -42.60
NA CLA EN . -73.84 -13.29 -41.13
C1A CLA EN . -74.69 -13.05 -40.22
C2A CLA EN . -75.20 -14.30 -39.53
C3A CLA EN . -74.40 -15.38 -40.23
C4A CLA EN . -73.63 -14.58 -41.21
CMA CLA EN . -73.62 -16.34 -39.37
CAA CLA EN . -76.67 -14.57 -39.86
CBA CLA EN . -77.04 -14.28 -41.31
CGA CLA EN . -78.52 -14.06 -41.48
O1A CLA EN . -79.11 -14.19 -42.53
O2A CLA EN . -79.33 -13.68 -40.51
NB CLA EN . -71.85 -13.36 -43.36
C1B CLA EN . -71.96 -14.67 -43.10
C2B CLA EN . -71.15 -15.53 -43.98
C3B CLA EN . -70.49 -14.54 -44.83
C4B CLA EN . -70.98 -13.23 -44.37
CMB CLA EN . -71.07 -17.02 -43.94
CAB CLA EN . -69.53 -14.74 -45.93
CBB CLA EN . -69.80 -15.56 -46.91
NC CLA EN . -71.88 -10.33 -43.65
C1C CLA EN . -70.99 -10.59 -44.59
C2C CLA EN . -70.40 -9.44 -45.26
C3C CLA EN . -71.07 -8.32 -44.60
C4C CLA EN . -71.96 -8.99 -43.61
CMC CLA EN . -69.38 -9.48 -46.36
CAC CLA EN . -70.87 -6.86 -44.84
CBC CLA EN . -72.08 -6.21 -45.48
ND CLA EN . -73.65 -10.23 -41.52
C1D CLA EN . -73.66 -8.91 -41.63
C2D CLA EN . -74.57 -8.20 -40.70
C3D CLA EN . -75.13 -9.37 -40.01
C4D CLA EN . -74.58 -10.47 -40.52
CMD CLA EN . -74.98 -6.80 -40.37
CAD CLA EN . -76.10 -9.71 -38.96
OBD CLA EN . -77.14 -9.01 -38.72
CBD CLA EN . -76.04 -11.19 -38.75
CGD CLA EN . -75.42 -11.48 -37.41
O1D CLA EN . -74.45 -10.88 -37.01
O2D CLA EN . -76.00 -12.51 -36.57
CED CLA EN . -76.42 -12.20 -35.24
MG CLA FN . -62.51 -18.95 -53.47
CHA CLA FN . -63.52 -19.12 -50.15
CHB CLA FN . -60.45 -21.63 -52.80
CHC CLA FN . -61.64 -18.91 -56.73
CHD CLA FN . -64.69 -16.22 -54.00
NA CLA FN . -62.03 -20.25 -51.72
C1A CLA FN . -62.51 -20.16 -50.54
C2A CLA FN . -61.97 -21.18 -49.60
C3A CLA FN . -60.97 -21.90 -50.44
C4A CLA FN . -61.15 -21.21 -51.75
CMA CLA FN . -59.55 -22.06 -49.93
CAA CLA FN . -63.06 -22.24 -49.57
CBA CLA FN . -63.70 -22.52 -48.23
CGA CLA FN . -64.77 -23.57 -48.43
O1A CLA FN . -64.87 -24.24 -49.44
O2A CLA FN . -65.70 -23.90 -47.56
NB CLA FN . -61.23 -20.12 -54.59
C1B CLA FN . -60.47 -21.12 -54.18
C2B CLA FN . -59.65 -21.75 -55.24
C3B CLA FN . -60.02 -20.92 -56.39
C4B CLA FN . -61.00 -19.94 -55.89
CMB CLA FN . -58.71 -22.91 -55.06
CAB CLA FN . -59.62 -20.94 -57.81
CBB CLA FN . -58.86 -21.85 -58.37
NC CLA FN . -63.09 -17.77 -55.12
C1C CLA FN . -62.60 -17.87 -56.36
C2C CLA FN . -63.10 -16.87 -57.32
C3C CLA FN . -64.01 -16.10 -56.49
C4C CLA FN . -63.93 -16.72 -55.16
CMC CLA FN . -62.75 -16.73 -58.78
CAC CLA FN . -64.84 -14.91 -56.85
CBC CLA FN . -63.98 -13.68 -56.89
ND CLA FN . -63.82 -17.85 -52.45
C1D CLA FN . -64.65 -16.83 -52.67
C2D CLA FN . -65.45 -16.41 -51.49
C3D CLA FN . -64.96 -17.37 -50.52
C4D CLA FN . -64.05 -18.15 -51.12
CMD CLA FN . -66.49 -15.38 -51.15
CAD CLA FN . -65.13 -17.76 -49.12
OBD CLA FN . -65.78 -17.08 -48.24
CBD CLA FN . -64.17 -18.85 -48.81
CGD CLA FN . -63.16 -18.31 -47.86
O1D CLA FN . -62.56 -17.29 -48.09
O2D CLA FN . -62.90 -18.97 -46.60
CED CLA FN . -63.14 -18.25 -45.40
C1 CLA FN . -67.23 -23.58 -47.92
C2 CLA FN . -67.50 -22.39 -48.81
C3 CLA FN . -68.56 -21.60 -48.68
C4 CLA FN . -69.59 -21.87 -47.63
C5 CLA FN . -68.70 -20.44 -49.65
C6 CLA FN . -69.71 -19.40 -49.19
C7 CLA FN . -70.28 -18.69 -50.41
C8 CLA FN . -71.73 -18.28 -50.21
C9 CLA FN . -72.56 -18.55 -51.47
C10 CLA FN . -71.78 -16.81 -49.83
C11 CLA FN . -71.26 -15.91 -50.95
C12 CLA FN . -70.16 -14.98 -50.44
C13 CLA FN . -70.73 -13.68 -49.90
C14 CLA FN . -71.52 -12.95 -50.97
C15 CLA FN . -69.60 -12.82 -49.37
CAA F6C GN . -56.29 -23.46 -63.93
CAB F6C GN . -55.45 -19.68 -55.23
CAC F6C GN . -49.04 -24.61 -56.05
CAD F6C GN . -51.81 -25.01 -63.92
NA F6C GN . -54.60 -22.23 -61.30
CBA F6C GN . -56.49 -24.46 -62.80
CBB F6C GN . -56.61 -19.26 -54.76
CBC F6C GN . -49.42 -26.04 -55.75
CBD F6C GN . -53.11 -24.31 -64.16
NB F6C GN . -54.52 -21.38 -58.42
OBD F6C GN . -51.05 -25.50 -64.83
CGA F6C GN . -57.61 -25.39 -63.19
CGD F6C GN . -52.93 -23.32 -65.27
ND F6C GN . -52.05 -23.79 -60.54
CED F6C GN . -53.00 -20.97 -66.11
CHA F6C GN . -53.36 -23.63 -62.84
CHB F6C GN . -56.11 -20.77 -60.21
CHC F6C GN . -53.23 -21.65 -56.30
CHD F6C GN . -50.29 -24.50 -59.01
CMA F6C GN . -56.80 -19.99 -63.13
CMB F6C GN . -57.46 -19.03 -57.85
CMC F6C GN . -51.01 -22.63 -54.23
CMD F6C GN . -49.24 -26.09 -61.91
OMB F6C GN . -57.86 -18.71 -58.96
C1A F6C GN . -54.46 -22.70 -62.46
C1B F6C GN . -55.60 -20.71 -58.83
C1C F6C GN . -52.13 -22.57 -56.67
C1D F6C GN . -50.92 -24.49 -60.33
O1A F6C GN . -57.88 -26.44 -62.64
O1D F6C GN . -52.69 -23.69 -66.39
C2A F6C GN . -55.49 -22.26 -63.45
C2B F6C GN . -56.24 -19.90 -57.76
C2C F6C GN . -51.12 -22.99 -55.68
C2D F6C GN . -50.40 -25.20 -61.54
O2A F6C GN . -58.42 -25.17 -64.21
O2D F6C GN . -53.03 -21.89 -65.01
C3A F6C GN . -56.37 -21.35 -62.59
C3B F6C GN . -55.37 -20.18 -56.62
C3C F6C GN . -50.27 -23.86 -56.49
C3D F6C GN . -51.44 -24.82 -62.51
C4A F6C GN . -55.66 -21.45 -61.27
C4B F6C GN . -54.32 -21.11 -57.11
C4C F6C GN . -50.88 -23.82 -57.84
C4D F6C GN . -52.32 -24.03 -61.88
NC F6C GN . -51.97 -23.05 -57.90
MG F6C GN . -53.29 -22.59 -59.52
MG CLA HN . -60.22 12.13 -54.38
CHA CLA HN . -59.54 15.51 -54.96
CHB CLA HN . -57.70 12.21 -52.03
CHC CLA HN . -60.99 8.93 -53.67
CHD CLA HN . -62.70 12.18 -56.90
NA CLA HN . -58.79 13.65 -53.56
C1A CLA HN . -58.66 14.87 -53.91
C2A CLA HN . -57.53 15.57 -53.22
C3A CLA HN . -56.95 14.48 -52.39
C4A CLA HN . -57.88 13.36 -52.67
CMA CLA HN . -55.52 14.23 -52.76
CAA CLA HN . -57.99 16.67 -52.26
CBA CLA HN . -58.75 16.23 -51.01
CGA CLA HN . -59.35 17.42 -50.32
O1A CLA HN . -58.74 18.15 -49.57
O2A CLA HN . -60.60 17.82 -50.47
NB CLA HN . -59.46 10.78 -53.03
C1B CLA HN . -58.45 10.97 -52.17
C2B CLA HN . -58.13 9.80 -51.33
C3B CLA HN . -59.11 8.82 -51.83
C4B CLA HN . -59.88 9.53 -52.88
CMB CLA HN . -57.05 9.77 -50.29
CAB CLA HN . -59.38 7.41 -51.46
CBB CLA HN . -58.81 6.76 -50.48
NC CLA HN . -61.64 10.76 -55.16
C1C CLA HN . -61.84 9.53 -54.71
C2C CLA HN . -62.97 8.80 -55.34
C3C CLA HN . -63.47 9.78 -56.27
C4C CLA HN . -62.58 10.95 -56.10
CMC CLA HN . -63.51 7.43 -55.07
CAC CLA HN . -64.64 9.64 -57.23
CBC CLA HN . -65.87 10.26 -56.62
ND CLA HN . -61.03 13.42 -55.66
C1D CLA HN . -61.97 13.41 -56.61
C2D CLA HN . -62.16 14.71 -57.31
C3D CLA HN . -61.15 15.50 -56.60
C4D CLA HN . -60.56 14.72 -55.69
CMD CLA HN . -62.99 15.30 -58.39
CAD CLA HN . -60.61 16.86 -56.58
OBD CLA HN . -61.12 17.87 -57.17
CBD CLA HN . -59.60 16.92 -55.50
CGD CLA HN . -58.29 17.27 -56.11
O1D CLA HN . -57.72 16.49 -56.85
O2D CLA HN . -57.67 18.54 -55.83
CED CLA HN . -56.45 18.82 -56.51
C1 CLA HN . -61.63 17.73 -49.27
C2 CLA HN . -62.51 18.92 -48.94
C3 CLA HN . -63.82 18.76 -48.75
C4 CLA HN . -64.66 19.97 -48.42
C5 CLA HN . -64.47 17.41 -48.84
C6 CLA HN . -65.29 17.34 -50.13
C7 CLA HN . -66.37 16.28 -50.00
C8 CLA HN . -66.89 15.87 -51.38
C9 CLA HN . -67.71 16.98 -52.00
C10 CLA HN . -67.72 14.60 -51.25
MG CLA IN . -65.39 18.34 -55.79
CHA CLA IN . -65.16 21.80 -55.61
CHB CLA IN . -63.03 18.19 -53.31
CHC CLA IN . -65.77 14.96 -55.81
CHD CLA IN . -67.76 18.59 -58.41
NA CLA IN . -64.22 19.80 -54.57
C1A CLA IN . -64.24 21.08 -54.64
C2A CLA IN . -63.23 21.75 -53.72
C3A CLA IN . -62.59 20.56 -53.04
C4A CLA IN . -63.32 19.43 -53.67
CMA CLA IN . -61.07 20.50 -52.94
CAA CLA IN . -63.83 22.65 -52.64
CBA CLA IN . -64.70 21.92 -51.63
CGA CLA IN . -65.57 22.91 -50.89
O1A CLA IN . -65.65 24.10 -51.16
O2A CLA IN . -66.35 22.61 -49.87
NB CLA IN . -64.54 16.81 -54.71
C1B CLA IN . -63.60 16.92 -53.77
C2B CLA IN . -63.16 15.62 -53.20
C3B CLA IN . -63.97 14.69 -53.97
C4B CLA IN . -64.80 15.51 -54.88
CMB CLA IN . -62.14 15.37 -52.15
CAB CLA IN . -64.03 13.20 -53.90
CBB CLA IN . -64.22 12.58 -52.76
NC CLA IN . -66.62 17.00 -56.90
C1C CLA IN . -66.60 15.66 -56.80
C2C CLA IN . -67.47 14.92 -57.72
C3C CLA IN . -68.08 16.01 -58.47
C4C CLA IN . -67.48 17.24 -57.90
CMC CLA IN . -67.68 13.44 -57.82
CAC CLA IN . -69.08 15.90 -59.59
CBC CLA IN . -70.47 15.96 -59.00
ND CLA IN . -66.31 19.75 -56.84
C1D CLA IN . -67.22 19.82 -57.82
C2D CLA IN . -67.56 21.20 -58.24
C3D CLA IN . -66.71 21.94 -57.32
C4D CLA IN . -66.03 21.08 -56.56
CMD CLA IN . -68.46 21.90 -59.22
CAD CLA IN . -66.37 23.33 -56.96
OBD CLA IN . -67.09 24.35 -57.26
CBD CLA IN . -65.42 23.28 -55.82
CGD CLA IN . -64.20 24.05 -56.20
O1D CLA IN . -63.60 23.81 -57.22
O2D CLA IN . -63.73 25.10 -55.31
CED CLA IN . -63.63 26.44 -55.79
MG CLA JN . -71.46 23.56 -56.35
CHA CLA JN . -71.74 26.97 -55.69
CHB CLA JN . -69.08 23.43 -53.87
CHC CLA JN . -71.28 20.23 -56.91
CHD CLA JN . -73.96 23.83 -58.87
NA CLA JN . -70.52 25.01 -54.92
C1A CLA JN . -70.75 26.26 -54.82
C2A CLA JN . -69.90 26.96 -53.78
C3A CLA JN . -69.06 25.81 -53.25
C4A CLA JN . -69.58 24.66 -54.06
CMA CLA JN . -67.56 26.00 -53.10
CAA CLA JN . -70.70 27.45 -52.58
CBA CLA JN . -70.64 28.97 -52.41
CGA CLA JN . -69.22 29.48 -52.53
O1A CLA JN . -68.77 30.09 -53.50
O2A CLA JN . -68.30 29.35 -51.60
NB CLA JN . -70.34 22.06 -55.49
C1B CLA JN . -69.42 22.16 -54.52
C2B CLA JN . -68.78 20.86 -54.17
C3B CLA JN . -69.44 19.95 -55.09
C4B CLA JN . -70.39 20.77 -55.87
CMB CLA JN . -67.72 20.56 -53.16
CAB CLA JN . -69.22 18.49 -55.22
CBB CLA JN . -70.08 17.65 -54.72
NC CLA JN . -72.49 22.23 -57.65
C1C CLA JN . -72.24 20.93 -57.77
C2C CLA JN . -72.99 20.21 -58.81
C3C CLA JN . -73.80 21.28 -59.37
C4C CLA JN . -73.42 22.48 -58.60
CMC CLA JN . -72.95 18.75 -59.19
CAC CLA JN . -74.79 21.18 -60.51
CBC CLA JN . -76.17 20.98 -59.92
ND CLA JN . -72.63 24.95 -57.17
C1D CLA JN . -73.57 25.02 -58.12
C2D CLA JN . -74.13 26.39 -58.34
C3D CLA JN . -73.36 27.11 -57.33
C4D CLA JN . -72.54 26.25 -56.71
CMD CLA JN . -75.15 27.07 -59.21
CAD CLA JN . -73.20 28.47 -56.79
OBD CLA JN . -73.62 29.53 -57.38
CBD CLA JN . -72.11 28.44 -55.79
CGD CLA JN . -70.95 29.22 -56.33
O1D CLA JN . -70.27 28.78 -57.25
O2D CLA JN . -70.60 30.51 -55.78
CED CLA JN . -70.53 31.65 -56.64
MG CLA KN . -51.32 2.75 -50.61
CHA CLA KN . -53.45 3.90 -53.10
CHB CLA KN . -54.09 2.22 -48.67
CHC CLA KN . -49.23 1.50 -48.30
CHD CLA KN . -48.56 3.29 -52.77
NA CLA KN . -53.51 3.00 -50.84
C1A CLA KN . -54.15 3.46 -51.85
C2A CLA KN . -55.63 3.59 -51.61
C3A CLA KN . -55.76 3.11 -50.18
C4A CLA KN . -54.37 2.74 -49.88
CMA CLA KN . -56.36 4.10 -49.21
CAA CLA KN . -56.39 2.64 -52.53
CBA CLA KN . -57.79 2.35 -52.04
CGA CLA KN . -58.85 2.62 -53.04
O1A CLA KN . -58.86 2.20 -54.18
O2A CLA KN . -59.89 3.36 -52.76
NB CLA KN . -51.65 1.95 -48.75
C1B CLA KN . -52.80 1.82 -48.11
C2B CLA KN . -52.67 1.25 -46.76
C3B CLA KN . -51.24 1.06 -46.67
C4B CLA KN . -50.66 1.52 -47.95
CMB CLA KN . -53.71 0.95 -45.73
CAB CLA KN . -50.49 0.49 -45.54
CBB CLA KN . -49.80 1.26 -44.76
NC CLA KN . -49.22 2.40 -50.58
C1C CLA KN . -48.56 1.90 -49.54
C2C CLA KN . -47.11 1.77 -49.73
C3C CLA KN . -46.91 2.27 -51.08
C4C CLA KN . -48.28 2.62 -51.50
CMC CLA KN . -46.12 1.24 -48.76
CAC CLA KN . -45.63 2.36 -51.88
CBC CLA KN . -45.06 3.74 -52.11
ND CLA KN . -50.95 3.33 -52.48
C1D CLA KN . -49.89 3.63 -53.22
C2D CLA KN . -50.17 4.38 -54.47
C3D CLA KN . -51.61 4.43 -54.36
C4D CLA KN . -51.99 3.83 -53.23
CMD CLA KN . -49.41 4.99 -55.60
CAD CLA KN . -52.75 4.93 -55.09
OBD CLA KN . -52.70 5.80 -56.02
CBD CLA KN . -53.97 4.64 -54.30
CGD CLA KN . -54.32 5.96 -53.77
O1D CLA KN . -53.47 6.74 -53.42
O2D CLA KN . -55.69 6.32 -53.59
CED CLA KN . -55.87 7.26 -52.56
C1 CLA KN . -61.37 2.81 -53.01
C2 CLA KN . -62.00 3.01 -54.36
C3 CLA KN . -63.20 3.58 -54.50
C4 CLA KN . -63.73 3.76 -55.88
C5 CLA KN . -64.01 4.03 -53.30
C6 CLA KN . -65.27 3.18 -53.19
C7 CLA KN . -66.51 4.03 -52.95
C8 CLA KN . -66.94 3.97 -51.49
C9 CLA KN . -67.37 2.56 -51.09
C10 CLA KN . -68.06 4.98 -51.25
MG CLA LN . -60.14 -5.89 -53.11
CHA CLA LN . -58.41 -3.04 -54.08
CHB CLA LN . -59.45 -4.99 -49.85
CHC CLA LN . -61.88 -8.60 -52.15
CHD CLA LN . -60.77 -6.68 -56.50
NA CLA LN . -59.08 -4.24 -52.05
C1A CLA LN . -58.49 -3.25 -52.59
C2A CLA LN . -57.92 -2.29 -51.61
C3A CLA LN . -58.20 -2.96 -50.30
C4A CLA LN . -58.95 -4.16 -50.75
CMA CLA LN . -57.02 -3.10 -49.38
CAA CLA LN . -58.80 -1.03 -51.55
CBA CLA LN . -60.31 -1.12 -51.34
CGA CLA LN . -61.08 -1.33 -52.63
O1A CLA LN . -61.42 -0.44 -53.38
O2A CLA LN . -61.46 -2.49 -53.12
NB CLA LN . -60.60 -6.66 -51.27
C1B CLA LN . -60.23 -6.21 -50.07
C2B CLA LN . -60.74 -6.99 -48.92
C3B CLA LN . -61.44 -8.06 -49.63
C4B CLA LN . -61.31 -7.78 -51.07
CMB CLA LN . -60.49 -6.68 -47.48
CAB CLA LN . -62.21 -9.24 -49.15
CBB CLA LN . -62.57 -9.46 -47.92
NC CLA LN . -61.22 -7.37 -54.16
C1C CLA LN . -61.80 -8.43 -53.60
C2C CLA LN . -62.37 -9.41 -54.54
C3C CLA LN . -62.06 -8.81 -55.82
C4C CLA LN . -61.34 -7.57 -55.48
CMC CLA LN . -63.10 -10.68 -54.24
CAC CLA LN . -62.36 -9.33 -57.20
CBC CLA LN . -61.20 -10.20 -57.64
ND CLA LN . -59.76 -5.15 -54.93
C1D CLA LN . -60.02 -5.46 -56.20
C2D CLA LN . -59.47 -4.52 -57.19
C3D CLA LN . -58.83 -3.56 -56.27
C4D CLA LN . -59.04 -3.97 -55.02
CMD CLA LN . -59.43 -4.37 -58.68
CAD CLA LN . -58.05 -2.31 -56.27
OBD CLA LN . -57.93 -1.51 -57.25
CBD CLA LN . -57.72 -1.96 -54.87
CGD CLA LN . -56.24 -2.05 -54.73
O1D CLA LN . -55.68 -3.09 -55.03
O2D CLA LN . -55.44 -0.96 -54.26
CED CLA LN . -54.12 -0.82 -54.78
C1 CLA LN . -62.60 -3.39 -52.47
C2 CLA LN . -63.50 -4.20 -53.37
C3 CLA LN . -64.50 -4.97 -52.91
C4 CLA LN . -65.32 -5.70 -53.93
C5 CLA LN . -64.83 -5.11 -51.45
C6 CLA LN . -65.07 -6.58 -51.13
C7 CLA LN . -66.47 -6.84 -50.61
C8 CLA LN . -66.77 -8.33 -50.38
C9 CLA LN . -65.70 -8.99 -49.52
C10 CLA LN . -66.88 -9.10 -51.69
C11 CLA LN . -67.36 -10.52 -51.41
C12 CLA LN . -66.73 -11.52 -52.38
C13 CLA LN . -67.52 -11.59 -53.67
C14 CLA LN . -68.80 -12.39 -53.52
C15 CLA LN . -66.65 -12.20 -54.76
MG CLA MN . -62.79 -4.15 -43.05
CHA CLA MN . -60.50 -2.10 -44.69
CHB CLA MN . -61.43 -3.01 -40.11
CHC CLA MN . -65.02 -6.09 -41.49
CHD CLA MN . -63.99 -5.26 -46.17
NA CLA MN . -61.19 -2.72 -42.44
C1A CLA MN . -60.42 -2.04 -43.19
C2A CLA MN . -59.41 -1.21 -42.47
C3A CLA MN . -59.71 -1.58 -41.04
C4A CLA MN . -60.86 -2.50 -41.19
CMA CLA MN . -58.54 -2.11 -40.23
CAA CLA MN . -59.69 0.28 -42.57
CBA CLA MN . -61.17 0.64 -42.67
CGA CLA MN . -61.34 2.05 -43.17
O1A CLA MN . -61.33 3.04 -42.46
O2A CLA MN . -61.52 2.38 -44.43
NB CLA MN . -63.17 -4.51 -41.06
C1B CLA MN . -62.56 -3.96 -40.01
C2B CLA MN . -63.09 -4.38 -38.71
C3B CLA MN . -64.14 -5.31 -39.10
C4B CLA MN . -64.13 -5.32 -40.59
CMB CLA MN . -62.66 -4.00 -37.32
CAB CLA MN . -65.01 -6.01 -38.13
CBB CLA MN . -65.61 -7.17 -38.27
NC CLA MN . -64.36 -5.39 -43.74
C1C CLA MN . -65.10 -6.16 -42.95
C2C CLA MN . -66.03 -7.08 -43.63
C3C CLA MN . -65.75 -6.77 -45.03
C4C CLA MN . -64.71 -5.74 -44.98
CMC CLA MN . -66.99 -8.06 -43.03
CAC CLA MN . -66.36 -7.37 -46.26
CBC CLA MN . -67.39 -6.40 -46.81
ND CLA MN . -62.42 -3.89 -44.99
C1D CLA MN . -62.94 -4.26 -46.14
C2D CLA MN . -62.38 -3.60 -47.34
C3D CLA MN . -61.40 -2.73 -46.69
C4D CLA MN . -61.48 -2.96 -45.37
CMD CLA MN . -62.60 -3.61 -48.81
CAD CLA MN . -60.38 -1.72 -47.00
OBD CLA MN . -60.39 -0.95 -48.00
CBD CLA MN . -59.64 -1.44 -45.74
CGD CLA MN . -58.35 -2.17 -45.76
O1D CLA MN . -58.34 -3.32 -46.12
O2D CLA MN . -57.11 -1.58 -45.35
CED CLA MN . -55.93 -2.00 -46.01
CAA F6C NN . -18.05 -20.51 -11.04
CAB F6C NN . -21.02 -13.00 -6.15
CAC F6C NN . -26.30 -13.66 -12.59
CAD F6C NN . -22.32 -20.87 -13.62
NA F6C NN . -20.54 -18.48 -9.91
CBA F6C NN . -17.55 -19.17 -11.55
CBB F6C NN . -21.66 -11.87 -6.36
CBC F6C NN . -25.72 -13.12 -13.86
CBD F6C NN . -21.21 -21.13 -12.67
NB F6C NN . -21.25 -15.81 -8.67
OBD F6C NN . -22.47 -21.46 -14.73
CGA F6C NN . -17.87 -19.04 -13.01
CGD F6C NN . -21.50 -22.38 -11.91
ND F6C NN . -22.87 -17.83 -11.80
CED F6C NN . -20.64 -24.71 -11.61
CHA F6C NN . -21.23 -19.91 -11.77
CHB F6C NN . -19.54 -17.46 -8.03
CHC F6C NN . -22.78 -13.90 -8.90
CHD F6C NN . -24.69 -16.44 -12.58
CMA F6C NN . -18.54 -20.28 -7.59
CMB F6C NN . -18.95 -15.41 -5.70
CMC F6C NN . -25.06 -11.99 -10.02
CMD F6C NN . -24.93 -18.98 -14.82
OMB F6C NN . -18.55 -14.44 -5.10
C1 F6C NN . -18.90 -16.86 -13.78
C1A F6C NN . -20.37 -19.55 -10.59
C1B F6C NN . -20.28 -16.22 -7.86
C1C F6C NN . -23.61 -14.23 -10.05
C1D F6C NN . -23.85 -17.63 -12.67
O1A F6C NN . -17.17 -19.52 -13.88
O1D F6C NN . -22.63 -22.65 -11.58
C2 F6C NN . -19.37 -15.80 -12.80
C2A F6C NN . -19.24 -20.41 -10.07
C2B F6C NN . -19.97 -15.27 -6.78
C2C F6C NN . -24.66 -13.33 -10.54
C2D F6C NN . -24.02 -18.70 -13.67
O2A F6C NN . -18.92 -18.44 -13.50
O2D F6C NN . -20.44 -23.30 -11.54
C3 F6C NN . -18.52 -15.04 -12.12
C3A F6C NN . -18.76 -19.59 -8.90
C3B F6C NN . -20.93 -14.19 -7.02
C3C F6C NN . -25.19 -14.07 -11.66
C3D F6C NN . -22.94 -19.58 -13.26
C4 F6C NN . -17.04 -15.24 -12.27
C4A F6C NN . -19.67 -18.42 -8.94
C4B F6C NN . -21.69 -14.63 -8.23
C4C F6C NN . -24.40 -15.32 -11.68
C4D F6C NN . -22.33 -19.04 -12.20
C5 F6C NN . -19.05 -13.99 -11.17
C6 F6C NN . -18.05 -13.61 -10.08
C7 F6C NN . -17.54 -12.19 -10.23
C8 F6C NN . -17.83 -11.35 -9.01
C9 F6C NN . -19.32 -11.09 -8.92
C10 F6C NN . -17.05 -10.04 -9.03
C11 F6C NN . -17.61 -8.99 -10.00
C12 F6C NN . -17.84 -7.65 -9.34
C13 F6C NN . -18.46 -6.67 -10.32
C14 F6C NN . -17.45 -6.32 -11.40
C15 F6C NN . -18.96 -5.41 -9.64
NC F6C NN . -23.47 -15.36 -10.72
MG F6C NN . -22.07 -16.88 -10.24
MG CLA ON . -28.19 -13.04 -8.79
CHA CLA ON . -26.60 -10.98 -6.45
CHB CLA ON . -29.92 -10.26 -9.79
CHC CLA ON . -29.54 -14.95 -11.20
CHD CLA ON . -26.32 -15.80 -7.63
NA CLA ON . -28.26 -10.88 -8.23
C1A CLA ON . -27.60 -10.28 -7.31
C2A CLA ON . -27.92 -8.81 -7.22
C3A CLA ON . -29.01 -8.65 -8.25
C4A CLA ON . -29.06 -10.01 -8.81
CMA CLA ON . -30.31 -7.98 -7.84
CAA CLA ON . -27.00 -8.07 -8.17
CBA CLA ON . -25.55 -7.89 -7.79
CGA CLA ON . -24.74 -8.63 -8.82
O1A CLA ON . -25.01 -8.65 -10.00
O2A CLA ON . -23.64 -9.31 -8.58
NB CLA ON . -29.52 -12.64 -10.29
C1B CLA ON . -30.16 -11.50 -10.50
C2B CLA ON . -31.17 -11.56 -11.56
C3B CLA ON . -31.05 -12.95 -11.97
C4B CLA ON . -30.00 -13.55 -11.13
CMB CLA ON . -32.03 -10.43 -12.01
CAB CLA ON . -31.81 -13.65 -13.00
CBB CLA ON . -33.12 -13.71 -12.94
NC CLA ON . -27.94 -15.07 -9.34
C1C CLA ON . -28.58 -15.67 -10.34
C2C CLA ON . -28.29 -17.10 -10.51
C3C CLA ON . -27.32 -17.36 -9.46
C4C CLA ON . -27.20 -16.04 -8.79
CMC CLA ON . -28.82 -18.05 -11.53
CAC CLA ON . -26.66 -18.66 -9.10
CBC CLA ON . -25.20 -18.72 -9.47
ND CLA ON . -26.81 -13.45 -7.42
C1D CLA ON . -26.11 -14.49 -7.03
C2D CLA ON . -25.17 -14.23 -5.94
C3D CLA ON . -25.40 -12.81 -5.75
C4D CLA ON . -26.33 -12.42 -6.60
CMD CLA ON . -24.17 -14.97 -5.14
CAD CLA ON . -24.94 -11.69 -4.91
OBD CLA ON . -23.93 -11.69 -4.15
CBD CLA ON . -25.68 -10.48 -5.34
CGD CLA ON . -26.40 -9.84 -4.19
O1D CLA ON . -27.59 -9.99 -4.02
O2D CLA ON . -25.65 -9.00 -3.28
CED CLA ON . -25.99 -8.94 -1.90
C1 CLA ON . -22.39 -9.13 -9.56
C2 CLA ON . -22.20 -9.96 -10.80
C3 CLA ON . -21.82 -9.43 -11.97
C4 CLA ON . -21.59 -7.95 -12.09
C5 CLA ON . -21.66 -10.33 -13.17
C6 CLA ON . -20.53 -9.82 -14.05
C7 CLA ON . -19.21 -10.45 -13.66
C8 CLA ON . -18.25 -10.45 -14.83
C9 CLA ON . -18.86 -11.16 -16.02
C10 CLA ON . -16.95 -11.11 -14.44
C11 CLA ON . -16.32 -10.35 -13.27
C12 CLA ON . -14.99 -10.95 -12.88
C13 CLA ON . -14.01 -9.82 -12.62
C14 CLA ON . -13.62 -9.15 -13.91
C15 CLA ON . -12.79 -10.38 -11.90
C16 CLA ON . -13.03 -10.32 -10.41
C17 CLA ON . -12.08 -11.23 -9.67
C18 CLA ON . -10.68 -10.67 -9.70
C19 CLA ON . -10.28 -10.15 -8.33
C20 CLA ON . -9.73 -11.73 -10.21
MG CLA PN . -31.02 -9.30 -23.54
CHA CLA PN . -33.17 -7.03 -22.02
CHB CLA PN . -30.58 -6.98 -26.06
CHC CLA PN . -28.84 -11.44 -24.91
CHD CLA PN . -31.56 -11.61 -20.90
NA CLA PN . -31.75 -7.24 -24.00
C1A CLA PN . -32.57 -6.54 -23.32
C2A CLA PN . -32.92 -5.23 -23.96
C3A CLA PN . -32.12 -5.27 -25.22
C4A CLA PN . -31.42 -6.58 -25.09
CMA CLA PN . -32.83 -4.97 -26.53
CAA CLA PN . -32.41 -4.02 -23.19
CBA CLA PN . -31.07 -4.21 -22.49
CGA CLA PN . -30.95 -3.02 -21.58
O1A CLA PN . -31.53 -2.93 -20.51
O2A CLA PN . -30.28 -1.92 -21.84
NB CLA PN . -29.88 -9.19 -25.23
C1B CLA PN . -29.81 -8.23 -26.15
C2B CLA PN . -28.92 -8.55 -27.29
C3B CLA PN . -28.42 -9.85 -26.92
C4B CLA PN . -29.07 -10.18 -25.64
CMB CLA PN . -28.58 -7.76 -28.50
CAB CLA PN . -27.47 -10.71 -27.64
CBB CLA PN . -26.25 -10.86 -27.20
NC CLA PN . -30.29 -11.21 -22.98
C1C CLA PN . -29.41 -11.92 -23.66
C2C CLA PN . -29.00 -13.21 -23.12
C3C CLA PN . -29.80 -13.25 -21.90
C4C CLA PN . -30.55 -11.97 -21.92
CMC CLA PN . -28.00 -14.15 -23.74
CAC CLA PN . -29.87 -14.28 -20.79
CBC CLA PN . -30.13 -15.69 -21.26
ND CLA PN . -32.05 -9.43 -21.84
C1D CLA PN . -32.24 -10.32 -20.87
C2D CLA PN . -33.20 -9.88 -19.83
C3D CLA PN . -33.53 -8.57 -20.35
C4D CLA PN . -32.85 -8.37 -21.48
CMD CLA PN . -33.81 -10.39 -18.56
CAD CLA PN . -34.37 -7.40 -20.02
OBD CLA PN . -35.35 -7.42 -19.21
CBD CLA PN . -34.18 -6.40 -21.10
CGD CLA PN . -35.50 -6.25 -21.77
O1D CLA PN . -35.72 -6.82 -22.80
O2D CLA PN . -36.55 -5.42 -21.20
CED CLA PN . -37.88 -5.89 -21.17
C1 CLA PN . -28.97 -1.49 -21.00
C2 CLA PN . -28.67 -1.95 -19.58
C3 CLA PN . -27.40 -2.12 -19.20
C4 CLA PN . -26.29 -1.88 -20.17
C5 CLA PN . -27.05 -2.56 -17.79
C6 CLA PN . -26.06 -3.72 -17.86
C7 CLA PN . -24.73 -3.37 -17.22
C8 CLA PN . -24.27 -4.53 -16.36
C9 CLA PN . -25.06 -4.54 -15.06
C10 CLA PN . -22.78 -4.40 -16.09
C11 CLA PN . -22.06 -5.59 -16.70
C12 CLA PN . -20.55 -5.37 -16.70
C13 CLA PN . -19.89 -6.32 -15.73
C14 CLA PN . -19.71 -5.66 -14.37
C15 CLA PN . -18.58 -6.83 -16.31
C16 CLA PN . -17.40 -5.89 -16.10
C17 CLA PN . -16.10 -6.65 -16.36
C18 CLA PN . -14.91 -5.96 -15.72
C19 CLA PN . -14.58 -4.66 -16.42
C20 CLA PN . -15.12 -5.72 -14.23
C1 PQN QN . -35.67 -17.87 -20.72
O1 PQN QN . -35.51 -18.05 -21.94
C2 PQN QN . -34.50 -17.59 -19.88
C2M PQN QN . -33.18 -17.56 -20.56
C3 PQN QN . -34.67 -17.38 -18.42
C4 PQN QN . -36.04 -17.45 -17.85
O4 PQN QN . -36.20 -17.27 -16.64
C5 PQN QN . -37.20 -17.73 -18.72
C6 PQN QN . -38.47 -17.79 -18.20
C7 PQN QN . -39.53 -18.06 -19.04
C8 PQN QN . -39.35 -18.28 -20.40
C9 PQN QN . -38.08 -18.20 -20.96
C10 PQN QN . -37.01 -17.94 -20.15
C11 PQN QN . -33.53 -17.09 -17.48
C12 PQN QN . -33.18 -15.63 -17.63
C13 PQN QN . -32.32 -15.01 -16.85
C14 PQN QN . -31.66 -15.75 -15.74
C15 PQN QN . -32.05 -13.56 -17.14
C16 PQN QN . -30.92 -13.00 -16.30
C17 PQN QN . -29.63 -12.88 -17.09
C18 PQN QN . -28.89 -11.62 -16.70
C19 PQN QN . -28.77 -11.44 -15.20
C20 PQN QN . -29.60 -10.44 -17.32
C21 PQN QN . -29.00 -10.12 -18.68
C22 PQN QN . -28.44 -8.71 -18.69
C23 PQN QN . -29.12 -7.86 -19.74
C24 PQN QN . -28.15 -7.52 -20.86
C25 PQN QN . -29.64 -6.59 -19.08
C26 PQN QN . -30.73 -6.91 -18.07
C27 PQN QN . -30.74 -5.89 -16.95
C28 PQN QN . -32.16 -5.36 -16.73
C29 PQN QN . -32.19 -4.38 -15.56
C30 PQN QN . -32.68 -4.69 -17.98
C1 BCR RN . -53.03 39.10 -37.88
C2 BCR RN . -51.90 40.04 -37.49
C3 BCR RN . -51.17 39.73 -36.19
C4 BCR RN . -52.15 39.28 -35.12
C5 BCR RN . -52.78 38.03 -35.66
C6 BCR RN . -53.37 38.05 -36.86
C7 BCR RN . -54.37 37.01 -37.20
C8 BCR RN . -55.64 36.98 -36.77
C9 BCR RN . -56.40 36.02 -37.14
C10 BCR RN . -57.02 35.34 -36.29
C11 BCR RN . -58.08 35.00 -35.90
C33 BCR RN . -52.69 36.78 -34.83
C31 BCR RN . -52.73 38.36 -39.18
C32 BCR RN . -54.24 39.99 -38.10
C34 BCR RN . -56.55 35.69 -38.60
C12 BCR RN . -59.17 34.63 -35.44
C13 BCR RN . -60.56 34.12 -35.50
C14 BCR RN . -61.25 34.02 -34.35
C15 BCR RN . -62.62 33.54 -34.27
C16 BCR RN . -63.76 33.43 -33.60
C17 BCR RN . -64.87 33.17 -33.23
C18 BCR RN . -66.00 33.39 -32.54
C19 BCR RN . -67.14 32.47 -32.49
C20 BCR RN . -68.41 32.41 -32.13
C21 BCR RN . -69.54 32.08 -31.90
C22 BCR RN . -70.72 32.19 -31.29
C23 BCR RN . -71.82 31.26 -31.57
C24 BCR RN . -72.96 31.80 -32.02
C25 BCR RN . -74.16 31.01 -32.33
C26 BCR RN . -74.15 30.09 -33.30
C27 BCR RN . -74.86 28.79 -33.08
C28 BCR RN . -76.14 28.97 -32.27
C29 BCR RN . -76.54 30.42 -32.05
C30 BCR RN . -75.40 31.28 -31.53
C35 BCR RN . -61.19 33.71 -36.79
C36 BCR RN . -66.12 34.66 -31.77
C37 BCR RN . -70.94 33.27 -30.29
C38 BCR RN . -73.47 30.36 -34.61
C39 BCR RN . -75.13 30.99 -30.06
C40 BCR RN . -75.76 32.75 -31.69
C1 BCR SN . -50.98 35.44 -29.61
C2 BCR SN . -51.71 35.25 -30.92
C3 BCR SN . -53.06 34.56 -30.82
C4 BCR SN . -53.93 35.15 -29.73
C5 BCR SN . -53.14 35.23 -28.44
C6 BCR SN . -51.82 35.03 -28.41
C7 BCR SN . -51.19 34.50 -27.18
C8 BCR SN . -51.19 33.23 -26.76
C9 BCR SN . -50.61 32.91 -25.66
C10 BCR SN . -50.44 31.71 -25.33
C11 BCR SN . -50.08 30.62 -25.63
C33 BCR SN . -53.89 35.54 -27.17
C31 BCR SN . -50.65 36.92 -29.43
C32 BCR SN . -49.67 34.66 -29.64
C34 BCR SN . -50.12 33.94 -24.69
C12 BCR SN . -49.71 29.45 -25.84
C13 BCR SN . -49.33 28.26 -26.61
C14 BCR SN . -48.58 27.33 -25.99
C15 BCR SN . -48.12 26.11 -26.62
C16 BCR SN . -47.34 25.03 -26.59
C17 BCR SN . -46.75 24.02 -26.84
C18 BCR SN . -45.91 23.00 -26.60
C19 BCR SN . -45.60 22.00 -27.62
C20 BCR SN . -45.21 20.77 -27.92
C21 BCR SN . -44.89 19.80 -28.54
C22 BCR SN . -44.58 18.53 -28.74
C23 BCR SN . -44.23 17.99 -30.07
C24 BCR SN . -44.33 16.67 -30.24
C25 BCR SN . -43.99 15.99 -31.51
C26 BCR SN . -44.74 16.11 -32.59
C27 BCR SN . -44.09 16.39 -33.92
C28 BCR SN . -42.59 16.10 -33.84
C29 BCR SN . -42.34 14.86 -32.98
C30 BCR SN . -42.78 15.10 -31.56
C35 BCR SN . -49.79 28.07 -28.02
C36 BCR SN . -45.27 22.89 -25.25
C37 BCR SN . -44.60 17.61 -27.57
C38 BCR SN . -46.22 15.94 -32.52
C39 BCR SN . -41.60 15.71 -30.82
C40 BCR SN . -43.20 13.80 -30.91
C1 BCR TN . -49.44 42.67 -31.08
C2 BCR TN . -50.90 42.50 -30.66
C3 BCR TN . -51.06 42.13 -29.19
C4 BCR TN . -50.26 40.89 -28.82
C5 BCR TN . -48.85 41.09 -29.32
C6 BCR TN . -48.70 41.45 -30.59
C7 BCR TN . -47.90 40.63 -31.55
C8 BCR TN . -46.59 40.53 -31.76
C9 BCR TN . -45.58 41.09 -31.21
C10 BCR TN . -44.65 40.34 -30.83
C11 BCR TN . -44.27 39.22 -30.83
C33 BCR TN . -47.69 40.91 -28.37
C31 BCR TN . -48.85 43.92 -30.44
C32 BCR TN . -49.37 42.78 -32.60
C34 BCR TN . -45.43 42.57 -31.05
C12 BCR TN . -43.83 38.04 -30.84
C13 BCR TN . -43.92 36.57 -30.68
C14 BCR TN . -42.78 35.88 -30.73
C15 BCR TN . -42.71 34.43 -30.59
C16 BCR TN . -42.01 33.30 -30.56
C17 BCR TN . -41.69 32.14 -30.47
C18 BCR TN . -40.85 31.10 -30.55
C19 BCR TN . -41.28 29.74 -30.19
C20 BCR TN . -41.00 28.45 -30.07
C21 BCR TN . -40.42 27.40 -30.13
C22 BCR TN . -40.14 26.11 -29.89
C23 BCR TN . -39.00 25.46 -30.53
C24 BCR TN . -38.55 25.89 -31.70
C25 BCR TN . -37.42 25.28 -32.44
C26 BCR TN . -36.19 25.80 -32.35
C27 BCR TN . -35.17 25.63 -33.43
C28 BCR TN . -35.36 24.33 -34.19
C29 BCR TN . -36.80 24.08 -34.53
C30 BCR TN . -37.68 24.06 -33.29
C35 BCR TN . -45.22 35.88 -30.47
C36 BCR TN . -39.46 31.34 -31.02
C37 BCR TN . -40.99 25.33 -28.94
C38 BCR TN . -35.78 26.65 -31.17
C39 BCR TN . -37.37 22.81 -32.48
C40 BCR TN . -39.13 24.02 -33.78
C1 BCR UN . -74.06 17.89 -41.62
C2 BCR UN . -73.37 19.11 -41.02
C3 BCR UN . -72.44 19.82 -42.00
C4 BCR UN . -71.39 18.87 -42.53
C5 BCR UN . -72.11 17.67 -43.11
C6 BCR UN . -73.05 17.06 -42.40
C7 BCR UN . -73.11 15.58 -42.41
C8 BCR UN . -72.17 14.86 -41.78
C9 BCR UN . -72.20 13.59 -41.77
C10 BCR UN . -71.28 12.97 -41.19
C11 BCR UN . -70.99 12.34 -40.23
C33 BCR UN . -71.76 17.19 -44.49
C31 BCR UN . -75.12 18.32 -42.62
C32 BCR UN . -74.70 17.06 -40.51
C34 BCR UN . -73.29 12.78 -42.41
C12 BCR UN . -70.64 11.71 -39.22
C13 BCR UN . -70.48 10.47 -38.44
C14 BCR UN . -69.63 10.48 -37.41
C15 BCR UN . -69.40 9.28 -36.61
C16 BCR UN . -68.74 8.62 -35.68
C17 BCR UN . -68.33 7.77 -34.95
C18 BCR UN . -67.75 7.21 -33.89
C19 BCR UN . -67.51 5.77 -33.84
C20 BCR UN . -66.93 4.80 -33.18
C21 BCR UN . -66.50 3.73 -32.87
C22 BCR UN . -65.73 2.87 -32.21
C23 BCR UN . -65.80 1.44 -32.48
C24 BCR UN . -64.87 0.65 -31.95
C25 BCR UN . -64.86 -0.80 -32.18
C26 BCR UN . -65.69 -1.58 -31.49
C27 BCR UN . -66.27 -2.81 -32.14
C28 BCR UN . -65.26 -3.52 -33.03
C29 BCR UN . -63.87 -2.91 -33.02
C30 BCR UN . -63.87 -1.39 -33.16
C35 BCR UN . -71.23 9.23 -38.82
C36 BCR UN . -67.36 8.06 -32.72
C37 BCR UN . -64.77 3.41 -31.19
C38 BCR UN . -66.07 -1.23 -30.09
C39 BCR UN . -64.20 -1.00 -34.59
C40 BCR UN . -62.49 -0.87 -32.83
C1 BCR VN . -62.98 12.91 -47.73
C2 BCR VN . -61.84 13.81 -48.15
C3 BCR VN . -61.11 13.26 -49.35
C4 BCR VN . -60.51 11.90 -49.03
C5 BCR VN . -61.58 11.01 -48.47
C6 BCR VN . -62.50 11.49 -47.61
C7 BCR VN . -63.06 10.59 -46.57
C8 BCR VN . -62.36 10.18 -45.51
C9 BCR VN . -62.88 9.42 -44.63
C10 BCR VN . -62.36 9.36 -43.51
C11 BCR VN . -62.12 8.61 -42.63
C33 BCR VN . -61.60 9.59 -48.91
C31 BCR VN . -64.09 12.94 -48.78
C32 BCR VN . -63.55 13.42 -46.41
C34 BCR VN . -64.08 8.57 -44.92
C12 BCR VN . -61.82 7.87 -41.66
C13 BCR VN . -61.96 6.71 -40.78
C14 BCR VN . -61.17 6.65 -39.71
C15 BCR VN . -61.23 5.56 -38.77
C16 BCR VN . -60.73 4.86 -37.76
C17 BCR VN . -59.92 4.52 -36.96
C18 BCR VN . -59.34 3.96 -35.90
C19 BCR VN . -60.06 3.24 -34.86
C20 BCR VN . -60.08 2.94 -33.58
C21 BCR VN . -60.37 2.51 -32.50
C22 BCR VN . -60.19 2.11 -31.25
C23 BCR VN . -61.34 1.68 -30.45
C24 BCR VN . -61.13 1.31 -29.18
C25 BCR VN . -62.18 0.86 -28.23
C26 BCR VN . -62.55 -0.44 -28.21
C27 BCR VN . -63.65 -0.95 -27.31
C28 BCR VN . -63.78 -0.07 -26.09
C29 BCR VN . -64.02 1.33 -26.59
C30 BCR VN . -62.75 1.85 -27.24
C35 BCR VN . -62.96 5.63 -41.07
C36 BCR VN . -57.88 4.11 -35.75
C37 BCR VN . -58.83 2.08 -30.66
C38 BCR VN . -61.91 -1.49 -29.09
C39 BCR VN . -61.74 2.05 -26.13
C40 BCR VN . -63.06 3.22 -27.82
C1 BCR WN . -56.26 -26.34 -57.23
C2 BCR WN . -56.45 -25.78 -58.65
C3 BCR WN . -55.87 -26.72 -59.73
C4 BCR WN . -54.39 -26.99 -59.50
C5 BCR WN . -54.09 -26.97 -58.03
C6 BCR WN . -55.05 -27.23 -57.16
C7 BCR WN . -54.94 -28.29 -56.10
C8 BCR WN . -54.21 -29.41 -56.16
C9 BCR WN . -54.19 -30.23 -55.18
C10 BCR WN . -53.09 -30.66 -54.73
C11 BCR WN . -52.27 -31.52 -54.76
C33 BCR WN . -52.72 -26.59 -57.56
C31 BCR WN . -57.49 -27.11 -56.77
C32 BCR WN . -55.98 -25.16 -56.33
C34 BCR WN . -55.46 -30.71 -54.56
C12 BCR WN . -51.33 -32.37 -54.76
C13 BCR WN . -50.73 -33.71 -54.67
C14 BCR WN . -49.51 -33.81 -54.11
C15 BCR WN . -48.74 -35.03 -53.89
C16 BCR WN . -47.85 -35.68 -53.14
C17 BCR WN . -47.07 -36.46 -52.66
C18 BCR WN . -46.37 -37.08 -51.68
C19 BCR WN . -45.36 -38.10 -51.98
C20 BCR WN . -44.82 -39.30 -51.74
C21 BCR WN . -44.60 -40.36 -51.22
C22 BCR WN . -44.86 -41.62 -50.82
C23 BCR WN . -43.82 -42.46 -50.18
C24 BCR WN . -44.13 -43.22 -49.13
C25 BCR WN . -43.20 -44.13 -48.42
C26 BCR WN . -43.55 -45.42 -48.38
C27 BCR WN . -42.51 -46.51 -48.34
C28 BCR WN . -41.34 -46.10 -47.46
C29 BCR WN . -41.49 -44.76 -46.75
C30 BCR WN . -41.96 -43.65 -47.69
C35 BCR WN . -51.44 -34.93 -55.18
C36 BCR WN . -46.66 -36.73 -50.25
C37 BCR WN . -46.23 -42.19 -51.02
C38 BCR WN . -44.99 -45.82 -48.37
C39 BCR WN . -40.79 -43.30 -48.61
C40 BCR WN . -42.30 -42.42 -46.87
C1 BCR XN . -50.98 -38.22 -66.04
C2 BCR XN . -50.06 -38.18 -67.26
C3 BCR XN . -49.87 -39.51 -67.96
C4 BCR XN . -49.45 -40.56 -66.95
C5 BCR XN . -50.62 -40.70 -65.99
C6 BCR XN . -51.20 -39.61 -65.48
C7 BCR XN . -52.15 -39.79 -64.34
C8 BCR XN . -51.84 -39.84 -63.04
C9 BCR XN . -52.76 -40.01 -62.17
C10 BCR XN . -52.46 -40.46 -61.03
C11 BCR XN . -52.05 -40.23 -59.95
C33 BCR XN . -51.11 -42.09 -65.69
C31 BCR XN . -52.35 -37.68 -66.41
C32 BCR XN . -50.34 -37.34 -64.99
C34 BCR XN . -54.21 -39.73 -62.45
C12 BCR XN . -51.60 -40.04 -58.80
C13 BCR XN . -51.60 -39.41 -57.46
C14 BCR XN . -51.28 -40.16 -56.40
C15 BCR XN . -51.27 -39.60 -55.05
C16 BCR XN . -51.39 -39.68 -53.73
C17 BCR XN . -51.52 -40.14 -52.62
C18 BCR XN . -52.12 -40.35 -51.44
C19 BCR XN . -51.45 -41.12 -50.38
C20 BCR XN . -51.52 -41.93 -49.34
C21 BCR XN . -51.98 -42.58 -48.44
C22 BCR XN . -52.41 -43.69 -47.81
C23 BCR XN . -52.88 -43.65 -46.41
C24 BCR XN . -53.82 -44.53 -46.07
C25 BCR XN . -54.43 -44.69 -44.72
C26 BCR XN . -54.06 -45.74 -43.97
C27 BCR XN . -54.72 -46.02 -42.66
C28 BCR XN . -56.20 -45.71 -42.79
C29 BCR XN . -56.42 -44.26 -43.19
C30 BCR XN . -55.47 -43.69 -44.25
C35 BCR XN . -51.95 -37.96 -57.31
C36 BCR XN . -53.50 -39.84 -51.22
C37 BCR XN . -52.43 -44.98 -48.56
C38 BCR XN . -52.99 -46.69 -44.44
C39 BCR XN . -54.79 -42.46 -43.67
C40 BCR XN . -56.33 -43.29 -45.44
C1 BCR YN . -62.76 -22.30 -60.75
C2 BCR YN . -61.82 -21.94 -61.88
C3 BCR YN . -60.38 -22.27 -61.54
C4 BCR YN . -60.15 -23.72 -61.13
C5 BCR YN . -61.43 -24.37 -60.65
C6 BCR YN . -62.38 -23.61 -60.10
C7 BCR YN . -63.09 -24.05 -58.89
C8 BCR YN . -62.45 -24.29 -57.74
C9 BCR YN . -63.07 -24.67 -56.70
C10 BCR YN . -62.54 -24.47 -55.59
C11 BCR YN . -62.23 -24.94 -54.57
C33 BCR YN . -61.61 -25.85 -60.84
C31 BCR YN . -64.18 -22.46 -61.29
C32 BCR YN . -62.75 -21.21 -59.69
C34 BCR YN . -64.41 -25.35 -56.76
C12 BCR YN . -61.81 -25.41 -53.49
C13 BCR YN . -61.90 -25.72 -52.06
C14 BCR YN . -60.81 -25.50 -51.34
C15 BCR YN . -60.67 -25.72 -49.92
C16 BCR YN . -59.92 -25.55 -48.85
C17 BCR YN . -59.46 -25.46 -47.75
C18 BCR YN . -58.47 -25.42 -46.87
C19 BCR YN . -58.72 -25.20 -45.44
C20 BCR YN . -58.23 -24.65 -44.33
C21 BCR YN . -58.05 -24.25 -43.23
C22 BCR YN . -57.36 -23.98 -42.13
C23 BCR YN . -58.00 -23.31 -40.99
C24 BCR YN . -57.35 -23.34 -39.82
C25 BCR YN . -57.81 -22.73 -38.55
C26 BCR YN . -58.79 -23.25 -37.81
C27 BCR YN . -59.39 -22.50 -36.66
C28 BCR YN . -58.30 -21.74 -35.94
C29 BCR YN . -57.74 -20.76 -36.95
C30 BCR YN . -57.04 -21.49 -38.09
C35 BCR YN . -63.15 -26.27 -51.43
C36 BCR YN . -57.06 -25.60 -47.33
C37 BCR YN . -55.92 -24.33 -42.09
C38 BCR YN . -59.35 -24.63 -38.06
C39 BCR YN . -55.68 -21.97 -37.63
C40 BCR YN . -56.85 -20.49 -39.21
C1 BCR ZN . -74.21 -21.52 -46.05
C2 BCR ZN . -74.29 -22.89 -46.71
C3 BCR ZN . -73.80 -22.79 -48.15
C4 BCR ZN . -74.80 -21.97 -48.92
C5 BCR ZN . -74.99 -20.63 -48.26
C6 BCR ZN . -74.80 -20.44 -46.94
C7 BCR ZN . -75.24 -19.17 -46.32
C8 BCR ZN . -74.42 -18.14 -46.06
C9 BCR ZN . -74.84 -17.07 -45.51
C10 BCR ZN . -74.17 -16.01 -45.69
C11 BCR ZN . -74.28 -14.85 -45.78
C33 BCR ZN . -75.41 -19.50 -49.16
C31 BCR ZN . -72.74 -21.24 -45.79
C32 BCR ZN . -74.99 -21.56 -44.75
C34 BCR ZN . -76.08 -17.02 -44.68
C12 BCR ZN . -74.34 -13.61 -45.92
C13 BCR ZN . -74.90 -12.29 -45.56
C14 BCR ZN . -74.53 -11.20 -46.26
C15 BCR ZN . -73.58 -11.28 -47.36
C16 BCR ZN . -72.90 -10.75 -48.37
C17 BCR ZN . -72.54 -9.95 -49.18
C18 BCR ZN . -72.18 -8.79 -49.72
C19 BCR ZN . -71.72 -8.70 -51.11
C20 BCR ZN . -70.85 -8.19 -51.96
C21 BCR ZN . -70.25 -7.94 -52.98
C22 BCR ZN . -69.52 -7.25 -53.84
C23 BCR ZN . -69.17 -7.85 -55.14
C24 BCR ZN . -68.69 -7.09 -56.14
C25 BCR ZN . -68.30 -7.58 -57.47
C26 BCR ZN . -69.18 -7.67 -58.47
C27 BCR ZN . -68.81 -7.11 -59.83
C28 BCR ZN . -67.33 -7.34 -60.15
C29 BCR ZN . -66.66 -8.32 -59.20
C30 BCR ZN . -66.84 -7.93 -57.75
C35 BCR ZN . -75.88 -12.16 -44.44
C36 BCR ZN . -72.25 -7.54 -48.91
C37 BCR ZN . -69.04 -5.87 -53.49
C38 BCR ZN . -70.54 -8.30 -58.35
C39 BCR ZN . -65.99 -6.70 -57.45
C40 BCR ZN . -66.36 -9.09 -56.89
C1 BCR AO . -22.98 -0.28 -30.95
C2 BCR AO . -22.38 -0.37 -32.34
C3 BCR AO . -23.35 0.09 -33.41
C4 BCR AO . -24.56 -0.81 -33.34
C5 BCR AO . -25.21 -0.54 -32.02
C6 BCR AO . -24.48 -0.48 -30.89
C7 BCR AO . -25.19 -0.53 -29.59
C8 BCR AO . -25.57 -1.63 -28.93
C9 BCR AO . -26.19 -1.54 -27.81
C10 BCR AO . -26.73 -2.56 -27.34
C11 BCR AO . -26.56 -3.55 -26.75
C33 BCR AO . -26.69 -0.32 -32.01
C31 BCR AO . -22.67 1.09 -30.42
C32 BCR AO . -22.26 -1.27 -30.03
C34 BCR AO . -26.30 -0.26 -27.06
C12 BCR AO . -26.42 -4.63 -26.15
C13 BCR AO . -26.50 -5.49 -24.96
C14 BCR AO . -26.07 -6.75 -25.05
C15 BCR AO . -26.13 -7.67 -23.93
C16 BCR AO . -25.91 -8.88 -23.43
C17 BCR AO . -25.86 -9.82 -22.70
C18 BCR AO . -25.56 -11.06 -22.35
C19 BCR AO . -25.92 -11.56 -21.02
C20 BCR AO . -26.05 -12.61 -20.21
C21 BCR AO . -26.17 -13.73 -19.85
C22 BCR AO . -25.86 -14.98 -19.50
C23 BCR AO . -26.88 -15.83 -18.87
C24 BCR AO . -26.54 -16.69 -17.92
C25 BCR AO . -27.51 -17.58 -17.26
C26 BCR AO . -28.03 -17.26 -16.07
C27 BCR AO . -28.94 -18.18 -15.29
C28 BCR AO . -29.46 -19.32 -16.12
C29 BCR AO . -28.32 -19.91 -16.93
C30 BCR AO . -27.85 -18.88 -17.95
C35 BCR AO . -27.10 -4.97 -23.69
C36 BCR AO . -24.84 -11.96 -23.29
C37 BCR AO . -24.52 -15.54 -19.81
C38 BCR AO . -27.72 -15.94 -15.41
C39 BCR AO . -28.95 -18.69 -18.98
C40 BCR AO . -26.62 -19.43 -18.64
C1 LMG BO . -48.18 -6.78 -13.44
O1 LMG BO . -47.35 -7.15 -14.52
C2 LMG BO . -49.57 -7.40 -13.60
O2 LMG BO . -50.56 -6.37 -13.54
C3 LMG BO . -49.85 -8.43 -12.51
O3 LMG BO . -49.08 -9.62 -12.78
C4 LMG BO . -49.52 -7.95 -11.09
O4 LMG BO . -49.23 -9.10 -10.28
C5 LMG BO . -48.34 -7.00 -11.05
O5 LMG BO . -48.21 -6.91 -8.62
C6 LMG BO . -47.48 -7.22 -9.81
O6 LMG BO . -47.55 -7.20 -12.22
C7 LMG BO . -47.74 -6.55 -15.75
C8 LMG BO . -46.66 -6.76 -16.81
C9 LMG BO . -46.94 -5.83 -17.97
O7 LMG BO . -45.41 -6.40 -16.22
C10 LMG BO . -44.54 -7.54 -16.06
O9 LMG BO . -44.89 -8.47 -15.37
C11 LMG BO . -43.20 -7.55 -16.73
C12 LMG BO . -42.12 -7.77 -15.70
C13 LMG BO . -40.92 -6.89 -15.98
C14 LMG BO . -40.40 -7.04 -17.40
C15 LMG BO . -39.82 -5.74 -17.90
C16 LMG BO . -38.57 -5.34 -17.14
C17 LMG BO . -38.00 -4.09 -17.76
C18 LMG BO . -36.61 -3.84 -17.24
C19 LMG BO . -35.81 -2.94 -17.80
C20 LMG BO . -36.23 -2.12 -18.99
C21 LMG BO . -35.02 -1.48 -19.61
C22 LMG BO . -34.57 -0.30 -19.19
C23 LMG BO . -33.35 0.30 -19.85
C24 LMG BO . -33.13 1.70 -19.32
O8 LMG BO . -45.69 -5.33 -18.44
C28 LMG BO . -45.61 -4.10 -19.22
O10 LMG BO . -45.13 -3.11 -18.70
C29 LMG BO . -46.08 -4.04 -20.65
C30 LMG BO . -45.10 -3.16 -21.41
C31 LMG BO . -45.44 -3.03 -22.88
C32 LMG BO . -45.65 -4.34 -23.61
C33 LMG BO . -45.38 -4.16 -25.10
C34 LMG BO . -43.93 -3.76 -25.35
C35 LMG BO . -43.54 -3.95 -26.81
C36 LMG BO . -42.05 -3.83 -26.95
C37 LMG BO . -41.50 -2.74 -27.49
C38 LMG BO . -40.01 -2.64 -27.62
C39 LMG BO . -39.62 -1.43 -28.45
O1 LHG CO . -85.11 0.70 -38.33
C1 LHG CO . -85.01 -0.20 -37.23
C2 LHG CO . -84.77 0.60 -35.96
O2 LHG CO . -84.32 1.90 -36.31
C3 LHG CO . -83.68 -0.10 -35.14
O3 LHG CO . -83.48 0.56 -33.90
P LHG CO . -82.32 1.66 -33.77
O4 LHG CO . -82.84 2.93 -34.38
O5 LHG CO . -81.77 1.64 -32.37
O6 LHG CO . -81.17 1.11 -34.76
C4 LHG CO . -79.83 1.47 -34.45
C5 LHG CO . -78.83 1.03 -35.53
C6 LHG CO . -78.53 -0.47 -35.45
O7 LHG CO . -79.30 1.36 -36.82
C7 LHG CO . -78.51 2.45 -37.35
O9 LHG CO . -78.23 3.40 -36.65
C8 LHG CO . -78.00 2.40 -38.76
C9 LHG CO . -76.51 2.19 -38.69
C10 LHG CO . -75.82 2.73 -39.94
O8 LHG CO . -77.91 -0.88 -36.67
C23 LHG CO . -76.46 -0.93 -36.76
O10 LHG CO . -75.80 -0.50 -35.84
C24 LHG CO . -75.79 -1.53 -37.96
C11 LHG CO . -74.44 3.25 -39.58
C12 LHG CO . -73.69 3.63 -40.84
C13 LHG CO . -74.15 4.98 -41.37
C14 LHG CO . -73.02 5.99 -41.24
C15 LHG CO . -73.39 7.30 -41.91
C16 LHG CO . -72.23 7.81 -42.76
C17 LHG CO . -72.55 9.16 -43.38
C25 LHG CO . -74.45 -0.85 -38.19
C26 LHG CO . -73.30 -1.72 -37.71
C27 LHG CO . -73.14 -2.94 -38.61
C28 LHG CO . -71.80 -2.89 -39.32
C29 LHG CO . -71.67 -3.99 -40.35
C30 LHG CO . -70.35 -3.96 -41.11
C31 LHG CO . -69.17 -3.43 -40.28
C32 LHG CO . -67.86 -3.54 -41.03
C33 LHG CO . -67.93 -2.74 -42.32
C34 LHG CO . -66.68 -2.99 -43.16
C35 LHG CO . -65.75 -1.79 -43.11
C36 LHG CO . -65.48 -1.31 -44.52
C37 LHG CO . -64.29 -0.38 -44.56
C38 LHG CO . -64.32 0.43 -45.84
FE1 SF4 DO . -52.12 -25.92 -5.21
FE2 SF4 DO . -53.81 -26.91 -3.32
FE3 SF4 DO . -54.77 -25.28 -5.28
FE4 SF4 DO . -53.17 -24.26 -3.33
S1 SF4 DO . -55.24 -25.16 -3.06
S2 SF4 DO . -53.02 -23.85 -5.56
S3 SF4 DO . -51.75 -26.00 -2.97
S4 SF4 DO . -53.86 -27.35 -5.55
FE1 SF4 EO . -64.40 -29.53 -5.79
FE2 SF4 EO . -64.23 -29.17 -3.10
FE3 SF4 EO . -66.01 -30.96 -4.13
FE4 SF4 EO . -66.42 -28.29 -4.45
S1 SF4 EO . -66.41 -29.43 -2.49
S2 SF4 EO . -66.63 -29.90 -6.05
S3 SF4 EO . -64.28 -27.53 -4.68
S4 SF4 EO . -63.74 -31.07 -4.26
C1 BCR FO . -28.54 9.64 -23.13
C2 BCR FO . -28.19 11.12 -23.09
C3 BCR FO . -26.89 11.43 -22.38
C4 BCR FO . -25.73 10.67 -23.01
C5 BCR FO . -26.15 9.26 -23.32
C6 BCR FO . -27.32 8.79 -22.93
C7 BCR FO . -27.41 7.44 -22.35
C8 BCR FO . -26.80 7.17 -21.20
C9 BCR FO . -26.88 6.00 -20.70
C10 BCR FO . -25.88 5.49 -20.19
C11 BCR FO . -25.14 4.59 -20.17
C33 BCR FO . -25.21 8.38 -24.10
C31 BCR FO . -29.13 9.27 -24.47
C32 BCR FO . -29.55 9.32 -22.04
C34 BCR FO . -28.12 5.19 -20.74
C12 BCR FO . -24.35 3.64 -20.16
C13 BCR FO . -23.96 2.29 -19.80
C14 BCR FO . -22.71 1.85 -19.96
C15 BCR FO . -22.37 0.50 -19.58
C16 BCR FO . -21.53 -0.51 -19.40
C17 BCR FO . -20.59 -1.22 -19.46
C18 BCR FO . -19.38 -1.71 -19.22
C19 BCR FO . -19.01 -3.01 -19.78
C20 BCR FO . -18.27 -4.11 -19.72
C21 BCR FO . -17.83 -5.16 -20.04
C22 BCR FO . -16.86 -6.03 -20.26
C23 BCR FO . -17.11 -7.39 -20.72
C24 BCR FO . -16.08 -8.22 -20.87
C25 BCR FO . -16.27 -9.60 -21.36
C26 BCR FO . -16.91 -10.50 -20.62
C27 BCR FO . -17.83 -11.49 -21.28
C28 BCR FO . -17.48 -11.71 -22.75
C29 BCR FO . -16.02 -11.41 -23.04
C30 BCR FO . -15.74 -9.94 -22.73
C35 BCR FO . -25.02 1.41 -19.25
C36 BCR FO . -18.39 -0.93 -18.44
C37 BCR FO . -15.46 -5.53 -20.07
C38 BCR FO . -16.73 -10.58 -19.15
C39 BCR FO . -16.42 -9.09 -23.78
C40 BCR FO . -14.25 -9.70 -22.78
C1 BCR GO . -12.53 -1.09 -20.24
C2 BCR GO . -12.73 -0.03 -19.19
C3 BCR GO . -11.42 0.68 -18.89
C4 BCR GO . -10.42 -0.29 -18.30
C5 BCR GO . -10.31 -1.45 -19.24
C6 BCR GO . -11.39 -1.98 -19.83
C7 BCR GO . -11.45 -3.43 -20.11
C8 BCR GO . -11.57 -4.36 -19.18
C9 BCR GO . -11.60 -5.60 -19.50
C10 BCR GO . -11.35 -6.51 -18.72
C11 BCR GO . -11.63 -7.62 -18.50
C33 BCR GO . -8.94 -1.99 -19.49
C31 BCR GO . -12.15 -0.40 -21.52
C32 BCR GO . -13.81 -1.88 -20.44
C34 BCR GO . -11.95 -6.05 -20.86
C12 BCR GO . -11.88 -8.79 -18.17
C13 BCR GO . -12.42 -10.15 -18.19
C14 BCR GO . -12.34 -10.78 -17.03
C15 BCR GO . -12.81 -12.12 -16.78
C16 BCR GO . -12.77 -13.17 -15.99
C17 BCR GO . -12.98 -14.22 -15.48
C18 BCR GO . -12.75 -15.49 -15.21
C19 BCR GO . -13.50 -16.29 -14.27
C20 BCR GO . -13.51 -17.49 -13.74
C21 BCR GO . -13.15 -18.62 -13.57
C22 BCR GO . -12.80 -19.69 -12.89
C23 BCR GO . -12.69 -19.49 -11.45
C24 BCR GO . -12.77 -20.50 -10.60
C25 BCR GO . -12.67 -20.27 -9.16
C26 BCR GO . -11.47 -20.28 -8.58
C27 BCR GO . -11.25 -19.78 -7.17
C28 BCR GO . -12.53 -19.20 -6.60
C29 BCR GO . -13.66 -20.15 -6.88
C30 BCR GO . -13.95 -20.09 -8.36
C35 BCR GO . -12.98 -10.80 -19.40
C36 BCR GO . -11.68 -16.18 -15.96
C37 BCR GO . -12.50 -21.00 -13.53
C38 BCR GO . -10.26 -20.85 -9.27
C39 BCR GO . -14.64 -18.77 -8.64
C40 BCR GO . -14.88 -21.23 -8.72
C1 LMG HO . -7.06 21.23 -24.57
O1 LMG HO . -6.75 21.30 -23.17
C2 LMG HO . -7.04 22.63 -25.20
O2 LMG HO . -7.98 23.49 -24.55
C3 LMG HO . -7.40 22.54 -26.67
O3 LMG HO . -7.21 23.82 -27.28
C4 LMG HO . -6.56 21.50 -27.41
O4 LMG HO . -5.23 22.01 -27.62
C5 LMG HO . -6.48 20.18 -26.64
O5 LMG HO . -5.95 18.93 -28.62
C6 LMG HO . -5.48 19.25 -27.31
O6 LMG HO . -6.12 20.42 -25.27
C7 LMG HO . -7.88 20.99 -22.37
C8 LMG HO . -7.78 21.68 -21.01
C9 LMG HO . -7.78 23.18 -21.21
O7 LMG HO . -8.91 21.35 -20.20
C10 LMG HO . -8.60 20.32 -19.21
O9 LMG HO . -7.71 19.53 -19.44
C11 LMG HO . -9.37 20.23 -17.92
C12 LMG HO . -10.55 21.19 -17.91
C13 LMG HO . -11.56 20.77 -16.85
C14 LMG HO . -12.09 19.37 -17.15
C15 LMG HO . -13.16 18.94 -16.16
C16 LMG HO . -13.79 17.62 -16.61
C17 LMG HO . -14.95 17.23 -15.70
O8 LMG HO . -9.01 23.62 -21.79
C28 LMG HO . -9.18 25.00 -22.15
O10 LMG HO . -8.95 25.33 -23.31
C29 LMG HO . -9.61 26.03 -21.13
C30 LMG HO . -11.09 25.85 -20.87
C31 LMG HO . -11.50 26.36 -19.51
C32 LMG HO . -12.85 25.79 -19.08
C33 LMG HO . -12.88 24.28 -19.25
C34 LMG HO . -13.88 23.62 -18.32
C35 LMG HO . -14.95 22.85 -19.07
C36 LMG HO . -15.43 21.71 -18.22
C37 LMG HO . -16.38 20.88 -18.66
MG CLA IO . -9.26 -78.45 -38.96
CHA CLA IO . -6.31 -80.26 -38.50
CHB CLA IO . -7.34 -75.88 -40.23
CHC CLA IO . -12.13 -76.79 -39.55
CHD CLA IO . -11.13 -81.15 -37.58
NA CLA IO . -7.08 -78.09 -39.34
C1A CLA IO . -6.11 -78.88 -39.11
C2A CLA IO . -4.75 -78.31 -39.47
C3A CLA IO . -5.13 -76.92 -39.96
C4A CLA IO . -6.62 -76.96 -39.85
CMA CLA IO . -4.35 -75.78 -39.33
CAA CLA IO . -4.02 -79.03 -40.61
CBA CLA IO . -4.58 -78.82 -42.02
CGA CLA IO . -5.22 -80.10 -42.52
O1A CLA IO . -5.82 -80.90 -41.82
O2A CLA IO . -5.21 -80.48 -43.79
NB CLA IO . -9.66 -76.61 -39.78
C1B CLA IO . -8.80 -75.68 -40.20
C2B CLA IO . -9.43 -74.41 -40.68
C3B CLA IO . -10.85 -74.72 -40.45
C4B CLA IO . -10.90 -76.09 -39.91
CMB CLA IO . -8.82 -73.15 -41.22
CAB CLA IO . -12.03 -73.87 -40.73
CBB CLA IO . -12.65 -73.25 -39.75
NC CLA IO . -11.32 -78.93 -38.66
C1C CLA IO . -12.34 -78.11 -38.93
C2C CLA IO . -13.69 -78.59 -38.59
C3C CLA IO . -13.38 -79.90 -38.02
C4C CLA IO . -11.90 -80.00 -38.11
CMC CLA IO . -15.01 -77.89 -38.79
CAC CLA IO . -14.33 -80.94 -37.48
CBC CLA IO . -14.86 -80.50 -36.13
ND CLA IO . -8.96 -80.28 -38.21
C1D CLA IO . -9.67 -81.28 -37.69
C2D CLA IO . -8.89 -82.46 -37.24
C3D CLA IO . -7.55 -81.98 -37.59
C4D CLA IO . -7.65 -80.75 -38.13
CMD CLA IO . -9.11 -83.81 -36.60
CAD CLA IO . -6.15 -82.42 -37.53
OBD CLA IO . -5.75 -83.60 -37.22
CBD CLA IO . -5.31 -81.36 -38.18
CGD CLA IO . -4.23 -80.93 -37.25
O1D CLA IO . -4.44 -80.73 -36.07
O2D CLA IO . -2.90 -80.72 -37.79
CED CLA IO . -2.00 -81.83 -37.85
CA CA JO . -3.95 -3.69 -31.79
MG CLA KO . 0.19 -18.15 0.52
CHA CLA KO . 1.90 -15.40 1.82
CHB CLA KO . 0.20 -16.54 -2.50
CHC CLA KO . -1.45 -20.82 -0.73
CHD CLA KO . 0.38 -19.75 3.67
NA CLA KO . 0.96 -16.21 -0.28
C1A CLA KO . 1.58 -15.28 0.35
C2A CLA KO . 1.99 -14.12 -0.53
C3A CLA KO . 1.38 -14.53 -1.86
C4A CLA KO . 0.81 -15.85 -1.54
CMA CLA KO . 0.51 -13.57 -2.65
CAA CLA KO . 3.46 -14.05 -0.96
CBA CLA KO . 4.63 -14.74 -0.23
CGA CLA KO . 4.66 -16.24 -0.24
O1A CLA KO . 5.04 -16.94 -1.15
O2A CLA KO . 4.26 -16.98 0.77
NB CLA KO . -0.51 -18.60 -1.35
C1B CLA KO . -0.45 -17.85 -2.45
C2B CLA KO . -1.07 -18.47 -3.65
C3B CLA KO . -1.55 -19.73 -3.08
C4B CLA KO . -1.16 -19.72 -1.67
CMB CLA KO . -1.17 -17.88 -5.02
CAB CLA KO . -2.29 -20.86 -3.70
CBB CLA KO . -2.12 -21.25 -4.93
NC CLA KO . -0.42 -20.01 1.34
C1C CLA KO . -1.06 -20.96 0.69
C2C CLA KO . -1.37 -22.18 1.46
C3C CLA KO . -0.79 -21.85 2.75
C4C CLA KO . -0.24 -20.50 2.57
CMC CLA KO . -2.07 -23.43 1.00
CAC CLA KO . -0.75 -22.67 4.02
CBC CLA KO . 0.58 -23.38 4.16
ND CLA KO . 0.93 -17.81 2.34
C1D CLA KO . 0.95 -18.43 3.51
C2D CLA KO . 1.56 -17.66 4.61
C3D CLA KO . 1.92 -16.45 3.87
C4D CLA KO . 1.53 -16.60 2.61
CMD CLA KO . 1.83 -17.88 6.07
CAD CLA KO . 2.55 -15.15 4.09
OBD CLA KO . 2.38 -14.48 5.15
CBD CLA KO . 2.66 -14.48 2.77
CGD CLA KO . 2.10 -13.10 2.89
O1D CLA KO . 2.80 -12.19 3.28
O2D CLA KO . 0.73 -12.79 2.56
CED CLA KO . 0.49 -11.59 1.84
C1 CLA KO . 4.42 -18.55 0.87
C2 CLA KO . 3.60 -19.58 0.15
C3 CLA KO . 3.26 -20.73 0.76
C4 CLA KO . 3.68 -21.02 2.17
C5 CLA KO . 2.44 -21.77 0.05
C6 CLA KO . 2.51 -21.59 -1.46
C7 CLA KO . 1.97 -22.83 -2.17
C8 CLA KO . 1.60 -22.50 -3.61
C9 CLA KO . 0.58 -23.51 -4.09
C10 CLA KO . 2.86 -22.52 -4.48
C11 CLA KO . 2.56 -22.32 -5.96
C12 CLA KO . 3.59 -23.06 -6.82
C13 CLA KO . 4.24 -22.15 -7.87
C14 CLA KO . 4.94 -20.95 -7.23
C15 CLA KO . 3.20 -21.68 -8.87
MG CLA LO . -9.45 -16.69 -7.25
CHA CLA LO . -7.78 -17.80 -4.42
CHB CLA LO . -6.81 -17.86 -9.09
CHC CLA LO . -11.07 -15.57 -9.98
CHD CLA LO . -12.06 -15.46 -5.24
NA CLA LO . -7.52 -17.73 -6.85
C1A CLA LO . -7.06 -18.08 -5.71
C2A CLA LO . -5.75 -18.78 -5.79
C3A CLA LO . -5.45 -18.71 -7.26
C4A CLA LO . -6.67 -18.06 -7.78
CMA CLA LO . -4.15 -18.03 -7.62
CAA CLA LO . -5.87 -20.29 -5.49
CBA CLA LO . -7.22 -20.88 -5.91
CGA CLA LO . -7.38 -22.34 -5.69
O1A CLA LO . -6.71 -23.21 -6.22
O2A CLA LO . -8.29 -22.86 -4.89
NB CLA LO . -8.99 -16.72 -9.24
C1B CLA LO . -7.92 -17.23 -9.83
C2B CLA LO . -7.91 -17.11 -11.29
C3B CLA LO . -9.18 -16.43 -11.52
C4B CLA LO . -9.78 -16.23 -10.20
CMB CLA LO . -6.89 -17.57 -12.27
CAB CLA LO . -9.76 -16.00 -12.80
CBB CLA LO . -9.60 -14.74 -13.14
NC CLA LO . -11.32 -15.77 -7.57
C1C CLA LO . -11.83 -15.42 -8.74
C2C CLA LO . -13.19 -14.88 -8.73
C3C CLA LO . -13.50 -14.93 -7.31
C4C CLA LO . -12.29 -15.48 -6.68
CMC CLA LO . -14.04 -14.42 -9.88
CAC CLA LO . -14.77 -14.55 -6.62
CBC CLA LO . -15.50 -15.82 -6.30
ND CLA LO . -9.94 -16.59 -5.32
C1D CLA LO . -10.94 -16.11 -4.57
C2D CLA LO . -10.78 -16.29 -3.12
C3D CLA LO . -9.49 -16.98 -3.12
C4D CLA LO . -9.08 -17.11 -4.38
CMD CLA LO . -11.55 -15.98 -1.87
CAD CLA LO . -8.52 -17.57 -2.20
OBD CLA LO . -8.47 -17.34 -0.95
CBD CLA LO . -7.36 -18.08 -3.00
CGD CLA LO . -6.21 -17.18 -2.71
O1D CLA LO . -6.40 -16.00 -2.61
O2D CLA LO . -4.87 -17.67 -2.54
CED CLA LO . -3.86 -16.70 -2.33
C1 CLA LO . -9.36 -23.94 -5.38
C2 CLA LO . -10.09 -23.87 -6.71
C3 CLA LO . -11.43 -24.00 -6.78
C4 CLA LO . -12.25 -24.19 -5.54
C5 CLA LO . -12.13 -23.95 -8.12
C6 CLA LO . -11.92 -25.27 -8.85
C7 CLA LO . -13.09 -26.21 -8.56
C8 CLA LO . -12.77 -27.71 -8.56
C9 CLA LO . -12.66 -28.23 -7.14
C10 CLA LO . -11.52 -28.06 -9.38
C11 CLA LO . -11.26 -29.55 -9.32
C12 CLA LO . -10.77 -30.09 -10.66
C13 CLA LO . -10.10 -31.44 -10.53
C14 CLA LO . -9.78 -32.02 -11.90
C15 CLA LO . -10.98 -32.41 -9.74
MG CLA MO . 0.28 -15.40 -16.19
CHA CLA MO . 3.48 -14.37 -15.39
CHB CLA MO . 0.77 -14.01 -19.29
CHC CLA MO . -2.80 -16.48 -16.99
CHD CLA MO . -0.04 -16.88 -12.98
NA CLA MO . 1.92 -14.32 -17.25
C1A CLA MO . 3.06 -14.01 -16.78
C2A CLA MO . 3.91 -13.25 -17.74
C3A CLA MO . 3.00 -13.11 -18.92
C4A CLA MO . 1.81 -13.87 -18.48
CMA CLA MO . 2.76 -11.71 -19.39
CAA CLA MO . 4.99 -14.19 -18.25
CBA CLA MO . 6.00 -13.48 -19.12
CGA CLA MO . 7.20 -13.17 -18.27
O1A CLA MO . 7.31 -12.19 -17.55
O2A CLA MO . 8.26 -13.94 -18.23
NB CLA MO . -0.84 -15.26 -17.91
C1B CLA MO . -0.52 -14.68 -19.05
C2B CLA MO . -1.57 -14.79 -20.09
C3B CLA MO . -2.62 -15.51 -19.39
C4B CLA MO . -2.07 -15.76 -18.03
CMB CLA MO . -1.53 -14.28 -21.50
CAB CLA MO . -3.96 -15.98 -19.81
CBB CLA MO . -4.72 -15.39 -20.70
NC CLA MO . -1.19 -16.52 -15.15
C1C CLA MO . -2.36 -16.85 -15.64
C2C CLA MO . -3.24 -17.62 -14.77
C3C CLA MO . -2.41 -17.76 -13.57
C4C CLA MO . -1.17 -17.03 -13.92
CMC CLA MO . -4.60 -18.15 -15.07
CAC CLA MO . -2.73 -18.47 -12.29
CBC CLA MO . -3.28 -17.48 -11.29
ND CLA MO . 1.35 -15.65 -14.52
C1D CLA MO . 1.20 -16.20 -13.33
C2D CLA MO . 2.38 -16.07 -12.43
C3D CLA MO . 3.26 -15.31 -13.32
C4D CLA MO . 2.63 -15.12 -14.48
CMD CLA MO . 2.78 -16.47 -11.05
CAD CLA MO . 4.60 -14.72 -13.37
OBD CLA MO . 5.52 -14.86 -12.50
CBD CLA MO . 4.74 -14.00 -14.66
CGD CLA MO . 4.71 -12.53 -14.41
O1D CLA MO . 3.70 -11.98 -14.01
O2D CLA MO . 5.88 -11.72 -14.64
CED CLA MO . 6.13 -10.66 -13.75
C1 CLA MO . 9.35 -13.81 -17.07
C2 CLA MO . 9.08 -13.98 -15.59
C3 CLA MO . 9.34 -13.00 -14.72
C4 CLA MO . 9.89 -11.68 -15.19
C5 CLA MO . 9.06 -13.22 -13.27
C6 CLA MO . 10.35 -13.71 -12.62
C7 CLA MO . 10.06 -14.82 -11.62
C8 CLA MO . 9.13 -14.33 -10.54
C9 CLA MO . 9.86 -13.41 -9.56
C10 CLA MO . 8.52 -15.51 -9.81
C11 CLA MO . 7.03 -15.26 -9.61
C12 CLA MO . 6.73 -15.04 -8.14
C13 CLA MO . 6.39 -16.38 -7.50
C14 CLA MO . 5.14 -16.98 -8.14
C15 CLA MO . 6.22 -16.16 -6.01
C16 CLA MO . 5.72 -17.41 -5.31
C17 CLA MO . 4.56 -17.06 -4.39
C18 CLA MO . 3.78 -18.27 -3.92
C19 CLA MO . 2.83 -18.74 -5.01
C20 CLA MO . 4.70 -19.39 -3.48
C1 BCR NO . -32.27 0.40 -14.60
C2 BCR NO . -33.43 1.29 -14.17
C3 BCR NO . -33.34 1.66 -12.71
C4 BCR NO . -33.39 0.44 -11.79
C5 BCR NO . -32.73 -0.73 -12.47
C6 BCR NO . -31.88 -0.54 -13.49
C7 BCR NO . -30.61 -1.31 -13.57
C8 BCR NO . -29.65 -1.21 -12.64
C9 BCR NO . -28.56 -1.87 -12.72
C10 BCR NO . -27.85 -1.97 -11.71
C11 BCR NO . -27.03 -2.62 -11.16
C33 BCR NO . -33.05 -2.12 -12.04
C31 BCR NO . -31.07 1.24 -15.02
C32 BCR NO . -32.68 -0.48 -15.77
C34 BCR NO . -28.11 -2.50 -14.01
C12 BCR NO . -26.16 -3.26 -10.51
C13 BCR NO . -25.05 -4.20 -10.29
C14 BCR NO . -24.51 -4.23 -9.07
C15 BCR NO . -23.41 -5.10 -8.70
C16 BCR NO . -22.78 -5.78 -7.75
C17 BCR NO . -22.05 -6.49 -7.13
C18 BCR NO . -21.70 -7.24 -6.08
C19 BCR NO . -20.41 -7.94 -5.98
C20 BCR NO . -19.69 -8.87 -5.35
C21 BCR NO . -18.77 -9.56 -5.04
C22 BCR NO . -18.03 -10.35 -4.26
C23 BCR NO . -16.74 -10.87 -4.72
C24 BCR NO . -15.77 -10.76 -3.82
C25 BCR NO . -14.34 -11.12 -3.85
C26 BCR NO . -13.87 -11.90 -2.87
C27 BCR NO . -12.53 -12.56 -2.95
C28 BCR NO . -11.64 -12.03 -4.07
C29 BCR NO . -11.98 -10.59 -4.42
C30 BCR NO . -13.42 -10.51 -4.89
C35 BCR NO . -24.55 -5.06 -11.39
C36 BCR NO . -22.66 -7.34 -4.95
C37 BCR NO . -18.52 -10.69 -2.89
C38 BCR NO . -14.68 -12.13 -1.63
C39 BCR NO . -13.53 -11.16 -6.25
C40 BCR NO . -13.71 -9.03 -5.08
C1 BCR OO . -19.15 17.64 -7.98
C2 BCR OO . -20.48 16.89 -7.99
C3 BCR OO . -20.67 15.92 -6.83
C4 BCR OO . -20.38 16.58 -5.48
C5 BCR OO . -19.07 17.33 -5.55
C6 BCR OO . -18.40 17.41 -6.70
C7 BCR OO . -16.93 17.35 -6.67
C8 BCR OO . -16.21 16.24 -6.47
C9 BCR OO . -14.95 16.37 -6.47
C10 BCR OO . -14.23 15.67 -7.19
C11 BCR OO . -13.47 14.78 -7.23
C33 BCR OO . -18.54 18.00 -4.32
C31 BCR OO . -19.41 19.13 -8.08
C32 BCR OO . -18.32 17.20 -9.18
C34 BCR OO . -14.32 17.41 -5.59
C12 BCR OO . -12.66 13.84 -7.33
C13 BCR OO . -11.47 13.04 -7.01
C14 BCR OO . -11.51 11.76 -7.29
C15 BCR OO . -10.41 10.85 -7.02
C16 BCR OO . -9.92 9.63 -7.11
C17 BCR OO . -9.24 8.65 -7.04
C18 BCR OO . -8.88 7.42 -7.35
C19 BCR OO . -7.76 6.73 -6.71
C20 BCR OO . -6.94 5.72 -6.85
C21 BCR OO . -6.09 4.91 -6.69
C22 BCR OO . -5.46 3.75 -6.86
C23 BCR OO . -4.19 3.48 -6.20
C24 BCR OO . -3.56 2.35 -6.47
C25 BCR OO . -2.25 1.93 -5.92
C26 BCR OO . -2.09 1.54 -4.65
C27 BCR OO . -0.73 1.47 -4.04
C28 BCR OO . 0.17 0.74 -5.02
C29 BCR OO . 0.26 1.60 -6.28
C30 BCR OO . -1.10 1.89 -6.90
C35 BCR OO . -10.26 13.66 -6.41
C36 BCR OO . -9.63 6.70 -8.43
C37 BCR OO . -6.09 2.73 -7.76
C38 BCR OO . -3.25 1.14 -3.78
C39 BCR OO . -1.44 0.86 -7.96
C40 BCR OO . -0.96 3.19 -7.65
C1 LMG PO . 9.10 -9.97 -23.44
O1 LMG PO . 8.63 -11.16 -24.06
C2 LMG PO . 10.00 -9.19 -24.40
O2 LMG PO . 11.12 -10.00 -24.76
C3 LMG PO . 10.46 -7.92 -23.71
O3 LMG PO . 11.28 -7.15 -24.59
C4 LMG PO . 9.26 -7.09 -23.27
O4 LMG PO . 8.51 -6.72 -24.44
C5 LMG PO . 8.35 -7.94 -22.37
O5 LMG PO . 7.49 -6.02 -21.19
C6 LMG PO . 7.11 -7.16 -21.96
O6 LMG PO . 7.99 -9.14 -23.06
C7 LMG PO . 8.25 -12.12 -23.09
C8 LMG PO . 8.43 -13.52 -23.67
C9 LMG PO . 9.86 -13.98 -23.45
O7 LMG PO . 7.55 -14.45 -23.04
C10 LMG PO . 6.17 -14.32 -23.45
O9 LMG PO . 5.90 -13.90 -24.55
C11 LMG PO . 5.06 -14.76 -22.52
C12 LMG PO . 4.27 -15.88 -23.18
C13 LMG PO . 3.05 -16.26 -22.36
C14 LMG PO . 3.48 -16.84 -21.03
C15 LMG PO . 2.26 -17.34 -20.27
C16 LMG PO . 2.66 -17.86 -18.89
C17 LMG PO . 1.41 -18.27 -18.14
C18 LMG PO . 1.77 -19.15 -16.99
C19 LMG PO . 0.77 -19.67 -16.30
C20 LMG PO . 1.01 -20.59 -15.13
C21 LMG PO . 1.85 -19.90 -14.07
C22 LMG PO . 1.78 -20.29 -12.81
C23 LMG PO . 0.87 -21.42 -12.37
O8 LMG PO . 10.80 -13.09 -24.05
C28 LMG PO . 11.93 -13.60 -24.79
O10 LMG PO . 11.76 -14.51 -25.59
C29 LMG PO . 13.32 -13.02 -24.59
C30 LMG PO . 14.19 -14.03 -23.84
C31 LMG PO . 13.45 -14.55 -22.61
C32 LMG PO . 14.11 -15.77 -22.00
C33 LMG PO . 13.32 -16.25 -20.79
C34 LMG PO . 11.89 -16.57 -21.21
C35 LMG PO . 10.95 -16.56 -20.01
C36 LMG PO . 11.04 -17.88 -19.29
C37 LMG PO . 10.16 -18.23 -18.36
C38 LMG PO . 9.00 -17.34 -17.99
C39 LMG PO . 8.10 -18.05 -17.02
C40 LMG PO . 6.95 -17.49 -16.68
C41 LMG PO . 6.02 -18.18 -15.71
C42 LMG PO . 6.60 -18.16 -14.33
C43 LMG PO . 5.94 -18.77 -13.34
C44 LMG PO . 6.49 -18.76 -11.94
C1 BCR QO . -35.94 10.88 -15.04
C2 BCR QO . -36.56 10.53 -13.70
C3 BCR QO . -37.99 10.97 -13.61
C4 BCR QO . -38.02 12.48 -13.73
C5 BCR QO . -37.47 12.85 -15.07
C6 BCR QO . -36.52 12.12 -15.67
C7 BCR QO . -36.03 12.39 -17.05
C8 BCR QO . -35.23 13.29 -17.65
C9 BCR QO . -34.71 14.36 -17.21
C10 BCR QO . -33.58 14.40 -16.69
C11 BCR QO . -32.50 14.83 -16.83
C33 BCR QO . -38.10 14.06 -15.69
C31 BCR QO . -36.14 9.73 -16.00
C32 BCR QO . -34.45 11.13 -14.85
C34 BCR QO . -35.35 15.67 -17.52
C12 BCR QO . -31.34 15.28 -16.96
C13 BCR QO . -30.33 16.28 -17.32
C14 BCR QO . -29.06 16.13 -16.91
C15 BCR QO . -28.06 17.12 -17.27
C16 BCR QO . -26.87 17.69 -17.34
C17 BCR QO . -25.72 17.99 -17.19
C18 BCR QO . -24.59 18.58 -17.57
C19 BCR QO . -23.33 18.59 -16.82
C20 BCR QO . -22.26 19.28 -16.46
C21 BCR QO . -21.49 20.19 -16.30
C22 BCR QO . -20.33 20.80 -16.02
C23 BCR QO . -20.21 22.26 -16.01
C24 BCR QO . -19.19 22.81 -15.32
C25 BCR QO . -18.85 24.26 -15.14
C26 BCR QO . -19.34 24.95 -14.09
C27 BCR QO . -18.86 26.33 -13.70
C28 BCR QO . -17.64 26.77 -14.48
C29 BCR QO . -17.82 26.41 -15.95
C30 BCR QO . -17.84 24.90 -16.09
C35 BCR QO . -30.73 17.45 -18.15
C36 BCR QO . -24.63 19.32 -18.87
C37 BCR QO . -19.12 19.97 -15.75
C38 BCR QO . -20.42 24.39 -13.22
C39 BCR QO . -16.48 24.35 -15.71
C40 BCR QO . -18.11 24.60 -17.57
MG CLA RO . -69.49 -2.35 -53.33
CHA CLA RO . -67.16 -1.16 -55.62
CHB CLA RO . -71.59 -2.94 -55.99
CHC CLA RO . -71.69 -3.58 -51.10
CHD CLA RO . -67.22 -1.67 -50.66
NA CLA RO . -69.42 -2.11 -55.56
C1A CLA RO . -68.45 -1.64 -56.25
C2A CLA RO . -68.73 -1.61 -57.73
C3A CLA RO . -70.15 -2.15 -57.79
C4A CLA RO . -70.41 -2.43 -56.35
CMA CLA RO . -71.19 -1.42 -58.62
CAA CLA RO . -67.90 -2.66 -58.43
CBA CLA RO . -67.67 -2.34 -59.90
CGA CLA RO . -67.30 -3.62 -60.62
O1A CLA RO . -66.21 -4.17 -60.53
O2A CLA RO . -68.09 -4.28 -61.42
NB CLA RO . -71.37 -3.16 -53.54
C1B CLA RO . -72.08 -3.31 -54.66
C2B CLA RO . -73.44 -3.90 -54.44
C3B CLA RO . -73.43 -4.07 -52.99
C4B CLA RO . -72.12 -3.58 -52.51
CMB CLA RO . -74.51 -4.22 -55.45
CAB CLA RO . -74.50 -4.61 -52.13
CBB CLA RO . -74.41 -5.83 -51.65
NC CLA RO . -69.42 -2.65 -51.23
C1C CLA RO . -70.43 -3.14 -50.50
C2C CLA RO . -70.19 -3.21 -49.05
C3C CLA RO . -68.83 -2.69 -48.95
C4C CLA RO . -68.47 -2.36 -50.34
CMC CLA RO . -71.10 -3.70 -47.98
CAC CLA RO . -67.98 -2.49 -47.71
CBC CLA RO . -68.32 -1.16 -47.10
ND CLA RO . -67.65 -1.64 -53.06
C1D CLA RO . -66.84 -1.36 -52.04
C2D CLA RO . -65.56 -0.72 -52.41
C3D CLA RO . -65.75 -0.67 -53.86
C4D CLA RO . -66.94 -1.21 -54.16
CMD CLA RO . -64.33 -0.19 -51.75
CAD CLA RO . -65.06 -0.24 -55.07
OBD CLA RO . -64.04 0.53 -55.08
CBD CLA RO . -65.92 -0.55 -56.25
CGD CLA RO . -66.25 0.74 -56.93
O1D CLA RO . -66.70 1.68 -56.30
O2D CLA RO . -66.01 0.89 -58.34
CED CLA RO . -64.93 1.71 -58.76
#